data_8AKS
#
_entry.id   8AKS
#
loop_
_entity.id
_entity.type
_entity.pdbx_description
1 polymer 'Chloroplast membrane-associated 30 kD protein'
2 non-polymer "ADENOSINE-5'-DIPHOSPHATE"
#
_entity_poly.entity_id   1
_entity_poly.type   'polypeptide(L)'
_entity_poly.pdbx_seq_one_letter_code
;MGSSHHHHHHSSSAALEVLFQGPMELFNRVGRVLKSQLTHWQQQQEAPEDLLERLLGEMELELIELRRALAQTIATFKST
ERQRDAQQLIAQRWYEKAQAALDRGNEQLAREALGQRQSYQSHTEALGKSLGEQRALVEQVRGQLQKLERKYLELKSQKN
LYLARLKSAIAAQKIEEIAGNLDNASASSLFERIETKILELEAERELLNPPPSPLDKKFEQWEEQQAVEATLAAMKARRS
LPPPSS
;
_entity_poly.pdbx_strand_id   0,1,2,3,4,5,6,7,A,B,C,D,E,F,G,H,I,J,K,L,M,N,O,P,Q,R,S,T,U,V,W,X,Y,Z,a,b,c,d,e,f,g,h,i,j,k,l,m,n,o,p,q,r,s,t,u,v,w,x,y,z
#
loop_
_chem_comp.id
_chem_comp.type
_chem_comp.name
_chem_comp.formula
ADP non-polymer ADENOSINE-5'-DIPHOSPHATE 'C10 H15 N5 O10 P2'
#
# COMPACT_ATOMS: atom_id res chain seq x y z
N GLN A 45 -68.14 -16.02 60.21
CA GLN A 45 -67.57 -15.09 61.24
C GLN A 45 -66.06 -15.21 61.27
N GLU A 46 -65.40 -14.14 61.70
CA GLU A 46 -63.95 -14.07 61.80
C GLU A 46 -63.54 -14.01 63.27
N ALA A 47 -62.23 -13.94 63.49
CA ALA A 47 -61.74 -13.79 64.85
C ALA A 47 -62.23 -12.48 65.44
N PRO A 48 -62.70 -12.47 66.69
CA PRO A 48 -63.22 -11.22 67.25
C PRO A 48 -62.21 -10.09 67.28
N GLU A 49 -60.94 -10.42 67.53
CA GLU A 49 -59.91 -9.38 67.59
C GLU A 49 -59.73 -8.71 66.23
N ASP A 50 -59.77 -9.49 65.15
CA ASP A 50 -59.54 -8.91 63.82
C ASP A 50 -60.60 -7.88 63.47
N LEU A 51 -61.86 -8.16 63.84
CA LEU A 51 -62.92 -7.21 63.54
C LEU A 51 -62.66 -5.87 64.21
N LEU A 52 -62.13 -5.89 65.43
CA LEU A 52 -61.99 -4.65 66.20
C LEU A 52 -61.13 -3.64 65.46
N GLU A 53 -60.00 -4.08 64.91
CA GLU A 53 -59.14 -3.17 64.14
C GLU A 53 -59.87 -2.65 62.91
N ARG A 54 -60.53 -3.54 62.17
CA ARG A 54 -61.22 -3.14 60.96
C ARG A 54 -62.39 -2.21 61.28
N LEU A 55 -63.14 -2.51 62.35
CA LEU A 55 -64.32 -1.71 62.66
C LEU A 55 -63.95 -0.26 62.97
N LEU A 56 -62.90 -0.05 63.78
CA LEU A 56 -62.52 1.31 64.14
C LEU A 56 -62.02 2.08 62.92
N GLY A 57 -61.28 1.41 62.03
CA GLY A 57 -60.82 2.08 60.83
C GLY A 57 -61.98 2.64 60.01
N GLU A 58 -63.06 1.88 59.90
CA GLU A 58 -64.27 2.39 59.26
C GLU A 58 -64.86 3.54 60.06
N MET A 59 -64.86 3.43 61.39
CA MET A 59 -65.44 4.48 62.23
C MET A 59 -64.68 5.79 62.07
N GLU A 60 -63.34 5.73 62.07
CA GLU A 60 -62.56 6.95 61.93
C GLU A 60 -62.78 7.58 60.56
N LEU A 61 -62.85 6.76 59.52
CA LEU A 61 -63.08 7.29 58.17
C LEU A 61 -64.41 8.02 58.10
N GLU A 62 -65.45 7.46 58.74
CA GLU A 62 -66.77 8.08 58.68
C GLU A 62 -66.78 9.43 59.36
N LEU A 63 -66.07 9.56 60.48
CA LEU A 63 -66.18 10.76 61.29
C LEU A 63 -65.74 12.00 60.53
N ILE A 64 -64.62 11.91 59.79
CA ILE A 64 -64.15 13.07 59.05
C ILE A 64 -65.14 13.45 57.97
N GLU A 65 -65.81 12.46 57.37
CA GLU A 65 -66.84 12.76 56.38
C GLU A 65 -67.95 13.60 57.01
N LEU A 66 -68.34 13.26 58.24
CA LEU A 66 -69.29 14.09 58.97
C LEU A 66 -68.71 15.49 59.19
N ARG A 67 -67.44 15.56 59.56
CA ARG A 67 -66.81 16.87 59.80
C ARG A 67 -66.84 17.70 58.53
N ARG A 68 -66.52 17.10 57.38
CA ARG A 68 -66.52 17.84 56.12
C ARG A 68 -67.92 18.33 55.78
N ALA A 69 -68.93 17.47 55.95
CA ALA A 69 -70.28 17.82 55.56
C ALA A 69 -70.81 19.00 56.36
N LEU A 70 -70.56 18.98 57.68
CA LEU A 70 -71.07 20.06 58.54
C LEU A 70 -70.56 21.41 58.08
N ALA A 71 -69.34 21.47 57.55
CA ALA A 71 -68.79 22.75 57.08
C ALA A 71 -69.64 23.32 55.96
N GLN A 72 -70.09 22.48 55.03
CA GLN A 72 -70.90 22.97 53.93
C GLN A 72 -72.19 23.59 54.42
N THR A 73 -72.77 23.05 55.49
CA THR A 73 -73.95 23.66 56.09
C THR A 73 -73.66 25.08 56.54
N ILE A 74 -72.50 25.30 57.16
CA ILE A 74 -72.15 26.62 57.66
C ILE A 74 -72.04 27.60 56.50
N ALA A 75 -71.52 27.15 55.36
CA ALA A 75 -71.35 28.03 54.22
C ALA A 75 -72.68 28.66 53.81
N THR A 76 -73.72 27.84 53.65
CA THR A 76 -75.03 28.35 53.27
C THR A 76 -75.60 29.25 54.36
N PHE A 77 -75.45 28.85 55.61
CA PHE A 77 -75.93 29.67 56.72
C PHE A 77 -75.29 31.05 56.69
N LYS A 78 -73.99 31.12 56.41
CA LYS A 78 -73.34 32.42 56.28
C LYS A 78 -73.70 33.09 54.96
N SER A 79 -73.77 32.31 53.88
CA SER A 79 -74.00 32.88 52.56
C SER A 79 -75.35 33.61 52.50
N THR A 80 -76.41 32.95 52.96
CA THR A 80 -77.73 33.58 52.93
C THR A 80 -77.76 34.82 53.81
N GLU A 81 -77.11 34.77 54.98
CA GLU A 81 -77.08 35.91 55.87
C GLU A 81 -76.43 37.11 55.19
N ARG A 82 -75.32 36.88 54.48
CA ARG A 82 -74.73 37.94 53.68
C ARG A 82 -75.68 38.38 52.58
N GLN A 83 -76.37 37.42 51.96
CA GLN A 83 -77.34 37.76 50.94
C GLN A 83 -78.48 38.59 51.51
N ARG A 84 -78.91 38.26 52.73
CA ARG A 84 -80.01 38.98 53.36
C ARG A 84 -79.67 40.45 53.53
N ASP A 85 -78.44 40.75 53.98
CA ASP A 85 -78.06 42.14 54.22
C ASP A 85 -78.12 42.95 52.94
N ALA A 86 -77.88 42.33 51.79
CA ALA A 86 -77.88 43.07 50.53
C ALA A 86 -79.24 43.66 50.23
N GLN A 87 -80.31 42.88 50.44
CA GLN A 87 -81.65 43.33 50.07
C GLN A 87 -82.06 44.55 50.88
N GLN A 88 -81.89 44.49 52.20
CA GLN A 88 -82.28 45.63 53.04
C GLN A 88 -81.50 46.88 52.66
N LEU A 89 -80.23 46.71 52.25
CA LEU A 89 -79.46 47.86 51.80
C LEU A 89 -80.11 48.52 50.60
N ILE A 90 -80.63 47.71 49.67
CA ILE A 90 -81.33 48.27 48.52
C ILE A 90 -82.57 49.02 48.96
N ALA A 91 -83.33 48.43 49.89
CA ALA A 91 -84.52 49.11 50.40
C ALA A 91 -84.14 50.43 51.06
N GLN A 92 -83.01 50.46 51.76
CA GLN A 92 -82.54 51.70 52.37
C GLN A 92 -82.30 52.76 51.31
N ARG A 93 -81.74 52.38 50.16
CA ARG A 93 -81.49 53.34 49.10
C ARG A 93 -82.79 54.01 48.65
N TRP A 94 -83.84 53.22 48.44
CA TRP A 94 -85.14 53.79 48.07
C TRP A 94 -85.66 54.68 49.18
N TYR A 95 -85.57 54.23 50.43
CA TYR A 95 -86.01 55.04 51.55
C TYR A 95 -85.21 56.34 51.62
N GLU A 96 -83.88 56.25 51.47
CA GLU A 96 -83.06 57.44 51.46
C GLU A 96 -83.42 58.33 50.28
N LYS A 97 -83.64 57.74 49.11
CA LYS A 97 -84.08 58.52 47.96
C LYS A 97 -85.44 59.16 48.22
N ALA A 98 -86.36 58.41 48.82
CA ALA A 98 -87.68 58.95 49.13
C ALA A 98 -87.60 60.09 50.14
N GLN A 99 -86.51 60.17 50.91
CA GLN A 99 -86.40 61.24 51.90
C GLN A 99 -86.41 62.61 51.21
N ALA A 100 -85.67 62.75 50.12
CA ALA A 100 -85.63 63.99 49.35
C ALA A 100 -86.54 63.94 48.14
N ALA A 101 -87.30 62.85 47.96
CA ALA A 101 -88.18 62.75 46.81
C ALA A 101 -89.21 63.88 46.80
N LEU A 102 -89.85 64.12 47.94
CA LEU A 102 -90.81 65.20 48.09
C LEU A 102 -90.20 66.45 48.70
N ASP A 103 -88.88 66.49 48.87
CA ASP A 103 -88.24 67.70 49.37
C ASP A 103 -88.58 68.90 48.51
N ARG A 104 -88.78 68.69 47.20
CA ARG A 104 -89.25 69.72 46.30
C ARG A 104 -90.77 69.92 46.40
N GLY A 105 -91.43 69.26 47.35
CA GLY A 105 -92.87 69.21 47.39
C GLY A 105 -93.48 68.11 46.55
N ASN A 106 -92.66 67.26 45.94
CA ASN A 106 -93.15 66.18 45.07
C ASN A 106 -93.57 64.98 45.91
N GLU A 107 -94.71 65.13 46.56
CA GLU A 107 -95.24 64.05 47.40
C GLU A 107 -95.62 62.83 46.56
N GLN A 108 -96.13 63.04 45.35
CA GLN A 108 -96.60 61.93 44.53
C GLN A 108 -95.47 60.94 44.24
N LEU A 109 -94.29 61.45 43.91
CA LEU A 109 -93.18 60.56 43.57
C LEU A 109 -92.80 59.69 44.76
N ALA A 110 -92.77 60.26 45.96
CA ALA A 110 -92.39 59.49 47.14
C ALA A 110 -93.35 58.35 47.39
N ARG A 111 -94.59 58.46 46.91
CA ARG A 111 -95.56 57.38 47.10
C ARG A 111 -95.07 56.10 46.46
N GLU A 112 -94.53 56.18 45.24
CA GLU A 112 -94.07 54.98 44.56
C GLU A 112 -92.91 54.33 45.29
N ALA A 113 -91.97 55.14 45.80
CA ALA A 113 -90.80 54.57 46.46
C ALA A 113 -91.19 53.75 47.69
N LEU A 114 -92.00 54.33 48.58
CA LEU A 114 -92.41 53.60 49.77
C LEU A 114 -93.22 52.36 49.41
N GLY A 115 -94.09 52.46 48.40
CA GLY A 115 -94.77 51.27 47.93
C GLY A 115 -93.83 50.25 47.33
N GLN A 116 -92.79 50.73 46.64
CA GLN A 116 -91.85 49.82 46.00
C GLN A 116 -91.04 49.03 47.03
N ARG A 117 -90.56 49.69 48.08
CA ARG A 117 -89.68 49.04 49.04
C ARG A 117 -90.39 47.96 49.87
N GLN A 118 -91.73 47.97 49.90
CA GLN A 118 -92.44 46.95 50.67
C GLN A 118 -92.16 45.56 50.13
N SER A 119 -92.11 45.42 48.80
CA SER A 119 -91.82 44.13 48.21
C SER A 119 -90.47 43.60 48.69
N TYR A 120 -89.45 44.46 48.73
CA TYR A 120 -88.15 44.04 49.23
C TYR A 120 -88.23 43.64 50.70
N GLN A 121 -88.98 44.40 51.50
CA GLN A 121 -89.10 44.08 52.93
C GLN A 121 -89.67 42.68 53.13
N SER A 122 -90.55 42.25 52.24
CA SER A 122 -91.14 40.92 52.37
C SER A 122 -90.06 39.84 52.32
N HIS A 123 -89.13 39.96 51.39
CA HIS A 123 -88.05 38.99 51.30
C HIS A 123 -87.18 38.99 52.55
N THR A 124 -86.89 40.18 53.09
CA THR A 124 -86.06 40.27 54.29
C THR A 124 -86.73 39.55 55.45
N GLU A 125 -88.02 39.76 55.64
CA GLU A 125 -88.73 39.08 56.72
C GLU A 125 -88.73 37.58 56.51
N ALA A 126 -88.95 37.13 55.27
CA ALA A 126 -88.98 35.69 54.99
C ALA A 126 -87.64 35.06 55.29
N LEU A 127 -86.54 35.71 54.90
CA LEU A 127 -85.22 35.15 55.15
C LEU A 127 -84.87 35.18 56.63
N GLY A 128 -85.25 36.25 57.33
CA GLY A 128 -84.95 36.33 58.75
C GLY A 128 -85.52 35.16 59.53
N LYS A 129 -86.76 34.78 59.21
CA LYS A 129 -87.36 33.61 59.85
C LYS A 129 -86.63 32.33 59.46
N SER A 130 -86.23 32.22 58.19
CA SER A 130 -85.57 31.00 57.72
C SER A 130 -84.26 30.77 58.44
N LEU A 131 -83.46 31.83 58.63
CA LEU A 131 -82.19 31.68 59.34
C LEU A 131 -82.41 31.34 60.80
N GLY A 132 -83.50 31.84 61.39
CA GLY A 132 -83.73 31.61 62.81
C GLY A 132 -83.77 30.14 63.16
N GLU A 133 -84.43 29.34 62.33
CA GLU A 133 -84.50 27.90 62.60
C GLU A 133 -83.17 27.23 62.26
N GLN A 134 -82.51 27.64 61.19
CA GLN A 134 -81.22 27.06 60.83
C GLN A 134 -80.18 27.34 61.91
N ARG A 135 -80.20 28.54 62.48
CA ARG A 135 -79.17 28.93 63.44
C ARG A 135 -79.14 27.98 64.63
N ALA A 136 -80.31 27.67 65.18
CA ALA A 136 -80.39 26.77 66.33
C ALA A 136 -80.32 25.30 65.94
N LEU A 137 -80.34 24.99 64.65
CA LEU A 137 -80.31 23.60 64.21
C LEU A 137 -78.88 23.09 64.13
N VAL A 138 -78.00 23.84 63.46
CA VAL A 138 -76.61 23.41 63.31
C VAL A 138 -75.93 23.32 64.67
N GLU A 139 -76.20 24.29 65.55
CA GLU A 139 -75.58 24.29 66.87
C GLU A 139 -75.84 22.97 67.58
N GLN A 140 -77.02 22.40 67.39
CA GLN A 140 -77.30 21.07 67.93
C GLN A 140 -76.43 20.01 67.25
N VAL A 141 -76.22 20.14 65.94
CA VAL A 141 -75.41 19.17 65.22
C VAL A 141 -73.98 19.18 65.74
N ARG A 142 -73.42 20.37 65.93
CA ARG A 142 -72.04 20.46 66.41
C ARG A 142 -71.86 19.71 67.73
N GLY A 143 -72.87 19.76 68.60
CA GLY A 143 -72.77 19.03 69.86
C GLY A 143 -72.63 17.53 69.66
N GLN A 144 -73.39 16.97 68.72
CA GLN A 144 -73.29 15.54 68.45
C GLN A 144 -71.89 15.17 67.95
N LEU A 145 -71.35 15.97 67.02
CA LEU A 145 -70.03 15.68 66.50
C LEU A 145 -68.97 15.76 67.59
N GLN A 146 -69.01 16.82 68.40
CA GLN A 146 -68.01 16.99 69.45
C GLN A 146 -68.09 15.85 70.47
N LYS A 147 -69.31 15.48 70.88
CA LYS A 147 -69.46 14.38 71.82
C LYS A 147 -68.97 13.07 71.22
N LEU A 148 -69.27 12.84 69.95
CA LEU A 148 -68.83 11.61 69.31
C LEU A 148 -67.31 11.52 69.29
N GLU A 149 -66.63 12.61 68.95
CA GLU A 149 -65.18 12.61 68.92
C GLU A 149 -64.61 12.29 70.30
N ARG A 150 -65.17 12.89 71.35
CA ARG A 150 -64.71 12.59 72.70
C ARG A 150 -64.96 11.12 73.03
N LYS A 151 -66.11 10.58 72.63
CA LYS A 151 -66.39 9.18 72.88
C LYS A 151 -65.51 8.27 72.04
N TYR A 152 -65.08 8.73 70.87
CA TYR A 152 -64.26 7.90 69.99
C TYR A 152 -62.96 7.49 70.67
N LEU A 153 -62.27 8.45 71.29
CA LEU A 153 -60.96 8.17 71.85
C LEU A 153 -61.04 7.15 72.97
N GLU A 154 -62.07 7.23 73.81
CA GLU A 154 -62.16 6.34 74.97
C GLU A 154 -62.19 4.87 74.55
N LEU A 155 -62.58 4.59 73.32
CA LEU A 155 -62.55 3.21 72.83
C LEU A 155 -61.15 2.82 72.38
N LYS A 156 -60.52 3.66 71.56
CA LYS A 156 -59.20 3.33 71.03
C LYS A 156 -58.18 3.22 72.14
N SER A 157 -58.28 4.06 73.17
CA SER A 157 -57.33 4.02 74.27
C SER A 157 -57.36 2.69 75.01
N GLN A 158 -58.43 1.91 74.85
CA GLN A 158 -58.54 0.61 75.50
C GLN A 158 -58.28 -0.56 74.56
N LYS A 159 -58.45 -0.37 73.25
CA LYS A 159 -58.33 -1.50 72.34
C LYS A 159 -56.94 -2.11 72.41
N ASN A 160 -55.90 -1.28 72.45
CA ASN A 160 -54.55 -1.81 72.54
C ASN A 160 -54.35 -2.58 73.84
N LEU A 161 -54.98 -2.14 74.92
CA LEU A 161 -54.84 -2.84 76.19
C LEU A 161 -55.43 -4.25 76.11
N TYR A 162 -56.61 -4.39 75.50
CA TYR A 162 -57.22 -5.72 75.41
C TYR A 162 -56.38 -6.66 74.56
N LEU A 163 -55.85 -6.18 73.43
CA LEU A 163 -55.05 -7.04 72.57
C LEU A 163 -53.84 -7.58 73.31
N ALA A 164 -53.20 -6.74 74.12
CA ALA A 164 -52.04 -7.19 74.88
C ALA A 164 -52.41 -8.34 75.81
N ARG A 165 -53.53 -8.20 76.52
CA ARG A 165 -53.98 -9.28 77.39
C ARG A 165 -54.28 -10.54 76.60
N LEU A 166 -54.91 -10.38 75.43
CA LEU A 166 -55.23 -11.53 74.59
C LEU A 166 -53.96 -12.23 74.12
N LYS A 167 -52.96 -11.47 73.69
CA LYS A 167 -51.71 -12.08 73.25
C LYS A 167 -50.98 -12.75 74.42
N SER A 168 -51.12 -12.19 75.62
CA SER A 168 -50.45 -12.78 76.78
C SER A 168 -51.02 -14.15 77.10
N ALA A 169 -52.36 -14.25 77.16
CA ALA A 169 -52.99 -15.51 77.57
C ALA A 169 -52.87 -16.57 76.49
N ILE A 170 -53.11 -16.18 75.23
CA ILE A 170 -53.03 -17.16 74.14
C ILE A 170 -51.65 -17.79 74.10
N ALA A 171 -50.61 -16.99 74.24
CA ALA A 171 -49.25 -17.54 74.29
C ALA A 171 -49.08 -18.45 75.50
N ALA A 172 -49.61 -18.03 76.66
CA ALA A 172 -49.48 -18.83 77.86
C ALA A 172 -50.07 -20.22 77.67
N GLN A 173 -51.23 -20.31 77.01
CA GLN A 173 -51.81 -21.61 76.70
C GLN A 173 -50.89 -22.43 75.81
N LYS A 174 -50.27 -21.77 74.82
CA LYS A 174 -49.37 -22.48 73.92
C LYS A 174 -48.16 -23.03 74.67
N ILE A 175 -47.62 -22.25 75.60
CA ILE A 175 -46.46 -22.69 76.36
C ILE A 175 -46.82 -23.88 77.24
N GLU A 176 -47.94 -23.79 77.95
CA GLU A 176 -48.24 -24.79 78.97
C GLU A 176 -48.44 -26.17 78.37
N GLU A 177 -49.13 -26.26 77.23
CA GLU A 177 -49.36 -27.56 76.62
C GLU A 177 -48.05 -28.24 76.23
N ILE A 178 -46.99 -27.46 76.04
CA ILE A 178 -45.67 -28.00 75.71
C ILE A 178 -44.86 -28.15 76.99
N ALA A 179 -45.55 -28.08 78.14
CA ALA A 179 -44.84 -28.18 79.41
C ALA A 179 -44.01 -29.45 79.49
N GLY A 180 -44.47 -30.53 78.85
CA GLY A 180 -43.72 -31.77 78.87
C GLY A 180 -43.51 -32.27 80.29
N ASN A 181 -44.57 -32.26 81.08
CA ASN A 181 -44.47 -32.68 82.47
C ASN A 181 -43.90 -34.09 82.57
N LEU A 182 -42.90 -34.27 83.43
CA LEU A 182 -42.27 -35.57 83.57
C LEU A 182 -43.22 -36.58 84.22
N ASP A 183 -44.17 -36.10 85.02
CA ASP A 183 -45.02 -37.01 85.80
C ASP A 183 -46.10 -37.69 84.97
N ASN A 184 -46.35 -37.25 83.73
CA ASN A 184 -47.46 -37.83 82.97
C ASN A 184 -47.27 -39.32 82.75
N ALA A 185 -46.09 -39.71 82.27
CA ALA A 185 -45.78 -41.13 82.04
C ALA A 185 -46.81 -41.77 81.11
N SER A 186 -47.25 -41.00 80.11
CA SER A 186 -48.26 -41.47 79.17
C SER A 186 -47.98 -41.05 77.73
N ALA A 187 -46.84 -40.42 77.44
CA ALA A 187 -46.44 -39.88 76.14
C ALA A 187 -47.16 -38.56 75.86
N SER A 188 -48.05 -38.10 76.73
CA SER A 188 -48.62 -36.77 76.56
C SER A 188 -47.54 -35.71 76.67
N SER A 189 -46.64 -35.86 77.64
CA SER A 189 -45.43 -35.04 77.69
C SER A 189 -44.40 -35.65 76.77
N LEU A 190 -43.91 -34.86 75.81
CA LEU A 190 -42.96 -35.38 74.84
C LEU A 190 -41.70 -35.90 75.49
N PHE A 191 -41.34 -35.37 76.67
CA PHE A 191 -40.15 -35.87 77.36
C PHE A 191 -40.32 -37.31 77.79
N GLU A 192 -41.44 -37.62 78.45
CA GLU A 192 -41.68 -39.01 78.86
C GLU A 192 -41.81 -39.92 77.66
N ARG A 193 -42.32 -39.41 76.55
CA ARG A 193 -42.34 -40.20 75.31
C ARG A 193 -40.92 -40.56 74.90
N ILE A 194 -40.00 -39.59 75.01
CA ILE A 194 -38.59 -39.88 74.74
C ILE A 194 -38.07 -40.93 75.70
N GLU A 195 -38.40 -40.80 76.99
CA GLU A 195 -37.92 -41.75 77.98
C GLU A 195 -38.36 -43.17 77.64
N THR A 196 -39.62 -43.31 77.21
CA THR A 196 -40.08 -44.63 76.77
C THR A 196 -39.26 -45.12 75.59
N LYS A 197 -38.92 -44.22 74.66
CA LYS A 197 -38.12 -44.61 73.52
C LYS A 197 -36.75 -45.13 73.96
N ILE A 198 -36.14 -44.46 74.95
CA ILE A 198 -34.81 -44.86 75.40
C ILE A 198 -34.83 -46.30 75.91
N LEU A 199 -35.77 -46.62 76.79
CA LEU A 199 -35.83 -47.95 77.38
C LEU A 199 -36.15 -49.01 76.34
N GLU A 200 -36.87 -48.63 75.28
CA GLU A 200 -37.19 -49.59 74.24
C GLU A 200 -35.93 -50.15 73.61
N LEU A 201 -34.98 -49.28 73.26
CA LEU A 201 -33.75 -49.72 72.61
C LEU A 201 -32.89 -50.53 73.57
N GLU A 202 -32.68 -50.02 74.78
CA GLU A 202 -31.85 -50.74 75.74
C GLU A 202 -32.39 -52.14 76.01
N ALA A 203 -33.71 -52.31 75.95
CA ALA A 203 -34.30 -53.63 76.15
C ALA A 203 -33.86 -54.61 75.07
N GLU A 204 -33.84 -54.15 73.82
CA GLU A 204 -33.49 -55.05 72.72
C GLU A 204 -32.06 -55.55 72.85
N ARG A 205 -31.13 -54.67 73.20
CA ARG A 205 -29.72 -55.06 73.24
C ARG A 205 -29.47 -56.14 74.29
N GLU A 206 -30.02 -55.96 75.49
CA GLU A 206 -29.77 -56.92 76.56
C GLU A 206 -30.31 -58.30 76.20
N LEU A 207 -31.51 -58.35 75.61
CA LEU A 207 -32.09 -59.63 75.24
C LEU A 207 -31.28 -60.30 74.14
N LEU A 208 -30.87 -59.54 73.13
CA LEU A 208 -30.14 -60.13 72.02
C LEU A 208 -28.74 -60.56 72.42
N ASN A 209 -28.22 -59.98 73.50
CA ASN A 209 -26.92 -60.33 74.05
C ASN A 209 -27.14 -60.67 75.53
N PRO A 210 -27.54 -61.91 75.83
CA PRO A 210 -27.84 -62.29 77.21
C PRO A 210 -26.70 -61.90 78.14
N PRO A 211 -26.94 -60.97 79.07
CA PRO A 211 -25.87 -60.60 80.01
C PRO A 211 -25.58 -61.73 80.98
N PRO A 212 -24.45 -61.69 81.67
CA PRO A 212 -24.09 -62.80 82.56
C PRO A 212 -25.14 -63.01 83.64
N SER A 213 -25.35 -64.28 83.98
CA SER A 213 -26.26 -64.61 85.06
C SER A 213 -25.67 -64.17 86.40
N PRO A 214 -26.52 -63.89 87.40
CA PRO A 214 -25.99 -63.51 88.71
C PRO A 214 -25.08 -64.58 89.30
N LEU A 215 -25.37 -65.86 89.05
CA LEU A 215 -24.49 -66.92 89.52
C LEU A 215 -23.10 -66.79 88.91
N ASP A 216 -23.03 -66.50 87.61
CA ASP A 216 -21.74 -66.27 86.98
C ASP A 216 -21.03 -65.07 87.59
N LYS A 217 -21.78 -64.00 87.86
CA LYS A 217 -21.20 -62.85 88.55
C LYS A 217 -20.66 -63.25 89.91
N LYS A 218 -21.41 -64.07 90.65
CA LYS A 218 -20.95 -64.51 91.96
C LYS A 218 -19.60 -65.20 91.86
N PHE A 219 -19.45 -66.12 90.89
CA PHE A 219 -18.20 -66.84 90.74
C PHE A 219 -17.05 -65.92 90.42
N GLU A 220 -17.27 -64.95 89.53
CA GLU A 220 -16.18 -64.09 89.08
C GLU A 220 -15.55 -63.34 90.24
N GLN A 221 -16.37 -62.63 91.02
CA GLN A 221 -15.85 -61.94 92.20
C GLN A 221 -15.40 -62.95 93.25
N TRP A 222 -16.15 -64.04 93.42
CA TRP A 222 -15.76 -65.07 94.38
C TRP A 222 -14.38 -65.59 94.11
N GLU A 223 -13.95 -65.60 92.84
CA GLU A 223 -12.62 -66.08 92.50
C GLU A 223 -11.54 -65.04 92.82
N GLU A 224 -11.83 -63.76 92.61
CA GLU A 224 -10.79 -62.73 92.73
C GLU A 224 -10.28 -62.60 94.16
N GLN A 225 -11.15 -62.83 95.15
CA GLN A 225 -10.73 -62.62 96.54
C GLN A 225 -9.56 -63.52 96.90
N GLN A 226 -9.60 -64.79 96.51
CA GLN A 226 -8.48 -65.68 96.77
C GLN A 226 -7.25 -65.25 95.98
N ALA A 227 -7.44 -64.82 94.74
CA ALA A 227 -6.30 -64.42 93.91
C ALA A 227 -5.54 -63.26 94.56
N VAL A 228 -6.27 -62.24 95.00
CA VAL A 228 -5.63 -61.11 95.67
C VAL A 228 -5.11 -61.51 97.04
N GLU A 229 -5.91 -62.30 97.78
CA GLU A 229 -5.47 -62.74 99.10
C GLU A 229 -4.30 -63.71 99.00
N ALA A 230 -4.36 -64.64 98.04
CA ALA A 230 -3.25 -65.56 97.85
C ALA A 230 -2.00 -64.81 97.44
N THR A 231 -2.12 -63.85 96.53
CA THR A 231 -0.99 -63.00 96.18
C THR A 231 -0.56 -62.16 97.39
N LEU A 232 -1.53 -61.62 98.13
CA LEU A 232 -1.21 -60.89 99.35
C LEU A 232 -0.66 -61.83 100.42
N ALA A 233 -1.19 -63.04 100.52
CA ALA A 233 -0.64 -64.01 101.46
C ALA A 233 0.80 -64.33 101.12
N ALA A 234 1.10 -64.51 99.83
CA ALA A 234 2.47 -64.69 99.39
C ALA A 234 3.26 -63.39 99.42
N MET A 235 2.59 -62.24 99.36
CA MET A 235 3.29 -60.97 99.45
C MET A 235 4.08 -60.87 100.75
N LYS A 236 3.42 -61.14 101.88
CA LYS A 236 4.13 -61.17 103.16
C LYS A 236 5.17 -62.28 103.19
N ALA A 237 4.80 -63.45 102.67
CA ALA A 237 5.74 -64.58 102.69
C ALA A 237 6.91 -64.36 101.75
N ARG A 238 6.64 -63.92 100.52
CA ARG A 238 7.73 -63.71 99.56
C ARG A 238 8.68 -62.62 100.05
N ARG A 239 8.14 -61.53 100.59
CA ARG A 239 8.98 -60.51 101.18
C ARG A 239 9.58 -60.99 102.50
N SER A 240 8.83 -61.80 103.24
CA SER A 240 9.32 -62.33 104.51
C SER A 240 8.60 -63.62 104.87
N GLN B 45 -82.35 -12.42 -42.00
CA GLN B 45 -81.91 -11.64 -43.19
C GLN B 45 -81.06 -10.45 -42.75
N GLU B 46 -80.19 -10.00 -43.65
CA GLU B 46 -79.30 -8.87 -43.40
C GLU B 46 -79.71 -7.69 -44.27
N ALA B 47 -78.96 -6.60 -44.15
CA ALA B 47 -79.24 -5.44 -44.99
C ALA B 47 -78.99 -5.80 -46.45
N PRO B 48 -79.87 -5.41 -47.37
CA PRO B 48 -79.69 -5.82 -48.77
C PRO B 48 -78.37 -5.33 -49.36
N GLU B 49 -77.91 -4.15 -48.97
CA GLU B 49 -76.65 -3.63 -49.50
C GLU B 49 -75.47 -4.50 -49.09
N ASP B 50 -75.47 -4.97 -47.85
CA ASP B 50 -74.34 -5.76 -47.36
C ASP B 50 -74.18 -7.05 -48.17
N LEU B 51 -75.29 -7.69 -48.51
CA LEU B 51 -75.23 -8.93 -49.28
C LEU B 51 -74.54 -8.69 -50.62
N LEU B 52 -74.81 -7.55 -51.25
CA LEU B 52 -74.32 -7.31 -52.61
C LEU B 52 -72.81 -7.40 -52.67
N GLU B 53 -72.13 -6.77 -51.71
CA GLU B 53 -70.66 -6.85 -51.68
C GLU B 53 -70.19 -8.27 -51.45
N ARG B 54 -70.81 -8.97 -50.50
CA ARG B 54 -70.40 -10.33 -50.19
C ARG B 54 -70.70 -11.27 -51.36
N LEU B 55 -71.85 -11.09 -52.02
CA LEU B 55 -72.23 -12.01 -53.09
C LEU B 55 -71.25 -11.93 -54.25
N LEU B 56 -70.86 -10.73 -54.67
CA LEU B 56 -69.94 -10.60 -55.79
C LEU B 56 -68.58 -11.17 -55.45
N GLY B 57 -68.11 -10.97 -54.22
CA GLY B 57 -66.83 -11.54 -53.83
C GLY B 57 -66.80 -13.05 -54.01
N GLU B 58 -67.90 -13.72 -53.65
CA GLU B 58 -68.01 -15.14 -53.92
C GLU B 58 -68.04 -15.42 -55.42
N MET B 59 -68.75 -14.58 -56.17
CA MET B 59 -68.85 -14.79 -57.61
C MET B 59 -67.48 -14.68 -58.28
N GLU B 60 -66.70 -13.66 -57.92
CA GLU B 60 -65.39 -13.50 -58.52
C GLU B 60 -64.48 -14.66 -58.17
N LEU B 61 -64.54 -15.13 -56.92
CA LEU B 61 -63.70 -16.26 -56.52
C LEU B 61 -64.04 -17.50 -57.33
N GLU B 62 -65.33 -17.74 -57.58
CA GLU B 62 -65.73 -18.93 -58.32
C GLU B 62 -65.22 -18.89 -59.76
N LEU B 63 -65.23 -17.72 -60.39
CA LEU B 63 -64.94 -17.63 -61.81
C LEU B 63 -63.52 -18.11 -62.12
N ILE B 64 -62.55 -17.70 -61.31
CA ILE B 64 -61.17 -18.11 -61.56
C ILE B 64 -61.03 -19.61 -61.40
N GLU B 65 -61.77 -20.20 -60.47
CA GLU B 65 -61.74 -21.65 -60.32
C GLU B 65 -62.21 -22.33 -61.60
N LEU B 66 -63.26 -21.79 -62.23
CA LEU B 66 -63.67 -22.27 -63.54
C LEU B 66 -62.54 -22.09 -64.56
N ARG B 67 -61.89 -20.93 -64.54
CA ARG B 67 -60.80 -20.68 -65.48
C ARG B 67 -59.69 -21.70 -65.30
N ARG B 68 -59.32 -21.99 -64.05
CA ARG B 68 -58.26 -22.96 -63.79
C ARG B 68 -58.66 -24.35 -64.27
N ALA B 69 -59.89 -24.75 -64.00
CA ALA B 69 -60.32 -26.11 -64.35
C ALA B 69 -60.30 -26.33 -65.85
N LEU B 70 -60.79 -25.35 -66.62
CA LEU B 70 -60.84 -25.51 -68.08
C LEU B 70 -59.45 -25.77 -68.64
N ALA B 71 -58.41 -25.19 -68.05
CA ALA B 71 -57.06 -25.42 -68.55
C ALA B 71 -56.69 -26.90 -68.48
N GLN B 72 -57.04 -27.56 -67.38
CA GLN B 72 -56.70 -28.97 -67.23
C GLN B 72 -57.35 -29.81 -68.32
N THR B 73 -58.55 -29.43 -68.75
CA THR B 73 -59.19 -30.13 -69.87
C THR B 73 -58.34 -30.01 -71.12
N ILE B 74 -57.80 -28.82 -71.39
CA ILE B 74 -56.99 -28.63 -72.59
C ILE B 74 -55.75 -29.52 -72.54
N ALA B 75 -55.18 -29.71 -71.35
CA ALA B 75 -53.96 -30.51 -71.24
C ALA B 75 -54.20 -31.93 -71.77
N THR B 76 -55.28 -32.57 -71.32
CA THR B 76 -55.58 -33.92 -71.78
C THR B 76 -55.90 -33.93 -73.26
N PHE B 77 -56.65 -32.94 -73.73
CA PHE B 77 -56.97 -32.86 -75.16
C PHE B 77 -55.71 -32.77 -76.00
N LYS B 78 -54.72 -31.99 -75.55
CA LYS B 78 -53.44 -31.94 -76.25
C LYS B 78 -52.62 -33.20 -75.99
N SER B 79 -52.64 -33.70 -74.74
CA SER B 79 -51.78 -34.83 -74.40
C SER B 79 -52.13 -36.05 -75.22
N THR B 80 -53.42 -36.39 -75.30
CA THR B 80 -53.82 -37.56 -76.06
C THR B 80 -53.49 -37.39 -77.54
N GLU B 81 -53.69 -36.19 -78.08
CA GLU B 81 -53.37 -35.94 -79.47
C GLU B 81 -51.90 -36.20 -79.75
N ARG B 82 -51.02 -35.73 -78.86
CA ARG B 82 -49.61 -36.06 -78.98
C ARG B 82 -49.39 -37.57 -78.84
N GLN B 83 -50.12 -38.19 -77.92
CA GLN B 83 -50.03 -39.64 -77.75
C GLN B 83 -50.49 -40.36 -79.01
N ARG B 84 -51.54 -39.85 -79.65
CA ARG B 84 -52.07 -40.49 -80.85
C ARG B 84 -51.02 -40.52 -81.95
N ASP B 85 -50.30 -39.43 -82.15
CA ASP B 85 -49.31 -39.37 -83.22
C ASP B 85 -48.21 -40.42 -83.03
N ALA B 86 -47.90 -40.77 -81.78
CA ALA B 86 -46.85 -41.73 -81.52
C ALA B 86 -47.18 -43.10 -82.10
N GLN B 87 -48.43 -43.55 -81.92
CA GLN B 87 -48.79 -44.89 -82.35
C GLN B 87 -48.67 -45.04 -83.86
N GLN B 88 -49.24 -44.10 -84.61
CA GLN B 88 -49.17 -44.19 -86.07
C GLN B 88 -47.73 -44.17 -86.55
N LEU B 89 -46.85 -43.44 -85.86
CA LEU B 89 -45.44 -43.45 -86.21
C LEU B 89 -44.86 -44.85 -86.11
N ILE B 90 -45.23 -45.57 -85.05
CA ILE B 90 -44.76 -46.95 -84.89
C ILE B 90 -45.28 -47.81 -86.05
N ALA B 91 -46.56 -47.66 -86.39
CA ALA B 91 -47.11 -48.41 -87.50
C ALA B 91 -46.37 -48.09 -88.79
N GLN B 92 -45.99 -46.83 -88.98
CA GLN B 92 -45.23 -46.46 -90.16
C GLN B 92 -43.90 -47.21 -90.21
N ARG B 93 -43.25 -47.38 -89.05
CA ARG B 93 -41.99 -48.11 -89.01
C ARG B 93 -42.16 -49.52 -89.55
N TRP B 94 -43.19 -50.22 -89.09
CA TRP B 94 -43.45 -51.57 -89.60
C TRP B 94 -43.76 -51.54 -91.09
N TYR B 95 -44.58 -50.58 -91.52
CA TYR B 95 -44.88 -50.46 -92.95
C TYR B 95 -43.61 -50.17 -93.74
N GLU B 96 -42.79 -49.24 -93.25
CA GLU B 96 -41.52 -48.96 -93.91
C GLU B 96 -40.62 -50.20 -93.91
N LYS B 97 -40.57 -50.91 -92.78
CA LYS B 97 -39.81 -52.15 -92.73
C LYS B 97 -40.37 -53.17 -93.70
N ALA B 98 -41.70 -53.30 -93.75
CA ALA B 98 -42.31 -54.24 -94.68
C ALA B 98 -42.04 -53.88 -96.14
N GLN B 99 -41.69 -52.63 -96.41
CA GLN B 99 -41.41 -52.23 -97.79
C GLN B 99 -40.25 -53.03 -98.36
N ALA B 100 -39.18 -53.17 -97.60
CA ALA B 100 -38.01 -53.96 -98.00
C ALA B 100 -38.03 -55.36 -97.41
N ALA B 101 -39.08 -55.73 -96.70
CA ALA B 101 -39.15 -57.07 -96.10
C ALA B 101 -39.06 -58.14 -97.19
N LEU B 102 -39.86 -57.99 -98.24
CA LEU B 102 -39.86 -58.92 -99.36
C LEU B 102 -38.99 -58.44 -100.52
N ASP B 103 -38.23 -57.36 -100.33
CA ASP B 103 -37.31 -56.90 -101.37
C ASP B 103 -36.36 -58.01 -101.79
N ARG B 104 -35.99 -58.89 -100.85
CA ARG B 104 -35.22 -60.08 -101.16
C ARG B 104 -36.06 -61.20 -101.73
N GLY B 105 -37.34 -60.93 -102.01
CA GLY B 105 -38.28 -61.97 -102.37
C GLY B 105 -38.94 -62.65 -101.18
N ASN B 106 -38.69 -62.16 -99.96
CA ASN B 106 -39.23 -62.77 -98.75
C ASN B 106 -40.64 -62.24 -98.50
N GLU B 107 -41.58 -62.74 -99.31
CA GLU B 107 -42.97 -62.33 -99.17
C GLU B 107 -43.56 -62.79 -97.85
N GLN B 108 -43.16 -63.96 -97.36
CA GLN B 108 -43.76 -64.50 -96.15
C GLN B 108 -43.54 -63.57 -94.96
N LEU B 109 -42.34 -63.03 -94.83
CA LEU B 109 -42.04 -62.16 -93.69
C LEU B 109 -42.93 -60.91 -93.71
N ALA B 110 -43.12 -60.32 -94.89
CA ALA B 110 -43.93 -59.11 -94.98
C ALA B 110 -45.36 -59.36 -94.54
N ARG B 111 -45.83 -60.62 -94.62
CA ARG B 111 -47.18 -60.93 -94.19
C ARG B 111 -47.38 -60.60 -92.72
N GLU B 112 -46.41 -60.95 -91.88
CA GLU B 112 -46.54 -60.70 -90.45
C GLU B 112 -46.59 -59.21 -90.15
N ALA B 113 -45.75 -58.42 -90.83
CA ALA B 113 -45.69 -56.99 -90.55
C ALA B 113 -47.04 -56.32 -90.81
N LEU B 114 -47.60 -56.54 -92.01
CA LEU B 114 -48.88 -55.92 -92.33
C LEU B 114 -49.98 -56.40 -91.40
N GLY B 115 -49.97 -57.69 -91.05
CA GLY B 115 -50.92 -58.17 -90.06
C GLY B 115 -50.68 -57.54 -88.70
N GLN B 116 -49.41 -57.32 -88.34
CA GLN B 116 -49.08 -56.75 -87.04
C GLN B 116 -49.59 -55.31 -86.91
N ARG B 117 -49.37 -54.50 -87.95
CA ARG B 117 -49.70 -53.08 -87.87
C ARG B 117 -51.19 -52.81 -87.77
N GLN B 118 -52.03 -53.79 -88.13
CA GLN B 118 -53.48 -53.58 -88.05
C GLN B 118 -53.92 -53.32 -86.62
N SER B 119 -53.34 -54.06 -85.66
CA SER B 119 -53.67 -53.83 -84.26
C SER B 119 -53.41 -52.40 -83.85
N TYR B 120 -52.27 -51.84 -84.26
CA TYR B 120 -51.96 -50.45 -83.95
C TYR B 120 -52.97 -49.52 -84.60
N GLN B 121 -53.34 -49.80 -85.85
CA GLN B 121 -54.28 -48.94 -86.56
C GLN B 121 -55.61 -48.85 -85.80
N SER B 122 -56.01 -49.94 -85.13
CA SER B 122 -57.26 -49.93 -84.39
C SER B 122 -57.24 -48.86 -83.31
N HIS B 123 -56.14 -48.76 -82.57
CA HIS B 123 -56.03 -47.74 -81.53
C HIS B 123 -56.11 -46.34 -82.13
N THR B 124 -55.43 -46.13 -83.26
CA THR B 124 -55.44 -44.81 -83.88
C THR B 124 -56.86 -44.39 -84.25
N GLU B 125 -57.63 -45.31 -84.85
CA GLU B 125 -58.99 -44.99 -85.21
C GLU B 125 -59.84 -44.71 -83.97
N ALA B 126 -59.66 -45.50 -82.92
CA ALA B 126 -60.43 -45.30 -81.70
C ALA B 126 -60.15 -43.94 -81.09
N LEU B 127 -58.87 -43.54 -81.05
CA LEU B 127 -58.53 -42.24 -80.46
C LEU B 127 -59.01 -41.10 -81.35
N GLY B 128 -58.91 -41.24 -82.67
CA GLY B 128 -59.36 -40.17 -83.55
C GLY B 128 -60.82 -39.82 -83.33
N LYS B 129 -61.66 -40.82 -83.16
CA LYS B 129 -63.07 -40.58 -82.85
C LYS B 129 -63.22 -39.92 -81.49
N SER B 130 -62.44 -40.36 -80.50
CA SER B 130 -62.57 -39.82 -79.15
C SER B 130 -62.24 -38.33 -79.11
N LEU B 131 -61.19 -37.91 -79.81
CA LEU B 131 -60.83 -36.50 -79.84
C LEU B 131 -61.88 -35.68 -80.58
N GLY B 132 -62.52 -36.27 -81.59
CA GLY B 132 -63.48 -35.53 -82.37
C GLY B 132 -64.59 -34.94 -81.53
N GLU B 133 -65.11 -35.72 -80.58
CA GLU B 133 -66.17 -35.22 -79.71
C GLU B 133 -65.63 -34.23 -78.68
N GLN B 134 -64.44 -34.51 -78.15
CA GLN B 134 -63.84 -33.60 -77.17
C GLN B 134 -63.53 -32.25 -77.79
N ARG B 135 -63.07 -32.24 -79.04
CA ARG B 135 -62.65 -31.00 -79.68
C ARG B 135 -63.79 -29.99 -79.73
N ALA B 136 -64.98 -30.45 -80.15
CA ALA B 136 -66.13 -29.57 -80.24
C ALA B 136 -66.83 -29.35 -78.90
N LEU B 137 -66.41 -30.08 -77.85
CA LEU B 137 -67.05 -29.93 -76.55
C LEU B 137 -66.44 -28.77 -75.77
N VAL B 138 -65.11 -28.72 -75.68
CA VAL B 138 -64.46 -27.66 -74.92
C VAL B 138 -64.75 -26.31 -75.55
N GLU B 139 -64.71 -26.24 -76.88
CA GLU B 139 -64.97 -24.97 -77.57
C GLU B 139 -66.30 -24.37 -77.13
N GLN B 140 -67.30 -25.21 -76.87
CA GLN B 140 -68.55 -24.73 -76.32
C GLN B 140 -68.35 -24.21 -74.90
N VAL B 141 -67.51 -24.89 -74.12
CA VAL B 141 -67.26 -24.45 -72.73
C VAL B 141 -66.63 -23.07 -72.72
N ARG B 142 -65.63 -22.85 -73.58
CA ARG B 142 -64.96 -21.56 -73.61
C ARG B 142 -65.95 -20.43 -73.85
N GLY B 143 -66.96 -20.66 -74.68
CA GLY B 143 -67.96 -19.63 -74.93
C GLY B 143 -68.71 -19.23 -73.67
N GLN B 144 -69.07 -20.21 -72.85
CA GLN B 144 -69.78 -19.90 -71.61
C GLN B 144 -68.90 -19.07 -70.68
N LEU B 145 -67.63 -19.45 -70.53
CA LEU B 145 -66.74 -18.69 -69.66
C LEU B 145 -66.57 -17.26 -70.15
N GLN B 146 -66.32 -17.10 -71.45
CA GLN B 146 -66.10 -15.76 -71.99
C GLN B 146 -67.34 -14.90 -71.84
N LYS B 147 -68.52 -15.46 -72.12
CA LYS B 147 -69.75 -14.70 -71.96
C LYS B 147 -69.97 -14.33 -70.50
N LEU B 148 -69.70 -15.27 -69.59
CA LEU B 148 -69.88 -14.99 -68.17
C LEU B 148 -68.99 -13.83 -67.71
N GLU B 149 -67.73 -13.84 -68.14
CA GLU B 149 -66.83 -12.77 -67.76
C GLU B 149 -67.33 -11.42 -68.25
N ARG B 150 -67.80 -11.36 -69.50
CA ARG B 150 -68.37 -10.12 -70.02
C ARG B 150 -69.59 -9.69 -69.22
N LYS B 151 -70.44 -10.65 -68.86
CA LYS B 151 -71.61 -10.33 -68.06
C LYS B 151 -71.23 -9.93 -66.64
N TYR B 152 -70.11 -10.45 -66.13
CA TYR B 152 -69.71 -10.15 -64.77
C TYR B 152 -69.48 -8.66 -64.57
N LEU B 153 -68.77 -8.03 -65.50
CA LEU B 153 -68.40 -6.62 -65.32
C LEU B 153 -69.62 -5.72 -65.30
N GLU B 154 -70.61 -6.01 -66.15
CA GLU B 154 -71.77 -5.13 -66.25
C GLU B 154 -72.50 -5.00 -64.93
N LEU B 155 -72.34 -5.97 -64.03
CA LEU B 155 -72.93 -5.87 -62.70
C LEU B 155 -72.10 -4.98 -61.79
N LYS B 156 -70.80 -5.24 -61.73
CA LYS B 156 -69.94 -4.49 -60.82
C LYS B 156 -69.91 -3.01 -61.19
N SER B 157 -69.93 -2.70 -62.49
CA SER B 157 -69.90 -1.31 -62.92
C SER B 157 -71.11 -0.53 -62.42
N GLN B 158 -72.18 -1.20 -62.02
CA GLN B 158 -73.37 -0.54 -61.51
C GLN B 158 -73.49 -0.61 -60.00
N LYS B 159 -72.84 -1.56 -59.34
CA LYS B 159 -73.04 -1.72 -57.90
C LYS B 159 -72.60 -0.48 -57.15
N ASN B 160 -71.45 0.09 -57.52
CA ASN B 160 -70.99 1.31 -56.87
C ASN B 160 -71.98 2.46 -57.08
N LEU B 161 -72.61 2.52 -58.24
CA LEU B 161 -73.57 3.58 -58.50
C LEU B 161 -74.77 3.49 -57.57
N TYR B 162 -75.30 2.28 -57.37
CA TYR B 162 -76.45 2.12 -56.50
C TYR B 162 -76.11 2.50 -55.06
N LEU B 163 -74.96 2.06 -54.56
CA LEU B 163 -74.59 2.38 -53.19
C LEU B 163 -74.53 3.88 -52.97
N ALA B 164 -73.99 4.63 -53.93
CA ALA B 164 -73.92 6.07 -53.79
C ALA B 164 -75.31 6.68 -53.63
N ARG B 165 -76.26 6.23 -54.46
CA ARG B 165 -77.63 6.72 -54.34
C ARG B 165 -78.21 6.35 -52.99
N LEU B 166 -77.95 5.13 -52.52
CA LEU B 166 -78.46 4.71 -51.22
C LEU B 166 -77.89 5.56 -50.10
N LYS B 167 -76.59 5.84 -50.14
CA LYS B 167 -75.98 6.67 -49.10
C LYS B 167 -76.51 8.10 -49.17
N SER B 168 -76.83 8.58 -50.38
CA SER B 168 -77.34 9.94 -50.52
C SER B 168 -78.71 10.07 -49.86
N ALA B 169 -79.62 9.15 -50.15
CA ALA B 169 -80.99 9.27 -49.65
C ALA B 169 -81.06 8.98 -48.16
N ILE B 170 -80.37 7.94 -47.69
CA ILE B 170 -80.40 7.61 -46.27
C ILE B 170 -79.93 8.79 -45.44
N ALA B 171 -78.84 9.43 -45.86
CA ALA B 171 -78.37 10.62 -45.16
C ALA B 171 -79.41 11.73 -45.22
N ALA B 172 -80.04 11.92 -46.38
CA ALA B 172 -81.04 12.97 -46.53
C ALA B 172 -82.17 12.79 -45.54
N GLN B 173 -82.62 11.55 -45.35
CA GLN B 173 -83.65 11.29 -44.34
C GLN B 173 -83.16 11.66 -42.95
N LYS B 174 -81.91 11.34 -42.64
CA LYS B 174 -81.36 11.66 -41.33
C LYS B 174 -81.32 13.16 -41.11
N ILE B 175 -80.94 13.92 -42.14
CA ILE B 175 -80.86 15.37 -42.00
C ILE B 175 -82.24 15.97 -41.78
N GLU B 176 -83.22 15.53 -42.57
CA GLU B 176 -84.52 16.19 -42.57
C GLU B 176 -85.22 16.06 -41.22
N GLU B 177 -85.15 14.88 -40.61
CA GLU B 177 -85.83 14.70 -39.33
C GLU B 177 -85.25 15.62 -38.26
N ILE B 178 -84.01 16.09 -38.44
CA ILE B 178 -83.38 17.01 -37.51
C ILE B 178 -83.59 18.43 -38.02
N ALA B 179 -84.51 18.60 -38.97
CA ALA B 179 -84.76 19.93 -39.53
C ALA B 179 -85.07 20.95 -38.44
N GLY B 180 -85.71 20.51 -37.36
CA GLY B 180 -86.04 21.41 -36.28
C GLY B 180 -86.90 22.57 -36.76
N ASN B 181 -87.94 22.26 -37.52
CA ASN B 181 -88.79 23.30 -38.08
C ASN B 181 -89.36 24.16 -36.97
N LEU B 182 -89.28 25.48 -37.15
CA LEU B 182 -89.77 26.40 -36.13
C LEU B 182 -91.29 26.36 -36.03
N ASP B 183 -91.97 26.01 -37.12
CA ASP B 183 -93.43 26.08 -37.18
C ASP B 183 -94.12 24.96 -36.40
N ASN B 184 -93.42 23.90 -36.00
CA ASN B 184 -94.09 22.77 -35.38
C ASN B 184 -94.80 23.19 -34.10
N ALA B 185 -94.09 23.88 -33.20
CA ALA B 185 -94.66 24.36 -31.95
C ALA B 185 -95.25 23.21 -31.14
N SER B 186 -94.57 22.06 -31.18
CA SER B 186 -95.03 20.87 -30.49
C SER B 186 -93.91 20.10 -29.81
N ALA B 187 -92.68 20.60 -29.81
CA ALA B 187 -91.48 19.96 -29.28
C ALA B 187 -90.95 18.89 -30.24
N SER B 188 -91.64 18.63 -31.36
CA SER B 188 -91.08 17.73 -32.36
C SER B 188 -89.80 18.32 -32.94
N SER B 189 -89.80 19.61 -33.23
CA SER B 189 -88.57 20.33 -33.56
C SER B 189 -87.87 20.70 -32.26
N LEU B 190 -86.62 20.27 -32.12
CA LEU B 190 -85.90 20.53 -30.88
C LEU B 190 -85.76 22.02 -30.61
N PHE B 191 -85.77 22.85 -31.65
CA PHE B 191 -85.66 24.29 -31.44
C PHE B 191 -86.88 24.83 -30.70
N GLU B 192 -88.08 24.48 -31.16
CA GLU B 192 -89.28 24.92 -30.48
C GLU B 192 -89.37 24.34 -29.07
N ARG B 193 -88.83 23.14 -28.87
CA ARG B 193 -88.75 22.61 -27.51
C ARG B 193 -87.89 23.51 -26.63
N ILE B 194 -86.77 24.00 -27.18
CA ILE B 194 -85.96 24.97 -26.45
C ILE B 194 -86.76 26.23 -26.16
N GLU B 195 -87.48 26.73 -27.16
CA GLU B 195 -88.26 27.95 -26.98
C GLU B 195 -89.25 27.79 -25.83
N THR B 196 -89.92 26.64 -25.76
CA THR B 196 -90.81 26.39 -24.64
C THR B 196 -90.06 26.42 -23.32
N LYS B 197 -88.84 25.86 -23.31
CA LYS B 197 -88.03 25.88 -22.09
C LYS B 197 -87.72 27.31 -21.67
N ILE B 198 -87.40 28.18 -22.62
CA ILE B 198 -87.04 29.56 -22.28
C ILE B 198 -88.19 30.24 -21.56
N LEU B 199 -89.40 30.16 -22.14
CA LEU B 199 -90.54 30.83 -21.54
C LEU B 199 -90.90 30.25 -20.19
N GLU B 200 -90.61 28.98 -19.96
CA GLU B 200 -90.91 28.36 -18.68
C GLU B 200 -90.17 29.08 -17.55
N LEU B 201 -88.88 29.33 -17.74
CA LEU B 201 -88.08 29.98 -16.70
C LEU B 201 -88.52 31.43 -16.50
N GLU B 202 -88.65 32.18 -17.59
CA GLU B 202 -89.06 33.57 -17.48
C GLU B 202 -90.38 33.72 -16.75
N ALA B 203 -91.28 32.74 -16.91
CA ALA B 203 -92.56 32.80 -16.22
C ALA B 203 -92.38 32.72 -14.71
N GLU B 204 -91.49 31.86 -14.24
CA GLU B 204 -91.30 31.70 -12.80
C GLU B 204 -90.79 32.98 -12.17
N ARG B 205 -89.84 33.65 -12.81
CA ARG B 205 -89.23 34.84 -12.20
C ARG B 205 -90.26 35.94 -12.01
N GLU B 206 -91.06 36.22 -13.04
CA GLU B 206 -92.02 37.32 -12.95
C GLU B 206 -93.04 37.07 -11.85
N LEU B 207 -93.53 35.84 -11.74
CA LEU B 207 -94.50 35.53 -10.70
C LEU B 207 -93.90 35.64 -9.31
N LEU B 208 -92.69 35.12 -9.13
CA LEU B 208 -92.07 35.15 -7.81
C LEU B 208 -91.67 36.57 -7.41
N ASN B 209 -91.50 37.46 -8.39
CA ASN B 209 -91.19 38.87 -8.16
C ASN B 209 -92.24 39.69 -8.90
N PRO B 210 -93.40 39.90 -8.29
CA PRO B 210 -94.48 40.61 -8.96
C PRO B 210 -93.99 41.92 -9.55
N PRO B 211 -94.00 42.06 -10.87
CA PRO B 211 -93.56 43.32 -11.48
C PRO B 211 -94.55 44.44 -11.20
N PRO B 212 -94.15 45.69 -11.38
CA PRO B 212 -95.05 46.81 -11.05
C PRO B 212 -96.35 46.74 -11.84
N SER B 213 -97.43 47.12 -11.19
CA SER B 213 -98.72 47.18 -11.85
C SER B 213 -98.73 48.32 -12.88
N PRO B 214 -99.55 48.22 -13.93
CA PRO B 214 -99.61 49.31 -14.90
C PRO B 214 -100.01 50.64 -14.28
N LEU B 215 -100.86 50.62 -13.25
CA LEU B 215 -101.21 51.85 -12.56
C LEU B 215 -99.98 52.49 -11.92
N ASP B 216 -99.12 51.67 -11.29
CA ASP B 216 -97.88 52.19 -10.73
C ASP B 216 -97.00 52.76 -11.83
N LYS B 217 -96.92 52.08 -12.97
CA LYS B 217 -96.17 52.60 -14.10
C LYS B 217 -96.74 53.94 -14.55
N LYS B 218 -98.06 54.06 -14.60
CA LYS B 218 -98.68 55.32 -15.00
C LYS B 218 -98.23 56.45 -14.08
N PHE B 219 -98.25 56.22 -12.77
CA PHE B 219 -97.86 57.27 -11.82
C PHE B 219 -96.41 57.68 -12.02
N GLU B 220 -95.52 56.72 -12.22
CA GLU B 220 -94.09 57.03 -12.28
C GLU B 220 -93.80 57.99 -13.43
N GLN B 221 -94.23 57.65 -14.64
CA GLN B 221 -94.05 58.57 -15.76
C GLN B 221 -94.90 59.82 -15.58
N TRP B 222 -96.12 59.65 -15.08
CA TRP B 222 -96.99 60.80 -14.84
C TRP B 222 -96.33 61.83 -13.93
N GLU B 223 -95.46 61.37 -13.02
CA GLU B 223 -94.77 62.29 -12.12
C GLU B 223 -93.63 63.01 -12.82
N GLU B 224 -92.90 62.32 -13.70
CA GLU B 224 -91.68 62.88 -14.27
C GLU B 224 -91.96 64.09 -15.14
N GLN B 225 -93.11 64.11 -15.82
CA GLN B 225 -93.39 65.21 -16.75
C GLN B 225 -93.40 66.55 -16.03
N GLN B 226 -94.04 66.62 -14.87
CA GLN B 226 -94.02 67.86 -14.10
C GLN B 226 -92.62 68.19 -13.62
N ALA B 227 -91.87 67.18 -13.18
CA ALA B 227 -90.52 67.42 -12.67
C ALA B 227 -89.65 68.06 -13.74
N VAL B 228 -89.66 67.50 -14.96
CA VAL B 228 -88.88 68.07 -16.04
C VAL B 228 -89.47 69.40 -16.49
N GLU B 229 -90.81 69.48 -16.59
CA GLU B 229 -91.45 70.72 -16.99
C GLU B 229 -91.28 71.80 -15.92
N ALA B 230 -91.45 71.43 -14.66
CA ALA B 230 -91.23 72.40 -13.58
C ALA B 230 -89.80 72.88 -13.56
N THR B 231 -88.84 71.96 -13.71
CA THR B 231 -87.44 72.37 -13.85
C THR B 231 -87.24 73.19 -15.11
N LEU B 232 -87.84 72.77 -16.22
CA LEU B 232 -87.77 73.55 -17.45
C LEU B 232 -88.53 74.86 -17.31
N ALA B 233 -89.66 74.86 -16.61
CA ALA B 233 -90.39 76.10 -16.36
C ALA B 233 -89.53 77.07 -15.55
N ALA B 234 -88.85 76.55 -14.53
CA ALA B 234 -87.90 77.37 -13.78
C ALA B 234 -86.62 77.61 -14.55
N MET B 235 -86.29 76.76 -15.53
CA MET B 235 -85.10 76.99 -16.35
C MET B 235 -85.18 78.34 -17.04
N LYS B 236 -86.29 78.61 -17.73
CA LYS B 236 -86.48 79.92 -18.34
C LYS B 236 -86.55 81.01 -17.29
N ALA B 237 -87.26 80.76 -16.19
CA ALA B 237 -87.40 81.76 -15.15
C ALA B 237 -86.08 82.02 -14.43
N ARG B 238 -85.38 80.95 -14.03
CA ARG B 238 -84.13 81.12 -13.30
C ARG B 238 -83.10 81.83 -14.18
N ARG B 239 -83.01 81.45 -15.46
CA ARG B 239 -82.14 82.17 -16.37
C ARG B 239 -82.69 83.55 -16.70
N SER B 240 -84.01 83.66 -16.78
CA SER B 240 -84.65 84.93 -17.08
C SER B 240 -86.07 84.98 -16.53
N GLN C 45 -39.92 -86.00 16.74
CA GLN C 45 -38.58 -86.59 17.03
C GLN C 45 -37.52 -86.02 16.09
N GLU C 46 -36.27 -86.04 16.54
CA GLU C 46 -35.14 -85.53 15.78
C GLU C 46 -34.24 -86.69 15.37
N ALA C 47 -33.15 -86.36 14.67
CA ALA C 47 -32.20 -87.38 14.29
C ALA C 47 -31.57 -87.99 15.55
N PRO C 48 -31.43 -89.32 15.62
CA PRO C 48 -30.90 -89.92 16.85
C PRO C 48 -29.50 -89.42 17.20
N GLU C 49 -28.66 -89.16 16.20
CA GLU C 49 -27.30 -88.69 16.48
C GLU C 49 -27.32 -87.33 17.14
N ASP C 50 -28.20 -86.43 16.70
CA ASP C 50 -28.24 -85.08 17.25
C ASP C 50 -28.56 -85.10 18.74
N LEU C 51 -29.49 -85.96 19.15
CA LEU C 51 -29.84 -86.04 20.56
C LEU C 51 -28.64 -86.41 21.42
N LEU C 52 -27.79 -87.30 20.91
CA LEU C 52 -26.69 -87.82 21.71
C LEU C 52 -25.77 -86.70 22.19
N GLU C 53 -25.41 -85.78 21.29
CA GLU C 53 -24.57 -84.66 21.68
C GLU C 53 -25.28 -83.78 22.71
N ARG C 54 -26.55 -83.47 22.46
CA ARG C 54 -27.30 -82.61 23.37
C ARG C 54 -27.51 -83.28 24.71
N LEU C 55 -27.80 -84.58 24.72
CA LEU C 55 -28.08 -85.27 25.97
C LEU C 55 -26.88 -85.26 26.90
N LEU C 56 -25.69 -85.55 26.38
CA LEU C 56 -24.50 -85.58 27.22
C LEU C 56 -24.17 -84.20 27.77
N GLY C 57 -24.36 -83.16 26.96
CA GLY C 57 -24.12 -81.82 27.44
C GLY C 57 -24.95 -81.49 28.66
N GLU C 58 -26.21 -81.91 28.66
CA GLU C 58 -27.04 -81.76 29.84
C GLU C 58 -26.53 -82.62 30.99
N MET C 59 -26.08 -83.83 30.68
CA MET C 59 -25.57 -84.72 31.72
C MET C 59 -24.34 -84.13 32.41
N GLU C 60 -23.39 -83.62 31.62
CA GLU C 60 -22.19 -83.05 32.21
C GLU C 60 -22.53 -81.84 33.07
N LEU C 61 -23.45 -80.99 32.61
CA LEU C 61 -23.83 -79.82 33.37
C LEU C 61 -24.43 -80.22 34.71
N GLU C 62 -25.25 -81.27 34.73
CA GLU C 62 -25.89 -81.70 35.97
C GLU C 62 -24.86 -82.19 36.98
N LEU C 63 -23.83 -82.91 36.51
CA LEU C 63 -22.92 -83.57 37.44
C LEU C 63 -22.19 -82.57 38.32
N ILE C 64 -21.73 -81.46 37.75
CA ILE C 64 -21.00 -80.48 38.56
C ILE C 64 -21.94 -79.87 39.60
N GLU C 65 -23.21 -79.69 39.25
CA GLU C 65 -24.17 -79.18 40.22
C GLU C 65 -24.27 -80.12 41.41
N LEU C 66 -24.28 -81.43 41.16
CA LEU C 66 -24.20 -82.40 42.24
C LEU C 66 -22.92 -82.23 43.03
N ARG C 67 -21.79 -82.05 42.33
CA ARG C 67 -20.52 -81.88 43.02
C ARG C 67 -20.54 -80.65 43.92
N ARG C 68 -21.10 -79.54 43.43
CA ARG C 68 -21.17 -78.33 44.24
C ARG C 68 -22.05 -78.53 45.47
N ALA C 69 -23.20 -79.18 45.29
CA ALA C 69 -24.14 -79.34 46.39
C ALA C 69 -23.54 -80.18 47.52
N LEU C 70 -22.87 -81.28 47.16
CA LEU C 70 -22.30 -82.16 48.18
C LEU C 70 -21.34 -81.40 49.09
N ALA C 71 -20.62 -80.42 48.55
CA ALA C 71 -19.69 -79.65 49.36
C ALA C 71 -20.41 -78.92 50.49
N GLN C 72 -21.58 -78.34 50.19
CA GLN C 72 -22.32 -77.61 51.20
C GLN C 72 -22.71 -78.53 52.36
N THR C 73 -23.02 -79.80 52.05
CA THR C 73 -23.31 -80.75 53.11
C THR C 73 -22.11 -80.91 54.04
N ILE C 74 -20.91 -80.98 53.47
CA ILE C 74 -19.71 -81.16 54.29
C ILE C 74 -19.52 -79.97 55.22
N ALA C 75 -19.85 -78.76 54.75
CA ALA C 75 -19.67 -77.58 55.57
C ALA C 75 -20.44 -77.69 56.87
N THR C 76 -21.73 -78.04 56.79
CA THR C 76 -22.53 -78.17 58.00
C THR C 76 -22.02 -79.31 58.87
N PHE C 77 -21.65 -80.43 58.26
CA PHE C 77 -21.11 -81.55 59.02
C PHE C 77 -19.87 -81.13 59.81
N LYS C 78 -18.99 -80.34 59.19
CA LYS C 78 -17.83 -79.83 59.92
C LYS C 78 -18.23 -78.71 60.87
N SER C 79 -19.15 -77.84 60.44
CA SER C 79 -19.50 -76.67 61.26
C SER C 79 -20.09 -77.09 62.60
N THR C 80 -21.06 -78.01 62.57
CA THR C 80 -21.68 -78.46 63.82
C THR C 80 -20.65 -79.15 64.71
N GLU C 81 -19.76 -79.95 64.11
CA GLU C 81 -18.74 -80.64 64.91
C GLU C 81 -17.86 -79.63 65.64
N ARG C 82 -17.45 -78.57 64.95
CA ARG C 82 -16.72 -77.50 65.62
C ARG C 82 -17.60 -76.83 66.68
N GLN C 83 -18.89 -76.65 66.37
CA GLN C 83 -19.81 -76.09 67.35
C GLN C 83 -19.95 -77.00 68.56
N ARG C 84 -19.96 -78.31 68.33
CA ARG C 84 -20.11 -79.25 69.44
C ARG C 84 -18.96 -79.12 70.43
N ASP C 85 -17.73 -79.01 69.92
CA ASP C 85 -16.58 -78.93 70.81
C ASP C 85 -16.66 -77.72 71.73
N ALA C 86 -17.28 -76.63 71.25
CA ALA C 86 -17.34 -75.41 72.06
C ALA C 86 -18.13 -75.65 73.34
N GLN C 87 -19.27 -76.34 73.25
CA GLN C 87 -20.12 -76.51 74.42
C GLN C 87 -19.42 -77.29 75.52
N GLN C 88 -18.82 -78.43 75.17
CA GLN C 88 -18.14 -79.23 76.18
C GLN C 88 -17.00 -78.45 76.82
N LEU C 89 -16.34 -77.59 76.07
CA LEU C 89 -15.30 -76.75 76.64
C LEU C 89 -15.87 -75.86 77.74
N ILE C 90 -17.06 -75.30 77.51
CA ILE C 90 -17.70 -74.49 78.54
C ILE C 90 -18.01 -75.33 79.77
N ALA C 91 -18.54 -76.53 79.56
CA ALA C 91 -18.82 -77.42 80.68
C ALA C 91 -17.54 -77.74 81.46
N GLN C 92 -16.43 -77.91 80.74
CA GLN C 92 -15.16 -78.15 81.41
C GLN C 92 -14.78 -76.99 82.32
N ARG C 93 -15.05 -75.76 81.87
CA ARG C 93 -14.74 -74.60 82.68
C ARG C 93 -15.47 -74.66 84.02
N TRP C 94 -16.77 -74.96 83.99
CA TRP C 94 -17.52 -75.09 85.23
C TRP C 94 -16.98 -76.23 86.08
N TYR C 95 -16.68 -77.37 85.45
CA TYR C 95 -16.11 -78.48 86.19
C TYR C 95 -14.76 -78.10 86.79
N GLU C 96 -13.91 -77.44 86.01
CA GLU C 96 -12.64 -76.97 86.54
C GLU C 96 -12.86 -75.97 87.66
N LYS C 97 -13.81 -75.05 87.48
CA LYS C 97 -14.13 -74.11 88.54
C LYS C 97 -14.65 -74.84 89.77
N ALA C 98 -15.52 -75.83 89.57
CA ALA C 98 -16.06 -76.59 90.69
C ALA C 98 -14.96 -77.37 91.42
N GLN C 99 -13.82 -77.62 90.77
CA GLN C 99 -12.75 -78.36 91.42
C GLN C 99 -12.26 -77.62 92.65
N ALA C 100 -12.06 -76.31 92.54
CA ALA C 100 -11.63 -75.48 93.65
C ALA C 100 -12.79 -74.75 94.31
N ALA C 101 -14.02 -74.99 93.86
CA ALA C 101 -15.17 -74.32 94.45
C ALA C 101 -15.28 -74.62 95.94
N LEU C 102 -15.17 -75.89 96.30
CA LEU C 102 -15.21 -76.31 97.70
C LEU C 102 -13.82 -76.50 98.29
N ASP C 103 -12.76 -76.12 97.57
CA ASP C 103 -11.43 -76.19 98.13
C ASP C 103 -11.32 -75.42 99.44
N ARG C 104 -12.10 -74.35 99.57
CA ARG C 104 -12.21 -73.62 100.83
C ARG C 104 -13.16 -74.29 101.81
N GLY C 105 -13.64 -75.49 101.48
CA GLY C 105 -14.70 -76.13 102.23
C GLY C 105 -16.09 -75.72 101.81
N ASN C 106 -16.22 -74.92 100.74
CA ASN C 106 -17.52 -74.42 100.29
C ASN C 106 -18.18 -75.47 99.39
N GLU C 107 -18.68 -76.52 100.03
CA GLU C 107 -19.36 -77.59 99.30
C GLU C 107 -20.64 -77.11 98.66
N GLN C 108 -21.36 -76.20 99.30
CA GLN C 108 -22.64 -75.75 98.77
C GLN C 108 -22.50 -75.13 97.40
N LEU C 109 -21.48 -74.30 97.21
CA LEU C 109 -21.30 -73.62 95.93
C LEU C 109 -21.06 -74.63 94.81
N ALA C 110 -20.24 -75.65 95.08
CA ALA C 110 -19.94 -76.65 94.05
C ALA C 110 -21.21 -77.38 93.61
N ARG C 111 -22.23 -77.43 94.45
CA ARG C 111 -23.47 -78.10 94.08
C ARG C 111 -24.08 -77.45 92.85
N GLU C 112 -24.11 -76.12 92.81
CA GLU C 112 -24.72 -75.42 91.69
C GLU C 112 -23.96 -75.68 90.40
N ALA C 113 -22.63 -75.69 90.46
CA ALA C 113 -21.83 -75.86 89.25
C ALA C 113 -22.11 -77.21 88.60
N LEU C 114 -22.03 -78.29 89.38
CA LEU C 114 -22.27 -79.61 88.81
C LEU C 114 -23.70 -79.74 88.30
N GLY C 115 -24.67 -79.17 89.01
CA GLY C 115 -26.03 -79.13 88.50
C GLY C 115 -26.14 -78.30 87.23
N GLN C 116 -25.38 -77.21 87.17
CA GLN C 116 -25.45 -76.33 86.00
C GLN C 116 -24.93 -77.02 84.75
N ARG C 117 -23.80 -77.71 84.86
CA ARG C 117 -23.15 -78.29 83.70
C ARG C 117 -23.95 -79.43 83.07
N GLN C 118 -24.91 -80.00 83.80
CA GLN C 118 -25.70 -81.09 83.24
C GLN C 118 -26.50 -80.62 82.03
N SER C 119 -27.06 -79.41 82.10
CA SER C 119 -27.81 -78.88 80.97
C SER C 119 -26.94 -78.82 79.72
N TYR C 120 -25.69 -78.36 79.87
CA TYR C 120 -24.79 -78.32 78.72
C TYR C 120 -24.51 -79.73 78.20
N GLN C 121 -24.31 -80.69 79.11
CA GLN C 121 -24.03 -82.06 78.69
C GLN C 121 -25.16 -82.61 77.82
N SER C 122 -26.39 -82.21 78.10
CA SER C 122 -27.51 -82.69 77.31
C SER C 122 -27.36 -82.31 75.84
N HIS C 123 -26.96 -81.08 75.57
CA HIS C 123 -26.77 -80.65 74.19
C HIS C 123 -25.65 -81.44 73.53
N THR C 124 -24.56 -81.69 74.25
CA THR C 124 -23.44 -82.43 73.68
C THR C 124 -23.88 -83.83 73.26
N GLU C 125 -24.64 -84.51 74.13
CA GLU C 125 -25.12 -85.84 73.78
C GLU C 125 -26.05 -85.80 72.58
N ALA C 126 -26.94 -84.81 72.54
CA ALA C 126 -27.88 -84.70 71.43
C ALA C 126 -27.14 -84.49 70.11
N LEU C 127 -26.13 -83.62 70.11
CA LEU C 127 -25.39 -83.37 68.88
C LEU C 127 -24.54 -84.57 68.48
N GLY C 128 -23.94 -85.26 69.45
CA GLY C 128 -23.12 -86.42 69.11
C GLY C 128 -23.91 -87.47 68.35
N LYS C 129 -25.15 -87.73 68.77
CA LYS C 129 -26.00 -88.66 68.05
C LYS C 129 -26.34 -88.12 66.66
N SER C 130 -26.60 -86.82 66.55
CA SER C 130 -27.00 -86.25 65.27
C SER C 130 -25.88 -86.39 64.23
N LEU C 131 -24.63 -86.14 64.64
CA LEU C 131 -23.53 -86.27 63.71
C LEU C 131 -23.31 -87.73 63.32
N GLY C 132 -23.58 -88.65 64.23
CA GLY C 132 -23.34 -90.06 63.95
C GLY C 132 -24.06 -90.53 62.70
N GLU C 133 -25.33 -90.14 62.54
CA GLU C 133 -26.07 -90.54 61.36
C GLU C 133 -25.62 -89.78 60.13
N GLN C 134 -25.32 -88.48 60.29
CA GLN C 134 -24.85 -87.70 59.15
C GLN C 134 -23.52 -88.22 58.63
N ARG C 135 -22.62 -88.63 59.53
CA ARG C 135 -21.28 -89.04 59.12
C ARG C 135 -21.35 -90.20 58.14
N ALA C 136 -22.15 -91.21 58.44
CA ALA C 136 -22.28 -92.37 57.58
C ALA C 136 -23.21 -92.13 56.40
N LEU C 137 -23.91 -91.00 56.36
CA LEU C 137 -24.83 -90.72 55.27
C LEU C 137 -24.11 -90.11 54.08
N VAL C 138 -23.30 -89.08 54.31
CA VAL C 138 -22.60 -88.43 53.22
C VAL C 138 -21.63 -89.39 52.55
N GLU C 139 -20.93 -90.20 53.36
CA GLU C 139 -19.97 -91.15 52.81
C GLU C 139 -20.62 -92.03 51.75
N GLN C 140 -21.89 -92.39 51.96
CA GLN C 140 -22.63 -93.12 50.94
C GLN C 140 -22.87 -92.26 49.71
N VAL C 141 -23.14 -90.97 49.91
CA VAL C 141 -23.39 -90.07 48.79
C VAL C 141 -22.14 -89.97 47.93
N ARG C 142 -20.97 -89.80 48.55
CA ARG C 142 -19.73 -89.67 47.79
C ARG C 142 -19.52 -90.86 46.87
N GLY C 143 -19.89 -92.06 47.33
CA GLY C 143 -19.74 -93.23 46.48
C GLY C 143 -20.56 -93.14 45.20
N GLN C 144 -21.80 -92.65 45.31
CA GLN C 144 -22.63 -92.50 44.12
C GLN C 144 -22.02 -91.52 43.13
N LEU C 145 -21.53 -90.38 43.63
CA LEU C 145 -20.94 -89.38 42.74
C LEU C 145 -19.70 -89.94 42.06
N GLN C 146 -18.82 -90.59 42.82
CA GLN C 146 -17.59 -91.12 42.24
C GLN C 146 -17.90 -92.19 41.20
N LYS C 147 -18.83 -93.09 41.50
CA LYS C 147 -19.19 -94.12 40.54
C LYS C 147 -19.80 -93.50 39.28
N LEU C 148 -20.65 -92.49 39.47
CA LEU C 148 -21.27 -91.84 38.31
C LEU C 148 -20.22 -91.22 37.39
N GLU C 149 -19.25 -90.54 37.98
CA GLU C 149 -18.20 -89.92 37.18
C GLU C 149 -17.43 -90.96 36.38
N ARG C 150 -17.09 -92.09 37.01
CA ARG C 150 -16.41 -93.16 36.30
C ARG C 150 -17.28 -93.71 35.18
N LYS C 151 -18.58 -93.86 35.43
CA LYS C 151 -19.50 -94.34 34.41
C LYS C 151 -19.69 -93.31 33.31
N TYR C 152 -19.57 -92.03 33.64
CA TYR C 152 -19.79 -90.97 32.65
C TYR C 152 -18.80 -91.09 31.49
N LEU C 153 -17.52 -91.29 31.80
CA LEU C 153 -16.50 -91.29 30.75
C LEU C 153 -16.70 -92.44 29.77
N GLU C 154 -17.08 -93.62 30.28
CA GLU C 154 -17.20 -94.78 29.42
C GLU C 154 -18.21 -94.57 28.29
N LEU C 155 -19.15 -93.63 28.47
CA LEU C 155 -20.09 -93.30 27.41
C LEU C 155 -19.46 -92.38 26.39
N LYS C 156 -18.85 -91.28 26.86
CA LYS C 156 -18.28 -90.30 25.95
C LYS C 156 -17.17 -90.91 25.11
N SER C 157 -16.36 -91.79 25.70
CA SER C 157 -15.27 -92.41 24.96
C SER C 157 -15.76 -93.22 23.78
N GLN C 158 -17.04 -93.60 23.75
CA GLN C 158 -17.60 -94.35 22.64
C GLN C 158 -18.44 -93.52 21.70
N LYS C 159 -18.95 -92.37 22.14
CA LYS C 159 -19.87 -91.60 21.30
C LYS C 159 -19.17 -91.17 20.02
N ASN C 160 -17.93 -90.69 20.13
CA ASN C 160 -17.20 -90.28 18.93
C ASN C 160 -17.00 -91.44 17.98
N LEU C 161 -16.80 -92.65 18.52
CA LEU C 161 -16.59 -93.82 17.66
C LEU C 161 -17.84 -94.12 16.86
N TYR C 162 -19.01 -94.06 17.49
CA TYR C 162 -20.25 -94.35 16.75
C TYR C 162 -20.50 -93.33 15.65
N LEU C 163 -20.28 -92.05 15.93
CA LEU C 163 -20.52 -91.02 14.93
C LEU C 163 -19.66 -91.26 13.69
N ALA C 164 -18.40 -91.65 13.90
CA ALA C 164 -17.51 -91.90 12.77
C ALA C 164 -18.07 -93.01 11.89
N ARG C 165 -18.54 -94.09 12.50
CA ARG C 165 -19.14 -95.18 11.73
C ARG C 165 -20.38 -94.69 10.99
N LEU C 166 -21.20 -93.89 11.66
CA LEU C 166 -22.40 -93.36 11.02
C LEU C 166 -22.05 -92.48 9.81
N LYS C 167 -21.06 -91.62 9.96
CA LYS C 167 -20.66 -90.77 8.85
C LYS C 167 -20.07 -91.59 7.72
N SER C 168 -19.38 -92.69 8.05
CA SER C 168 -18.78 -93.53 7.02
C SER C 168 -19.86 -94.19 6.16
N ALA C 169 -20.86 -94.79 6.79
CA ALA C 169 -21.86 -95.54 6.04
C ALA C 169 -22.80 -94.61 5.30
N ILE C 170 -23.25 -93.52 5.94
CA ILE C 170 -24.15 -92.60 5.27
C ILE C 170 -23.53 -92.07 3.99
N ALA C 171 -22.25 -91.68 4.05
CA ALA C 171 -21.55 -91.24 2.86
C ALA C 171 -21.48 -92.35 1.82
N ALA C 172 -21.19 -93.58 2.27
CA ALA C 172 -21.08 -94.70 1.35
C ALA C 172 -22.37 -94.90 0.57
N GLN C 173 -23.51 -94.78 1.24
CA GLN C 173 -24.80 -94.86 0.55
C GLN C 173 -24.92 -93.76 -0.49
N LYS C 174 -24.50 -92.54 -0.14
CA LYS C 174 -24.59 -91.43 -1.08
C LYS C 174 -23.73 -91.67 -2.30
N ILE C 175 -22.53 -92.22 -2.11
CA ILE C 175 -21.64 -92.47 -3.24
C ILE C 175 -22.23 -93.53 -4.16
N GLU C 176 -22.73 -94.63 -3.57
CA GLU C 176 -23.12 -95.79 -4.38
C GLU C 176 -24.28 -95.45 -5.31
N GLU C 177 -25.27 -94.70 -4.83
CA GLU C 177 -26.41 -94.37 -5.68
C GLU C 177 -25.98 -93.56 -6.88
N ILE C 178 -24.84 -92.87 -6.80
CA ILE C 178 -24.32 -92.09 -7.91
C ILE C 178 -23.32 -92.94 -8.68
N ALA C 179 -23.33 -94.25 -8.43
CA ALA C 179 -22.39 -95.14 -9.11
C ALA C 179 -22.47 -94.99 -10.62
N GLY C 180 -23.65 -94.69 -11.15
CA GLY C 180 -23.81 -94.53 -12.58
C GLY C 180 -23.40 -95.77 -13.33
N ASN C 181 -23.86 -96.93 -12.87
CA ASN C 181 -23.47 -98.20 -13.49
C ASN C 181 -23.82 -98.18 -14.97
N LEU C 182 -22.85 -98.58 -15.80
CA LEU C 182 -23.08 -98.58 -17.25
C LEU C 182 -24.09 -99.65 -17.65
N ASP C 183 -24.20 -100.73 -16.86
CA ASP C 183 -25.03 -101.86 -17.25
C ASP C 183 -26.52 -101.61 -17.10
N ASN C 184 -26.94 -100.55 -16.40
CA ASN C 184 -28.36 -100.37 -16.14
C ASN C 184 -29.16 -100.24 -17.44
N ALA C 185 -28.72 -99.36 -18.33
CA ALA C 185 -29.37 -99.16 -19.61
C ALA C 185 -30.84 -98.78 -19.43
N SER C 186 -31.11 -97.98 -18.40
CA SER C 186 -32.47 -97.58 -18.07
C SER C 186 -32.60 -96.12 -17.65
N ALA C 187 -31.52 -95.34 -17.73
CA ALA C 187 -31.43 -93.94 -17.30
C ALA C 187 -31.31 -93.84 -15.78
N SER C 188 -31.37 -94.96 -15.04
CA SER C 188 -31.09 -94.92 -13.61
C SER C 188 -29.67 -94.47 -13.36
N SER C 189 -28.72 -94.99 -14.12
CA SER C 189 -27.36 -94.47 -14.13
C SER C 189 -27.30 -93.27 -15.06
N LEU C 190 -26.88 -92.13 -14.52
CA LEU C 190 -26.86 -90.91 -15.31
C LEU C 190 -25.97 -91.04 -16.54
N PHE C 191 -24.96 -91.91 -16.50
CA PHE C 191 -24.10 -92.10 -17.66
C PHE C 191 -24.88 -92.71 -18.82
N GLU C 192 -25.61 -93.79 -18.57
CA GLU C 192 -26.40 -94.39 -19.63
C GLU C 192 -27.49 -93.45 -20.12
N ARG C 193 -28.01 -92.59 -19.24
CA ARG C 193 -28.94 -91.56 -19.69
C ARG C 193 -28.27 -90.64 -20.69
N ILE C 194 -27.01 -90.27 -20.43
CA ILE C 194 -26.25 -89.48 -21.40
C ILE C 194 -26.09 -90.24 -22.70
N GLU C 195 -25.76 -91.54 -22.61
CA GLU C 195 -25.56 -92.33 -23.82
C GLU C 195 -26.81 -92.34 -24.67
N THR C 196 -27.98 -92.48 -24.04
CA THR C 196 -29.24 -92.40 -24.78
C THR C 196 -29.38 -91.03 -25.45
N LYS C 197 -28.98 -89.97 -24.75
CA LYS C 197 -29.05 -88.63 -25.34
C LYS C 197 -28.18 -88.54 -26.58
N ILE C 198 -26.98 -89.11 -26.53
CA ILE C 198 -26.05 -89.01 -27.67
C ILE C 198 -26.69 -89.63 -28.91
N LEU C 199 -27.21 -90.86 -28.78
CA LEU C 199 -27.77 -91.53 -29.94
C LEU C 199 -29.01 -90.83 -30.46
N GLU C 200 -29.73 -90.13 -29.60
CA GLU C 200 -30.91 -89.40 -30.04
C GLU C 200 -30.55 -88.36 -31.10
N LEU C 201 -29.50 -87.57 -30.84
CA LEU C 201 -29.10 -86.53 -31.78
C LEU C 201 -28.58 -87.13 -33.08
N GLU C 202 -27.66 -88.10 -32.96
CA GLU C 202 -27.09 -88.70 -34.16
C GLU C 202 -28.16 -89.30 -35.05
N ALA C 203 -29.26 -89.79 -34.46
CA ALA C 203 -30.35 -90.35 -35.26
C ALA C 203 -31.01 -89.28 -36.11
N GLU C 204 -31.22 -88.09 -35.56
CA GLU C 204 -31.89 -87.04 -36.31
C GLU C 204 -31.09 -86.63 -37.53
N ARG C 205 -29.77 -86.48 -37.38
CA ARG C 205 -28.94 -85.98 -38.47
C ARG C 205 -28.98 -86.94 -39.66
N GLU C 206 -28.80 -88.23 -39.40
CA GLU C 206 -28.75 -89.20 -40.50
C GLU C 206 -30.07 -89.22 -41.28
N LEU C 207 -31.19 -89.19 -40.56
CA LEU C 207 -32.49 -89.21 -41.24
C LEU C 207 -32.70 -87.95 -42.05
N LEU C 208 -32.37 -86.78 -41.49
CA LEU C 208 -32.60 -85.53 -42.19
C LEU C 208 -31.66 -85.37 -43.39
N ASN C 209 -30.53 -86.09 -43.37
CA ASN C 209 -29.57 -86.09 -44.47
C ASN C 209 -29.36 -87.56 -44.87
N PRO C 210 -30.23 -88.11 -45.70
CA PRO C 210 -30.13 -89.52 -46.06
C PRO C 210 -28.72 -89.87 -46.52
N PRO C 211 -28.01 -90.72 -45.79
CA PRO C 211 -26.66 -91.11 -46.21
C PRO C 211 -26.72 -91.97 -47.46
N PRO C 212 -25.59 -92.13 -48.16
CA PRO C 212 -25.62 -92.91 -49.41
C PRO C 212 -26.07 -94.33 -49.18
N SER C 213 -26.82 -94.85 -50.14
CA SER C 213 -27.26 -96.24 -50.08
C SER C 213 -26.06 -97.17 -50.26
N PRO C 214 -26.14 -98.39 -49.73
CA PRO C 214 -25.02 -99.33 -49.93
C PRO C 214 -24.73 -99.62 -51.39
N LEU C 215 -25.77 -99.62 -52.24
CA LEU C 215 -25.54 -99.79 -53.67
C LEU C 215 -24.69 -98.66 -54.23
N ASP C 216 -24.98 -97.43 -53.82
CA ASP C 216 -24.16 -96.30 -54.25
C ASP C 216 -22.73 -96.46 -53.75
N LYS C 217 -22.56 -96.90 -52.50
CA LYS C 217 -21.23 -97.18 -51.99
C LYS C 217 -20.53 -98.23 -52.83
N LYS C 218 -21.25 -99.29 -53.21
CA LYS C 218 -20.65 -100.33 -54.03
C LYS C 218 -20.11 -99.76 -55.33
N PHE C 219 -20.89 -98.91 -55.99
CA PHE C 219 -20.45 -98.34 -57.27
C PHE C 219 -19.20 -97.49 -57.09
N GLU C 220 -19.16 -96.67 -56.04
CA GLU C 220 -18.06 -95.74 -55.87
C GLU C 220 -16.72 -96.46 -55.78
N GLN C 221 -16.63 -97.44 -54.86
CA GLN C 221 -15.40 -98.23 -54.78
C GLN C 221 -15.22 -99.10 -56.02
N TRP C 222 -16.32 -99.66 -56.52
CA TRP C 222 -16.26 -100.48 -57.72
C TRP C 222 -15.65 -99.71 -58.89
N GLU C 223 -15.83 -98.39 -58.93
CA GLU C 223 -15.26 -97.58 -59.99
C GLU C 223 -13.77 -97.34 -59.79
N GLU C 224 -13.33 -97.14 -58.55
CA GLU C 224 -11.96 -96.73 -58.30
C GLU C 224 -10.96 -97.80 -58.70
N GLN C 225 -11.33 -99.08 -58.57
CA GLN C 225 -10.37 -100.15 -58.84
C GLN C 225 -9.88 -100.09 -60.29
N GLN C 226 -10.79 -99.88 -61.23
CA GLN C 226 -10.38 -99.75 -62.63
C GLN C 226 -9.54 -98.49 -62.83
N ALA C 227 -9.92 -97.38 -62.18
CA ALA C 227 -9.18 -96.15 -62.34
C ALA C 227 -7.73 -96.31 -61.91
N VAL C 228 -7.51 -96.91 -60.75
CA VAL C 228 -6.14 -97.14 -60.27
C VAL C 228 -5.47 -98.21 -61.12
N GLU C 229 -6.19 -99.29 -61.44
CA GLU C 229 -5.62 -100.35 -62.25
C GLU C 229 -5.35 -99.88 -63.67
N ALA C 230 -6.30 -99.13 -64.25
CA ALA C 230 -6.07 -98.58 -65.59
C ALA C 230 -4.89 -97.63 -65.60
N THR C 231 -4.80 -96.76 -64.59
CA THR C 231 -3.63 -95.91 -64.46
C THR C 231 -2.38 -96.75 -64.22
N LEU C 232 -2.49 -97.76 -63.35
CA LEU C 232 -1.36 -98.66 -63.13
C LEU C 232 -1.08 -99.50 -64.36
N ALA C 233 -2.12 -99.93 -65.08
CA ALA C 233 -1.91 -100.66 -66.33
C ALA C 233 -1.16 -99.79 -67.33
N ALA C 234 -1.55 -98.52 -67.44
CA ALA C 234 -0.83 -97.58 -68.27
C ALA C 234 0.50 -97.16 -67.65
N MET C 235 0.63 -97.27 -66.33
CA MET C 235 1.91 -96.94 -65.68
C MET C 235 3.03 -97.79 -66.25
N LYS C 236 2.85 -99.11 -66.29
CA LYS C 236 3.84 -99.99 -66.90
C LYS C 236 3.98 -99.70 -68.38
N ALA C 237 2.85 -99.48 -69.06
CA ALA C 237 2.89 -99.24 -70.50
C ALA C 237 3.51 -97.88 -70.82
N ARG C 238 3.08 -96.82 -70.11
CA ARG C 238 3.62 -95.49 -70.39
C ARG C 238 5.12 -95.45 -70.10
N ARG C 239 5.55 -96.05 -68.99
CA ARG C 239 6.98 -96.15 -68.72
C ARG C 239 7.64 -97.14 -69.66
N SER C 240 6.94 -98.21 -70.02
CA SER C 240 7.49 -99.21 -70.92
C SER C 240 6.37 -99.96 -71.64
N GLN D 45 -87.76 1.43 43.79
CA GLN D 45 -87.46 2.77 44.38
C GLN D 45 -85.99 2.83 44.82
N GLU D 46 -85.45 4.05 44.86
CA GLU D 46 -84.07 4.29 45.25
C GLU D 46 -84.04 5.02 46.58
N ALA D 47 -82.84 5.33 47.05
CA ALA D 47 -82.69 6.08 48.27
C ALA D 47 -83.28 7.48 48.08
N PRO D 48 -84.06 7.99 49.04
CA PRO D 48 -84.69 9.30 48.83
C PRO D 48 -83.70 10.42 48.58
N GLU D 49 -82.54 10.36 49.24
CA GLU D 49 -81.54 11.42 49.06
C GLU D 49 -81.01 11.44 47.63
N ASP D 50 -80.79 10.27 47.04
CA ASP D 50 -80.22 10.20 45.69
C ASP D 50 -81.15 10.88 44.68
N LEU D 51 -82.46 10.66 44.82
CA LEU D 51 -83.40 11.28 43.90
C LEU D 51 -83.30 12.80 43.92
N LEU D 52 -83.09 13.37 45.11
CA LEU D 52 -83.12 14.82 45.25
C LEU D 52 -82.09 15.48 44.34
N GLU D 53 -80.86 14.96 44.34
CA GLU D 53 -79.83 15.52 43.47
C GLU D 53 -80.21 15.37 42.00
N ARG D 54 -80.67 14.18 41.62
CA ARG D 54 -81.04 13.94 40.23
C ARG D 54 -82.23 14.79 39.82
N LEU D 55 -83.23 14.92 40.70
CA LEU D 55 -84.44 15.66 40.32
C LEU D 55 -84.13 17.12 40.03
N LEU D 56 -83.32 17.77 40.87
CA LEU D 56 -83.02 19.18 40.66
C LEU D 56 -82.21 19.38 39.38
N GLY D 57 -81.28 18.46 39.08
CA GLY D 57 -80.53 18.57 37.85
C GLY D 57 -81.43 18.60 36.63
N GLU D 58 -82.46 17.77 36.63
CA GLU D 58 -83.46 17.82 35.56
C GLU D 58 -84.21 19.14 35.59
N MET D 59 -84.55 19.62 36.79
CA MET D 59 -85.30 20.87 36.91
C MET D 59 -84.50 22.04 36.35
N GLU D 60 -83.22 22.13 36.69
CA GLU D 60 -82.40 23.23 36.20
C GLU D 60 -82.26 23.18 34.69
N LEU D 61 -82.08 21.97 34.14
CA LEU D 61 -81.95 21.83 32.69
C LEU D 61 -83.21 22.31 31.98
N GLU D 62 -84.38 21.99 32.54
CA GLU D 62 -85.63 22.38 31.91
C GLU D 62 -85.79 23.90 31.89
N LEU D 63 -85.39 24.58 32.96
CA LEU D 63 -85.68 26.00 33.08
C LEU D 63 -85.04 26.81 31.96
N ILE D 64 -83.77 26.51 31.64
CA ILE D 64 -83.10 27.26 30.58
C ILE D 64 -83.79 27.03 29.24
N GLU D 65 -84.30 25.82 29.03
CA GLU D 65 -85.05 25.55 27.80
C GLU D 65 -86.26 26.46 27.71
N LEU D 66 -86.96 26.66 28.83
CA LEU D 66 -88.04 27.63 28.87
C LEU D 66 -87.52 29.03 28.56
N ARG D 67 -86.38 29.40 29.15
CA ARG D 67 -85.81 30.72 28.90
C ARG D 67 -85.50 30.91 27.42
N ARG D 68 -84.92 29.90 26.79
CA ARG D 68 -84.58 30.00 25.37
C ARG D 68 -85.84 30.14 24.51
N ALA D 69 -86.87 29.35 24.83
CA ALA D 69 -88.08 29.36 24.01
C ALA D 69 -88.76 30.72 24.06
N LEU D 70 -88.87 31.31 25.26
CA LEU D 70 -89.55 32.59 25.38
C LEU D 70 -88.92 33.65 24.49
N ALA D 71 -87.60 33.59 24.30
CA ALA D 71 -86.94 34.57 23.45
C ALA D 71 -87.47 34.51 22.02
N GLN D 72 -87.69 33.30 21.50
CA GLN D 72 -88.18 33.17 20.13
C GLN D 72 -89.55 33.82 19.97
N THR D 73 -90.38 33.75 21.02
CA THR D 73 -91.66 34.45 20.98
C THR D 73 -91.47 35.94 20.79
N ILE D 74 -90.50 36.52 21.51
CA ILE D 74 -90.26 37.96 21.42
C ILE D 74 -89.85 38.34 20.01
N ALA D 75 -89.07 37.47 19.34
CA ALA D 75 -88.61 37.78 17.99
C ALA D 75 -89.78 38.03 17.05
N THR D 76 -90.76 37.12 17.05
CA THR D 76 -91.92 37.28 16.18
C THR D 76 -92.73 38.50 16.58
N PHE D 77 -92.90 38.71 17.89
CA PHE D 77 -93.64 39.89 18.36
C PHE D 77 -92.99 41.17 17.85
N LYS D 78 -91.66 41.24 17.88
CA LYS D 78 -90.97 42.40 17.33
C LYS D 78 -90.98 42.38 15.81
N SER D 79 -90.79 41.20 15.21
CA SER D 79 -90.67 41.11 13.76
C SER D 79 -91.94 41.60 13.08
N THR D 80 -93.10 41.12 13.52
CA THR D 80 -94.36 41.54 12.91
C THR D 80 -94.59 43.02 13.11
N GLU D 81 -94.25 43.55 14.28
CA GLU D 81 -94.43 44.97 14.54
C GLU D 81 -93.61 45.80 13.56
N ARG D 82 -92.36 45.39 13.31
CA ARG D 82 -91.57 46.05 12.28
C ARG D 82 -92.20 45.86 10.91
N GLN D 83 -92.73 44.66 10.65
CA GLN D 83 -93.41 44.41 9.39
C GLN D 83 -94.64 45.29 9.25
N ARG D 84 -95.37 45.50 10.35
CA ARG D 84 -96.58 46.31 10.31
C ARG D 84 -96.26 47.73 9.87
N ASP D 85 -95.18 48.32 10.41
CA ASP D 85 -94.86 49.70 10.07
C ASP D 85 -94.58 49.86 8.59
N ALA D 86 -94.06 48.82 7.94
CA ALA D 86 -93.73 48.92 6.52
C ALA D 86 -94.97 49.18 5.68
N GLN D 87 -96.06 48.47 5.96
CA GLN D 87 -97.26 48.58 5.12
C GLN D 87 -97.84 49.98 5.19
N GLN D 88 -98.01 50.53 6.39
CA GLN D 88 -98.58 51.87 6.50
C GLN D 88 -97.71 52.90 5.80
N LEU D 89 -96.38 52.69 5.81
CA LEU D 89 -95.50 53.59 5.09
C LEU D 89 -95.82 53.60 3.60
N ILE D 90 -96.09 52.42 3.04
CA ILE D 90 -96.48 52.33 1.63
C ILE D 90 -97.78 53.08 1.40
N ALA D 91 -98.76 52.89 2.28
CA ALA D 91 -100.02 53.60 2.15
C ALA D 91 -99.81 55.11 2.21
N GLN D 92 -98.88 55.55 3.06
CA GLN D 92 -98.57 56.97 3.13
C GLN D 92 -98.05 57.48 1.79
N ARG D 93 -97.22 56.68 1.11
CA ARG D 93 -96.70 57.10 -0.19
C ARG D 93 -97.83 57.37 -1.17
N TRP D 94 -98.80 56.46 -1.25
CA TRP D 94 -99.95 56.68 -2.12
C TRP D 94 -100.73 57.91 -1.70
N TYR D 95 -100.95 58.08 -0.39
CA TYR D 95 -101.66 59.26 0.11
C TYR D 95 -100.87 60.53 -0.23
N GLU D 96 -99.56 60.50 0.00
CA GLU D 96 -98.73 61.63 -0.37
C GLU D 96 -98.78 61.89 -1.87
N LYS D 97 -98.70 60.82 -2.67
CA LYS D 97 -98.82 60.96 -4.10
C LYS D 97 -100.20 61.51 -4.49
N ALA D 98 -101.25 61.01 -3.85
CA ALA D 98 -102.59 61.50 -4.13
C ALA D 98 -102.75 62.97 -3.75
N GLN D 99 -101.89 63.50 -2.88
CA GLN D 99 -102.01 64.90 -2.48
C GLN D 99 -101.83 65.81 -3.68
N ALA D 100 -100.83 65.54 -4.52
CA ALA D 100 -100.58 66.30 -5.73
C ALA D 100 -101.15 65.63 -6.97
N ALA D 101 -101.87 64.51 -6.81
CA ALA D 101 -102.43 63.82 -7.96
C ALA D 101 -103.40 64.73 -8.71
N LEU D 102 -104.31 65.38 -7.98
CA LEU D 102 -105.25 66.31 -8.57
C LEU D 102 -104.80 67.76 -8.48
N ASP D 103 -103.56 68.00 -8.04
CA ASP D 103 -103.05 69.36 -8.00
C ASP D 103 -103.14 70.02 -9.37
N ARG D 104 -103.01 69.24 -10.43
CA ARG D 104 -103.22 69.72 -11.78
C ARG D 104 -104.70 69.78 -12.15
N GLY D 105 -105.59 69.54 -11.18
CA GLY D 105 -107.00 69.38 -11.46
C GLY D 105 -107.39 67.97 -11.84
N ASN D 106 -106.47 67.02 -11.78
CA ASN D 106 -106.74 65.64 -12.17
C ASN D 106 -107.37 64.89 -10.99
N GLU D 107 -108.65 65.19 -10.77
CA GLU D 107 -109.38 64.53 -9.68
C GLU D 107 -109.57 63.05 -9.94
N GLN D 108 -109.74 62.66 -11.21
CA GLN D 108 -110.02 61.26 -11.51
C GLN D 108 -108.87 60.36 -11.05
N LEU D 109 -107.63 60.78 -11.29
CA LEU D 109 -106.49 59.95 -10.93
C LEU D 109 -106.43 59.73 -9.41
N ALA D 110 -106.69 60.78 -8.63
CA ALA D 110 -106.64 60.65 -7.18
C ALA D 110 -107.66 59.64 -6.67
N ARG D 111 -108.73 59.41 -7.43
CA ARG D 111 -109.74 58.43 -7.01
C ARG D 111 -109.12 57.05 -6.86
N GLU D 112 -108.29 56.64 -7.81
CA GLU D 112 -107.70 55.32 -7.76
C GLU D 112 -106.76 55.17 -6.56
N ALA D 113 -105.97 56.21 -6.27
CA ALA D 113 -105.01 56.12 -5.18
C ALA D 113 -105.71 55.88 -3.84
N LEU D 114 -106.71 56.72 -3.53
CA LEU D 114 -107.42 56.54 -2.26
C LEU D 114 -108.14 55.20 -2.20
N GLY D 115 -108.72 54.76 -3.31
CA GLY D 115 -109.29 53.43 -3.34
C GLY D 115 -108.24 52.35 -3.18
N GLN D 116 -107.06 52.57 -3.75
CA GLN D 116 -105.99 51.57 -3.68
C GLN D 116 -105.49 51.40 -2.24
N ARG D 117 -105.27 52.50 -1.53
CA ARG D 117 -104.68 52.43 -0.19
C ARG D 117 -105.59 51.76 0.83
N GLN D 118 -106.89 51.65 0.56
CA GLN D 118 -107.79 51.02 1.51
C GLN D 118 -107.42 49.55 1.73
N SER D 119 -107.03 48.85 0.66
CA SER D 119 -106.62 47.46 0.81
C SER D 119 -105.44 47.34 1.77
N TYR D 120 -104.46 48.23 1.65
CA TYR D 120 -103.32 48.19 2.58
C TYR D 120 -103.78 48.48 4.01
N GLN D 121 -104.70 49.43 4.17
CA GLN D 121 -105.17 49.76 5.52
C GLN D 121 -105.81 48.56 6.19
N SER D 122 -106.44 47.69 5.42
CA SER D 122 -107.07 46.50 6.00
C SER D 122 -106.03 45.63 6.69
N HIS D 123 -104.88 45.42 6.05
CA HIS D 123 -103.83 44.61 6.66
C HIS D 123 -103.32 45.26 7.93
N THR D 124 -103.15 46.58 7.93
CA THR D 124 -102.65 47.27 9.11
C THR D 124 -103.59 47.07 10.29
N GLU D 125 -104.89 47.21 10.06
CA GLU D 125 -105.86 47.02 11.13
C GLU D 125 -105.84 45.58 11.63
N ALA D 126 -105.74 44.62 10.71
CA ALA D 126 -105.72 43.22 11.11
C ALA D 126 -104.50 42.91 11.97
N LEU D 127 -103.34 43.43 11.59
CA LEU D 127 -102.14 43.16 12.37
C LEU D 127 -102.18 43.88 13.71
N GLY D 128 -102.70 45.11 13.75
CA GLY D 128 -102.76 45.83 15.01
C GLY D 128 -103.53 45.07 16.07
N LYS D 129 -104.65 44.47 15.68
CA LYS D 129 -105.41 43.65 16.62
C LYS D 129 -104.64 42.41 17.03
N SER D 130 -103.93 41.79 16.08
CA SER D 130 -103.20 40.56 16.38
C SER D 130 -102.10 40.80 17.41
N LEU D 131 -101.37 41.90 17.27
CA LEU D 131 -100.32 42.21 18.24
C LEU D 131 -100.91 42.54 19.61
N GLY D 132 -102.10 43.14 19.64
CA GLY D 132 -102.67 43.53 20.91
C GLY D 132 -102.83 42.36 21.87
N GLU D 133 -103.28 41.22 21.36
CA GLU D 133 -103.44 40.05 22.22
C GLU D 133 -102.08 39.43 22.55
N GLN D 134 -101.17 39.40 21.59
CA GLN D 134 -99.84 38.85 21.86
C GLN D 134 -99.09 39.67 22.89
N ARG D 135 -99.24 41.00 22.84
CA ARG D 135 -98.47 41.86 23.73
C ARG D 135 -98.76 41.54 25.19
N ALA D 136 -100.04 41.39 25.53
CA ALA D 136 -100.42 41.09 26.90
C ALA D 136 -100.29 39.62 27.24
N LEU D 137 -99.98 38.77 26.26
CA LEU D 137 -99.87 37.33 26.53
C LEU D 137 -98.47 36.98 27.02
N VAL D 138 -97.44 37.45 26.31
CA VAL D 138 -96.06 37.13 26.70
C VAL D 138 -95.75 37.72 28.07
N GLU D 139 -96.21 38.95 28.32
CA GLU D 139 -95.95 39.59 29.60
C GLU D 139 -96.39 38.70 30.76
N GLN D 140 -97.50 37.99 30.58
CA GLN D 140 -97.93 37.01 31.58
C GLN D 140 -96.94 35.87 31.67
N VAL D 141 -96.41 35.42 30.53
CA VAL D 141 -95.46 34.32 30.53
C VAL D 141 -94.20 34.69 31.31
N ARG D 142 -93.68 35.90 31.07
CA ARG D 142 -92.47 36.33 31.77
C ARG D 142 -92.65 36.25 33.27
N GLY D 143 -93.84 36.58 33.78
CA GLY D 143 -94.07 36.50 35.21
C GLY D 143 -93.91 35.08 35.75
N GLN D 144 -94.42 34.09 35.01
CA GLN D 144 -94.27 32.71 35.45
C GLN D 144 -92.81 32.30 35.51
N LEU D 145 -92.03 32.65 34.48
CA LEU D 145 -90.62 32.29 34.46
C LEU D 145 -89.88 32.96 35.61
N GLN D 146 -90.10 34.25 35.82
CA GLN D 146 -89.40 34.96 36.88
C GLN D 146 -89.75 34.40 38.26
N LYS D 147 -91.03 34.13 38.49
CA LYS D 147 -91.45 33.55 39.76
C LYS D 147 -90.83 32.17 39.96
N LEU D 148 -90.81 31.36 38.89
CA LEU D 148 -90.24 30.02 39.00
C LEU D 148 -88.77 30.08 39.37
N GLU D 149 -88.01 30.98 38.75
CA GLU D 149 -86.60 31.10 39.06
C GLU D 149 -86.40 31.48 40.53
N ARG D 150 -87.20 32.42 41.02
CA ARG D 150 -87.10 32.79 42.43
C ARG D 150 -87.44 31.62 43.33
N LYS D 151 -88.47 30.84 42.96
CA LYS D 151 -88.83 29.67 43.74
C LYS D 151 -87.78 28.57 43.64
N TYR D 152 -87.06 28.51 42.51
CA TYR D 152 -86.06 27.46 42.32
C TYR D 152 -84.98 27.52 43.38
N LEU D 153 -84.46 28.73 43.65
CA LEU D 153 -83.34 28.86 44.57
C LEU D 153 -83.70 28.43 45.99
N GLU D 154 -84.91 28.77 46.43
CA GLU D 154 -85.31 28.47 47.80
C GLU D 154 -85.25 26.98 48.10
N LEU D 155 -85.33 26.14 47.08
CA LEU D 155 -85.20 24.70 47.27
C LEU D 155 -83.74 24.29 47.40
N LYS D 156 -82.90 24.74 46.46
CA LYS D 156 -81.51 24.35 46.45
C LYS D 156 -80.80 24.83 47.71
N SER D 157 -81.14 26.03 48.18
CA SER D 157 -80.49 26.57 49.38
C SER D 157 -80.73 25.70 50.60
N GLN D 158 -81.74 24.83 50.56
CA GLN D 158 -82.03 23.96 51.69
C GLN D 158 -81.57 22.53 51.46
N LYS D 159 -81.40 22.10 50.21
CA LYS D 159 -81.07 20.70 49.96
C LYS D 159 -79.75 20.32 50.63
N ASN D 160 -78.75 21.18 50.52
CA ASN D 160 -77.47 20.89 51.16
C ASN D 160 -77.62 20.79 52.67
N LEU D 161 -78.50 21.60 53.26
CA LEU D 161 -78.69 21.54 54.70
C LEU D 161 -79.27 20.20 55.13
N TYR D 162 -80.25 19.69 54.40
CA TYR D 162 -80.85 18.40 54.77
C TYR D 162 -79.83 17.27 54.66
N LEU D 163 -79.03 17.25 53.60
CA LEU D 163 -78.06 16.19 53.42
C LEU D 163 -77.08 16.15 54.59
N ALA D 164 -76.65 17.32 55.06
CA ALA D 164 -75.72 17.36 56.18
C ALA D 164 -76.33 16.72 57.42
N ARG D 165 -77.60 17.03 57.71
CA ARG D 165 -78.26 16.41 58.84
C ARG D 165 -78.38 14.91 58.65
N LEU D 166 -78.70 14.47 57.43
CA LEU D 166 -78.81 13.05 57.15
C LEU D 166 -77.48 12.34 57.36
N LYS D 167 -76.39 12.94 56.87
CA LYS D 167 -75.07 12.32 57.07
C LYS D 167 -74.68 12.30 58.53
N SER D 168 -75.10 13.32 59.29
CA SER D 168 -74.76 13.37 60.71
C SER D 168 -75.42 12.23 61.47
N ALA D 169 -76.73 12.04 61.26
CA ALA D 169 -77.46 11.04 62.04
C ALA D 169 -77.10 9.62 61.60
N ILE D 170 -77.00 9.38 60.29
CA ILE D 170 -76.67 8.05 59.81
C ILE D 170 -75.33 7.59 60.39
N ALA D 171 -74.33 8.48 60.39
CA ALA D 171 -73.06 8.15 60.99
C ALA D 171 -73.20 7.90 62.48
N ALA D 172 -74.01 8.71 63.16
CA ALA D 172 -74.19 8.54 64.60
C ALA D 172 -74.74 7.16 64.91
N GLN D 173 -75.69 6.68 64.12
CA GLN D 173 -76.21 5.33 64.32
C GLN D 173 -75.11 4.30 64.13
N LYS D 174 -74.25 4.50 63.12
CA LYS D 174 -73.16 3.56 62.88
C LYS D 174 -72.19 3.52 64.04
N ILE D 175 -71.89 4.68 64.62
CA ILE D 175 -70.96 4.73 65.75
C ILE D 175 -71.55 4.02 66.96
N GLU D 176 -72.81 4.30 67.27
CA GLU D 176 -73.38 3.84 68.52
C GLU D 176 -73.44 2.32 68.59
N GLU D 177 -73.83 1.68 67.49
CA GLU D 177 -73.92 0.22 67.50
C GLU D 177 -72.56 -0.43 67.77
N ILE D 178 -71.48 0.29 67.50
CA ILE D 178 -70.13 -0.20 67.76
C ILE D 178 -69.67 0.30 69.12
N ALA D 179 -70.62 0.81 69.93
CA ALA D 179 -70.26 1.35 71.24
C ALA D 179 -69.50 0.33 72.06
N GLY D 180 -69.79 -0.96 71.89
CA GLY D 180 -69.10 -1.98 72.64
C GLY D 180 -69.26 -1.80 74.13
N ASN D 181 -70.49 -1.54 74.57
CA ASN D 181 -70.74 -1.28 75.98
C ASN D 181 -70.24 -2.45 76.83
N LEU D 182 -69.49 -2.12 77.89
CA LEU D 182 -68.95 -3.17 78.75
C LEU D 182 -70.05 -3.87 79.54
N ASP D 183 -71.16 -3.18 79.80
CA ASP D 183 -72.20 -3.73 80.67
C ASP D 183 -73.03 -4.82 80.02
N ASN D 184 -72.96 -4.99 78.70
CA ASN D 184 -73.85 -5.95 78.04
C ASN D 184 -73.64 -7.36 78.58
N ALA D 185 -72.39 -7.81 78.61
CA ALA D 185 -72.05 -9.14 79.12
C ALA D 185 -72.82 -10.23 78.37
N SER D 186 -72.98 -10.03 77.06
CA SER D 186 -73.72 -10.95 76.21
C SER D 186 -73.09 -11.19 74.86
N ALA D 187 -71.90 -10.65 74.60
CA ALA D 187 -71.18 -10.70 73.32
C ALA D 187 -71.77 -9.71 72.31
N SER D 188 -72.86 -9.00 72.65
CA SER D 188 -73.34 -7.94 71.77
C SER D 188 -72.31 -6.85 71.64
N SER D 189 -71.68 -6.46 72.75
CA SER D 189 -70.51 -5.60 72.71
C SER D 189 -69.29 -6.44 72.43
N LEU D 190 -68.57 -6.11 71.35
CA LEU D 190 -67.41 -6.91 70.97
C LEU D 190 -66.36 -6.97 72.07
N PHE D 191 -66.30 -5.94 72.93
CA PHE D 191 -65.34 -5.95 74.02
C PHE D 191 -65.63 -7.07 75.00
N GLU D 192 -66.88 -7.17 75.46
CA GLU D 192 -67.24 -8.24 76.38
C GLU D 192 -67.09 -9.60 75.72
N ARG D 193 -67.29 -9.69 74.41
CA ARG D 193 -67.01 -10.94 73.71
C ARG D 193 -65.54 -11.30 73.83
N ILE D 194 -64.66 -10.30 73.71
CA ILE D 194 -63.23 -10.53 73.94
C ILE D 194 -62.99 -11.00 75.36
N GLU D 195 -63.63 -10.34 76.33
CA GLU D 195 -63.43 -10.71 77.73
C GLU D 195 -63.80 -12.16 77.97
N THR D 196 -64.91 -12.61 77.39
CA THR D 196 -65.27 -14.02 77.49
C THR D 196 -64.19 -14.90 76.88
N LYS D 197 -63.62 -14.48 75.76
CA LYS D 197 -62.55 -15.25 75.13
C LYS D 197 -61.34 -15.38 76.06
N ILE D 198 -60.99 -14.29 76.76
CA ILE D 198 -59.82 -14.32 77.63
C ILE D 198 -59.99 -15.38 78.72
N LEU D 199 -61.14 -15.36 79.39
CA LEU D 199 -61.37 -16.29 80.50
C LEU D 199 -61.43 -17.73 80.01
N GLU D 200 -61.85 -17.94 78.75
CA GLU D 200 -61.92 -19.28 78.21
C GLU D 200 -60.54 -19.93 78.21
N LEU D 201 -59.53 -19.21 77.74
CA LEU D 201 -58.19 -19.77 77.67
C LEU D 201 -57.61 -19.99 79.06
N GLU D 202 -57.70 -18.98 79.92
CA GLU D 202 -57.16 -19.10 81.27
C GLU D 202 -57.77 -20.29 82.00
N ALA D 203 -59.02 -20.61 81.71
CA ALA D 203 -59.67 -21.76 82.36
C ALA D 203 -58.99 -23.06 81.97
N GLU D 204 -58.65 -23.20 80.69
CA GLU D 204 -58.05 -24.45 80.22
C GLU D 204 -56.71 -24.71 80.89
N ARG D 205 -55.88 -23.67 81.02
CA ARG D 205 -54.53 -23.86 81.56
C ARG D 205 -54.58 -24.34 83.00
N GLU D 206 -55.41 -23.70 83.83
CA GLU D 206 -55.45 -24.06 85.24
C GLU D 206 -55.90 -25.51 85.42
N LEU D 207 -56.92 -25.92 84.67
CA LEU D 207 -57.41 -27.29 84.79
C LEU D 207 -56.36 -28.30 84.33
N LEU D 208 -55.70 -28.02 83.21
CA LEU D 208 -54.72 -28.97 82.68
C LEU D 208 -53.48 -29.02 83.56
N ASN D 209 -53.23 -27.98 84.35
CA ASN D 209 -52.11 -27.93 85.29
C ASN D 209 -52.71 -27.61 86.65
N PRO D 210 -53.19 -28.62 87.38
CA PRO D 210 -53.84 -28.38 88.67
C PRO D 210 -52.96 -27.51 89.57
N PRO D 211 -53.41 -26.30 89.89
CA PRO D 211 -52.62 -25.44 90.78
C PRO D 211 -52.59 -26.00 92.19
N PRO D 212 -51.66 -25.54 93.03
CA PRO D 212 -51.56 -26.10 94.38
C PRO D 212 -52.86 -25.92 95.17
N SER D 213 -53.17 -26.92 95.99
CA SER D 213 -54.33 -26.83 96.85
C SER D 213 -54.09 -25.79 97.94
N PRO D 214 -55.15 -25.18 98.48
CA PRO D 214 -54.96 -24.22 99.57
C PRO D 214 -54.25 -24.81 100.77
N LEU D 215 -54.49 -26.10 101.06
CA LEU D 215 -53.77 -26.75 102.16
C LEU D 215 -52.28 -26.77 101.89
N ASP D 216 -51.88 -27.07 100.65
CA ASP D 216 -50.46 -27.02 100.30
C ASP D 216 -49.91 -25.61 100.45
N LYS D 217 -50.69 -24.61 100.03
CA LYS D 217 -50.28 -23.22 100.24
C LYS D 217 -50.10 -22.92 101.72
N LYS D 218 -51.03 -23.41 102.55
CA LYS D 218 -50.91 -23.17 103.99
C LYS D 218 -49.60 -23.71 104.52
N PHE D 219 -49.24 -24.93 104.13
CA PHE D 219 -48.00 -25.53 104.63
C PHE D 219 -46.77 -24.72 104.21
N GLU D 220 -46.76 -24.27 102.94
CA GLU D 220 -45.57 -23.61 102.43
C GLU D 220 -45.24 -22.35 103.23
N GLN D 221 -46.22 -21.46 103.38
CA GLN D 221 -46.00 -20.27 104.22
C GLN D 221 -45.84 -20.66 105.68
N TRP D 222 -46.63 -21.63 106.14
CA TRP D 222 -46.52 -22.10 107.52
C TRP D 222 -45.11 -22.54 107.85
N GLU D 223 -44.38 -23.07 106.86
CA GLU D 223 -43.02 -23.52 107.08
C GLU D 223 -42.04 -22.34 107.16
N GLU D 224 -42.25 -21.32 106.33
CA GLU D 224 -41.25 -20.25 106.21
C GLU D 224 -41.12 -19.44 107.50
N GLN D 225 -42.21 -19.30 108.25
CA GLN D 225 -42.15 -18.47 109.45
C GLN D 225 -41.12 -18.98 110.45
N GLN D 226 -41.09 -20.30 110.67
CA GLN D 226 -40.09 -20.87 111.55
C GLN D 226 -38.69 -20.71 110.97
N ALA D 227 -38.55 -20.90 109.65
CA ALA D 227 -37.24 -20.78 109.03
C ALA D 227 -36.65 -19.40 109.24
N VAL D 228 -37.45 -18.36 108.99
CA VAL D 228 -36.97 -17.00 109.19
C VAL D 228 -36.82 -16.70 110.68
N GLU D 229 -37.79 -17.14 111.50
CA GLU D 229 -37.71 -16.92 112.94
C GLU D 229 -36.57 -17.71 113.55
N ALA D 230 -36.40 -18.97 113.14
CA ALA D 230 -35.30 -19.77 113.65
C ALA D 230 -33.96 -19.15 113.25
N THR D 231 -33.84 -18.71 111.99
CA THR D 231 -32.65 -17.99 111.58
C THR D 231 -32.52 -16.68 112.34
N LEU D 232 -33.63 -15.96 112.51
CA LEU D 232 -33.61 -14.73 113.30
C LEU D 232 -33.37 -15.04 114.77
N ALA D 233 -33.93 -16.14 115.29
CA ALA D 233 -33.66 -16.54 116.66
C ALA D 233 -32.18 -16.83 116.85
N ALA D 234 -31.57 -17.53 115.89
CA ALA D 234 -30.14 -17.75 115.91
C ALA D 234 -29.35 -16.50 115.54
N MET D 235 -29.97 -15.56 114.82
CA MET D 235 -29.29 -14.31 114.47
C MET D 235 -28.85 -13.58 115.73
N LYS D 236 -29.78 -13.39 116.67
CA LYS D 236 -29.42 -12.77 117.95
C LYS D 236 -28.44 -13.65 118.72
N ALA D 237 -28.68 -14.97 118.72
CA ALA D 237 -27.80 -15.87 119.46
C ALA D 237 -26.43 -15.97 118.82
N ARG D 238 -26.37 -16.15 117.49
CA ARG D 238 -25.07 -16.28 116.84
C ARG D 238 -24.26 -15.00 116.99
N ARG D 239 -24.90 -13.84 116.82
CA ARG D 239 -24.22 -12.58 117.08
C ARG D 239 -23.97 -12.38 118.57
N SER D 240 -24.90 -12.84 119.41
CA SER D 240 -24.76 -12.70 120.85
C SER D 240 -25.56 -13.77 121.58
N GLN E 45 -75.71 -41.81 -49.21
CA GLN E 45 -74.96 -41.59 -50.48
C GLN E 45 -74.23 -40.25 -50.45
N GLU E 46 -73.16 -40.15 -51.21
CA GLU E 46 -72.34 -38.95 -51.31
C GLU E 46 -72.50 -38.32 -52.68
N ALA E 47 -71.79 -37.22 -52.90
CA ALA E 47 -71.82 -36.58 -54.21
C ALA E 47 -71.22 -37.53 -55.24
N PRO E 48 -71.84 -37.67 -56.42
CA PRO E 48 -71.31 -38.62 -57.41
C PRO E 48 -69.88 -38.33 -57.82
N GLU E 49 -69.51 -37.05 -57.92
CA GLU E 49 -68.15 -36.70 -58.32
C GLU E 49 -67.13 -37.18 -57.30
N ASP E 50 -67.44 -37.05 -56.00
CA ASP E 50 -66.48 -37.43 -54.97
C ASP E 50 -66.16 -38.92 -55.05
N LEU E 51 -67.16 -39.75 -55.31
CA LEU E 51 -66.92 -41.18 -55.40
C LEU E 51 -65.91 -41.50 -56.50
N LEU E 52 -66.00 -40.79 -57.63
CA LEU E 52 -65.18 -41.12 -58.78
C LEU E 52 -63.70 -41.07 -58.44
N GLU E 53 -63.27 -40.03 -57.75
CA GLU E 53 -61.87 -39.93 -57.35
C GLU E 53 -61.49 -41.06 -56.41
N ARG E 54 -62.34 -41.33 -55.40
CA ARG E 54 -62.03 -42.37 -54.44
C ARG E 54 -62.05 -43.74 -55.09
N LEU E 55 -63.00 -43.99 -56.00
CA LEU E 55 -63.11 -45.31 -56.60
C LEU E 55 -61.86 -45.67 -57.40
N LEU E 56 -61.37 -44.74 -58.22
CA LEU E 56 -60.19 -45.02 -59.03
C LEU E 56 -58.96 -45.24 -58.16
N GLY E 57 -58.82 -44.48 -57.08
CA GLY E 57 -57.69 -44.70 -56.19
C GLY E 57 -57.65 -46.12 -55.65
N GLU E 58 -58.81 -46.67 -55.31
CA GLU E 58 -58.87 -48.07 -54.91
C GLU E 58 -58.53 -48.97 -56.09
N MET E 59 -59.01 -48.63 -57.28
CA MET E 59 -58.75 -49.46 -58.45
C MET E 59 -57.26 -49.52 -58.76
N GLU E 60 -56.58 -48.38 -58.73
CA GLU E 60 -55.15 -48.36 -59.02
C GLU E 60 -54.38 -49.17 -57.97
N LEU E 61 -54.75 -49.02 -56.71
CA LEU E 61 -54.07 -49.78 -55.65
C LEU E 61 -54.21 -51.27 -55.87
N GLU E 62 -55.40 -51.73 -56.29
CA GLU E 62 -55.63 -53.15 -56.47
C GLU E 62 -54.77 -53.70 -57.61
N LEU E 63 -54.60 -52.93 -58.68
CA LEU E 63 -53.96 -53.46 -59.88
C LEU E 63 -52.52 -53.88 -59.60
N ILE E 64 -51.78 -53.06 -58.86
CA ILE E 64 -50.38 -53.40 -58.57
C ILE E 64 -50.30 -54.66 -57.74
N GLU E 65 -51.27 -54.84 -56.82
CA GLU E 65 -51.31 -56.07 -56.04
C GLU E 65 -51.45 -57.29 -56.95
N LEU E 66 -52.29 -57.19 -57.97
CA LEU E 66 -52.37 -58.23 -58.98
C LEU E 66 -51.03 -58.40 -59.68
N ARG E 67 -50.38 -57.30 -60.03
CA ARG E 67 -49.08 -57.38 -60.70
C ARG E 67 -48.07 -58.10 -59.83
N ARG E 68 -48.03 -57.77 -58.54
CA ARG E 68 -47.09 -58.42 -57.64
C ARG E 68 -47.37 -59.91 -57.51
N ALA E 69 -48.65 -60.28 -57.39
CA ALA E 69 -49.00 -61.68 -57.16
C ALA E 69 -48.60 -62.53 -58.36
N LEU E 70 -48.87 -62.05 -59.58
CA LEU E 70 -48.54 -62.83 -60.77
C LEU E 70 -47.06 -63.19 -60.82
N ALA E 71 -46.20 -62.30 -60.33
CA ALA E 71 -44.77 -62.60 -60.35
C ALA E 71 -44.45 -63.84 -59.53
N GLN E 72 -45.08 -63.98 -58.37
CA GLN E 72 -44.82 -65.14 -57.52
C GLN E 72 -45.19 -66.44 -58.24
N THR E 73 -46.23 -66.41 -59.06
CA THR E 73 -46.59 -67.58 -59.86
C THR E 73 -45.44 -67.95 -60.79
N ILE E 74 -44.82 -66.95 -61.42
CA ILE E 74 -43.73 -67.23 -62.36
C ILE E 74 -42.57 -67.88 -61.64
N ALA E 75 -42.31 -67.47 -60.39
CA ALA E 75 -41.18 -68.02 -59.65
C ALA E 75 -41.30 -69.54 -59.52
N THR E 76 -42.47 -70.02 -59.08
CA THR E 76 -42.67 -71.45 -58.94
C THR E 76 -42.60 -72.14 -60.29
N PHE E 77 -43.20 -71.55 -61.32
CA PHE E 77 -43.14 -72.13 -62.66
C PHE E 77 -41.71 -72.31 -63.12
N LYS E 78 -40.85 -71.31 -62.86
CA LYS E 78 -39.44 -71.45 -63.20
C LYS E 78 -38.73 -72.37 -62.21
N SER E 79 -39.06 -72.27 -60.92
CA SER E 79 -38.36 -73.04 -59.91
C SER E 79 -38.50 -74.54 -60.14
N THR E 80 -39.73 -75.00 -60.35
CA THR E 80 -39.95 -76.42 -60.58
C THR E 80 -39.25 -76.89 -61.85
N GLU E 81 -39.29 -76.07 -62.91
CA GLU E 81 -38.63 -76.43 -64.16
C GLU E 81 -37.14 -76.63 -63.93
N ARG E 82 -36.50 -75.74 -63.18
CA ARG E 82 -35.11 -75.96 -62.80
C ARG E 82 -34.97 -77.21 -61.95
N GLN E 83 -35.92 -77.43 -61.04
CA GLN E 83 -35.89 -78.64 -60.21
C GLN E 83 -36.04 -79.88 -61.08
N ARG E 84 -36.88 -79.81 -62.12
CA ARG E 84 -37.10 -80.97 -62.98
C ARG E 84 -35.80 -81.38 -63.67
N ASP E 85 -35.04 -80.42 -64.17
CA ASP E 85 -33.81 -80.75 -64.88
C ASP E 85 -32.82 -81.48 -64.00
N ALA E 86 -32.84 -81.20 -62.69
CA ALA E 86 -31.90 -81.85 -61.78
C ALA E 86 -32.10 -83.36 -61.74
N GLN E 87 -33.35 -83.80 -61.67
CA GLN E 87 -33.62 -85.23 -61.52
C GLN E 87 -33.13 -86.02 -62.73
N GLN E 88 -33.47 -85.56 -63.93
CA GLN E 88 -33.04 -86.28 -65.14
C GLN E 88 -31.52 -86.34 -65.22
N LEU E 89 -30.84 -85.29 -64.76
CA LEU E 89 -29.39 -85.31 -64.73
C LEU E 89 -28.88 -86.46 -63.87
N ILE E 90 -29.51 -86.68 -62.71
CA ILE E 90 -29.12 -87.79 -61.86
C ILE E 90 -29.34 -89.11 -62.58
N ALA E 91 -30.50 -89.26 -63.24
CA ALA E 91 -30.76 -90.48 -63.99
C ALA E 91 -29.72 -90.69 -65.08
N GLN E 92 -29.28 -89.60 -65.72
CA GLN E 92 -28.23 -89.71 -66.72
C GLN E 92 -26.96 -90.27 -66.11
N ARG E 93 -26.62 -89.86 -64.90
CA ARG E 93 -25.41 -90.37 -64.24
C ARG E 93 -25.47 -91.88 -64.11
N TRP E 94 -26.60 -92.40 -63.63
CA TRP E 94 -26.75 -93.85 -63.52
C TRP E 94 -26.66 -94.52 -64.88
N TYR E 95 -27.33 -93.93 -65.88
CA TYR E 95 -27.26 -94.48 -67.23
C TYR E 95 -25.84 -94.44 -67.75
N GLU E 96 -25.15 -93.32 -67.56
CA GLU E 96 -23.75 -93.24 -67.96
C GLU E 96 -22.90 -94.25 -67.19
N LYS E 97 -23.14 -94.38 -65.89
CA LYS E 97 -22.44 -95.40 -65.11
C LYS E 97 -22.76 -96.79 -65.62
N ALA E 98 -24.03 -97.06 -65.90
CA ALA E 98 -24.41 -98.36 -66.43
C ALA E 98 -23.77 -98.65 -67.78
N GLN E 99 -23.34 -97.62 -68.51
CA GLN E 99 -22.72 -97.85 -69.80
C GLN E 99 -21.47 -98.70 -69.67
N ALA E 100 -20.62 -98.38 -68.69
CA ALA E 100 -19.41 -99.14 -68.42
C ALA E 100 -19.58 -100.14 -67.28
N ALA E 101 -20.80 -100.27 -66.74
CA ALA E 101 -21.04 -101.21 -65.65
C ALA E 101 -20.71 -102.62 -66.07
N LEU E 102 -21.20 -103.04 -67.23
CA LEU E 102 -20.94 -104.36 -67.78
C LEU E 102 -19.79 -104.35 -68.79
N ASP E 103 -19.09 -103.23 -68.94
CA ASP E 103 -17.93 -103.20 -69.83
C ASP E 103 -16.92 -104.27 -69.46
N ARG E 104 -16.82 -104.61 -68.19
CA ARG E 104 -16.01 -105.73 -67.73
C ARG E 104 -16.71 -107.06 -67.92
N GLY E 105 -17.86 -107.08 -68.58
CA GLY E 105 -18.71 -108.25 -68.62
C GLY E 105 -19.65 -108.40 -67.46
N ASN E 106 -19.71 -107.41 -66.56
CA ASN E 106 -20.55 -107.46 -65.37
C ASN E 106 -21.97 -107.01 -65.73
N GLU E 107 -22.68 -107.91 -66.41
CA GLU E 107 -24.05 -107.63 -66.80
C GLU E 107 -24.97 -107.51 -65.59
N GLN E 108 -24.72 -108.30 -64.55
CA GLN E 108 -25.62 -108.31 -63.39
C GLN E 108 -25.69 -106.93 -62.75
N LEU E 109 -24.54 -106.26 -62.60
CA LEU E 109 -24.53 -104.97 -61.94
C LEU E 109 -25.36 -103.95 -62.72
N ALA E 110 -25.24 -103.96 -64.05
CA ALA E 110 -25.98 -103.00 -64.86
C ALA E 110 -27.48 -103.18 -64.70
N ARG E 111 -27.93 -104.37 -64.32
CA ARG E 111 -29.36 -104.60 -64.11
C ARG E 111 -29.92 -103.67 -63.05
N GLU E 112 -29.20 -103.53 -61.93
CA GLU E 112 -29.68 -102.68 -60.85
C GLU E 112 -29.77 -101.22 -61.28
N ALA E 113 -28.78 -100.74 -62.02
CA ALA E 113 -28.77 -99.33 -62.41
C ALA E 113 -29.98 -98.99 -63.26
N LEU E 114 -30.24 -99.76 -64.32
CA LEU E 114 -31.38 -99.48 -65.17
C LEU E 114 -32.69 -99.61 -64.41
N GLY E 115 -32.79 -100.60 -63.52
CA GLY E 115 -33.97 -100.68 -62.67
C GLY E 115 -34.07 -99.50 -61.72
N GLN E 116 -32.92 -99.02 -61.23
CA GLN E 116 -32.93 -97.91 -60.28
C GLN E 116 -33.42 -96.61 -60.94
N ARG E 117 -32.94 -96.33 -62.15
CA ARG E 117 -33.26 -95.05 -62.80
C ARG E 117 -34.72 -94.93 -63.18
N GLN E 118 -35.46 -96.04 -63.24
CA GLN E 118 -36.87 -95.96 -63.61
C GLN E 118 -37.65 -95.14 -62.59
N SER E 119 -37.34 -95.31 -61.31
CA SER E 119 -38.02 -94.54 -60.28
C SER E 119 -37.84 -93.04 -60.51
N TYR E 120 -36.63 -92.62 -60.84
CA TYR E 120 -36.39 -91.22 -61.13
C TYR E 120 -37.18 -90.76 -62.35
N GLN E 121 -37.22 -91.60 -63.39
CA GLN E 121 -37.95 -91.23 -64.59
C GLN E 121 -39.42 -90.97 -64.30
N SER E 122 -39.99 -91.68 -63.33
CA SER E 122 -41.39 -91.46 -62.98
C SER E 122 -41.62 -90.03 -62.52
N HIS E 123 -40.74 -89.51 -61.67
CA HIS E 123 -40.89 -88.13 -61.22
C HIS E 123 -40.79 -87.15 -62.38
N THR E 124 -39.84 -87.39 -63.30
CA THR E 124 -39.68 -86.48 -64.42
C THR E 124 -40.95 -86.42 -65.26
N GLU E 125 -41.54 -87.57 -65.55
CA GLU E 125 -42.78 -87.59 -66.32
C GLU E 125 -43.91 -86.88 -65.57
N ALA E 126 -44.01 -87.11 -64.27
CA ALA E 126 -45.06 -86.47 -63.48
C ALA E 126 -44.92 -84.94 -63.51
N LEU E 127 -43.69 -84.45 -63.36
CA LEU E 127 -43.48 -83.00 -63.36
C LEU E 127 -43.70 -82.41 -64.75
N GLY E 128 -43.28 -83.11 -65.80
CA GLY E 128 -43.47 -82.60 -67.14
C GLY E 128 -44.92 -82.33 -67.46
N LYS E 129 -45.81 -83.23 -67.04
CA LYS E 129 -47.24 -83.01 -67.22
C LYS E 129 -47.72 -81.84 -66.38
N SER E 130 -47.22 -81.71 -65.15
CA SER E 130 -47.68 -80.66 -64.26
C SER E 130 -47.35 -79.28 -64.82
N LEU E 131 -46.14 -79.12 -65.36
CA LEU E 131 -45.76 -77.83 -65.95
C LEU E 131 -46.58 -77.52 -67.20
N GLY E 132 -46.95 -78.56 -67.94
CA GLY E 132 -47.68 -78.34 -69.19
C GLY E 132 -48.95 -77.55 -68.97
N GLU E 133 -49.71 -77.88 -67.92
CA GLU E 133 -50.94 -77.15 -67.66
C GLU E 133 -50.66 -75.77 -67.08
N GLN E 134 -49.65 -75.66 -66.22
CA GLN E 134 -49.30 -74.36 -65.65
C GLN E 134 -48.82 -73.40 -66.73
N ARG E 135 -48.06 -73.90 -67.70
CA ARG E 135 -47.47 -73.03 -68.71
C ARG E 135 -48.54 -72.27 -69.48
N ALA E 136 -49.59 -72.97 -69.90
CA ALA E 136 -50.68 -72.35 -70.65
C ALA E 136 -51.68 -71.63 -69.75
N LEU E 137 -51.56 -71.77 -68.43
CA LEU E 137 -52.50 -71.13 -67.52
C LEU E 137 -52.09 -69.69 -67.23
N VAL E 138 -50.82 -69.49 -66.87
CA VAL E 138 -50.36 -68.13 -66.54
C VAL E 138 -50.46 -67.23 -67.76
N GLU E 139 -50.09 -67.75 -68.94
CA GLU E 139 -50.14 -66.96 -70.16
C GLU E 139 -51.53 -66.35 -70.34
N GLN E 140 -52.58 -67.09 -69.98
CA GLN E 140 -53.92 -66.53 -70.02
C GLN E 140 -54.08 -65.42 -68.98
N VAL E 141 -53.47 -65.60 -67.80
CA VAL E 141 -53.57 -64.59 -66.76
C VAL E 141 -52.94 -63.28 -67.22
N ARG E 142 -51.75 -63.37 -67.82
CA ARG E 142 -51.08 -62.17 -68.28
C ARG E 142 -51.95 -61.35 -69.23
N GLY E 143 -52.72 -62.03 -70.07
CA GLY E 143 -53.60 -61.31 -70.98
C GLY E 143 -54.64 -60.48 -70.25
N GLN E 144 -55.22 -61.03 -69.19
CA GLN E 144 -56.21 -60.28 -68.41
C GLN E 144 -55.58 -59.04 -67.79
N LEU E 145 -54.40 -59.19 -67.21
CA LEU E 145 -53.74 -58.04 -66.58
C LEU E 145 -53.43 -56.97 -67.61
N GLN E 146 -52.86 -57.37 -68.75
CA GLN E 146 -52.48 -56.39 -69.77
C GLN E 146 -53.71 -55.67 -70.31
N LYS E 147 -54.79 -56.41 -70.58
CA LYS E 147 -56.01 -55.78 -71.07
C LYS E 147 -56.58 -54.84 -70.03
N LEU E 148 -56.56 -55.25 -68.76
CA LEU E 148 -57.09 -54.39 -67.70
C LEU E 148 -56.33 -53.07 -67.63
N GLU E 149 -55.00 -53.14 -67.70
CA GLU E 149 -54.21 -51.92 -67.64
C GLU E 149 -54.54 -50.98 -68.79
N ARG E 150 -54.69 -51.54 -70.00
CA ARG E 150 -55.07 -50.71 -71.14
C ARG E 150 -56.45 -50.10 -70.92
N LYS E 151 -57.38 -50.88 -70.38
CA LYS E 151 -58.72 -50.35 -70.10
C LYS E 151 -58.70 -49.34 -68.98
N TYR E 152 -57.76 -49.46 -68.04
CA TYR E 152 -57.70 -48.55 -66.90
C TYR E 152 -57.51 -47.12 -67.36
N LEU E 153 -56.57 -46.90 -68.28
CA LEU E 153 -56.23 -45.53 -68.68
C LEU E 153 -57.40 -44.83 -69.36
N GLU E 154 -58.15 -45.56 -70.18
CA GLU E 154 -59.23 -44.94 -70.94
C GLU E 154 -60.27 -44.32 -70.02
N LEU E 155 -60.35 -44.76 -68.77
CA LEU E 155 -61.27 -44.15 -67.81
C LEU E 155 -60.68 -42.87 -67.23
N LYS E 156 -59.43 -42.94 -66.76
CA LYS E 156 -58.82 -41.79 -66.12
C LYS E 156 -58.67 -40.64 -67.10
N SER E 157 -58.37 -40.93 -68.36
CA SER E 157 -58.20 -39.88 -69.35
C SER E 157 -59.48 -39.07 -69.55
N GLN E 158 -60.63 -39.61 -69.16
CA GLN E 158 -61.90 -38.91 -69.28
C GLN E 158 -62.40 -38.31 -67.98
N LYS E 159 -61.95 -38.82 -66.84
CA LYS E 159 -62.50 -38.34 -65.58
C LYS E 159 -62.25 -36.86 -65.39
N ASN E 160 -61.04 -36.40 -65.70
CA ASN E 160 -60.73 -34.98 -65.58
C ASN E 160 -61.61 -34.14 -66.50
N LEU E 161 -61.93 -34.67 -67.68
CA LEU E 161 -62.77 -33.92 -68.61
C LEU E 161 -64.18 -33.72 -68.05
N TYR E 162 -64.75 -34.76 -67.44
CA TYR E 162 -66.10 -34.63 -66.88
C TYR E 162 -66.12 -33.63 -65.74
N LEU E 163 -65.14 -33.68 -64.85
CA LEU E 163 -65.12 -32.76 -63.71
C LEU E 163 -65.10 -31.31 -64.19
N ALA E 164 -64.32 -31.02 -65.23
CA ALA E 164 -64.26 -29.66 -65.75
C ALA E 164 -65.63 -29.20 -66.22
N ARG E 165 -66.35 -30.05 -66.94
CA ARG E 165 -67.71 -29.69 -67.38
C ARG E 165 -68.61 -29.48 -66.18
N LEU E 166 -68.50 -30.34 -65.17
CA LEU E 166 -69.32 -30.20 -63.97
C LEU E 166 -69.05 -28.89 -63.27
N LYS E 167 -67.76 -28.53 -63.12
CA LYS E 167 -67.43 -27.27 -62.47
C LYS E 167 -67.90 -26.08 -63.29
N SER E 168 -67.89 -26.21 -64.62
CA SER E 168 -68.33 -25.11 -65.47
C SER E 168 -69.81 -24.83 -65.29
N ALA E 169 -70.64 -25.87 -65.33
CA ALA E 169 -72.09 -25.68 -65.27
C ALA E 169 -72.54 -25.29 -63.87
N ILE E 170 -72.00 -25.94 -62.84
CA ILE E 170 -72.40 -25.63 -61.47
C ILE E 170 -72.13 -24.15 -61.18
N ALA E 171 -70.97 -23.65 -61.58
CA ALA E 171 -70.67 -22.24 -61.40
C ALA E 171 -71.64 -21.38 -62.20
N ALA E 172 -71.95 -21.79 -63.43
CA ALA E 172 -72.86 -21.01 -64.26
C ALA E 172 -74.22 -20.84 -63.59
N GLN E 173 -74.72 -21.91 -62.97
CA GLN E 173 -75.97 -21.80 -62.23
C GLN E 173 -75.84 -20.81 -61.08
N LYS E 174 -74.71 -20.85 -60.38
CA LYS E 174 -74.50 -19.93 -59.26
C LYS E 174 -74.50 -18.48 -59.74
N ILE E 175 -73.85 -18.22 -60.88
CA ILE E 175 -73.78 -16.86 -61.41
C ILE E 175 -75.17 -16.36 -61.80
N GLU E 176 -75.92 -17.20 -62.52
CA GLU E 176 -77.17 -16.74 -63.11
C GLU E 176 -78.18 -16.33 -62.06
N GLU E 177 -78.30 -17.11 -60.98
CA GLU E 177 -79.27 -16.76 -59.94
C GLU E 177 -78.97 -15.42 -59.31
N ILE E 178 -77.72 -14.96 -59.40
CA ILE E 178 -77.33 -13.66 -58.86
C ILE E 178 -77.38 -12.64 -59.99
N ALA E 179 -78.03 -12.99 -61.10
CA ALA E 179 -78.10 -12.09 -62.23
C ALA E 179 -78.66 -10.73 -61.82
N GLY E 180 -79.56 -10.70 -60.85
CA GLY E 180 -80.14 -9.46 -60.40
C GLY E 180 -80.82 -8.72 -61.53
N ASN E 181 -81.64 -9.45 -62.30
CA ASN E 181 -82.31 -8.85 -63.45
C ASN E 181 -83.14 -7.64 -63.02
N LEU E 182 -82.98 -6.53 -63.73
CA LEU E 182 -83.70 -5.31 -63.38
C LEU E 182 -85.20 -5.46 -63.63
N ASP E 183 -85.58 -6.31 -64.58
CA ASP E 183 -86.98 -6.42 -64.99
C ASP E 183 -87.86 -7.14 -63.98
N ASN E 184 -87.30 -7.84 -63.00
CA ASN E 184 -88.13 -8.64 -62.11
C ASN E 184 -89.13 -7.77 -61.36
N ALA E 185 -88.65 -6.70 -60.74
CA ALA E 185 -89.52 -5.77 -60.01
C ALA E 185 -90.31 -6.51 -58.92
N SER E 186 -89.66 -7.48 -58.28
CA SER E 186 -90.30 -8.28 -57.25
C SER E 186 -89.40 -8.57 -56.05
N ALA E 187 -88.20 -7.99 -56.00
CA ALA E 187 -87.19 -8.21 -54.98
C ALA E 187 -86.46 -9.53 -55.20
N SER E 188 -86.85 -10.33 -56.20
CA SER E 188 -86.06 -11.52 -56.54
C SER E 188 -84.66 -11.13 -57.00
N SER E 189 -84.57 -10.09 -57.83
CA SER E 189 -83.29 -9.48 -58.16
C SER E 189 -82.93 -8.50 -57.05
N LEU E 190 -81.76 -8.70 -56.44
CA LEU E 190 -81.37 -7.86 -55.32
C LEU E 190 -81.28 -6.39 -55.72
N PHE E 191 -81.02 -6.11 -57.00
CA PHE E 191 -80.94 -4.72 -57.44
C PHE E 191 -82.30 -4.04 -57.33
N GLU E 192 -83.35 -4.67 -57.85
CA GLU E 192 -84.68 -4.09 -57.74
C GLU E 192 -85.12 -3.99 -56.29
N ARG E 193 -84.67 -4.92 -55.44
CA ARG E 193 -84.95 -4.79 -54.01
C ARG E 193 -84.32 -3.53 -53.46
N ILE E 194 -83.10 -3.20 -53.90
CA ILE E 194 -82.47 -1.95 -53.51
C ILE E 194 -83.30 -0.78 -54.02
N GLU E 195 -83.74 -0.84 -55.27
CA GLU E 195 -84.51 0.25 -55.84
C GLU E 195 -85.77 0.52 -55.03
N THR E 196 -86.45 -0.54 -54.60
CA THR E 196 -87.60 -0.36 -53.72
C THR E 196 -87.20 0.32 -52.42
N LYS E 197 -86.04 -0.05 -51.88
CA LYS E 197 -85.56 0.58 -50.65
C LYS E 197 -85.34 2.07 -50.85
N ILE E 198 -84.78 2.47 -52.00
CA ILE E 198 -84.49 3.87 -52.25
C ILE E 198 -85.78 4.69 -52.21
N LEU E 199 -86.80 4.24 -52.94
CA LEU E 199 -88.05 5.00 -53.00
C LEU E 199 -88.75 5.04 -51.66
N GLU E 200 -88.54 4.03 -50.82
CA GLU E 200 -89.17 4.02 -49.50
C GLU E 200 -88.72 5.22 -48.69
N LEU E 201 -87.42 5.50 -48.66
CA LEU E 201 -86.90 6.61 -47.87
C LEU E 201 -87.35 7.95 -48.45
N GLU E 202 -87.19 8.12 -49.77
CA GLU E 202 -87.58 9.38 -50.39
C GLU E 202 -89.05 9.70 -50.14
N ALA E 203 -89.89 8.67 -50.04
CA ALA E 203 -91.30 8.89 -49.77
C ALA E 203 -91.51 9.51 -48.39
N GLU E 204 -90.78 9.04 -47.39
CA GLU E 204 -90.96 9.55 -46.04
C GLU E 204 -90.61 11.02 -45.95
N ARG E 205 -89.51 11.43 -46.58
CA ARG E 205 -89.06 12.81 -46.45
C ARG E 205 -90.09 13.79 -47.03
N GLU E 206 -90.59 13.50 -48.22
CA GLU E 206 -91.53 14.42 -48.86
C GLU E 206 -92.78 14.58 -48.03
N LEU E 207 -93.32 13.49 -47.51
CA LEU E 207 -94.53 13.57 -46.70
C LEU E 207 -94.29 14.34 -45.42
N LEU E 208 -93.18 14.07 -44.73
CA LEU E 208 -92.91 14.74 -43.47
C LEU E 208 -92.60 16.22 -43.67
N ASN E 209 -92.18 16.61 -44.88
CA ASN E 209 -91.90 17.99 -45.25
C ASN E 209 -92.72 18.30 -46.49
N PRO E 210 -93.99 18.65 -46.33
CA PRO E 210 -94.86 18.87 -47.49
C PRO E 210 -94.21 19.83 -48.48
N PRO E 211 -93.89 19.37 -49.68
CA PRO E 211 -93.28 20.27 -50.67
C PRO E 211 -94.29 21.29 -51.16
N PRO E 212 -93.84 22.37 -51.79
CA PRO E 212 -94.77 23.42 -52.22
C PRO E 212 -95.83 22.89 -53.16
N SER E 213 -97.04 23.41 -53.03
CA SER E 213 -98.11 23.05 -53.93
C SER E 213 -97.85 23.61 -55.33
N PRO E 214 -98.38 22.98 -56.38
CA PRO E 214 -98.18 23.51 -57.73
C PRO E 214 -98.70 24.93 -57.88
N LEU E 215 -99.77 25.28 -57.18
CA LEU E 215 -100.27 26.65 -57.22
C LEU E 215 -99.23 27.62 -56.67
N ASP E 216 -98.57 27.26 -55.56
CA ASP E 216 -97.50 28.08 -55.03
C ASP E 216 -96.35 28.20 -56.02
N LYS E 217 -96.01 27.09 -56.68
CA LYS E 217 -94.99 27.14 -57.72
C LYS E 217 -95.41 28.09 -58.84
N LYS E 218 -96.67 28.03 -59.24
CA LYS E 218 -97.15 28.92 -60.29
C LYS E 218 -96.92 30.38 -59.92
N PHE E 219 -97.27 30.75 -58.68
CA PHE E 219 -97.12 32.14 -58.25
C PHE E 219 -95.67 32.57 -58.28
N GLU E 220 -94.77 31.71 -57.80
CA GLU E 220 -93.37 32.09 -57.67
C GLU E 220 -92.78 32.48 -59.02
N GLN E 221 -92.89 31.60 -60.01
CA GLN E 221 -92.42 31.94 -61.35
C GLN E 221 -93.26 33.05 -61.96
N TRP E 222 -94.58 33.01 -61.73
CA TRP E 222 -95.46 34.05 -62.24
C TRP E 222 -95.03 35.43 -61.77
N GLU E 223 -94.43 35.51 -60.58
CA GLU E 223 -93.97 36.80 -60.07
C GLU E 223 -92.67 37.24 -60.72
N GLU E 224 -91.76 36.31 -60.99
CA GLU E 224 -90.43 36.68 -61.46
C GLU E 224 -90.46 37.35 -62.82
N GLN E 225 -91.40 36.96 -63.68
CA GLN E 225 -91.42 37.50 -65.04
C GLN E 225 -91.59 39.01 -65.04
N GLN E 226 -92.50 39.52 -64.21
CA GLN E 226 -92.66 40.97 -64.10
C GLN E 226 -91.41 41.61 -63.51
N ALA E 227 -90.81 40.98 -62.50
CA ALA E 227 -89.63 41.55 -61.86
C ALA E 227 -88.51 41.73 -62.87
N VAL E 228 -88.22 40.70 -63.67
CA VAL E 228 -87.18 40.81 -64.68
C VAL E 228 -87.63 41.74 -65.80
N GLU E 229 -88.88 41.63 -66.22
CA GLU E 229 -89.37 42.50 -67.29
C GLU E 229 -89.47 43.95 -66.82
N ALA E 230 -89.96 44.16 -65.59
CA ALA E 230 -90.01 45.52 -65.05
C ALA E 230 -88.61 46.10 -64.93
N THR E 231 -87.67 45.31 -64.43
CA THR E 231 -86.27 45.76 -64.39
C THR E 231 -85.74 45.95 -65.80
N LEU E 232 -86.06 45.02 -66.71
CA LEU E 232 -85.67 45.19 -68.10
C LEU E 232 -86.41 46.34 -68.75
N ALA E 233 -87.68 46.54 -68.41
CA ALA E 233 -88.42 47.68 -68.92
C ALA E 233 -87.78 48.98 -68.47
N ALA E 234 -87.39 49.04 -67.20
CA ALA E 234 -86.64 50.19 -66.69
C ALA E 234 -85.21 50.20 -67.18
N MET E 235 -84.66 49.04 -67.56
CA MET E 235 -83.30 49.01 -68.09
C MET E 235 -83.17 49.90 -69.31
N LYS E 236 -84.07 49.73 -70.29
CA LYS E 236 -84.09 50.60 -71.45
C LYS E 236 -84.40 52.04 -71.05
N ALA E 237 -85.35 52.21 -70.15
CA ALA E 237 -85.74 53.56 -69.75
C ALA E 237 -84.64 54.24 -68.93
N ARG E 238 -84.08 53.53 -67.94
CA ARG E 238 -83.05 54.13 -67.10
C ARG E 238 -81.82 54.47 -67.93
N ARG E 239 -81.42 53.58 -68.84
CA ARG E 239 -80.32 53.91 -69.76
C ARG E 239 -80.76 54.94 -70.79
N SER E 240 -82.02 54.88 -71.22
CA SER E 240 -82.54 55.81 -72.20
C SER E 240 -84.06 55.96 -72.07
N GLN F 45 -50.70 -77.37 44.47
CA GLN F 45 -49.48 -77.64 45.30
C GLN F 45 -48.22 -77.44 44.48
N GLU F 46 -47.12 -77.14 45.15
CA GLU F 46 -45.82 -76.90 44.54
C GLU F 46 -44.88 -78.03 44.91
N ALA F 47 -43.64 -77.93 44.42
CA ALA F 47 -42.64 -78.92 44.77
C ALA F 47 -42.36 -78.84 46.28
N PRO F 48 -42.26 -79.98 46.97
CA PRO F 48 -42.07 -79.92 48.43
C PRO F 48 -40.79 -79.19 48.83
N GLU F 49 -39.73 -79.31 48.05
CA GLU F 49 -38.47 -78.64 48.38
C GLU F 49 -38.63 -77.12 48.33
N ASP F 50 -39.36 -76.62 47.34
CA ASP F 50 -39.50 -75.17 47.21
C ASP F 50 -40.19 -74.56 48.42
N LEU F 51 -41.21 -75.24 48.95
CA LEU F 51 -41.91 -74.72 50.12
C LEU F 51 -40.97 -74.56 51.30
N LEU F 52 -40.03 -75.50 51.46
CA LEU F 52 -39.18 -75.50 52.65
C LEU F 52 -38.40 -74.19 52.77
N GLU F 53 -37.81 -73.73 51.65
CA GLU F 53 -37.08 -72.47 51.68
C GLU F 53 -38.00 -71.31 52.00
N ARG F 54 -39.16 -71.27 51.35
CA ARG F 54 -40.10 -70.18 51.58
C ARG F 54 -40.65 -70.20 52.99
N LEU F 55 -40.96 -71.39 53.51
CA LEU F 55 -41.56 -71.47 54.84
C LEU F 55 -40.63 -70.94 55.92
N LEU F 56 -39.35 -71.31 55.87
CA LEU F 56 -38.41 -70.85 56.88
C LEU F 56 -38.21 -69.35 56.81
N GLY F 57 -38.17 -68.79 55.60
CA GLY F 57 -38.03 -67.35 55.47
C GLY F 57 -39.14 -66.61 56.18
N GLU F 58 -40.37 -67.11 56.07
CA GLU F 58 -41.47 -66.54 56.83
C GLU F 58 -41.27 -66.75 58.33
N MET F 59 -40.78 -67.93 58.72
CA MET F 59 -40.57 -68.21 60.13
C MET F 59 -39.54 -67.26 60.74
N GLU F 60 -38.42 -67.05 60.05
CA GLU F 60 -37.39 -66.17 60.58
C GLU F 60 -37.91 -64.74 60.69
N LEU F 61 -38.67 -64.28 59.70
CA LEU F 61 -39.22 -62.94 59.74
C LEU F 61 -40.14 -62.76 60.95
N GLU F 62 -40.95 -63.78 61.24
CA GLU F 62 -41.89 -63.67 62.35
C GLU F 62 -41.17 -63.56 63.69
N LEU F 63 -40.06 -64.31 63.85
CA LEU F 63 -39.42 -64.40 65.15
C LEU F 63 -38.93 -63.05 65.64
N ILE F 64 -38.31 -62.27 64.75
CA ILE F 64 -37.80 -60.96 65.16
C ILE F 64 -38.95 -60.05 65.57
N GLU F 65 -40.09 -60.17 64.89
CA GLU F 65 -41.26 -59.39 65.28
C GLU F 65 -41.67 -59.70 66.71
N LEU F 66 -41.63 -60.99 67.07
CA LEU F 66 -41.85 -61.37 68.46
C LEU F 66 -40.81 -60.74 69.37
N ARG F 67 -39.54 -60.77 68.94
CA ARG F 67 -38.47 -60.19 69.75
C ARG F 67 -38.70 -58.71 69.98
N ARG F 68 -39.10 -57.99 68.92
CA ARG F 68 -39.35 -56.56 69.05
C ARG F 68 -40.52 -56.29 69.99
N ALA F 69 -41.59 -57.06 69.87
CA ALA F 69 -42.79 -56.81 70.67
C ALA F 69 -42.50 -57.00 72.15
N LEU F 70 -41.79 -58.07 72.51
CA LEU F 70 -41.51 -58.34 73.91
C LEU F 70 -40.79 -57.18 74.57
N ALA F 71 -39.94 -56.47 73.83
CA ALA F 71 -39.23 -55.33 74.41
C ALA F 71 -40.20 -54.26 74.88
N GLN F 72 -41.24 -53.99 74.08
CA GLN F 72 -42.21 -52.96 74.47
C GLN F 72 -42.89 -53.31 75.77
N THR F 73 -43.14 -54.60 76.02
CA THR F 73 -43.70 -55.02 77.29
C THR F 73 -42.78 -54.63 78.44
N ILE F 74 -41.47 -54.83 78.26
CA ILE F 74 -40.52 -54.51 79.33
C ILE F 74 -40.55 -53.02 79.64
N ALA F 75 -40.73 -52.19 78.61
CA ALA F 75 -40.73 -50.74 78.81
C ALA F 75 -41.82 -50.34 79.82
N THR F 76 -43.04 -50.82 79.60
CA THR F 76 -44.13 -50.49 80.52
C THR F 76 -43.88 -51.07 81.90
N PHE F 77 -43.38 -52.30 81.96
CA PHE F 77 -43.07 -52.91 83.26
C PHE F 77 -42.07 -52.07 84.04
N LYS F 78 -41.04 -51.55 83.35
CA LYS F 78 -40.10 -50.65 84.01
C LYS F 78 -40.71 -49.28 84.24
N SER F 79 -41.47 -48.77 83.27
CA SER F 79 -42.00 -47.41 83.36
C SER F 79 -42.91 -47.26 84.56
N THR F 80 -43.86 -48.19 84.74
CA THR F 80 -44.77 -48.10 85.87
C THR F 80 -44.02 -48.21 87.18
N GLU F 81 -43.03 -49.10 87.24
CA GLU F 81 -42.24 -49.27 88.46
C GLU F 81 -41.56 -47.97 88.85
N ARG F 82 -40.97 -47.28 87.87
CA ARG F 82 -40.42 -45.95 88.13
C ARG F 82 -41.52 -44.99 88.54
N GLN F 83 -42.69 -45.08 87.90
CA GLN F 83 -43.82 -44.23 88.26
C GLN F 83 -44.27 -44.53 89.69
N ARG F 84 -44.25 -45.80 90.08
CA ARG F 84 -44.69 -46.17 91.43
C ARG F 84 -43.83 -45.51 92.49
N ASP F 85 -42.51 -45.51 92.29
CA ASP F 85 -41.61 -44.93 93.28
C ASP F 85 -41.90 -43.46 93.50
N ALA F 86 -42.35 -42.75 92.46
CA ALA F 86 -42.61 -41.32 92.59
C ALA F 86 -43.70 -41.04 93.62
N GLN F 87 -44.78 -41.82 93.60
CA GLN F 87 -45.91 -41.52 94.47
C GLN F 87 -45.52 -41.67 95.94
N GLN F 88 -44.87 -42.79 96.30
CA GLN F 88 -44.47 -42.99 97.68
C GLN F 88 -43.53 -41.90 98.15
N LEU F 89 -42.69 -41.40 97.26
CA LEU F 89 -41.80 -40.29 97.62
C LEU F 89 -42.62 -39.07 98.03
N ILE F 90 -43.70 -38.78 97.31
CA ILE F 90 -44.57 -37.67 97.68
C ILE F 90 -45.19 -37.91 99.05
N ALA F 91 -45.67 -39.13 99.29
CA ALA F 91 -46.24 -39.46 100.59
C ALA F 91 -45.20 -39.27 101.69
N GLN F 92 -43.95 -39.63 101.41
CA GLN F 92 -42.89 -39.43 102.40
C GLN F 92 -42.74 -37.95 102.74
N ARG F 93 -42.86 -37.08 101.74
CA ARG F 93 -42.75 -35.64 101.99
C ARG F 93 -43.80 -35.18 103.00
N TRP F 94 -45.05 -35.60 102.81
CA TRP F 94 -46.09 -35.24 103.75
C TRP F 94 -45.81 -35.83 105.13
N TYR F 95 -45.37 -37.09 105.17
CA TYR F 95 -45.02 -37.71 106.44
C TYR F 95 -43.87 -36.97 107.10
N GLU F 96 -42.84 -36.64 106.32
CA GLU F 96 -41.73 -35.86 106.87
C GLU F 96 -42.21 -34.50 107.34
N LYS F 97 -43.07 -33.85 106.54
CA LYS F 97 -43.63 -32.57 106.96
C LYS F 97 -44.46 -32.72 108.22
N ALA F 98 -45.27 -33.79 108.29
CA ALA F 98 -46.07 -34.04 109.48
C ALA F 98 -45.21 -34.30 110.71
N GLN F 99 -43.96 -34.69 110.53
CA GLN F 99 -43.09 -34.96 111.67
C GLN F 99 -42.90 -33.71 112.52
N ALA F 100 -42.67 -32.57 111.87
CA ALA F 100 -42.51 -31.29 112.55
C ALA F 100 -43.79 -30.47 112.52
N ALA F 101 -44.88 -31.01 111.96
CA ALA F 101 -46.13 -30.26 111.90
C ALA F 101 -46.61 -29.88 113.29
N LEU F 102 -46.62 -30.84 114.20
CA LEU F 102 -47.02 -30.61 115.59
C LEU F 102 -45.83 -30.38 116.51
N ASP F 103 -44.61 -30.25 115.95
CA ASP F 103 -43.46 -29.94 116.78
C ASP F 103 -43.68 -28.67 117.60
N ARG F 104 -44.43 -27.72 117.04
CA ARG F 104 -44.85 -26.54 117.78
C ARG F 104 -46.03 -26.80 118.70
N GLY F 105 -46.44 -28.06 118.84
CA GLY F 105 -47.66 -28.40 119.53
C GLY F 105 -48.90 -28.35 118.65
N ASN F 106 -48.74 -28.13 117.35
CA ASN F 106 -49.87 -28.01 116.43
C ASN F 106 -50.29 -29.41 115.98
N GLU F 107 -50.97 -30.11 116.89
CA GLU F 107 -51.45 -31.46 116.59
C GLU F 107 -52.52 -31.44 115.51
N GLN F 108 -53.37 -30.41 115.49
CA GLN F 108 -54.47 -30.38 114.54
C GLN F 108 -53.98 -30.41 113.11
N LEU F 109 -52.92 -29.65 112.80
CA LEU F 109 -52.41 -29.60 111.43
C LEU F 109 -51.92 -30.96 110.99
N ALA F 110 -51.21 -31.67 111.86
CA ALA F 110 -50.68 -32.99 111.49
C ALA F 110 -51.80 -33.97 111.15
N ARG F 111 -53.01 -33.73 111.67
CA ARG F 111 -54.12 -34.62 111.36
C ARG F 111 -54.39 -34.65 109.86
N GLU F 112 -54.39 -33.48 109.23
CA GLU F 112 -54.69 -33.40 107.80
C GLU F 112 -53.64 -34.13 106.97
N ALA F 113 -52.36 -33.98 107.35
CA ALA F 113 -51.28 -34.59 106.57
C ALA F 113 -51.42 -36.11 106.55
N LEU F 114 -51.55 -36.72 107.72
CA LEU F 114 -51.67 -38.17 107.78
C LEU F 114 -52.92 -38.65 107.06
N GLY F 115 -54.03 -37.92 107.20
CA GLY F 115 -55.22 -38.25 106.43
C GLY F 115 -54.99 -38.08 104.94
N GLN F 116 -54.22 -37.06 104.56
CA GLN F 116 -53.98 -36.79 103.14
C GLN F 116 -53.17 -37.91 102.50
N ARG F 117 -52.11 -38.37 103.17
CA ARG F 117 -51.20 -39.34 102.57
C ARG F 117 -51.84 -40.70 102.37
N GLN F 118 -52.96 -40.99 103.03
CA GLN F 118 -53.61 -42.28 102.85
C GLN F 118 -54.07 -42.48 101.41
N SER F 119 -54.61 -41.42 100.80
CA SER F 119 -55.03 -41.51 99.41
C SER F 119 -53.88 -41.93 98.51
N TYR F 120 -52.70 -41.33 98.71
CA TYR F 120 -51.54 -41.72 97.92
C TYR F 120 -51.16 -43.17 98.17
N GLN F 121 -51.22 -43.60 99.43
CA GLN F 121 -50.85 -44.98 99.75
C GLN F 121 -51.74 -45.97 99.00
N SER F 122 -53.00 -45.61 98.77
CA SER F 122 -53.89 -46.51 98.05
C SER F 122 -53.37 -46.81 96.64
N HIS F 123 -52.90 -45.77 95.94
CA HIS F 123 -52.36 -45.98 94.61
C HIS F 123 -51.12 -46.87 94.65
N THR F 124 -50.25 -46.66 95.64
CA THR F 124 -49.04 -47.47 95.74
C THR F 124 -49.38 -48.93 95.91
N GLU F 125 -50.34 -49.25 96.78
CA GLU F 125 -50.74 -50.63 96.98
C GLU F 125 -51.35 -51.21 95.71
N ALA F 126 -52.18 -50.43 95.02
CA ALA F 126 -52.80 -50.92 93.80
C ALA F 126 -51.75 -51.24 92.74
N LEU F 127 -50.75 -50.37 92.58
CA LEU F 127 -49.72 -50.61 91.57
C LEU F 127 -48.83 -51.77 91.97
N GLY F 128 -48.50 -51.90 93.25
CA GLY F 128 -47.65 -53.00 93.68
C GLY F 128 -48.24 -54.36 93.32
N LYS F 129 -49.55 -54.52 93.51
CA LYS F 129 -50.20 -55.76 93.11
C LYS F 129 -50.17 -55.93 91.59
N SER F 130 -50.37 -54.84 90.85
CA SER F 130 -50.42 -54.94 89.40
C SER F 130 -49.09 -55.40 88.82
N LEU F 131 -47.98 -54.87 89.35
CA LEU F 131 -46.66 -55.30 88.86
C LEU F 131 -46.38 -56.74 89.23
N GLY F 132 -46.90 -57.20 90.38
CA GLY F 132 -46.61 -58.56 90.82
C GLY F 132 -47.01 -59.60 89.79
N GLU F 133 -48.19 -59.44 89.18
CA GLU F 133 -48.62 -60.39 88.18
C GLU F 133 -47.86 -60.21 86.87
N GLN F 134 -47.58 -58.95 86.49
CA GLN F 134 -46.82 -58.71 85.27
C GLN F 134 -45.42 -59.28 85.37
N ARG F 135 -44.79 -59.15 86.54
CA ARG F 135 -43.39 -59.57 86.68
C ARG F 135 -43.23 -61.05 86.35
N ALA F 136 -44.10 -61.89 86.88
CA ALA F 136 -44.02 -63.32 86.62
C ALA F 136 -44.62 -63.72 85.28
N LEU F 137 -45.28 -62.78 84.58
CA LEU F 137 -45.88 -63.12 83.30
C LEU F 137 -44.89 -63.03 82.16
N VAL F 138 -44.14 -61.92 82.08
CA VAL F 138 -43.17 -61.74 81.01
C VAL F 138 -42.08 -62.81 81.10
N GLU F 139 -41.62 -63.10 82.32
CA GLU F 139 -40.57 -64.10 82.50
C GLU F 139 -40.95 -65.41 81.83
N GLN F 140 -42.24 -65.77 81.89
CA GLN F 140 -42.70 -66.95 81.16
C GLN F 140 -42.61 -66.74 79.66
N VAL F 141 -42.90 -65.52 79.19
CA VAL F 141 -42.83 -65.24 77.75
C VAL F 141 -41.41 -65.41 77.25
N ARG F 142 -40.44 -64.87 78.00
CA ARG F 142 -39.05 -64.97 77.56
C ARG F 142 -38.64 -66.42 77.36
N GLY F 143 -39.13 -67.33 78.20
CA GLY F 143 -38.79 -68.73 78.04
C GLY F 143 -39.26 -69.29 76.70
N GLN F 144 -40.48 -68.93 76.29
CA GLN F 144 -40.98 -69.40 75.00
C GLN F 144 -40.12 -68.89 73.86
N LEU F 145 -39.76 -67.61 73.88
CA LEU F 145 -38.94 -67.05 72.81
C LEU F 145 -37.58 -67.73 72.76
N GLN F 146 -36.93 -67.89 73.91
CA GLN F 146 -35.61 -68.50 73.93
C GLN F 146 -35.66 -69.94 73.44
N LYS F 147 -36.65 -70.70 73.89
CA LYS F 147 -36.78 -72.08 73.45
C LYS F 147 -37.04 -72.14 71.95
N LEU F 148 -37.89 -71.25 71.45
CA LEU F 148 -38.19 -71.24 70.02
C LEU F 148 -36.94 -70.97 69.19
N GLU F 149 -36.12 -70.01 69.62
CA GLU F 149 -34.90 -69.71 68.88
C GLU F 149 -33.97 -70.92 68.85
N ARG F 150 -33.82 -71.61 69.98
CA ARG F 150 -33.01 -72.81 70.01
C ARG F 150 -33.58 -73.88 69.08
N LYS F 151 -34.90 -74.03 69.08
CA LYS F 151 -35.53 -75.01 68.20
C LYS F 151 -35.42 -74.59 66.73
N TYR F 152 -35.36 -73.28 66.47
CA TYR F 152 -35.31 -72.81 65.09
C TYR F 152 -34.07 -73.32 64.37
N LEU F 153 -32.91 -73.24 65.03
CA LEU F 153 -31.66 -73.60 64.37
C LEU F 153 -31.62 -75.08 64.00
N GLU F 154 -32.15 -75.94 64.87
CA GLU F 154 -32.06 -77.38 64.63
C GLU F 154 -32.76 -77.77 63.33
N LEU F 155 -33.69 -76.95 62.85
CA LEU F 155 -34.32 -77.22 61.57
C LEU F 155 -33.44 -76.78 60.40
N LYS F 156 -32.95 -75.55 60.46
CA LYS F 156 -32.15 -75.01 59.36
C LYS F 156 -30.87 -75.81 59.17
N SER F 157 -30.26 -76.26 60.27
CA SER F 157 -29.03 -77.03 60.17
C SER F 157 -29.22 -78.32 59.40
N GLN F 158 -30.45 -78.79 59.25
CA GLN F 158 -30.74 -80.02 58.51
C GLN F 158 -31.29 -79.77 57.12
N LYS F 159 -31.89 -78.59 56.86
CA LYS F 159 -32.54 -78.38 55.58
C LYS F 159 -31.54 -78.48 54.44
N ASN F 160 -30.36 -77.88 54.60
CA ASN F 160 -29.34 -77.97 53.56
C ASN F 160 -28.93 -79.41 53.31
N LEU F 161 -28.88 -80.22 54.37
CA LEU F 161 -28.50 -81.62 54.21
C LEU F 161 -29.50 -82.38 53.36
N TYR F 162 -30.80 -82.16 53.59
CA TYR F 162 -31.81 -82.87 52.81
C TYR F 162 -31.75 -82.46 51.34
N LEU F 163 -31.60 -81.17 51.06
CA LEU F 163 -31.56 -80.73 49.67
C LEU F 163 -30.42 -81.39 48.92
N ALA F 164 -29.26 -81.53 49.56
CA ALA F 164 -28.12 -82.17 48.91
C ALA F 164 -28.45 -83.60 48.52
N ARG F 165 -29.08 -84.34 49.43
CA ARG F 165 -29.49 -85.71 49.11
C ARG F 165 -30.49 -85.73 47.97
N LEU F 166 -31.44 -84.80 47.99
CA LEU F 166 -32.44 -84.73 46.92
C LEU F 166 -31.78 -84.44 45.57
N LYS F 167 -30.84 -83.50 45.54
CA LYS F 167 -30.16 -83.19 44.28
C LYS F 167 -29.31 -84.37 43.82
N SER F 168 -28.75 -85.13 44.76
CA SER F 168 -27.92 -86.28 44.39
C SER F 168 -28.76 -87.36 43.70
N ALA F 169 -29.90 -87.70 44.29
CA ALA F 169 -30.70 -88.81 43.75
C ALA F 169 -31.40 -88.41 42.46
N ILE F 170 -31.98 -87.20 42.43
CA ILE F 170 -32.67 -86.75 41.23
C ILE F 170 -31.74 -86.78 40.02
N ALA F 171 -30.51 -86.28 40.20
CA ALA F 171 -29.52 -86.34 39.14
C ALA F 171 -29.21 -87.78 38.76
N ALA F 172 -29.07 -88.65 39.77
CA ALA F 172 -28.74 -90.05 39.51
C ALA F 172 -29.80 -90.70 38.62
N GLN F 173 -31.07 -90.41 38.89
CA GLN F 173 -32.13 -90.92 38.02
C GLN F 173 -31.98 -90.40 36.60
N LYS F 174 -31.64 -89.12 36.46
CA LYS F 174 -31.47 -88.54 35.13
C LYS F 174 -30.34 -89.23 34.37
N ILE F 175 -29.23 -89.51 35.06
CA ILE F 175 -28.09 -90.15 34.42
C ILE F 175 -28.45 -91.55 33.97
N GLU F 176 -29.09 -92.32 34.85
CA GLU F 176 -29.29 -93.74 34.58
C GLU F 176 -30.17 -93.97 33.36
N GLU F 177 -31.25 -93.19 33.22
CA GLU F 177 -32.13 -93.39 32.07
C GLU F 177 -31.40 -93.14 30.76
N ILE F 178 -30.30 -92.38 30.79
CA ILE F 178 -29.50 -92.12 29.60
C ILE F 178 -28.36 -93.12 29.54
N ALA F 179 -28.45 -94.18 30.35
CA ALA F 179 -27.38 -95.17 30.39
C ALA F 179 -27.08 -95.72 29.00
N GLY F 180 -28.08 -95.81 28.14
CA GLY F 180 -27.87 -96.31 26.80
C GLY F 180 -27.30 -97.71 26.80
N ASN F 181 -27.89 -98.58 27.61
CA ASN F 181 -27.38 -99.94 27.74
C ASN F 181 -27.34 -100.62 26.37
N LEU F 182 -26.21 -101.25 26.07
CA LEU F 182 -26.06 -101.91 24.77
C LEU F 182 -26.95 -103.14 24.67
N ASP F 183 -27.28 -103.76 25.81
CA ASP F 183 -28.00 -105.03 25.79
C ASP F 183 -29.48 -104.88 25.46
N ASN F 184 -30.05 -103.67 25.49
CA ASN F 184 -31.49 -103.53 25.30
C ASN F 184 -31.92 -104.06 23.94
N ALA F 185 -31.25 -103.62 22.88
CA ALA F 185 -31.56 -104.08 21.52
C ALA F 185 -33.02 -103.82 21.17
N SER F 186 -33.53 -102.67 21.64
CA SER F 186 -34.93 -102.31 21.42
C SER F 186 -35.13 -100.84 21.10
N ALA F 187 -34.05 -100.07 20.94
CA ALA F 187 -34.05 -98.62 20.70
C ALA F 187 -34.31 -97.85 21.99
N SER F 188 -34.57 -98.53 23.11
CA SER F 188 -34.67 -97.82 24.39
C SER F 188 -33.34 -97.16 24.73
N SER F 189 -32.24 -97.89 24.54
CA SER F 189 -30.92 -97.29 24.60
C SER F 189 -30.61 -96.61 23.28
N LEU F 190 -30.31 -95.32 23.32
CA LEU F 190 -30.07 -94.58 22.09
C LEU F 190 -28.91 -95.15 21.30
N PHE F 191 -27.96 -95.81 21.96
CA PHE F 191 -26.83 -96.41 21.25
C PHE F 191 -27.30 -97.54 20.34
N GLU F 192 -28.09 -98.46 20.88
CA GLU F 192 -28.60 -99.55 20.05
C GLU F 192 -29.52 -99.03 18.95
N ARG F 193 -30.22 -97.93 19.21
CA ARG F 193 -31.00 -97.29 18.14
C ARG F 193 -30.08 -96.84 17.01
N ILE F 194 -28.92 -96.28 17.36
CA ILE F 194 -27.93 -95.93 16.35
C ILE F 194 -27.46 -97.16 15.61
N GLU F 195 -27.19 -98.25 16.34
CA GLU F 195 -26.70 -99.47 15.71
C GLU F 195 -27.70 -99.98 14.69
N THR F 196 -28.99 -99.94 15.03
CA THR F 196 -30.01 -100.31 14.05
C THR F 196 -29.96 -99.41 12.83
N LYS F 197 -29.73 -98.12 13.04
CA LYS F 197 -29.63 -97.19 11.92
C LYS F 197 -28.47 -97.56 11.01
N ILE F 198 -27.32 -97.94 11.58
CA ILE F 198 -26.15 -98.26 10.79
C ILE F 198 -26.45 -99.42 9.84
N LEU F 199 -27.01 -100.50 10.38
CA LEU F 199 -27.28 -101.68 9.56
C LEU F 199 -28.33 -101.39 8.50
N GLU F 200 -29.24 -100.46 8.76
CA GLU F 200 -30.26 -100.12 7.77
C GLU F 200 -29.62 -99.63 6.48
N LEU F 201 -28.66 -98.71 6.60
CA LEU F 201 -28.02 -98.15 5.40
C LEU F 201 -27.19 -99.20 4.69
N GLU F 202 -26.36 -99.93 5.43
CA GLU F 202 -25.51 -100.95 4.81
C GLU F 202 -26.34 -101.97 4.06
N ALA F 203 -27.55 -102.26 4.53
CA ALA F 203 -28.41 -103.21 3.86
C ALA F 203 -28.82 -102.71 2.47
N GLU F 204 -29.14 -101.42 2.37
CA GLU F 204 -29.59 -100.88 1.10
C GLU F 204 -28.49 -100.97 0.04
N ARG F 205 -27.26 -100.64 0.41
CA ARG F 205 -26.17 -100.60 -0.57
C ARG F 205 -25.92 -101.98 -1.17
N GLU F 206 -25.84 -103.00 -0.33
CA GLU F 206 -25.53 -104.34 -0.82
C GLU F 206 -26.61 -104.83 -1.78
N LEU F 207 -27.88 -104.60 -1.44
CA LEU F 207 -28.96 -105.04 -2.32
C LEU F 207 -28.94 -104.29 -3.64
N LEU F 208 -28.74 -102.98 -3.60
CA LEU F 208 -28.77 -102.20 -4.83
C LEU F 208 -27.55 -102.49 -5.70
N ASN F 209 -26.48 -103.01 -5.11
CA ASN F 209 -25.27 -103.40 -5.83
C ASN F 209 -24.99 -104.85 -5.46
N PRO F 210 -25.63 -105.81 -6.14
CA PRO F 210 -25.47 -107.21 -5.78
C PRO F 210 -24.00 -107.59 -5.70
N PRO F 211 -23.51 -107.96 -4.51
CA PRO F 211 -22.11 -108.35 -4.40
C PRO F 211 -21.86 -109.69 -5.08
N PRO F 212 -20.59 -110.02 -5.36
CA PRO F 212 -20.32 -111.26 -6.09
C PRO F 212 -20.85 -112.48 -5.36
N SER F 213 -21.33 -113.45 -6.13
CA SER F 213 -21.80 -114.70 -5.55
C SER F 213 -20.61 -115.49 -5.01
N PRO F 214 -20.84 -116.35 -4.01
CA PRO F 214 -19.72 -117.17 -3.50
C PRO F 214 -19.08 -118.03 -4.57
N LEU F 215 -19.86 -118.51 -5.54
CA LEU F 215 -19.29 -119.28 -6.64
C LEU F 215 -18.31 -118.43 -7.43
N ASP F 216 -18.67 -117.18 -7.71
CA ASP F 216 -17.75 -116.28 -8.40
C ASP F 216 -16.49 -116.06 -7.57
N LYS F 217 -16.65 -115.89 -6.25
CA LYS F 217 -15.49 -115.78 -5.37
C LYS F 217 -14.62 -117.02 -5.46
N LYS F 218 -15.24 -118.20 -5.47
CA LYS F 218 -14.48 -119.43 -5.57
C LYS F 218 -13.61 -119.44 -6.83
N PHE F 219 -14.19 -119.06 -7.97
CA PHE F 219 -13.44 -119.06 -9.21
C PHE F 219 -12.26 -118.10 -9.16
N GLU F 220 -12.46 -116.90 -8.60
CA GLU F 220 -11.42 -115.88 -8.63
C GLU F 220 -10.17 -116.37 -7.91
N GLN F 221 -10.31 -116.82 -6.66
CA GLN F 221 -9.17 -117.37 -5.95
C GLN F 221 -8.71 -118.67 -6.58
N TRP F 222 -9.65 -119.50 -7.01
CA TRP F 222 -9.30 -120.77 -7.67
C TRP F 222 -8.40 -120.53 -8.88
N GLU F 223 -8.55 -119.38 -9.54
CA GLU F 223 -7.71 -119.07 -10.69
C GLU F 223 -6.32 -118.63 -10.29
N GLU F 224 -6.20 -117.85 -9.20
CA GLU F 224 -4.93 -117.25 -8.86
C GLU F 224 -3.88 -118.28 -8.48
N GLN F 225 -4.29 -119.40 -7.88
CA GLN F 225 -3.31 -120.38 -7.42
C GLN F 225 -2.48 -120.91 -8.57
N GLN F 226 -3.12 -121.23 -9.69
CA GLN F 226 -2.36 -121.68 -10.86
C GLN F 226 -1.48 -120.56 -11.40
N ALA F 227 -1.99 -119.33 -11.43
CA ALA F 227 -1.21 -118.22 -11.96
C ALA F 227 0.09 -118.04 -11.18
N VAL F 228 -0.01 -118.04 -9.84
CA VAL F 228 1.19 -117.90 -9.02
C VAL F 228 2.04 -119.17 -9.10
N GLU F 229 1.40 -120.33 -9.07
CA GLU F 229 2.14 -121.59 -9.15
C GLU F 229 2.76 -121.77 -10.53
N ALA F 230 2.01 -121.44 -11.59
CA ALA F 230 2.57 -121.53 -12.93
C ALA F 230 3.73 -120.56 -13.10
N THR F 231 3.58 -119.34 -12.61
CA THR F 231 4.70 -118.40 -12.60
C THR F 231 5.83 -118.91 -11.71
N LEU F 232 5.48 -119.44 -10.54
CA LEU F 232 6.50 -120.04 -9.69
C LEU F 232 7.08 -121.31 -10.29
N ALA F 233 6.25 -122.11 -10.97
CA ALA F 233 6.74 -123.28 -11.67
C ALA F 233 7.74 -122.88 -12.75
N ALA F 234 7.41 -121.83 -13.51
CA ALA F 234 8.34 -121.29 -14.48
C ALA F 234 9.47 -120.51 -13.82
N MET F 235 9.27 -120.02 -12.60
CA MET F 235 10.34 -119.31 -11.90
C MET F 235 11.56 -120.21 -11.75
N LYS F 236 11.36 -121.42 -11.22
CA LYS F 236 12.46 -122.37 -11.13
C LYS F 236 12.98 -122.75 -12.51
N ALA F 237 12.06 -122.97 -13.45
CA ALA F 237 12.47 -123.39 -14.79
C ALA F 237 13.17 -122.26 -15.53
N ARG F 238 12.60 -121.05 -15.51
CA ARG F 238 13.21 -119.92 -16.21
C ARG F 238 14.59 -119.61 -15.63
N ARG F 239 14.71 -119.61 -14.31
CA ARG F 239 16.03 -119.44 -13.69
C ARG F 239 16.89 -120.67 -13.90
N SER F 240 16.29 -121.85 -13.90
CA SER F 240 17.03 -123.10 -14.09
C SER F 240 16.12 -124.19 -14.65
N GLN G 45 -102.32 7.82 17.21
CA GLN G 45 -102.14 9.30 17.18
C GLN G 45 -100.83 9.70 17.87
N GLU G 46 -100.29 10.85 17.49
CA GLU G 46 -99.05 11.37 18.04
C GLU G 46 -99.35 12.63 18.86
N ALA G 47 -98.30 13.22 19.41
CA ALA G 47 -98.46 14.46 20.14
C ALA G 47 -98.96 15.56 19.21
N PRO G 48 -99.94 16.36 19.63
CA PRO G 48 -100.48 17.37 18.71
C PRO G 48 -99.43 18.36 18.22
N GLU G 49 -98.47 18.72 19.08
CA GLU G 49 -97.45 19.67 18.69
C GLU G 49 -96.57 19.11 17.56
N ASP G 50 -96.23 17.82 17.64
CA ASP G 50 -95.34 17.24 16.64
C ASP G 50 -95.97 17.30 15.25
N LEU G 51 -97.28 17.04 15.16
CA LEU G 51 -97.95 17.08 13.87
C LEU G 51 -97.83 18.47 13.23
N LEU G 52 -97.92 19.52 14.04
CA LEU G 52 -97.96 20.87 13.50
C LEU G 52 -96.72 21.17 12.66
N GLU G 53 -95.54 20.82 13.18
CA GLU G 53 -94.31 21.03 12.42
C GLU G 53 -94.32 20.21 11.13
N ARG G 54 -94.69 18.94 11.23
CA ARG G 54 -94.69 18.08 10.06
C ARG G 54 -95.73 18.53 9.03
N LEU G 55 -96.92 18.94 9.50
CA LEU G 55 -97.98 19.31 8.58
C LEU G 55 -97.58 20.53 7.73
N LEU G 56 -97.00 21.56 8.36
CA LEU G 56 -96.63 22.74 7.60
C LEU G 56 -95.52 22.44 6.59
N GLY G 57 -94.56 21.59 6.98
CA GLY G 57 -93.52 21.21 6.03
C GLY G 57 -94.09 20.62 4.76
N GLU G 58 -95.10 19.77 4.90
CA GLU G 58 -95.79 19.24 3.72
C GLU G 58 -96.51 20.36 2.98
N MET G 59 -97.13 21.29 3.71
CA MET G 59 -97.86 22.38 3.08
C MET G 59 -96.93 23.25 2.25
N GLU G 60 -95.77 23.62 2.81
CA GLU G 60 -94.83 24.47 2.08
C GLU G 60 -94.32 23.75 0.83
N LEU G 61 -94.03 22.46 0.95
CA LEU G 61 -93.54 21.71 -0.21
C LEU G 61 -94.58 21.71 -1.33
N GLU G 62 -95.85 21.55 -0.98
CA GLU G 62 -96.90 21.50 -1.99
C GLU G 62 -97.03 22.82 -2.73
N LEU G 63 -96.88 23.94 -2.02
CA LEU G 63 -97.17 25.24 -2.61
C LEU G 63 -96.26 25.53 -3.80
N ILE G 64 -94.97 25.24 -3.66
CA ILE G 64 -94.04 25.51 -4.75
C ILE G 64 -94.37 24.66 -5.96
N GLU G 65 -94.83 23.42 -5.72
CA GLU G 65 -95.24 22.57 -6.82
C GLU G 65 -96.38 23.22 -7.59
N LEU G 66 -97.33 23.82 -6.88
CA LEU G 66 -98.37 24.60 -7.54
C LEU G 66 -97.76 25.76 -8.31
N ARG G 67 -96.80 26.46 -7.71
CA ARG G 67 -96.17 27.59 -8.39
C ARG G 67 -95.49 27.13 -9.68
N ARG G 68 -94.78 26.00 -9.63
CA ARG G 68 -94.10 25.52 -10.82
C ARG G 68 -95.11 25.14 -11.90
N ALA G 69 -96.20 24.46 -11.53
CA ALA G 69 -97.15 23.99 -12.52
C ALA G 69 -97.81 25.17 -13.25
N LEU G 70 -98.20 26.20 -12.50
CA LEU G 70 -98.87 27.33 -13.13
C LEU G 70 -98.03 27.96 -14.23
N ALA G 71 -96.70 27.95 -14.06
CA ALA G 71 -95.83 28.51 -15.09
C ALA G 71 -95.98 27.78 -16.41
N GLN G 72 -96.08 26.44 -16.36
CA GLN G 72 -96.22 25.68 -17.60
C GLN G 72 -97.48 26.05 -18.34
N THR G 73 -98.56 26.37 -17.61
CA THR G 73 -99.77 26.84 -18.25
C THR G 73 -99.52 28.12 -19.04
N ILE G 74 -98.75 29.05 -18.46
CA ILE G 74 -98.47 30.31 -19.13
C ILE G 74 -97.70 30.06 -20.42
N ALA G 75 -96.81 29.08 -20.43
CA ALA G 75 -96.01 28.81 -21.63
C ALA G 75 -96.90 28.50 -22.81
N THR G 76 -97.86 27.58 -22.63
CA THR G 76 -98.77 27.23 -23.73
C THR G 76 -99.63 28.42 -24.12
N PHE G 77 -100.12 29.16 -23.13
CA PHE G 77 -100.93 30.35 -23.43
C PHE G 77 -100.15 31.34 -24.29
N LYS G 78 -98.88 31.54 -23.99
CA LYS G 78 -98.05 32.40 -24.82
C LYS G 78 -97.68 31.72 -26.13
N SER G 79 -97.36 30.41 -26.07
CA SER G 79 -96.89 29.71 -27.25
C SER G 79 -97.93 29.71 -28.35
N THR G 80 -99.17 29.36 -28.02
CA THR G 80 -100.23 29.34 -29.03
C THR G 80 -100.47 30.73 -29.59
N GLU G 81 -100.44 31.75 -28.73
CA GLU G 81 -100.65 33.12 -29.19
C GLU G 81 -99.60 33.51 -30.22
N ARG G 82 -98.34 33.17 -29.96
CA ARG G 82 -97.29 33.37 -30.96
C ARG G 82 -97.57 32.53 -32.20
N GLN G 83 -98.02 31.30 -32.01
CA GLN G 83 -98.38 30.45 -33.14
C GLN G 83 -99.52 31.06 -33.94
N ARG G 84 -100.50 31.65 -33.26
CA ARG G 84 -101.64 32.25 -33.95
C ARG G 84 -101.21 33.35 -34.89
N ASP G 85 -100.29 34.22 -34.43
CA ASP G 85 -99.86 35.33 -35.28
C ASP G 85 -99.21 34.85 -36.57
N ALA G 86 -98.57 33.68 -36.54
CA ALA G 86 -97.88 33.19 -37.73
C ALA G 86 -98.87 32.92 -38.85
N GLN G 87 -100.01 32.30 -38.54
CA GLN G 87 -100.96 31.92 -39.58
C GLN G 87 -101.51 33.14 -40.31
N GLN G 88 -101.97 34.14 -39.55
CA GLN G 88 -102.53 35.33 -40.19
C GLN G 88 -101.49 36.02 -41.05
N LEU G 89 -100.21 35.97 -40.65
CA LEU G 89 -99.16 36.55 -41.48
C LEU G 89 -99.10 35.86 -42.83
N ILE G 90 -99.23 34.53 -42.85
CA ILE G 90 -99.26 33.80 -44.11
C ILE G 90 -100.44 34.23 -44.95
N ALA G 91 -101.61 34.36 -44.33
CA ALA G 91 -102.80 34.81 -45.07
C ALA G 91 -102.57 36.20 -45.65
N GLN G 92 -101.89 37.06 -44.89
CA GLN G 92 -101.58 38.40 -45.40
C GLN G 92 -100.73 38.31 -46.66
N ARG G 93 -99.77 37.38 -46.70
CA ARG G 93 -98.93 37.23 -47.89
C ARG G 93 -99.77 36.92 -49.11
N TRP G 94 -100.71 35.98 -49.00
CA TRP G 94 -101.59 35.69 -50.12
C TRP G 94 -102.44 36.90 -50.48
N TYR G 95 -102.97 37.59 -49.48
CA TYR G 95 -103.77 38.79 -49.76
C TYR G 95 -102.91 39.85 -50.43
N GLU G 96 -101.68 40.06 -49.93
CA GLU G 96 -100.77 41.00 -50.57
C GLU G 96 -100.44 40.56 -51.98
N LYS G 97 -100.19 39.26 -52.16
CA LYS G 97 -99.94 38.74 -53.50
C LYS G 97 -101.15 38.93 -54.39
N ALA G 98 -102.35 38.66 -53.86
CA ALA G 98 -103.57 38.85 -54.63
C ALA G 98 -103.79 40.30 -55.01
N GLN G 99 -103.17 41.25 -54.29
CA GLN G 99 -103.36 42.65 -54.61
C GLN G 99 -102.87 42.96 -56.02
N ALA G 100 -101.69 42.44 -56.38
CA ALA G 100 -101.14 42.62 -57.71
C ALA G 100 -101.39 41.41 -58.61
N ALA G 101 -102.14 40.41 -58.13
CA ALA G 101 -102.41 39.24 -58.95
C ALA G 101 -103.13 39.62 -60.23
N LEU G 102 -104.18 40.42 -60.11
CA LEU G 102 -104.94 40.91 -61.25
C LEU G 102 -104.50 42.29 -61.71
N ASP G 103 -103.41 42.81 -61.15
CA ASP G 103 -102.90 44.10 -61.63
C ASP G 103 -102.63 44.07 -63.12
N ARG G 104 -102.24 42.92 -63.65
CA ARG G 104 -102.11 42.73 -65.09
C ARG G 104 -103.45 42.48 -65.76
N GLY G 105 -104.55 42.62 -65.04
CA GLY G 105 -105.85 42.21 -65.53
C GLY G 105 -106.16 40.74 -65.32
N ASN G 106 -105.30 40.01 -64.61
CA ASN G 106 -105.49 38.56 -64.39
C ASN G 106 -106.41 38.36 -63.18
N GLU G 107 -107.69 38.60 -63.42
CA GLU G 107 -108.68 38.43 -62.37
C GLU G 107 -108.83 36.97 -61.96
N GLN G 108 -108.69 36.05 -62.91
CA GLN G 108 -108.90 34.63 -62.61
C GLN G 108 -107.92 34.14 -61.54
N LEU G 109 -106.65 34.54 -61.65
CA LEU G 109 -105.65 34.07 -60.69
C LEU G 109 -105.98 34.55 -59.28
N ALA G 110 -106.41 35.81 -59.14
CA ALA G 110 -106.73 36.33 -57.82
C ALA G 110 -107.86 35.55 -57.16
N ARG G 111 -108.71 34.91 -57.95
CA ARG G 111 -109.81 34.12 -57.39
C ARG G 111 -109.27 33.01 -56.49
N GLU G 112 -108.24 32.31 -56.94
CA GLU G 112 -107.68 31.21 -56.16
C GLU G 112 -107.10 31.71 -54.85
N ALA G 113 -106.39 32.84 -54.88
CA ALA G 113 -105.74 33.33 -53.67
C ALA G 113 -106.75 33.64 -52.58
N LEU G 114 -107.78 34.43 -52.91
CA LEU G 114 -108.80 34.76 -51.91
C LEU G 114 -109.53 33.52 -51.41
N GLY G 115 -109.82 32.58 -52.31
CA GLY G 115 -110.38 31.32 -51.87
C GLY G 115 -109.43 30.53 -51.00
N GLN G 116 -108.13 30.59 -51.31
CA GLN G 116 -107.14 29.84 -50.55
C GLN G 116 -107.02 30.37 -49.12
N ARG G 117 -106.97 31.69 -48.95
CA ARG G 117 -106.73 32.27 -47.63
C ARG G 117 -107.88 32.03 -46.66
N GLN G 118 -109.07 31.69 -47.15
CA GLN G 118 -110.19 31.45 -46.25
C GLN G 118 -109.90 30.28 -45.31
N SER G 119 -109.28 29.22 -45.83
CA SER G 119 -108.94 28.08 -44.98
C SER G 119 -108.06 28.52 -43.82
N TYR G 120 -107.05 29.36 -44.10
CA TYR G 120 -106.20 29.86 -43.02
C TYR G 120 -106.99 30.69 -42.02
N GLN G 121 -107.90 31.53 -42.52
CA GLN G 121 -108.70 32.36 -41.63
C GLN G 121 -109.50 31.52 -40.65
N SER G 122 -109.93 30.34 -41.08
CA SER G 122 -110.70 29.48 -40.17
C SER G 122 -109.89 29.11 -38.95
N HIS G 123 -108.61 28.74 -39.14
CA HIS G 123 -107.77 28.40 -38.00
C HIS G 123 -107.58 29.59 -37.07
N THR G 124 -107.39 30.78 -37.64
CA THR G 124 -107.20 31.97 -36.82
C THR G 124 -108.42 32.22 -35.93
N GLU G 125 -109.61 32.12 -36.49
CA GLU G 125 -110.82 32.32 -35.71
C GLU G 125 -110.95 31.26 -34.62
N ALA G 126 -110.64 30.01 -34.96
CA ALA G 126 -110.74 28.93 -33.98
C ALA G 126 -109.79 29.16 -32.82
N LEU G 127 -108.55 29.56 -33.11
CA LEU G 127 -107.60 29.79 -32.04
C LEU G 127 -107.96 31.02 -31.21
N GLY G 128 -108.45 32.07 -31.86
CA GLY G 128 -108.82 33.27 -31.10
C GLY G 128 -109.84 32.99 -30.03
N LYS G 129 -110.84 32.17 -30.36
CA LYS G 129 -111.83 31.77 -29.36
C LYS G 129 -111.20 30.92 -28.26
N SER G 130 -110.29 30.02 -28.64
CA SER G 130 -109.68 29.13 -27.66
C SER G 130 -108.87 29.91 -26.62
N LEU G 131 -108.11 30.91 -27.06
CA LEU G 131 -107.33 31.71 -26.13
C LEU G 131 -108.24 32.54 -25.23
N GLY G 132 -109.39 32.97 -25.75
CA GLY G 132 -110.26 33.83 -24.98
C GLY G 132 -110.67 33.20 -23.65
N GLU G 133 -111.00 31.90 -23.67
CA GLU G 133 -111.39 31.23 -22.45
C GLU G 133 -110.17 30.96 -21.56
N GLN G 134 -109.04 30.60 -22.17
CA GLN G 134 -107.83 30.35 -21.39
C GLN G 134 -107.36 31.61 -20.69
N ARG G 135 -107.46 32.75 -21.37
CA ARG G 135 -106.93 34.00 -20.81
C ARG G 135 -107.58 34.33 -19.47
N ALA G 136 -108.91 34.22 -19.41
CA ALA G 136 -109.63 34.52 -18.18
C ALA G 136 -109.61 33.37 -17.19
N LEU G 137 -109.09 32.20 -17.58
CA LEU G 137 -109.06 31.05 -16.68
C LEU G 137 -107.84 31.09 -15.77
N VAL G 138 -106.66 31.30 -16.35
CA VAL G 138 -105.43 31.32 -15.56
C VAL G 138 -105.46 32.49 -14.58
N GLU G 139 -105.95 33.65 -15.02
CA GLU G 139 -106.01 34.81 -14.14
C GLU G 139 -106.75 34.48 -12.85
N GLN G 140 -107.78 33.66 -12.94
CA GLN G 140 -108.46 33.18 -11.73
C GLN G 140 -107.55 32.29 -10.90
N VAL G 141 -106.76 31.45 -11.57
CA VAL G 141 -105.85 30.56 -10.85
C VAL G 141 -104.83 31.36 -10.05
N ARG G 142 -104.25 32.39 -10.68
CA ARG G 142 -103.24 33.19 -10.00
C ARG G 142 -103.79 33.78 -8.70
N GLY G 143 -105.07 34.17 -8.70
CA GLY G 143 -105.66 34.70 -7.48
C GLY G 143 -105.66 33.70 -6.34
N GLN G 144 -105.98 32.44 -6.65
CA GLN G 144 -105.97 31.41 -5.61
C GLN G 144 -104.58 31.22 -5.04
N LEU G 145 -103.56 31.16 -5.90
CA LEU G 145 -102.20 30.96 -5.42
C LEU G 145 -101.76 32.14 -4.55
N GLN G 146 -102.01 33.36 -5.02
CA GLN G 146 -101.58 34.53 -4.25
C GLN G 146 -102.28 34.60 -2.90
N LYS G 147 -103.58 34.33 -2.87
CA LYS G 147 -104.31 34.34 -1.60
C LYS G 147 -103.79 33.25 -0.68
N LEU G 148 -103.52 32.07 -1.22
CA LEU G 148 -103.01 30.97 -0.40
C LEU G 148 -101.69 31.34 0.25
N GLU G 149 -100.78 31.94 -0.53
CA GLU G 149 -99.48 32.33 0.01
C GLU G 149 -99.66 33.33 1.15
N ARG G 150 -100.54 34.31 0.98
CA ARG G 150 -100.79 35.27 2.05
C ARG G 150 -101.37 34.58 3.27
N LYS G 151 -102.28 33.63 3.06
CA LYS G 151 -102.85 32.89 4.17
C LYS G 151 -101.82 31.97 4.82
N TYR G 152 -100.85 31.49 4.05
CA TYR G 152 -99.85 30.57 4.59
C TYR G 152 -99.08 31.20 5.73
N LEU G 153 -98.61 32.44 5.54
CA LEU G 153 -97.75 33.08 6.53
C LEU G 153 -98.48 33.28 7.86
N GLU G 154 -99.75 33.66 7.80
CA GLU G 154 -100.48 33.96 9.03
C GLU G 154 -100.53 32.78 9.97
N LEU G 155 -100.36 31.56 9.45
CA LEU G 155 -100.32 30.38 10.30
C LEU G 155 -98.94 30.21 10.93
N LYS G 156 -97.88 30.27 10.11
CA LYS G 156 -96.54 30.06 10.61
C LYS G 156 -96.16 31.11 11.64
N SER G 157 -96.59 32.37 11.43
CA SER G 157 -96.25 33.43 12.36
C SER G 157 -96.81 33.17 13.75
N GLN G 158 -97.80 32.29 13.88
CA GLN G 158 -98.37 31.97 15.17
C GLN G 158 -97.90 30.64 15.74
N LYS G 159 -97.42 29.72 14.89
CA LYS G 159 -97.07 28.40 15.39
C LYS G 159 -95.97 28.48 16.43
N ASN G 160 -94.95 29.30 16.19
CA ASN G 160 -93.88 29.44 17.16
C ASN G 160 -94.40 30.00 18.48
N LEU G 161 -95.39 30.91 18.42
CA LEU G 161 -95.94 31.48 19.63
C LEU G 161 -96.63 30.41 20.48
N TYR G 162 -97.40 29.52 19.86
CA TYR G 162 -98.09 28.48 20.62
C TYR G 162 -97.11 27.53 21.27
N LEU G 163 -96.06 27.12 20.54
CA LEU G 163 -95.09 26.19 21.10
C LEU G 163 -94.44 26.77 22.36
N ALA G 164 -94.13 28.06 22.33
CA ALA G 164 -93.51 28.69 23.50
C ALA G 164 -94.42 28.59 24.70
N ARG G 165 -95.72 28.88 24.52
CA ARG G 165 -96.66 28.77 25.62
C ARG G 165 -96.74 27.32 26.10
N LEU G 166 -96.75 26.37 25.18
CA LEU G 166 -96.82 24.97 25.56
C LEU G 166 -95.58 24.56 26.37
N LYS G 167 -94.40 24.98 25.93
CA LYS G 167 -93.20 24.65 26.67
C LYS G 167 -93.18 25.31 28.04
N SER G 168 -93.76 26.52 28.13
CA SER G 168 -93.79 27.22 29.41
C SER G 168 -94.64 26.47 30.43
N ALA G 169 -95.85 26.07 30.04
CA ALA G 169 -96.76 25.45 30.99
C ALA G 169 -96.33 24.04 31.34
N ILE G 170 -95.91 23.25 30.34
CA ILE G 170 -95.50 21.88 30.60
C ILE G 170 -94.36 21.87 31.62
N ALA G 171 -93.38 22.75 31.44
CA ALA G 171 -92.30 22.86 32.41
C ALA G 171 -92.82 23.27 33.78
N ALA G 172 -93.76 24.22 33.81
CA ALA G 172 -94.30 24.68 35.08
C ALA G 172 -94.93 23.53 35.85
N GLN G 173 -95.67 22.67 35.16
CA GLN G 173 -96.24 21.49 35.82
C GLN G 173 -95.14 20.59 36.38
N LYS G 174 -94.05 20.41 35.61
CA LYS G 174 -92.96 19.57 36.08
C LYS G 174 -92.31 20.16 37.33
N ILE G 175 -92.14 21.47 37.38
CA ILE G 175 -91.53 22.11 38.53
C ILE G 175 -92.41 21.95 39.77
N GLU G 176 -93.71 22.21 39.61
CA GLU G 176 -94.59 22.29 40.77
C GLU G 176 -94.69 20.96 41.50
N GLU G 177 -94.80 19.86 40.75
CA GLU G 177 -94.91 18.56 41.40
C GLU G 177 -93.68 18.24 42.24
N ILE G 178 -92.55 18.86 41.94
CA ILE G 178 -91.31 18.67 42.69
C ILE G 178 -91.21 19.77 43.74
N ALA G 179 -92.31 20.48 43.98
CA ALA G 179 -92.29 21.57 44.96
C ALA G 179 -91.77 21.10 46.31
N GLY G 180 -92.05 19.85 46.67
CA GLY G 180 -91.58 19.34 47.95
C GLY G 180 -92.11 20.15 49.10
N ASN G 181 -93.40 20.44 49.09
CA ASN G 181 -93.99 21.27 50.13
C ASN G 181 -93.75 20.66 51.50
N LEU G 182 -93.28 21.49 52.43
CA LEU G 182 -92.99 20.99 53.77
C LEU G 182 -94.26 20.60 54.52
N ASP G 183 -95.40 21.22 54.17
CA ASP G 183 -96.63 21.01 54.93
C ASP G 183 -97.29 19.66 54.67
N ASN G 184 -96.89 18.94 53.63
CA ASN G 184 -97.60 17.71 53.28
C ASN G 184 -97.56 16.71 54.43
N ALA G 185 -96.36 16.44 54.95
CA ALA G 185 -96.19 15.51 56.06
C ALA G 185 -96.76 14.13 55.73
N SER G 186 -96.59 13.72 54.48
CA SER G 186 -97.10 12.45 54.00
C SER G 186 -96.16 11.71 53.08
N ALA G 187 -94.93 12.19 52.89
CA ALA G 187 -93.92 11.66 51.97
C ALA G 187 -94.22 12.03 50.53
N SER G 188 -95.34 12.70 50.25
CA SER G 188 -95.56 13.21 48.90
C SER G 188 -94.51 14.23 48.52
N SER G 189 -94.18 15.14 49.45
CA SER G 189 -93.02 16.00 49.30
C SER G 189 -91.78 15.24 49.72
N LEU G 190 -90.81 15.14 48.82
CA LEU G 190 -89.61 14.37 49.12
C LEU G 190 -88.87 14.91 50.33
N PHE G 191 -89.01 16.20 50.63
CA PHE G 191 -88.35 16.77 51.80
C PHE G 191 -88.91 16.18 53.08
N GLU G 192 -90.23 16.16 53.22
CA GLU G 192 -90.83 15.58 54.41
C GLU G 192 -90.54 14.09 54.50
N ARG G 193 -90.40 13.42 53.36
CA ARG G 193 -89.98 12.03 53.39
C ARG G 193 -88.59 11.90 54.00
N ILE G 194 -87.69 12.82 53.65
CA ILE G 194 -86.37 12.85 54.28
C ILE G 194 -86.50 13.10 55.77
N GLU G 195 -87.36 14.04 56.17
CA GLU G 195 -87.52 14.36 57.58
C GLU G 195 -87.97 13.12 58.36
N THR G 196 -88.90 12.36 57.80
CA THR G 196 -89.30 11.11 58.44
C THR G 196 -88.12 10.16 58.56
N LYS G 197 -87.26 10.10 57.53
CA LYS G 197 -86.09 9.25 57.59
C LYS G 197 -85.17 9.66 58.73
N ILE G 198 -84.98 10.96 58.92
CA ILE G 198 -84.07 11.44 59.96
C ILE G 198 -84.53 10.97 61.33
N LEU G 199 -85.81 11.16 61.65
CA LEU G 199 -86.32 10.79 62.96
C LEU G 199 -86.28 9.29 63.17
N GLU G 200 -86.38 8.52 62.09
CA GLU G 200 -86.32 7.06 62.22
C GLU G 200 -85.00 6.62 62.83
N LEU G 201 -83.89 7.16 62.33
CA LEU G 201 -82.59 6.76 62.84
C LEU G 201 -82.38 7.23 64.27
N GLU G 202 -82.67 8.51 64.53
CA GLU G 202 -82.49 9.04 65.87
C GLU G 202 -83.28 8.24 66.90
N ALA G 203 -84.43 7.71 66.50
CA ALA G 203 -85.24 6.91 67.42
C ALA G 203 -84.51 5.63 67.83
N GLU G 204 -83.85 4.97 66.88
CA GLU G 204 -83.18 3.72 67.18
C GLU G 204 -82.05 3.92 68.19
N ARG G 205 -81.26 4.99 68.01
CA ARG G 205 -80.10 5.19 68.87
C ARG G 205 -80.52 5.39 70.33
N GLU G 206 -81.51 6.25 70.56
CA GLU G 206 -81.92 6.54 71.94
C GLU G 206 -82.43 5.29 72.64
N LEU G 207 -83.23 4.47 71.94
CA LEU G 207 -83.76 3.26 72.54
C LEU G 207 -82.64 2.27 72.84
N LEU G 208 -81.72 2.09 71.91
CA LEU G 208 -80.66 1.11 72.11
C LEU G 208 -79.67 1.56 73.17
N ASN G 209 -79.62 2.87 73.45
CA ASN G 209 -78.77 3.44 74.49
C ASN G 209 -79.69 4.27 75.39
N PRO G 210 -80.35 3.64 76.35
CA PRO G 210 -81.30 4.36 77.20
C PRO G 210 -80.66 5.61 77.79
N PRO G 211 -81.16 6.79 77.42
CA PRO G 211 -80.60 8.03 77.99
C PRO G 211 -80.95 8.16 79.46
N PRO G 212 -80.24 9.03 80.19
CA PRO G 212 -80.50 9.13 81.64
C PRO G 212 -81.94 9.51 81.93
N SER G 213 -82.47 8.95 83.01
CA SER G 213 -83.81 9.29 83.45
C SER G 213 -83.83 10.73 83.97
N PRO G 214 -84.99 11.40 83.92
CA PRO G 214 -85.05 12.76 84.46
C PRO G 214 -84.69 12.83 85.93
N LEU G 215 -85.01 11.78 86.70
CA LEU G 215 -84.60 11.76 88.11
C LEU G 215 -83.10 11.78 88.23
N ASP G 216 -82.40 11.00 87.40
CA ASP G 216 -80.93 11.02 87.40
C ASP G 216 -80.42 12.41 87.03
N LYS G 217 -81.05 13.04 86.03
CA LYS G 217 -80.68 14.41 85.68
C LYS G 217 -80.88 15.34 86.85
N LYS G 218 -81.99 15.19 87.58
CA LYS G 218 -82.24 16.05 88.73
C LYS G 218 -81.11 15.92 89.74
N PHE G 219 -80.68 14.70 90.04
CA PHE G 219 -79.62 14.51 91.03
C PHE G 219 -78.32 15.17 90.58
N GLU G 220 -77.97 15.01 89.30
CA GLU G 220 -76.68 15.50 88.83
C GLU G 220 -76.55 17.01 89.03
N GLN G 221 -77.52 17.77 88.54
CA GLN G 221 -77.49 19.21 88.77
C GLN G 221 -77.71 19.53 90.24
N TRP G 222 -78.61 18.79 90.89
CA TRP G 222 -78.86 18.99 92.31
C TRP G 222 -77.58 18.88 93.13
N GLU G 223 -76.64 18.05 92.68
CA GLU G 223 -75.38 17.89 93.39
C GLU G 223 -74.44 19.06 93.15
N GLU G 224 -74.41 19.58 91.93
CA GLU G 224 -73.40 20.58 91.57
C GLU G 224 -73.58 21.88 92.35
N GLN G 225 -74.82 22.24 92.69
CA GLN G 225 -75.06 23.51 93.35
C GLN G 225 -74.32 23.59 94.68
N GLN G 226 -74.37 22.52 95.47
CA GLN G 226 -73.63 22.50 96.73
C GLN G 226 -72.12 22.52 96.48
N ALA G 227 -71.66 21.79 95.46
CA ALA G 227 -70.24 21.75 95.18
C ALA G 227 -69.69 23.13 94.87
N VAL G 228 -70.39 23.87 94.00
CA VAL G 228 -69.95 25.23 93.67
C VAL G 228 -70.18 26.16 94.86
N GLU G 229 -71.32 26.02 95.54
CA GLU G 229 -71.61 26.87 96.69
C GLU G 229 -70.68 26.55 97.85
N ALA G 230 -70.43 25.25 98.10
CA ALA G 230 -69.50 24.88 99.15
C ALA G 230 -68.10 25.39 98.84
N THR G 231 -67.66 25.24 97.59
CA THR G 231 -66.39 25.81 97.18
C THR G 231 -66.43 27.34 97.28
N LEU G 232 -67.54 27.94 96.83
CA LEU G 232 -67.70 29.38 96.97
C LEU G 232 -67.84 29.78 98.44
N ALA G 233 -68.53 28.96 99.24
CA ALA G 233 -68.62 29.25 100.67
C ALA G 233 -67.24 29.21 101.30
N ALA G 234 -66.42 28.24 100.93
CA ALA G 234 -65.04 28.19 101.39
C ALA G 234 -64.17 29.22 100.68
N MET G 235 -64.57 29.67 99.50
CA MET G 235 -63.80 30.70 98.80
C MET G 235 -63.69 31.95 99.65
N LYS G 236 -64.82 32.45 100.17
CA LYS G 236 -64.78 33.60 101.07
C LYS G 236 -64.04 33.25 102.36
N ALA G 237 -64.29 32.05 102.89
CA ALA G 237 -63.65 31.66 104.14
C ALA G 237 -62.16 31.42 103.96
N ARG G 238 -61.77 30.68 102.91
CA ARG G 238 -60.35 30.40 102.70
C ARG G 238 -59.58 31.70 102.43
N ARG G 239 -60.14 32.60 101.63
CA ARG G 239 -59.52 33.90 101.43
C ARG G 239 -59.65 34.76 102.69
N SER G 240 -60.77 34.62 103.40
CA SER G 240 -61.00 35.40 104.61
C SER G 240 -61.98 34.69 105.54
N GLN H 45 -67.96 -70.54 -40.61
CA GLN H 45 -66.92 -70.83 -41.63
C GLN H 45 -66.20 -69.54 -42.04
N GLU H 46 -64.97 -69.69 -42.51
CA GLU H 46 -64.13 -68.58 -42.92
C GLU H 46 -63.92 -68.64 -44.44
N ALA H 47 -63.16 -67.69 -44.95
CA ALA H 47 -62.85 -67.69 -46.37
C ALA H 47 -62.03 -68.94 -46.70
N PRO H 48 -62.34 -69.63 -47.80
CA PRO H 48 -61.59 -70.87 -48.09
C PRO H 48 -60.10 -70.65 -48.25
N GLU H 49 -59.69 -69.52 -48.82
CA GLU H 49 -58.27 -69.25 -49.01
C GLU H 49 -57.55 -69.12 -47.68
N ASP H 50 -58.17 -68.48 -46.70
CA ASP H 50 -57.51 -68.26 -45.42
C ASP H 50 -57.21 -69.58 -44.73
N LEU H 51 -58.12 -70.54 -44.81
CA LEU H 51 -57.89 -71.85 -44.19
C LEU H 51 -56.65 -72.51 -44.76
N LEU H 52 -56.43 -72.37 -46.07
CA LEU H 52 -55.35 -73.10 -46.73
C LEU H 52 -54.01 -72.77 -46.11
N GLU H 53 -53.74 -71.47 -45.88
CA GLU H 53 -52.49 -71.09 -45.26
C GLU H 53 -52.38 -71.64 -43.85
N ARG H 54 -53.45 -71.51 -43.07
CA ARG H 54 -53.43 -71.99 -41.69
C ARG H 54 -53.30 -73.51 -41.63
N LEU H 55 -53.99 -74.22 -42.52
CA LEU H 55 -53.98 -75.68 -42.47
C LEU H 55 -52.57 -76.23 -42.72
N LEU H 56 -51.87 -75.69 -43.72
CA LEU H 56 -50.54 -76.20 -44.02
C LEU H 56 -49.56 -75.89 -42.89
N GLY H 57 -49.69 -74.73 -42.27
CA GLY H 57 -48.82 -74.42 -41.15
C GLY H 57 -48.94 -75.44 -40.03
N GLU H 58 -50.16 -75.89 -39.75
CA GLU H 58 -50.34 -76.97 -38.79
C GLU H 58 -49.74 -78.26 -39.32
N MET H 59 -49.89 -78.53 -40.61
CA MET H 59 -49.36 -79.76 -41.19
C MET H 59 -47.84 -79.81 -41.07
N GLU H 60 -47.17 -78.70 -41.41
CA GLU H 60 -45.71 -78.68 -41.33
C GLU H 60 -45.23 -78.85 -39.89
N LEU H 61 -45.92 -78.21 -38.94
CA LEU H 61 -45.54 -78.34 -37.54
C LEU H 61 -45.64 -79.80 -37.09
N GLU H 62 -46.69 -80.49 -37.52
CA GLU H 62 -46.90 -81.88 -37.10
C GLU H 62 -45.79 -82.78 -37.62
N LEU H 63 -45.35 -82.55 -38.85
CA LEU H 63 -44.43 -83.49 -39.50
C LEU H 63 -43.11 -83.60 -38.73
N ILE H 64 -42.56 -82.47 -38.29
CA ILE H 64 -41.29 -82.50 -37.57
C ILE H 64 -41.45 -83.25 -36.25
N GLU H 65 -42.62 -83.11 -35.62
CA GLU H 65 -42.88 -83.86 -34.39
C GLU H 65 -42.81 -85.36 -34.66
N LEU H 66 -43.37 -85.80 -35.79
CA LEU H 66 -43.20 -87.19 -36.20
C LEU H 66 -41.73 -87.52 -36.41
N ARG H 67 -41.00 -86.62 -37.06
CA ARG H 67 -39.57 -86.87 -37.31
C ARG H 67 -38.82 -87.02 -35.99
N ARG H 68 -39.11 -86.16 -35.02
CA ARG H 68 -38.43 -86.24 -33.73
C ARG H 68 -38.76 -87.54 -33.02
N ALA H 69 -40.04 -87.94 -33.03
CA ALA H 69 -40.45 -89.13 -32.30
C ALA H 69 -39.78 -90.39 -32.85
N LEU H 70 -39.73 -90.52 -34.18
CA LEU H 70 -39.13 -91.70 -34.78
C LEU H 70 -37.69 -91.90 -34.32
N ALA H 71 -36.96 -90.81 -34.09
CA ALA H 71 -35.58 -90.93 -33.64
C ALA H 71 -35.50 -91.65 -32.31
N GLN H 72 -36.40 -91.33 -31.38
CA GLN H 72 -36.38 -91.97 -30.07
C GLN H 72 -36.57 -93.47 -30.19
N THR H 73 -37.39 -93.92 -31.15
CA THR H 73 -37.54 -95.35 -31.39
C THR H 73 -36.21 -95.98 -31.76
N ILE H 74 -35.43 -95.30 -32.62
CA ILE H 74 -34.15 -95.85 -33.04
C ILE H 74 -33.21 -96.00 -31.86
N ALA H 75 -33.26 -95.06 -30.91
CA ALA H 75 -32.38 -95.11 -29.76
C ALA H 75 -32.55 -96.42 -28.99
N THR H 76 -33.79 -96.77 -28.68
CA THR H 76 -34.05 -98.01 -27.95
C THR H 76 -33.65 -99.22 -28.79
N PHE H 77 -33.97 -99.19 -30.08
CA PHE H 77 -33.59 -100.30 -30.96
C PHE H 77 -32.09 -100.51 -30.94
N LYS H 78 -31.31 -99.43 -30.97
CA LYS H 78 -29.86 -99.56 -30.87
C LYS H 78 -29.43 -99.88 -29.44
N SER H 79 -30.07 -99.26 -28.45
CA SER H 79 -29.66 -99.42 -27.06
C SER H 79 -29.77 -100.87 -26.62
N THR H 80 -30.91 -101.51 -26.88
CA THR H 80 -31.09 -102.89 -26.49
C THR H 80 -30.11 -103.80 -27.22
N GLU H 81 -29.87 -103.54 -28.50
CA GLU H 81 -28.91 -104.35 -29.26
C GLU H 81 -27.53 -104.29 -28.63
N ARG H 82 -27.09 -103.10 -28.23
CA ARG H 82 -25.84 -102.97 -27.49
C ARG H 82 -25.94 -103.71 -26.15
N GLN H 83 -27.09 -103.60 -25.48
CA GLN H 83 -27.29 -104.31 -24.23
C GLN H 83 -27.23 -105.82 -24.45
N ARG H 84 -27.79 -106.29 -25.57
CA ARG H 84 -27.80 -107.73 -25.84
C ARG H 84 -26.39 -108.28 -25.95
N ASP H 85 -25.51 -107.55 -26.64
CA ASP H 85 -24.14 -108.04 -26.82
C ASP H 85 -23.42 -108.21 -25.49
N ALA H 86 -23.77 -107.39 -24.49
CA ALA H 86 -23.09 -107.47 -23.20
C ALA H 86 -23.31 -108.82 -22.54
N GLN H 87 -24.55 -109.32 -22.57
CA GLN H 87 -24.88 -110.54 -21.85
C GLN H 87 -24.12 -111.74 -22.43
N GLN H 88 -24.13 -111.89 -23.75
CA GLN H 88 -23.43 -113.01 -24.35
C GLN H 88 -21.94 -112.95 -24.05
N LEU H 89 -21.38 -111.75 -23.97
CA LEU H 89 -19.98 -111.61 -23.60
C LEU H 89 -19.71 -112.20 -22.22
N ILE H 90 -20.63 -111.96 -21.28
CA ILE H 90 -20.49 -112.53 -19.94
C ILE H 90 -20.54 -114.05 -20.02
N ALA H 91 -21.50 -114.59 -20.79
CA ALA H 91 -21.58 -116.03 -20.95
C ALA H 91 -20.30 -116.60 -21.55
N GLN H 92 -19.70 -115.86 -22.49
CA GLN H 92 -18.43 -116.30 -23.06
C GLN H 92 -17.36 -116.41 -21.99
N ARG H 93 -17.34 -115.47 -21.05
CA ARG H 93 -16.34 -115.51 -19.98
C ARG H 93 -16.46 -116.80 -19.18
N TRP H 94 -17.68 -117.18 -18.80
CA TRP H 94 -17.88 -118.44 -18.08
C TRP H 94 -17.46 -119.62 -18.94
N TYR H 95 -17.85 -119.61 -20.22
CA TYR H 95 -17.45 -120.69 -21.12
C TYR H 95 -15.93 -120.75 -21.26
N GLU H 96 -15.30 -119.58 -21.43
CA GLU H 96 -13.84 -119.55 -21.49
C GLU H 96 -13.23 -120.03 -20.18
N LYS H 97 -13.80 -119.60 -19.06
CA LYS H 97 -13.33 -120.08 -17.76
C LYS H 97 -13.54 -121.59 -17.64
N ALA H 98 -14.69 -122.08 -18.07
CA ALA H 98 -14.96 -123.51 -18.02
C ALA H 98 -14.01 -124.30 -18.90
N GLN H 99 -13.38 -123.66 -19.89
CA GLN H 99 -12.47 -124.38 -20.76
C GLN H 99 -11.30 -124.95 -19.98
N ALA H 100 -10.72 -124.15 -19.07
CA ALA H 100 -9.63 -124.59 -18.22
C ALA H 100 -10.10 -125.00 -16.83
N ALA H 101 -11.42 -124.99 -16.59
CA ALA H 101 -11.93 -125.37 -15.28
C ALA H 101 -11.54 -126.79 -14.92
N LEU H 102 -11.74 -127.72 -15.86
CA LEU H 102 -11.36 -129.11 -15.66
C LEU H 102 -9.99 -129.44 -16.28
N ASP H 103 -9.26 -128.43 -16.75
CA ASP H 103 -7.92 -128.68 -17.26
C ASP H 103 -7.05 -129.39 -16.23
N ARG H 104 -7.28 -129.10 -14.95
CA ARG H 104 -6.62 -129.82 -13.87
C ARG H 104 -7.28 -131.17 -13.59
N GLY H 105 -8.24 -131.59 -14.41
CA GLY H 105 -9.06 -132.74 -14.12
C GLY H 105 -10.27 -132.44 -13.27
N ASN H 106 -10.52 -131.17 -12.96
CA ASN H 106 -11.64 -130.78 -12.10
C ASN H 106 -12.92 -130.68 -12.94
N GLU H 107 -13.45 -131.86 -13.28
CA GLU H 107 -14.67 -131.90 -14.07
C GLU H 107 -15.87 -131.37 -13.30
N GLN H 108 -15.90 -131.59 -11.98
CA GLN H 108 -17.06 -131.17 -11.19
C GLN H 108 -17.27 -129.66 -11.27
N LEU H 109 -16.18 -128.89 -11.18
CA LEU H 109 -16.32 -127.44 -11.20
C LEU H 109 -16.90 -126.95 -12.52
N ALA H 110 -16.46 -127.54 -13.64
CA ALA H 110 -16.95 -127.12 -14.93
C ALA H 110 -18.45 -127.35 -15.06
N ARG H 111 -19.00 -128.29 -14.31
CA ARG H 111 -20.44 -128.55 -14.36
C ARG H 111 -21.23 -127.31 -13.99
N GLU H 112 -20.81 -126.61 -12.92
CA GLU H 112 -21.54 -125.43 -12.49
C GLU H 112 -21.49 -124.32 -13.53
N ALA H 113 -20.33 -124.12 -14.17
CA ALA H 113 -20.20 -123.04 -15.13
C ALA H 113 -21.15 -123.22 -16.30
N LEU H 114 -21.15 -124.41 -16.92
CA LEU H 114 -22.04 -124.64 -18.05
C LEU H 114 -23.50 -124.56 -17.64
N GLY H 115 -23.84 -125.06 -16.45
CA GLY H 115 -25.19 -124.86 -15.95
C GLY H 115 -25.51 -123.41 -15.69
N GLN H 116 -24.52 -122.64 -15.22
CA GLN H 116 -24.74 -121.24 -14.90
C GLN H 116 -25.02 -120.43 -16.17
N ARG H 117 -24.26 -120.65 -17.23
CA ARG H 117 -24.37 -119.84 -18.43
C ARG H 117 -25.69 -120.04 -19.16
N GLN H 118 -26.41 -121.13 -18.89
CA GLN H 118 -27.68 -121.36 -19.57
C GLN H 118 -28.68 -120.26 -19.24
N SER H 119 -28.71 -119.81 -17.98
CA SER H 119 -29.62 -118.73 -17.61
C SER H 119 -29.35 -117.48 -18.43
N TYR H 120 -28.08 -117.13 -18.63
CA TYR H 120 -27.76 -115.98 -19.45
C TYR H 120 -28.21 -116.20 -20.90
N GLN H 121 -28.00 -117.41 -21.42
CA GLN H 121 -28.40 -117.68 -22.80
C GLN H 121 -29.89 -117.46 -23.01
N SER H 122 -30.70 -117.72 -21.98
CA SER H 122 -32.14 -117.52 -22.10
C SER H 122 -32.45 -116.06 -22.41
N HIS H 123 -31.81 -115.14 -21.71
CA HIS H 123 -32.04 -113.71 -21.97
C HIS H 123 -31.63 -113.34 -23.38
N THR H 124 -30.49 -113.86 -23.85
CA THR H 124 -30.03 -113.54 -25.20
C THR H 124 -31.04 -113.98 -26.24
N GLU H 125 -31.58 -115.19 -26.10
CA GLU H 125 -32.58 -115.67 -27.05
C GLU H 125 -33.84 -114.81 -26.99
N ALA H 126 -34.26 -114.45 -25.78
CA ALA H 126 -35.48 -113.64 -25.65
C ALA H 126 -35.30 -112.29 -26.31
N LEU H 127 -34.15 -111.65 -26.13
CA LEU H 127 -33.92 -110.35 -26.73
C LEU H 127 -33.77 -110.45 -28.25
N GLY H 128 -33.11 -111.50 -28.73
CA GLY H 128 -32.95 -111.64 -30.17
C GLY H 128 -34.27 -111.68 -30.90
N LYS H 129 -35.25 -112.40 -30.34
CA LYS H 129 -36.59 -112.43 -30.94
C LYS H 129 -37.25 -111.06 -30.85
N SER H 130 -37.07 -110.35 -29.72
CA SER H 130 -37.72 -109.06 -29.55
C SER H 130 -37.23 -108.05 -30.57
N LEU H 131 -35.92 -108.02 -30.83
CA LEU H 131 -35.39 -107.09 -31.82
C LEU H 131 -35.86 -107.45 -33.22
N GLY H 132 -36.05 -108.74 -33.49
CA GLY H 132 -36.44 -109.16 -34.83
C GLY H 132 -37.71 -108.49 -35.31
N GLU H 133 -38.71 -108.40 -34.43
CA GLU H 133 -39.96 -107.75 -34.81
C GLU H 133 -39.80 -106.24 -34.88
N GLN H 134 -39.04 -105.66 -33.94
CA GLN H 134 -38.82 -104.22 -33.96
C GLN H 134 -38.08 -103.78 -35.21
N ARG H 135 -37.10 -104.59 -35.64
CA ARG H 135 -36.26 -104.19 -36.77
C ARG H 135 -37.09 -103.97 -38.03
N ALA H 136 -38.02 -104.88 -38.32
CA ALA H 136 -38.87 -104.76 -39.50
C ALA H 136 -40.05 -103.82 -39.27
N LEU H 137 -40.27 -103.36 -38.04
CA LEU H 137 -41.40 -102.47 -37.77
C LEU H 137 -41.05 -101.03 -38.07
N VAL H 138 -39.91 -100.55 -37.57
CA VAL H 138 -39.52 -99.15 -37.78
C VAL H 138 -39.30 -98.90 -39.27
N GLU H 139 -38.65 -99.84 -39.95
CA GLU H 139 -38.38 -99.68 -41.38
C GLU H 139 -39.67 -99.36 -42.14
N GLN H 140 -40.78 -99.97 -41.74
CA GLN H 140 -42.06 -99.62 -42.33
C GLN H 140 -42.45 -98.19 -41.96
N VAL H 141 -42.17 -97.76 -40.74
CA VAL H 141 -42.52 -96.40 -40.31
C VAL H 141 -41.77 -95.38 -41.16
N ARG H 142 -40.46 -95.61 -41.37
CA ARG H 142 -39.68 -94.67 -42.14
C ARG H 142 -40.26 -94.45 -43.52
N GLY H 143 -40.81 -95.50 -44.13
CA GLY H 143 -41.43 -95.35 -45.44
C GLY H 143 -42.59 -94.39 -45.43
N GLN H 144 -43.44 -94.47 -44.39
CA GLN H 144 -44.57 -93.56 -44.29
C GLN H 144 -44.11 -92.11 -44.18
N LEU H 145 -43.11 -91.87 -43.33
CA LEU H 145 -42.61 -90.50 -43.16
C LEU H 145 -42.03 -89.96 -44.45
N GLN H 146 -41.19 -90.76 -45.12
CA GLN H 146 -40.56 -90.30 -46.35
C GLN H 146 -41.60 -90.02 -47.43
N LYS H 147 -42.59 -90.92 -47.58
CA LYS H 147 -43.63 -90.69 -48.57
C LYS H 147 -44.44 -89.45 -48.23
N LEU H 148 -44.75 -89.25 -46.95
CA LEU H 148 -45.51 -88.07 -46.55
C LEU H 148 -44.77 -86.79 -46.90
N GLU H 149 -43.46 -86.75 -46.63
CA GLU H 149 -42.69 -85.55 -46.94
C GLU H 149 -42.71 -85.26 -48.44
N ARG H 150 -42.55 -86.31 -49.26
CA ARG H 150 -42.62 -86.10 -50.70
C ARG H 150 -44.00 -85.60 -51.11
N LYS H 151 -45.06 -86.15 -50.50
CA LYS H 151 -46.40 -85.70 -50.81
C LYS H 151 -46.65 -84.29 -50.30
N TYR H 152 -45.98 -83.90 -49.22
CA TYR H 152 -46.20 -82.57 -48.64
C TYR H 152 -45.87 -81.47 -49.63
N LEU H 153 -44.73 -81.58 -50.31
CA LEU H 153 -44.27 -80.52 -51.19
C LEU H 153 -45.22 -80.31 -52.36
N GLU H 154 -45.76 -81.39 -52.91
CA GLU H 154 -46.60 -81.28 -54.10
C GLU H 154 -47.83 -80.42 -53.83
N LEU H 155 -48.23 -80.27 -52.58
CA LEU H 155 -49.35 -79.40 -52.24
C LEU H 155 -48.90 -77.94 -52.18
N LYS H 156 -47.81 -77.68 -51.44
CA LYS H 156 -47.35 -76.30 -51.27
C LYS H 156 -46.96 -75.69 -52.60
N SER H 157 -46.34 -76.48 -53.48
CA SER H 157 -45.91 -75.96 -54.78
C SER H 157 -47.08 -75.45 -55.61
N GLN H 158 -48.31 -75.88 -55.29
CA GLN H 158 -49.49 -75.44 -56.02
C GLN H 158 -50.29 -74.37 -55.28
N LYS H 159 -50.16 -74.28 -53.96
CA LYS H 159 -51.01 -73.35 -53.21
C LYS H 159 -50.78 -71.91 -53.67
N ASN H 160 -49.52 -71.53 -53.86
CA ASN H 160 -49.24 -70.17 -54.32
C ASN H 160 -49.84 -69.92 -55.69
N LEU H 161 -49.86 -70.94 -56.55
CA LEU H 161 -50.43 -70.77 -57.89
C LEU H 161 -51.92 -70.48 -57.81
N TYR H 162 -52.65 -71.20 -56.97
CA TYR H 162 -54.09 -70.97 -56.85
C TYR H 162 -54.39 -69.58 -56.33
N LEU H 163 -53.66 -69.14 -55.30
CA LEU H 163 -53.91 -67.80 -54.74
C LEU H 163 -53.74 -66.73 -55.80
N ALA H 164 -52.73 -66.85 -56.65
CA ALA H 164 -52.52 -65.86 -57.69
C ALA H 164 -53.72 -65.78 -58.62
N ARG H 165 -54.25 -66.94 -59.03
CA ARG H 165 -55.44 -66.95 -59.87
C ARG H 165 -56.61 -66.32 -59.15
N LEU H 166 -56.77 -66.63 -57.87
CA LEU H 166 -57.87 -66.06 -57.10
C LEU H 166 -57.75 -64.55 -57.01
N LYS H 167 -56.55 -64.04 -56.75
CA LYS H 167 -56.36 -62.60 -56.67
C LYS H 167 -56.60 -61.94 -58.03
N SER H 168 -56.26 -62.64 -59.11
CA SER H 168 -56.45 -62.07 -60.45
C SER H 168 -57.92 -61.89 -60.76
N ALA H 169 -58.73 -62.92 -60.52
CA ALA H 169 -60.14 -62.87 -60.89
C ALA H 169 -60.92 -61.94 -59.97
N ILE H 170 -60.67 -62.02 -58.66
CA ILE H 170 -61.39 -61.18 -57.71
C ILE H 170 -61.19 -59.71 -58.06
N ALA H 171 -59.95 -59.33 -58.36
CA ALA H 171 -59.68 -57.95 -58.78
C ALA H 171 -60.41 -57.63 -60.08
N ALA H 172 -60.41 -58.57 -61.02
CA ALA H 172 -61.06 -58.33 -62.31
C ALA H 172 -62.54 -58.03 -62.12
N GLN H 173 -63.20 -58.76 -61.22
CA GLN H 173 -64.59 -58.46 -60.91
C GLN H 173 -64.74 -57.05 -60.34
N LYS H 174 -63.82 -56.65 -59.46
CA LYS H 174 -63.89 -55.32 -58.88
C LYS H 174 -63.73 -54.24 -59.94
N ILE H 175 -62.83 -54.45 -60.89
CA ILE H 175 -62.60 -53.46 -61.94
C ILE H 175 -63.84 -53.33 -62.81
N GLU H 176 -64.40 -54.47 -63.24
CA GLU H 176 -65.45 -54.44 -64.25
C GLU H 176 -66.69 -53.71 -63.76
N GLU H 177 -67.09 -53.94 -62.50
CA GLU H 177 -68.28 -53.28 -61.99
C GLU H 177 -68.12 -51.76 -61.98
N ILE H 178 -66.89 -51.28 -61.97
CA ILE H 178 -66.61 -49.84 -62.01
C ILE H 178 -66.37 -49.43 -63.46
N ALA H 179 -66.73 -50.30 -64.40
CA ALA H 179 -66.49 -49.99 -65.80
C ALA H 179 -67.11 -48.66 -66.20
N GLY H 180 -68.23 -48.30 -65.58
CA GLY H 180 -68.88 -47.05 -65.89
C GLY H 180 -69.25 -46.95 -67.36
N ASN H 181 -69.86 -48.02 -67.88
CA ASN H 181 -70.21 -48.06 -69.29
C ASN H 181 -71.09 -46.87 -69.65
N LEU H 182 -70.74 -46.18 -70.74
CA LEU H 182 -71.51 -45.01 -71.15
C LEU H 182 -72.89 -45.41 -71.65
N ASP H 183 -73.04 -46.63 -72.16
CA ASP H 183 -74.29 -47.03 -72.80
C ASP H 183 -75.42 -47.32 -71.82
N ASN H 184 -75.13 -47.46 -70.52
CA ASN H 184 -76.17 -47.86 -69.58
C ASN H 184 -77.31 -46.85 -69.56
N ALA H 185 -76.99 -45.57 -69.40
CA ALA H 185 -78.00 -44.51 -69.39
C ALA H 185 -79.05 -44.77 -68.30
N SER H 186 -78.60 -45.28 -67.16
CA SER H 186 -79.49 -45.62 -66.06
C SER H 186 -78.92 -45.26 -64.69
N ALA H 187 -77.77 -44.59 -64.63
CA ALA H 187 -77.04 -44.24 -63.41
C ALA H 187 -76.31 -45.45 -62.84
N SER H 188 -76.43 -46.64 -63.43
CA SER H 188 -75.62 -47.77 -63.00
C SER H 188 -74.14 -47.48 -63.25
N SER H 189 -73.82 -46.92 -64.42
CA SER H 189 -72.49 -46.39 -64.68
C SER H 189 -72.41 -44.99 -64.08
N LEU H 190 -71.43 -44.79 -63.19
CA LEU H 190 -71.33 -43.51 -62.51
C LEU H 190 -71.11 -42.36 -63.50
N PHE H 191 -70.53 -42.64 -64.67
CA PHE H 191 -70.32 -41.59 -65.66
C PHE H 191 -71.65 -41.07 -66.19
N GLU H 192 -72.55 -41.97 -66.59
CA GLU H 192 -73.85 -41.53 -67.07
C GLU H 192 -74.65 -40.85 -65.96
N ARG H 193 -74.44 -41.26 -64.71
CA ARG H 193 -75.05 -40.55 -63.60
C ARG H 193 -74.57 -39.11 -63.56
N ILE H 194 -73.27 -38.89 -63.79
CA ILE H 194 -72.74 -37.54 -63.88
C ILE H 194 -73.38 -36.80 -65.04
N GLU H 195 -73.51 -37.45 -66.19
CA GLU H 195 -74.10 -36.81 -67.36
C GLU H 195 -75.51 -36.34 -67.07
N THR H 196 -76.30 -37.16 -66.38
CA THR H 196 -77.63 -36.73 -65.97
C THR H 196 -77.55 -35.51 -65.06
N LYS H 197 -76.57 -35.49 -64.16
CA LYS H 197 -76.41 -34.33 -63.28
C LYS H 197 -76.12 -33.06 -64.07
N ILE H 198 -75.28 -33.16 -65.10
CA ILE H 198 -74.92 -31.98 -65.89
C ILE H 198 -76.16 -31.37 -66.52
N LEU H 199 -76.97 -32.19 -67.19
CA LEU H 199 -78.15 -31.67 -67.87
C LEU H 199 -79.16 -31.11 -66.89
N GLU H 200 -79.19 -31.62 -65.66
CA GLU H 200 -80.13 -31.11 -64.67
C GLU H 200 -79.89 -29.63 -64.40
N LEU H 201 -78.62 -29.25 -64.21
CA LEU H 201 -78.30 -27.86 -63.91
C LEU H 201 -78.57 -26.97 -65.12
N GLU H 202 -78.08 -27.37 -66.29
CA GLU H 202 -78.28 -26.57 -67.49
C GLU H 202 -79.76 -26.31 -67.75
N ALA H 203 -80.61 -27.27 -67.40
CA ALA H 203 -82.04 -27.10 -67.60
C ALA H 203 -82.58 -25.96 -66.74
N GLU H 204 -82.13 -25.87 -65.49
CA GLU H 204 -82.65 -24.83 -64.60
C GLU H 204 -82.31 -23.44 -65.10
N ARG H 205 -81.08 -23.24 -65.58
CA ARG H 205 -80.65 -21.91 -65.99
C ARG H 205 -81.48 -21.40 -67.15
N GLU H 206 -81.67 -22.23 -68.18
CA GLU H 206 -82.40 -21.79 -69.36
C GLU H 206 -83.82 -21.40 -69.02
N LEU H 207 -84.49 -22.20 -68.18
CA LEU H 207 -85.86 -21.89 -67.81
C LEU H 207 -85.95 -20.61 -67.00
N LEU H 208 -85.03 -20.43 -66.04
CA LEU H 208 -85.09 -19.25 -65.18
C LEU H 208 -84.71 -18.00 -65.96
N ASN H 209 -83.99 -18.15 -67.07
CA ASN H 209 -83.61 -17.04 -67.94
C ASN H 209 -84.08 -17.39 -69.34
N PRO H 210 -85.34 -17.14 -69.66
CA PRO H 210 -85.89 -17.53 -70.96
C PRO H 210 -84.99 -17.05 -72.10
N PRO H 211 -84.38 -17.96 -72.85
CA PRO H 211 -83.54 -17.53 -73.97
C PRO H 211 -84.38 -16.94 -75.09
N PRO H 212 -83.76 -16.21 -76.01
CA PRO H 212 -84.54 -15.55 -77.06
C PRO H 212 -85.33 -16.55 -77.89
N SER H 213 -86.53 -16.14 -78.29
CA SER H 213 -87.35 -16.97 -79.16
C SER H 213 -86.72 -17.06 -80.55
N PRO H 214 -86.99 -18.14 -81.29
CA PRO H 214 -86.45 -18.23 -82.64
C PRO H 214 -86.89 -17.09 -83.54
N LEU H 215 -88.10 -16.57 -83.35
CA LEU H 215 -88.54 -15.42 -84.12
C LEU H 215 -87.66 -14.20 -83.83
N ASP H 216 -87.31 -13.98 -82.56
CA ASP H 216 -86.39 -12.90 -82.23
C ASP H 216 -85.03 -13.12 -82.88
N LYS H 217 -84.55 -14.36 -82.86
CA LYS H 217 -83.30 -14.68 -83.53
C LYS H 217 -83.41 -14.37 -85.02
N LYS H 218 -84.53 -14.72 -85.64
CA LYS H 218 -84.71 -14.44 -87.06
C LYS H 218 -84.56 -12.95 -87.34
N PHE H 219 -85.21 -12.11 -86.53
CA PHE H 219 -85.14 -10.67 -86.75
C PHE H 219 -83.72 -10.15 -86.62
N GLU H 220 -82.99 -10.62 -85.62
CA GLU H 220 -81.66 -10.08 -85.35
C GLU H 220 -80.74 -10.27 -86.55
N GLN H 221 -80.62 -11.50 -87.04
CA GLN H 221 -79.82 -11.74 -88.24
C GLN H 221 -80.46 -11.10 -89.46
N TRP H 222 -81.79 -11.17 -89.55
CA TRP H 222 -82.49 -10.55 -90.67
C TRP H 222 -82.18 -9.07 -90.78
N GLU H 223 -81.89 -8.41 -89.65
CA GLU H 223 -81.56 -7.00 -89.68
C GLU H 223 -80.12 -6.76 -90.14
N GLU H 224 -79.19 -7.62 -89.75
CA GLU H 224 -77.79 -7.35 -90.01
C GLU H 224 -77.46 -7.37 -91.50
N GLN H 225 -78.16 -8.20 -92.28
CA GLN H 225 -77.82 -8.32 -93.69
C GLN H 225 -77.96 -6.98 -94.41
N GLN H 226 -79.04 -6.25 -94.14
CA GLN H 226 -79.19 -4.93 -94.74
C GLN H 226 -78.13 -3.97 -94.23
N ALA H 227 -77.82 -4.03 -92.94
CA ALA H 227 -76.82 -3.12 -92.37
C ALA H 227 -75.48 -3.29 -93.05
N VAL H 228 -75.02 -4.53 -93.21
CA VAL H 228 -73.75 -4.78 -93.89
C VAL H 228 -73.89 -4.49 -95.38
N GLU H 229 -75.00 -4.90 -95.99
CA GLU H 229 -75.20 -4.63 -97.42
C GLU H 229 -75.38 -3.14 -97.69
N ALA H 230 -76.16 -2.46 -96.83
CA ALA H 230 -76.32 -1.02 -96.99
C ALA H 230 -74.99 -0.31 -96.82
N THR H 231 -74.21 -0.70 -95.81
CA THR H 231 -72.87 -0.15 -95.66
C THR H 231 -72.00 -0.54 -96.84
N LEU H 232 -72.09 -1.80 -97.28
CA LEU H 232 -71.36 -2.23 -98.46
C LEU H 232 -71.89 -1.56 -99.72
N ALA H 233 -73.21 -1.36 -99.80
CA ALA H 233 -73.77 -0.64 -100.94
C ALA H 233 -73.25 0.78 -100.98
N ALA H 234 -73.19 1.44 -99.82
CA ALA H 234 -72.57 2.76 -99.73
C ALA H 234 -71.05 2.70 -99.83
N MET H 235 -70.45 1.55 -99.50
CA MET H 235 -69.00 1.42 -99.63
C MET H 235 -68.55 1.69 -101.06
N LYS H 236 -69.19 1.02 -102.02
CA LYS H 236 -68.88 1.28 -103.42
C LYS H 236 -69.26 2.71 -103.80
N ALA H 237 -70.42 3.17 -103.34
CA ALA H 237 -70.87 4.51 -103.68
C ALA H 237 -70.00 5.58 -103.02
N ARG H 238 -69.72 5.44 -101.72
CA ARG H 238 -68.92 6.45 -101.04
C ARG H 238 -67.51 6.52 -101.62
N ARG H 239 -66.92 5.36 -101.90
CA ARG H 239 -65.62 5.35 -102.59
C ARG H 239 -65.77 5.77 -104.04
N SER H 240 -66.88 5.40 -104.66
CA SER H 240 -67.12 5.76 -106.06
C SER H 240 -68.61 5.79 -106.37
N GLN I 45 63.82 -6.78 -47.61
CA GLN I 45 64.94 -7.17 -48.52
C GLN I 45 65.68 -5.94 -49.04
N GLU I 46 66.95 -6.13 -49.39
CA GLU I 46 67.80 -5.06 -49.89
C GLU I 46 68.11 -5.32 -51.36
N ALA I 47 68.89 -4.43 -51.95
CA ALA I 47 69.31 -4.60 -53.32
C ALA I 47 70.17 -5.87 -53.44
N PRO I 48 69.94 -6.70 -54.46
CA PRO I 48 70.71 -7.96 -54.54
C PRO I 48 72.21 -7.73 -54.62
N GLU I 49 72.65 -6.67 -55.29
CA GLU I 49 74.08 -6.41 -55.42
C GLU I 49 74.70 -6.10 -54.07
N ASP I 50 74.01 -5.34 -53.22
CA ASP I 50 74.57 -4.96 -51.94
C ASP I 50 74.85 -6.18 -51.07
N LEU I 51 73.94 -7.16 -51.09
CA LEU I 51 74.14 -8.36 -50.29
C LEU I 51 75.41 -9.08 -50.69
N LEU I 52 75.72 -9.11 -51.99
CA LEU I 52 76.85 -9.90 -52.47
C LEU I 52 78.15 -9.46 -51.80
N GLU I 53 78.39 -8.15 -51.73
CA GLU I 53 79.59 -7.65 -51.08
C GLU I 53 79.60 -8.03 -49.60
N ARG I 54 78.48 -7.82 -48.92
CA ARG I 54 78.41 -8.12 -47.49
C ARG I 54 78.54 -9.61 -47.23
N LEU I 55 77.92 -10.45 -48.07
CA LEU I 55 77.95 -11.88 -47.83
C LEU I 55 79.37 -12.44 -47.91
N LEU I 56 80.13 -12.02 -48.92
CA LEU I 56 81.49 -12.55 -49.06
C LEU I 56 82.38 -12.08 -47.91
N GLY I 57 82.21 -10.85 -47.46
CA GLY I 57 82.98 -10.37 -46.33
C GLY I 57 82.79 -11.25 -45.10
N GLU I 58 81.56 -11.68 -44.85
CA GLU I 58 81.32 -12.64 -43.78
C GLU I 58 81.97 -13.98 -44.08
N MET I 59 81.91 -14.41 -45.34
CA MET I 59 82.50 -15.69 -45.72
C MET I 59 84.00 -15.70 -45.51
N GLU I 60 84.69 -14.63 -45.92
CA GLU I 60 86.14 -14.58 -45.75
C GLU I 60 86.50 -14.56 -44.27
N LEU I 61 85.75 -13.82 -43.46
CA LEU I 61 86.04 -13.77 -42.04
C LEU I 61 85.91 -15.15 -41.40
N GLU I 62 84.89 -15.91 -41.81
CA GLU I 62 84.68 -17.23 -41.23
C GLU I 62 85.83 -18.18 -41.56
N LEU I 63 86.36 -18.10 -42.78
CA LEU I 63 87.32 -19.09 -43.23
C LEU I 63 88.57 -19.09 -42.37
N ILE I 64 89.09 -17.89 -42.05
CA ILE I 64 90.31 -17.82 -41.23
C ILE I 64 90.05 -18.39 -39.85
N GLU I 65 88.84 -18.20 -39.32
CA GLU I 65 88.50 -18.79 -38.03
C GLU I 65 88.61 -20.31 -38.09
N LEU I 66 88.13 -20.89 -39.19
CA LEU I 66 88.33 -22.33 -39.41
C LEU I 66 89.82 -22.66 -39.47
N ARG I 67 90.60 -21.84 -40.18
CA ARG I 67 92.03 -22.09 -40.29
C ARG I 67 92.70 -22.06 -38.92
N ARG I 68 92.32 -21.08 -38.09
CA ARG I 68 92.92 -20.99 -36.76
C ARG I 68 92.55 -22.20 -35.90
N ALA I 69 91.27 -22.62 -35.97
CA ALA I 69 90.83 -23.71 -35.11
C ALA I 69 91.54 -25.01 -35.45
N LEU I 70 91.69 -25.31 -36.75
CA LEU I 70 92.33 -26.55 -37.15
C LEU I 70 93.73 -26.67 -36.57
N ALA I 71 94.44 -25.54 -36.43
CA ALA I 71 95.79 -25.58 -35.87
C ALA I 71 95.78 -26.13 -34.45
N GLN I 72 94.80 -25.70 -33.64
CA GLN I 72 94.74 -26.18 -32.27
C GLN I 72 94.57 -27.68 -32.20
N THR I 73 93.83 -28.26 -33.15
CA THR I 73 93.71 -29.70 -33.21
C THR I 73 95.07 -30.36 -33.41
N ILE I 74 95.89 -29.79 -34.29
CA ILE I 74 97.21 -30.36 -34.56
C ILE I 74 98.06 -30.34 -33.29
N ALA I 75 97.93 -29.29 -32.48
CA ALA I 75 98.74 -29.18 -31.28
C ALA I 75 98.52 -30.38 -30.36
N THR I 76 97.26 -30.71 -30.09
CA THR I 76 96.96 -31.86 -29.23
C THR I 76 97.43 -33.16 -29.88
N PHE I 77 97.20 -33.30 -31.18
CA PHE I 77 97.65 -34.50 -31.87
C PHE I 77 99.16 -34.69 -31.73
N LYS I 78 99.93 -33.60 -31.84
CA LYS I 78 101.37 -33.69 -31.62
C LYS I 78 101.69 -33.82 -30.14
N SER I 79 100.97 -33.09 -29.29
CA SER I 79 101.30 -33.07 -27.86
C SER I 79 101.16 -34.46 -27.25
N THR I 80 100.04 -35.13 -27.51
CA THR I 80 99.84 -36.47 -26.96
C THR I 80 100.90 -37.44 -27.49
N GLU I 81 101.22 -37.33 -28.77
CA GLU I 81 102.22 -38.22 -29.35
C GLU I 81 103.56 -38.06 -28.64
N ARG I 82 103.97 -36.81 -28.38
CA ARG I 82 105.15 -36.58 -27.57
C ARG I 82 104.97 -37.15 -26.16
N GLN I 83 103.78 -36.96 -25.60
CA GLN I 83 103.49 -37.52 -24.28
C GLN I 83 103.57 -39.04 -24.30
N ARG I 84 103.10 -39.66 -25.38
CA ARG I 84 103.12 -41.12 -25.46
C ARG I 84 104.54 -41.65 -25.40
N ASP I 85 105.47 -41.02 -26.12
CA ASP I 85 106.85 -41.49 -26.14
C ASP I 85 107.46 -41.49 -24.74
N ALA I 86 107.05 -40.55 -23.90
CA ALA I 86 107.64 -40.45 -22.57
C ALA I 86 107.37 -41.71 -21.75
N GLN I 87 106.14 -42.23 -21.80
CA GLN I 87 105.78 -43.36 -20.96
C GLN I 87 106.59 -44.60 -21.32
N GLN I 88 106.66 -44.92 -22.61
CA GLN I 88 107.42 -46.10 -23.01
C GLN I 88 108.89 -45.98 -22.63
N LEU I 89 109.42 -44.76 -22.65
CA LEU I 89 110.80 -44.57 -22.21
C LEU I 89 110.96 -44.96 -20.75
N ILE I 90 109.99 -44.61 -19.91
CA ILE I 90 110.04 -45.01 -18.50
C ILE I 90 109.99 -46.53 -18.39
N ALA I 91 109.11 -47.17 -19.15
CA ALA I 91 109.04 -48.63 -19.14
C ALA I 91 110.36 -49.24 -19.56
N GLN I 92 111.02 -48.63 -20.54
CA GLN I 92 112.33 -49.11 -20.97
C GLN I 92 113.33 -49.07 -19.82
N ARG I 93 113.28 -48.02 -19.01
CA ARG I 93 114.19 -47.91 -17.87
C ARG I 93 114.03 -49.09 -16.93
N TRP I 94 112.79 -49.44 -16.59
CA TRP I 94 112.56 -50.59 -15.73
C TRP I 94 113.03 -51.87 -16.40
N TYR I 95 112.75 -52.03 -17.70
CA TYR I 95 113.21 -53.20 -18.42
C TYR I 95 114.73 -53.25 -18.45
N GLU I 96 115.37 -52.12 -18.72
CA GLU I 96 116.83 -52.06 -18.68
C GLU I 96 117.34 -52.36 -17.29
N LYS I 97 116.69 -51.80 -16.27
CA LYS I 97 117.08 -52.11 -14.89
C LYS I 97 116.88 -53.58 -14.59
N ALA I 98 115.75 -54.15 -15.04
CA ALA I 98 115.49 -55.57 -14.82
C ALA I 98 116.51 -56.45 -15.52
N GLN I 99 117.20 -55.93 -16.54
CA GLN I 99 118.19 -56.74 -17.25
C GLN I 99 119.29 -57.19 -16.32
N ALA I 100 119.80 -56.27 -15.49
CA ALA I 100 120.83 -56.58 -14.51
C ALA I 100 120.26 -56.81 -13.12
N ALA I 101 118.94 -56.79 -12.97
CA ALA I 101 118.33 -57.00 -11.66
C ALA I 101 118.72 -58.37 -11.10
N LEU I 102 118.60 -59.41 -11.92
CA LEU I 102 118.97 -60.76 -11.52
C LEU I 102 120.36 -61.14 -11.99
N ASP I 103 121.13 -60.20 -12.54
CA ASP I 103 122.51 -60.49 -12.92
C ASP I 103 123.30 -61.04 -11.75
N ARG I 104 122.98 -60.60 -10.53
CA ARG I 104 123.56 -61.16 -9.33
C ARG I 104 122.91 -62.47 -8.92
N GLY I 105 122.02 -63.01 -9.75
CA GLY I 105 121.18 -64.12 -9.37
C GLY I 105 119.92 -63.74 -8.64
N ASN I 106 119.62 -62.45 -8.53
CA ASN I 106 118.45 -61.97 -7.79
C ASN I 106 117.23 -61.99 -8.72
N GLU I 107 116.73 -63.21 -8.96
CA GLU I 107 115.56 -63.38 -9.81
C GLU I 107 114.31 -62.77 -9.20
N GLN I 108 114.19 -62.82 -7.87
CA GLN I 108 112.98 -62.33 -7.22
C GLN I 108 112.76 -60.85 -7.50
N LEU I 109 113.83 -60.05 -7.44
CA LEU I 109 113.68 -58.62 -7.66
C LEU I 109 113.19 -58.31 -9.06
N ALA I 110 113.73 -59.02 -10.06
CA ALA I 110 113.31 -58.79 -11.45
C ALA I 110 111.83 -59.05 -11.64
N ARG I 111 111.24 -59.90 -10.80
CA ARG I 111 109.82 -60.18 -10.92
C ARG I 111 108.99 -58.91 -10.77
N GLU I 112 109.33 -58.09 -9.78
CA GLU I 112 108.56 -56.86 -9.54
C GLU I 112 108.67 -55.91 -10.72
N ALA I 113 109.87 -55.77 -11.29
CA ALA I 113 110.06 -54.82 -12.38
C ALA I 113 109.19 -55.16 -13.58
N LEU I 114 109.25 -56.41 -14.05
CA LEU I 114 108.45 -56.81 -15.19
C LEU I 114 106.96 -56.69 -14.90
N GLY I 115 106.54 -57.04 -13.67
CA GLY I 115 105.16 -56.82 -13.30
C GLY I 115 104.81 -55.33 -13.26
N GLN I 116 105.76 -54.51 -12.81
CA GLN I 116 105.51 -53.08 -12.71
C GLN I 116 105.30 -52.44 -14.07
N ARG I 117 106.15 -52.78 -15.04
CA ARG I 117 106.11 -52.12 -16.35
C ARG I 117 104.85 -52.44 -17.14
N GLN I 118 104.11 -53.50 -16.77
CA GLN I 118 102.90 -53.83 -17.50
C GLN I 118 101.87 -52.71 -17.38
N SER I 119 101.75 -52.12 -16.19
CA SER I 119 100.81 -51.01 -16.03
C SER I 119 101.12 -49.88 -17.00
N TYR I 120 102.40 -49.53 -17.14
CA TYR I 120 102.78 -48.49 -18.09
C TYR I 120 102.43 -48.89 -19.51
N GLN I 121 102.67 -50.16 -19.87
CA GLN I 121 102.38 -50.62 -21.22
C GLN I 121 100.90 -50.44 -21.55
N SER I 122 100.04 -50.58 -20.56
CA SER I 122 98.61 -50.42 -20.81
C SER I 122 98.29 -49.02 -21.32
N HIS I 123 98.89 -48.00 -20.70
CA HIS I 123 98.66 -46.63 -21.16
C HIS I 123 99.17 -46.43 -22.58
N THR I 124 100.34 -46.99 -22.89
CA THR I 124 100.90 -46.84 -24.23
C THR I 124 99.96 -47.42 -25.28
N GLU I 125 99.42 -48.61 -25.03
CA GLU I 125 98.49 -49.23 -25.96
C GLU I 125 97.23 -48.39 -26.11
N ALA I 126 96.71 -47.88 -24.99
CA ALA I 126 95.50 -47.08 -25.04
C ALA I 126 95.71 -45.82 -25.86
N LEU I 127 96.84 -45.15 -25.67
CA LEU I 127 97.09 -43.93 -26.43
C LEU I 127 97.36 -44.22 -27.90
N GLY I 128 98.06 -45.31 -28.21
CA GLY I 128 98.31 -45.64 -29.59
C GLY I 128 97.05 -45.80 -30.41
N LYS I 129 96.04 -46.45 -29.83
CA LYS I 129 94.75 -46.57 -30.50
C LYS I 129 94.07 -45.22 -30.64
N SER I 130 94.17 -44.37 -29.61
CA SER I 130 93.50 -43.08 -29.64
C SER I 130 94.06 -42.20 -30.75
N LEU I 131 95.38 -42.18 -30.92
CA LEU I 131 95.96 -41.37 -31.99
C LEU I 131 95.60 -41.92 -33.36
N GLY I 132 95.45 -43.24 -33.47
CA GLY I 132 95.15 -43.82 -34.77
C GLY I 132 93.91 -43.24 -35.41
N GLU I 133 92.85 -43.06 -34.62
CA GLU I 133 91.63 -42.49 -35.17
C GLU I 133 91.77 -40.99 -35.41
N GLN I 134 92.46 -40.29 -34.51
CA GLN I 134 92.67 -38.86 -34.70
C GLN I 134 93.50 -38.58 -35.95
N ARG I 135 94.52 -39.40 -36.20
CA ARG I 135 95.43 -39.14 -37.31
C ARG I 135 94.67 -39.09 -38.64
N ALA I 136 93.78 -40.06 -38.88
CA ALA I 136 93.02 -40.10 -40.11
C ALA I 136 91.82 -39.16 -40.09
N LEU I 137 91.52 -38.54 -38.95
CA LEU I 137 90.36 -37.66 -38.88
C LEU I 137 90.71 -36.25 -39.34
N VAL I 138 91.82 -35.69 -38.81
CA VAL I 138 92.20 -34.34 -39.18
C VAL I 138 92.54 -34.26 -40.67
N GLU I 139 93.23 -35.28 -41.19
CA GLU I 139 93.59 -35.29 -42.60
C GLU I 139 92.38 -35.09 -43.48
N GLN I 140 91.24 -35.66 -43.08
CA GLN I 140 90.00 -35.41 -43.79
C GLN I 140 89.56 -33.95 -43.65
N VAL I 141 89.76 -33.37 -42.46
CA VAL I 141 89.37 -31.98 -42.24
C VAL I 141 90.17 -31.06 -43.16
N ARG I 142 91.49 -31.29 -43.25
CA ARG I 142 92.33 -30.43 -44.08
C ARG I 142 91.83 -30.41 -45.52
N GLY I 143 91.33 -31.54 -46.02
CA GLY I 143 90.81 -31.56 -47.38
C GLY I 143 89.64 -30.63 -47.57
N GLN I 144 88.72 -30.59 -46.59
CA GLN I 144 87.59 -29.69 -46.69
C GLN I 144 88.03 -28.24 -46.72
N LEU I 145 88.97 -27.86 -45.85
CA LEU I 145 89.43 -26.49 -45.82
C LEU I 145 90.11 -26.11 -47.14
N GLN I 146 90.99 -26.97 -47.64
CA GLN I 146 91.71 -26.67 -48.87
C GLN I 146 90.75 -26.55 -50.04
N LYS I 147 89.78 -27.46 -50.15
CA LYS I 147 88.80 -27.38 -51.22
C LYS I 147 87.97 -26.11 -51.11
N LEU I 148 87.57 -25.76 -49.89
CA LEU I 148 86.77 -24.55 -49.69
C LEU I 148 87.52 -23.32 -50.15
N GLU I 149 88.80 -23.22 -49.79
CA GLU I 149 89.59 -22.05 -50.20
C GLU I 149 89.68 -21.96 -51.72
N ARG I 150 89.89 -23.10 -52.39
CA ARG I 150 89.92 -23.09 -53.85
C ARG I 150 88.58 -22.66 -54.42
N LYS I 151 87.48 -23.15 -53.82
CA LYS I 151 86.15 -22.76 -54.28
C LYS I 151 85.86 -21.30 -53.96
N TYR I 152 86.45 -20.76 -52.90
CA TYR I 152 86.19 -19.39 -52.52
C TYR I 152 86.58 -18.40 -53.61
N LEU I 153 87.77 -18.59 -54.19
CA LEU I 153 88.28 -17.63 -55.16
C LEU I 153 87.40 -17.58 -56.41
N GLU I 154 86.92 -18.75 -56.87
CA GLU I 154 86.16 -18.80 -58.11
C GLU I 154 84.91 -17.93 -58.04
N LEU I 155 84.42 -17.64 -56.84
CA LEU I 155 83.28 -16.74 -56.70
C LEU I 155 83.71 -15.29 -56.79
N LYS I 156 84.73 -14.91 -56.03
CA LYS I 156 85.17 -13.52 -55.99
C LYS I 156 85.66 -13.07 -57.37
N SER I 157 86.34 -13.95 -58.09
CA SER I 157 86.85 -13.60 -59.41
C SER I 157 85.74 -13.22 -60.38
N GLN I 158 84.50 -13.62 -60.09
CA GLN I 158 83.37 -13.30 -60.96
C GLN I 158 82.51 -12.16 -60.42
N LYS I 159 82.54 -11.90 -59.12
CA LYS I 159 81.64 -10.90 -58.55
C LYS I 159 81.89 -9.53 -59.17
N ASN I 160 83.16 -9.15 -59.32
CA ASN I 160 83.47 -7.86 -59.94
C ASN I 160 82.96 -7.80 -61.37
N LEU I 161 83.00 -8.92 -62.09
CA LEU I 161 82.53 -8.93 -63.47
C LEU I 161 81.04 -8.65 -63.54
N TYR I 162 80.25 -9.28 -62.65
CA TYR I 162 78.81 -9.06 -62.67
C TYR I 162 78.46 -7.61 -62.34
N LEU I 163 79.12 -7.02 -61.35
CA LEU I 163 78.82 -5.64 -60.97
C LEU I 163 79.04 -4.70 -62.15
N ALA I 164 80.12 -4.92 -62.90
CA ALA I 164 80.40 -4.06 -64.05
C ALA I 164 79.26 -4.12 -65.06
N ARG I 165 78.78 -5.33 -65.35
CA ARG I 165 77.65 -5.47 -66.27
C ARG I 165 76.42 -4.78 -65.72
N LEU I 166 76.17 -4.92 -64.42
CA LEU I 166 75.02 -4.27 -63.80
C LEU I 166 75.12 -2.75 -63.91
N LYS I 167 76.29 -2.20 -63.62
CA LYS I 167 76.46 -0.76 -63.73
C LYS I 167 76.32 -0.29 -65.17
N SER I 168 76.75 -1.11 -66.13
CA SER I 168 76.64 -0.73 -67.53
C SER I 168 75.19 -0.61 -67.96
N ALA I 169 74.38 -1.62 -67.64
CA ALA I 169 73.00 -1.62 -68.12
C ALA I 169 72.15 -0.61 -67.38
N ILE I 170 72.31 -0.52 -66.06
CA ILE I 170 71.52 0.44 -65.28
C ILE I 170 71.73 1.85 -65.80
N ALA I 171 72.99 2.22 -66.06
CA ALA I 171 73.27 3.52 -66.64
C ALA I 171 72.64 3.66 -68.01
N ALA I 172 72.71 2.61 -68.83
CA ALA I 172 72.15 2.67 -70.17
C ALA I 172 70.66 2.98 -70.12
N GLN I 173 69.94 2.37 -69.19
CA GLN I 173 68.52 2.66 -69.02
C GLN I 173 68.33 4.14 -68.65
N LYS I 174 69.18 4.65 -67.76
CA LYS I 174 69.06 6.05 -67.36
C LYS I 174 69.28 6.99 -68.53
N ILE I 175 70.25 6.67 -69.38
CA ILE I 175 70.54 7.53 -70.53
C ILE I 175 69.37 7.51 -71.51
N GLU I 176 68.85 6.33 -71.81
CA GLU I 176 67.88 6.21 -72.89
C GLU I 176 66.60 6.98 -72.58
N GLU I 177 66.12 6.90 -71.34
CA GLU I 177 64.88 7.60 -71.00
C GLU I 177 65.03 9.11 -71.18
N ILE I 178 66.26 9.62 -71.14
CA ILE I 178 66.53 11.03 -71.34
C ILE I 178 66.87 11.27 -72.81
N ALA I 179 66.59 10.28 -73.66
CA ALA I 179 66.91 10.41 -75.07
C ALA I 179 66.31 11.67 -75.67
N GLY I 180 65.15 12.09 -75.18
CA GLY I 180 64.52 13.29 -75.69
C GLY I 180 64.25 13.18 -77.18
N ASN I 181 63.69 12.06 -77.61
CA ASN I 181 63.44 11.83 -79.02
C ASN I 181 62.57 12.94 -79.59
N LEU I 182 63.00 13.49 -80.73
CA LEU I 182 62.25 14.58 -81.35
C LEU I 182 60.90 14.11 -81.89
N ASP I 183 60.80 12.83 -82.24
CA ASP I 183 59.61 12.33 -82.91
C ASP I 183 58.42 12.16 -81.97
N ASN I 184 58.61 12.18 -80.65
CA ASN I 184 57.51 11.89 -79.74
C ASN I 184 56.36 12.87 -79.93
N ALA I 185 56.66 14.17 -79.92
CA ALA I 185 55.64 15.20 -80.12
C ALA I 185 54.53 15.07 -79.08
N SER I 186 54.90 14.71 -77.85
CA SER I 186 53.94 14.51 -76.78
C SER I 186 54.40 15.05 -75.44
N ALA I 187 55.54 15.73 -75.38
CA ALA I 187 56.18 16.25 -74.17
C ALA I 187 56.89 15.14 -73.40
N SER I 188 56.80 13.88 -73.84
CA SER I 188 57.60 12.82 -73.21
C SER I 188 59.08 13.10 -73.40
N SER I 189 59.47 13.52 -74.60
CA SER I 189 60.82 14.03 -74.82
C SER I 189 60.85 15.48 -74.41
N LEU I 190 61.76 15.83 -73.49
CA LEU I 190 61.82 17.19 -72.98
C LEU I 190 62.09 18.20 -74.09
N PHE I 191 62.76 17.78 -75.16
CA PHE I 191 63.02 18.70 -76.27
C PHE I 191 61.73 19.13 -76.95
N GLU I 192 60.87 18.17 -77.30
CA GLU I 192 59.60 18.52 -77.91
C GLU I 192 58.72 19.32 -76.96
N ARG I 193 58.84 19.08 -75.66
CA ARG I 193 58.15 19.92 -74.69
C ARG I 193 58.62 21.36 -74.80
N ILE I 194 59.93 21.56 -74.97
CA ILE I 194 60.45 22.90 -75.20
C ILE I 194 59.89 23.48 -76.48
N GLU I 195 59.85 22.68 -77.55
CA GLU I 195 59.34 23.16 -78.82
C GLU I 195 57.90 23.64 -78.70
N THR I 196 57.08 22.91 -77.96
CA THR I 196 55.71 23.37 -77.70
C THR I 196 55.72 24.69 -76.95
N LYS I 197 56.64 24.85 -76.00
CA LYS I 197 56.74 26.10 -75.26
C LYS I 197 57.06 27.26 -76.20
N ILE I 198 57.97 27.04 -77.14
CA ILE I 198 58.38 28.11 -78.04
C ILE I 198 57.18 28.63 -78.83
N LEU I 199 56.43 27.71 -79.44
CA LEU I 199 55.30 28.14 -80.27
C LEU I 199 54.21 28.80 -79.44
N GLU I 200 54.10 28.44 -78.16
CA GLU I 200 53.10 29.06 -77.31
C GLU I 200 53.31 30.56 -77.22
N LEU I 201 54.55 30.99 -76.99
CA LEU I 201 54.83 32.41 -76.86
C LEU I 201 54.65 33.14 -78.18
N GLU I 202 55.22 32.59 -79.25
CA GLU I 202 55.11 33.24 -80.56
C GLU I 202 53.64 33.43 -80.95
N ALA I 203 52.77 32.51 -80.54
CA ALA I 203 51.35 32.63 -80.85
C ALA I 203 50.75 33.86 -80.19
N GLU I 204 51.11 34.13 -78.93
CA GLU I 204 50.53 35.25 -78.21
C GLU I 204 50.89 36.58 -78.88
N ARG I 205 52.15 36.73 -79.28
CA ARG I 205 52.61 38.01 -79.83
C ARG I 205 51.85 38.35 -81.11
N GLU I 206 51.74 37.40 -82.03
CA GLU I 206 51.10 37.67 -83.31
C GLU I 206 49.64 38.07 -83.11
N LEU I 207 48.93 37.38 -82.23
CA LEU I 207 47.53 37.71 -81.99
C LEU I 207 47.38 39.08 -81.36
N LEU I 208 48.22 39.40 -80.37
CA LEU I 208 48.10 40.67 -79.69
C LEU I 208 48.52 41.83 -80.58
N ASN I 209 49.32 41.55 -81.61
CA ASN I 209 49.75 42.55 -82.59
C ASN I 209 49.38 41.99 -83.97
N PRO I 210 48.14 42.19 -84.40
CA PRO I 210 47.69 41.62 -85.68
C PRO I 210 48.65 41.99 -86.80
N PRO I 211 49.32 40.99 -87.38
CA PRO I 211 50.24 41.28 -88.49
C PRO I 211 49.48 41.72 -89.72
N PRO I 212 50.16 42.33 -90.69
CA PRO I 212 49.45 42.84 -91.87
C PRO I 212 48.72 41.72 -92.61
N SER I 213 47.55 42.06 -93.15
CA SER I 213 46.81 41.11 -93.95
C SER I 213 47.53 40.86 -95.28
N PRO I 214 47.32 39.70 -95.88
CA PRO I 214 47.96 39.44 -97.19
C PRO I 214 47.58 40.45 -98.25
N LEU I 215 46.35 40.97 -98.20
CA LEU I 215 45.95 42.01 -99.14
C LEU I 215 46.80 43.26 -98.95
N ASP I 216 47.06 43.64 -97.70
CA ASP I 216 47.94 44.77 -97.45
C ASP I 216 49.35 44.49 -97.97
N LYS I 217 49.84 43.27 -97.76
CA LYS I 217 51.13 42.89 -98.30
C LYS I 217 51.14 43.01 -99.82
N LYS I 218 50.05 42.56 -100.47
CA LYS I 218 49.98 42.67 -101.92
C LYS I 218 50.13 44.11 -102.38
N PHE I 219 49.42 45.03 -101.73
CA PHE I 219 49.49 46.43 -102.13
C PHE I 219 50.90 46.99 -101.97
N GLU I 220 51.56 46.66 -100.86
CA GLU I 220 52.86 47.25 -100.57
C GLU I 220 53.87 46.93 -101.68
N GLN I 221 54.03 45.64 -101.99
CA GLN I 221 54.92 45.27 -103.09
C GLN I 221 54.36 45.74 -104.42
N TRP I 222 53.04 45.63 -104.60
CA TRP I 222 52.41 46.09 -105.83
C TRP I 222 52.73 47.55 -106.11
N GLU I 223 52.93 48.35 -105.06
CA GLU I 223 53.25 49.76 -105.25
C GLU I 223 54.71 49.96 -105.64
N GLU I 224 55.61 49.17 -105.08
CA GLU I 224 57.04 49.42 -105.27
C GLU I 224 57.47 49.23 -106.71
N GLN I 225 56.84 48.30 -107.43
CA GLN I 225 57.27 48.00 -108.79
C GLN I 225 57.17 49.24 -109.68
N GLN I 226 56.07 49.98 -109.58
CA GLN I 226 55.95 51.21 -110.36
C GLN I 226 56.97 52.24 -109.90
N ALA I 227 57.19 52.35 -108.59
CA ALA I 227 58.13 53.33 -108.08
C ALA I 227 59.53 53.11 -108.65
N VAL I 228 59.99 51.86 -108.61
CA VAL I 228 61.31 51.55 -109.16
C VAL I 228 61.28 51.65 -110.68
N GLU I 229 60.22 51.15 -111.31
CA GLU I 229 60.12 51.22 -112.77
C GLU I 229 59.94 52.66 -113.23
N ALA I 230 59.11 53.43 -112.54
CA ALA I 230 58.94 54.84 -112.89
C ALA I 230 60.26 55.59 -112.72
N THR I 231 60.96 55.34 -111.61
CA THR I 231 62.29 55.92 -111.45
C THR I 231 63.24 55.41 -112.51
N LEU I 232 63.19 54.09 -112.79
CA LEU I 232 64.01 53.54 -113.85
C LEU I 232 63.56 54.03 -115.22
N ALA I 233 62.25 54.19 -115.42
CA ALA I 233 61.76 54.75 -116.67
C ALA I 233 62.27 56.17 -116.86
N ALA I 234 62.26 56.97 -115.79
CA ALA I 234 62.84 58.30 -115.83
C ALA I 234 64.37 58.25 -115.81
N MET I 235 64.96 57.16 -115.30
CA MET I 235 66.41 57.05 -115.31
C MET I 235 66.96 57.13 -116.72
N LYS I 236 66.39 56.33 -117.64
CA LYS I 236 66.80 56.42 -119.04
C LYS I 236 66.44 57.78 -119.62
N ALA I 237 65.25 58.28 -119.30
CA ALA I 237 64.81 59.57 -119.84
C ALA I 237 65.62 60.72 -119.26
N ARG I 238 65.81 60.75 -117.95
CA ARG I 238 66.55 61.85 -117.34
C ARG I 238 68.00 61.86 -117.83
N ARG I 239 68.62 60.69 -117.92
CA ARG I 239 69.96 60.62 -118.50
C ARG I 239 69.91 60.85 -120.01
N SER I 240 68.86 60.39 -120.66
CA SER I 240 68.70 60.55 -122.10
C SER I 240 67.24 60.52 -122.51
N GLN J 45 56.54 18.23 52.31
CA GLN J 45 57.41 18.63 53.46
C GLN J 45 58.89 18.53 53.07
N GLU J 46 59.72 19.31 53.74
CA GLU J 46 61.16 19.35 53.49
C GLU J 46 61.89 18.76 54.69
N ALA J 47 63.21 18.75 54.60
CA ALA J 47 64.02 18.27 55.71
C ALA J 47 63.81 19.19 56.92
N PRO J 48 63.64 18.63 58.13
CA PRO J 48 63.37 19.50 59.28
C PRO J 48 64.46 20.52 59.54
N GLU J 49 65.73 20.13 59.31
CA GLU J 49 66.83 21.06 59.55
C GLU J 49 66.77 22.26 58.62
N ASP J 50 66.40 22.04 57.35
CA ASP J 50 66.38 23.14 56.39
C ASP J 50 65.38 24.20 56.81
N LEU J 51 64.21 23.78 57.31
CA LEU J 51 63.20 24.74 57.73
C LEU J 51 63.73 25.66 58.83
N LEU J 52 64.53 25.10 59.74
CA LEU J 52 64.96 25.86 60.91
C LEU J 52 65.72 27.12 60.49
N GLU J 53 66.65 26.99 59.55
CA GLU J 53 67.39 28.15 59.06
C GLU J 53 66.45 29.15 58.39
N ARG J 54 65.56 28.67 57.54
CA ARG J 54 64.65 29.56 56.83
C ARG J 54 63.68 30.24 57.80
N LEU J 55 63.17 29.49 58.78
CA LEU J 55 62.17 30.04 59.69
C LEU J 55 62.74 31.21 60.49
N LEU J 56 63.96 31.06 61.02
CA LEU J 56 64.54 32.12 61.83
C LEU J 56 64.83 33.36 60.98
N GLY J 57 65.28 33.17 59.74
CA GLY J 57 65.50 34.30 58.87
C GLY J 57 64.26 35.14 58.69
N GLU J 58 63.11 34.50 58.54
CA GLU J 58 61.84 35.23 58.51
C GLU J 58 61.56 35.89 59.85
N MET J 59 61.85 35.20 60.94
CA MET J 59 61.59 35.76 62.26
C MET J 59 62.41 37.02 62.50
N GLU J 60 63.70 36.98 62.16
CA GLU J 60 64.55 38.15 62.37
C GLU J 60 64.08 39.33 61.51
N LEU J 61 63.69 39.05 60.26
CA LEU J 61 63.22 40.12 59.39
C LEU J 61 61.98 40.78 59.96
N GLU J 62 61.07 39.99 60.53
CA GLU J 62 59.83 40.54 61.07
C GLU J 62 60.11 41.45 62.26
N LEU J 63 61.06 41.08 63.11
CA LEU J 63 61.26 41.79 64.36
C LEU J 63 61.63 43.26 64.12
N ILE J 64 62.53 43.51 63.17
CA ILE J 64 62.94 44.89 62.91
C ILE J 64 61.77 45.70 62.38
N GLU J 65 60.88 45.07 61.60
CA GLU J 65 59.69 45.76 61.14
C GLU J 65 58.84 46.20 62.31
N LEU J 66 58.69 45.35 63.32
CA LEU J 66 58.04 45.76 64.55
C LEU J 66 58.78 46.93 65.21
N ARG J 67 60.10 46.85 65.25
CA ARG J 67 60.89 47.92 65.85
C ARG J 67 60.66 49.23 65.13
N ARG J 68 60.64 49.20 63.80
CA ARG J 68 60.42 50.42 63.03
C ARG J 68 59.04 50.99 63.28
N ALA J 69 58.02 50.13 63.30
CA ALA J 69 56.65 50.61 63.46
C ALA J 69 56.44 51.29 64.80
N LEU J 70 56.97 50.70 65.87
CA LEU J 70 56.78 51.27 67.20
C LEU J 70 57.30 52.70 67.27
N ALA J 71 58.37 53.00 66.53
CA ALA J 71 58.92 54.36 66.54
C ALA J 71 57.89 55.37 66.04
N GLN J 72 57.16 55.02 64.97
CA GLN J 72 56.17 55.93 64.42
C GLN J 72 55.10 56.25 65.45
N THR J 73 54.73 55.28 66.28
CA THR J 73 53.78 55.54 67.35
C THR J 73 54.30 56.62 68.29
N ILE J 74 55.59 56.56 68.63
CA ILE J 74 56.17 57.52 69.55
C ILE J 74 56.10 58.92 68.95
N ALA J 75 56.30 59.03 67.63
CA ALA J 75 56.29 60.33 66.98
C ALA J 75 54.97 61.06 67.22
N THR J 76 53.85 60.37 66.99
CA THR J 76 52.54 60.98 67.21
C THR J 76 52.32 61.30 68.68
N PHE J 77 52.72 60.38 69.56
CA PHE J 77 52.58 60.62 70.99
C PHE J 77 53.33 61.88 71.41
N LYS J 78 54.53 62.09 70.88
CA LYS J 78 55.25 63.32 71.15
C LYS J 78 54.67 64.50 70.40
N SER J 79 54.28 64.27 69.14
CA SER J 79 53.81 65.37 68.30
C SER J 79 52.56 66.02 68.89
N THR J 80 51.57 65.22 69.27
CA THR J 80 50.36 65.77 69.85
C THR J 80 50.64 66.49 71.16
N GLU J 81 51.53 65.94 71.98
CA GLU J 81 51.87 66.58 73.24
C GLU J 81 52.46 67.96 73.01
N ARG J 82 53.35 68.08 72.02
CA ARG J 82 53.85 69.39 71.64
C ARG J 82 52.71 70.26 71.11
N GLN J 83 51.81 69.67 70.32
CA GLN J 83 50.67 70.41 69.82
C GLN J 83 49.78 70.87 70.97
N ARG J 84 49.61 70.03 71.99
CA ARG J 84 48.75 70.39 73.12
C ARG J 84 49.27 71.64 73.82
N ASP J 85 50.58 71.72 74.04
CA ASP J 85 51.14 72.87 74.75
C ASP J 85 50.87 74.17 74.01
N ALA J 86 50.78 74.12 72.68
CA ALA J 86 50.57 75.34 71.91
C ALA J 86 49.23 75.98 72.24
N GLN J 87 48.18 75.17 72.34
CA GLN J 87 46.84 75.72 72.56
C GLN J 87 46.74 76.45 73.88
N GLN J 88 47.20 75.81 74.96
CA GLN J 88 47.12 76.45 76.27
C GLN J 88 47.92 77.75 76.29
N LEU J 89 49.03 77.80 75.56
CA LEU J 89 49.78 79.05 75.47
C LEU J 89 48.94 80.17 74.88
N ILE J 90 48.15 79.85 73.85
CA ILE J 90 47.26 80.84 73.27
C ILE J 90 46.24 81.30 74.29
N ALA J 91 45.65 80.36 75.02
CA ALA J 91 44.69 80.71 76.06
C ALA J 91 45.33 81.60 77.11
N GLN J 92 46.59 81.34 77.45
CA GLN J 92 47.30 82.19 78.40
C GLN J 92 47.39 83.62 77.88
N ARG J 93 47.63 83.78 76.57
CA ARG J 93 47.72 85.12 76.00
C ARG J 93 46.43 85.89 76.24
N TRP J 94 45.29 85.27 75.97
CA TRP J 94 44.01 85.93 76.21
C TRP J 94 43.83 86.23 77.69
N TYR J 95 44.17 85.27 78.55
CA TYR J 95 44.07 85.51 79.98
C TYR J 95 44.99 86.64 80.41
N GLU J 96 46.23 86.64 79.91
CA GLU J 96 47.15 87.73 80.21
C GLU J 96 46.60 89.05 79.67
N LYS J 97 46.07 89.03 78.46
CA LYS J 97 45.45 90.23 77.91
C LYS J 97 44.26 90.67 78.74
N ALA J 98 43.43 89.71 79.16
CA ALA J 98 42.28 90.04 79.99
C ALA J 98 42.70 90.61 81.34
N GLN J 99 43.93 90.37 81.78
CA GLN J 99 44.37 90.89 83.06
C GLN J 99 44.33 92.41 83.07
N ALA J 100 44.82 93.04 82.00
CA ALA J 100 44.79 94.49 81.86
C ALA J 100 43.63 94.98 81.01
N ALA J 101 42.75 94.07 80.57
CA ALA J 101 41.62 94.47 79.74
C ALA J 101 40.74 95.46 80.49
N LEU J 102 40.40 95.17 81.74
CA LEU J 102 39.61 96.05 82.57
C LEU J 102 40.46 96.91 83.49
N ASP J 103 41.78 96.89 83.33
CA ASP J 103 42.63 97.77 84.13
C ASP J 103 42.22 99.22 83.99
N ARG J 104 41.71 99.60 82.81
CA ARG J 104 41.14 100.93 82.59
C ARG J 104 39.71 101.04 83.14
N GLY J 105 39.23 100.02 83.83
CA GLY J 105 37.83 99.93 84.21
C GLY J 105 36.94 99.32 83.15
N ASN J 106 37.52 98.82 82.05
CA ASN J 106 36.74 98.25 80.96
C ASN J 106 36.42 96.78 81.27
N GLU J 107 35.47 96.61 82.17
CA GLU J 107 35.05 95.26 82.55
C GLU J 107 34.37 94.53 81.41
N GLN J 108 33.62 95.26 80.57
CA GLN J 108 32.87 94.61 79.50
C GLN J 108 33.80 93.87 78.54
N LEU J 109 34.93 94.49 78.18
CA LEU J 109 35.83 93.86 77.23
C LEU J 109 36.39 92.56 77.79
N ALA J 110 36.75 92.54 79.07
CA ALA J 110 37.31 91.34 79.67
C ALA J 110 36.32 90.19 79.62
N ARG J 111 35.03 90.48 79.56
CA ARG J 111 34.02 89.42 79.51
C ARG J 111 34.24 88.54 78.27
N GLU J 112 34.48 89.17 77.12
CA GLU J 112 34.66 88.42 75.88
C GLU J 112 35.89 87.52 75.95
N ALA J 113 36.99 88.03 76.51
CA ALA J 113 38.23 87.26 76.56
C ALA J 113 38.05 85.97 77.35
N LEU J 114 37.53 86.08 78.58
CA LEU J 114 37.33 84.89 79.39
C LEU J 114 36.34 83.93 78.76
N GLY J 115 35.28 84.45 78.13
CA GLY J 115 34.39 83.58 77.39
C GLY J 115 35.08 82.94 76.19
N GLN J 116 35.96 83.70 75.54
CA GLN J 116 36.65 83.18 74.36
C GLN J 116 37.58 82.03 74.71
N ARG J 117 38.36 82.16 75.79
CA ARG J 117 39.37 81.17 76.13
C ARG J 117 38.76 79.83 76.55
N GLN J 118 37.48 79.80 76.91
CA GLN J 118 36.87 78.53 77.31
C GLN J 118 36.87 77.53 76.17
N SER J 119 36.61 77.99 74.94
CA SER J 119 36.63 77.10 73.79
C SER J 119 38.00 76.44 73.65
N TYR J 120 39.08 77.21 73.81
CA TYR J 120 40.42 76.62 73.74
C TYR J 120 40.63 75.61 74.86
N GLN J 121 40.16 75.93 76.07
CA GLN J 121 40.34 75.02 77.19
C GLN J 121 39.70 73.66 76.91
N SER J 122 38.60 73.65 76.17
CA SER J 122 37.93 72.39 75.86
C SER J 122 38.86 71.47 75.08
N HIS J 123 39.58 72.00 74.08
CA HIS J 123 40.50 71.18 73.31
C HIS J 123 41.61 70.65 74.21
N THR J 124 42.14 71.49 75.10
CA THR J 124 43.23 71.05 75.98
C THR J 124 42.78 69.87 76.83
N GLU J 125 41.59 69.95 77.41
CA GLU J 125 41.08 68.85 78.23
C GLU J 125 40.89 67.60 77.39
N ALA J 126 40.36 67.75 76.18
CA ALA J 126 40.13 66.59 75.32
C ALA J 126 41.43 65.90 74.98
N LEU J 127 42.46 66.68 74.65
CA LEU J 127 43.75 66.08 74.30
C LEU J 127 44.43 65.45 75.51
N GLY J 128 44.32 66.10 76.67
CA GLY J 128 44.95 65.54 77.86
C GLY J 128 44.46 64.14 78.17
N LYS J 129 43.15 63.92 78.04
CA LYS J 129 42.61 62.58 78.23
C LYS J 129 43.10 61.62 77.15
N SER J 130 43.19 62.09 75.92
CA SER J 130 43.59 61.22 74.82
C SER J 130 45.01 60.71 75.01
N LEU J 131 45.93 61.59 75.45
CA LEU J 131 47.31 61.17 75.68
C LEU J 131 47.40 60.21 76.86
N GLY J 132 46.53 60.38 77.86
CA GLY J 132 46.60 59.54 79.03
C GLY J 132 46.50 58.06 78.71
N GLU J 133 45.59 57.70 77.81
CA GLU J 133 45.45 56.30 77.44
C GLU J 133 46.60 55.86 76.53
N GLN J 134 47.03 56.72 75.61
CA GLN J 134 48.14 56.37 74.74
C GLN J 134 49.43 56.16 75.53
N ARG J 135 49.65 56.99 76.55
CA ARG J 135 50.91 56.92 77.29
C ARG J 135 51.12 55.55 77.90
N ALA J 136 50.08 55.00 78.55
CA ALA J 136 50.18 53.69 79.17
C ALA J 136 50.01 52.55 78.18
N LEU J 137 49.66 52.85 76.92
CA LEU J 137 49.47 51.78 75.94
C LEU J 137 50.79 51.39 75.29
N VAL J 138 51.55 52.38 74.83
CA VAL J 138 52.83 52.07 74.16
C VAL J 138 53.79 51.40 75.13
N GLU J 139 53.82 51.89 76.38
CA GLU J 139 54.72 51.30 77.37
C GLU J 139 54.51 49.80 77.48
N GLN J 140 53.26 49.34 77.36
CA GLN J 140 52.99 47.92 77.32
C GLN J 140 53.57 47.28 76.06
N VAL J 141 53.49 48.00 74.94
CA VAL J 141 54.01 47.46 73.68
C VAL J 141 55.52 47.25 73.79
N ARG J 142 56.23 48.25 74.34
CA ARG J 142 57.68 48.13 74.45
C ARG J 142 58.08 46.88 75.21
N GLY J 143 57.31 46.51 76.24
CA GLY J 143 57.62 45.30 76.99
C GLY J 143 57.57 44.06 76.14
N GLN J 144 56.56 43.96 75.27
CA GLN J 144 56.46 42.80 74.39
C GLN J 144 57.66 42.72 73.46
N LEU J 145 58.06 43.84 72.86
CA LEU J 145 59.19 43.83 71.94
C LEU J 145 60.48 43.44 72.68
N GLN J 146 60.72 44.03 73.85
CA GLN J 146 61.95 43.72 74.57
C GLN J 146 61.99 42.27 74.99
N LYS J 147 60.86 41.73 75.49
CA LYS J 147 60.83 40.33 75.87
C LYS J 147 61.05 39.43 74.66
N LEU J 148 60.44 39.78 73.53
CA LEU J 148 60.60 38.96 72.33
C LEU J 148 62.06 38.91 71.90
N GLU J 149 62.75 40.06 71.91
CA GLU J 149 64.14 40.08 71.53
C GLU J 149 64.98 39.20 72.43
N ARG J 150 64.74 39.26 73.75
CA ARG J 150 65.46 38.40 74.67
C ARG J 150 65.16 36.93 74.39
N LYS J 151 63.90 36.61 74.10
CA LYS J 151 63.55 35.23 73.77
C LYS J 151 64.12 34.81 72.43
N TYR J 152 64.31 35.75 71.51
CA TYR J 152 64.82 35.41 70.19
C TYR J 152 66.20 34.76 70.27
N LEU J 153 67.10 35.36 71.06
CA LEU J 153 68.48 34.87 71.11
C LEU J 153 68.56 33.46 71.65
N GLU J 154 67.76 33.15 72.67
CA GLU J 154 67.85 31.84 73.31
C GLU J 154 67.59 30.70 72.32
N LEU J 155 66.90 30.99 71.22
CA LEU J 155 66.68 29.98 70.19
C LEU J 155 67.90 29.84 69.30
N LYS J 156 68.41 30.97 68.79
CA LYS J 156 69.53 30.93 67.86
C LYS J 156 70.76 30.35 68.52
N SER J 157 70.98 30.65 69.80
CA SER J 157 72.15 30.14 70.50
C SER J 157 72.16 28.62 70.57
N GLN J 158 71.01 27.98 70.37
CA GLN J 158 70.93 26.53 70.39
C GLN J 158 70.85 25.90 69.01
N LYS J 159 70.41 26.64 68.00
CA LYS J 159 70.21 26.03 66.69
C LYS J 159 71.52 25.47 66.14
N ASN J 160 72.60 26.22 66.27
CA ASN J 160 73.89 25.72 65.80
C ASN J 160 74.30 24.46 66.54
N LEU J 161 73.98 24.37 67.82
CA LEU J 161 74.34 23.18 68.58
C LEU J 161 73.62 21.94 68.05
N TYR J 162 72.32 22.06 67.75
CA TYR J 162 71.58 20.91 67.25
C TYR J 162 72.12 20.45 65.90
N LEU J 163 72.41 21.40 65.00
CA LEU J 163 72.91 21.02 63.68
C LEU J 163 74.19 20.22 63.79
N ALA J 164 75.09 20.62 64.69
CA ALA J 164 76.34 19.90 64.87
C ALA J 164 76.08 18.46 65.27
N ARG J 165 75.17 18.24 66.22
CA ARG J 165 74.83 16.89 66.62
C ARG J 165 74.24 16.11 65.46
N LEU J 166 73.37 16.76 64.68
CA LEU J 166 72.77 16.09 63.53
C LEU J 166 73.82 15.69 62.51
N LYS J 167 74.76 16.59 62.22
CA LYS J 167 75.82 16.25 61.27
C LYS J 167 76.72 15.14 61.81
N SER J 168 76.92 15.11 63.12
CA SER J 168 77.77 14.08 63.71
C SER J 168 77.16 12.70 63.54
N ALA J 169 75.87 12.56 63.87
CA ALA J 169 75.24 11.24 63.84
C ALA J 169 74.99 10.77 62.41
N ILE J 170 74.52 11.67 61.54
CA ILE J 170 74.25 11.28 60.16
C ILE J 170 75.52 10.75 59.51
N ALA J 171 76.64 11.43 59.72
CA ALA J 171 77.91 10.94 59.20
C ALA J 171 78.27 9.59 59.81
N ALA J 172 78.05 9.44 61.11
CA ALA J 172 78.38 8.19 61.79
C ALA J 172 77.63 7.01 61.16
N GLN J 173 76.34 7.22 60.84
CA GLN J 173 75.59 6.18 60.15
C GLN J 173 76.20 5.86 58.80
N LYS J 174 76.64 6.89 58.06
CA LYS J 174 77.23 6.66 56.76
C LYS J 174 78.52 5.87 56.87
N ILE J 175 79.33 6.16 57.89
CA ILE J 175 80.59 5.44 58.06
C ILE J 175 80.33 3.98 58.40
N GLU J 176 79.41 3.73 59.32
CA GLU J 176 79.26 2.39 59.86
C GLU J 176 78.80 1.40 58.79
N GLU J 177 77.86 1.82 57.94
CA GLU J 177 77.37 0.92 56.90
C GLU J 177 78.49 0.50 55.94
N ILE J 178 79.55 1.30 55.85
CA ILE J 178 80.70 0.99 55.01
C ILE J 178 81.76 0.30 55.86
N ALA J 179 81.36 -0.16 57.05
CA ALA J 179 82.33 -0.80 57.93
C ALA J 179 83.03 -1.96 57.24
N GLY J 180 82.34 -2.65 56.34
CA GLY J 180 82.95 -3.76 55.64
C GLY J 180 83.42 -4.84 56.59
N ASN J 181 82.58 -5.20 57.54
CA ASN J 181 82.96 -6.19 58.54
C ASN J 181 83.39 -7.48 57.88
N LEU J 182 84.55 -8.00 58.31
CA LEU J 182 85.06 -9.23 57.71
C LEU J 182 84.19 -10.44 58.07
N ASP J 183 83.50 -10.39 59.21
CA ASP J 183 82.76 -11.55 59.70
C ASP J 183 81.47 -11.81 58.94
N ASN J 184 80.99 -10.88 58.13
CA ASN J 184 79.68 -11.07 57.49
C ASN J 184 79.67 -12.31 56.61
N ALA J 185 80.66 -12.43 55.72
CA ALA J 185 80.78 -13.58 54.84
C ALA J 185 79.51 -13.77 54.01
N SER J 186 78.93 -12.64 53.58
CA SER J 186 77.70 -12.65 52.81
C SER J 186 77.67 -11.64 51.68
N ALA J 187 78.77 -10.93 51.42
CA ALA J 187 78.91 -9.87 50.43
C ALA J 187 78.28 -8.58 50.93
N SER J 188 77.66 -8.56 52.11
CA SER J 188 77.20 -7.30 52.68
C SER J 188 78.37 -6.37 52.96
N SER J 189 79.45 -6.93 53.52
CA SER J 189 80.71 -6.20 53.62
C SER J 189 81.44 -6.32 52.29
N LEU J 190 81.76 -5.17 51.69
CA LEU J 190 82.41 -5.20 50.38
C LEU J 190 83.74 -5.94 50.42
N PHE J 191 84.41 -5.98 51.57
CA PHE J 191 85.67 -6.71 51.67
C PHE J 191 85.46 -8.20 51.46
N GLU J 192 84.50 -8.79 52.17
CA GLU J 192 84.23 -10.21 52.00
C GLU J 192 83.74 -10.51 50.58
N ARG J 193 83.04 -9.56 49.96
CA ARG J 193 82.67 -9.73 48.56
C ARG J 193 83.91 -9.84 47.69
N ILE J 194 84.92 -9.01 47.98
CA ILE J 194 86.20 -9.12 47.28
C ILE J 194 86.82 -10.49 47.53
N GLU J 195 86.81 -10.94 48.78
CA GLU J 195 87.41 -12.22 49.11
C GLU J 195 86.76 -13.35 48.32
N THR J 196 85.44 -13.31 48.18
CA THR J 196 84.76 -14.30 47.35
C THR J 196 85.24 -14.21 45.91
N LYS J 197 85.44 -12.98 45.41
CA LYS J 197 85.92 -12.82 44.05
C LYS J 197 87.30 -13.45 43.88
N ILE J 198 88.18 -13.29 44.86
CA ILE J 198 89.53 -13.82 44.75
C ILE J 198 89.49 -15.33 44.58
N LEU J 199 88.75 -16.02 45.44
CA LEU J 199 88.70 -17.48 45.39
C LEU J 199 88.05 -17.97 44.11
N GLU J 200 87.15 -17.18 43.53
CA GLU J 200 86.51 -17.58 42.28
C GLU J 200 87.54 -17.79 41.18
N LEU J 201 88.45 -16.83 41.03
CA LEU J 201 89.46 -16.93 39.97
C LEU J 201 90.42 -18.06 40.24
N GLU J 202 90.96 -18.14 41.46
CA GLU J 202 91.91 -19.19 41.78
C GLU J 202 91.32 -20.58 41.54
N ALA J 203 90.01 -20.72 41.73
CA ALA J 203 89.36 -22.01 41.49
C ALA J 203 89.44 -22.39 40.02
N GLU J 204 89.22 -21.43 39.12
CA GLU J 204 89.22 -21.73 37.69
C GLU J 204 90.59 -22.23 37.23
N ARG J 205 91.66 -21.58 37.69
CA ARG J 205 92.99 -21.93 37.22
C ARG J 205 93.36 -23.35 37.60
N GLU J 206 93.13 -23.73 38.84
CA GLU J 206 93.52 -25.06 39.30
C GLU J 206 92.78 -26.15 38.52
N LEU J 207 91.48 -25.95 38.29
CA LEU J 207 90.71 -26.95 37.55
C LEU J 207 91.18 -27.05 36.11
N LEU J 208 91.41 -25.91 35.46
CA LEU J 208 91.81 -25.93 34.06
C LEU J 208 93.22 -26.48 33.89
N ASN J 209 94.03 -26.43 34.94
CA ASN J 209 95.38 -26.97 34.94
C ASN J 209 95.48 -27.93 36.12
N PRO J 210 95.04 -29.17 35.95
CA PRO J 210 95.02 -30.12 37.06
C PRO J 210 96.38 -30.18 37.75
N PRO J 211 96.45 -29.77 39.01
CA PRO J 211 97.73 -29.84 39.73
C PRO J 211 98.12 -31.27 40.01
N PRO J 212 99.39 -31.52 40.35
CA PRO J 212 99.83 -32.90 40.54
C PRO J 212 99.04 -33.59 41.65
N SER J 213 98.79 -34.87 41.46
CA SER J 213 98.12 -35.66 42.47
C SER J 213 99.04 -35.86 43.67
N PRO J 214 98.47 -36.06 44.87
CA PRO J 214 99.33 -36.30 46.04
C PRO J 214 100.24 -37.50 45.87
N LEU J 215 99.78 -38.54 45.17
CA LEU J 215 100.64 -39.69 44.90
C LEU J 215 101.85 -39.28 44.08
N ASP J 216 101.66 -38.44 43.07
CA ASP J 216 102.78 -37.94 42.29
C ASP J 216 103.72 -37.12 43.17
N LYS J 217 103.16 -36.29 44.05
CA LYS J 217 103.99 -35.56 45.00
C LYS J 217 104.79 -36.51 45.88
N LYS J 218 104.15 -37.59 46.35
CA LYS J 218 104.86 -38.55 47.18
C LYS J 218 106.07 -39.10 46.45
N PHE J 219 105.90 -39.49 45.19
CA PHE J 219 107.01 -40.06 44.44
C PHE J 219 108.15 -39.07 44.27
N GLU J 220 107.83 -37.81 43.97
CA GLU J 220 108.87 -36.83 43.69
C GLU J 220 109.80 -36.66 44.87
N GLN J 221 109.26 -36.38 46.05
CA GLN J 221 110.09 -36.28 47.24
C GLN J 221 110.68 -37.63 47.60
N TRP J 222 109.89 -38.70 47.47
CA TRP J 222 110.37 -40.04 47.76
C TRP J 222 111.61 -40.38 46.94
N GLU J 223 111.73 -39.81 45.74
CA GLU J 223 112.90 -40.06 44.91
C GLU J 223 114.12 -39.26 45.37
N GLU J 224 113.91 -38.02 45.82
CA GLU J 224 115.04 -37.14 46.10
C GLU J 224 115.87 -37.65 47.27
N GLN J 225 115.25 -38.31 48.25
CA GLN J 225 115.98 -38.73 49.44
C GLN J 225 117.12 -39.68 49.08
N GLN J 226 116.86 -40.64 48.20
CA GLN J 226 117.92 -41.54 47.75
C GLN J 226 118.97 -40.79 46.96
N ALA J 227 118.55 -39.85 46.11
CA ALA J 227 119.51 -39.11 45.29
C ALA J 227 120.50 -38.35 46.16
N VAL J 228 119.99 -37.64 47.18
CA VAL J 228 120.87 -36.91 48.08
C VAL J 228 121.65 -37.87 48.96
N GLU J 229 120.97 -38.91 49.47
CA GLU J 229 121.66 -39.89 50.31
C GLU J 229 122.67 -40.70 49.51
N ALA J 230 122.31 -41.11 48.30
CA ALA J 230 123.25 -41.83 47.46
C ALA J 230 124.45 -40.96 47.12
N THR J 231 124.20 -39.69 46.77
CA THR J 231 125.30 -38.76 46.57
C THR J 231 126.08 -38.54 47.86
N LEU J 232 125.36 -38.39 48.97
CA LEU J 232 126.02 -38.28 50.27
C LEU J 232 126.70 -39.58 50.66
N ALA J 233 126.09 -40.72 50.35
CA ALA J 233 126.74 -41.99 50.61
C ALA J 233 128.04 -42.12 49.81
N ALA J 234 128.01 -41.70 48.55
CA ALA J 234 129.22 -41.65 47.76
C ALA J 234 130.12 -40.48 48.15
N MET J 235 129.57 -39.44 48.76
CA MET J 235 130.40 -38.32 49.22
C MET J 235 131.46 -38.80 50.19
N LYS J 236 131.06 -39.56 51.21
CA LYS J 236 132.03 -40.12 52.14
C LYS J 236 132.94 -41.11 51.42
N ALA J 237 132.35 -41.95 50.55
CA ALA J 237 133.15 -42.95 49.86
C ALA J 237 134.10 -42.32 48.84
N ARG J 238 133.59 -41.38 48.03
CA ARG J 238 134.45 -40.76 47.03
C ARG J 238 135.59 -39.99 47.68
N ARG J 239 135.29 -39.25 48.76
CA ARG J 239 136.34 -38.59 49.51
C ARG J 239 137.18 -39.60 50.29
N SER J 240 136.55 -40.66 50.77
CA SER J 240 137.25 -41.69 51.54
C SER J 240 136.52 -43.02 51.46
N GLN K 45 19.78 66.53 -31.23
CA GLN K 45 20.01 67.77 -32.02
C GLN K 45 21.05 68.65 -31.35
N GLU K 46 21.73 69.48 -32.13
CA GLU K 46 22.76 70.39 -31.65
C GLU K 46 22.28 71.83 -31.80
N ALA K 47 23.13 72.76 -31.41
CA ALA K 47 22.79 74.16 -31.56
C ALA K 47 22.65 74.49 -33.05
N PRO K 48 21.63 75.24 -33.45
CA PRO K 48 21.45 75.50 -34.89
C PRO K 48 22.63 76.21 -35.52
N GLU K 49 23.29 77.11 -34.78
CA GLU K 49 24.43 77.84 -35.34
C GLU K 49 25.59 76.89 -35.65
N ASP K 50 25.84 75.91 -34.77
CA ASP K 50 26.96 75.01 -34.97
C ASP K 50 26.81 74.21 -36.26
N LEU K 51 25.59 73.77 -36.56
CA LEU K 51 25.36 73.00 -37.78
C LEU K 51 25.73 73.83 -39.01
N LEU K 52 25.44 75.12 -39.00
CA LEU K 52 25.63 75.95 -40.19
C LEU K 52 27.08 75.91 -40.65
N GLU K 53 28.02 76.06 -39.72
CA GLU K 53 29.43 76.01 -40.08
C GLU K 53 29.80 74.64 -40.62
N ARG K 54 29.36 73.57 -39.95
CA ARG K 54 29.68 72.23 -40.37
C ARG K 54 29.04 71.90 -41.72
N LEU K 55 27.80 72.33 -41.92
CA LEU K 55 27.10 71.98 -43.16
C LEU K 55 27.79 72.58 -44.38
N LEU K 56 28.18 73.84 -44.30
CA LEU K 56 28.83 74.48 -45.45
C LEU K 56 30.18 73.84 -45.75
N GLY K 57 30.92 73.48 -44.71
CA GLY K 57 32.20 72.81 -44.94
C GLY K 57 32.04 71.54 -45.75
N GLU K 58 31.00 70.76 -45.46
CA GLU K 58 30.70 69.59 -46.28
C GLU K 58 30.29 70.02 -47.69
N MET K 59 29.52 71.09 -47.81
CA MET K 59 29.07 71.55 -49.12
C MET K 59 30.25 71.96 -49.99
N GLU K 60 31.19 72.72 -49.43
CA GLU K 60 32.34 73.16 -50.21
C GLU K 60 33.19 71.97 -50.64
N LEU K 61 33.37 71.00 -49.74
CA LEU K 61 34.16 69.82 -50.08
C LEU K 61 33.53 69.06 -51.24
N GLU K 62 32.21 68.94 -51.24
CA GLU K 62 31.53 68.19 -52.30
C GLU K 62 31.70 68.87 -53.65
N LEU K 63 31.66 70.21 -53.68
CA LEU K 63 31.63 70.91 -54.95
C LEU K 63 32.88 70.65 -55.78
N ILE K 64 34.05 70.67 -55.14
CA ILE K 64 35.29 70.44 -55.87
C ILE K 64 35.33 69.03 -56.43
N GLU K 65 34.76 68.07 -55.69
CA GLU K 65 34.68 66.70 -56.20
C GLU K 65 33.87 66.66 -57.48
N LEU K 66 32.76 67.40 -57.53
CA LEU K 66 32.02 67.54 -58.78
C LEU K 66 32.89 68.17 -59.85
N ARG K 67 33.64 69.22 -59.50
CA ARG K 67 34.50 69.88 -60.48
C ARG K 67 35.53 68.90 -61.04
N ARG K 68 36.14 68.09 -60.17
CA ARG K 68 37.14 67.13 -60.63
C ARG K 68 36.51 66.09 -61.55
N ALA K 69 35.33 65.58 -61.19
CA ALA K 69 34.71 64.52 -61.97
C ALA K 69 34.36 65.00 -63.37
N LEU K 70 33.81 66.19 -63.49
CA LEU K 70 33.42 66.71 -64.80
C LEU K 70 34.60 66.74 -65.76
N ALA K 71 35.80 67.02 -65.25
CA ALA K 71 36.97 67.04 -66.12
C ALA K 71 37.21 65.70 -66.79
N GLN K 72 37.06 64.61 -66.02
CA GLN K 72 37.28 63.29 -66.60
C GLN K 72 36.32 63.01 -67.74
N THR K 73 35.09 63.52 -67.66
CA THR K 73 34.15 63.38 -68.77
C THR K 73 34.70 64.05 -70.02
N ILE K 74 35.29 65.24 -69.86
CA ILE K 74 35.82 65.97 -71.02
C ILE K 74 36.93 65.17 -71.68
N ALA K 75 37.75 64.47 -70.87
CA ALA K 75 38.87 63.72 -71.43
C ALA K 75 38.38 62.69 -72.43
N THR K 76 37.38 61.90 -72.05
CA THR K 76 36.86 60.88 -72.96
C THR K 76 36.20 61.53 -74.18
N PHE K 77 35.46 62.62 -73.97
CA PHE K 77 34.84 63.32 -75.08
C PHE K 77 35.88 63.77 -76.09
N LYS K 78 37.01 64.29 -75.61
CA LYS K 78 38.10 64.67 -76.50
C LYS K 78 38.83 63.44 -77.03
N SER K 79 39.05 62.45 -76.16
CA SER K 79 39.85 61.29 -76.55
C SER K 79 39.21 60.54 -77.72
N THR K 80 37.91 60.26 -77.62
CA THR K 80 37.23 59.54 -78.69
C THR K 80 37.23 60.35 -79.97
N GLU K 81 37.03 61.67 -79.86
CA GLU K 81 37.04 62.52 -81.05
C GLU K 81 38.38 62.43 -81.77
N ARG K 82 39.48 62.47 -81.01
CA ARG K 82 40.79 62.25 -81.61
C ARG K 82 40.88 60.84 -82.20
N GLN K 83 40.33 59.86 -81.47
CA GLN K 83 40.32 58.49 -81.99
C GLN K 83 39.51 58.39 -83.27
N ARG K 84 38.40 59.12 -83.35
CA ARG K 84 37.56 59.07 -84.53
C ARG K 84 38.32 59.54 -85.78
N ASP K 85 39.08 60.63 -85.64
CA ASP K 85 39.80 61.16 -86.79
C ASP K 85 40.80 60.15 -87.35
N ALA K 86 41.35 59.30 -86.49
CA ALA K 86 42.35 58.34 -86.94
C ALA K 86 41.75 57.36 -87.95
N GLN K 87 40.56 56.86 -87.68
CA GLN K 87 39.97 55.84 -88.55
C GLN K 87 39.72 56.37 -89.95
N GLN K 88 39.09 57.54 -90.06
CA GLN K 88 38.82 58.10 -91.38
C GLN K 88 40.11 58.36 -92.14
N LEU K 89 41.19 58.72 -91.44
CA LEU K 89 42.47 58.90 -92.12
C LEU K 89 42.92 57.60 -92.75
N ILE K 90 42.74 56.48 -92.07
CA ILE K 90 43.09 55.18 -92.65
C ILE K 90 42.24 54.92 -93.89
N ALA K 91 40.94 55.19 -93.80
CA ALA K 91 40.08 54.99 -94.96
C ALA K 91 40.53 55.87 -96.12
N GLN K 92 40.98 57.08 -95.83
CA GLN K 92 41.49 57.94 -96.88
C GLN K 92 42.69 57.32 -97.58
N ARG K 93 43.56 56.66 -96.82
CA ARG K 93 44.72 56.02 -97.40
C ARG K 93 44.30 54.98 -98.44
N TRP K 94 43.33 54.13 -98.09
CA TRP K 94 42.84 53.14 -99.05
C TRP K 94 42.21 53.83 -100.25
N TYR K 95 41.41 54.87 -100.01
CA TYR K 95 40.81 55.60 -101.12
C TYR K 95 41.88 56.24 -101.98
N GLU K 96 42.87 56.86 -101.36
CA GLU K 96 43.98 57.42 -102.13
C GLU K 96 44.73 56.33 -102.89
N LYS K 97 44.97 55.19 -102.23
CA LYS K 97 45.60 54.08 -102.92
C LYS K 97 44.74 53.58 -104.06
N ALA K 98 43.43 53.47 -103.83
CA ALA K 98 42.53 53.03 -104.89
C ALA K 98 42.49 53.99 -106.06
N GLN K 99 42.89 55.25 -105.85
CA GLN K 99 42.88 56.22 -106.95
C GLN K 99 43.80 55.78 -108.07
N ALA K 100 45.01 55.32 -107.73
CA ALA K 100 45.96 54.83 -108.71
C ALA K 100 45.95 53.30 -108.81
N ALA K 101 45.05 52.63 -108.08
CA ALA K 101 45.00 51.17 -108.14
C ALA K 101 44.73 50.69 -109.56
N LEU K 102 43.73 51.28 -110.20
CA LEU K 102 43.39 50.94 -111.58
C LEU K 102 44.01 51.90 -112.59
N ASP K 103 44.90 52.80 -112.14
CA ASP K 103 45.59 53.69 -113.08
C ASP K 103 46.31 52.89 -114.16
N ARG K 104 46.80 51.69 -113.82
CA ARG K 104 47.36 50.78 -114.79
C ARG K 104 46.31 50.01 -115.56
N GLY K 105 45.03 50.35 -115.38
CA GLY K 105 43.94 49.56 -115.90
C GLY K 105 43.51 48.43 -115.00
N ASN K 106 44.08 48.32 -113.79
CA ASN K 106 43.77 47.23 -112.88
C ASN K 106 42.51 47.58 -112.08
N GLU K 107 41.37 47.46 -112.76
CA GLU K 107 40.09 47.76 -112.13
C GLU K 107 39.77 46.75 -111.03
N GLN K 108 40.16 45.48 -111.21
CA GLN K 108 39.81 44.45 -110.25
C GLN K 108 40.37 44.76 -108.87
N LEU K 109 41.63 45.22 -108.81
CA LEU K 109 42.26 45.49 -107.53
C LEU K 109 41.52 46.60 -106.78
N ALA K 110 41.12 47.65 -107.51
CA ALA K 110 40.43 48.76 -106.86
C ALA K 110 39.11 48.31 -106.23
N ARG K 111 38.52 47.23 -106.74
CA ARG K 111 37.28 46.73 -106.16
C ARG K 111 37.46 46.38 -104.69
N GLU K 112 38.55 45.70 -104.36
CA GLU K 112 38.78 45.29 -102.97
C GLU K 112 38.94 46.50 -102.05
N ALA K 113 39.67 47.51 -102.51
CA ALA K 113 39.94 48.68 -101.67
C ALA K 113 38.63 49.38 -101.28
N LEU K 114 37.80 49.70 -102.26
CA LEU K 114 36.54 50.38 -101.96
C LEU K 114 35.64 49.52 -101.09
N GLY K 115 35.61 48.21 -101.34
CA GLY K 115 34.87 47.32 -100.45
C GLY K 115 35.48 47.28 -99.06
N GLN K 116 36.81 47.35 -98.97
CA GLN K 116 37.48 47.28 -97.68
C GLN K 116 37.15 48.51 -96.82
N ARG K 117 37.20 49.70 -97.42
CA ARG K 117 37.04 50.93 -96.65
C ARG K 117 35.64 51.10 -96.10
N GLN K 118 34.65 50.37 -96.62
CA GLN K 118 33.29 50.50 -96.10
C GLN K 118 33.22 50.09 -94.64
N SER K 119 33.93 49.02 -94.27
CA SER K 119 33.94 48.60 -92.87
C SER K 119 34.42 49.71 -91.96
N TYR K 120 35.50 50.39 -92.36
CA TYR K 120 35.99 51.51 -91.56
C TYR K 120 34.96 52.63 -91.47
N GLN K 121 34.29 52.92 -92.59
CA GLN K 121 33.30 53.99 -92.59
C GLN K 121 32.19 53.71 -91.57
N SER K 122 31.85 52.44 -91.37
CA SER K 122 30.81 52.10 -90.41
C SER K 122 31.17 52.58 -89.01
N HIS K 123 32.43 52.35 -88.60
CA HIS K 123 32.86 52.81 -87.28
C HIS K 123 32.79 54.32 -87.17
N THR K 124 33.20 55.03 -88.23
CA THR K 124 33.18 56.48 -88.20
C THR K 124 31.76 57.00 -87.99
N GLU K 125 30.80 56.44 -88.71
CA GLU K 125 29.42 56.86 -88.55
C GLU K 125 28.90 56.55 -87.15
N ALA K 126 29.25 55.37 -86.62
CA ALA K 126 28.79 55.00 -85.29
C ALA K 126 29.34 55.95 -84.24
N LEU K 127 30.62 56.31 -84.35
CA LEU K 127 31.21 57.22 -83.37
C LEU K 127 30.66 58.63 -83.52
N GLY K 128 30.44 59.09 -84.75
CA GLY K 128 29.91 60.43 -84.94
C GLY K 128 28.58 60.63 -84.23
N LYS K 129 27.69 59.64 -84.31
CA LYS K 129 26.43 59.71 -83.59
C LYS K 129 26.66 59.69 -82.09
N SER K 130 27.60 58.87 -81.62
CA SER K 130 27.83 58.75 -80.18
C SER K 130 28.30 60.07 -79.58
N LEU K 131 29.21 60.77 -80.27
CA LEU K 131 29.68 62.06 -79.77
C LEU K 131 28.58 63.10 -79.79
N GLY K 132 27.67 63.01 -80.77
CA GLY K 132 26.62 64.01 -80.89
C GLY K 132 25.80 64.15 -79.62
N GLU K 133 25.43 63.02 -79.01
CA GLU K 133 24.66 63.07 -77.78
C GLU K 133 25.52 63.50 -76.59
N GLN K 134 26.77 63.04 -76.55
CA GLN K 134 27.66 63.43 -75.46
C GLN K 134 27.93 64.92 -75.48
N ARG K 135 28.10 65.49 -76.68
CA ARG K 135 28.48 66.89 -76.80
C ARG K 135 27.46 67.80 -76.12
N ALA K 136 26.18 67.56 -76.39
CA ALA K 136 25.12 68.36 -75.80
C ALA K 136 24.78 67.95 -74.38
N LEU K 137 25.34 66.84 -73.89
CA LEU K 137 25.03 66.40 -72.54
C LEU K 137 25.91 67.10 -71.50
N VAL K 138 27.23 67.12 -71.74
CA VAL K 138 28.14 67.75 -70.78
C VAL K 138 27.84 69.23 -70.67
N GLU K 139 27.57 69.89 -71.80
CA GLU K 139 27.28 71.32 -71.79
C GLU K 139 26.17 71.64 -70.81
N GLN K 140 25.17 70.76 -70.71
CA GLN K 140 24.13 70.93 -69.70
C GLN K 140 24.71 70.77 -68.31
N VAL K 141 25.63 69.83 -68.12
CA VAL K 141 26.23 69.60 -66.81
C VAL K 141 26.97 70.85 -66.35
N ARG K 142 27.77 71.44 -67.25
CA ARG K 142 28.53 72.62 -66.88
C ARG K 142 27.63 73.73 -66.35
N GLY K 143 26.43 73.88 -66.92
CA GLY K 143 25.51 74.90 -66.45
C GLY K 143 25.11 74.68 -65.00
N GLN K 144 24.85 73.43 -64.62
CA GLN K 144 24.49 73.14 -63.23
C GLN K 144 25.63 73.50 -62.29
N LEU K 145 26.85 73.11 -62.64
CA LEU K 145 27.99 73.41 -61.77
C LEU K 145 28.18 74.91 -61.62
N GLN K 146 28.14 75.65 -62.74
CA GLN K 146 28.36 77.09 -62.68
C GLN K 146 27.27 77.78 -61.87
N LYS K 147 26.01 77.38 -62.07
CA LYS K 147 24.93 77.98 -61.29
C LYS K 147 25.08 77.65 -59.81
N LEU K 148 25.46 76.41 -59.50
CA LEU K 148 25.64 76.03 -58.10
C LEU K 148 26.72 76.87 -57.43
N GLU K 149 27.84 77.08 -58.11
CA GLU K 149 28.91 77.89 -57.53
C GLU K 149 28.44 79.31 -57.25
N ARG K 150 27.70 79.90 -58.20
CA ARG K 150 27.16 81.24 -57.97
C ARG K 150 26.20 81.24 -56.79
N LYS K 151 25.36 80.21 -56.69
CA LYS K 151 24.44 80.13 -55.56
C LYS K 151 25.17 79.86 -54.25
N TYR K 152 26.32 79.19 -54.31
CA TYR K 152 27.04 78.85 -53.09
C TYR K 152 27.46 80.11 -52.34
N LEU K 153 27.99 81.10 -53.05
CA LEU K 153 28.53 82.29 -52.38
C LEU K 153 27.44 83.07 -51.67
N GLU K 154 26.26 83.17 -52.29
CA GLU K 154 25.20 83.98 -51.71
C GLU K 154 24.80 83.50 -50.33
N LEU K 155 25.07 82.23 -50.01
CA LEU K 155 24.80 81.73 -48.67
C LEU K 155 25.91 82.13 -47.70
N LYS K 156 27.16 81.89 -48.07
CA LYS K 156 28.27 82.18 -47.18
C LYS K 156 28.35 83.67 -46.86
N SER K 157 28.07 84.52 -47.84
CA SER K 157 28.13 85.96 -47.62
C SER K 157 27.16 86.42 -46.55
N GLN K 158 26.14 85.62 -46.24
CA GLN K 158 25.17 85.97 -45.22
C GLN K 158 25.39 85.24 -43.90
N LYS K 159 26.08 84.10 -43.91
CA LYS K 159 26.20 83.32 -42.68
C LYS K 159 26.91 84.11 -41.60
N ASN K 160 27.99 84.81 -41.96
CA ASN K 160 28.71 85.62 -40.98
C ASN K 160 27.82 86.71 -40.42
N LEU K 161 26.95 87.28 -41.25
CA LEU K 161 26.06 88.34 -40.77
C LEU K 161 25.10 87.81 -39.72
N TYR K 162 24.52 86.63 -39.93
CA TYR K 162 23.58 86.08 -38.95
C TYR K 162 24.28 85.79 -37.63
N LEU K 163 25.47 85.21 -37.67
CA LEU K 163 26.17 84.88 -36.44
C LEU K 163 26.42 86.14 -35.60
N ALA K 164 26.79 87.23 -36.25
CA ALA K 164 27.03 88.48 -35.52
C ALA K 164 25.78 88.92 -34.79
N ARG K 165 24.63 88.86 -35.45
CA ARG K 165 23.37 89.23 -34.81
C ARG K 165 23.09 88.29 -33.64
N LEU K 166 23.33 87.00 -33.84
CA LEU K 166 23.09 86.04 -32.77
C LEU K 166 23.98 86.31 -31.56
N LYS K 167 25.26 86.60 -31.80
CA LYS K 167 26.16 86.90 -30.69
C LYS K 167 25.77 88.20 -30.00
N SER K 168 25.24 89.16 -30.76
CA SER K 168 24.84 90.43 -30.16
C SER K 168 23.67 90.24 -29.19
N ALA K 169 22.64 89.52 -29.63
CA ALA K 169 21.44 89.39 -28.80
C ALA K 169 21.68 88.47 -27.61
N ILE K 170 22.36 87.34 -27.83
CA ILE K 170 22.62 86.41 -26.74
C ILE K 170 23.37 87.11 -25.62
N ALA K 171 24.40 87.89 -25.97
CA ALA K 171 25.12 88.66 -24.97
C ALA K 171 24.21 89.66 -24.29
N ALA K 172 23.35 90.33 -25.06
CA ALA K 172 22.45 91.33 -24.48
C ALA K 172 21.56 90.71 -23.41
N GLN K 173 21.05 89.50 -23.68
CA GLN K 173 20.26 88.81 -22.66
C GLN K 173 21.09 88.53 -21.42
N LYS K 174 22.35 88.12 -21.60
CA LYS K 174 23.21 87.84 -20.46
C LYS K 174 23.44 89.09 -19.62
N ILE K 175 23.65 90.23 -20.29
CA ILE K 175 23.89 91.48 -19.56
C ILE K 175 22.66 91.89 -18.77
N GLU K 176 21.50 91.83 -19.41
CA GLU K 176 20.30 92.41 -18.80
C GLU K 176 19.92 91.68 -17.51
N GLU K 177 20.01 90.35 -17.51
CA GLU K 177 19.63 89.60 -16.31
C GLU K 177 20.52 89.97 -15.13
N ILE K 178 21.72 90.49 -15.40
CA ILE K 178 22.64 90.92 -14.34
C ILE K 178 22.45 92.41 -14.11
N ALA K 179 21.36 92.97 -14.63
CA ALA K 179 21.12 94.40 -14.48
C ALA K 179 21.16 94.82 -13.02
N GLY K 180 20.75 93.95 -12.12
CA GLY K 180 20.76 94.27 -10.70
C GLY K 180 19.94 95.50 -10.40
N ASN K 181 18.72 95.55 -10.96
CA ASN K 181 17.86 96.72 -10.77
C ASN K 181 17.64 96.99 -9.29
N LEU K 182 17.82 98.25 -8.89
CA LEU K 182 17.66 98.61 -7.49
C LEU K 182 16.20 98.51 -7.05
N ASP K 183 15.26 98.68 -7.99
CA ASP K 183 13.85 98.73 -7.63
C ASP K 183 13.25 97.38 -7.27
N ASN K 184 13.92 96.27 -7.56
CA ASN K 184 13.30 94.96 -7.34
C ASN K 184 12.94 94.77 -5.88
N ALA K 185 13.90 95.00 -4.98
CA ALA K 185 13.68 94.86 -3.55
C ALA K 185 13.18 93.46 -3.20
N SER K 186 13.73 92.46 -3.89
CA SER K 186 13.32 91.08 -3.70
C SER K 186 14.49 90.10 -3.73
N ALA K 187 15.72 90.57 -3.81
CA ALA K 187 16.95 89.78 -3.92
C ALA K 187 17.14 89.25 -5.35
N SER K 188 16.19 89.50 -6.26
CA SER K 188 16.42 89.16 -7.66
C SER K 188 17.59 89.95 -8.22
N SER K 189 17.65 91.25 -7.91
CA SER K 189 18.83 92.06 -8.19
C SER K 189 19.84 91.83 -7.08
N LEU K 190 21.04 91.40 -7.46
CA LEU K 190 22.05 91.09 -6.44
C LEU K 190 22.39 92.30 -5.60
N PHE K 191 22.22 93.51 -6.14
CA PHE K 191 22.51 94.71 -5.35
C PHE K 191 21.55 94.84 -4.18
N GLU K 192 20.25 94.72 -4.44
CA GLU K 192 19.28 94.80 -3.35
C GLU K 192 19.47 93.65 -2.37
N ARG K 193 19.91 92.49 -2.84
CA ARG K 193 20.25 91.41 -1.91
C ARG K 193 21.37 91.84 -0.98
N ILE K 194 22.38 92.55 -1.50
CA ILE K 194 23.43 93.10 -0.67
C ILE K 194 22.84 94.09 0.33
N GLU K 195 21.95 94.97 -0.14
CA GLU K 195 21.37 95.97 0.75
C GLU K 195 20.64 95.31 1.90
N THR K 196 19.90 94.24 1.64
CA THR K 196 19.28 93.49 2.72
C THR K 196 20.31 92.95 3.69
N LYS K 197 21.44 92.47 3.16
CA LYS K 197 22.50 91.96 4.02
C LYS K 197 23.03 93.05 4.93
N ILE K 198 23.21 94.26 4.41
CA ILE K 198 23.77 95.36 5.20
C ILE K 198 22.88 95.63 6.41
N LEU K 199 21.58 95.78 6.17
CA LEU K 199 20.66 96.12 7.26
C LEU K 199 20.57 94.99 8.28
N GLU K 200 20.78 93.75 7.84
CA GLU K 200 20.73 92.62 8.77
C GLU K 200 21.77 92.78 9.87
N LEU K 201 23.00 93.11 9.50
CA LEU K 201 24.07 93.25 10.48
C LEU K 201 23.84 94.44 11.39
N GLU K 202 23.53 95.60 10.80
CA GLU K 202 23.30 96.79 11.60
C GLU K 202 22.19 96.58 12.62
N ALA K 203 21.20 95.75 12.29
CA ALA K 203 20.11 95.49 13.22
C ALA K 203 20.62 94.75 14.45
N GLU K 204 21.52 93.78 14.27
CA GLU K 204 22.02 93.00 15.40
C GLU K 204 22.77 93.88 16.38
N ARG K 205 23.62 94.77 15.88
CA ARG K 205 24.45 95.58 16.76
C ARG K 205 23.61 96.47 17.68
N GLU K 206 22.63 97.17 17.10
CA GLU K 206 21.82 98.10 17.88
C GLU K 206 21.06 97.37 18.98
N LEU K 207 20.50 96.21 18.66
CA LEU K 207 19.75 95.46 19.67
C LEU K 207 20.67 94.95 20.77
N LEU K 208 21.83 94.42 20.41
CA LEU K 208 22.74 93.87 21.41
C LEU K 208 23.35 94.97 22.27
N ASN K 209 23.37 96.21 21.77
CA ASN K 209 23.87 97.37 22.50
C ASN K 209 22.77 98.42 22.48
N PRO K 210 21.79 98.32 23.38
CA PRO K 210 20.66 99.24 23.37
C PRO K 210 21.13 100.68 23.31
N PRO K 211 20.83 101.40 22.23
CA PRO K 211 21.24 102.81 22.13
C PRO K 211 20.45 103.66 23.11
N PRO K 212 20.92 104.87 23.39
CA PRO K 212 20.22 105.71 24.39
C PRO K 212 18.79 105.98 23.99
N SER K 213 17.92 106.02 24.99
CA SER K 213 16.52 106.35 24.76
C SER K 213 16.40 107.82 24.37
N PRO K 214 15.36 108.18 23.62
CA PRO K 214 15.17 109.60 23.26
C PRO K 214 15.06 110.50 24.47
N LEU K 215 14.47 110.01 25.56
CA LEU K 215 14.41 110.80 26.79
C LEU K 215 15.80 111.11 27.31
N ASP K 216 16.70 110.11 27.29
CA ASP K 216 18.08 110.35 27.69
C ASP K 216 18.74 111.36 26.77
N LYS K 217 18.49 111.25 25.46
CA LYS K 217 19.01 112.24 24.52
C LYS K 217 18.48 113.63 24.87
N LYS K 218 17.20 113.74 25.20
CA LYS K 218 16.63 115.03 25.55
C LYS K 218 17.38 115.65 26.72
N PHE K 219 17.65 114.86 27.76
CA PHE K 219 18.33 115.38 28.94
C PHE K 219 19.73 115.87 28.59
N GLU K 220 20.46 115.10 27.78
CA GLU K 220 21.85 115.44 27.50
C GLU K 220 21.97 116.81 26.86
N GLN K 221 21.25 117.04 25.77
CA GLN K 221 21.25 118.36 25.15
C GLN K 221 20.59 119.38 26.06
N TRP K 222 19.50 119.00 26.72
CA TRP K 222 18.82 119.90 27.65
C TRP K 222 19.78 120.43 28.70
N GLU K 223 20.78 119.63 29.08
CA GLU K 223 21.74 120.07 30.09
C GLU K 223 22.76 121.04 29.52
N GLU K 224 23.20 120.82 28.27
CA GLU K 224 24.31 121.59 27.73
C GLU K 224 23.95 123.07 27.56
N GLN K 225 22.68 123.37 27.26
CA GLN K 225 22.31 124.76 27.00
C GLN K 225 22.58 125.65 28.20
N GLN K 226 22.24 125.18 29.40
CA GLN K 226 22.55 125.95 30.60
C GLN K 226 24.05 126.05 30.82
N ALA K 227 24.78 124.96 30.58
CA ALA K 227 26.22 124.97 30.78
C ALA K 227 26.89 126.03 29.91
N VAL K 228 26.54 126.07 28.63
CA VAL K 228 27.11 127.09 27.74
C VAL K 228 26.56 128.46 28.08
N GLU K 229 25.26 128.55 28.35
CA GLU K 229 24.66 129.84 28.70
C GLU K 229 25.16 130.33 30.04
N ALA K 230 25.26 129.43 31.03
CA ALA K 230 25.81 129.83 32.33
C ALA K 230 27.25 130.28 32.20
N THR K 231 28.05 129.53 31.43
CA THR K 231 29.42 129.98 31.15
C THR K 231 29.40 131.28 30.36
N LEU K 232 28.53 131.39 29.36
CA LEU K 232 28.39 132.63 28.63
C LEU K 232 27.81 133.74 29.49
N ALA K 233 26.87 133.40 30.38
CA ALA K 233 26.34 134.39 31.31
C ALA K 233 27.45 134.91 32.22
N ALA K 234 28.30 134.01 32.71
CA ALA K 234 29.47 134.42 33.48
C ALA K 234 30.55 135.01 32.60
N MET K 235 30.57 134.68 31.31
CA MET K 235 31.56 135.27 30.41
C MET K 235 31.45 136.79 30.40
N LYS K 236 30.25 137.31 30.20
CA LYS K 236 30.04 138.75 30.27
C LYS K 236 30.33 139.27 31.68
N ALA K 237 29.87 138.54 32.70
CA ALA K 237 30.06 138.99 34.07
C ALA K 237 31.53 138.91 34.48
N ARG K 238 32.19 137.78 34.20
CA ARG K 238 33.59 137.64 34.58
C ARG K 238 34.46 138.67 33.88
N ARG K 239 34.22 138.90 32.59
CA ARG K 239 34.92 139.96 31.88
C ARG K 239 34.44 141.33 32.34
N SER K 240 33.16 141.45 32.65
CA SER K 240 32.59 142.72 33.09
C SER K 240 31.34 142.49 33.94
N GLN L 45 67.24 -24.78 -22.64
CA GLN L 45 68.54 -25.43 -22.98
C GLN L 45 69.41 -24.47 -23.80
N GLU L 46 70.72 -24.67 -23.74
CA GLU L 46 71.69 -23.86 -24.45
C GLU L 46 72.36 -24.71 -25.53
N ALA L 47 73.29 -24.08 -26.25
CA ALA L 47 74.03 -24.82 -27.27
C ALA L 47 74.87 -25.91 -26.60
N PRO L 48 74.89 -27.12 -27.15
CA PRO L 48 75.63 -28.20 -26.47
C PRO L 48 77.11 -27.89 -26.29
N GLU L 49 77.72 -27.20 -27.26
CA GLU L 49 79.14 -26.88 -27.15
C GLU L 49 79.42 -25.95 -25.98
N ASP L 50 78.54 -24.96 -25.76
CA ASP L 50 78.76 -24.00 -24.69
C ASP L 50 78.79 -24.68 -23.33
N LEU L 51 77.90 -25.65 -23.11
CA LEU L 51 77.87 -26.35 -21.84
C LEU L 51 79.20 -27.04 -21.55
N LEU L 52 79.82 -27.61 -22.60
CA LEU L 52 81.02 -28.42 -22.39
C LEU L 52 82.12 -27.60 -21.72
N GLU L 53 82.35 -26.38 -22.19
CA GLU L 53 83.36 -25.53 -21.56
C GLU L 53 82.99 -25.20 -20.12
N ARG L 54 81.73 -24.83 -19.89
CA ARG L 54 81.30 -24.48 -18.54
C ARG L 54 81.34 -25.68 -17.61
N LEU L 55 80.94 -26.85 -18.11
CA LEU L 55 80.88 -28.03 -17.24
C LEU L 55 82.26 -28.42 -16.73
N LEU L 56 83.27 -28.42 -17.61
CA LEU L 56 84.61 -28.81 -17.18
C LEU L 56 85.19 -27.81 -16.20
N GLY L 57 84.92 -26.51 -16.40
CA GLY L 57 85.39 -25.53 -15.46
C GLY L 57 84.90 -25.79 -14.05
N GLU L 58 83.63 -26.18 -13.92
CA GLU L 58 83.11 -26.58 -12.63
C GLU L 58 83.79 -27.85 -12.13
N MET L 59 84.04 -28.80 -13.05
CA MET L 59 84.68 -30.05 -12.65
C MET L 59 86.09 -29.81 -12.11
N GLU L 60 86.87 -28.98 -12.80
CA GLU L 60 88.23 -28.71 -12.34
C GLU L 60 88.22 -28.01 -10.98
N LEU L 61 87.30 -27.07 -10.80
CA LEU L 61 87.21 -26.36 -9.53
C LEU L 61 86.91 -27.33 -8.39
N GLU L 62 86.01 -28.29 -8.62
CA GLU L 62 85.63 -29.22 -7.58
C GLU L 62 86.81 -30.10 -7.17
N LEU L 63 87.64 -30.52 -8.13
CA LEU L 63 88.67 -31.51 -7.85
C LEU L 63 89.66 -31.00 -6.82
N ILE L 64 90.10 -29.74 -6.96
CA ILE L 64 91.08 -29.20 -6.01
C ILE L 64 90.47 -29.13 -4.62
N GLU L 65 89.17 -28.83 -4.53
CA GLU L 65 88.50 -28.83 -3.23
C GLU L 65 88.60 -30.20 -2.58
N LEU L 66 88.40 -31.25 -3.37
CA LEU L 66 88.64 -32.61 -2.87
C LEU L 66 90.08 -32.79 -2.42
N ARG L 67 91.02 -32.29 -3.22
CA ARG L 67 92.43 -32.42 -2.87
C ARG L 67 92.73 -31.73 -1.55
N ARG L 68 92.18 -30.53 -1.36
CA ARG L 68 92.42 -29.80 -0.12
C ARG L 68 91.83 -30.54 1.07
N ALA L 69 90.61 -31.06 0.92
CA ALA L 69 89.93 -31.70 2.04
C ALA L 69 90.69 -32.94 2.51
N LEU L 70 91.15 -33.76 1.56
CA LEU L 70 91.85 -34.98 1.93
C LEU L 70 93.07 -34.70 2.80
N ALA L 71 93.73 -33.57 2.57
CA ALA L 71 94.90 -33.23 3.39
C ALA L 71 94.52 -33.09 4.86
N GLN L 72 93.38 -32.45 5.14
CA GLN L 72 92.96 -32.26 6.52
C GLN L 72 92.76 -33.60 7.21
N THR L 73 92.26 -34.60 6.48
CA THR L 73 92.14 -35.93 7.05
C THR L 73 93.50 -36.47 7.50
N ILE L 74 94.52 -36.26 6.68
CA ILE L 74 95.85 -36.76 7.01
C ILE L 74 96.36 -36.11 8.29
N ALA L 75 96.05 -34.82 8.48
CA ALA L 75 96.53 -34.12 9.65
C ALA L 75 96.07 -34.80 10.93
N THR L 76 94.78 -35.10 11.03
CA THR L 76 94.26 -35.77 12.22
C THR L 76 94.84 -37.17 12.35
N PHE L 77 94.96 -37.89 11.24
CA PHE L 77 95.54 -39.23 11.29
C PHE L 77 96.96 -39.18 11.85
N LYS L 78 97.75 -38.19 11.43
CA LYS L 78 99.09 -38.03 12.01
C LYS L 78 99.03 -37.47 13.41
N SER L 79 98.12 -36.51 13.64
CA SER L 79 98.08 -35.83 14.94
C SER L 79 97.78 -36.81 16.07
N THR L 80 96.74 -37.64 15.88
CA THR L 80 96.39 -38.61 16.93
C THR L 80 97.52 -39.60 17.15
N GLU L 81 98.16 -40.04 16.06
CA GLU L 81 99.27 -40.98 16.20
C GLU L 81 100.39 -40.40 17.05
N ARG L 82 100.73 -39.13 16.82
CA ARG L 82 101.68 -38.45 17.68
C ARG L 82 101.14 -38.35 19.10
N GLN L 83 99.85 -38.06 19.24
CA GLN L 83 99.23 -38.01 20.55
C GLN L 83 99.28 -39.36 21.24
N ARG L 84 99.09 -40.44 20.48
CA ARG L 84 99.10 -41.77 21.06
C ARG L 84 100.45 -42.08 21.69
N ASP L 85 101.54 -41.73 21.00
CA ASP L 85 102.87 -42.03 21.52
C ASP L 85 103.12 -41.36 22.86
N ALA L 86 102.52 -40.19 23.07
CA ALA L 86 102.76 -39.45 24.31
C ALA L 86 102.27 -40.24 25.52
N GLN L 87 101.08 -40.84 25.42
CA GLN L 87 100.50 -41.52 26.58
C GLN L 87 101.35 -42.70 27.02
N GLN L 88 101.74 -43.55 26.07
CA GLN L 88 102.56 -44.71 26.43
C GLN L 88 103.88 -44.29 27.04
N LEU L 89 104.43 -43.16 26.61
CA LEU L 89 105.66 -42.65 27.21
C LEU L 89 105.44 -42.35 28.69
N ILE L 90 104.29 -41.76 29.03
CA ILE L 90 103.98 -41.50 30.43
C ILE L 90 103.88 -42.80 31.19
N ALA L 91 103.21 -43.80 30.63
CA ALA L 91 103.11 -45.10 31.29
C ALA L 91 104.49 -45.70 31.51
N GLN L 92 105.38 -45.53 30.54
CA GLN L 92 106.75 -46.02 30.69
C GLN L 92 107.43 -45.37 31.89
N ARG L 93 107.19 -44.07 32.11
CA ARG L 93 107.79 -43.39 33.24
C ARG L 93 107.38 -44.05 34.55
N TRP L 94 106.08 -44.33 34.71
CA TRP L 94 105.62 -45.00 35.92
C TRP L 94 106.23 -46.39 36.03
N TYR L 95 106.27 -47.12 34.92
CA TYR L 95 106.89 -48.44 34.93
C TYR L 95 108.36 -48.35 35.29
N GLU L 96 109.07 -47.39 34.68
CA GLU L 96 110.47 -47.19 35.03
C GLU L 96 110.61 -46.79 36.49
N LYS L 97 109.74 -45.91 36.97
CA LYS L 97 109.76 -45.53 38.38
C LYS L 97 109.47 -46.75 39.26
N ALA L 98 108.48 -47.55 38.87
CA ALA L 98 108.14 -48.74 39.64
C ALA L 98 109.30 -49.75 39.66
N GLN L 99 110.22 -49.66 38.71
CA GLN L 99 111.35 -50.60 38.69
C GLN L 99 112.17 -50.48 39.95
N ALA L 100 112.47 -49.25 40.37
CA ALA L 100 113.22 -48.99 41.60
C ALA L 100 112.31 -48.64 42.77
N ALA L 101 111.00 -48.69 42.58
CA ALA L 101 110.08 -48.36 43.67
C ALA L 101 110.29 -49.28 44.85
N LEU L 102 110.35 -50.59 44.59
CA LEU L 102 110.59 -51.59 45.62
C LEU L 102 112.05 -51.99 45.72
N ASP L 103 112.95 -51.31 44.99
CA ASP L 103 114.37 -51.61 45.11
C ASP L 103 114.84 -51.50 46.56
N ARG L 104 114.23 -50.60 47.34
CA ARG L 104 114.48 -50.52 48.76
C ARG L 104 113.72 -51.57 49.56
N GLY L 105 113.05 -52.50 48.87
CA GLY L 105 112.14 -53.42 49.51
C GLY L 105 110.73 -52.88 49.67
N ASN L 106 110.44 -51.71 49.13
CA ASN L 106 109.13 -51.08 49.26
C ASN L 106 108.19 -51.63 48.18
N GLU L 107 107.74 -52.87 48.43
CA GLU L 107 106.82 -53.52 47.49
C GLU L 107 105.47 -52.82 47.46
N GLN L 108 105.01 -52.29 48.59
CA GLN L 108 103.68 -51.68 48.64
C GLN L 108 103.57 -50.51 47.68
N LEU L 109 104.60 -49.66 47.63
CA LEU L 109 104.55 -48.49 46.75
C LEU L 109 104.43 -48.89 45.30
N ALA L 110 105.19 -49.92 44.88
CA ALA L 110 105.14 -50.35 43.49
C ALA L 110 103.75 -50.83 43.09
N ARG L 111 102.95 -51.27 44.07
CA ARG L 111 101.60 -51.71 43.76
C ARG L 111 100.78 -50.59 43.12
N GLU L 112 100.87 -49.39 43.68
CA GLU L 112 100.09 -48.27 43.16
C GLU L 112 100.51 -47.93 41.73
N ALA L 113 101.81 -47.94 41.45
CA ALA L 113 102.29 -47.55 40.13
C ALA L 113 101.74 -48.47 39.06
N LEU L 114 101.90 -49.78 39.24
CA LEU L 114 101.40 -50.72 38.24
C LEU L 114 99.89 -50.62 38.10
N GLY L 115 99.18 -50.45 39.20
CA GLY L 115 97.74 -50.21 39.11
C GLY L 115 97.42 -48.91 38.40
N GLN L 116 98.24 -47.88 38.63
CA GLN L 116 98.00 -46.58 38.01
C GLN L 116 98.15 -46.64 36.50
N ARG L 117 99.21 -47.29 36.01
CA ARG L 117 99.51 -47.28 34.59
C ARG L 117 98.49 -48.03 33.75
N GLN L 118 97.67 -48.88 34.38
CA GLN L 118 96.67 -49.63 33.61
C GLN L 118 95.66 -48.68 32.97
N SER L 119 95.25 -47.64 33.69
CA SER L 119 94.32 -46.67 33.13
C SER L 119 94.89 -46.05 31.86
N TYR L 120 96.17 -45.68 31.87
CA TYR L 120 96.79 -45.13 30.67
C TYR L 120 96.81 -46.15 29.55
N GLN L 121 97.11 -47.41 29.87
CA GLN L 121 97.15 -48.45 28.84
C GLN L 121 95.82 -48.59 28.13
N SER L 122 94.72 -48.36 28.85
CA SER L 122 93.41 -48.46 28.22
C SER L 122 93.26 -47.48 27.08
N HIS L 123 93.70 -46.23 27.29
CA HIS L 123 93.60 -45.23 26.23
C HIS L 123 94.46 -45.63 25.04
N THR L 124 95.66 -46.15 25.29
CA THR L 124 96.54 -46.55 24.19
C THR L 124 95.89 -47.63 23.33
N GLU L 125 95.29 -48.63 23.97
CA GLU L 125 94.62 -49.69 23.22
C GLU L 125 93.44 -49.13 22.43
N ALA L 126 92.67 -48.24 23.04
CA ALA L 126 91.52 -47.67 22.35
C ALA L 126 91.95 -46.87 21.13
N LEU L 127 93.02 -46.08 21.25
CA LEU L 127 93.47 -45.30 20.10
C LEU L 127 94.09 -46.19 19.03
N GLY L 128 94.82 -47.22 19.42
CA GLY L 128 95.43 -48.10 18.43
C GLY L 128 94.39 -48.72 17.51
N LYS L 129 93.26 -49.15 18.07
CA LYS L 129 92.18 -49.68 17.25
C LYS L 129 91.59 -48.60 16.35
N SER L 130 91.44 -47.39 16.89
CA SER L 130 90.82 -46.31 16.12
C SER L 130 91.64 -45.95 14.90
N LEU L 131 92.97 -45.89 15.04
CA LEU L 131 93.82 -45.58 13.90
C LEU L 131 93.80 -46.71 12.87
N GLY L 132 93.65 -47.95 13.34
CA GLY L 132 93.69 -49.08 12.42
C GLY L 132 92.66 -48.96 11.31
N GLU L 133 91.44 -48.56 11.66
CA GLU L 133 90.41 -48.41 10.65
C GLU L 133 90.63 -47.16 9.80
N GLN L 134 91.09 -46.07 10.42
CA GLN L 134 91.36 -44.86 9.67
C GLN L 134 92.48 -45.08 8.65
N ARG L 135 93.51 -45.83 9.04
CA ARG L 135 94.68 -45.99 8.18
C ARG L 135 94.28 -46.60 6.84
N ALA L 136 93.47 -47.65 6.86
CA ALA L 136 93.04 -48.31 5.64
C ALA L 136 91.88 -47.60 4.95
N LEU L 137 91.32 -46.57 5.58
CA LEU L 137 90.20 -45.85 4.98
C LEU L 137 90.68 -44.77 4.04
N VAL L 138 91.62 -43.93 4.49
CA VAL L 138 92.11 -42.85 3.65
C VAL L 138 92.81 -43.40 2.42
N GLU L 139 93.59 -44.47 2.59
CA GLU L 139 94.30 -45.06 1.47
C GLU L 139 93.35 -45.39 0.33
N GLN L 140 92.13 -45.83 0.66
CA GLN L 140 91.12 -46.05 -0.35
C GLN L 140 90.69 -44.74 -0.99
N VAL L 141 90.59 -43.67 -0.18
CA VAL L 141 90.19 -42.37 -0.71
C VAL L 141 91.20 -41.87 -1.73
N ARG L 142 92.49 -41.99 -1.39
CA ARG L 142 93.53 -41.51 -2.30
C ARG L 142 93.41 -42.17 -3.66
N GLY L 143 93.04 -43.45 -3.71
CA GLY L 143 92.88 -44.12 -4.99
C GLY L 143 91.81 -43.49 -5.84
N GLN L 144 90.68 -43.12 -5.24
CA GLN L 144 89.61 -42.46 -5.99
C GLN L 144 90.08 -41.14 -6.57
N LEU L 145 90.77 -40.33 -5.76
CA LEU L 145 91.24 -39.04 -6.25
C LEU L 145 92.23 -39.21 -7.40
N GLN L 146 93.19 -40.12 -7.24
CA GLN L 146 94.20 -40.32 -8.27
C GLN L 146 93.57 -40.83 -9.56
N LYS L 147 92.64 -41.78 -9.46
CA LYS L 147 91.97 -42.28 -10.65
C LYS L 147 91.16 -41.18 -11.31
N LEU L 148 90.47 -40.36 -10.52
CA LEU L 148 89.67 -39.28 -11.08
C LEU L 148 90.54 -38.30 -11.86
N GLU L 149 91.68 -37.94 -11.30
CA GLU L 149 92.57 -37.00 -11.99
C GLU L 149 93.04 -37.58 -13.33
N ARG L 150 93.39 -38.87 -13.34
CA ARG L 150 93.79 -39.50 -14.60
C ARG L 150 92.64 -39.51 -15.59
N LYS L 151 91.43 -39.78 -15.11
CA LYS L 151 90.26 -39.77 -15.99
C LYS L 151 89.92 -38.36 -16.44
N TYR L 152 90.24 -37.34 -15.63
CA TYR L 152 89.90 -35.97 -15.98
C TYR L 152 90.58 -35.55 -17.28
N LEU L 153 91.87 -35.84 -17.42
CA LEU L 153 92.62 -35.36 -18.57
C LEU L 153 92.09 -35.97 -19.87
N GLU L 154 91.72 -37.25 -19.85
CA GLU L 154 91.30 -37.92 -21.08
C GLU L 154 90.08 -37.24 -21.70
N LEU L 155 89.31 -36.49 -20.91
CA LEU L 155 88.19 -35.75 -21.45
C LEU L 155 88.65 -34.45 -22.09
N LYS L 156 89.46 -33.67 -21.36
CA LYS L 156 89.90 -32.38 -21.87
C LYS L 156 90.72 -32.53 -23.14
N SER L 157 91.55 -33.58 -23.21
CA SER L 157 92.38 -33.79 -24.38
C SER L 157 91.56 -33.99 -25.65
N GLN L 158 90.28 -34.34 -25.50
CA GLN L 158 89.41 -34.54 -26.66
C GLN L 158 88.46 -33.38 -26.90
N LYS L 159 88.17 -32.56 -25.89
CA LYS L 159 87.17 -31.51 -26.07
C LYS L 159 87.59 -30.54 -27.16
N ASN L 160 88.87 -30.14 -27.17
CA ASN L 160 89.34 -29.23 -28.21
C ASN L 160 89.20 -29.86 -29.58
N LEU L 161 89.41 -31.17 -29.69
CA LEU L 161 89.30 -31.83 -30.99
C LEU L 161 87.88 -31.76 -31.52
N TYR L 162 86.89 -32.00 -30.66
CA TYR L 162 85.50 -31.96 -31.11
C TYR L 162 85.10 -30.56 -31.56
N LEU L 163 85.50 -29.53 -30.81
CA LEU L 163 85.14 -28.17 -31.18
C LEU L 163 85.67 -27.82 -32.56
N ALA L 164 86.89 -28.24 -32.87
CA ALA L 164 87.47 -27.95 -34.18
C ALA L 164 86.63 -28.56 -35.29
N ARG L 165 86.21 -29.82 -35.10
CA ARG L 165 85.35 -30.46 -36.09
C ARG L 165 84.02 -29.72 -36.22
N LEU L 166 83.45 -29.31 -35.09
CA LEU L 166 82.20 -28.57 -35.12
C LEU L 166 82.35 -27.25 -35.87
N LYS L 167 83.42 -26.51 -35.60
CA LYS L 167 83.63 -25.26 -36.30
C LYS L 167 83.87 -25.48 -37.79
N SER L 168 84.51 -26.60 -38.15
CA SER L 168 84.77 -26.89 -39.55
C SER L 168 83.47 -27.11 -40.32
N ALA L 169 82.59 -27.96 -39.78
CA ALA L 169 81.38 -28.31 -40.50
C ALA L 169 80.39 -27.16 -40.52
N ILE L 170 80.20 -26.48 -39.38
CA ILE L 170 79.26 -25.37 -39.33
C ILE L 170 79.62 -24.32 -40.38
N ALA L 171 80.91 -23.98 -40.46
CA ALA L 171 81.36 -23.04 -41.48
C ALA L 171 81.09 -23.58 -42.88
N ALA L 172 81.35 -24.87 -43.09
CA ALA L 172 81.14 -25.46 -44.41
C ALA L 172 79.69 -25.31 -44.85
N GLN L 173 78.75 -25.52 -43.93
CA GLN L 173 77.34 -25.31 -44.26
C GLN L 173 77.09 -23.86 -44.64
N LYS L 174 77.70 -22.92 -43.92
CA LYS L 174 77.51 -21.51 -44.22
C LYS L 174 78.03 -21.17 -45.61
N ILE L 175 79.18 -21.72 -45.98
CA ILE L 175 79.77 -21.45 -47.28
C ILE L 175 78.87 -22.00 -48.39
N GLU L 176 78.42 -23.25 -48.24
CA GLU L 176 77.76 -23.93 -49.34
C GLU L 176 76.45 -23.23 -49.72
N GLU L 177 75.67 -22.80 -48.73
CA GLU L 177 74.41 -22.15 -49.04
C GLU L 177 74.62 -20.86 -49.83
N ILE L 178 75.81 -20.27 -49.74
CA ILE L 178 76.14 -19.07 -50.50
C ILE L 178 76.85 -19.48 -51.79
N ALA L 179 76.77 -20.76 -52.13
CA ALA L 179 77.45 -21.24 -53.34
C ALA L 179 77.04 -20.44 -54.56
N GLY L 180 75.80 -19.96 -54.60
CA GLY L 180 75.33 -19.18 -55.74
C GLY L 180 75.44 -19.96 -57.03
N ASN L 181 74.99 -21.20 -57.02
CA ASN L 181 75.11 -22.06 -58.19
C ASN L 181 74.43 -21.39 -59.39
N LEU L 182 75.13 -21.37 -60.52
CA LEU L 182 74.59 -20.73 -61.72
C LEU L 182 73.42 -21.53 -62.27
N ASP L 183 73.38 -22.84 -62.04
CA ASP L 183 72.38 -23.70 -62.65
C ASP L 183 70.99 -23.57 -62.05
N ASN L 184 70.85 -22.93 -60.87
CA ASN L 184 69.55 -22.91 -60.22
C ASN L 184 68.50 -22.23 -61.09
N ALA L 185 68.80 -21.03 -61.59
CA ALA L 185 67.89 -20.30 -62.46
C ALA L 185 66.55 -20.07 -61.77
N SER L 186 66.60 -19.81 -60.46
CA SER L 186 65.39 -19.61 -59.67
C SER L 186 65.51 -18.50 -58.65
N ALA L 187 66.61 -17.75 -58.64
CA ALA L 187 66.93 -16.69 -57.69
C ALA L 187 67.40 -17.27 -56.36
N SER L 188 67.41 -18.60 -56.19
CA SER L 188 68.00 -19.18 -55.00
C SER L 188 69.49 -18.87 -54.93
N SER L 189 70.18 -18.99 -56.05
CA SER L 189 71.55 -18.50 -56.18
C SER L 189 71.51 -17.01 -56.46
N LEU L 190 72.15 -16.21 -55.61
CA LEU L 190 72.10 -14.77 -55.78
C LEU L 190 72.67 -14.33 -57.13
N PHE L 191 73.57 -15.11 -57.71
CA PHE L 191 74.12 -14.75 -59.02
C PHE L 191 73.05 -14.80 -60.10
N GLU L 192 72.29 -15.89 -60.17
CA GLU L 192 71.22 -15.97 -61.15
C GLU L 192 70.14 -14.93 -60.88
N ARG L 193 69.93 -14.56 -59.63
CA ARG L 193 69.03 -13.45 -59.34
C ARG L 193 69.54 -12.16 -59.98
N ILE L 194 70.85 -11.93 -59.90
CA ILE L 194 71.44 -10.78 -60.59
C ILE L 194 71.22 -10.89 -62.09
N GLU L 195 71.44 -12.08 -62.64
CA GLU L 195 71.29 -12.25 -64.09
C GLU L 195 69.87 -11.91 -64.53
N THR L 196 68.87 -12.33 -63.74
CA THR L 196 67.49 -11.94 -64.05
C THR L 196 67.34 -10.43 -64.01
N LYS L 197 67.98 -9.78 -63.04
CA LYS L 197 67.91 -8.32 -62.95
C LYS L 197 68.48 -7.67 -64.20
N ILE L 198 69.60 -8.20 -64.70
CA ILE L 198 70.24 -7.59 -65.88
C ILE L 198 69.29 -7.60 -67.06
N LEU L 199 68.69 -8.76 -67.34
CA LEU L 199 67.82 -8.86 -68.51
C LEU L 199 66.56 -8.01 -68.35
N GLU L 200 66.13 -7.78 -67.11
CA GLU L 200 64.95 -6.95 -66.89
C GLU L 200 65.17 -5.54 -67.45
N LEU L 201 66.32 -4.94 -67.15
CA LEU L 201 66.58 -3.59 -67.60
C LEU L 201 66.75 -3.55 -69.12
N GLU L 202 67.56 -4.44 -69.67
CA GLU L 202 67.79 -4.45 -71.10
C GLU L 202 66.48 -4.61 -71.87
N ALA L 203 65.52 -5.32 -71.30
CA ALA L 203 64.22 -5.49 -71.96
C ALA L 203 63.49 -4.16 -72.09
N GLU L 204 63.53 -3.35 -71.03
CA GLU L 204 62.81 -2.08 -71.06
C GLU L 204 63.35 -1.15 -72.15
N ARG L 205 64.67 -1.07 -72.27
CA ARG L 205 65.27 -0.13 -73.22
C ARG L 205 64.87 -0.45 -74.65
N GLU L 206 64.98 -1.72 -75.03
CA GLU L 206 64.68 -2.10 -76.41
C GLU L 206 63.23 -1.81 -76.76
N LEU L 207 62.30 -2.11 -75.85
CA LEU L 207 60.89 -1.85 -76.12
C LEU L 207 60.62 -0.36 -76.24
N LEU L 208 61.18 0.44 -75.32
CA LEU L 208 60.92 1.87 -75.34
C LEU L 208 61.57 2.55 -76.53
N ASN L 209 62.60 1.92 -77.11
CA ASN L 209 63.28 2.42 -78.30
C ASN L 209 63.26 1.29 -79.33
N PRO L 210 62.17 1.15 -80.08
CA PRO L 210 62.05 0.05 -81.03
C PRO L 210 63.27 -0.04 -81.93
N PRO L 211 64.05 -1.12 -81.83
CA PRO L 211 65.22 -1.25 -82.70
C PRO L 211 64.80 -1.48 -84.15
N PRO L 212 65.71 -1.29 -85.10
CA PRO L 212 65.33 -1.43 -86.51
C PRO L 212 64.80 -2.82 -86.80
N SER L 213 63.81 -2.87 -87.69
CA SER L 213 63.27 -4.15 -88.13
C SER L 213 64.30 -4.89 -88.99
N PRO L 214 64.22 -6.22 -89.04
CA PRO L 214 65.18 -6.96 -89.89
C PRO L 214 65.09 -6.56 -91.35
N LEU L 215 63.89 -6.20 -91.83
CA LEU L 215 63.77 -5.72 -93.20
C LEU L 215 64.57 -4.44 -93.41
N ASP L 216 64.50 -3.52 -92.45
CA ASP L 216 65.31 -2.31 -92.53
C ASP L 216 66.80 -2.65 -92.54
N LYS L 217 67.20 -3.60 -91.68
CA LYS L 217 68.58 -4.05 -91.68
C LYS L 217 68.97 -4.61 -93.04
N LYS L 218 68.07 -5.40 -93.64
CA LYS L 218 68.37 -5.96 -94.96
C LYS L 218 68.65 -4.86 -95.98
N PHE L 219 67.82 -3.82 -95.99
CA PHE L 219 68.02 -2.74 -96.95
C PHE L 219 69.35 -2.03 -96.74
N GLU L 220 69.70 -1.78 -95.48
CA GLU L 220 70.91 -0.99 -95.20
C GLU L 220 72.15 -1.66 -95.77
N GLN L 221 72.36 -2.93 -95.43
CA GLN L 221 73.49 -3.66 -96.00
C GLN L 221 73.30 -3.89 -97.49
N TRP L 222 72.06 -4.19 -97.90
CA TRP L 222 71.77 -4.39 -99.31
C TRP L 222 72.17 -3.18 -100.14
N GLU L 223 72.11 -1.98 -99.55
CA GLU L 223 72.50 -0.77 -100.27
C GLU L 223 74.01 -0.63 -100.36
N GLU L 224 74.74 -0.99 -99.30
CA GLU L 224 76.17 -0.71 -99.25
C GLU L 224 76.94 -1.48 -100.31
N GLN L 225 76.49 -2.68 -100.65
CA GLN L 225 77.25 -3.51 -101.60
C GLN L 225 77.40 -2.81 -102.94
N GLN L 226 76.32 -2.21 -103.45
CA GLN L 226 76.42 -1.47 -104.69
C GLN L 226 77.31 -0.24 -104.53
N ALA L 227 77.19 0.46 -103.40
CA ALA L 227 77.99 1.65 -103.19
C ALA L 227 79.48 1.34 -103.25
N VAL L 228 79.90 0.28 -102.55
CA VAL L 228 81.31 -0.11 -102.58
C VAL L 228 81.67 -0.69 -103.93
N GLU L 229 80.79 -1.52 -104.50
CA GLU L 229 81.06 -2.10 -105.81
C GLU L 229 81.03 -1.04 -106.90
N ALA L 230 80.06 -0.13 -106.85
CA ALA L 230 80.02 0.95 -107.82
C ALA L 230 81.26 1.83 -107.72
N THR L 231 81.66 2.17 -106.49
CA THR L 231 82.91 2.89 -106.30
C THR L 231 84.09 2.05 -106.75
N LEU L 232 84.09 0.76 -106.41
CA LEU L 232 85.14 -0.13 -106.89
C LEU L 232 85.06 -0.34 -108.39
N ALA L 233 83.84 -0.41 -108.95
CA ALA L 233 83.69 -0.51 -110.38
C ALA L 233 84.27 0.72 -111.07
N ALA L 234 83.99 1.90 -110.52
CA ALA L 234 84.59 3.13 -111.01
C ALA L 234 86.06 3.25 -110.62
N MET L 235 86.48 2.56 -109.55
CA MET L 235 87.89 2.60 -109.17
C MET L 235 88.78 2.09 -110.31
N LYS L 236 88.45 0.93 -110.86
CA LYS L 236 89.19 0.43 -112.01
C LYS L 236 89.01 1.36 -113.21
N ALA L 237 87.79 1.83 -113.43
CA ALA L 237 87.53 2.69 -114.58
C ALA L 237 88.18 4.05 -114.42
N ARG L 238 88.03 4.67 -113.25
CA ARG L 238 88.62 6.00 -113.05
C ARG L 238 90.14 5.94 -113.15
N ARG L 239 90.75 4.91 -112.55
CA ARG L 239 92.19 4.72 -112.70
C ARG L 239 92.52 4.26 -114.12
N SER L 240 91.66 3.46 -114.72
CA SER L 240 91.89 2.96 -116.07
C SER L 240 90.56 2.59 -116.75
N GLN M 45 35.45 40.85 50.49
CA GLN M 45 36.02 41.79 51.49
C GLN M 45 37.54 41.68 51.55
N GLU M 46 38.20 42.75 51.96
CA GLU M 46 39.64 42.82 52.07
C GLU M 46 40.04 42.89 53.54
N ALA M 47 41.35 42.97 53.77
CA ALA M 47 41.84 43.12 55.13
C ALA M 47 41.35 44.45 55.70
N PRO M 48 40.87 44.47 56.95
CA PRO M 48 40.33 45.73 57.50
C PRO M 48 41.35 46.85 57.53
N GLU M 49 42.62 46.54 57.78
CA GLU M 49 43.65 47.56 57.84
C GLU M 49 43.84 48.22 56.48
N ASP M 50 43.80 47.44 55.40
CA ASP M 50 44.04 47.99 54.06
C ASP M 50 42.97 49.03 53.71
N LEU M 51 41.72 48.76 54.06
CA LEU M 51 40.65 49.70 53.76
C LEU M 51 40.91 51.05 54.42
N LEU M 52 41.43 51.04 55.64
CA LEU M 52 41.57 52.28 56.39
C LEU M 52 42.43 53.29 55.65
N GLU M 53 43.57 52.84 55.11
CA GLU M 53 44.42 53.74 54.35
C GLU M 53 43.71 54.25 53.10
N ARG M 54 43.05 53.35 52.37
CA ARG M 54 42.36 53.74 51.15
C ARG M 54 41.19 54.67 51.45
N LEU M 55 40.44 54.39 52.51
CA LEU M 55 39.25 55.19 52.82
C LEU M 55 39.62 56.64 53.11
N LEU M 56 40.66 56.86 53.93
CA LEU M 56 41.04 58.22 54.27
C LEU M 56 41.55 58.98 53.05
N GLY M 57 42.29 58.31 52.17
CA GLY M 57 42.75 58.97 50.97
C GLY M 57 41.61 59.51 50.14
N GLU M 58 40.52 58.75 50.03
CA GLU M 58 39.32 59.26 49.38
C GLU M 58 38.72 60.41 50.17
N MET M 59 38.71 60.31 51.49
CA MET M 59 38.14 61.37 52.32
C MET M 59 38.89 62.68 52.14
N GLU M 60 40.23 62.62 52.17
CA GLU M 60 41.03 63.84 52.01
C GLU M 60 40.80 64.46 50.64
N LEU M 61 40.74 63.63 49.60
CA LEU M 61 40.51 64.15 48.26
C LEU M 61 39.18 64.87 48.16
N GLU M 62 38.14 64.31 48.80
CA GLU M 62 36.82 64.93 48.73
C GLU M 62 36.80 66.30 49.40
N LEU M 63 37.51 66.44 50.52
CA LEU M 63 37.39 67.65 51.32
C LEU M 63 37.83 68.88 50.55
N ILE M 64 38.95 68.78 49.82
CA ILE M 64 39.44 69.93 49.06
C ILE M 64 38.44 70.31 47.98
N GLU M 65 37.78 69.31 47.39
CA GLU M 65 36.75 69.60 46.39
C GLU M 65 35.64 70.44 47.00
N LEU M 66 35.24 70.11 48.23
CA LEU M 66 34.30 70.94 48.95
C LEU M 66 34.87 72.35 49.16
N ARG M 67 36.14 72.44 49.55
CA ARG M 67 36.76 73.73 49.76
C ARG M 67 36.74 74.56 48.50
N ARG M 68 37.06 73.95 47.36
CA ARG M 68 37.07 74.67 46.09
C ARG M 68 35.67 75.16 45.73
N ALA M 69 34.67 74.29 45.91
CA ALA M 69 33.31 74.65 45.51
C ALA M 69 32.79 75.84 46.31
N LEU M 70 33.01 75.84 47.62
CA LEU M 70 32.51 76.91 48.45
C LEU M 70 33.02 78.27 47.99
N ALA M 71 34.24 78.32 47.47
CA ALA M 71 34.79 79.59 46.99
C ALA M 71 33.94 80.16 45.86
N GLN M 72 33.50 79.30 44.93
CA GLN M 72 32.70 79.77 43.82
C GLN M 72 31.40 80.42 44.30
N THR M 73 30.82 79.87 45.38
CA THR M 73 29.64 80.49 45.96
C THR M 73 29.92 81.91 46.40
N ILE M 74 31.08 82.13 47.04
CA ILE M 74 31.43 83.46 47.52
C ILE M 74 31.55 84.44 46.35
N ALA M 75 32.07 83.97 45.22
CA ALA M 75 32.23 84.85 44.07
C ALA M 75 30.91 85.47 43.65
N THR M 76 29.88 84.64 43.49
CA THR M 76 28.57 85.16 43.09
C THR M 76 27.99 86.06 44.17
N PHE M 77 28.14 85.67 45.44
CA PHE M 77 27.65 86.50 46.53
C PHE M 77 28.29 87.89 46.50
N LYS M 78 29.59 87.95 46.22
CA LYS M 78 30.24 89.25 46.08
C LYS M 78 29.88 89.90 44.75
N SER M 79 29.81 89.12 43.68
CA SER M 79 29.59 89.68 42.35
C SER M 79 28.25 90.40 42.28
N THR M 80 27.18 89.75 42.74
CA THR M 80 25.86 90.38 42.70
C THR M 80 25.83 91.62 43.57
N GLU M 81 26.47 91.58 44.74
CA GLU M 81 26.50 92.74 45.62
C GLU M 81 27.15 93.92 44.93
N ARG M 82 28.27 93.69 44.23
CA ARG M 82 28.86 94.75 43.42
C ARG M 82 27.91 95.17 42.31
N GLN M 83 27.23 94.21 41.69
CA GLN M 83 26.26 94.53 40.66
C GLN M 83 25.12 95.36 41.23
N ARG M 84 24.68 95.05 42.45
CA ARG M 84 23.58 95.78 43.06
C ARG M 84 23.92 97.25 43.23
N ASP M 85 25.14 97.55 43.68
CA ASP M 85 25.52 98.94 43.90
C ASP M 85 25.46 99.76 42.61
N ALA M 86 25.71 99.12 41.47
CA ALA M 86 25.72 99.84 40.21
C ALA M 86 24.36 100.43 39.89
N GLN M 87 23.29 99.64 40.11
CA GLN M 87 21.95 100.09 39.72
C GLN M 87 21.54 101.32 40.53
N GLN M 88 21.70 101.28 41.85
CA GLN M 88 21.30 102.42 42.67
C GLN M 88 22.09 103.66 42.29
N LEU M 89 23.35 103.50 41.89
CA LEU M 89 24.13 104.63 41.43
C LEU M 89 23.48 105.29 40.22
N ILE M 90 22.97 104.48 39.28
CA ILE M 90 22.27 105.02 38.12
C ILE M 90 21.03 105.78 38.57
N ALA M 91 20.27 105.20 39.49
CA ALA M 91 19.08 105.88 40.00
C ALA M 91 19.45 107.20 40.64
N GLN M 92 20.58 107.23 41.35
CA GLN M 92 21.04 108.49 41.95
C GLN M 92 21.28 109.54 40.88
N ARG M 93 21.85 109.14 39.74
CA ARG M 93 22.10 110.10 38.66
C ARG M 93 20.81 110.76 38.21
N TRP M 94 19.76 109.97 37.99
CA TRP M 94 18.47 110.53 37.61
C TRP M 94 17.93 111.44 38.71
N TYR M 95 18.03 110.99 39.96
CA TYR M 95 17.58 111.83 41.08
C TYR M 95 18.38 113.12 41.14
N GLU M 96 19.70 113.01 41.00
CA GLU M 96 20.53 114.22 40.97
C GLU M 96 20.16 115.10 39.79
N LYS M 97 19.95 114.49 38.62
CA LYS M 97 19.52 115.26 37.46
C LYS M 97 18.15 115.90 37.71
N ALA M 98 17.23 115.15 38.31
CA ALA M 98 15.92 115.70 38.62
C ALA M 98 15.99 116.85 39.62
N GLN M 99 17.07 116.94 40.39
CA GLN M 99 17.18 118.02 41.36
C GLN M 99 17.17 119.37 40.67
N ALA M 100 17.91 119.52 39.58
CA ALA M 100 17.96 120.74 38.81
C ALA M 100 17.05 120.68 37.58
N ALA M 101 16.29 119.59 37.41
CA ALA M 101 15.42 119.48 36.25
C ALA M 101 14.40 120.61 36.23
N LEU M 102 13.75 120.85 37.37
CA LEU M 102 12.78 121.93 37.50
C LEU M 102 13.39 123.19 38.10
N ASP M 103 14.71 123.23 38.28
CA ASP M 103 15.34 124.45 38.78
C ASP M 103 15.01 125.64 37.89
N ARG M 104 14.82 125.42 36.60
CA ARG M 104 14.34 126.45 35.68
C ARG M 104 12.83 126.64 35.76
N GLY M 105 12.17 125.99 36.72
CA GLY M 105 10.73 125.94 36.75
C GLY M 105 10.11 124.84 35.92
N ASN M 106 10.94 123.97 35.32
CA ASN M 106 10.46 122.90 34.46
C ASN M 106 10.04 121.69 35.31
N GLU M 107 8.88 121.85 35.96
CA GLU M 107 8.36 120.77 36.79
C GLU M 107 7.98 119.55 35.97
N GLN M 108 7.48 119.76 34.75
CA GLN M 108 7.01 118.63 33.94
C GLN M 108 8.14 117.64 33.66
N LEU M 109 9.33 118.14 33.34
CA LEU M 109 10.44 117.25 33.01
C LEU M 109 10.82 116.40 34.21
N ALA M 110 10.84 116.98 35.40
CA ALA M 110 11.21 116.22 36.60
C ALA M 110 10.25 115.08 36.85
N ARG M 111 9.01 115.19 36.36
CA ARG M 111 8.04 114.11 36.55
C ARG M 111 8.54 112.81 35.94
N GLU M 112 9.08 112.89 34.72
CA GLU M 112 9.56 111.69 34.04
C GLU M 112 10.71 111.04 34.80
N ALA M 113 11.64 111.85 35.30
CA ALA M 113 12.81 111.30 35.97
C ALA M 113 12.41 110.49 37.19
N LEU M 114 11.61 111.07 38.08
CA LEU M 114 11.18 110.35 39.28
C LEU M 114 10.38 109.11 38.93
N GLY M 115 9.52 109.19 37.92
CA GLY M 115 8.83 108.01 37.45
C GLY M 115 9.78 106.98 36.87
N GLN M 116 10.82 107.45 36.17
CA GLN M 116 11.77 106.54 35.55
C GLN M 116 12.57 105.75 36.59
N ARG M 117 13.05 106.43 37.64
CA ARG M 117 13.92 105.79 38.61
C ARG M 117 13.21 104.72 39.44
N GLN M 118 11.87 104.72 39.47
CA GLN M 118 11.16 103.72 40.24
C GLN M 118 11.43 102.32 39.71
N SER M 119 11.49 102.17 38.39
CA SER M 119 11.80 100.86 37.81
C SER M 119 13.14 100.34 38.30
N TYR M 120 14.15 101.21 38.34
CA TYR M 120 15.46 100.79 38.85
C TYR M 120 15.37 100.41 40.32
N GLN M 121 14.62 101.17 41.11
CA GLN M 121 14.49 100.86 42.53
C GLN M 121 13.91 99.47 42.75
N SER M 122 13.04 99.02 41.86
CA SER M 122 12.45 97.69 42.00
C SER M 122 13.53 96.63 41.97
N HIS M 123 14.48 96.74 41.04
CA HIS M 123 15.55 95.75 40.97
C HIS M 123 16.41 95.78 42.22
N THR M 124 16.70 96.97 42.74
CA THR M 124 17.52 97.08 43.94
C THR M 124 16.85 96.36 45.12
N GLU M 125 15.55 96.57 45.30
CA GLU M 125 14.84 95.90 46.38
C GLU M 125 14.84 94.40 46.18
N ALA M 126 14.63 93.94 44.95
CA ALA M 126 14.61 92.51 44.68
C ALA M 126 15.95 91.87 45.00
N LEU M 127 17.04 92.51 44.60
CA LEU M 127 18.36 91.96 44.86
C LEU M 127 18.70 92.00 46.34
N GLY M 128 18.32 93.08 47.04
CA GLY M 128 18.62 93.17 48.46
C GLY M 128 18.04 92.01 49.25
N LYS M 129 16.80 91.62 48.92
CA LYS M 129 16.20 90.46 49.57
C LYS M 129 16.93 89.18 49.20
N SER M 130 17.34 89.05 47.92
CA SER M 130 18.00 87.83 47.47
C SER M 130 19.32 87.61 48.20
N LEU M 131 20.11 88.68 48.38
CA LEU M 131 21.37 88.53 49.10
C LEU M 131 21.15 88.20 50.56
N GLY M 132 20.06 88.71 51.14
CA GLY M 132 19.81 88.50 52.56
C GLY M 132 19.78 87.03 52.92
N GLU M 133 19.12 86.21 52.10
CA GLU M 133 19.05 84.78 52.38
C GLU M 133 20.39 84.10 52.07
N GLN M 134 21.05 84.51 50.98
CA GLN M 134 22.34 83.92 50.65
C GLN M 134 23.38 84.21 51.72
N ARG M 135 23.35 85.42 52.28
CA ARG M 135 24.38 85.81 53.24
C ARG M 135 24.41 84.88 54.44
N ALA M 136 23.23 84.56 54.99
CA ALA M 136 23.14 83.68 56.14
C ALA M 136 23.21 82.22 55.77
N LEU M 137 23.20 81.89 54.47
CA LEU M 137 23.23 80.50 54.05
C LEU M 137 24.67 79.98 53.98
N VAL M 138 25.55 80.73 53.32
CA VAL M 138 26.94 80.29 53.17
C VAL M 138 27.61 80.23 54.54
N GLU M 139 27.34 81.20 55.40
CA GLU M 139 27.95 81.22 56.73
C GLU M 139 27.70 79.90 57.45
N GLN M 140 26.51 79.32 57.27
CA GLN M 140 26.24 78.00 57.82
C GLN M 140 27.10 76.94 57.15
N VAL M 141 27.32 77.06 55.84
CA VAL M 141 28.13 76.08 55.12
C VAL M 141 29.56 76.10 55.65
N ARG M 142 30.12 77.29 55.84
CA ARG M 142 31.50 77.38 56.33
C ARG M 142 31.67 76.65 57.64
N GLY M 143 30.66 76.70 58.52
CA GLY M 143 30.75 75.99 59.78
C GLY M 143 30.90 74.49 59.60
N GLN M 144 30.14 73.92 58.66
CA GLN M 144 30.25 72.48 58.40
C GLN M 144 31.64 72.11 57.91
N LEU M 145 32.19 72.90 56.98
CA LEU M 145 33.52 72.60 56.46
C LEU M 145 34.57 72.69 57.57
N GLN M 146 34.52 73.76 58.36
CA GLN M 146 35.51 73.94 59.42
C GLN M 146 35.43 72.82 60.44
N LYS M 147 34.21 72.45 60.85
CA LYS M 147 34.06 71.37 61.81
C LYS M 147 34.55 70.05 61.22
N LEU M 148 34.26 69.80 59.94
CA LEU M 148 34.71 68.57 59.32
C LEU M 148 36.23 68.47 59.31
N GLU M 149 36.90 69.57 58.97
CA GLU M 149 38.35 69.55 58.94
C GLU M 149 38.92 69.26 60.33
N ARG M 150 38.35 69.86 61.37
CA ARG M 150 38.80 69.57 62.72
C ARG M 150 38.56 68.11 63.08
N LYS M 151 37.41 67.57 62.67
CA LYS M 151 37.12 66.17 62.93
C LYS M 151 38.01 65.25 62.10
N TYR M 152 38.44 65.71 60.93
CA TYR M 152 39.27 64.86 60.06
C TYR M 152 40.56 64.47 60.74
N LEU M 153 41.25 65.42 61.36
CA LEU M 153 42.57 65.16 61.94
C LEU M 153 42.48 64.14 63.07
N GLU M 154 41.44 64.23 63.90
CA GLU M 154 41.35 63.36 65.06
C GLU M 154 41.33 61.88 64.66
N LEU M 155 40.93 61.58 63.42
CA LEU M 155 40.97 60.20 62.94
C LEU M 155 42.37 59.81 62.51
N LYS M 156 43.01 60.64 61.69
CA LYS M 156 44.33 60.31 61.17
C LYS M 156 45.34 60.20 62.29
N SER M 157 45.23 61.06 63.30
CA SER M 157 46.19 61.03 64.40
C SER M 157 46.15 59.70 65.15
N GLN M 158 45.08 58.92 65.00
CA GLN M 158 44.97 57.63 65.67
C GLN M 158 45.23 56.46 64.74
N LYS M 159 45.07 56.63 63.42
CA LYS M 159 45.19 55.49 62.52
C LYS M 159 46.59 54.88 62.61
N ASN M 160 47.62 55.71 62.64
CA ASN M 160 48.98 55.18 62.75
C ASN M 160 49.17 54.42 64.05
N LEU M 161 48.53 54.87 65.13
CA LEU M 161 48.67 54.19 66.41
C LEU M 161 48.08 52.78 66.34
N TYR M 162 46.91 52.63 65.73
CA TYR M 162 46.29 51.31 65.64
C TYR M 162 47.14 50.36 64.80
N LEU M 163 47.67 50.83 63.67
CA LEU M 163 48.48 49.96 62.83
C LEU M 163 49.68 49.42 63.57
N ALA M 164 50.32 50.27 64.38
CA ALA M 164 51.48 49.82 65.14
C ALA M 164 51.11 48.69 66.09
N ARG M 165 49.98 48.83 66.78
CA ARG M 165 49.53 47.76 67.67
C ARG M 165 49.24 46.49 66.88
N LEU M 166 48.60 46.64 65.72
CA LEU M 166 48.30 45.48 64.89
C LEU M 166 49.56 44.78 64.42
N LYS M 167 50.57 45.54 63.99
CA LYS M 167 51.82 44.93 63.57
C LYS M 167 52.54 44.27 64.74
N SER M 168 52.41 44.84 65.94
CA SER M 168 53.06 44.26 67.11
C SER M 168 52.49 42.89 67.44
N ALA M 169 51.15 42.79 67.49
CA ALA M 169 50.52 41.54 67.91
C ALA M 169 50.65 40.47 66.83
N ILE M 170 50.41 40.84 65.57
CA ILE M 170 50.50 39.85 64.49
C ILE M 170 51.88 39.21 64.47
N ALA M 171 52.93 40.04 64.60
CA ALA M 171 54.28 39.48 64.67
C ALA M 171 54.45 38.59 65.89
N ALA M 172 53.91 39.01 67.03
CA ALA M 172 54.04 38.21 68.25
C ALA M 172 53.45 36.83 68.07
N GLN M 173 52.30 36.73 67.40
CA GLN M 173 51.71 35.43 67.10
C GLN M 173 52.64 34.61 66.22
N LYS M 174 53.26 35.25 65.23
CA LYS M 174 54.16 34.53 64.34
C LYS M 174 55.37 33.99 65.10
N ILE M 175 55.90 34.78 66.03
CA ILE M 175 57.06 34.35 66.79
C ILE M 175 56.70 33.16 67.68
N GLU M 176 55.57 33.26 68.38
CA GLU M 176 55.27 32.28 69.42
C GLU M 176 55.08 30.89 68.83
N GLU M 177 54.39 30.79 67.69
CA GLU M 177 54.17 29.47 67.09
C GLU M 177 55.48 28.80 66.71
N ILE M 178 56.54 29.57 66.52
CA ILE M 178 57.86 29.04 66.20
C ILE M 178 58.66 28.90 67.49
N ALA M 179 57.97 28.97 68.63
CA ALA M 179 58.67 28.89 69.91
C ALA M 179 59.50 27.62 70.01
N GLY M 180 59.05 26.54 69.37
CA GLY M 180 59.79 25.30 69.40
C GLY M 180 60.00 24.80 70.82
N ASN M 181 58.94 24.81 71.62
CA ASN M 181 59.03 24.42 73.01
C ASN M 181 59.60 23.01 73.12
N LEU M 182 60.60 22.84 73.99
CA LEU M 182 61.22 21.54 74.15
C LEU M 182 60.27 20.54 74.80
N ASP M 183 59.32 21.02 75.60
CA ASP M 183 58.46 20.13 76.38
C ASP M 183 57.39 19.42 75.54
N ASN M 184 57.15 19.86 74.31
CA ASN M 184 56.04 19.27 73.55
C ASN M 184 56.24 17.78 73.34
N ALA M 185 57.41 17.38 72.87
CA ALA M 185 57.73 15.97 72.65
C ALA M 185 56.70 15.31 71.71
N SER M 186 56.27 16.07 70.70
CA SER M 186 55.27 15.60 69.76
C SER M 186 55.55 16.00 68.32
N ALA M 187 56.70 16.62 68.04
CA ALA M 187 57.10 17.15 66.74
C ALA M 187 56.38 18.47 66.44
N SER M 188 55.48 18.94 67.30
CA SER M 188 54.92 20.27 67.12
C SER M 188 55.99 21.33 67.22
N SER M 189 56.89 21.20 68.20
CA SER M 189 58.09 22.01 68.25
C SER M 189 59.14 21.39 67.34
N LEU M 190 59.63 22.18 66.37
CA LEU M 190 60.58 21.65 65.41
C LEU M 190 61.84 21.13 66.08
N PHE M 191 62.19 21.67 67.25
CA PHE M 191 63.38 21.19 67.94
C PHE M 191 63.21 19.75 68.40
N GLU M 192 62.09 19.44 69.05
CA GLU M 192 61.85 18.06 69.47
C GLU M 192 61.72 17.13 68.27
N ARG M 193 61.21 17.64 67.16
CA ARG M 193 61.21 16.83 65.94
C ARG M 193 62.63 16.48 65.52
N ILE M 194 63.55 17.44 65.64
CA ILE M 194 64.95 17.15 65.37
C ILE M 194 65.47 16.11 66.35
N GLU M 195 65.14 16.25 67.63
CA GLU M 195 65.61 15.31 68.63
C GLU M 195 65.17 13.89 68.31
N THR M 196 63.92 13.74 67.87
CA THR M 196 63.45 12.42 67.45
C THR M 196 64.28 11.92 66.27
N LYS M 197 64.62 12.81 65.34
CA LYS M 197 65.45 12.41 64.20
C LYS M 197 66.80 11.90 64.66
N ILE M 198 67.41 12.57 65.64
CA ILE M 198 68.74 12.18 66.10
C ILE M 198 68.72 10.75 66.62
N LEU M 199 67.77 10.44 67.50
CA LEU M 199 67.71 9.11 68.10
C LEU M 199 67.40 8.04 67.07
N GLU M 200 66.68 8.41 66.01
CA GLU M 200 66.37 7.44 64.97
C GLU M 200 67.63 6.87 64.35
N LEU M 201 68.58 7.74 64.00
CA LEU M 201 69.81 7.30 63.36
C LEU M 201 70.67 6.49 64.33
N GLU M 202 70.87 7.02 65.54
CA GLU M 202 71.69 6.32 66.51
C GLU M 202 71.15 4.92 66.79
N ALA M 203 69.84 4.74 66.71
CA ALA M 203 69.25 3.42 66.94
C ALA M 203 69.69 2.43 65.87
N GLU M 204 69.72 2.87 64.61
CA GLU M 204 70.08 1.97 63.51
C GLU M 204 71.51 1.47 63.66
N ARG M 205 72.44 2.36 64.00
CA ARG M 205 73.85 1.97 64.06
C ARG M 205 74.08 0.90 65.11
N GLU M 206 73.54 1.09 66.31
CA GLU M 206 73.78 0.14 67.39
C GLU M 206 73.24 -1.25 67.04
N LEU M 207 72.05 -1.30 66.46
CA LEU M 207 71.47 -2.59 66.09
C LEU M 207 72.28 -3.27 64.99
N LEU M 208 72.69 -2.51 63.98
CA LEU M 208 73.43 -3.12 62.87
C LEU M 208 74.83 -3.54 63.30
N ASN M 209 75.35 -2.94 64.37
CA ASN M 209 76.65 -3.30 64.94
C ASN M 209 76.42 -3.62 66.41
N PRO M 210 76.02 -4.85 66.71
CA PRO M 210 75.70 -5.21 68.10
C PRO M 210 76.84 -4.83 69.04
N PRO M 211 76.60 -3.89 69.96
CA PRO M 211 77.66 -3.51 70.90
C PRO M 211 77.95 -4.63 71.88
N PRO M 212 79.09 -4.58 72.57
CA PRO M 212 79.44 -5.68 73.47
C PRO M 212 78.38 -5.89 74.55
N SER M 213 78.16 -7.15 74.90
CA SER M 213 77.25 -7.47 75.99
C SER M 213 77.83 -7.02 77.33
N PRO M 214 76.98 -6.74 78.31
CA PRO M 214 77.52 -6.34 79.63
C PRO M 214 78.41 -7.40 80.23
N LEU M 215 78.13 -8.68 79.99
CA LEU M 215 79.01 -9.74 80.48
C LEU M 215 80.39 -9.62 79.87
N ASP M 216 80.47 -9.33 78.57
CA ASP M 216 81.77 -9.11 77.93
C ASP M 216 82.47 -7.91 78.55
N LYS M 217 81.72 -6.83 78.81
CA LYS M 217 82.29 -5.67 79.48
C LYS M 217 82.83 -6.06 80.84
N LYS M 218 82.08 -6.88 81.58
CA LYS M 218 82.54 -7.30 82.90
C LYS M 218 83.88 -8.00 82.81
N PHE M 219 84.03 -8.92 81.86
CA PHE M 219 85.28 -9.65 81.73
C PHE M 219 86.45 -8.72 81.40
N GLU M 220 86.22 -7.76 80.51
CA GLU M 220 87.32 -6.91 80.05
C GLU M 220 87.93 -6.14 81.20
N GLN M 221 87.11 -5.43 81.98
CA GLN M 221 87.63 -4.73 83.14
C GLN M 221 88.08 -5.72 84.21
N TRP M 222 87.33 -6.81 84.38
CA TRP M 222 87.70 -7.83 85.36
C TRP M 222 89.11 -8.36 85.09
N GLU M 223 89.53 -8.37 83.83
CA GLU M 223 90.86 -8.86 83.49
C GLU M 223 91.94 -7.82 83.83
N GLU M 224 91.64 -6.54 83.60
CA GLU M 224 92.68 -5.51 83.71
C GLU M 224 93.19 -5.36 85.14
N GLN M 225 92.33 -5.58 86.13
CA GLN M 225 92.72 -5.37 87.51
C GLN M 225 93.89 -6.26 87.90
N GLN M 226 93.85 -7.53 87.51
CA GLN M 226 94.98 -8.42 87.79
C GLN M 226 96.21 -8.00 87.00
N ALA M 227 96.03 -7.58 85.76
CA ALA M 227 97.17 -7.18 84.93
C ALA M 227 97.92 -6.02 85.57
N VAL M 228 97.19 -4.99 86.01
CA VAL M 228 97.83 -3.86 86.66
C VAL M 228 98.34 -4.25 88.04
N GLU M 229 97.55 -5.02 88.78
CA GLU M 229 97.98 -5.45 90.10
C GLU M 229 99.15 -6.43 90.02
N ALA M 230 99.09 -7.36 89.07
CA ALA M 230 100.20 -8.29 88.90
C ALA M 230 101.47 -7.53 88.49
N THR M 231 101.34 -6.58 87.57
CA THR M 231 102.47 -5.74 87.22
C THR M 231 102.89 -4.89 88.42
N LEU M 232 101.92 -4.34 89.15
CA LEU M 232 102.23 -3.60 90.36
C LEU M 232 102.79 -4.52 91.44
N ALA M 233 102.25 -5.74 91.55
CA ALA M 233 102.79 -6.70 92.49
C ALA M 233 104.23 -7.02 92.16
N ALA M 234 104.54 -7.21 90.88
CA ALA M 234 105.92 -7.41 90.46
C ALA M 234 106.71 -6.10 90.48
N MET M 235 106.03 -4.95 90.41
CA MET M 235 106.73 -3.67 90.49
C MET M 235 107.51 -3.56 91.79
N LYS M 236 106.85 -3.83 92.92
CA LYS M 236 107.55 -3.83 94.20
C LYS M 236 108.59 -4.95 94.24
N ALA M 237 108.23 -6.13 93.74
CA ALA M 237 109.16 -7.25 93.77
C ALA M 237 110.34 -7.03 92.83
N ARG M 238 110.08 -6.62 91.59
CA ARG M 238 111.17 -6.41 90.64
C ARG M 238 112.12 -5.32 91.13
N ARG M 239 111.57 -4.22 91.65
CA ARG M 239 112.41 -3.19 92.24
C ARG M 239 113.01 -3.67 93.56
N SER M 240 112.26 -4.46 94.31
CA SER M 240 112.73 -4.98 95.60
C SER M 240 112.01 -6.27 95.96
N GLN N 45 21.75 43.49 -51.83
CA GLN N 45 22.20 44.27 -53.03
C GLN N 45 23.04 45.47 -52.59
N GLU N 46 23.92 45.91 -53.49
CA GLU N 46 24.81 47.04 -53.25
C GLU N 46 24.41 48.21 -54.14
N ALA N 47 25.14 49.31 -54.02
CA ALA N 47 24.89 50.46 -54.86
C ALA N 47 25.13 50.08 -56.33
N PRO N 48 24.25 50.47 -57.24
CA PRO N 48 24.45 50.06 -58.65
C PRO N 48 25.76 50.52 -59.23
N GLU N 49 26.23 51.71 -58.85
CA GLU N 49 27.48 52.23 -59.40
C GLU N 49 28.67 51.36 -58.96
N ASP N 50 28.67 50.90 -57.71
CA ASP N 50 29.78 50.12 -57.21
C ASP N 50 29.95 48.83 -58.01
N LEU N 51 28.84 48.18 -58.34
CA LEU N 51 28.91 46.93 -59.10
C LEU N 51 29.60 47.16 -60.45
N LEU N 52 29.34 48.29 -61.09
CA LEU N 52 29.83 48.52 -62.44
C LEU N 52 31.35 48.43 -62.49
N GLU N 53 32.03 49.07 -61.54
CA GLU N 53 33.48 49.00 -61.50
C GLU N 53 33.96 47.58 -61.27
N ARG N 54 33.33 46.89 -60.30
CA ARG N 54 33.75 45.52 -59.99
C ARG N 54 33.46 44.58 -61.15
N LEU N 55 32.31 44.74 -61.80
CA LEU N 55 31.93 43.82 -62.87
C LEU N 55 32.92 43.89 -64.03
N LEU N 56 33.31 45.09 -64.46
CA LEU N 56 34.23 45.21 -65.57
C LEU N 56 35.59 44.64 -65.23
N GLY N 57 36.05 44.85 -64.00
CA GLY N 57 37.33 44.29 -63.59
C GLY N 57 37.36 42.78 -63.75
N GLU N 58 36.26 42.11 -63.40
CA GLU N 58 36.16 40.68 -63.65
C GLU N 58 36.13 40.39 -65.15
N MET N 59 35.43 41.22 -65.92
CA MET N 59 35.34 41.00 -67.35
C MET N 59 36.70 41.10 -68.01
N GLU N 60 37.48 42.13 -67.66
CA GLU N 60 38.80 42.28 -68.26
C GLU N 60 39.71 41.12 -67.89
N LEU N 61 39.65 40.67 -66.64
CA LEU N 61 40.47 39.55 -66.22
C LEU N 61 40.15 38.30 -67.02
N GLU N 62 38.87 38.06 -67.28
CA GLU N 62 38.46 36.86 -68.01
C GLU N 62 38.98 36.88 -69.44
N LEU N 63 38.97 38.06 -70.08
CA LEU N 63 39.27 38.11 -71.51
C LEU N 63 40.68 37.65 -71.80
N ILE N 64 41.66 38.06 -70.99
CA ILE N 64 43.04 37.66 -71.23
C ILE N 64 43.19 36.15 -71.07
N GLU N 65 42.43 35.57 -70.12
CA GLU N 65 42.46 34.12 -69.97
C GLU N 65 42.00 33.43 -71.24
N LEU N 66 40.95 33.96 -71.87
CA LEU N 66 40.55 33.47 -73.18
C LEU N 66 41.68 33.64 -74.20
N ARG N 67 42.33 34.80 -74.18
CA ARG N 67 43.42 35.05 -75.12
C ARG N 67 44.54 34.03 -74.93
N ARG N 68 44.90 33.75 -73.68
CA ARG N 68 45.96 32.79 -73.40
C ARG N 68 45.57 31.39 -73.87
N ALA N 69 44.33 30.98 -73.60
CA ALA N 69 43.90 29.63 -73.94
C ALA N 69 43.94 29.40 -75.44
N LEU N 70 43.45 30.36 -76.22
CA LEU N 70 43.41 30.20 -77.67
C LEU N 70 44.80 29.93 -78.24
N ALA N 71 45.84 30.51 -77.64
CA ALA N 71 47.18 30.29 -78.13
C ALA N 71 47.56 28.81 -78.05
N GLN N 72 47.20 28.16 -76.94
CA GLN N 72 47.54 26.74 -76.77
C GLN N 72 46.89 25.90 -77.87
N THR N 73 45.69 26.27 -78.31
CA THR N 73 45.06 25.56 -79.42
C THR N 73 45.92 25.66 -80.67
N ILE N 74 46.47 26.85 -80.94
CA ILE N 74 47.29 27.04 -82.14
C ILE N 74 48.52 26.15 -82.08
N ALA N 75 49.09 25.97 -80.89
CA ALA N 75 50.30 25.17 -80.76
C ALA N 75 50.07 23.75 -81.28
N THR N 76 48.99 23.11 -80.83
CA THR N 76 48.70 21.75 -81.28
C THR N 76 48.38 21.73 -82.77
N PHE N 77 47.63 22.71 -83.24
CA PHE N 77 47.32 22.79 -84.67
C PHE N 77 48.59 22.86 -85.50
N LYS N 78 49.57 23.64 -85.06
CA LYS N 78 50.85 23.69 -85.76
C LYS N 78 51.68 22.44 -85.47
N SER N 79 51.65 21.95 -84.23
CA SER N 79 52.50 20.82 -83.86
C SER N 79 52.16 19.59 -84.68
N THR N 80 50.87 19.25 -84.76
CA THR N 80 50.47 18.08 -85.52
C THR N 80 50.81 18.23 -86.99
N GLU N 81 50.61 19.43 -87.54
CA GLU N 81 50.94 19.66 -88.94
C GLU N 81 52.41 19.40 -89.21
N ARG N 82 53.29 19.88 -88.32
CA ARG N 82 54.70 19.55 -88.43
C ARG N 82 54.91 18.05 -88.28
N GLN N 83 54.19 17.42 -87.35
CA GLN N 83 54.27 15.99 -87.17
C GLN N 83 53.83 15.25 -88.43
N ARG N 84 52.77 15.76 -89.07
CA ARG N 84 52.25 15.10 -90.27
C ARG N 84 53.31 15.05 -91.37
N ASP N 85 54.03 16.16 -91.57
CA ASP N 85 55.03 16.20 -92.63
C ASP N 85 56.12 15.15 -92.43
N ALA N 86 56.42 14.83 -91.17
CA ALA N 86 57.48 13.86 -90.90
C ALA N 86 57.15 12.49 -91.47
N GLN N 87 55.91 12.05 -91.29
CA GLN N 87 55.55 10.69 -91.71
C GLN N 87 55.67 10.52 -93.21
N GLN N 88 55.10 11.46 -93.98
CA GLN N 88 55.18 11.35 -95.44
C GLN N 88 56.63 11.37 -95.91
N LEU N 89 57.50 12.11 -95.22
CA LEU N 89 58.91 12.10 -95.58
C LEU N 89 59.49 10.71 -95.45
N ILE N 90 59.12 9.98 -94.39
CA ILE N 90 59.58 8.61 -94.23
C ILE N 90 59.07 7.74 -95.36
N ALA N 91 57.80 7.89 -95.71
CA ALA N 91 57.25 7.13 -96.83
C ALA N 91 57.99 7.43 -98.11
N GLN N 92 58.37 8.70 -98.31
CA GLN N 92 59.16 9.05 -99.49
C GLN N 92 60.47 8.31 -99.53
N ARG N 93 61.11 8.14 -98.37
CA ARG N 93 62.39 7.42 -98.32
C ARG N 93 62.22 6.00 -98.84
N TRP N 94 61.18 5.31 -98.38
CA TRP N 94 60.92 3.95 -98.87
C TRP N 94 60.63 3.97 -100.36
N TYR N 95 59.81 4.92 -100.81
CA TYR N 95 59.51 5.03 -102.23
C TYR N 95 60.78 5.31 -103.02
N GLU N 96 61.60 6.24 -102.54
CA GLU N 96 62.87 6.52 -103.19
C GLU N 96 63.77 5.29 -103.18
N LYS N 97 63.82 4.59 -102.05
CA LYS N 97 64.58 3.35 -101.98
C LYS N 97 64.03 2.31 -102.95
N ALA N 98 62.70 2.19 -103.01
CA ALA N 98 62.09 1.24 -103.93
C ALA N 98 62.37 1.58 -105.38
N GLN N 99 62.72 2.84 -105.67
CA GLN N 99 63.00 3.22 -107.05
C GLN N 99 64.17 2.42 -107.61
N ALA N 100 65.24 2.29 -106.83
CA ALA N 100 66.41 1.50 -107.22
C ALA N 100 66.39 0.09 -106.63
N ALA N 101 65.33 -0.27 -105.92
CA ALA N 101 65.26 -1.60 -105.31
C ALA N 101 65.35 -2.68 -106.37
N LEU N 102 64.56 -2.55 -107.43
CA LEU N 102 64.57 -3.49 -108.55
C LEU N 102 65.44 -3.02 -109.70
N ASP N 103 66.20 -1.93 -109.52
CA ASP N 103 67.12 -1.49 -110.57
C ASP N 103 68.08 -2.59 -110.97
N ARG N 104 68.44 -3.46 -110.02
CA ARG N 104 69.23 -4.65 -110.32
C ARG N 104 68.38 -5.78 -110.88
N GLY N 105 67.10 -5.52 -111.17
CA GLY N 105 66.16 -6.57 -111.52
C GLY N 105 65.50 -7.23 -110.33
N ASN N 106 65.75 -6.73 -109.12
CA ASN N 106 65.20 -7.33 -107.90
C ASN N 106 63.79 -6.80 -107.66
N GLU N 107 62.85 -7.31 -108.47
CA GLU N 107 61.46 -6.90 -108.35
C GLU N 107 60.86 -7.34 -107.02
N GLN N 108 61.26 -8.51 -106.52
CA GLN N 108 60.66 -9.04 -105.30
C GLN N 108 60.87 -8.10 -104.12
N LEU N 109 62.07 -7.55 -103.99
CA LEU N 109 62.36 -6.68 -102.86
C LEU N 109 61.48 -5.43 -102.90
N ALA N 110 61.29 -4.84 -104.08
CA ALA N 110 60.48 -3.64 -104.19
C ALA N 110 59.04 -3.89 -103.75
N ARG N 111 58.58 -5.15 -103.82
CA ARG N 111 57.22 -5.46 -103.40
C ARG N 111 57.01 -5.10 -101.93
N GLU N 112 57.98 -5.46 -101.08
CA GLU N 112 57.84 -5.19 -99.66
C GLU N 112 57.80 -3.69 -99.37
N ALA N 113 58.63 -2.91 -100.06
CA ALA N 113 58.69 -1.48 -99.79
C ALA N 113 57.35 -0.82 -100.07
N LEU N 114 56.79 -1.04 -101.26
CA LEU N 114 55.51 -0.42 -101.60
C LEU N 114 54.41 -0.91 -100.66
N GLY N 115 54.42 -2.18 -100.30
CA GLY N 115 53.46 -2.66 -99.31
C GLY N 115 53.70 -2.02 -97.95
N GLN N 116 54.96 -1.79 -97.60
CA GLN N 116 55.28 -1.21 -96.29
C GLN N 116 54.79 0.23 -96.19
N ARG N 117 55.00 1.03 -97.22
CA ARG N 117 54.66 2.45 -97.16
C ARG N 117 53.17 2.71 -97.07
N GLN N 118 52.34 1.73 -97.42
CA GLN N 118 50.89 1.94 -97.36
C GLN N 118 50.44 2.22 -95.93
N SER N 119 51.03 1.49 -94.97
CA SER N 119 50.67 1.73 -93.56
C SER N 119 50.94 3.18 -93.17
N TYR N 120 52.08 3.71 -93.57
CA TYR N 120 52.38 5.11 -93.27
C TYR N 120 51.38 6.04 -93.94
N GLN N 121 51.01 5.75 -95.19
CA GLN N 121 50.07 6.60 -95.90
C GLN N 121 48.75 6.69 -95.16
N SER N 122 48.35 5.61 -94.48
CA SER N 122 47.09 5.63 -93.75
C SER N 122 47.11 6.71 -92.68
N HIS N 123 48.20 6.81 -91.93
CA HIS N 123 48.29 7.84 -90.90
C HIS N 123 48.22 9.24 -91.51
N THR N 124 48.91 9.44 -92.64
CA THR N 124 48.90 10.76 -93.28
C THR N 124 47.48 11.17 -93.65
N GLU N 125 46.73 10.25 -94.25
CA GLU N 125 45.35 10.56 -94.63
C GLU N 125 44.50 10.84 -93.40
N ALA N 126 44.67 10.06 -92.33
CA ALA N 126 43.90 10.27 -91.11
C ALA N 126 44.18 11.65 -90.52
N LEU N 127 45.45 12.04 -90.48
CA LEU N 127 45.79 13.35 -89.91
C LEU N 127 45.31 14.49 -90.80
N GLY N 128 45.42 14.33 -92.11
CA GLY N 128 44.98 15.39 -93.01
C GLY N 128 43.53 15.74 -92.80
N LYS N 129 42.67 14.73 -92.62
CA LYS N 129 41.26 14.99 -92.33
C LYS N 129 41.10 15.67 -90.97
N SER N 130 41.88 15.23 -89.97
CA SER N 130 41.74 15.78 -88.64
C SER N 130 42.06 17.27 -88.60
N LEU N 131 43.12 17.68 -89.30
CA LEU N 131 43.48 19.10 -89.33
C LEU N 131 42.44 19.91 -90.08
N GLY N 132 41.80 19.30 -91.10
CA GLY N 132 40.84 20.04 -91.89
C GLY N 132 39.73 20.64 -91.06
N GLU N 133 39.20 19.87 -90.11
CA GLU N 133 38.14 20.38 -89.25
C GLU N 133 38.68 21.36 -88.23
N GLN N 134 39.87 21.10 -87.68
CA GLN N 134 40.46 22.02 -86.71
C GLN N 134 40.77 23.37 -87.35
N ARG N 135 41.24 23.36 -88.60
CA ARG N 135 41.66 24.60 -89.24
C ARG N 135 40.52 25.60 -89.31
N ALA N 136 39.33 25.14 -89.72
CA ALA N 136 38.18 26.02 -89.83
C ALA N 136 37.48 26.24 -88.50
N LEU N 137 37.88 25.53 -87.44
CA LEU N 137 37.24 25.69 -86.14
C LEU N 137 37.84 26.86 -85.36
N VAL N 138 39.18 26.90 -85.27
CA VAL N 138 39.82 27.98 -84.52
C VAL N 138 39.53 29.33 -85.17
N GLU N 139 39.58 29.38 -86.50
CA GLU N 139 39.32 30.64 -87.21
C GLU N 139 37.99 31.24 -86.75
N GLN N 140 36.99 30.40 -86.51
CA GLN N 140 35.73 30.89 -85.97
C GLN N 140 35.93 31.43 -84.55
N VAL N 141 36.77 30.75 -83.75
CA VAL N 141 37.00 31.20 -82.38
C VAL N 141 37.63 32.58 -82.37
N ARG N 142 38.64 32.79 -83.22
CA ARG N 142 39.30 34.09 -83.27
C ARG N 142 38.31 35.22 -83.52
N GLY N 143 37.31 34.98 -84.36
CA GLY N 143 36.32 36.01 -84.62
C GLY N 143 35.57 36.41 -83.37
N GLN N 144 35.19 35.44 -82.54
CA GLN N 144 34.48 35.76 -81.31
C GLN N 144 35.35 36.60 -80.38
N LEU N 145 36.62 36.23 -80.22
CA LEU N 145 37.51 36.99 -79.34
C LEU N 145 37.68 38.41 -79.86
N GLN N 146 37.94 38.56 -81.15
CA GLN N 146 38.15 39.90 -81.71
C GLN N 146 36.91 40.76 -81.56
N LYS N 147 35.74 40.20 -81.85
CA LYS N 147 34.51 40.96 -81.70
C LYS N 147 34.28 41.34 -80.25
N LEU N 148 34.54 40.42 -79.33
CA LEU N 148 34.36 40.70 -77.91
C LEU N 148 35.24 41.86 -77.47
N GLU N 149 36.51 41.86 -77.88
CA GLU N 149 37.40 42.94 -77.50
C GLU N 149 36.90 44.28 -78.02
N ARG N 150 36.43 44.32 -79.26
CA ARG N 150 35.88 45.56 -79.80
C ARG N 150 34.65 45.98 -79.01
N LYS N 151 33.80 45.03 -78.65
CA LYS N 151 32.62 45.36 -77.85
C LYS N 151 32.99 45.77 -76.43
N TYR N 152 34.11 45.25 -75.92
CA TYR N 152 34.51 45.58 -74.55
C TYR N 152 34.73 47.07 -74.37
N LEU N 153 35.45 47.69 -75.30
CA LEU N 153 35.82 49.09 -75.14
C LEU N 153 34.60 50.00 -75.13
N GLU N 154 33.61 49.71 -75.98
CA GLU N 154 32.45 50.57 -76.10
C GLU N 154 31.71 50.72 -74.78
N LEU N 155 31.88 49.76 -73.86
CA LEU N 155 31.27 49.87 -72.54
C LEU N 155 32.09 50.77 -71.63
N LYS N 156 33.40 50.50 -71.56
CA LYS N 156 34.26 51.27 -70.66
C LYS N 156 34.28 52.75 -71.05
N SER N 157 34.27 53.04 -72.34
CA SER N 157 34.29 54.43 -72.79
C SER N 157 33.09 55.22 -72.30
N GLN N 158 32.02 54.54 -71.90
CA GLN N 158 30.83 55.21 -71.40
C GLN N 158 30.69 55.16 -69.89
N LYS N 159 31.34 54.20 -69.22
CA LYS N 159 31.14 54.06 -67.78
C LYS N 159 31.56 55.32 -67.04
N ASN N 160 32.72 55.88 -67.42
CA ASN N 160 33.17 57.11 -66.77
C ASN N 160 32.19 58.25 -66.99
N LEU N 161 31.57 58.30 -68.16
CA LEU N 161 30.61 59.36 -68.43
C LEU N 161 29.40 59.27 -67.51
N TYR N 162 28.87 58.07 -67.30
CA TYR N 162 27.71 57.91 -66.43
C TYR N 162 28.04 58.30 -65.00
N LEU N 163 29.20 57.88 -64.49
CA LEU N 163 29.56 58.20 -63.11
C LEU N 163 29.61 59.71 -62.90
N ALA N 164 30.16 60.45 -63.88
CA ALA N 164 30.23 61.89 -63.75
C ALA N 164 28.84 62.50 -63.60
N ARG N 165 27.89 62.04 -64.43
CA ARG N 165 26.52 62.52 -64.32
C ARG N 165 25.93 62.18 -62.96
N LEU N 166 26.19 60.96 -62.50
CA LEU N 166 25.68 60.54 -61.19
C LEU N 166 26.24 61.41 -60.07
N LYS N 167 27.54 61.69 -60.10
CA LYS N 167 28.14 62.53 -59.08
C LYS N 167 27.61 63.96 -59.16
N SER N 168 27.30 64.43 -60.38
CA SER N 168 26.79 65.78 -60.53
C SER N 168 25.41 65.93 -59.88
N ALA N 169 24.51 64.99 -60.16
CA ALA N 169 23.14 65.12 -59.67
C ALA N 169 23.06 64.85 -58.17
N ILE N 170 23.76 63.81 -57.70
CA ILE N 170 23.71 63.49 -56.27
C ILE N 170 24.18 64.68 -55.45
N ALA N 171 25.27 65.32 -55.87
CA ALA N 171 25.72 66.52 -55.18
C ALA N 171 24.68 67.63 -55.26
N ALA N 172 24.06 67.80 -56.43
CA ALA N 172 23.07 68.85 -56.59
C ALA N 172 21.93 68.68 -55.60
N GLN N 173 21.48 67.43 -55.40
CA GLN N 173 20.45 67.19 -54.39
C GLN N 173 20.93 67.57 -53.01
N LYS N 174 22.18 67.25 -52.69
CA LYS N 174 22.72 67.59 -51.37
C LYS N 174 22.76 69.09 -51.17
N ILE N 175 23.15 69.84 -52.20
CA ILE N 175 23.23 71.29 -52.08
C ILE N 175 21.84 71.89 -51.87
N GLU N 176 20.87 71.44 -52.67
CA GLU N 176 19.56 72.10 -52.68
C GLU N 176 18.86 71.99 -51.33
N GLU N 177 18.92 70.81 -50.70
CA GLU N 177 18.25 70.64 -49.42
C GLU N 177 18.82 71.57 -48.36
N ILE N 178 20.05 72.04 -48.55
CA ILE N 178 20.68 72.97 -47.62
C ILE N 178 20.47 74.39 -48.14
N ALA N 179 19.55 74.55 -49.10
CA ALA N 179 19.31 75.87 -49.66
C ALA N 179 18.99 76.90 -48.60
N GLY N 180 18.35 76.47 -47.51
CA GLY N 180 18.01 77.39 -46.45
C GLY N 180 17.15 78.54 -46.93
N ASN N 181 16.12 78.22 -47.70
CA ASN N 181 15.26 79.24 -48.27
C ASN N 181 14.68 80.12 -47.17
N LEU N 182 14.77 81.44 -47.36
CA LEU N 182 14.27 82.37 -46.35
C LEU N 182 12.75 82.33 -46.26
N ASP N 183 12.08 81.97 -47.36
CA ASP N 183 10.62 82.03 -47.41
C ASP N 183 9.92 80.93 -46.63
N ASN N 184 10.63 79.87 -46.22
CA ASN N 184 9.95 78.74 -45.59
C ASN N 184 9.24 79.18 -44.32
N ALA N 185 9.94 79.88 -43.43
CA ALA N 185 9.36 80.37 -42.18
C ALA N 185 8.77 79.22 -41.36
N SER N 186 9.46 78.07 -41.38
CA SER N 186 8.99 76.88 -40.69
C SER N 186 10.11 76.11 -39.99
N ALA N 187 11.34 76.62 -39.99
CA ALA N 187 12.54 75.98 -39.46
C ALA N 187 13.07 74.91 -40.40
N SER N 188 12.38 74.63 -41.52
CA SER N 188 12.95 73.73 -42.52
C SER N 188 14.24 74.31 -43.09
N SER N 189 14.24 75.60 -43.39
CA SER N 189 15.47 76.32 -43.72
C SER N 189 16.16 76.71 -42.43
N LEU N 190 17.41 76.28 -42.27
CA LEU N 190 18.13 76.54 -41.04
C LEU N 190 18.26 78.04 -40.77
N PHE N 191 18.25 78.87 -41.82
CA PHE N 191 18.36 80.31 -41.62
C PHE N 191 17.14 80.85 -40.89
N GLU N 192 15.94 80.49 -41.36
CA GLU N 192 14.73 80.94 -40.68
C GLU N 192 14.64 80.38 -39.28
N ARG N 193 15.18 79.18 -39.06
CA ARG N 193 15.25 78.65 -37.70
C ARG N 193 16.11 79.57 -36.82
N ILE N 194 17.23 80.06 -37.36
CA ILE N 194 18.04 81.02 -36.63
C ILE N 194 17.24 82.29 -36.37
N GLU N 195 16.52 82.77 -37.38
CA GLU N 195 15.74 84.00 -37.20
C GLU N 195 14.74 83.86 -36.07
N THR N 196 14.07 82.70 -35.98
CA THR N 196 13.17 82.46 -34.87
C THR N 196 13.92 82.50 -33.55
N LYS N 197 15.14 81.95 -33.52
CA LYS N 197 15.94 81.97 -32.31
C LYS N 197 16.26 83.41 -31.88
N ILE N 198 16.58 84.27 -32.84
CA ILE N 198 16.93 85.65 -32.53
C ILE N 198 15.78 86.34 -31.81
N LEU N 199 14.57 86.25 -32.39
CA LEU N 199 13.42 86.93 -31.81
C LEU N 199 13.06 86.37 -30.45
N GLU N 200 13.35 85.09 -30.22
CA GLU N 200 13.04 84.49 -28.92
C GLU N 200 13.77 85.22 -27.80
N LEU N 201 15.07 85.47 -27.99
CA LEU N 201 15.86 86.13 -26.95
C LEU N 201 15.42 87.58 -26.76
N GLU N 202 15.29 88.32 -27.86
CA GLU N 202 14.89 89.71 -27.77
C GLU N 202 13.56 89.86 -27.05
N ALA N 203 12.67 88.88 -27.20
CA ALA N 203 11.38 88.94 -26.52
C ALA N 203 11.55 88.89 -25.01
N GLU N 204 12.45 88.03 -24.52
CA GLU N 204 12.63 87.88 -23.09
C GLU N 204 13.12 89.18 -22.45
N ARG N 205 14.09 89.83 -23.09
CA ARG N 205 14.68 91.02 -22.50
C ARG N 205 13.65 92.14 -22.32
N GLU N 206 12.87 92.39 -23.36
CA GLU N 206 11.90 93.49 -23.29
C GLU N 206 10.87 93.26 -22.19
N LEU N 207 10.39 92.02 -22.07
CA LEU N 207 9.40 91.72 -21.03
C LEU N 207 10.00 91.85 -19.64
N LEU N 208 11.22 91.34 -19.45
CA LEU N 208 11.82 91.37 -18.13
C LEU N 208 12.22 92.79 -17.74
N ASN N 209 12.39 93.67 -18.73
CA ASN N 209 12.71 95.09 -18.50
C ASN N 209 11.66 95.90 -19.26
N PRO N 210 10.49 96.12 -18.65
CA PRO N 210 9.42 96.83 -19.34
C PRO N 210 9.92 98.13 -19.94
N PRO N 211 9.91 98.26 -21.26
CA PRO N 211 10.35 99.51 -21.88
C PRO N 211 9.36 100.63 -21.61
N PRO N 212 9.75 101.88 -21.81
CA PRO N 212 8.85 103.00 -21.49
C PRO N 212 7.56 102.92 -22.29
N SER N 213 6.47 103.32 -21.64
CA SER N 213 5.19 103.37 -22.32
C SER N 213 5.18 104.49 -23.34
N PRO N 214 4.37 104.38 -24.40
CA PRO N 214 4.31 105.47 -25.38
C PRO N 214 3.90 106.80 -24.78
N LEU N 215 3.06 106.79 -23.76
CA LEU N 215 2.70 108.02 -23.07
C LEU N 215 3.93 108.66 -22.44
N ASP N 216 4.78 107.85 -21.79
CA ASP N 216 6.02 108.38 -21.24
C ASP N 216 6.91 108.93 -22.33
N LYS N 217 6.99 108.25 -23.47
CA LYS N 217 7.75 108.77 -24.61
C LYS N 217 7.17 110.10 -25.05
N LYS N 218 5.85 110.21 -25.11
CA LYS N 218 5.24 111.47 -25.53
C LYS N 218 5.68 112.62 -24.63
N PHE N 219 5.66 112.40 -23.31
CA PHE N 219 6.04 113.45 -22.38
C PHE N 219 7.49 113.86 -22.56
N GLU N 220 8.38 112.89 -22.75
CA GLU N 220 9.81 113.20 -22.81
C GLU N 220 10.11 114.16 -23.96
N GLN N 221 9.68 113.81 -25.17
CA GLN N 221 9.87 114.71 -26.30
C GLN N 221 9.02 115.97 -26.14
N TRP N 222 7.79 115.81 -25.64
CA TRP N 222 6.92 116.95 -25.41
C TRP N 222 7.58 117.99 -24.51
N GLU N 223 8.44 117.55 -23.60
CA GLU N 223 9.13 118.47 -22.70
C GLU N 223 10.27 119.18 -23.40
N GLU N 224 11.01 118.48 -24.27
CA GLU N 224 12.22 119.05 -24.83
C GLU N 224 11.95 120.25 -25.73
N GLN N 225 10.80 120.26 -26.41
CA GLN N 225 10.53 121.35 -27.35
C GLN N 225 10.51 122.70 -26.65
N GLN N 226 9.87 122.78 -25.48
CA GLN N 226 9.88 124.02 -24.72
C GLN N 226 11.28 124.36 -24.24
N ALA N 227 12.03 123.35 -23.79
CA ALA N 227 13.38 123.60 -23.28
C ALA N 227 14.25 124.23 -24.35
N VAL N 228 14.24 123.67 -25.56
CA VAL N 228 15.04 124.22 -26.65
C VAL N 228 14.44 125.55 -27.10
N GLU N 229 13.11 125.62 -27.20
CA GLU N 229 12.46 126.86 -27.63
C GLU N 229 12.63 127.95 -26.58
N ALA N 230 12.46 127.59 -25.29
CA ALA N 230 12.66 128.57 -24.23
C ALA N 230 14.10 129.05 -24.21
N THR N 231 15.05 128.14 -24.36
CA THR N 231 16.45 128.54 -24.48
C THR N 231 16.66 129.35 -25.75
N LEU N 232 16.06 128.92 -26.86
CA LEU N 232 16.14 129.69 -28.09
C LEU N 232 15.38 131.00 -27.97
N ALA N 233 14.24 131.00 -27.28
CA ALA N 233 13.51 132.24 -27.04
C ALA N 233 14.37 133.22 -26.24
N ALA N 234 15.05 132.72 -25.21
CA ALA N 234 15.99 133.54 -24.46
C ALA N 234 17.27 133.78 -25.24
N MET N 235 17.62 132.92 -26.20
CA MET N 235 18.80 133.15 -27.01
C MET N 235 18.73 134.49 -27.73
N LYS N 236 17.62 134.75 -28.42
CA LYS N 236 17.43 136.04 -29.05
C LYS N 236 17.36 137.16 -28.00
N ALA N 237 16.65 136.90 -26.90
CA ALA N 237 16.49 137.93 -25.87
C ALA N 237 17.81 138.18 -25.14
N ARG N 238 18.51 137.12 -24.73
CA ARG N 238 19.76 137.30 -24.00
C ARG N 238 20.79 138.00 -24.87
N ARG N 239 20.89 137.61 -26.14
CA ARG N 239 21.77 138.32 -27.07
C ARG N 239 21.22 139.69 -27.40
N SER N 240 19.89 139.80 -27.49
CA SER N 240 19.25 141.08 -27.82
C SER N 240 17.83 141.12 -27.27
N GLN O 45 63.95 -29.49 7.79
CA GLN O 45 65.30 -30.09 8.10
C GLN O 45 66.36 -29.53 7.16
N GLU O 46 67.60 -29.54 7.61
CA GLU O 46 68.74 -29.04 6.85
C GLU O 46 69.64 -30.20 6.46
N ALA O 47 70.73 -29.87 5.77
CA ALA O 47 71.69 -30.90 5.40
C ALA O 47 72.31 -31.49 6.67
N PRO O 48 72.45 -32.81 6.74
CA PRO O 48 72.98 -33.41 7.98
C PRO O 48 74.37 -32.90 8.34
N GLU O 49 75.22 -32.66 7.34
CA GLU O 49 76.57 -32.18 7.62
C GLU O 49 76.56 -30.81 8.27
N ASP O 50 75.67 -29.92 7.81
CA ASP O 50 75.64 -28.57 8.35
C ASP O 50 75.31 -28.57 9.84
N LEU O 51 74.37 -29.43 10.25
CA LEU O 51 74.01 -29.49 11.67
C LEU O 51 75.21 -29.85 12.52
N LEU O 52 76.06 -30.75 12.03
CA LEU O 52 77.16 -31.27 12.84
C LEU O 52 78.07 -30.13 13.32
N GLU O 53 78.44 -29.23 12.42
CA GLU O 53 79.27 -28.10 12.80
C GLU O 53 78.56 -27.21 13.82
N ARG O 54 77.29 -26.90 13.56
CA ARG O 54 76.53 -26.03 14.45
C ARG O 54 76.32 -26.70 15.81
N LEU O 55 76.03 -27.99 15.82
CA LEU O 55 75.74 -28.67 17.08
C LEU O 55 76.95 -28.65 18.02
N LEU O 56 78.13 -28.95 17.50
CA LEU O 56 79.32 -28.97 18.35
C LEU O 56 79.64 -27.59 18.89
N GLY O 57 79.46 -26.55 18.07
CA GLY O 57 79.70 -25.20 18.54
C GLY O 57 78.86 -24.86 19.75
N GLU O 58 77.60 -25.29 19.74
CA GLU O 58 76.76 -25.13 20.92
C GLU O 58 77.28 -25.97 22.08
N MET O 59 77.72 -27.20 21.78
CA MET O 59 78.23 -28.07 22.84
C MET O 59 79.45 -27.48 23.52
N GLU O 60 80.40 -26.96 22.74
CA GLU O 60 81.60 -26.39 23.32
C GLU O 60 81.26 -25.17 24.17
N LEU O 61 80.34 -24.33 23.69
CA LEU O 61 79.95 -23.15 24.45
C LEU O 61 79.35 -23.54 25.79
N GLU O 62 78.53 -24.60 25.82
CA GLU O 62 77.89 -25.01 27.05
C GLU O 62 78.90 -25.49 28.07
N LEU O 63 79.94 -26.21 27.62
CA LEU O 63 80.85 -26.87 28.55
C LEU O 63 81.57 -25.86 29.44
N ILE O 64 82.04 -24.76 28.86
CA ILE O 64 82.75 -23.76 29.64
C ILE O 64 81.82 -23.14 30.68
N GLU O 65 80.55 -22.97 30.32
CA GLU O 65 79.58 -22.45 31.28
C GLU O 65 79.47 -23.38 32.49
N LEU O 66 79.47 -24.69 32.24
CA LEU O 66 79.54 -25.65 33.33
C LEU O 66 80.82 -25.48 34.13
N ARG O 67 81.95 -25.30 33.44
CA ARG O 67 83.21 -25.11 34.13
C ARG O 67 83.19 -23.88 35.03
N ARG O 68 82.63 -22.78 34.52
CA ARG O 68 82.56 -21.56 35.31
C ARG O 68 81.67 -21.75 36.54
N ALA O 69 80.52 -22.41 36.36
CA ALA O 69 79.57 -22.55 37.46
C ALA O 69 80.17 -23.38 38.59
N LEU O 70 80.85 -24.49 38.25
CA LEU O 70 81.41 -25.35 39.29
C LEU O 70 82.38 -24.58 40.19
N ALA O 71 83.09 -23.61 39.64
CA ALA O 71 84.02 -22.83 40.45
C ALA O 71 83.29 -22.10 41.57
N GLN O 72 82.12 -21.52 41.26
CA GLN O 72 81.37 -20.78 42.27
C GLN O 72 80.97 -21.69 43.43
N THR O 73 80.66 -22.95 43.14
CA THR O 73 80.38 -23.91 44.20
C THR O 73 81.57 -24.05 45.13
N ILE O 74 82.77 -24.13 44.58
CA ILE O 74 83.97 -24.30 45.40
C ILE O 74 84.15 -23.10 46.32
N ALA O 75 83.83 -21.91 45.83
CA ALA O 75 84.01 -20.70 46.65
C ALA O 75 83.23 -20.80 47.94
N THR O 76 81.94 -21.15 47.85
CA THR O 76 81.13 -21.27 49.06
C THR O 76 81.63 -22.40 49.96
N PHE O 77 82.02 -23.53 49.34
CA PHE O 77 82.56 -24.65 50.13
C PHE O 77 83.78 -24.23 50.91
N LYS O 78 84.67 -23.44 50.30
CA LYS O 78 85.82 -22.91 51.02
C LYS O 78 85.41 -21.78 51.96
N SER O 79 84.50 -20.92 51.53
CA SER O 79 84.14 -19.75 52.32
C SER O 79 83.55 -20.15 53.67
N THR O 80 82.58 -21.08 53.65
CA THR O 80 81.96 -21.52 54.90
C THR O 80 82.98 -22.19 55.80
N GLU O 81 83.87 -23.00 55.21
CA GLU O 81 84.89 -23.68 56.02
C GLU O 81 85.76 -22.67 56.73
N ARG O 82 86.18 -21.61 56.04
CA ARG O 82 86.89 -20.52 56.70
C ARG O 82 86.02 -19.87 57.76
N GLN O 83 84.73 -19.67 57.44
CA GLN O 83 83.80 -19.10 58.41
C GLN O 83 83.66 -20.00 59.62
N ARG O 84 83.65 -21.32 59.41
CA ARG O 84 83.49 -22.25 60.53
C ARG O 84 84.63 -22.11 61.52
N ASP O 85 85.87 -22.00 61.02
CA ASP O 85 87.02 -21.92 61.91
C ASP O 85 86.93 -20.69 62.81
N ALA O 86 86.31 -19.62 62.33
CA ALA O 86 86.24 -18.39 63.12
C ALA O 86 85.45 -18.61 64.40
N GLN O 87 84.32 -19.31 64.32
CA GLN O 87 83.45 -19.46 65.48
C GLN O 87 84.15 -20.24 66.59
N GLN O 88 84.75 -21.38 66.25
CA GLN O 88 85.43 -22.17 67.27
C GLN O 88 86.56 -21.38 67.92
N LEU O 89 87.23 -20.52 67.16
CA LEU O 89 88.27 -19.68 67.73
C LEU O 89 87.68 -18.78 68.82
N ILE O 90 86.50 -18.22 68.58
CA ILE O 90 85.85 -17.40 69.59
C ILE O 90 85.54 -18.23 70.83
N ALA O 91 85.01 -19.44 70.63
CA ALA O 91 84.73 -20.32 71.76
C ALA O 91 86.00 -20.63 72.54
N GLN O 92 87.12 -20.80 71.83
CA GLN O 92 88.38 -21.04 72.51
C GLN O 92 88.75 -19.87 73.41
N ARG O 93 88.49 -18.64 72.95
CA ARG O 93 88.80 -17.47 73.76
C ARG O 93 88.06 -17.52 75.09
N TRP O 94 86.76 -17.83 75.05
CA TRP O 94 86.00 -17.94 76.29
C TRP O 94 86.53 -19.08 77.15
N TYR O 95 86.84 -20.22 76.54
CA TYR O 95 87.41 -21.33 77.29
C TYR O 95 88.75 -20.93 77.90
N GLU O 96 89.60 -20.28 77.10
CA GLU O 96 90.88 -19.81 77.64
C GLU O 96 90.65 -18.80 78.76
N LYS O 97 89.70 -17.89 78.56
CA LYS O 97 89.37 -16.93 79.61
C LYS O 97 88.84 -17.64 80.84
N ALA O 98 87.98 -18.64 80.65
CA ALA O 98 87.44 -19.40 81.77
C ALA O 98 88.53 -20.16 82.51
N GLN O 99 89.67 -20.42 81.86
CA GLN O 99 90.74 -21.15 82.53
C GLN O 99 91.23 -20.39 83.77
N ALA O 100 91.44 -19.09 83.64
CA ALA O 100 91.86 -18.24 84.74
C ALA O 100 90.69 -17.51 85.39
N ALA O 101 89.46 -17.76 84.95
CA ALA O 101 88.30 -17.09 85.51
C ALA O 101 88.19 -17.37 87.01
N LEU O 102 88.30 -18.64 87.38
CA LEU O 102 88.25 -19.05 88.78
C LEU O 102 89.64 -19.23 89.39
N ASP O 103 90.70 -18.85 88.66
CA ASP O 103 92.03 -18.92 89.23
C ASP O 103 92.13 -18.15 90.53
N ARG O 104 91.36 -17.06 90.66
CA ARG O 104 91.24 -16.33 91.90
C ARG O 104 90.28 -16.99 92.88
N GLY O 105 89.80 -18.19 92.56
CA GLY O 105 88.73 -18.82 93.32
C GLY O 105 87.34 -18.41 92.88
N ASN O 106 87.22 -17.63 91.81
CA ASN O 106 85.92 -17.13 91.34
C ASN O 106 85.28 -18.19 90.45
N GLU O 107 84.77 -19.24 91.10
CA GLU O 107 84.10 -20.32 90.38
C GLU O 107 82.82 -19.84 89.71
N GLN O 108 82.09 -18.92 90.35
CA GLN O 108 80.81 -18.48 89.82
C GLN O 108 80.96 -17.88 88.43
N LEU O 109 81.98 -17.04 88.24
CA LEU O 109 82.17 -16.39 86.95
C LEU O 109 82.42 -17.40 85.85
N ALA O 110 83.23 -18.42 86.13
CA ALA O 110 83.54 -19.42 85.11
C ALA O 110 82.27 -20.16 84.67
N ARG O 111 81.25 -20.21 85.51
CA ARG O 111 80.01 -20.87 85.14
C ARG O 111 79.40 -20.24 83.89
N GLU O 112 79.38 -18.91 83.85
CA GLU O 112 78.77 -18.22 82.72
C GLU O 112 79.53 -18.49 81.43
N ALA O 113 80.87 -18.50 81.50
CA ALA O 113 81.67 -18.68 80.30
C ALA O 113 81.39 -20.04 79.65
N LEU O 114 81.48 -21.11 80.44
CA LEU O 114 81.24 -22.44 79.89
C LEU O 114 79.81 -22.57 79.37
N GLY O 115 78.84 -21.99 80.08
CA GLY O 115 77.48 -21.97 79.56
C GLY O 115 77.37 -21.14 78.29
N GLN O 116 78.13 -20.05 78.21
CA GLN O 116 78.06 -19.18 77.03
C GLN O 116 78.59 -19.88 75.80
N ARG O 117 79.73 -20.57 75.92
CA ARG O 117 80.38 -21.16 74.76
C ARG O 117 79.58 -22.30 74.14
N GLN O 118 78.63 -22.88 74.87
CA GLN O 118 77.83 -23.97 74.32
C GLN O 118 77.04 -23.51 73.10
N SER O 119 76.48 -22.30 73.15
CA SER O 119 75.75 -21.77 72.02
C SER O 119 76.61 -21.73 70.77
N TYR O 120 77.86 -21.26 70.91
CA TYR O 120 78.77 -21.25 69.77
C TYR O 120 79.05 -22.65 69.27
N GLN O 121 79.24 -23.61 70.19
CA GLN O 121 79.54 -24.97 69.78
C GLN O 121 78.42 -25.54 68.92
N SER O 122 77.17 -25.13 69.18
CA SER O 122 76.06 -25.63 68.39
C SER O 122 76.21 -25.26 66.92
N HIS O 123 76.61 -24.02 66.64
CA HIS O 123 76.81 -23.60 65.26
C HIS O 123 77.93 -24.40 64.61
N THR O 124 79.02 -24.64 65.34
CA THR O 124 80.14 -25.39 64.78
C THR O 124 79.71 -26.79 64.37
N GLU O 125 78.94 -27.46 65.24
CA GLU O 125 78.48 -28.80 64.91
C GLU O 125 77.54 -28.77 63.71
N ALA O 126 76.65 -27.78 63.64
CA ALA O 126 75.72 -27.69 62.52
C ALA O 126 76.46 -27.49 61.22
N LEU O 127 77.47 -26.62 61.21
CA LEU O 127 78.22 -26.39 59.98
C LEU O 127 79.07 -27.58 59.59
N GLY O 128 79.67 -28.26 60.57
CA GLY O 128 80.48 -29.42 60.25
C GLY O 128 79.70 -30.48 59.50
N LYS O 129 78.46 -30.73 59.91
CA LYS O 129 77.62 -31.68 59.19
C LYS O 129 77.28 -31.15 57.79
N SER O 130 77.03 -29.86 57.67
CA SER O 130 76.64 -29.29 56.38
C SER O 130 77.75 -29.44 55.36
N LEU O 131 79.00 -29.18 55.76
CA LEU O 131 80.12 -29.32 54.84
C LEU O 131 80.34 -30.78 54.46
N GLY O 132 80.05 -31.70 55.39
CA GLY O 132 80.30 -33.11 55.12
C GLY O 132 79.59 -33.60 53.87
N GLU O 133 78.32 -33.20 53.70
CA GLU O 133 77.58 -33.62 52.52
C GLU O 133 78.04 -32.86 51.28
N GLN O 134 78.34 -31.57 51.42
CA GLN O 134 78.82 -30.79 50.28
C GLN O 134 80.14 -31.32 49.78
N ARG O 135 81.04 -31.72 50.69
CA ARG O 135 82.38 -32.13 50.30
C ARG O 135 82.32 -33.31 49.33
N ALA O 136 81.51 -34.31 49.64
CA ALA O 136 81.40 -35.48 48.77
C ALA O 136 80.47 -35.26 47.59
N LEU O 137 79.77 -34.12 47.54
CA LEU O 137 78.85 -33.86 46.44
C LEU O 137 79.58 -33.25 45.24
N VAL O 138 80.39 -32.22 45.48
CA VAL O 138 81.09 -31.58 44.38
C VAL O 138 82.07 -32.55 43.73
N GLU O 139 82.76 -33.34 44.54
CA GLU O 139 83.72 -34.30 44.00
C GLU O 139 83.08 -35.19 42.95
N GLN O 140 81.81 -35.55 43.17
CA GLN O 140 81.08 -36.29 42.15
C GLN O 140 80.84 -35.44 40.90
N VAL O 141 80.57 -34.15 41.09
CA VAL O 141 80.33 -33.26 39.96
C VAL O 141 81.59 -33.16 39.10
N ARG O 142 82.74 -32.99 39.74
CA ARG O 142 83.99 -32.87 38.98
C ARG O 142 84.20 -34.07 38.07
N GLY O 143 83.83 -35.26 38.53
CA GLY O 143 83.98 -36.44 37.69
C GLY O 143 83.17 -36.36 36.42
N GLN O 144 81.93 -35.87 36.50
CA GLN O 144 81.11 -35.74 35.32
C GLN O 144 81.73 -34.75 34.33
N LEU O 145 82.21 -33.62 34.82
CA LEU O 145 82.81 -32.62 33.92
C LEU O 145 84.05 -33.20 33.25
N GLN O 146 84.93 -33.83 34.03
CA GLN O 146 86.15 -34.37 33.45
C GLN O 146 85.86 -35.45 32.42
N LYS O 147 84.92 -36.34 32.72
CA LYS O 147 84.57 -37.38 31.77
C LYS O 147 83.96 -36.78 30.51
N LEU O 148 83.11 -35.76 30.67
CA LEU O 148 82.50 -35.13 29.51
C LEU O 148 83.55 -34.51 28.60
N GLU O 149 84.53 -33.82 29.18
CA GLU O 149 85.57 -33.21 28.37
C GLU O 149 86.35 -34.26 27.60
N ARG O 150 86.68 -35.38 28.24
CA ARG O 150 87.36 -36.46 27.53
C ARG O 150 86.50 -37.02 26.41
N LYS O 151 85.21 -37.17 26.67
CA LYS O 151 84.29 -37.66 25.64
C LYS O 151 84.11 -36.63 24.52
N TYR O 152 84.23 -35.35 24.85
CA TYR O 152 84.01 -34.31 23.85
C TYR O 152 85.00 -34.44 22.70
N LEU O 153 86.28 -34.64 23.01
CA LEU O 153 87.31 -34.64 21.97
C LEU O 153 87.11 -35.80 21.00
N GLU O 154 86.73 -36.98 21.52
CA GLU O 154 86.61 -38.15 20.67
C GLU O 154 85.61 -37.94 19.54
N LEU O 155 84.67 -37.01 19.70
CA LEU O 155 83.74 -36.68 18.63
C LEU O 155 84.37 -35.76 17.60
N LYS O 156 84.98 -34.68 18.07
CA LYS O 156 85.55 -33.70 17.14
C LYS O 156 86.67 -34.31 16.31
N SER O 157 87.47 -35.19 16.93
CA SER O 157 88.57 -35.82 16.20
C SER O 157 88.08 -36.64 15.01
N GLN O 158 86.81 -37.00 14.99
CA GLN O 158 86.25 -37.78 13.89
C GLN O 158 85.41 -36.95 12.93
N LYS O 159 84.89 -35.80 13.36
CA LYS O 159 83.99 -35.05 12.51
C LYS O 159 84.69 -34.62 11.22
N ASN O 160 85.93 -34.14 11.33
CA ASN O 160 86.67 -33.74 10.14
C ASN O 160 86.87 -34.91 9.20
N LEU O 161 87.08 -36.11 9.75
CA LEU O 161 87.28 -37.28 8.91
C LEU O 161 86.04 -37.60 8.09
N TYR O 162 84.86 -37.53 8.71
CA TYR O 162 83.63 -37.83 7.98
C TYR O 162 83.39 -36.82 6.86
N LEU O 163 83.60 -35.53 7.14
CA LEU O 163 83.36 -34.52 6.12
C LEU O 163 84.23 -34.76 4.90
N ALA O 164 85.49 -35.15 5.11
CA ALA O 164 86.38 -35.42 3.98
C ALA O 164 85.84 -36.54 3.11
N ARG O 165 85.36 -37.61 3.74
CA ARG O 165 84.76 -38.70 2.97
C ARG O 165 83.54 -38.23 2.22
N LEU O 166 82.70 -37.42 2.87
CA LEU O 166 81.50 -36.90 2.22
C LEU O 166 81.86 -36.03 1.02
N LYS O 167 82.85 -35.15 1.16
CA LYS O 167 83.26 -34.32 0.04
C LYS O 167 83.86 -35.16 -1.08
N SER O 168 84.54 -36.25 -0.73
CA SER O 168 85.15 -37.10 -1.76
C SER O 168 84.07 -37.77 -2.62
N ALA O 169 83.08 -38.36 -1.97
CA ALA O 169 82.07 -39.12 -2.72
C ALA O 169 81.13 -38.19 -3.49
N ILE O 170 80.68 -37.11 -2.86
CA ILE O 170 79.78 -36.19 -3.54
C ILE O 170 80.41 -35.67 -4.82
N ALA O 171 81.69 -35.29 -4.75
CA ALA O 171 82.39 -34.85 -5.95
C ALA O 171 82.47 -35.97 -6.97
N ALA O 172 82.76 -37.19 -6.51
CA ALA O 172 82.87 -38.32 -7.42
C ALA O 172 81.59 -38.53 -8.21
N GLN O 173 80.44 -38.41 -7.54
CA GLN O 173 79.17 -38.50 -8.24
C GLN O 173 79.04 -37.40 -9.29
N LYS O 174 79.46 -36.19 -8.95
CA LYS O 174 79.38 -35.08 -9.89
C LYS O 174 80.24 -35.34 -11.12
N ILE O 175 81.44 -35.88 -10.92
CA ILE O 175 82.34 -36.14 -12.03
C ILE O 175 81.75 -37.21 -12.94
N GLU O 176 81.25 -38.31 -12.36
CA GLU O 176 80.87 -39.46 -13.15
C GLU O 176 79.71 -39.14 -14.10
N GLU O 177 78.72 -38.39 -13.62
CA GLU O 177 77.58 -38.07 -14.47
C GLU O 177 78.01 -37.26 -15.69
N ILE O 178 79.15 -36.57 -15.60
CA ILE O 178 79.68 -35.80 -16.72
C ILE O 178 80.68 -36.66 -17.48
N ALA O 179 80.67 -37.97 -17.23
CA ALA O 179 81.62 -38.85 -17.88
C ALA O 179 81.55 -38.73 -19.40
N GLY O 180 80.37 -38.43 -19.94
CA GLY O 180 80.21 -38.28 -21.36
C GLY O 180 80.63 -39.54 -22.10
N ASN O 181 80.17 -40.69 -21.64
CA ASN O 181 80.56 -41.96 -22.24
C ASN O 181 80.22 -41.96 -23.73
N LEU O 182 81.19 -42.36 -24.55
CA LEU O 182 80.98 -42.38 -25.99
C LEU O 182 79.97 -43.46 -26.39
N ASP O 183 79.85 -44.52 -25.59
CA ASP O 183 79.02 -45.66 -25.98
C ASP O 183 77.53 -45.41 -25.84
N ASN O 184 77.11 -44.34 -25.14
CA ASN O 184 75.68 -44.15 -24.89
C ASN O 184 74.89 -44.04 -26.19
N ALA O 185 75.34 -43.16 -27.09
CA ALA O 185 74.69 -42.98 -28.38
C ALA O 185 73.23 -42.61 -28.21
N SER O 186 72.95 -41.79 -27.18
CA SER O 186 71.58 -41.40 -26.88
C SER O 186 71.46 -39.93 -26.48
N ALA O 187 72.53 -39.15 -26.55
CA ALA O 187 72.62 -37.76 -26.12
C ALA O 187 72.73 -37.64 -24.61
N SER O 188 72.67 -38.75 -23.87
CA SER O 188 72.94 -38.68 -22.43
C SER O 188 74.37 -38.23 -22.17
N SER O 189 75.32 -38.76 -22.93
CA SER O 189 76.67 -38.25 -22.93
C SER O 189 76.73 -37.04 -23.87
N LEU O 190 77.15 -35.90 -23.34
CA LEU O 190 77.18 -34.69 -24.15
C LEU O 190 78.07 -34.83 -25.37
N PHE O 191 79.08 -35.70 -25.32
CA PHE O 191 79.95 -35.90 -26.47
C PHE O 191 79.18 -36.52 -27.63
N GLU O 192 78.44 -37.59 -27.37
CA GLU O 192 77.65 -38.21 -28.43
C GLU O 192 76.56 -37.28 -28.93
N ARG O 193 76.05 -36.41 -28.06
CA ARG O 193 75.12 -35.38 -28.53
C ARG O 193 75.80 -34.47 -29.53
N ILE O 194 77.05 -34.10 -29.28
CA ILE O 194 77.81 -33.31 -30.24
C ILE O 194 77.98 -34.10 -31.54
N GLU O 195 78.31 -35.38 -31.44
CA GLU O 195 78.52 -36.19 -32.63
C GLU O 195 77.27 -36.21 -33.49
N THR O 196 76.10 -36.35 -32.86
CA THR O 196 74.85 -36.27 -33.61
C THR O 196 74.71 -34.92 -34.30
N LYS O 197 75.10 -33.84 -33.61
CA LYS O 197 75.04 -32.51 -34.21
C LYS O 197 75.91 -32.42 -35.44
N ILE O 198 77.12 -33.00 -35.39
CA ILE O 198 78.04 -32.91 -36.51
C ILE O 198 77.42 -33.54 -37.76
N LEU O 199 76.90 -34.75 -37.62
CA LEU O 199 76.34 -35.45 -38.77
C LEU O 199 75.11 -34.74 -39.31
N GLU O 200 74.38 -34.03 -38.46
CA GLU O 200 73.19 -33.31 -38.91
C GLU O 200 73.56 -32.29 -39.97
N LEU O 201 74.61 -31.50 -39.72
CA LEU O 201 75.01 -30.47 -40.67
C LEU O 201 75.54 -31.08 -41.96
N GLU O 202 76.46 -32.04 -41.83
CA GLU O 202 77.04 -32.67 -43.01
C GLU O 202 75.97 -33.26 -43.90
N ALA O 203 74.88 -33.76 -43.32
CA ALA O 203 73.80 -34.32 -44.11
C ALA O 203 73.13 -33.26 -44.99
N GLU O 204 72.92 -32.06 -44.44
CA GLU O 204 72.24 -31.01 -45.20
C GLU O 204 73.06 -30.62 -46.42
N ARG O 205 74.37 -30.47 -46.27
CA ARG O 205 75.21 -29.98 -47.36
C ARG O 205 75.18 -30.95 -48.54
N GLU O 206 75.35 -32.24 -48.28
CA GLU O 206 75.41 -33.21 -49.36
C GLU O 206 74.10 -33.24 -50.13
N LEU O 207 72.97 -33.21 -49.44
CA LEU O 207 71.68 -33.23 -50.12
C LEU O 207 71.46 -31.98 -50.94
N LEU O 208 71.80 -30.81 -50.38
CA LEU O 208 71.57 -29.57 -51.11
C LEU O 208 72.51 -29.42 -52.29
N ASN O 209 73.64 -30.13 -52.26
CA ASN O 209 74.61 -30.14 -53.36
C ASN O 209 74.82 -31.61 -53.74
N PRO O 210 73.95 -32.17 -54.57
CA PRO O 210 74.06 -33.59 -54.92
C PRO O 210 75.47 -33.94 -55.37
N PRO O 211 76.17 -34.78 -54.63
CA PRO O 211 77.53 -35.18 -55.05
C PRO O 211 77.48 -36.05 -56.28
N PRO O 212 78.61 -36.22 -56.98
CA PRO O 212 78.59 -37.00 -58.21
C PRO O 212 78.13 -38.43 -57.97
N SER O 213 77.40 -38.96 -58.94
CA SER O 213 76.95 -40.34 -58.87
C SER O 213 78.15 -41.28 -59.03
N PRO O 214 78.07 -42.49 -58.49
CA PRO O 214 79.20 -43.43 -58.67
C PRO O 214 79.49 -43.73 -60.13
N LEU O 215 78.46 -43.74 -60.99
CA LEU O 215 78.69 -43.92 -62.41
C LEU O 215 79.54 -42.80 -62.98
N ASP O 216 79.25 -41.56 -62.58
CA ASP O 216 80.08 -40.43 -63.01
C ASP O 216 81.50 -40.59 -62.52
N LYS O 217 81.67 -41.02 -61.26
CA LYS O 217 83.00 -41.30 -60.73
C LYS O 217 83.70 -42.35 -61.56
N LYS O 218 82.98 -43.41 -61.94
CA LYS O 218 83.58 -44.46 -62.75
C LYS O 218 84.14 -43.90 -64.05
N PHE O 219 83.35 -43.06 -64.73
CA PHE O 219 83.80 -42.50 -66.00
C PHE O 219 85.05 -41.65 -65.82
N GLU O 220 85.08 -40.82 -64.78
CA GLU O 220 86.18 -39.87 -64.61
C GLU O 220 87.52 -40.61 -64.51
N GLN O 221 87.61 -41.57 -63.58
CA GLN O 221 88.84 -42.37 -63.49
C GLN O 221 89.02 -43.24 -64.72
N TRP O 222 87.93 -43.82 -65.22
CA TRP O 222 87.99 -44.64 -66.42
C TRP O 222 88.61 -43.88 -67.59
N GLU O 223 88.43 -42.56 -67.64
CA GLU O 223 89.00 -41.76 -68.70
C GLU O 223 90.49 -41.52 -68.50
N GLU O 224 90.92 -41.31 -67.25
CA GLU O 224 92.29 -40.89 -67.01
C GLU O 224 93.30 -41.97 -67.39
N GLN O 225 92.93 -43.24 -67.25
CA GLN O 225 93.89 -44.31 -67.51
C GLN O 225 94.39 -44.28 -68.95
N GLN O 226 93.48 -44.07 -69.90
CA GLN O 226 93.90 -43.94 -71.30
C GLN O 226 94.74 -42.69 -71.50
N ALA O 227 94.36 -41.59 -70.87
CA ALA O 227 95.10 -40.35 -71.04
C ALA O 227 96.54 -40.50 -70.60
N VAL O 228 96.76 -41.09 -69.42
CA VAL O 228 98.12 -41.31 -68.95
C VAL O 228 98.80 -42.40 -69.77
N GLU O 229 98.08 -43.48 -70.09
CA GLU O 229 98.66 -44.55 -70.89
C GLU O 229 98.93 -44.09 -72.32
N ALA O 230 97.99 -43.34 -72.91
CA ALA O 230 98.22 -42.81 -74.24
C ALA O 230 99.40 -41.86 -74.26
N THR O 231 99.48 -40.98 -73.26
CA THR O 231 100.66 -40.11 -73.14
C THR O 231 101.90 -40.95 -72.86
N LEU O 232 101.79 -41.95 -72.00
CA LEU O 232 102.91 -42.86 -71.76
C LEU O 232 103.21 -43.71 -72.98
N ALA O 233 102.17 -44.14 -73.71
CA ALA O 233 102.38 -44.88 -74.94
C ALA O 233 103.14 -44.02 -75.96
N ALA O 234 102.74 -42.75 -76.07
CA ALA O 234 103.48 -41.81 -76.91
C ALA O 234 104.80 -41.40 -76.29
N MET O 235 104.93 -41.50 -74.96
CA MET O 235 106.20 -41.16 -74.32
C MET O 235 107.33 -42.01 -74.87
N LYS O 236 107.14 -43.33 -74.89
CA LYS O 236 108.14 -44.22 -75.49
C LYS O 236 108.28 -43.93 -76.98
N ALA O 237 107.16 -43.73 -77.67
CA ALA O 237 107.21 -43.49 -79.11
C ALA O 237 107.83 -42.15 -79.43
N ARG O 238 107.39 -41.09 -78.74
CA ARG O 238 107.94 -39.75 -79.03
C ARG O 238 109.43 -39.70 -78.73
N ARG O 239 109.86 -40.30 -77.62
CA ARG O 239 111.28 -40.40 -77.33
C ARG O 239 111.95 -41.39 -78.26
N SER O 240 111.26 -42.46 -78.62
CA SER O 240 111.81 -43.48 -79.50
C SER O 240 110.70 -44.23 -80.23
N GLN P 45 15.90 58.13 33.80
CA GLN P 45 16.21 59.47 34.38
C GLN P 45 17.67 59.54 34.83
N GLU P 46 18.21 60.76 34.85
CA GLU P 46 19.59 61.01 35.25
C GLU P 46 19.61 61.76 36.58
N ALA P 47 20.81 62.06 37.05
CA ALA P 47 20.95 62.84 38.27
C ALA P 47 20.36 64.22 38.05
N PRO P 48 19.58 64.75 39.01
CA PRO P 48 18.94 66.06 38.78
C PRO P 48 19.94 67.17 38.53
N GLU P 49 21.10 67.13 39.20
CA GLU P 49 22.09 68.18 39.01
C GLU P 49 22.63 68.18 37.59
N ASP P 50 22.85 67.00 37.00
CA ASP P 50 23.43 66.93 35.66
C ASP P 50 22.51 67.59 34.63
N LEU P 51 21.20 67.38 34.78
CA LEU P 51 20.26 67.98 33.84
C LEU P 51 20.36 69.51 33.86
N LEU P 52 20.56 70.09 35.03
CA LEU P 52 20.53 71.54 35.16
C LEU P 52 21.56 72.20 34.26
N GLU P 53 22.79 71.67 34.26
CA GLU P 53 23.83 72.22 33.39
C GLU P 53 23.45 72.06 31.93
N ARG P 54 22.99 70.86 31.55
CA ARG P 54 22.64 70.61 30.16
C ARG P 54 21.44 71.46 29.73
N LEU P 55 20.44 71.60 30.61
CA LEU P 55 19.24 72.33 30.23
C LEU P 55 19.54 73.79 29.91
N LEU P 56 20.35 74.45 30.76
CA LEU P 56 20.65 75.86 30.53
C LEU P 56 21.47 76.04 29.25
N GLY P 57 22.39 75.13 28.98
CA GLY P 57 23.15 75.23 27.74
C GLY P 57 22.26 75.24 26.52
N GLU P 58 21.23 74.40 26.52
CA GLU P 58 20.24 74.45 25.44
C GLU P 58 19.48 75.77 25.46
N MET P 59 19.14 76.26 26.65
CA MET P 59 18.39 77.52 26.75
C MET P 59 19.18 78.68 26.18
N GLU P 60 20.47 78.77 26.54
CA GLU P 60 21.30 79.87 26.04
C GLU P 60 21.44 79.79 24.52
N LEU P 61 21.62 78.59 23.99
CA LEU P 61 21.75 78.44 22.54
C LEU P 61 20.50 78.91 21.83
N GLU P 62 19.33 78.59 22.39
CA GLU P 62 18.07 78.98 21.74
C GLU P 62 17.91 80.49 21.71
N LEU P 63 18.32 81.19 22.77
CA LEU P 63 18.03 82.61 22.88
C LEU P 63 18.67 83.41 21.76
N ILE P 64 19.93 83.10 21.44
CA ILE P 64 20.61 83.86 20.38
C ILE P 64 19.93 83.60 19.05
N GLU P 65 19.42 82.39 18.83
CA GLU P 65 18.68 82.11 17.60
C GLU P 65 17.46 83.01 17.50
N LEU P 66 16.76 83.23 18.61
CA LEU P 66 15.68 84.20 18.63
C LEU P 66 16.20 85.60 18.31
N ARG P 67 17.35 85.96 18.90
CA ARG P 67 17.91 87.28 18.65
C ARG P 67 18.22 87.47 17.17
N ARG P 68 18.81 86.44 16.55
CA ARG P 68 19.15 86.54 15.14
C ARG P 68 17.90 86.67 14.28
N ALA P 69 16.86 85.88 14.59
CA ALA P 69 15.67 85.88 13.76
C ALA P 69 14.98 87.24 13.80
N LEU P 70 14.86 87.83 14.98
CA LEU P 70 14.18 89.12 15.10
C LEU P 70 14.81 90.17 14.21
N ALA P 71 16.13 90.11 14.01
CA ALA P 71 16.80 91.09 13.16
C ALA P 71 16.27 91.02 11.74
N GLN P 72 16.07 89.80 11.21
CA GLN P 72 15.58 89.65 9.85
C GLN P 72 14.21 90.31 9.69
N THR P 73 13.37 90.24 10.71
CA THR P 73 12.09 90.93 10.67
C THR P 73 12.29 92.44 10.47
N ILE P 74 13.25 93.01 11.19
CA ILE P 74 13.49 94.45 11.09
C ILE P 74 13.91 94.82 9.67
N ALA P 75 14.69 93.95 9.02
CA ALA P 75 15.16 94.24 7.67
C ALA P 75 13.99 94.49 6.72
N THR P 76 13.01 93.57 6.71
CA THR P 76 11.86 93.72 5.84
C THR P 76 11.05 94.95 6.23
N PHE P 77 10.86 95.17 7.53
CA PHE P 77 10.13 96.35 7.98
C PHE P 77 10.77 97.64 7.48
N LYS P 78 12.10 97.70 7.52
CA LYS P 78 12.79 98.86 6.96
C LYS P 78 12.79 98.83 5.43
N SER P 79 12.98 97.64 4.85
CA SER P 79 13.11 97.53 3.40
C SER P 79 11.84 98.01 2.70
N THR P 80 10.68 97.53 3.14
CA THR P 80 9.43 97.95 2.52
C THR P 80 9.20 99.44 2.70
N GLU P 81 9.53 99.97 3.88
CA GLU P 81 9.35 101.40 4.11
C GLU P 81 10.17 102.22 3.13
N ARG P 82 11.42 101.81 2.91
CA ARG P 82 12.22 102.45 1.87
C ARG P 82 11.59 102.25 0.49
N GLN P 83 11.07 101.05 0.24
CA GLN P 83 10.39 100.79 -1.02
C GLN P 83 9.16 101.67 -1.17
N ARG P 84 8.42 101.89 -0.07
CA ARG P 84 7.22 102.70 -0.13
C ARG P 84 7.53 104.12 -0.59
N ASP P 85 8.61 104.71 -0.04
CA ASP P 85 8.95 106.09 -0.39
C ASP P 85 9.22 106.23 -1.88
N ALA P 86 9.74 105.19 -2.52
CA ALA P 86 10.09 105.28 -3.94
C ALA P 86 8.84 105.53 -4.78
N GLN P 87 7.75 104.81 -4.50
CA GLN P 87 6.56 104.91 -5.34
C GLN P 87 5.97 106.32 -5.30
N GLN P 88 5.80 106.88 -4.10
CA GLN P 88 5.23 108.22 -4.00
C GLN P 88 6.11 109.24 -4.71
N LEU P 89 7.43 109.03 -4.69
CA LEU P 89 8.31 109.94 -5.41
C LEU P 89 8.00 109.92 -6.91
N ILE P 90 7.74 108.73 -7.46
CA ILE P 90 7.36 108.64 -8.86
C ILE P 90 6.06 109.38 -9.11
N ALA P 91 5.08 109.20 -8.23
CA ALA P 91 3.81 109.91 -8.38
C ALA P 91 4.02 111.41 -8.33
N GLN P 92 4.94 111.87 -7.48
CA GLN P 92 5.25 113.30 -7.42
C GLN P 92 5.78 113.78 -8.76
N ARG P 93 6.61 112.98 -9.43
CA ARG P 93 7.14 113.38 -10.73
C ARG P 93 6.02 113.65 -11.72
N TRP P 94 5.04 112.74 -11.79
CA TRP P 94 3.90 112.95 -12.68
C TRP P 94 3.12 114.19 -12.26
N TYR P 95 2.89 114.36 -10.97
CA TYR P 95 2.19 115.55 -10.49
C TYR P 95 2.97 116.81 -10.82
N GLU P 96 4.28 116.79 -10.59
CA GLU P 96 5.11 117.93 -10.97
C GLU P 96 5.06 118.16 -12.47
N LYS P 97 5.15 117.08 -13.25
CA LYS P 97 5.03 117.21 -14.70
C LYS P 97 3.67 117.76 -15.08
N ALA P 98 2.60 117.27 -14.45
CA ALA P 98 1.26 117.75 -14.74
C ALA P 98 1.10 119.22 -14.38
N GLN P 99 1.96 119.76 -13.49
CA GLN P 99 1.83 121.16 -13.12
C GLN P 99 2.02 122.06 -14.34
N ALA P 100 3.02 121.78 -15.16
CA ALA P 100 3.28 122.53 -16.38
C ALA P 100 2.71 121.86 -17.61
N ALA P 101 2.01 120.74 -17.45
CA ALA P 101 1.44 120.04 -18.59
C ALA P 101 0.48 120.93 -19.36
N LEU P 102 -0.44 121.59 -18.64
CA LEU P 102 -1.38 122.51 -19.24
C LEU P 102 -0.93 123.96 -19.16
N ASP P 103 0.31 124.21 -18.71
CA ASP P 103 0.82 125.58 -18.68
C ASP P 103 0.73 126.22 -20.06
N ARG P 104 0.88 125.42 -21.11
CA ARG P 104 0.66 125.90 -22.48
C ARG P 104 -0.81 125.96 -22.84
N GLY P 105 -1.70 125.73 -21.89
CA GLY P 105 -3.11 125.56 -22.16
C GLY P 105 -3.50 124.14 -22.54
N ASN P 106 -2.58 123.19 -22.46
CA ASN P 106 -2.84 121.81 -22.84
C ASN P 106 -3.49 121.07 -21.66
N GLU P 107 -4.76 121.37 -21.44
CA GLU P 107 -5.50 120.73 -20.36
C GLU P 107 -5.69 119.24 -20.60
N GLN P 108 -5.86 118.83 -21.86
CA GLN P 108 -6.12 117.43 -22.15
C GLN P 108 -4.98 116.54 -21.68
N LEU P 109 -3.74 116.96 -21.92
CA LEU P 109 -2.60 116.13 -21.54
C LEU P 109 -2.55 115.93 -20.03
N ALA P 110 -2.81 116.98 -19.26
CA ALA P 110 -2.77 116.86 -17.81
C ALA P 110 -3.79 115.86 -17.29
N ARG P 111 -4.86 115.62 -18.05
CA ARG P 111 -5.86 114.66 -17.63
C ARG P 111 -5.25 113.27 -17.45
N GLU P 112 -4.42 112.85 -18.41
CA GLU P 112 -3.81 111.53 -18.34
C GLU P 112 -2.89 111.40 -17.13
N ALA P 113 -2.11 112.44 -16.85
CA ALA P 113 -1.15 112.35 -15.75
C ALA P 113 -1.85 112.13 -14.43
N LEU P 114 -2.85 112.97 -14.11
CA LEU P 114 -3.56 112.81 -12.86
C LEU P 114 -4.29 111.46 -12.78
N GLY P 115 -4.86 111.01 -13.89
CA GLY P 115 -5.43 109.67 -13.91
C GLY P 115 -4.38 108.60 -13.73
N GLN P 116 -3.19 108.81 -14.30
CA GLN P 116 -2.13 107.82 -14.20
C GLN P 116 -1.64 107.66 -12.77
N ARG P 117 -1.42 108.77 -12.06
CA ARG P 117 -0.83 108.71 -10.73
C ARG P 117 -1.75 108.05 -9.71
N GLN P 118 -3.05 107.94 -10.00
CA GLN P 118 -3.95 107.31 -9.03
C GLN P 118 -3.58 105.85 -8.79
N SER P 119 -3.19 105.14 -9.86
CA SER P 119 -2.78 103.75 -9.70
C SER P 119 -1.61 103.64 -8.72
N TYR P 120 -0.62 104.53 -8.84
CA TYR P 120 0.51 104.51 -7.91
C TYR P 120 0.05 104.80 -6.49
N GLN P 121 -0.87 105.76 -6.33
CA GLN P 121 -1.36 106.10 -5.00
C GLN P 121 -1.99 104.90 -4.31
N SER P 122 -2.63 104.03 -5.09
CA SER P 122 -3.25 102.84 -4.49
C SER P 122 -2.21 101.97 -3.79
N HIS P 123 -1.06 101.76 -4.43
CA HIS P 123 -0.02 100.96 -3.80
C HIS P 123 0.49 101.62 -2.53
N THR P 124 0.66 102.94 -2.55
CA THR P 124 1.15 103.64 -1.37
C THR P 124 0.21 103.45 -0.19
N GLU P 125 -1.10 103.60 -0.43
CA GLU P 125 -2.07 103.40 0.64
C GLU P 125 -2.04 101.97 1.14
N ALA P 126 -1.94 101.00 0.23
CA ALA P 126 -1.93 99.61 0.65
C ALA P 126 -0.71 99.31 1.52
N LEU P 127 0.46 99.82 1.14
CA LEU P 127 1.65 99.57 1.93
C LEU P 127 1.61 100.29 3.27
N GLY P 128 1.08 101.52 3.29
CA GLY P 128 1.01 102.25 4.55
C GLY P 128 0.24 101.50 5.61
N LYS P 129 -0.88 100.90 5.21
CA LYS P 129 -1.65 100.09 6.16
C LYS P 129 -0.87 98.85 6.58
N SER P 130 -0.16 98.23 5.64
CA SER P 130 0.57 97.00 5.96
C SER P 130 1.67 97.25 6.98
N LEU P 131 2.40 98.36 6.85
CA LEU P 131 3.44 98.67 7.81
C LEU P 131 2.85 99.01 9.18
N GLY P 132 1.65 99.61 9.19
CA GLY P 132 1.07 100.01 10.46
C GLY P 132 0.91 98.85 11.43
N GLU P 133 0.46 97.70 10.94
CA GLU P 133 0.30 96.54 11.80
C GLU P 133 1.66 95.93 12.14
N GLN P 134 2.58 95.88 11.19
CA GLN P 134 3.91 95.33 11.46
C GLN P 134 4.64 96.17 12.50
N ARG P 135 4.50 97.49 12.43
CA ARG P 135 5.27 98.38 13.32
C ARG P 135 4.97 98.07 14.78
N ALA P 136 3.68 97.92 15.12
CA ALA P 136 3.30 97.63 16.50
C ALA P 136 3.43 96.15 16.85
N LEU P 137 3.74 95.29 15.87
CA LEU P 137 3.85 93.87 16.15
C LEU P 137 5.26 93.52 16.65
N VAL P 138 6.29 93.99 15.94
CA VAL P 138 7.66 93.67 16.34
C VAL P 138 7.97 94.27 17.71
N GLU P 139 7.50 95.50 17.95
CA GLU P 139 7.76 96.15 19.22
C GLU P 139 7.31 95.28 20.39
N GLN P 140 6.20 94.56 20.21
CA GLN P 140 5.78 93.60 21.22
C GLN P 140 6.76 92.44 21.33
N VAL P 141 7.30 92.00 20.18
CA VAL P 141 8.25 90.89 20.19
C VAL P 141 9.50 91.27 20.99
N ARG P 142 10.02 92.48 20.73
CA ARG P 142 11.23 92.91 21.44
C ARG P 142 11.05 92.85 22.94
N GLY P 143 9.85 93.18 23.44
CA GLY P 143 9.61 93.12 24.87
C GLY P 143 9.77 91.71 25.42
N GLN P 144 9.26 90.71 24.69
CA GLN P 144 9.41 89.33 25.14
C GLN P 144 10.87 88.92 25.21
N LEU P 145 11.65 89.27 24.18
CA LEU P 145 13.06 88.90 24.18
C LEU P 145 13.80 89.58 25.33
N GLN P 146 13.58 90.88 25.53
CA GLN P 146 14.28 91.59 26.58
C GLN P 146 13.91 91.04 27.95
N LYS P 147 12.63 90.78 28.18
CA LYS P 147 12.22 90.21 29.46
C LYS P 147 12.83 88.83 29.66
N LEU P 148 12.85 88.02 28.61
CA LEU P 148 13.43 86.68 28.74
C LEU P 148 14.89 86.74 29.12
N GLU P 149 15.66 87.63 28.49
CA GLU P 149 17.07 87.77 28.81
C GLU P 149 17.27 88.16 30.27
N ARG P 150 16.46 89.10 30.76
CA ARG P 150 16.55 89.48 32.17
C ARG P 150 16.21 88.31 33.07
N LYS P 151 15.18 87.53 32.70
CA LYS P 151 14.81 86.37 33.49
C LYS P 151 15.86 85.28 33.39
N TYR P 152 16.59 85.20 32.28
CA TYR P 152 17.59 84.15 32.10
C TYR P 152 18.67 84.23 33.17
N LEU P 153 19.19 85.43 33.43
CA LEU P 153 20.30 85.57 34.35
C LEU P 153 19.93 85.15 35.77
N GLU P 154 18.72 85.50 36.21
CA GLU P 154 18.32 85.22 37.58
C GLU P 154 18.37 83.73 37.89
N LEU P 155 18.30 82.88 36.87
CA LEU P 155 18.43 81.44 37.08
C LEU P 155 19.89 81.03 37.22
N LYS P 156 20.73 81.48 36.28
CA LYS P 156 22.13 81.08 36.28
C LYS P 156 22.83 81.58 37.54
N SER P 157 22.49 82.78 38.00
CA SER P 157 23.12 83.34 39.19
C SER P 157 22.88 82.48 40.42
N GLN P 158 21.87 81.61 40.39
CA GLN P 158 21.57 80.74 41.52
C GLN P 158 22.04 79.31 41.31
N LYS P 159 22.22 78.87 40.07
CA LYS P 159 22.54 77.47 39.83
C LYS P 159 23.86 77.09 40.50
N ASN P 160 24.87 77.95 40.39
CA ASN P 160 26.14 77.66 41.04
C ASN P 160 25.99 77.57 42.55
N LEU P 161 25.11 78.40 43.13
CA LEU P 161 24.91 78.35 44.57
C LEU P 161 24.34 77.01 45.01
N TYR P 162 23.34 76.50 44.28
CA TYR P 162 22.76 75.22 44.66
C TYR P 162 23.77 74.08 44.57
N LEU P 163 24.57 74.06 43.50
CA LEU P 163 25.55 72.98 43.35
C LEU P 163 26.52 72.96 44.52
N ALA P 164 26.95 74.13 44.98
CA ALA P 164 27.88 74.19 46.10
C ALA P 164 27.25 73.55 47.35
N ARG P 165 25.99 73.87 47.62
CA ARG P 165 25.31 73.27 48.76
C ARG P 165 25.20 71.76 48.58
N LEU P 166 24.89 71.31 47.37
CA LEU P 166 24.78 69.89 47.10
C LEU P 166 26.11 69.18 47.33
N LYS P 167 27.21 69.77 46.83
CA LYS P 167 28.52 69.15 47.04
C LYS P 167 28.90 69.16 48.51
N SER P 168 28.48 70.18 49.26
CA SER P 168 28.81 70.24 50.68
C SER P 168 28.15 69.11 51.45
N ALA P 169 26.85 68.90 51.23
CA ALA P 169 26.12 67.92 52.00
C ALA P 169 26.48 66.50 51.59
N ILE P 170 26.58 66.25 50.28
CA ILE P 170 26.91 64.91 49.81
C ILE P 170 28.24 64.46 50.40
N ALA P 171 29.25 65.35 50.39
CA ALA P 171 30.52 65.03 51.02
C ALA P 171 30.37 64.78 52.51
N ALA P 172 29.55 65.61 53.17
CA ALA P 172 29.36 65.44 54.61
C ALA P 172 28.82 64.07 54.95
N GLN P 173 27.86 63.59 54.15
CA GLN P 173 27.35 62.23 54.34
C GLN P 173 28.45 61.20 54.17
N LYS P 174 29.32 61.39 53.17
CA LYS P 174 30.41 60.45 52.94
C LYS P 174 31.37 60.43 54.12
N ILE P 175 31.67 61.59 54.68
CA ILE P 175 32.59 61.65 55.81
C ILE P 175 32.00 60.95 57.03
N GLU P 176 30.73 61.24 57.32
CA GLU P 176 30.16 60.79 58.59
C GLU P 176 30.10 59.27 58.66
N GLU P 177 29.72 58.60 57.57
CA GLU P 177 29.63 57.15 57.59
C GLU P 177 30.99 56.51 57.88
N ILE P 178 32.07 57.23 57.60
CA ILE P 178 33.42 56.74 57.88
C ILE P 178 33.87 57.25 59.24
N ALA P 179 32.92 57.76 60.03
CA ALA P 179 33.27 58.32 61.33
C ALA P 179 34.03 57.31 62.18
N GLY P 180 33.73 56.02 62.01
CA GLY P 180 34.42 55.00 62.77
C GLY P 180 34.26 55.21 64.26
N ASN P 181 33.03 55.46 64.69
CA ASN P 181 32.77 55.74 66.10
C ASN P 181 33.26 54.58 66.96
N LEU P 182 34.00 54.92 68.02
CA LEU P 182 34.54 53.88 68.89
C LEU P 182 33.45 53.17 69.69
N ASP P 183 32.33 53.87 69.93
CA ASP P 183 31.29 53.33 70.81
C ASP P 183 30.45 52.23 70.16
N ASN P 184 30.54 52.04 68.84
CA ASN P 184 29.65 51.08 68.20
C ASN P 184 29.86 49.67 68.73
N ALA P 185 31.11 49.22 68.78
CA ALA P 185 31.44 47.90 69.30
C ALA P 185 30.68 46.81 68.56
N SER P 186 30.53 46.99 67.24
CA SER P 186 29.79 46.06 66.42
C SER P 186 30.43 45.82 65.06
N ALA P 187 31.62 46.35 64.80
CA ALA P 187 32.35 46.30 63.53
C ALA P 187 31.76 47.27 62.51
N SER P 188 30.67 47.98 62.83
CA SER P 188 30.19 49.03 61.94
C SER P 188 31.23 50.13 61.80
N SER P 189 31.85 50.52 62.91
CA SER P 189 33.01 51.39 62.86
C SER P 189 34.24 50.54 62.60
N LEU P 190 34.97 50.87 61.53
CA LEU P 190 36.13 50.06 61.16
C LEU P 190 37.17 50.02 62.26
N PHE P 191 37.23 51.05 63.11
CA PHE P 191 38.20 51.05 64.21
C PHE P 191 37.88 49.94 65.20
N GLU P 192 36.63 49.84 65.65
CA GLU P 192 36.26 48.78 66.58
C GLU P 192 36.43 47.41 65.94
N ARG P 193 36.23 47.31 64.62
CA ARG P 193 36.52 46.06 63.94
C ARG P 193 37.99 45.70 64.07
N ILE P 194 38.87 46.70 63.95
CA ILE P 194 40.29 46.46 64.18
C ILE P 194 40.53 46.02 65.61
N GLU P 195 39.88 46.68 66.57
CA GLU P 195 40.08 46.33 67.97
C GLU P 195 39.70 44.88 68.22
N THR P 196 38.60 44.42 67.64
CA THR P 196 38.24 43.01 67.75
C THR P 196 39.32 42.13 67.16
N LYS P 197 39.91 42.54 66.03
CA LYS P 197 40.98 41.77 65.42
C LYS P 197 42.17 41.65 66.36
N ILE P 198 42.52 42.74 67.04
CA ILE P 198 43.68 42.72 67.92
C ILE P 198 43.51 41.67 69.02
N LEU P 199 42.36 41.69 69.69
CA LEU P 199 42.14 40.78 70.80
C LEU P 199 42.07 39.32 70.32
N GLU P 200 41.65 39.11 69.07
CA GLU P 200 41.60 37.76 68.54
C GLU P 200 42.98 37.11 68.55
N LEU P 201 43.99 37.83 68.07
CA LEU P 201 45.33 37.27 68.02
C LEU P 201 45.90 37.06 69.42
N GLU P 202 45.80 38.08 70.27
CA GLU P 202 46.34 37.97 71.62
C GLU P 202 45.73 36.78 72.36
N ALA P 203 44.47 36.47 72.06
CA ALA P 203 43.82 35.33 72.72
C ALA P 203 44.50 34.02 72.34
N GLU P 204 44.85 33.86 71.07
CA GLU P 204 45.46 32.61 70.62
C GLU P 204 46.80 32.36 71.30
N ARG P 205 47.62 33.40 71.42
CA ARG P 205 48.97 33.23 71.96
C ARG P 205 48.92 32.75 73.41
N GLU P 206 48.09 33.40 74.23
CA GLU P 206 48.03 33.05 75.65
C GLU P 206 47.58 31.61 75.84
N LEU P 207 46.56 31.18 75.08
CA LEU P 207 46.08 29.81 75.22
C LEU P 207 47.13 28.81 74.77
N LEU P 208 47.80 29.07 73.65
CA LEU P 208 48.78 28.12 73.14
C LEU P 208 50.01 28.07 74.02
N ASN P 209 50.26 29.12 74.80
CA ASN P 209 51.37 29.19 75.74
C ASN P 209 50.77 29.52 77.11
N PRO P 210 50.28 28.52 77.83
CA PRO P 210 49.62 28.77 79.12
C PRO P 210 50.50 29.65 80.01
N PRO P 211 50.05 30.86 80.33
CA PRO P 211 50.84 31.73 81.21
C PRO P 211 50.85 31.18 82.63
N PRO P 212 51.78 31.65 83.46
CA PRO P 212 51.88 31.09 84.82
C PRO P 212 50.58 31.28 85.60
N SER P 213 50.26 30.29 86.42
CA SER P 213 49.09 30.39 87.29
C SER P 213 49.33 31.44 88.37
N PRO P 214 48.27 32.04 88.90
CA PRO P 214 48.46 33.03 89.98
C PRO P 214 49.15 32.44 91.19
N LEU P 215 48.91 31.16 91.49
CA LEU P 215 49.62 30.52 92.59
C LEU P 215 51.12 30.50 92.33
N ASP P 216 51.53 30.18 91.10
CA ASP P 216 52.95 30.23 90.75
C ASP P 216 53.50 31.64 90.90
N LYS P 217 52.72 32.64 90.47
CA LYS P 217 53.12 34.03 90.66
C LYS P 217 53.29 34.35 92.14
N LYS P 218 52.36 33.87 92.97
CA LYS P 218 52.47 34.12 94.40
C LYS P 218 53.78 33.59 94.95
N PHE P 219 54.15 32.35 94.58
CA PHE P 219 55.39 31.77 95.08
C PHE P 219 56.61 32.57 94.65
N GLU P 220 56.64 33.00 93.40
CA GLU P 220 57.82 33.67 92.87
C GLU P 220 58.15 34.94 93.67
N GLN P 221 57.17 35.82 93.81
CA GLN P 221 57.38 37.02 94.63
C GLN P 221 57.53 36.65 96.10
N TRP P 222 56.74 35.68 96.57
CA TRP P 222 56.84 35.23 97.95
C TRP P 222 58.26 34.78 98.29
N GLU P 223 58.99 34.25 97.31
CA GLU P 223 60.36 33.81 97.55
C GLU P 223 61.33 34.99 97.61
N GLU P 224 61.12 36.00 96.77
CA GLU P 224 62.12 37.06 96.65
C GLU P 224 62.25 37.88 97.92
N GLN P 225 61.16 38.04 98.69
CA GLN P 225 61.20 38.88 99.87
C GLN P 225 62.23 38.37 100.87
N GLN P 226 62.26 37.06 101.10
CA GLN P 226 63.26 36.50 102.00
C GLN P 226 64.66 36.65 101.43
N ALA P 227 64.81 36.46 100.11
CA ALA P 227 66.12 36.56 99.50
C ALA P 227 66.71 37.95 99.70
N VAL P 228 65.91 38.99 99.44
CA VAL P 228 66.38 40.35 99.63
C VAL P 228 66.52 40.66 101.11
N GLU P 229 65.56 40.22 101.93
CA GLU P 229 65.63 40.47 103.36
C GLU P 229 66.76 39.67 103.99
N ALA P 230 66.93 38.41 103.59
CA ALA P 230 68.04 37.62 104.11
C ALA P 230 69.38 38.24 103.72
N THR P 231 69.50 38.67 102.45
CA THR P 231 70.69 39.38 102.04
C THR P 231 70.82 40.70 102.79
N LEU P 232 69.70 41.42 102.95
CA LEU P 232 69.73 42.65 103.73
C LEU P 232 69.96 42.36 105.20
N ALA P 233 69.39 41.26 105.72
CA ALA P 233 69.66 40.88 107.10
C ALA P 233 71.13 40.59 107.30
N ALA P 234 71.75 39.88 106.35
CA ALA P 234 73.19 39.67 106.39
C ALA P 234 73.97 40.92 106.00
N MET P 235 73.35 41.84 105.26
CA MET P 235 74.04 43.09 104.92
C MET P 235 74.46 43.84 106.17
N LYS P 236 73.53 44.03 107.11
CA LYS P 236 73.89 44.66 108.38
C LYS P 236 74.87 43.79 109.16
N ALA P 237 74.63 42.48 109.17
CA ALA P 237 75.50 41.58 109.93
C ALA P 237 76.88 41.48 109.29
N ARG P 238 76.94 41.28 107.97
CA ARG P 238 78.24 41.15 107.32
C ARG P 238 79.05 42.43 107.45
N ARG P 239 78.41 43.59 107.29
CA ARG P 239 79.10 44.85 107.53
C ARG P 239 79.34 45.06 109.02
N SER P 240 78.41 44.62 109.86
CA SER P 240 78.54 44.77 111.30
C SER P 240 77.72 43.70 112.03
N GLN Q 45 28.41 14.04 -58.78
CA GLN Q 45 29.18 14.25 -60.05
C GLN Q 45 29.91 15.60 -60.02
N GLU Q 46 30.99 15.69 -60.78
CA GLU Q 46 31.81 16.89 -60.87
C GLU Q 46 31.66 17.50 -62.26
N ALA Q 47 32.37 18.60 -62.47
CA ALA Q 47 32.35 19.23 -63.78
C ALA Q 47 32.96 18.28 -64.81
N PRO Q 48 32.35 18.14 -65.98
CA PRO Q 48 32.89 17.18 -66.96
C PRO Q 48 34.32 17.46 -67.37
N GLU Q 49 34.69 18.74 -67.47
CA GLU Q 49 36.05 19.09 -67.87
C GLU Q 49 37.07 18.62 -66.83
N ASP Q 50 36.74 18.75 -65.54
CA ASP Q 50 37.69 18.38 -64.49
C ASP Q 50 38.02 16.90 -64.55
N LEU Q 51 37.02 16.06 -64.82
CA LEU Q 51 37.26 14.62 -64.90
C LEU Q 51 38.27 14.30 -65.99
N LEU Q 52 38.20 15.01 -67.12
CA LEU Q 52 39.03 14.67 -68.28
C LEU Q 52 40.51 14.71 -67.91
N GLU Q 53 40.94 15.77 -67.22
CA GLU Q 53 42.34 15.87 -66.82
C GLU Q 53 42.70 14.75 -65.86
N ARG Q 54 41.85 14.49 -64.87
CA ARG Q 54 42.14 13.45 -63.88
C ARG Q 54 42.13 12.07 -64.53
N LEU Q 55 41.19 11.82 -65.44
CA LEU Q 55 41.08 10.49 -66.04
C LEU Q 55 42.33 10.13 -66.83
N LEU Q 56 42.84 11.06 -67.64
CA LEU Q 56 44.02 10.76 -68.44
C LEU Q 56 45.25 10.54 -67.57
N GLY Q 57 45.38 11.31 -66.49
CA GLY Q 57 46.50 11.10 -65.59
C GLY Q 57 46.54 9.69 -65.05
N GLU Q 58 45.37 9.15 -64.70
CA GLU Q 58 45.31 7.75 -64.30
C GLU Q 58 45.66 6.83 -65.46
N MET Q 59 45.19 7.16 -66.67
CA MET Q 59 45.46 6.33 -67.83
C MET Q 59 46.95 6.26 -68.12
N GLU Q 60 47.63 7.41 -68.09
CA GLU Q 60 49.07 7.43 -68.37
C GLU Q 60 49.83 6.63 -67.32
N LEU Q 61 49.44 6.78 -66.05
CA LEU Q 61 50.11 6.04 -64.99
C LEU Q 61 49.98 4.53 -65.19
N GLU Q 62 48.80 4.09 -65.61
CA GLU Q 62 48.58 2.65 -65.80
C GLU Q 62 49.44 2.10 -66.92
N LEU Q 63 49.61 2.86 -68.00
CA LEU Q 63 50.27 2.32 -69.18
C LEU Q 63 51.70 1.90 -68.89
N ILE Q 64 52.44 2.73 -68.16
CA ILE Q 64 53.83 2.40 -67.85
C ILE Q 64 53.90 1.14 -67.00
N GLU Q 65 52.92 0.96 -66.10
CA GLU Q 65 52.89 -0.26 -65.30
C GLU Q 65 52.75 -1.48 -66.20
N LEU Q 66 51.91 -1.38 -67.23
CA LEU Q 66 51.85 -2.44 -68.24
C LEU Q 66 53.20 -2.63 -68.92
N ARG Q 67 53.84 -1.52 -69.28
CA ARG Q 67 55.14 -1.61 -69.94
C ARG Q 67 56.16 -2.32 -69.05
N ARG Q 68 56.18 -1.99 -67.76
CA ARG Q 68 57.11 -2.61 -66.84
C ARG Q 68 56.83 -4.11 -66.71
N ALA Q 69 55.56 -4.47 -66.59
CA ALA Q 69 55.21 -5.87 -66.37
C ALA Q 69 55.62 -6.74 -67.56
N LEU Q 70 55.36 -6.27 -68.77
CA LEU Q 70 55.69 -7.05 -69.96
C LEU Q 70 57.17 -7.41 -70.00
N ALA Q 71 58.03 -6.53 -69.50
CA ALA Q 71 59.45 -6.81 -69.51
C ALA Q 71 59.77 -8.05 -68.68
N GLN Q 72 59.13 -8.19 -67.52
CA GLN Q 72 59.38 -9.35 -66.67
C GLN Q 72 59.03 -10.64 -67.38
N THR Q 73 57.98 -10.62 -68.20
CA THR Q 73 57.64 -11.79 -68.99
C THR Q 73 58.79 -12.18 -69.92
N ILE Q 74 59.41 -11.18 -70.56
CA ILE Q 74 60.51 -11.46 -71.47
C ILE Q 74 61.67 -12.11 -70.74
N ALA Q 75 61.92 -11.68 -69.50
CA ALA Q 75 63.04 -12.23 -68.74
C ALA Q 75 62.92 -13.75 -68.60
N THR Q 76 61.75 -14.22 -68.18
CA THR Q 76 61.55 -15.66 -68.02
C THR Q 76 61.63 -16.37 -69.37
N PHE Q 77 61.04 -15.77 -70.41
CA PHE Q 77 61.10 -16.36 -71.74
C PHE Q 77 62.55 -16.54 -72.18
N LYS Q 78 63.40 -15.55 -71.93
CA LYS Q 78 64.81 -15.68 -72.25
C LYS Q 78 65.52 -16.60 -71.26
N SER Q 79 65.17 -16.49 -69.96
CA SER Q 79 65.87 -17.25 -68.94
C SER Q 79 65.73 -18.75 -69.16
N THR Q 80 64.50 -19.21 -69.39
CA THR Q 80 64.28 -20.64 -69.61
C THR Q 80 65.00 -21.12 -70.87
N GLU Q 81 64.96 -20.29 -71.92
CA GLU Q 81 65.63 -20.68 -73.17
C GLU Q 81 67.12 -20.88 -72.93
N ARG Q 82 67.75 -19.98 -72.17
CA ARG Q 82 69.14 -20.18 -71.78
C ARG Q 82 69.27 -21.44 -70.93
N GLN Q 83 68.32 -21.65 -70.02
CA GLN Q 83 68.34 -22.86 -69.19
C GLN Q 83 68.21 -24.10 -70.06
N ARG Q 84 67.37 -24.04 -71.09
CA ARG Q 84 67.16 -25.20 -71.95
C ARG Q 84 68.46 -25.62 -72.62
N ASP Q 85 69.23 -24.66 -73.13
CA ASP Q 85 70.47 -24.99 -73.82
C ASP Q 85 71.44 -25.72 -72.92
N ALA Q 86 71.41 -25.44 -71.62
CA ALA Q 86 72.35 -26.07 -70.70
C ALA Q 86 72.14 -27.58 -70.65
N GLN Q 87 70.89 -28.03 -70.59
CA GLN Q 87 70.62 -29.45 -70.42
C GLN Q 87 71.12 -30.25 -71.62
N GLN Q 88 70.79 -29.81 -72.84
CA GLN Q 88 71.23 -30.53 -74.02
C GLN Q 88 72.75 -30.59 -74.11
N LEU Q 89 73.43 -29.53 -73.63
CA LEU Q 89 74.89 -29.56 -73.61
C LEU Q 89 75.39 -30.70 -72.72
N ILE Q 90 74.74 -30.91 -71.58
CA ILE Q 90 75.13 -32.02 -70.71
C ILE Q 90 74.91 -33.34 -71.41
N ALA Q 91 73.77 -33.49 -72.09
CA ALA Q 91 73.50 -34.72 -72.84
C ALA Q 91 74.56 -34.94 -73.90
N GLN Q 92 75.00 -33.86 -74.56
CA GLN Q 92 76.06 -33.98 -75.54
C GLN Q 92 77.33 -34.53 -74.93
N ARG Q 93 77.65 -34.10 -73.71
CA ARG Q 93 78.85 -34.60 -73.04
C ARG Q 93 78.80 -36.12 -72.89
N TRP Q 94 77.66 -36.64 -72.42
CA TRP Q 94 77.51 -38.09 -72.31
C TRP Q 94 77.60 -38.76 -73.67
N TYR Q 95 76.95 -38.19 -74.67
CA TYR Q 95 77.03 -38.74 -76.02
C TYR Q 95 78.47 -38.71 -76.53
N GLU Q 96 79.15 -37.58 -76.33
CA GLU Q 96 80.56 -37.50 -76.73
C GLU Q 96 81.39 -38.51 -75.94
N LYS Q 97 81.13 -38.64 -74.64
CA LYS Q 97 81.84 -39.64 -73.85
C LYS Q 97 81.53 -41.03 -74.34
N ALA Q 98 80.25 -41.30 -74.65
CA ALA Q 98 79.88 -42.61 -75.16
C ALA Q 98 80.52 -42.91 -76.51
N GLN Q 99 80.96 -41.89 -77.23
CA GLN Q 99 81.59 -42.13 -78.53
C GLN Q 99 82.85 -42.98 -78.38
N ALA Q 100 83.68 -42.66 -77.39
CA ALA Q 100 84.89 -43.41 -77.11
C ALA Q 100 84.71 -44.40 -75.96
N ALA Q 101 83.49 -44.52 -75.44
CA ALA Q 101 83.25 -45.45 -74.33
C ALA Q 101 83.59 -46.87 -74.75
N LEU Q 102 83.09 -47.29 -75.90
CA LEU Q 102 83.37 -48.63 -76.44
C LEU Q 102 84.52 -48.63 -77.44
N ASP Q 103 85.22 -47.50 -77.60
CA ASP Q 103 86.38 -47.48 -78.48
C ASP Q 103 87.39 -48.55 -78.10
N ARG Q 104 87.48 -48.87 -76.81
CA ARG Q 104 88.29 -49.99 -76.34
C ARG Q 104 87.60 -51.33 -76.52
N GLY Q 105 86.44 -51.35 -77.19
CA GLY Q 105 85.60 -52.52 -77.24
C GLY Q 105 84.65 -52.65 -76.07
N ASN Q 106 84.59 -51.66 -75.20
CA ASN Q 106 83.74 -51.71 -74.00
C ASN Q 106 82.32 -51.27 -74.38
N GLU Q 107 81.62 -52.17 -75.06
CA GLU Q 107 80.24 -51.88 -75.46
C GLU Q 107 79.31 -51.76 -74.27
N GLN Q 108 79.56 -52.54 -73.22
CA GLN Q 108 78.65 -52.55 -72.06
C GLN Q 108 78.57 -51.17 -71.42
N LEU Q 109 79.72 -50.50 -71.27
CA LEU Q 109 79.72 -49.19 -70.63
C LEU Q 109 78.90 -48.18 -71.41
N ALA Q 110 79.03 -48.19 -72.75
CA ALA Q 110 78.29 -47.25 -73.57
C ALA Q 110 76.79 -47.42 -73.43
N ARG Q 111 76.34 -48.61 -73.04
CA ARG Q 111 74.91 -48.84 -72.85
C ARG Q 111 74.35 -47.90 -71.79
N GLU Q 112 75.05 -47.75 -70.67
CA GLU Q 112 74.57 -46.90 -69.60
C GLU Q 112 74.48 -45.44 -70.04
N ALA Q 113 75.47 -44.96 -70.78
CA ALA Q 113 75.48 -43.56 -71.18
C ALA Q 113 74.27 -43.22 -72.04
N LEU Q 114 74.04 -44.00 -73.09
CA LEU Q 114 72.90 -43.73 -73.96
C LEU Q 114 71.58 -43.85 -73.20
N GLY Q 115 71.47 -44.84 -72.31
CA GLY Q 115 70.29 -44.91 -71.46
C GLY Q 115 70.18 -43.72 -70.53
N GLN Q 116 71.32 -43.24 -70.03
CA GLN Q 116 71.31 -42.12 -69.09
C GLN Q 116 70.82 -40.84 -69.76
N ARG Q 117 71.31 -40.55 -70.96
CA ARG Q 117 71.00 -39.29 -71.63
C ARG Q 117 69.54 -39.17 -72.03
N GLN Q 118 68.80 -40.27 -72.08
CA GLN Q 118 67.40 -40.20 -72.47
C GLN Q 118 66.60 -39.37 -71.45
N SER Q 119 66.90 -39.54 -70.16
CA SER Q 119 66.21 -38.75 -69.15
C SER Q 119 66.39 -37.26 -69.39
N TYR Q 120 67.62 -36.84 -69.72
CA TYR Q 120 67.85 -35.43 -70.01
C TYR Q 120 67.08 -34.99 -71.25
N GLN Q 121 67.04 -35.84 -72.27
CA GLN Q 121 66.32 -35.48 -73.49
C GLN Q 121 64.85 -35.20 -73.21
N SER Q 122 64.27 -35.91 -72.24
CA SER Q 122 62.87 -35.69 -71.91
C SER Q 122 62.62 -34.26 -71.47
N HIS Q 123 63.51 -33.73 -70.61
CA HIS Q 123 63.35 -32.35 -70.16
C HIS Q 123 63.47 -31.38 -71.33
N THR Q 124 64.42 -31.62 -72.23
CA THR Q 124 64.60 -30.73 -73.38
C THR Q 124 63.33 -30.67 -74.22
N GLU Q 125 62.73 -31.83 -74.50
CA GLU Q 125 61.50 -31.85 -75.28
C GLU Q 125 60.38 -31.13 -74.56
N ALA Q 126 60.26 -31.34 -73.24
CA ALA Q 126 59.21 -30.70 -72.48
C ALA Q 126 59.34 -29.19 -72.51
N LEU Q 127 60.57 -28.68 -72.35
CA LEU Q 127 60.78 -27.24 -72.36
C LEU Q 127 60.57 -26.66 -73.75
N GLY Q 128 61.00 -27.38 -74.80
CA GLY Q 128 60.83 -26.86 -76.15
C GLY Q 128 59.37 -26.60 -76.48
N LYS Q 129 58.48 -27.50 -76.07
CA LYS Q 129 57.06 -27.28 -76.26
C LYS Q 129 56.56 -26.09 -75.43
N SER Q 130 57.05 -25.98 -74.20
CA SER Q 130 56.59 -24.91 -73.32
C SER Q 130 56.92 -23.53 -73.89
N LEU Q 131 58.14 -23.37 -74.42
CA LEU Q 131 58.51 -22.09 -75.00
C LEU Q 131 57.71 -21.79 -76.26
N GLY Q 132 57.34 -22.84 -77.01
CA GLY Q 132 56.63 -22.62 -78.26
C GLY Q 132 55.35 -21.83 -78.07
N GLU Q 133 54.58 -22.15 -77.02
CA GLU Q 133 53.35 -21.43 -76.77
C GLU Q 133 53.63 -20.03 -76.20
N GLN Q 134 54.64 -19.93 -75.33
CA GLN Q 134 54.98 -18.62 -74.77
C GLN Q 134 55.46 -17.67 -75.85
N ARG Q 135 56.24 -18.17 -76.81
CA ARG Q 135 56.83 -17.31 -77.82
C ARG Q 135 55.76 -16.55 -78.60
N ALA Q 136 54.71 -17.26 -79.04
CA ALA Q 136 53.64 -16.64 -79.79
C ALA Q 136 52.63 -15.92 -78.90
N LEU Q 137 52.74 -16.05 -77.59
CA LEU Q 137 51.79 -15.40 -76.69
C LEU Q 137 52.20 -13.96 -76.40
N VAL Q 138 53.47 -13.75 -76.03
CA VAL Q 138 53.92 -12.40 -75.71
C VAL Q 138 53.83 -11.51 -76.94
N GLU Q 139 54.21 -12.03 -78.10
CA GLU Q 139 54.17 -11.25 -79.33
C GLU Q 139 52.78 -10.64 -79.54
N GLN Q 140 51.74 -11.38 -79.18
CA GLN Q 140 50.39 -10.82 -79.23
C GLN Q 140 50.22 -9.71 -78.20
N VAL Q 141 50.82 -9.88 -77.02
CA VAL Q 141 50.71 -8.86 -75.98
C VAL Q 141 51.35 -7.56 -76.45
N ARG Q 142 52.54 -7.64 -77.04
CA ARG Q 142 53.22 -6.44 -77.50
C ARG Q 142 52.35 -5.64 -78.46
N GLY Q 143 51.59 -6.32 -79.31
CA GLY Q 143 50.71 -5.62 -80.23
C GLY Q 143 49.67 -4.77 -79.51
N GLN Q 144 49.08 -5.32 -78.45
CA GLN Q 144 48.09 -4.56 -77.69
C GLN Q 144 48.70 -3.32 -77.07
N LEU Q 145 49.89 -3.45 -76.47
CA LEU Q 145 50.54 -2.30 -75.85
C LEU Q 145 50.87 -1.24 -76.89
N GLN Q 146 51.44 -1.64 -78.02
CA GLN Q 146 51.83 -0.68 -79.04
C GLN Q 146 50.60 0.04 -79.60
N LYS Q 147 49.53 -0.71 -79.87
CA LYS Q 147 48.31 -0.08 -80.38
C LYS Q 147 47.73 0.88 -79.35
N LEU Q 148 47.73 0.48 -78.07
CA LEU Q 148 47.20 1.34 -77.03
C LEU Q 148 47.96 2.65 -76.95
N GLU Q 149 49.28 2.59 -77.01
CA GLU Q 149 50.08 3.81 -76.95
C GLU Q 149 49.75 4.73 -78.12
N ARG Q 150 49.62 4.18 -79.32
CA ARG Q 150 49.25 4.99 -80.47
C ARG Q 150 47.86 5.60 -80.27
N LYS Q 151 46.93 4.83 -79.73
CA LYS Q 151 45.59 5.35 -79.47
C LYS Q 151 45.60 6.37 -78.35
N TYR Q 152 46.54 6.25 -77.41
CA TYR Q 152 46.58 7.17 -76.28
C TYR Q 152 46.78 8.61 -76.74
N LEU Q 153 47.72 8.82 -77.65
CA LEU Q 153 48.07 10.18 -78.06
C LEU Q 153 46.89 10.88 -78.75
N GLU Q 154 46.16 10.14 -79.58
CA GLU Q 154 45.09 10.76 -80.34
C GLU Q 154 44.03 11.39 -79.45
N LEU Q 155 43.94 10.95 -78.20
CA LEU Q 155 43.01 11.57 -77.25
C LEU Q 155 43.60 12.86 -76.67
N LYS Q 156 44.84 12.78 -76.19
CA LYS Q 156 45.45 13.95 -75.55
C LYS Q 156 45.61 15.10 -76.53
N SER Q 157 45.93 14.79 -77.79
CA SER Q 157 46.09 15.84 -78.79
C SER Q 157 44.82 16.63 -79.01
N GLN Q 158 43.67 16.11 -78.61
CA GLN Q 158 42.40 16.80 -78.77
C GLN Q 158 41.89 17.42 -77.47
N LYS Q 159 42.32 16.91 -76.31
CA LYS Q 159 41.76 17.39 -75.06
C LYS Q 159 42.02 18.88 -74.88
N ASN Q 160 43.23 19.34 -75.19
CA ASN Q 160 43.53 20.76 -75.07
C ASN Q 160 42.66 21.58 -76.01
N LEU Q 161 42.35 21.06 -77.19
CA LEU Q 161 41.52 21.80 -78.13
C LEU Q 161 40.11 22.00 -77.57
N TYR Q 162 39.52 20.95 -76.98
CA TYR Q 162 38.18 21.10 -76.43
C TYR Q 162 38.14 22.11 -75.29
N LEU Q 163 39.12 22.06 -74.39
CA LEU Q 163 39.13 23.00 -73.26
C LEU Q 163 39.15 24.43 -73.75
N ALA Q 164 39.93 24.71 -74.79
CA ALA Q 164 40.00 26.07 -75.31
C ALA Q 164 38.63 26.54 -75.79
N ARG Q 165 37.92 25.68 -76.52
CA ARG Q 165 36.58 26.03 -76.97
C ARG Q 165 35.65 26.25 -75.78
N LEU Q 166 35.76 25.40 -74.77
CA LEU Q 166 34.92 25.55 -73.58
C LEU Q 166 35.20 26.86 -72.87
N LYS Q 167 36.48 27.22 -72.71
CA LYS Q 167 36.81 28.49 -72.07
C LYS Q 167 36.34 29.67 -72.91
N SER Q 168 36.36 29.53 -74.24
CA SER Q 168 35.93 30.63 -75.10
C SER Q 168 34.45 30.91 -74.93
N ALA Q 169 33.62 29.86 -74.97
CA ALA Q 169 32.18 30.06 -74.93
C ALA Q 169 31.71 30.46 -73.53
N ILE Q 170 32.24 29.80 -72.49
CA ILE Q 170 31.83 30.14 -71.13
C ILE Q 170 32.08 31.62 -70.85
N ALA Q 171 33.26 32.11 -71.24
CA ALA Q 171 33.56 33.53 -71.08
C ALA Q 171 32.60 34.38 -71.88
N ALA Q 172 32.29 33.96 -73.12
CA ALA Q 172 31.39 34.73 -73.96
C ALA Q 172 30.03 34.90 -73.30
N GLN Q 173 29.52 33.84 -72.67
CA GLN Q 173 28.26 33.95 -71.94
C GLN Q 173 28.38 34.95 -70.81
N LYS Q 174 29.51 34.93 -70.09
CA LYS Q 174 29.70 35.85 -68.98
C LYS Q 174 29.72 37.30 -69.47
N ILE Q 175 30.37 37.55 -70.60
CA ILE Q 175 30.44 38.91 -71.14
C ILE Q 175 29.05 39.39 -71.55
N GLU Q 176 28.31 38.55 -72.26
CA GLU Q 176 27.07 39.01 -72.88
C GLU Q 176 26.04 39.42 -71.83
N GLU Q 177 25.92 38.66 -70.75
CA GLU Q 177 24.95 39.00 -69.72
C GLU Q 177 25.24 40.36 -69.11
N ILE Q 178 26.49 40.82 -69.17
CA ILE Q 178 26.88 42.12 -68.65
C ILE Q 178 26.83 43.13 -69.79
N ALA Q 179 26.20 42.77 -70.89
CA ALA Q 179 26.13 43.67 -72.03
C ALA Q 179 25.57 45.03 -71.65
N GLY Q 180 24.66 45.06 -70.68
CA GLY Q 180 24.08 46.31 -70.25
C GLY Q 180 23.40 47.04 -71.38
N ASN Q 181 22.59 46.32 -72.15
CA ASN Q 181 21.93 46.90 -73.31
C ASN Q 181 21.10 48.11 -72.89
N LEU Q 182 21.26 49.21 -73.62
CA LEU Q 182 20.54 50.44 -73.28
C LEU Q 182 19.04 50.28 -73.55
N ASP Q 183 18.66 49.42 -74.49
CA ASP Q 183 17.28 49.31 -74.91
C ASP Q 183 16.37 48.60 -73.91
N ASN Q 184 16.93 47.91 -72.91
CA ASN Q 184 16.10 47.11 -72.02
C ASN Q 184 15.08 47.99 -71.29
N ALA Q 185 15.56 49.07 -70.67
CA ALA Q 185 14.69 50.00 -69.95
C ALA Q 185 13.89 49.27 -68.87
N SER Q 186 14.53 48.31 -68.21
CA SER Q 186 13.89 47.50 -67.19
C SER Q 186 14.78 47.22 -65.99
N ALA Q 187 15.97 47.80 -65.92
CA ALA Q 187 16.98 47.59 -64.89
C ALA Q 187 17.72 46.27 -65.10
N SER Q 188 17.34 45.47 -66.09
CA SER Q 188 18.13 44.27 -66.41
C SER Q 188 19.52 44.66 -66.87
N SER Q 189 19.62 45.69 -67.71
CA SER Q 189 20.90 46.30 -68.03
C SER Q 189 21.25 47.29 -66.93
N LEU Q 190 22.42 47.09 -66.30
CA LEU Q 190 22.80 47.95 -65.19
C LEU Q 190 22.89 49.41 -65.59
N PHE Q 191 23.18 49.68 -66.87
CA PHE Q 191 23.25 51.07 -67.33
C PHE Q 191 21.89 51.75 -67.23
N GLU Q 192 20.85 51.12 -67.75
CA GLU Q 192 19.51 51.69 -67.66
C GLU Q 192 19.05 51.80 -66.21
N ARG Q 193 19.49 50.88 -65.35
CA ARG Q 193 19.22 51.01 -63.93
C ARG Q 193 19.83 52.29 -63.38
N ILE Q 194 21.06 52.60 -63.81
CA ILE Q 194 21.69 53.87 -63.43
C ILE Q 194 20.87 55.04 -63.95
N GLU Q 195 20.43 54.96 -65.21
CA GLU Q 195 19.66 56.05 -65.80
C GLU Q 195 18.40 56.33 -64.99
N THR Q 196 17.71 55.27 -64.55
CA THR Q 196 16.55 55.45 -63.69
C THR Q 196 16.95 56.14 -62.40
N LYS Q 197 18.11 55.77 -61.84
CA LYS Q 197 18.57 56.41 -60.62
C LYS Q 197 18.79 57.91 -60.82
N ILE Q 198 19.37 58.29 -61.97
CA ILE Q 198 19.65 59.70 -62.22
C ILE Q 198 18.36 60.52 -62.19
N LEU Q 199 17.35 60.06 -62.93
CA LEU Q 199 16.11 60.82 -63.01
C LEU Q 199 15.39 60.87 -61.67
N GLU Q 200 15.59 59.86 -60.83
CA GLU Q 200 14.96 59.87 -59.51
C GLU Q 200 15.39 61.08 -58.70
N LEU Q 201 16.70 61.34 -58.67
CA LEU Q 201 17.20 62.47 -57.89
C LEU Q 201 16.76 63.80 -58.48
N GLU Q 202 16.93 63.96 -59.79
CA GLU Q 202 16.55 65.21 -60.43
C GLU Q 202 15.07 65.53 -60.19
N ALA Q 203 14.24 64.50 -60.09
CA ALA Q 203 12.81 64.73 -59.84
C ALA Q 203 12.60 65.36 -58.47
N GLU Q 204 13.32 64.89 -57.46
CA GLU Q 204 13.13 65.41 -56.10
C GLU Q 204 13.48 66.89 -56.02
N ARG Q 205 14.58 67.29 -56.65
CA ARG Q 205 15.03 68.68 -56.53
C ARG Q 205 14.01 69.64 -57.12
N GLU Q 206 13.51 69.35 -58.32
CA GLU Q 206 12.59 70.27 -58.98
C GLU Q 206 11.32 70.44 -58.16
N LEU Q 207 10.79 69.34 -57.62
CA LEU Q 207 9.56 69.42 -56.82
C LEU Q 207 9.79 70.22 -55.54
N LEU Q 208 10.90 69.95 -54.85
CA LEU Q 208 11.16 70.64 -53.59
C LEU Q 208 11.47 72.11 -53.81
N ASN Q 209 11.91 72.47 -55.01
CA ASN Q 209 12.18 73.86 -55.38
C ASN Q 209 11.37 74.16 -56.64
N PRO Q 210 10.10 74.50 -56.49
CA PRO Q 210 9.24 74.73 -57.66
C PRO Q 210 9.90 75.68 -58.64
N PRO Q 211 10.23 75.22 -59.85
CA PRO Q 211 10.84 76.10 -60.84
C PRO Q 211 9.83 77.12 -61.34
N PRO Q 212 10.29 78.20 -61.98
CA PRO Q 212 9.37 79.24 -62.41
C PRO Q 212 8.32 78.70 -63.37
N SER Q 213 7.10 79.23 -63.25
CA SER Q 213 6.04 78.86 -64.16
C SER Q 213 6.32 79.40 -65.56
N PRO Q 214 5.80 78.76 -66.60
CA PRO Q 214 6.01 79.30 -67.96
C PRO Q 214 5.49 80.71 -68.12
N LEU Q 215 4.40 81.07 -67.43
CA LEU Q 215 3.91 82.44 -67.49
C LEU Q 215 4.95 83.41 -66.93
N ASP Q 216 5.58 83.05 -65.82
CA ASP Q 216 6.65 83.89 -65.29
C ASP Q 216 7.80 84.00 -66.27
N LYS Q 217 8.17 82.88 -66.91
CA LYS Q 217 9.19 82.92 -67.95
C LYS Q 217 8.78 83.86 -69.07
N LYS Q 218 7.52 83.80 -69.49
CA LYS Q 218 7.06 84.69 -70.55
C LYS Q 218 7.27 86.14 -70.18
N PHE Q 219 6.92 86.52 -68.96
CA PHE Q 219 7.06 87.91 -68.54
C PHE Q 219 8.52 88.35 -68.54
N GLU Q 220 9.41 87.48 -68.05
CA GLU Q 220 10.81 87.87 -67.92
C GLU Q 220 11.42 88.25 -69.27
N GLN Q 221 11.31 87.37 -70.25
CA GLN Q 221 11.79 87.70 -71.59
C GLN Q 221 10.95 88.80 -72.22
N TRP Q 222 9.64 88.76 -72.00
CA TRP Q 222 8.76 89.80 -72.53
C TRP Q 222 9.19 91.18 -72.06
N GLU Q 223 9.78 91.27 -70.87
CA GLU Q 223 10.23 92.56 -70.36
C GLU Q 223 11.53 93.01 -71.00
N GLU Q 224 12.45 92.07 -71.27
CA GLU Q 224 13.78 92.44 -71.71
C GLU Q 224 13.77 93.10 -73.09
N GLN Q 225 12.83 92.70 -73.95
CA GLN Q 225 12.82 93.23 -75.31
C GLN Q 225 12.66 94.74 -75.33
N GLN Q 226 11.75 95.26 -74.50
CA GLN Q 226 11.58 96.71 -74.41
C GLN Q 226 12.82 97.35 -73.81
N ALA Q 227 13.41 96.72 -72.80
CA ALA Q 227 14.58 97.31 -72.15
C ALA Q 227 15.72 97.48 -73.15
N VAL Q 228 16.01 96.44 -73.94
CA VAL Q 228 17.06 96.55 -74.94
C VAL Q 228 16.63 97.46 -76.07
N GLU Q 229 15.37 97.35 -76.51
CA GLU Q 229 14.88 98.21 -77.58
C GLU Q 229 14.79 99.67 -77.12
N ALA Q 230 14.29 99.88 -75.90
CA ALA Q 230 14.23 101.25 -75.38
C ALA Q 230 15.63 101.84 -75.23
N THR Q 231 16.57 101.05 -74.72
CA THR Q 231 17.96 101.49 -74.67
C THR Q 231 18.50 101.68 -76.09
N LEU Q 232 18.20 100.74 -77.00
CA LEU Q 232 18.60 100.89 -78.38
C LEU Q 232 17.86 102.05 -79.05
N ALA Q 233 16.58 102.24 -78.72
CA ALA Q 233 15.85 103.39 -79.25
C ALA Q 233 16.48 104.69 -78.79
N ALA Q 234 16.87 104.75 -77.51
CA ALA Q 234 17.60 105.91 -77.02
C ALA Q 234 19.05 105.91 -77.49
N MET Q 235 19.60 104.76 -77.85
CA MET Q 235 20.97 104.72 -78.37
C MET Q 235 21.10 105.60 -79.61
N LYS Q 236 20.20 105.42 -80.58
CA LYS Q 236 20.21 106.28 -81.76
C LYS Q 236 19.90 107.72 -81.38
N ALA Q 237 18.93 107.91 -80.48
CA ALA Q 237 18.54 109.27 -80.08
C ALA Q 237 19.63 109.94 -79.27
N ARG Q 238 20.17 109.24 -78.26
CA ARG Q 238 21.21 109.85 -77.43
C ARG Q 238 22.44 110.19 -78.25
N ARG Q 239 22.85 109.29 -79.15
CA ARG Q 239 23.95 109.61 -80.05
C ARG Q 239 23.51 110.63 -81.09
N SER Q 240 22.27 110.56 -81.53
CA SER Q 240 21.75 111.49 -82.53
C SER Q 240 20.23 111.64 -82.42
N GLN R 45 53.03 -20.61 35.38
CA GLN R 45 54.24 -20.88 36.22
C GLN R 45 55.51 -20.69 35.40
N GLU R 46 56.60 -20.38 36.09
CA GLU R 46 57.90 -20.15 35.47
C GLU R 46 58.86 -21.27 35.87
N ALA R 47 60.09 -21.18 35.38
CA ALA R 47 61.09 -22.16 35.75
C ALA R 47 61.36 -22.07 37.25
N PRO R 48 61.46 -23.21 37.95
CA PRO R 48 61.64 -23.13 39.41
C PRO R 48 62.91 -22.39 39.81
N GLU R 49 63.98 -22.52 39.03
CA GLU R 49 65.23 -21.85 39.37
C GLU R 49 65.08 -20.33 39.31
N ASP R 50 64.35 -19.83 38.31
CA ASP R 50 64.20 -18.39 38.16
C ASP R 50 63.51 -17.77 39.37
N LEU R 51 62.50 -18.44 39.89
CA LEU R 51 61.79 -17.93 41.05
C LEU R 51 62.73 -17.75 42.24
N LEU R 52 63.66 -18.67 42.42
CA LEU R 52 64.50 -18.67 43.60
C LEU R 52 65.29 -17.37 43.71
N GLU R 53 65.88 -16.91 42.61
CA GLU R 53 66.61 -15.65 42.63
C GLU R 53 65.68 -14.48 42.93
N ARG R 54 64.52 -14.45 42.27
CA ARG R 54 63.58 -13.35 42.48
C ARG R 54 63.02 -13.37 43.89
N LEU R 55 62.72 -14.55 44.43
CA LEU R 55 62.11 -14.63 45.74
C LEU R 55 63.04 -14.08 46.83
N LEU R 56 64.31 -14.45 46.79
CA LEU R 56 65.25 -13.99 47.81
C LEU R 56 65.45 -12.48 47.72
N GLY R 57 65.50 -11.93 46.50
CA GLY R 57 65.64 -10.50 46.35
C GLY R 57 64.52 -9.75 47.06
N GLU R 58 63.29 -10.25 46.94
CA GLU R 58 62.19 -9.67 47.70
C GLU R 58 62.38 -9.87 49.19
N MET R 59 62.87 -11.05 49.60
CA MET R 59 63.07 -11.32 51.02
C MET R 59 64.10 -10.37 51.62
N GLU R 60 65.22 -10.16 50.93
CA GLU R 60 66.24 -9.26 51.45
C GLU R 60 65.72 -7.83 51.56
N LEU R 61 64.97 -7.39 50.55
CA LEU R 61 64.42 -6.04 50.59
C LEU R 61 63.49 -5.86 51.78
N GLU R 62 62.67 -6.87 52.08
CA GLU R 62 61.73 -6.75 53.19
C GLU R 62 62.46 -6.64 54.52
N LEU R 63 63.56 -7.37 54.70
CA LEU R 63 64.19 -7.46 56.01
C LEU R 63 64.68 -6.10 56.48
N ILE R 64 65.30 -5.32 55.59
CA ILE R 64 65.81 -4.01 56.00
C ILE R 64 64.66 -3.10 56.38
N GLU R 65 63.52 -3.23 55.71
CA GLU R 65 62.35 -2.44 56.08
C GLU R 65 61.93 -2.76 57.51
N LEU R 66 61.96 -4.03 57.89
CA LEU R 66 61.74 -4.39 59.28
C LEU R 66 62.78 -3.76 60.18
N ARG R 67 64.05 -3.80 59.77
CA ARG R 67 65.12 -3.20 60.57
C ARG R 67 64.88 -1.72 60.78
N ARG R 68 64.49 -1.00 59.72
CA ARG R 68 64.24 0.42 59.83
C ARG R 68 63.06 0.70 60.77
N ALA R 69 61.98 -0.07 60.64
CA ALA R 69 60.79 0.18 61.44
C ALA R 69 61.07 0.00 62.93
N LEU R 70 61.78 -1.06 63.29
CA LEU R 70 62.06 -1.32 64.71
C LEU R 70 62.78 -0.14 65.36
N ALA R 71 63.63 0.56 64.60
CA ALA R 71 64.33 1.70 65.17
C ALA R 71 63.35 2.78 65.63
N GLN R 72 62.33 3.04 64.84
CA GLN R 72 61.35 4.07 65.20
C GLN R 72 60.66 3.73 66.51
N THR R 73 60.41 2.44 66.76
CA THR R 73 59.85 2.03 68.04
C THR R 73 60.76 2.43 69.19
N ILE R 74 62.07 2.23 69.02
CA ILE R 74 63.02 2.57 70.09
C ILE R 74 62.98 4.06 70.38
N ALA R 75 62.80 4.88 69.35
CA ALA R 75 62.80 6.33 69.54
C ALA R 75 61.71 6.73 70.53
N THR R 76 60.49 6.26 70.32
CA THR R 76 59.39 6.60 71.22
C THR R 76 59.64 6.02 72.61
N PHE R 77 60.14 4.79 72.69
CA PHE R 77 60.45 4.20 73.99
C PHE R 77 61.44 5.04 74.76
N LYS R 78 62.47 5.56 74.07
CA LYS R 78 63.41 6.46 74.73
C LYS R 78 62.79 7.84 74.95
N SER R 79 62.04 8.33 73.97
CA SER R 79 61.51 9.69 74.05
C SER R 79 60.59 9.87 75.24
N THR R 80 59.64 8.93 75.42
CA THR R 80 58.72 9.03 76.54
C THR R 80 59.47 8.93 77.87
N GLU R 81 60.46 8.03 77.94
CA GLU R 81 61.24 7.88 79.17
C GLU R 81 61.92 9.19 79.54
N ARG R 82 62.51 9.88 78.56
CA ARG R 82 63.06 11.20 78.80
C ARG R 82 61.95 12.17 79.21
N GLN R 83 60.80 12.07 78.55
CA GLN R 83 59.66 12.92 78.92
C GLN R 83 59.20 12.64 80.34
N ARG R 84 59.22 11.37 80.74
CA ARG R 84 58.77 11.01 82.08
C ARG R 84 59.64 11.68 83.14
N ASP R 85 60.95 11.68 82.95
CA ASP R 85 61.85 12.26 83.94
C ASP R 85 61.55 13.74 84.15
N ALA R 86 61.10 14.44 83.10
CA ALA R 86 60.85 15.87 83.22
C ALA R 86 59.76 16.16 84.24
N GLN R 87 58.67 15.39 84.22
CA GLN R 87 57.54 15.67 85.09
C GLN R 87 57.92 15.54 86.56
N GLN R 88 58.57 14.43 86.92
CA GLN R 88 58.96 14.24 88.31
C GLN R 88 59.90 15.34 88.77
N LEU R 89 60.76 15.85 87.89
CA LEU R 89 61.62 16.95 88.25
C LEU R 89 60.80 18.18 88.64
N ILE R 90 59.73 18.45 87.90
CA ILE R 90 58.86 19.57 88.26
C ILE R 90 58.23 19.34 89.63
N ALA R 91 57.75 18.12 89.88
CA ALA R 91 57.18 17.81 91.18
C ALA R 91 58.21 18.00 92.28
N GLN R 92 59.46 17.64 92.02
CA GLN R 92 60.51 17.85 93.00
C GLN R 92 60.66 19.33 93.34
N ARG R 93 60.54 20.20 92.32
CA ARG R 93 60.65 21.64 92.57
C ARG R 93 59.61 22.10 93.56
N TRP R 94 58.35 21.68 93.36
CA TRP R 94 57.30 22.05 94.30
C TRP R 94 57.58 21.47 95.68
N TYR R 95 58.02 20.21 95.74
CA TYR R 95 58.36 19.61 97.03
C TYR R 95 59.52 20.35 97.69
N GLU R 96 60.55 20.67 96.90
CA GLU R 96 61.66 21.46 97.45
C GLU R 96 61.18 22.83 97.90
N LYS R 97 60.32 23.47 97.10
CA LYS R 97 59.75 24.75 97.49
C LYS R 97 58.92 24.60 98.76
N ALA R 98 58.11 23.54 98.83
CA ALA R 98 57.31 23.30 100.02
C ALA R 98 58.14 23.06 101.25
N GLN R 99 59.41 22.66 101.08
CA GLN R 99 60.27 22.41 102.24
C GLN R 99 60.45 23.67 103.07
N ALA R 100 60.70 24.80 102.42
CA ALA R 100 60.84 26.09 103.09
C ALA R 100 59.55 26.91 103.04
N ALA R 101 58.48 26.36 102.49
CA ALA R 101 57.22 27.10 102.41
C ALA R 101 56.73 27.50 103.79
N LEU R 102 56.72 26.54 104.72
CA LEU R 102 56.32 26.78 106.10
C LEU R 102 57.50 27.03 107.01
N ASP R 103 58.72 27.15 106.47
CA ASP R 103 59.88 27.48 107.30
C ASP R 103 59.65 28.75 108.09
N ARG R 104 58.89 29.69 107.53
CA ARG R 104 58.47 30.89 108.25
C ARG R 104 57.29 30.63 109.17
N GLY R 105 56.88 29.37 109.33
CA GLY R 105 55.65 29.04 110.00
C GLY R 105 54.42 29.07 109.13
N ASN R 106 54.58 29.29 107.83
CA ASN R 106 53.46 29.38 106.89
C ASN R 106 53.04 27.99 106.45
N GLU R 107 52.36 27.30 107.37
CA GLU R 107 51.88 25.94 107.08
C GLU R 107 50.81 25.96 105.99
N GLN R 108 49.96 26.98 105.96
CA GLN R 108 48.87 27.01 105.01
C GLN R 108 49.37 26.96 103.57
N LEU R 109 50.43 27.72 103.27
CA LEU R 109 50.94 27.75 101.90
C LEU R 109 51.44 26.39 101.47
N ALA R 110 52.14 25.68 102.35
CA ALA R 110 52.67 24.37 102.01
C ALA R 110 51.55 23.39 101.66
N ARG R 111 50.35 23.62 102.18
CA ARG R 111 49.24 22.73 101.87
C ARG R 111 48.97 22.70 100.37
N GLU R 112 48.97 23.86 99.72
CA GLU R 112 48.69 23.92 98.29
C GLU R 112 49.74 23.18 97.48
N ALA R 113 51.02 23.34 97.86
CA ALA R 113 52.10 22.73 97.09
C ALA R 113 51.97 21.21 97.09
N LEU R 114 51.83 20.60 98.27
CA LEU R 114 51.71 19.15 98.33
C LEU R 114 50.46 18.66 97.61
N GLY R 115 49.35 19.40 97.74
CA GLY R 115 48.17 19.06 96.96
C GLY R 115 48.40 19.22 95.47
N GLN R 116 49.17 20.23 95.08
CA GLN R 116 49.42 20.48 93.66
C GLN R 116 50.23 19.36 93.03
N ARG R 117 51.29 18.91 93.71
CA ARG R 117 52.20 17.94 93.13
C ARG R 117 51.56 16.57 92.93
N GLN R 118 50.44 16.29 93.60
CA GLN R 118 49.80 14.99 93.43
C GLN R 118 49.34 14.79 91.99
N SER R 119 48.82 15.84 91.36
CA SER R 119 48.39 15.74 89.97
C SER R 119 49.55 15.31 89.08
N TYR R 120 50.72 15.91 89.29
CA TYR R 120 51.89 15.52 88.50
C TYR R 120 52.27 14.06 88.77
N GLN R 121 52.21 13.64 90.04
CA GLN R 121 52.57 12.27 90.37
C GLN R 121 51.70 11.27 89.62
N SER R 122 50.43 11.62 89.38
CA SER R 122 49.54 10.72 88.66
C SER R 122 50.07 10.42 87.27
N HIS R 123 50.55 11.44 86.56
CA HIS R 123 51.09 11.22 85.23
C HIS R 123 52.33 10.33 85.28
N THR R 124 53.19 10.56 86.28
CA THR R 124 54.41 9.75 86.39
C THR R 124 54.07 8.28 86.57
N GLU R 125 53.10 7.98 87.45
CA GLU R 125 52.71 6.60 87.66
C GLU R 125 52.10 6.00 86.39
N ALA R 126 51.27 6.78 85.68
CA ALA R 126 50.66 6.27 84.46
C ALA R 126 51.71 5.95 83.41
N LEU R 127 52.71 6.81 83.25
CA LEU R 127 53.74 6.57 82.25
C LEU R 127 54.64 5.40 82.67
N GLY R 128 54.96 5.29 83.95
CA GLY R 128 55.81 4.19 84.39
C GLY R 128 55.23 2.83 84.04
N LYS R 129 53.91 2.68 84.22
CA LYS R 129 53.26 1.43 83.82
C LYS R 129 53.31 1.24 82.31
N SER R 130 53.10 2.33 81.56
CA SER R 130 53.06 2.22 80.11
C SER R 130 54.40 1.75 79.55
N LEU R 131 55.51 2.28 80.06
CA LEU R 131 56.82 1.85 79.59
C LEU R 131 57.11 0.41 79.98
N GLY R 132 56.59 -0.03 81.13
CA GLY R 132 56.87 -1.38 81.58
C GLY R 132 56.48 -2.43 80.56
N GLU R 133 55.30 -2.28 79.95
CA GLU R 133 54.87 -3.24 78.94
C GLU R 133 55.64 -3.07 77.64
N GLN R 134 55.92 -1.83 77.25
CA GLN R 134 56.69 -1.58 76.04
C GLN R 134 58.09 -2.16 76.14
N ARG R 135 58.72 -2.02 77.31
CA ARG R 135 60.11 -2.43 77.47
C ARG R 135 60.28 -3.91 77.15
N ALA R 136 59.40 -4.75 77.68
CA ALA R 136 59.48 -6.18 77.44
C ALA R 136 58.89 -6.60 76.10
N LEU R 137 58.24 -5.67 75.39
CA LEU R 137 57.63 -6.01 74.10
C LEU R 137 58.65 -5.93 72.97
N VAL R 138 59.39 -4.83 72.90
CA VAL R 138 60.36 -4.66 71.81
C VAL R 138 61.45 -5.71 71.93
N GLU R 139 61.90 -6.00 73.15
CA GLU R 139 62.95 -7.00 73.34
C GLU R 139 62.58 -8.32 72.68
N GLN R 140 61.30 -8.68 72.74
CA GLN R 140 60.83 -9.86 72.03
C GLN R 140 60.94 -9.66 70.52
N VAL R 141 60.64 -8.45 70.04
CA VAL R 141 60.72 -8.19 68.60
C VAL R 141 62.15 -8.36 68.10
N ARG R 142 63.11 -7.81 68.84
CA ARG R 142 64.50 -7.91 68.42
C ARG R 142 64.92 -9.36 68.23
N GLY R 143 64.42 -10.26 69.08
CA GLY R 143 64.76 -11.67 68.93
C GLY R 143 64.30 -12.24 67.60
N GLN R 144 63.08 -11.88 67.18
CA GLN R 144 62.59 -12.36 65.90
C GLN R 144 63.46 -11.87 64.74
N LEU R 145 63.81 -10.58 64.77
CA LEU R 145 64.64 -10.04 63.68
C LEU R 145 66.00 -10.72 63.65
N GLN R 146 66.64 -10.87 64.81
CA GLN R 146 67.96 -11.47 64.84
C GLN R 146 67.92 -12.92 64.37
N LYS R 147 66.92 -13.68 64.83
CA LYS R 147 66.80 -15.06 64.39
C LYS R 147 66.54 -15.13 62.89
N LEU R 148 65.69 -14.24 62.37
CA LEU R 148 65.40 -14.24 60.94
C LEU R 148 66.66 -13.99 60.12
N GLU R 149 67.48 -13.02 60.54
CA GLU R 149 68.70 -12.73 59.81
C GLU R 149 69.63 -13.94 59.79
N ARG R 150 69.77 -14.62 60.93
CA ARG R 150 70.59 -15.83 60.97
C ARG R 150 70.03 -16.90 60.05
N LYS R 151 68.70 -17.05 60.04
CA LYS R 151 68.08 -18.03 59.17
C LYS R 151 68.20 -17.62 57.71
N TYR R 152 68.25 -16.32 57.43
CA TYR R 152 68.31 -15.86 56.04
C TYR R 152 69.56 -16.38 55.34
N LEU R 153 70.71 -16.29 56.00
CA LEU R 153 71.97 -16.66 55.35
C LEU R 153 72.00 -18.13 54.99
N GLU R 154 71.48 -19.00 55.86
CA GLU R 154 71.56 -20.43 55.64
C GLU R 154 70.88 -20.84 54.35
N LEU R 155 69.95 -20.03 53.85
CA LEU R 155 69.32 -20.30 52.56
C LEU R 155 70.21 -19.87 51.41
N LYS R 156 70.70 -18.64 51.45
CA LYS R 156 71.50 -18.11 50.35
C LYS R 156 72.78 -18.91 50.18
N SER R 157 73.39 -19.35 51.28
CA SER R 157 74.62 -20.13 51.19
C SER R 157 74.43 -21.43 50.43
N GLN R 158 73.20 -21.89 50.28
CA GLN R 158 72.92 -23.12 49.55
C GLN R 158 72.37 -22.88 48.15
N LYS R 159 71.78 -21.72 47.89
CA LYS R 159 71.13 -21.52 46.60
C LYS R 159 72.13 -21.62 45.47
N ASN R 160 73.32 -21.03 45.63
CA ASN R 160 74.34 -21.13 44.59
C ASN R 160 74.76 -22.57 44.37
N LEU R 161 74.80 -23.38 45.43
CA LEU R 161 75.19 -24.77 45.28
C LEU R 161 74.18 -25.53 44.43
N TYR R 162 72.89 -25.32 44.65
CA TYR R 162 71.88 -26.03 43.87
C TYR R 162 71.94 -25.64 42.40
N LEU R 163 72.09 -24.35 42.11
CA LEU R 163 72.14 -23.92 40.71
C LEU R 163 73.30 -24.59 39.97
N ALA R 164 74.45 -24.72 40.63
CA ALA R 164 75.59 -25.37 39.98
C ALA R 164 75.26 -26.80 39.61
N ARG R 165 74.63 -27.54 40.53
CA ARG R 165 74.22 -28.91 40.22
C ARG R 165 73.23 -28.93 39.07
N LEU R 166 72.28 -28.00 39.07
CA LEU R 166 71.29 -27.94 38.00
C LEU R 166 71.95 -27.67 36.65
N LYS R 167 72.89 -26.73 36.62
CA LYS R 167 73.58 -26.44 35.36
C LYS R 167 74.43 -27.61 34.91
N SER R 168 74.98 -28.37 35.86
CA SER R 168 75.81 -29.52 35.50
C SER R 168 74.98 -30.60 34.82
N ALA R 169 73.84 -30.95 35.41
CA ALA R 169 73.04 -32.05 34.87
C ALA R 169 72.34 -31.66 33.58
N ILE R 170 71.77 -30.46 33.53
CA ILE R 170 71.08 -30.02 32.32
C ILE R 170 72.02 -30.06 31.13
N ALA R 171 73.25 -29.56 31.30
CA ALA R 171 74.24 -29.63 30.23
C ALA R 171 74.55 -31.08 29.88
N ALA R 172 74.69 -31.93 30.90
CA ALA R 172 75.02 -33.33 30.65
C ALA R 172 73.97 -33.99 29.77
N GLN R 173 72.69 -33.70 30.02
CA GLN R 173 71.64 -34.22 29.16
C GLN R 173 71.79 -33.71 27.74
N LYS R 174 72.14 -32.44 27.58
CA LYS R 174 72.31 -31.87 26.25
C LYS R 174 73.45 -32.56 25.50
N ILE R 175 74.55 -32.83 26.21
CA ILE R 175 75.70 -33.47 25.57
C ILE R 175 75.34 -34.89 25.13
N GLU R 176 74.69 -35.65 26.01
CA GLU R 176 74.50 -37.07 25.76
C GLU R 176 73.63 -37.31 24.53
N GLU R 177 72.56 -36.52 24.38
CA GLU R 177 71.67 -36.74 23.23
C GLU R 177 72.41 -36.51 21.91
N ILE R 178 73.51 -35.75 21.94
CA ILE R 178 74.31 -35.49 20.76
C ILE R 178 75.46 -36.49 20.72
N ALA R 179 75.36 -37.55 21.53
CA ALA R 179 76.43 -38.54 21.59
C ALA R 179 76.74 -39.10 20.20
N GLY R 180 75.74 -39.19 19.34
CA GLY R 180 75.96 -39.71 18.00
C GLY R 180 76.53 -41.10 18.02
N ASN R 181 75.94 -41.97 18.84
CA ASN R 181 76.45 -43.33 18.98
C ASN R 181 76.49 -44.02 17.62
N LEU R 182 77.63 -44.65 17.33
CA LEU R 182 77.78 -45.32 16.04
C LEU R 182 76.89 -46.55 15.94
N ASP R 183 76.57 -47.16 17.08
CA ASP R 183 75.84 -48.43 17.08
C ASP R 183 74.36 -48.29 16.74
N ASN R 184 73.80 -47.08 16.76
CA ASN R 184 72.36 -46.94 16.55
C ASN R 184 71.94 -47.49 15.20
N ALA R 185 72.61 -47.06 14.13
CA ALA R 185 72.30 -47.53 12.78
C ALA R 185 70.84 -47.27 12.43
N SER R 186 70.33 -46.12 12.88
CA SER R 186 68.94 -45.76 12.65
C SER R 186 68.74 -44.28 12.31
N ALA R 187 69.82 -43.51 12.15
CA ALA R 187 69.81 -42.08 11.90
C ALA R 187 69.54 -41.29 13.18
N SER R 188 69.28 -41.97 14.31
CA SER R 188 69.17 -41.25 15.57
C SER R 188 70.50 -40.58 15.93
N SER R 189 71.61 -41.30 15.73
CA SER R 189 72.93 -40.71 15.81
C SER R 189 73.24 -40.05 14.47
N LEU R 190 73.54 -38.75 14.51
CA LEU R 190 73.78 -38.02 13.28
C LEU R 190 74.95 -38.60 12.49
N PHE R 191 75.90 -39.26 13.17
CA PHE R 191 77.03 -39.86 12.46
C PHE R 191 76.57 -40.99 11.55
N GLU R 192 75.77 -41.91 12.10
CA GLU R 192 75.26 -43.01 11.29
C GLU R 192 74.36 -42.50 10.17
N ARG R 193 73.64 -41.39 10.42
CA ARG R 193 72.88 -40.77 9.34
C ARG R 193 73.80 -40.34 8.21
N ILE R 194 74.96 -39.76 8.57
CA ILE R 194 75.95 -39.42 7.55
C ILE R 194 76.43 -40.67 6.83
N GLU R 195 76.71 -41.74 7.57
CA GLU R 195 77.19 -42.96 6.95
C GLU R 195 76.19 -43.48 5.93
N THR R 196 74.90 -43.44 6.26
CA THR R 196 73.89 -43.83 5.29
C THR R 196 73.95 -42.94 4.06
N LYS R 197 74.17 -41.64 4.26
CA LYS R 197 74.28 -40.72 3.13
C LYS R 197 75.44 -41.10 2.23
N ILE R 198 76.58 -41.47 2.81
CA ILE R 198 77.76 -41.80 2.02
C ILE R 198 77.47 -42.97 1.08
N LEU R 199 76.90 -44.05 1.64
CA LEU R 199 76.64 -45.23 0.82
C LEU R 199 75.59 -44.96 -0.25
N GLU R 200 74.68 -44.02 0.00
CA GLU R 200 73.66 -43.70 -0.99
C GLU R 200 74.31 -43.21 -2.28
N LEU R 201 75.27 -42.30 -2.18
CA LEU R 201 75.92 -41.75 -3.36
C LEU R 201 76.75 -42.80 -4.07
N GLU R 202 77.59 -43.52 -3.32
CA GLU R 202 78.43 -44.54 -3.92
C GLU R 202 77.61 -45.58 -4.68
N ALA R 203 76.39 -45.86 -4.19
CA ALA R 203 75.54 -46.82 -4.87
C ALA R 203 75.15 -46.33 -6.26
N GLU R 204 74.81 -45.04 -6.38
CA GLU R 204 74.38 -44.51 -7.67
C GLU R 204 75.48 -44.60 -8.72
N ARG R 205 76.71 -44.27 -8.34
CA ARG R 205 77.80 -44.25 -9.31
C ARG R 205 78.05 -45.63 -9.90
N GLU R 206 78.14 -46.65 -9.05
CA GLU R 206 78.44 -47.99 -9.53
C GLU R 206 77.37 -48.49 -10.49
N LEU R 207 76.11 -48.25 -10.17
CA LEU R 207 75.03 -48.71 -11.03
C LEU R 207 75.05 -47.98 -12.37
N LEU R 208 75.25 -46.66 -12.33
CA LEU R 208 75.23 -45.88 -13.58
C LEU R 208 76.44 -46.19 -14.44
N ASN R 209 77.52 -46.70 -13.83
CA ASN R 209 78.73 -47.10 -14.55
C ASN R 209 79.01 -48.54 -14.16
N PRO R 210 78.36 -49.50 -14.83
CA PRO R 210 78.53 -50.91 -14.47
C PRO R 210 80.00 -51.28 -14.37
N PRO R 211 80.48 -51.63 -13.18
CA PRO R 211 81.90 -52.03 -13.05
C PRO R 211 82.14 -53.37 -13.73
N PRO R 212 83.41 -53.70 -13.98
CA PRO R 212 83.69 -54.96 -14.70
C PRO R 212 83.16 -56.17 -13.96
N SER R 213 82.68 -57.14 -14.73
CA SER R 213 82.21 -58.38 -14.14
C SER R 213 83.40 -59.18 -13.58
N PRO R 214 83.17 -60.02 -12.59
CA PRO R 214 84.28 -60.84 -12.06
C PRO R 214 84.92 -61.72 -13.11
N LEU R 215 84.15 -62.20 -14.08
CA LEU R 215 84.72 -62.97 -15.17
C LEU R 215 85.71 -62.14 -15.98
N ASP R 216 85.35 -60.88 -16.26
CA ASP R 216 86.28 -59.99 -16.95
C ASP R 216 87.53 -59.76 -16.12
N LYS R 217 87.36 -59.57 -14.80
CA LYS R 217 88.52 -59.45 -13.92
C LYS R 217 89.38 -60.70 -13.99
N LYS R 218 88.77 -61.88 -14.01
CA LYS R 218 89.53 -63.12 -14.09
C LYS R 218 90.41 -63.13 -15.34
N PHE R 219 89.84 -62.75 -16.48
CA PHE R 219 90.59 -62.78 -17.72
C PHE R 219 91.77 -61.81 -17.67
N GLU R 220 91.56 -60.61 -17.13
CA GLU R 220 92.60 -59.59 -17.16
C GLU R 220 93.85 -60.07 -16.42
N GLN R 221 93.70 -60.50 -15.18
CA GLN R 221 94.84 -61.05 -14.46
C GLN R 221 95.31 -62.36 -15.07
N TRP R 222 94.37 -63.19 -15.51
CA TRP R 222 94.71 -64.45 -16.15
C TRP R 222 95.62 -64.23 -17.35
N GLU R 223 95.48 -63.09 -18.02
CA GLU R 223 96.32 -62.79 -19.18
C GLU R 223 97.71 -62.34 -18.76
N GLU R 224 97.82 -61.56 -17.69
CA GLU R 224 99.09 -60.94 -17.34
C GLU R 224 100.15 -61.98 -16.95
N GLN R 225 99.73 -63.09 -16.35
CA GLN R 225 100.71 -64.07 -15.87
C GLN R 225 101.55 -64.61 -17.00
N GLN R 226 100.91 -64.94 -18.14
CA GLN R 226 101.68 -65.40 -19.29
C GLN R 226 102.56 -64.29 -19.84
N ALA R 227 102.05 -63.06 -19.88
CA ALA R 227 102.83 -61.95 -20.41
C ALA R 227 104.12 -61.76 -19.63
N VAL R 228 104.03 -61.74 -18.30
CA VAL R 228 105.22 -61.60 -17.48
C VAL R 228 106.07 -62.86 -17.53
N GLU R 229 105.43 -64.04 -17.49
CA GLU R 229 106.17 -65.28 -17.56
C GLU R 229 106.80 -65.48 -18.94
N ALA R 230 106.05 -65.17 -19.99
CA ALA R 230 106.62 -65.26 -21.35
C ALA R 230 107.78 -64.30 -21.50
N THR R 231 107.62 -63.07 -21.03
CA THR R 231 108.75 -62.13 -21.03
C THR R 231 109.87 -62.64 -20.13
N LEU R 232 109.53 -63.15 -18.95
CA LEU R 232 110.53 -63.74 -18.09
C LEU R 232 111.11 -65.02 -18.69
N ALA R 233 110.29 -65.82 -19.36
CA ALA R 233 110.79 -67.00 -20.04
C ALA R 233 111.79 -66.61 -21.12
N ALA R 234 111.46 -65.56 -21.89
CA ALA R 234 112.40 -65.03 -22.87
C ALA R 234 113.52 -64.25 -22.21
N MET R 235 113.31 -63.74 -20.99
CA MET R 235 114.38 -63.03 -20.29
C MET R 235 115.60 -63.92 -20.12
N LYS R 236 115.40 -65.13 -19.60
CA LYS R 236 116.50 -66.07 -19.48
C LYS R 236 117.02 -66.47 -20.84
N ALA R 237 116.12 -66.70 -21.80
CA ALA R 237 116.53 -67.13 -23.13
C ALA R 237 117.24 -66.00 -23.88
N ARG R 238 116.66 -64.80 -23.87
CA ARG R 238 117.28 -63.68 -24.58
C ARG R 238 118.65 -63.36 -24.00
N ARG R 239 118.77 -63.35 -22.67
CA ARG R 239 120.08 -63.17 -22.05
C ARG R 239 120.96 -64.41 -22.25
N SER R 240 120.34 -65.58 -22.24
CA SER R 240 121.08 -66.83 -22.42
C SER R 240 120.18 -67.93 -22.96
N GLN S 45 1.48 64.27 7.10
CA GLN S 45 1.65 65.75 7.06
C GLN S 45 2.96 66.15 7.75
N GLU S 46 3.49 67.31 7.36
CA GLU S 46 4.73 67.83 7.90
C GLU S 46 4.43 69.09 8.70
N ALA S 47 5.48 69.69 9.25
CA ALA S 47 5.31 70.94 9.98
C ALA S 47 4.82 72.02 9.04
N PRO S 48 3.84 72.83 9.44
CA PRO S 48 3.30 73.84 8.51
C PRO S 48 4.35 74.82 8.02
N GLU S 49 5.30 75.19 8.88
CA GLU S 49 6.33 76.14 8.48
C GLU S 49 7.21 75.57 7.37
N ASP S 50 7.55 74.28 7.46
CA ASP S 50 8.44 73.69 6.47
C ASP S 50 7.82 73.73 5.08
N LEU S 51 6.51 73.47 4.98
CA LEU S 51 5.85 73.51 3.68
C LEU S 51 5.98 74.87 3.04
N LEU S 52 5.88 75.94 3.84
CA LEU S 52 5.84 77.29 3.29
C LEU S 52 7.08 77.58 2.45
N GLU S 53 8.26 77.23 2.97
CA GLU S 53 9.49 77.44 2.23
C GLU S 53 9.50 76.61 0.95
N ARG S 54 9.12 75.34 1.05
CA ARG S 54 9.13 74.47 -0.12
C ARG S 54 8.09 74.92 -1.15
N LEU S 55 6.91 75.32 -0.69
CA LEU S 55 5.86 75.69 -1.62
C LEU S 55 6.25 76.89 -2.48
N LEU S 56 6.83 77.93 -1.87
CA LEU S 56 7.21 79.11 -2.63
C LEU S 56 8.32 78.79 -3.62
N GLY S 57 9.27 77.95 -3.23
CA GLY S 57 10.31 77.57 -4.16
C GLY S 57 9.77 76.95 -5.43
N GLU S 58 8.74 76.11 -5.29
CA GLU S 58 8.05 75.58 -6.47
C GLU S 58 7.34 76.69 -7.23
N MET S 59 6.72 77.61 -6.51
CA MET S 59 6.00 78.70 -7.16
C MET S 59 6.93 79.57 -7.99
N GLU S 60 8.08 79.93 -7.42
CA GLU S 60 9.03 80.78 -8.16
C GLU S 60 9.54 80.06 -9.39
N LEU S 61 9.84 78.76 -9.27
CA LEU S 61 10.33 78.00 -10.41
C LEU S 61 9.30 77.98 -11.53
N GLU S 62 8.02 77.84 -11.18
CA GLU S 62 6.98 77.77 -12.21
C GLU S 62 6.85 79.09 -12.96
N LEU S 63 6.99 80.22 -12.26
CA LEU S 63 6.70 81.51 -12.87
C LEU S 63 7.62 81.79 -14.05
N ILE S 64 8.92 81.51 -13.89
CA ILE S 64 9.85 81.77 -14.98
C ILE S 64 9.53 80.89 -16.19
N GLU S 65 9.07 79.67 -15.94
CA GLU S 65 8.66 78.80 -17.04
C GLU S 65 7.53 79.44 -17.83
N LEU S 66 6.57 80.05 -17.12
CA LEU S 66 5.53 80.83 -17.80
C LEU S 66 6.14 81.98 -18.58
N ARG S 67 7.11 82.68 -17.97
CA ARG S 67 7.73 83.80 -18.66
C ARG S 67 8.43 83.34 -19.94
N ARG S 68 9.13 82.21 -19.87
CA ARG S 68 9.81 81.71 -21.06
C ARG S 68 8.82 81.32 -22.15
N ALA S 69 7.72 80.65 -21.77
CA ALA S 69 6.77 80.18 -22.75
C ALA S 69 6.12 81.33 -23.50
N LEU S 70 5.72 82.38 -22.77
CA LEU S 70 5.05 83.50 -23.41
C LEU S 70 5.91 84.12 -24.51
N ALA S 71 7.23 84.11 -24.34
CA ALA S 71 8.11 84.66 -25.36
C ALA S 71 7.96 83.92 -26.68
N GLN S 72 7.87 82.58 -26.62
CA GLN S 72 7.74 81.81 -27.84
C GLN S 72 6.47 82.18 -28.60
N THR S 73 5.39 82.50 -27.88
CA THR S 73 4.18 82.96 -28.53
C THR S 73 4.44 84.24 -29.33
N ILE S 74 5.20 85.16 -28.75
CA ILE S 74 5.48 86.43 -29.43
C ILE S 74 6.26 86.17 -30.72
N ALA S 75 7.15 85.19 -30.71
CA ALA S 75 7.95 84.90 -31.89
C ALA S 75 7.08 84.57 -33.09
N THR S 76 6.12 83.66 -32.91
CA THR S 76 5.22 83.30 -34.00
C THR S 76 4.35 84.49 -34.41
N PHE S 77 3.85 85.25 -33.43
CA PHE S 77 3.05 86.42 -33.74
C PHE S 77 3.83 87.40 -34.61
N LYS S 78 5.11 87.62 -34.30
CA LYS S 78 5.93 88.47 -35.14
C LYS S 78 6.31 87.77 -36.44
N SER S 79 6.63 86.47 -36.36
CA SER S 79 7.11 85.75 -37.53
C SER S 79 6.07 85.75 -38.65
N THR S 80 4.83 85.40 -38.32
CA THR S 80 3.78 85.36 -39.33
C THR S 80 3.53 86.75 -39.91
N GLU S 81 3.57 87.78 -39.05
CA GLU S 81 3.35 89.14 -39.53
C GLU S 81 4.42 89.53 -40.56
N ARG S 82 5.68 89.19 -40.29
CA ARG S 82 6.73 89.38 -41.28
C ARG S 82 6.45 88.53 -42.52
N GLN S 83 5.99 87.30 -42.32
CA GLN S 83 5.65 86.44 -43.45
C GLN S 83 4.50 87.04 -44.26
N ARG S 84 3.53 87.64 -43.58
CA ARG S 84 2.39 88.22 -44.28
C ARG S 84 2.83 89.32 -45.23
N ASP S 85 3.74 90.18 -44.79
CA ASP S 85 4.18 91.30 -45.62
C ASP S 85 4.82 90.80 -46.91
N ALA S 86 5.47 89.64 -46.86
CA ALA S 86 6.16 89.13 -48.05
C ALA S 86 5.18 88.85 -49.18
N GLN S 87 4.04 88.24 -48.87
CA GLN S 87 3.10 87.84 -49.92
C GLN S 87 2.55 89.05 -50.65
N GLN S 88 2.08 90.06 -49.92
CA GLN S 88 1.54 91.25 -50.57
C GLN S 88 2.58 91.93 -51.43
N LEU S 89 3.84 91.89 -51.01
CA LEU S 89 4.90 92.46 -51.84
C LEU S 89 4.97 91.76 -53.19
N ILE S 90 4.84 90.43 -53.19
CA ILE S 90 4.82 89.69 -54.45
C ILE S 90 3.64 90.11 -55.30
N ALA S 91 2.46 90.24 -54.69
CA ALA S 91 1.29 90.68 -55.43
C ALA S 91 1.51 92.07 -56.02
N GLN S 92 2.19 92.94 -55.28
CA GLN S 92 2.50 94.27 -55.79
C GLN S 92 3.36 94.17 -57.04
N ARG S 93 4.32 93.24 -57.07
CA ARG S 93 5.16 93.08 -58.25
C ARG S 93 4.33 92.77 -59.48
N TRP S 94 3.39 91.83 -59.36
CA TRP S 94 2.52 91.52 -60.49
C TRP S 94 1.67 92.72 -60.87
N TYR S 95 1.13 93.42 -59.88
CA TYR S 95 0.34 94.63 -60.17
C TYR S 95 1.21 95.68 -60.84
N GLU S 96 2.42 95.89 -60.33
CA GLU S 96 3.33 96.83 -60.97
C GLU S 96 3.67 96.37 -62.38
N LYS S 97 3.93 95.07 -62.55
CA LYS S 97 4.19 94.53 -63.88
C LYS S 97 2.97 94.72 -64.79
N ALA S 98 1.78 94.46 -64.25
CA ALA S 98 0.56 94.63 -65.04
C ALA S 98 0.34 96.09 -65.43
N GLN S 99 0.95 97.03 -64.71
CA GLN S 99 0.77 98.44 -65.05
C GLN S 99 1.26 98.73 -66.46
N ALA S 100 2.43 98.21 -66.81
CA ALA S 100 3.00 98.37 -68.14
C ALA S 100 2.75 97.16 -69.03
N ALA S 101 2.00 96.17 -68.55
CA ALA S 101 1.74 94.98 -69.35
C ALA S 101 1.02 95.35 -70.64
N LEU S 102 -0.03 96.16 -70.52
CA LEU S 102 -0.78 96.63 -71.68
C LEU S 102 -0.34 98.01 -72.15
N ASP S 103 0.74 98.55 -71.59
CA ASP S 103 1.26 99.82 -72.07
C ASP S 103 1.53 99.79 -73.57
N ARG S 104 1.92 98.62 -74.08
CA ARG S 104 2.07 98.43 -75.52
C ARG S 104 0.74 98.17 -76.21
N GLY S 105 -0.37 98.30 -75.49
CA GLY S 105 -1.67 97.89 -75.98
C GLY S 105 -1.98 96.42 -75.75
N ASN S 106 -1.12 95.70 -75.04
CA ASN S 106 -1.31 94.27 -74.80
C ASN S 106 -2.24 94.07 -73.60
N GLU S 107 -3.52 94.30 -73.84
CA GLU S 107 -4.52 94.14 -72.79
C GLU S 107 -4.66 92.68 -72.37
N GLN S 108 -4.52 91.75 -73.32
CA GLN S 108 -4.73 90.34 -73.00
C GLN S 108 -3.75 89.86 -71.93
N LEU S 109 -2.48 90.26 -72.03
CA LEU S 109 -1.50 89.80 -71.06
C LEU S 109 -1.82 90.29 -69.66
N ALA S 110 -2.26 91.55 -69.54
CA ALA S 110 -2.59 92.08 -68.22
C ALA S 110 -3.72 91.31 -67.56
N ARG S 111 -4.57 90.66 -68.36
CA ARG S 111 -5.66 89.88 -67.79
C ARG S 111 -5.13 88.78 -66.87
N GLU S 112 -4.08 88.07 -67.31
CA GLU S 112 -3.54 86.98 -66.52
C GLU S 112 -2.97 87.49 -65.20
N ALA S 113 -2.26 88.61 -65.24
CA ALA S 113 -1.61 89.13 -64.04
C ALA S 113 -2.63 89.44 -62.95
N LEU S 114 -3.66 90.22 -63.29
CA LEU S 114 -4.67 90.58 -62.30
C LEU S 114 -5.40 89.34 -61.80
N GLY S 115 -5.70 88.38 -62.69
CA GLY S 115 -6.26 87.12 -62.24
C GLY S 115 -5.32 86.35 -61.35
N GLN S 116 -4.02 86.41 -61.66
CA GLN S 116 -3.03 85.66 -60.89
C GLN S 116 -2.92 86.20 -59.47
N ARG S 117 -2.87 87.53 -59.30
CA ARG S 117 -2.64 88.12 -58.00
C ARG S 117 -3.80 87.90 -57.03
N GLN S 118 -4.98 87.53 -57.52
CA GLN S 118 -6.10 87.31 -56.62
C GLN S 118 -5.82 86.15 -55.68
N SER S 119 -5.20 85.09 -56.18
CA SER S 119 -4.86 83.96 -55.32
C SER S 119 -3.97 84.40 -54.15
N TYR S 120 -2.97 85.24 -54.43
CA TYR S 120 -2.12 85.74 -53.36
C TYR S 120 -2.92 86.58 -52.38
N GLN S 121 -3.83 87.42 -52.88
CA GLN S 121 -4.63 88.26 -52.00
C GLN S 121 -5.44 87.43 -51.01
N SER S 122 -5.87 86.24 -51.43
CA SER S 122 -6.65 85.39 -50.53
C SER S 122 -5.83 85.02 -49.29
N HIS S 123 -4.56 84.67 -49.47
CA HIS S 123 -3.73 84.34 -48.33
C HIS S 123 -3.54 85.53 -47.41
N THR S 124 -3.35 86.72 -48.00
CA THR S 124 -3.16 87.92 -47.18
C THR S 124 -4.37 88.17 -46.29
N GLU S 125 -5.57 88.07 -46.87
CA GLU S 125 -6.78 88.26 -46.09
C GLU S 125 -6.91 87.22 -45.00
N ALA S 126 -6.60 85.96 -45.32
CA ALA S 126 -6.71 84.90 -44.33
C ALA S 126 -5.76 85.13 -43.16
N LEU S 127 -4.53 85.55 -43.45
CA LEU S 127 -3.58 85.78 -42.38
C LEU S 127 -3.93 87.02 -41.57
N GLY S 128 -4.42 88.07 -42.22
CA GLY S 128 -4.80 89.27 -41.49
C GLY S 128 -5.84 89.00 -40.41
N LYS S 129 -6.83 88.16 -40.74
CA LYS S 129 -7.82 87.78 -39.74
C LYS S 129 -7.19 86.94 -38.63
N SER S 130 -6.28 86.04 -39.00
CA SER S 130 -5.68 85.16 -38.01
C SER S 130 -4.87 85.95 -36.98
N LEU S 131 -4.11 86.95 -37.42
CA LEU S 131 -3.34 87.76 -36.48
C LEU S 131 -4.25 88.59 -35.60
N GLY S 132 -5.40 89.02 -36.14
CA GLY S 132 -6.28 89.88 -35.37
C GLY S 132 -6.70 89.26 -34.05
N GLU S 133 -7.02 87.97 -34.06
CA GLU S 133 -7.42 87.30 -32.82
C GLU S 133 -6.20 87.04 -31.93
N GLN S 134 -5.06 86.67 -32.53
CA GLN S 134 -3.86 86.43 -31.74
C GLN S 134 -3.40 87.71 -31.04
N ARG S 135 -3.49 88.85 -31.74
CA ARG S 135 -2.97 90.09 -31.19
C ARG S 135 -3.63 90.43 -29.86
N ALA S 136 -4.96 90.33 -29.80
CA ALA S 136 -5.69 90.63 -28.58
C ALA S 136 -5.67 89.48 -27.58
N LEU S 137 -5.14 88.33 -27.96
CA LEU S 137 -5.12 87.19 -27.04
C LEU S 137 -3.90 87.23 -26.13
N VAL S 138 -2.71 87.43 -26.71
CA VAL S 138 -1.50 87.47 -25.91
C VAL S 138 -1.53 88.63 -24.93
N GLU S 139 -2.01 89.79 -25.38
CA GLU S 139 -2.08 90.97 -24.52
C GLU S 139 -2.82 90.65 -23.23
N GLN S 140 -3.86 89.82 -23.32
CA GLN S 140 -4.54 89.37 -22.12
C GLN S 140 -3.64 88.47 -21.27
N VAL S 141 -2.83 87.64 -21.93
CA VAL S 141 -1.94 86.74 -21.20
C VAL S 141 -0.92 87.55 -20.40
N ARG S 142 -0.34 88.58 -21.04
CA ARG S 142 0.66 89.39 -20.34
C ARG S 142 0.11 89.98 -19.07
N GLY S 143 -1.17 90.37 -19.06
CA GLY S 143 -1.76 90.92 -17.86
C GLY S 143 -1.77 89.92 -16.71
N GLN S 144 -2.09 88.66 -17.00
CA GLN S 144 -2.08 87.65 -15.95
C GLN S 144 -0.70 87.46 -15.38
N LEU S 145 0.32 87.39 -16.23
CA LEU S 145 1.68 87.20 -15.74
C LEU S 145 2.13 88.38 -14.89
N GLN S 146 1.87 89.61 -15.36
CA GLN S 146 2.30 90.78 -14.61
C GLN S 146 1.59 90.86 -13.27
N LYS S 147 0.29 90.59 -13.24
CA LYS S 147 -0.44 90.61 -11.98
C LYS S 147 0.07 89.54 -11.04
N LEU S 148 0.35 88.35 -11.57
CA LEU S 148 0.85 87.27 -10.73
C LEU S 148 2.17 87.63 -10.09
N GLU S 149 3.08 88.22 -10.86
CA GLU S 149 4.38 88.62 -10.30
C GLU S 149 4.20 89.64 -9.19
N ARG S 150 3.31 90.61 -9.38
CA ARG S 150 3.06 91.58 -8.32
C ARG S 150 2.48 90.90 -7.09
N LYS S 151 1.56 89.94 -7.30
CA LYS S 151 0.99 89.22 -6.17
C LYS S 151 2.01 88.30 -5.51
N TYR S 152 2.99 87.82 -6.28
CA TYR S 152 3.99 86.90 -5.73
C TYR S 152 4.77 87.55 -4.59
N LEU S 153 5.22 88.79 -4.79
CA LEU S 153 6.08 89.43 -3.79
C LEU S 153 5.34 89.64 -2.48
N GLU S 154 4.07 90.02 -2.53
CA GLU S 154 3.34 90.33 -1.32
C GLU S 154 3.28 89.15 -0.37
N LEU S 155 3.45 87.93 -0.87
CA LEU S 155 3.50 86.76 -0.01
C LEU S 155 4.87 86.60 0.63
N LYS S 156 5.92 86.66 -0.19
CA LYS S 156 7.27 86.45 0.32
C LYS S 156 7.65 87.52 1.34
N SER S 157 7.21 88.76 1.11
CA SER S 157 7.54 89.84 2.03
C SER S 157 6.98 89.59 3.43
N GLN S 158 5.99 88.71 3.56
CA GLN S 158 5.41 88.40 4.86
C GLN S 158 5.88 87.08 5.43
N LYS S 159 6.37 86.15 4.60
CA LYS S 159 6.72 84.83 5.10
C LYS S 159 7.82 84.92 6.15
N ASN S 160 8.84 85.75 5.91
CA ASN S 160 9.90 85.90 6.89
C ASN S 160 9.37 86.47 8.19
N LEU S 161 8.38 87.36 8.12
CA LEU S 161 7.82 87.95 9.33
C LEU S 161 7.13 86.89 10.18
N TYR S 162 6.36 86.00 9.57
CA TYR S 162 5.67 84.97 10.33
C TYR S 162 6.65 84.02 11.00
N LEU S 163 7.70 83.60 10.27
CA LEU S 163 8.67 82.68 10.85
C LEU S 163 9.31 83.27 12.09
N ALA S 164 9.63 84.56 12.07
CA ALA S 164 10.24 85.20 13.23
C ALA S 164 9.32 85.12 14.44
N ARG S 165 8.03 85.40 14.24
CA ARG S 165 7.08 85.29 15.33
C ARG S 165 6.99 83.86 15.84
N LEU S 166 6.98 82.89 14.92
CA LEU S 166 6.92 81.49 15.31
C LEU S 166 8.15 81.10 16.12
N LYS S 167 9.34 81.51 15.70
CA LYS S 167 10.54 81.18 16.45
C LYS S 167 10.54 81.87 17.80
N SER S 168 9.97 83.07 17.89
CA SER S 168 9.93 83.78 19.17
C SER S 168 9.07 83.04 20.18
N ALA S 169 7.86 82.64 19.79
CA ALA S 169 6.95 82.03 20.73
C ALA S 169 7.38 80.62 21.10
N ILE S 170 7.80 79.83 20.11
CA ILE S 170 8.22 78.46 20.39
C ILE S 170 9.35 78.45 21.41
N ALA S 171 10.33 79.34 21.23
CA ALA S 171 11.41 79.45 22.20
C ALA S 171 10.88 79.87 23.56
N ALA S 172 9.94 80.82 23.58
CA ALA S 172 9.39 81.29 24.84
C ALA S 172 8.75 80.15 25.62
N GLN S 173 8.03 79.27 24.94
CA GLN S 173 7.45 78.11 25.60
C GLN S 173 8.56 77.22 26.18
N LYS S 174 9.64 77.04 25.43
CA LYS S 174 10.74 76.20 25.90
C LYS S 174 11.37 76.79 27.15
N ILE S 175 11.54 78.11 27.19
CA ILE S 175 12.15 78.76 28.34
C ILE S 175 11.25 78.61 29.56
N GLU S 176 9.96 78.87 29.40
CA GLU S 176 9.08 78.96 30.56
C GLU S 176 8.97 77.64 31.29
N GLU S 177 8.87 76.52 30.56
CA GLU S 177 8.75 75.24 31.22
C GLU S 177 9.98 74.92 32.07
N ILE S 178 11.12 75.55 31.76
CA ILE S 178 12.35 75.36 32.53
C ILE S 178 12.44 76.47 33.57
N ALA S 179 11.34 77.18 33.80
CA ALA S 179 11.35 78.28 34.76
C ALA S 179 11.86 77.83 36.11
N GLY S 180 11.60 76.58 36.49
CA GLY S 180 12.05 76.07 37.77
C GLY S 180 11.52 76.89 38.92
N ASN S 181 10.22 77.19 38.90
CA ASN S 181 9.62 78.03 39.92
C ASN S 181 9.86 77.43 41.30
N LEU S 182 10.32 78.26 42.23
CA LEU S 182 10.61 77.77 43.58
C LEU S 182 9.33 77.39 44.32
N ASP S 183 8.20 78.01 43.97
CA ASP S 183 6.97 77.81 44.71
C ASP S 183 6.30 76.46 44.46
N ASN S 184 6.71 75.72 43.42
CA ASN S 184 6.00 74.49 43.10
C ASN S 184 6.04 73.49 44.26
N ALA S 185 7.24 73.24 44.78
CA ALA S 185 7.40 72.32 45.90
C ALA S 185 6.84 70.94 45.58
N SER S 186 7.03 70.52 44.32
CA SER S 186 6.50 69.24 43.86
C SER S 186 7.46 68.48 42.95
N ALA S 187 8.68 68.97 42.76
CA ALA S 187 9.70 68.43 41.86
C ALA S 187 9.41 68.79 40.41
N SER S 188 8.28 69.46 40.12
CA SER S 188 8.06 69.96 38.76
C SER S 188 9.12 70.98 38.38
N SER S 189 9.44 71.88 39.31
CA SER S 189 10.60 72.75 39.15
C SER S 189 11.85 71.99 39.59
N LEU S 190 12.82 71.89 38.69
CA LEU S 190 14.02 71.12 39.01
C LEU S 190 14.75 71.68 40.22
N PHE S 191 14.61 72.97 40.49
CA PHE S 191 15.27 73.55 41.67
C PHE S 191 14.70 72.97 42.95
N GLU S 192 13.37 72.95 43.08
CA GLU S 192 12.77 72.38 44.28
C GLU S 192 13.06 70.89 44.39
N ARG S 193 13.20 70.21 43.25
CA ARG S 193 13.63 68.81 43.29
C ARG S 193 15.02 68.70 43.91
N ILE S 194 15.91 69.62 43.56
CA ILE S 194 17.23 69.65 44.20
C ILE S 194 17.09 69.91 45.68
N GLU S 195 16.23 70.86 46.06
CA GLU S 195 16.07 71.19 47.47
C GLU S 195 15.61 69.97 48.26
N THR S 196 14.69 69.19 47.70
CA THR S 196 14.28 67.95 48.35
C THR S 196 15.47 67.00 48.49
N LYS S 197 16.33 66.93 47.47
CA LYS S 197 17.50 66.08 47.54
C LYS S 197 18.42 66.50 48.68
N ILE S 198 18.60 67.82 48.86
CA ILE S 198 19.51 68.30 49.90
C ILE S 198 19.04 67.84 51.27
N LEU S 199 17.76 68.04 51.58
CA LEU S 199 17.25 67.68 52.89
C LEU S 199 17.28 66.17 53.11
N GLU S 200 17.19 65.38 52.04
CA GLU S 200 17.24 63.94 52.18
C GLU S 200 18.56 63.51 52.81
N LEU S 201 19.68 64.04 52.31
CA LEU S 201 20.98 63.64 52.82
C LEU S 201 21.18 64.12 54.25
N GLU S 202 20.88 65.40 54.50
CA GLU S 202 21.07 65.95 55.85
C GLU S 202 20.26 65.16 56.87
N ALA S 203 19.11 64.63 56.47
CA ALA S 203 18.30 63.83 57.40
C ALA S 203 19.03 62.56 57.81
N GLU S 204 19.70 61.90 56.88
CA GLU S 204 20.37 60.65 57.19
C GLU S 204 21.49 60.86 58.21
N ARG S 205 22.28 61.91 58.02
CA ARG S 205 23.44 62.13 58.89
C ARG S 205 23.01 62.34 60.34
N GLU S 206 22.02 63.20 60.56
CA GLU S 206 21.60 63.51 61.92
C GLU S 206 21.09 62.26 62.63
N LEU S 207 20.29 61.44 61.95
CA LEU S 207 19.76 60.23 62.56
C LEU S 207 20.87 59.24 62.87
N LEU S 208 21.81 59.05 61.94
CA LEU S 208 22.87 58.07 62.16
C LEU S 208 23.85 58.54 63.23
N ASN S 209 23.90 59.85 63.49
CA ASN S 209 24.74 60.44 64.53
C ASN S 209 23.82 61.27 65.41
N PRO S 210 23.15 60.65 66.38
CA PRO S 210 22.20 61.38 67.21
C PRO S 210 22.83 62.64 67.79
N PRO S 211 22.34 63.82 67.42
CA PRO S 211 22.89 65.05 67.97
C PRO S 211 22.54 65.20 69.44
N PRO S 212 23.24 66.07 70.17
CA PRO S 212 22.98 66.19 71.61
C PRO S 212 21.54 66.57 71.89
N SER S 213 21.00 66.02 72.97
CA SER S 213 19.65 66.36 73.40
C SER S 213 19.63 67.80 73.92
N PRO S 214 18.47 68.47 73.85
CA PRO S 214 18.40 69.84 74.38
C PRO S 214 18.76 69.92 75.86
N LEU S 215 18.43 68.89 76.63
CA LEU S 215 18.83 68.87 78.03
C LEU S 215 20.35 68.89 78.17
N ASP S 216 21.05 68.10 77.34
CA ASP S 216 22.50 68.14 77.36
C ASP S 216 23.02 69.52 76.97
N LYS S 217 22.40 70.13 75.96
CA LYS S 217 22.76 71.50 75.60
C LYS S 217 22.56 72.45 76.77
N LYS S 218 21.44 72.29 77.49
CA LYS S 218 21.19 73.16 78.63
C LYS S 218 22.32 73.05 79.65
N PHE S 219 22.74 71.83 79.96
CA PHE S 219 23.80 71.65 80.96
C PHE S 219 25.11 72.30 80.51
N GLU S 220 25.45 72.14 79.23
CA GLU S 220 26.75 72.62 78.76
C GLU S 220 26.88 74.13 78.95
N GLN S 221 25.91 74.89 78.45
CA GLN S 221 25.93 76.34 78.67
C GLN S 221 25.70 76.67 80.14
N TRP S 222 24.81 75.93 80.79
CA TRP S 222 24.54 76.15 82.20
C TRP S 222 25.82 76.04 83.03
N GLU S 223 26.77 75.21 82.59
CA GLU S 223 28.03 75.05 83.31
C GLU S 223 28.97 76.22 83.07
N GLU S 224 29.00 76.74 81.83
CA GLU S 224 30.01 77.73 81.49
C GLU S 224 29.83 79.03 82.25
N GLN S 225 28.59 79.41 82.57
CA GLN S 225 28.35 80.68 83.22
C GLN S 225 29.08 80.77 84.55
N GLN S 226 29.02 79.70 85.35
CA GLN S 226 29.76 79.70 86.61
C GLN S 226 31.26 79.73 86.37
N ALA S 227 31.73 78.98 85.37
CA ALA S 227 33.16 78.93 85.09
C ALA S 227 33.70 80.32 84.77
N VAL S 228 33.01 81.05 83.89
CA VAL S 228 33.44 82.40 83.56
C VAL S 228 33.21 83.35 84.73
N GLU S 229 32.06 83.21 85.40
CA GLU S 229 31.77 84.07 86.55
C GLU S 229 32.70 83.75 87.72
N ALA S 230 32.94 82.47 87.97
CA ALA S 230 33.87 82.10 89.04
C ALA S 230 35.28 82.61 88.73
N THR S 231 35.72 82.45 87.48
CA THR S 231 36.99 83.03 87.07
C THR S 231 36.95 84.54 87.15
N LEU S 232 35.84 85.14 86.69
CA LEU S 232 35.68 86.59 86.83
C LEU S 232 35.53 87.01 88.28
N ALA S 233 34.84 86.20 89.10
CA ALA S 233 34.74 86.49 90.52
C ALA S 233 36.12 86.46 91.16
N ALA S 234 36.94 85.48 90.80
CA ALA S 234 38.31 85.44 91.26
C ALA S 234 39.18 86.47 90.55
N MET S 235 38.79 86.90 89.35
CA MET S 235 39.56 87.94 88.66
C MET S 235 39.67 89.19 89.50
N LYS S 236 38.54 89.69 90.01
CA LYS S 236 38.58 90.84 90.90
C LYS S 236 39.31 90.51 92.19
N ALA S 237 39.06 89.32 92.73
CA ALA S 237 39.69 88.93 93.99
C ALA S 237 41.18 88.70 93.82
N ARG S 238 41.57 87.95 92.78
CA ARG S 238 43.00 87.67 92.58
C ARG S 238 43.77 88.96 92.31
N ARG S 239 43.21 89.85 91.49
CA ARG S 239 43.83 91.15 91.28
C ARG S 239 43.69 92.02 92.53
N SER S 240 42.58 91.90 93.23
CA SER S 240 42.34 92.68 94.44
C SER S 240 41.35 91.98 95.36
N GLN T 45 36.18 -14.59 -49.83
CA GLN T 45 37.23 -14.89 -50.86
C GLN T 45 37.95 -13.61 -51.26
N GLU T 46 39.19 -13.76 -51.72
CA GLU T 46 40.03 -12.65 -52.15
C GLU T 46 40.24 -12.73 -53.66
N ALA T 47 41.00 -11.77 -54.19
CA ALA T 47 41.32 -11.79 -55.60
C ALA T 47 42.15 -13.04 -55.92
N PRO T 48 41.86 -13.75 -57.01
CA PRO T 48 42.59 -14.98 -57.29
C PRO T 48 44.09 -14.77 -57.43
N GLU T 49 44.49 -13.64 -58.02
CA GLU T 49 45.92 -13.37 -58.20
C GLU T 49 46.64 -13.23 -56.87
N ASP T 50 46.00 -12.57 -55.89
CA ASP T 50 46.66 -12.35 -54.61
C ASP T 50 46.97 -13.67 -53.91
N LEU T 51 46.05 -14.62 -53.99
CA LEU T 51 46.28 -15.91 -53.35
C LEU T 51 47.52 -16.59 -53.91
N LEU T 52 47.74 -16.47 -55.22
CA LEU T 52 48.82 -17.20 -55.87
C LEU T 52 50.17 -16.85 -55.24
N GLU T 53 50.43 -15.56 -55.03
CA GLU T 53 51.69 -15.16 -54.40
C GLU T 53 51.78 -15.70 -52.98
N ARG T 54 50.71 -15.57 -52.22
CA ARG T 54 50.72 -16.04 -50.83
C ARG T 54 50.86 -17.55 -50.76
N LEU T 55 50.16 -18.28 -51.64
CA LEU T 55 50.18 -19.73 -51.58
C LEU T 55 51.59 -20.28 -51.81
N LEU T 56 52.30 -19.76 -52.82
CA LEU T 56 53.63 -20.27 -53.11
C LEU T 56 54.60 -19.95 -51.97
N GLY T 57 54.47 -18.77 -51.36
CA GLY T 57 55.33 -18.45 -50.23
C GLY T 57 55.21 -19.47 -49.12
N GLU T 58 53.98 -19.91 -48.84
CA GLU T 58 53.80 -20.99 -47.87
C GLU T 58 54.41 -22.29 -48.38
N MET T 59 54.26 -22.57 -49.67
CA MET T 59 54.80 -23.80 -50.24
C MET T 59 56.32 -23.85 -50.12
N GLU T 60 56.99 -22.74 -50.46
CA GLU T 60 58.44 -22.71 -50.36
C GLU T 60 58.91 -22.88 -48.94
N LEU T 61 58.23 -22.23 -47.99
CA LEU T 61 58.60 -22.34 -46.59
C LEU T 61 58.49 -23.79 -46.12
N GLU T 62 57.44 -24.50 -46.54
CA GLU T 62 57.25 -25.87 -46.11
C GLU T 62 58.36 -26.78 -46.62
N LEU T 63 58.80 -26.57 -47.86
CA LEU T 63 59.72 -27.51 -48.48
C LEU T 63 61.03 -27.61 -47.72
N ILE T 64 61.58 -26.47 -47.28
CA ILE T 64 62.84 -26.50 -46.55
C ILE T 64 62.68 -27.23 -45.23
N GLU T 65 61.51 -27.10 -44.60
CA GLU T 65 61.25 -27.83 -43.38
C GLU T 65 61.32 -29.33 -43.63
N LEU T 66 60.76 -29.79 -44.75
CA LEU T 66 60.93 -31.17 -45.15
C LEU T 66 62.41 -31.51 -45.35
N ARG T 67 63.15 -30.63 -46.01
CA ARG T 67 64.57 -30.86 -46.24
C ARG T 67 65.32 -31.01 -44.92
N ARG T 68 65.02 -30.13 -43.96
CA ARG T 68 65.69 -30.20 -42.66
C ARG T 68 65.36 -31.50 -41.94
N ALA T 69 64.08 -31.90 -41.96
CA ALA T 69 63.68 -33.08 -41.21
C ALA T 69 64.34 -34.34 -41.76
N LEU T 70 64.41 -34.48 -43.08
CA LEU T 70 65.01 -35.68 -43.67
C LEU T 70 66.44 -35.86 -43.21
N ALA T 71 67.17 -34.77 -42.97
CA ALA T 71 68.54 -34.89 -42.52
C ALA T 71 68.62 -35.60 -41.17
N GLN T 72 67.71 -35.27 -40.25
CA GLN T 72 67.73 -35.89 -38.94
C GLN T 72 67.54 -37.40 -39.04
N THR T 73 66.73 -37.85 -40.01
CA THR T 73 66.58 -39.28 -40.24
C THR T 73 67.91 -39.92 -40.60
N ILE T 74 68.69 -39.25 -41.45
CA ILE T 74 69.98 -39.80 -41.87
C ILE T 74 70.90 -39.94 -40.68
N ALA T 75 70.85 -38.99 -39.74
CA ALA T 75 71.73 -39.03 -38.58
C ALA T 75 71.56 -40.32 -37.81
N THR T 76 70.31 -40.68 -37.49
CA THR T 76 70.05 -41.91 -36.75
C THR T 76 70.46 -43.13 -37.58
N PHE T 77 70.15 -43.12 -38.88
CA PHE T 77 70.53 -44.23 -39.74
C PHE T 77 72.04 -44.44 -39.71
N LYS T 78 72.82 -43.36 -39.75
CA LYS T 78 74.26 -43.49 -39.63
C LYS T 78 74.68 -43.79 -38.20
N SER T 79 74.03 -43.16 -37.23
CA SER T 79 74.45 -43.31 -35.83
C SER T 79 74.33 -44.76 -35.38
N THR T 80 73.19 -45.39 -35.64
CA THR T 80 73.01 -46.79 -35.23
C THR T 80 74.00 -47.69 -35.94
N GLU T 81 74.25 -47.44 -37.23
CA GLU T 81 75.20 -48.26 -37.98
C GLU T 81 76.58 -48.19 -37.34
N ARG T 82 77.01 -46.99 -36.96
CA ARG T 82 78.26 -46.87 -36.20
C ARG T 82 78.16 -47.58 -34.87
N GLN T 83 77.00 -47.47 -34.21
CA GLN T 83 76.80 -48.17 -32.95
C GLN T 83 76.86 -49.68 -33.15
N ARG T 84 76.31 -50.18 -34.27
CA ARG T 84 76.30 -51.61 -34.53
C ARG T 84 77.71 -52.15 -34.63
N ASP T 85 78.61 -51.44 -35.32
CA ASP T 85 79.96 -51.92 -35.48
C ASP T 85 80.68 -52.08 -34.14
N ALA T 86 80.33 -51.26 -33.16
CA ALA T 86 81.00 -51.32 -31.86
C ALA T 86 80.77 -52.66 -31.19
N GLN T 87 79.53 -53.16 -31.22
CA GLN T 87 79.20 -54.38 -30.50
C GLN T 87 79.97 -55.58 -31.05
N GLN T 88 79.96 -55.75 -32.38
CA GLN T 88 80.67 -56.88 -32.97
C GLN T 88 82.16 -56.81 -32.66
N LEU T 89 82.72 -55.60 -32.58
CA LEU T 89 84.12 -55.47 -32.21
C LEU T 89 84.37 -56.04 -30.82
N ILE T 90 83.46 -55.79 -29.89
CA ILE T 90 83.59 -56.35 -28.54
C ILE T 90 83.54 -57.87 -28.61
N ALA T 91 82.59 -58.41 -29.38
CA ALA T 91 82.50 -59.86 -29.53
C ALA T 91 83.78 -60.42 -30.11
N GLN T 92 84.39 -59.71 -31.06
CA GLN T 92 85.66 -60.15 -31.61
C GLN T 92 86.73 -60.25 -30.53
N ARG T 93 86.75 -59.30 -29.61
CA ARG T 93 87.74 -59.33 -28.53
C ARG T 93 87.62 -60.62 -27.73
N TRP T 94 86.40 -60.99 -27.35
CA TRP T 94 86.19 -62.24 -26.62
C TRP T 94 86.61 -63.43 -27.47
N TYR T 95 86.24 -63.42 -28.75
CA TYR T 95 86.64 -64.52 -29.64
C TYR T 95 88.15 -64.57 -29.77
N GLU T 96 88.80 -63.41 -29.94
CA GLU T 96 90.25 -63.38 -29.99
C GLU T 96 90.85 -63.85 -28.68
N LYS T 97 90.28 -63.40 -27.56
CA LYS T 97 90.74 -63.87 -26.27
C LYS T 97 90.53 -65.38 -26.13
N ALA T 98 89.38 -65.87 -26.56
CA ALA T 98 89.11 -67.30 -26.50
C ALA T 98 90.08 -68.10 -27.36
N GLN T 99 90.70 -67.47 -28.36
CA GLN T 99 91.62 -68.20 -29.22
C GLN T 99 92.79 -68.76 -28.42
N ALA T 100 93.36 -67.96 -27.53
CA ALA T 100 94.45 -68.39 -26.66
C ALA T 100 93.97 -68.78 -25.27
N ALA T 101 92.65 -68.77 -25.03
CA ALA T 101 92.13 -69.13 -23.72
C ALA T 101 92.53 -70.55 -23.35
N LEU T 102 92.33 -71.49 -24.28
CA LEU T 102 92.71 -72.88 -24.07
C LEU T 102 94.08 -73.21 -24.67
N ASP T 103 94.81 -72.21 -25.15
CA ASP T 103 96.16 -72.47 -25.66
C ASP T 103 97.02 -73.16 -24.62
N ARG T 104 96.79 -72.87 -23.34
CA ARG T 104 97.44 -73.57 -22.25
C ARG T 104 96.78 -74.92 -21.95
N GLY T 105 95.83 -75.35 -22.78
CA GLY T 105 95.01 -76.50 -22.49
C GLY T 105 93.79 -76.19 -21.64
N ASN T 106 93.54 -74.91 -21.35
CA ASN T 106 92.41 -74.52 -20.49
C ASN T 106 91.14 -74.43 -21.34
N GLU T 107 90.62 -75.61 -21.68
CA GLU T 107 89.39 -75.67 -22.47
C GLU T 107 88.19 -75.11 -21.71
N GLN T 108 88.15 -75.33 -20.39
CA GLN T 108 86.99 -74.90 -19.61
C GLN T 108 86.78 -73.40 -19.70
N LEU T 109 87.86 -72.62 -19.61
CA LEU T 109 87.72 -71.18 -19.65
C LEU T 109 87.15 -70.70 -20.98
N ALA T 110 87.60 -71.29 -22.08
CA ALA T 110 87.11 -70.89 -23.39
C ALA T 110 85.61 -71.12 -23.53
N ARG T 111 85.07 -72.06 -22.75
CA ARG T 111 83.63 -72.32 -22.82
C ARG T 111 82.83 -71.07 -22.46
N GLU T 112 83.24 -70.36 -21.41
CA GLU T 112 82.51 -69.18 -20.98
C GLU T 112 82.56 -68.08 -22.03
N ALA T 113 83.72 -67.89 -22.66
CA ALA T 113 83.86 -66.81 -23.64
C ALA T 113 82.91 -67.00 -24.81
N LEU T 114 82.93 -68.20 -25.42
CA LEU T 114 82.04 -68.45 -26.55
C LEU T 114 80.57 -68.36 -26.15
N GLY T 115 80.23 -68.85 -24.95
CA GLY T 115 78.88 -68.65 -24.46
C GLY T 115 78.55 -67.19 -24.23
N GLN T 116 79.54 -66.43 -23.75
CA GLN T 116 79.31 -65.01 -23.45
C GLN T 116 79.04 -64.22 -24.72
N ARG T 117 79.81 -64.45 -25.78
CA ARG T 117 79.71 -63.64 -26.99
C ARG T 117 78.39 -63.85 -27.72
N GLN T 118 77.67 -64.94 -27.45
CA GLN T 118 76.40 -65.18 -28.12
C GLN T 118 75.39 -64.07 -27.81
N SER T 119 75.36 -63.62 -26.56
CA SER T 119 74.45 -62.53 -26.19
C SER T 119 74.72 -61.29 -27.03
N TYR T 120 75.99 -60.94 -27.23
CA TYR T 120 76.32 -59.79 -28.06
C TYR T 120 75.88 -60.02 -29.51
N GLN T 121 76.08 -61.24 -30.02
CA GLN T 121 75.70 -61.54 -31.40
C GLN T 121 74.20 -61.31 -31.61
N SER T 122 73.40 -61.56 -30.59
CA SER T 122 71.96 -61.37 -30.72
C SER T 122 71.64 -59.91 -31.04
N HIS T 123 72.28 -58.98 -30.35
CA HIS T 123 72.05 -57.56 -30.62
C HIS T 123 72.47 -57.20 -32.04
N THR T 124 73.61 -57.73 -32.50
CA THR T 124 74.08 -57.41 -33.83
C THR T 124 73.06 -57.87 -34.88
N GLU T 125 72.53 -59.08 -34.73
CA GLU T 125 71.54 -59.56 -35.68
C GLU T 125 70.28 -58.71 -35.64
N ALA T 126 69.84 -58.33 -34.43
CA ALA T 126 68.63 -57.53 -34.32
C ALA T 126 68.80 -56.17 -34.99
N LEU T 127 69.96 -55.54 -34.81
CA LEU T 127 70.19 -54.24 -35.42
C LEU T 127 70.34 -54.36 -36.93
N GLY T 128 71.01 -55.41 -37.42
CA GLY T 128 71.18 -55.57 -38.85
C GLY T 128 69.86 -55.61 -39.59
N LYS T 129 68.88 -56.33 -39.02
CA LYS T 129 67.55 -56.36 -39.62
C LYS T 129 66.88 -54.99 -39.55
N SER T 130 67.06 -54.28 -38.43
CA SER T 130 66.40 -52.98 -38.26
C SER T 130 66.90 -51.98 -39.30
N LEU T 131 68.20 -51.95 -39.56
CA LEU T 131 68.74 -51.03 -40.55
C LEU T 131 68.28 -51.41 -41.95
N GLY T 132 68.09 -52.70 -42.21
CA GLY T 132 67.71 -53.13 -43.55
C GLY T 132 66.44 -52.46 -44.03
N GLU T 133 65.44 -52.37 -43.16
CA GLU T 133 64.19 -51.73 -43.55
C GLU T 133 64.35 -50.21 -43.63
N GLN T 134 65.10 -49.63 -42.70
CA GLN T 134 65.32 -48.18 -42.73
C GLN T 134 66.07 -47.76 -43.99
N ARG T 135 67.05 -48.57 -44.40
CA ARG T 135 67.89 -48.18 -45.53
C ARG T 135 67.06 -47.96 -46.79
N ALA T 136 66.14 -48.88 -47.08
CA ALA T 136 65.30 -48.77 -48.26
C ALA T 136 64.12 -47.84 -48.05
N LEU T 137 63.89 -47.36 -46.83
CA LEU T 137 62.76 -46.48 -46.58
C LEU T 137 63.11 -45.03 -46.88
N VAL T 138 64.24 -44.55 -46.38
CA VAL T 138 64.63 -43.16 -46.60
C VAL T 138 64.88 -42.91 -48.09
N GLU T 139 65.51 -43.87 -48.77
CA GLU T 139 65.79 -43.71 -50.18
C GLU T 139 64.51 -43.40 -50.96
N GLN T 140 63.39 -44.00 -50.55
CA GLN T 140 62.11 -43.66 -51.15
C GLN T 140 61.72 -42.23 -50.81
N VAL T 141 62.00 -41.79 -49.58
CA VAL T 141 61.65 -40.43 -49.18
C VAL T 141 62.40 -39.42 -50.03
N ARG T 142 63.71 -39.64 -50.22
CA ARG T 142 64.50 -38.70 -51.01
C ARG T 142 63.91 -38.50 -52.39
N GLY T 143 63.37 -39.56 -52.99
CA GLY T 143 62.77 -39.42 -54.30
C GLY T 143 61.59 -38.46 -54.30
N GLN T 144 60.75 -38.54 -53.28
CA GLN T 144 59.61 -37.62 -53.19
C GLN T 144 60.08 -36.17 -53.08
N LEU T 145 61.07 -35.91 -52.23
CA LEU T 145 61.56 -34.56 -52.07
C LEU T 145 62.15 -34.03 -53.37
N GLN T 146 63.00 -34.83 -54.02
CA GLN T 146 63.63 -34.38 -55.26
C GLN T 146 62.60 -34.12 -56.35
N LYS T 147 61.61 -35.01 -56.49
CA LYS T 147 60.56 -34.79 -57.48
C LYS T 147 59.76 -33.55 -57.17
N LEU T 148 59.45 -33.33 -55.88
CA LEU T 148 58.68 -32.16 -55.50
C LEU T 148 59.42 -30.87 -55.86
N GLU T 149 60.72 -30.82 -55.58
CA GLU T 149 61.50 -29.64 -55.89
C GLU T 149 61.48 -29.36 -57.39
N ARG T 150 61.65 -30.41 -58.21
CA ARG T 150 61.58 -30.22 -59.65
C ARG T 150 60.20 -29.73 -60.08
N LYS T 151 59.15 -30.27 -59.47
CA LYS T 151 57.80 -29.82 -59.79
C LYS T 151 57.55 -28.40 -59.29
N TYR T 152 58.22 -28.01 -58.21
CA TYR T 152 58.00 -26.68 -57.64
C TYR T 152 58.33 -25.58 -58.65
N LEU T 153 59.47 -25.70 -59.31
CA LEU T 153 59.93 -24.64 -60.20
C LEU T 153 58.99 -24.44 -61.38
N GLU T 154 58.46 -25.53 -61.93
CA GLU T 154 57.62 -25.43 -63.12
C GLU T 154 56.40 -24.57 -62.87
N LEU T 155 55.98 -24.42 -61.61
CA LEU T 155 54.86 -23.54 -61.29
C LEU T 155 55.31 -22.09 -61.24
N LYS T 156 56.39 -21.81 -60.50
CA LYS T 156 56.85 -20.43 -60.34
C LYS T 156 57.25 -19.83 -61.68
N SER T 157 57.87 -20.63 -62.55
CA SER T 157 58.30 -20.11 -63.84
C SER T 157 57.14 -19.62 -64.68
N GLN T 158 55.91 -20.04 -64.37
CA GLN T 158 54.74 -19.61 -65.10
C GLN T 158 53.93 -18.54 -64.39
N LYS T 159 54.05 -18.43 -63.06
CA LYS T 159 53.20 -17.51 -62.32
C LYS T 159 53.43 -16.07 -62.79
N ASN T 160 54.69 -15.69 -62.99
CA ASN T 160 54.97 -14.34 -63.46
C ASN T 160 54.38 -14.10 -64.83
N LEU T 161 54.37 -15.12 -65.68
CA LEU T 161 53.80 -14.97 -67.02
C LEU T 161 52.30 -14.67 -66.96
N TYR T 162 51.57 -15.39 -66.11
CA TYR T 162 50.13 -15.16 -66.00
C TYR T 162 49.83 -13.76 -65.49
N LEU T 163 50.56 -13.30 -64.46
CA LEU T 163 50.31 -11.98 -63.92
C LEU T 163 50.47 -10.90 -64.98
N ALA T 164 51.49 -11.04 -65.83
CA ALA T 164 51.71 -10.05 -66.89
C ALA T 164 50.51 -9.98 -67.81
N ARG T 165 49.98 -11.14 -68.22
CA ARG T 165 48.80 -11.16 -69.07
C ARG T 165 47.62 -10.53 -68.36
N LEU T 166 47.46 -10.83 -67.07
CA LEU T 166 46.36 -10.26 -66.31
C LEU T 166 46.46 -8.73 -66.23
N LYS T 167 47.67 -8.22 -65.97
CA LYS T 167 47.85 -6.78 -65.91
C LYS T 167 47.63 -6.14 -67.28
N SER T 168 47.98 -6.84 -68.35
CA SER T 168 47.79 -6.30 -69.69
C SER T 168 46.32 -6.12 -70.01
N ALA T 169 45.51 -7.15 -69.76
CA ALA T 169 44.10 -7.10 -70.14
C ALA T 169 43.31 -6.17 -69.23
N ILE T 170 43.56 -6.23 -67.92
CA ILE T 170 42.83 -5.38 -66.99
C ILE T 170 43.04 -3.91 -67.36
N ALA T 171 44.27 -3.53 -67.65
CA ALA T 171 44.55 -2.17 -68.08
C ALA T 171 43.82 -1.86 -69.38
N ALA T 172 43.83 -2.81 -70.32
CA ALA T 172 43.19 -2.58 -71.61
C ALA T 172 41.70 -2.27 -71.42
N GLN T 173 41.04 -2.99 -70.53
CA GLN T 173 39.64 -2.69 -70.24
C GLN T 173 39.49 -1.28 -69.68
N LYS T 174 40.41 -0.88 -68.80
CA LYS T 174 40.33 0.46 -68.22
C LYS T 174 40.49 1.54 -69.29
N ILE T 175 41.41 1.31 -70.23
CA ILE T 175 41.63 2.29 -71.29
C ILE T 175 40.40 2.41 -72.18
N GLU T 176 39.84 1.27 -72.59
CA GLU T 176 38.80 1.29 -73.60
C GLU T 176 37.56 2.02 -73.13
N GLU T 177 37.15 1.81 -71.88
CA GLU T 177 35.96 2.48 -71.37
C GLU T 177 36.12 3.99 -71.38
N ILE T 178 37.35 4.48 -71.37
CA ILE T 178 37.63 5.91 -71.42
C ILE T 178 37.88 6.32 -72.87
N ALA T 179 37.52 5.43 -73.80
CA ALA T 179 37.77 5.72 -75.21
C ALA T 179 37.15 7.05 -75.61
N GLY T 180 36.02 7.42 -75.01
CA GLY T 180 35.38 8.68 -75.33
C GLY T 180 35.01 8.75 -76.80
N ASN T 181 34.41 7.69 -77.32
CA ASN T 181 34.06 7.63 -78.73
C ASN T 181 33.18 8.81 -79.11
N LEU T 182 33.53 9.49 -80.20
CA LEU T 182 32.77 10.65 -80.63
C LEU T 182 31.39 10.26 -81.13
N ASP T 183 31.24 9.03 -81.64
CA ASP T 183 29.99 8.61 -82.27
C ASP T 183 28.86 8.33 -81.29
N ASN T 184 29.15 8.21 -79.99
CA ASN T 184 28.09 7.82 -79.05
C ASN T 184 26.96 8.82 -79.04
N ALA T 185 27.28 10.11 -78.89
CA ALA T 185 26.27 11.16 -78.90
C ALA T 185 25.21 10.92 -77.82
N SER T 186 25.66 10.41 -76.67
CA SER T 186 24.76 10.09 -75.57
C SER T 186 25.32 10.46 -74.20
N ALA T 187 26.48 11.13 -74.14
CA ALA T 187 27.20 11.49 -72.92
C ALA T 187 27.93 10.29 -72.33
N SER T 188 27.81 9.10 -72.91
CA SER T 188 28.62 7.97 -72.47
C SER T 188 30.09 8.25 -72.72
N SER T 189 30.42 8.81 -73.89
CA SER T 189 31.75 9.33 -74.14
C SER T 189 31.83 10.74 -73.56
N LEU T 190 32.80 10.95 -72.66
CA LEU T 190 32.90 12.24 -72.00
C LEU T 190 33.12 13.37 -73.00
N PHE T 191 33.71 13.08 -74.16
CA PHE T 191 33.92 14.13 -75.16
C PHE T 191 32.60 14.64 -75.69
N GLU T 192 31.70 13.74 -76.10
CA GLU T 192 30.40 14.17 -76.59
C GLU T 192 29.60 14.85 -75.49
N ARG T 193 29.80 14.46 -74.24
CA ARG T 193 29.18 15.19 -73.14
C ARG T 193 29.66 16.62 -73.10
N ILE T 194 30.96 16.83 -73.33
CA ILE T 194 31.50 18.19 -73.43
C ILE T 194 30.86 18.92 -74.60
N GLU T 195 30.74 18.25 -75.75
CA GLU T 195 30.16 18.89 -76.92
C GLU T 195 28.74 19.36 -76.65
N THR T 196 27.95 18.55 -75.95
CA THR T 196 26.62 18.98 -75.55
C THR T 196 26.69 20.21 -74.65
N LYS T 197 27.66 20.24 -73.75
CA LYS T 197 27.82 21.40 -72.87
C LYS T 197 28.11 22.66 -73.68
N ILE T 198 28.96 22.55 -74.70
CA ILE T 198 29.32 23.72 -75.50
C ILE T 198 28.08 24.33 -76.14
N LEU T 199 27.28 23.50 -76.81
CA LEU T 199 26.10 24.02 -77.50
C LEU T 199 25.08 24.59 -76.53
N GLU T 200 25.04 24.08 -75.30
CA GLU T 200 24.11 24.61 -74.32
C GLU T 200 24.34 26.09 -74.06
N LEU T 201 25.61 26.47 -73.86
CA LEU T 201 25.92 27.87 -73.58
C LEU T 201 25.66 28.75 -74.79
N GLU T 202 26.16 28.33 -75.96
CA GLU T 202 25.97 29.13 -77.17
C GLU T 202 24.49 29.37 -77.44
N ALA T 203 23.63 28.42 -77.08
CA ALA T 203 22.20 28.59 -77.29
C ALA T 203 21.65 29.74 -76.45
N GLU T 204 22.10 29.84 -75.20
CA GLU T 204 21.58 30.88 -74.32
C GLU T 204 21.92 32.27 -74.83
N ARG T 205 23.15 32.47 -75.30
CA ARG T 205 23.58 33.79 -75.73
C ARG T 205 22.76 34.29 -76.90
N GLU T 206 22.58 33.45 -77.91
CA GLU T 206 21.85 33.89 -79.11
C GLU T 206 20.43 34.27 -78.77
N LEU T 207 19.76 33.48 -77.93
CA LEU T 207 18.38 33.79 -77.57
C LEU T 207 18.30 35.08 -76.77
N LEU T 208 19.20 35.27 -75.81
CA LEU T 208 19.14 36.45 -74.97
C LEU T 208 19.52 37.71 -75.75
N ASN T 209 20.25 37.55 -76.84
CA ASN T 209 20.63 38.65 -77.73
C ASN T 209 20.16 38.27 -79.13
N PRO T 210 18.90 38.53 -79.45
CA PRO T 210 18.36 38.12 -80.76
C PRO T 210 19.26 38.60 -81.90
N PRO T 211 19.88 37.68 -82.64
CA PRO T 211 20.73 38.10 -83.75
C PRO T 211 19.89 38.68 -84.88
N PRO T 212 20.52 39.40 -85.81
CA PRO T 212 19.74 40.05 -86.88
C PRO T 212 18.95 39.04 -87.69
N SER T 213 17.76 39.45 -88.10
CA SER T 213 16.94 38.61 -88.97
C SER T 213 17.58 38.51 -90.35
N PRO T 214 17.32 37.42 -91.08
CA PRO T 214 17.87 37.31 -92.44
C PRO T 214 17.43 38.45 -93.34
N LEU T 215 16.22 38.97 -93.17
CA LEU T 215 15.78 40.12 -93.95
C LEU T 215 16.66 41.33 -93.68
N ASP T 216 17.00 41.56 -92.41
CA ASP T 216 17.91 42.65 -92.08
C ASP T 216 19.28 42.43 -92.71
N LYS T 217 19.76 41.18 -92.67
CA LYS T 217 21.02 40.86 -93.35
C LYS T 217 20.92 41.17 -94.84
N LYS T 218 19.80 40.80 -95.46
CA LYS T 218 19.62 41.07 -96.88
C LYS T 218 19.77 42.55 -97.18
N PHE T 219 19.12 43.41 -96.38
CA PHE T 219 19.19 44.84 -96.61
C PHE T 219 20.60 45.36 -96.48
N GLU T 220 21.34 44.90 -95.46
CA GLU T 220 22.66 45.45 -95.19
C GLU T 220 23.58 45.25 -96.39
N GLN T 221 23.71 44.01 -96.87
CA GLN T 221 24.52 43.75 -98.05
C GLN T 221 23.88 44.39 -99.28
N TRP T 222 22.55 44.31 -99.39
CA TRP T 222 21.85 44.92 -100.51
C TRP T 222 22.17 46.40 -100.63
N GLU T 223 22.44 47.07 -99.51
CA GLU T 223 22.78 48.49 -99.55
C GLU T 223 24.22 48.73 -100.02
N GLU T 224 25.15 47.86 -99.61
CA GLU T 224 26.56 48.13 -99.85
C GLU T 224 26.89 48.09 -101.34
N GLN T 225 26.19 47.27 -102.12
CA GLN T 225 26.54 47.14 -103.54
C GLN T 225 26.40 48.47 -104.27
N GLN T 226 25.32 49.20 -104.00
CA GLN T 226 25.17 50.51 -104.61
C GLN T 226 26.23 51.48 -104.11
N ALA T 227 26.54 51.43 -102.81
CA ALA T 227 27.53 52.35 -102.25
C ALA T 227 28.87 52.17 -102.93
N VAL T 228 29.33 50.93 -103.07
CA VAL T 228 30.60 50.67 -103.74
C VAL T 228 30.48 50.96 -105.24
N GLU T 229 29.36 50.54 -105.85
CA GLU T 229 29.18 50.79 -107.28
C GLU T 229 29.00 52.27 -107.56
N ALA T 230 28.22 52.96 -106.72
CA ALA T 230 28.05 54.40 -106.89
C ALA T 230 29.38 55.12 -106.73
N THR T 231 30.15 54.74 -105.70
CA THR T 231 31.49 55.29 -105.56
C THR T 231 32.38 54.89 -106.73
N LEU T 232 32.29 53.62 -107.15
CA LEU T 232 33.02 53.18 -108.33
C LEU T 232 32.49 53.84 -109.59
N ALA T 233 31.18 54.04 -109.69
CA ALA T 233 30.62 54.75 -110.83
C ALA T 233 31.14 56.17 -110.88
N ALA T 234 31.20 56.83 -109.72
CA ALA T 234 31.81 58.15 -109.65
C ALA T 234 33.33 58.10 -109.74
N MET T 235 33.93 56.95 -109.40
CA MET T 235 35.38 56.83 -109.51
C MET T 235 35.84 57.08 -110.95
N LYS T 236 35.20 56.40 -111.91
CA LYS T 236 35.52 56.65 -113.32
C LYS T 236 35.15 58.08 -113.71
N ALA T 237 33.98 58.54 -113.24
CA ALA T 237 33.53 59.88 -113.60
C ALA T 237 34.39 60.96 -112.95
N ARG T 238 34.66 60.83 -111.65
CA ARG T 238 35.47 61.84 -110.97
C ARG T 238 36.87 61.91 -111.55
N ARG T 239 37.48 60.74 -111.82
CA ARG T 239 38.77 60.72 -112.49
C ARG T 239 38.63 61.14 -113.95
N SER T 240 37.52 60.77 -114.58
CA SER T 240 37.29 61.11 -115.97
C SER T 240 35.80 61.13 -116.30
N GLN U 45 35.67 -1.63 52.61
CA GLN U 45 36.62 -1.38 53.74
C GLN U 45 38.05 -1.43 53.24
N GLU U 46 38.94 -0.75 53.95
CA GLU U 46 40.36 -0.69 53.61
C GLU U 46 41.16 -1.41 54.68
N ALA U 47 42.48 -1.43 54.50
CA ALA U 47 43.34 -2.05 55.50
C ALA U 47 43.23 -1.28 56.82
N PRO U 48 43.13 -1.97 57.95
CA PRO U 48 42.94 -1.24 59.22
C PRO U 48 44.07 -0.27 59.52
N GLU U 49 45.31 -0.64 59.16
CA GLU U 49 46.44 0.24 59.44
C GLU U 49 46.33 1.55 58.66
N ASP U 50 45.89 1.49 57.41
CA ASP U 50 45.82 2.69 56.59
C ASP U 50 44.85 3.70 57.19
N LEU U 51 43.73 3.23 57.72
CA LEU U 51 42.75 4.14 58.31
C LEU U 51 43.37 4.92 59.47
N LEU U 52 44.22 4.26 60.27
CA LEU U 52 44.73 4.88 61.48
C LEU U 52 45.48 6.16 61.16
N GLU U 53 46.34 6.13 60.15
CA GLU U 53 47.06 7.34 59.76
C GLU U 53 46.11 8.42 59.28
N ARG U 54 45.15 8.05 58.44
CA ARG U 54 44.22 9.03 57.90
C ARG U 54 43.32 9.59 59.00
N LEU U 55 42.87 8.72 59.91
CA LEU U 55 41.93 9.18 60.95
C LEU U 55 42.57 10.24 61.84
N LEU U 56 43.81 10.01 62.28
CA LEU U 56 44.46 10.98 63.16
C LEU U 56 44.71 12.29 62.45
N GLY U 57 45.07 12.25 61.17
CA GLY U 57 45.27 13.49 60.43
C GLY U 57 44.03 14.35 60.44
N GLU U 58 42.85 13.73 60.28
CA GLU U 58 41.61 14.47 60.41
C GLU U 58 41.42 14.97 61.83
N MET U 59 41.77 14.16 62.82
CA MET U 59 41.60 14.56 64.21
C MET U 59 42.45 15.77 64.55
N GLU U 60 43.72 15.77 64.12
CA GLU U 60 44.59 16.90 64.41
C GLU U 60 44.09 18.16 63.73
N LEU U 61 43.62 18.05 62.49
CA LEU U 61 43.10 19.21 61.78
C LEU U 61 41.91 19.80 62.51
N GLU U 62 41.03 18.96 63.04
CA GLU U 62 39.84 19.45 63.72
C GLU U 62 40.20 20.22 64.98
N LEU U 63 41.21 19.74 65.72
CA LEU U 63 41.49 20.30 67.04
C LEU U 63 41.87 21.77 66.94
N ILE U 64 42.71 22.13 65.98
CA ILE U 64 43.12 23.53 65.85
C ILE U 64 41.93 24.41 65.50
N GLU U 65 40.99 23.88 64.71
CA GLU U 65 39.78 24.63 64.40
C GLU U 65 39.00 24.95 65.68
N LEU U 66 38.92 23.97 66.59
CA LEU U 66 38.35 24.23 67.90
C LEU U 66 39.14 25.31 68.64
N ARG U 67 40.47 25.22 68.59
CA ARG U 67 41.31 26.21 69.26
C ARG U 67 41.05 27.60 68.72
N ARG U 68 40.96 27.72 67.39
CA ARG U 68 40.70 29.03 66.79
C ARG U 68 39.34 29.57 67.19
N ALA U 69 38.32 28.72 67.18
CA ALA U 69 36.96 29.19 67.48
C ALA U 69 36.85 29.71 68.90
N LEU U 70 37.44 28.99 69.87
CA LEU U 70 37.34 29.41 71.26
C LEU U 70 37.90 30.81 71.46
N ALA U 71 38.92 31.19 70.70
CA ALA U 71 39.47 32.53 70.84
C ALA U 71 38.43 33.60 70.51
N GLN U 72 37.64 33.38 69.47
CA GLN U 72 36.63 34.36 69.10
C GLN U 72 35.62 34.56 70.22
N THR U 73 35.30 33.50 70.96
CA THR U 73 34.42 33.64 72.11
C THR U 73 35.02 34.60 73.14
N ILE U 74 36.33 34.49 73.38
CA ILE U 74 36.98 35.33 74.37
C ILE U 74 36.89 36.79 73.94
N ALA U 75 37.00 37.05 72.64
CA ALA U 75 36.97 38.43 72.15
C ALA U 75 35.68 39.12 72.57
N THR U 76 34.54 38.48 72.32
CA THR U 76 33.26 39.07 72.69
C THR U 76 33.14 39.21 74.20
N PHE U 77 33.58 38.19 74.94
CA PHE U 77 33.54 38.26 76.40
C PHE U 77 34.32 39.45 76.91
N LYS U 78 35.49 39.72 76.33
CA LYS U 78 36.26 40.90 76.71
C LYS U 78 35.63 42.16 76.13
N SER U 79 35.15 42.10 74.88
CA SER U 79 34.65 43.29 74.21
C SER U 79 33.46 43.88 74.96
N THR U 80 32.49 43.04 75.31
CA THR U 80 31.32 43.53 76.02
C THR U 80 31.70 44.09 77.38
N GLU U 81 32.63 43.42 78.08
CA GLU U 81 33.06 43.91 79.38
C GLU U 81 33.65 45.31 79.27
N ARG U 82 34.49 45.54 78.25
CA ARG U 82 34.97 46.89 77.99
C ARG U 82 33.82 47.82 77.65
N GLN U 83 32.86 47.33 76.86
CA GLN U 83 31.69 48.13 76.52
C GLN U 83 30.88 48.46 77.77
N ARG U 84 30.77 47.51 78.70
CA ARG U 84 30.00 47.73 79.91
C ARG U 84 30.57 48.89 80.72
N ASP U 85 31.90 48.93 80.86
CA ASP U 85 32.52 49.98 81.66
C ASP U 85 32.21 51.37 81.11
N ALA U 86 32.05 51.48 79.79
CA ALA U 86 31.80 52.78 79.18
C ALA U 86 30.49 53.39 79.67
N GLN U 87 29.43 52.57 79.75
CA GLN U 87 28.13 53.11 80.11
C GLN U 87 28.12 53.67 81.52
N GLN U 88 28.64 52.90 82.48
CA GLN U 88 28.66 53.39 83.87
C GLN U 88 29.47 54.67 83.99
N LEU U 89 30.53 54.81 83.19
CA LEU U 89 31.31 56.04 83.20
C LEU U 89 30.43 57.22 82.81
N ILE U 90 29.58 57.04 81.79
CA ILE U 90 28.67 58.11 81.39
C ILE U 90 27.71 58.44 82.53
N ALA U 91 27.17 57.41 83.18
CA ALA U 91 26.28 57.66 84.32
C ALA U 91 27.00 58.41 85.42
N GLN U 92 28.28 58.10 85.64
CA GLN U 92 29.05 58.83 86.63
C GLN U 92 29.13 60.31 86.29
N ARG U 93 29.29 60.62 85.00
CA ARG U 93 29.36 62.02 84.59
C ARG U 93 28.11 62.77 84.99
N TRP U 94 26.94 62.19 84.72
CA TRP U 94 25.69 62.82 85.12
C TRP U 94 25.61 62.95 86.64
N TYR U 95 25.99 61.89 87.35
CA TYR U 95 25.98 61.96 88.81
C TYR U 95 26.94 63.03 89.31
N GLU U 96 28.15 63.07 88.73
CA GLU U 96 29.09 64.12 89.10
C GLU U 96 28.55 65.49 88.76
N LYS U 97 27.92 65.62 87.59
CA LYS U 97 27.29 66.89 87.22
C LYS U 97 26.17 67.23 88.18
N ALA U 98 25.35 66.23 88.53
CA ALA U 98 24.27 66.47 89.48
C ALA U 98 24.78 66.88 90.85
N GLN U 99 26.03 66.56 91.17
CA GLN U 99 26.56 66.93 92.48
C GLN U 99 26.55 68.45 92.67
N ALA U 100 26.97 69.19 91.65
CA ALA U 100 26.96 70.65 91.69
C ALA U 100 25.75 71.23 90.98
N ALA U 101 24.83 70.40 90.50
CA ALA U 101 23.65 70.90 89.80
C ALA U 101 22.84 71.81 90.71
N LEU U 102 22.58 71.36 91.93
CA LEU U 102 21.84 72.15 92.91
C LEU U 102 22.76 72.89 93.88
N ASP U 103 24.08 72.88 93.63
CA ASP U 103 25.00 73.65 94.46
C ASP U 103 24.59 75.11 94.52
N ARG U 104 24.02 75.63 93.44
CA ARG U 104 23.45 76.97 93.42
C ARG U 104 22.07 77.03 94.05
N GLY U 105 21.61 75.93 94.66
CA GLY U 105 20.25 75.82 95.11
C GLY U 105 19.28 75.34 94.05
N ASN U 106 19.77 74.97 92.87
CA ASN U 106 18.92 74.54 91.76
C ASN U 106 18.60 73.05 91.92
N GLU U 107 17.70 72.77 92.86
CA GLU U 107 17.29 71.40 93.11
C GLU U 107 16.53 70.81 91.92
N GLN U 108 15.74 71.64 91.23
CA GLN U 108 14.91 71.14 90.15
C GLN U 108 15.76 70.51 89.05
N LEU U 109 16.87 71.16 88.69
CA LEU U 109 17.71 70.64 87.61
C LEU U 109 18.28 69.28 87.97
N ALA U 110 18.72 69.11 89.22
CA ALA U 110 19.31 67.83 89.63
C ALA U 110 18.30 66.70 89.52
N ARG U 111 17.00 67.01 89.58
CA ARG U 111 15.98 65.98 89.45
C ARG U 111 16.10 65.25 88.12
N GLU U 112 16.29 66.01 87.03
CA GLU U 112 16.38 65.39 85.71
C GLU U 112 17.59 64.49 85.59
N ALA U 113 18.74 64.93 86.14
CA ALA U 113 19.96 64.14 86.01
C ALA U 113 19.81 62.77 86.65
N LEU U 114 19.37 62.74 87.92
CA LEU U 114 19.21 61.46 88.60
C LEU U 114 18.17 60.59 87.90
N GLY U 115 17.08 61.19 87.43
CA GLY U 115 16.12 60.43 86.64
C GLY U 115 16.73 59.93 85.33
N GLN U 116 17.59 60.75 84.72
CA GLN U 116 18.19 60.37 83.44
C GLN U 116 19.11 59.17 83.59
N ARG U 117 19.96 59.17 84.63
CA ARG U 117 20.97 58.14 84.78
C ARG U 117 20.38 56.77 85.08
N GLN U 118 19.13 56.70 85.52
CA GLN U 118 18.52 55.40 85.81
C GLN U 118 18.44 54.54 84.56
N SER U 119 18.11 55.16 83.41
CA SER U 119 18.05 54.40 82.17
C SER U 119 19.38 53.74 81.86
N TYR U 120 20.48 54.49 82.04
CA TYR U 120 21.80 53.91 81.81
C TYR U 120 22.07 52.77 82.79
N GLN U 121 21.68 52.94 84.06
CA GLN U 121 21.93 51.90 85.04
C GLN U 121 21.25 50.60 84.65
N SER U 122 20.10 50.68 83.98
CA SER U 122 19.40 49.47 83.57
C SER U 122 20.26 48.63 82.62
N HIS U 123 20.91 49.29 81.66
CA HIS U 123 21.79 48.55 80.75
C HIS U 123 22.94 47.91 81.48
N THR U 124 23.54 48.63 82.43
CA THR U 124 24.66 48.08 83.18
C THR U 124 24.27 46.81 83.92
N GLU U 125 23.11 46.84 84.58
CA GLU U 125 22.65 45.66 85.30
C GLU U 125 22.37 44.51 84.33
N ALA U 126 21.76 44.81 83.18
CA ALA U 126 21.47 43.76 82.21
C ALA U 126 22.74 43.10 81.70
N LEU U 127 23.77 43.91 81.40
CA LEU U 127 25.02 43.35 80.89
C LEU U 127 25.76 42.58 81.98
N GLY U 128 25.74 43.08 83.21
CA GLY U 128 26.43 42.38 84.29
C GLY U 128 25.93 40.96 84.46
N LYS U 129 24.62 40.76 84.39
CA LYS U 129 24.06 39.42 84.46
C LYS U 129 24.48 38.59 83.25
N SER U 130 24.49 39.20 82.06
CA SER U 130 24.82 38.46 80.85
C SER U 130 26.25 37.92 80.89
N LEU U 131 27.19 38.74 81.36
CA LEU U 131 28.58 38.29 81.45
C LEU U 131 28.73 37.19 82.50
N GLY U 132 27.93 37.25 83.56
CA GLY U 132 28.07 36.28 84.63
C GLY U 132 27.93 34.85 84.14
N GLU U 133 26.96 34.60 83.27
CA GLU U 133 26.77 33.25 82.73
C GLU U 133 27.85 32.91 81.72
N GLN U 134 28.24 33.88 80.88
CA GLN U 134 29.28 33.63 79.90
C GLN U 134 30.61 33.32 80.57
N ARG U 135 30.92 34.01 81.67
CA ARG U 135 32.22 33.85 82.31
C ARG U 135 32.44 32.41 82.75
N ALA U 136 31.44 31.80 83.38
CA ALA U 136 31.56 30.42 83.84
C ALA U 136 31.31 29.41 82.73
N LEU U 137 30.88 29.85 81.54
CA LEU U 137 30.61 28.92 80.46
C LEU U 137 31.88 28.60 79.68
N VAL U 138 32.63 29.63 79.28
CA VAL U 138 33.85 29.39 78.51
C VAL U 138 34.86 28.61 79.33
N GLU U 139 34.98 28.94 80.62
CA GLU U 139 35.94 28.24 81.48
C GLU U 139 35.72 26.73 81.42
N GLN U 140 34.46 26.30 81.33
CA GLN U 140 34.17 24.89 81.14
C GLN U 140 34.65 24.41 79.78
N VAL U 141 34.51 25.25 78.75
CA VAL U 141 34.94 24.86 77.41
C VAL U 141 36.45 24.64 77.39
N ARG U 142 37.21 25.54 78.00
CA ARG U 142 38.65 25.41 78.01
C ARG U 142 39.08 24.07 78.60
N GLY U 143 38.37 23.60 79.62
CA GLY U 143 38.72 22.31 80.20
C GLY U 143 38.60 21.17 79.20
N GLN U 144 37.54 21.18 78.40
CA GLN U 144 37.36 20.13 77.40
C GLN U 144 38.50 20.15 76.38
N LEU U 145 38.86 21.34 75.90
CA LEU U 145 39.94 21.44 74.92
C LEU U 145 41.26 20.94 75.51
N GLN U 146 41.58 21.39 76.72
CA GLN U 146 42.85 20.99 77.34
C GLN U 146 42.90 19.49 77.57
N LYS U 147 41.81 18.91 78.07
CA LYS U 147 41.78 17.47 78.29
C LYS U 147 41.90 16.72 76.97
N LEU U 148 41.22 17.21 75.93
CA LEU U 148 41.30 16.55 74.63
C LEU U 148 42.74 16.53 74.10
N GLU U 149 43.43 17.66 74.21
CA GLU U 149 44.81 17.73 73.74
C GLU U 149 45.69 16.73 74.49
N ARG U 150 45.53 16.65 75.81
CA ARG U 150 46.29 15.66 76.58
C ARG U 150 45.96 14.24 76.13
N LYS U 151 44.68 13.97 75.89
CA LYS U 151 44.28 12.65 75.43
C LYS U 151 44.77 12.38 74.01
N TYR U 152 44.91 13.43 73.20
CA TYR U 152 45.33 13.24 71.81
C TYR U 152 46.69 12.59 71.73
N LEU U 153 47.65 13.06 72.53
CA LEU U 153 49.02 12.58 72.42
C LEU U 153 49.13 11.10 72.79
N GLU U 154 48.38 10.67 73.82
CA GLU U 154 48.49 9.30 74.28
C GLU U 154 48.16 8.29 73.19
N LEU U 155 47.40 8.71 72.19
CA LEU U 155 47.10 7.84 71.05
C LEU U 155 48.26 7.80 70.06
N LYS U 156 48.74 8.97 69.67
CA LYS U 156 49.80 9.03 68.67
C LYS U 156 51.08 8.37 69.18
N SER U 157 51.38 8.52 70.47
CA SER U 157 52.57 7.92 71.02
C SER U 157 52.57 6.40 70.91
N GLN U 158 51.40 5.79 70.70
CA GLN U 158 51.30 4.35 70.57
C GLN U 158 51.12 3.89 69.14
N LYS U 159 50.63 4.76 68.24
CA LYS U 159 50.34 4.31 66.89
C LYS U 159 51.59 3.81 66.19
N ASN U 160 52.70 4.53 66.34
CA ASN U 160 53.95 4.08 65.72
C ASN U 160 54.39 2.74 66.27
N LEU U 161 54.15 2.49 67.56
CA LEU U 161 54.54 1.22 68.16
C LEU U 161 53.77 0.06 67.53
N TYR U 162 52.46 0.23 67.33
CA TYR U 162 51.67 -0.85 66.74
C TYR U 162 52.11 -1.15 65.32
N LEU U 163 52.35 -0.10 64.52
CA LEU U 163 52.76 -0.33 63.13
C LEU U 163 54.05 -1.15 63.06
N ALA U 164 55.00 -0.85 63.95
CA ALA U 164 56.25 -1.61 63.95
C ALA U 164 56.00 -3.08 64.21
N ARG U 165 55.14 -3.40 65.17
CA ARG U 165 54.81 -4.79 65.43
C ARG U 165 54.14 -5.42 64.23
N LEU U 166 53.23 -4.68 63.59
CA LEU U 166 52.54 -5.20 62.41
C LEU U 166 53.52 -5.49 61.28
N LYS U 167 54.46 -4.57 61.04
CA LYS U 167 55.45 -4.79 59.98
C LYS U 167 56.37 -5.96 60.33
N SER U 168 56.65 -6.16 61.62
CA SER U 168 57.52 -7.26 62.02
C SER U 168 56.88 -8.60 61.73
N ALA U 169 55.61 -8.77 62.12
CA ALA U 169 54.95 -10.06 61.98
C ALA U 169 54.62 -10.36 60.53
N ILE U 170 54.09 -9.37 59.80
CA ILE U 170 53.74 -9.58 58.41
C ILE U 170 54.95 -10.05 57.62
N ALA U 171 56.10 -9.41 57.83
CA ALA U 171 57.32 -9.84 57.17
C ALA U 171 57.69 -11.25 57.59
N ALA U 172 57.55 -11.55 58.89
CA ALA U 172 57.91 -12.88 59.37
C ALA U 172 57.11 -13.96 58.67
N GLN U 173 55.81 -13.71 58.46
CA GLN U 173 55.00 -14.66 57.70
C GLN U 173 55.52 -14.82 56.29
N LYS U 174 55.91 -13.72 55.66
CA LYS U 174 56.42 -13.78 54.29
C LYS U 174 57.70 -14.61 54.23
N ILE U 175 58.59 -14.44 55.21
CA ILE U 175 59.85 -15.18 55.22
C ILE U 175 59.59 -16.66 55.40
N GLU U 176 58.73 -17.02 56.35
CA GLU U 176 58.57 -18.42 56.72
C GLU U 176 58.04 -19.26 55.57
N GLU U 177 57.05 -18.73 54.84
CA GLU U 177 56.50 -19.51 53.75
C GLU U 177 57.53 -19.81 52.68
N ILE U 178 58.60 -19.01 52.61
CA ILE U 178 59.68 -19.23 51.66
C ILE U 178 60.79 -20.04 52.35
N ALA U 179 60.47 -20.62 53.50
CA ALA U 179 61.47 -21.39 54.24
C ALA U 179 62.12 -22.45 53.38
N GLY U 180 61.36 -23.02 52.44
CA GLY U 180 61.90 -24.04 51.57
C GLY U 180 62.43 -25.23 52.35
N ASN U 181 61.63 -25.70 53.32
CA ASN U 181 62.07 -26.80 54.17
C ASN U 181 62.44 -28.01 53.32
N LEU U 182 63.60 -28.59 53.61
CA LEU U 182 64.06 -29.74 52.83
C LEU U 182 63.20 -30.97 53.11
N ASP U 183 62.59 -31.05 54.28
CA ASP U 183 61.86 -32.25 54.68
C ASP U 183 60.53 -32.43 53.99
N ASN U 184 59.99 -31.39 53.32
CA ASN U 184 58.65 -31.50 52.76
C ASN U 184 58.58 -32.62 51.74
N ALA U 185 59.50 -32.64 50.78
CA ALA U 185 59.54 -33.68 49.76
C ALA U 185 58.22 -33.75 49.00
N SER U 186 57.63 -32.58 48.74
CA SER U 186 56.35 -32.50 48.06
C SER U 186 56.27 -31.35 47.06
N ALA U 187 57.37 -30.64 46.82
CA ALA U 187 57.45 -29.46 45.95
C ALA U 187 56.88 -28.23 46.64
N SER U 188 56.33 -28.34 47.86
CA SER U 188 55.92 -27.17 48.60
C SER U 188 57.12 -26.28 48.91
N SER U 189 58.23 -26.90 49.33
CA SER U 189 59.51 -26.21 49.43
C SER U 189 60.15 -26.17 48.06
N LEU U 190 60.46 -24.97 47.58
CA LEU U 190 61.00 -24.84 46.23
C LEU U 190 62.32 -25.59 46.09
N PHE U 191 63.06 -25.78 47.18
CA PHE U 191 64.32 -26.51 47.12
C PHE U 191 64.09 -27.97 46.75
N GLU U 192 63.16 -28.64 47.45
CA GLU U 192 62.86 -30.02 47.12
C GLU U 192 62.27 -30.15 45.72
N ARG U 193 61.55 -29.12 45.26
CA ARG U 193 61.08 -29.13 43.88
C ARG U 193 62.27 -29.14 42.92
N ILE U 194 63.31 -28.35 43.24
CA ILE U 194 64.52 -28.39 42.44
C ILE U 194 65.15 -29.78 42.49
N GLU U 195 65.21 -30.38 43.67
CA GLU U 195 65.82 -31.70 43.81
C GLU U 195 65.10 -32.71 42.93
N THR U 196 63.76 -32.66 42.90
CA THR U 196 63.03 -33.53 42.00
C THR U 196 63.41 -33.28 40.54
N LYS U 197 63.60 -32.00 40.19
CA LYS U 197 64.00 -31.67 38.83
C LYS U 197 65.35 -32.29 38.49
N ILE U 198 66.30 -32.25 39.43
CA ILE U 198 67.63 -32.78 39.16
C ILE U 198 67.56 -34.25 38.82
N LEU U 199 66.86 -35.04 39.64
CA LEU U 199 66.79 -36.48 39.42
C LEU U 199 66.05 -36.82 38.14
N GLU U 200 65.12 -35.95 37.71
CA GLU U 200 64.39 -36.20 36.48
C GLU U 200 65.35 -36.27 35.29
N LEU U 201 66.27 -35.31 35.19
CA LEU U 201 67.21 -35.29 34.07
C LEU U 201 68.17 -36.46 34.14
N GLU U 202 68.78 -36.68 35.30
CA GLU U 202 69.73 -37.78 35.44
C GLU U 202 69.11 -39.11 35.07
N ALA U 203 67.80 -39.27 35.33
CA ALA U 203 67.13 -40.52 34.97
C ALA U 203 67.11 -40.72 33.47
N GLU U 204 66.85 -39.66 32.70
CA GLU U 204 66.76 -39.80 31.25
C GLU U 204 68.08 -40.24 30.65
N ARG U 205 69.19 -39.66 31.11
CA ARG U 205 70.48 -39.95 30.51
C ARG U 205 70.85 -41.42 30.69
N GLU U 206 70.70 -41.95 31.91
CA GLU U 206 71.09 -43.32 32.17
C GLU U 206 70.29 -44.30 31.32
N LEU U 207 68.99 -44.06 31.20
CA LEU U 207 68.16 -44.96 30.40
C LEU U 207 68.52 -44.89 28.93
N LEU U 208 68.73 -43.68 28.41
CA LEU U 208 69.04 -43.55 26.98
C LEU U 208 70.42 -44.07 26.66
N ASN U 209 71.30 -44.16 27.66
CA ASN U 209 72.65 -44.71 27.51
C ASN U 209 72.80 -45.80 28.56
N PRO U 210 72.34 -47.01 28.26
CA PRO U 210 72.37 -48.09 29.26
C PRO U 210 73.78 -48.24 29.85
N PRO U 211 73.94 -47.98 31.14
CA PRO U 211 75.25 -48.13 31.76
C PRO U 211 75.64 -49.59 31.84
N PRO U 212 76.92 -49.90 32.06
CA PRO U 212 77.36 -51.30 32.06
C PRO U 212 76.63 -52.10 33.14
N SER U 213 76.35 -53.36 32.81
CA SER U 213 75.73 -54.26 33.76
C SER U 213 76.72 -54.60 34.87
N PRO U 214 76.24 -54.94 36.06
CA PRO U 214 77.16 -55.32 37.14
C PRO U 214 78.03 -56.51 36.77
N LEU U 215 77.52 -57.44 35.97
CA LEU U 215 78.34 -58.56 35.52
C LEU U 215 79.51 -58.06 34.68
N ASP U 216 79.26 -57.10 33.79
CA ASP U 216 80.34 -56.52 33.01
C ASP U 216 81.35 -55.83 33.91
N LYS U 217 80.85 -55.10 34.92
CA LYS U 217 81.75 -54.49 35.89
C LYS U 217 82.59 -55.54 36.60
N LYS U 218 81.97 -56.66 36.98
CA LYS U 218 82.71 -57.73 37.64
C LYS U 218 83.88 -58.21 36.78
N PHE U 219 83.62 -58.44 35.49
CA PHE U 219 84.67 -58.92 34.60
C PHE U 219 85.80 -57.92 34.48
N GLU U 220 85.48 -56.64 34.36
CA GLU U 220 86.52 -55.63 34.12
C GLU U 220 87.53 -55.61 35.25
N GLN U 221 87.07 -55.47 36.49
CA GLN U 221 87.97 -55.52 37.63
C GLN U 221 88.56 -56.92 37.79
N TRP U 222 87.75 -57.95 37.58
CA TRP U 222 88.22 -59.32 37.67
C TRP U 222 89.41 -59.56 36.75
N GLU U 223 89.46 -58.85 35.62
CA GLU U 223 90.57 -59.02 34.69
C GLU U 223 91.82 -58.29 35.16
N GLU U 224 91.67 -57.11 35.76
CA GLU U 224 92.82 -56.28 36.07
C GLU U 224 93.73 -56.93 37.12
N GLN U 225 93.15 -57.69 38.05
CA GLN U 225 93.96 -58.25 39.14
C GLN U 225 95.05 -59.16 38.60
N GLN U 226 94.71 -60.01 37.62
CA GLN U 226 95.73 -60.85 37.01
C GLN U 226 96.75 -60.02 36.24
N ALA U 227 96.29 -58.99 35.53
CA ALA U 227 97.20 -58.16 34.75
C ALA U 227 98.25 -57.52 35.64
N VAL U 228 97.82 -56.93 36.76
CA VAL U 228 98.78 -56.32 37.68
C VAL U 228 99.58 -57.39 38.39
N GLU U 229 98.94 -58.48 38.82
CA GLU U 229 99.65 -59.55 39.49
C GLU U 229 100.60 -60.26 38.54
N ALA U 230 100.15 -60.53 37.31
CA ALA U 230 101.03 -61.15 36.32
C ALA U 230 102.22 -60.25 36.02
N THR U 231 101.97 -58.95 35.84
CA THR U 231 103.07 -58.01 35.67
C THR U 231 103.92 -57.95 36.93
N LEU U 232 103.29 -57.93 38.11
CA LEU U 232 104.03 -57.97 39.35
C LEU U 232 104.72 -59.32 39.55
N ALA U 233 104.08 -60.41 39.14
CA ALA U 233 104.72 -61.71 39.20
C ALA U 233 105.96 -61.74 38.33
N ALA U 234 105.85 -61.18 37.12
CA ALA U 234 107.02 -61.04 36.25
C ALA U 234 107.95 -59.95 36.72
N MET U 235 107.46 -58.97 37.50
CA MET U 235 108.32 -57.93 38.03
C MET U 235 109.44 -58.52 38.86
N LYS U 236 109.10 -59.39 39.82
CA LYS U 236 110.12 -60.08 40.59
C LYS U 236 110.96 -60.98 39.72
N ALA U 237 110.32 -61.70 38.79
CA ALA U 237 111.04 -62.62 37.92
C ALA U 237 111.94 -61.87 36.94
N ARG U 238 111.40 -60.85 36.27
CA ARG U 238 112.19 -60.11 35.29
C ARG U 238 113.38 -59.43 35.97
N ARG U 239 113.16 -58.83 37.14
CA ARG U 239 114.28 -58.27 37.90
C ARG U 239 115.15 -59.36 38.49
N SER U 240 114.53 -60.47 38.89
CA SER U 240 115.27 -61.59 39.47
C SER U 240 114.52 -62.90 39.28
N GLN V 45 -5.65 56.55 -22.04
CA GLN V 45 -5.43 57.87 -22.71
C GLN V 45 -4.35 58.67 -21.99
N GLU V 46 -3.71 59.57 -22.72
CA GLU V 46 -2.64 60.41 -22.20
C GLU V 46 -3.11 61.85 -22.14
N ALA V 47 -2.22 62.73 -21.69
CA ALA V 47 -2.55 64.15 -21.67
C ALA V 47 -2.77 64.65 -23.09
N PRO V 48 -3.81 65.45 -23.34
CA PRO V 48 -4.08 65.88 -24.71
C PRO V 48 -2.92 66.65 -25.34
N GLU V 49 -2.21 67.45 -24.54
CA GLU V 49 -1.09 68.23 -25.08
C GLU V 49 0.02 67.32 -25.57
N ASP V 50 0.32 66.25 -24.84
CA ASP V 50 1.41 65.36 -25.21
C ASP V 50 1.16 64.73 -26.58
N LEU V 51 -0.09 64.33 -26.84
CA LEU V 51 -0.40 63.72 -28.13
C LEU V 51 -0.09 64.67 -29.28
N LEU V 52 -0.37 65.96 -29.09
CA LEU V 52 -0.24 66.92 -30.18
C LEU V 52 1.18 66.94 -30.75
N GLU V 53 2.18 66.97 -29.86
CA GLU V 53 3.56 66.95 -30.32
C GLU V 53 3.87 65.65 -31.06
N ARG V 54 3.46 64.52 -30.48
CA ARG V 54 3.75 63.22 -31.08
C ARG V 54 3.02 63.06 -32.41
N LEU V 55 1.76 63.52 -32.47
CA LEU V 55 0.98 63.33 -33.69
C LEU V 55 1.60 64.06 -34.88
N LEU V 56 2.02 65.31 -34.68
CA LEU V 56 2.60 66.07 -35.79
C LEU V 56 3.92 65.46 -36.24
N GLY V 57 4.73 64.97 -35.31
CA GLY V 57 5.97 64.32 -35.69
C GLY V 57 5.75 63.16 -36.63
N GLU V 58 4.70 62.37 -36.38
CA GLU V 58 4.34 61.31 -37.30
C GLU V 58 3.85 61.89 -38.62
N MET V 59 3.08 62.99 -38.56
CA MET V 59 2.56 63.60 -39.78
C MET V 59 3.69 64.10 -40.67
N GLU V 60 4.67 64.80 -40.09
CA GLU V 60 5.78 65.31 -40.88
C GLU V 60 6.58 64.17 -41.50
N LEU V 61 6.81 63.10 -40.74
CA LEU V 61 7.56 61.96 -41.27
C LEU V 61 6.84 61.35 -42.47
N GLU V 62 5.52 61.25 -42.40
CA GLU V 62 4.77 60.64 -43.49
C GLU V 62 4.86 61.46 -44.75
N LEU V 63 4.84 62.79 -44.63
CA LEU V 63 4.73 63.65 -45.81
C LEU V 63 5.92 63.47 -46.74
N ILE V 64 7.14 63.41 -46.18
CA ILE V 64 8.33 63.26 -47.01
C ILE V 64 8.30 61.91 -47.73
N GLU V 65 7.77 60.89 -47.08
CA GLU V 65 7.64 59.59 -47.73
C GLU V 65 6.75 59.70 -48.96
N LEU V 66 5.65 60.46 -48.85
CA LEU V 66 4.83 60.76 -50.02
C LEU V 66 5.64 61.50 -51.07
N ARG V 67 6.43 62.49 -50.64
CA ARG V 67 7.23 63.25 -51.59
C ARG V 67 8.21 62.34 -52.33
N ARG V 68 8.85 61.43 -51.60
CA ARG V 68 9.81 60.53 -52.23
C ARG V 68 9.11 59.61 -53.22
N ALA V 69 7.95 59.07 -52.85
CA ALA V 69 7.27 58.11 -53.71
C ALA V 69 6.84 58.75 -55.03
N LEU V 70 6.29 59.97 -54.96
CA LEU V 70 5.82 60.63 -56.18
C LEU V 70 6.94 60.77 -57.20
N ALA V 71 8.18 60.97 -56.74
CA ALA V 71 9.30 61.10 -57.67
C ALA V 71 9.47 59.84 -58.51
N GLN V 72 9.34 58.67 -57.88
CA GLN V 72 9.51 57.42 -58.61
C GLN V 72 8.48 57.29 -59.72
N THR V 73 7.26 57.79 -59.50
CA THR V 73 6.26 57.80 -60.55
C THR V 73 6.74 58.61 -61.74
N ILE V 74 7.34 59.77 -61.50
CA ILE V 74 7.81 60.62 -62.58
C ILE V 74 8.88 59.90 -63.39
N ALA V 75 9.73 59.12 -62.74
CA ALA V 75 10.79 58.42 -63.45
C ALA V 75 10.24 57.51 -64.54
N THR V 76 9.24 56.69 -64.19
CA THR V 76 8.65 55.79 -65.18
C THR V 76 7.93 56.59 -66.26
N PHE V 77 7.21 57.64 -65.88
CA PHE V 77 6.53 58.48 -66.86
C PHE V 77 7.53 59.04 -67.87
N LYS V 78 8.69 59.50 -67.40
CA LYS V 78 9.72 59.97 -68.32
C LYS V 78 10.40 58.81 -69.03
N SER V 79 10.66 57.72 -68.31
CA SER V 79 11.41 56.61 -68.89
C SER V 79 10.68 56.01 -70.08
N THR V 80 9.39 55.72 -69.93
CA THR V 80 8.64 55.14 -71.03
C THR V 80 8.57 56.11 -72.21
N GLU V 81 8.40 57.40 -71.93
CA GLU V 81 8.34 58.38 -73.01
C GLU V 81 9.64 58.37 -73.82
N ARG V 82 10.78 58.32 -73.14
CA ARG V 82 12.05 58.16 -73.85
C ARG V 82 12.08 56.83 -74.58
N GLN V 83 11.56 55.77 -73.96
CA GLN V 83 11.50 54.47 -74.62
C GLN V 83 10.61 54.54 -75.86
N ARG V 84 9.51 55.28 -75.78
CA ARG V 84 8.58 55.38 -76.91
C ARG V 84 9.27 55.99 -78.12
N ASP V 85 10.06 57.04 -77.91
CA ASP V 85 10.71 57.70 -79.03
C ASP V 85 11.65 56.75 -79.77
N ALA V 86 12.24 55.80 -79.06
CA ALA V 86 13.20 54.90 -79.69
C ALA V 86 12.53 54.05 -80.77
N GLN V 87 11.34 53.53 -80.48
CA GLN V 87 10.69 52.62 -81.43
C GLN V 87 10.36 53.33 -82.74
N GLN V 88 9.74 54.51 -82.66
CA GLN V 88 9.40 55.22 -83.88
C GLN V 88 10.64 55.56 -84.69
N LEU V 89 11.75 55.82 -84.03
CA LEU V 89 13.00 56.07 -84.75
C LEU V 89 13.39 54.85 -85.58
N ILE V 90 13.23 53.66 -85.02
CA ILE V 90 13.53 52.45 -85.77
C ILE V 90 12.60 52.33 -86.96
N ALA V 91 11.31 52.60 -86.77
CA ALA V 91 10.37 52.55 -87.88
C ALA V 91 10.75 53.55 -88.96
N GLN V 92 11.25 54.72 -88.55
CA GLN V 92 11.70 55.71 -89.53
C GLN V 92 12.85 55.15 -90.37
N ARG V 93 13.75 54.41 -89.74
CA ARG V 93 14.87 53.83 -90.49
C ARG V 93 14.37 52.92 -91.61
N TRP V 94 13.41 52.05 -91.30
CA TRP V 94 12.85 51.18 -92.33
C TRP V 94 12.14 52.00 -93.40
N TYR V 95 11.38 53.02 -92.99
CA TYR V 95 10.72 53.88 -93.95
C TYR V 95 11.74 54.61 -94.82
N GLU V 96 12.79 55.14 -94.19
CA GLU V 96 13.85 55.80 -94.96
C GLU V 96 14.52 54.80 -95.88
N LYS V 97 14.79 53.59 -95.38
CA LYS V 97 15.37 52.55 -96.23
C LYS V 97 14.43 52.19 -97.37
N ALA V 98 13.13 52.07 -97.07
CA ALA V 98 12.15 51.76 -98.10
C ALA V 98 12.06 52.87 -99.15
N GLN V 99 12.49 54.09 -98.82
CA GLN V 99 12.43 55.18 -99.78
C GLN V 99 13.27 54.87 -101.02
N ALA V 100 14.48 54.36 -100.81
CA ALA V 100 15.36 53.98 -101.90
C ALA V 100 15.32 52.48 -102.19
N ALA V 101 14.47 51.74 -101.49
CA ALA V 101 14.39 50.30 -101.71
C ALA V 101 14.02 49.99 -103.15
N LEU V 102 12.99 50.66 -103.67
CA LEU V 102 12.56 50.49 -105.05
C LEU V 102 13.13 51.55 -105.97
N ASP V 103 14.06 52.39 -105.48
CA ASP V 103 14.69 53.37 -106.35
C ASP V 103 15.34 52.70 -107.56
N ARG V 104 15.81 51.48 -107.39
CA ARG V 104 16.32 50.68 -108.50
C ARG V 104 15.20 50.02 -109.30
N GLY V 105 13.94 50.35 -108.99
CA GLY V 105 12.81 49.63 -109.53
C GLY V 105 12.42 48.40 -108.74
N ASN V 106 13.06 48.14 -107.60
CA ASN V 106 12.80 46.95 -106.79
C ASN V 106 11.60 47.22 -105.88
N GLU V 107 10.41 47.19 -106.49
CA GLU V 107 9.18 47.41 -105.75
C GLU V 107 8.92 46.28 -104.76
N GLN V 108 9.28 45.04 -105.12
CA GLN V 108 8.97 43.91 -104.26
C GLN V 108 9.63 44.05 -102.89
N LEU V 109 10.89 44.49 -102.87
CA LEU V 109 11.61 44.60 -101.59
C LEU V 109 10.93 45.62 -100.68
N ALA V 110 10.51 46.75 -101.24
CA ALA V 110 9.86 47.78 -100.43
C ALA V 110 8.59 47.27 -99.78
N ARG V 111 7.96 46.25 -100.36
CA ARG V 111 6.75 45.70 -99.78
C ARG V 111 7.01 45.18 -98.37
N GLU V 112 8.12 44.46 -98.19
CA GLU V 112 8.42 43.88 -96.88
C GLU V 112 8.66 44.97 -95.84
N ALA V 113 9.37 46.04 -96.22
CA ALA V 113 9.71 47.07 -95.27
C ALA V 113 8.45 47.74 -94.71
N LEU V 114 7.55 48.19 -95.60
CA LEU V 114 6.33 48.83 -95.14
C LEU V 114 5.48 47.88 -94.31
N GLY V 115 5.41 46.61 -94.71
CA GLY V 115 4.72 45.62 -93.90
C GLY V 115 5.41 45.42 -92.55
N GLN V 116 6.74 45.46 -92.55
CA GLN V 116 7.48 45.23 -91.32
C GLN V 116 7.24 46.35 -90.31
N ARG V 117 7.27 47.61 -90.76
CA ARG V 117 7.18 48.74 -89.84
C ARG V 117 5.82 48.86 -89.17
N GLN V 118 4.79 48.20 -89.71
CA GLN V 118 3.46 48.28 -89.10
C GLN V 118 3.48 47.70 -87.69
N SER V 119 4.19 46.58 -87.50
CA SER V 119 4.28 45.99 -86.17
C SER V 119 4.85 46.98 -85.17
N TYR V 120 5.90 47.71 -85.55
CA TYR V 120 6.46 48.72 -84.66
C TYR V 120 5.46 49.82 -84.38
N GLN V 121 4.72 50.25 -85.39
CA GLN V 121 3.74 51.31 -85.20
C GLN V 121 2.70 50.93 -84.17
N SER V 122 2.36 49.65 -84.09
CA SER V 122 1.37 49.20 -83.11
C SER V 122 1.84 49.50 -81.69
N HIS V 123 3.11 49.23 -81.39
CA HIS V 123 3.62 49.52 -80.06
C HIS V 123 3.59 51.01 -79.77
N THR V 124 3.95 51.83 -80.75
CA THR V 124 3.95 53.27 -80.56
C THR V 124 2.55 53.78 -80.19
N GLU V 125 1.53 53.31 -80.91
CA GLU V 125 0.17 53.71 -80.62
C GLU V 125 -0.25 53.24 -79.24
N ALA V 126 0.11 52.01 -78.88
CA ALA V 126 -0.27 51.49 -77.56
C ALA V 126 0.36 52.31 -76.44
N LEU V 127 1.64 52.66 -76.59
CA LEU V 127 2.29 53.44 -75.55
C LEU V 127 1.76 54.87 -75.50
N GLY V 128 1.47 55.47 -76.65
CA GLY V 128 0.95 56.82 -76.64
C GLY V 128 -0.33 56.95 -75.83
N LYS V 129 -1.23 55.98 -75.97
CA LYS V 129 -2.45 55.98 -75.17
C LYS V 129 -2.12 55.77 -73.69
N SER V 130 -1.17 54.90 -73.38
CA SER V 130 -0.85 54.62 -71.99
C SER V 130 -0.32 55.85 -71.27
N LEU V 131 0.55 56.62 -71.93
CA LEU V 131 1.07 57.82 -71.31
C LEU V 131 -0.02 58.87 -71.14
N GLY V 132 -0.98 58.91 -72.06
CA GLY V 132 -2.02 59.92 -71.99
C GLY V 132 -2.76 59.92 -70.66
N GLU V 133 -3.10 58.72 -70.18
CA GLU V 133 -3.81 58.63 -68.89
C GLU V 133 -2.86 58.91 -67.72
N GLN V 134 -1.61 58.43 -67.81
CA GLN V 134 -0.66 58.68 -66.74
C GLN V 134 -0.36 60.17 -66.61
N ARG V 135 -0.25 60.88 -67.74
CA ARG V 135 0.14 62.28 -67.71
C ARG V 135 -0.83 63.10 -66.88
N ALA V 136 -2.12 62.90 -67.08
CA ALA V 136 -3.14 63.65 -66.34
C ALA V 136 -3.40 63.07 -64.96
N LEU V 137 -2.81 61.91 -64.63
CA LEU V 137 -3.03 61.31 -63.32
C LEU V 137 -2.09 61.86 -62.28
N VAL V 138 -0.78 61.91 -62.59
CA VAL V 138 0.19 62.41 -61.63
C VAL V 138 -0.07 63.88 -61.33
N GLU V 139 -0.41 64.66 -62.36
CA GLU V 139 -0.67 66.09 -62.15
C GLU V 139 -1.71 66.30 -61.07
N GLN V 140 -2.72 65.42 -61.01
CA GLN V 140 -3.69 65.48 -59.93
C GLN V 140 -3.04 65.14 -58.60
N VAL V 141 -2.11 64.19 -58.59
CA VAL V 141 -1.44 63.80 -57.35
C VAL V 141 -0.65 64.97 -56.80
N ARG V 142 0.10 65.66 -57.66
CA ARG V 142 0.91 66.79 -57.22
C ARG V 142 0.06 67.83 -56.51
N GLY V 143 -1.17 68.05 -56.98
CA GLY V 143 -2.04 69.01 -56.32
C GLY V 143 -2.35 68.63 -54.88
N GLN V 144 -2.62 67.35 -54.64
CA GLN V 144 -2.89 66.90 -53.28
C GLN V 144 -1.69 67.12 -52.37
N LEU V 145 -0.49 66.78 -52.84
CA LEU V 145 0.70 66.97 -52.03
C LEU V 145 0.93 68.44 -51.71
N GLN V 146 0.82 69.30 -52.73
CA GLN V 146 1.06 70.72 -52.52
C GLN V 146 0.05 71.31 -51.56
N LYS V 147 -1.22 70.95 -51.72
CA LYS V 147 -2.25 71.46 -50.81
C LYS V 147 -2.01 70.96 -49.40
N LEU V 148 -1.62 69.69 -49.25
CA LEU V 148 -1.37 69.15 -47.92
C LEU V 148 -0.24 69.90 -47.23
N GLU V 149 0.84 70.17 -47.95
CA GLU V 149 1.96 70.89 -47.36
C GLU V 149 1.52 72.28 -46.88
N ARG V 150 0.73 72.98 -47.70
CA ARG V 150 0.23 74.28 -47.28
C ARG V 150 -0.65 74.16 -46.05
N LYS V 151 -1.50 73.12 -46.00
CA LYS V 151 -2.35 72.91 -44.84
C LYS V 151 -1.54 72.49 -43.63
N TYR V 152 -0.41 71.81 -43.84
CA TYR V 152 0.40 71.34 -42.72
C TYR V 152 0.88 72.49 -41.85
N LEU V 153 1.38 73.56 -42.47
CA LEU V 153 1.98 74.66 -41.71
C LEU V 153 0.94 75.35 -40.84
N GLU V 154 -0.27 75.54 -41.35
CA GLU V 154 -1.28 76.28 -40.62
C GLU V 154 -1.60 75.64 -39.28
N LEU V 155 -1.33 74.34 -39.13
CA LEU V 155 -1.52 73.69 -37.84
C LEU V 155 -0.35 73.97 -36.91
N LYS V 156 0.87 73.76 -37.39
CA LYS V 156 2.05 73.93 -36.54
C LYS V 156 2.17 75.37 -36.06
N SER V 157 1.84 76.33 -36.92
CA SER V 157 1.94 77.73 -36.53
C SER V 157 1.04 78.07 -35.35
N GLN V 158 0.03 77.24 -35.06
CA GLN V 158 -0.86 77.48 -33.95
C GLN V 158 -0.57 76.60 -32.75
N LYS V 159 0.09 75.46 -32.93
CA LYS V 159 0.28 74.54 -31.81
C LYS V 159 1.08 75.19 -30.70
N ASN V 160 2.15 75.92 -31.05
CA ASN V 160 2.93 76.59 -30.02
C ASN V 160 2.09 77.62 -29.28
N LEU V 161 1.17 78.29 -29.98
CA LEU V 161 0.33 79.29 -29.32
C LEU V 161 -0.56 78.65 -28.27
N TYR V 162 -1.18 77.51 -28.59
CA TYR V 162 -2.05 76.86 -27.62
C TYR V 162 -1.28 76.39 -26.39
N LEU V 163 -0.10 75.82 -26.59
CA LEU V 163 0.68 75.34 -25.45
C LEU V 163 0.99 76.48 -24.48
N ALA V 164 1.33 77.65 -25.02
CA ALA V 164 1.65 78.79 -24.17
C ALA V 164 0.45 79.16 -23.30
N ARG V 165 -0.75 79.20 -23.90
CA ARG V 165 -1.94 79.49 -23.13
C ARG V 165 -2.18 78.42 -22.07
N LEU V 166 -1.97 77.16 -22.43
CA LEU V 166 -2.15 76.07 -21.47
C LEU V 166 -1.18 76.20 -20.31
N LYS V 167 0.08 76.50 -20.58
CA LYS V 167 1.06 76.66 -19.51
C LYS V 167 0.73 77.87 -18.65
N SER V 168 0.17 78.92 -19.25
CA SER V 168 -0.18 80.12 -18.48
C SER V 168 -1.27 79.82 -17.48
N ALA V 169 -2.35 79.16 -17.92
CA ALA V 169 -3.49 78.95 -17.03
C ALA V 169 -3.18 77.89 -15.98
N ILE V 170 -2.54 76.79 -16.38
CA ILE V 170 -2.22 75.73 -15.43
C ILE V 170 -1.39 76.29 -14.28
N ALA V 171 -0.38 77.10 -14.61
CA ALA V 171 0.42 77.73 -13.57
C ALA V 171 -0.43 78.65 -12.71
N ALA V 172 -1.33 79.42 -13.34
CA ALA V 172 -2.17 80.34 -12.60
C ALA V 172 -3.00 79.61 -11.55
N GLN V 173 -3.55 78.45 -11.92
CA GLN V 173 -4.29 77.64 -10.95
C GLN V 173 -3.38 77.21 -9.81
N LYS V 174 -2.14 76.82 -10.11
CA LYS V 174 -1.21 76.40 -9.07
C LYS V 174 -0.91 77.54 -8.11
N ILE V 175 -0.74 78.75 -8.65
CA ILE V 175 -0.42 79.89 -7.79
C ILE V 175 -1.60 80.21 -6.88
N GLU V 176 -2.81 80.24 -7.44
CA GLU V 176 -3.95 80.75 -6.69
C GLU V 176 -4.26 79.88 -5.48
N GLU V 177 -4.19 78.56 -5.63
CA GLU V 177 -4.49 77.68 -4.51
C GLU V 177 -3.53 77.90 -3.36
N ILE V 178 -2.33 78.43 -3.64
CA ILE V 178 -1.35 78.73 -2.61
C ILE V 178 -1.50 80.19 -2.19
N ALA V 179 -2.61 80.81 -2.56
CA ALA V 179 -2.82 82.21 -2.23
C ALA V 179 -2.68 82.46 -0.74
N GLY V 180 -3.04 81.49 0.08
CA GLY V 180 -2.94 81.64 1.51
C GLY V 180 -3.73 82.83 2.01
N ASN V 181 -4.97 82.96 1.56
CA ASN V 181 -5.80 84.10 1.93
C ASN V 181 -5.92 84.19 3.45
N LEU V 182 -5.70 85.39 3.97
CA LEU V 182 -5.76 85.58 5.42
C LEU V 182 -7.20 85.44 5.94
N ASP V 183 -8.19 85.72 5.09
CA ASP V 183 -9.57 85.75 5.54
C ASP V 183 -10.17 84.37 5.78
N ASN V 184 -9.54 83.29 5.31
CA ASN V 184 -10.16 81.98 5.42
C ASN V 184 -10.43 81.60 6.87
N ALA V 185 -9.41 81.72 7.72
CA ALA V 185 -9.55 81.42 9.15
C ALA V 185 -10.03 79.99 9.35
N SER V 186 -9.55 79.07 8.51
CA SER V 186 -9.96 77.68 8.56
C SER V 186 -8.82 76.70 8.34
N ALA V 187 -7.58 77.17 8.23
CA ALA V 187 -6.37 76.39 7.95
C ALA V 187 -6.29 76.05 6.46
N SER V 188 -7.29 76.41 5.65
CA SER V 188 -7.15 76.23 4.21
C SER V 188 -6.02 77.08 3.67
N SER V 189 -5.92 78.32 4.13
CA SER V 189 -4.75 79.14 3.87
C SER V 189 -3.66 78.78 4.88
N LEU V 190 -2.50 78.39 4.38
CA LEU V 190 -1.43 77.96 5.27
C LEU V 190 -1.02 79.07 6.24
N PHE V 191 -1.20 80.33 5.86
CA PHE V 191 -0.85 81.42 6.75
C PHE V 191 -1.73 81.42 8.00
N GLU V 192 -3.05 81.34 7.81
CA GLU V 192 -3.95 81.28 8.96
C GLU V 192 -3.72 80.03 9.79
N ARG V 193 -3.31 78.94 9.16
CA ARG V 193 -2.93 77.76 9.91
C ARG V 193 -1.74 78.06 10.82
N ILE V 194 -0.77 78.82 10.32
CA ILE V 194 0.34 79.26 11.15
C ILE V 194 -0.16 80.13 12.29
N GLU V 195 -1.07 81.06 11.99
CA GLU V 195 -1.58 81.96 13.02
C GLU V 195 -2.24 81.17 14.14
N THR V 196 -3.00 80.13 13.80
CA THR V 196 -3.58 79.27 14.82
C THR V 196 -2.49 78.61 15.64
N LYS V 197 -1.40 78.19 14.98
CA LYS V 197 -0.29 77.57 15.71
C LYS V 197 0.31 78.53 16.72
N ILE V 198 0.47 79.80 16.32
CA ILE V 198 1.08 80.79 17.20
C ILE V 198 0.28 80.93 18.49
N LEU V 199 -1.03 81.12 18.37
CA LEU V 199 -1.86 81.33 19.54
C LEU V 199 -1.91 80.08 20.43
N GLU V 200 -1.75 78.90 19.83
CA GLU V 200 -1.75 77.68 20.62
C GLU V 200 -0.64 77.69 21.66
N LEU V 201 0.57 78.07 21.25
CA LEU V 201 1.71 78.07 22.17
C LEU V 201 1.54 79.14 23.23
N GLU V 202 1.21 80.37 22.80
CA GLU V 202 1.06 81.46 23.75
C GLU V 202 0.01 81.14 24.80
N ALA V 203 -1.01 80.37 24.44
CA ALA V 203 -2.04 79.99 25.41
C ALA V 203 -1.47 79.11 26.51
N GLU V 204 -0.60 78.17 26.15
CA GLU V 204 -0.04 77.25 27.15
C GLU V 204 0.79 78.00 28.18
N ARG V 205 1.61 78.95 27.74
CA ARG V 205 2.52 79.64 28.66
C ARG V 205 1.75 80.42 29.70
N GLU V 206 0.75 81.18 29.28
CA GLU V 206 0.00 82.02 30.23
C GLU V 206 -0.70 81.17 31.28
N LEU V 207 -1.31 80.06 30.86
CA LEU V 207 -1.99 79.19 31.81
C LEU V 207 -1.01 78.56 32.79
N LEU V 208 0.12 78.07 32.29
CA LEU V 208 1.08 77.40 33.17
C LEU V 208 1.76 78.38 34.10
N ASN V 209 1.77 79.67 33.75
CA ASN V 209 2.33 80.73 34.57
C ASN V 209 1.23 81.78 34.75
N PRO V 210 0.33 81.58 35.70
CA PRO V 210 -0.78 82.51 35.87
C PRO V 210 -0.30 83.95 35.95
N PRO V 211 -0.66 84.79 34.98
CA PRO V 211 -0.24 86.19 35.03
C PRO V 211 -0.95 86.93 36.16
N PRO V 212 -0.45 88.10 36.54
CA PRO V 212 -1.06 88.81 37.67
C PRO V 212 -2.52 89.14 37.41
N SER V 213 -3.32 89.07 38.47
CA SER V 213 -4.72 89.43 38.36
C SER V 213 -4.85 90.94 38.15
N PRO V 214 -5.94 91.39 37.52
CA PRO V 214 -6.12 92.84 37.35
C PRO V 214 -6.15 93.60 38.66
N LEU V 215 -6.67 92.98 39.73
CA LEU V 215 -6.64 93.63 41.03
C LEU V 215 -5.21 93.86 41.50
N ASP V 216 -4.34 92.86 41.30
CA ASP V 216 -2.93 93.04 41.64
C ASP V 216 -2.31 94.15 40.80
N LYS V 217 -2.64 94.20 39.51
CA LYS V 217 -2.18 95.28 38.67
C LYS V 217 -2.65 96.63 39.20
N LYS V 218 -3.92 96.70 39.63
CA LYS V 218 -4.43 97.95 40.17
C LYS V 218 -3.61 98.42 41.35
N PHE V 219 -3.29 97.51 42.28
CA PHE V 219 -2.53 97.89 43.46
C PHE V 219 -1.14 98.40 43.08
N GLU V 220 -0.48 97.72 42.13
CA GLU V 220 0.91 98.08 41.81
C GLU V 220 1.01 99.52 41.33
N GLN V 221 0.20 99.88 40.32
CA GLN V 221 0.20 101.27 39.86
C GLN V 221 -0.39 102.19 40.93
N TRP V 222 -1.44 101.74 41.61
CA TRP V 222 -2.04 102.53 42.67
C TRP V 222 -1.01 102.92 43.73
N GLU V 223 0.00 102.08 43.94
CA GLU V 223 1.03 102.38 44.93
C GLU V 223 2.03 103.40 44.41
N GLU V 224 2.37 103.33 43.12
CA GLU V 224 3.46 104.16 42.60
C GLU V 224 3.11 105.64 42.63
N GLN V 225 1.84 105.99 42.46
CA GLN V 225 1.45 107.39 42.39
C GLN V 225 1.83 108.14 43.67
N GLN V 226 1.56 107.53 44.82
CA GLN V 226 1.95 108.15 46.08
C GLN V 226 3.47 108.22 46.21
N ALA V 227 4.17 107.16 45.78
CA ALA V 227 5.62 107.13 45.90
C ALA V 227 6.24 108.29 45.12
N VAL V 228 5.81 108.48 43.88
CA VAL V 228 6.34 109.58 43.08
C VAL V 228 5.83 110.91 43.61
N GLU V 229 4.55 110.98 43.98
CA GLU V 229 4.00 112.22 44.52
C GLU V 229 4.60 112.54 45.88
N ALA V 230 4.74 111.54 46.74
CA ALA V 230 5.37 111.77 48.04
C ALA V 230 6.81 112.23 47.87
N THR V 231 7.55 111.58 46.97
CA THR V 231 8.90 112.04 46.66
C THR V 231 8.86 113.42 46.03
N LEU V 232 7.91 113.64 45.11
CA LEU V 232 7.75 114.98 44.53
C LEU V 232 7.25 115.97 45.56
N ALA V 233 6.36 115.54 46.46
CA ALA V 233 5.91 116.42 47.54
C ALA V 233 7.08 116.83 48.42
N ALA V 234 7.95 115.86 48.75
CA ALA V 234 9.16 116.17 49.49
C ALA V 234 10.20 116.85 48.61
N MET V 235 10.13 116.68 47.29
CA MET V 235 11.07 117.37 46.40
C MET V 235 10.98 118.88 46.59
N LYS V 236 9.78 119.43 46.53
CA LYS V 236 9.60 120.85 46.79
C LYS V 236 9.98 121.19 48.22
N ALA V 237 9.58 120.35 49.18
CA ALA V 237 9.87 120.62 50.57
C ALA V 237 11.35 120.48 50.88
N ARG V 238 11.97 119.40 50.42
CA ARG V 238 13.40 119.20 50.69
C ARG V 238 14.23 120.31 50.06
N ARG V 239 13.91 120.69 48.82
CA ARG V 239 14.59 121.83 48.21
C ARG V 239 14.16 123.13 48.85
N SER V 240 12.90 123.22 49.26
CA SER V 240 12.38 124.44 49.89
C SER V 240 11.18 124.11 50.77
N GLN W 45 40.92 -35.46 -27.45
CA GLN W 45 42.19 -36.07 -27.94
C GLN W 45 43.02 -35.03 -28.71
N GLU W 46 44.33 -35.25 -28.76
CA GLU W 46 45.26 -34.37 -29.43
C GLU W 46 45.85 -35.08 -30.64
N ALA W 47 46.73 -34.39 -31.35
CA ALA W 47 47.40 -35.00 -32.48
C ALA W 47 48.26 -36.16 -32.00
N PRO W 48 48.24 -37.31 -32.69
CA PRO W 48 49.00 -38.46 -32.20
C PRO W 48 50.48 -38.19 -32.08
N GLU W 49 51.04 -37.39 -33.00
CA GLU W 49 52.47 -37.10 -32.94
C GLU W 49 52.83 -36.31 -31.69
N ASP W 50 51.98 -35.36 -31.30
CA ASP W 50 52.30 -34.52 -30.14
C ASP W 50 52.41 -35.36 -28.88
N LEU W 51 51.51 -36.34 -28.72
CA LEU W 51 51.56 -37.19 -27.54
C LEU W 51 52.89 -37.93 -27.43
N LEU W 52 53.44 -38.37 -28.56
CA LEU W 52 54.63 -39.19 -28.54
C LEU W 52 55.78 -38.49 -27.84
N GLU W 53 56.01 -37.21 -28.18
CA GLU W 53 57.07 -36.45 -27.53
C GLU W 53 56.79 -36.30 -26.03
N ARG W 54 55.56 -35.95 -25.68
CA ARG W 54 55.22 -35.75 -24.27
C ARG W 54 55.30 -37.06 -23.50
N LEU W 55 54.85 -38.17 -24.10
CA LEU W 55 54.83 -39.44 -23.38
C LEU W 55 56.23 -39.89 -23.01
N LEU W 56 57.18 -39.80 -23.94
CA LEU W 56 58.54 -40.24 -23.66
C LEU W 56 59.20 -39.37 -22.60
N GLY W 57 58.94 -38.06 -22.63
CA GLY W 57 59.48 -37.19 -21.61
C GLY W 57 59.07 -37.62 -20.21
N GLU W 58 57.81 -38.00 -20.05
CA GLU W 58 57.37 -38.57 -18.78
C GLU W 58 58.06 -39.89 -18.48
N MET W 59 58.24 -40.72 -19.51
CA MET W 59 58.88 -42.01 -19.32
C MET W 59 60.32 -41.85 -18.85
N GLU W 60 61.07 -40.95 -19.48
CA GLU W 60 62.47 -40.75 -19.07
C GLU W 60 62.55 -40.21 -17.65
N LEU W 61 61.66 -39.28 -17.29
CA LEU W 61 61.67 -38.74 -15.95
C LEU W 61 61.42 -39.83 -14.91
N GLU W 62 60.50 -40.75 -15.20
CA GLU W 62 60.17 -41.80 -14.26
C GLU W 62 61.36 -42.73 -14.02
N LEU W 63 62.11 -43.04 -15.09
CA LEU W 63 63.14 -44.07 -14.99
C LEU W 63 64.21 -43.68 -13.98
N ILE W 64 64.66 -42.43 -13.99
CA ILE W 64 65.69 -42.01 -13.06
C ILE W 64 65.19 -42.09 -11.62
N GLU W 65 63.90 -41.81 -11.41
CA GLU W 65 63.32 -41.96 -10.09
C GLU W 65 63.43 -43.40 -9.60
N LEU W 66 63.18 -44.34 -10.50
CA LEU W 66 63.41 -45.75 -10.17
C LEU W 66 64.88 -45.99 -9.85
N ARG W 67 65.79 -45.41 -10.65
CA ARG W 67 67.21 -45.59 -10.41
C ARG W 67 67.60 -45.07 -9.04
N ARG W 68 67.08 -43.89 -8.67
CA ARG W 68 67.41 -43.31 -7.38
C ARG W 68 66.88 -44.19 -6.24
N ALA W 69 65.64 -44.68 -6.37
CA ALA W 69 65.04 -45.45 -5.29
C ALA W 69 65.81 -46.73 -5.04
N LEU W 70 66.20 -47.44 -6.10
CA LEU W 70 66.90 -48.71 -5.93
C LEU W 70 68.17 -48.53 -5.10
N ALA W 71 68.84 -47.39 -5.24
CA ALA W 71 70.06 -47.14 -4.47
C ALA W 71 69.78 -47.18 -2.97
N GLN W 72 68.67 -46.57 -2.55
CA GLN W 72 68.34 -46.55 -1.12
C GLN W 72 68.16 -47.96 -0.58
N THR W 73 67.61 -48.86 -1.39
CA THR W 73 67.50 -50.26 -0.98
C THR W 73 68.87 -50.85 -0.69
N ILE W 74 69.85 -50.56 -1.55
CA ILE W 74 71.19 -51.10 -1.37
C ILE W 74 71.79 -50.61 -0.06
N ALA W 75 71.51 -49.35 0.31
CA ALA W 75 72.07 -48.79 1.53
C ALA W 75 71.69 -49.62 2.75
N THR W 76 70.39 -49.92 2.88
CA THR W 76 69.94 -50.73 4.02
C THR W 76 70.52 -52.14 3.96
N PHE W 77 70.54 -52.73 2.76
CA PHE W 77 71.11 -54.06 2.61
C PHE W 77 72.57 -54.09 3.07
N LYS W 78 73.34 -53.06 2.74
CA LYS W 78 74.71 -52.98 3.23
C LYS W 78 74.75 -52.58 4.70
N SER W 79 73.89 -51.65 5.10
CA SER W 79 73.93 -51.13 6.46
C SER W 79 73.68 -52.24 7.49
N THR W 80 72.63 -53.04 7.28
CA THR W 80 72.33 -54.11 8.21
C THR W 80 73.45 -55.14 8.24
N GLU W 81 74.03 -55.45 7.08
CA GLU W 81 75.12 -56.42 7.03
C GLU W 81 76.29 -55.94 7.87
N ARG W 82 76.64 -54.66 7.75
CA ARG W 82 77.66 -54.09 8.63
C ARG W 82 77.21 -54.16 10.08
N GLN W 83 75.93 -53.87 10.33
CA GLN W 83 75.41 -53.97 11.69
C GLN W 83 75.49 -55.40 12.21
N ARG W 84 75.22 -56.38 11.34
CA ARG W 84 75.26 -57.78 11.76
C ARG W 84 76.64 -58.16 12.26
N ASP W 85 77.69 -57.74 11.55
CA ASP W 85 79.04 -58.12 11.94
C ASP W 85 79.39 -57.60 13.32
N ALA W 86 78.82 -56.46 13.71
CA ALA W 86 79.15 -55.88 15.02
C ALA W 86 78.72 -56.81 16.15
N GLN W 87 77.52 -57.38 16.06
CA GLN W 87 77.00 -58.19 17.16
C GLN W 87 77.86 -59.43 17.39
N GLN W 88 78.19 -60.16 16.33
CA GLN W 88 79.00 -61.36 16.50
C GLN W 88 80.36 -61.02 17.08
N LEU W 89 80.91 -59.85 16.73
CA LEU W 89 82.17 -59.42 17.32
C LEU W 89 82.06 -59.30 18.83
N ILE W 90 80.94 -58.74 19.31
CA ILE W 90 80.72 -58.65 20.75
C ILE W 90 80.66 -60.04 21.37
N ALA W 91 79.93 -60.96 20.73
CA ALA W 91 79.86 -62.32 21.24
C ALA W 91 81.23 -62.96 21.29
N GLN W 92 82.07 -62.67 20.29
CA GLN W 92 83.43 -63.19 20.30
C GLN W 92 84.19 -62.69 21.52
N ARG W 93 84.00 -61.43 21.90
CA ARG W 93 84.68 -60.89 23.07
C ARG W 93 84.34 -61.69 24.32
N TRP W 94 83.05 -61.98 24.53
CA TRP W 94 82.66 -62.79 25.66
C TRP W 94 83.25 -64.19 25.57
N TYR W 95 83.22 -64.79 24.39
CA TYR W 95 83.81 -66.11 24.20
C TYR W 95 85.30 -66.07 24.47
N GLU W 96 85.99 -65.05 23.93
CA GLU W 96 87.42 -64.90 24.22
C GLU W 96 87.65 -64.68 25.70
N LYS W 97 86.83 -63.85 26.33
CA LYS W 97 86.94 -63.65 27.77
C LYS W 97 86.68 -64.94 28.52
N ALA W 98 85.66 -65.70 28.10
CA ALA W 98 85.36 -66.98 28.74
C ALA W 98 86.50 -67.97 28.58
N GLN W 99 87.36 -67.79 27.58
CA GLN W 99 88.46 -68.72 27.38
C GLN W 99 89.38 -68.76 28.60
N ALA W 100 89.72 -67.59 29.14
CA ALA W 100 90.55 -67.49 30.32
C ALA W 100 89.72 -67.27 31.59
N ALA W 101 88.39 -67.30 31.49
CA ALA W 101 87.55 -67.09 32.65
C ALA W 101 87.83 -68.16 33.71
N LEU W 102 87.85 -69.42 33.29
CA LEU W 102 88.14 -70.53 34.19
C LEU W 102 89.60 -70.95 34.13
N ASP W 103 90.46 -70.20 33.44
CA ASP W 103 91.88 -70.51 33.43
C ASP W 103 92.44 -70.58 34.84
N ARG W 104 91.89 -69.79 35.75
CA ARG W 104 92.24 -69.87 37.17
C ARG W 104 91.50 -71.00 37.88
N GLY W 105 90.80 -71.84 37.13
CA GLY W 105 89.90 -72.82 37.71
C GLY W 105 88.52 -72.30 38.02
N ASN W 106 88.21 -71.06 37.64
CA ASN W 106 86.91 -70.44 37.94
C ASN W 106 85.90 -70.86 36.87
N GLU W 107 85.46 -72.11 36.99
CA GLU W 107 84.47 -72.63 36.05
C GLU W 107 83.13 -71.93 36.18
N GLN W 108 82.75 -71.54 37.40
CA GLN W 108 81.44 -70.94 37.61
C GLN W 108 81.29 -69.65 36.81
N LEU W 109 82.33 -68.81 36.78
CA LEU W 109 82.22 -67.54 36.07
C LEU W 109 82.01 -67.77 34.58
N ALA W 110 82.72 -68.74 34.00
CA ALA W 110 82.58 -69.00 32.57
C ALA W 110 81.16 -69.42 32.21
N ARG W 111 80.42 -69.97 33.18
CA ARG W 111 79.04 -70.37 32.90
C ARG W 111 78.20 -69.18 32.46
N GLU W 112 78.35 -68.05 33.15
CA GLU W 112 77.56 -66.86 32.81
C GLU W 112 77.89 -66.35 31.42
N ALA W 113 79.17 -66.34 31.06
CA ALA W 113 79.57 -65.80 29.76
C ALA W 113 78.94 -66.58 28.62
N LEU W 114 79.09 -67.90 28.63
CA LEU W 114 78.51 -68.72 27.57
C LEU W 114 76.99 -68.61 27.53
N GLY W 115 76.35 -68.55 28.70
CA GLY W 115 74.93 -68.29 28.73
C GLY W 115 74.58 -66.92 28.20
N GLN W 116 75.42 -65.93 28.49
CA GLN W 116 75.16 -64.56 28.05
C GLN W 116 75.22 -64.44 26.53
N ARG W 117 76.24 -65.03 25.91
CA ARG W 117 76.45 -64.85 24.48
C ARG W 117 75.35 -65.50 23.64
N GLN W 118 74.56 -66.42 24.20
CA GLN W 118 73.51 -67.05 23.42
C GLN W 118 72.47 -66.03 22.97
N SER W 119 72.14 -65.07 23.83
CA SER W 119 71.18 -64.04 23.45
C SER W 119 71.67 -63.28 22.22
N TYR W 120 72.96 -62.92 22.19
CA TYR W 120 73.51 -62.23 21.03
C TYR W 120 73.44 -63.12 19.79
N GLN W 121 73.74 -64.40 19.94
CA GLN W 121 73.71 -65.31 18.80
C GLN W 121 72.33 -65.36 18.16
N SER W 122 71.28 -65.21 18.98
CA SER W 122 69.92 -65.23 18.44
C SER W 122 69.72 -64.11 17.43
N HIS W 123 70.19 -62.90 17.75
CA HIS W 123 70.05 -61.79 16.83
C HIS W 123 70.83 -62.05 15.54
N THR W 124 72.03 -62.61 15.65
CA THR W 124 72.83 -62.88 14.46
C THR W 124 72.10 -63.83 13.53
N GLU W 125 71.54 -64.91 14.07
CA GLU W 125 70.80 -65.86 13.25
C GLU W 125 69.59 -65.20 12.61
N ALA W 126 68.87 -64.38 13.38
CA ALA W 126 67.69 -63.72 12.84
C ALA W 126 68.05 -62.79 11.68
N LEU W 127 69.12 -62.03 11.82
CA LEU W 127 69.52 -61.12 10.76
C LEU W 127 70.05 -61.88 9.54
N GLY W 128 70.79 -62.96 9.77
CA GLY W 128 71.32 -63.72 8.65
C GLY W 128 70.22 -64.21 7.72
N LYS W 129 69.13 -64.70 8.30
CA LYS W 129 67.99 -65.12 7.49
C LYS W 129 67.35 -63.94 6.78
N SER W 130 67.25 -62.79 7.46
CA SER W 130 66.60 -61.63 6.87
C SER W 130 67.35 -61.14 5.63
N LEU W 131 68.68 -61.10 5.71
CA LEU W 131 69.47 -60.66 4.55
C LEU W 131 69.37 -61.67 3.41
N GLY W 132 69.23 -62.95 3.73
CA GLY W 132 69.19 -63.96 2.68
C GLY W 132 68.09 -63.71 1.67
N GLU W 133 66.90 -63.33 2.15
CA GLU W 133 65.80 -63.06 1.22
C GLU W 133 66.01 -61.72 0.52
N GLN W 134 66.51 -60.72 1.23
CA GLN W 134 66.75 -59.42 0.60
C GLN W 134 67.80 -59.53 -0.50
N ARG W 135 68.84 -60.33 -0.27
CA ARG W 135 69.95 -60.40 -1.22
C ARG W 135 69.46 -60.84 -2.59
N ALA W 136 68.64 -61.88 -2.63
CA ALA W 136 68.12 -62.39 -3.90
C ALA W 136 66.94 -61.58 -4.42
N LEU W 137 66.43 -60.63 -3.64
CA LEU W 137 65.27 -59.84 -4.08
C LEU W 137 65.71 -58.65 -4.91
N VAL W 138 66.69 -57.89 -4.43
CA VAL W 138 67.15 -56.71 -5.17
C VAL W 138 67.76 -57.12 -6.50
N GLU W 139 68.54 -58.21 -6.50
CA GLU W 139 69.17 -58.67 -7.74
C GLU W 139 68.13 -58.86 -8.84
N GLN W 140 66.94 -59.32 -8.48
CA GLN W 140 65.85 -59.42 -9.44
C GLN W 140 65.41 -58.02 -9.89
N VAL W 141 65.38 -57.07 -8.96
CA VAL W 141 64.96 -55.71 -9.30
C VAL W 141 65.92 -55.10 -10.32
N ARG W 142 67.23 -55.27 -10.08
CA ARG W 142 68.21 -54.69 -11.00
C ARG W 142 67.99 -55.18 -12.42
N GLY W 143 67.60 -56.44 -12.58
CA GLY W 143 67.35 -56.96 -13.92
C GLY W 143 66.23 -56.22 -14.63
N GLN W 144 65.15 -55.91 -13.90
CA GLN W 144 64.04 -55.18 -14.51
C GLN W 144 64.49 -53.79 -14.95
N LEU W 145 65.25 -53.08 -14.11
CA LEU W 145 65.70 -51.75 -14.47
C LEU W 145 66.62 -51.79 -15.69
N GLN W 146 67.58 -52.72 -15.70
CA GLN W 146 68.51 -52.80 -16.82
C GLN W 146 67.79 -53.14 -18.11
N LYS W 147 66.85 -54.10 -18.06
CA LYS W 147 66.11 -54.44 -19.26
C LYS W 147 65.27 -53.27 -19.73
N LEU W 148 64.64 -52.55 -18.80
CA LEU W 148 63.83 -51.40 -19.18
C LEU W 148 64.65 -50.34 -19.89
N GLU W 149 65.84 -50.05 -19.37
CA GLU W 149 66.70 -49.05 -20.00
C GLU W 149 67.07 -49.47 -21.42
N ARG W 150 67.40 -50.74 -21.62
CA ARG W 150 67.71 -51.22 -22.95
C ARG W 150 66.50 -51.10 -23.87
N LYS W 151 65.31 -51.42 -23.34
CA LYS W 151 64.09 -51.30 -24.13
C LYS W 151 63.74 -49.84 -24.40
N TYR W 152 64.13 -48.94 -23.49
CA TYR W 152 63.79 -47.53 -23.66
C TYR W 152 64.38 -46.97 -24.93
N LEU W 153 65.67 -47.25 -25.20
CA LEU W 153 66.34 -46.64 -26.33
C LEU W 153 65.73 -47.08 -27.65
N GLU W 154 65.34 -48.35 -27.76
CA GLU W 154 64.83 -48.86 -29.03
C GLU W 154 63.59 -48.11 -29.48
N LEU W 155 62.88 -47.46 -28.56
CA LEU W 155 61.73 -46.65 -28.94
C LEU W 155 62.17 -45.28 -29.45
N LYS W 156 63.04 -44.60 -28.69
CA LYS W 156 63.46 -43.26 -29.07
C LYS W 156 64.21 -43.27 -30.39
N SER W 157 65.01 -44.31 -30.64
CA SER W 157 65.77 -44.38 -31.89
C SER W 157 64.86 -44.43 -33.10
N GLN W 158 63.58 -44.77 -32.92
CA GLN W 158 62.64 -44.83 -34.03
C GLN W 158 61.69 -43.64 -34.08
N LYS W 159 61.48 -42.95 -32.96
CA LYS W 159 60.49 -41.88 -32.95
C LYS W 159 60.85 -40.79 -33.94
N ASN W 160 62.12 -40.40 -33.99
CA ASN W 160 62.55 -39.38 -34.93
C ASN W 160 62.32 -39.83 -36.37
N LEU W 161 62.50 -41.12 -36.64
CA LEU W 161 62.30 -41.63 -37.99
C LEU W 161 60.84 -41.49 -38.42
N TYR W 162 59.90 -41.82 -37.53
CA TYR W 162 58.49 -41.72 -37.89
C TYR W 162 58.09 -40.27 -38.14
N LEU W 163 58.55 -39.33 -37.30
CA LEU W 163 58.19 -37.94 -37.49
C LEU W 163 58.63 -37.43 -38.84
N ALA W 164 59.83 -37.82 -39.28
CA ALA W 164 60.32 -37.39 -40.57
C ALA W 164 59.40 -37.86 -41.70
N ARG W 165 58.97 -39.12 -41.64
CA ARG W 165 58.05 -39.63 -42.63
C ARG W 165 56.73 -38.87 -42.59
N LEU W 166 56.24 -38.58 -41.38
CA LEU W 166 54.99 -37.84 -41.24
C LEU W 166 55.11 -36.45 -41.83
N LYS W 167 56.22 -35.76 -41.56
CA LYS W 167 56.40 -34.42 -42.11
C LYS W 167 56.54 -34.48 -43.63
N SER W 168 57.14 -35.55 -44.16
CA SER W 168 57.30 -35.66 -45.60
C SER W 168 55.96 -35.79 -46.31
N ALA W 169 55.10 -36.69 -45.81
CA ALA W 169 53.84 -36.94 -46.49
C ALA W 169 52.85 -35.79 -46.31
N ILE W 170 52.76 -35.24 -45.09
CA ILE W 170 51.83 -34.15 -44.84
C ILE W 170 52.15 -32.97 -45.77
N ALA W 171 53.43 -32.65 -45.91
CA ALA W 171 53.82 -31.59 -46.83
C ALA W 171 53.47 -31.96 -48.26
N ALA W 172 53.69 -33.22 -48.65
CA ALA W 172 53.39 -33.64 -50.01
C ALA W 172 51.92 -33.43 -50.33
N GLN W 173 51.04 -33.75 -49.38
CA GLN W 173 49.61 -33.49 -49.59
C GLN W 173 49.35 -32.00 -49.78
N LYS W 174 50.02 -31.16 -49.00
CA LYS W 174 49.83 -29.73 -49.12
C LYS W 174 50.27 -29.22 -50.49
N ILE W 175 51.39 -29.75 -50.99
CA ILE W 175 51.89 -29.31 -52.29
C ILE W 175 50.92 -29.71 -53.40
N GLU W 176 50.47 -30.97 -53.36
CA GLU W 176 49.72 -31.51 -54.49
C GLU W 176 48.41 -30.77 -54.70
N GLU W 177 47.70 -30.45 -53.61
CA GLU W 177 46.43 -29.76 -53.76
C GLU W 177 46.61 -28.39 -54.41
N ILE W 178 47.80 -27.82 -54.34
CA ILE W 178 48.11 -26.54 -54.96
C ILE W 178 48.72 -26.78 -56.33
N ALA W 179 48.60 -28.03 -56.82
CA ALA W 179 49.20 -28.36 -58.12
C ALA W 179 48.72 -27.41 -59.21
N GLY W 180 47.48 -26.93 -59.11
CA GLY W 180 46.97 -26.02 -60.10
C GLY W 180 46.98 -26.64 -61.48
N ASN W 181 46.51 -27.87 -61.59
CA ASN W 181 46.53 -28.58 -62.87
C ASN W 181 45.79 -27.77 -63.93
N LEU W 182 46.43 -27.62 -65.09
CA LEU W 182 45.81 -26.85 -66.17
C LEU W 182 44.59 -27.56 -66.74
N ASP W 183 44.56 -28.89 -66.65
CA ASP W 183 43.50 -29.66 -67.31
C ASP W 183 42.16 -29.59 -66.59
N ASN W 184 42.11 -29.10 -65.35
CA ASN W 184 40.85 -29.14 -64.61
C ASN W 184 39.76 -28.36 -65.32
N ALA W 185 40.05 -27.11 -65.71
CA ALA W 185 39.09 -26.27 -66.42
C ALA W 185 37.80 -26.12 -65.62
N SER W 186 37.93 -26.02 -64.30
CA SER W 186 36.79 -25.91 -63.41
C SER W 186 36.98 -24.92 -62.27
N ALA W 187 38.09 -24.18 -62.25
CA ALA W 187 38.49 -23.25 -61.19
C ALA W 187 39.03 -23.99 -59.98
N SER W 188 39.04 -25.33 -59.97
CA SER W 188 39.70 -26.05 -58.89
C SER W 188 41.19 -25.76 -58.89
N SER W 189 41.80 -25.75 -60.07
CA SER W 189 43.17 -25.26 -60.22
C SER W 189 43.12 -23.75 -60.32
N LEU W 190 43.84 -23.06 -59.43
CA LEU W 190 43.80 -21.61 -59.42
C LEU W 190 44.29 -21.02 -60.74
N PHE W 191 45.14 -21.73 -61.47
CA PHE W 191 45.61 -21.23 -62.75
C PHE W 191 44.47 -21.13 -63.76
N GLU W 192 43.69 -22.20 -63.90
CA GLU W 192 42.56 -22.16 -64.82
C GLU W 192 41.52 -21.15 -64.37
N ARG W 193 41.39 -20.92 -63.06
CA ARG W 193 40.53 -19.86 -62.59
C ARG W 193 41.02 -18.51 -63.10
N ILE W 194 42.33 -18.29 -63.09
CA ILE W 194 42.89 -17.08 -63.66
C ILE W 194 42.58 -17.00 -65.15
N GLU W 195 42.74 -18.12 -65.87
CA GLU W 195 42.49 -18.12 -67.30
C GLU W 195 41.06 -17.72 -67.60
N THR W 196 40.11 -18.22 -66.81
CA THR W 196 38.72 -17.79 -66.98
C THR W 196 38.59 -16.29 -66.74
N LYS W 197 39.30 -15.76 -65.75
CA LYS W 197 39.25 -14.33 -65.48
C LYS W 197 39.76 -13.53 -66.68
N ILE W 198 40.83 -13.99 -67.32
CA ILE W 198 41.41 -13.27 -68.45
C ILE W 198 40.38 -13.13 -69.56
N LEU W 199 39.75 -14.24 -69.94
CA LEU W 199 38.79 -14.20 -71.05
C LEU W 199 37.57 -13.37 -70.72
N GLU W 200 37.22 -13.28 -69.42
CA GLU W 200 36.07 -12.47 -69.04
C GLU W 200 36.27 -11.02 -69.43
N LEU W 201 37.45 -10.46 -69.14
CA LEU W 201 37.70 -9.06 -69.45
C LEU W 201 37.77 -8.83 -70.95
N GLU W 202 38.54 -9.67 -71.66
CA GLU W 202 38.67 -9.51 -73.10
C GLU W 202 37.32 -9.56 -73.79
N ALA W 203 36.38 -10.34 -73.25
CA ALA W 203 35.05 -10.41 -73.84
C ALA W 203 34.33 -9.08 -73.76
N GLU W 204 34.44 -8.38 -72.62
CA GLU W 204 33.74 -7.12 -72.45
C GLU W 204 34.22 -6.08 -73.44
N ARG W 205 35.54 -5.99 -73.65
CA ARG W 205 36.08 -4.95 -74.51
C ARG W 205 35.60 -5.10 -75.95
N GLU W 206 35.65 -6.32 -76.48
CA GLU W 206 35.27 -6.52 -77.87
C GLU W 206 33.80 -6.17 -78.09
N LEU W 207 32.93 -6.58 -77.16
CA LEU W 207 31.51 -6.28 -77.31
C LEU W 207 31.25 -4.78 -77.22
N LEU W 208 31.89 -4.10 -76.27
CA LEU W 208 31.64 -2.67 -76.10
C LEU W 208 32.23 -1.87 -77.24
N ASN W 209 33.20 -2.42 -77.96
CA ASN W 209 33.81 -1.79 -79.12
C ASN W 209 33.71 -2.79 -80.27
N PRO W 210 32.57 -2.83 -80.96
CA PRO W 210 32.37 -3.82 -82.02
C PRO W 210 33.54 -3.80 -83.00
N PRO W 211 34.30 -4.89 -83.08
CA PRO W 211 35.41 -4.93 -84.04
C PRO W 211 34.90 -4.98 -85.47
N PRO W 212 35.75 -4.69 -86.45
CA PRO W 212 35.28 -4.66 -87.84
C PRO W 212 34.70 -6.00 -88.27
N SER W 213 33.66 -5.94 -89.09
CA SER W 213 33.08 -7.14 -89.64
C SER W 213 34.04 -7.78 -90.64
N PRO W 214 33.95 -9.10 -90.84
CA PRO W 214 34.82 -9.74 -91.84
C PRO W 214 34.65 -9.16 -93.23
N LEU W 215 33.43 -8.75 -93.59
CA LEU W 215 33.23 -8.10 -94.87
C LEU W 215 34.03 -6.82 -94.99
N ASP W 216 34.04 -6.01 -93.92
CA ASP W 216 34.86 -4.81 -93.92
C ASP W 216 36.34 -5.15 -94.05
N LYS W 217 36.78 -6.20 -93.34
CA LYS W 217 38.16 -6.67 -93.49
C LYS W 217 38.45 -7.06 -94.93
N LYS W 218 37.50 -7.76 -95.56
CA LYS W 218 37.71 -8.16 -96.95
C LYS W 218 37.94 -6.95 -97.84
N PHE W 219 37.13 -5.91 -97.68
CA PHE W 219 37.28 -4.73 -98.52
C PHE W 219 38.62 -4.06 -98.31
N GLU W 220 39.07 -3.96 -97.05
CA GLU W 220 40.29 -3.21 -96.77
C GLU W 220 41.49 -3.82 -97.49
N GLN W 221 41.70 -5.14 -97.32
CA GLN W 221 42.78 -5.81 -98.04
C GLN W 221 42.49 -5.84 -99.53
N TRP W 222 41.22 -6.08 -99.89
CA TRP W 222 40.84 -6.11 -101.29
C TRP W 222 41.21 -4.81 -102.00
N GLU W 223 41.20 -3.70 -101.27
CA GLU W 223 41.55 -2.41 -101.86
C GLU W 223 43.07 -2.26 -102.04
N GLU W 224 43.85 -2.77 -101.08
CA GLU W 224 45.29 -2.49 -101.09
C GLU W 224 45.98 -3.13 -102.28
N GLN W 225 45.49 -4.29 -102.73
CA GLN W 225 46.17 -5.00 -103.81
C GLN W 225 46.25 -4.16 -105.07
N GLN W 226 45.16 -3.49 -105.43
CA GLN W 226 45.17 -2.60 -106.59
C GLN W 226 46.09 -1.41 -106.34
N ALA W 227 46.06 -0.85 -105.13
CA ALA W 227 46.89 0.31 -104.83
C ALA W 227 48.37 -0.01 -105.02
N VAL W 228 48.82 -1.14 -104.48
CA VAL W 228 50.22 -1.53 -104.64
C VAL W 228 50.49 -1.96 -106.09
N GLU W 229 49.56 -2.71 -106.69
CA GLU W 229 49.73 -3.13 -108.08
C GLU W 229 49.65 -1.95 -109.03
N ALA W 230 48.70 -1.05 -108.80
CA ALA W 230 48.61 0.15 -109.64
C ALA W 230 49.86 1.00 -109.50
N THR W 231 50.35 1.18 -108.28
CA THR W 231 51.62 1.87 -108.08
C THR W 231 52.76 1.08 -108.70
N LEU W 232 52.76 -0.24 -108.52
CA LEU W 232 53.77 -1.08 -109.17
C LEU W 232 53.57 -1.10 -110.68
N ALA W 233 52.33 -1.10 -111.15
CA ALA W 233 52.09 -1.02 -112.59
C ALA W 233 52.63 0.28 -113.15
N ALA W 234 52.42 1.38 -112.45
CA ALA W 234 53.00 2.66 -112.83
C ALA W 234 54.49 2.72 -112.53
N MET W 235 54.97 1.91 -111.58
CA MET W 235 56.40 1.88 -111.28
C MET W 235 57.21 1.52 -112.53
N LYS W 236 56.83 0.42 -113.19
CA LYS W 236 57.49 0.07 -114.44
C LYS W 236 57.25 1.13 -115.51
N ALA W 237 56.01 1.63 -115.60
CA ALA W 237 55.69 2.62 -116.61
C ALA W 237 56.38 3.96 -116.34
N ARG W 238 56.31 4.44 -115.09
CA ARG W 238 56.94 5.72 -114.77
C ARG W 238 58.44 5.66 -114.98
N ARG W 239 59.08 4.57 -114.55
CA ARG W 239 60.50 4.39 -114.82
C ARG W 239 60.73 4.10 -116.30
N SER W 240 59.81 3.38 -116.92
CA SER W 240 59.95 3.04 -118.34
C SER W 240 58.58 2.77 -118.97
N GLN X 45 14.84 21.20 54.85
CA GLN X 45 15.48 22.01 55.92
C GLN X 45 17.00 21.87 55.86
N GLU X 46 17.69 22.89 56.37
CA GLU X 46 19.16 22.93 56.38
C GLU X 46 19.65 22.84 57.82
N ALA X 47 20.96 22.88 57.98
CA ALA X 47 21.54 22.85 59.31
C ALA X 47 21.11 24.10 60.07
N PRO X 48 20.71 23.98 61.34
CA PRO X 48 20.23 25.17 62.06
C PRO X 48 21.26 26.27 62.15
N GLU X 49 22.54 25.92 62.29
CA GLU X 49 23.59 26.93 62.39
C GLU X 49 23.70 27.75 61.11
N ASP X 50 23.58 27.10 59.95
CA ASP X 50 23.74 27.80 58.69
C ASP X 50 22.67 28.88 58.52
N LEU X 51 21.44 28.58 58.93
CA LEU X 51 20.36 29.55 58.80
C LEU X 51 20.69 30.81 59.60
N LEU X 52 21.29 30.66 60.77
CA LEU X 52 21.49 31.80 61.67
C LEU X 52 22.32 32.88 60.99
N GLU X 53 23.40 32.49 60.33
CA GLU X 53 24.22 33.47 59.62
C GLU X 53 23.44 34.13 58.49
N ARG X 54 22.73 33.33 57.70
CA ARG X 54 21.97 33.87 56.59
C ARG X 54 20.83 34.77 57.07
N LEU X 55 20.15 34.36 58.15
CA LEU X 55 18.99 35.13 58.62
C LEU X 55 19.40 36.54 59.06
N LEU X 56 20.50 36.65 59.83
CA LEU X 56 20.92 37.96 60.31
C LEU X 56 21.36 38.85 59.15
N GLY X 57 22.03 38.28 58.15
CA GLY X 57 22.42 39.08 57.00
C GLY X 57 21.24 39.72 56.33
N GLU X 58 20.13 38.98 56.21
CA GLU X 58 18.91 39.57 55.69
C GLU X 58 18.37 40.64 56.64
N MET X 59 18.45 40.38 57.95
CA MET X 59 17.94 41.33 58.93
C MET X 59 18.71 42.65 58.86
N GLU X 60 20.04 42.58 58.79
CA GLU X 60 20.83 43.80 58.73
C GLU X 60 20.54 44.58 57.46
N LEU X 61 20.39 43.88 56.34
CA LEU X 61 20.09 44.55 55.08
C LEU X 61 18.76 45.29 55.16
N GLU X 62 17.76 44.68 55.79
CA GLU X 62 16.44 45.30 55.88
C GLU X 62 16.49 46.58 56.71
N LEU X 63 17.27 46.58 57.79
CA LEU X 63 17.22 47.69 58.74
C LEU X 63 17.64 49.00 58.08
N ILE X 64 18.71 48.98 57.28
CA ILE X 64 19.16 50.21 56.63
C ILE X 64 18.10 50.72 55.66
N GLU X 65 17.39 49.81 55.00
CA GLU X 65 16.31 50.22 54.12
C GLU X 65 15.24 50.99 54.90
N LEU X 66 14.91 50.51 56.10
CA LEU X 66 14.03 51.27 56.98
C LEU X 66 14.64 52.63 57.32
N ARG X 67 15.93 52.66 57.62
CA ARG X 67 16.59 53.93 57.95
C ARG X 67 16.50 54.90 56.79
N ARG X 68 16.74 54.42 55.57
CA ARG X 68 16.67 55.29 54.40
C ARG X 68 15.26 55.82 54.20
N ALA X 69 14.26 54.95 54.33
CA ALA X 69 12.88 55.36 54.06
C ALA X 69 12.43 56.45 55.03
N LEU X 70 12.73 56.29 56.31
CA LEU X 70 12.31 57.26 57.31
C LEU X 70 12.81 58.66 56.98
N ALA X 71 14.00 58.77 56.39
CA ALA X 71 14.52 60.08 56.03
C ALA X 71 13.61 60.78 55.02
N GLN X 72 13.11 60.05 54.04
CA GLN X 72 12.24 60.66 53.04
C GLN X 72 10.98 61.24 53.68
N THR X 73 10.47 60.59 54.73
CA THR X 73 9.33 61.13 55.45
C THR X 73 9.67 62.50 56.04
N ILE X 74 10.87 62.63 56.61
CA ILE X 74 11.27 63.89 57.22
C ILE X 74 11.32 64.99 56.18
N ALA X 75 11.76 64.66 54.96
CA ALA X 75 11.87 65.67 53.92
C ALA X 75 10.52 66.35 53.66
N THR X 76 9.47 65.55 53.47
CA THR X 76 8.15 66.12 53.23
C THR X 76 7.66 66.89 54.45
N PHE X 77 7.88 66.35 55.64
CA PHE X 77 7.48 67.05 56.85
C PHE X 77 8.12 68.42 56.94
N LYS X 78 9.41 68.52 56.60
CA LYS X 78 10.07 69.81 56.56
C LYS X 78 9.65 70.62 55.35
N SER X 79 9.49 69.97 54.20
CA SER X 79 9.19 70.69 52.96
C SER X 79 7.86 71.43 53.07
N THR X 80 6.82 70.73 53.52
CA THR X 80 5.51 71.37 53.63
C THR X 80 5.55 72.51 54.65
N GLU X 81 6.26 72.31 55.76
CA GLU X 81 6.36 73.36 56.76
C GLU X 81 6.98 74.62 56.17
N ARG X 82 8.05 74.46 55.39
CA ARG X 82 8.61 75.60 54.67
C ARG X 82 7.59 76.16 53.68
N GLN X 83 6.86 75.28 53.00
CA GLN X 83 5.82 75.73 52.08
C GLN X 83 4.73 76.50 52.82
N ARG X 84 4.38 76.05 54.02
CA ARG X 84 3.33 76.70 54.79
C ARG X 84 3.70 78.15 55.10
N ASP X 85 4.95 78.38 55.50
CA ASP X 85 5.37 79.73 55.86
C ASP X 85 5.24 80.69 54.69
N ALA X 86 5.41 80.19 53.46
CA ALA X 86 5.34 81.06 52.30
C ALA X 86 3.96 81.69 52.15
N GLN X 87 2.91 80.90 52.34
CA GLN X 87 1.56 81.39 52.09
C GLN X 87 1.21 82.53 53.06
N GLN X 88 1.45 82.32 54.35
CA GLN X 88 1.14 83.35 55.32
C GLN X 88 1.91 84.63 55.04
N LEU X 89 3.15 84.51 54.55
CA LEU X 89 3.90 85.69 54.18
C LEU X 89 3.18 86.48 53.10
N ILE X 90 2.61 85.79 52.11
CA ILE X 90 1.85 86.48 51.07
C ILE X 90 0.64 87.18 51.68
N ALA X 91 -0.07 86.50 52.58
CA ALA X 91 -1.20 87.12 53.23
C ALA X 91 -0.78 88.36 54.02
N GLN X 92 0.39 88.31 54.64
CA GLN X 92 0.91 89.47 55.36
C GLN X 92 1.10 90.65 54.40
N ARG X 93 1.58 90.37 53.19
CA ARG X 93 1.78 91.44 52.21
C ARG X 93 0.48 92.17 51.93
N TRP X 94 -0.60 91.42 51.69
CA TRP X 94 -1.90 92.04 51.47
C TRP X 94 -2.35 92.81 52.69
N TYR X 95 -2.19 92.22 53.88
CA TYR X 95 -2.55 92.91 55.11
C TYR X 95 -1.73 94.18 55.27
N GLU X 96 -0.42 94.10 55.04
CA GLU X 96 0.42 95.28 55.10
C GLU X 96 -0.01 96.30 54.06
N LYS X 97 -0.31 95.84 52.84
CA LYS X 97 -0.79 96.74 51.81
C LYS X 97 -2.13 97.36 52.23
N ALA X 98 -3.02 96.55 52.79
CA ALA X 98 -4.30 97.06 53.24
C ALA X 98 -4.16 98.08 54.36
N GLN X 99 -3.03 98.08 55.07
CA GLN X 99 -2.84 99.03 56.15
C GLN X 99 -2.87 100.46 55.63
N ALA X 100 -2.19 100.73 54.52
CA ALA X 100 -2.18 102.04 53.89
C ALA X 100 -3.16 102.13 52.73
N ALA X 101 -3.95 101.08 52.48
CA ALA X 101 -4.91 101.10 51.38
C ALA X 101 -5.91 102.24 51.56
N LEU X 102 -6.48 102.35 52.75
CA LEU X 102 -7.42 103.41 53.08
C LEU X 102 -6.75 104.58 53.79
N ASP X 103 -5.42 104.59 53.87
CA ASP X 103 -4.74 105.74 54.46
C ASP X 103 -5.11 107.03 53.76
N ARG X 104 -5.39 106.96 52.46
CA ARG X 104 -5.90 108.10 51.71
C ARG X 104 -7.40 108.29 51.92
N GLY X 105 -8.02 107.53 52.82
CA GLY X 105 -9.45 107.49 52.95
C GLY X 105 -10.13 106.50 52.03
N ASN X 106 -9.37 105.70 51.28
CA ASN X 106 -9.92 104.75 50.33
C ASN X 106 -10.29 103.45 51.06
N GLU X 107 -11.41 103.54 51.79
CA GLU X 107 -11.89 102.37 52.52
C GLU X 107 -12.34 101.26 51.59
N GLN X 108 -12.91 101.61 50.44
CA GLN X 108 -13.45 100.60 49.53
C GLN X 108 -12.35 99.64 49.07
N LEU X 109 -11.19 100.17 48.73
CA LEU X 109 -10.11 99.32 48.23
C LEU X 109 -9.67 98.31 49.29
N ALA X 110 -9.56 98.76 50.55
CA ALA X 110 -9.12 97.86 51.61
C ALA X 110 -10.08 96.70 51.78
N ARG X 111 -11.36 96.87 51.39
CA ARG X 111 -12.32 95.79 51.53
C ARG X 111 -11.88 94.57 50.72
N GLU X 112 -11.42 94.79 49.49
CA GLU X 112 -11.01 93.67 48.64
C GLU X 112 -9.81 92.93 49.23
N ALA X 113 -8.84 93.67 49.77
CA ALA X 113 -7.64 93.03 50.30
C ALA X 113 -7.98 92.08 51.44
N LEU X 114 -8.71 92.56 52.44
CA LEU X 114 -9.06 91.70 53.57
C LEU X 114 -9.91 90.53 53.13
N GLY X 115 -10.83 90.74 52.19
CA GLY X 115 -11.56 89.61 51.64
C GLY X 115 -10.67 88.66 50.87
N GLN X 116 -9.67 89.20 50.18
CA GLN X 116 -8.77 88.37 49.38
C GLN X 116 -7.93 87.45 50.27
N ARG X 117 -7.37 88.00 51.36
CA ARG X 117 -6.45 87.24 52.19
C ARG X 117 -7.12 86.09 52.92
N GLN X 118 -8.45 86.09 53.04
CA GLN X 118 -9.13 85.01 53.73
C GLN X 118 -8.91 83.68 53.03
N SER X 119 -8.93 83.69 51.69
CA SER X 119 -8.69 82.46 50.95
C SER X 119 -7.32 81.87 51.29
N TYR X 120 -6.30 82.71 51.36
CA TYR X 120 -4.98 82.24 51.74
C TYR X 120 -4.98 81.68 53.15
N GLN X 121 -5.67 82.35 54.07
CA GLN X 121 -5.70 81.88 55.45
C GLN X 121 -6.28 80.48 55.54
N SER X 122 -7.22 80.14 54.67
CA SER X 122 -7.81 78.81 54.69
C SER X 122 -6.75 77.74 54.46
N HIS X 123 -5.88 77.96 53.49
CA HIS X 123 -4.81 76.99 53.23
C HIS X 123 -3.89 76.85 54.42
N THR X 124 -3.54 77.98 55.05
CA THR X 124 -2.65 77.92 56.20
C THR X 124 -3.24 77.08 57.33
N GLU X 125 -4.52 77.28 57.61
CA GLU X 125 -5.18 76.49 58.66
C GLU X 125 -5.22 75.02 58.28
N ALA X 126 -5.52 74.72 57.02
CA ALA X 126 -5.57 73.32 56.58
C ALA X 126 -4.22 72.64 56.73
N LEU X 127 -3.14 73.33 56.34
CA LEU X 127 -1.82 72.73 56.46
C LEU X 127 -1.38 72.59 57.91
N GLY X 128 -1.70 73.58 58.75
CA GLY X 128 -1.32 73.51 60.14
C GLY X 128 -1.86 72.25 60.82
N LYS X 129 -3.12 71.93 60.54
CA LYS X 129 -3.70 70.69 61.07
C LYS X 129 -3.01 69.46 60.51
N SER X 130 -2.68 69.49 59.22
CA SER X 130 -2.07 68.32 58.58
C SER X 130 -0.72 68.01 59.19
N LEU X 131 0.10 69.03 59.44
CA LEU X 131 1.41 68.81 60.04
C LEU X 131 1.27 68.31 61.48
N GLY X 132 0.23 68.76 62.18
CA GLY X 132 0.08 68.36 63.57
C GLY X 132 0.04 66.86 63.76
N GLU X 133 -0.68 66.15 62.89
CA GLU X 133 -0.75 64.70 63.00
C GLU X 133 0.54 64.05 62.53
N GLN X 134 1.14 64.60 61.46
CA GLN X 134 2.40 64.04 60.98
C GLN X 134 3.51 64.19 62.01
N ARG X 135 3.54 65.32 62.70
CA ARG X 135 4.63 65.59 63.63
C ARG X 135 4.72 64.53 64.71
N ALA X 136 3.58 64.16 65.30
CA ALA X 136 3.55 63.14 66.34
C ALA X 136 3.57 61.73 65.79
N LEU X 137 3.47 61.55 64.47
CA LEU X 137 3.46 60.22 63.89
C LEU X 137 4.88 59.71 63.66
N VAL X 138 5.73 60.53 63.03
CA VAL X 138 7.10 60.10 62.75
C VAL X 138 7.85 59.86 64.05
N GLU X 139 7.66 60.73 65.04
CA GLU X 139 8.35 60.58 66.32
C GLU X 139 8.12 59.20 66.89
N GLN X 140 6.91 58.65 66.71
CA GLN X 140 6.66 57.27 67.12
C GLN X 140 7.47 56.29 66.28
N VAL X 141 7.60 56.57 64.98
CA VAL X 141 8.35 55.68 64.10
C VAL X 141 9.81 55.62 64.53
N ARG X 142 10.41 56.77 64.83
CA ARG X 142 11.80 56.80 65.23
C ARG X 142 12.04 55.91 66.44
N GLY X 143 11.10 55.87 67.38
CA GLY X 143 11.26 55.01 68.53
C GLY X 143 11.37 53.54 68.17
N GLN X 144 10.55 53.09 67.21
CA GLN X 144 10.62 51.69 66.79
C GLN X 144 11.97 51.38 66.17
N LEU X 145 12.47 52.26 65.30
CA LEU X 145 13.76 52.02 64.67
C LEU X 145 14.87 51.97 65.70
N GLN X 146 14.89 52.94 66.62
CA GLN X 146 15.95 52.98 67.62
C GLN X 146 15.92 51.75 68.51
N LYS X 147 14.73 51.35 68.95
CA LYS X 147 14.62 50.15 69.78
C LYS X 147 15.06 48.91 69.01
N LEU X 148 14.67 48.82 67.74
CA LEU X 148 15.07 47.66 66.94
C LEU X 148 16.58 47.57 66.81
N GLU X 149 17.25 48.69 66.57
CA GLU X 149 18.70 48.67 66.45
C GLU X 149 19.35 48.20 67.74
N ARG X 150 18.86 48.69 68.89
CA ARG X 150 19.39 48.23 70.16
C ARG X 150 19.15 46.74 70.35
N LYS X 151 17.97 46.26 69.96
CA LYS X 151 17.67 44.84 70.07
C LYS X 151 18.50 44.02 69.08
N TYR X 152 18.86 44.61 67.95
CA TYR X 152 19.61 43.87 66.94
C TYR X 152 20.94 43.39 67.48
N LEU X 153 21.67 44.26 68.17
CA LEU X 153 23.02 43.91 68.61
C LEU X 153 23.00 42.77 69.62
N GLU X 154 22.02 42.77 70.52
CA GLU X 154 21.99 41.76 71.57
C GLU X 154 21.91 40.35 71.01
N LEU X 155 21.44 40.20 69.77
CA LEU X 155 21.43 38.89 69.13
C LEU X 155 22.79 38.54 68.57
N LYS X 156 23.38 39.45 67.80
CA LYS X 156 24.67 39.18 67.16
C LYS X 156 25.76 38.93 68.20
N SER X 157 25.72 39.67 69.31
CA SER X 157 26.73 39.49 70.34
C SER X 157 26.73 38.09 70.92
N GLN X 158 25.64 37.34 70.75
CA GLN X 158 25.55 35.98 71.26
C GLN X 158 25.73 34.92 70.18
N LYS X 159 25.50 35.25 68.92
CA LYS X 159 25.55 34.23 67.88
C LYS X 159 26.93 33.60 67.80
N ASN X 160 27.98 34.42 67.87
CA ASN X 160 29.33 33.88 67.82
C ASN X 160 29.60 32.96 69.01
N LEU X 161 29.04 33.29 70.18
CA LEU X 161 29.25 32.45 71.34
C LEU X 161 28.63 31.07 71.16
N TYR X 162 27.42 30.99 70.60
CA TYR X 162 26.78 29.70 70.39
C TYR X 162 27.56 28.84 69.40
N LEU X 163 28.02 29.44 68.31
CA LEU X 163 28.75 28.67 67.31
C LEU X 163 30.00 28.05 67.91
N ALA X 164 30.71 28.79 68.77
CA ALA X 164 31.90 28.25 69.40
C ALA X 164 31.58 27.01 70.22
N ARG X 165 30.50 27.08 71.01
CA ARG X 165 30.08 25.91 71.78
C ARG X 165 29.73 24.75 70.87
N LEU X 166 29.03 25.04 69.77
CA LEU X 166 28.65 24.00 68.83
C LEU X 166 29.87 23.34 68.21
N LYS X 167 30.86 24.14 67.80
CA LYS X 167 32.07 23.58 67.23
C LYS X 167 32.85 22.78 68.26
N SER X 168 32.80 23.19 69.54
CA SER X 168 33.52 22.48 70.57
C SER X 168 32.95 21.08 70.78
N ALA X 169 31.63 20.99 70.91
CA ALA X 169 31.01 19.69 71.22
C ALA X 169 31.04 18.76 70.02
N ILE X 170 30.73 19.29 68.82
CA ILE X 170 30.73 18.43 67.63
C ILE X 170 32.10 17.80 67.44
N ALA X 171 33.17 18.57 67.60
CA ALA X 171 34.51 18.02 67.51
C ALA X 171 34.74 16.98 68.61
N ALA X 172 34.28 17.26 69.82
CA ALA X 172 34.48 16.34 70.93
C ALA X 172 33.86 14.98 70.61
N GLN X 173 32.66 14.98 70.03
CA GLN X 173 32.05 13.72 69.62
C GLN X 173 32.90 13.00 68.59
N LYS X 174 33.46 13.75 67.63
CA LYS X 174 34.30 13.14 66.61
C LYS X 174 35.55 12.51 67.22
N ILE X 175 36.15 13.18 68.20
CA ILE X 175 37.35 12.65 68.83
C ILE X 175 37.04 11.36 69.60
N GLU X 176 35.95 11.39 70.37
CA GLU X 176 35.69 10.30 71.30
C GLU X 176 35.45 8.98 70.56
N GLU X 177 34.69 9.02 69.47
CA GLU X 177 34.41 7.79 68.74
C GLU X 177 35.68 7.15 68.20
N ILE X 178 36.74 7.95 68.03
CA ILE X 178 38.02 7.44 67.56
C ILE X 178 38.90 7.14 68.76
N ALA X 179 38.29 7.09 69.96
CA ALA X 179 39.07 6.83 71.17
C ALA X 179 39.89 5.57 71.05
N GLY X 180 39.38 4.58 70.33
CA GLY X 180 40.10 3.33 70.16
C GLY X 180 40.40 2.68 71.50
N ASN X 181 39.38 2.60 72.36
CA ASN X 181 39.57 2.03 73.68
C ASN X 181 40.12 0.61 73.59
N LEU X 182 41.17 0.33 74.37
CA LEU X 182 41.79 -0.99 74.33
C LEU X 182 40.87 -2.05 74.92
N ASP X 183 39.97 -1.65 75.83
CA ASP X 183 39.15 -2.63 76.54
C ASP X 183 38.02 -3.22 75.70
N ASN X 184 37.69 -2.64 74.55
CA ASN X 184 36.54 -3.12 73.80
C ASN X 184 36.70 -4.58 73.41
N ALA X 185 37.84 -4.93 72.81
CA ALA X 185 38.12 -6.31 72.41
C ALA X 185 37.03 -6.83 71.47
N SER X 186 36.54 -5.96 70.59
CA SER X 186 35.47 -6.31 69.67
C SER X 186 35.67 -5.74 68.28
N ALA X 187 36.81 -5.10 67.99
CA ALA X 187 37.13 -4.42 66.74
C ALA X 187 36.42 -3.07 66.64
N SER X 188 35.58 -2.70 67.61
CA SER X 188 35.02 -1.36 67.62
C SER X 188 36.12 -0.31 67.78
N SER X 189 37.07 -0.57 68.67
CA SER X 189 38.29 0.22 68.74
C SER X 189 39.26 -0.30 67.69
N LEU X 190 39.70 0.59 66.80
CA LEU X 190 40.57 0.18 65.73
C LEU X 190 41.87 -0.43 66.24
N PHE X 191 42.31 -0.04 67.44
CA PHE X 191 43.53 -0.60 68.00
C PHE X 191 43.37 -2.08 68.29
N GLU X 192 42.29 -2.46 68.97
CA GLU X 192 42.06 -3.88 69.25
C GLU X 192 41.84 -4.66 67.96
N ARG X 193 41.27 -4.02 66.94
CA ARG X 193 41.18 -4.67 65.64
C ARG X 193 42.55 -4.99 65.09
N ILE X 194 43.50 -4.05 65.26
CA ILE X 194 44.88 -4.32 64.87
C ILE X 194 45.44 -5.47 65.68
N GLU X 195 45.19 -5.48 66.99
CA GLU X 195 45.72 -6.54 67.85
C GLU X 195 45.23 -7.90 67.38
N THR X 196 43.95 -8.00 67.01
CA THR X 196 43.45 -9.25 66.46
C THR X 196 44.18 -9.61 65.18
N LYS X 197 44.48 -8.62 64.34
CA LYS X 197 45.22 -8.89 63.12
C LYS X 197 46.61 -9.46 63.42
N ILE X 198 47.28 -8.91 64.43
CA ILE X 198 48.63 -9.37 64.75
C ILE X 198 48.62 -10.85 65.10
N LEU X 199 47.72 -11.25 66.00
CA LEU X 199 47.69 -12.64 66.44
C LEU X 199 47.29 -13.57 65.31
N GLU X 200 46.51 -13.08 64.35
CA GLU X 200 46.12 -13.92 63.22
C GLU X 200 47.34 -14.42 62.45
N LEU X 201 48.27 -13.51 62.16
CA LEU X 201 49.46 -13.89 61.39
C LEU X 201 50.36 -14.81 62.20
N GLU X 202 50.65 -14.44 63.45
CA GLU X 202 51.51 -15.26 64.28
C GLU X 202 50.98 -16.68 64.42
N ALA X 203 49.65 -16.84 64.41
CA ALA X 203 49.07 -18.17 64.51
C ALA X 203 49.42 -19.02 63.30
N GLU X 204 49.38 -18.43 62.10
CA GLU X 204 49.65 -19.20 60.89
C GLU X 204 51.08 -19.73 60.89
N ARG X 205 52.05 -18.89 61.28
CA ARG X 205 53.44 -19.30 61.19
C ARG X 205 53.73 -20.50 62.09
N GLU X 206 53.27 -20.43 63.34
CA GLU X 206 53.56 -21.51 64.28
C GLU X 206 52.99 -22.83 63.80
N LEU X 207 51.75 -22.81 63.30
CA LEU X 207 51.13 -24.04 62.81
C LEU X 207 51.86 -24.59 61.60
N LEU X 208 52.22 -23.73 60.66
CA LEU X 208 52.87 -24.20 59.43
C LEU X 208 54.29 -24.68 59.71
N ASN X 209 54.89 -24.23 60.82
CA ASN X 209 56.22 -24.65 61.26
C ASN X 209 56.08 -25.15 62.69
N PRO X 210 55.68 -26.40 62.87
CA PRO X 210 55.45 -26.92 64.22
C PRO X 210 56.65 -26.65 65.12
N PRO X 211 56.49 -25.84 66.16
CA PRO X 211 57.61 -25.58 67.07
C PRO X 211 57.94 -26.81 67.89
N PRO X 212 59.11 -26.85 68.51
CA PRO X 212 59.51 -28.05 69.25
C PRO X 212 58.52 -28.37 70.36
N SER X 213 58.31 -29.67 70.57
CA SER X 213 57.46 -30.11 71.66
C SER X 213 58.14 -29.82 73.00
N PRO X 214 57.36 -29.65 74.07
CA PRO X 214 57.98 -29.43 75.39
C PRO X 214 58.89 -30.56 75.81
N LEU X 215 58.58 -31.79 75.43
CA LEU X 215 59.46 -32.91 75.73
C LEU X 215 60.82 -32.73 75.06
N ASP X 216 60.82 -32.29 73.79
CA ASP X 216 62.07 -32.00 73.11
C ASP X 216 62.83 -30.88 73.81
N LYS X 217 62.11 -29.85 74.24
CA LYS X 217 62.75 -28.78 75.01
C LYS X 217 63.36 -29.33 76.28
N LYS X 218 62.65 -30.22 76.97
CA LYS X 218 63.18 -30.81 78.20
C LYS X 218 64.51 -31.50 77.94
N PHE X 219 64.59 -32.30 76.87
CA PHE X 219 65.82 -33.02 76.57
C PHE X 219 66.96 -32.06 76.29
N GLU X 220 66.70 -31.00 75.52
CA GLU X 220 67.78 -30.11 75.10
C GLU X 220 68.48 -29.49 76.30
N GLN X 221 67.72 -28.86 77.20
CA GLN X 221 68.31 -28.32 78.41
C GLN X 221 68.82 -29.43 79.32
N TRP X 222 68.06 -30.53 79.42
CA TRP X 222 68.49 -31.66 80.23
C TRP X 222 69.85 -32.17 79.81
N GLU X 223 70.20 -32.04 78.53
CA GLU X 223 71.51 -32.48 78.05
C GLU X 223 72.62 -31.50 78.43
N GLU X 224 72.33 -30.20 78.39
CA GLU X 224 73.38 -29.20 78.55
C GLU X 224 73.98 -29.23 79.95
N GLN X 225 73.18 -29.56 80.96
CA GLN X 225 73.67 -29.51 82.34
C GLN X 225 74.85 -30.45 82.53
N GLN X 226 74.76 -31.67 82.00
CA GLN X 226 75.89 -32.59 82.09
C GLN X 226 77.08 -32.09 81.29
N ALA X 227 76.83 -31.52 80.11
CA ALA X 227 77.92 -31.03 79.27
C ALA X 227 78.72 -29.96 79.99
N VAL X 228 78.04 -28.98 80.58
CA VAL X 228 78.73 -27.94 81.32
C VAL X 228 79.32 -28.50 82.61
N GLU X 229 78.57 -29.36 83.32
CA GLU X 229 79.08 -29.94 84.54
C GLU X 229 80.23 -30.90 84.28
N ALA X 230 80.10 -31.72 83.23
CA ALA X 230 81.18 -32.63 82.86
C ALA X 230 82.42 -31.84 82.47
N THR X 231 82.24 -30.79 81.68
CA THR X 231 83.37 -29.91 81.36
C THR X 231 83.88 -29.22 82.61
N LEU X 232 82.97 -28.75 83.46
CA LEU X 232 83.37 -28.16 84.73
C LEU X 232 83.97 -29.21 85.67
N ALA X 233 83.43 -30.43 85.66
CA ALA X 233 84.02 -31.50 86.46
C ALA X 233 85.43 -31.79 85.99
N ALA X 234 85.64 -31.83 84.68
CA ALA X 234 86.99 -31.97 84.14
C ALA X 234 87.80 -30.69 84.27
N MET X 235 87.14 -29.54 84.38
CA MET X 235 87.86 -28.28 84.57
C MET X 235 88.73 -28.33 85.82
N LYS X 236 88.13 -28.72 86.95
CA LYS X 236 88.92 -28.88 88.17
C LYS X 236 89.94 -30.01 88.02
N ALA X 237 89.53 -31.11 87.39
CA ALA X 237 90.44 -32.25 87.23
C ALA X 237 91.57 -31.92 86.25
N ARG X 238 91.23 -31.35 85.09
CA ARG X 238 92.26 -31.05 84.10
C ARG X 238 93.26 -30.03 84.64
N ARG X 239 92.75 -29.00 85.34
CA ARG X 239 93.65 -28.05 85.99
C ARG X 239 94.32 -28.68 87.19
N SER X 240 93.61 -29.56 87.90
CA SER X 240 94.16 -30.22 89.07
C SER X 240 93.45 -31.55 89.34
N GLN Y 45 -5.33 36.12 -45.32
CA GLN Y 45 -4.94 37.03 -46.44
C GLN Y 45 -4.05 38.16 -45.92
N GLU Y 46 -3.24 38.71 -46.81
CA GLU Y 46 -2.31 39.79 -46.50
C GLU Y 46 -2.77 41.06 -47.21
N ALA Y 47 -1.99 42.12 -47.02
CA ALA Y 47 -2.30 43.37 -47.70
C ALA Y 47 -2.14 43.17 -49.21
N PRO Y 48 -3.08 43.68 -50.02
CA PRO Y 48 -2.98 43.43 -51.47
C PRO Y 48 -1.69 43.95 -52.08
N GLU Y 49 -1.19 45.09 -51.60
CA GLU Y 49 0.04 45.65 -52.15
C GLU Y 49 1.23 44.74 -51.90
N ASP Y 50 1.31 44.13 -50.71
CA ASP Y 50 2.45 43.28 -50.38
C ASP Y 50 2.54 42.09 -51.33
N LEU Y 51 1.39 41.49 -51.67
CA LEU Y 51 1.40 40.35 -52.59
C LEU Y 51 2.00 40.73 -53.93
N LEU Y 52 1.71 41.94 -54.41
CA LEU Y 52 2.12 42.32 -55.76
C LEU Y 52 3.64 42.22 -55.92
N GLU Y 53 4.39 42.74 -54.94
CA GLU Y 53 5.84 42.66 -55.01
C GLU Y 53 6.31 41.21 -54.97
N ARG Y 54 5.74 40.41 -54.06
CA ARG Y 54 6.15 39.02 -53.94
C ARG Y 54 5.77 38.22 -55.18
N LEU Y 55 4.59 38.47 -55.74
CA LEU Y 55 4.13 37.69 -56.88
C LEU Y 55 5.04 37.88 -58.08
N LEU Y 56 5.42 39.13 -58.38
CA LEU Y 56 6.27 39.37 -59.54
C LEU Y 56 7.65 38.76 -59.36
N GLY Y 57 8.19 38.82 -58.14
CA GLY Y 57 9.48 38.20 -57.89
C GLY Y 57 9.48 36.71 -58.23
N GLU Y 58 8.39 36.02 -57.89
CA GLU Y 58 8.25 34.63 -58.30
C GLU Y 58 8.12 34.52 -59.81
N MET Y 59 7.38 35.44 -60.43
CA MET Y 59 7.20 35.40 -61.88
C MET Y 59 8.52 35.57 -62.61
N GLU Y 60 9.34 36.54 -62.18
CA GLU Y 60 10.62 36.76 -62.84
C GLU Y 60 11.53 35.55 -62.69
N LEU Y 61 11.54 34.96 -61.50
CA LEU Y 61 12.38 33.79 -61.27
C LEU Y 61 11.98 32.64 -62.19
N GLU Y 62 10.67 32.45 -62.38
CA GLU Y 62 10.21 31.35 -63.23
C GLU Y 62 10.64 31.53 -64.67
N LEU Y 63 10.60 32.78 -65.16
CA LEU Y 63 10.82 33.01 -66.59
C LEU Y 63 12.21 32.56 -67.03
N ILE Y 64 13.23 32.87 -66.24
CA ILE Y 64 14.59 32.49 -66.62
C ILE Y 64 14.72 30.96 -66.64
N GLU Y 65 14.03 30.29 -65.73
CA GLU Y 65 14.04 28.83 -65.74
C GLU Y 65 13.49 28.30 -67.06
N LEU Y 66 12.41 28.91 -67.56
CA LEU Y 66 11.92 28.58 -68.88
C LEU Y 66 12.98 28.86 -69.94
N ARG Y 67 13.66 30.00 -69.84
CA ARG Y 67 14.68 30.35 -70.81
C ARG Y 67 15.80 29.32 -70.81
N ARG Y 68 16.23 28.89 -69.62
CA ARG Y 68 17.29 27.89 -69.54
C ARG Y 68 16.85 26.56 -70.15
N ALA Y 69 15.63 26.14 -69.85
CA ALA Y 69 15.16 24.84 -70.31
C ALA Y 69 15.10 24.78 -71.83
N LEU Y 70 14.57 25.84 -72.45
CA LEU Y 70 14.43 25.85 -73.90
C LEU Y 70 15.77 25.64 -74.59
N ALA Y 71 16.86 26.14 -74.00
CA ALA Y 71 18.17 25.96 -74.61
C ALA Y 71 18.53 24.48 -74.71
N GLN Y 72 18.23 23.70 -73.67
CA GLN Y 72 18.56 22.28 -73.70
C GLN Y 72 17.84 21.58 -74.84
N THR Y 73 16.61 22.00 -75.15
CA THR Y 73 15.91 21.44 -76.30
C THR Y 73 16.68 21.69 -77.58
N ILE Y 74 17.23 22.89 -77.74
CA ILE Y 74 17.97 23.21 -78.96
C ILE Y 74 19.19 22.32 -79.09
N ALA Y 75 19.84 22.00 -77.97
CA ALA Y 75 21.04 21.18 -78.02
C ALA Y 75 20.75 19.83 -78.68
N THR Y 76 19.69 19.14 -78.23
CA THR Y 76 19.36 17.86 -78.83
C THR Y 76 18.95 18.01 -80.28
N PHE Y 77 18.18 19.06 -80.59
CA PHE Y 77 17.77 19.29 -81.98
C PHE Y 77 19.00 19.46 -82.87
N LYS Y 78 20.02 20.18 -82.41
CA LYS Y 78 21.25 20.30 -83.17
C LYS Y 78 22.07 19.02 -83.10
N SER Y 79 22.12 18.39 -81.92
CA SER Y 79 22.97 17.22 -81.75
C SER Y 79 22.57 16.09 -82.67
N THR Y 80 21.26 15.77 -82.71
CA THR Y 80 20.80 14.69 -83.58
C THR Y 80 21.06 15.02 -85.05
N GLU Y 81 20.84 16.29 -85.43
CA GLU Y 81 21.07 16.69 -86.81
C GLU Y 81 22.52 16.45 -87.20
N ARG Y 82 23.46 16.81 -86.33
CA ARG Y 82 24.86 16.48 -86.56
C ARG Y 82 25.06 14.97 -86.60
N GLN Y 83 24.38 14.25 -85.71
CA GLN Y 83 24.46 12.80 -85.71
C GLN Y 83 23.92 12.22 -87.00
N ARG Y 84 22.84 12.80 -87.53
CA ARG Y 84 22.24 12.30 -88.75
C ARG Y 84 23.22 12.38 -89.92
N ASP Y 85 23.94 13.49 -90.04
CA ASP Y 85 24.87 13.66 -91.15
C ASP Y 85 25.94 12.58 -91.14
N ALA Y 86 26.32 12.10 -89.96
CA ALA Y 86 27.39 11.11 -89.86
C ALA Y 86 27.00 9.81 -90.57
N GLN Y 87 25.77 9.35 -90.37
CA GLN Y 87 25.36 8.07 -90.92
C GLN Y 87 25.38 8.09 -92.44
N GLN Y 88 24.79 9.11 -93.05
CA GLN Y 88 24.78 9.18 -94.51
C GLN Y 88 26.18 9.24 -95.08
N LEU Y 89 27.10 9.88 -94.36
CA LEU Y 89 28.49 9.91 -94.81
C LEU Y 89 29.06 8.50 -94.87
N ILE Y 90 28.75 7.66 -93.89
CA ILE Y 90 29.20 6.27 -93.92
C ILE Y 90 28.61 5.55 -95.12
N ALA Y 91 27.31 5.75 -95.36
CA ALA Y 91 26.68 5.12 -96.53
C ALA Y 91 27.34 5.57 -97.81
N GLN Y 92 27.74 6.85 -97.88
CA GLN Y 92 28.43 7.35 -99.06
C GLN Y 92 29.74 6.60 -99.27
N ARG Y 93 30.45 6.30 -98.18
CA ARG Y 93 31.71 5.56 -98.30
C ARG Y 93 31.49 4.21 -98.97
N TRP Y 94 30.47 3.47 -98.53
CA TRP Y 94 30.17 2.20 -99.16
C TRP Y 94 29.77 2.38 -100.62
N TYR Y 95 28.95 3.40 -100.90
CA TYR Y 95 28.57 3.68 -102.28
C TYR Y 95 29.79 4.04 -103.11
N GLU Y 96 30.65 4.90 -102.57
CA GLU Y 96 31.88 5.24 -103.27
C GLU Y 96 32.75 4.01 -103.46
N LYS Y 97 32.86 3.18 -102.42
CA LYS Y 97 33.61 1.94 -102.55
C LYS Y 97 32.99 1.03 -103.60
N ALA Y 98 31.65 0.92 -103.59
CA ALA Y 98 30.97 0.10 -104.57
C ALA Y 98 31.16 0.60 -105.99
N GLN Y 99 31.51 1.89 -106.15
CA GLN Y 99 31.71 2.43 -107.49
C GLN Y 99 32.83 1.69 -108.22
N ALA Y 100 33.95 1.45 -107.53
CA ALA Y 100 35.06 0.72 -108.09
C ALA Y 100 35.07 -0.75 -107.67
N ALA Y 101 34.06 -1.19 -106.93
CA ALA Y 101 34.01 -2.58 -106.49
C ALA Y 101 34.01 -3.53 -107.68
N LEU Y 102 33.16 -3.26 -108.66
CA LEU Y 102 33.08 -4.06 -109.87
C LEU Y 102 33.88 -3.46 -111.02
N ASP Y 103 34.67 -2.41 -110.76
CA ASP Y 103 35.52 -1.85 -111.80
C ASP Y 103 36.44 -2.92 -112.40
N ARG Y 104 36.85 -3.89 -111.59
CA ARG Y 104 37.60 -5.05 -112.07
C ARG Y 104 36.70 -6.09 -112.71
N GLY Y 105 35.41 -5.79 -112.88
CA GLY Y 105 34.44 -6.78 -113.29
C GLY Y 105 33.84 -7.57 -112.14
N ASN Y 106 34.17 -7.23 -110.90
CA ASN Y 106 33.70 -7.96 -109.72
C ASN Y 106 32.31 -7.44 -109.34
N GLU Y 107 31.32 -7.86 -110.14
CA GLU Y 107 29.94 -7.45 -109.87
C GLU Y 107 29.42 -8.05 -108.57
N GLN Y 108 29.83 -9.27 -108.24
CA GLN Y 108 29.31 -9.94 -107.06
C GLN Y 108 29.60 -9.15 -105.80
N LEU Y 109 30.82 -8.62 -105.67
CA LEU Y 109 31.19 -7.89 -104.47
C LEU Y 109 30.33 -6.64 -104.30
N ALA Y 110 30.08 -5.92 -105.39
CA ALA Y 110 29.28 -4.71 -105.30
C ALA Y 110 27.86 -5.00 -104.80
N ARG Y 111 27.38 -6.23 -104.99
CA ARG Y 111 26.05 -6.58 -104.52
C ARG Y 111 25.95 -6.40 -103.01
N GLU Y 112 26.96 -6.86 -102.28
CA GLU Y 112 26.91 -6.77 -100.83
C GLU Y 112 26.90 -5.31 -100.36
N ALA Y 113 27.70 -4.47 -101.00
CA ALA Y 113 27.81 -3.07 -100.57
C ALA Y 113 26.46 -2.37 -100.68
N LEU Y 114 25.82 -2.45 -101.85
CA LEU Y 114 24.54 -1.79 -102.03
C LEU Y 114 23.48 -2.36 -101.10
N GLY Y 115 23.50 -3.68 -100.89
CA GLY Y 115 22.61 -4.26 -99.89
C GLY Y 115 22.93 -3.79 -98.49
N GLN Y 116 24.22 -3.61 -98.20
CA GLN Y 116 24.63 -3.20 -96.85
C GLN Y 116 24.16 -1.78 -96.55
N ARG Y 117 24.32 -0.86 -97.49
CA ARG Y 117 24.01 0.55 -97.24
C ARG Y 117 22.53 0.81 -97.03
N GLN Y 118 21.66 -0.11 -97.44
CA GLN Y 118 20.23 0.10 -97.25
C GLN Y 118 19.88 0.19 -95.77
N SER Y 119 20.50 -0.64 -94.94
CA SER Y 119 20.24 -0.57 -93.51
C SER Y 119 20.56 0.81 -92.96
N TYR Y 120 21.69 1.39 -93.37
CA TYR Y 120 22.02 2.74 -92.93
C TYR Y 120 21.00 3.75 -93.41
N GLN Y 121 20.55 3.61 -94.66
CA GLN Y 121 19.57 4.55 -95.20
C GLN Y 121 18.29 4.55 -94.37
N SER Y 122 17.92 3.41 -93.80
CA SER Y 122 16.72 3.35 -93.00
C SER Y 122 16.81 4.29 -91.81
N HIS Y 123 17.96 4.30 -91.12
CA HIS Y 123 18.13 5.19 -89.99
C HIS Y 123 18.05 6.65 -90.41
N THR Y 124 18.66 6.98 -91.55
CA THR Y 124 18.63 8.37 -92.03
C THR Y 124 17.20 8.84 -92.27
N GLU Y 125 16.39 7.99 -92.92
CA GLU Y 125 15.00 8.35 -93.16
C GLU Y 125 14.23 8.50 -91.85
N ALA Y 126 14.47 7.59 -90.90
CA ALA Y 126 13.77 7.67 -89.63
C ALA Y 126 14.11 8.95 -88.88
N LEU Y 127 15.39 9.33 -88.88
CA LEU Y 127 15.78 10.55 -88.18
C LEU Y 127 15.27 11.80 -88.89
N GLY Y 128 15.28 11.80 -90.23
CA GLY Y 128 14.81 12.96 -90.96
C GLY Y 128 13.36 13.30 -90.61
N LYS Y 129 12.51 12.28 -90.50
CA LYS Y 129 11.13 12.51 -90.09
C LYS Y 129 11.07 13.02 -88.65
N SER Y 130 11.91 12.47 -87.77
CA SER Y 130 11.86 12.86 -86.37
C SER Y 130 12.21 14.32 -86.18
N LEU Y 131 13.23 14.81 -86.90
CA LEU Y 131 13.60 16.21 -86.78
C LEU Y 131 12.52 17.12 -87.36
N GLY Y 132 11.82 16.65 -88.39
CA GLY Y 132 10.81 17.49 -89.04
C GLY Y 132 9.77 17.98 -88.06
N GLU Y 133 9.29 17.10 -87.18
CA GLU Y 133 8.29 17.52 -86.20
C GLU Y 133 8.91 18.37 -85.10
N GLN Y 134 10.13 18.03 -84.67
CA GLN Y 134 10.80 18.82 -83.64
C GLN Y 134 11.07 20.24 -84.13
N ARG Y 135 11.47 20.38 -85.39
CA ARG Y 135 11.87 21.69 -85.91
C ARG Y 135 10.73 22.69 -85.79
N ALA Y 136 9.53 22.29 -86.18
CA ALA Y 136 8.38 23.18 -86.10
C ALA Y 136 7.76 23.25 -84.71
N LEU Y 137 8.23 22.42 -83.78
CA LEU Y 137 7.67 22.43 -82.43
C LEU Y 137 8.33 23.49 -81.56
N VAL Y 138 9.67 23.52 -81.56
CA VAL Y 138 10.38 24.48 -80.73
C VAL Y 138 10.08 25.90 -81.18
N GLU Y 139 10.03 26.11 -82.50
CA GLU Y 139 9.75 27.45 -83.02
C GLU Y 139 8.47 28.01 -82.44
N GLN Y 140 7.47 27.15 -82.22
CA GLN Y 140 6.26 27.58 -81.54
C GLN Y 140 6.54 27.94 -80.08
N VAL Y 141 7.43 27.17 -79.44
CA VAL Y 141 7.75 27.44 -78.04
C VAL Y 141 8.41 28.82 -77.91
N ARG Y 142 9.35 29.12 -78.80
CA ARG Y 142 10.04 30.40 -78.72
C ARG Y 142 9.06 31.56 -78.78
N GLY Y 143 7.99 31.43 -79.57
CA GLY Y 143 7.00 32.49 -79.63
C GLY Y 143 6.33 32.75 -78.30
N GLN Y 144 6.00 31.68 -77.57
CA GLN Y 144 5.38 31.86 -76.27
C GLN Y 144 6.32 32.58 -75.31
N LEU Y 145 7.59 32.18 -75.28
CA LEU Y 145 8.54 32.84 -74.38
C LEU Y 145 8.70 34.31 -74.73
N GLN Y 146 8.87 34.62 -76.01
CA GLN Y 146 9.08 35.99 -76.41
C GLN Y 146 7.86 36.85 -76.09
N LYS Y 147 6.66 36.33 -76.37
CA LYS Y 147 5.46 37.08 -76.05
C LYS Y 147 5.32 37.29 -74.55
N LEU Y 148 5.64 36.25 -73.76
CA LEU Y 148 5.54 36.37 -72.31
C LEU Y 148 6.47 37.46 -71.79
N GLU Y 149 7.71 37.50 -72.28
CA GLU Y 149 8.65 38.52 -71.83
C GLU Y 149 8.13 39.91 -72.16
N ARG Y 150 7.59 40.11 -73.36
CA ARG Y 150 7.01 41.41 -73.70
C ARG Y 150 5.85 41.74 -72.79
N LYS Y 151 5.00 40.76 -72.49
CA LYS Y 151 3.88 40.99 -71.58
C LYS Y 151 4.35 41.24 -70.16
N TYR Y 152 5.49 40.66 -69.77
CA TYR Y 152 5.97 40.80 -68.41
C TYR Y 152 6.24 42.26 -68.06
N LEU Y 153 6.90 42.99 -68.96
CA LEU Y 153 7.31 44.36 -68.66
C LEU Y 153 6.10 45.26 -68.47
N GLU Y 154 5.06 45.08 -69.28
CA GLU Y 154 3.91 45.97 -69.22
C GLU Y 154 3.25 45.96 -67.85
N LEU Y 155 3.45 44.90 -67.07
CA LEU Y 155 2.94 44.85 -65.71
C LEU Y 155 3.84 45.63 -64.75
N LYS Y 156 5.14 45.35 -64.79
CA LYS Y 156 6.06 46.00 -63.87
C LYS Y 156 6.09 47.50 -64.08
N SER Y 157 5.99 47.95 -65.33
CA SER Y 157 6.01 49.39 -65.60
C SER Y 157 4.85 50.12 -64.95
N GLN Y 158 3.80 49.41 -64.56
CA GLN Y 158 2.65 50.02 -63.91
C GLN Y 158 2.61 49.80 -62.41
N LYS Y 159 3.28 48.76 -61.90
CA LYS Y 159 3.17 48.45 -60.48
C LYS Y 159 3.67 49.61 -59.63
N ASN Y 160 4.80 50.20 -60.01
CA ASN Y 160 5.32 51.34 -59.25
C ASN Y 160 4.33 52.50 -59.27
N LEU Y 161 3.64 52.69 -60.38
CA LEU Y 161 2.68 53.79 -60.47
C LEU Y 161 1.53 53.60 -59.48
N TYR Y 162 1.01 52.38 -59.38
CA TYR Y 162 -0.10 52.14 -58.45
C TYR Y 162 0.33 52.35 -57.01
N LEU Y 163 1.51 51.86 -56.63
CA LEU Y 163 1.96 52.02 -55.26
C LEU Y 163 2.05 53.48 -54.87
N ALA Y 164 2.53 54.32 -55.79
CA ALA Y 164 2.64 55.75 -55.50
C ALA Y 164 1.27 56.33 -55.19
N ARG Y 165 0.27 55.99 -56.00
CA ARG Y 165 -1.09 56.48 -55.74
C ARG Y 165 -1.60 55.96 -54.40
N LEU Y 166 -1.33 54.70 -54.10
CA LEU Y 166 -1.76 54.14 -52.82
C LEU Y 166 -1.12 54.87 -51.65
N LYS Y 167 0.19 55.12 -51.73
CA LYS Y 167 0.87 55.84 -50.66
C LYS Y 167 0.34 57.27 -50.53
N SER Y 168 -0.02 57.88 -51.66
CA SER Y 168 -0.53 59.26 -51.61
C SER Y 168 -1.86 59.33 -50.87
N ALA Y 169 -2.80 58.44 -51.20
CA ALA Y 169 -4.12 58.52 -50.61
C ALA Y 169 -4.11 58.07 -49.16
N ILE Y 170 -3.41 56.98 -48.86
CA ILE Y 170 -3.36 56.49 -47.48
C ILE Y 170 -2.84 57.57 -46.55
N ALA Y 171 -1.76 58.25 -46.96
CA ALA Y 171 -1.23 59.36 -46.16
C ALA Y 171 -2.26 60.47 -46.04
N ALA Y 172 -2.95 60.78 -47.14
CA ALA Y 172 -3.94 61.86 -47.11
C ALA Y 172 -5.02 61.58 -46.07
N GLN Y 173 -5.48 60.32 -45.99
CA GLN Y 173 -6.45 59.96 -44.96
C GLN Y 173 -5.87 60.17 -43.57
N LYS Y 174 -4.60 59.81 -43.38
CA LYS Y 174 -3.97 59.98 -42.07
C LYS Y 174 -3.90 61.45 -41.69
N ILE Y 175 -3.57 62.32 -42.65
CA ILE Y 175 -3.46 63.75 -42.36
C ILE Y 175 -4.82 64.31 -41.99
N GLU Y 176 -5.86 63.98 -42.77
CA GLU Y 176 -7.15 64.64 -42.62
C GLU Y 176 -7.76 64.37 -41.25
N GLU Y 177 -7.68 63.12 -40.78
CA GLU Y 177 -8.27 62.81 -39.48
C GLU Y 177 -7.62 63.61 -38.36
N ILE Y 178 -6.39 64.09 -38.56
CA ILE Y 178 -5.69 64.90 -37.59
C ILE Y 178 -5.91 66.37 -37.91
N ALA Y 179 -6.89 66.65 -38.78
CA ALA Y 179 -7.15 68.03 -39.18
C ALA Y 179 -7.38 68.91 -37.97
N GLY Y 180 -7.96 68.37 -36.90
CA GLY Y 180 -8.22 69.15 -35.71
C GLY Y 180 -9.09 70.35 -36.00
N ASN Y 181 -10.17 70.14 -36.74
CA ASN Y 181 -11.05 71.24 -37.13
C ASN Y 181 -11.54 71.98 -35.90
N LEU Y 182 -11.44 73.31 -35.93
CA LEU Y 182 -11.86 74.11 -34.79
C LEU Y 182 -13.38 74.08 -34.61
N ASP Y 183 -14.13 73.84 -35.69
CA ASP Y 183 -15.58 73.94 -35.64
C ASP Y 183 -16.25 72.75 -34.95
N ASN Y 184 -15.53 71.65 -34.72
CA ASN Y 184 -16.18 70.46 -34.17
C ASN Y 184 -16.81 70.74 -32.82
N ALA Y 185 -16.04 71.32 -31.90
CA ALA Y 185 -16.54 71.66 -30.58
C ALA Y 185 -17.08 70.43 -29.86
N SER Y 186 -16.42 69.30 -30.07
CA SER Y 186 -16.85 68.03 -29.49
C SER Y 186 -15.71 67.18 -28.97
N ALA Y 187 -14.48 67.67 -28.98
CA ALA Y 187 -13.25 66.97 -28.60
C ALA Y 187 -12.80 66.01 -29.70
N SER Y 188 -13.56 65.87 -30.80
CA SER Y 188 -13.07 65.09 -31.93
C SER Y 188 -11.81 65.73 -32.52
N SER Y 189 -11.82 67.05 -32.66
CA SER Y 189 -10.61 67.79 -32.98
C SER Y 189 -9.82 68.02 -31.70
N LEU Y 190 -8.57 67.56 -31.68
CA LEU Y 190 -7.77 67.67 -30.47
C LEU Y 190 -7.59 69.13 -30.03
N PHE Y 191 -7.65 70.07 -30.98
CA PHE Y 191 -7.52 71.48 -30.61
C PHE Y 191 -8.69 71.93 -29.75
N GLU Y 192 -9.91 71.65 -30.18
CA GLU Y 192 -11.06 72.02 -29.37
C GLU Y 192 -11.07 71.29 -28.04
N ARG Y 193 -10.54 70.08 -28.00
CA ARG Y 193 -10.39 69.39 -26.72
C ARG Y 193 -9.47 70.19 -25.80
N ILE Y 194 -8.38 70.72 -26.35
CA ILE Y 194 -7.51 71.59 -25.58
C ILE Y 194 -8.27 72.82 -25.10
N GLU Y 195 -9.05 73.43 -25.99
CA GLU Y 195 -9.79 74.64 -25.63
C GLU Y 195 -10.72 74.37 -24.46
N THR Y 196 -11.40 73.21 -24.46
CA THR Y 196 -12.24 72.84 -23.33
C THR Y 196 -11.39 72.72 -22.07
N LYS Y 197 -10.19 72.16 -22.19
CA LYS Y 197 -9.30 72.04 -21.03
C LYS Y 197 -8.96 73.41 -20.47
N ILE Y 198 -8.69 74.38 -21.33
CA ILE Y 198 -8.29 75.71 -20.87
C ILE Y 198 -9.39 76.31 -20.02
N LEU Y 199 -10.62 76.31 -20.51
CA LEU Y 199 -11.72 76.93 -19.79
C LEU Y 199 -12.00 76.20 -18.49
N GLU Y 200 -11.72 74.90 -18.42
CA GLU Y 200 -11.95 74.15 -17.19
C GLU Y 200 -11.14 74.74 -16.04
N LEU Y 201 -9.85 75.00 -16.28
CA LEU Y 201 -8.99 75.52 -15.23
C LEU Y 201 -9.40 76.93 -14.84
N GLU Y 202 -9.58 77.80 -15.83
CA GLU Y 202 -9.96 79.19 -15.55
C GLU Y 202 -11.24 79.26 -14.73
N ALA Y 203 -12.15 78.31 -14.93
CA ALA Y 203 -13.39 78.30 -14.17
C ALA Y 203 -13.13 78.05 -12.69
N GLU Y 204 -12.22 77.15 -12.38
CA GLU Y 204 -11.95 76.82 -10.98
C GLU Y 204 -11.39 78.02 -10.23
N ARG Y 205 -10.46 78.76 -10.85
CA ARG Y 205 -9.80 79.86 -10.16
C ARG Y 205 -10.80 80.95 -9.78
N GLU Y 206 -11.65 81.34 -10.73
CA GLU Y 206 -12.59 82.43 -10.46
C GLU Y 206 -13.55 82.06 -9.33
N LEU Y 207 -14.05 80.83 -9.33
CA LEU Y 207 -14.98 80.42 -8.28
C LEU Y 207 -14.29 80.38 -6.93
N LEU Y 208 -13.07 79.83 -6.87
CA LEU Y 208 -12.37 79.71 -5.60
C LEU Y 208 -11.93 81.07 -5.07
N ASN Y 209 -11.81 82.06 -5.95
CA ASN Y 209 -11.46 83.43 -5.59
C ASN Y 209 -12.55 84.33 -6.17
N PRO Y 210 -13.67 84.49 -5.47
CA PRO Y 210 -14.77 85.28 -6.00
C PRO Y 210 -14.30 86.65 -6.47
N PRO Y 211 -14.39 86.93 -7.76
CA PRO Y 211 -13.97 88.24 -8.26
C PRO Y 211 -14.93 89.32 -7.79
N PRO Y 212 -14.52 90.60 -7.86
CA PRO Y 212 -15.39 91.67 -7.36
C PRO Y 212 -16.72 91.70 -8.07
N SER Y 213 -17.76 92.02 -7.31
CA SER Y 213 -19.09 92.16 -7.89
C SER Y 213 -19.14 93.40 -8.78
N PRO Y 214 -20.03 93.42 -9.78
CA PRO Y 214 -20.13 94.62 -10.63
C PRO Y 214 -20.47 95.87 -9.85
N LEU Y 215 -21.26 95.74 -8.77
CA LEU Y 215 -21.55 96.89 -7.93
C LEU Y 215 -20.27 97.45 -7.30
N ASP Y 216 -19.40 96.55 -6.82
CA ASP Y 216 -18.12 97.00 -6.28
C ASP Y 216 -17.29 97.69 -7.36
N LYS Y 217 -17.29 97.13 -8.57
CA LYS Y 217 -16.61 97.78 -9.68
C LYS Y 217 -17.18 99.16 -9.94
N LYS Y 218 -18.51 99.29 -9.90
CA LYS Y 218 -19.12 100.59 -10.12
C LYS Y 218 -18.60 101.61 -9.12
N PHE Y 219 -18.56 101.24 -7.84
CA PHE Y 219 -18.10 102.18 -6.81
C PHE Y 219 -16.66 102.60 -7.05
N GLU Y 220 -15.79 101.64 -7.40
CA GLU Y 220 -14.36 101.96 -7.52
C GLU Y 220 -14.12 103.04 -8.57
N GLN Y 221 -14.64 102.84 -9.78
CA GLN Y 221 -14.50 103.87 -10.81
C GLN Y 221 -15.32 105.10 -10.44
N TRP Y 222 -16.52 104.90 -9.88
CA TRP Y 222 -17.36 106.01 -9.47
C TRP Y 222 -16.62 106.93 -8.50
N GLU Y 223 -15.71 106.37 -7.70
CA GLU Y 223 -14.95 107.17 -6.74
C GLU Y 223 -13.85 107.96 -7.43
N GLU Y 224 -13.18 107.36 -8.42
CA GLU Y 224 -11.99 107.98 -8.99
C GLU Y 224 -12.31 109.28 -9.71
N GLN Y 225 -13.49 109.39 -10.31
CA GLN Y 225 -13.81 110.58 -11.10
C GLN Y 225 -13.76 111.83 -10.24
N GLN Y 226 -14.33 111.77 -9.04
CA GLN Y 226 -14.25 112.93 -8.13
C GLN Y 226 -12.82 113.19 -7.71
N ALA Y 227 -12.06 112.13 -7.43
CA ALA Y 227 -10.68 112.30 -6.99
C ALA Y 227 -9.86 113.05 -8.04
N VAL Y 228 -9.97 112.63 -9.29
CA VAL Y 228 -9.24 113.32 -10.35
C VAL Y 228 -9.83 114.69 -10.61
N GLU Y 229 -11.17 114.79 -10.63
CA GLU Y 229 -11.82 116.07 -10.85
C GLU Y 229 -11.57 117.02 -9.68
N ALA Y 230 -11.66 116.51 -8.45
CA ALA Y 230 -11.38 117.36 -7.29
C ALA Y 230 -9.94 117.83 -7.31
N THR Y 231 -9.01 116.93 -7.62
CA THR Y 231 -7.62 117.33 -7.79
C THR Y 231 -7.47 118.29 -8.96
N LEU Y 232 -8.15 117.99 -10.07
CA LEU Y 232 -8.14 118.91 -11.21
C LEU Y 232 -8.87 120.20 -10.89
N ALA Y 233 -9.95 120.12 -10.13
CA ALA Y 233 -10.65 121.34 -9.71
C ALA Y 233 -9.73 122.21 -8.85
N ALA Y 234 -9.00 121.57 -7.93
CA ALA Y 234 -8.00 122.29 -7.15
C ALA Y 234 -6.76 122.62 -7.97
N MET Y 235 -6.51 121.89 -9.05
CA MET Y 235 -5.36 122.20 -9.91
C MET Y 235 -5.46 123.61 -10.45
N LYS Y 236 -6.61 123.97 -11.02
CA LYS Y 236 -6.82 125.32 -11.49
C LYS Y 236 -6.81 126.30 -10.32
N ALA Y 237 -7.45 125.93 -9.22
CA ALA Y 237 -7.52 126.82 -8.06
C ALA Y 237 -6.16 126.97 -7.39
N ARG Y 238 -5.46 125.86 -7.15
CA ARG Y 238 -4.16 125.95 -6.50
C ARG Y 238 -3.17 126.74 -7.35
N ARG Y 239 -3.16 126.51 -8.66
CA ARG Y 239 -2.33 127.31 -9.55
C ARG Y 239 -2.89 128.72 -9.68
N SER Y 240 -4.21 128.85 -9.67
CA SER Y 240 -4.85 130.16 -9.79
C SER Y 240 -6.24 130.15 -9.16
N GLN Z 45 39.52 -43.76 2.36
CA GLN Z 45 40.86 -44.39 2.50
C GLN Z 45 41.87 -43.72 1.57
N GLU Z 46 43.15 -43.81 1.93
CA GLU Z 46 44.23 -43.22 1.16
C GLU Z 46 45.09 -44.34 0.59
N ALA Z 47 46.13 -43.94 -0.14
CA ALA Z 47 47.06 -44.92 -0.68
C ALA Z 47 47.75 -45.66 0.45
N PRO Z 48 47.88 -46.99 0.37
CA PRO Z 48 48.48 -47.72 1.50
C PRO Z 48 49.89 -47.27 1.82
N GLU Z 49 50.68 -46.91 0.79
CA GLU Z 49 52.05 -46.49 1.04
C GLU Z 49 52.10 -45.20 1.85
N ASP Z 50 51.19 -44.26 1.56
CA ASP Z 50 51.22 -42.98 2.26
C ASP Z 50 50.99 -43.16 3.75
N LEU Z 51 50.07 -44.05 4.12
CA LEU Z 51 49.80 -44.29 5.54
C LEU Z 51 51.05 -44.76 6.27
N LEU Z 52 51.85 -45.59 5.61
CA LEU Z 52 52.99 -46.21 6.29
C LEU Z 52 53.94 -45.16 6.84
N GLU Z 53 54.26 -44.14 6.03
CA GLU Z 53 55.14 -43.07 6.49
C GLU Z 53 54.50 -42.31 7.64
N ARG Z 54 53.23 -41.96 7.50
CA ARG Z 54 52.55 -41.20 8.55
C ARG Z 54 52.41 -42.02 9.82
N LEU Z 55 52.10 -43.31 9.70
CA LEU Z 55 51.88 -44.13 10.89
C LEU Z 55 53.14 -44.23 11.74
N LEU Z 56 54.29 -44.47 11.11
CA LEU Z 56 55.52 -44.61 11.87
C LEU Z 56 55.91 -43.29 12.55
N GLY Z 57 55.69 -42.16 11.87
CA GLY Z 57 55.98 -40.88 12.49
C GLY Z 57 55.22 -40.69 13.78
N GLU Z 58 53.95 -41.10 13.80
CA GLU Z 58 53.19 -41.07 15.05
C GLU Z 58 53.77 -42.06 16.05
N MET Z 59 54.18 -43.23 15.60
CA MET Z 59 54.73 -44.24 16.50
C MET Z 59 56.02 -43.74 17.17
N GLU Z 60 56.91 -43.15 16.39
CA GLU Z 60 58.16 -42.64 16.97
C GLU Z 60 57.89 -41.53 17.97
N LEU Z 61 56.96 -40.64 17.65
CA LEU Z 61 56.63 -39.55 18.57
C LEU Z 61 56.11 -40.10 19.89
N GLU Z 62 55.28 -41.14 19.84
CA GLU Z 62 54.71 -41.69 21.07
C GLU Z 62 55.79 -42.30 21.95
N LEU Z 63 56.78 -42.97 21.35
CA LEU Z 63 57.74 -43.74 22.13
C LEU Z 63 58.52 -42.85 23.09
N ILE Z 64 58.97 -41.69 22.61
CA ILE Z 64 59.76 -40.80 23.46
C ILE Z 64 58.89 -40.29 24.62
N GLU Z 65 57.60 -40.08 24.38
CA GLU Z 65 56.71 -39.68 25.46
C GLU Z 65 56.67 -40.74 26.53
N LEU Z 66 56.63 -42.01 26.14
CA LEU Z 66 56.75 -43.10 27.11
C LEU Z 66 58.09 -43.02 27.83
N ARG Z 67 59.17 -42.77 27.09
CA ARG Z 67 60.49 -42.69 27.71
C ARG Z 67 60.54 -41.57 28.75
N ARG Z 68 59.95 -40.41 28.42
CA ARG Z 68 59.96 -39.29 29.35
C ARG Z 68 59.14 -39.62 30.60
N ALA Z 69 57.97 -40.24 30.42
CA ALA Z 69 57.10 -40.51 31.56
C ALA Z 69 57.76 -41.47 32.54
N LEU Z 70 58.39 -42.53 32.03
CA LEU Z 70 59.01 -43.51 32.92
C LEU Z 70 60.03 -42.87 33.84
N ALA Z 71 60.73 -41.84 33.36
CA ALA Z 71 61.72 -41.18 34.20
C ALA Z 71 61.07 -40.56 35.44
N GLN Z 72 59.90 -39.95 35.27
CA GLN Z 72 59.23 -39.34 36.41
C GLN Z 72 58.89 -40.37 37.48
N THR Z 73 58.55 -41.59 37.06
CA THR Z 73 58.31 -42.66 38.02
C THR Z 73 59.56 -42.92 38.85
N ILE Z 74 60.72 -42.95 38.21
CA ILE Z 74 61.96 -43.21 38.92
C ILE Z 74 62.23 -42.14 39.96
N ALA Z 75 61.89 -40.89 39.65
CA ALA Z 75 62.13 -39.80 40.58
C ALA Z 75 61.44 -40.04 41.92
N THR Z 76 60.15 -40.38 41.87
CA THR Z 76 59.41 -40.64 43.10
C THR Z 76 59.96 -41.87 43.82
N PHE Z 77 60.27 -42.92 43.06
CA PHE Z 77 60.84 -44.11 43.66
C PHE Z 77 62.13 -43.79 44.41
N LYS Z 78 62.98 -42.95 43.84
CA LYS Z 78 64.19 -42.52 44.54
C LYS Z 78 63.86 -41.52 45.64
N SER Z 79 62.93 -40.59 45.37
CA SER Z 79 62.65 -39.53 46.33
C SER Z 79 62.13 -40.10 47.64
N THR Z 80 61.15 -40.99 47.58
CA THR Z 80 60.61 -41.57 48.80
C THR Z 80 61.67 -42.37 49.55
N GLU Z 81 62.51 -43.10 48.81
CA GLU Z 81 63.56 -43.88 49.46
C GLU Z 81 64.50 -42.97 50.24
N ARG Z 82 64.89 -41.83 49.65
CA ARG Z 82 65.66 -40.85 50.39
C ARG Z 82 64.85 -40.30 51.57
N GLN Z 83 63.56 -40.07 51.36
CA GLN Z 83 62.70 -39.60 52.44
C GLN Z 83 62.63 -40.65 53.56
N ARG Z 84 62.57 -41.93 53.19
CA ARG Z 84 62.49 -42.99 54.18
C ARG Z 84 63.69 -42.98 55.12
N ASP Z 85 64.89 -42.82 54.55
CA ASP Z 85 66.10 -42.84 55.37
C ASP Z 85 66.09 -41.73 56.42
N ALA Z 86 65.46 -40.60 56.11
CA ALA Z 86 65.46 -39.48 57.04
C ALA Z 86 64.75 -39.85 58.34
N GLN Z 87 63.60 -40.52 58.24
CA GLN Z 87 62.80 -40.81 59.43
C GLN Z 87 63.56 -41.71 60.39
N GLN Z 88 64.13 -42.82 59.89
CA GLN Z 88 64.86 -43.72 60.75
C GLN Z 88 66.04 -43.03 61.42
N LEU Z 89 66.66 -42.09 60.72
CA LEU Z 89 67.75 -41.32 61.32
C LEU Z 89 67.26 -40.56 62.55
N ILE Z 90 66.07 -39.96 62.45
CA ILE Z 90 65.49 -39.27 63.60
C ILE Z 90 65.25 -40.24 64.74
N ALA Z 91 64.69 -41.41 64.43
CA ALA Z 91 64.47 -42.41 65.47
C ALA Z 91 65.78 -42.82 66.12
N GLN Z 92 66.84 -42.93 65.33
CA GLN Z 92 68.15 -43.25 65.88
C GLN Z 92 68.59 -42.19 66.90
N ARG Z 93 68.32 -40.92 66.60
CA ARG Z 93 68.70 -39.85 67.52
C ARG Z 93 68.04 -40.05 68.88
N TRP Z 94 66.74 -40.34 68.90
CA TRP Z 94 66.06 -40.60 70.16
C TRP Z 94 66.63 -41.84 70.84
N TYR Z 95 66.88 -42.89 70.08
CA TYR Z 95 67.49 -44.10 70.65
C TYR Z 95 68.87 -43.79 71.21
N GLU Z 96 69.68 -43.06 70.45
CA GLU Z 96 70.99 -42.65 70.95
C GLU Z 96 70.85 -41.78 72.19
N LYS Z 97 69.90 -40.84 72.17
CA LYS Z 97 69.65 -40.02 73.35
C LYS Z 97 69.20 -40.87 74.52
N ALA Z 98 68.30 -41.83 74.26
CA ALA Z 98 67.83 -42.72 75.32
C ALA Z 98 68.95 -43.57 75.89
N GLN Z 99 70.04 -43.76 75.15
CA GLN Z 99 71.14 -44.58 75.65
C GLN Z 99 71.72 -43.97 76.93
N ALA Z 100 71.93 -42.66 76.94
CA ALA Z 100 72.43 -41.96 78.12
C ALA Z 100 71.32 -41.29 78.92
N ALA Z 101 70.07 -41.48 78.53
CA ALA Z 101 68.96 -40.87 79.25
C ALA Z 101 68.94 -41.33 80.70
N LEU Z 102 69.05 -42.64 80.92
CA LEU Z 102 69.09 -43.21 82.26
C LEU Z 102 70.51 -43.48 82.74
N ASP Z 103 71.52 -43.02 82.00
CA ASP Z 103 72.89 -43.16 82.47
C ASP Z 103 73.08 -42.56 83.85
N ARG Z 104 72.33 -41.49 84.14
CA ARG Z 104 72.31 -40.91 85.48
C ARG Z 104 71.40 -41.68 86.43
N GLY Z 105 70.89 -42.83 86.01
CA GLY Z 105 69.86 -43.53 86.74
C GLY Z 105 68.46 -43.06 86.45
N ASN Z 106 68.27 -42.16 85.49
CA ASN Z 106 66.96 -41.59 85.17
C ASN Z 106 66.23 -42.55 84.20
N GLU Z 107 65.75 -43.65 84.76
CA GLU Z 107 65.03 -44.63 83.96
C GLU Z 107 63.71 -44.08 83.44
N GLN Z 108 63.05 -43.23 84.23
CA GLN Z 108 61.73 -42.73 83.83
C GLN Z 108 61.81 -41.96 82.53
N LEU Z 109 62.83 -41.11 82.37
CA LEU Z 109 62.94 -40.31 81.16
C LEU Z 109 63.10 -41.18 79.92
N ALA Z 110 63.92 -42.23 80.02
CA ALA Z 110 64.14 -43.12 78.88
C ALA Z 110 62.85 -43.78 78.43
N ARG Z 111 61.88 -43.92 79.34
CA ARG Z 111 60.61 -44.53 78.96
C ARG Z 111 59.93 -43.75 77.85
N GLU Z 112 59.91 -42.42 77.97
CA GLU Z 112 59.25 -41.60 76.96
C GLU Z 112 59.93 -41.72 75.60
N ALA Z 113 61.26 -41.74 75.59
CA ALA Z 113 61.98 -41.79 74.32
C ALA Z 113 61.65 -43.05 73.54
N LEU Z 114 61.77 -44.22 74.18
CA LEU Z 114 61.47 -45.46 73.50
C LEU Z 114 60.01 -45.53 73.07
N GLY Z 115 59.09 -45.03 73.90
CA GLY Z 115 57.71 -44.93 73.47
C GLY Z 115 57.53 -43.96 72.31
N GLN Z 116 58.29 -42.87 72.32
CA GLN Z 116 58.16 -41.87 71.26
C GLN Z 116 58.61 -42.43 69.92
N ARG Z 117 59.74 -43.13 69.89
CA ARG Z 117 60.31 -43.59 68.62
C ARG Z 117 59.45 -44.64 67.93
N GLN Z 118 58.53 -45.29 68.64
CA GLN Z 118 57.70 -46.30 68.02
C GLN Z 118 56.83 -45.69 66.92
N SER Z 119 56.30 -44.49 67.16
CA SER Z 119 55.49 -43.83 66.14
C SER Z 119 56.29 -43.65 64.85
N TYR Z 120 57.55 -43.21 64.97
CA TYR Z 120 58.38 -43.06 63.78
C TYR Z 120 58.61 -44.40 63.10
N GLN Z 121 58.85 -45.45 63.88
CA GLN Z 121 59.09 -46.77 63.29
C GLN Z 121 57.91 -47.22 62.45
N SER Z 122 56.69 -46.83 62.83
CA SER Z 122 55.51 -47.23 62.07
C SER Z 122 55.59 -46.69 60.65
N HIS Z 123 55.99 -45.42 60.49
CA HIS Z 123 56.10 -44.85 59.15
C HIS Z 123 57.17 -45.57 58.34
N THR Z 124 58.30 -45.90 58.97
CA THR Z 124 59.37 -46.59 58.25
C THR Z 124 58.88 -47.93 57.71
N GLU Z 125 58.18 -48.70 58.53
CA GLU Z 125 57.66 -49.98 58.08
C GLU Z 125 56.65 -49.80 56.95
N ALA Z 126 55.78 -48.80 57.07
CA ALA Z 126 54.78 -48.56 56.04
C ALA Z 126 55.44 -48.22 54.71
N LEU Z 127 56.46 -47.36 54.73
CA LEU Z 127 57.13 -46.98 53.50
C LEU Z 127 57.93 -48.14 52.92
N GLY Z 128 58.58 -48.94 53.77
CA GLY Z 128 59.35 -50.06 53.26
C GLY Z 128 58.52 -51.01 52.45
N LYS Z 129 57.30 -51.30 52.91
CA LYS Z 129 56.40 -52.14 52.13
C LYS Z 129 55.98 -51.46 50.83
N SER Z 130 55.73 -50.15 50.89
CA SER Z 130 55.27 -49.44 49.70
C SER Z 130 56.33 -49.47 48.59
N LEU Z 131 57.60 -49.27 48.95
CA LEU Z 131 58.64 -49.31 47.94
C LEU Z 131 58.82 -50.72 47.38
N GLY Z 132 58.58 -51.74 48.20
CA GLY Z 132 58.80 -53.10 47.74
C GLY Z 132 57.99 -53.43 46.51
N GLU Z 133 56.73 -53.01 46.47
CA GLU Z 133 55.90 -53.28 45.29
C GLU Z 133 56.30 -52.38 44.13
N GLN Z 134 56.62 -51.12 44.41
CA GLN Z 134 57.04 -50.22 43.34
C GLN Z 134 58.33 -50.69 42.68
N ARG Z 135 59.27 -51.19 43.48
CA ARG Z 135 60.57 -51.58 42.96
C ARG Z 135 60.44 -52.62 41.86
N ALA Z 136 59.63 -53.65 42.10
CA ALA Z 136 59.44 -54.71 41.11
C ALA Z 136 58.45 -54.34 40.03
N LEU Z 137 57.77 -53.20 40.16
CA LEU Z 137 56.78 -52.80 39.16
C LEU Z 137 57.43 -52.06 38.00
N VAL Z 138 58.28 -51.06 38.30
CA VAL Z 138 58.92 -50.30 37.24
C VAL Z 138 59.84 -51.19 36.42
N GLU Z 139 60.57 -52.09 37.09
CA GLU Z 139 61.48 -52.98 36.38
C GLU Z 139 60.76 -53.73 35.28
N GLN Z 140 59.51 -54.11 35.52
CA GLN Z 140 58.70 -54.72 34.46
C GLN Z 140 58.40 -53.73 33.36
N VAL Z 141 58.15 -52.47 33.72
CA VAL Z 141 57.86 -51.45 32.71
C VAL Z 141 59.05 -51.25 31.79
N ARG Z 142 60.26 -51.17 32.36
CA ARG Z 142 61.45 -50.96 31.55
C ARG Z 142 61.58 -52.04 30.49
N GLY Z 143 61.23 -53.29 30.83
CA GLY Z 143 61.31 -54.36 29.85
C GLY Z 143 60.42 -54.12 28.65
N GLN Z 144 59.20 -53.63 28.89
CA GLN Z 144 58.30 -53.35 27.77
C GLN Z 144 58.87 -52.27 26.87
N LEU Z 145 59.40 -51.19 27.45
CA LEU Z 145 59.95 -50.11 26.65
C LEU Z 145 61.14 -50.60 25.82
N GLN Z 146 62.06 -51.34 26.46
CA GLN Z 146 63.24 -51.81 25.75
C GLN Z 146 62.86 -52.76 24.62
N LYS Z 147 61.93 -53.67 24.88
CA LYS Z 147 61.50 -54.58 23.83
C LYS Z 147 60.83 -53.83 22.69
N LEU Z 148 60.00 -52.84 23.03
CA LEU Z 148 59.32 -52.07 22.00
C LEU Z 148 60.32 -51.36 21.10
N GLU Z 149 61.34 -50.75 21.69
CA GLU Z 149 62.35 -50.05 20.90
C GLU Z 149 63.06 -51.00 19.95
N ARG Z 150 63.41 -52.20 20.44
CA ARG Z 150 64.04 -53.19 19.57
C ARG Z 150 63.10 -53.60 18.45
N LYS Z 151 61.80 -53.78 18.76
CA LYS Z 151 60.83 -54.13 17.75
C LYS Z 151 60.59 -52.98 16.78
N TYR Z 152 60.74 -51.74 17.24
CA TYR Z 152 60.48 -50.59 16.39
C TYR Z 152 61.39 -50.58 15.16
N LEU Z 153 62.69 -50.83 15.37
CA LEU Z 153 63.65 -50.72 14.27
C LEU Z 153 63.37 -51.76 13.19
N GLU Z 154 63.01 -52.98 13.58
CA GLU Z 154 62.82 -54.04 12.60
C GLU Z 154 61.75 -53.69 11.59
N LEU Z 155 60.84 -52.78 11.92
CA LEU Z 155 59.83 -52.33 10.96
C LEU Z 155 60.42 -51.29 10.00
N LYS Z 156 61.08 -50.27 10.55
CA LYS Z 156 61.61 -49.20 9.72
C LYS Z 156 62.65 -49.71 8.76
N SER Z 157 63.47 -50.66 9.20
CA SER Z 157 64.52 -51.20 8.33
C SER Z 157 63.95 -51.87 7.09
N GLN Z 158 62.66 -52.23 7.10
CA GLN Z 158 62.03 -52.86 5.96
C GLN Z 158 61.15 -51.92 5.17
N LYS Z 159 60.67 -50.83 5.77
CA LYS Z 159 59.73 -49.97 5.06
C LYS Z 159 60.35 -49.39 3.80
N ASN Z 160 61.60 -48.94 3.88
CA ASN Z 160 62.27 -48.40 2.70
C ASN Z 160 62.39 -49.46 1.62
N LEU Z 161 62.61 -50.72 2.00
CA LEU Z 161 62.75 -51.79 1.02
C LEU Z 161 61.45 -52.00 0.25
N TYR Z 162 60.31 -52.00 0.95
CA TYR Z 162 59.04 -52.19 0.27
C TYR Z 162 58.74 -51.05 -0.69
N LEU Z 163 58.99 -49.81 -0.28
CA LEU Z 163 58.70 -48.68 -1.16
C LEU Z 163 59.49 -48.78 -2.46
N ALA Z 164 60.75 -49.20 -2.37
CA ALA Z 164 61.57 -49.34 -3.58
C ALA Z 164 60.94 -50.34 -4.54
N ARG Z 165 60.49 -51.49 -4.02
CA ARG Z 165 59.84 -52.47 -4.87
C ARG Z 165 58.56 -51.90 -5.48
N LEU Z 166 57.79 -51.16 -4.68
CA LEU Z 166 56.56 -50.56 -5.18
C LEU Z 166 56.85 -49.57 -6.30
N LYS Z 167 57.86 -48.72 -6.12
CA LYS Z 167 58.21 -47.76 -7.16
C LYS Z 167 58.72 -48.46 -8.40
N SER Z 168 59.41 -49.58 -8.24
CA SER Z 168 59.93 -50.31 -9.39
C SER Z 168 58.81 -50.87 -10.24
N ALA Z 169 57.83 -51.53 -9.61
CA ALA Z 169 56.78 -52.18 -10.38
C ALA Z 169 55.81 -51.17 -10.97
N ILE Z 170 55.42 -50.16 -10.19
CA ILE Z 170 54.49 -49.16 -10.69
C ILE Z 170 55.04 -48.50 -11.94
N ALA Z 171 56.33 -48.13 -11.92
CA ALA Z 171 56.95 -47.55 -13.10
C ALA Z 171 56.96 -48.55 -14.25
N ALA Z 172 57.25 -49.83 -13.95
CA ALA Z 172 57.29 -50.84 -15.00
C ALA Z 172 55.96 -50.94 -15.72
N GLN Z 173 54.86 -50.89 -14.97
CA GLN Z 173 53.54 -50.89 -15.59
C GLN Z 173 53.36 -49.67 -16.49
N LYS Z 174 53.82 -48.51 -16.03
CA LYS Z 174 53.69 -47.30 -16.83
C LYS Z 174 54.47 -47.41 -18.14
N ILE Z 175 55.67 -47.98 -18.07
CA ILE Z 175 56.49 -48.12 -19.28
C ILE Z 175 55.83 -49.07 -20.26
N GLU Z 176 55.35 -50.22 -19.78
CA GLU Z 176 54.91 -51.27 -20.68
C GLU Z 176 53.70 -50.83 -21.50
N GLU Z 177 52.74 -50.13 -20.87
CA GLU Z 177 51.57 -49.71 -21.61
C GLU Z 177 51.93 -48.76 -22.75
N ILE Z 178 53.08 -48.09 -22.66
CA ILE Z 178 53.55 -47.20 -23.71
C ILE Z 178 54.49 -47.96 -24.63
N ALA Z 179 54.48 -49.30 -24.52
CA ALA Z 179 55.37 -50.11 -25.35
C ALA Z 179 55.20 -49.80 -26.83
N GLY Z 180 53.99 -49.44 -27.24
CA GLY Z 180 53.75 -49.12 -28.63
C GLY Z 180 54.10 -50.28 -29.54
N ASN Z 181 53.66 -51.47 -29.19
CA ASN Z 181 53.99 -52.66 -29.96
C ASN Z 181 53.55 -52.49 -31.40
N LEU Z 182 54.46 -52.79 -32.34
CA LEU Z 182 54.14 -52.64 -33.75
C LEU Z 182 53.10 -53.66 -34.21
N ASP Z 183 53.02 -54.81 -33.54
CA ASP Z 183 52.15 -55.88 -34.00
C ASP Z 183 50.67 -55.64 -33.73
N ASN Z 184 50.32 -54.66 -32.90
CA ASN Z 184 48.91 -54.49 -32.53
C ASN Z 184 48.05 -54.22 -33.75
N ALA Z 185 48.45 -53.24 -34.57
CA ALA Z 185 47.72 -52.90 -35.78
C ALA Z 185 46.27 -52.55 -35.47
N SER Z 186 46.06 -51.86 -34.34
CA SER Z 186 44.74 -51.48 -33.90
C SER Z 186 44.66 -50.09 -33.32
N ALA Z 187 45.74 -49.30 -33.36
CA ALA Z 187 45.87 -47.97 -32.79
C ALA Z 187 46.09 -48.04 -31.29
N SER Z 188 46.05 -49.22 -30.67
CA SER Z 188 46.41 -49.33 -29.26
C SER Z 188 47.86 -48.93 -29.04
N SER Z 189 48.75 -49.38 -29.93
CA SER Z 189 50.12 -48.87 -29.95
C SER Z 189 50.14 -47.57 -30.75
N LEU Z 190 50.60 -46.49 -30.11
CA LEU Z 190 50.59 -45.19 -30.77
C LEU Z 190 51.40 -45.20 -32.06
N PHE Z 191 52.40 -46.07 -32.17
CA PHE Z 191 53.19 -46.15 -33.40
C PHE Z 191 52.33 -46.61 -34.57
N GLU Z 192 51.60 -47.71 -34.39
CA GLU Z 192 50.74 -48.19 -35.46
C GLU Z 192 49.64 -47.18 -35.78
N ARG Z 193 49.19 -46.43 -34.78
CA ARG Z 193 48.25 -45.35 -35.05
C ARG Z 193 48.87 -44.32 -35.99
N ILE Z 194 50.15 -44.00 -35.77
CA ILE Z 194 50.86 -43.11 -36.68
C ILE Z 194 50.93 -43.73 -38.07
N GLU Z 195 51.25 -45.02 -38.14
CA GLU Z 195 51.37 -45.67 -39.44
C GLU Z 195 50.06 -45.59 -40.21
N THR Z 196 48.94 -45.79 -39.53
CA THR Z 196 47.64 -45.62 -40.19
C THR Z 196 47.48 -44.19 -40.69
N LYS Z 197 47.94 -43.21 -39.90
CA LYS Z 197 47.85 -41.82 -40.34
C LYS Z 197 48.64 -41.59 -41.61
N ILE Z 198 49.84 -42.18 -41.70
CA ILE Z 198 50.69 -41.97 -42.87
C ILE Z 198 49.98 -42.43 -44.14
N LEU Z 199 49.45 -43.66 -44.11
CA LEU Z 199 48.81 -44.20 -45.30
C LEU Z 199 47.55 -43.43 -45.67
N GLU Z 200 46.89 -42.82 -44.68
CA GLU Z 200 45.69 -42.04 -44.97
C GLU Z 200 46.01 -40.90 -45.93
N LEU Z 201 47.08 -40.15 -45.65
CA LEU Z 201 47.43 -39.02 -46.49
C LEU Z 201 47.88 -39.47 -47.88
N GLU Z 202 48.79 -40.46 -47.93
CA GLU Z 202 49.28 -40.93 -49.21
C GLU Z 202 48.14 -41.41 -50.10
N ALA Z 203 47.09 -41.96 -49.49
CA ALA Z 203 45.94 -42.43 -50.28
C ALA Z 203 45.25 -41.27 -50.99
N GLU Z 204 45.09 -40.14 -50.28
CA GLU Z 204 44.38 -39.00 -50.87
C GLU Z 204 45.12 -38.46 -52.09
N ARG Z 205 46.45 -38.34 -52.00
CA ARG Z 205 47.21 -37.73 -53.09
C ARG Z 205 47.09 -38.55 -54.37
N GLU Z 206 47.27 -39.87 -54.27
CA GLU Z 206 47.24 -40.71 -55.46
C GLU Z 206 45.88 -40.64 -56.15
N LEU Z 207 44.80 -40.68 -55.38
CA LEU Z 207 43.47 -40.62 -55.96
C LEU Z 207 43.22 -39.27 -56.62
N LEU Z 208 43.60 -38.17 -55.96
CA LEU Z 208 43.35 -36.85 -56.51
C LEU Z 208 44.22 -36.58 -57.73
N ASN Z 209 45.33 -37.29 -57.86
CA ASN Z 209 46.23 -37.19 -59.01
C ASN Z 209 46.40 -38.59 -59.57
N PRO Z 210 45.47 -39.05 -60.41
CA PRO Z 210 45.53 -40.41 -60.93
C PRO Z 210 46.90 -40.71 -61.51
N PRO Z 211 47.65 -41.65 -60.91
CA PRO Z 211 48.96 -41.99 -61.46
C PRO Z 211 48.82 -42.72 -62.79
N PRO Z 212 49.90 -42.81 -63.57
CA PRO Z 212 49.79 -43.44 -64.89
C PRO Z 212 49.32 -44.88 -64.79
N SER Z 213 48.52 -45.29 -65.76
CA SER Z 213 48.07 -46.66 -65.83
C SER Z 213 49.24 -47.58 -66.18
N PRO Z 214 49.19 -48.86 -65.78
CA PRO Z 214 50.27 -49.77 -66.15
C PRO Z 214 50.47 -49.89 -67.64
N LEU Z 215 49.38 -49.79 -68.43
CA LEU Z 215 49.52 -49.82 -69.88
C LEU Z 215 50.36 -48.64 -70.36
N ASP Z 216 50.11 -47.45 -69.80
CA ASP Z 216 50.92 -46.28 -70.15
C ASP Z 216 52.37 -46.51 -69.76
N LYS Z 217 52.60 -47.09 -68.58
CA LYS Z 217 53.97 -47.43 -68.18
C LYS Z 217 54.60 -48.39 -69.18
N LYS Z 218 53.84 -49.39 -69.62
CA LYS Z 218 54.38 -50.34 -70.58
C LYS Z 218 54.85 -49.63 -71.84
N PHE Z 219 54.04 -48.71 -72.38
CA PHE Z 219 54.41 -48.01 -73.59
C PHE Z 219 55.67 -47.19 -73.40
N GLU Z 220 55.79 -46.49 -72.26
CA GLU Z 220 56.92 -45.59 -72.06
C GLU Z 220 58.25 -46.33 -72.13
N GLN Z 221 58.39 -47.40 -71.34
CA GLN Z 221 59.60 -48.20 -71.41
C GLN Z 221 59.69 -48.93 -72.75
N TRP Z 222 58.56 -49.43 -73.25
CA TRP Z 222 58.54 -50.11 -74.53
C TRP Z 222 59.10 -49.22 -75.64
N GLU Z 223 58.93 -47.90 -75.52
CA GLU Z 223 59.44 -46.98 -76.53
C GLU Z 223 60.94 -46.78 -76.39
N GLU Z 224 61.45 -46.73 -75.17
CA GLU Z 224 62.85 -46.35 -74.95
C GLU Z 224 63.81 -47.38 -75.52
N GLN Z 225 63.44 -48.66 -75.52
CA GLN Z 225 64.35 -49.70 -75.96
C GLN Z 225 64.76 -49.49 -77.41
N GLN Z 226 63.80 -49.16 -78.28
CA GLN Z 226 64.13 -48.88 -79.67
C GLN Z 226 64.97 -47.62 -79.78
N ALA Z 227 64.65 -46.59 -79.00
CA ALA Z 227 65.39 -45.34 -79.07
C ALA Z 227 66.87 -45.56 -78.74
N VAL Z 228 67.15 -46.29 -77.66
CA VAL Z 228 68.53 -46.57 -77.31
C VAL Z 228 69.15 -47.56 -78.29
N GLU Z 229 68.39 -48.59 -78.69
CA GLU Z 229 68.90 -49.55 -79.65
C GLU Z 229 69.08 -48.93 -81.03
N ALA Z 230 68.12 -48.11 -81.46
CA ALA Z 230 68.26 -47.43 -82.74
C ALA Z 230 69.46 -46.49 -82.72
N THR Z 231 69.62 -45.74 -81.63
CA THR Z 231 70.81 -44.91 -81.48
C THR Z 231 72.06 -45.78 -81.39
N LEU Z 232 71.99 -46.88 -80.65
CA LEU Z 232 73.11 -47.81 -80.59
C LEU Z 232 73.31 -48.51 -81.92
N ALA Z 233 72.22 -48.85 -82.62
CA ALA Z 233 72.35 -49.43 -83.95
C ALA Z 233 73.04 -48.47 -84.89
N ALA Z 234 72.67 -47.19 -84.83
CA ALA Z 234 73.36 -46.17 -85.61
C ALA Z 234 74.72 -45.83 -85.03
N MET Z 235 74.94 -46.09 -83.73
CA MET Z 235 76.25 -45.83 -83.14
C MET Z 235 77.34 -46.63 -83.85
N LYS Z 236 77.11 -47.94 -84.03
CA LYS Z 236 78.06 -48.74 -84.78
C LYS Z 236 78.12 -48.29 -86.24
N ALA Z 237 76.96 -48.00 -86.83
CA ALA Z 237 76.92 -47.59 -88.23
C ALA Z 237 77.54 -46.22 -88.43
N ARG Z 238 77.16 -45.25 -87.59
CA ARG Z 238 77.71 -43.90 -87.75
C ARG Z 238 79.22 -43.89 -87.55
N ARG Z 239 79.70 -44.61 -86.54
CA ARG Z 239 81.14 -44.75 -86.36
C ARG Z 239 81.74 -45.64 -87.44
N SER Z 240 81.01 -46.65 -87.88
CA SER Z 240 81.48 -47.57 -88.92
C SER Z 240 80.31 -48.22 -89.66
N GLN AA 45 -5.48 40.49 41.65
CA GLN AA 45 -5.12 41.75 42.36
C GLN AA 45 -3.64 41.75 42.72
N GLU AA 46 -3.07 42.94 42.85
CA GLU AA 46 -1.66 43.13 43.18
C GLU AA 46 -1.55 43.73 44.58
N ALA AA 47 -0.31 43.96 45.00
CA ALA AA 47 -0.09 44.59 46.30
C ALA AA 47 -0.68 45.99 46.29
N PRO AA 48 -1.38 46.40 47.35
CA PRO AA 48 -2.01 47.74 47.32
C PRO AA 48 -1.02 48.87 47.14
N GLU AA 49 0.18 48.73 47.71
CA GLU AA 49 1.18 49.79 47.59
C GLU AA 49 1.62 49.97 46.14
N ASP AA 50 1.79 48.86 45.42
CA ASP AA 50 2.28 48.95 44.04
C ASP AA 50 1.31 49.73 43.17
N LEU AA 51 0.00 49.51 43.36
CA LEU AA 51 -0.99 50.23 42.56
C LEU AA 51 -0.86 51.74 42.75
N LEU AA 52 -0.57 52.18 43.98
CA LEU AA 52 -0.58 53.60 44.29
C LEU AA 52 0.41 54.35 43.40
N GLU AA 53 1.62 53.82 43.26
CA GLU AA 53 2.61 54.46 42.40
C GLU AA 53 2.14 54.48 40.95
N ARG AA 54 1.64 53.35 40.47
CA ARG AA 54 1.20 53.26 39.08
C ARG AA 54 -0.01 54.17 38.83
N LEU AA 55 -0.95 54.21 39.78
CA LEU AA 55 -2.17 54.98 39.57
C LEU AA 55 -1.86 56.47 39.41
N LEU AA 56 -0.99 57.02 40.27
CA LEU AA 56 -0.69 58.44 40.19
C LEU AA 56 0.05 58.78 38.90
N GLY AA 57 0.94 57.89 38.45
CA GLY AA 57 1.62 58.13 37.19
C GLY AA 57 0.65 58.29 36.04
N GLU AA 58 -0.40 57.47 36.01
CA GLU AA 58 -1.45 57.65 35.01
C GLU AA 58 -2.19 58.97 35.24
N MET AA 59 -2.44 59.32 36.50
CA MET AA 59 -3.16 60.55 36.80
C MET AA 59 -2.38 61.77 36.32
N GLU AA 60 -1.08 61.81 36.60
CA GLU AA 60 -0.28 62.95 36.18
C GLU AA 60 -0.22 63.06 34.67
N LEU AA 61 -0.09 61.93 33.98
CA LEU AA 61 -0.06 61.94 32.52
C LEU AA 61 -1.35 62.51 31.96
N GLU AA 62 -2.49 62.14 32.54
CA GLU AA 62 -3.77 62.60 32.03
C GLU AA 62 -3.92 64.11 32.18
N LEU AA 63 -3.44 64.67 33.29
CA LEU AA 63 -3.70 66.07 33.59
C LEU AA 63 -3.11 66.99 32.53
N ILE AA 64 -1.88 66.73 32.10
CA ILE AA 64 -1.26 67.58 31.09
C ILE AA 64 -2.02 67.51 29.78
N GLU AA 65 -2.57 66.33 29.46
CA GLU AA 65 -3.38 66.20 28.26
C GLU AA 65 -4.60 67.13 28.34
N LEU AA 66 -5.22 67.19 29.51
CA LEU AA 66 -6.28 68.18 29.72
C LEU AA 66 -5.76 69.59 29.54
N ARG AA 67 -4.59 69.88 30.09
CA ARG AA 67 -4.01 71.22 29.96
C ARG AA 67 -3.79 71.57 28.50
N ARG AA 68 -3.26 70.63 27.72
CA ARG AA 68 -3.01 70.88 26.31
C ARG AA 68 -4.32 71.13 25.55
N ALA AA 69 -5.34 70.31 25.83
CA ALA AA 69 -6.59 70.43 25.09
C ALA AA 69 -7.26 71.77 25.33
N LEU AA 70 -7.29 72.23 26.59
CA LEU AA 70 -7.93 73.49 26.90
C LEU AA 70 -7.34 74.64 26.10
N ALA AA 71 -6.04 74.60 25.82
CA ALA AA 71 -5.42 75.66 25.03
C ALA AA 71 -6.04 75.76 23.65
N GLN AA 72 -6.29 74.62 23.02
CA GLN AA 72 -6.87 74.64 21.68
C GLN AA 72 -8.24 75.31 21.68
N THR AA 73 -9.00 75.14 22.75
CA THR AA 73 -10.28 75.83 22.86
C THR AA 73 -10.08 77.34 22.83
N ILE AA 74 -9.05 77.83 23.55
CA ILE AA 74 -8.80 79.27 23.61
C ILE AA 74 -8.47 79.79 22.22
N ALA AA 75 -7.74 79.01 21.42
CA ALA AA 75 -7.36 79.46 20.08
C ALA AA 75 -8.58 79.82 19.25
N THR AA 76 -9.56 78.91 19.20
CA THR AA 76 -10.77 79.18 18.43
C THR AA 76 -11.54 80.36 19.01
N PHE AA 77 -11.64 80.43 20.34
CA PHE AA 77 -12.32 81.54 20.97
C PHE AA 77 -11.69 82.88 20.58
N LYS AA 78 -10.37 82.93 20.54
CA LYS AA 78 -9.70 84.15 20.07
C LYS AA 78 -9.79 84.29 18.56
N SER AA 79 -9.65 83.18 17.83
CA SER AA 79 -9.63 83.25 16.38
C SER AA 79 -10.92 83.81 15.82
N THR AA 80 -12.06 83.30 16.28
CA THR AA 80 -13.34 83.79 15.79
C THR AA 80 -13.54 85.25 16.16
N GLU AA 81 -13.13 85.64 17.37
CA GLU AA 81 -13.28 87.03 17.79
C GLU AA 81 -12.50 87.95 16.86
N ARG AA 82 -11.27 87.56 16.50
CA ARG AA 82 -10.54 88.33 15.49
C ARG AA 82 -11.25 88.29 14.16
N GLN AA 83 -11.81 87.13 13.79
CA GLN AA 83 -12.58 87.03 12.56
C GLN AA 83 -13.80 87.93 12.59
N ARG AA 84 -14.46 88.02 13.75
CA ARG AA 84 -15.66 88.84 13.86
C ARG AA 84 -15.35 90.30 13.57
N ASP AA 85 -14.24 90.81 14.11
CA ASP AA 85 -13.90 92.22 13.91
C ASP AA 85 -13.71 92.54 12.43
N ALA AA 86 -13.25 91.57 11.64
CA ALA AA 86 -13.00 91.82 10.23
C ALA AA 86 -14.28 92.20 9.49
N GLN AA 87 -15.37 91.46 9.77
CA GLN AA 87 -16.61 91.67 9.03
C GLN AA 87 -17.17 93.06 9.27
N GLN AA 88 -17.26 93.47 10.53
CA GLN AA 88 -17.80 94.80 10.82
C GLN AA 88 -16.95 95.89 10.19
N LEU AA 89 -15.64 95.68 10.10
CA LEU AA 89 -14.79 96.65 9.43
C LEU AA 89 -15.19 96.81 7.97
N ILE AA 90 -15.52 95.69 7.30
CA ILE AA 90 -15.98 95.78 5.92
C ILE AA 90 -17.28 96.56 5.84
N ALA AA 91 -18.22 96.27 6.76
CA ALA AA 91 -19.47 97.01 6.78
C ALA AA 91 -19.23 98.49 6.99
N GLN AA 92 -18.26 98.83 7.83
CA GLN AA 92 -17.92 100.24 8.04
C GLN AA 92 -17.47 100.89 6.74
N ARG AA 93 -16.71 100.16 5.91
CA ARG AA 93 -16.25 100.71 4.65
C ARG AA 93 -17.43 101.11 3.77
N TRP AA 94 -18.42 100.22 3.65
CA TRP AA 94 -19.61 100.54 2.87
C TRP AA 94 -20.35 101.73 3.48
N TYR AA 95 -20.50 101.74 4.80
CA TYR AA 95 -21.15 102.86 5.47
C TYR AA 95 -20.38 104.15 5.23
N GLU AA 96 -19.04 104.09 5.37
CA GLU AA 96 -18.23 105.26 5.09
C GLU AA 96 -18.36 105.68 3.63
N LYS AA 97 -18.35 104.70 2.72
CA LYS AA 97 -18.55 105.00 1.31
C LYS AA 97 -19.94 105.60 1.08
N ALA AA 98 -20.95 105.04 1.72
CA ALA AA 98 -22.30 105.57 1.58
C ALA AA 98 -22.42 106.99 2.12
N GLN AA 99 -21.50 107.41 3.00
CA GLN AA 99 -21.58 108.75 3.54
C GLN AA 99 -21.46 109.79 2.44
N ALA AA 100 -20.52 109.60 1.52
CA ALA AA 100 -20.33 110.50 0.39
C ALA AA 100 -20.98 109.97 -0.88
N ALA AA 101 -21.70 108.85 -0.81
CA ALA AA 101 -22.34 108.30 -1.99
C ALA AA 101 -23.34 109.28 -2.58
N LEU AA 102 -24.19 109.85 -1.73
CA LEU AA 102 -25.17 110.85 -2.15
C LEU AA 102 -24.68 112.28 -1.92
N ASP AA 103 -23.42 112.46 -1.53
CA ASP AA 103 -22.88 113.81 -1.38
C ASP AA 103 -23.05 114.62 -2.66
N ARG AA 104 -22.99 113.95 -3.81
CA ARG AA 104 -23.27 114.58 -5.09
C ARG AA 104 -24.77 114.69 -5.36
N GLY AA 105 -25.61 114.36 -4.37
CA GLY AA 105 -27.04 114.24 -4.58
C GLY AA 105 -27.47 112.88 -5.08
N ASN AA 106 -26.55 111.92 -5.18
CA ASN AA 106 -26.87 110.58 -5.70
C ASN AA 106 -27.44 109.72 -4.58
N GLU AA 107 -28.69 110.00 -4.24
CA GLU AA 107 -29.37 109.25 -3.20
C GLU AA 107 -29.59 107.79 -3.61
N GLN AA 108 -29.85 107.54 -4.89
CA GLN AA 108 -30.15 106.18 -5.33
C GLN AA 108 -29.00 105.24 -5.04
N LEU AA 109 -27.76 105.67 -5.31
CA LEU AA 109 -26.62 104.80 -5.10
C LEU AA 109 -26.48 104.41 -3.64
N ALA AA 110 -26.68 105.37 -2.73
CA ALA AA 110 -26.54 105.09 -1.31
C ALA AA 110 -27.54 104.03 -0.85
N ARG AA 111 -28.66 103.90 -1.56
CA ARG AA 111 -29.65 102.88 -1.19
C ARG AA 111 -29.04 101.49 -1.22
N GLU AA 112 -28.28 101.18 -2.27
CA GLU AA 112 -27.70 99.86 -2.41
C GLU AA 112 -26.69 99.57 -1.28
N ALA AA 113 -25.88 100.57 -0.93
CA ALA AA 113 -24.86 100.34 0.09
C ALA AA 113 -25.48 99.97 1.42
N LEU AA 114 -26.45 100.77 1.90
CA LEU AA 114 -27.08 100.46 3.17
C LEU AA 114 -27.81 99.13 3.13
N GLY AA 115 -28.46 98.82 2.01
CA GLY AA 115 -29.05 97.51 1.87
C GLY AA 115 -28.01 96.40 1.85
N GLN AA 116 -26.86 96.68 1.24
CA GLN AA 116 -25.80 95.67 1.14
C GLN AA 116 -25.23 95.33 2.51
N ARG AA 117 -24.96 96.35 3.33
CA ARG AA 117 -24.28 96.13 4.61
C ARG AA 117 -25.14 95.36 5.61
N GLN AA 118 -26.45 95.28 5.40
CA GLN AA 118 -27.30 94.55 6.33
C GLN AA 118 -26.93 93.08 6.37
N SER AA 119 -26.62 92.50 5.21
CA SER AA 119 -26.22 91.10 5.18
C SER AA 119 -24.99 90.86 6.05
N TYR AA 120 -24.00 91.75 5.97
CA TYR AA 120 -22.82 91.61 6.82
C TYR AA 120 -23.19 91.74 8.29
N GLN AA 121 -24.08 92.67 8.62
CA GLN AA 121 -24.47 92.86 10.01
C GLN AA 121 -25.07 91.58 10.59
N SER AA 122 -25.77 90.80 9.76
CA SER AA 122 -26.37 89.57 10.25
C SER AA 122 -25.31 88.62 10.78
N HIS AA 123 -24.21 88.47 10.04
CA HIS AA 123 -23.13 87.60 10.50
C HIS AA 123 -22.54 88.10 11.81
N THR AA 124 -22.34 89.41 11.93
CA THR AA 124 -21.77 89.97 13.16
C THR AA 124 -22.65 89.64 14.36
N GLU AA 125 -23.95 89.82 14.22
CA GLU AA 125 -24.86 89.51 15.32
C GLU AA 125 -24.83 88.02 15.66
N ALA AA 126 -24.81 87.17 14.63
CA ALA AA 126 -24.78 85.73 14.87
C ALA AA 126 -23.52 85.33 15.63
N LEU AA 127 -22.37 85.88 15.23
CA LEU AA 127 -21.12 85.52 15.90
C LEU AA 127 -21.07 86.09 17.32
N GLY AA 128 -21.58 87.31 17.52
CA GLY AA 128 -21.55 87.88 18.85
C GLY AA 128 -22.27 87.02 19.87
N LYS AA 129 -23.42 86.47 19.48
CA LYS AA 129 -24.14 85.55 20.37
C LYS AA 129 -23.35 84.28 20.59
N SER AA 130 -22.71 83.76 19.54
CA SER AA 130 -21.98 82.50 19.66
C SER AA 130 -20.83 82.62 20.64
N LEU AA 131 -20.09 83.73 20.59
CA LEU AA 131 -18.97 83.92 21.52
C LEU AA 131 -19.47 84.09 22.95
N GLY AA 132 -20.65 84.70 23.11
CA GLY AA 132 -21.16 84.95 24.45
C GLY AA 132 -21.27 83.69 25.29
N GLU AA 133 -21.76 82.61 24.68
CA GLU AA 133 -21.88 81.35 25.42
C GLU AA 133 -20.52 80.69 25.60
N GLN AA 134 -19.66 80.76 24.58
CA GLN AA 134 -18.32 80.17 24.70
C GLN AA 134 -17.51 80.87 25.78
N ARG AA 135 -17.64 82.20 25.88
CA ARG AA 135 -16.81 82.96 26.81
C ARG AA 135 -17.01 82.48 28.24
N ALA AA 136 -18.27 82.30 28.64
CA ALA AA 136 -18.58 81.85 29.99
C ALA AA 136 -18.44 80.34 30.16
N LEU AA 137 -18.22 79.60 29.08
CA LEU AA 137 -18.10 78.16 29.18
C LEU AA 137 -16.68 77.74 29.55
N VAL AA 138 -15.68 78.27 28.83
CA VAL AA 138 -14.29 77.91 29.10
C VAL AA 138 -13.90 78.33 30.50
N GLU AA 139 -14.32 79.54 30.92
CA GLU AA 139 -13.97 80.03 32.24
C GLU AA 139 -14.36 79.02 33.31
N GLN AA 140 -15.49 78.34 33.13
CA GLN AA 140 -15.87 77.27 34.04
C GLN AA 140 -14.89 76.11 33.94
N VAL AA 141 -14.44 75.80 32.73
CA VAL AA 141 -13.50 74.69 32.55
C VAL AA 141 -12.20 74.97 33.29
N ARG AA 142 -11.68 76.19 33.16
CA ARG AA 142 -10.43 76.52 33.82
C ARG AA 142 -10.50 76.29 35.32
N GLY AA 143 -11.66 76.57 35.93
CA GLY AA 143 -11.81 76.32 37.35
C GLY AA 143 -11.64 74.87 37.72
N GLN AA 144 -12.20 73.96 36.91
CA GLN AA 144 -12.05 72.53 37.18
C GLN AA 144 -10.59 72.11 37.11
N LEU AA 145 -9.88 72.57 36.09
CA LEU AA 145 -8.47 72.20 35.95
C LEU AA 145 -7.65 72.73 37.12
N GLN AA 146 -7.85 73.99 37.48
CA GLN AA 146 -7.07 74.59 38.56
C GLN AA 146 -7.35 73.87 39.88
N LYS AA 147 -8.63 73.59 40.16
CA LYS AA 147 -8.96 72.87 41.39
C LYS AA 147 -8.36 71.48 41.39
N LEU AA 148 -8.40 70.79 40.24
CA LEU AA 148 -7.85 69.44 40.16
C LEU AA 148 -6.36 69.45 40.47
N GLU AA 149 -5.63 70.41 39.90
CA GLU AA 149 -4.20 70.49 40.14
C GLU AA 149 -3.90 70.70 41.62
N ARG AA 150 -4.66 71.59 42.27
CA ARG AA 150 -4.47 71.81 43.70
C ARG AA 150 -4.78 70.53 44.48
N LYS AA 151 -5.83 69.81 44.09
CA LYS AA 151 -6.16 68.56 44.76
C LYS AA 151 -5.14 67.48 44.46
N TYR AA 152 -4.49 67.54 43.30
CA TYR AA 152 -3.52 66.52 42.94
C TYR AA 152 -2.38 66.45 43.94
N LEU AA 153 -1.83 67.61 44.30
CA LEU AA 153 -0.64 67.63 45.15
C LEU AA 153 -0.93 67.05 46.53
N GLU AA 154 -2.11 67.35 47.08
CA GLU AA 154 -2.43 66.91 48.44
C GLU AA 154 -2.38 65.39 48.58
N LEU AA 155 -2.52 64.67 47.47
CA LEU AA 155 -2.40 63.21 47.50
C LEU AA 155 -0.94 62.78 47.48
N LYS AA 156 -0.16 63.33 46.55
CA LYS AA 156 1.23 62.93 46.42
C LYS AA 156 2.02 63.27 47.68
N SER AA 157 1.72 64.41 48.30
CA SER AA 157 2.45 64.81 49.50
C SER AA 157 2.27 63.81 50.63
N GLN AA 158 1.24 62.96 50.57
CA GLN AA 158 1.01 61.97 51.61
C GLN AA 158 1.44 60.56 51.20
N LYS AA 159 1.53 60.28 49.90
CA LYS AA 159 1.82 58.92 49.48
C LYS AA 159 3.17 58.45 50.01
N ASN AA 160 4.18 59.31 49.94
CA ASN AA 160 5.49 58.94 50.47
C ASN AA 160 5.43 58.68 51.96
N LEU AA 161 4.60 59.42 52.69
CA LEU AA 161 4.50 59.21 54.13
C LEU AA 161 3.93 57.83 54.44
N TYR AA 162 2.89 57.41 53.72
CA TYR AA 162 2.30 56.10 53.98
C TYR AA 162 3.29 54.98 53.69
N LEU AA 163 4.02 55.07 52.58
CA LEU AA 163 4.97 54.02 52.23
C LEU AA 163 6.02 53.85 53.33
N ALA AA 164 6.50 54.96 53.89
CA ALA AA 164 7.49 54.87 54.96
C ALA AA 164 6.94 54.10 56.15
N ARG AA 165 5.70 54.39 56.54
CA ARG AA 165 5.09 53.65 57.65
C ARG AA 165 4.95 52.19 57.30
N LEU AA 166 4.55 51.89 56.06
CA LEU AA 166 4.41 50.50 55.63
C LEU AA 166 5.74 49.77 55.69
N LYS AA 167 6.81 50.40 55.20
CA LYS AA 167 8.12 49.76 55.25
C LYS AA 167 8.60 49.59 56.68
N SER AA 168 8.23 50.51 57.57
CA SER AA 168 8.66 50.41 58.96
C SER AA 168 8.03 49.19 59.63
N ALA AA 169 6.72 49.02 59.48
CA ALA AA 169 6.02 47.95 60.18
C ALA AA 169 6.33 46.59 59.57
N ILE AA 170 6.35 46.50 58.24
CA ILE AA 170 6.63 45.22 57.59
C ILE AA 170 7.99 44.70 58.05
N ALA AA 171 9.00 45.58 58.07
CA ALA AA 171 10.31 45.17 58.56
C ALA AA 171 10.24 44.75 60.02
N ALA AA 172 9.50 45.50 60.84
CA ALA AA 172 9.39 45.17 62.25
C ALA AA 172 8.84 43.76 62.45
N GLN AA 173 7.84 43.38 61.67
CA GLN AA 173 7.32 42.03 61.74
C GLN AA 173 8.40 41.01 61.38
N LYS AA 174 9.19 41.31 60.34
CA LYS AA 174 10.25 40.39 59.93
C LYS AA 174 11.29 40.23 61.04
N ILE AA 175 11.64 41.32 61.72
CA ILE AA 175 12.64 41.24 62.78
C ILE AA 175 12.11 40.40 63.94
N GLU AA 176 10.87 40.66 64.35
CA GLU AA 176 10.37 40.06 65.59
C GLU AA 176 10.30 38.54 65.48
N GLU AA 177 9.83 38.03 64.35
CA GLU AA 177 9.73 36.57 64.20
C GLU AA 177 11.08 35.90 64.32
N ILE AA 178 12.16 36.63 64.06
CA ILE AA 178 13.52 36.10 64.19
C ILE AA 178 14.06 36.45 65.57
N ALA AA 179 13.17 36.87 66.48
CA ALA AA 179 13.61 37.26 67.81
C ALA AA 179 14.41 36.16 68.47
N GLY AA 180 14.09 34.90 68.18
CA GLY AA 180 14.81 33.79 68.77
C GLY AA 180 14.74 33.82 70.29
N ASN AA 181 13.54 34.02 70.83
CA ASN AA 181 13.37 34.13 72.27
C ASN AA 181 13.91 32.88 72.95
N LEU AA 182 14.72 33.07 73.99
CA LEU AA 182 15.31 31.94 74.70
C LEU AA 182 14.25 31.16 75.47
N ASP AA 183 13.16 31.82 75.87
CA ASP AA 183 12.17 31.19 76.74
C ASP AA 183 11.28 30.18 76.02
N ASN AA 184 11.28 30.15 74.69
CA ASN AA 184 10.33 29.29 73.99
C ASN AA 184 10.56 27.82 74.35
N ALA AA 185 11.81 27.36 74.26
CA ALA AA 185 12.15 25.99 74.59
C ALA AA 185 11.32 24.99 73.77
N SER AA 186 11.09 25.34 72.51
CA SER AA 186 10.28 24.51 71.62
C SER AA 186 10.84 24.43 70.20
N ALA AA 187 12.01 24.99 69.93
CA ALA AA 187 12.66 25.07 68.63
C ALA AA 187 12.01 26.16 67.77
N SER AA 188 10.97 26.84 68.24
CA SER AA 188 10.44 27.98 67.51
C SER AA 188 11.49 29.08 67.44
N SER AA 189 12.18 29.35 68.54
CA SER AA 189 13.35 30.21 68.53
C SER AA 189 14.55 29.38 68.08
N LEU AA 190 15.21 29.83 67.02
CA LEU AA 190 16.32 29.06 66.48
C LEU AA 190 17.44 28.88 67.50
N PHE AA 191 17.57 29.81 68.45
CA PHE AA 191 18.60 29.67 69.48
C PHE AA 191 18.34 28.45 70.36
N GLU AA 192 17.12 28.31 70.86
CA GLU AA 192 16.80 27.15 71.69
C GLU AA 192 16.90 25.86 70.88
N ARG AA 193 16.62 25.93 69.58
CA ARG AA 193 16.84 24.76 68.73
C ARG AA 193 18.31 24.37 68.72
N ILE AA 194 19.20 25.37 68.66
CA ILE AA 194 20.62 25.10 68.77
C ILE AA 194 20.94 24.49 70.13
N GLU AA 195 20.38 25.04 71.19
CA GLU AA 195 20.66 24.52 72.52
C GLU AA 195 20.28 23.05 72.64
N THR AA 196 19.13 22.68 72.06
CA THR AA 196 18.75 21.27 72.03
C THR AA 196 19.79 20.45 71.27
N LYS AA 197 20.30 20.99 70.16
CA LYS AA 197 21.32 20.29 69.40
C LYS AA 197 22.57 20.05 70.24
N ILE AA 198 22.99 21.04 71.02
CA ILE AA 198 24.20 20.92 71.82
C ILE AA 198 24.08 19.74 72.79
N LEU AA 199 22.98 19.70 73.53
CA LEU AA 199 22.80 18.65 74.53
C LEU AA 199 22.69 17.28 73.89
N GLU AA 200 22.19 17.21 72.65
CA GLU AA 200 22.08 15.94 71.97
C GLU AA 200 23.44 15.27 71.82
N LEU AA 201 24.43 16.04 71.36
CA LEU AA 201 25.76 15.48 71.15
C LEU AA 201 26.42 15.11 72.48
N GLU AA 202 26.39 16.01 73.45
CA GLU AA 202 27.02 15.74 74.74
C GLU AA 202 26.44 14.48 75.37
N ALA AA 203 25.15 14.21 75.13
CA ALA AA 203 24.54 13.00 75.68
C ALA AA 203 25.17 11.75 75.11
N GLU AA 204 25.44 11.74 73.81
CA GLU AA 204 25.99 10.55 73.17
C GLU AA 204 27.37 10.21 73.73
N ARG AA 205 28.22 11.22 73.92
CA ARG AA 205 29.58 10.97 74.35
C ARG AA 205 29.62 10.33 75.73
N GLU AA 206 28.85 10.88 76.68
CA GLU AA 206 28.88 10.36 78.04
C GLU AA 206 28.42 8.92 78.08
N LEU AA 207 27.36 8.59 77.35
CA LEU AA 207 26.86 7.22 77.36
C LEU AA 207 27.87 6.26 76.73
N LEU AA 208 28.47 6.65 75.60
CA LEU AA 208 29.39 5.76 74.91
C LEU AA 208 30.68 5.60 75.71
N ASN AA 209 30.99 6.55 76.59
CA ASN AA 209 32.16 6.50 77.46
C ASN AA 209 31.66 6.67 78.89
N PRO AA 210 31.20 5.59 79.52
CA PRO AA 210 30.63 5.70 80.87
C PRO AA 210 31.58 6.45 81.80
N PRO AA 211 31.17 7.62 82.29
CA PRO AA 211 32.03 8.36 83.21
C PRO AA 211 32.12 7.66 84.55
N PRO AA 212 33.10 8.01 85.38
CA PRO AA 212 33.28 7.30 86.65
C PRO AA 212 32.04 7.41 87.53
N SER AA 213 31.76 6.33 88.25
CA SER AA 213 30.65 6.33 89.18
C SER AA 213 30.98 7.24 90.37
N PRO AA 214 29.95 7.79 91.03
CA PRO AA 214 30.22 8.63 92.20
C PRO AA 214 30.98 7.90 93.29
N LEU AA 215 30.75 6.59 93.45
CA LEU AA 215 31.51 5.82 94.42
C LEU AA 215 33.00 5.82 94.07
N ASP AA 216 33.32 5.65 92.78
CA ASP AA 216 34.72 5.73 92.36
C ASP AA 216 35.29 7.11 92.63
N LYS AA 217 34.50 8.16 92.36
CA LYS AA 217 34.94 9.51 92.70
C LYS AA 217 35.21 9.64 94.19
N LYS AA 218 34.33 9.08 95.02
CA LYS AA 218 34.52 9.15 96.46
C LYS AA 218 35.87 8.55 96.86
N PHE AA 219 36.19 7.38 96.31
CA PHE AA 219 37.45 6.72 96.67
C PHE AA 219 38.65 7.56 96.25
N GLU AA 220 38.60 8.15 95.06
CA GLU AA 220 39.77 8.86 94.54
C GLU AA 220 40.16 10.01 95.46
N GLN AA 221 39.20 10.90 95.78
CA GLN AA 221 39.48 11.97 96.71
C GLN AA 221 39.72 11.43 98.11
N TRP AA 222 38.95 10.42 98.51
CA TRP AA 222 39.13 9.81 99.83
C TRP AA 222 40.56 9.31 100.02
N GLU AA 223 41.21 8.90 98.92
CA GLU AA 223 42.59 8.42 99.02
C GLU AA 223 43.58 9.57 99.17
N GLU AA 224 43.34 10.68 98.47
CA GLU AA 224 44.35 11.75 98.40
C GLU AA 224 44.56 12.40 99.76
N GLN AA 225 43.52 12.48 100.60
CA GLN AA 225 43.66 13.17 101.87
C GLN AA 225 44.74 12.54 102.74
N GLN AA 226 44.76 11.21 102.80
CA GLN AA 226 45.81 10.54 103.57
C GLN AA 226 47.17 10.75 102.92
N ALA AA 227 47.23 10.71 101.59
CA ALA AA 227 48.51 10.88 100.90
C ALA AA 227 49.12 12.23 101.23
N VAL AA 228 48.33 13.30 101.14
CA VAL AA 228 48.84 14.63 101.47
C VAL AA 228 49.08 14.75 102.96
N GLU AA 229 48.15 14.23 103.78
CA GLU AA 229 48.32 14.30 105.23
C GLU AA 229 49.49 13.43 105.69
N ALA AA 230 49.61 12.22 105.13
CA ALA AA 230 50.74 11.37 105.48
C ALA AA 230 52.05 12.02 105.07
N THR AA 231 52.10 12.59 103.86
CA THR AA 231 53.28 13.35 103.46
C THR AA 231 53.46 14.56 104.35
N LEU AA 232 52.38 15.27 104.66
CA LEU AA 232 52.46 16.39 105.59
C LEU AA 232 52.79 15.93 107.00
N ALA AA 233 52.24 14.79 107.41
CA ALA AA 233 52.60 14.23 108.72
C ALA AA 233 54.07 13.92 108.79
N ALA AA 234 54.61 13.31 107.72
CA ALA AA 234 56.05 13.09 107.64
C ALA AA 234 56.82 14.37 107.35
N MET AA 235 56.18 15.38 106.77
CA MET AA 235 56.85 16.65 106.53
C MET AA 235 57.37 17.25 107.84
N LYS AA 236 56.50 17.34 108.85
CA LYS AA 236 56.95 17.81 110.16
C LYS AA 236 57.95 16.84 110.77
N ALA AA 237 57.70 15.53 110.64
CA ALA AA 237 58.60 14.55 111.22
C ALA AA 237 59.94 14.52 110.50
N ARG AA 238 59.92 14.48 109.16
CA ARG AA 238 61.18 14.42 108.41
C ARG AA 238 62.02 15.67 108.65
N ARG AA 239 61.38 16.84 108.66
CA ARG AA 239 62.09 18.06 109.00
C ARG AA 239 62.43 18.09 110.48
N SER AA 240 61.55 17.55 111.32
CA SER AA 240 61.77 17.53 112.76
C SER AA 240 61.00 16.39 113.42
N GLN BA 45 0.49 7.67 -56.08
CA GLN BA 45 1.16 8.02 -57.37
C GLN BA 45 1.91 9.34 -57.22
N GLU BA 46 2.93 9.52 -58.05
CA GLU BA 46 3.77 10.72 -58.05
C GLU BA 46 3.53 11.50 -59.34
N ALA BA 47 4.24 12.61 -59.48
CA ALA BA 47 4.15 13.38 -60.70
C ALA BA 47 4.67 12.55 -61.87
N PRO BA 48 3.98 12.56 -63.02
CA PRO BA 48 4.43 11.71 -64.14
C PRO BA 48 5.85 12.03 -64.60
N GLU BA 49 6.22 13.32 -64.57
CA GLU BA 49 7.56 13.69 -65.02
C GLU BA 49 8.64 13.10 -64.11
N ASP BA 50 8.40 13.09 -62.80
CA ASP BA 50 9.41 12.59 -61.88
C ASP BA 50 9.72 11.12 -62.13
N LEU BA 51 8.68 10.33 -62.42
CA LEU BA 51 8.90 8.90 -62.69
C LEU BA 51 9.84 8.71 -63.88
N LEU BA 52 9.70 9.54 -64.91
CA LEU BA 52 10.43 9.34 -66.14
C LEU BA 52 11.94 9.33 -65.89
N GLU BA 53 12.42 10.30 -65.11
CA GLU BA 53 13.85 10.34 -64.79
C GLU BA 53 14.27 9.11 -63.99
N ARG BA 54 13.47 8.75 -62.98
CA ARG BA 54 13.81 7.59 -62.15
C ARG BA 54 13.74 6.29 -62.95
N LEU BA 55 12.74 6.16 -63.81
CA LEU BA 55 12.58 4.92 -64.55
C LEU BA 55 13.77 4.64 -65.47
N LEU BA 56 14.23 5.65 -66.20
CA LEU BA 56 15.35 5.45 -67.11
C LEU BA 56 16.63 5.12 -66.36
N GLY BA 57 16.84 5.76 -65.21
CA GLY BA 57 18.02 5.45 -64.42
C GLY BA 57 18.08 3.97 -64.04
N GLU BA 58 16.93 3.40 -63.68
CA GLU BA 58 16.87 1.97 -63.44
C GLU BA 58 17.13 1.18 -64.73
N MET BA 59 16.57 1.66 -65.84
CA MET BA 59 16.77 0.97 -67.11
C MET BA 59 18.24 0.93 -67.51
N GLU BA 60 18.93 2.06 -67.40
CA GLU BA 60 20.35 2.09 -67.77
C GLU BA 60 21.16 1.17 -66.88
N LEU BA 61 20.86 1.17 -65.57
CA LEU BA 61 21.60 0.31 -64.66
C LEU BA 61 21.42 -1.16 -65.03
N GLU BA 62 20.21 -1.54 -65.41
CA GLU BA 62 19.95 -2.94 -65.75
C GLU BA 62 20.74 -3.37 -66.98
N LEU BA 63 20.85 -2.49 -67.97
CA LEU BA 63 21.42 -2.89 -69.26
C LEU BA 63 22.86 -3.34 -69.11
N ILE BA 64 23.66 -2.62 -68.34
CA ILE BA 64 25.06 -2.98 -68.17
C ILE BA 64 25.16 -4.34 -67.47
N GLU BA 65 24.26 -4.62 -66.54
CA GLU BA 65 24.25 -5.93 -65.89
C GLU BA 65 24.04 -7.03 -66.91
N LEU BA 66 23.14 -6.81 -67.87
CA LEU BA 66 22.99 -7.74 -68.98
C LEU BA 66 24.28 -7.85 -69.77
N ARG BA 67 24.92 -6.71 -70.04
CA ARG BA 67 26.17 -6.73 -70.79
C ARG BA 67 27.23 -7.54 -70.07
N ARG BA 68 27.35 -7.36 -68.76
CA ARG BA 68 28.34 -8.10 -67.98
C ARG BA 68 28.04 -9.60 -68.01
N ALA BA 69 26.77 -9.97 -67.85
CA ALA BA 69 26.41 -11.38 -67.77
C ALA BA 69 26.73 -12.11 -69.07
N LEU BA 70 26.40 -11.49 -70.20
CA LEU BA 70 26.63 -12.14 -71.49
C LEU BA 70 28.11 -12.50 -71.67
N ALA BA 71 29.01 -11.68 -71.14
CA ALA BA 71 30.43 -11.97 -71.27
C ALA BA 71 30.78 -13.30 -70.61
N GLN BA 72 30.21 -13.57 -69.44
CA GLN BA 72 30.52 -14.82 -68.75
C GLN BA 72 30.09 -16.03 -69.57
N THR BA 73 28.99 -15.90 -70.32
CA THR BA 73 28.58 -16.97 -71.22
C THR BA 73 29.67 -17.25 -72.26
N ILE BA 74 30.26 -16.19 -72.82
CA ILE BA 74 31.28 -16.37 -73.84
C ILE BA 74 32.48 -17.10 -73.26
N ALA BA 75 32.82 -16.83 -72.00
CA ALA BA 75 33.98 -17.47 -71.38
C ALA BA 75 33.85 -18.98 -71.42
N THR BA 76 32.71 -19.50 -70.97
CA THR BA 76 32.50 -20.95 -70.98
C THR BA 76 32.47 -21.49 -72.40
N PHE BA 77 31.83 -20.78 -73.32
CA PHE BA 77 31.80 -21.21 -74.71
C PHE BA 77 33.19 -21.34 -75.27
N LYS BA 78 34.08 -20.39 -74.96
CA LYS BA 78 35.47 -20.50 -75.39
C LYS BA 78 36.22 -21.53 -74.55
N SER BA 79 35.96 -21.57 -73.24
CA SER BA 79 36.72 -22.44 -72.36
C SER BA 79 36.55 -23.91 -72.75
N THR BA 80 35.30 -24.33 -72.94
CA THR BA 80 35.04 -25.73 -73.31
C THR BA 80 35.66 -26.04 -74.67
N GLU BA 81 35.57 -25.12 -75.62
CA GLU BA 81 36.15 -25.34 -76.93
C GLU BA 81 37.65 -25.58 -76.83
N ARG BA 82 38.34 -24.78 -76.02
CA ARG BA 82 39.75 -25.04 -75.75
C ARG BA 82 39.93 -26.39 -75.06
N GLN BA 83 39.03 -26.70 -74.11
CA GLN BA 83 39.09 -28.00 -73.44
C GLN BA 83 38.87 -29.13 -74.42
N ARG BA 84 37.98 -28.95 -75.39
CA ARG BA 84 37.69 -30.00 -76.36
C ARG BA 84 38.93 -30.34 -77.17
N ASP BA 85 39.69 -29.34 -77.60
CA ASP BA 85 40.86 -29.58 -78.42
C ASP BA 85 41.88 -30.44 -77.68
N ALA BA 86 41.94 -30.30 -76.35
CA ALA BA 86 42.94 -31.04 -75.58
C ALA BA 86 42.72 -32.54 -75.70
N GLN BA 87 41.46 -32.99 -75.60
CA GLN BA 87 41.19 -34.42 -75.59
C GLN BA 87 41.60 -35.07 -76.90
N GLN BA 88 41.19 -34.49 -78.03
CA GLN BA 88 41.55 -35.07 -79.32
C GLN BA 88 43.05 -35.12 -79.51
N LEU BA 89 43.77 -34.15 -78.97
CA LEU BA 89 45.23 -34.18 -79.04
C LEU BA 89 45.77 -35.41 -78.33
N ILE BA 90 45.20 -35.75 -77.18
CA ILE BA 90 45.63 -36.96 -76.47
C ILE BA 90 45.34 -38.19 -77.32
N ALA BA 91 44.16 -38.26 -77.92
CA ALA BA 91 43.83 -39.38 -78.78
C ALA BA 91 44.81 -39.48 -79.95
N GLN BA 92 45.22 -38.34 -80.49
CA GLN BA 92 46.20 -38.34 -81.56
C GLN BA 92 47.51 -38.97 -81.10
N ARG BA 93 47.92 -38.70 -79.86
CA ARG BA 93 49.15 -39.28 -79.34
C ARG BA 93 49.08 -40.80 -79.36
N TRP BA 94 47.98 -41.37 -78.88
CA TRP BA 94 47.82 -42.82 -78.93
C TRP BA 94 47.80 -43.33 -80.35
N TYR BA 95 47.10 -42.63 -81.24
CA TYR BA 95 47.08 -43.03 -82.64
C TYR BA 95 48.47 -42.94 -83.25
N GLU BA 96 49.19 -41.86 -82.97
CA GLU BA 96 50.56 -41.74 -83.45
C GLU BA 96 51.43 -42.83 -82.85
N LYS BA 97 51.26 -43.10 -81.55
CA LYS BA 97 52.00 -44.20 -80.93
C LYS BA 97 51.64 -45.53 -81.56
N ALA BA 98 50.35 -45.76 -81.82
CA ALA BA 98 49.92 -46.99 -82.45
C ALA BA 98 50.46 -47.14 -83.86
N GLN BA 99 50.87 -46.04 -84.49
CA GLN BA 99 51.41 -46.13 -85.85
C GLN BA 99 52.66 -46.99 -85.87
N ALA BA 100 53.57 -46.79 -84.92
CA ALA BA 100 54.79 -47.59 -84.81
C ALA BA 100 54.65 -48.71 -83.79
N ALA BA 101 53.48 -48.87 -83.18
CA ALA BA 101 53.30 -49.93 -82.19
C ALA BA 101 53.59 -51.30 -82.78
N LEU BA 102 53.01 -51.57 -83.95
CA LEU BA 102 53.23 -52.82 -84.65
C LEU BA 102 54.30 -52.72 -85.72
N ASP BA 103 55.02 -51.58 -85.79
CA ASP BA 103 56.11 -51.47 -86.74
C ASP BA 103 57.13 -52.58 -86.56
N ARG BA 104 57.31 -53.06 -85.33
CA ARG BA 104 58.13 -54.23 -85.05
C ARG BA 104 57.40 -55.53 -85.34
N GLY BA 105 56.21 -55.46 -85.92
CA GLY BA 105 55.35 -56.62 -86.05
C GLY BA 105 54.48 -56.88 -84.85
N ASN BA 106 54.48 -56.00 -83.85
CA ASN BA 106 53.72 -56.18 -82.63
C ASN BA 106 52.29 -55.69 -82.84
N GLU BA 107 51.52 -56.50 -83.57
CA GLU BA 107 50.13 -56.16 -83.85
C GLU BA 107 49.29 -56.18 -82.58
N GLN BA 108 49.58 -57.09 -81.65
CA GLN BA 108 48.77 -57.21 -80.45
C GLN BA 108 48.74 -55.91 -79.65
N LEU BA 109 49.90 -55.27 -79.50
CA LEU BA 109 49.97 -54.05 -78.70
C LEU BA 109 49.11 -52.95 -79.32
N ALA BA 110 49.16 -52.81 -80.65
CA ALA BA 110 48.38 -51.76 -81.31
C ALA BA 110 46.88 -51.95 -81.07
N ARG BA 111 46.45 -53.18 -80.80
CA ARG BA 111 45.03 -53.41 -80.54
C ARG BA 111 44.55 -52.60 -79.35
N GLU BA 112 45.34 -52.58 -78.27
CA GLU BA 112 44.93 -51.86 -77.07
C GLU BA 112 44.83 -50.37 -77.33
N ALA BA 113 45.78 -49.81 -78.07
CA ALA BA 113 45.80 -48.37 -78.31
C ALA BA 113 44.53 -47.92 -79.04
N LEU BA 114 44.21 -48.58 -80.15
CA LEU BA 114 43.02 -48.20 -80.91
C LEU BA 114 41.76 -48.40 -80.09
N GLY BA 115 41.69 -49.47 -79.31
CA GLY BA 115 40.57 -49.65 -78.39
C GLY BA 115 40.54 -48.58 -77.33
N GLN BA 116 41.72 -48.16 -76.85
CA GLN BA 116 41.78 -47.15 -75.79
C GLN BA 116 41.27 -45.80 -76.27
N ARG BA 117 41.68 -45.38 -77.47
CA ARG BA 117 41.35 -44.05 -77.95
C ARG BA 117 39.86 -43.86 -78.23
N GLN BA 118 39.11 -44.96 -78.36
CA GLN BA 118 37.68 -44.83 -78.64
C GLN BA 118 36.97 -44.12 -77.49
N SER BA 119 37.35 -44.44 -76.25
CA SER BA 119 36.75 -43.77 -75.10
C SER BA 119 36.93 -42.27 -75.18
N TYR BA 120 38.13 -41.81 -75.54
CA TYR BA 120 38.37 -40.39 -75.68
C TYR BA 120 37.52 -39.81 -76.80
N GLN BA 121 37.39 -40.52 -77.92
CA GLN BA 121 36.61 -40.02 -79.03
C GLN BA 121 35.16 -39.77 -78.62
N SER BA 122 34.64 -40.58 -77.70
CA SER BA 122 33.27 -40.40 -77.25
C SER BA 122 33.07 -39.03 -76.63
N HIS BA 123 34.02 -38.60 -75.78
CA HIS BA 123 33.91 -37.28 -75.16
C HIS BA 123 33.96 -36.18 -76.21
N THR BA 124 34.84 -36.33 -77.20
CA THR BA 124 34.96 -35.31 -78.24
C THR BA 124 33.64 -35.14 -78.99
N GLU BA 125 33.01 -36.25 -79.36
CA GLU BA 125 31.73 -36.18 -80.05
C GLU BA 125 30.66 -35.54 -79.17
N ALA BA 126 30.64 -35.91 -77.89
CA ALA BA 126 29.64 -35.36 -76.98
C ALA BA 126 29.80 -33.84 -76.84
N LEU BA 127 31.05 -33.37 -76.72
CA LEU BA 127 31.27 -31.94 -76.57
C LEU BA 127 30.98 -31.19 -77.87
N GLY BA 128 31.33 -31.78 -79.01
CA GLY BA 128 31.07 -31.11 -80.28
C GLY BA 128 29.59 -30.80 -80.47
N LYS BA 129 28.72 -31.75 -80.11
CA LYS BA 129 27.29 -31.49 -80.18
C LYS BA 129 26.87 -30.42 -79.19
N SER BA 130 27.45 -30.44 -77.99
CA SER BA 130 27.06 -29.48 -76.96
C SER BA 130 27.37 -28.05 -77.39
N LEU BA 131 28.55 -27.84 -77.98
CA LEU BA 131 28.91 -26.49 -78.43
C LEU BA 131 28.03 -26.05 -79.59
N GLY BA 132 27.60 -26.99 -80.43
CA GLY BA 132 26.80 -26.63 -81.59
C GLY BA 132 25.55 -25.86 -81.22
N GLU BA 133 24.85 -26.30 -80.18
CA GLU BA 133 23.64 -25.59 -79.75
C GLU BA 133 23.98 -24.29 -79.05
N GLN BA 134 25.05 -24.28 -78.24
CA GLN BA 134 25.45 -23.06 -77.56
C GLN BA 134 25.86 -21.98 -78.55
N ARG BA 135 26.57 -22.38 -79.61
CA ARG BA 135 27.10 -21.40 -80.55
C ARG BA 135 26.00 -20.55 -81.17
N ALA BA 136 24.92 -21.21 -81.60
CA ALA BA 136 23.80 -20.50 -82.21
C ALA BA 136 22.86 -19.88 -81.18
N LEU BA 137 23.06 -20.16 -79.90
CA LEU BA 137 22.18 -19.62 -78.86
C LEU BA 137 22.63 -18.22 -78.43
N VAL BA 138 23.92 -18.06 -78.13
CA VAL BA 138 24.42 -16.76 -77.69
C VAL BA 138 24.26 -15.73 -78.80
N GLU BA 139 24.54 -16.12 -80.04
CA GLU BA 139 24.43 -15.20 -81.16
C GLU BA 139 23.05 -14.56 -81.20
N GLN BA 140 22.01 -15.33 -80.86
CA GLN BA 140 20.68 -14.76 -80.75
C GLN BA 140 20.60 -13.78 -79.59
N VAL BA 141 21.27 -14.09 -78.48
CA VAL BA 141 21.24 -13.20 -77.32
C VAL BA 141 21.87 -11.85 -77.67
N ARG BA 142 23.01 -11.87 -78.36
CA ARG BA 142 23.68 -10.63 -78.71
C ARG BA 142 22.75 -9.72 -79.52
N GLY BA 143 21.92 -10.29 -80.39
CA GLY BA 143 21.00 -9.47 -81.15
C GLY BA 143 20.02 -8.72 -80.27
N GLN BA 144 19.50 -9.39 -79.24
CA GLN BA 144 18.57 -8.71 -78.34
C GLN BA 144 19.25 -7.55 -77.62
N LEU BA 145 20.47 -7.77 -77.13
CA LEU BA 145 21.17 -6.70 -76.41
C LEU BA 145 21.44 -5.52 -77.34
N GLN BA 146 21.94 -5.80 -78.54
CA GLN BA 146 22.26 -4.71 -79.47
C GLN BA 146 21.01 -3.93 -79.86
N LYS BA 147 19.92 -4.64 -80.15
CA LYS BA 147 18.68 -3.95 -80.48
C LYS BA 147 18.18 -3.12 -79.32
N LEU BA 148 18.26 -3.66 -78.10
CA LEU BA 148 17.81 -2.92 -76.92
C LEU BA 148 18.59 -1.63 -76.76
N GLU BA 149 19.91 -1.69 -76.91
CA GLU BA 149 20.73 -0.50 -76.77
C GLU BA 149 20.34 0.56 -77.79
N ARG BA 150 20.12 0.15 -79.04
CA ARG BA 150 19.67 1.09 -80.06
C ARG BA 150 18.32 1.68 -79.70
N LYS BA 151 17.41 0.86 -79.18
CA LYS BA 151 16.10 1.36 -78.78
C LYS BA 151 16.19 2.24 -77.54
N TYR BA 152 17.19 2.01 -76.69
CA TYR BA 152 17.32 2.79 -75.47
C TYR BA 152 17.51 4.27 -75.77
N LEU BA 153 18.40 4.59 -76.72
CA LEU BA 153 18.73 5.99 -76.98
C LEU BA 153 17.53 6.76 -77.50
N GLU BA 154 16.72 6.13 -78.36
CA GLU BA 154 15.61 6.84 -78.97
C GLU BA 154 14.63 7.36 -77.94
N LEU BA 155 14.61 6.78 -76.74
CA LEU BA 155 13.77 7.29 -75.67
C LEU BA 155 14.41 8.49 -74.99
N LYS BA 156 15.68 8.36 -74.60
CA LYS BA 156 16.35 9.43 -73.88
C LYS BA 156 16.45 10.69 -74.73
N SER BA 157 16.68 10.53 -76.03
CA SER BA 157 16.80 11.69 -76.92
C SER BA 157 15.52 12.52 -76.95
N GLN BA 158 14.40 11.94 -76.54
CA GLN BA 158 13.13 12.67 -76.52
C GLN BA 158 12.71 13.13 -75.13
N LYS BA 159 13.22 12.49 -74.08
CA LYS BA 159 12.74 12.82 -72.74
C LYS BA 159 13.03 14.28 -72.41
N ASN BA 160 14.23 14.76 -72.74
CA ASN BA 160 14.56 16.16 -72.48
C ASN BA 160 13.64 17.09 -73.25
N LEU BA 161 13.24 16.70 -74.46
CA LEU BA 161 12.35 17.55 -75.24
C LEU BA 161 11.00 17.70 -74.58
N TYR BA 162 10.44 16.61 -74.06
CA TYR BA 162 9.13 16.68 -73.42
C TYR BA 162 9.19 17.55 -72.17
N LEU BA 163 10.23 17.39 -71.35
CA LEU BA 163 10.32 18.18 -70.12
C LEU BA 163 10.33 19.68 -70.44
N ALA BA 164 11.04 20.07 -71.48
CA ALA BA 164 11.10 21.49 -71.85
C ALA BA 164 9.71 22.01 -72.19
N ARG BA 165 8.93 21.25 -72.96
CA ARG BA 165 7.57 21.65 -73.26
C ARG BA 165 6.73 21.75 -72.00
N LEU BA 166 6.90 20.77 -71.10
CA LEU BA 166 6.14 20.78 -69.85
C LEU BA 166 6.48 22.01 -69.01
N LYS BA 167 7.76 22.34 -68.90
CA LYS BA 167 8.16 23.53 -68.14
C LYS BA 167 7.65 24.80 -68.80
N SER BA 168 7.58 24.82 -70.13
CA SER BA 168 7.12 26.01 -70.83
C SER BA 168 5.64 26.27 -70.52
N ALA BA 169 4.81 25.24 -70.63
CA ALA BA 169 3.37 25.44 -70.47
C ALA BA 169 3.01 25.68 -69.01
N ILE BA 170 3.59 24.91 -68.09
CA ILE BA 170 3.29 25.08 -66.68
C ILE BA 170 3.58 26.51 -66.24
N ALA BA 171 4.74 27.04 -66.66
CA ALA BA 171 5.06 28.43 -66.34
C ALA BA 171 4.05 29.38 -66.98
N ALA BA 172 3.66 29.11 -68.23
CA ALA BA 172 2.72 29.97 -68.91
C ALA BA 172 1.41 30.08 -68.15
N GLN BA 173 0.93 28.95 -67.62
CA GLN BA 173 -0.28 28.98 -66.79
C GLN BA 173 -0.07 29.85 -65.55
N LYS BA 174 1.11 29.73 -64.93
CA LYS BA 174 1.39 30.52 -63.74
C LYS BA 174 1.39 32.01 -64.05
N ILE BA 175 1.97 32.39 -65.19
CA ILE BA 175 2.02 33.80 -65.57
C ILE BA 175 0.62 34.34 -65.82
N GLU BA 176 -0.19 33.59 -66.58
CA GLU BA 176 -1.46 34.12 -67.05
C GLU BA 176 -2.41 34.42 -65.89
N GLU BA 177 -2.46 33.53 -64.90
CA GLU BA 177 -3.37 33.76 -63.78
C GLU BA 177 -3.01 35.03 -63.02
N ILE BA 178 -1.76 35.49 -63.13
CA ILE BA 178 -1.32 36.71 -62.49
C ILE BA 178 -1.43 37.86 -63.48
N ALA BA 179 -2.15 37.63 -64.59
CA ALA BA 179 -2.27 38.66 -65.61
C ALA BA 179 -2.79 39.96 -65.02
N GLY BA 180 -3.63 39.89 -64.00
CA GLY BA 180 -4.16 41.09 -63.39
C GLY BA 180 -4.90 41.95 -64.38
N ASN BA 181 -5.78 41.32 -65.17
CA ASN BA 181 -6.51 42.04 -66.20
C ASN BA 181 -7.28 43.20 -65.59
N LEU BA 182 -7.16 44.39 -66.19
CA LEU BA 182 -7.84 45.56 -65.67
C LEU BA 182 -9.35 45.45 -65.85
N ASP BA 183 -9.81 44.70 -66.85
CA ASP BA 183 -11.22 44.66 -67.19
C ASP BA 183 -12.06 43.83 -66.21
N ASN BA 184 -11.45 43.03 -65.35
CA ASN BA 184 -12.24 42.14 -64.50
C ASN BA 184 -13.18 42.93 -63.60
N ALA BA 185 -12.65 43.92 -62.90
CA ALA BA 185 -13.46 44.77 -62.02
C ALA BA 185 -14.19 43.92 -60.98
N SER BA 186 -13.52 42.89 -60.48
CA SER BA 186 -14.11 41.97 -59.52
C SER BA 186 -13.14 41.55 -58.41
N ALA BA 187 -11.94 42.11 -58.37
CA ALA BA 187 -10.86 41.77 -57.44
C ALA BA 187 -10.16 40.48 -57.85
N SER BA 188 -10.62 39.79 -58.91
CA SER BA 188 -9.88 38.66 -59.42
C SER BA 188 -8.50 39.08 -59.92
N SER BA 189 -8.45 40.20 -60.64
CA SER BA 189 -7.18 40.83 -60.96
C SER BA 189 -6.74 41.68 -59.78
N LEU BA 190 -5.55 41.41 -59.27
CA LEU BA 190 -5.07 42.12 -58.09
C LEU BA 190 -4.98 43.62 -58.33
N PHE BA 191 -4.79 44.04 -59.58
CA PHE BA 191 -4.73 45.48 -59.88
C PHE BA 191 -6.07 46.15 -59.61
N GLU BA 192 -7.15 45.59 -60.13
CA GLU BA 192 -8.47 46.16 -59.87
C GLU BA 192 -8.82 46.09 -58.40
N ARG BA 193 -8.34 45.07 -57.69
CA ARG BA 193 -8.52 45.05 -56.24
C ARG BA 193 -7.85 46.25 -55.60
N ILE BA 194 -6.66 46.60 -56.07
CA ILE BA 194 -5.99 47.80 -55.58
C ILE BA 194 -6.82 49.03 -55.91
N GLU BA 195 -7.34 49.11 -57.14
CA GLU BA 195 -8.13 50.26 -57.53
C GLU BA 195 -9.33 50.45 -56.62
N THR BA 196 -10.01 49.35 -56.27
CA THR BA 196 -11.09 49.43 -55.31
C THR BA 196 -10.61 49.97 -53.97
N LYS BA 197 -9.42 49.54 -53.54
CA LYS BA 197 -8.86 50.02 -52.29
C LYS BA 197 -8.64 51.52 -52.33
N ILE BA 198 -8.14 52.04 -53.46
CA ILE BA 198 -7.85 53.47 -53.57
C ILE BA 198 -9.12 54.28 -53.36
N LEU BA 199 -10.19 53.92 -54.07
CA LEU BA 199 -11.43 54.69 -53.98
C LEU BA 199 -12.04 54.59 -52.60
N GLU BA 200 -11.80 53.49 -51.89
CA GLU BA 200 -12.35 53.34 -50.54
C GLU BA 200 -11.84 54.45 -49.63
N LEU BA 201 -10.54 54.70 -49.66
CA LEU BA 201 -9.96 55.72 -48.79
C LEU BA 201 -10.43 57.11 -49.19
N GLU BA 202 -10.34 57.44 -50.48
CA GLU BA 202 -10.75 58.75 -50.94
C GLU BA 202 -12.19 59.05 -50.56
N ALA BA 203 -13.04 58.02 -50.52
CA ALA BA 203 -14.43 58.22 -50.15
C ALA BA 203 -14.56 58.68 -48.71
N GLU BA 204 -13.78 58.10 -47.81
CA GLU BA 204 -13.87 58.46 -46.40
C GLU BA 204 -13.50 59.92 -46.17
N ARG BA 205 -12.43 60.38 -46.81
CA ARG BA 205 -11.95 61.74 -46.57
C ARG BA 205 -12.99 62.78 -46.97
N GLU BA 206 -13.57 62.63 -48.16
CA GLU BA 206 -14.53 63.62 -48.64
C GLU BA 206 -15.74 63.70 -47.72
N LEU BA 207 -16.25 62.56 -47.28
CA LEU BA 207 -17.41 62.56 -46.40
C LEU BA 207 -17.09 63.18 -45.05
N LEU BA 208 -15.94 62.84 -44.48
CA LEU BA 208 -15.59 63.37 -43.16
C LEU BA 208 -15.27 64.85 -43.22
N ASN BA 209 -14.91 65.36 -44.40
CA ASN BA 209 -14.64 66.78 -44.63
C ASN BA 209 -15.54 67.22 -45.79
N PRO BA 210 -16.79 67.56 -45.50
CA PRO BA 210 -17.72 67.93 -46.58
C PRO BA 210 -17.12 68.98 -47.49
N PRO BA 211 -16.87 68.65 -48.76
CA PRO BA 211 -16.31 69.66 -49.68
C PRO BA 211 -17.34 70.72 -49.99
N PRO BA 212 -16.90 71.86 -50.52
CA PRO BA 212 -17.85 72.96 -50.77
C PRO BA 212 -18.97 72.54 -51.71
N SER BA 213 -20.16 73.06 -51.45
CA SER BA 213 -21.30 72.80 -52.32
C SER BA 213 -21.10 73.51 -53.66
N PRO BA 214 -21.71 72.99 -54.73
CA PRO BA 214 -21.57 73.68 -56.03
C PRO BA 214 -22.08 75.11 -56.00
N LEU BA 215 -23.12 75.39 -55.20
CA LEU BA 215 -23.58 76.76 -55.06
C LEU BA 215 -22.50 77.66 -54.47
N ASP BA 216 -21.80 77.16 -53.45
CA ASP BA 216 -20.68 77.93 -52.89
C ASP BA 216 -19.60 78.14 -53.94
N LYS BA 217 -19.29 77.11 -54.73
CA LYS BA 217 -18.35 77.26 -55.82
C LYS BA 217 -18.81 78.33 -56.80
N LYS BA 218 -20.11 78.33 -57.13
CA LYS BA 218 -20.62 79.34 -58.05
C LYS BA 218 -20.36 80.74 -57.53
N PHE BA 219 -20.63 80.98 -56.25
CA PHE BA 219 -20.44 82.30 -55.68
C PHE BA 219 -18.97 82.72 -55.73
N GLU BA 220 -18.06 81.81 -55.41
CA GLU BA 220 -16.65 82.17 -55.32
C GLU BA 220 -16.13 82.70 -56.65
N GLN BA 221 -16.33 81.93 -57.73
CA GLN BA 221 -15.92 82.41 -59.05
C GLN BA 221 -16.79 83.60 -59.48
N TRP BA 222 -18.09 83.54 -59.18
CA TRP BA 222 -18.99 84.63 -59.52
C TRP BA 222 -18.51 85.95 -58.93
N GLU BA 223 -17.83 85.89 -57.78
CA GLU BA 223 -17.33 87.11 -57.15
C GLU BA 223 -16.07 87.62 -57.83
N GLU BA 224 -15.18 86.71 -58.26
CA GLU BA 224 -13.88 87.13 -58.75
C GLU BA 224 -13.98 87.94 -60.04
N GLN BA 225 -14.98 87.65 -60.88
CA GLN BA 225 -15.07 88.34 -62.16
C GLN BA 225 -15.21 89.84 -61.99
N GLN BA 226 -16.07 90.26 -61.05
CA GLN BA 226 -16.20 91.69 -60.78
C GLN BA 226 -14.91 92.26 -60.19
N ALA BA 227 -14.27 91.51 -59.31
CA ALA BA 227 -13.05 92.00 -58.67
C ALA BA 227 -11.97 92.29 -59.72
N VAL BA 228 -11.76 91.35 -60.64
CA VAL BA 228 -10.78 91.56 -61.69
C VAL BA 228 -11.27 92.61 -62.68
N GLU BA 229 -12.55 92.56 -63.04
CA GLU BA 229 -13.11 93.55 -63.96
C GLU BA 229 -13.15 94.93 -63.34
N ALA BA 230 -13.55 95.01 -62.07
CA ALA BA 230 -13.55 96.30 -61.38
C ALA BA 230 -12.15 96.87 -61.28
N THR BA 231 -11.18 96.01 -60.92
CA THR BA 231 -9.79 96.44 -60.93
C THR BA 231 -9.34 96.79 -62.34
N LEU BA 232 -9.71 95.97 -63.31
CA LEU BA 232 -9.41 96.28 -64.71
C LEU BA 232 -10.17 97.51 -65.19
N ALA BA 233 -11.42 97.67 -64.74
CA ALA BA 233 -12.18 98.87 -65.08
C ALA BA 233 -11.49 100.11 -64.52
N ALA BA 234 -11.02 100.02 -63.28
CA ALA BA 234 -10.24 101.10 -62.70
C ALA BA 234 -8.83 101.16 -63.27
N MET BA 235 -8.32 100.05 -63.81
CA MET BA 235 -6.99 100.07 -64.42
C MET BA 235 -6.93 101.08 -65.55
N LYS BA 236 -7.88 101.02 -66.47
CA LYS BA 236 -7.95 102.02 -67.53
C LYS BA 236 -8.22 103.41 -66.96
N ALA BA 237 -9.13 103.50 -65.99
CA ALA BA 237 -9.46 104.79 -65.41
C ALA BA 237 -8.31 105.36 -64.59
N ARG BA 238 -7.72 104.54 -63.72
CA ARG BA 238 -6.62 105.04 -62.89
C ARG BA 238 -5.43 105.47 -63.75
N ARG BA 239 -5.10 104.68 -64.78
CA ARG BA 239 -4.06 105.09 -65.71
C ARG BA 239 -4.55 106.23 -66.59
N SER BA 240 -5.82 106.23 -66.95
CA SER BA 240 -6.39 107.27 -67.79
C SER BA 240 -7.90 107.40 -67.56
N GLN CA 45 30.51 -38.16 31.46
CA GLN CA 45 31.76 -38.53 32.18
C GLN CA 45 32.99 -38.25 31.31
N GLU CA 46 34.13 -38.03 31.95
CA GLU CA 46 35.38 -37.74 31.29
C GLU CA 46 36.34 -38.90 31.48
N ALA CA 47 37.53 -38.76 30.93
CA ALA CA 47 38.55 -39.79 31.12
C ALA CA 47 38.92 -39.87 32.59
N PRO CA 48 39.04 -41.08 33.15
CA PRO CA 48 39.33 -41.20 34.59
C PRO CA 48 40.63 -40.51 34.99
N GLU CA 49 41.64 -40.56 34.13
CA GLU CA 49 42.92 -39.94 34.48
C GLU CA 49 42.78 -38.43 34.59
N ASP CA 50 42.00 -37.81 33.71
CA ASP CA 50 41.87 -36.34 33.74
C ASP CA 50 41.26 -35.87 35.06
N LEU CA 51 40.27 -36.61 35.56
CA LEU CA 51 39.65 -36.22 36.83
C LEU CA 51 40.66 -36.19 37.96
N LEU CA 52 41.59 -37.14 37.96
CA LEU CA 52 42.51 -37.28 39.09
C LEU CA 52 43.31 -36.00 39.30
N GLU CA 53 43.84 -35.42 38.22
CA GLU CA 53 44.60 -34.18 38.34
C GLU CA 53 43.71 -33.05 38.84
N ARG CA 54 42.51 -32.93 38.26
CA ARG CA 54 41.60 -31.86 38.66
C ARG CA 54 41.13 -32.04 40.10
N LEU CA 55 40.85 -33.28 40.51
CA LEU CA 55 40.32 -33.50 41.85
C LEU CA 55 41.32 -33.10 42.92
N LEU CA 56 42.59 -33.47 42.75
CA LEU CA 56 43.59 -33.13 43.76
C LEU CA 56 43.81 -31.63 43.83
N GLY CA 57 43.79 -30.94 42.69
CA GLY CA 57 43.93 -29.50 42.71
C GLY CA 57 42.88 -28.83 43.56
N GLU CA 58 41.64 -29.31 43.47
CA GLU CA 58 40.58 -28.82 44.36
C GLU CA 58 40.87 -29.19 45.80
N MET CA 59 41.37 -30.41 46.03
CA MET CA 59 41.67 -30.85 47.39
C MET CA 59 42.74 -29.99 48.04
N GLU CA 60 43.82 -29.70 47.31
CA GLU CA 60 44.89 -28.88 47.87
C GLU CA 60 44.40 -27.48 48.18
N LEU CA 61 43.58 -26.91 47.28
CA LEU CA 61 43.06 -25.57 47.50
C LEU CA 61 42.22 -25.53 48.77
N GLU CA 62 41.40 -26.56 49.01
CA GLU CA 62 40.54 -26.57 50.17
C GLU CA 62 41.34 -26.62 51.46
N LEU CA 63 42.44 -27.38 51.47
CA LEU CA 63 43.16 -27.63 52.72
C LEU CA 63 43.69 -26.34 53.32
N ILE CA 64 44.27 -25.47 52.50
CA ILE CA 64 44.82 -24.21 53.01
C ILE CA 64 43.71 -23.34 53.58
N GLU CA 65 42.53 -23.38 52.97
CA GLU CA 65 41.40 -22.64 53.51
C GLU CA 65 41.07 -23.11 54.91
N LEU CA 66 41.11 -24.43 55.13
CA LEU CA 66 40.97 -24.96 56.49
C LEU CA 66 42.08 -24.44 57.40
N ARG CA 67 43.32 -24.44 56.89
CA ARG CA 67 44.43 -23.96 57.70
C ARG CA 67 44.23 -22.50 58.09
N ARG CA 68 43.78 -21.67 57.14
CA ARG CA 68 43.56 -20.26 57.45
C ARG CA 68 42.46 -20.08 58.48
N ALA CA 69 41.36 -20.83 58.33
CA ALA CA 69 40.22 -20.66 59.24
C ALA CA 69 40.60 -21.02 60.67
N LEU CA 70 41.32 -22.12 60.86
CA LEU CA 70 41.67 -22.55 62.21
C LEU CA 70 42.45 -21.47 62.95
N ALA CA 71 43.26 -20.69 62.23
CA ALA CA 71 44.02 -19.63 62.89
C ALA CA 71 43.09 -18.60 63.53
N GLN CA 72 42.01 -18.24 62.84
CA GLN CA 72 41.08 -17.27 63.38
C GLN CA 72 40.47 -17.75 64.69
N THR CA 73 40.22 -19.05 64.80
CA THR CA 73 39.73 -19.61 66.05
C THR CA 73 40.73 -19.36 67.18
N ILE CA 74 42.02 -19.55 66.91
CA ILE CA 74 43.03 -19.35 67.93
C ILE CA 74 43.04 -17.90 68.41
N ALA CA 75 42.81 -16.96 67.49
CA ALA CA 75 42.83 -15.54 67.86
C ALA CA 75 41.82 -15.25 68.95
N THR CA 76 40.57 -15.69 68.77
CA THR CA 76 39.55 -15.45 69.78
C THR CA 76 39.88 -16.18 71.07
N PHE CA 77 40.36 -17.42 70.97
CA PHE CA 77 40.74 -18.17 72.17
C PHE CA 77 41.80 -17.43 72.97
N LYS CA 78 42.79 -16.84 72.28
CA LYS CA 78 43.78 -16.03 72.98
C LYS CA 78 43.20 -14.68 73.39
N SER CA 79 42.39 -14.07 72.54
CA SER CA 79 41.89 -12.73 72.80
C SER CA 79 41.05 -12.70 74.07
N THR CA 80 40.10 -13.63 74.20
CA THR CA 80 39.26 -13.66 75.38
C THR CA 80 40.09 -13.93 76.64
N GLU CA 81 41.07 -14.83 76.53
CA GLU CA 81 41.91 -15.14 77.69
C GLU CA 81 42.64 -13.89 78.16
N ARG CA 82 43.18 -13.09 77.23
CA ARG CA 82 43.76 -11.81 77.60
C ARG CA 82 42.70 -10.88 78.18
N GLN CA 83 41.50 -10.90 77.60
CA GLN CA 83 40.40 -10.09 78.13
C GLN CA 83 40.03 -10.54 79.53
N ARG CA 84 40.05 -11.85 79.78
CA ARG CA 84 39.69 -12.36 81.10
C ARG CA 84 40.62 -11.84 82.18
N ASP CA 85 41.93 -11.81 81.90
CA ASP CA 85 42.90 -11.36 82.90
C ASP CA 85 42.63 -9.91 83.29
N ALA CA 86 42.12 -9.09 82.37
CA ALA CA 86 41.91 -7.68 82.67
C ALA CA 86 40.89 -7.51 83.79
N GLN CA 87 39.79 -8.27 83.74
CA GLN CA 87 38.72 -8.07 84.71
C GLN CA 87 39.19 -8.39 86.13
N GLN CA 88 39.84 -9.53 86.32
CA GLN CA 88 40.32 -9.89 87.65
C GLN CA 88 41.31 -8.86 88.18
N LEU CA 89 42.10 -8.27 87.30
CA LEU CA 89 43.02 -7.22 87.72
C LEU CA 89 42.24 -6.04 88.32
N ILE CA 90 41.13 -5.67 87.69
CA ILE CA 90 40.30 -4.60 88.24
C ILE CA 90 39.76 -4.99 89.60
N ALA CA 91 39.27 -6.22 89.73
CA ALA CA 91 38.78 -6.68 91.03
C ALA CA 91 39.87 -6.64 92.08
N GLN CA 92 41.10 -6.97 91.68
CA GLN CA 92 42.23 -6.88 92.62
C GLN CA 92 42.42 -5.45 93.11
N ARG CA 93 42.25 -4.47 92.22
CA ARG CA 93 42.40 -3.08 92.63
C ARG CA 93 41.42 -2.73 93.74
N TRP CA 94 40.15 -3.11 93.57
CA TRP CA 94 39.17 -2.85 94.62
C TRP CA 94 39.53 -3.59 95.89
N TYR CA 95 39.95 -4.85 95.78
CA TYR CA 95 40.36 -5.60 96.96
C TYR CA 95 41.56 -4.94 97.62
N GLU CA 96 42.55 -4.54 96.83
CA GLU CA 96 43.70 -3.84 97.37
C GLU CA 96 43.27 -2.53 98.01
N LYS CA 97 42.37 -1.79 97.36
CA LYS CA 97 41.85 -0.57 97.94
C LYS CA 97 41.10 -0.85 99.22
N ALA CA 98 40.28 -1.91 99.23
CA ALA CA 98 39.54 -2.28 100.43
C ALA CA 98 40.47 -2.68 101.57
N GLN CA 99 41.71 -3.07 101.27
CA GLN CA 99 42.64 -3.46 102.32
C GLN CA 99 42.88 -2.31 103.29
N ALA CA 100 43.10 -1.11 102.76
CA ALA CA 100 43.31 0.08 103.57
C ALA CA 100 42.04 0.92 103.71
N ALA CA 101 40.92 0.45 103.16
CA ALA CA 101 39.68 1.21 103.25
C ALA CA 101 39.29 1.43 104.70
N LEU CA 102 39.32 0.38 105.50
CA LEU CA 102 39.01 0.45 106.92
C LEU CA 102 40.25 0.58 107.78
N ASP CA 103 41.42 0.76 107.18
CA ASP CA 103 42.64 0.97 107.97
C ASP CA 103 42.47 2.15 108.92
N ARG CA 104 41.70 3.15 108.53
CA ARG CA 104 41.35 4.25 109.41
C ARG CA 104 40.23 3.89 110.37
N GLY CA 105 39.81 2.63 110.40
CA GLY CA 105 38.63 2.22 111.11
C GLY CA 105 37.34 2.38 110.32
N ASN CA 106 37.42 2.75 109.05
CA ASN CA 106 36.24 2.97 108.21
C ASN CA 106 35.77 1.63 107.64
N GLU CA 107 35.15 0.84 108.51
CA GLU CA 107 34.62 -0.46 108.09
C GLU CA 107 33.49 -0.32 107.09
N GLN CA 108 32.66 0.71 107.24
CA GLN CA 108 31.50 0.86 106.36
C GLN CA 108 31.91 0.98 104.90
N LEU CA 109 32.96 1.76 104.61
CA LEU CA 109 33.39 1.96 103.24
C LEU CA 109 33.84 0.65 102.61
N ALA CA 110 34.59 -0.16 103.37
CA ALA CA 110 35.07 -1.43 102.82
C ALA CA 110 33.92 -2.35 102.44
N ARG CA 111 32.75 -2.17 103.05
CA ARG CA 111 31.61 -3.01 102.71
C ARG CA 111 31.25 -2.87 101.24
N GLU CA 112 31.23 -1.63 100.74
CA GLU CA 112 30.85 -1.41 99.35
C GLU CA 112 31.85 -2.05 98.39
N ALA CA 113 33.14 -1.95 98.70
CA ALA CA 113 34.16 -2.48 97.80
C ALA CA 113 34.01 -3.98 97.62
N LEU CA 114 33.94 -4.72 98.72
CA LEU CA 114 33.80 -6.16 98.62
C LEU CA 114 32.50 -6.55 97.94
N GLY CA 115 31.41 -5.84 98.22
CA GLY CA 115 30.18 -6.07 97.49
C GLY CA 115 30.32 -5.74 96.02
N GLN CA 116 31.07 -4.69 95.70
CA GLN CA 116 31.24 -4.27 94.32
C GLN CA 116 31.99 -5.31 93.50
N ARG CA 117 33.09 -5.85 94.06
CA ARG CA 117 33.94 -6.75 93.31
C ARG CA 117 33.28 -8.08 92.99
N GLN CA 118 32.18 -8.44 93.68
CA GLN CA 118 31.52 -9.69 93.40
C GLN CA 118 30.97 -9.72 91.98
N SER CA 119 30.41 -8.60 91.52
CA SER CA 119 29.90 -8.54 90.15
C SER CA 119 30.99 -8.86 89.15
N TYR CA 120 32.19 -8.30 89.34
CA TYR CA 120 33.30 -8.60 88.44
C TYR CA 120 33.68 -10.08 88.51
N GLN CA 121 33.69 -10.65 89.73
CA GLN CA 121 34.04 -12.06 89.86
C GLN CA 121 33.11 -12.95 89.06
N SER CA 122 31.84 -12.56 88.94
CA SER CA 122 30.90 -13.37 88.19
C SER CA 122 31.33 -13.50 86.74
N HIS CA 123 31.77 -12.40 86.13
CA HIS CA 123 32.23 -12.47 84.74
C HIS CA 123 33.46 -13.37 84.62
N THR CA 124 34.39 -13.27 85.56
CA THR CA 124 35.59 -14.09 85.51
C THR CA 124 35.24 -15.58 85.53
N GLU CA 125 34.33 -15.97 86.43
CA GLU CA 125 33.92 -17.36 86.49
C GLU CA 125 33.24 -17.80 85.21
N ALA CA 126 32.38 -16.94 84.66
CA ALA CA 126 31.68 -17.29 83.42
C ALA CA 126 32.65 -17.50 82.27
N LEU CA 127 33.65 -16.62 82.15
CA LEU CA 127 34.61 -16.76 81.07
C LEU CA 127 35.53 -17.97 81.28
N GLY CA 128 35.92 -18.23 82.52
CA GLY CA 128 36.77 -19.39 82.78
C GLY CA 128 36.16 -20.69 82.30
N LYS CA 129 34.86 -20.86 82.54
CA LYS CA 129 34.16 -22.04 82.05
C LYS CA 129 34.11 -22.04 80.53
N SER CA 130 33.86 -20.88 79.93
CA SER CA 130 33.73 -20.82 78.48
C SER CA 130 35.03 -21.22 77.78
N LEU CA 131 36.17 -20.76 78.28
CA LEU CA 131 37.44 -21.14 77.68
C LEU CA 131 37.73 -22.62 77.87
N GLY CA 132 37.27 -23.20 78.99
CA GLY CA 132 37.57 -24.59 79.26
C GLY CA 132 37.10 -25.51 78.16
N GLU CA 133 35.89 -25.27 77.64
CA GLU CA 133 35.39 -26.11 76.56
C GLU CA 133 36.07 -25.78 75.24
N GLN CA 134 36.34 -24.51 74.98
CA GLN CA 134 37.03 -24.13 73.75
C GLN CA 134 38.44 -24.72 73.70
N ARG CA 135 39.14 -24.72 74.84
CA ARG CA 135 40.53 -25.16 74.86
C ARG CA 135 40.66 -26.59 74.35
N ALA CA 136 39.79 -27.49 74.84
CA ALA CA 136 39.85 -28.88 74.42
C ALA CA 136 39.15 -29.13 73.09
N LEU CA 137 38.49 -28.12 72.53
CA LEU CA 137 37.79 -28.30 71.26
C LEU CA 137 38.73 -28.09 70.08
N VAL CA 138 39.48 -26.99 70.08
CA VAL CA 138 40.38 -26.70 68.97
C VAL CA 138 41.47 -27.77 68.88
N GLU CA 139 41.99 -28.21 70.03
CA GLU CA 139 43.03 -29.22 70.03
C GLU CA 139 42.60 -30.45 69.26
N GLN CA 140 41.32 -30.81 69.35
CA GLN CA 140 40.80 -31.89 68.53
C GLN CA 140 40.80 -31.53 67.05
N VAL CA 141 40.50 -30.26 66.73
CA VAL CA 141 40.48 -29.83 65.35
C VAL CA 141 41.87 -29.95 64.73
N ARG CA 142 42.89 -29.50 65.48
CA ARG CA 142 44.25 -29.55 64.96
C ARG CA 142 44.63 -30.97 64.57
N GLY CA 143 44.18 -31.97 65.34
CA GLY CA 143 44.49 -33.35 64.99
C GLY CA 143 43.93 -33.75 63.64
N GLN CA 144 42.70 -33.34 63.35
CA GLN CA 144 42.12 -33.66 62.05
C GLN CA 144 42.91 -33.04 60.91
N LEU CA 145 43.29 -31.77 61.06
CA LEU CA 145 44.05 -31.11 60.00
C LEU CA 145 45.40 -31.79 59.79
N GLN CA 146 46.12 -32.07 60.89
CA GLN CA 146 47.43 -32.69 60.75
C GLN CA 146 47.34 -34.07 60.13
N LYS CA 147 46.36 -34.87 60.55
CA LYS CA 147 46.19 -36.19 59.96
C LYS CA 147 45.83 -36.08 58.48
N LEU CA 148 44.96 -35.13 58.13
CA LEU CA 148 44.58 -34.96 56.73
C LEU CA 148 45.78 -34.62 55.87
N GLU CA 149 46.64 -33.72 56.34
CA GLU CA 149 47.82 -33.34 55.57
C GLU CA 149 48.73 -34.55 55.35
N ARG CA 150 48.94 -35.36 56.40
CA ARG CA 150 49.74 -36.57 56.24
C ARG CA 150 49.10 -37.52 55.24
N LYS CA 151 47.77 -37.66 55.29
CA LYS CA 151 47.08 -38.53 54.35
C LYS CA 151 47.10 -37.95 52.94
N TYR CA 152 47.16 -36.63 52.81
CA TYR CA 152 47.15 -36.00 51.50
C TYR CA 152 48.34 -36.44 50.65
N LEU CA 153 49.53 -36.44 51.24
CA LEU CA 153 50.74 -36.73 50.47
C LEU CA 153 50.72 -38.16 49.94
N GLU CA 154 50.25 -39.11 50.74
CA GLU CA 154 50.30 -40.51 50.34
C GLU CA 154 49.53 -40.76 49.05
N LEU CA 155 48.58 -39.88 48.72
CA LEU CA 155 47.86 -40.01 47.45
C LEU CA 155 48.68 -39.44 46.30
N LYS CA 156 49.19 -38.23 46.46
CA LYS CA 156 49.93 -37.58 45.39
C LYS CA 156 51.18 -38.37 45.03
N SER CA 157 51.86 -38.94 46.03
CA SER CA 157 53.07 -39.70 45.77
C SER CA 157 52.81 -40.89 44.87
N GLN CA 158 51.56 -41.35 44.75
CA GLN CA 158 51.23 -42.47 43.90
C GLN CA 158 50.59 -42.07 42.58
N LYS CA 159 49.99 -40.87 42.50
CA LYS CA 159 49.27 -40.51 41.29
C LYS CA 159 50.20 -40.49 40.08
N ASN CA 160 51.40 -39.92 40.24
CA ASN CA 160 52.35 -39.90 39.13
C ASN CA 160 52.73 -41.31 38.71
N LEU CA 161 52.83 -42.24 39.67
CA LEU CA 161 53.19 -43.62 39.33
C LEU CA 161 52.12 -44.26 38.45
N TYR CA 162 50.84 -44.08 38.79
CA TYR CA 162 49.78 -44.67 38.00
C TYR CA 162 49.75 -44.11 36.58
N LEU CA 163 49.91 -42.79 36.43
CA LEU CA 163 49.87 -42.20 35.10
C LEU CA 163 50.96 -42.78 34.22
N ALA CA 164 52.15 -43.01 34.77
CA ALA CA 164 53.25 -43.57 33.98
C ALA CA 164 52.86 -44.95 33.46
N ARG CA 165 52.28 -45.78 34.32
CA ARG CA 165 51.84 -47.11 33.88
C ARG CA 165 50.77 -46.99 32.80
N LEU CA 166 49.83 -46.06 32.98
CA LEU CA 166 48.78 -45.87 31.99
C LEU CA 166 49.36 -45.44 30.65
N LYS CA 167 50.31 -44.50 30.66
CA LYS CA 167 50.91 -44.07 29.41
C LYS CA 167 51.72 -45.19 28.76
N SER CA 168 52.33 -46.06 29.58
CA SER CA 168 53.12 -47.16 29.04
C SER CA 168 52.23 -48.15 28.29
N ALA CA 169 51.11 -48.56 28.90
CA ALA CA 169 50.28 -49.58 28.30
C ALA CA 169 49.51 -49.04 27.10
N ILE CA 170 48.94 -47.83 27.23
CA ILE CA 170 48.19 -47.25 26.13
C ILE CA 170 49.05 -47.16 24.88
N ALA CA 171 50.29 -46.68 25.04
CA ALA CA 171 51.21 -46.64 23.90
C ALA CA 171 51.49 -48.04 23.37
N ALA CA 172 51.67 -49.01 24.26
CA ALA CA 172 51.96 -50.37 23.83
C ALA CA 172 50.85 -50.90 22.94
N GLN CA 173 49.59 -50.63 23.31
CA GLN CA 173 48.47 -51.05 22.47
C GLN CA 173 48.55 -50.37 21.10
N LYS CA 174 48.90 -49.09 21.07
CA LYS CA 174 49.00 -48.36 19.82
C LYS CA 174 50.08 -48.97 18.93
N ILE CA 175 51.21 -49.34 19.51
CA ILE CA 175 52.30 -49.90 18.73
C ILE CA 175 51.91 -51.26 18.15
N GLU CA 176 51.30 -52.11 18.98
CA GLU CA 176 51.07 -53.49 18.57
C GLU CA 176 50.12 -53.58 17.39
N GLU CA 177 49.05 -52.78 17.40
CA GLU CA 177 48.10 -52.84 16.29
C GLU CA 177 48.75 -52.46 14.97
N ILE CA 178 49.86 -51.71 15.01
CA ILE CA 178 50.59 -51.32 13.82
C ILE CA 178 51.72 -52.32 13.58
N ALA CA 179 51.66 -53.47 14.27
CA ALA CA 179 52.71 -54.46 14.13
C ALA CA 179 52.93 -54.85 12.68
N GLY CA 180 51.86 -54.84 11.87
CA GLY CA 180 52.00 -55.19 10.48
C GLY CA 180 52.54 -56.58 10.30
N ASN CA 181 52.00 -57.54 11.04
CA ASN CA 181 52.50 -58.91 10.99
C ASN CA 181 52.43 -59.44 9.56
N LEU CA 182 53.55 -60.03 9.11
CA LEU CA 182 53.61 -60.55 7.75
C LEU CA 182 52.69 -61.76 7.57
N ASP CA 183 52.43 -62.50 8.65
CA ASP CA 183 51.69 -63.74 8.54
C ASP CA 183 50.19 -63.55 8.31
N ASN CA 184 49.65 -62.35 8.51
CA ASN CA 184 48.20 -62.18 8.42
C ASN CA 184 47.68 -62.56 7.05
N ALA CA 185 48.29 -62.01 5.99
CA ALA CA 185 47.89 -62.31 4.63
C ALA CA 185 46.42 -62.00 4.39
N SER CA 186 45.95 -60.91 5.01
CA SER CA 186 44.56 -60.52 4.92
C SER CA 186 44.36 -59.01 4.77
N ALA CA 187 45.43 -58.24 4.63
CA ALA CA 187 45.44 -56.78 4.55
C ALA CA 187 45.26 -56.15 5.93
N SER CA 188 45.06 -56.95 6.98
CA SER CA 188 45.05 -56.39 8.33
C SER CA 188 46.40 -55.78 8.67
N SER CA 189 47.48 -56.48 8.33
CA SER CA 189 48.81 -55.91 8.38
C SER CA 189 49.05 -55.09 7.13
N LEU CA 190 49.37 -53.82 7.29
CA LEU CA 190 49.54 -52.94 6.14
C LEU CA 190 50.65 -53.43 5.21
N PHE CA 191 51.63 -54.16 5.75
CA PHE CA 191 52.71 -54.69 4.91
C PHE CA 191 52.16 -55.71 3.90
N GLU CA 192 51.39 -56.68 4.39
CA GLU CA 192 50.81 -57.67 3.48
C GLU CA 192 49.85 -57.02 2.50
N ARG CA 193 49.18 -55.95 2.91
CA ARG CA 193 48.35 -55.20 1.97
C ARG CA 193 49.21 -54.63 0.85
N ILE CA 194 50.39 -54.12 1.18
CA ILE CA 194 51.32 -53.66 0.16
C ILE CA 194 51.73 -54.82 -0.74
N GLU CA 195 52.04 -55.97 -0.14
CA GLU CA 195 52.47 -57.12 -0.94
C GLU CA 195 51.40 -57.51 -1.94
N THR CA 196 50.13 -57.49 -1.53
CA THR CA 196 49.05 -57.76 -2.48
C THR CA 196 49.05 -56.73 -3.58
N LYS CA 197 49.31 -55.47 -3.25
CA LYS CA 197 49.35 -54.41 -4.26
C LYS CA 197 50.45 -54.69 -5.28
N ILE CA 198 51.62 -55.14 -4.82
CA ILE CA 198 52.74 -55.38 -5.73
C ILE CA 198 52.36 -56.42 -6.76
N LEU CA 199 51.82 -57.56 -6.31
CA LEU CA 199 51.50 -58.63 -7.24
C LEU CA 199 50.38 -58.23 -8.21
N GLU CA 200 49.50 -57.32 -7.78
CA GLU CA 200 48.43 -56.87 -8.66
C GLU CA 200 49.00 -56.24 -9.93
N LEU CA 201 49.98 -55.35 -9.78
CA LEU CA 201 50.55 -54.67 -10.94
C LEU CA 201 51.33 -55.64 -11.81
N GLU CA 202 52.20 -56.45 -11.20
CA GLU CA 202 52.99 -57.39 -11.99
C GLU CA 202 52.10 -58.33 -12.79
N ALA CA 203 50.92 -58.65 -12.27
CA ALA CA 203 50.00 -59.53 -13.00
C ALA CA 203 49.53 -58.87 -14.29
N GLU CA 204 49.22 -57.57 -14.24
CA GLU CA 204 48.70 -56.89 -15.42
C GLU CA 204 49.73 -56.87 -16.54
N ARG CA 205 50.99 -56.59 -16.21
CA ARG CA 205 52.02 -56.46 -17.24
C ARG CA 205 52.21 -57.76 -18.01
N GLU CA 206 52.34 -58.87 -17.28
CA GLU CA 206 52.59 -60.15 -17.94
C GLU CA 206 51.45 -60.52 -18.88
N LEU CA 207 50.21 -60.33 -18.45
CA LEU CA 207 49.07 -60.66 -19.29
C LEU CA 207 49.02 -59.77 -20.54
N LEU CA 208 49.24 -58.47 -20.36
CA LEU CA 208 49.16 -57.55 -21.49
C LEU CA 208 50.31 -57.76 -22.46
N ASN CA 209 51.42 -58.35 -22.00
CA ASN CA 209 52.57 -58.67 -22.83
C ASN CA 209 52.85 -60.16 -22.63
N PRO CA 210 52.16 -61.02 -23.37
CA PRO CA 210 52.33 -62.46 -23.18
C PRO CA 210 53.79 -62.86 -23.23
N PRO CA 211 54.35 -63.35 -22.12
CA PRO CA 211 55.75 -63.77 -22.14
C PRO CA 211 55.94 -65.02 -22.98
N PRO CA 212 57.18 -65.33 -23.36
CA PRO CA 212 57.40 -66.49 -24.24
C PRO CA 212 56.89 -67.77 -23.61
N SER CA 213 56.36 -68.65 -24.45
CA SER CA 213 55.91 -69.95 -23.99
C SER CA 213 57.12 -70.81 -23.61
N PRO CA 214 56.93 -71.77 -22.71
CA PRO CA 214 58.07 -72.65 -22.35
C PRO CA 214 58.63 -73.39 -23.54
N LEU CA 215 57.78 -73.76 -24.51
CA LEU CA 215 58.28 -74.40 -25.72
C LEU CA 215 59.23 -73.48 -26.48
N ASP CA 216 58.86 -72.20 -26.59
CA ASP CA 216 59.76 -71.23 -27.23
C ASP CA 216 61.07 -71.12 -26.45
N LYS CA 217 60.99 -71.09 -25.12
CA LYS CA 217 62.19 -71.09 -24.31
C LYS CA 217 63.04 -72.32 -24.58
N LYS CA 218 62.40 -73.49 -24.69
CA LYS CA 218 63.15 -74.70 -24.97
C LYS CA 218 63.93 -74.58 -26.27
N PHE CA 219 63.29 -74.06 -27.33
CA PHE CA 219 63.98 -73.94 -28.61
C PHE CA 219 65.17 -73.00 -28.51
N GLU CA 220 65.00 -71.87 -27.82
CA GLU CA 220 66.05 -70.86 -27.80
C GLU CA 220 67.35 -71.43 -27.21
N GLN CA 221 67.27 -72.02 -26.01
CA GLN CA 221 68.45 -72.65 -25.43
C GLN CA 221 68.86 -73.87 -26.24
N TRP CA 222 67.88 -74.64 -26.70
CA TRP CA 222 68.17 -75.83 -27.51
C TRP CA 222 69.01 -75.47 -28.74
N GLU CA 223 68.83 -74.25 -29.26
CA GLU CA 223 69.60 -73.82 -30.43
C GLU CA 223 71.02 -73.44 -30.05
N GLU CA 224 71.20 -72.79 -28.90
CA GLU CA 224 72.51 -72.23 -28.57
C GLU CA 224 73.57 -73.31 -28.37
N GLN CA 225 73.18 -74.48 -27.87
CA GLN CA 225 74.16 -75.52 -27.58
C GLN CA 225 74.93 -75.93 -28.82
N GLN CA 226 74.22 -76.11 -29.94
CA GLN CA 226 74.90 -76.44 -31.19
C GLN CA 226 75.77 -75.28 -31.66
N ALA CA 227 75.27 -74.04 -31.53
CA ALA CA 227 76.03 -72.89 -31.98
C ALA CA 227 77.37 -72.80 -31.25
N VAL CA 228 77.35 -72.94 -29.93
CA VAL CA 228 78.60 -72.90 -29.18
C VAL CA 228 79.43 -74.16 -29.44
N GLU CA 229 78.78 -75.32 -29.49
CA GLU CA 229 79.49 -76.56 -29.76
C GLU CA 229 80.03 -76.59 -31.19
N ALA CA 230 79.22 -76.15 -32.15
CA ALA CA 230 79.70 -76.08 -33.53
C ALA CA 230 80.87 -75.13 -33.66
N THR CA 231 80.76 -73.96 -33.02
CA THR CA 231 81.88 -73.03 -32.99
C THR CA 231 83.06 -73.64 -32.24
N LEU CA 232 82.78 -74.30 -31.11
CA LEU CA 232 83.84 -75.00 -30.38
C LEU CA 232 84.36 -76.20 -31.16
N ALA CA 233 83.47 -76.90 -31.87
CA ALA CA 233 83.92 -78.00 -32.72
C ALA CA 233 84.85 -77.49 -33.81
N ALA CA 234 84.49 -76.36 -34.42
CA ALA CA 234 85.37 -75.72 -35.38
C ALA CA 234 86.55 -75.03 -34.72
N MET CA 235 86.42 -74.67 -33.44
CA MET CA 235 87.55 -74.05 -32.74
C MET CA 235 88.76 -74.97 -32.75
N LYS CA 236 88.58 -76.23 -32.36
CA LYS CA 236 89.67 -77.19 -32.43
C LYS CA 236 90.10 -77.43 -33.87
N ALA CA 237 89.13 -77.54 -34.77
CA ALA CA 237 89.45 -77.80 -36.17
C ALA CA 237 90.12 -76.60 -36.82
N ARG CA 238 89.56 -75.39 -36.63
CA ARG CA 238 90.15 -74.21 -37.25
C ARG CA 238 91.56 -73.96 -36.73
N ARG CA 239 91.77 -74.12 -35.41
CA ARG CA 239 93.12 -74.03 -34.86
C ARG CA 239 93.95 -75.24 -35.26
N SER CA 240 93.33 -76.40 -35.35
CA SER CA 240 94.04 -77.62 -35.72
C SER CA 240 93.08 -78.64 -36.33
N GLN DA 45 -21.49 49.86 16.85
CA GLN DA 45 -21.29 51.34 16.97
C GLN DA 45 -19.95 51.64 17.63
N GLU DA 46 -19.42 52.82 17.34
CA GLU DA 46 -18.14 53.28 17.86
C GLU DA 46 -18.37 54.44 18.83
N ALA DA 47 -17.27 54.96 19.37
CA ALA DA 47 -17.37 56.11 20.25
C ALA DA 47 -17.92 57.30 19.48
N PRO DA 48 -18.86 58.06 20.04
CA PRO DA 48 -19.43 59.17 19.27
C PRO DA 48 -18.41 60.20 18.84
N GLU DA 49 -17.40 60.46 19.67
CA GLU DA 49 -16.38 61.44 19.32
C GLU DA 49 -15.58 61.01 18.10
N ASP DA 50 -15.26 59.72 18.00
CA ASP DA 50 -14.44 59.24 16.89
C ASP DA 50 -15.14 59.45 15.56
N LEU DA 51 -16.46 59.22 15.52
CA LEU DA 51 -17.21 59.41 14.28
C LEU DA 51 -17.10 60.85 13.80
N LEU DA 52 -17.13 61.81 14.73
CA LEU DA 52 -17.18 63.21 14.33
C LEU DA 52 -15.99 63.59 13.47
N GLU DA 53 -14.79 63.18 13.87
CA GLU DA 53 -13.60 63.47 13.06
C GLU DA 53 -13.69 62.79 11.70
N ARG DA 54 -14.08 61.53 11.68
CA ARG DA 54 -14.16 60.79 10.41
C ARG DA 54 -15.25 61.36 9.52
N LEU DA 55 -16.40 61.73 10.10
CA LEU DA 55 -17.51 62.21 9.28
C LEU DA 55 -17.15 63.50 8.55
N LEU DA 56 -16.52 64.45 9.24
CA LEU DA 56 -16.18 65.72 8.60
C LEU DA 56 -15.13 65.52 7.51
N GLY DA 57 -14.17 64.63 7.73
CA GLY DA 57 -13.19 64.35 6.70
C GLY DA 57 -13.84 63.89 5.41
N GLU DA 58 -14.86 63.04 5.50
CA GLU DA 58 -15.62 62.66 4.32
C GLU DA 58 -16.37 63.86 3.74
N MET DA 59 -16.93 64.70 4.61
CA MET DA 59 -17.68 65.85 4.15
C MET DA 59 -16.79 66.82 3.38
N GLU DA 60 -15.60 67.11 3.90
CA GLU DA 60 -14.69 68.02 3.20
C GLU DA 60 -14.26 67.45 1.86
N LEU DA 61 -13.98 66.15 1.81
CA LEU DA 61 -13.57 65.53 0.56
C LEU DA 61 -14.67 65.65 -0.49
N GLU DA 62 -15.93 65.47 -0.08
CA GLU DA 62 -17.03 65.53 -1.02
C GLU DA 62 -17.18 66.93 -1.62
N LEU DA 63 -16.99 67.96 -0.79
CA LEU DA 63 -17.30 69.32 -1.23
C LEU DA 63 -16.45 69.73 -2.41
N ILE DA 64 -15.15 69.42 -2.38
CA ILE DA 64 -14.28 69.81 -3.49
C ILE DA 64 -14.69 69.09 -4.76
N GLU DA 65 -15.16 67.84 -4.64
CA GLU DA 65 -15.65 67.12 -5.81
C GLU DA 65 -16.82 67.85 -6.44
N LEU DA 66 -17.73 68.37 -5.60
CA LEU DA 66 -18.79 69.24 -6.11
C LEU DA 66 -18.21 70.47 -6.78
N ARG DA 67 -17.21 71.09 -6.16
CA ARG DA 67 -16.60 72.28 -6.75
C ARG DA 67 -16.00 71.97 -8.12
N ARG DA 68 -15.31 70.84 -8.24
CA ARG DA 68 -14.71 70.47 -9.52
C ARG DA 68 -15.79 70.22 -10.58
N ALA DA 69 -16.85 69.52 -10.21
CA ALA DA 69 -17.87 69.18 -11.18
C ALA DA 69 -18.57 70.42 -11.74
N LEU DA 70 -18.89 71.37 -10.87
CA LEU DA 70 -19.58 72.58 -11.32
C LEU DA 70 -18.79 73.31 -12.40
N ALA DA 71 -17.46 73.26 -12.31
CA ALA DA 71 -16.65 73.93 -13.32
C ALA DA 71 -16.89 73.35 -14.70
N GLN DA 72 -16.99 72.03 -14.80
CA GLN DA 72 -17.22 71.40 -16.09
C GLN DA 72 -18.53 71.86 -16.71
N THR DA 73 -19.54 72.11 -15.89
CA THR DA 73 -20.79 72.65 -16.41
C THR DA 73 -20.57 74.01 -17.06
N ILE DA 74 -19.75 74.86 -16.43
CA ILE DA 74 -19.50 76.19 -16.98
C ILE DA 74 -18.82 76.08 -18.33
N ALA DA 75 -17.92 75.10 -18.50
CA ALA DA 75 -17.21 74.95 -19.76
C ALA DA 75 -18.17 74.78 -20.93
N THR DA 76 -19.13 73.86 -20.79
CA THR DA 76 -20.10 73.64 -21.85
C THR DA 76 -20.97 74.87 -22.06
N PHE DA 77 -21.40 75.51 -20.97
CA PHE DA 77 -22.20 76.71 -21.09
C PHE DA 77 -21.47 77.79 -21.88
N LYS DA 78 -20.17 77.96 -21.63
CA LYS DA 78 -19.39 78.90 -22.42
C LYS DA 78 -19.09 78.35 -23.81
N SER DA 79 -18.80 77.05 -23.91
CA SER DA 79 -18.40 76.48 -25.20
C SER DA 79 -19.51 76.61 -26.22
N THR DA 80 -20.73 76.23 -25.86
CA THR DA 80 -21.85 76.33 -26.80
C THR DA 80 -22.10 77.77 -27.19
N GLU DA 81 -22.01 78.70 -26.22
CA GLU DA 81 -22.22 80.10 -26.52
C GLU DA 81 -21.23 80.60 -27.56
N ARG DA 82 -19.96 80.22 -27.41
CA ARG DA 82 -18.98 80.53 -28.45
C ARG DA 82 -19.34 79.84 -29.75
N GLN DA 83 -19.80 78.59 -29.67
CA GLN DA 83 -20.23 77.87 -30.87
C GLN DA 83 -21.41 78.57 -31.53
N ARG DA 84 -22.34 79.10 -30.72
CA ARG DA 84 -23.51 79.76 -31.28
C ARG DA 84 -23.11 80.97 -32.12
N ASP DA 85 -22.17 81.77 -31.63
CA ASP DA 85 -21.76 82.96 -32.35
C ASP DA 85 -21.20 82.62 -33.72
N ALA DA 86 -20.57 81.45 -33.87
CA ALA DA 86 -19.97 81.09 -35.14
C ALA DA 86 -21.03 80.96 -36.24
N GLN DA 87 -22.15 80.32 -35.92
CA GLN DA 87 -23.16 80.05 -36.95
C GLN DA 87 -23.75 81.35 -37.50
N GLN DA 88 -24.14 82.26 -36.62
CA GLN DA 88 -24.72 83.53 -37.08
C GLN DA 88 -23.72 84.30 -37.92
N LEU DA 89 -22.43 84.20 -37.60
CA LEU DA 89 -21.42 84.85 -38.42
C LEU DA 89 -21.44 84.32 -39.85
N ILE DA 90 -21.61 83.00 -40.00
CA ILE DA 90 -21.71 82.41 -41.32
C ILE DA 90 -22.93 82.95 -42.04
N ALA DA 91 -24.07 83.01 -41.35
CA ALA DA 91 -25.28 83.55 -41.96
C ALA DA 91 -25.08 84.99 -42.38
N GLN DA 92 -24.34 85.76 -41.59
CA GLN DA 92 -24.03 87.14 -41.97
C GLN DA 92 -23.27 87.19 -43.28
N ARG DA 93 -22.33 86.25 -43.47
CA ARG DA 93 -21.56 86.23 -44.72
C ARG DA 93 -22.47 86.08 -45.92
N TRP DA 94 -23.42 85.14 -45.85
CA TRP DA 94 -24.37 84.97 -46.95
C TRP DA 94 -25.22 86.21 -47.13
N TYR DA 95 -25.69 86.80 -46.02
CA TYR DA 95 -26.47 88.03 -46.11
C TYR DA 95 -25.64 89.14 -46.72
N GLU DA 96 -24.39 89.29 -46.27
CA GLU DA 96 -23.51 90.29 -46.85
C GLU DA 96 -23.26 90.00 -48.32
N LYS DA 97 -23.04 88.73 -48.67
CA LYS DA 97 -22.87 88.36 -50.06
C LYS DA 97 -24.14 88.65 -50.85
N ALA DA 98 -25.30 88.33 -50.28
CA ALA DA 98 -26.56 88.61 -50.96
C ALA DA 98 -26.78 90.10 -51.16
N GLN DA 99 -26.11 90.96 -50.38
CA GLN DA 99 -26.30 92.39 -50.53
C GLN DA 99 -25.89 92.85 -51.92
N ALA DA 100 -24.75 92.37 -52.41
CA ALA DA 100 -24.27 92.69 -53.75
C ALA DA 100 -24.59 91.59 -54.76
N ALA DA 101 -25.32 90.55 -54.35
CA ALA DA 101 -25.65 89.47 -55.26
C ALA DA 101 -26.45 89.99 -56.46
N LEU DA 102 -27.48 90.80 -56.18
CA LEU DA 102 -28.30 91.40 -57.22
C LEU DA 102 -27.86 92.82 -57.55
N ASP DA 103 -26.74 93.29 -57.00
CA ASP DA 103 -26.23 94.61 -57.35
C ASP DA 103 -26.06 94.74 -58.87
N ARG DA 104 -25.72 93.65 -59.54
CA ARG DA 104 -25.67 93.62 -61.00
C ARG DA 104 -27.05 93.46 -61.62
N GLY DA 105 -28.12 93.51 -60.81
CA GLY DA 105 -29.44 93.17 -61.27
C GLY DA 105 -29.76 91.68 -61.19
N ASN DA 106 -28.87 90.88 -60.63
CA ASN DA 106 -29.06 89.43 -60.55
C ASN DA 106 -29.91 89.09 -59.33
N GLU DA 107 -31.20 89.37 -59.45
CA GLU DA 107 -32.13 89.09 -58.37
C GLU DA 107 -32.27 87.59 -58.12
N GLN DA 108 -32.20 86.78 -59.17
CA GLN DA 108 -32.41 85.34 -59.01
C GLN DA 108 -31.37 84.73 -58.06
N LEU DA 109 -30.11 85.14 -58.21
CA LEU DA 109 -29.07 84.56 -57.37
C LEU DA 109 -29.30 84.87 -55.90
N ALA DA 110 -29.71 86.10 -55.60
CA ALA DA 110 -29.94 86.49 -54.21
C ALA DA 110 -31.04 85.66 -53.57
N ARG DA 111 -31.95 85.10 -54.39
CA ARG DA 111 -33.02 84.27 -53.84
C ARG DA 111 -32.45 83.07 -53.09
N GLU DA 112 -31.45 82.41 -53.68
CA GLU DA 112 -30.87 81.23 -53.06
C GLU DA 112 -30.20 81.57 -51.74
N ALA DA 113 -29.47 82.69 -51.69
CA ALA DA 113 -28.75 83.05 -50.47
C ALA DA 113 -29.69 83.24 -49.30
N LEU DA 114 -30.73 84.06 -49.47
CA LEU DA 114 -31.68 84.29 -48.39
C LEU DA 114 -32.39 83.01 -47.99
N GLY DA 115 -32.75 82.17 -48.96
CA GLY DA 115 -33.30 80.88 -48.63
C GLY DA 115 -32.31 79.99 -47.91
N GLN DA 116 -31.03 80.08 -48.29
CA GLN DA 116 -30.01 79.24 -47.67
C GLN DA 116 -29.80 79.61 -46.21
N ARG DA 117 -29.73 80.90 -45.90
CA ARG DA 117 -29.39 81.33 -44.54
C ARG DA 117 -30.49 81.00 -43.54
N GLN DA 118 -31.71 80.72 -43.99
CA GLN DA 118 -32.78 80.38 -43.05
C GLN DA 118 -32.46 79.12 -42.27
N SER DA 119 -31.88 78.12 -42.93
CA SER DA 119 -31.50 76.90 -42.23
C SER DA 119 -30.54 77.19 -41.09
N TYR DA 120 -29.55 78.04 -41.33
CA TYR DA 120 -28.62 78.42 -40.27
C TYR DA 120 -29.34 79.14 -39.14
N GLN DA 121 -30.27 80.04 -39.48
CA GLN DA 121 -31.00 80.78 -38.46
C GLN DA 121 -31.75 79.84 -37.52
N SER DA 122 -32.24 78.71 -38.05
CA SER DA 122 -32.96 77.76 -37.21
C SER DA 122 -32.08 77.25 -36.07
N HIS DA 123 -30.83 76.90 -36.38
CA HIS DA 123 -29.92 76.43 -35.35
C HIS DA 123 -29.67 77.51 -34.31
N THR DA 124 -29.48 78.76 -34.75
CA THR DA 124 -29.22 79.85 -33.81
C THR DA 124 -30.38 80.00 -32.84
N GLU DA 125 -31.61 79.97 -33.34
CA GLU DA 125 -32.77 80.09 -32.46
C GLU DA 125 -32.86 78.92 -31.49
N ALA DA 126 -32.58 77.70 -31.98
CA ALA DA 126 -32.64 76.53 -31.12
C ALA DA 126 -31.62 76.62 -30.00
N LEU DA 127 -30.40 77.06 -30.32
CA LEU DA 127 -29.37 77.15 -29.29
C LEU DA 127 -29.66 78.28 -28.31
N GLY DA 128 -30.19 79.41 -28.81
CA GLY DA 128 -30.49 80.52 -27.92
C GLY DA 128 -31.46 80.13 -26.82
N LYS DA 129 -32.48 79.35 -27.17
CA LYS DA 129 -33.41 78.86 -26.16
C LYS DA 129 -32.73 77.89 -25.21
N SER DA 130 -31.85 77.03 -25.73
CA SER DA 130 -31.20 76.03 -24.89
C SER DA 130 -30.33 76.69 -23.83
N LEU DA 131 -29.58 77.72 -24.21
CA LEU DA 131 -28.73 78.41 -23.23
C LEU DA 131 -29.57 79.15 -22.20
N GLY DA 132 -30.74 79.64 -22.60
CA GLY DA 132 -31.57 80.41 -21.68
C GLY DA 132 -31.90 79.64 -20.42
N GLU DA 133 -32.25 78.37 -20.56
CA GLU DA 133 -32.57 77.55 -19.39
C GLU DA 133 -31.30 77.18 -18.62
N GLN DA 134 -30.22 76.87 -19.32
CA GLN DA 134 -28.97 76.54 -18.65
C GLN DA 134 -28.44 77.72 -17.85
N ARG DA 135 -28.57 78.93 -18.38
CA ARG DA 135 -27.99 80.09 -17.73
C ARG DA 135 -28.55 80.28 -16.33
N ALA DA 136 -29.88 80.18 -16.20
CA ALA DA 136 -30.52 80.35 -14.90
C ALA DA 136 -30.46 79.09 -14.05
N LEU DA 137 -29.98 77.97 -14.60
CA LEU DA 137 -29.91 76.73 -13.83
C LEU DA 137 -28.64 76.66 -12.99
N VAL DA 138 -27.49 76.93 -13.62
CA VAL DA 138 -26.22 76.85 -12.90
C VAL DA 138 -26.17 77.90 -11.79
N GLU DA 139 -26.67 79.11 -12.08
CA GLU DA 139 -26.66 80.16 -11.07
C GLU DA 139 -27.33 79.69 -9.79
N GLN DA 140 -28.38 78.89 -9.90
CA GLN DA 140 -29.00 78.31 -8.71
C GLN DA 140 -28.05 77.32 -8.05
N VAL DA 141 -27.30 76.55 -8.84
CA VAL DA 141 -26.37 75.57 -8.29
C VAL DA 141 -25.29 76.28 -7.47
N ARG DA 142 -24.73 77.36 -8.01
CA ARG DA 142 -23.69 78.08 -7.30
C ARG DA 142 -24.14 78.52 -5.92
N GLY DA 143 -25.41 78.92 -5.80
CA GLY DA 143 -25.92 79.32 -4.50
C GLY DA 143 -25.87 78.20 -3.48
N GLN DA 144 -26.23 76.98 -3.90
CA GLN DA 144 -26.18 75.84 -2.98
C GLN DA 144 -24.74 75.58 -2.52
N LEU DA 145 -23.79 75.61 -3.45
CA LEU DA 145 -22.40 75.35 -3.08
C LEU DA 145 -21.90 76.42 -2.11
N GLN DA 146 -22.16 77.69 -2.42
CA GLN DA 146 -21.66 78.77 -1.57
C GLN DA 146 -22.28 78.69 -0.18
N LYS DA 147 -23.59 78.43 -0.10
CA LYS DA 147 -24.24 78.30 1.20
C LYS DA 147 -23.68 77.12 1.97
N LEU DA 148 -23.45 75.99 1.29
CA LEU DA 148 -22.92 74.82 1.96
C LEU DA 148 -21.55 75.11 2.56
N GLU DA 149 -20.68 75.78 1.80
CA GLU DA 149 -19.36 76.10 2.30
C GLU DA 149 -19.44 76.97 3.54
N ARG DA 150 -20.32 77.97 3.53
CA ARG DA 150 -20.49 78.81 4.72
C ARG DA 150 -21.01 77.99 5.89
N LYS DA 151 -21.94 77.07 5.63
CA LYS DA 151 -22.45 76.22 6.69
C LYS DA 151 -21.40 75.22 7.17
N TYR DA 152 -20.48 74.83 6.30
CA TYR DA 152 -19.47 73.85 6.67
C TYR DA 152 -18.62 74.34 7.82
N LEU DA 153 -18.16 75.59 7.75
CA LEU DA 153 -17.23 76.11 8.75
C LEU DA 153 -17.86 76.17 10.13
N GLU DA 154 -19.14 76.56 10.20
CA GLU DA 154 -19.79 76.73 11.49
C GLU DA 154 -19.80 75.44 12.29
N LEU DA 155 -19.68 74.29 11.63
CA LEU DA 155 -19.60 73.02 12.34
C LEU DA 155 -18.19 72.79 12.87
N LYS DA 156 -17.19 72.94 12.00
CA LYS DA 156 -15.80 72.65 12.39
C LYS DA 156 -15.36 73.59 13.51
N SER DA 157 -15.78 74.85 13.45
CA SER DA 157 -15.38 75.82 14.48
C SER DA 157 -15.85 75.41 15.87
N GLN DA 158 -16.84 74.51 15.95
CA GLN DA 158 -17.35 74.06 17.23
C GLN DA 158 -16.86 72.68 17.62
N LYS DA 159 -16.44 71.85 16.66
CA LYS DA 159 -16.08 70.48 16.97
C LYS DA 159 -14.92 70.44 17.96
N ASN DA 160 -13.90 71.27 17.74
CA ASN DA 160 -12.78 71.31 18.66
C ASN DA 160 -13.21 71.72 20.06
N LEU DA 161 -14.19 72.62 20.16
CA LEU DA 161 -14.66 73.06 21.47
C LEU DA 161 -15.31 71.91 22.23
N TYR DA 162 -16.14 71.11 21.55
CA TYR DA 162 -16.80 70.00 22.23
C TYR DA 162 -15.78 68.97 22.72
N LEU DA 163 -14.80 68.63 21.89
CA LEU DA 163 -13.80 67.65 22.29
C LEU DA 163 -13.07 68.07 23.55
N ALA DA 164 -12.74 69.36 23.66
CA ALA DA 164 -12.05 69.85 24.84
C ALA DA 164 -12.89 69.63 26.09
N ARG DA 165 -14.18 69.94 26.01
CA ARG DA 165 -15.06 69.72 27.15
C ARG DA 165 -15.14 68.23 27.48
N LEU DA 166 -15.22 67.39 26.45
CA LEU DA 166 -15.27 65.94 26.68
C LEU DA 166 -14.01 65.44 27.37
N LYS DA 167 -12.84 65.90 26.91
CA LYS DA 167 -11.60 65.48 27.53
C LYS DA 167 -11.49 65.99 28.96
N SER DA 168 -12.06 67.18 29.22
CA SER DA 168 -12.00 67.74 30.57
C SER DA 168 -12.80 66.90 31.55
N ALA DA 169 -14.03 66.55 31.19
CA ALA DA 169 -14.90 65.83 32.12
C ALA DA 169 -14.47 64.38 32.28
N ILE DA 170 -14.12 63.72 31.18
CA ILE DA 170 -13.70 62.32 31.27
C ILE DA 170 -12.51 62.19 32.20
N ALA DA 171 -11.53 63.07 32.07
CA ALA DA 171 -10.39 63.06 32.97
C ALA DA 171 -10.83 63.32 34.41
N ALA DA 172 -11.75 64.27 34.60
CA ALA DA 172 -12.20 64.59 35.94
C ALA DA 172 -12.81 63.37 36.62
N GLN DA 173 -13.60 62.59 35.89
CA GLN DA 173 -14.13 61.35 36.44
C GLN DA 173 -13.02 60.40 36.83
N LYS DA 174 -11.98 60.30 35.99
CA LYS DA 174 -10.87 59.40 36.29
C LYS DA 174 -10.15 59.84 37.57
N ILE DA 175 -9.96 61.14 37.74
CA ILE DA 175 -9.27 61.64 38.92
C ILE DA 175 -10.08 61.36 40.18
N GLU DA 176 -11.38 61.64 40.13
CA GLU DA 176 -12.19 61.60 41.34
C GLU DA 176 -12.26 60.19 41.92
N GLU DA 177 -12.43 59.19 41.07
CA GLU DA 177 -12.52 57.82 41.58
C GLU DA 177 -11.25 57.41 42.31
N ILE DA 178 -10.13 58.05 42.00
CA ILE DA 178 -8.85 57.77 42.66
C ILE DA 178 -8.68 58.75 43.82
N ALA DA 179 -9.76 59.43 44.20
CA ALA DA 179 -9.65 60.40 45.28
C ALA DA 179 -9.07 59.79 46.54
N GLY DA 180 -9.33 58.50 46.78
CA GLY DA 180 -8.80 57.86 47.95
C GLY DA 180 -9.25 58.53 49.23
N ASN DA 181 -10.54 58.84 49.32
CA ASN DA 181 -11.07 59.55 50.47
C ASN DA 181 -10.74 58.78 51.75
N LEU DA 182 -10.21 59.50 52.75
CA LEU DA 182 -9.85 58.86 54.00
C LEU DA 182 -11.08 58.40 54.78
N ASP DA 183 -12.22 59.06 54.58
CA ASP DA 183 -13.41 58.78 55.37
C ASP DA 183 -14.10 57.48 55.00
N ASN DA 184 -13.77 56.86 53.87
CA ASN DA 184 -14.53 55.68 53.44
C ASN DA 184 -14.42 54.55 54.46
N ALA DA 185 -13.20 54.23 54.88
CA ALA DA 185 -12.97 53.19 55.87
C ALA DA 185 -13.58 51.85 55.42
N SER DA 186 -13.48 51.58 54.12
CA SER DA 186 -14.06 50.37 53.55
C SER DA 186 -13.17 49.73 52.50
N ALA DA 187 -11.95 50.23 52.28
CA ALA DA 187 -10.99 49.79 51.26
C ALA DA 187 -11.39 50.32 49.88
N SER DA 188 -12.50 51.03 49.74
CA SER DA 188 -12.81 51.68 48.48
C SER DA 188 -11.76 52.74 48.15
N SER DA 189 -11.36 53.52 49.15
CA SER DA 189 -10.21 54.40 49.02
C SER DA 189 -8.96 53.59 49.29
N LEU DA 190 -8.04 53.58 48.32
CA LEU DA 190 -6.83 52.77 48.46
C LEU DA 190 -6.02 53.17 49.68
N PHE DA 191 -6.12 54.43 50.11
CA PHE DA 191 -5.39 54.86 51.30
C PHE DA 191 -5.87 54.13 52.55
N GLU DA 192 -7.19 54.11 52.76
CA GLU DA 192 -7.72 53.40 53.92
C GLU DA 192 -7.45 51.91 53.83
N ARG DA 193 -7.39 51.36 52.61
CA ARG DA 193 -6.98 49.97 52.46
C ARG DA 193 -5.57 49.77 52.98
N ILE DA 194 -4.67 50.72 52.68
CA ILE DA 194 -3.32 50.68 53.22
C ILE DA 194 -3.36 50.75 54.74
N GLU DA 195 -4.18 51.66 55.28
CA GLU DA 195 -4.25 51.81 56.73
C GLU DA 195 -4.67 50.51 57.39
N THR DA 196 -5.63 49.81 56.80
CA THR DA 196 -6.02 48.50 57.33
C THR DA 196 -4.84 47.54 57.28
N LYS DA 197 -4.06 47.59 56.21
CA LYS DA 197 -2.89 46.72 56.10
C LYS DA 197 -1.89 47.00 57.22
N ILE DA 198 -1.68 48.28 57.53
CA ILE DA 198 -0.70 48.63 58.57
C ILE DA 198 -1.09 48.01 59.90
N LEU DA 199 -2.34 48.18 60.31
CA LEU DA 199 -2.78 47.67 61.60
C LEU DA 199 -2.75 46.15 61.64
N GLU DA 200 -2.92 45.50 60.49
CA GLU DA 200 -2.88 44.04 60.45
C GLU DA 200 -1.54 43.53 60.94
N LEU DA 201 -0.45 44.10 60.43
CA LEU DA 201 0.89 43.65 60.81
C LEU DA 201 1.18 43.96 62.27
N GLU DA 202 0.93 45.20 62.69
CA GLU DA 202 1.20 45.58 64.07
C GLU DA 202 0.45 44.68 65.06
N ALA DA 203 -0.73 44.20 64.67
CA ALA DA 203 -1.49 43.32 65.54
C ALA DA 203 -0.75 41.99 65.76
N GLU DA 204 -0.16 41.45 64.70
CA GLU DA 204 0.51 40.15 64.82
C GLU DA 204 1.70 40.24 65.78
N ARG DA 205 2.49 41.30 65.68
CA ARG DA 205 3.69 41.41 66.49
C ARG DA 205 3.38 41.45 67.97
N GLU DA 206 2.40 42.28 68.36
CA GLU DA 206 2.09 42.43 69.78
C GLU DA 206 1.60 41.11 70.37
N LEU DA 207 0.75 40.39 69.63
CA LEU DA 207 0.24 39.12 70.13
C LEU DA 207 1.36 38.09 70.26
N LEU DA 208 2.23 38.00 69.24
CA LEU DA 208 3.29 37.00 69.28
C LEU DA 208 4.34 37.32 70.33
N ASN DA 209 4.43 38.60 70.74
CA ASN DA 209 5.33 39.04 71.79
C ASN DA 209 4.49 39.78 72.83
N PRO DA 210 3.87 39.05 73.74
CA PRO DA 210 2.99 39.67 74.73
C PRO DA 210 3.67 40.85 75.41
N PRO DA 211 3.18 42.07 75.21
CA PRO DA 211 3.78 43.23 75.87
C PRO DA 211 3.53 43.20 77.36
N PRO DA 212 4.27 43.98 78.14
CA PRO DA 212 4.12 43.92 79.59
C PRO DA 212 2.69 44.28 80.01
N SER DA 213 2.22 43.60 81.06
CA SER DA 213 0.92 43.91 81.61
C SER DA 213 0.95 45.27 82.30
N PRO DA 214 -0.20 45.95 82.38
CA PRO DA 214 -0.22 47.25 83.08
C PRO DA 214 0.23 47.15 84.53
N LEU DA 215 -0.06 46.04 85.19
CA LEU DA 215 0.43 45.85 86.56
C LEU DA 215 1.95 45.84 86.59
N ASP DA 216 2.58 45.16 85.63
CA ASP DA 216 4.04 45.17 85.56
C ASP DA 216 4.55 46.59 85.31
N LYS DA 217 3.87 47.33 84.42
CA LYS DA 217 4.24 48.72 84.20
C LYS DA 217 4.13 49.52 85.49
N LYS DA 218 3.05 49.30 86.24
CA LYS DA 218 2.88 50.02 87.50
C LYS DA 218 4.07 49.79 88.43
N PHE DA 219 4.50 48.53 88.57
CA PHE DA 219 5.62 48.23 89.46
C PHE DA 219 6.89 48.92 89.01
N GLU DA 220 7.16 48.91 87.70
CA GLU DA 220 8.43 49.44 87.21
C GLU DA 220 8.59 50.90 87.56
N GLN DA 221 7.61 51.73 87.22
CA GLN DA 221 7.67 53.13 87.60
C GLN DA 221 7.53 53.29 89.11
N TRP DA 222 6.66 52.49 89.73
CA TRP DA 222 6.50 52.54 91.18
C TRP DA 222 7.82 52.32 91.90
N GLU DA 223 8.73 51.54 91.30
CA GLU DA 223 10.02 51.29 91.92
C GLU DA 223 10.97 52.48 91.75
N GLU DA 224 10.93 53.14 90.59
CA GLU DA 224 11.93 54.17 90.29
C GLU DA 224 11.82 55.36 91.21
N GLN DA 225 10.60 55.69 91.67
CA GLN DA 225 10.43 56.89 92.48
C GLN DA 225 11.24 56.81 93.76
N GLN DA 226 11.23 55.66 94.43
CA GLN DA 226 12.04 55.50 95.62
C GLN DA 226 13.52 55.54 95.29
N ALA DA 227 13.91 54.93 94.18
CA ALA DA 227 15.33 54.90 93.80
C ALA DA 227 15.86 56.31 93.62
N VAL DA 228 15.13 57.15 92.88
CA VAL DA 228 15.56 58.53 92.68
C VAL DA 228 15.42 59.33 93.97
N GLU DA 229 14.31 59.12 94.69
CA GLU DA 229 14.11 59.84 95.94
C GLU DA 229 15.11 59.38 97.00
N ALA DA 230 15.35 58.07 97.10
CA ALA DA 230 16.34 57.57 98.04
C ALA DA 230 17.72 58.10 97.71
N THR DA 231 18.08 58.09 96.42
CA THR DA 231 19.34 58.70 96.01
C THR DA 231 19.32 60.20 96.26
N LEU DA 232 18.19 60.86 95.96
CA LEU DA 232 18.06 62.27 96.27
C LEU DA 232 18.01 62.51 97.77
N ALA DA 233 17.36 61.62 98.52
CA ALA DA 233 17.36 61.74 99.97
C ALA DA 233 18.78 61.63 100.52
N ALA DA 234 19.56 60.69 99.99
CA ALA DA 234 20.96 60.59 100.36
C ALA DA 234 21.80 61.68 99.72
N MET DA 235 21.33 62.27 98.61
CA MET DA 235 22.07 63.36 97.99
C MET DA 235 22.26 64.51 98.97
N LYS DA 236 21.17 64.95 99.59
CA LYS DA 236 21.28 66.00 100.61
C LYS DA 236 22.09 65.50 101.80
N ALA DA 237 21.85 64.25 102.22
CA ALA DA 237 22.55 63.72 103.38
C ALA DA 237 24.04 63.50 103.08
N ARG DA 238 24.35 62.88 101.94
CA ARG DA 238 25.75 62.62 101.62
C ARG DA 238 26.52 63.92 101.46
N ARG DA 239 25.93 64.90 100.78
CA ARG DA 239 26.55 66.22 100.70
C ARG DA 239 26.50 66.94 102.04
N SER DA 240 25.43 66.73 102.80
CA SER DA 240 25.28 67.37 104.10
C SER DA 240 24.35 66.57 105.00
N GLN EA 45 8.34 -21.89 -51.16
CA GLN EA 45 9.32 -22.07 -52.28
C GLN EA 45 10.03 -20.76 -52.58
N GLU EA 46 11.24 -20.86 -53.13
CA GLU EA 46 12.06 -19.70 -53.48
C GLU EA 46 12.18 -19.61 -55.00
N ALA EA 47 12.91 -18.60 -55.45
CA ALA EA 47 13.14 -18.46 -56.88
C ALA EA 47 13.93 -19.66 -57.39
N PRO EA 48 13.55 -20.24 -58.54
CA PRO EA 48 14.25 -21.44 -59.01
C PRO EA 48 15.74 -21.21 -59.23
N GLU EA 49 16.13 -20.02 -59.69
CA GLU EA 49 17.54 -19.75 -59.94
C GLU EA 49 18.35 -19.77 -58.64
N ASP EA 50 17.78 -19.23 -57.57
CA ASP EA 50 18.52 -19.16 -56.31
C ASP EA 50 18.85 -20.56 -55.79
N LEU EA 51 17.92 -21.50 -55.93
CA LEU EA 51 18.17 -22.85 -55.46
C LEU EA 51 19.37 -23.47 -56.18
N LEU EA 52 19.51 -23.19 -57.48
CA LEU EA 52 20.53 -23.85 -58.28
C LEU EA 52 21.92 -23.59 -57.70
N GLU EA 53 22.21 -22.34 -57.36
CA GLU EA 53 23.50 -22.02 -56.77
C GLU EA 53 23.69 -22.73 -55.43
N ARG EA 54 22.66 -22.68 -54.58
CA ARG EA 54 22.77 -23.31 -53.27
C ARG EA 54 22.87 -24.82 -53.38
N LEU EA 55 22.12 -25.43 -54.31
CA LEU EA 55 22.13 -26.88 -54.41
C LEU EA 55 23.51 -27.41 -54.80
N LEU EA 56 24.15 -26.78 -55.78
CA LEU EA 56 25.46 -27.25 -56.22
C LEU EA 56 26.50 -27.09 -55.12
N GLY EA 57 26.43 -25.99 -54.37
CA GLY EA 57 27.37 -25.81 -53.27
C GLY EA 57 27.30 -26.94 -52.27
N GLU EA 58 26.09 -27.41 -51.97
CA GLU EA 58 25.95 -28.60 -51.13
C GLU EA 58 26.51 -29.83 -51.82
N MET EA 59 26.27 -29.95 -53.13
CA MET EA 59 26.76 -31.12 -53.87
C MET EA 59 28.28 -31.18 -53.85
N GLU EA 60 28.95 -30.06 -54.10
CA GLU EA 60 30.40 -30.05 -54.10
C GLU EA 60 30.96 -30.39 -52.73
N LEU EA 61 30.34 -29.86 -51.68
CA LEU EA 61 30.80 -30.14 -50.33
C LEU EA 61 30.70 -31.63 -50.02
N GLU EA 62 29.61 -32.26 -50.47
CA GLU EA 62 29.43 -33.68 -50.18
C GLU EA 62 30.49 -34.53 -50.87
N LEU EA 63 30.86 -34.18 -52.10
CA LEU EA 63 31.73 -35.04 -52.89
C LEU EA 63 33.08 -35.24 -52.23
N ILE EA 64 33.67 -34.17 -51.70
CA ILE EA 64 34.98 -34.29 -51.07
C ILE EA 64 34.88 -35.18 -49.83
N GLU EA 65 33.76 -35.10 -49.12
CA GLU EA 65 33.57 -35.98 -47.97
C GLU EA 65 33.60 -37.44 -48.39
N LEU EA 66 32.97 -37.75 -49.53
CA LEU EA 66 33.10 -39.09 -50.10
C LEU EA 66 34.55 -39.41 -50.44
N ARG EA 67 35.26 -38.45 -51.03
CA ARG EA 67 36.66 -38.68 -51.38
C ARG EA 67 37.48 -38.98 -50.14
N ARG EA 68 37.27 -38.23 -49.07
CA ARG EA 68 38.02 -38.45 -47.84
C ARG EA 68 37.71 -39.82 -47.25
N ALA EA 69 36.43 -40.21 -47.23
CA ALA EA 69 36.05 -41.47 -46.62
C ALA EA 69 36.67 -42.66 -47.34
N LEU EA 70 36.64 -42.64 -48.67
CA LEU EA 70 37.18 -43.76 -49.43
C LEU EA 70 38.65 -44.02 -49.09
N ALA EA 71 39.40 -42.96 -48.78
CA ALA EA 71 40.80 -43.14 -48.43
C ALA EA 71 40.95 -44.01 -47.19
N GLN EA 72 40.11 -43.77 -46.18
CA GLN EA 72 40.20 -44.56 -44.95
C GLN EA 72 39.98 -46.05 -45.22
N THR EA 73 39.11 -46.37 -46.18
CA THR EA 73 38.92 -47.76 -46.56
C THR EA 73 40.22 -48.36 -47.08
N ILE EA 74 40.96 -47.60 -47.90
CA ILE EA 74 42.19 -48.11 -48.46
C ILE EA 74 43.20 -48.39 -47.36
N ALA EA 75 43.22 -47.56 -46.32
CA ALA EA 75 44.18 -47.75 -45.23
C ALA EA 75 44.03 -49.13 -44.61
N THR EA 76 42.80 -49.51 -44.25
CA THR EA 76 42.58 -50.82 -43.65
C THR EA 76 42.90 -51.93 -44.64
N PHE EA 77 42.51 -51.75 -45.90
CA PHE EA 77 42.83 -52.76 -46.92
C PHE EA 77 44.33 -52.99 -47.02
N LYS EA 78 45.12 -51.91 -46.97
CA LYS EA 78 46.57 -52.06 -46.96
C LYS EA 78 47.07 -52.55 -45.61
N SER EA 79 46.49 -52.03 -44.52
CA SER EA 79 46.99 -52.35 -43.19
C SER EA 79 46.89 -53.84 -42.91
N THR EA 80 45.72 -54.43 -43.17
CA THR EA 80 45.55 -55.86 -42.91
C THR EA 80 46.47 -56.68 -43.79
N GLU EA 81 46.64 -56.27 -45.05
CA GLU EA 81 47.54 -57.00 -45.95
C GLU EA 81 48.96 -57.02 -45.41
N ARG EA 82 49.43 -55.87 -44.91
CA ARG EA 82 50.73 -55.86 -44.23
C ARG EA 82 50.70 -56.73 -42.99
N GLN EA 83 49.59 -56.68 -42.24
CA GLN EA 83 49.45 -57.53 -41.06
C GLN EA 83 49.48 -59.01 -41.44
N ARG EA 84 48.85 -59.36 -42.57
CA ARG EA 84 48.80 -60.74 -43.00
C ARG EA 84 50.21 -61.29 -43.25
N ASP EA 85 51.05 -60.50 -43.91
CA ASP EA 85 52.40 -60.98 -44.22
C ASP EA 85 53.18 -61.31 -42.96
N ALA EA 86 52.92 -60.59 -41.86
CA ALA EA 86 53.67 -60.81 -40.65
C ALA EA 86 53.46 -62.23 -40.11
N GLN EA 87 52.21 -62.70 -40.12
CA GLN EA 87 51.92 -64.01 -39.53
C GLN EA 87 52.63 -65.13 -40.27
N GLN EA 88 52.53 -65.14 -41.60
CA GLN EA 88 53.19 -66.20 -42.36
C GLN EA 88 54.69 -66.18 -42.16
N LEU EA 89 55.27 -64.99 -41.96
CA LEU EA 89 56.70 -64.91 -41.67
C LEU EA 89 57.02 -65.65 -40.38
N ILE EA 90 56.18 -65.50 -39.37
CA ILE EA 90 56.39 -66.22 -38.11
C ILE EA 90 56.31 -67.73 -38.35
N ALA EA 91 55.31 -68.16 -39.12
CA ALA EA 91 55.19 -69.58 -39.42
C ALA EA 91 56.43 -70.08 -40.16
N GLN EA 92 56.98 -69.26 -41.04
CA GLN EA 92 58.20 -69.64 -41.74
C GLN EA 92 59.34 -69.88 -40.76
N ARG EA 93 59.43 -69.04 -39.72
CA ARG EA 93 60.48 -69.20 -38.72
C ARG EA 93 60.39 -70.58 -38.07
N TRP EA 94 59.20 -70.98 -37.66
CA TRP EA 94 59.03 -72.31 -37.07
C TRP EA 94 59.38 -73.40 -38.08
N TYR EA 95 58.91 -73.24 -39.32
CA TYR EA 95 59.24 -74.21 -40.36
C TYR EA 95 60.75 -74.27 -40.59
N GLU EA 96 61.38 -73.10 -40.67
CA GLU EA 96 62.83 -73.06 -40.82
C GLU EA 96 63.52 -73.70 -39.61
N LYS EA 97 63.02 -73.39 -38.40
CA LYS EA 97 63.55 -74.01 -37.21
C LYS EA 97 63.34 -75.52 -37.24
N ALA EA 98 62.15 -75.96 -37.65
CA ALA EA 98 61.88 -77.38 -37.74
C ALA EA 98 62.76 -78.08 -38.76
N GLN EA 99 63.33 -77.33 -39.71
CA GLN EA 99 64.19 -77.96 -40.71
C GLN EA 99 65.40 -78.62 -40.05
N ALA EA 100 66.04 -77.94 -39.11
CA ALA EA 100 67.17 -78.47 -38.38
C ALA EA 100 66.76 -79.03 -37.02
N ALA EA 101 65.47 -79.04 -36.69
CA ALA EA 101 65.03 -79.55 -35.40
C ALA EA 101 65.43 -81.01 -35.24
N LEU EA 102 65.17 -81.83 -36.25
CA LEU EA 102 65.54 -83.24 -36.24
C LEU EA 102 66.85 -83.51 -36.96
N ASP EA 103 67.58 -82.45 -37.37
CA ASP EA 103 68.88 -82.65 -37.99
C ASP EA 103 69.80 -83.47 -37.08
N ARG EA 104 69.65 -83.34 -35.77
CA ARG EA 104 70.35 -84.17 -34.81
C ARG EA 104 69.70 -85.53 -34.63
N GLY EA 105 68.70 -85.86 -35.45
CA GLY EA 105 67.88 -87.02 -35.23
C GLY EA 105 66.72 -86.82 -34.28
N ASN EA 106 66.50 -85.59 -33.82
CA ASN EA 106 65.44 -85.28 -32.86
C ASN EA 106 64.12 -85.08 -33.61
N GLU EA 107 63.55 -86.20 -34.05
CA GLU EA 107 62.28 -86.16 -34.76
C GLU EA 107 61.15 -85.70 -33.86
N GLN EA 108 61.19 -86.07 -32.58
CA GLN EA 108 60.08 -85.73 -31.68
C GLN EA 108 59.89 -84.22 -31.57
N LEU EA 109 60.98 -83.48 -31.47
CA LEU EA 109 60.87 -82.03 -31.32
C LEU EA 109 60.21 -81.41 -32.54
N ALA EA 110 60.59 -81.86 -33.74
CA ALA EA 110 60.02 -81.29 -34.96
C ALA EA 110 58.52 -81.50 -35.03
N ARG EA 111 58.00 -82.52 -34.33
CA ARG EA 111 56.56 -82.76 -34.32
C ARG EA 111 55.81 -81.56 -33.78
N GLU EA 112 56.29 -80.98 -32.68
CA GLU EA 112 55.61 -79.85 -32.06
C GLU EA 112 55.60 -78.64 -32.99
N ALA EA 113 56.73 -78.38 -33.66
CA ALA EA 113 56.82 -77.19 -34.51
C ALA EA 113 55.78 -77.24 -35.63
N LEU EA 114 55.75 -78.35 -36.38
CA LEU EA 114 54.79 -78.46 -37.46
C LEU EA 114 53.36 -78.40 -36.96
N GLY EA 115 53.08 -79.02 -35.82
CA GLY EA 115 51.76 -78.89 -35.22
C GLY EA 115 51.48 -77.46 -34.79
N GLN EA 116 52.51 -76.77 -34.29
CA GLN EA 116 52.33 -75.40 -33.82
C GLN EA 116 51.97 -74.46 -34.96
N ARG EA 117 52.68 -74.57 -36.08
CA ARG EA 117 52.50 -73.62 -37.18
C ARG EA 117 51.14 -73.73 -37.85
N GLN EA 118 50.42 -74.84 -37.65
CA GLN EA 118 49.11 -74.99 -38.28
C GLN EA 118 48.15 -73.92 -37.76
N SER EA 119 48.20 -73.62 -36.46
CA SER EA 119 47.33 -72.58 -35.92
C SER EA 119 47.56 -71.25 -36.62
N TYR EA 120 48.82 -70.89 -36.85
CA TYR EA 120 49.11 -69.65 -37.57
C TYR EA 120 48.58 -69.70 -39.00
N GLN EA 121 48.73 -70.85 -39.66
CA GLN EA 121 48.25 -70.97 -41.04
C GLN EA 121 46.76 -70.71 -41.12
N SER EA 122 46.00 -71.08 -40.09
CA SER EA 122 44.57 -70.86 -40.10
C SER EA 122 44.25 -69.37 -40.23
N HIS EA 123 44.95 -68.53 -39.47
CA HIS EA 123 44.72 -67.09 -39.56
C HIS EA 123 45.05 -66.57 -40.94
N THR EA 124 46.15 -67.04 -41.53
CA THR EA 124 46.54 -66.58 -42.86
C THR EA 124 45.46 -66.89 -43.89
N GLU EA 125 44.92 -68.11 -43.84
CA GLU EA 125 43.86 -68.47 -44.78
C GLU EA 125 42.61 -67.63 -44.55
N ALA EA 126 42.26 -67.39 -43.28
CA ALA EA 126 41.07 -66.59 -42.99
C ALA EA 126 41.23 -65.17 -43.51
N LEU EA 127 42.40 -64.57 -43.33
CA LEU EA 127 42.61 -63.21 -43.80
C LEU EA 127 42.67 -63.15 -45.32
N GLY EA 128 43.29 -64.14 -45.96
CA GLY EA 128 43.36 -64.13 -47.41
C GLY EA 128 42.00 -64.08 -48.06
N LYS EA 129 41.05 -64.85 -47.52
CA LYS EA 129 39.67 -64.80 -48.03
C LYS EA 129 39.04 -63.44 -47.77
N SER EA 130 39.30 -62.87 -46.58
CA SER EA 130 38.67 -61.60 -46.23
C SER EA 130 39.11 -60.48 -47.16
N LEU EA 131 40.40 -60.43 -47.50
CA LEU EA 131 40.89 -59.40 -48.41
C LEU EA 131 40.33 -59.61 -49.81
N GLY EA 132 40.11 -60.86 -50.20
CA GLY EA 132 39.64 -61.12 -51.55
C GLY EA 132 38.35 -60.40 -51.88
N GLU EA 133 37.41 -60.40 -50.94
CA GLU EA 133 36.14 -59.70 -51.17
C GLU EA 133 36.31 -58.19 -51.07
N GLN EA 134 37.14 -57.73 -50.13
CA GLN EA 134 37.37 -56.29 -50.00
C GLN EA 134 38.05 -55.73 -51.24
N ARG EA 135 38.99 -56.48 -51.82
CA ARG EA 135 39.76 -55.98 -52.95
C ARG EA 135 38.86 -55.60 -54.12
N ALA EA 136 37.91 -56.48 -54.45
CA ALA EA 136 37.00 -56.22 -55.55
C ALA EA 136 35.84 -55.31 -55.16
N LEU EA 137 35.70 -54.98 -53.88
CA LEU EA 137 34.60 -54.12 -53.44
C LEU EA 137 34.95 -52.65 -53.60
N VAL EA 138 36.12 -52.24 -53.11
CA VAL EA 138 36.51 -50.83 -53.20
C VAL EA 138 36.66 -50.41 -54.66
N GLU EA 139 37.25 -51.29 -55.49
CA GLU EA 139 37.44 -50.96 -56.90
C GLU EA 139 36.11 -50.55 -57.54
N GLN EA 140 35.02 -51.19 -57.14
CA GLN EA 140 33.70 -50.77 -57.61
C GLN EA 140 33.36 -49.39 -57.07
N VAL EA 141 33.72 -49.11 -55.82
CA VAL EA 141 33.42 -47.80 -55.23
C VAL EA 141 34.13 -46.70 -56.01
N ARG EA 142 35.41 -46.90 -56.31
CA ARG EA 142 36.16 -45.89 -57.02
C ARG EA 142 35.49 -45.52 -58.34
N GLY EA 143 34.90 -46.49 -59.03
CA GLY EA 143 34.21 -46.19 -60.27
C GLY EA 143 33.05 -45.24 -60.08
N GLN EA 144 32.28 -45.42 -59.01
CA GLN EA 144 31.16 -44.52 -58.75
C GLN EA 144 31.66 -43.10 -58.50
N LEU EA 145 32.71 -42.96 -57.69
CA LEU EA 145 33.23 -41.62 -57.40
C LEU EA 145 33.75 -40.95 -58.66
N GLN EA 146 34.52 -41.68 -59.47
CA GLN EA 146 35.08 -41.09 -60.68
C GLN EA 146 33.99 -40.69 -61.65
N LYS EA 147 32.99 -41.55 -61.83
CA LYS EA 147 31.89 -41.21 -62.73
C LYS EA 147 31.12 -40.00 -62.21
N LEU EA 148 30.89 -39.94 -60.89
CA LEU EA 148 30.17 -38.81 -60.32
C LEU EA 148 30.90 -37.49 -60.58
N GLU EA 149 32.23 -37.50 -60.37
CA GLU EA 149 33.00 -36.28 -60.61
C GLU EA 149 32.89 -35.84 -62.05
N ARG EA 150 32.98 -36.77 -63.00
CA ARG EA 150 32.83 -36.41 -64.41
C ARG EA 150 31.43 -35.86 -64.67
N LYS EA 151 30.41 -36.46 -64.07
CA LYS EA 151 29.05 -35.97 -64.25
C LYS EA 151 28.86 -34.63 -63.56
N TYR EA 152 29.60 -34.36 -62.49
CA TYR EA 152 29.44 -33.12 -61.76
C TYR EA 152 29.72 -31.91 -62.64
N LEU EA 153 30.81 -31.95 -63.39
CA LEU EA 153 31.23 -30.79 -64.17
C LEU EA 153 30.22 -30.45 -65.25
N GLU EA 154 29.63 -31.47 -65.90
CA GLU EA 154 28.72 -31.22 -67.01
C GLU EA 154 27.53 -30.39 -66.58
N LEU EA 155 27.20 -30.38 -65.28
CA LEU EA 155 26.12 -29.54 -64.79
C LEU EA 155 26.59 -28.10 -64.59
N LYS EA 156 27.71 -27.93 -63.91
CA LYS EA 156 28.20 -26.58 -63.61
C LYS EA 156 28.54 -25.82 -64.89
N SER EA 157 29.08 -26.52 -65.88
CA SER EA 157 29.44 -25.87 -67.14
C SER EA 157 28.22 -25.26 -67.83
N GLN EA 158 27.02 -25.71 -67.49
CA GLN EA 158 25.81 -25.19 -68.10
C GLN EA 158 25.06 -24.20 -67.20
N LYS EA 159 25.27 -24.25 -65.89
CA LYS EA 159 24.49 -23.41 -64.99
C LYS EA 159 24.70 -21.94 -65.31
N ASN EA 160 25.96 -21.54 -65.53
CA ASN EA 160 26.23 -20.15 -65.86
C ASN EA 160 25.55 -19.74 -67.15
N LEU EA 161 25.47 -20.66 -68.12
CA LEU EA 161 24.82 -20.34 -69.38
C LEU EA 161 23.33 -20.04 -69.19
N TYR EA 162 22.65 -20.85 -68.38
CA TYR EA 162 21.22 -20.62 -68.16
C TYR EA 162 20.97 -19.29 -67.46
N LEU EA 163 21.77 -18.97 -66.45
CA LEU EA 163 21.57 -17.71 -65.73
C LEU EA 163 21.69 -16.52 -66.67
N ALA EA 164 22.65 -16.56 -67.58
CA ALA EA 164 22.81 -15.45 -68.53
C ALA EA 164 21.56 -15.27 -69.37
N ARG EA 165 21.00 -16.37 -69.87
CA ARG EA 165 19.75 -16.28 -70.64
C ARG EA 165 18.63 -15.72 -69.79
N LEU EA 166 18.55 -16.17 -68.54
CA LEU EA 166 17.51 -15.69 -67.64
C LEU EA 166 17.64 -14.19 -67.39
N LYS EA 167 18.87 -13.72 -67.15
CA LYS EA 167 19.08 -12.30 -66.93
C LYS EA 167 18.78 -11.50 -68.19
N SER EA 168 19.04 -12.08 -69.36
CA SER EA 168 18.79 -11.37 -70.61
C SER EA 168 17.28 -11.14 -70.81
N ALA EA 169 16.49 -12.19 -70.63
CA ALA EA 169 15.06 -12.08 -70.92
C ALA EA 169 14.34 -11.26 -69.85
N ILE EA 170 14.67 -11.49 -68.58
CA ILE EA 170 14.01 -10.74 -67.51
C ILE EA 170 14.22 -9.24 -67.70
N ALA EA 171 15.44 -8.84 -68.03
CA ALA EA 171 15.70 -7.43 -68.31
C ALA EA 171 14.91 -6.97 -69.53
N ALA EA 172 14.84 -7.80 -70.56
CA ALA EA 172 14.11 -7.42 -71.77
C ALA EA 172 12.66 -7.12 -71.46
N GLN EA 173 12.04 -7.94 -70.61
CA GLN EA 173 10.67 -7.66 -70.19
C GLN EA 173 10.57 -6.33 -69.47
N LYS EA 174 11.54 -6.04 -68.60
CA LYS EA 174 11.53 -4.78 -67.86
C LYS EA 174 11.63 -3.59 -68.81
N ILE EA 175 12.49 -3.70 -69.83
CA ILE EA 175 12.66 -2.60 -70.77
C ILE EA 175 11.38 -2.37 -71.57
N GLU EA 176 10.78 -3.44 -72.06
CA GLU EA 176 9.68 -3.30 -73.01
C GLU EA 176 8.46 -2.62 -72.36
N GLU EA 177 8.14 -2.98 -71.12
CA GLU EA 177 6.99 -2.38 -70.47
C GLU EA 177 7.17 -0.88 -70.31
N ILE EA 178 8.41 -0.40 -70.32
CA ILE EA 178 8.70 1.03 -70.20
C ILE EA 178 8.87 1.60 -71.61
N ALA EA 179 8.44 0.84 -72.63
CA ALA EA 179 8.60 1.30 -74.01
C ALA EA 179 7.97 2.66 -74.21
N GLY EA 180 6.90 2.96 -73.48
CA GLY EA 180 6.25 4.25 -73.62
C GLY EA 180 5.80 4.51 -75.04
N ASN EA 181 5.14 3.51 -75.64
CA ASN EA 181 4.71 3.63 -77.02
C ASN EA 181 3.82 4.86 -77.19
N LEU EA 182 4.12 5.65 -78.22
CA LEU EA 182 3.34 6.87 -78.46
C LEU EA 182 1.93 6.55 -78.92
N ASP EA 183 1.73 5.39 -79.55
CA ASP EA 183 0.44 5.06 -80.15
C ASP EA 183 -0.63 4.68 -79.13
N ASN EA 184 -0.27 4.39 -77.88
CA ASN EA 184 -1.26 3.90 -76.93
C ASN EA 184 -2.38 4.90 -76.73
N ALA EA 185 -2.03 6.16 -76.45
CA ALA EA 185 -3.02 7.22 -76.26
C ALA EA 185 -4.01 6.86 -75.15
N SER EA 186 -3.50 6.21 -74.10
CA SER EA 186 -4.33 5.76 -73.00
C SER EA 186 -3.68 5.97 -71.63
N ALA EA 187 -2.51 6.61 -71.56
CA ALA EA 187 -1.72 6.82 -70.36
C ALA EA 187 -0.96 5.55 -69.97
N SER EA 188 -1.15 4.44 -70.67
CA SER EA 188 -0.32 3.27 -70.42
C SER EA 188 1.15 3.57 -70.73
N SER EA 189 1.40 4.25 -71.85
CA SER EA 189 2.71 4.80 -72.12
C SER EA 189 2.86 6.12 -71.38
N LEU EA 190 3.88 6.21 -70.54
CA LEU EA 190 4.05 7.42 -69.73
C LEU EA 190 4.23 8.66 -70.60
N PHE EA 191 4.73 8.51 -71.83
CA PHE EA 191 4.89 9.66 -72.71
C PHE EA 191 3.55 10.25 -73.09
N GLU EA 192 2.62 9.40 -73.54
CA GLU EA 192 1.29 9.90 -73.88
C GLU EA 192 0.57 10.46 -72.67
N ARG EA 193 0.84 9.90 -71.48
CA ARG EA 193 0.30 10.50 -70.26
C ARG EA 193 0.81 11.92 -70.09
N ILE EA 194 2.10 12.16 -70.38
CA ILE EA 194 2.64 13.50 -70.35
C ILE EA 194 1.93 14.37 -71.38
N GLU EA 195 1.74 13.85 -72.59
CA GLU EA 195 1.09 14.63 -73.64
C GLU EA 195 -0.30 15.08 -73.21
N THR EA 196 -1.05 14.18 -72.57
CA THR EA 196 -2.35 14.58 -72.04
C THR EA 196 -2.21 15.69 -71.01
N LYS EA 197 -1.17 15.61 -70.17
CA LYS EA 197 -0.94 16.65 -69.18
C LYS EA 197 -0.68 18.00 -69.85
N ILE EA 198 0.09 18.01 -70.93
CA ILE EA 198 0.42 19.26 -71.60
C ILE EA 198 -0.84 19.95 -72.08
N LEU EA 199 -1.71 19.22 -72.79
CA LEU EA 199 -2.92 19.82 -73.34
C LEU EA 199 -3.86 20.27 -72.25
N GLU EA 200 -3.83 19.63 -71.09
CA GLU EA 200 -4.70 20.03 -69.99
C GLU EA 200 -4.42 21.47 -69.58
N LEU EA 201 -3.14 21.82 -69.42
CA LEU EA 201 -2.79 23.17 -68.99
C LEU EA 201 -3.11 24.19 -70.08
N GLU EA 202 -2.69 23.92 -71.31
CA GLU EA 202 -2.96 24.85 -72.40
C GLU EA 202 -4.44 25.14 -72.55
N ALA EA 203 -5.29 24.15 -72.25
CA ALA EA 203 -6.72 24.35 -72.34
C ALA EA 203 -7.20 25.40 -71.32
N GLU EA 204 -6.68 25.35 -70.10
CA GLU EA 204 -7.12 26.29 -69.07
C GLU EA 204 -6.79 27.72 -69.45
N ARG EA 205 -5.59 27.96 -69.97
CA ARG EA 205 -5.17 29.32 -70.26
C ARG EA 205 -6.06 29.97 -71.31
N GLU EA 206 -6.32 29.26 -72.40
CA GLU EA 206 -7.11 29.83 -73.49
C GLU EA 206 -8.52 30.19 -73.02
N LEU EA 207 -9.13 29.31 -72.23
CA LEU EA 207 -10.48 29.58 -71.75
C LEU EA 207 -10.50 30.76 -70.80
N LEU EA 208 -9.53 30.83 -69.87
CA LEU EA 208 -9.52 31.91 -68.89
C LEU EA 208 -9.17 33.24 -69.54
N ASN EA 209 -8.52 33.21 -70.71
CA ASN EA 209 -8.17 34.40 -71.48
C ASN EA 209 -8.73 34.20 -72.89
N PRO EA 210 -10.02 34.50 -73.09
CA PRO EA 210 -10.64 34.26 -74.40
C PRO EA 210 -9.81 34.86 -75.52
N PRO EA 211 -9.26 34.04 -76.40
CA PRO EA 211 -8.47 34.58 -77.52
C PRO EA 211 -9.36 35.30 -78.51
N PRO EA 212 -8.79 36.11 -79.39
CA PRO EA 212 -9.62 36.90 -80.32
C PRO EA 212 -10.48 35.99 -81.19
N SER EA 213 -11.69 36.46 -81.48
CA SER EA 213 -12.58 35.73 -82.38
C SER EA 213 -12.03 35.79 -83.80
N PRO EA 214 -12.35 34.80 -84.64
CA PRO EA 214 -11.89 34.85 -86.03
C PRO EA 214 -12.37 36.09 -86.76
N LEU EA 215 -13.56 36.60 -86.45
CA LEU EA 215 -14.03 37.83 -87.05
C LEU EA 215 -13.11 38.99 -86.70
N ASP EA 216 -12.68 39.07 -85.43
CA ASP EA 216 -11.74 40.11 -85.04
C ASP EA 216 -10.43 39.95 -85.78
N LYS EA 217 -9.96 38.71 -85.93
CA LYS EA 217 -8.76 38.46 -86.72
C LYS EA 217 -8.94 38.93 -88.15
N LYS EA 218 -10.11 38.67 -88.73
CA LYS EA 218 -10.36 39.10 -90.10
C LYS EA 218 -10.22 40.61 -90.23
N PHE EA 219 -10.80 41.36 -89.29
CA PHE EA 219 -10.73 42.81 -89.36
C PHE EA 219 -9.30 43.31 -89.26
N GLU EA 220 -8.51 42.72 -88.35
CA GLU EA 220 -7.16 43.23 -88.11
C GLU EA 220 -6.31 43.16 -89.38
N GLN EA 221 -6.24 41.99 -90.00
CA GLN EA 221 -5.52 41.88 -91.26
C GLN EA 221 -6.22 42.65 -92.36
N TRP EA 222 -7.55 42.60 -92.39
CA TRP EA 222 -8.32 43.34 -93.38
C TRP EA 222 -7.98 44.83 -93.35
N GLU EA 223 -7.62 45.35 -92.18
CA GLU EA 223 -7.28 46.77 -92.07
C GLU EA 223 -5.88 47.04 -92.60
N GLU EA 224 -4.93 46.13 -92.35
CA GLU EA 224 -3.53 46.41 -92.66
C GLU EA 224 -3.29 46.56 -94.16
N GLN EA 225 -4.05 45.83 -94.99
CA GLN EA 225 -3.80 45.87 -96.42
C GLN EA 225 -3.96 47.27 -96.99
N GLN EA 226 -5.02 47.98 -96.56
CA GLN EA 226 -5.19 49.36 -97.00
C GLN EA 226 -4.08 50.25 -96.46
N ALA EA 227 -3.69 50.05 -95.20
CA ALA EA 227 -2.66 50.88 -94.60
C ALA EA 227 -1.36 50.78 -95.38
N VAL EA 228 -0.93 49.56 -95.71
CA VAL EA 228 0.29 49.38 -96.47
C VAL EA 228 0.08 49.83 -97.91
N GLU EA 229 -1.08 49.50 -98.49
CA GLU EA 229 -1.36 49.92 -99.87
C GLU EA 229 -1.54 51.43 -99.96
N ALA EA 230 -2.25 52.02 -99.00
CA ALA EA 230 -2.40 53.47 -98.99
C ALA EA 230 -1.05 54.16 -98.82
N THR EA 231 -0.23 53.65 -97.91
CA THR EA 231 1.14 54.17 -97.78
C THR EA 231 1.93 53.90 -99.05
N LEU EA 232 1.80 52.70 -99.62
CA LEU EA 232 2.45 52.40 -100.89
C LEU EA 232 1.85 53.21 -102.03
N ALA EA 233 0.54 53.42 -102.01
CA ALA EA 233 -0.09 54.26 -103.02
C ALA EA 233 0.46 55.69 -102.94
N ALA EA 234 0.60 56.20 -101.72
CA ALA EA 234 1.23 57.50 -101.53
C ALA EA 234 2.73 57.44 -101.71
N MET EA 235 3.34 56.26 -101.55
CA MET EA 235 4.78 56.14 -101.78
C MET EA 235 5.14 56.56 -103.20
N LYS EA 236 4.45 56.00 -104.18
CA LYS EA 236 4.67 56.41 -105.57
C LYS EA 236 4.29 57.88 -105.77
N ALA EA 237 3.18 58.29 -105.18
CA ALA EA 237 2.72 59.67 -105.35
C ALA EA 237 3.64 60.65 -104.63
N ARG EA 238 3.99 60.37 -103.37
CA ARG EA 238 4.84 61.28 -102.63
C ARG EA 238 6.21 61.41 -103.28
N ARG EA 239 6.78 60.29 -103.73
CA ARG EA 239 8.03 60.34 -104.49
C ARG EA 239 7.81 60.92 -105.87
N SER EA 240 6.66 60.63 -106.47
CA SER EA 240 6.34 61.15 -107.80
C SER EA 240 4.83 61.22 -108.02
N GLN FA 45 14.56 -21.23 51.92
CA GLN FA 45 15.59 -21.12 53.00
C GLN FA 45 16.99 -21.13 52.40
N GLU FA 46 17.93 -20.54 53.12
CA GLU FA 46 19.32 -20.45 52.71
C GLU FA 46 20.18 -21.31 53.63
N ALA FA 47 21.48 -21.31 53.36
CA ALA FA 47 22.40 -22.04 54.22
C ALA FA 47 22.38 -21.44 55.62
N PRO FA 48 22.34 -22.26 56.67
CA PRO FA 48 22.25 -21.69 58.03
C PRO FA 48 23.42 -20.78 58.37
N GLU FA 49 24.62 -21.09 57.89
CA GLU FA 49 25.78 -20.26 58.19
C GLU FA 49 25.64 -18.87 57.60
N ASP FA 50 25.12 -18.78 56.37
CA ASP FA 50 25.01 -17.49 55.70
C ASP FA 50 24.10 -16.55 56.48
N LEU FA 51 22.99 -17.07 57.01
CA LEU FA 51 22.08 -16.23 57.78
C LEU FA 51 22.78 -15.60 58.98
N LEU FA 52 23.66 -16.36 59.64
CA LEU FA 52 24.26 -15.90 60.88
C LEU FA 52 25.02 -14.59 60.67
N GLU FA 53 25.81 -14.50 59.61
CA GLU FA 53 26.52 -13.26 59.32
C GLU FA 53 25.56 -12.12 59.04
N ARG FA 54 24.54 -12.39 58.21
CA ARG FA 54 23.58 -11.34 57.86
C ARG FA 54 22.76 -10.91 59.07
N LEU FA 55 22.37 -11.87 59.91
CA LEU FA 55 21.51 -11.53 61.04
C LEU FA 55 22.22 -10.60 62.01
N LEU FA 56 23.48 -10.88 62.34
CA LEU FA 56 24.20 -10.04 63.29
C LEU FA 56 24.42 -8.64 62.72
N GLY FA 57 24.70 -8.54 61.42
CA GLY FA 57 24.86 -7.23 60.82
C GLY FA 57 23.64 -6.35 61.01
N GLU FA 58 22.45 -6.95 60.87
CA GLU FA 58 21.23 -6.22 61.16
C GLU FA 58 21.13 -5.89 62.64
N MET FA 59 21.53 -6.82 63.50
CA MET FA 59 21.47 -6.59 64.94
C MET FA 59 22.36 -5.43 65.35
N GLU FA 60 23.59 -5.39 64.85
CA GLU FA 60 24.50 -4.30 65.21
C GLU FA 60 23.97 -2.97 64.72
N LEU FA 61 23.42 -2.93 63.50
CA LEU FA 61 22.88 -1.69 62.98
C LEU FA 61 21.74 -1.17 63.85
N GLU FA 62 20.88 -2.08 64.33
CA GLU FA 62 19.74 -1.65 65.14
C GLU FA 62 20.20 -1.05 66.46
N LEU FA 63 21.25 -1.61 67.07
CA LEU FA 63 21.62 -1.22 68.42
C LEU FA 63 22.01 0.25 68.48
N ILE FA 64 22.79 0.72 67.51
CA ILE FA 64 23.22 2.12 67.52
C ILE FA 64 22.01 3.03 67.36
N GLU FA 65 21.03 2.62 66.57
CA GLU FA 65 19.81 3.41 66.44
C GLU FA 65 19.13 3.57 67.79
N LEU FA 66 19.08 2.50 68.58
CA LEU FA 66 18.60 2.61 69.95
C LEU FA 66 19.45 3.58 70.76
N ARG FA 67 20.78 3.48 70.61
CA ARG FA 67 21.66 4.37 71.34
C ARG FA 67 21.40 5.83 70.98
N ARG FA 68 21.22 6.12 69.69
CA ARG FA 68 20.95 7.48 69.26
C ARG FA 68 19.62 7.98 69.81
N ALA FA 69 18.59 7.14 69.78
CA ALA FA 69 17.26 7.58 70.21
C ALA FA 69 17.25 7.93 71.69
N LEU FA 70 17.89 7.10 72.52
CA LEU FA 70 17.89 7.34 73.96
C LEU FA 70 18.46 8.71 74.29
N ALA FA 71 19.44 9.18 73.51
CA ALA FA 71 20.03 10.49 73.76
C ALA FA 71 18.99 11.58 73.65
N GLN FA 72 18.12 11.50 72.63
CA GLN FA 72 17.10 12.53 72.45
C GLN FA 72 16.17 12.61 73.65
N THR FA 73 15.88 11.47 74.28
CA THR FA 73 15.09 11.47 75.50
C THR FA 73 15.77 12.29 76.58
N ILE FA 74 17.08 12.14 76.73
CA ILE FA 74 17.81 12.86 77.76
C ILE FA 74 17.72 14.36 77.52
N ALA FA 75 17.75 14.77 76.25
CA ALA FA 75 17.70 16.20 75.94
C ALA FA 75 16.45 16.85 76.52
N THR FA 76 15.28 16.25 76.26
CA THR FA 76 14.05 16.80 76.79
C THR FA 76 14.02 16.76 78.30
N PHE FA 77 14.49 15.65 78.89
CA PHE FA 77 14.54 15.54 80.35
C PHE FA 77 15.38 16.67 80.94
N LYS FA 78 16.52 16.99 80.33
CA LYS FA 78 17.32 18.11 80.79
C LYS FA 78 16.68 19.44 80.41
N SER FA 79 16.12 19.52 79.19
CA SER FA 79 15.59 20.80 78.71
C SER FA 79 14.45 21.30 79.60
N THR FA 80 13.49 20.43 79.91
CA THR FA 80 12.38 20.84 80.74
C THR FA 80 12.86 21.24 82.13
N GLU FA 81 13.82 20.48 82.67
CA GLU FA 81 14.35 20.81 84.00
C GLU FA 81 14.95 22.21 84.02
N ARG FA 82 15.72 22.55 82.99
CA ARG FA 82 16.21 23.92 82.86
C ARG FA 82 15.05 24.90 82.70
N GLN FA 83 14.04 24.51 81.93
CA GLN FA 83 12.86 25.35 81.77
C GLN FA 83 12.14 25.53 83.09
N ARG FA 84 12.08 24.47 83.90
CA ARG FA 84 11.38 24.56 85.18
C ARG FA 84 12.02 25.60 86.08
N ASP FA 85 13.36 25.62 86.14
CA ASP FA 85 14.05 26.57 87.01
C ASP FA 85 13.72 28.01 86.65
N ALA FA 86 13.47 28.28 85.37
CA ALA FA 86 13.21 29.65 84.93
C ALA FA 86 11.94 30.20 85.58
N GLN FA 87 10.88 29.39 85.64
CA GLN FA 87 9.61 29.89 86.13
C GLN FA 87 9.70 30.28 87.60
N GLN FA 88 10.27 29.40 88.43
CA GLN FA 88 10.38 29.72 89.85
C GLN FA 88 11.22 30.97 90.07
N LEU FA 89 12.22 31.18 89.23
CA LEU FA 89 13.02 32.41 89.34
C LEU FA 89 12.14 33.64 89.15
N ILE FA 90 11.22 33.59 88.18
CA ILE FA 90 10.31 34.69 87.96
C ILE FA 90 9.43 34.89 89.19
N ALA FA 91 8.91 33.81 89.75
CA ALA FA 91 8.09 33.91 90.96
C ALA FA 91 8.90 34.54 92.10
N GLN FA 92 10.18 34.19 92.20
CA GLN FA 92 11.02 34.78 93.22
C GLN FA 92 11.11 36.29 93.04
N ARG FA 93 11.19 36.76 91.80
CA ARG FA 93 11.26 38.19 91.54
C ARG FA 93 10.03 38.91 92.12
N TRP FA 94 8.84 38.36 91.86
CA TRP FA 94 7.63 38.96 92.42
C TRP FA 94 7.65 38.90 93.94
N TYR FA 95 8.06 37.76 94.49
CA TYR FA 95 8.15 37.65 95.95
C TYR FA 95 9.16 38.64 96.51
N GLU FA 96 10.32 38.75 95.86
CA GLU FA 96 11.31 39.74 96.29
C GLU FA 96 10.75 41.15 96.15
N LYS FA 97 10.06 41.42 95.04
CA LYS FA 97 9.44 42.72 94.87
C LYS FA 97 8.38 42.96 95.93
N ALA FA 98 7.57 41.93 96.22
CA ALA FA 98 6.54 42.06 97.26
C ALA FA 98 7.14 42.30 98.63
N GLN FA 99 8.41 41.95 98.83
CA GLN FA 99 9.04 42.15 100.13
C GLN FA 99 9.05 43.63 100.50
N ALA FA 100 9.42 44.49 99.55
CA ALA FA 100 9.44 45.92 99.76
C ALA FA 100 8.19 46.61 99.21
N ALA FA 101 7.24 45.83 98.69
CA ALA FA 101 6.02 46.42 98.14
C ALA FA 101 5.28 47.23 99.20
N LEU FA 102 5.09 46.64 100.37
CA LEU FA 102 4.43 47.32 101.49
C LEU FA 102 5.42 47.93 102.46
N ASP FA 103 6.72 47.94 102.14
CA ASP FA 103 7.69 48.59 102.99
C ASP FA 103 7.32 50.05 103.25
N ARG FA 104 6.68 50.68 102.28
CA ARG FA 104 6.14 52.03 102.46
C ARG FA 104 4.81 52.02 103.19
N GLY FA 105 4.37 50.86 103.68
CA GLY FA 105 3.04 50.70 104.21
C GLY FA 105 2.00 50.36 103.17
N ASN FA 106 2.41 50.13 101.92
CA ASN FA 106 1.48 49.84 100.82
C ASN FA 106 1.15 48.36 100.82
N GLU FA 107 0.30 47.97 101.78
CA GLU FA 107 -0.12 46.58 101.89
C GLU FA 107 -0.96 46.15 100.70
N GLN FA 108 -1.78 47.05 100.16
CA GLN FA 108 -2.67 46.68 99.08
C GLN FA 108 -1.91 46.19 97.86
N LEU FA 109 -0.81 46.87 97.50
CA LEU FA 109 -0.05 46.47 96.33
C LEU FA 109 0.52 45.07 96.49
N ALA FA 110 1.04 44.76 97.67
CA ALA FA 110 1.63 43.43 97.89
C ALA FA 110 0.59 42.33 97.71
N ARG FA 111 -0.69 42.64 97.89
CA ARG FA 111 -1.73 41.64 97.71
C ARG FA 111 -1.70 41.07 96.29
N GLU FA 112 -1.57 41.95 95.30
CA GLU FA 112 -1.58 41.51 93.90
C GLU FA 112 -0.39 40.61 93.60
N ALA FA 113 0.79 40.97 94.12
CA ALA FA 113 1.99 40.20 93.81
C ALA FA 113 1.86 38.76 94.31
N LEU FA 114 1.51 38.58 95.58
CA LEU FA 114 1.38 37.23 96.12
C LEU FA 114 0.28 36.46 95.40
N GLY FA 115 -0.82 37.11 95.06
CA GLY FA 115 -1.84 36.46 94.26
C GLY FA 115 -1.33 36.12 92.87
N GLN FA 116 -0.50 37.00 92.29
CA GLN FA 116 0.01 36.77 90.95
C GLN FA 116 0.93 35.56 90.89
N ARG FA 117 1.84 35.43 91.87
CA ARG FA 117 2.84 34.37 91.83
C ARG FA 117 2.25 32.99 92.00
N GLN FA 118 1.02 32.87 92.50
CA GLN FA 118 0.42 31.56 92.67
C GLN FA 118 0.25 30.85 91.34
N SER FA 119 -0.16 31.59 90.31
CA SER FA 119 -0.31 30.99 88.99
C SER FA 119 1.00 30.37 88.51
N TYR FA 120 2.12 31.08 88.70
CA TYR FA 120 3.42 30.52 88.33
C TYR FA 120 3.73 29.28 89.15
N GLN FA 121 3.43 29.30 90.44
CA GLN FA 121 3.71 28.13 91.28
C GLN FA 121 2.99 26.90 90.78
N SER FA 122 1.81 27.07 90.21
CA SER FA 122 1.07 25.92 89.70
C SER FA 122 1.85 25.20 88.61
N HIS FA 123 2.45 25.95 87.69
CA HIS FA 123 3.24 25.34 86.64
C HIS FA 123 4.45 24.60 87.21
N THR FA 124 5.11 25.20 88.21
CA THR FA 124 6.27 24.56 88.81
C THR FA 124 5.91 23.21 89.42
N GLU FA 125 4.79 23.17 90.15
CA GLU FA 125 4.35 21.90 90.75
C GLU FA 125 4.01 20.88 89.67
N ALA FA 126 3.33 21.32 88.61
CA ALA FA 126 2.96 20.40 87.55
C ALA FA 126 4.19 19.81 86.87
N LEU FA 127 5.20 20.63 86.61
CA LEU FA 127 6.40 20.12 85.96
C LEU FA 127 7.21 19.23 86.89
N GLY FA 128 7.27 19.58 88.19
CA GLY FA 128 8.02 18.75 89.12
C GLY FA 128 7.52 17.32 89.15
N LYS FA 129 6.20 17.14 89.13
CA LYS FA 129 5.63 15.80 89.08
C LYS FA 129 5.96 15.12 87.76
N SER FA 130 5.90 15.88 86.66
CA SER FA 130 6.13 15.27 85.35
C SER FA 130 7.55 14.74 85.23
N LEU FA 131 8.54 15.48 85.73
CA LEU FA 131 9.91 15.00 85.67
C LEU FA 131 10.12 13.80 86.57
N GLY FA 132 9.40 13.73 87.69
CA GLY FA 132 9.59 12.64 88.63
C GLY FA 132 9.40 11.28 87.98
N GLU FA 133 8.36 11.14 87.15
CA GLU FA 133 8.13 9.87 86.47
C GLU FA 133 9.13 9.64 85.34
N GLN FA 134 9.48 10.70 84.61
CA GLN FA 134 10.45 10.56 83.54
C GLN FA 134 11.82 10.16 84.09
N ARG FA 135 12.21 10.72 85.23
CA ARG FA 135 13.55 10.47 85.77
C ARG FA 135 13.77 8.99 86.01
N ALA FA 136 12.81 8.32 86.63
CA ALA FA 136 12.93 6.89 86.91
C ALA FA 136 12.60 6.02 85.71
N LEU FA 137 12.10 6.61 84.62
CA LEU FA 137 11.75 5.82 83.45
C LEU FA 137 12.96 5.57 82.56
N VAL FA 138 13.71 6.64 82.24
CA VAL FA 138 14.86 6.49 81.36
C VAL FA 138 15.91 5.61 82.02
N GLU FA 139 16.12 5.78 83.33
CA GLU FA 139 17.11 4.97 84.03
C GLU FA 139 16.87 3.49 83.81
N GLN FA 140 15.60 3.09 83.75
CA GLN FA 140 15.28 1.71 83.42
C GLN FA 140 15.67 1.38 81.98
N VAL FA 141 15.47 2.35 81.07
CA VAL FA 141 15.81 2.12 79.67
C VAL FA 141 17.31 1.88 79.52
N ARG FA 142 18.11 2.71 80.19
CA ARG FA 142 19.57 2.57 80.08
C ARG FA 142 20.01 1.16 80.48
N GLY FA 143 19.37 0.56 81.48
CA GLY FA 143 19.72 -0.78 81.89
C GLY FA 143 19.52 -1.79 80.78
N GLN FA 144 18.40 -1.67 80.04
CA GLN FA 144 18.16 -2.59 78.94
C GLN FA 144 19.23 -2.47 77.86
N LEU FA 145 19.58 -1.22 77.50
CA LEU FA 145 20.59 -1.03 76.47
C LEU FA 145 21.94 -1.59 76.91
N GLN FA 146 22.35 -1.29 78.15
CA GLN FA 146 23.65 -1.77 78.63
C GLN FA 146 23.69 -3.29 78.68
N LYS FA 147 22.62 -3.91 79.17
CA LYS FA 147 22.59 -5.37 79.22
C LYS FA 147 22.62 -5.96 77.81
N LEU FA 148 21.88 -5.35 76.88
CA LEU FA 148 21.87 -5.85 75.51
C LEU FA 148 23.25 -5.82 74.90
N GLU FA 149 23.97 -4.71 75.09
CA GLU FA 149 25.32 -4.60 74.54
C GLU FA 149 26.23 -5.68 75.10
N ARG FA 150 26.16 -5.93 76.41
CA ARG FA 150 26.95 -6.99 77.01
C ARG FA 150 26.57 -8.34 76.43
N LYS FA 151 25.27 -8.58 76.23
CA LYS FA 151 24.82 -9.84 75.65
C LYS FA 151 25.21 -9.94 74.18
N TYR FA 152 25.32 -8.80 73.50
CA TYR FA 152 25.64 -8.82 72.07
C TYR FA 152 27.00 -9.48 71.82
N LEU FA 153 28.01 -9.11 72.61
CA LEU FA 153 29.37 -9.58 72.35
C LEU FA 153 29.47 -11.09 72.54
N GLU FA 154 28.79 -11.63 73.55
CA GLU FA 154 28.91 -13.06 73.84
C GLU FA 154 28.49 -13.92 72.67
N LEU FA 155 27.67 -13.38 71.76
CA LEU FA 155 27.29 -14.12 70.56
C LEU FA 155 28.38 -14.04 69.51
N LYS FA 156 28.86 -12.83 69.22
CA LYS FA 156 29.85 -12.65 68.16
C LYS FA 156 31.14 -13.39 68.50
N SER FA 157 31.53 -13.39 69.78
CA SER FA 157 32.75 -14.07 70.18
C SER FA 157 32.71 -15.56 69.89
N GLN FA 158 31.53 -16.13 69.70
CA GLN FA 158 31.40 -17.55 69.39
C GLN FA 158 31.12 -17.83 67.92
N LYS FA 159 30.59 -16.85 67.18
CA LYS FA 159 30.20 -17.14 65.80
C LYS FA 159 31.40 -17.57 64.97
N ASN FA 160 32.54 -16.87 65.13
CA ASN FA 160 33.73 -17.25 64.39
C ASN FA 160 34.19 -18.66 64.74
N LEU FA 161 34.02 -19.05 66.01
CA LEU FA 161 34.43 -20.40 66.42
C LEU FA 161 33.61 -21.46 65.72
N TYR FA 162 32.29 -21.26 65.62
CA TYR FA 162 31.45 -22.25 64.97
C TYR FA 162 31.78 -22.38 63.49
N LEU FA 163 32.00 -21.26 62.80
CA LEU FA 163 32.31 -21.32 61.38
C LEU FA 163 33.57 -22.13 61.13
N ALA FA 164 34.58 -21.95 61.98
CA ALA FA 164 35.83 -22.70 61.81
C ALA FA 164 35.57 -24.20 61.90
N ARG FA 165 34.78 -24.63 62.88
CA ARG FA 165 34.44 -26.04 62.99
C ARG FA 165 33.68 -26.51 61.77
N LEU FA 166 32.74 -25.70 61.28
CA LEU FA 166 31.97 -26.07 60.10
C LEU FA 166 32.88 -26.22 58.89
N LYS FA 167 33.81 -25.29 58.69
CA LYS FA 167 34.73 -25.39 57.56
C LYS FA 167 35.64 -26.60 57.69
N SER FA 168 36.01 -26.95 58.93
CA SER FA 168 36.89 -28.10 59.14
C SER FA 168 36.20 -29.39 58.74
N ALA FA 169 34.96 -29.60 59.19
CA ALA FA 169 34.29 -30.86 58.93
C ALA FA 169 33.85 -30.98 57.48
N ILE FA 170 33.30 -29.90 56.92
CA ILE FA 170 32.85 -29.94 55.53
C ILE FA 170 34.00 -30.32 54.61
N ALA FA 171 35.17 -29.71 54.83
CA ALA FA 171 36.34 -30.07 54.04
C ALA FA 171 36.72 -31.54 54.27
N ALA FA 172 36.66 -31.99 55.52
CA ALA FA 172 37.03 -33.37 55.83
C ALA FA 172 36.16 -34.35 55.05
N GLN FA 173 34.86 -34.07 54.95
CA GLN FA 173 33.98 -34.91 54.15
C GLN FA 173 34.41 -34.91 52.69
N LYS FA 174 34.78 -33.74 52.17
CA LYS FA 174 35.21 -33.64 50.78
C LYS FA 174 36.46 -34.46 50.53
N ILE FA 175 37.42 -34.42 51.48
CA ILE FA 175 38.66 -35.17 51.31
C ILE FA 175 38.39 -36.66 51.33
N GLU FA 176 37.58 -37.13 52.28
CA GLU FA 176 37.44 -38.56 52.51
C GLU FA 176 36.81 -39.25 51.30
N GLU FA 177 35.79 -38.65 50.70
CA GLU FA 177 35.15 -39.28 49.55
C GLU FA 177 36.12 -39.46 48.39
N ILE FA 178 37.19 -38.66 48.36
CA ILE FA 178 38.21 -38.76 47.32
C ILE FA 178 39.34 -39.65 47.83
N ALA FA 179 39.09 -40.38 48.93
CA ALA FA 179 40.13 -41.22 49.50
C ALA FA 179 40.69 -42.19 48.47
N GLY FA 180 39.88 -42.63 47.53
CA GLY FA 180 40.34 -43.55 46.51
C GLY FA 180 40.90 -44.82 47.12
N ASN FA 181 40.16 -45.39 48.06
CA ASN FA 181 40.63 -46.59 48.75
C ASN FA 181 40.93 -47.69 47.74
N LEU FA 182 42.11 -48.32 47.88
CA LEU FA 182 42.50 -49.37 46.95
C LEU FA 182 41.64 -50.61 47.13
N ASP FA 183 41.10 -50.84 48.33
CA ASP FA 183 40.39 -52.06 48.63
C ASP FA 183 39.00 -52.14 48.00
N ASN FA 184 38.45 -51.04 47.50
CA ASN FA 184 37.07 -51.07 47.01
C ASN FA 184 36.91 -52.06 45.88
N ALA FA 185 37.77 -51.98 44.87
CA ALA FA 185 37.73 -52.89 43.72
C ALA FA 185 36.36 -52.85 43.05
N SER FA 186 35.78 -51.66 42.98
CA SER FA 186 34.45 -51.48 42.40
C SER FA 186 34.32 -50.23 41.54
N ALA FA 187 35.41 -49.50 41.32
CA ALA FA 187 35.47 -48.23 40.59
C ALA FA 187 34.95 -47.07 41.46
N SER FA 188 34.48 -47.34 42.69
CA SER FA 188 34.14 -46.25 43.59
C SER FA 188 35.37 -45.43 43.93
N SER FA 189 36.49 -46.09 44.20
CA SER FA 189 37.78 -45.43 44.29
C SER FA 189 38.34 -45.23 42.89
N LEU FA 190 38.63 -43.98 42.53
CA LEU FA 190 39.10 -43.70 41.19
C LEU FA 190 40.40 -44.43 40.88
N PHE FA 191 41.20 -44.75 41.89
CA PHE FA 191 42.44 -45.49 41.65
C PHE FA 191 42.15 -46.89 41.12
N GLU FA 192 41.26 -47.62 41.79
CA GLU FA 192 40.93 -48.95 41.33
C GLU FA 192 40.24 -48.91 39.96
N ARG FA 193 39.51 -47.84 39.68
CA ARG FA 193 38.96 -47.66 38.34
C ARG FA 193 40.08 -47.57 37.32
N ILE FA 194 41.15 -46.85 37.65
CA ILE FA 194 42.32 -46.80 36.77
C ILE FA 194 42.92 -48.18 36.62
N GLU FA 195 43.04 -48.92 37.73
CA GLU FA 195 43.64 -50.24 37.66
C GLU FA 195 42.86 -51.15 36.72
N THR FA 196 41.53 -51.08 36.78
CA THR FA 196 40.71 -51.84 35.83
C THR FA 196 41.01 -51.41 34.40
N LYS FA 197 41.19 -50.10 34.18
CA LYS FA 197 41.51 -49.62 32.85
C LYS FA 197 42.83 -50.21 32.35
N ILE FA 198 43.83 -50.28 33.22
CA ILE FA 198 45.15 -50.78 32.81
C ILE FA 198 45.02 -52.22 32.29
N LEU FA 199 44.36 -53.08 33.07
CA LEU FA 199 44.26 -54.48 32.68
C LEU FA 199 43.43 -54.66 31.42
N GLU FA 200 42.49 -53.75 31.17
CA GLU FA 200 41.69 -53.84 29.95
C GLU FA 200 42.57 -53.77 28.71
N LEU FA 201 43.49 -52.82 28.66
CA LEU FA 201 44.35 -52.66 27.49
C LEU FA 201 45.30 -53.84 27.36
N GLU FA 202 45.97 -54.20 28.44
CA GLU FA 202 46.93 -55.31 28.39
C GLU FA 202 46.26 -56.59 27.90
N ALA FA 203 44.97 -56.77 28.22
CA ALA FA 203 44.25 -57.96 27.78
C ALA FA 203 44.13 -57.99 26.26
N GLU FA 204 43.84 -56.84 25.65
CA GLU FA 204 43.65 -56.80 24.20
C GLU FA 204 44.93 -57.18 23.46
N ARG FA 205 46.07 -56.66 23.92
CA ARG FA 205 47.32 -56.88 23.21
C ARG FA 205 47.68 -58.37 23.19
N GLU FA 206 47.60 -59.04 24.34
CA GLU FA 206 47.99 -60.44 24.41
C GLU FA 206 47.12 -61.30 23.50
N LEU FA 207 45.81 -61.05 23.49
CA LEU FA 207 44.93 -61.83 22.65
C LEU FA 207 45.20 -61.60 21.17
N LEU FA 208 45.39 -60.33 20.79
CA LEU FA 208 45.61 -60.03 19.38
C LEU FA 208 46.96 -60.52 18.90
N ASN FA 209 47.90 -60.73 19.82
CA ASN FA 209 49.23 -61.27 19.52
C ASN FA 209 49.42 -62.48 20.42
N PRO FA 210 48.92 -63.64 20.01
CA PRO FA 210 49.01 -64.83 20.86
C PRO FA 210 50.44 -65.06 21.34
N PRO FA 211 50.69 -64.96 22.65
CA PRO FA 211 52.04 -65.20 23.16
C PRO FA 211 52.41 -66.67 23.04
N PRO FA 212 53.71 -66.99 23.13
CA PRO FA 212 54.12 -68.39 22.95
C PRO FA 212 53.45 -69.31 23.96
N SER FA 213 53.13 -70.51 23.50
CA SER FA 213 52.56 -71.52 24.38
C SER FA 213 53.62 -72.00 25.38
N PRO FA 214 53.20 -72.48 26.55
CA PRO FA 214 54.19 -72.99 27.51
C PRO FA 214 55.02 -74.12 26.95
N LEU FA 215 54.43 -74.96 26.09
CA LEU FA 215 55.21 -76.02 25.45
C LEU FA 215 56.33 -75.43 24.60
N ASP FA 216 56.03 -74.38 23.84
CA ASP FA 216 57.07 -73.71 23.07
C ASP FA 216 58.15 -73.14 23.99
N LYS FA 217 57.74 -72.53 25.10
CA LYS FA 217 58.70 -72.05 26.08
C LYS FA 217 59.57 -73.19 26.60
N LYS FA 218 58.96 -74.33 26.88
CA LYS FA 218 59.73 -75.47 27.37
C LYS FA 218 60.81 -75.85 26.37
N PHE FA 219 60.47 -75.93 25.08
CA PHE FA 219 61.46 -76.31 24.08
C PHE FA 219 62.61 -75.31 24.01
N GLU FA 220 62.30 -74.02 24.06
CA GLU FA 220 63.33 -73.00 23.87
C GLU FA 220 64.41 -73.12 24.93
N GLN FA 221 64.02 -73.13 26.20
CA GLN FA 221 65.01 -73.32 27.26
C GLN FA 221 65.59 -74.73 27.23
N TRP FA 222 64.74 -75.72 26.94
CA TRP FA 222 65.21 -77.10 26.84
C TRP FA 222 66.33 -77.23 25.82
N GLU FA 223 66.31 -76.40 24.78
CA GLU FA 223 67.36 -76.46 23.77
C GLU FA 223 68.65 -75.80 24.25
N GLU FA 224 68.55 -74.70 24.99
CA GLU FA 224 69.74 -73.93 25.32
C GLU FA 224 70.69 -74.70 26.22
N GLN FA 225 70.17 -75.56 27.10
CA GLN FA 225 71.03 -76.25 28.04
C GLN FA 225 72.08 -77.10 27.33
N GLN FA 226 71.67 -77.83 26.28
CA GLN FA 226 72.63 -78.60 25.52
C GLN FA 226 73.61 -77.68 24.79
N ALA FA 227 73.12 -76.58 24.24
CA ALA FA 227 73.99 -75.67 23.50
C ALA FA 227 75.10 -75.14 24.39
N VAL FA 228 74.75 -74.68 25.60
CA VAL FA 228 75.77 -74.20 26.52
C VAL FA 228 76.61 -75.35 27.04
N GLU FA 229 75.97 -76.47 27.38
CA GLU FA 229 76.72 -77.63 27.87
C GLU FA 229 77.59 -78.23 26.78
N ALA FA 230 77.06 -78.34 25.56
CA ALA FA 230 77.88 -78.85 24.46
C ALA FA 230 79.05 -77.92 24.19
N THR FA 231 78.81 -76.61 24.18
CA THR FA 231 79.91 -75.66 24.05
C THR FA 231 80.84 -75.76 25.25
N LEU FA 232 80.27 -75.88 26.46
CA LEU FA 232 81.11 -76.08 27.64
C LEU FA 232 81.78 -77.43 27.63
N ALA FA 233 81.09 -78.47 27.13
CA ALA FA 233 81.72 -79.77 27.00
C ALA FA 233 82.91 -79.71 26.04
N ALA FA 234 82.73 -79.00 24.93
CA ALA FA 234 83.83 -78.78 24.01
C ALA FA 234 84.82 -77.74 24.54
N MET FA 235 84.38 -76.87 25.46
CA MET FA 235 85.31 -75.90 26.05
C MET FA 235 86.46 -76.60 26.73
N LYS FA 236 86.17 -77.58 27.59
CA LYS FA 236 87.23 -78.36 28.23
C LYS FA 236 87.99 -79.15 27.19
N ALA FA 237 87.28 -79.75 26.23
CA ALA FA 237 87.94 -80.57 25.22
C ALA FA 237 88.78 -79.72 24.26
N ARG FA 238 88.21 -78.62 23.77
CA ARG FA 238 88.96 -77.77 22.84
C ARG FA 238 90.20 -77.19 23.50
N ARG FA 239 90.06 -76.73 24.75
CA ARG FA 239 91.23 -76.27 25.49
C ARG FA 239 92.11 -77.43 25.89
N SER FA 240 91.52 -78.57 26.20
CA SER FA 240 92.28 -79.76 26.60
C SER FA 240 91.48 -81.03 26.30
N GLN GA 45 -30.57 45.72 -12.47
CA GLN GA 45 -30.39 47.11 -12.97
C GLN GA 45 -29.24 47.81 -12.25
N GLU GA 46 -28.64 48.78 -12.91
CA GLU GA 46 -27.52 49.55 -12.36
C GLU GA 46 -27.97 50.99 -12.11
N ALA GA 47 -27.04 51.80 -11.61
CA ALA GA 47 -27.34 53.20 -11.39
C ALA GA 47 -27.65 53.86 -12.73
N PRO GA 48 -28.69 54.70 -12.81
CA PRO GA 48 -29.04 55.30 -14.11
C PRO GA 48 -27.91 56.12 -14.71
N GLU GA 49 -27.15 56.82 -13.87
CA GLU GA 49 -26.06 57.65 -14.38
C GLU GA 49 -24.98 56.79 -15.05
N ASP GA 50 -24.66 55.64 -14.48
CA ASP GA 50 -23.60 54.81 -15.03
C ASP GA 50 -23.94 54.33 -16.43
N LEU GA 51 -25.21 53.98 -16.66
CA LEU GA 51 -25.61 53.53 -17.99
C LEU GA 51 -25.37 54.61 -19.04
N LEU GA 52 -25.61 55.87 -18.68
CA LEU GA 52 -25.54 56.95 -19.65
C LEU GA 52 -24.17 57.02 -20.31
N GLU GA 53 -23.11 56.95 -19.50
CA GLU GA 53 -21.75 56.97 -20.04
C GLU GA 53 -21.51 55.76 -20.93
N ARG GA 54 -21.90 54.58 -20.46
CA ARG GA 54 -21.68 53.36 -21.25
C ARG GA 54 -22.50 53.38 -22.53
N LEU GA 55 -23.74 53.84 -22.47
CA LEU GA 55 -24.61 53.80 -23.64
C LEU GA 55 -24.05 54.66 -24.77
N LEU GA 56 -23.60 55.88 -24.46
CA LEU GA 56 -23.08 56.76 -25.49
C LEU GA 56 -21.80 56.20 -26.11
N GLY GA 57 -20.94 55.60 -25.29
CA GLY GA 57 -19.74 55.00 -25.82
C GLY GA 57 -20.05 53.95 -26.89
N GLU GA 58 -21.07 53.14 -26.65
CA GLU GA 58 -21.52 52.20 -27.68
C GLU GA 58 -22.08 52.94 -28.88
N MET GA 59 -22.82 54.02 -28.64
CA MET GA 59 -23.41 54.77 -29.75
C MET GA 59 -22.34 55.38 -30.64
N GLU GA 60 -21.31 55.98 -30.04
CA GLU GA 60 -20.25 56.58 -30.83
C GLU GA 60 -19.50 55.53 -31.64
N LEU GA 61 -19.24 54.37 -31.03
CA LEU GA 61 -18.54 53.30 -31.74
C LEU GA 61 -19.34 52.85 -32.95
N GLU GA 62 -20.66 52.74 -32.81
CA GLU GA 62 -21.49 52.27 -33.90
C GLU GA 62 -21.47 53.25 -35.08
N LEU GA 63 -21.46 54.55 -34.79
CA LEU GA 63 -21.64 55.53 -35.85
C LEU GA 63 -20.50 55.46 -36.86
N ILE GA 64 -19.25 55.32 -36.40
CA ILE GA 64 -18.13 55.26 -37.32
C ILE GA 64 -18.22 54.02 -38.19
N GLU GA 65 -18.73 52.92 -37.62
CA GLU GA 65 -18.92 51.71 -38.43
C GLU GA 65 -19.89 51.98 -39.57
N LEU GA 66 -20.95 52.72 -39.29
CA LEU GA 66 -21.85 53.16 -40.37
C LEU GA 66 -21.09 54.02 -41.38
N ARG GA 67 -20.27 54.94 -40.89
CA ARG GA 67 -19.51 55.81 -41.79
C ARG GA 67 -18.60 54.99 -42.69
N ARG GA 68 -17.92 53.99 -42.12
CA ARG GA 68 -17.02 53.16 -42.92
C ARG GA 68 -17.79 52.37 -43.97
N ALA GA 69 -18.94 51.80 -43.58
CA ALA GA 69 -19.69 50.96 -44.50
C ALA GA 69 -20.19 51.75 -45.70
N LEU GA 70 -20.71 52.96 -45.46
CA LEU GA 70 -21.24 53.76 -46.56
C LEU GA 70 -20.19 54.02 -47.62
N ALA GA 71 -18.93 54.15 -47.23
CA ALA GA 71 -17.87 54.39 -48.20
C ALA GA 71 -17.77 53.23 -49.19
N GLN GA 72 -17.87 52.00 -48.70
CA GLN GA 72 -17.77 50.84 -49.58
C GLN GA 72 -18.87 50.86 -50.63
N THR GA 73 -20.06 51.33 -50.27
CA THR GA 73 -21.13 51.48 -51.25
C THR GA 73 -20.73 52.41 -52.37
N ILE GA 74 -20.08 53.52 -52.02
CA ILE GA 74 -19.67 54.50 -53.03
C ILE GA 74 -18.67 53.87 -53.99
N ALA GA 75 -17.79 53.02 -53.49
CA ALA GA 75 -16.78 52.40 -54.34
C ALA GA 75 -17.42 51.64 -55.49
N THR GA 76 -18.40 50.78 -55.18
CA THR GA 76 -19.07 50.01 -56.22
C THR GA 76 -19.84 50.94 -57.17
N PHE GA 77 -20.52 51.95 -56.61
CA PHE GA 77 -21.25 52.90 -57.43
C PHE GA 77 -20.32 53.58 -58.44
N LYS GA 78 -19.12 53.95 -57.99
CA LYS GA 78 -18.15 54.53 -58.91
C LYS GA 78 -17.53 53.46 -59.80
N SER GA 79 -17.24 52.28 -59.24
CA SER GA 79 -16.54 51.25 -59.99
C SER GA 79 -17.35 50.80 -61.20
N THR GA 80 -18.63 50.50 -60.99
CA THR GA 80 -19.47 50.07 -62.10
C THR GA 80 -19.60 51.16 -63.16
N GLU GA 81 -19.73 52.42 -62.71
CA GLU GA 81 -19.84 53.52 -63.66
C GLU GA 81 -18.61 53.61 -64.54
N ARG GA 82 -17.43 53.45 -63.96
CA ARG GA 82 -16.21 53.37 -64.75
C ARG GA 82 -16.24 52.14 -65.65
N GLN GA 83 -16.73 51.02 -65.12
CA GLN GA 83 -16.85 49.82 -65.93
C GLN GA 83 -17.82 50.03 -67.09
N ARG GA 84 -18.91 50.76 -66.85
CA ARG GA 84 -19.90 50.99 -67.90
C ARG GA 84 -19.28 51.74 -69.07
N ASP GA 85 -18.46 52.76 -68.79
CA ASP GA 85 -17.88 53.55 -69.86
C ASP GA 85 -17.00 52.69 -70.76
N ALA GA 86 -16.37 51.66 -70.21
CA ALA GA 86 -15.48 50.82 -71.01
C ALA GA 86 -16.22 50.12 -72.13
N GLN GA 87 -17.40 49.58 -71.84
CA GLN GA 87 -18.13 48.79 -72.83
C GLN GA 87 -18.53 49.65 -74.03
N GLN GA 88 -19.12 50.81 -73.77
CA GLN GA 88 -19.54 51.67 -74.87
C GLN GA 88 -18.35 52.09 -75.73
N LEU GA 89 -17.18 52.27 -75.10
CA LEU GA 89 -15.99 52.60 -75.87
C LEU GA 89 -15.66 51.49 -76.85
N ILE GA 90 -15.80 50.23 -76.44
CA ILE GA 90 -15.58 49.11 -77.34
C ILE GA 90 -16.57 49.15 -78.49
N ALA GA 91 -17.84 49.40 -78.17
CA ALA GA 91 -18.85 49.49 -79.21
C ALA GA 91 -18.52 50.61 -80.19
N GLN GA 92 -18.00 51.72 -79.69
CA GLN GA 92 -17.58 52.81 -80.56
C GLN GA 92 -16.51 52.35 -81.53
N ARG GA 93 -15.56 51.53 -81.07
CA ARG GA 93 -14.51 51.04 -81.94
C ARG GA 93 -15.10 50.28 -83.13
N TRP GA 94 -16.04 49.37 -82.86
CA TRP GA 94 -16.69 48.65 -83.95
C TRP GA 94 -17.44 49.59 -84.87
N TYR GA 95 -18.17 50.55 -84.29
CA TYR GA 95 -18.88 51.54 -85.10
C TYR GA 95 -17.91 52.36 -85.93
N GLU GA 96 -16.81 52.80 -85.32
CA GLU GA 96 -15.79 53.52 -86.06
C GLU GA 96 -15.19 52.64 -87.15
N LYS GA 97 -14.91 51.38 -86.82
CA LYS GA 97 -14.40 50.45 -87.82
C LYS GA 97 -15.43 50.24 -88.92
N ALA GA 98 -16.69 50.10 -88.56
CA ALA GA 98 -17.74 49.92 -89.56
C ALA GA 98 -17.88 51.14 -90.46
N GLN GA 99 -17.41 52.31 -90.01
CA GLN GA 99 -17.53 53.50 -90.84
C GLN GA 99 -16.78 53.34 -92.15
N ALA GA 100 -15.56 52.81 -92.09
CA ALA GA 100 -14.75 52.55 -93.27
C ALA GA 100 -14.82 51.09 -93.72
N ALA GA 101 -15.65 50.27 -93.06
CA ALA GA 101 -15.76 48.87 -93.45
C ALA GA 101 -16.23 48.74 -94.89
N LEU GA 102 -17.28 49.47 -95.25
CA LEU GA 102 -17.80 49.48 -96.62
C LEU GA 102 -17.27 50.65 -97.44
N ASP GA 103 -16.31 51.40 -96.92
CA ASP GA 103 -15.71 52.47 -97.71
C ASP GA 103 -15.16 51.96 -99.02
N ARG GA 104 -14.68 50.71 -99.03
CA ARG GA 104 -14.26 50.05 -100.26
C ARG GA 104 -15.45 49.49 -101.04
N GLY GA 105 -16.68 49.79 -100.62
CA GLY GA 105 -17.85 49.15 -101.17
C GLY GA 105 -18.21 47.84 -100.51
N ASN GA 106 -17.49 47.45 -99.45
CA ASN GA 106 -17.73 46.17 -98.78
C ASN GA 106 -18.86 46.33 -97.76
N GLU GA 107 -20.08 46.39 -98.31
CA GLU GA 107 -21.26 46.53 -97.46
C GLU GA 107 -21.48 45.29 -96.59
N GLN GA 108 -21.16 44.10 -97.12
CA GLN GA 108 -21.43 42.88 -96.38
C GLN GA 108 -20.67 42.85 -95.06
N LEU GA 109 -19.41 43.27 -95.06
CA LEU GA 109 -18.62 43.22 -93.83
C LEU GA 109 -19.21 44.13 -92.76
N ALA GA 110 -19.67 45.33 -93.15
CA ALA GA 110 -20.23 46.26 -92.18
C ALA GA 110 -21.47 45.68 -91.52
N ARG GA 111 -22.15 44.75 -92.18
CA ARG GA 111 -23.34 44.14 -91.58
C ARG GA 111 -22.99 43.45 -90.26
N GLU GA 112 -21.89 42.70 -90.25
CA GLU GA 112 -21.51 41.97 -89.04
C GLU GA 112 -21.18 42.93 -87.89
N ALA GA 113 -20.48 44.02 -88.20
CA ALA GA 113 -20.07 44.94 -87.14
C ALA GA 113 -21.28 45.55 -86.43
N LEU GA 114 -22.22 46.09 -87.20
CA LEU GA 114 -23.41 46.69 -86.58
C LEU GA 114 -24.22 45.65 -85.83
N GLY GA 115 -24.33 44.44 -86.37
CA GLY GA 115 -24.98 43.37 -85.63
C GLY GA 115 -24.22 43.00 -84.37
N GLN GA 116 -22.88 43.04 -84.45
CA GLN GA 116 -22.06 42.66 -83.30
C GLN GA 116 -22.22 43.65 -82.15
N ARG GA 117 -22.21 44.94 -82.45
CA ARG GA 117 -22.22 45.97 -81.41
C ARG GA 117 -23.54 46.00 -80.64
N GLN GA 118 -24.62 45.43 -81.19
CA GLN GA 118 -25.89 45.44 -80.48
C GLN GA 118 -25.80 44.69 -79.16
N SER GA 119 -25.08 43.57 -79.15
CA SER GA 119 -24.92 42.82 -77.91
C SER GA 119 -24.27 43.68 -76.83
N TYR GA 120 -23.23 44.44 -77.19
CA TYR GA 120 -22.60 45.33 -76.23
C TYR GA 120 -23.57 46.40 -75.75
N GLN GA 121 -24.37 46.96 -76.66
CA GLN GA 121 -25.32 48.00 -76.28
C GLN GA 121 -26.30 47.49 -75.23
N SER GA 122 -26.64 46.21 -75.28
CA SER GA 122 -27.58 45.66 -74.30
C SER GA 122 -27.02 45.79 -72.90
N HIS GA 123 -25.73 45.47 -72.72
CA HIS GA 123 -25.13 45.60 -71.40
C HIS GA 123 -25.12 47.04 -70.93
N THR GA 124 -24.82 47.97 -71.83
CA THR GA 124 -24.79 49.39 -71.45
C THR GA 124 -26.15 49.85 -70.95
N GLU GA 125 -27.21 49.47 -71.66
CA GLU GA 125 -28.55 49.85 -71.22
C GLU GA 125 -28.89 49.22 -69.87
N ALA GA 126 -28.53 47.95 -69.69
CA ALA GA 126 -28.83 47.28 -68.43
C ALA GA 126 -28.12 47.95 -67.27
N LEU GA 127 -26.84 48.32 -67.45
CA LEU GA 127 -26.11 48.97 -66.37
C LEU GA 127 -26.62 50.37 -66.11
N GLY GA 128 -26.98 51.11 -67.17
CA GLY GA 128 -27.48 52.46 -66.96
C GLY GA 128 -28.70 52.50 -66.07
N LYS GA 129 -29.62 51.55 -66.26
CA LYS GA 129 -30.78 51.46 -65.38
C LYS GA 129 -30.37 51.09 -63.96
N SER GA 130 -29.41 50.17 -63.82
CA SER GA 130 -29.01 49.72 -62.50
C SER GA 130 -28.42 50.85 -61.68
N LEU GA 131 -27.58 51.69 -62.29
CA LEU GA 131 -27.00 52.82 -61.57
C LEU GA 131 -28.06 53.85 -61.21
N GLY GA 132 -29.08 53.99 -62.05
CA GLY GA 132 -30.09 55.00 -61.79
C GLY GA 132 -30.75 54.84 -60.44
N GLU GA 133 -31.07 53.60 -60.06
CA GLU GA 133 -31.69 53.37 -58.76
C GLU GA 133 -30.67 53.50 -57.64
N GLN GA 134 -29.45 53.02 -57.86
CA GLN GA 134 -28.42 53.14 -56.83
C GLN GA 134 -28.09 54.60 -56.55
N ARG GA 135 -28.05 55.43 -57.59
CA ARG GA 135 -27.63 56.82 -57.42
C ARG GA 135 -28.53 57.55 -56.43
N ALA GA 136 -29.85 57.38 -56.57
CA ALA GA 136 -30.79 58.03 -55.68
C ALA GA 136 -30.97 57.30 -54.36
N LEU GA 137 -30.38 56.12 -54.22
CA LEU GA 137 -30.54 55.35 -52.98
C LEU GA 137 -29.51 55.77 -51.94
N VAL GA 138 -28.24 55.85 -52.32
CA VAL GA 138 -27.19 56.22 -51.38
C VAL GA 138 -27.41 57.66 -50.89
N GLU GA 139 -27.80 58.55 -51.79
CA GLU GA 139 -28.02 59.94 -51.41
C GLU GA 139 -29.00 60.02 -50.24
N GLN GA 140 -30.00 59.16 -50.22
CA GLN GA 140 -30.91 59.09 -49.08
C GLN GA 140 -30.18 58.60 -47.84
N VAL GA 141 -29.27 57.63 -48.01
CA VAL GA 141 -28.52 57.11 -46.87
C VAL GA 141 -27.68 58.20 -46.24
N ARG GA 142 -26.98 58.98 -47.06
CA ARG GA 142 -26.12 60.04 -46.53
C ARG GA 142 -26.91 60.99 -45.64
N GLY GA 143 -28.16 61.28 -46.01
CA GLY GA 143 -28.98 62.16 -45.19
C GLY GA 143 -29.20 61.61 -43.79
N GLN GA 144 -29.47 60.31 -43.69
CA GLN GA 144 -29.66 59.70 -42.37
C GLN GA 144 -28.41 59.81 -41.52
N LEU GA 145 -27.24 59.52 -42.11
CA LEU GA 145 -26.00 59.59 -41.35
C LEU GA 145 -25.73 61.03 -40.89
N GLN GA 146 -25.89 62.00 -41.78
CA GLN GA 146 -25.61 63.39 -41.42
C GLN GA 146 -26.55 63.86 -40.33
N LYS GA 147 -27.84 63.54 -40.45
CA LYS GA 147 -28.81 63.93 -39.43
C LYS GA 147 -28.48 63.26 -38.09
N LEU GA 148 -28.10 61.99 -38.13
CA LEU GA 148 -27.77 61.28 -36.90
C LEU GA 148 -26.59 61.94 -36.19
N GLU GA 149 -25.56 62.30 -36.95
CA GLU GA 149 -24.39 62.93 -36.34
C GLU GA 149 -24.78 64.25 -35.68
N ARG GA 150 -25.61 65.05 -36.36
CA ARG GA 150 -26.05 66.30 -35.75
C ARG GA 150 -26.87 66.03 -34.49
N LYS GA 151 -27.72 65.01 -34.52
CA LYS GA 151 -28.50 64.66 -33.33
C LYS GA 151 -27.62 64.10 -32.23
N TYR GA 152 -26.51 63.45 -32.59
CA TYR GA 152 -25.65 62.84 -31.60
C TYR GA 152 -25.10 63.87 -30.63
N LEU GA 153 -24.61 65.00 -31.15
CA LEU GA 153 -23.96 65.99 -30.30
C LEU GA 153 -24.92 66.59 -29.30
N GLU GA 154 -26.16 66.84 -29.70
CA GLU GA 154 -27.12 67.50 -28.82
C GLU GA 154 -27.36 66.70 -27.55
N LEU GA 155 -27.09 65.40 -27.57
CA LEU GA 155 -27.21 64.59 -26.36
C LEU GA 155 -25.98 64.74 -25.47
N LYS GA 156 -24.79 64.60 -26.06
CA LYS GA 156 -23.56 64.66 -25.27
C LYS GA 156 -23.39 66.02 -24.64
N SER GA 157 -23.77 67.08 -25.35
CA SER GA 157 -23.62 68.43 -24.81
C SER GA 157 -24.43 68.63 -23.54
N GLN GA 158 -25.43 67.78 -23.29
CA GLN GA 158 -26.25 67.89 -22.09
C GLN GA 158 -25.90 66.88 -21.02
N LYS GA 159 -25.26 65.75 -21.39
CA LYS GA 159 -25.02 64.71 -20.41
C LYS GA 159 -24.14 65.22 -19.27
N ASN GA 160 -23.09 65.96 -19.60
CA ASN GA 160 -22.23 66.52 -18.56
C ASN GA 160 -23.00 67.46 -17.64
N LEU GA 161 -23.95 68.21 -18.19
CA LEU GA 161 -24.73 69.13 -17.38
C LEU GA 161 -25.57 68.38 -16.34
N TYR GA 162 -26.22 67.28 -16.76
CA TYR GA 162 -27.04 66.53 -15.83
C TYR GA 162 -26.20 65.92 -14.71
N LEU GA 163 -25.04 65.36 -15.04
CA LEU GA 163 -24.20 64.74 -14.02
C LEU GA 163 -23.81 65.76 -12.96
N ALA GA 164 -23.48 66.99 -13.37
CA ALA GA 164 -23.11 68.01 -12.42
C ALA GA 164 -24.24 68.28 -11.43
N ARG GA 165 -25.46 68.39 -11.94
CA ARG GA 165 -26.60 68.60 -11.07
C ARG GA 165 -26.79 67.42 -10.13
N LEU GA 166 -26.62 66.20 -10.65
CA LEU GA 166 -26.76 65.02 -9.81
C LEU GA 166 -25.72 64.99 -8.70
N LYS GA 167 -24.46 65.32 -9.03
CA LYS GA 167 -23.42 65.34 -8.01
C LYS GA 167 -23.68 66.44 -6.99
N SER GA 168 -24.26 67.56 -7.43
CA SER GA 168 -24.54 68.66 -6.51
C SER GA 168 -25.57 68.26 -5.47
N ALA GA 169 -26.68 67.66 -5.91
CA ALA GA 169 -27.77 67.35 -4.99
C ALA GA 169 -27.42 66.17 -4.10
N ILE GA 170 -26.81 65.12 -4.66
CA ILE GA 170 -26.46 63.96 -3.86
C ILE GA 170 -25.54 64.37 -2.72
N ALA GA 171 -24.54 65.20 -3.01
CA ALA GA 171 -23.67 65.70 -1.95
C ALA GA 171 -24.45 66.51 -0.94
N ALA GA 172 -25.37 67.36 -1.41
CA ALA GA 172 -26.15 68.20 -0.51
C ALA GA 172 -26.93 67.35 0.49
N GLN GA 173 -27.51 66.25 0.02
CA GLN GA 173 -28.19 65.34 0.93
C GLN GA 173 -27.23 64.76 1.96
N LYS GA 174 -26.01 64.41 1.52
CA LYS GA 174 -25.03 63.85 2.45
C LYS GA 174 -24.64 64.87 3.51
N ILE GA 175 -24.49 66.13 3.12
CA ILE GA 175 -24.10 67.16 4.07
C ILE GA 175 -25.21 67.38 5.10
N GLU GA 176 -26.45 67.49 4.62
CA GLU GA 176 -27.54 67.91 5.50
C GLU GA 176 -27.78 66.91 6.62
N GLU GA 177 -27.74 65.60 6.30
CA GLU GA 177 -27.99 64.61 7.33
C GLU GA 177 -26.94 64.68 8.44
N ILE GA 178 -25.77 65.23 8.14
CA ILE GA 178 -24.71 65.39 9.13
C ILE GA 178 -24.81 66.80 9.73
N ALA GA 179 -25.95 67.46 9.50
CA ALA GA 179 -26.10 68.82 10.02
C ALA GA 179 -25.87 68.89 11.51
N GLY GA 180 -26.20 67.82 12.23
CA GLY GA 180 -25.99 67.81 13.67
C GLY GA 180 -26.74 68.94 14.36
N ASN GA 181 -28.00 69.12 14.00
CA ASN GA 181 -28.78 70.22 14.56
C ASN GA 181 -28.81 70.13 16.07
N LEU GA 182 -28.54 71.26 16.73
CA LEU GA 182 -28.51 71.27 18.19
C LEU GA 182 -29.90 71.08 18.78
N ASP GA 183 -30.94 71.46 18.04
CA ASP GA 183 -32.30 71.45 18.57
C ASP GA 183 -32.90 70.05 18.69
N ASN GA 184 -32.31 69.04 18.06
CA ASN GA 184 -32.94 67.73 18.05
C ASN GA 184 -33.13 67.18 19.46
N ALA GA 185 -32.06 67.20 20.25
CA ALA GA 185 -32.11 66.73 21.63
C ALA GA 185 -32.60 65.28 21.70
N SER GA 186 -32.19 64.47 20.73
CA SER GA 186 -32.61 63.09 20.64
C SER GA 186 -31.50 62.13 20.23
N ALA GA 187 -30.26 62.60 20.11
CA ALA GA 187 -29.09 61.85 19.65
C ALA GA 187 -29.10 61.68 18.13
N SER GA 188 -30.14 62.15 17.43
CA SER GA 188 -30.10 62.14 15.98
C SER GA 188 -28.99 63.04 15.47
N SER GA 189 -28.85 64.22 16.07
CA SER GA 189 -27.68 65.06 15.83
C SER GA 189 -26.55 64.58 16.71
N LEU GA 190 -25.42 64.23 16.09
CA LEU GA 190 -24.30 63.70 16.86
C LEU GA 190 -23.81 64.67 17.92
N PHE GA 191 -24.00 65.98 17.71
CA PHE GA 191 -23.58 66.95 18.70
C PHE GA 191 -24.38 66.81 19.99
N GLU GA 192 -25.70 66.75 19.88
CA GLU GA 192 -26.53 66.57 21.08
C GLU GA 192 -26.26 65.23 21.74
N ARG GA 193 -25.91 64.22 20.95
CA ARG GA 193 -25.50 62.95 21.54
C ARG GA 193 -24.26 63.13 22.40
N ILE GA 194 -23.31 63.94 21.91
CA ILE GA 194 -22.13 64.26 22.72
C ILE GA 194 -22.55 65.01 23.99
N GLU GA 195 -23.46 65.96 23.86
CA GLU GA 195 -23.90 66.73 25.02
C GLU GA 195 -24.50 65.83 26.08
N THR GA 196 -25.30 64.85 25.66
CA THR GA 196 -25.82 63.87 26.62
C THR GA 196 -24.68 63.11 27.28
N LYS GA 197 -23.66 62.76 26.52
CA LYS GA 197 -22.52 62.05 27.08
C LYS GA 197 -21.83 62.90 28.15
N ILE GA 198 -21.68 64.19 27.90
CA ILE GA 198 -20.99 65.06 28.86
C ILE GA 198 -21.70 65.05 30.20
N LEU GA 199 -23.02 65.27 30.18
CA LEU GA 199 -23.78 65.34 31.43
C LEU GA 199 -23.78 64.00 32.16
N GLU GA 200 -23.67 62.90 31.42
CA GLU GA 200 -23.64 61.58 32.05
C GLU GA 200 -22.48 61.47 33.01
N LEU GA 201 -21.29 61.87 32.57
CA LEU GA 201 -20.10 61.76 33.41
C LEU GA 201 -20.18 62.71 34.59
N GLU GA 202 -20.51 63.98 34.34
CA GLU GA 202 -20.59 64.95 35.42
C GLU GA 202 -21.57 64.51 36.50
N ALA GA 203 -22.62 63.80 36.11
CA ALA GA 203 -23.60 63.31 37.09
C ALA GA 203 -22.96 62.31 38.04
N GLU GA 204 -22.13 61.40 37.51
CA GLU GA 204 -21.53 60.38 38.36
C GLU GA 204 -20.63 60.99 39.42
N ARG GA 205 -19.81 61.97 39.03
CA ARG GA 205 -18.85 62.54 39.97
C ARG GA 205 -19.53 63.20 41.15
N GLU GA 206 -20.56 64.02 40.89
CA GLU GA 206 -21.22 64.74 41.96
C GLU GA 206 -21.86 63.77 42.96
N LEU GA 207 -22.51 62.73 42.45
CA LEU GA 207 -23.15 61.76 43.34
C LEU GA 207 -22.12 61.01 44.17
N LEU GA 208 -21.02 60.57 43.54
CA LEU GA 208 -20.02 59.79 44.27
C LEU GA 208 -19.27 60.66 45.27
N ASN GA 209 -19.26 61.97 45.07
CA ASN GA 209 -18.64 62.93 45.98
C ASN GA 209 -19.70 63.95 46.34
N PRO GA 210 -20.54 63.65 47.33
CA PRO GA 210 -21.64 64.55 47.68
C PRO GA 210 -21.13 65.98 47.89
N PRO GA 211 -21.54 66.93 47.06
CA PRO GA 211 -21.10 68.31 47.25
C PRO GA 211 -21.72 68.91 48.49
N PRO GA 212 -21.18 70.02 48.98
CA PRO GA 212 -21.70 70.60 50.22
C PRO GA 212 -23.18 70.97 50.10
N SER GA 213 -23.91 70.77 51.19
CA SER GA 213 -25.31 71.16 51.22
C SER GA 213 -25.42 72.68 51.20
N PRO GA 214 -26.55 73.22 50.70
CA PRO GA 214 -26.72 74.67 50.72
C PRO GA 214 -26.64 75.27 52.10
N LEU GA 215 -27.11 74.54 53.12
CA LEU GA 215 -26.99 75.03 54.49
C LEU GA 215 -25.53 75.18 54.89
N ASP GA 216 -24.68 74.21 54.52
CA ASP GA 216 -23.26 74.34 54.78
C ASP GA 216 -22.67 75.54 54.05
N LYS GA 217 -23.09 75.74 52.79
CA LYS GA 217 -22.66 76.92 52.04
C LYS GA 217 -23.08 78.20 52.76
N LYS GA 218 -24.31 78.22 53.29
CA LYS GA 218 -24.78 79.41 54.00
C LYS GA 218 -23.87 79.72 55.17
N PHE GA 219 -23.51 78.71 55.96
CA PHE GA 219 -22.66 78.93 57.12
C PHE GA 219 -21.30 79.47 56.72
N GLU GA 220 -20.71 78.92 55.67
CA GLU GA 220 -19.34 79.29 55.29
C GLU GA 220 -19.25 80.79 54.98
N GLN GA 221 -20.11 81.27 54.08
CA GLN GA 221 -20.12 82.70 53.78
C GLN GA 221 -20.62 83.49 54.99
N TRP GA 222 -21.63 82.97 55.68
CA TRP GA 222 -22.16 83.63 56.87
C TRP GA 222 -21.07 83.88 57.89
N GLU GA 223 -20.06 83.01 57.95
CA GLU GA 223 -18.96 83.19 58.88
C GLU GA 223 -17.98 84.27 58.42
N GLU GA 224 -17.71 84.34 57.12
CA GLU GA 224 -16.65 85.22 56.64
C GLU GA 224 -16.98 86.69 56.86
N GLN GA 225 -18.26 87.06 56.81
CA GLN GA 225 -18.62 88.47 56.93
C GLN GA 225 -18.16 89.05 58.26
N GLN GA 226 -18.35 88.31 59.36
CA GLN GA 226 -17.87 88.78 60.65
C GLN GA 226 -16.36 88.81 60.69
N ALA GA 227 -15.71 87.81 60.10
CA ALA GA 227 -14.24 87.77 60.12
C ALA GA 227 -13.65 89.00 59.44
N VAL GA 228 -14.16 89.34 58.26
CA VAL GA 228 -13.67 90.52 57.56
C VAL GA 228 -14.12 91.79 58.28
N GLU GA 229 -15.37 91.82 58.74
CA GLU GA 229 -15.87 92.99 59.45
C GLU GA 229 -15.19 93.15 60.80
N ALA GA 230 -15.00 92.05 61.53
CA ALA GA 230 -14.29 92.11 62.80
C ALA GA 230 -12.86 92.57 62.59
N THR GA 231 -12.18 92.03 61.57
CA THR GA 231 -10.85 92.52 61.23
C THR GA 231 -10.91 93.97 60.77
N LEU GA 232 -11.91 94.31 59.95
CA LEU GA 232 -12.09 95.70 59.54
C LEU GA 232 -12.51 96.58 60.71
N ALA GA 233 -13.35 96.04 61.62
CA ALA GA 233 -13.71 96.79 62.81
C ALA GA 233 -12.48 97.07 63.66
N ALA GA 234 -11.61 96.07 63.82
CA ALA GA 234 -10.35 96.28 64.50
C ALA GA 234 -9.35 97.06 63.66
N MET GA 235 -9.51 97.05 62.33
CA MET GA 235 -8.62 97.83 61.47
C MET GA 235 -8.67 99.30 61.83
N LYS GA 236 -9.88 99.86 61.93
CA LYS GA 236 -10.01 101.26 62.36
C LYS GA 236 -9.54 101.42 63.79
N ALA GA 237 -9.90 100.46 64.66
CA ALA GA 237 -9.51 100.57 66.06
C ALA GA 237 -8.01 100.38 66.25
N ARG GA 238 -7.43 99.36 65.63
CA ARG GA 238 -6.00 99.12 65.79
C ARG GA 238 -5.18 100.29 65.24
N ARG GA 239 -5.58 100.82 64.07
CA ARG GA 239 -4.92 102.01 63.55
C ARG GA 239 -5.30 103.23 64.38
N SER GA 240 -6.53 103.28 64.88
CA SER GA 240 -6.99 104.41 65.67
C SER GA 240 -8.13 104.00 66.59
N GLN HA 45 14.20 -45.31 -31.77
CA GLN HA 45 15.42 -45.86 -32.42
C GLN HA 45 16.21 -44.76 -33.10
N GLU HA 46 17.51 -44.98 -33.26
CA GLU HA 46 18.41 -44.02 -33.89
C GLU HA 46 18.91 -44.59 -35.20
N ALA HA 47 19.76 -43.82 -35.88
CA ALA HA 47 20.34 -44.30 -37.12
C ALA HA 47 21.21 -45.52 -36.84
N PRO HA 48 21.12 -46.57 -37.66
CA PRO HA 48 21.91 -47.78 -37.36
C PRO HA 48 23.40 -47.53 -37.30
N GLU HA 49 23.91 -46.64 -38.15
CA GLU HA 49 25.35 -46.36 -38.16
C GLU HA 49 25.80 -45.73 -36.85
N ASP HA 50 24.99 -44.82 -36.29
CA ASP HA 50 25.39 -44.14 -35.06
C ASP HA 50 25.55 -45.13 -33.92
N LEU HA 51 24.67 -46.12 -33.83
CA LEU HA 51 24.77 -47.10 -32.75
C LEU HA 51 26.10 -47.84 -32.81
N LEU HA 52 26.57 -48.15 -34.03
CA LEU HA 52 27.75 -48.98 -34.18
C LEU HA 52 28.95 -48.37 -33.48
N GLU HA 53 29.17 -47.07 -33.67
CA GLU HA 53 30.28 -46.40 -33.01
C GLU HA 53 30.11 -46.42 -31.50
N ARG HA 54 28.91 -46.11 -31.03
CA ARG HA 54 28.66 -46.08 -29.59
C ARG HA 54 28.77 -47.47 -28.98
N LEU HA 55 28.26 -48.49 -29.67
CA LEU HA 55 28.27 -49.84 -29.12
C LEU HA 55 29.69 -50.34 -28.90
N LEU HA 56 30.57 -50.15 -29.87
CA LEU HA 56 31.94 -50.64 -29.72
C LEU HA 56 32.68 -49.90 -28.62
N GLY HA 57 32.43 -48.59 -28.48
CA GLY HA 57 33.07 -47.86 -27.39
C GLY HA 57 32.73 -48.44 -26.04
N GLU HA 58 31.48 -48.85 -25.84
CA GLU HA 58 31.11 -49.54 -24.62
C GLU HA 58 31.80 -50.89 -24.53
N MET HA 59 31.90 -51.60 -25.66
CA MET HA 59 32.54 -52.91 -25.65
C MET HA 59 34.01 -52.82 -25.26
N GLU HA 60 34.73 -51.85 -25.83
CA GLU HA 60 36.14 -51.71 -25.50
C GLU HA 60 36.32 -51.35 -24.04
N LEU HA 61 35.48 -50.47 -23.51
CA LEU HA 61 35.58 -50.09 -22.11
C LEU HA 61 35.38 -51.29 -21.20
N GLU HA 62 34.42 -52.16 -21.54
CA GLU HA 62 34.15 -53.32 -20.69
C GLU HA 62 35.33 -54.28 -20.67
N LEU HA 63 36.01 -54.46 -21.80
CA LEU HA 63 37.03 -55.50 -21.90
C LEU HA 63 38.17 -55.25 -20.92
N ILE HA 64 38.63 -54.00 -20.81
CA ILE HA 64 39.74 -53.70 -19.90
C ILE HA 64 39.32 -53.96 -18.46
N GLU HA 65 38.05 -53.69 -18.14
CA GLU HA 65 37.56 -53.99 -16.79
C GLU HA 65 37.68 -55.47 -16.50
N LEU HA 66 37.35 -56.31 -17.48
CA LEU HA 66 37.59 -57.74 -17.34
C LEU HA 66 39.07 -58.03 -17.15
N ARG HA 67 39.92 -57.37 -17.92
CA ARG HA 67 41.36 -57.59 -17.80
C ARG HA 67 41.84 -57.23 -16.41
N ARG HA 68 41.37 -56.10 -15.86
CA ARG HA 68 41.79 -55.69 -14.53
C ARG HA 68 41.32 -56.69 -13.48
N ALA HA 69 40.07 -57.14 -13.59
CA ALA HA 69 39.52 -58.05 -12.57
C ALA HA 69 40.28 -59.35 -12.52
N LEU HA 70 40.59 -59.93 -13.68
CA LEU HA 70 41.30 -61.21 -13.71
C LEU HA 70 42.62 -61.14 -12.96
N ALA HA 71 43.29 -59.99 -12.99
CA ALA HA 71 44.56 -59.87 -12.28
C ALA HA 71 44.37 -60.07 -10.78
N GLN HA 72 43.31 -59.51 -10.22
CA GLN HA 72 43.07 -59.65 -8.79
C GLN HA 72 42.90 -61.12 -8.41
N THR HA 73 42.29 -61.91 -9.27
CA THR HA 73 42.18 -63.35 -9.03
C THR HA 73 43.56 -63.98 -8.89
N ILE HA 74 44.49 -63.59 -9.78
CA ILE HA 74 45.83 -64.17 -9.75
C ILE HA 74 46.52 -63.84 -8.43
N ALA HA 75 46.28 -62.63 -7.91
CA ALA HA 75 46.93 -62.22 -6.66
C ALA HA 75 46.61 -63.20 -5.53
N THR HA 76 45.33 -63.50 -5.35
CA THR HA 76 44.94 -64.43 -4.29
C THR HA 76 45.48 -65.82 -4.56
N PHE HA 77 45.43 -66.27 -5.81
CA PHE HA 77 45.97 -67.57 -6.16
C PHE HA 77 47.44 -67.68 -5.80
N LYS HA 78 48.21 -66.62 -6.06
CA LYS HA 78 49.61 -66.60 -5.66
C LYS HA 78 49.75 -66.38 -4.15
N SER HA 79 48.93 -65.50 -3.58
CA SER HA 79 49.06 -65.15 -2.17
C SER HA 79 48.87 -66.37 -1.28
N THR HA 80 47.79 -67.12 -1.51
CA THR HA 80 47.54 -68.31 -0.69
C THR HA 80 48.64 -69.34 -0.87
N GLU HA 81 49.13 -69.51 -2.09
CA GLU HA 81 50.21 -70.46 -2.32
C GLU HA 81 51.45 -70.10 -1.51
N ARG HA 82 51.80 -68.82 -1.49
CA ARG HA 82 52.88 -68.37 -0.63
C ARG HA 82 52.53 -68.61 0.84
N GLN HA 83 51.27 -68.35 1.21
CA GLN HA 83 50.82 -68.60 2.57
C GLN HA 83 50.91 -70.08 2.91
N ARG HA 84 50.59 -70.95 1.95
CA ARG HA 84 50.62 -72.38 2.19
C ARG HA 84 52.04 -72.84 2.56
N ASP HA 85 53.04 -72.35 1.83
CA ASP HA 85 54.41 -72.77 2.08
C ASP HA 85 54.86 -72.43 3.50
N ALA HA 86 54.33 -71.34 4.06
CA ALA HA 86 54.74 -70.93 5.39
C ALA HA 86 54.38 -71.97 6.43
N GLN HA 87 53.17 -72.52 6.35
CA GLN HA 87 52.71 -73.46 7.39
C GLN HA 87 53.57 -74.71 7.42
N GLN HA 88 53.81 -75.32 6.26
CA GLN HA 88 54.62 -76.53 6.23
C GLN HA 88 56.02 -76.27 6.75
N LEU HA 89 56.56 -75.08 6.51
CA LEU HA 89 57.86 -74.73 7.06
C LEU HA 89 57.84 -74.79 8.58
N ILE HA 90 56.77 -74.29 9.20
CA ILE HA 90 56.65 -74.37 10.64
C ILE HA 90 56.60 -75.81 11.09
N ALA HA 91 55.81 -76.64 10.41
CA ALA HA 91 55.76 -78.06 10.75
C ALA HA 91 57.12 -78.70 10.63
N GLN HA 92 57.90 -78.31 9.63
CA GLN HA 92 59.26 -78.83 9.48
C GLN HA 92 60.10 -78.50 10.70
N ARG HA 93 59.94 -77.28 11.24
CA ARG HA 93 60.71 -76.88 12.42
C ARG HA 93 60.44 -77.84 13.58
N TRP HA 94 59.17 -78.14 13.84
CA TRP HA 94 58.83 -79.08 14.90
C TRP HA 94 59.40 -80.46 14.60
N TYR HA 95 59.27 -80.91 13.35
CA TYR HA 95 59.83 -82.21 12.98
C TYR HA 95 61.34 -82.20 13.15
N GLU HA 96 62.01 -81.14 12.70
CA GLU HA 96 63.44 -81.03 12.90
C GLU HA 96 63.79 -80.99 14.39
N LYS HA 97 63.02 -80.23 15.16
CA LYS HA 97 63.22 -80.21 16.61
C LYS HA 97 62.99 -81.58 17.21
N ALA HA 98 61.93 -82.27 16.77
CA ALA HA 98 61.66 -83.61 17.28
C ALA HA 98 62.77 -84.60 16.91
N GLN HA 99 63.58 -84.30 15.89
CA GLN HA 99 64.64 -85.21 15.52
C GLN HA 99 65.64 -85.40 16.65
N ALA HA 100 66.03 -84.30 17.31
CA ALA HA 100 66.93 -84.34 18.44
C ALA HA 100 66.20 -84.28 19.78
N ALA HA 101 64.85 -84.27 19.76
CA ALA HA 101 64.09 -84.21 20.99
C ALA HA 101 64.42 -85.40 21.90
N LEU HA 102 64.40 -86.60 21.34
CA LEU HA 102 64.73 -87.81 22.06
C LEU HA 102 66.18 -88.24 21.86
N ASP HA 103 67.00 -87.41 21.22
CA ASP HA 103 68.42 -87.73 21.07
C ASP HA 103 69.06 -87.97 22.43
N ARG HA 104 68.59 -87.28 23.46
CA ARG HA 104 69.01 -87.54 24.83
C ARG HA 104 68.32 -88.75 25.44
N GLY HA 105 67.54 -89.49 24.65
CA GLY HA 105 66.68 -90.52 25.18
C GLY HA 105 65.32 -90.03 25.64
N ASN HA 106 65.01 -88.75 25.43
CA ASN HA 106 63.75 -88.16 25.88
C ASN HA 106 62.66 -88.44 24.84
N GLU HA 107 62.20 -89.69 24.83
CA GLU HA 107 61.16 -90.10 23.90
C GLU HA 107 59.84 -89.40 24.21
N GLN HA 108 59.55 -89.16 25.48
CA GLN HA 108 58.26 -88.57 25.85
C GLN HA 108 58.07 -87.20 25.21
N LEU HA 109 59.12 -86.37 25.22
CA LEU HA 109 58.99 -85.03 24.66
C LEU HA 109 58.68 -85.08 23.18
N ALA HA 110 59.33 -85.97 22.44
CA ALA HA 110 59.11 -86.07 21.01
C ALA HA 110 57.66 -86.43 20.70
N ARG HA 111 56.97 -87.08 21.63
CA ARG HA 111 55.57 -87.44 21.40
C ARG HA 111 54.72 -86.19 21.16
N GLU HA 112 54.93 -85.15 21.97
CA GLU HA 112 54.13 -83.94 21.83
C GLU HA 112 54.38 -83.27 20.48
N ALA HA 113 55.65 -83.22 20.05
CA ALA HA 113 55.97 -82.53 18.80
C ALA HA 113 55.26 -83.16 17.62
N LEU HA 114 55.38 -84.49 17.46
CA LEU HA 114 54.72 -85.16 16.35
C LEU HA 114 53.21 -85.03 16.43
N GLY HA 115 52.65 -85.10 17.63
CA GLY HA 115 51.22 -84.85 17.78
C GLY HA 115 50.86 -83.41 17.45
N GLN HA 116 51.75 -82.48 17.80
CA GLN HA 116 51.47 -81.07 17.55
C GLN HA 116 51.44 -80.76 16.05
N ARG HA 117 52.40 -81.28 15.29
CA ARG HA 117 52.52 -80.94 13.89
C ARG HA 117 51.37 -81.47 13.04
N GLN HA 118 50.61 -82.44 13.54
CA GLN HA 118 49.49 -82.97 12.77
C GLN HA 118 48.45 -81.90 12.51
N SER HA 119 48.18 -81.05 13.50
CA SER HA 119 47.22 -79.97 13.30
C SER HA 119 47.64 -79.06 12.14
N TYR HA 120 48.92 -78.72 12.08
CA TYR HA 120 49.41 -77.91 10.97
C TYR HA 120 49.25 -78.64 9.64
N GLN HA 121 49.55 -79.94 9.62
CA GLN HA 121 49.42 -80.69 8.38
C GLN HA 121 48.01 -80.65 7.83
N SER HA 122 47.01 -80.60 8.73
CA SER HA 122 45.62 -80.55 8.27
C SER HA 122 45.38 -79.31 7.42
N HIS HA 123 45.88 -78.16 7.86
CA HIS HA 123 45.70 -76.94 7.08
C HIS HA 123 46.38 -77.04 5.73
N THR HA 124 47.59 -77.62 5.69
CA THR HA 124 48.30 -77.76 4.43
C THR HA 124 47.51 -78.59 3.43
N GLU HA 125 46.96 -79.71 3.89
CA GLU HA 125 46.16 -80.56 3.01
C GLU HA 125 44.91 -79.82 2.53
N ALA HA 126 44.25 -79.09 3.43
CA ALA HA 126 43.05 -78.36 3.06
C ALA HA 126 43.35 -77.31 1.99
N LEU HA 127 44.45 -76.58 2.15
CA LEU HA 127 44.79 -75.54 1.18
C LEU HA 127 45.23 -76.16 -0.14
N GLY HA 128 45.98 -77.27 -0.10
CA GLY HA 128 46.41 -77.88 -1.34
C GLY HA 128 45.26 -78.26 -2.24
N LYS HA 129 44.19 -78.80 -1.65
CA LYS HA 129 42.99 -79.12 -2.43
C LYS HA 129 42.33 -77.85 -2.95
N SER HA 130 42.29 -76.80 -2.14
CA SER HA 130 41.62 -75.56 -2.54
C SER HA 130 42.30 -74.94 -3.75
N LEU HA 131 43.64 -74.92 -3.76
CA LEU HA 131 44.35 -74.35 -4.91
C LEU HA 131 44.16 -75.20 -6.15
N GLY HA 132 44.03 -76.52 -5.98
CA GLY HA 132 43.90 -77.39 -7.13
C GLY HA 132 42.75 -77.02 -8.03
N GLU HA 133 41.60 -76.69 -7.44
CA GLU HA 133 40.45 -76.31 -8.25
C GLU HA 133 40.61 -74.90 -8.82
N GLN HA 134 41.19 -73.99 -8.02
CA GLN HA 134 41.41 -72.62 -8.50
C GLN HA 134 42.38 -72.60 -9.67
N ARG HA 135 43.43 -73.44 -9.61
CA ARG HA 135 44.47 -73.40 -10.63
C ARG HA 135 43.89 -73.67 -12.02
N ALA HA 136 43.04 -74.69 -12.12
CA ALA HA 136 42.44 -75.04 -13.40
C ALA HA 136 41.24 -74.17 -13.74
N LEU HA 137 40.79 -73.33 -12.82
CA LEU HA 137 39.63 -72.48 -13.08
C LEU HA 137 40.03 -71.20 -13.81
N VAL HA 138 41.05 -70.50 -13.30
CA VAL HA 138 41.47 -69.25 -13.92
C VAL HA 138 41.99 -69.51 -15.32
N GLU HA 139 42.75 -70.59 -15.51
CA GLU HA 139 43.29 -70.90 -16.83
C GLU HA 139 42.18 -70.95 -17.88
N GLN HA 140 41.01 -71.45 -17.49
CA GLN HA 140 39.87 -71.42 -18.39
C GLN HA 140 39.42 -69.98 -18.64
N VAL HA 141 39.46 -69.14 -17.60
CA VAL HA 141 39.04 -67.75 -17.76
C VAL HA 141 39.94 -67.03 -18.75
N ARG HA 142 41.26 -67.23 -18.62
CA ARG HA 142 42.19 -66.56 -19.52
C ARG HA 142 41.88 -66.87 -20.98
N GLY HA 143 41.46 -68.10 -21.27
CA GLY HA 143 41.11 -68.45 -22.63
C GLY HA 143 39.96 -67.63 -23.17
N GLN HA 144 38.93 -67.40 -22.35
CA GLN HA 144 37.80 -66.58 -22.79
C GLN HA 144 38.25 -65.17 -23.10
N LEU HA 145 39.05 -64.57 -22.23
CA LEU HA 145 39.51 -63.20 -22.45
C LEU HA 145 40.34 -63.11 -23.73
N GLN HA 146 41.28 -64.04 -23.91
CA GLN HA 146 42.15 -63.99 -25.09
C GLN HA 146 41.33 -64.17 -26.36
N LYS HA 147 40.39 -65.11 -26.37
CA LYS HA 147 39.56 -65.31 -27.55
C LYS HA 147 38.71 -64.09 -27.82
N LEU HA 148 38.16 -63.48 -26.77
CA LEU HA 148 37.33 -62.29 -26.96
C LEU HA 148 38.13 -61.16 -27.59
N GLU HA 149 39.36 -60.93 -27.11
CA GLU HA 149 40.18 -59.88 -27.68
C GLU HA 149 40.46 -60.13 -29.16
N ARG HA 150 40.77 -61.37 -29.52
CA ARG HA 150 40.98 -61.68 -30.93
C ARG HA 150 39.71 -61.45 -31.73
N LYS HA 151 38.56 -61.83 -31.18
CA LYS HA 151 37.29 -61.59 -31.88
C LYS HA 151 36.95 -60.12 -31.94
N TYR HA 152 37.40 -59.33 -30.96
CA TYR HA 152 37.08 -57.91 -30.93
C TYR HA 152 37.59 -57.19 -32.17
N LEU HA 153 38.85 -57.47 -32.54
CA LEU HA 153 39.47 -56.73 -33.65
C LEU HA 153 38.76 -57.00 -34.96
N GLU HA 154 38.35 -58.25 -35.19
CA GLU HA 154 37.75 -58.60 -36.47
C GLU HA 154 36.49 -57.79 -36.76
N LEU HA 155 35.86 -57.25 -35.73
CA LEU HA 155 34.70 -56.38 -35.93
C LEU HA 155 35.13 -54.97 -36.30
N LYS HA 156 36.05 -54.40 -35.52
CA LYS HA 156 36.47 -53.02 -35.77
C LYS HA 156 37.13 -52.88 -37.13
N SER HA 157 37.90 -53.88 -37.55
CA SER HA 157 38.57 -53.81 -38.84
C SER HA 157 37.58 -53.71 -39.99
N GLN HA 158 36.32 -54.07 -39.78
CA GLN HA 158 35.30 -53.98 -40.81
C GLN HA 158 34.37 -52.79 -40.66
N LYS HA 159 34.25 -52.23 -39.46
CA LYS HA 159 33.27 -51.17 -39.25
C LYS HA 159 33.59 -49.97 -40.13
N ASN HA 160 34.86 -49.59 -40.21
CA ASN HA 160 35.24 -48.47 -41.06
C ASN HA 160 34.91 -48.74 -42.52
N LEU HA 161 35.06 -49.99 -42.95
CA LEU HA 161 34.76 -50.33 -44.34
C LEU HA 161 33.28 -50.13 -44.65
N TYR HA 162 32.40 -50.56 -43.74
CA TYR HA 162 30.96 -50.40 -43.99
C TYR HA 162 30.57 -48.93 -44.05
N LEU HA 163 31.09 -48.12 -43.14
CA LEU HA 163 30.73 -46.70 -43.13
C LEU HA 163 31.11 -46.04 -44.45
N ALA HA 164 32.27 -46.39 -45.00
CA ALA HA 164 32.68 -45.79 -46.27
C ALA HA 164 31.69 -46.12 -47.37
N ARG HA 165 31.24 -47.38 -47.44
CA ARG HA 165 30.24 -47.76 -48.43
C ARG HA 165 28.95 -47.00 -48.20
N LEU HA 166 28.54 -46.86 -46.94
CA LEU HA 166 27.32 -46.13 -46.63
C LEU HA 166 27.41 -44.68 -47.05
N LYS HA 167 28.55 -44.03 -46.78
CA LYS HA 167 28.71 -42.64 -47.18
C LYS HA 167 28.76 -42.51 -48.71
N SER HA 168 29.30 -43.52 -49.39
CA SER HA 168 29.38 -43.47 -50.84
C SER HA 168 27.99 -43.50 -51.47
N ALA HA 169 27.15 -44.43 -51.03
CA ALA HA 169 25.84 -44.61 -51.64
C ALA HA 169 24.89 -43.47 -51.27
N ILE HA 170 24.88 -43.07 -49.99
CA ILE HA 170 23.99 -42.01 -49.56
C ILE HA 170 24.26 -40.74 -50.36
N ALA HA 171 25.54 -40.40 -50.53
CA ALA HA 171 25.89 -39.25 -51.36
C ALA HA 171 25.43 -39.44 -52.80
N ALA HA 172 25.61 -40.65 -53.34
CA ALA HA 172 25.21 -40.91 -54.72
C ALA HA 172 23.73 -40.65 -54.91
N GLN HA 173 22.90 -41.07 -53.96
CA GLN HA 173 21.48 -40.78 -54.04
C GLN HA 173 21.23 -39.27 -54.04
N LYS HA 174 21.96 -38.54 -53.20
CA LYS HA 174 21.78 -37.09 -53.14
C LYS HA 174 22.14 -36.44 -54.46
N ILE HA 175 23.22 -36.90 -55.10
CA ILE HA 175 23.64 -36.32 -56.36
C ILE HA 175 22.61 -36.59 -57.45
N GLU HA 176 22.13 -37.83 -57.53
CA GLU HA 176 21.30 -38.22 -58.67
C GLU HA 176 19.99 -37.45 -58.70
N GLU HA 177 19.36 -37.26 -57.53
CA GLU HA 177 18.09 -36.54 -57.52
C GLU HA 177 18.24 -35.12 -58.01
N ILE HA 178 19.45 -34.56 -57.95
CA ILE HA 178 19.73 -33.22 -58.44
C ILE HA 178 20.26 -33.32 -59.86
N ALA HA 179 20.09 -34.48 -60.49
CA ALA HA 179 20.59 -34.67 -61.85
C ALA HA 179 20.06 -33.60 -62.79
N GLY HA 180 18.85 -33.11 -62.55
CA GLY HA 180 18.27 -32.09 -63.40
C GLY HA 180 18.20 -32.53 -64.84
N ASN HA 181 17.70 -33.75 -65.06
CA ASN HA 181 17.63 -34.29 -66.41
C ASN HA 181 16.83 -33.36 -67.32
N LEU HA 182 17.39 -33.08 -68.49
CA LEU HA 182 16.73 -32.17 -69.43
C LEU HA 182 15.46 -32.80 -70.00
N ASP HA 183 15.42 -34.14 -70.07
CA ASP HA 183 14.31 -34.82 -70.74
C ASP HA 183 13.01 -34.82 -69.93
N ASN HA 184 13.04 -34.48 -68.64
CA ASN HA 184 11.83 -34.61 -67.83
C ASN HA 184 10.72 -33.73 -68.38
N ALA HA 185 11.00 -32.45 -68.62
CA ALA HA 185 10.02 -31.53 -69.16
C ALA HA 185 8.77 -31.46 -68.28
N SER HA 186 9.00 -31.52 -66.97
CA SER HA 186 7.90 -31.51 -66.00
C SER HA 186 8.19 -30.66 -64.76
N ALA HA 187 9.32 -29.95 -64.72
CA ALA HA 187 9.79 -29.15 -63.60
C ALA HA 187 10.40 -30.03 -62.52
N SER HA 188 10.38 -31.36 -62.67
CA SER HA 188 11.09 -32.21 -61.73
C SER HA 188 12.59 -31.93 -61.79
N SER HA 189 13.13 -31.79 -62.99
CA SER HA 189 14.49 -31.29 -63.17
C SER HA 189 14.46 -29.77 -63.10
N LEU HA 190 15.24 -29.21 -62.17
CA LEU HA 190 15.23 -27.77 -61.99
C LEU HA 190 15.63 -27.02 -63.26
N PHE HA 191 16.43 -27.66 -64.12
CA PHE HA 191 16.82 -27.00 -65.36
C PHE HA 191 15.63 -26.78 -66.28
N GLU HA 192 14.83 -27.82 -66.49
CA GLU HA 192 13.64 -27.67 -67.32
C GLU HA 192 12.64 -26.69 -66.69
N ARG HA 193 12.61 -26.63 -65.36
CA ARG HA 193 11.78 -25.63 -64.71
C ARG HA 193 12.25 -24.23 -65.09
N ILE HA 194 13.58 -24.03 -65.13
CA ILE HA 194 14.11 -22.75 -65.60
C ILE HA 194 13.70 -22.50 -67.04
N GLU HA 195 13.82 -23.52 -67.89
CA GLU HA 195 13.47 -23.35 -69.30
C GLU HA 195 12.02 -22.90 -69.45
N THR HA 196 11.11 -23.49 -68.67
CA THR HA 196 9.73 -23.03 -68.69
C THR HA 196 9.63 -21.58 -68.27
N LYS HA 197 10.42 -21.18 -67.28
CA LYS HA 197 10.41 -19.79 -66.84
C LYS HA 197 10.85 -18.85 -67.96
N ILE HA 198 11.88 -19.25 -68.72
CA ILE HA 198 12.38 -18.39 -69.79
C ILE HA 198 11.30 -18.11 -70.81
N LEU HA 199 10.62 -19.16 -71.28
CA LEU HA 199 9.60 -18.99 -72.31
C LEU HA 199 8.42 -18.19 -71.79
N GLU HA 200 8.15 -18.25 -70.49
CA GLU HA 200 7.04 -17.50 -69.93
C GLU HA 200 7.23 -16.00 -70.16
N LEU HA 201 8.43 -15.50 -69.88
CA LEU HA 201 8.69 -14.06 -70.05
C LEU HA 201 8.67 -13.66 -71.51
N GLU HA 202 9.38 -14.42 -72.36
CA GLU HA 202 9.41 -14.09 -73.77
C GLU HA 202 8.02 -14.05 -74.38
N ALA HA 203 7.10 -14.88 -73.87
CA ALA HA 203 5.74 -14.87 -74.38
C ALA HA 203 5.04 -13.54 -74.09
N GLU HA 204 5.25 -13.00 -72.89
CA GLU HA 204 4.57 -11.76 -72.53
C GLU HA 204 5.01 -10.61 -73.43
N ARG HA 205 6.31 -10.50 -73.70
CA ARG HA 205 6.81 -9.37 -74.46
C ARG HA 205 6.22 -9.35 -75.87
N GLU HA 206 6.23 -10.49 -76.55
CA GLU HA 206 5.75 -10.53 -77.92
C GLU HA 206 4.29 -10.14 -78.01
N LEU HA 207 3.47 -10.65 -77.08
CA LEU HA 207 2.05 -10.32 -77.10
C LEU HA 207 1.81 -8.85 -76.82
N LEU HA 208 2.51 -8.29 -75.84
CA LEU HA 208 2.30 -6.90 -75.48
C LEU HA 208 2.83 -5.96 -76.55
N ASN HA 209 3.75 -6.44 -77.39
CA ASN HA 209 4.30 -5.68 -78.51
C ASN HA 209 4.11 -6.53 -79.76
N PRO HA 210 2.93 -6.48 -80.36
CA PRO HA 210 2.65 -7.34 -81.53
C PRO HA 210 3.74 -7.21 -82.57
N PRO HA 211 4.48 -8.28 -82.84
CA PRO HA 211 5.53 -8.21 -83.87
C PRO HA 211 4.93 -8.09 -85.25
N PRO HA 212 5.72 -7.69 -86.24
CA PRO HA 212 5.16 -7.49 -87.59
C PRO HA 212 4.54 -8.76 -88.12
N SER HA 213 3.45 -8.60 -88.87
CA SER HA 213 2.81 -9.73 -89.52
C SER HA 213 3.69 -10.24 -90.65
N PRO HA 214 3.57 -11.53 -91.00
CA PRO HA 214 4.37 -12.05 -92.11
C PRO HA 214 4.12 -11.32 -93.41
N LEU HA 215 2.89 -10.85 -93.64
CA LEU HA 215 2.60 -10.05 -94.84
C LEU HA 215 3.43 -8.77 -94.84
N ASP HA 216 3.52 -8.10 -93.69
CA ASP HA 216 4.36 -6.91 -93.59
C ASP HA 216 5.82 -7.25 -93.86
N LYS HA 217 6.28 -8.37 -93.32
CA LYS HA 217 7.64 -8.82 -93.61
C LYS HA 217 7.82 -9.05 -95.10
N LYS HA 218 6.84 -9.67 -95.75
CA LYS HA 218 6.94 -9.90 -97.18
C LYS HA 218 7.15 -8.60 -97.94
N PHE HA 219 6.35 -7.57 -97.60
CA PHE HA 219 6.47 -6.29 -98.30
C PHE HA 219 7.84 -5.67 -98.10
N GLU HA 220 8.36 -5.72 -96.88
CA GLU HA 220 9.62 -5.03 -96.59
C GLU HA 220 10.75 -5.56 -97.45
N GLN HA 221 10.96 -6.88 -97.44
CA GLN HA 221 11.97 -7.46 -98.31
C GLN HA 221 11.58 -7.33 -99.77
N TRP HA 222 10.30 -7.51 -100.08
CA TRP HA 222 9.83 -7.36 -101.46
C TRP HA 222 10.16 -5.99 -102.02
N GLU HA 223 10.22 -4.97 -101.16
CA GLU HA 223 10.56 -3.63 -101.62
C GLU HA 223 12.05 -3.48 -101.87
N GLU HA 224 12.89 -4.09 -101.03
CA GLU HA 224 14.33 -3.84 -101.11
C GLU HA 224 14.94 -4.34 -102.41
N GLN HA 225 14.40 -5.42 -102.96
CA GLN HA 225 15.00 -6.00 -104.16
C GLN HA 225 15.01 -5.00 -105.31
N GLN HA 226 13.90 -4.30 -105.52
CA GLN HA 226 13.87 -3.28 -106.56
C GLN HA 226 14.82 -2.14 -106.24
N ALA HA 227 14.87 -1.73 -104.97
CA ALA HA 227 15.73 -0.61 -104.59
C ALA HA 227 17.19 -0.92 -104.91
N VAL HA 228 17.67 -2.11 -104.54
CA VAL HA 228 19.04 -2.49 -104.84
C VAL HA 228 19.20 -2.74 -106.33
N GLU HA 229 18.22 -3.40 -106.95
CA GLU HA 229 18.31 -3.66 -108.39
C GLU HA 229 18.19 -2.37 -109.20
N ALA HA 230 17.26 -1.50 -108.79
CA ALA HA 230 17.14 -0.21 -109.47
C ALA HA 230 18.41 0.61 -109.33
N THR HA 231 18.97 0.64 -108.12
CA THR HA 231 20.27 1.29 -107.93
C THR HA 231 21.35 0.58 -108.72
N LEU HA 232 21.34 -0.76 -108.69
CA LEU HA 232 22.29 -1.52 -109.50
C LEU HA 232 22.01 -1.36 -110.98
N ALA HA 233 20.74 -1.30 -111.37
CA ALA HA 233 20.41 -1.05 -112.77
C ALA HA 233 20.93 0.31 -113.22
N ALA HA 234 20.77 1.32 -112.36
CA ALA HA 234 21.36 2.63 -112.64
C ALA HA 234 22.86 2.64 -112.43
N MET HA 235 23.39 1.71 -111.61
CA MET HA 235 24.83 1.65 -111.41
C MET HA 235 25.55 1.44 -112.74
N LYS HA 236 25.12 0.44 -113.50
CA LYS HA 236 25.68 0.22 -114.83
C LYS HA 236 25.39 1.39 -115.75
N ALA HA 237 24.17 1.92 -115.69
CA ALA HA 237 23.80 3.03 -116.56
C ALA HA 237 24.53 4.31 -116.17
N ARG HA 238 24.54 4.65 -114.87
CA ARG HA 238 25.20 5.87 -114.45
C ARG HA 238 26.69 5.83 -114.75
N ARG HA 239 27.33 4.69 -114.51
CA ARG HA 239 28.73 4.54 -114.89
C ARG HA 239 28.87 4.42 -116.40
N SER HA 240 27.90 3.79 -117.05
CA SER HA 240 27.94 3.62 -118.50
C SER HA 240 26.54 3.44 -119.07
N GLN IA 45 -5.74 1.31 58.19
CA GLN IA 45 -5.01 1.98 59.32
C GLN IA 45 -3.51 1.85 59.13
N GLU IA 46 -2.76 2.79 59.71
CA GLU IA 46 -1.32 2.82 59.63
C GLU IA 46 -0.73 2.54 61.02
N ALA IA 47 0.60 2.56 61.09
CA ALA IA 47 1.25 2.38 62.37
C ALA IA 47 0.89 3.54 63.30
N PRO IA 48 0.58 3.26 64.57
CA PRO IA 48 0.15 4.35 65.45
C PRO IA 48 1.21 5.44 65.61
N GLU IA 49 2.49 5.06 65.62
CA GLU IA 49 3.56 6.05 65.78
C GLU IA 49 3.60 7.01 64.60
N ASP IA 50 3.40 6.50 63.38
CA ASP IA 50 3.48 7.35 62.20
C ASP IA 50 2.42 8.44 62.23
N LEU IA 51 1.21 8.10 62.68
CA LEU IA 51 0.15 9.10 62.75
C LEU IA 51 0.53 10.25 63.66
N LEU IA 52 1.21 9.94 64.76
CA LEU IA 52 1.49 10.97 65.77
C LEU IA 52 2.29 12.13 65.17
N GLU IA 53 3.33 11.81 64.40
CA GLU IA 53 4.11 12.86 63.76
C GLU IA 53 3.27 13.66 62.78
N ARG IA 54 2.49 12.96 61.95
CA ARG IA 54 1.67 13.64 60.95
C ARG IA 54 0.58 14.47 61.61
N LEU IA 55 -0.04 13.95 62.67
CA LEU IA 55 -1.14 14.66 63.30
C LEU IA 55 -0.69 16.00 63.88
N LEU IA 56 0.45 16.01 64.58
CA LEU IA 56 0.92 17.26 65.18
C LEU IA 56 1.30 18.27 64.12
N GLY IA 57 1.90 17.83 63.01
CA GLY IA 57 2.24 18.75 61.95
C GLY IA 57 1.01 19.48 61.43
N GLU IA 58 -0.11 18.78 61.29
CA GLU IA 58 -1.35 19.43 60.93
C GLU IA 58 -1.82 20.37 62.04
N MET IA 59 -1.66 19.96 63.30
CA MET IA 59 -2.08 20.79 64.41
C MET IA 59 -1.31 22.10 64.45
N GLU IA 60 0.02 22.04 64.29
CA GLU IA 60 0.82 23.25 64.32
C GLU IA 60 0.45 24.17 63.18
N LEU IA 61 0.23 23.61 61.98
CA LEU IA 61 -0.14 24.43 60.85
C LEU IA 61 -1.46 25.17 61.10
N GLU IA 62 -2.42 24.49 61.72
CA GLU IA 62 -3.72 25.11 61.96
C GLU IA 62 -3.60 26.28 62.93
N LEU IA 63 -2.75 26.15 63.96
CA LEU IA 63 -2.72 27.14 65.03
C LEU IA 63 -2.33 28.52 64.51
N ILE IA 64 -1.33 28.58 63.63
CA ILE IA 64 -0.89 29.87 63.12
C ILE IA 64 -2.00 30.50 62.29
N GLU IA 65 -2.76 29.68 61.57
CA GLU IA 65 -3.89 30.20 60.81
C GLU IA 65 -4.89 30.88 61.75
N LEU IA 66 -5.15 30.27 62.90
CA LEU IA 66 -5.96 30.92 63.92
C LEU IA 66 -5.33 32.23 64.37
N ARG IA 67 -4.01 32.21 64.60
CA ARG IA 67 -3.32 33.41 65.03
C ARG IA 67 -3.46 34.53 64.00
N ARG IA 68 -3.30 34.19 62.72
CA ARG IA 68 -3.43 35.20 61.67
C ARG IA 68 -4.85 35.76 61.62
N ALA IA 69 -5.85 34.89 61.72
CA ALA IA 69 -7.24 35.34 61.59
C ALA IA 69 -7.61 36.30 62.71
N LEU IA 70 -7.22 35.98 63.94
CA LEU IA 70 -7.58 36.84 65.07
C LEU IA 70 -7.08 38.26 64.87
N ALA IA 71 -5.94 38.44 64.22
CA ALA IA 71 -5.41 39.77 63.99
C ALA IA 71 -6.37 40.60 63.15
N GLN IA 72 -6.95 39.99 62.11
CA GLN IA 72 -7.87 40.72 61.25
C GLN IA 72 -9.07 41.23 62.03
N THR IA 73 -9.53 40.46 63.02
CA THR IA 73 -10.61 40.93 63.88
C THR IA 73 -10.21 42.21 64.60
N ILE IA 74 -8.97 42.26 65.11
CA ILE IA 74 -8.53 43.44 65.84
C ILE IA 74 -8.52 44.66 64.93
N ALA IA 75 -8.17 44.47 63.66
CA ALA IA 75 -8.11 45.59 62.73
C ALA IA 75 -9.45 46.31 62.65
N THR IA 76 -10.52 45.54 62.43
CA THR IA 76 -11.85 46.15 62.34
C THR IA 76 -12.26 46.78 63.67
N PHE IA 77 -11.96 46.09 64.78
CA PHE IA 77 -12.29 46.64 66.10
C PHE IA 77 -11.61 48.00 66.30
N LYS IA 78 -10.34 48.12 65.88
CA LYS IA 78 -9.67 49.41 65.96
C LYS IA 78 -10.17 50.36 64.88
N SER IA 79 -10.40 49.85 63.67
CA SER IA 79 -10.77 50.71 62.55
C SER IA 79 -12.07 51.44 62.83
N THR IA 80 -13.10 50.70 63.26
CA THR IA 80 -14.39 51.33 63.55
C THR IA 80 -14.27 52.35 64.68
N GLU IA 81 -13.49 52.00 65.71
CA GLU IA 81 -13.30 52.93 66.82
C GLU IA 81 -12.70 54.25 66.35
N ARG IA 82 -11.70 54.18 65.48
CA ARG IA 82 -11.16 55.39 64.87
C ARG IA 82 -12.23 56.07 64.03
N GLN IA 83 -13.02 55.28 63.30
CA GLN IA 83 -14.11 55.85 62.50
C GLN IA 83 -15.13 56.52 63.39
N ARG IA 84 -15.42 55.93 64.56
CA ARG IA 84 -16.41 56.51 65.46
C ARG IA 84 -15.99 57.90 65.91
N ASP IA 85 -14.72 58.07 66.27
CA ASP IA 85 -14.26 59.37 66.76
C ASP IA 85 -14.46 60.46 65.71
N ALA IA 86 -14.37 60.11 64.43
CA ALA IA 86 -14.49 61.12 63.38
C ALA IA 86 -15.87 61.77 63.39
N GLN IA 87 -16.92 60.96 63.55
CA GLN IA 87 -18.28 61.50 63.46
C GLN IA 87 -18.55 62.51 64.58
N GLN IA 88 -18.23 62.15 65.82
CA GLN IA 88 -18.46 63.06 66.93
C GLN IA 88 -17.69 64.36 66.75
N LEU IA 89 -16.50 64.28 66.16
CA LEU IA 89 -15.74 65.50 65.88
C LEU IA 89 -16.52 66.42 64.95
N ILE IA 90 -17.16 65.86 63.93
CA ILE IA 90 -17.98 66.66 63.03
C ILE IA 90 -19.13 67.30 63.80
N ALA IA 91 -19.79 66.52 64.65
CA ALA IA 91 -20.89 67.07 65.45
C ALA IA 91 -20.38 68.21 66.35
N GLN IA 92 -19.17 68.06 66.88
CA GLN IA 92 -18.61 69.13 67.69
C GLN IA 92 -18.45 70.41 66.88
N ARG IA 93 -18.05 70.28 65.61
CA ARG IA 93 -17.90 71.46 64.77
C ARG IA 93 -19.22 72.22 64.65
N TRP IA 94 -20.31 71.51 64.39
CA TRP IA 94 -21.61 72.17 64.33
C TRP IA 94 -21.98 72.79 65.67
N TYR IA 95 -21.74 72.06 66.76
CA TYR IA 95 -22.02 72.61 68.08
C TYR IA 95 -21.17 73.84 68.35
N GLU IA 96 -19.88 73.77 68.01
CA GLU IA 96 -19.02 74.93 68.16
C GLU IA 96 -19.50 76.08 67.28
N LYS IA 97 -19.88 75.76 66.04
CA LYS IA 97 -20.42 76.78 65.16
C LYS IA 97 -21.71 77.36 65.72
N ALA IA 98 -22.58 76.49 66.24
CA ALA IA 98 -23.83 76.96 66.84
C ALA IA 98 -23.59 77.84 68.05
N GLN IA 99 -22.42 77.74 68.69
CA GLN IA 99 -22.14 78.56 69.86
C GLN IA 99 -22.19 80.05 69.52
N ALA IA 100 -21.59 80.42 68.40
CA ALA IA 100 -21.59 81.81 67.93
C ALA IA 100 -22.65 82.04 66.85
N ALA IA 101 -23.46 81.04 66.53
CA ALA IA 101 -24.48 81.19 65.51
C ALA IA 101 -25.45 82.31 65.88
N LEU IA 102 -25.94 82.28 67.12
CA LEU IA 102 -26.85 83.30 67.63
C LEU IA 102 -26.13 84.38 68.42
N ASP IA 103 -24.79 84.37 68.44
CA ASP IA 103 -24.06 85.43 69.11
C ASP IA 103 -24.45 86.80 68.59
N ARG IA 104 -24.81 86.89 67.31
CA ARG IA 104 -25.36 88.10 66.73
C ARG IA 104 -26.84 88.29 67.05
N GLY IA 105 -27.40 87.43 67.91
CA GLY IA 105 -28.83 87.39 68.12
C GLY IA 105 -29.58 86.52 67.13
N ASN IA 106 -28.87 85.80 66.25
CA ASN IA 106 -29.50 84.97 65.23
C ASN IA 106 -29.84 83.61 65.82
N GLU IA 107 -30.91 83.61 66.63
CA GLU IA 107 -31.37 82.37 67.25
C GLU IA 107 -31.88 81.38 66.22
N GLN IA 108 -32.53 81.87 65.16
CA GLN IA 108 -33.13 80.97 64.18
C GLN IA 108 -32.09 80.07 63.54
N LEU IA 109 -30.93 80.63 63.18
CA LEU IA 109 -29.90 79.84 62.52
C LEU IA 109 -29.41 78.71 63.42
N ALA IA 110 -29.21 79.00 64.70
CA ALA IA 110 -28.73 77.99 65.63
C ALA IA 110 -29.70 76.81 65.73
N ARG IA 111 -30.98 77.04 65.45
CA ARG IA 111 -31.95 75.96 65.51
C ARG IA 111 -31.58 74.85 64.54
N GLU IA 112 -31.19 75.20 63.32
CA GLU IA 112 -30.86 74.19 62.32
C GLU IA 112 -29.65 73.37 62.74
N ALA IA 113 -28.63 74.03 63.29
CA ALA IA 113 -27.40 73.34 63.67
C ALA IA 113 -27.67 72.26 64.70
N LEU IA 114 -28.34 72.62 65.80
CA LEU IA 114 -28.63 71.64 66.84
C LEU IA 114 -29.52 70.52 66.32
N GLY IA 115 -30.49 70.85 65.47
CA GLY IA 115 -31.29 69.81 64.84
C GLY IA 115 -30.45 68.95 63.92
N GLN IA 116 -29.49 69.56 63.22
CA GLN IA 116 -28.66 68.82 62.28
C GLN IA 116 -27.78 67.80 63.00
N ARG IA 117 -27.14 68.21 64.10
CA ARG IA 117 -26.18 67.35 64.77
C ARG IA 117 -26.81 66.12 65.41
N GLN IA 118 -28.13 66.13 65.62
CA GLN IA 118 -28.78 64.97 66.22
C GLN IA 118 -28.63 63.73 65.34
N SER IA 119 -28.75 63.90 64.03
CA SER IA 119 -28.56 62.77 63.13
C SER IA 119 -27.19 62.13 63.30
N TYR IA 120 -26.15 62.96 63.41
CA TYR IA 120 -24.81 62.42 63.64
C TYR IA 120 -24.73 61.70 64.97
N GLN IA 121 -25.35 62.26 66.01
CA GLN IA 121 -25.31 61.63 67.32
C GLN IA 121 -25.90 60.23 67.28
N SER IA 122 -26.90 60.02 66.43
CA SER IA 122 -27.50 58.69 66.34
C SER IA 122 -26.48 57.65 65.91
N HIS IA 123 -25.65 57.97 64.92
CA HIS IA 123 -24.64 57.03 64.47
C HIS IA 123 -23.63 56.75 65.58
N THR IA 124 -23.23 57.79 66.32
CA THR IA 124 -22.26 57.59 67.40
C THR IA 124 -22.80 56.62 68.45
N GLU IA 125 -24.06 56.79 68.84
CA GLU IA 125 -24.65 55.90 69.82
C GLU IA 125 -24.74 54.48 69.28
N ALA IA 126 -25.12 54.33 68.01
CA ALA IA 126 -25.23 53.00 67.42
C ALA IA 126 -23.88 52.30 67.39
N LEU IA 127 -22.82 53.02 67.03
CA LEU IA 127 -21.50 52.40 66.98
C LEU IA 127 -20.97 52.09 68.37
N GLY IA 128 -21.23 52.98 69.34
CA GLY IA 128 -20.74 52.72 70.69
C GLY IA 128 -21.27 51.41 71.25
N LYS IA 129 -22.55 51.12 71.01
CA LYS IA 129 -23.11 49.84 71.44
C LYS IA 129 -22.47 48.69 70.68
N SER IA 130 -22.23 48.86 69.38
CA SER IA 130 -21.68 47.78 68.57
C SER IA 130 -20.29 47.38 69.05
N LEU IA 131 -19.45 48.37 69.37
CA LEU IA 131 -18.10 48.05 69.85
C LEU IA 131 -18.16 47.39 71.22
N GLY IA 132 -19.15 47.76 72.05
CA GLY IA 132 -19.21 47.20 73.39
C GLY IA 132 -19.26 45.69 73.40
N GLU IA 133 -20.06 45.10 72.50
CA GLU IA 133 -20.13 43.65 72.45
C GLU IA 133 -18.88 43.05 71.81
N GLN IA 134 -18.34 43.71 70.78
CA GLN IA 134 -17.13 43.20 70.15
C GLN IA 134 -15.96 43.22 71.11
N ARG IA 135 -15.86 44.26 71.94
CA ARG IA 135 -14.70 44.41 72.82
C ARG IA 135 -14.57 43.21 73.75
N ALA IA 136 -15.67 42.79 74.37
CA ALA IA 136 -15.64 41.66 75.28
C ALA IA 136 -15.68 40.32 74.57
N LEU IA 137 -15.88 40.31 73.25
CA LEU IA 137 -15.94 39.06 72.51
C LEU IA 137 -14.55 38.57 72.13
N VAL IA 138 -13.73 39.45 71.55
CA VAL IA 138 -12.38 39.05 71.13
C VAL IA 138 -11.55 38.65 72.34
N GLU IA 139 -11.68 39.40 73.44
CA GLU IA 139 -10.91 39.09 74.64
C GLU IA 139 -11.11 37.65 75.06
N GLN IA 140 -12.33 37.14 74.90
CA GLN IA 140 -12.58 35.72 75.17
C GLN IA 140 -11.86 34.85 74.16
N VAL IA 141 -11.79 35.27 72.89
CA VAL IA 141 -11.11 34.49 71.87
C VAL IA 141 -9.63 34.37 72.20
N ARG IA 142 -9.01 35.48 72.58
CA ARG IA 142 -7.58 35.45 72.90
C ARG IA 142 -7.28 34.41 73.98
N GLY IA 143 -8.16 34.26 74.96
CA GLY IA 143 -7.94 33.27 75.99
C GLY IA 143 -7.88 31.86 75.45
N GLN IA 144 -8.77 31.53 74.50
CA GLN IA 144 -8.74 30.19 73.91
C GLN IA 144 -7.42 29.94 73.17
N LEU IA 145 -6.98 30.93 72.39
CA LEU IA 145 -5.73 30.75 71.64
C LEU IA 145 -4.56 30.58 72.59
N GLN IA 146 -4.46 31.42 73.62
CA GLN IA 146 -3.34 31.34 74.53
C GLN IA 146 -3.34 30.01 75.27
N LYS IA 147 -4.51 29.57 75.75
CA LYS IA 147 -4.58 28.28 76.43
C LYS IA 147 -4.21 27.14 75.50
N LEU IA 148 -4.67 27.20 74.25
CA LEU IA 148 -4.35 26.14 73.29
C LEU IA 148 -2.84 26.05 73.07
N GLU IA 149 -2.18 27.19 72.90
CA GLU IA 149 -0.74 27.18 72.68
C GLU IA 149 -0.01 26.55 73.87
N ARG IA 150 -0.42 26.90 75.09
CA ARG IA 150 0.18 26.29 76.27
C ARG IA 150 -0.07 24.80 76.30
N LYS IA 151 -1.28 24.37 75.94
CA LYS IA 151 -1.59 22.94 75.89
C LYS IA 151 -0.84 22.25 74.76
N TYR IA 152 -0.54 22.97 73.68
CA TYR IA 152 0.12 22.35 72.54
C TYR IA 152 1.49 21.79 72.94
N LEU IA 153 2.27 22.57 73.67
CA LEU IA 153 3.64 22.17 73.99
C LEU IA 153 3.67 20.92 74.85
N GLU IA 154 2.74 20.81 75.81
CA GLU IA 154 2.76 19.68 76.73
C GLU IA 154 2.63 18.35 76.01
N LEU IA 155 2.08 18.35 74.81
CA LEU IA 155 2.01 17.13 74.01
C LEU IA 155 3.34 16.83 73.32
N LYS IA 156 3.88 17.84 72.63
CA LYS IA 156 5.11 17.63 71.89
C LYS IA 156 6.27 17.25 72.80
N SER IA 157 6.32 17.85 73.99
CA SER IA 157 7.39 17.55 74.93
C SER IA 157 7.40 16.08 75.35
N GLN IA 158 6.30 15.37 75.16
CA GLN IA 158 6.22 13.96 75.51
C GLN IA 158 6.31 13.03 74.31
N LYS IA 159 6.01 13.51 73.10
CA LYS IA 159 5.97 12.62 71.95
C LYS IA 159 7.33 11.99 71.70
N ASN IA 160 8.40 12.80 71.80
CA ASN IA 160 9.74 12.26 71.60
C ASN IA 160 10.06 11.20 72.65
N LEU IA 161 9.59 11.39 73.87
CA LEU IA 161 9.85 10.41 74.93
C LEU IA 161 9.21 9.06 74.62
N TYR IA 162 7.96 9.08 74.14
CA TYR IA 162 7.30 7.81 73.83
C TYR IA 162 8.00 7.09 72.69
N LEU IA 163 8.39 7.80 71.63
CA LEU IA 163 9.05 7.15 70.51
C LEU IA 163 10.32 6.45 70.96
N ALA IA 164 11.09 7.07 71.85
CA ALA IA 164 12.32 6.46 72.33
C ALA IA 164 12.03 5.14 73.02
N ARG IA 165 11.00 5.11 73.87
CA ARG IA 165 10.62 3.87 74.53
C ARG IA 165 10.18 2.82 73.51
N LEU IA 166 9.42 3.24 72.51
CA LEU IA 166 8.97 2.32 71.47
C LEU IA 166 10.15 1.73 70.71
N LYS IA 167 11.12 2.58 70.33
CA LYS IA 167 12.29 2.07 69.61
C LYS IA 167 13.12 1.15 70.49
N SER IA 168 13.15 1.41 71.81
CA SER IA 168 13.93 0.57 72.71
C SER IA 168 13.34 -0.83 72.78
N ALA IA 169 12.03 -0.94 72.98
CA ALA IA 169 11.42 -2.24 73.17
C ALA IA 169 11.36 -3.03 71.87
N ILE IA 170 10.98 -2.38 70.77
CA ILE IA 170 10.90 -3.07 69.50
C ILE IA 170 12.23 -3.69 69.14
N ALA IA 171 13.33 -2.94 69.33
CA ALA IA 171 14.65 -3.49 69.08
C ALA IA 171 14.94 -4.66 70.02
N ALA IA 172 14.55 -4.51 71.30
CA ALA IA 172 14.81 -5.57 72.26
C ALA IA 172 14.15 -6.88 71.84
N GLN IA 173 12.92 -6.80 71.33
CA GLN IA 173 12.26 -7.99 70.82
C GLN IA 173 13.04 -8.59 69.66
N LYS IA 174 13.55 -7.74 68.76
CA LYS IA 174 14.31 -8.22 67.62
C LYS IA 174 15.58 -8.95 68.07
N ILE IA 175 16.26 -8.39 69.08
CA ILE IA 175 17.50 -9.01 69.56
C ILE IA 175 17.21 -10.36 70.19
N GLU IA 176 16.18 -10.43 71.03
CA GLU IA 176 15.96 -11.63 71.84
C GLU IA 176 15.64 -12.84 70.97
N GLU IA 177 14.81 -12.66 69.94
CA GLU IA 177 14.47 -13.80 69.09
C GLU IA 177 15.70 -14.37 68.40
N ILE IA 178 16.76 -13.57 68.25
CA ILE IA 178 18.00 -14.03 67.64
C ILE IA 178 18.95 -14.48 68.75
N ALA IA 179 18.42 -14.66 69.95
CA ALA IA 179 19.27 -15.06 71.08
C ALA IA 179 20.06 -16.32 70.76
N GLY IA 180 19.50 -17.21 69.96
CA GLY IA 180 20.18 -18.43 69.60
C GLY IA 180 20.55 -19.25 70.82
N ASN IA 181 19.59 -19.42 71.72
CA ASN IA 181 19.86 -20.14 72.97
C ASN IA 181 20.38 -21.53 72.67
N LEU IA 182 21.47 -21.91 73.34
CA LEU IA 182 22.07 -23.22 73.11
C LEU IA 182 21.17 -24.34 73.63
N ASP IA 183 20.34 -24.06 74.64
CA ASP IA 183 19.56 -25.10 75.28
C ASP IA 183 18.37 -25.58 74.45
N ASN IA 184 17.98 -24.87 73.39
CA ASN IA 184 16.77 -25.25 72.67
C ASN IA 184 16.89 -26.65 72.09
N ALA IA 185 17.98 -26.93 71.39
CA ALA IA 185 18.20 -28.25 70.81
C ALA IA 185 17.05 -28.66 69.90
N SER IA 186 16.52 -27.68 69.16
CA SER IA 186 15.39 -27.91 68.27
C SER IA 186 15.50 -27.19 66.94
N ALA IA 187 16.62 -26.51 66.66
CA ALA IA 187 16.88 -25.70 65.48
C ALA IA 187 16.19 -24.34 65.59
N SER IA 188 15.42 -24.09 66.66
CA SER IA 188 14.88 -22.75 66.86
C SER IA 188 16.00 -21.73 67.07
N SER IA 189 17.01 -22.11 67.86
CA SER IA 189 18.24 -21.35 67.95
C SER IA 189 19.14 -21.73 66.78
N LEU IA 190 19.52 -20.75 65.97
CA LEU IA 190 20.33 -21.04 64.79
C LEU IA 190 21.64 -21.70 65.15
N PHE IA 191 22.16 -21.47 66.36
CA PHE IA 191 23.41 -22.10 66.78
C PHE IA 191 23.25 -23.61 66.88
N GLU IA 192 22.21 -24.06 67.59
CA GLU IA 192 21.97 -25.49 67.70
C GLU IA 192 21.65 -26.12 66.36
N ARG IA 193 21.03 -25.35 65.46
CA ARG IA 193 20.84 -25.85 64.09
C ARG IA 193 22.19 -26.11 63.43
N ILE IA 194 23.14 -25.21 63.65
CA ILE IA 194 24.50 -25.43 63.14
C ILE IA 194 25.10 -26.68 63.77
N GLU IA 195 24.93 -26.84 65.08
CA GLU IA 195 25.50 -27.99 65.76
C GLU IA 195 24.96 -29.28 65.17
N THR IA 196 23.66 -29.33 64.88
CA THR IA 196 23.10 -30.50 64.23
C THR IA 196 23.75 -30.72 62.87
N LYS IA 197 24.00 -29.63 62.13
CA LYS IA 197 24.66 -29.75 60.83
C LYS IA 197 26.04 -30.37 60.97
N ILE IA 198 26.80 -29.95 62.00
CA ILE IA 198 28.16 -30.45 62.18
C ILE IA 198 28.15 -31.96 62.35
N LEU IA 199 27.31 -32.46 63.25
CA LEU IA 199 27.28 -33.89 63.53
C LEU IA 199 26.80 -34.69 62.32
N GLU IA 200 25.97 -34.08 61.48
CA GLU IA 200 25.49 -34.78 60.29
C GLU IA 200 26.65 -35.18 59.39
N LEU IA 201 27.57 -34.26 59.14
CA LEU IA 201 28.71 -34.55 58.26
C LEU IA 201 29.64 -35.56 58.90
N GLU IA 202 30.01 -35.35 60.15
CA GLU IA 202 30.92 -36.27 60.83
C GLU IA 202 30.38 -37.69 60.82
N ALA IA 203 29.05 -37.83 60.89
CA ALA IA 203 28.46 -39.16 60.87
C ALA IA 203 28.71 -39.87 59.54
N GLU IA 204 28.60 -39.14 58.43
CA GLU IA 204 28.78 -39.77 57.12
C GLU IA 204 30.20 -40.30 56.96
N ARG IA 205 31.20 -39.51 57.38
CA ARG IA 205 32.59 -39.92 57.16
C ARG IA 205 32.91 -41.21 57.89
N GLU IA 206 32.53 -41.31 59.16
CA GLU IA 206 32.87 -42.49 59.95
C GLU IA 206 32.24 -43.74 59.36
N LEU IA 207 30.98 -43.65 58.93
CA LEU IA 207 30.32 -44.80 58.36
C LEU IA 207 30.96 -45.22 57.04
N LEU IA 208 31.27 -44.25 56.18
CA LEU IA 208 31.83 -44.57 54.88
C LEU IA 208 33.26 -45.09 55.00
N ASN IA 209 33.93 -44.78 56.11
CA ASN IA 209 35.28 -45.26 56.41
C ASN IA 209 35.23 -45.92 57.77
N PRO IA 210 34.82 -47.19 57.83
CA PRO IA 210 34.67 -47.86 59.13
C PRO IA 210 35.93 -47.71 59.97
N PRO IA 211 35.84 -47.03 61.11
CA PRO IA 211 37.02 -46.89 61.96
C PRO IA 211 37.39 -48.21 62.61
N PRO IA 212 38.61 -48.33 63.14
CA PRO IA 212 39.03 -49.62 63.71
C PRO IA 212 38.12 -50.06 64.84
N SER IA 213 37.90 -51.37 64.91
CA SER IA 213 37.10 -51.94 65.99
C SER IA 213 37.87 -51.82 67.30
N PRO IA 214 37.16 -51.77 68.44
CA PRO IA 214 37.87 -51.71 69.72
C PRO IA 214 38.79 -52.88 69.96
N LEU IA 215 38.44 -54.07 69.45
CA LEU IA 215 39.33 -55.22 69.56
C LEU IA 215 40.63 -54.95 68.82
N ASP IA 216 40.55 -54.38 67.62
CA ASP IA 216 41.77 -54.02 66.90
C ASP IA 216 42.59 -53.00 67.68
N LYS IA 217 41.92 -52.01 68.27
CA LYS IA 217 42.61 -51.05 69.12
C LYS IA 217 43.30 -51.75 70.28
N LYS IA 218 42.63 -52.72 70.90
CA LYS IA 218 43.22 -53.44 72.01
C LYS IA 218 44.53 -54.11 71.59
N PHE IA 219 44.51 -54.78 70.43
CA PHE IA 219 45.71 -55.47 69.96
C PHE IA 219 46.85 -54.49 69.72
N GLU IA 220 46.56 -53.34 69.10
CA GLU IA 220 47.63 -52.42 68.72
C GLU IA 220 48.41 -51.95 69.94
N GLN IA 221 47.72 -51.43 70.96
CA GLN IA 221 48.40 -51.04 72.18
C GLN IA 221 48.94 -52.26 72.92
N TRP IA 222 48.18 -53.35 72.93
CA TRP IA 222 48.63 -54.57 73.57
C TRP IA 222 49.96 -55.03 73.01
N GLU IA 223 50.23 -54.75 71.74
CA GLU IA 223 51.50 -55.14 71.12
C GLU IA 223 52.64 -54.23 71.54
N GLU IA 224 52.37 -52.93 71.66
CA GLU IA 224 53.45 -51.97 71.88
C GLU IA 224 54.13 -52.16 73.23
N GLN IA 225 53.40 -52.61 74.25
CA GLN IA 225 53.98 -52.72 75.58
C GLN IA 225 55.15 -53.68 75.58
N GLN IA 226 55.01 -54.83 74.92
CA GLN IA 226 56.12 -55.77 74.82
C GLN IA 226 57.27 -55.17 74.01
N ALA IA 227 56.95 -54.48 72.92
CA ALA IA 227 57.99 -53.90 72.08
C ALA IA 227 58.86 -52.93 72.87
N VAL IA 228 58.22 -52.03 73.63
CA VAL IA 228 58.98 -51.08 74.43
C VAL IA 228 59.64 -51.80 75.61
N GLU IA 229 58.93 -52.72 76.25
CA GLU IA 229 59.50 -53.46 77.37
C GLU IA 229 60.61 -54.39 76.90
N ALA IA 230 60.40 -55.07 75.78
CA ALA IA 230 61.45 -55.93 75.24
C ALA IA 230 62.68 -55.12 74.86
N THR IA 231 62.47 -53.97 74.21
CA THR IA 231 63.59 -53.07 73.93
C THR IA 231 64.18 -52.54 75.23
N LEU IA 232 63.32 -52.17 76.18
CA LEU IA 232 63.83 -51.74 77.49
C LEU IA 232 64.47 -52.90 78.25
N ALA IA 233 63.91 -54.10 78.12
CA ALA IA 233 64.52 -55.26 78.75
C ALA IA 233 65.91 -55.51 78.17
N ALA IA 234 66.04 -55.39 76.84
CA ALA IA 234 67.34 -55.48 76.21
C ALA IA 234 68.17 -54.23 76.44
N MET IA 235 67.54 -53.09 76.73
CA MET IA 235 68.29 -51.87 77.02
C MET IA 235 69.24 -52.08 78.19
N LYS IA 236 68.71 -52.59 79.30
CA LYS IA 236 69.56 -52.91 80.44
C LYS IA 236 70.56 -54.01 80.09
N ALA IA 237 70.10 -55.03 79.37
CA ALA IA 237 70.98 -56.14 79.01
C ALA IA 237 72.04 -55.72 78.01
N ARG IA 238 71.64 -55.01 76.95
CA ARG IA 238 72.61 -54.59 75.94
C ARG IA 238 73.65 -53.66 76.53
N ARG IA 239 73.21 -52.71 77.37
CA ARG IA 239 74.16 -51.85 78.08
C ARG IA 239 74.90 -52.63 79.15
N SER IA 240 74.23 -53.58 79.79
CA SER IA 240 74.84 -54.38 80.84
C SER IA 240 74.13 -55.73 80.98
N GLN JA 45 -32.05 28.21 -37.97
CA GLN JA 45 -31.72 29.24 -38.99
C GLN JA 45 -30.78 30.30 -38.41
N GLU JA 46 -30.01 30.95 -39.28
CA GLU JA 46 -29.06 31.98 -38.90
C GLU JA 46 -29.53 33.32 -39.43
N ALA JA 47 -28.74 34.35 -39.16
CA ALA JA 47 -29.06 35.68 -39.67
C ALA JA 47 -29.01 35.65 -41.21
N PRO JA 48 -29.98 36.26 -41.89
CA PRO JA 48 -29.98 36.18 -43.36
C PRO JA 48 -28.73 36.77 -43.98
N GLU JA 49 -28.18 37.84 -43.39
CA GLU JA 49 -26.99 38.45 -43.96
C GLU JA 49 -25.79 37.50 -43.90
N ASP JA 50 -25.66 36.76 -42.80
CA ASP JA 50 -24.50 35.88 -42.65
C ASP JA 50 -24.49 34.81 -43.74
N LEU JA 51 -25.66 34.26 -44.07
CA LEU JA 51 -25.73 33.24 -45.11
C LEU JA 51 -25.21 33.76 -46.44
N LEU JA 52 -25.51 35.02 -46.75
CA LEU JA 52 -25.18 35.56 -48.07
C LEU JA 52 -23.69 35.47 -48.34
N GLU JA 53 -22.87 35.87 -47.36
CA GLU JA 53 -21.42 35.78 -47.52
C GLU JA 53 -20.98 34.34 -47.69
N ARG JA 54 -21.49 33.44 -46.84
CA ARG JA 54 -21.10 32.04 -46.92
C ARG JA 54 -21.57 31.40 -48.21
N LEU JA 55 -22.79 31.72 -48.66
CA LEU JA 55 -23.33 31.09 -49.86
C LEU JA 55 -22.49 31.41 -51.09
N LEU JA 56 -22.11 32.68 -51.26
CA LEU JA 56 -21.34 33.06 -52.44
C LEU JA 56 -19.95 32.42 -52.41
N GLY JA 57 -19.33 32.32 -51.24
CA GLY JA 57 -18.04 31.67 -51.15
C GLY JA 57 -18.09 30.24 -51.67
N GLU JA 58 -19.15 29.52 -51.33
CA GLU JA 58 -19.35 28.18 -51.90
C GLU JA 58 -19.57 28.25 -53.40
N MET JA 59 -20.34 29.26 -53.85
CA MET JA 59 -20.62 29.38 -55.28
C MET JA 59 -19.34 29.63 -56.07
N GLU JA 60 -18.48 30.53 -55.59
CA GLU JA 60 -17.24 30.83 -56.30
C GLU JA 60 -16.34 29.61 -56.35
N LEU JA 61 -16.26 28.87 -55.23
CA LEU JA 61 -15.42 27.67 -55.20
C LEU JA 61 -15.90 26.65 -56.22
N GLU JA 62 -17.21 26.48 -56.36
CA GLU JA 62 -17.75 25.50 -57.29
C GLU JA 62 -17.41 25.85 -58.73
N LEU JA 63 -17.46 27.15 -59.07
CA LEU JA 63 -17.33 27.55 -60.47
C LEU JA 63 -15.99 27.14 -61.06
N ILE JA 64 -14.91 27.36 -60.30
CA ILE JA 64 -13.59 27.01 -60.80
C ILE JA 64 -13.48 25.50 -61.02
N GLU JA 65 -14.13 24.72 -60.15
CA GLU JA 65 -14.13 23.27 -60.33
C GLU JA 65 -14.78 22.91 -61.67
N LEU JA 66 -15.86 23.58 -62.02
CA LEU JA 66 -16.45 23.42 -63.34
C LEU JA 66 -15.45 23.81 -64.42
N ARG JA 67 -14.76 24.94 -64.23
CA ARG JA 67 -13.79 25.39 -65.22
C ARG JA 67 -12.69 24.35 -65.41
N ARG JA 68 -12.19 23.78 -64.31
CA ARG JA 68 -11.13 22.78 -64.42
C ARG JA 68 -11.64 21.54 -65.14
N ALA JA 69 -12.85 21.08 -64.82
CA ALA JA 69 -13.35 19.84 -65.41
C ALA JA 69 -13.52 19.98 -66.91
N LEU JA 70 -14.07 21.11 -67.37
CA LEU JA 70 -14.30 21.28 -68.81
C LEU JA 70 -13.01 21.15 -69.60
N ALA JA 71 -11.88 21.57 -69.02
CA ALA JA 71 -10.61 21.45 -69.72
C ALA JA 71 -10.28 20.00 -70.03
N GLN JA 72 -10.53 19.10 -69.08
CA GLN JA 72 -10.23 17.69 -69.30
C GLN JA 72 -11.02 17.13 -70.46
N THR JA 73 -12.26 17.60 -70.63
CA THR JA 73 -13.05 17.19 -71.79
C THR JA 73 -12.35 17.58 -73.09
N ILE JA 74 -11.80 18.78 -73.14
CA ILE JA 74 -11.14 19.25 -74.35
C ILE JA 74 -9.93 18.37 -74.67
N ALA JA 75 -9.22 17.91 -73.64
CA ALA JA 75 -8.04 17.08 -73.86
C ALA JA 75 -8.39 15.84 -74.66
N THR JA 76 -9.42 15.11 -74.23
CA THR JA 76 -9.83 13.90 -74.94
C THR JA 76 -10.32 14.23 -76.34
N PHE JA 77 -11.10 15.31 -76.48
CA PHE JA 77 -11.58 15.72 -77.79
C PHE JA 77 -10.41 15.98 -78.74
N LYS JA 78 -9.37 16.63 -78.26
CA LYS JA 78 -8.17 16.83 -79.08
C LYS JA 78 -7.37 15.54 -79.22
N SER JA 79 -7.25 14.78 -78.13
CA SER JA 79 -6.40 13.59 -78.15
C SER JA 79 -6.90 12.58 -79.17
N THR JA 80 -8.19 12.28 -79.17
CA THR JA 80 -8.73 11.31 -80.13
C THR JA 80 -8.57 11.82 -81.56
N GLU JA 81 -8.78 13.11 -81.77
CA GLU JA 81 -8.64 13.68 -83.11
C GLU JA 81 -7.22 13.47 -83.62
N ARG JA 82 -6.23 13.73 -82.76
CA ARG JA 82 -4.85 13.42 -83.14
C ARG JA 82 -4.67 11.92 -83.36
N GLN JA 83 -5.30 11.11 -82.52
CA GLN JA 83 -5.24 9.66 -82.70
C GLN JA 83 -5.87 9.25 -84.02
N ARG JA 84 -6.97 9.90 -84.40
CA ARG JA 84 -7.66 9.55 -85.63
C ARG JA 84 -6.77 9.76 -86.84
N ASP JA 85 -6.03 10.88 -86.87
CA ASP JA 85 -5.17 11.16 -88.01
C ASP JA 85 -4.11 10.09 -88.20
N ALA JA 86 -3.66 9.47 -87.11
CA ALA JA 86 -2.60 8.47 -87.21
C ALA JA 86 -3.06 7.27 -88.03
N GLN JA 87 -4.29 6.79 -87.81
CA GLN JA 87 -4.75 5.58 -88.49
C GLN JA 87 -4.82 5.78 -89.99
N GLN JA 88 -5.44 6.87 -90.43
CA GLN JA 88 -5.55 7.12 -91.87
C GLN JA 88 -4.18 7.23 -92.51
N LEU JA 89 -3.20 7.78 -91.79
CA LEU JA 89 -1.85 7.85 -92.32
C LEU JA 89 -1.30 6.46 -92.59
N ILE JA 90 -1.56 5.51 -91.69
CA ILE JA 90 -1.14 4.13 -91.92
C ILE JA 90 -1.81 3.56 -93.15
N ALA JA 91 -3.12 3.80 -93.28
CA ALA JA 91 -3.83 3.32 -94.46
C ALA JA 91 -3.25 3.92 -95.74
N GLN JA 92 -2.85 5.19 -95.67
CA GLN JA 92 -2.21 5.82 -96.83
C GLN JA 92 -0.93 5.09 -97.21
N ARG JA 93 -0.15 4.66 -96.22
CA ARG JA 93 1.08 3.93 -96.50
C ARG JA 93 0.80 2.67 -97.32
N TRP JA 94 -0.20 1.89 -96.90
CA TRP JA 94 -0.56 0.70 -97.66
C TRP JA 94 -1.04 1.07 -99.06
N TYR JA 95 -1.87 2.11 -99.16
CA TYR JA 95 -2.33 2.55 -100.46
C TYR JA 95 -1.17 3.01 -101.33
N GLU JA 96 -0.26 3.79 -100.74
CA GLU JA 96 0.93 4.21 -101.48
C GLU JA 96 1.77 3.00 -101.87
N LYS JA 97 1.93 2.05 -100.94
CA LYS JA 97 2.66 0.82 -101.27
C LYS JA 97 1.94 0.05 -102.37
N ALA JA 98 0.62 -0.04 -102.29
CA ALA JA 98 -0.14 -0.75 -103.31
C ALA JA 98 -0.03 -0.07 -104.67
N GLN JA 99 0.33 1.22 -104.70
CA GLN JA 99 0.45 1.91 -105.99
C GLN JA 99 1.50 1.26 -106.86
N ALA JA 100 2.66 0.93 -106.29
CA ALA JA 100 3.73 0.26 -106.99
C ALA JA 100 3.74 -1.23 -106.75
N ALA JA 101 2.76 -1.76 -106.01
CA ALA JA 101 2.73 -3.20 -105.73
C ALA JA 101 2.65 -3.99 -107.02
N LEU JA 102 1.73 -3.61 -107.91
CA LEU JA 102 1.57 -4.25 -109.20
C LEU JA 102 2.31 -3.53 -110.32
N ASP JA 103 3.12 -2.52 -109.98
CA ASP JA 103 3.92 -1.85 -111.01
C ASP JA 103 4.77 -2.84 -111.78
N ARG JA 104 5.22 -3.91 -111.12
CA ARG JA 104 5.92 -5.00 -111.79
C ARG JA 104 4.97 -5.95 -112.48
N GLY JA 105 3.68 -5.63 -112.53
CA GLY JA 105 2.67 -6.55 -112.99
C GLY JA 105 2.13 -7.47 -111.92
N ASN JA 106 2.55 -7.28 -110.66
CA ASN JA 106 2.14 -8.15 -109.56
C ASN JA 106 0.78 -7.68 -109.02
N GLU JA 107 -0.26 -7.97 -109.80
CA GLU JA 107 -1.62 -7.59 -109.40
C GLU JA 107 -2.07 -8.34 -108.15
N GLN JA 108 -1.65 -9.60 -107.99
CA GLN JA 108 -2.11 -10.40 -106.87
C GLN JA 108 -1.72 -9.76 -105.53
N LEU JA 109 -0.48 -9.27 -105.43
CA LEU JA 109 -0.03 -8.69 -104.18
C LEU JA 109 -0.86 -7.46 -103.80
N ALA JA 110 -1.17 -6.62 -104.78
CA ALA JA 110 -1.95 -5.42 -104.50
C ALA JA 110 -3.33 -5.76 -103.95
N ARG JA 111 -3.84 -6.95 -104.26
CA ARG JA 111 -5.15 -7.35 -103.74
C ARG JA 111 -5.16 -7.35 -102.22
N GLU JA 112 -4.11 -7.90 -101.60
CA GLU JA 112 -4.05 -7.97 -100.15
C GLU JA 112 -4.01 -6.59 -99.52
N ALA JA 113 -3.24 -5.67 -100.10
CA ALA JA 113 -3.09 -4.34 -99.52
C ALA JA 113 -4.43 -3.62 -99.47
N LEU JA 114 -5.14 -3.56 -100.60
CA LEU JA 114 -6.43 -2.88 -100.61
C LEU JA 114 -7.43 -3.55 -99.67
N GLY JA 115 -7.42 -4.88 -99.62
CA GLY JA 115 -8.25 -5.57 -98.65
C GLY JA 115 -7.83 -5.28 -97.23
N GLN JA 116 -6.53 -5.14 -97.00
CA GLN JA 116 -6.03 -4.89 -95.64
C GLN JA 116 -6.45 -3.51 -95.14
N ARG JA 117 -6.34 -2.48 -95.99
CA ARG JA 117 -6.60 -1.12 -95.55
C ARG JA 117 -8.07 -0.88 -95.21
N GLN JA 118 -8.98 -1.75 -95.66
CA GLN JA 118 -10.39 -1.54 -95.37
C GLN JA 118 -10.64 -1.62 -93.86
N SER JA 119 -9.98 -2.55 -93.17
CA SER JA 119 -10.14 -2.66 -91.73
C SER JA 119 -9.78 -1.34 -91.05
N TYR JA 120 -8.67 -0.73 -91.45
CA TYR JA 120 -8.28 0.55 -90.88
C TYR JA 120 -9.32 1.63 -91.18
N GLN JA 121 -9.86 1.64 -92.40
CA GLN JA 121 -10.85 2.64 -92.77
C GLN JA 121 -12.07 2.56 -91.86
N SER JA 122 -12.42 1.36 -91.41
CA SER JA 122 -13.58 1.21 -90.53
C SER JA 122 -13.39 2.00 -89.24
N HIS JA 123 -12.20 1.92 -88.65
CA HIS JA 123 -11.94 2.67 -87.42
C HIS JA 123 -12.03 4.17 -87.68
N THR JA 124 -11.49 4.64 -88.80
CA THR JA 124 -11.53 6.06 -89.11
C THR JA 124 -12.96 6.56 -89.19
N GLU JA 125 -13.83 5.81 -89.88
CA GLU JA 125 -15.23 6.21 -89.99
C GLU JA 125 -15.90 6.21 -88.63
N ALA JA 126 -15.62 5.19 -87.80
CA ALA JA 126 -16.24 5.12 -86.49
C ALA JA 126 -15.83 6.30 -85.62
N LEU JA 127 -14.55 6.67 -85.66
CA LEU JA 127 -14.10 7.80 -84.84
C LEU JA 127 -14.64 9.11 -85.38
N GLY JA 128 -14.70 9.27 -86.70
CA GLY JA 128 -15.22 10.52 -87.25
C GLY JA 128 -16.62 10.83 -86.78
N LYS JA 129 -17.48 9.81 -86.73
CA LYS JA 129 -18.82 10.00 -86.21
C LYS JA 129 -18.80 10.33 -84.72
N SER JA 130 -17.91 9.67 -83.96
CA SER JA 130 -17.86 9.88 -82.52
C SER JA 130 -17.47 11.33 -82.19
N LEU JA 131 -16.50 11.88 -82.90
CA LEU JA 131 -16.10 13.26 -82.65
C LEU JA 131 -17.20 14.24 -83.05
N GLY JA 132 -17.98 13.89 -84.08
CA GLY JA 132 -19.00 14.81 -84.55
C GLY JA 132 -19.99 15.20 -83.46
N GLU JA 133 -20.41 14.22 -82.65
CA GLU JA 133 -21.34 14.52 -81.57
C GLU JA 133 -20.63 15.24 -80.43
N GLN JA 134 -19.40 14.83 -80.11
CA GLN JA 134 -18.66 15.49 -79.04
C GLN JA 134 -18.39 16.96 -79.38
N ARG JA 135 -18.08 17.24 -80.65
CA ARG JA 135 -17.69 18.59 -81.03
C ARG JA 135 -18.80 19.59 -80.71
N ALA JA 136 -20.04 19.25 -81.06
CA ALA JA 136 -21.17 20.13 -80.80
C ALA JA 136 -21.69 20.04 -79.38
N LEU JA 137 -21.17 19.10 -78.59
CA LEU JA 137 -21.65 18.95 -77.21
C LEU JA 137 -20.91 19.89 -76.27
N VAL JA 138 -19.58 19.92 -76.35
CA VAL JA 138 -18.80 20.77 -75.45
C VAL JA 138 -19.10 22.24 -75.72
N GLU JA 139 -19.24 22.61 -77.00
CA GLU JA 139 -19.53 24.00 -77.35
C GLU JA 139 -20.76 24.49 -76.61
N GLN JA 140 -21.76 23.62 -76.43
CA GLN JA 140 -22.93 23.97 -75.63
C GLN JA 140 -22.53 24.15 -74.16
N VAL JA 141 -21.63 23.31 -73.66
CA VAL JA 141 -21.21 23.42 -72.27
C VAL JA 141 -20.53 24.75 -72.02
N ARG JA 142 -19.63 25.15 -72.92
CA ARG JA 142 -18.92 26.42 -72.75
C ARG JA 142 -19.90 27.59 -72.60
N GLY JA 143 -21.01 27.55 -73.33
CA GLY JA 143 -21.98 28.62 -73.21
C GLY JA 143 -22.56 28.72 -71.81
N GLN JA 144 -22.87 27.58 -71.19
CA GLN JA 144 -23.39 27.60 -69.84
C GLN JA 144 -22.40 28.20 -68.86
N LEU JA 145 -21.12 27.79 -68.97
CA LEU JA 145 -20.11 28.31 -68.06
C LEU JA 145 -19.94 29.82 -68.24
N GLN JA 146 -19.85 30.28 -69.48
CA GLN JA 146 -19.65 31.70 -69.73
C GLN JA 146 -20.83 32.52 -69.23
N LYS JA 147 -22.05 32.05 -69.49
CA LYS JA 147 -23.23 32.76 -69.00
C LYS JA 147 -23.26 32.78 -67.49
N LEU JA 148 -22.92 31.66 -66.85
CA LEU JA 148 -22.91 31.61 -65.40
C LEU JA 148 -21.95 32.62 -64.81
N GLU JA 149 -20.74 32.70 -65.38
CA GLU JA 149 -19.75 33.66 -64.87
C GLU JA 149 -20.27 35.08 -64.99
N ARG JA 150 -20.89 35.42 -66.12
CA ARG JA 150 -21.46 36.76 -66.28
C ARG JA 150 -22.56 37.00 -65.26
N LYS JA 151 -23.41 35.99 -65.01
CA LYS JA 151 -24.46 36.12 -64.02
C LYS JA 151 -23.90 36.19 -62.61
N TYR JA 152 -22.75 35.56 -62.37
CA TYR JA 152 -22.17 35.54 -61.03
C TYR JA 152 -21.87 36.94 -60.54
N LEU JA 153 -21.24 37.77 -61.38
CA LEU JA 153 -20.80 39.09 -60.95
C LEU JA 153 -21.99 39.97 -60.57
N GLU JA 154 -23.08 39.90 -61.33
CA GLU JA 154 -24.21 40.78 -61.09
C GLU JA 154 -24.77 40.61 -59.68
N LEU JA 155 -24.54 39.46 -59.05
CA LEU JA 155 -24.97 39.26 -57.68
C LEU JA 155 -24.00 39.90 -56.70
N LYS JA 156 -22.71 39.63 -56.86
CA LYS JA 156 -21.72 40.16 -55.92
C LYS JA 156 -21.69 41.67 -55.94
N SER JA 157 -21.86 42.27 -57.13
CA SER JA 157 -21.82 43.72 -57.24
C SER JA 157 -22.93 44.38 -56.42
N GLN JA 158 -23.97 43.63 -56.06
CA GLN JA 158 -25.06 44.18 -55.27
C GLN JA 158 -25.00 43.77 -53.80
N LYS JA 159 -24.32 42.68 -53.47
CA LYS JA 159 -24.35 42.20 -52.09
C LYS JA 159 -23.78 43.25 -51.14
N ASN JA 160 -22.67 43.88 -51.52
CA ASN JA 160 -22.09 44.90 -50.67
C ASN JA 160 -23.05 46.07 -50.48
N LEU JA 161 -23.82 46.41 -51.52
CA LEU JA 161 -24.76 47.51 -51.40
C LEU JA 161 -25.85 47.21 -50.38
N TYR JA 162 -26.39 45.99 -50.40
CA TYR JA 162 -27.43 45.64 -49.44
C TYR JA 162 -26.91 45.68 -48.00
N LEU JA 163 -25.71 45.14 -47.77
CA LEU JA 163 -25.17 45.13 -46.41
C LEU JA 163 -25.04 46.54 -45.86
N ALA JA 164 -24.60 47.48 -46.69
CA ALA JA 164 -24.46 48.86 -46.25
C ALA JA 164 -25.79 49.42 -45.79
N ARG JA 165 -26.85 49.18 -46.57
CA ARG JA 165 -28.17 49.64 -46.17
C ARG JA 165 -28.61 48.98 -44.86
N LEU JA 166 -28.33 47.67 -44.73
CA LEU JA 166 -28.69 46.97 -43.51
C LEU JA 166 -27.97 47.54 -42.30
N LYS JA 167 -26.67 47.81 -42.44
CA LYS JA 167 -25.92 48.38 -41.33
C LYS JA 167 -26.40 49.79 -41.00
N SER JA 168 -26.83 50.54 -42.02
CA SER JA 168 -27.32 51.90 -41.79
C SER JA 168 -28.59 51.89 -40.94
N ALA JA 169 -29.56 51.06 -41.33
CA ALA JA 169 -30.84 51.08 -40.63
C ALA JA 169 -30.75 50.46 -39.26
N ILE JA 170 -30.04 49.33 -39.13
CA ILE JA 170 -29.92 48.68 -37.82
C ILE JA 170 -29.31 49.64 -36.82
N ALA JA 171 -28.26 50.36 -37.21
CA ALA JA 171 -27.67 51.35 -36.32
C ALA JA 171 -28.67 52.46 -36.00
N ALA JA 172 -29.42 52.90 -37.01
CA ALA JA 172 -30.40 53.97 -36.78
C ALA JA 172 -31.41 53.58 -35.72
N GLN JA 173 -31.87 52.33 -35.76
CA GLN JA 173 -32.79 51.85 -34.72
C GLN JA 173 -32.12 51.88 -33.36
N LYS JA 174 -30.84 51.50 -33.29
CA LYS JA 174 -30.14 51.50 -32.02
C LYS JA 174 -30.01 52.92 -31.46
N ILE JA 175 -29.74 53.89 -32.34
CA ILE JA 175 -29.59 55.27 -31.89
C ILE JA 175 -30.92 55.81 -31.36
N GLU JA 176 -32.00 55.57 -32.11
CA GLU JA 176 -33.26 56.23 -31.80
C GLU JA 176 -33.79 55.79 -30.44
N GLU JA 177 -33.70 54.50 -30.12
CA GLU JA 177 -34.21 54.04 -28.84
C GLU JA 177 -33.48 54.69 -27.66
N ILE JA 178 -32.26 55.17 -27.90
CA ILE JA 178 -31.48 55.86 -26.87
C ILE JA 178 -31.71 57.37 -27.01
N ALA JA 179 -32.74 57.75 -27.77
CA ALA JA 179 -32.99 59.18 -27.99
C ALA JA 179 -33.14 59.91 -26.67
N GLY JA 180 -33.66 59.25 -25.64
CA GLY JA 180 -33.82 59.89 -24.35
C GLY JA 180 -34.70 61.12 -24.44
N ASN JA 181 -35.82 61.00 -25.12
CA ASN JA 181 -36.70 62.15 -25.33
C ASN JA 181 -37.12 62.73 -23.98
N LEU JA 182 -36.99 64.06 -23.86
CA LEU JA 182 -37.34 64.72 -22.61
C LEU JA 182 -38.84 64.67 -22.34
N ASP JA 183 -39.65 64.58 -23.39
CA ASP JA 183 -41.10 64.68 -23.23
C ASP JA 183 -41.73 63.41 -22.65
N ASN JA 184 -41.02 62.30 -22.59
CA ASN JA 184 -41.65 61.05 -22.16
C ASN JA 184 -42.20 61.18 -20.74
N ALA JA 185 -41.35 61.64 -19.82
CA ALA JA 185 -41.76 61.82 -18.43
C ALA JA 185 -42.29 60.51 -17.83
N SER JA 186 -41.65 59.40 -18.21
CA SER JA 186 -42.06 58.09 -17.76
C SER JA 186 -40.90 57.17 -17.41
N ALA JA 187 -39.66 57.65 -17.45
CA ALA JA 187 -38.42 56.90 -17.24
C ALA JA 187 -38.06 56.08 -18.47
N SER JA 188 -38.88 56.08 -19.52
CA SER JA 188 -38.48 55.44 -20.76
C SER JA 188 -37.26 56.12 -21.35
N SER JA 189 -37.25 57.45 -21.34
CA SER JA 189 -36.05 58.22 -21.65
C SER JA 189 -35.18 58.28 -20.40
N LEU JA 190 -33.94 57.82 -20.52
CA LEU JA 190 -33.06 57.79 -19.36
C LEU JA 190 -32.83 59.17 -18.77
N PHE JA 191 -32.94 60.23 -19.58
CA PHE JA 191 -32.77 61.58 -19.06
C PHE JA 191 -33.87 61.94 -18.08
N GLU JA 192 -35.13 61.71 -18.46
CA GLU JA 192 -36.23 61.99 -17.54
C GLU JA 192 -36.16 61.11 -16.31
N ARG JA 193 -35.64 59.90 -16.44
CA ARG JA 193 -35.41 59.06 -15.28
C ARG JA 193 -34.42 59.73 -14.32
N ILE JA 194 -33.37 60.33 -14.88
CA ILE JA 194 -32.43 61.10 -14.07
C ILE JA 194 -33.14 62.27 -13.40
N GLU JA 195 -33.98 62.98 -14.16
CA GLU JA 195 -34.68 64.14 -13.60
C GLU JA 195 -35.54 63.73 -12.42
N THR JA 196 -36.22 62.60 -12.53
CA THR JA 196 -36.98 62.09 -11.38
C THR JA 196 -36.06 61.82 -10.20
N LYS JA 197 -34.88 61.28 -10.47
CA LYS JA 197 -33.92 61.00 -9.39
C LYS JA 197 -33.52 62.30 -8.69
N ILE JA 198 -33.29 63.36 -9.46
CA ILE JA 198 -32.85 64.62 -8.87
C ILE JA 198 -33.88 65.14 -7.88
N LEU JA 199 -35.15 65.19 -8.29
CA LEU JA 199 -36.19 65.73 -7.42
C LEU JA 199 -36.41 64.85 -6.20
N GLU JA 200 -36.13 63.55 -6.31
CA GLU JA 200 -36.29 62.66 -5.16
C GLU JA 200 -35.39 63.10 -4.01
N LEU JA 201 -34.12 63.39 -4.29
CA LEU JA 201 -33.20 63.77 -3.25
C LEU JA 201 -33.55 65.14 -2.67
N GLU JA 202 -33.79 66.12 -3.54
CA GLU JA 202 -34.12 67.46 -3.07
C GLU JA 202 -35.35 67.43 -2.16
N ALA JA 203 -36.29 66.53 -2.42
CA ALA JA 203 -37.48 66.44 -1.59
C ALA JA 203 -37.12 66.02 -0.17
N GLU JA 204 -36.20 65.06 -0.02
CA GLU JA 204 -35.85 64.58 1.31
C GLU JA 204 -35.23 65.67 2.16
N ARG JA 205 -34.33 66.47 1.57
CA ARG JA 205 -33.61 67.49 2.34
C ARG JA 205 -34.57 68.53 2.91
N GLU JA 206 -35.48 69.04 2.07
CA GLU JA 206 -36.38 70.09 2.52
C GLU JA 206 -37.26 69.59 3.66
N LEU JA 207 -37.79 68.38 3.55
CA LEU JA 207 -38.65 67.84 4.60
C LEU JA 207 -37.87 67.64 5.90
N LEU JA 208 -36.66 67.08 5.81
CA LEU JA 208 -35.89 66.81 7.01
C LEU JA 208 -35.40 68.09 7.66
N ASN JA 209 -35.31 69.18 6.90
CA ASN JA 209 -34.92 70.49 7.39
C ASN JA 209 -36.03 71.46 7.01
N PRO JA 210 -37.10 71.54 7.79
CA PRO JA 210 -38.24 72.40 7.43
C PRO JA 210 -37.76 73.81 7.10
N PRO JA 211 -37.93 74.25 5.85
CA PRO JA 211 -37.53 75.61 5.48
C PRO JA 211 -38.44 76.64 6.14
N PRO JA 212 -38.02 77.89 6.20
CA PRO JA 212 -38.83 78.92 6.88
C PRO JA 212 -40.22 79.03 6.27
N SER JA 213 -41.20 79.27 7.12
CA SER JA 213 -42.56 79.49 6.65
C SER JA 213 -42.64 80.83 5.92
N PRO JA 214 -43.59 80.97 4.98
CA PRO JA 214 -43.74 82.26 4.30
C PRO JA 214 -44.00 83.41 5.24
N LEU JA 215 -44.72 83.16 6.35
CA LEU JA 215 -44.94 84.21 7.33
C LEU JA 215 -43.63 84.67 7.94
N ASP JA 216 -42.73 83.73 8.26
CA ASP JA 216 -41.41 84.09 8.76
C ASP JA 216 -40.64 84.90 7.71
N LYS JA 217 -40.73 84.49 6.45
CA LYS JA 217 -40.10 85.25 5.38
C LYS JA 217 -40.67 86.67 5.33
N LYS JA 218 -42.00 86.80 5.47
CA LYS JA 218 -42.61 88.13 5.45
C LYS JA 218 -42.02 89.02 6.52
N PHE JA 219 -41.88 88.48 7.75
CA PHE JA 219 -41.35 89.29 8.84
C PHE JA 219 -39.91 89.73 8.57
N GLU JA 220 -39.09 88.83 8.05
CA GLU JA 220 -37.68 89.13 7.87
C GLU JA 220 -37.48 90.34 6.95
N GLN JA 221 -38.07 90.28 5.75
CA GLN JA 221 -37.99 91.43 4.85
C GLN JA 221 -38.76 92.61 5.42
N TRP JA 222 -39.93 92.36 6.02
CA TRP JA 222 -40.72 93.42 6.62
C TRP JA 222 -39.92 94.21 7.64
N GLU JA 223 -38.96 93.55 8.31
CA GLU JA 223 -38.14 94.23 9.30
C GLU JA 223 -37.06 95.09 8.64
N GLU JA 224 -36.47 94.60 7.55
CA GLU JA 224 -35.31 95.28 6.97
C GLU JA 224 -35.65 96.66 6.43
N GLN JA 225 -36.87 96.84 5.93
CA GLN JA 225 -37.23 98.11 5.31
C GLN JA 225 -37.10 99.27 6.31
N GLN JA 226 -37.59 99.07 7.53
CA GLN JA 226 -37.44 100.10 8.55
C GLN JA 226 -35.98 100.30 8.92
N ALA JA 227 -35.22 99.20 9.01
CA ALA JA 227 -33.81 99.32 9.39
C ALA JA 227 -33.04 100.18 8.39
N VAL JA 228 -33.24 99.91 7.09
CA VAL JA 228 -32.57 100.72 6.08
C VAL JA 228 -33.16 102.12 6.02
N GLU JA 229 -34.49 102.22 6.11
CA GLU JA 229 -35.13 103.53 6.08
C GLU JA 229 -34.80 104.34 7.33
N ALA JA 230 -34.82 103.68 8.50
CA ALA JA 230 -34.46 104.38 9.73
C ALA JA 230 -33.00 104.84 9.67
N THR JA 231 -32.11 103.97 9.19
CA THR JA 231 -30.73 104.39 8.99
C THR JA 231 -30.64 105.48 7.92
N LEU JA 232 -31.40 105.31 6.84
CA LEU JA 232 -31.45 106.37 5.82
C LEU JA 232 -32.13 107.61 6.34
N ALA JA 233 -33.18 107.45 7.15
CA ALA JA 233 -33.82 108.61 7.77
C ALA JA 233 -32.84 109.36 8.66
N ALA JA 234 -32.05 108.62 9.44
CA ALA JA 234 -31.00 109.24 10.23
C ALA JA 234 -29.81 109.65 9.37
N MET JA 235 -29.63 109.05 8.20
CA MET JA 235 -28.54 109.45 7.32
C MET JA 235 -28.65 110.92 6.96
N LYS JA 236 -29.84 111.34 6.50
CA LYS JA 236 -30.05 112.76 6.21
C LYS JA 236 -29.95 113.59 7.49
N ALA JA 237 -30.54 113.09 8.59
CA ALA JA 237 -30.51 113.84 9.83
C ALA JA 237 -29.11 113.90 10.43
N ARG JA 238 -28.40 112.76 10.48
CA ARG JA 238 -27.06 112.77 11.06
C ARG JA 238 -26.12 113.65 10.26
N ARG JA 239 -26.20 113.57 8.93
CA ARG JA 239 -25.42 114.47 8.09
C ARG JA 239 -25.96 115.88 8.15
N SER JA 240 -27.28 116.02 8.27
CA SER JA 240 -27.91 117.34 8.34
C SER JA 240 -29.25 117.26 9.07
N GLN KA 45 14.58 -57.09 -3.13
CA GLN KA 45 15.91 -57.75 -3.15
C GLN KA 45 16.86 -56.98 -4.06
N GLU KA 46 18.16 -57.12 -3.79
CA GLU KA 46 19.21 -56.45 -4.55
C GLU KA 46 20.02 -57.49 -5.32
N ALA KA 47 21.02 -57.02 -6.05
CA ALA KA 47 21.89 -57.93 -6.77
C ALA KA 47 22.63 -58.81 -5.77
N PRO KA 48 22.74 -60.12 -6.02
CA PRO KA 48 23.40 -60.99 -5.04
C PRO KA 48 24.84 -60.60 -4.75
N GLU KA 49 25.56 -60.13 -5.77
CA GLU KA 49 26.95 -59.74 -5.57
C GLU KA 49 27.07 -58.55 -4.62
N ASP KA 50 26.17 -57.58 -4.73
CA ASP KA 50 26.26 -56.39 -3.90
C ASP KA 50 26.12 -56.74 -2.42
N LEU KA 51 25.21 -57.67 -2.10
CA LEU KA 51 25.03 -58.07 -0.71
C LEU KA 51 26.32 -58.63 -0.13
N LEU KA 52 27.07 -59.39 -0.92
CA LEU KA 52 28.24 -60.09 -0.39
C LEU KA 52 29.23 -59.11 0.21
N GLU KA 53 29.52 -58.01 -0.49
CA GLU KA 53 30.43 -57.02 0.03
C GLU KA 53 29.89 -56.39 1.30
N ARG KA 54 28.61 -56.02 1.29
CA ARG KA 54 28.01 -55.38 2.46
C ARG KA 54 27.94 -56.34 3.64
N LEU KA 55 27.60 -57.61 3.38
CA LEU KA 55 27.45 -58.57 4.47
C LEU KA 55 28.76 -58.77 5.23
N LEU KA 56 29.87 -58.94 4.50
CA LEU KA 56 31.14 -59.18 5.16
C LEU KA 56 31.59 -57.96 5.95
N GLY KA 57 31.34 -56.77 5.43
CA GLY KA 57 31.69 -55.56 6.18
C GLY KA 57 31.01 -55.52 7.53
N GLU KA 58 29.74 -55.92 7.59
CA GLU KA 58 29.07 -56.04 8.87
C GLU KA 58 29.70 -57.14 9.72
N MET KA 59 30.06 -58.26 9.09
CA MET KA 59 30.65 -59.37 9.84
C MET KA 59 31.98 -58.96 10.47
N GLU KA 60 32.84 -58.28 9.71
CA GLU KA 60 34.12 -57.86 10.26
C GLU KA 60 33.94 -56.87 11.41
N LEU KA 61 33.00 -55.94 11.26
CA LEU KA 61 32.75 -54.97 12.32
C LEU KA 61 32.31 -55.67 13.60
N GLU KA 62 31.46 -56.68 13.47
CA GLU KA 62 30.95 -57.38 14.66
C GLU KA 62 32.08 -58.11 15.40
N LEU KA 63 33.01 -58.70 14.66
CA LEU KA 63 34.01 -59.57 15.29
C LEU KA 63 34.87 -58.79 16.28
N ILE KA 64 35.31 -57.59 15.92
CA ILE KA 64 36.15 -56.82 16.82
C ILE KA 64 35.39 -56.45 18.08
N GLU KA 65 34.08 -56.20 17.95
CA GLU KA 65 33.26 -55.92 19.12
C GLU KA 65 33.28 -57.11 20.08
N LEU KA 66 33.19 -58.32 19.53
CA LEU KA 66 33.36 -59.51 20.35
C LEU KA 66 34.75 -59.53 20.99
N ARG KA 67 35.78 -59.21 20.22
CA ARG KA 67 37.14 -59.20 20.76
C ARG KA 67 37.25 -58.21 21.91
N ARG KA 68 36.68 -57.02 21.76
CA ARG KA 68 36.75 -56.02 22.82
C ARG KA 68 36.02 -56.49 24.07
N ALA KA 69 34.84 -57.08 23.89
CA ALA KA 69 34.03 -57.49 25.04
C ALA KA 69 34.73 -58.55 25.86
N LEU KA 70 35.31 -59.55 25.19
CA LEU KA 70 35.98 -60.64 25.91
C LEU KA 70 37.07 -60.11 26.83
N ALA KA 71 37.75 -59.03 26.44
CA ALA KA 71 38.80 -58.49 27.28
C ALA KA 71 38.24 -58.02 28.62
N GLN KA 72 37.07 -57.38 28.61
CA GLN KA 72 36.48 -56.90 29.86
C GLN KA 72 36.20 -58.05 30.81
N THR KA 73 35.81 -59.21 30.27
CA THR KA 73 35.61 -60.39 31.11
C THR KA 73 36.91 -60.76 31.82
N ILE KA 74 38.04 -60.71 31.11
CA ILE KA 74 39.32 -61.07 31.70
C ILE KA 74 39.65 -60.13 32.85
N ALA KA 75 39.32 -58.85 32.71
CA ALA KA 75 39.64 -57.88 33.74
C ALA KA 75 39.02 -58.27 35.08
N THR KA 76 37.73 -58.60 35.08
CA THR KA 76 37.07 -58.99 36.32
C THR KA 76 37.65 -60.30 36.84
N PHE KA 77 37.90 -61.26 35.95
CA PHE KA 77 38.49 -62.53 36.36
C PHE KA 77 39.82 -62.31 37.07
N LYS KA 78 40.65 -61.41 36.54
CA LYS KA 78 41.90 -61.08 37.21
C LYS KA 78 41.66 -60.20 38.43
N SER KA 79 40.74 -59.24 38.34
CA SER KA 79 40.52 -58.31 39.42
C SER KA 79 40.08 -59.01 40.69
N THR KA 80 39.09 -59.90 40.59
CA THR KA 80 38.62 -60.61 41.77
C THR KA 80 39.71 -61.49 42.35
N GLU KA 81 40.49 -62.15 41.48
CA GLU KA 81 41.58 -63.00 41.96
C GLU KA 81 42.58 -62.20 42.78
N ARG KA 82 42.93 -61.00 42.30
CA ARG KA 82 43.77 -60.11 43.11
C ARG KA 82 43.05 -59.71 44.38
N GLN KA 83 41.75 -59.45 44.30
CA GLN KA 83 40.98 -59.11 45.48
C GLN KA 83 40.96 -60.27 46.47
N ARG KA 84 40.86 -61.50 45.96
CA ARG KA 84 40.81 -62.67 46.82
C ARG KA 84 42.07 -62.78 47.67
N ASP KA 85 43.23 -62.56 47.05
CA ASP KA 85 44.49 -62.69 47.78
C ASP KA 85 44.57 -61.72 48.94
N ALA KA 86 43.94 -60.55 48.81
CA ALA KA 86 44.01 -59.55 49.87
C ALA KA 86 43.38 -60.06 51.15
N GLN KA 87 42.22 -60.71 51.06
CA GLN KA 87 41.50 -61.14 52.26
C GLN KA 87 42.30 -62.15 53.05
N GLN KA 88 42.82 -63.19 52.38
CA GLN KA 88 43.58 -64.21 53.09
C GLN KA 88 44.81 -63.60 53.75
N LEU KA 89 45.41 -62.59 53.13
CA LEU KA 89 46.54 -61.91 53.74
C LEU KA 89 46.15 -61.29 55.08
N ILE KA 90 44.95 -60.68 55.13
CA ILE KA 90 44.47 -60.12 56.39
C ILE KA 90 44.29 -61.22 57.42
N ALA KA 91 43.69 -62.35 57.02
CA ALA KA 91 43.52 -63.46 57.94
C ALA KA 91 44.87 -63.96 58.45
N GLN KA 92 45.88 -63.97 57.58
CA GLN KA 92 47.21 -64.36 58.01
C GLN KA 92 47.73 -63.44 59.11
N ARG KA 93 47.46 -62.14 58.99
CA ARG KA 93 47.92 -61.20 60.00
C ARG KA 93 47.34 -61.55 61.37
N TRP KA 94 46.04 -61.83 61.43
CA TRP KA 94 45.43 -62.24 62.69
C TRP KA 94 46.04 -63.54 63.19
N TYR KA 95 46.21 -64.51 62.28
CA TYR KA 95 46.83 -65.77 62.68
C TYR KA 95 48.25 -65.54 63.18
N GLU KA 96 49.03 -64.72 62.46
CA GLU KA 96 50.37 -64.40 62.92
C GLU KA 96 50.33 -63.68 64.26
N LYS KA 97 49.40 -62.74 64.41
CA LYS KA 97 49.24 -62.06 65.69
C LYS KA 97 48.83 -63.04 66.78
N ALA KA 98 47.92 -63.96 66.47
CA ALA KA 98 47.50 -64.96 67.44
C ALA KA 98 48.64 -65.88 67.84
N GLN KA 99 49.69 -65.99 67.01
CA GLN KA 99 50.80 -66.86 67.34
C GLN KA 99 51.47 -66.43 68.64
N ALA KA 100 51.70 -65.12 68.79
CA ALA KA 100 52.29 -64.57 70.00
C ALA KA 100 51.24 -63.99 70.95
N ALA KA 101 49.95 -64.13 70.62
CA ALA KA 101 48.90 -63.60 71.48
C ALA KA 101 48.96 -64.23 72.87
N LEU KA 102 49.07 -65.56 72.92
CA LEU KA 102 49.18 -66.29 74.17
C LEU KA 102 50.64 -66.61 74.53
N ASP KA 103 51.60 -66.08 73.79
CA ASP KA 103 53.01 -66.30 74.14
C ASP KA 103 53.28 -65.85 75.56
N ARG KA 104 52.58 -64.82 76.04
CA ARG KA 104 52.65 -64.40 77.44
C ARG KA 104 51.79 -65.28 78.34
N GLY KA 105 51.23 -66.36 77.82
CA GLY KA 105 50.24 -67.15 78.53
C GLY KA 105 48.82 -66.64 78.39
N ASN KA 106 48.60 -65.62 77.57
CA ASN KA 106 47.27 -65.02 77.39
C ASN KA 106 46.48 -65.84 76.37
N GLU KA 107 46.01 -67.00 76.82
CA GLU KA 107 45.23 -67.87 75.96
C GLU KA 107 43.89 -67.25 75.60
N GLN KA 108 43.29 -66.49 76.52
CA GLN KA 108 41.96 -65.94 76.28
C GLN KA 108 41.97 -65.02 75.07
N LEU KA 109 42.99 -64.16 74.94
CA LEU KA 109 43.03 -63.23 73.83
C LEU KA 109 43.10 -63.95 72.49
N ALA KA 110 43.91 -65.02 72.42
CA ALA KA 110 44.04 -65.75 71.17
C ALA KA 110 42.71 -66.35 70.73
N ARG KA 111 41.80 -66.59 71.67
CA ARG KA 111 40.50 -67.15 71.31
C ARG KA 111 39.76 -66.23 70.35
N GLU KA 112 39.77 -64.92 70.62
CA GLU KA 112 39.06 -63.98 69.76
C GLU KA 112 39.65 -63.95 68.36
N ALA KA 113 40.98 -63.97 68.25
CA ALA KA 113 41.62 -63.87 66.95
C ALA KA 113 41.22 -65.04 66.05
N LEU KA 114 41.36 -66.27 66.54
CA LEU KA 114 40.99 -67.43 65.73
C LEU KA 114 39.51 -67.43 65.39
N GLY KA 115 38.66 -67.03 66.33
CA GLY KA 115 37.25 -66.87 66.01
C GLY KA 115 37.01 -65.77 65.00
N GLN KA 116 37.79 -64.69 65.07
CA GLN KA 116 37.61 -63.58 64.16
C GLN KA 116 37.96 -63.95 62.72
N ARG KA 117 39.07 -64.66 62.53
CA ARG KA 117 39.55 -64.98 61.19
C ARG KA 117 38.64 -65.93 60.44
N GLN KA 118 37.76 -66.65 61.14
CA GLN KA 118 36.86 -67.57 60.44
C GLN KA 118 35.94 -66.83 59.49
N SER KA 119 35.44 -65.66 59.89
CA SER KA 119 34.59 -64.88 59.02
C SER KA 119 35.30 -64.55 57.71
N TYR KA 120 36.57 -64.14 57.79
CA TYR KA 120 37.33 -63.86 56.58
C TYR KA 120 37.49 -65.11 55.73
N GLN KA 121 37.77 -66.25 56.37
CA GLN KA 121 37.95 -67.48 55.62
C GLN KA 121 36.71 -67.82 54.80
N SER KA 122 35.52 -67.48 55.31
CA SER KA 122 34.30 -67.77 54.58
C SER KA 122 34.30 -67.07 53.22
N HIS KA 123 34.69 -65.80 53.20
CA HIS KA 123 34.74 -65.07 51.94
C HIS KA 123 35.73 -65.69 50.98
N THR KA 124 36.90 -66.10 51.49
CA THR KA 124 37.91 -66.71 50.63
C THR KA 124 37.37 -67.97 49.96
N GLU KA 125 36.71 -68.82 50.73
CA GLU KA 125 36.14 -70.05 50.17
C GLU KA 125 35.08 -69.72 49.13
N ALA KA 126 34.22 -68.74 49.43
CA ALA KA 126 33.16 -68.38 48.49
C ALA KA 126 33.73 -67.88 47.18
N LEU KA 127 34.77 -67.04 47.24
CA LEU KA 127 35.36 -66.51 46.02
C LEU KA 127 36.11 -67.60 45.25
N GLY KA 128 36.80 -68.50 45.96
CA GLY KA 128 37.53 -69.56 45.27
C GLY KA 128 36.63 -70.40 44.40
N LYS KA 129 35.44 -70.74 44.90
CA LYS KA 129 34.48 -71.48 44.09
C LYS KA 129 33.99 -70.64 42.92
N SER KA 130 33.76 -69.34 43.14
CA SER KA 130 33.24 -68.49 42.08
C SER KA 130 34.21 -68.40 40.91
N LEU KA 131 35.50 -68.25 41.20
CA LEU KA 131 36.49 -68.17 40.13
C LEU KA 131 36.61 -69.51 39.40
N GLY KA 132 36.41 -70.62 40.11
CA GLY KA 132 36.57 -71.92 39.48
C GLY KA 132 35.68 -72.09 38.27
N GLU KA 133 34.43 -71.66 38.36
CA GLU KA 133 33.53 -71.79 37.22
C GLU KA 133 33.86 -70.75 36.14
N GLN KA 134 34.22 -69.54 36.55
CA GLN KA 134 34.58 -68.51 35.57
C GLN KA 134 35.82 -68.91 34.79
N ARG KA 135 36.79 -69.52 35.45
CA ARG KA 135 38.06 -69.84 34.80
C ARG KA 135 37.85 -70.75 33.59
N ALA KA 136 37.04 -71.79 33.76
CA ALA KA 136 36.77 -72.73 32.68
C ALA KA 136 35.71 -72.22 31.71
N LEU KA 137 35.06 -71.10 32.02
CA LEU KA 137 34.01 -70.58 31.14
C LEU KA 137 34.61 -69.71 30.03
N VAL KA 138 35.48 -68.77 30.40
CA VAL KA 138 36.07 -67.88 29.40
C VAL KA 138 36.91 -68.68 28.42
N GLU KA 139 37.68 -69.65 28.93
CA GLU KA 139 38.53 -70.46 28.06
C GLU KA 139 37.72 -71.07 26.92
N GLN KA 140 36.48 -71.47 27.20
CA GLN KA 140 35.60 -71.94 26.14
C GLN KA 140 35.25 -70.82 25.17
N VAL KA 141 35.04 -69.61 25.70
CA VAL KA 141 34.70 -68.47 24.85
C VAL KA 141 35.84 -68.18 23.87
N ARG KA 142 37.08 -68.17 24.38
CA ARG KA 142 38.22 -67.88 23.51
C ARG KA 142 38.27 -68.83 22.33
N GLY KA 143 37.92 -70.10 22.54
CA GLY KA 143 37.92 -71.05 21.44
C GLY KA 143 36.96 -70.66 20.34
N GLN KA 144 35.76 -70.20 20.70
CA GLN KA 144 34.79 -69.78 19.69
C GLN KA 144 35.32 -68.60 18.89
N LEU KA 145 35.89 -67.61 19.57
CA LEU KA 145 36.42 -66.44 18.85
C LEU KA 145 37.54 -66.84 17.91
N GLN KA 146 38.49 -67.65 18.39
CA GLN KA 146 39.62 -68.04 17.55
C GLN KA 146 39.16 -68.84 16.34
N LYS KA 147 38.23 -69.79 16.55
CA LYS KA 147 37.71 -70.57 15.44
C LYS KA 147 36.98 -69.67 14.44
N LEU KA 148 36.20 -68.72 14.94
CA LEU KA 148 35.46 -67.83 14.06
C LEU KA 148 36.41 -67.01 13.18
N GLU KA 149 37.49 -66.49 13.78
CA GLU KA 149 38.44 -65.71 13.01
C GLU KA 149 39.07 -66.56 11.91
N ARG KA 150 39.44 -67.79 12.23
CA ARG KA 150 40.00 -68.68 11.21
C ARG KA 150 38.97 -68.95 10.11
N LYS KA 151 37.71 -69.15 10.49
CA LYS KA 151 36.67 -69.38 9.50
C LYS KA 151 36.38 -68.11 8.70
N TYR KA 152 36.59 -66.94 9.29
CA TYR KA 152 36.29 -65.70 8.59
C TYR KA 152 37.11 -65.55 7.33
N LEU KA 153 38.42 -65.82 7.42
CA LEU KA 153 39.30 -65.60 6.28
C LEU KA 153 38.95 -66.49 5.10
N GLU KA 154 38.59 -67.75 5.37
CA GLU KA 154 38.32 -68.69 4.29
C GLU KA 154 37.19 -68.22 3.39
N LEU KA 155 36.33 -67.33 3.89
CA LEU KA 155 35.27 -66.77 3.05
C LEU KA 155 35.80 -65.63 2.19
N LYS KA 156 36.51 -64.68 2.81
CA LYS KA 156 37.01 -63.53 2.09
C LYS KA 156 37.98 -63.93 1.00
N SER KA 157 38.82 -64.94 1.27
CA SER KA 157 39.80 -65.37 0.29
C SER KA 157 39.13 -65.89 -0.99
N GLN KA 158 37.85 -66.23 -0.93
CA GLN KA 158 37.12 -66.72 -2.10
C GLN KA 158 36.22 -65.69 -2.73
N LYS KA 159 35.79 -64.67 -1.97
CA LYS KA 159 34.82 -63.73 -2.50
C LYS KA 159 35.37 -63.00 -3.73
N ASN KA 160 36.63 -62.58 -3.67
CA ASN KA 160 37.22 -61.91 -4.82
C ASN KA 160 37.26 -62.83 -6.03
N LEU KA 161 37.50 -64.13 -5.81
CA LEU KA 161 37.55 -65.07 -6.92
C LEU KA 161 36.20 -65.18 -7.62
N TYR KA 162 35.11 -65.25 -6.85
CA TYR KA 162 33.79 -65.35 -7.47
C TYR KA 162 33.45 -64.10 -8.27
N LEU KA 163 33.74 -62.92 -7.73
CA LEU KA 163 33.42 -61.69 -8.45
C LEU KA 163 34.12 -61.65 -9.80
N ALA KA 164 35.38 -62.08 -9.85
CA ALA KA 164 36.11 -62.08 -11.11
C ALA KA 164 35.41 -62.96 -12.14
N ARG KA 165 34.98 -64.15 -11.73
CA ARG KA 165 34.25 -65.02 -12.65
C ARG KA 165 32.96 -64.37 -13.09
N LEU KA 166 32.25 -63.74 -12.16
CA LEU KA 166 31.00 -63.07 -12.51
C LEU KA 166 31.23 -61.95 -13.52
N LYS KA 167 32.27 -61.14 -13.30
CA LYS KA 167 32.55 -60.06 -14.25
C LYS KA 167 32.98 -60.61 -15.60
N SER KA 168 33.66 -61.76 -15.61
CA SER KA 168 34.10 -62.35 -16.87
C SER KA 168 32.91 -62.78 -17.72
N ALA KA 169 31.97 -63.51 -17.11
CA ALA KA 169 30.85 -64.06 -17.88
C ALA KA 169 29.86 -62.98 -18.28
N ILE KA 170 29.55 -62.07 -17.35
CA ILE KA 170 28.59 -61.01 -17.67
C ILE KA 170 29.08 -60.21 -18.87
N ALA KA 171 30.36 -59.86 -18.88
CA ALA KA 171 30.92 -59.15 -20.03
C ALA KA 171 30.84 -60.00 -21.29
N ALA KA 172 31.14 -61.30 -21.16
CA ALA KA 172 31.10 -62.17 -22.32
C ALA KA 172 29.71 -62.18 -22.95
N GLN KA 173 28.66 -62.22 -22.13
CA GLN KA 173 27.31 -62.13 -22.67
C GLN KA 173 27.09 -60.82 -23.41
N LYS KA 174 27.60 -59.71 -22.85
CA LYS KA 174 27.44 -58.42 -23.49
C LYS KA 174 28.13 -58.38 -24.84
N ILE KA 175 29.33 -58.97 -24.93
CA ILE KA 175 30.06 -58.96 -26.19
C ILE KA 175 29.33 -59.79 -27.23
N GLU KA 176 28.87 -60.98 -26.86
CA GLU KA 176 28.35 -61.91 -27.85
C GLU KA 176 27.10 -61.36 -28.53
N GLU KA 177 26.20 -60.75 -27.77
CA GLU KA 177 24.98 -60.22 -28.36
C GLU KA 177 25.28 -59.15 -29.40
N ILE KA 178 26.44 -58.52 -29.31
CA ILE KA 178 26.86 -57.50 -30.27
C ILE KA 178 27.72 -58.17 -31.34
N ALA KA 179 27.69 -59.50 -31.39
CA ALA KA 179 28.52 -60.21 -32.37
C ALA KA 179 28.27 -59.72 -33.77
N GLY KA 180 27.03 -59.30 -34.07
CA GLY KA 180 26.71 -58.82 -35.40
C GLY KA 180 27.00 -59.86 -36.45
N ASN KA 181 26.55 -61.09 -36.22
CA ASN KA 181 26.81 -62.18 -37.15
C ASN KA 181 26.29 -61.83 -38.53
N LEU KA 182 27.13 -62.04 -39.54
CA LEU KA 182 26.73 -61.71 -40.91
C LEU KA 182 25.64 -62.65 -41.42
N ASP KA 183 25.59 -63.87 -40.89
CA ASP KA 183 24.68 -64.89 -41.41
C ASP KA 183 23.23 -64.67 -41.02
N ASN KA 184 22.93 -63.80 -40.06
CA ASN KA 184 21.55 -63.66 -39.58
C ASN KA 184 20.62 -63.23 -40.71
N ALA KA 185 20.99 -62.17 -41.42
CA ALA KA 185 20.19 -61.68 -42.54
C ALA KA 185 18.76 -61.36 -42.09
N SER KA 186 18.64 -60.80 -40.88
CA SER KA 186 17.34 -60.48 -40.30
C SER KA 186 17.33 -59.16 -39.56
N ALA KA 187 18.42 -58.38 -39.58
CA ALA KA 187 18.61 -57.13 -38.87
C ALA KA 187 18.91 -57.38 -37.39
N SER KA 188 18.91 -58.62 -36.93
CA SER KA 188 19.35 -58.91 -35.57
C SER KA 188 20.81 -58.54 -35.40
N SER KA 189 21.65 -58.89 -36.37
CA SER KA 189 23.01 -58.39 -36.44
C SER KA 189 22.99 -57.00 -37.07
N LEU KA 190 23.52 -56.02 -36.35
CA LEU KA 190 23.48 -54.65 -36.84
C LEU KA 190 24.20 -54.50 -38.17
N PHE KA 191 25.19 -55.37 -38.45
CA PHE KA 191 25.89 -55.29 -39.73
C PHE KA 191 24.97 -55.61 -40.89
N GLU KA 192 24.23 -56.72 -40.79
CA GLU KA 192 23.29 -57.06 -41.85
C GLU KA 192 22.19 -56.03 -41.98
N ARG KA 193 21.82 -55.38 -40.87
CA ARG KA 193 20.88 -54.27 -40.95
C ARG KA 193 21.44 -53.14 -41.80
N ILE KA 194 22.74 -52.86 -41.62
CA ILE KA 194 23.41 -51.87 -42.47
C ILE KA 194 23.38 -52.32 -43.92
N GLU KA 195 23.68 -53.60 -44.17
CA GLU KA 195 23.70 -54.10 -45.54
C GLU KA 195 22.35 -53.92 -46.21
N THR KA 196 21.26 -54.17 -45.48
CA THR KA 196 19.93 -53.92 -46.03
C THR KA 196 19.76 -52.44 -46.35
N LYS KA 197 20.27 -51.57 -45.49
CA LYS KA 197 20.18 -50.13 -45.74
C LYS KA 197 20.90 -49.76 -47.03
N ILE KA 198 22.08 -50.35 -47.26
CA ILE KA 198 22.86 -50.00 -48.45
C ILE KA 198 22.07 -50.31 -49.71
N LEU KA 199 21.51 -51.52 -49.80
CA LEU KA 199 20.79 -51.92 -51.00
C LEU KA 199 19.53 -51.10 -51.20
N GLU KA 200 18.94 -50.61 -50.10
CA GLU KA 200 17.74 -49.79 -50.22
C GLU KA 200 18.00 -48.54 -51.05
N LEU KA 201 19.11 -47.85 -50.76
CA LEU KA 201 19.42 -46.62 -51.48
C LEU KA 201 19.78 -46.91 -52.93
N GLU KA 202 20.66 -47.88 -53.16
CA GLU KA 202 21.06 -48.21 -54.52
C GLU KA 202 19.86 -48.57 -55.38
N ALA KA 203 18.84 -49.18 -54.78
CA ALA KA 203 17.64 -49.54 -55.54
C ALA KA 203 16.92 -48.30 -56.05
N GLU KA 204 16.82 -47.26 -55.22
CA GLU KA 204 16.10 -46.06 -55.62
C GLU KA 204 16.77 -45.38 -56.81
N ARG KA 205 18.10 -45.29 -56.79
CA ARG KA 205 18.79 -44.56 -57.85
C ARG KA 205 18.58 -45.21 -59.20
N GLU KA 206 18.74 -46.54 -59.28
CA GLU KA 206 18.62 -47.23 -60.55
C GLU KA 206 17.24 -47.07 -61.14
N LEU KA 207 16.20 -47.19 -60.30
CA LEU KA 207 14.84 -47.04 -60.80
C LEU KA 207 14.56 -45.63 -61.27
N LEU KA 208 15.01 -44.62 -60.51
CA LEU KA 208 14.73 -43.24 -60.89
C LEU KA 208 15.52 -42.83 -62.11
N ASN KA 209 16.62 -43.54 -62.41
CA ASN KA 209 17.44 -43.30 -63.59
C ASN KA 209 17.56 -44.62 -64.32
N PRO KA 210 16.58 -44.97 -65.14
CA PRO KA 210 16.58 -46.27 -65.82
C PRO KA 210 17.91 -46.51 -66.53
N PRO KA 211 18.68 -47.51 -66.10
CA PRO KA 211 19.95 -47.80 -66.77
C PRO KA 211 19.71 -48.36 -68.15
N PRO KA 212 20.73 -48.36 -69.01
CA PRO KA 212 20.54 -48.82 -70.39
C PRO KA 212 20.05 -50.27 -70.42
N SER KA 213 19.18 -50.55 -71.39
CA SER KA 213 18.71 -51.91 -71.58
C SER KA 213 19.84 -52.78 -72.12
N PRO KA 214 19.79 -54.09 -71.88
CA PRO KA 214 20.84 -54.97 -72.41
C PRO KA 214 20.93 -54.91 -73.92
N LEU KA 215 19.81 -54.72 -74.61
CA LEU KA 215 19.86 -54.57 -76.07
C LEU KA 215 20.66 -53.34 -76.46
N ASP KA 216 20.48 -52.22 -75.75
CA ASP KA 216 21.28 -51.03 -76.01
C ASP KA 216 22.76 -51.32 -75.75
N LYS KA 217 23.05 -52.03 -74.66
CA LYS KA 217 24.43 -52.43 -74.39
C LYS KA 217 24.99 -53.26 -75.53
N LYS KA 218 24.18 -54.20 -76.04
CA LYS KA 218 24.64 -55.04 -77.15
C LYS KA 218 25.04 -54.18 -78.34
N PHE KA 219 24.22 -53.20 -78.70
CA PHE KA 219 24.52 -52.36 -79.85
C PHE KA 219 25.81 -51.58 -79.65
N GLU KA 220 26.01 -51.03 -78.45
CA GLU KA 220 27.16 -50.16 -78.22
C GLU KA 220 28.46 -50.91 -78.45
N GLN KA 221 28.64 -52.05 -77.81
CA GLN KA 221 29.83 -52.86 -78.06
C GLN KA 221 29.82 -53.41 -79.47
N TRP KA 222 28.66 -53.85 -79.94
CA TRP KA 222 28.55 -54.36 -81.30
C TRP KA 222 29.04 -53.35 -82.33
N GLU KA 223 28.90 -52.06 -82.05
CA GLU KA 223 29.36 -51.04 -82.97
C GLU KA 223 30.88 -50.86 -82.91
N GLU KA 224 31.46 -50.95 -81.72
CA GLU KA 224 32.87 -50.62 -81.56
C GLU KA 224 33.78 -51.58 -82.31
N GLN KA 225 33.39 -52.85 -82.43
CA GLN KA 225 34.26 -53.83 -83.06
C GLN KA 225 34.58 -53.45 -84.49
N GLN KA 226 33.57 -53.02 -85.24
CA GLN KA 226 33.81 -52.57 -86.61
C GLN KA 226 34.67 -51.31 -86.63
N ALA KA 227 34.41 -50.38 -85.70
CA ALA KA 227 35.17 -49.14 -85.68
C ALA KA 227 36.65 -49.41 -85.48
N VAL KA 228 36.99 -50.26 -84.51
CA VAL KA 228 38.40 -50.60 -84.29
C VAL KA 228 38.93 -51.46 -85.42
N GLU KA 229 38.13 -52.43 -85.89
CA GLU KA 229 38.57 -53.28 -86.99
C GLU KA 229 38.67 -52.50 -88.28
N ALA KA 230 37.69 -51.62 -88.55
CA ALA KA 230 37.77 -50.80 -89.75
C ALA KA 230 38.97 -49.88 -89.69
N THR KA 231 39.22 -49.25 -88.54
CA THR KA 231 40.43 -48.46 -88.37
C THR KA 231 41.66 -49.34 -88.47
N LEU KA 232 41.63 -50.52 -87.85
CA LEU KA 232 42.73 -51.46 -87.98
C LEU KA 232 42.84 -52.00 -89.40
N ALA KA 233 41.71 -52.24 -90.05
CA ALA KA 233 41.74 -52.67 -91.45
C ALA KA 233 42.38 -51.60 -92.32
N ALA KA 234 42.03 -50.34 -92.09
CA ALA KA 234 42.69 -49.23 -92.78
C ALA KA 234 44.09 -48.98 -92.24
N MET KA 235 44.39 -49.39 -91.01
CA MET KA 235 45.73 -49.23 -90.48
C MET KA 235 46.76 -49.93 -91.35
N LYS KA 236 46.51 -51.21 -91.66
CA LYS KA 236 47.40 -51.92 -92.57
C LYS KA 236 47.36 -51.31 -93.96
N ALA KA 237 46.17 -50.94 -94.43
CA ALA KA 237 46.05 -50.37 -95.77
C ALA KA 237 46.68 -48.98 -95.85
N ARG KA 238 46.37 -48.11 -94.87
CA ARG KA 238 46.92 -46.76 -94.92
C ARG KA 238 48.44 -46.78 -94.81
N ARG KA 239 48.99 -47.63 -93.93
CA ARG KA 239 50.43 -47.80 -93.86
C ARG KA 239 50.94 -48.55 -95.08
N SER KA 240 50.16 -49.50 -95.58
CA SER KA 240 50.56 -50.29 -96.74
C SER KA 240 49.34 -50.83 -97.48
N GLN LA 45 -26.57 22.18 48.73
CA GLN LA 45 -26.14 23.34 49.55
C GLN LA 45 -24.64 23.29 49.81
N GLU LA 46 -24.06 24.46 50.06
CA GLU LA 46 -22.62 24.60 50.31
C GLU LA 46 -22.41 25.02 51.76
N ALA LA 47 -21.15 25.20 52.13
CA ALA LA 47 -20.84 25.66 53.47
C ALA LA 47 -21.41 27.06 53.66
N PRO LA 48 -22.04 27.35 54.80
CA PRO LA 48 -22.65 28.68 54.98
C PRO LA 48 -21.64 29.81 54.87
N GLU LA 49 -20.42 29.60 55.34
CA GLU LA 49 -19.41 30.66 55.29
C GLU LA 49 -19.05 31.01 53.84
N ASP LA 50 -18.95 29.99 52.98
CA ASP LA 50 -18.56 30.23 51.59
C ASP LA 50 -19.57 31.12 50.88
N LEU LA 51 -20.86 30.90 51.13
CA LEU LA 51 -21.89 31.72 50.49
C LEU LA 51 -21.73 33.18 50.85
N LEU LA 52 -21.35 33.47 52.10
CA LEU LA 52 -21.33 34.85 52.56
C LEU LA 52 -20.38 35.70 51.71
N GLU LA 53 -19.19 35.18 51.44
CA GLU LA 53 -18.25 35.91 50.59
C GLU LA 53 -18.80 36.11 49.19
N ARG LA 54 -19.36 35.03 48.61
CA ARG LA 54 -19.90 35.13 47.26
C ARG LA 54 -21.10 36.05 47.20
N LEU LA 55 -21.97 35.99 48.20
CA LEU LA 55 -23.19 36.80 48.16
C LEU LA 55 -22.87 38.29 48.16
N LEU LA 56 -21.95 38.72 49.02
CA LEU LA 56 -21.62 40.14 49.09
C LEU LA 56 -20.97 40.62 47.81
N GLY LA 57 -20.12 39.79 47.19
CA GLY LA 57 -19.51 40.18 45.94
C GLY LA 57 -20.55 40.48 44.88
N GLU LA 58 -21.61 39.68 44.82
CA GLU LA 58 -22.72 39.99 43.92
C GLU LA 58 -23.42 41.27 44.34
N MET LA 59 -23.59 41.47 45.66
CA MET LA 59 -24.27 42.67 46.14
C MET LA 59 -23.51 43.92 45.77
N GLU LA 60 -22.19 43.93 45.96
CA GLU LA 60 -21.40 45.10 45.63
C GLU LA 60 -21.45 45.39 44.14
N LEU LA 61 -21.38 44.34 43.31
CA LEU LA 61 -21.43 44.53 41.87
C LEU LA 61 -22.75 45.17 41.45
N GLU LA 62 -23.86 44.74 42.07
CA GLU LA 62 -25.16 45.27 41.70
C GLU LA 62 -25.27 46.75 42.04
N LEU LA 63 -24.71 47.17 43.17
CA LEU LA 63 -24.93 48.53 43.66
C LEU LA 63 -24.40 49.57 42.68
N ILE LA 64 -23.21 49.34 42.13
CA ILE LA 64 -22.63 50.31 41.21
C ILE LA 64 -23.49 50.40 39.94
N GLU LA 65 -24.06 49.27 39.51
CA GLU LA 65 -24.96 49.30 38.37
C GLU LA 65 -26.15 50.21 38.63
N LEU LA 66 -26.70 50.15 39.84
CA LEU LA 66 -27.73 51.10 40.24
C LEU LA 66 -27.20 52.52 40.20
N ARG LA 67 -25.98 52.74 40.70
CA ARG LA 67 -25.40 54.08 40.69
C ARG LA 67 -25.27 54.60 39.27
N ARG LA 68 -24.80 53.75 38.35
CA ARG LA 68 -24.64 54.18 36.97
C ARG LA 68 -25.99 54.51 36.34
N ALA LA 69 -27.00 53.68 36.57
CA ALA LA 69 -28.30 53.88 35.94
C ALA LA 69 -28.93 55.20 36.39
N LEU LA 70 -28.87 55.50 37.68
CA LEU LA 70 -29.49 56.73 38.18
C LEU LA 70 -28.92 57.96 37.48
N ALA LA 71 -27.64 57.94 37.12
CA ALA LA 71 -27.05 59.08 36.43
C ALA LA 71 -27.76 59.35 35.11
N GLN LA 72 -28.06 58.29 34.36
CA GLN LA 72 -28.74 58.48 33.07
C GLN LA 72 -30.08 59.16 33.24
N THR LA 73 -30.78 58.86 34.33
CA THR LA 73 -32.04 59.55 34.61
C THR LA 73 -31.81 61.05 34.75
N ILE LA 74 -30.75 61.44 35.45
CA ILE LA 74 -30.47 62.86 35.65
C ILE LA 74 -30.22 63.55 34.32
N ALA LA 75 -29.57 62.86 33.39
CA ALA LA 75 -29.25 63.47 32.10
C ALA LA 75 -30.52 63.92 31.39
N THR LA 76 -31.51 63.04 31.30
CA THR LA 76 -32.76 63.41 30.65
C THR LA 76 -33.49 64.51 31.42
N PHE LA 77 -33.49 64.42 32.74
CA PHE LA 77 -34.12 65.46 33.55
C PHE LA 77 -33.50 66.82 33.28
N LYS LA 78 -32.17 66.87 33.15
CA LYS LA 78 -31.51 68.12 32.80
C LYS LA 78 -31.71 68.45 31.32
N SER LA 79 -31.64 67.44 30.46
CA SER LA 79 -31.70 67.68 29.02
C SER LA 79 -33.02 68.33 28.62
N THR LA 80 -34.14 67.75 29.09
CA THR LA 80 -35.43 68.31 28.75
C THR LA 80 -35.59 69.72 29.30
N GLU LA 81 -35.10 69.95 30.52
CA GLU LA 81 -35.19 71.29 31.11
C GLU LA 81 -34.46 72.31 30.24
N ARG LA 82 -33.27 71.97 29.77
CA ARG LA 82 -32.58 72.83 28.81
C ARG LA 82 -33.39 72.96 27.53
N GLN LA 83 -33.98 71.86 27.07
CA GLN LA 83 -34.83 71.91 25.88
C GLN LA 83 -36.03 72.80 26.10
N ARG LA 84 -36.61 72.76 27.30
CA ARG LA 84 -37.79 73.57 27.59
C ARG LA 84 -37.47 75.06 27.46
N ASP LA 85 -36.33 75.49 27.97
CA ASP LA 85 -35.98 76.90 27.92
C ASP LA 85 -35.89 77.40 26.48
N ALA LA 86 -35.48 76.53 25.55
CA ALA LA 86 -35.33 76.96 24.17
C ALA LA 86 -36.65 77.41 23.57
N GLN LA 87 -37.73 76.66 23.82
CA GLN LA 87 -39.00 76.96 23.19
C GLN LA 87 -39.53 78.32 23.63
N GLN LA 88 -39.54 78.58 24.94
CA GLN LA 88 -40.03 79.87 25.42
C GLN LA 88 -39.21 81.02 24.87
N LEU LA 89 -37.92 80.81 24.67
CA LEU LA 89 -37.09 81.84 24.06
C LEU LA 89 -37.60 82.18 22.66
N ILE LA 90 -37.97 81.17 21.88
CA ILE LA 90 -38.52 81.41 20.56
C ILE LA 90 -39.82 82.20 20.66
N ALA LA 91 -40.69 81.82 21.59
CA ALA LA 91 -41.93 82.55 21.78
C ALA LA 91 -41.65 84.00 22.15
N GLN LA 92 -40.62 84.24 22.97
CA GLN LA 92 -40.25 85.59 23.31
C GLN LA 92 -39.88 86.40 22.07
N ARG LA 93 -39.18 85.76 21.13
CA ARG LA 93 -38.80 86.46 19.90
C ARG LA 93 -40.03 86.96 19.15
N TRP LA 94 -41.04 86.10 19.00
CA TRP LA 94 -42.26 86.53 18.35
C TRP LA 94 -42.94 87.64 19.14
N TYR LA 95 -43.01 87.49 20.46
CA TYR LA 95 -43.60 88.53 21.28
C TYR LA 95 -42.82 89.83 21.16
N GLU LA 96 -41.49 89.75 21.20
CA GLU LA 96 -40.68 90.95 21.01
C GLU LA 96 -40.89 91.53 19.62
N LYS LA 97 -40.96 90.67 18.60
CA LYS LA 97 -41.25 91.13 17.26
C LYS LA 97 -42.63 91.77 17.18
N ALA LA 98 -43.62 91.14 17.82
CA ALA LA 98 -44.96 91.69 17.83
C ALA LA 98 -45.03 93.04 18.54
N GLN LA 99 -44.05 93.34 19.40
CA GLN LA 99 -44.06 94.62 20.10
C GLN LA 99 -44.00 95.78 19.13
N ALA LA 100 -43.12 95.70 18.13
CA ALA LA 100 -42.99 96.72 17.11
C ALA LA 100 -43.74 96.35 15.83
N ALA LA 101 -44.46 95.23 15.82
CA ALA LA 101 -45.19 94.82 14.63
C ALA LA 101 -46.20 95.88 14.22
N LEU LA 102 -46.99 96.36 15.18
CA LEU LA 102 -47.98 97.40 14.95
C LEU LA 102 -47.46 98.78 15.32
N ASP LA 103 -46.17 98.91 15.64
CA ASP LA 103 -45.60 100.23 15.91
C ASP LA 103 -45.84 101.18 14.75
N ARG LA 104 -45.86 100.67 13.53
CA ARG LA 104 -46.23 101.44 12.36
C ARG LA 104 -47.73 101.60 12.21
N GLY LA 105 -48.51 101.16 13.19
CA GLY LA 105 -49.94 101.06 13.07
C GLY LA 105 -50.43 99.78 12.44
N ASN LA 106 -49.54 98.83 12.16
CA ASN LA 106 -49.91 97.58 11.51
C ASN LA 106 -50.41 96.58 12.56
N GLU LA 107 -51.65 96.83 13.01
CA GLU LA 107 -52.27 95.96 14.00
C GLU LA 107 -52.53 94.57 13.44
N GLN LA 108 -52.88 94.47 12.15
CA GLN LA 108 -53.22 93.18 11.57
C GLN LA 108 -52.07 92.20 11.67
N LEU LA 109 -50.85 92.66 11.38
CA LEU LA 109 -49.70 91.75 11.40
C LEU LA 109 -49.47 91.19 12.80
N ALA LA 110 -49.60 92.05 13.83
CA ALA LA 110 -49.38 91.59 15.19
C ALA LA 110 -50.37 90.49 15.59
N ARG LA 111 -51.53 90.45 14.94
CA ARG LA 111 -52.50 89.41 15.25
C ARG LA 111 -51.92 88.02 15.01
N GLU LA 112 -51.23 87.84 13.89
CA GLU LA 112 -50.68 86.54 13.56
C GLU LA 112 -49.63 86.12 14.57
N ALA LA 113 -48.77 87.05 14.98
CA ALA LA 113 -47.68 86.71 15.90
C ALA LA 113 -48.23 86.17 17.22
N LEU LA 114 -49.14 86.91 17.85
CA LEU LA 114 -49.70 86.48 19.12
C LEU LA 114 -50.45 85.16 18.97
N GLY LA 115 -51.17 84.98 17.86
CA GLY LA 115 -51.80 83.69 17.60
C GLY LA 115 -50.77 82.60 17.39
N GLN LA 116 -49.65 82.93 16.73
CA GLN LA 116 -48.62 81.94 16.45
C GLN LA 116 -47.97 81.44 17.74
N ARG LA 117 -47.63 82.34 18.65
CA ARG LA 117 -46.88 81.98 19.84
C ARG LA 117 -47.68 81.09 20.80
N GLN LA 118 -49.00 81.06 20.67
CA GLN LA 118 -49.81 80.23 21.56
C GLN LA 118 -49.45 78.75 21.40
N SER LA 119 -49.23 78.31 20.16
CA SER LA 119 -48.85 76.92 19.93
C SER LA 119 -47.58 76.57 20.70
N TYR LA 120 -46.58 77.46 20.65
CA TYR LA 120 -45.35 77.21 21.40
C TYR LA 120 -45.63 77.17 22.90
N GLN LA 121 -46.48 78.06 23.39
CA GLN LA 121 -46.77 78.09 24.82
C GLN LA 121 -47.35 76.76 25.28
N SER LA 122 -48.12 76.09 24.42
CA SER LA 122 -48.70 74.81 24.79
C SER LA 122 -47.63 73.80 25.14
N HIS LA 123 -46.57 73.73 24.32
CA HIS LA 123 -45.49 72.79 24.60
C HIS LA 123 -44.80 73.13 25.92
N THR LA 124 -44.58 74.41 26.18
CA THR LA 124 -43.92 74.82 27.42
C THR LA 124 -44.72 74.36 28.63
N GLU LA 125 -46.04 74.56 28.60
CA GLU LA 125 -46.88 74.13 29.72
C GLU LA 125 -46.84 72.61 29.87
N ALA LA 126 -46.89 71.88 28.75
CA ALA LA 126 -46.87 70.43 28.82
C ALA LA 126 -45.57 69.93 29.43
N LEU LA 127 -44.44 70.51 29.03
CA LEU LA 127 -43.16 70.08 29.57
C LEU LA 127 -43.01 70.46 31.04
N GLY LA 128 -43.48 71.65 31.42
CA GLY LA 128 -43.36 72.07 32.80
C GLY LA 128 -44.04 71.10 33.75
N LYS LA 129 -45.22 70.61 33.39
CA LYS LA 129 -45.89 69.59 34.20
C LYS LA 129 -45.10 68.29 34.22
N SER LA 130 -44.54 67.91 33.07
CA SER LA 130 -43.82 66.63 32.99
C SER LA 130 -42.61 66.63 33.91
N LEU LA 131 -41.85 67.72 33.93
CA LEU LA 131 -40.68 67.80 34.80
C LEU LA 131 -41.08 67.80 36.27
N GLY LA 132 -42.24 68.39 36.59
CA GLY LA 132 -42.66 68.48 37.97
C GLY LA 132 -42.73 67.14 38.65
N GLU LA 133 -43.29 66.13 37.97
CA GLU LA 133 -43.37 64.81 38.55
C GLU LA 133 -42.01 64.12 38.57
N GLN LA 134 -41.21 64.30 37.51
CA GLN LA 134 -39.89 63.69 37.47
C GLN LA 134 -39.00 64.25 38.58
N ARG LA 135 -39.09 65.56 38.84
CA ARG LA 135 -38.20 66.20 39.80
C ARG LA 135 -38.33 65.55 41.17
N ALA LA 136 -39.55 65.34 41.63
CA ALA LA 136 -39.78 64.73 42.94
C ALA LA 136 -39.65 63.22 42.91
N LEU LA 137 -39.51 62.60 41.74
CA LEU LA 137 -39.40 61.16 41.66
C LEU LA 137 -37.96 60.69 41.87
N VAL LA 138 -37.01 61.30 41.17
CA VAL LA 138 -35.62 60.89 41.30
C VAL LA 138 -35.12 61.15 42.71
N GLU LA 139 -35.51 62.29 43.29
CA GLU LA 139 -35.07 62.62 44.65
C GLU LA 139 -35.40 61.50 45.62
N GLN LA 140 -36.55 60.85 45.42
CA GLN LA 140 -36.88 59.68 46.22
C GLN LA 140 -35.93 58.53 45.93
N VAL LA 141 -35.56 58.36 44.65
CA VAL LA 141 -34.65 57.27 44.28
C VAL LA 141 -33.30 57.46 44.97
N ARG LA 142 -32.77 58.68 44.95
CA ARG LA 142 -31.48 58.93 45.56
C ARG LA 142 -31.47 58.51 47.03
N GLY LA 143 -32.58 58.72 47.73
CA GLY LA 143 -32.64 58.31 49.13
C GLY LA 143 -32.47 56.82 49.30
N GLN LA 144 -33.08 56.02 48.44
CA GLN LA 144 -32.94 54.58 48.53
C GLN LA 144 -31.49 54.16 48.31
N LEU LA 145 -30.84 54.73 47.30
CA LEU LA 145 -29.45 54.37 47.03
C LEU LA 145 -28.56 54.75 48.19
N GLN LA 146 -28.71 55.96 48.71
CA GLN LA 146 -27.86 56.41 49.82
C GLN LA 146 -28.06 55.55 51.05
N LYS LA 147 -29.32 55.24 51.38
CA LYS LA 147 -29.59 54.40 52.53
C LYS LA 147 -29.01 53.00 52.33
N LEU LA 148 -29.14 52.45 51.12
CA LEU LA 148 -28.61 51.13 50.84
C LEU LA 148 -27.10 51.09 51.05
N GLU LA 149 -26.39 52.10 50.54
CA GLU LA 149 -24.94 52.13 50.70
C GLU LA 149 -24.56 52.18 52.17
N ARG LA 150 -25.25 52.99 52.97
CA ARG LA 150 -24.98 53.01 54.40
C ARG LA 150 -25.25 51.66 55.04
N LYS LA 151 -26.34 51.01 54.63
CA LYS LA 151 -26.64 49.69 55.17
C LYS LA 151 -25.65 48.64 54.69
N TYR LA 152 -25.08 48.84 53.50
CA TYR LA 152 -24.16 47.85 52.96
C TYR LA 152 -22.95 47.66 53.86
N LEU LA 153 -22.36 48.76 54.33
CA LEU LA 153 -21.12 48.67 55.10
C LEU LA 153 -21.33 47.94 56.42
N GLU LA 154 -22.47 48.18 57.08
CA GLU LA 154 -22.70 47.58 58.39
C GLU LA 154 -22.67 46.06 58.33
N LEU LA 155 -22.90 45.47 57.16
CA LEU LA 155 -22.79 44.02 57.01
C LEU LA 155 -21.34 43.60 56.85
N LYS LA 156 -20.62 44.24 55.94
CA LYS LA 156 -19.24 43.84 55.67
C LYS LA 156 -18.36 44.03 56.91
N SER LA 157 -18.60 45.08 57.68
CA SER LA 157 -17.81 45.33 58.87
C SER LA 157 -17.93 44.21 59.89
N GLN LA 158 -18.96 43.38 59.79
CA GLN LA 158 -19.15 42.27 60.71
C GLN LA 158 -18.77 40.92 60.11
N LYS LA 159 -18.76 40.80 58.78
CA LYS LA 159 -18.51 39.49 58.19
C LYS LA 159 -17.15 38.96 58.59
N ASN LA 160 -16.12 39.81 58.54
CA ASN LA 160 -14.79 39.38 58.93
C ASN LA 160 -14.76 38.94 60.39
N LEU LA 161 -15.53 39.60 61.25
CA LEU LA 161 -15.55 39.21 62.66
C LEU LA 161 -16.11 37.81 62.85
N TYR LA 162 -17.20 37.48 62.14
CA TYR LA 162 -17.79 36.15 62.29
C TYR LA 162 -16.83 35.07 61.80
N LEU LA 163 -16.18 35.29 60.66
CA LEU LA 163 -15.27 34.28 60.14
C LEU LA 163 -14.15 33.98 61.14
N ALA LA 164 -13.63 35.00 61.79
CA ALA LA 164 -12.57 34.79 62.77
C ALA LA 164 -13.05 33.88 63.90
N ARG LA 165 -14.26 34.13 64.41
CA ARG LA 165 -14.82 33.28 65.45
C ARG LA 165 -14.99 31.85 64.93
N LEU LA 166 -15.47 31.71 63.70
CA LEU LA 166 -15.67 30.38 63.13
C LEU LA 166 -14.34 29.64 63.01
N LYS LA 167 -13.31 30.32 62.52
CA LYS LA 167 -12.00 29.67 62.40
C LYS LA 167 -11.43 29.32 63.78
N SER LA 168 -11.72 30.14 64.79
CA SER LA 168 -11.21 29.86 66.12
C SER LA 168 -11.82 28.58 66.69
N ALA LA 169 -13.14 28.45 66.60
CA ALA LA 169 -13.81 27.31 67.22
C ALA LA 169 -13.55 26.02 66.44
N ILE LA 170 -13.63 26.09 65.10
CA ILE LA 170 -13.40 24.89 64.29
C ILE LA 170 -12.02 24.31 64.59
N ALA LA 171 -11.00 25.17 64.65
CA ALA LA 171 -9.67 24.70 65.01
C ALA LA 171 -9.65 24.11 66.41
N ALA LA 172 -10.34 24.76 67.35
CA ALA LA 172 -10.36 24.27 68.73
C ALA LA 172 -10.90 22.85 68.79
N GLN LA 173 -11.97 22.58 68.03
CA GLN LA 173 -12.49 21.22 67.98
C GLN LA 173 -11.46 20.25 67.43
N LYS LA 174 -10.73 20.67 66.39
CA LYS LA 174 -9.71 19.80 65.81
C LYS LA 174 -8.61 19.49 66.81
N ILE LA 175 -8.19 20.48 67.59
CA ILE LA 175 -7.13 20.28 68.57
C ILE LA 175 -7.60 19.32 69.65
N GLU LA 176 -8.80 19.52 70.17
CA GLU LA 176 -9.24 18.79 71.36
C GLU LA 176 -9.34 17.30 71.08
N GLU LA 177 -9.88 16.92 69.92
CA GLU LA 177 -10.02 15.50 69.61
C GLU LA 177 -8.67 14.80 69.57
N ILE LA 178 -7.59 15.55 69.33
CA ILE LA 178 -6.25 15.01 69.30
C ILE LA 178 -5.61 15.18 70.67
N ALA LA 179 -6.43 15.50 71.68
CA ALA LA 179 -5.90 15.72 73.02
C ALA LA 179 -5.08 14.54 73.49
N GLY LA 180 -5.44 13.33 73.07
CA GLY LA 180 -4.70 12.15 73.48
C GLY LA 180 -4.67 12.00 74.99
N ASN LA 181 -5.83 12.15 75.63
CA ASN LA 181 -5.90 12.08 77.07
C ASN LA 181 -5.34 10.76 77.57
N LEU LA 182 -4.46 10.82 78.57
CA LEU LA 182 -3.84 9.61 79.10
C LEU LA 182 -4.86 8.75 79.85
N ASP LA 183 -5.91 9.37 80.39
CA ASP LA 183 -6.86 8.65 81.24
C ASP LA 183 -7.80 7.73 80.46
N ASN LA 184 -7.90 7.86 79.14
CA ASN LA 184 -8.89 7.08 78.40
C ASN LA 184 -8.66 5.59 78.57
N ALA LA 185 -7.43 5.14 78.35
CA ALA LA 185 -7.09 3.73 78.50
C ALA LA 185 -7.98 2.85 77.62
N SER LA 186 -8.29 3.34 76.42
CA SER LA 186 -9.16 2.63 75.50
C SER LA 186 -8.71 2.72 74.05
N ALA LA 187 -7.55 3.29 73.77
CA ALA LA 187 -6.99 3.53 72.45
C ALA LA 187 -7.66 4.72 71.76
N SER LA 188 -8.67 5.34 72.39
CA SER LA 188 -9.22 6.57 71.84
C SER LA 188 -8.16 7.67 71.82
N SER LA 189 -7.40 7.79 72.89
CA SER LA 189 -6.22 8.63 72.92
C SER LA 189 -5.06 7.86 72.29
N LEU LA 190 -4.46 8.43 71.25
CA LEU LA 190 -3.40 7.73 70.55
C LEU LA 190 -2.22 7.41 71.47
N PHE LA 191 -2.02 8.21 72.52
CA PHE LA 191 -0.93 7.95 73.44
C PHE LA 191 -1.14 6.64 74.19
N GLU LA 192 -2.33 6.45 74.75
CA GLU LA 192 -2.62 5.20 75.45
C GLU LA 192 -2.59 4.02 74.49
N ARG LA 193 -2.96 4.23 73.23
CA ARG LA 193 -2.81 3.18 72.24
C ARG LA 193 -1.34 2.79 72.09
N ILE LA 194 -0.46 3.78 72.09
CA ILE LA 194 0.98 3.49 72.07
C ILE LA 194 1.38 2.71 73.32
N GLU LA 195 0.88 3.14 74.48
CA GLU LA 195 1.24 2.46 75.72
C GLU LA 195 0.85 1.00 75.68
N THR LA 196 -0.34 0.69 75.15
CA THR LA 196 -0.73 -0.69 74.97
C THR LA 196 0.24 -1.43 74.05
N LYS LA 197 0.69 -0.76 72.99
CA LYS LA 197 1.64 -1.37 72.08
C LYS LA 197 2.94 -1.72 72.80
N ILE LA 198 3.42 -0.82 73.67
CA ILE LA 198 4.68 -1.05 74.36
C ILE LA 198 4.60 -2.32 75.19
N LEU LA 199 3.55 -2.45 76.00
CA LEU LA 199 3.43 -3.62 76.87
C LEU LA 199 3.25 -4.90 76.08
N GLU LA 200 2.67 -4.82 74.88
CA GLU LA 200 2.49 -6.01 74.06
C GLU LA 200 3.84 -6.66 73.74
N LEU LA 201 4.81 -5.85 73.32
CA LEU LA 201 6.12 -6.38 72.96
C LEU LA 201 6.85 -6.92 74.18
N GLU LA 202 6.90 -6.13 75.25
CA GLU LA 202 7.59 -6.57 76.46
C GLU LA 202 7.04 -7.89 76.98
N ALA LA 203 5.74 -8.12 76.79
CA ALA LA 203 5.15 -9.37 77.23
C ALA LA 203 5.71 -10.57 76.47
N GLU LA 204 5.90 -10.41 75.16
CA GLU LA 204 6.39 -11.52 74.36
C GLU LA 204 7.80 -11.94 74.78
N ARG LA 205 8.68 -10.96 75.02
CA ARG LA 205 10.06 -11.27 75.34
C ARG LA 205 10.18 -12.07 76.63
N GLU LA 206 9.49 -11.64 77.68
CA GLU LA 206 9.59 -12.31 78.97
C GLU LA 206 9.12 -13.76 78.87
N LEU LA 207 8.01 -13.98 78.18
CA LEU LA 207 7.49 -15.33 78.05
C LEU LA 207 8.43 -16.22 77.24
N LEU LA 208 8.96 -15.69 76.14
CA LEU LA 208 9.84 -16.51 75.30
C LEU LA 208 11.17 -16.77 75.97
N ASN LA 209 11.55 -15.94 76.94
CA ASN LA 209 12.77 -16.11 77.73
C ASN LA 209 12.37 -16.10 79.19
N PRO LA 210 11.93 -17.25 79.72
CA PRO LA 210 11.45 -17.29 81.10
C PRO LA 210 12.46 -16.66 82.06
N PRO LA 211 12.10 -15.56 82.70
CA PRO LA 211 13.03 -14.94 83.66
C PRO LA 211 13.19 -15.80 84.89
N PRO LA 212 14.24 -15.55 85.68
CA PRO LA 212 14.48 -16.40 86.85
C PRO LA 212 13.31 -16.39 87.81
N SER LA 213 13.05 -17.55 88.42
CA SER LA 213 12.01 -17.65 89.42
C SER LA 213 12.42 -16.90 90.68
N PRO LA 214 11.45 -16.42 91.46
CA PRO LA 214 11.81 -15.73 92.71
C PRO LA 214 12.63 -16.59 93.65
N LEU LA 215 12.39 -17.90 93.66
CA LEU LA 215 13.20 -18.80 94.49
C LEU LA 215 14.66 -18.76 94.05
N ASP LA 216 14.89 -18.77 92.73
CA ASP LA 216 16.27 -18.66 92.23
C ASP LA 216 16.86 -17.32 92.62
N LYS LA 217 16.09 -16.24 92.54
CA LYS LA 217 16.57 -14.94 92.99
C LYS LA 217 16.93 -15.00 94.47
N LYS LA 218 16.10 -15.64 95.28
CA LYS LA 218 16.39 -15.75 96.71
C LYS LA 218 17.74 -16.40 96.94
N PHE LA 219 18.02 -17.50 96.25
CA PHE LA 219 19.27 -18.21 96.44
C PHE LA 219 20.46 -17.33 96.04
N GLU LA 220 20.35 -16.61 94.94
CA GLU LA 220 21.49 -15.84 94.43
C GLU LA 220 21.95 -14.81 95.45
N GLN LA 221 21.04 -13.97 95.93
CA GLN LA 221 21.39 -13.01 96.97
C GLN LA 221 21.71 -13.73 98.28
N TRP LA 222 20.95 -14.77 98.61
CA TRP LA 222 21.20 -15.53 99.82
C TRP LA 222 22.63 -16.06 99.86
N GLU LA 223 23.21 -16.34 98.69
CA GLU LA 223 24.58 -16.83 98.64
C GLU LA 223 25.60 -15.72 98.84
N GLU LA 224 25.33 -14.53 98.30
CA GLU LA 224 26.34 -13.48 98.30
C GLU LA 224 26.66 -12.99 99.71
N GLN LA 225 25.68 -13.00 100.61
CA GLN LA 225 25.91 -12.47 101.95
C GLN LA 225 27.02 -13.20 102.67
N GLN LA 226 27.04 -14.54 102.58
CA GLN LA 226 28.12 -15.30 103.18
C GLN LA 226 29.44 -15.02 102.48
N ALA LA 227 29.42 -14.91 101.15
CA ALA LA 227 30.65 -14.66 100.41
C ALA LA 227 31.30 -13.36 100.85
N VAL LA 228 30.52 -12.29 100.94
CA VAL LA 228 31.07 -11.01 101.39
C VAL LA 228 31.40 -11.07 102.87
N GLU LA 229 30.53 -11.68 103.68
CA GLU LA 229 30.79 -11.79 105.11
C GLU LA 229 31.96 -12.71 105.38
N ALA LA 230 32.03 -13.84 104.68
CA ALA LA 230 33.17 -14.74 104.84
C ALA LA 230 34.46 -14.06 104.43
N THR LA 231 34.44 -13.34 103.32
CA THR LA 231 35.61 -12.55 102.92
C THR LA 231 35.87 -11.45 103.94
N LEU LA 232 34.82 -10.78 104.40
CA LEU LA 232 34.97 -9.78 105.44
C LEU LA 232 35.38 -10.41 106.77
N ALA LA 233 34.85 -11.59 107.08
CA ALA LA 233 35.26 -12.29 108.29
C ALA LA 233 36.75 -12.62 108.21
N ALA LA 234 37.21 -13.10 107.05
CA ALA LA 234 38.64 -13.33 106.84
C ALA LA 234 39.40 -12.02 106.67
N MET LA 235 38.73 -10.94 106.26
CA MET LA 235 39.41 -9.66 106.13
C MET LA 235 40.02 -9.23 107.46
N LYS LA 236 39.23 -9.26 108.52
CA LYS LA 236 39.76 -8.96 109.85
C LYS LA 236 40.79 -9.99 110.27
N ALA LA 237 40.51 -11.26 110.00
CA ALA LA 237 41.43 -12.32 110.40
C ALA LA 237 42.73 -12.27 109.59
N ARG LA 238 42.61 -12.16 108.27
CA ARG LA 238 43.81 -12.14 107.43
C ARG LA 238 44.68 -10.93 107.77
N ARG LA 239 44.07 -9.77 107.96
CA ARG LA 239 44.82 -8.60 108.40
C ARG LA 239 45.25 -8.74 109.85
N SER LA 240 44.42 -9.37 110.67
CA SER LA 240 44.74 -9.57 112.07
C SER LA 240 43.99 -10.77 112.64
N GLN MA 45 -27.35 1.20 -52.39
CA GLN MA 45 -26.76 1.71 -53.66
C GLN MA 45 -25.98 3.00 -53.42
N GLU MA 46 -25.00 3.27 -54.28
CA GLU MA 46 -24.16 4.44 -54.19
C GLU MA 46 -24.46 5.37 -55.37
N ALA MA 47 -23.75 6.48 -55.41
CA ALA MA 47 -23.91 7.41 -56.53
C ALA MA 47 -23.47 6.72 -57.82
N PRO MA 48 -24.23 6.87 -58.91
CA PRO MA 48 -23.86 6.15 -60.15
C PRO MA 48 -22.48 6.52 -60.66
N GLU MA 49 -22.08 7.78 -60.51
CA GLU MA 49 -20.78 8.21 -60.99
C GLU MA 49 -19.65 7.50 -60.23
N ASP MA 50 -19.80 7.34 -58.92
CA ASP MA 50 -18.74 6.72 -58.13
C ASP MA 50 -18.47 5.29 -58.58
N LEU MA 51 -19.53 4.55 -58.89
CA LEU MA 51 -19.35 3.17 -59.34
C LEU MA 51 -18.50 3.10 -60.60
N LEU MA 52 -18.70 4.06 -61.51
CA LEU MA 52 -18.04 3.99 -62.81
C LEU MA 52 -16.52 3.94 -62.65
N GLU MA 53 -15.97 4.81 -61.80
CA GLU MA 53 -14.53 4.80 -61.57
C GLU MA 53 -14.09 3.48 -60.95
N ARG MA 54 -14.81 3.01 -59.94
CA ARG MA 54 -14.44 1.76 -59.28
C ARG MA 54 -14.58 0.58 -60.22
N LEU MA 55 -15.64 0.54 -61.03
CA LEU MA 55 -15.86 -0.60 -61.90
C LEU MA 55 -14.74 -0.77 -62.92
N LEU MA 56 -14.31 0.32 -63.55
CA LEU MA 56 -13.25 0.21 -64.55
C LEU MA 56 -11.94 -0.20 -63.92
N GLY MA 57 -11.64 0.29 -62.72
CA GLY MA 57 -10.42 -0.13 -62.05
C GLY MA 57 -10.36 -1.63 -61.86
N GLU MA 58 -11.49 -2.24 -61.50
CA GLU MA 58 -11.55 -3.69 -61.42
C GLU MA 58 -11.40 -4.31 -62.81
N MET MA 59 -12.00 -3.71 -63.82
CA MET MA 59 -11.90 -4.24 -65.18
C MET MA 59 -10.47 -4.24 -65.68
N GLU MA 60 -9.75 -3.14 -65.47
CA GLU MA 60 -8.36 -3.08 -65.93
C GLU MA 60 -7.50 -4.10 -65.20
N LEU MA 61 -7.71 -4.26 -63.89
CA LEU MA 61 -6.94 -5.23 -63.13
C LEU MA 61 -7.16 -6.63 -63.66
N GLU MA 62 -8.40 -6.97 -64.01
CA GLU MA 62 -8.69 -8.31 -64.49
C GLU MA 62 -8.00 -8.59 -65.82
N LEU MA 63 -7.94 -7.60 -66.70
CA LEU MA 63 -7.46 -7.85 -68.06
C LEU MA 63 -6.02 -8.34 -68.06
N ILE MA 64 -5.16 -7.70 -67.26
CA ILE MA 64 -3.75 -8.11 -67.23
C ILE MA 64 -3.63 -9.53 -66.70
N GLU MA 65 -4.49 -9.91 -65.76
CA GLU MA 65 -4.47 -11.28 -65.26
C GLU MA 65 -4.76 -12.25 -66.39
N LEU MA 66 -5.71 -11.92 -67.26
CA LEU MA 66 -5.94 -12.71 -68.46
C LEU MA 66 -4.71 -12.73 -69.34
N ARG MA 67 -4.06 -11.58 -69.52
CA ARG MA 67 -2.87 -11.52 -70.34
C ARG MA 67 -1.77 -12.41 -69.80
N ARG MA 68 -1.58 -12.40 -68.48
CA ARG MA 68 -0.55 -13.23 -67.87
C ARG MA 68 -0.87 -14.71 -68.04
N ALA MA 69 -2.14 -15.09 -67.84
CA ALA MA 69 -2.50 -16.50 -67.91
C ALA MA 69 -2.28 -17.06 -69.31
N LEU MA 70 -2.67 -16.32 -70.34
CA LEU MA 70 -2.53 -16.80 -71.71
C LEU MA 70 -1.09 -17.15 -72.02
N ALA MA 71 -0.14 -16.41 -71.46
CA ALA MA 71 1.27 -16.69 -71.72
C ALA MA 71 1.64 -18.09 -71.26
N GLN MA 72 1.15 -18.50 -70.08
CA GLN MA 72 1.47 -19.83 -69.56
C GLN MA 72 0.99 -20.92 -70.50
N THR MA 73 -0.16 -20.70 -71.15
CA THR MA 73 -0.64 -21.65 -72.14
C THR MA 73 0.37 -21.81 -73.27
N ILE MA 74 0.93 -20.70 -73.73
CA ILE MA 74 1.89 -20.75 -74.83
C ILE MA 74 3.12 -21.56 -74.43
N ALA MA 75 3.54 -21.45 -73.17
CA ALA MA 75 4.72 -22.16 -72.71
C ALA MA 75 4.57 -23.66 -72.92
N THR MA 76 3.45 -24.22 -72.46
CA THR MA 76 3.21 -25.65 -72.62
C THR MA 76 3.10 -26.03 -74.10
N PHE MA 77 2.40 -25.20 -74.87
CA PHE MA 77 2.27 -25.46 -76.31
C PHE MA 77 3.64 -25.54 -76.98
N LYS MA 78 4.55 -24.63 -76.61
CA LYS MA 78 5.91 -24.70 -77.13
C LYS MA 78 6.70 -25.83 -76.48
N SER MA 79 6.52 -26.02 -75.17
CA SER MA 79 7.33 -27.01 -74.45
C SER MA 79 7.10 -28.41 -75.00
N THR MA 80 5.83 -28.80 -75.16
CA THR MA 80 5.54 -30.14 -75.67
C THR MA 80 6.07 -30.30 -77.09
N GLU MA 81 5.93 -29.26 -77.92
CA GLU MA 81 6.42 -29.34 -79.29
C GLU MA 81 7.92 -29.60 -79.30
N ARG MA 82 8.68 -28.90 -78.45
CA ARG MA 82 10.09 -29.20 -78.31
C ARG MA 82 10.29 -30.61 -77.79
N GLN MA 83 9.46 -31.04 -76.84
CA GLN MA 83 9.54 -32.40 -76.33
C GLN MA 83 9.25 -33.42 -77.43
N ARG MA 84 8.29 -33.10 -78.29
CA ARG MA 84 7.93 -34.03 -79.37
C ARG MA 84 9.10 -34.29 -80.29
N ASP MA 85 9.84 -33.23 -80.65
CA ASP MA 85 10.97 -33.40 -81.57
C ASP MA 85 12.02 -34.34 -81.00
N ALA MA 86 12.17 -34.36 -79.67
CA ALA MA 86 13.20 -35.20 -79.06
C ALA MA 86 12.95 -36.67 -79.35
N GLN MA 87 11.70 -37.12 -79.22
CA GLN MA 87 11.40 -38.54 -79.35
C GLN MA 87 11.72 -39.04 -80.76
N GLN MA 88 11.24 -38.32 -81.78
CA GLN MA 88 11.50 -38.74 -83.15
C GLN MA 88 12.99 -38.79 -83.44
N LEU MA 89 13.76 -37.88 -82.84
CA LEU MA 89 15.21 -37.92 -83.01
C LEU MA 89 15.79 -39.23 -82.49
N ILE MA 90 15.29 -39.70 -81.35
CA ILE MA 90 15.74 -40.99 -80.82
C ILE MA 90 15.38 -42.11 -81.79
N ALA MA 91 14.16 -42.09 -82.32
CA ALA MA 91 13.75 -43.10 -83.28
C ALA MA 91 14.65 -43.08 -84.51
N GLN MA 92 15.05 -41.88 -84.94
CA GLN MA 92 15.96 -41.76 -86.07
C GLN MA 92 17.29 -42.45 -85.77
N ARG MA 93 17.78 -42.32 -84.53
CA ARG MA 93 19.03 -42.97 -84.17
C ARG MA 93 18.94 -44.48 -84.37
N TRP MA 94 17.86 -45.09 -83.89
CA TRP MA 94 17.68 -46.53 -84.09
C TRP MA 94 17.57 -46.86 -85.57
N TYR MA 95 16.81 -46.06 -86.32
CA TYR MA 95 16.70 -46.28 -87.76
C TYR MA 95 18.05 -46.14 -88.44
N GLU MA 96 18.80 -45.10 -88.08
CA GLU MA 96 20.14 -44.93 -88.62
C GLU MA 96 21.03 -46.10 -88.22
N LYS MA 97 20.94 -46.53 -86.96
CA LYS MA 97 21.70 -47.68 -86.52
C LYS MA 97 21.28 -48.93 -87.28
N ALA MA 98 19.97 -49.11 -87.47
CA ALA MA 98 19.48 -50.27 -88.22
C ALA MA 98 19.94 -50.25 -89.67
N GLN MA 99 20.32 -49.08 -90.19
CA GLN MA 99 20.77 -49.01 -91.57
C GLN MA 99 22.00 -49.88 -91.79
N ALA MA 100 22.97 -49.80 -90.88
CA ALA MA 100 24.18 -50.61 -90.94
C ALA MA 100 24.10 -51.84 -90.05
N ALA MA 101 22.97 -52.07 -89.40
CA ALA MA 101 22.83 -53.23 -88.52
C ALA MA 101 23.06 -54.53 -89.30
N LEU MA 102 22.41 -54.65 -90.45
CA LEU MA 102 22.56 -55.82 -91.31
C LEU MA 102 23.57 -55.59 -92.43
N ASP MA 103 24.30 -54.46 -92.40
CA ASP MA 103 25.33 -54.24 -93.40
C ASP MA 103 26.33 -55.38 -93.42
N ARG MA 104 26.58 -56.00 -92.27
CA ARG MA 104 27.41 -57.19 -92.19
C ARG MA 104 26.65 -58.45 -92.58
N GLY MA 105 25.42 -58.31 -93.07
CA GLY MA 105 24.54 -59.43 -93.28
C GLY MA 105 23.74 -59.83 -92.06
N ASN MA 106 23.82 -59.07 -90.97
CA ASN MA 106 23.13 -59.40 -89.72
C ASN MA 106 21.70 -58.87 -89.80
N GLU MA 107 20.87 -59.58 -90.56
CA GLU MA 107 19.47 -59.21 -90.71
C GLU MA 107 18.71 -59.37 -89.40
N GLN MA 108 19.05 -60.38 -88.59
CA GLN MA 108 18.30 -60.64 -87.37
C GLN MA 108 18.36 -59.45 -86.42
N LEU MA 109 19.54 -58.84 -86.28
CA LEU MA 109 19.67 -57.72 -85.35
C LEU MA 109 18.80 -56.55 -85.77
N ALA MA 110 18.76 -56.25 -87.07
CA ALA MA 110 17.95 -55.14 -87.55
C ALA MA 110 16.47 -55.33 -87.24
N ARG MA 111 16.04 -56.59 -87.09
CA ARG MA 111 14.64 -56.83 -86.77
C ARG MA 111 14.25 -56.16 -85.45
N GLU MA 112 15.10 -56.28 -84.44
CA GLU MA 112 14.78 -55.71 -83.14
C GLU MA 112 14.69 -54.20 -83.21
N ALA MA 113 15.60 -53.56 -83.95
CA ALA MA 113 15.61 -52.10 -84.01
C ALA MA 113 14.32 -51.56 -84.59
N LEU MA 114 13.92 -52.07 -85.75
CA LEU MA 114 12.69 -51.59 -86.38
C LEU MA 114 11.47 -51.88 -85.51
N GLY MA 115 11.44 -53.06 -84.85
CA GLY MA 115 10.38 -53.32 -83.90
C GLY MA 115 10.44 -52.38 -82.71
N GLN MA 116 11.65 -52.03 -82.27
CA GLN MA 116 11.79 -51.17 -81.10
C GLN MA 116 11.27 -49.77 -81.39
N ARG MA 117 11.61 -49.20 -82.55
CA ARG MA 117 11.27 -47.82 -82.85
C ARG MA 117 9.77 -47.60 -83.01
N GLN MA 118 9.00 -48.66 -83.23
CA GLN MA 118 7.55 -48.49 -83.38
C GLN MA 118 6.93 -47.92 -82.11
N SER MA 119 7.38 -48.39 -80.95
CA SER MA 119 6.85 -47.85 -79.70
C SER MA 119 7.06 -46.35 -79.61
N TYR MA 120 8.25 -45.87 -79.99
CA TYR MA 120 8.50 -44.44 -79.98
C TYR MA 120 7.58 -43.71 -80.96
N GLN MA 121 7.38 -44.29 -82.14
CA GLN MA 121 6.52 -43.66 -83.13
C GLN MA 121 5.11 -43.45 -82.60
N SER MA 122 4.64 -44.36 -81.75
CA SER MA 122 3.31 -44.22 -81.20
C SER MA 122 3.17 -42.93 -80.41
N HIS MA 123 4.17 -42.62 -79.57
CA HIS MA 123 4.12 -41.38 -78.80
C HIS MA 123 4.13 -40.16 -79.71
N THR MA 124 4.94 -40.19 -80.77
CA THR MA 124 5.00 -39.06 -81.69
C THR MA 124 3.65 -38.80 -82.32
N GLU MA 125 2.97 -39.85 -82.78
CA GLU MA 125 1.65 -39.69 -83.37
C GLU MA 125 0.65 -39.15 -82.35
N ALA MA 126 0.70 -39.67 -81.13
CA ALA MA 126 -0.23 -39.21 -80.10
C ALA MA 126 -0.03 -37.74 -79.79
N LEU MA 127 1.22 -37.29 -79.69
CA LEU MA 127 1.47 -35.89 -79.40
C LEU MA 127 1.11 -34.99 -80.57
N GLY MA 128 1.38 -35.44 -81.80
CA GLY MA 128 1.05 -34.63 -82.95
C GLY MA 128 -0.43 -34.29 -83.01
N LYS MA 129 -1.29 -35.25 -82.71
CA LYS MA 129 -2.72 -34.99 -82.66
C LYS MA 129 -3.05 -34.04 -81.52
N SER MA 130 -2.41 -34.20 -80.36
CA SER MA 130 -2.72 -33.37 -79.21
C SER MA 130 -2.40 -31.90 -79.49
N LEU MA 131 -1.27 -31.62 -80.12
CA LEU MA 131 -0.93 -30.24 -80.43
C LEU MA 131 -1.87 -29.66 -81.48
N GLY MA 132 -2.37 -30.50 -82.38
CA GLY MA 132 -3.22 -29.99 -83.44
C GLY MA 132 -4.45 -29.26 -82.91
N GLU MA 133 -5.08 -29.81 -81.87
CA GLU MA 133 -6.25 -29.16 -81.29
C GLU MA 133 -5.84 -27.95 -80.46
N GLN MA 134 -4.72 -28.04 -79.72
CA GLN MA 134 -4.27 -26.91 -78.93
C GLN MA 134 -3.90 -25.73 -79.81
N ARG MA 135 -3.26 -26.00 -80.96
CA ARG MA 135 -2.78 -24.92 -81.81
C ARG MA 135 -3.92 -24.01 -82.26
N ALA MA 136 -5.03 -24.59 -82.69
CA ALA MA 136 -6.17 -23.80 -83.13
C ALA MA 136 -7.04 -23.31 -81.98
N LEU MA 137 -6.76 -23.74 -80.75
CA LEU MA 137 -7.55 -23.32 -79.60
C LEU MA 137 -7.07 -21.99 -79.04
N VAL MA 138 -5.75 -21.87 -78.81
CA VAL MA 138 -5.22 -20.64 -78.25
C VAL MA 138 -5.43 -19.47 -79.22
N GLU MA 139 -5.23 -19.72 -80.51
CA GLU MA 139 -5.40 -18.67 -81.50
C GLU MA 139 -6.77 -18.02 -81.38
N GLN MA 140 -7.79 -18.83 -81.07
CA GLN MA 140 -9.10 -18.26 -80.80
C GLN MA 140 -9.10 -17.42 -79.53
N VAL MA 141 -8.37 -17.86 -78.51
CA VAL MA 141 -8.30 -17.12 -77.26
C VAL MA 141 -7.69 -15.74 -77.49
N ARG MA 142 -6.59 -15.69 -78.24
CA ARG MA 142 -5.92 -14.43 -78.49
C ARG MA 142 -6.88 -13.41 -79.12
N GLY MA 143 -7.77 -13.87 -79.99
CA GLY MA 143 -8.73 -12.97 -80.60
C GLY MA 143 -9.64 -12.32 -79.57
N GLN MA 144 -10.11 -13.09 -78.59
CA GLN MA 144 -10.96 -12.53 -77.56
C GLN MA 144 -10.23 -11.46 -76.75
N LEU MA 145 -8.98 -11.75 -76.37
CA LEU MA 145 -8.23 -10.78 -75.59
C LEU MA 145 -7.99 -9.50 -76.38
N GLN MA 146 -7.58 -9.63 -77.64
CA GLN MA 146 -7.30 -8.46 -78.45
C GLN MA 146 -8.55 -7.62 -78.66
N LYS MA 147 -9.68 -8.27 -78.95
CA LYS MA 147 -10.92 -7.54 -79.13
C LYS MA 147 -11.34 -6.85 -77.84
N LEU MA 148 -11.18 -7.54 -76.71
CA LEU MA 148 -11.55 -6.94 -75.43
C LEU MA 148 -10.74 -5.69 -75.15
N GLU MA 149 -9.44 -5.74 -75.41
CA GLU MA 149 -8.59 -4.57 -75.17
C GLU MA 149 -9.03 -3.40 -76.03
N ARG MA 150 -9.34 -3.67 -77.30
CA ARG MA 150 -9.84 -2.59 -78.17
C ARG MA 150 -11.15 -2.04 -77.66
N LYS MA 151 -12.04 -2.92 -77.18
CA LYS MA 151 -13.31 -2.47 -76.64
C LYS MA 151 -13.13 -1.73 -75.33
N TYR MA 152 -12.08 -2.07 -74.57
CA TYR MA 152 -11.86 -1.44 -73.27
C TYR MA 152 -11.66 0.06 -73.41
N LEU MA 153 -10.84 0.49 -74.36
CA LEU MA 153 -10.50 1.89 -74.49
C LEU MA 153 -11.73 2.74 -74.84
N GLU MA 154 -12.59 2.23 -75.70
CA GLU MA 154 -13.73 3.00 -76.15
C GLU MA 154 -14.63 3.41 -75.00
N LEU MA 155 -14.59 2.70 -73.88
CA LEU MA 155 -15.36 3.07 -72.71
C LEU MA 155 -14.65 4.18 -71.93
N LYS MA 156 -13.36 3.99 -71.64
CA LYS MA 156 -12.63 4.97 -70.84
C LYS MA 156 -12.57 6.32 -71.54
N SER MA 157 -12.43 6.31 -72.87
CA SER MA 157 -12.34 7.57 -73.61
C SER MA 157 -13.60 8.41 -73.46
N GLN MA 158 -14.72 7.79 -73.06
CA GLN MA 158 -15.96 8.52 -72.87
C GLN MA 158 -16.28 8.81 -71.42
N LYS MA 159 -15.73 8.05 -70.47
CA LYS MA 159 -16.11 8.22 -69.08
C LYS MA 159 -15.78 9.63 -68.60
N ASN MA 160 -14.59 10.14 -68.94
CA ASN MA 160 -14.23 11.50 -68.55
C ASN MA 160 -15.19 12.52 -69.14
N LEU MA 161 -15.66 12.28 -70.36
CA LEU MA 161 -16.59 13.22 -70.98
C LEU MA 161 -17.90 13.30 -70.21
N TYR MA 162 -18.44 12.16 -69.79
CA TYR MA 162 -19.69 12.16 -69.06
C TYR MA 162 -19.56 12.87 -67.72
N LEU MA 163 -18.46 12.62 -67.00
CA LEU MA 163 -18.28 13.26 -65.70
C LEU MA 163 -18.27 14.77 -65.83
N ALA MA 164 -17.62 15.29 -66.87
CA ALA MA 164 -17.56 16.73 -67.07
C ALA MA 164 -18.97 17.30 -67.24
N ARG MA 165 -19.80 16.63 -68.05
CA ARG MA 165 -21.17 17.10 -68.22
C ARG MA 165 -21.93 17.03 -66.90
N LEU MA 166 -21.73 15.97 -66.13
CA LEU MA 166 -22.39 15.83 -64.85
C LEU MA 166 -21.98 16.95 -63.89
N LYS MA 167 -20.69 17.26 -63.83
CA LYS MA 167 -20.23 18.33 -62.96
C LYS MA 167 -20.75 19.68 -63.43
N SER MA 168 -20.91 19.86 -64.75
CA SER MA 168 -21.41 21.12 -65.26
C SER MA 168 -22.85 21.37 -64.83
N ALA MA 169 -23.71 20.36 -65.01
CA ALA MA 169 -25.12 20.55 -64.72
C ALA MA 169 -25.39 20.62 -63.23
N ILE MA 170 -24.76 19.73 -62.45
CA ILE MA 170 -24.97 19.74 -61.00
C ILE MA 170 -24.63 21.10 -60.43
N ALA MA 171 -23.50 21.68 -60.85
CA ALA MA 171 -23.14 23.01 -60.40
C ALA MA 171 -24.16 24.04 -60.85
N ALA MA 172 -24.64 23.92 -62.09
CA ALA MA 172 -25.61 24.87 -62.60
C ALA MA 172 -26.86 24.89 -61.74
N GLN MA 173 -27.33 23.71 -61.33
CA GLN MA 173 -28.48 23.65 -60.43
C GLN MA 173 -28.17 24.36 -59.11
N LYS MA 174 -26.97 24.16 -58.58
CA LYS MA 174 -26.59 24.80 -57.32
C LYS MA 174 -26.60 26.32 -57.46
N ILE MA 175 -26.10 26.83 -58.58
CA ILE MA 175 -26.04 28.27 -58.79
C ILE MA 175 -27.45 28.84 -58.89
N GLU MA 176 -28.31 28.20 -59.67
CA GLU MA 176 -29.60 28.79 -59.99
C GLU MA 176 -30.47 28.96 -58.74
N GLU MA 177 -30.48 27.96 -57.87
CA GLU MA 177 -31.30 28.06 -56.67
C GLU MA 177 -30.88 29.23 -55.79
N ILE MA 178 -29.64 29.68 -55.92
CA ILE MA 178 -29.13 30.82 -55.17
C ILE MA 178 -29.28 32.08 -56.02
N ALA MA 179 -30.07 31.99 -57.09
CA ALA MA 179 -30.25 33.13 -57.98
C ALA MA 179 -30.71 34.36 -57.20
N GLY MA 180 -31.49 34.17 -56.14
CA GLY MA 180 -31.96 35.29 -55.36
C GLY MA 180 -32.76 36.27 -56.19
N ASN MA 181 -33.68 35.75 -57.00
CA ASN MA 181 -34.46 36.60 -57.89
C ASN MA 181 -35.19 37.67 -57.09
N LEU MA 182 -35.08 38.92 -57.56
CA LEU MA 182 -35.72 40.03 -56.86
C LEU MA 182 -37.24 39.95 -56.94
N ASP MA 183 -37.76 39.33 -58.00
CA ASP MA 183 -39.20 39.34 -58.25
C ASP MA 183 -39.99 38.41 -57.32
N ASN MA 184 -39.32 37.50 -56.60
CA ASN MA 184 -40.07 36.52 -55.81
C ASN MA 184 -40.94 37.20 -54.76
N ALA MA 185 -40.36 38.11 -53.98
CA ALA MA 185 -41.10 38.85 -52.96
C ALA MA 185 -41.78 37.89 -51.99
N SER MA 186 -41.09 36.80 -51.66
CA SER MA 186 -41.62 35.78 -50.77
C SER MA 186 -40.60 35.22 -49.79
N ALA MA 187 -39.38 35.76 -49.76
CA ALA MA 187 -38.25 35.31 -48.95
C ALA MA 187 -37.60 34.07 -49.56
N SER MA 188 -38.14 33.52 -50.65
CA SER MA 188 -37.44 32.44 -51.34
C SER MA 188 -36.11 32.92 -51.88
N SER MA 189 -36.08 34.12 -52.46
CA SER MA 189 -34.82 34.77 -52.80
C SER MA 189 -34.30 35.47 -51.54
N LEU MA 190 -33.07 35.13 -51.15
CA LEU MA 190 -32.51 35.69 -49.93
C LEU MA 190 -32.42 37.21 -50.00
N PHE MA 191 -32.30 37.79 -51.20
CA PHE MA 191 -32.24 39.23 -51.33
C PHE MA 191 -33.55 39.88 -50.89
N GLU MA 192 -34.67 39.38 -51.40
CA GLU MA 192 -35.96 39.93 -51.00
C GLU MA 192 -36.22 39.70 -49.52
N ARG MA 193 -35.70 38.60 -48.97
CA ARG MA 193 -35.79 38.40 -47.53
C ARG MA 193 -35.06 39.51 -46.79
N ILE MA 194 -33.90 39.91 -47.30
CA ILE MA 194 -33.18 41.04 -46.71
C ILE MA 194 -34.02 42.31 -46.84
N GLU MA 195 -34.62 42.53 -48.01
CA GLU MA 195 -35.42 43.74 -48.22
C GLU MA 195 -36.56 43.81 -47.21
N THR MA 196 -37.21 42.69 -46.94
CA THR MA 196 -38.25 42.67 -45.91
C THR MA 196 -37.66 43.04 -44.56
N LYS MA 197 -36.45 42.55 -44.26
CA LYS MA 197 -35.81 42.87 -43.00
C LYS MA 197 -35.57 44.37 -42.88
N ILE MA 198 -35.14 45.01 -43.97
CA ILE MA 198 -34.83 46.43 -43.93
C ILE MA 198 -36.08 47.23 -43.54
N LEU MA 199 -37.20 46.97 -44.21
CA LEU MA 199 -38.41 47.73 -43.96
C LEU MA 199 -38.94 47.46 -42.56
N GLU MA 200 -38.68 46.28 -42.00
CA GLU MA 200 -39.13 45.98 -40.65
C GLU MA 200 -38.54 46.97 -39.65
N LEU MA 201 -37.24 47.22 -39.73
CA LEU MA 201 -36.60 48.12 -38.78
C LEU MA 201 -37.07 49.56 -38.98
N GLU MA 202 -37.06 50.02 -40.24
CA GLU MA 202 -37.48 51.39 -40.50
C GLU MA 202 -38.89 51.65 -40.00
N ALA MA 203 -39.75 50.63 -40.04
CA ALA MA 203 -41.12 50.80 -39.55
C ALA MA 203 -41.14 51.09 -38.05
N GLU MA 204 -40.30 50.39 -37.29
CA GLU MA 204 -40.31 50.58 -35.83
C GLU MA 204 -39.90 52.00 -35.46
N ARG MA 205 -38.87 52.54 -36.11
CA ARG MA 205 -38.35 53.85 -35.74
C ARG MA 205 -39.40 54.93 -35.94
N GLU MA 206 -40.05 54.93 -37.10
CA GLU MA 206 -41.03 55.98 -37.40
C GLU MA 206 -42.18 55.96 -36.41
N LEU MA 207 -42.68 54.77 -36.08
CA LEU MA 207 -43.78 54.67 -35.12
C LEU MA 207 -43.36 55.14 -33.74
N LEU MA 208 -42.18 54.72 -33.28
CA LEU MA 208 -41.74 55.08 -31.94
C LEU MA 208 -41.41 56.57 -31.84
N ASN MA 209 -41.11 57.20 -32.97
CA ASN MA 209 -40.84 58.63 -33.04
C ASN MA 209 -41.79 59.22 -34.08
N PRO MA 210 -43.03 59.53 -33.69
CA PRO MA 210 -44.01 60.03 -34.64
C PRO MA 210 -43.46 61.18 -35.46
N PRO MA 211 -43.30 61.00 -36.77
CA PRO MA 211 -42.79 62.10 -37.61
C PRO MA 211 -43.82 63.21 -37.72
N PRO MA 212 -43.40 64.41 -38.15
CA PRO MA 212 -44.34 65.53 -38.19
C PRO MA 212 -45.53 65.23 -39.10
N SER MA 213 -46.70 65.72 -38.70
CA SER MA 213 -47.88 65.58 -39.53
C SER MA 213 -47.75 66.43 -40.78
N PRO MA 214 -48.44 66.07 -41.86
CA PRO MA 214 -48.38 66.90 -43.07
C PRO MA 214 -48.86 68.32 -42.84
N LEU MA 215 -49.84 68.50 -41.94
CA LEU MA 215 -50.28 69.85 -41.61
C LEU MA 215 -49.16 70.66 -40.99
N ASP MA 216 -48.38 70.05 -40.09
CA ASP MA 216 -47.23 70.73 -39.52
C ASP MA 216 -46.21 71.06 -40.60
N LYS MA 217 -45.98 70.13 -41.52
CA LYS MA 217 -45.09 70.40 -42.65
C LYS MA 217 -45.60 71.59 -43.46
N LYS MA 218 -46.92 71.63 -43.70
CA LYS MA 218 -47.47 72.74 -44.47
C LYS MA 218 -47.17 74.07 -43.80
N PHE MA 219 -47.35 74.15 -42.48
CA PHE MA 219 -47.10 75.41 -41.77
C PHE MA 219 -45.63 75.82 -41.88
N GLU MA 220 -44.72 74.86 -41.73
CA GLU MA 220 -43.30 75.20 -41.68
C GLU MA 220 -42.86 75.89 -42.98
N GLN MA 221 -43.13 75.26 -44.12
CA GLN MA 221 -42.81 75.89 -45.39
C GLN MA 221 -43.68 77.12 -45.62
N TRP MA 222 -44.96 77.03 -45.26
CA TRP MA 222 -45.86 78.17 -45.40
C TRP MA 222 -45.32 79.40 -44.70
N GLU MA 223 -44.58 79.21 -43.61
CA GLU MA 223 -44.02 80.33 -42.86
C GLU MA 223 -42.80 80.91 -43.57
N GLU MA 224 -41.97 80.06 -44.15
CA GLU MA 224 -40.68 80.52 -44.69
C GLU MA 224 -40.85 81.48 -45.86
N GLN MA 225 -41.90 81.30 -46.66
CA GLN MA 225 -42.07 82.13 -47.84
C GLN MA 225 -42.18 83.61 -47.47
N GLN MA 226 -42.96 83.92 -46.45
CA GLN MA 226 -43.06 85.31 -46.00
C GLN MA 226 -41.73 85.79 -45.43
N ALA MA 227 -41.03 84.94 -44.68
CA ALA MA 227 -39.77 85.34 -44.08
C ALA MA 227 -38.76 85.74 -45.15
N VAL MA 228 -38.63 84.92 -46.19
CA VAL MA 228 -37.70 85.24 -47.27
C VAL MA 228 -38.24 86.42 -48.09
N GLU MA 229 -39.55 86.41 -48.37
CA GLU MA 229 -40.14 87.51 -49.13
C GLU MA 229 -40.13 88.81 -48.34
N ALA MA 230 -40.45 88.74 -47.05
CA ALA MA 230 -40.40 89.94 -46.22
C ALA MA 230 -38.96 90.47 -46.14
N THR MA 231 -37.99 89.58 -45.95
CA THR MA 231 -36.60 89.99 -46.00
C THR MA 231 -36.23 90.50 -47.38
N LEU MA 232 -36.69 89.81 -48.43
CA LEU MA 232 -36.46 90.29 -49.79
C LEU MA 232 -37.24 91.57 -50.06
N ALA MA 233 -38.46 91.68 -49.52
CA ALA MA 233 -39.22 92.92 -49.67
C ALA MA 233 -38.48 94.07 -49.01
N ALA MA 234 -37.92 93.84 -47.82
CA ALA MA 234 -37.09 94.84 -47.17
C ALA MA 234 -35.72 94.96 -47.82
N MET MA 235 -35.26 93.91 -48.52
CA MET MA 235 -33.98 93.99 -49.20
C MET MA 235 -33.97 95.14 -50.21
N LYS MA 236 -34.99 95.19 -51.07
CA LYS MA 236 -35.10 96.31 -52.00
C LYS MA 236 -35.31 97.62 -51.25
N ALA MA 237 -36.15 97.60 -50.22
CA ALA MA 237 -36.44 98.82 -49.47
C ALA MA 237 -35.23 99.28 -48.67
N ARG MA 238 -34.59 98.35 -47.95
CA ARG MA 238 -33.43 98.74 -47.13
C ARG MA 238 -32.30 99.27 -48.01
N ARG MA 239 -32.04 98.60 -49.14
CA ARG MA 239 -31.06 99.11 -50.08
C ARG MA 239 -31.58 100.36 -50.80
N SER MA 240 -32.89 100.40 -51.06
CA SER MA 240 -33.49 101.54 -51.74
C SER MA 240 -34.98 101.66 -51.39
N GLN NA 45 7.53 -54.94 26.96
CA GLN NA 45 8.82 -55.40 27.55
C GLN NA 45 9.99 -55.02 26.64
N GLU NA 46 11.16 -54.90 27.23
CA GLU NA 46 12.38 -54.54 26.52
C GLU NA 46 13.33 -55.72 26.51
N ALA NA 47 14.50 -55.53 25.90
CA ALA NA 47 15.51 -56.57 25.90
C ALA NA 47 15.97 -56.84 27.33
N PRO NA 48 16.11 -58.11 27.73
CA PRO NA 48 16.48 -58.38 29.13
C PRO NA 48 17.80 -57.77 29.52
N GLU NA 49 18.78 -57.72 28.60
CA GLU NA 49 20.07 -57.15 28.92
C GLU NA 49 19.97 -55.67 29.24
N ASP NA 50 19.14 -54.94 28.49
CA ASP NA 50 19.04 -53.50 28.69
C ASP NA 50 18.52 -53.17 30.09
N LEU NA 51 17.55 -53.95 30.57
CA LEU NA 51 17.02 -53.71 31.91
C LEU NA 51 18.10 -53.83 32.97
N LEU NA 52 19.02 -54.78 32.80
CA LEU NA 52 20.00 -55.06 33.83
C LEU NA 52 20.83 -53.82 34.14
N GLU NA 53 21.31 -53.13 33.11
CA GLU NA 53 22.08 -51.91 33.32
C GLU NA 53 21.24 -50.85 34.02
N ARG NA 54 20.01 -50.65 33.54
CA ARG NA 54 19.15 -49.62 34.12
C ARG NA 54 18.77 -49.98 35.55
N LEU NA 55 18.48 -51.25 35.83
CA LEU NA 55 18.04 -51.63 37.17
C LEU NA 55 19.12 -51.36 38.21
N LEU NA 56 20.37 -51.72 37.91
CA LEU NA 56 21.44 -51.52 38.89
C LEU NA 56 21.69 -50.03 39.13
N GLY NA 57 21.60 -49.21 38.08
CA GLY NA 57 21.77 -47.78 38.26
C GLY NA 57 20.77 -47.21 39.25
N GLU NA 58 19.53 -47.68 39.19
CA GLU NA 58 18.54 -47.27 40.19
C GLU NA 58 18.92 -47.83 41.56
N MET NA 59 19.41 -49.06 41.61
CA MET NA 59 19.78 -49.67 42.89
C MET NA 59 20.91 -48.90 43.56
N GLU NA 60 21.94 -48.53 42.80
CA GLU NA 60 23.05 -47.79 43.38
C GLU NA 60 22.61 -46.43 43.88
N LEU NA 61 21.75 -45.75 43.11
CA LEU NA 61 21.27 -44.45 43.53
C LEU NA 61 20.50 -44.54 44.85
N GLU NA 62 19.69 -45.60 45.00
CA GLU NA 62 18.90 -45.74 46.22
C GLU NA 62 19.79 -45.95 47.45
N LEU NA 63 20.86 -46.71 47.29
CA LEU NA 63 21.65 -47.11 48.45
C LEU NA 63 22.25 -45.90 49.16
N ILE NA 64 22.79 -44.94 48.41
CA ILE NA 64 23.39 -43.77 49.04
C ILE NA 64 22.33 -42.96 49.77
N GLU NA 65 21.11 -42.92 49.24
CA GLU NA 65 20.03 -42.24 49.93
C GLU NA 65 19.78 -42.88 51.30
N LEU NA 66 19.82 -44.21 51.35
CA LEU NA 66 19.75 -44.89 52.64
C LEU NA 66 20.93 -44.50 53.53
N ARG NA 67 22.13 -44.44 52.95
CA ARG NA 67 23.30 -44.06 53.73
C ARG NA 67 23.15 -42.67 54.31
N ARG NA 68 22.65 -41.73 53.50
CA ARG NA 68 22.47 -40.36 53.98
C ARG NA 68 21.45 -40.30 55.10
N ALA NA 69 20.32 -41.02 54.94
CA ALA NA 69 19.26 -40.95 55.92
C ALA NA 69 19.71 -41.48 57.27
N LEU NA 70 20.43 -42.60 57.28
CA LEU NA 70 20.86 -43.19 58.55
C LEU NA 70 21.70 -42.21 59.36
N ALA NA 71 22.47 -41.36 58.69
CA ALA NA 71 23.29 -40.38 59.41
C ALA NA 71 22.41 -39.45 60.24
N GLN NA 72 21.30 -38.99 59.66
CA GLN NA 72 20.42 -38.07 60.37
C GLN NA 72 19.89 -38.70 61.65
N THR NA 73 19.63 -40.02 61.63
CA THR NA 73 19.21 -40.71 62.84
C THR NA 73 20.27 -40.61 63.92
N ILE NA 74 21.55 -40.77 63.54
CA ILE NA 74 22.63 -40.70 64.51
C ILE NA 74 22.69 -39.32 65.16
N ALA NA 75 22.42 -38.27 64.37
CA ALA NA 75 22.48 -36.92 64.90
C ALA NA 75 21.55 -36.74 66.09
N THR NA 76 20.29 -37.16 65.94
CA THR NA 76 19.33 -37.04 67.03
C THR NA 76 19.73 -37.91 68.20
N PHE NA 77 20.18 -39.13 67.92
CA PHE NA 77 20.63 -40.02 68.99
C PHE NA 77 21.75 -39.39 69.80
N LYS NA 78 22.69 -38.73 69.14
CA LYS NA 78 23.74 -38.02 69.86
C LYS NA 78 23.22 -36.72 70.47
N SER NA 79 22.37 -36.01 69.73
CA SER NA 79 21.90 -34.70 70.19
C SER NA 79 21.14 -34.82 71.51
N THR NA 80 20.19 -35.75 71.59
CA THR NA 80 19.42 -35.92 72.81
C THR NA 80 20.32 -36.35 73.97
N GLU NA 81 21.29 -37.23 73.69
CA GLU NA 81 22.20 -37.68 74.74
C GLU NA 81 22.97 -36.50 75.32
N ARG NA 82 23.46 -35.61 74.45
CA ARG NA 82 24.08 -34.37 74.94
C ARG NA 82 23.07 -33.53 75.69
N GLN NA 83 21.84 -33.46 75.19
CA GLN NA 83 20.79 -32.71 75.88
C GLN NA 83 20.51 -33.32 77.25
N ARG NA 84 20.52 -34.65 77.34
CA ARG NA 84 20.23 -35.32 78.60
C ARG NA 84 21.25 -34.92 79.67
N ASP NA 85 22.53 -34.88 79.31
CA ASP NA 85 23.56 -34.55 80.29
C ASP NA 85 23.36 -33.16 80.88
N ALA NA 86 22.80 -32.24 80.09
CA ALA NA 86 22.61 -30.87 80.57
C ALA NA 86 21.68 -30.82 81.77
N GLN NA 87 20.57 -31.56 81.70
CA GLN NA 87 19.56 -31.48 82.76
C GLN NA 87 20.12 -31.97 84.09
N GLN NA 88 20.77 -33.13 84.09
CA GLN NA 88 21.32 -33.65 85.35
C GLN NA 88 22.35 -32.70 85.92
N LEU NA 89 23.10 -32.00 85.07
CA LEU NA 89 24.05 -31.02 85.56
C LEU NA 89 23.34 -29.92 86.34
N ILE NA 90 22.19 -29.47 85.83
CA ILE NA 90 21.41 -28.46 86.55
C ILE NA 90 20.96 -29.00 87.90
N ALA NA 91 20.47 -30.25 87.91
CA ALA NA 91 20.05 -30.85 89.18
C ALA NA 91 21.21 -30.93 90.15
N GLN NA 92 22.41 -31.23 89.64
CA GLN NA 92 23.59 -31.26 90.50
C GLN NA 92 23.82 -29.91 91.15
N ARG NA 93 23.61 -28.82 90.39
CA ARG NA 93 23.81 -27.48 90.94
C ARG NA 93 22.92 -27.26 92.15
N TRP NA 94 21.63 -27.61 92.03
CA TRP NA 94 20.72 -27.48 93.16
C TRP NA 94 21.16 -28.37 94.32
N TYR NA 95 21.54 -29.61 94.02
CA TYR NA 95 22.02 -30.50 95.07
C TYR NA 95 23.27 -29.94 95.73
N GLU NA 96 24.22 -29.44 94.91
CA GLU NA 96 25.41 -28.82 95.48
C GLU NA 96 25.04 -27.59 96.30
N LYS NA 97 24.11 -26.78 95.79
CA LYS NA 97 23.65 -25.63 96.54
C LYS NA 97 22.97 -26.06 97.84
N ALA NA 98 22.14 -27.10 97.76
CA ALA NA 98 21.48 -27.61 98.96
C ALA NA 98 22.47 -28.15 99.98
N GLN NA 99 23.68 -28.50 99.56
CA GLN NA 99 24.66 -29.02 100.50
C GLN NA 99 24.99 -28.00 101.57
N ALA NA 100 25.20 -26.75 101.18
CA ALA NA 100 25.47 -25.66 102.10
C ALA NA 100 24.23 -24.84 102.42
N ALA NA 101 23.06 -25.24 101.89
CA ALA NA 101 21.84 -24.48 102.15
C ALA NA 101 21.55 -24.42 103.65
N LEU NA 102 21.61 -25.58 104.31
CA LEU NA 102 21.39 -25.66 105.76
C LEU NA 102 22.70 -25.65 106.54
N ASP NA 103 23.83 -25.41 105.89
CA ASP NA 103 25.09 -25.30 106.61
C ASP NA 103 25.01 -24.25 107.70
N ARG NA 104 24.23 -23.20 107.48
CA ARG NA 104 23.95 -22.20 108.51
C ARG NA 104 22.88 -22.66 109.49
N GLY NA 105 22.45 -23.92 109.40
CA GLY NA 105 21.30 -24.40 110.14
C GLY NA 105 19.97 -24.15 109.46
N ASN NA 106 19.99 -23.63 108.23
CA ASN NA 106 18.75 -23.31 107.51
C ASN NA 106 18.23 -24.56 106.80
N GLU NA 107 17.65 -25.44 107.62
CA GLU NA 107 17.09 -26.69 107.09
C GLU NA 107 15.89 -26.42 106.18
N GLN NA 108 15.09 -25.40 106.50
CA GLN NA 108 13.88 -25.14 105.73
C GLN NA 108 14.20 -24.85 104.27
N LEU NA 109 15.24 -24.04 104.02
CA LEU NA 109 15.57 -23.69 102.65
C LEU NA 109 15.97 -24.92 101.84
N ALA NA 110 16.74 -25.82 102.44
CA ALA NA 110 17.18 -27.02 101.73
C ALA NA 110 16.00 -27.88 101.31
N ARG NA 111 14.87 -27.76 102.02
CA ARG NA 111 13.69 -28.55 101.66
C ARG NA 111 13.24 -28.23 100.24
N GLU NA 112 13.20 -26.95 99.88
CA GLU NA 112 12.74 -26.55 98.56
C GLU NA 112 13.67 -27.08 97.48
N ALA NA 113 14.98 -27.02 97.70
CA ALA NA 113 15.93 -27.45 96.67
C ALA NA 113 15.75 -28.92 96.33
N LEU NA 114 15.73 -29.79 97.34
CA LEU NA 114 15.57 -31.21 97.09
C LEU NA 114 14.22 -31.50 96.45
N GLY NA 115 13.17 -30.82 96.88
CA GLY NA 115 11.89 -30.96 96.21
C GLY NA 115 11.93 -30.46 94.78
N GLN NA 116 12.68 -29.38 94.55
CA GLN NA 116 12.76 -28.80 93.21
C GLN NA 116 13.46 -29.74 92.23
N ARG NA 117 14.57 -30.34 92.64
CA ARG NA 117 15.37 -31.16 91.74
C ARG NA 117 14.65 -32.44 91.30
N GLN NA 118 13.61 -32.86 92.02
CA GLN NA 118 12.91 -34.08 91.65
C GLN NA 118 12.27 -33.94 90.27
N SER NA 119 11.70 -32.75 89.98
CA SER NA 119 11.11 -32.53 88.66
C SER NA 119 12.13 -32.74 87.55
N TYR NA 120 13.35 -32.21 87.74
CA TYR NA 120 14.39 -32.41 86.75
C TYR NA 120 14.75 -33.89 86.61
N GLN NA 121 14.83 -34.60 87.75
CA GLN NA 121 15.17 -36.02 87.69
C GLN NA 121 14.17 -36.80 86.86
N SER NA 122 12.91 -36.38 86.87
CA SER NA 122 11.89 -37.09 86.08
C SER NA 122 12.24 -37.06 84.60
N HIS NA 123 12.66 -35.90 84.09
CA HIS NA 123 13.03 -35.80 82.68
C HIS NA 123 14.22 -36.69 82.38
N THR NA 124 15.22 -36.72 83.26
CA THR NA 124 16.41 -37.53 83.04
C THR NA 124 16.03 -39.00 82.90
N GLU NA 125 15.18 -39.49 83.80
CA GLU NA 125 14.75 -40.88 83.73
C GLU NA 125 13.98 -41.15 82.45
N ALA NA 126 13.10 -40.23 82.06
CA ALA NA 126 12.32 -40.43 80.84
C ALA NA 126 13.21 -40.51 79.62
N LEU NA 127 14.21 -39.62 79.54
CA LEU NA 127 15.11 -39.64 78.38
C LEU NA 127 16.00 -40.87 78.39
N GLY NA 128 16.48 -41.29 79.57
CA GLY NA 128 17.34 -42.47 79.62
C GLY NA 128 16.67 -43.69 79.04
N LYS NA 129 15.39 -43.88 79.35
CA LYS NA 129 14.64 -44.99 78.76
C LYS NA 129 14.48 -44.82 77.25
N SER NA 130 14.23 -43.59 76.81
CA SER NA 130 14.00 -43.35 75.39
C SER NA 130 15.24 -43.68 74.57
N LEU NA 131 16.42 -43.30 75.05
CA LEU NA 131 17.65 -43.60 74.32
C LEU NA 131 17.92 -45.10 74.32
N GLY NA 132 17.53 -45.79 75.39
CA GLY NA 132 17.83 -47.23 75.47
C GLY NA 132 17.27 -48.01 74.29
N GLU NA 133 16.04 -47.69 73.90
CA GLU NA 133 15.45 -48.39 72.76
C GLU NA 133 16.06 -47.92 71.45
N GLN NA 134 16.33 -46.63 71.32
CA GLN NA 134 16.94 -46.10 70.10
C GLN NA 134 18.33 -46.69 69.89
N ARG NA 135 19.10 -46.84 70.97
CA ARG NA 135 20.48 -47.28 70.85
C ARG NA 135 20.56 -48.64 70.17
N ALA NA 136 19.72 -49.58 70.59
CA ALA NA 136 19.72 -50.92 70.01
C ALA NA 136 18.95 -51.00 68.71
N LEU NA 137 18.26 -49.92 68.32
CA LEU NA 137 17.48 -49.96 67.08
C LEU NA 137 18.34 -49.61 65.87
N VAL NA 138 19.11 -48.52 65.96
CA VAL NA 138 19.95 -48.12 64.84
C VAL NA 138 21.01 -49.17 64.55
N GLU NA 139 21.60 -49.74 65.61
CA GLU NA 139 22.62 -50.76 65.42
C GLU NA 139 22.11 -51.89 64.53
N GLN NA 140 20.84 -52.24 64.67
CA GLN NA 140 20.25 -53.22 63.76
C GLN NA 140 20.17 -52.67 62.34
N VAL NA 141 19.86 -51.38 62.20
CA VAL NA 141 19.76 -50.78 60.87
C VAL NA 141 21.11 -50.83 60.17
N ARG NA 142 22.18 -50.48 60.88
CA ARG NA 142 23.51 -50.49 60.27
C ARG NA 142 23.84 -51.85 59.69
N GLY NA 143 23.43 -52.93 60.36
CA GLY NA 143 23.69 -54.26 59.84
C GLY NA 143 23.05 -54.50 58.50
N GLN NA 144 21.80 -54.04 58.33
CA GLN NA 144 21.12 -54.21 57.04
C GLN NA 144 21.86 -53.46 55.94
N LEU NA 145 22.27 -52.21 56.21
CA LEU NA 145 22.97 -51.44 55.19
C LEU NA 145 24.28 -52.10 54.82
N GLN NA 146 25.07 -52.52 55.82
CA GLN NA 146 26.37 -53.12 55.54
C GLN NA 146 26.21 -54.41 54.75
N LYS NA 147 25.24 -55.26 55.14
CA LYS NA 147 25.01 -56.49 54.40
C LYS NA 147 24.56 -56.21 52.98
N LEU NA 148 23.70 -55.21 52.79
CA LEU NA 148 23.23 -54.87 51.45
C LEU NA 148 24.38 -54.45 50.57
N GLU NA 149 25.27 -53.61 51.08
CA GLU NA 149 26.41 -53.16 50.29
C GLU NA 149 27.28 -54.34 49.87
N ARG NA 150 27.54 -55.27 50.79
CA ARG NA 150 28.32 -56.45 50.44
C ARG NA 150 27.60 -57.28 49.38
N LYS NA 151 26.28 -57.41 49.50
CA LYS NA 151 25.52 -58.15 48.52
C LYS NA 151 25.46 -57.41 47.19
N TYR NA 152 25.53 -56.08 47.21
CA TYR NA 152 25.44 -55.30 45.98
C TYR NA 152 26.56 -55.66 45.02
N LEU NA 153 27.80 -55.73 45.52
CA LEU NA 153 28.94 -55.94 44.65
C LEU NA 153 28.88 -57.29 43.95
N GLU NA 154 28.45 -58.33 44.66
CA GLU NA 154 28.45 -59.66 44.10
C GLU NA 154 27.59 -59.76 42.84
N LEU NA 155 26.64 -58.84 42.68
CA LEU NA 155 25.83 -58.80 41.46
C LEU NA 155 26.58 -58.11 40.32
N LYS NA 156 27.13 -56.92 40.60
CA LYS NA 156 27.81 -56.17 39.56
C LYS NA 156 29.02 -56.91 39.03
N SER NA 157 29.74 -57.61 39.91
CA SER NA 157 30.93 -58.34 39.49
C SER NA 157 30.60 -59.42 38.47
N GLN NA 158 29.34 -59.83 38.38
CA GLN NA 158 28.94 -60.85 37.42
C GLN NA 158 28.22 -60.29 36.21
N LYS NA 159 27.64 -59.09 36.31
CA LYS NA 159 26.84 -58.57 35.20
C LYS NA 159 27.70 -58.42 33.94
N ASN NA 160 28.91 -57.90 34.09
CA ASN NA 160 29.78 -57.75 32.93
C ASN NA 160 30.12 -59.10 32.32
N LEU NA 161 30.26 -60.13 33.15
CA LEU NA 161 30.58 -61.46 32.63
C LEU NA 161 29.44 -61.99 31.75
N TYR NA 162 28.20 -61.83 32.20
CA TYR NA 162 27.07 -62.33 31.41
C TYR NA 162 26.96 -61.60 30.08
N LEU NA 163 27.14 -60.27 30.07
CA LEU NA 163 27.03 -59.53 28.83
C LEU NA 163 28.04 -60.01 27.81
N ALA NA 164 29.26 -60.30 28.25
CA ALA NA 164 30.29 -60.78 27.34
C ALA NA 164 29.86 -62.09 26.68
N ARG NA 165 29.32 -63.01 27.47
CA ARG NA 165 28.84 -64.26 26.91
C ARG NA 165 27.70 -64.02 25.93
N LEU NA 166 26.79 -63.10 26.27
CA LEU NA 166 25.69 -62.79 25.38
C LEU NA 166 26.18 -62.21 24.06
N LYS NA 167 27.14 -61.28 24.12
CA LYS NA 167 27.67 -60.71 22.89
C LYS NA 167 28.42 -61.76 22.08
N SER NA 168 29.06 -62.71 22.74
CA SER NA 168 29.79 -63.75 22.02
C SER NA 168 28.85 -64.63 21.21
N ALA NA 169 27.77 -65.10 21.85
CA ALA NA 169 26.88 -66.05 21.19
C ALA NA 169 26.03 -65.35 20.11
N ILE NA 170 25.51 -64.17 20.42
CA ILE NA 170 24.68 -63.46 19.45
C ILE NA 170 25.47 -63.22 18.17
N ALA NA 171 26.72 -62.79 18.30
CA ALA NA 171 27.57 -62.60 17.12
C ALA NA 171 27.79 -63.92 16.40
N ALA NA 172 28.03 -65.00 17.16
CA ALA NA 172 28.26 -66.30 16.55
C ALA NA 172 27.08 -66.73 15.68
N GLN NA 173 25.86 -66.50 16.16
CA GLN NA 173 24.69 -66.79 15.35
C GLN NA 173 24.68 -65.96 14.08
N LYS NA 174 25.05 -64.68 14.18
CA LYS NA 174 25.08 -63.83 13.00
C LYS NA 174 26.10 -64.32 11.98
N ILE NA 175 27.26 -64.76 12.45
CA ILE NA 175 28.29 -65.24 11.53
C ILE NA 175 27.83 -66.51 10.83
N GLU NA 176 27.27 -67.45 11.59
CA GLU NA 176 27.00 -68.77 11.03
C GLU NA 176 25.97 -68.71 9.91
N GLU NA 177 24.91 -67.91 10.08
CA GLU NA 177 23.90 -67.83 9.04
C GLU NA 177 24.47 -67.30 7.73
N ILE NA 178 25.58 -66.57 7.80
CA ILE NA 178 26.25 -66.06 6.61
C ILE NA 178 27.34 -67.02 6.19
N ALA NA 179 27.30 -68.24 6.74
CA ALA NA 179 28.34 -69.22 6.42
C ALA NA 179 28.45 -69.43 4.92
N GLY NA 180 27.34 -69.32 4.19
CA GLY NA 180 27.38 -69.50 2.75
C GLY NA 180 27.89 -70.87 2.37
N ASN NA 181 27.38 -71.90 3.03
CA ASN NA 181 27.84 -73.26 2.78
C ASN NA 181 27.69 -73.61 1.32
N LEU NA 182 28.77 -74.15 0.72
CA LEU NA 182 28.73 -74.50 -0.70
C LEU NA 182 27.79 -75.68 -0.95
N ASP NA 183 27.58 -76.54 0.04
CA ASP NA 183 26.81 -77.77 -0.17
C ASP NA 183 25.31 -77.53 -0.26
N ASN NA 184 24.81 -76.36 0.11
CA ASN NA 184 23.35 -76.17 0.13
C ASN NA 184 22.74 -76.37 -1.24
N ALA NA 185 23.29 -75.71 -2.26
CA ALA NA 185 22.80 -75.84 -3.63
C ALA NA 185 21.32 -75.50 -3.72
N SER NA 186 20.91 -74.49 -2.95
CA SER NA 186 19.51 -74.08 -2.90
C SER NA 186 19.33 -72.56 -2.86
N ALA NA 187 20.41 -71.78 -2.98
CA ALA NA 187 20.43 -70.32 -2.89
C ALA NA 187 20.34 -69.86 -1.43
N SER NA 188 20.21 -70.78 -0.47
CA SER NA 188 20.28 -70.38 0.94
C SER NA 188 21.67 -69.83 1.25
N SER NA 189 22.71 -70.49 0.76
CA SER NA 189 24.06 -69.94 0.80
C SER NA 189 24.22 -68.99 -0.37
N LEU NA 190 24.57 -67.73 -0.07
CA LEU NA 190 24.69 -66.73 -1.12
C LEU NA 190 25.72 -67.12 -2.17
N PHE NA 191 26.72 -67.91 -1.79
CA PHE NA 191 27.73 -68.34 -2.76
C PHE NA 191 27.12 -69.23 -3.83
N GLU NA 192 26.36 -70.25 -3.42
CA GLU NA 192 25.71 -71.12 -4.40
C GLU NA 192 24.70 -70.35 -5.23
N ARG NA 193 24.07 -69.33 -4.65
CA ARG NA 193 23.20 -68.47 -5.44
C ARG NA 193 23.99 -67.78 -6.54
N ILE NA 194 25.20 -67.32 -6.22
CA ILE NA 194 26.07 -66.75 -7.25
C ILE NA 194 26.41 -67.79 -8.30
N GLU NA 195 26.73 -69.01 -7.87
CA GLU NA 195 27.08 -70.05 -8.81
C GLU NA 195 25.96 -70.33 -9.79
N THR NA 196 24.72 -70.34 -9.30
CA THR NA 196 23.57 -70.48 -10.19
C THR NA 196 23.52 -69.33 -11.17
N LYS NA 197 23.80 -68.12 -10.71
CA LYS NA 197 23.80 -66.96 -11.60
C LYS NA 197 24.84 -67.12 -12.71
N ILE NA 198 26.02 -67.63 -12.38
CA ILE NA 198 27.08 -67.77 -13.37
C ILE NA 198 26.62 -68.67 -14.51
N LEU NA 199 26.09 -69.85 -14.16
CA LEU NA 199 25.69 -70.81 -15.18
C LEU NA 199 24.53 -70.28 -16.01
N GLU NA 200 23.69 -69.42 -15.43
CA GLU NA 200 22.58 -68.86 -16.18
C GLU NA 200 23.06 -68.09 -17.39
N LEU NA 201 24.07 -67.24 -17.20
CA LEU NA 201 24.57 -66.42 -18.31
C LEU NA 201 25.28 -67.28 -19.34
N GLU NA 202 26.17 -68.16 -18.89
CA GLU NA 202 26.90 -69.01 -19.83
C GLU NA 202 25.95 -69.84 -20.69
N ALA NA 203 24.80 -70.22 -20.13
CA ALA NA 203 23.83 -70.99 -20.90
C ALA NA 203 23.28 -70.18 -22.07
N GLU NA 204 22.99 -68.90 -21.84
CA GLU NA 204 22.41 -68.07 -22.90
C GLU NA 204 23.37 -67.93 -24.07
N ARG NA 205 24.65 -67.71 -23.79
CA ARG NA 205 25.61 -67.46 -24.86
C ARG NA 205 25.74 -68.66 -25.79
N GLU NA 206 25.88 -69.85 -25.22
CA GLU NA 206 26.08 -71.04 -26.03
C GLU NA 206 24.88 -71.29 -26.93
N LEU NA 207 23.67 -71.14 -26.39
CA LEU NA 207 22.48 -71.36 -27.21
C LEU NA 207 22.36 -70.33 -28.32
N LEU NA 208 22.61 -69.06 -28.01
CA LEU NA 208 22.47 -68.01 -29.02
C LEU NA 208 23.55 -68.11 -30.08
N ASN NA 209 24.67 -68.76 -29.76
CA ASN NA 209 25.76 -68.99 -30.69
C ASN NA 209 26.04 -70.49 -30.70
N PRO NA 210 25.29 -71.25 -31.49
CA PRO NA 210 25.44 -72.71 -31.48
C PRO NA 210 26.90 -73.10 -31.67
N PRO NA 211 27.52 -73.73 -30.67
CA PRO NA 211 28.91 -74.15 -30.82
C PRO NA 211 29.02 -75.29 -31.82
N PRO NA 212 30.23 -75.57 -32.32
CA PRO NA 212 30.38 -76.61 -33.34
C PRO NA 212 29.89 -77.96 -32.83
N SER NA 213 29.29 -78.73 -33.74
CA SER NA 213 28.86 -80.07 -33.41
C SER NA 213 30.08 -80.97 -33.22
N PRO NA 214 29.94 -82.04 -32.41
CA PRO NA 214 31.07 -82.96 -32.24
C PRO NA 214 31.55 -83.57 -33.55
N LEU NA 215 30.64 -83.80 -34.49
CA LEU NA 215 31.05 -84.30 -35.80
C LEU NA 215 31.95 -83.30 -36.50
N ASP NA 216 31.61 -82.01 -36.44
CA ASP NA 216 32.48 -80.99 -37.02
C ASP NA 216 33.83 -80.98 -36.32
N LYS NA 217 33.83 -81.11 -35.00
CA LYS NA 217 35.10 -81.21 -34.26
C LYS NA 217 35.90 -82.40 -34.74
N LYS NA 218 35.24 -83.55 -34.95
CA LYS NA 218 35.94 -84.73 -35.42
C LYS NA 218 36.65 -84.45 -36.74
N PHE NA 219 35.96 -83.81 -37.68
CA PHE NA 219 36.56 -83.54 -38.98
C PHE NA 219 37.76 -82.62 -38.85
N GLU NA 220 37.66 -81.59 -38.02
CA GLU NA 220 38.73 -80.60 -37.95
C GLU NA 220 40.04 -81.24 -37.52
N GLN NA 221 40.03 -81.96 -36.40
CA GLN NA 221 41.24 -82.67 -35.97
C GLN NA 221 41.57 -83.79 -36.94
N TRP NA 222 40.56 -84.51 -37.43
CA TRP NA 222 40.78 -85.57 -38.39
C TRP NA 222 41.54 -85.08 -39.62
N GLU NA 223 41.35 -83.81 -39.98
CA GLU NA 223 42.05 -83.25 -41.13
C GLU NA 223 43.51 -82.92 -40.81
N GLU NA 224 43.77 -82.42 -39.60
CA GLU NA 224 45.10 -81.91 -39.29
C GLU NA 224 46.16 -83.01 -39.29
N GLN NA 225 45.77 -84.23 -38.92
CA GLN NA 225 46.76 -85.30 -38.81
C GLN NA 225 47.44 -85.57 -40.14
N GLN NA 226 46.66 -85.61 -41.23
CA GLN NA 226 47.25 -85.79 -42.55
C GLN NA 226 48.10 -84.59 -42.93
N ALA NA 227 47.63 -83.38 -42.61
CA ALA NA 227 48.38 -82.18 -42.97
C ALA NA 227 49.77 -82.18 -42.34
N VAL NA 228 49.84 -82.49 -41.04
CA VAL NA 228 51.13 -82.54 -40.37
C VAL NA 228 51.92 -83.76 -40.83
N GLU NA 229 51.25 -84.91 -40.99
CA GLU NA 229 51.93 -86.12 -41.44
C GLU NA 229 52.37 -85.98 -42.89
N ALA NA 230 51.51 -85.42 -43.75
CA ALA NA 230 51.89 -85.20 -45.14
C ALA NA 230 53.07 -84.22 -45.22
N THR NA 231 53.02 -83.14 -44.45
CA THR NA 231 54.16 -82.25 -44.38
C THR NA 231 55.37 -82.95 -43.78
N LEU NA 232 55.15 -83.74 -42.72
CA LEU NA 232 56.24 -84.52 -42.15
C LEU NA 232 56.69 -85.62 -43.10
N ALA NA 233 55.76 -86.23 -43.83
CA ALA NA 233 56.14 -87.23 -44.84
C ALA NA 233 56.99 -86.59 -45.92
N ALA NA 234 56.62 -85.39 -46.36
CA ALA NA 234 57.45 -84.65 -47.31
C ALA NA 234 58.67 -84.05 -46.63
N MET NA 235 58.64 -83.85 -45.32
CA MET NA 235 59.81 -83.33 -44.62
C MET NA 235 61.01 -84.24 -44.81
N LYS NA 236 60.83 -85.54 -44.56
CA LYS NA 236 61.90 -86.49 -44.82
C LYS NA 236 62.24 -86.56 -46.30
N ALA NA 237 61.20 -86.56 -47.15
CA ALA NA 237 61.44 -86.65 -48.59
C ALA NA 237 62.08 -85.38 -49.13
N ARG NA 238 61.56 -84.21 -48.77
CA ARG NA 238 62.12 -82.96 -49.28
C ARG NA 238 63.57 -82.79 -48.83
N ARG NA 239 63.85 -83.10 -47.56
CA ARG NA 239 65.23 -83.08 -47.09
C ARG NA 239 66.02 -84.24 -47.68
N SER NA 240 65.37 -85.39 -47.87
CA SER NA 240 66.04 -86.56 -48.43
C SER NA 240 65.03 -87.49 -49.09
N GLN OA 45 -43.99 34.57 26.31
CA GLN OA 45 -43.77 36.01 26.60
C GLN OA 45 -42.38 36.23 27.18
N GLU OA 46 -41.85 37.43 27.01
CA GLU OA 46 -40.53 37.82 27.50
C GLU OA 46 -40.68 38.85 28.61
N ALA OA 47 -39.55 39.29 29.14
CA ALA OA 47 -39.58 40.32 30.15
C ALA OA 47 -40.15 41.61 29.56
N PRO OA 48 -41.04 42.30 30.27
CA PRO OA 48 -41.65 43.50 29.67
C PRO OA 48 -40.64 44.57 29.30
N GLU OA 49 -39.57 44.71 30.09
CA GLU OA 49 -38.57 45.73 29.79
C GLU OA 49 -37.85 45.43 28.48
N ASP OA 50 -37.55 44.16 28.21
CA ASP OA 50 -36.82 43.81 27.00
C ASP OA 50 -37.61 44.19 25.75
N LEU OA 51 -38.92 43.97 25.77
CA LEU OA 51 -39.75 44.31 24.62
C LEU OA 51 -39.64 45.80 24.30
N LEU OA 52 -39.60 46.64 25.33
CA LEU OA 52 -39.67 48.08 25.12
C LEU OA 52 -38.52 48.56 24.22
N GLU OA 53 -37.31 48.08 24.49
CA GLU OA 53 -36.17 48.46 23.65
C GLU OA 53 -36.35 47.96 22.22
N ARG OA 54 -36.76 46.70 22.08
CA ARG OA 54 -36.94 46.13 20.76
C ARG OA 54 -38.08 46.81 20.00
N LEU OA 55 -39.17 47.11 20.69
CA LEU OA 55 -40.33 47.69 20.01
C LEU OA 55 -39.99 49.06 19.42
N LEU OA 56 -39.31 49.91 20.18
CA LEU OA 56 -38.98 51.24 19.67
C LEU OA 56 -38.02 51.17 18.50
N GLY OA 57 -37.06 50.24 18.55
CA GLY OA 57 -36.15 50.09 17.43
C GLY OA 57 -36.88 49.80 16.13
N GLU OA 58 -37.91 48.95 16.20
CA GLU OA 58 -38.75 48.72 15.03
C GLU OA 58 -39.51 49.98 14.65
N MET OA 59 -40.00 50.72 15.64
CA MET OA 59 -40.76 51.92 15.37
C MET OA 59 -39.91 52.97 14.66
N GLU OA 60 -38.68 53.18 15.13
CA GLU OA 60 -37.81 54.16 14.50
C GLU OA 60 -37.48 53.75 13.08
N LEU OA 61 -37.21 52.46 12.85
CA LEU OA 61 -36.91 51.99 11.50
C LEU OA 61 -38.07 52.25 10.56
N GLU OA 62 -39.30 52.02 11.02
CA GLU OA 62 -40.46 52.21 10.16
C GLU OA 62 -40.63 53.67 9.76
N LEU OA 63 -40.37 54.61 10.68
CA LEU OA 63 -40.68 56.00 10.43
C LEU OA 63 -39.90 56.55 9.24
N ILE OA 64 -38.61 56.23 9.15
CA ILE OA 64 -37.81 56.74 8.04
C ILE OA 64 -38.32 56.17 6.73
N GLU OA 65 -38.78 54.93 6.73
CA GLU OA 65 -39.36 54.35 5.52
C GLU OA 65 -40.56 55.17 5.07
N LEU OA 66 -41.40 55.59 6.01
CA LEU OA 66 -42.48 56.52 5.68
C LEU OA 66 -41.93 57.81 5.12
N ARG OA 67 -40.88 58.35 5.74
CA ARG OA 67 -40.29 59.60 5.26
C ARG OA 67 -39.79 59.45 3.83
N ARG OA 68 -39.12 58.34 3.53
CA ARG OA 68 -38.61 58.12 2.18
C ARG OA 68 -39.75 58.01 1.18
N ALA OA 69 -40.81 57.27 1.53
CA ALA OA 69 -41.90 57.05 0.58
C ALA OA 69 -42.60 58.35 0.22
N LEU OA 70 -42.86 59.20 1.23
CA LEU OA 70 -43.56 60.46 0.96
C LEU OA 70 -42.82 61.31 -0.07
N ALA OA 71 -41.49 61.25 -0.08
CA ALA OA 71 -40.73 62.03 -1.05
C ALA OA 71 -41.08 61.62 -2.47
N GLN OA 72 -41.20 60.31 -2.72
CA GLN OA 72 -41.52 59.83 -4.06
C GLN OA 72 -42.86 60.39 -4.54
N THR OA 73 -43.82 60.54 -3.63
CA THR OA 73 -45.09 61.15 -3.99
C THR OA 73 -44.88 62.56 -4.49
N ILE OA 74 -44.01 63.33 -3.82
CA ILE OA 74 -43.77 64.71 -4.22
C ILE OA 74 -43.19 64.76 -5.62
N ALA OA 75 -42.33 63.80 -5.96
CA ALA OA 75 -41.69 63.81 -7.27
C ALA OA 75 -42.74 63.78 -8.38
N THR OA 76 -43.69 62.85 -8.29
CA THR OA 76 -44.73 62.77 -9.31
C THR OA 76 -45.60 64.02 -9.32
N PHE OA 77 -45.94 64.53 -8.13
CA PHE OA 77 -46.73 65.75 -8.05
C PHE OA 77 -46.04 66.90 -8.76
N LYS OA 78 -44.72 67.03 -8.57
CA LYS OA 78 -43.97 68.05 -9.30
C LYS OA 78 -43.79 67.67 -10.75
N SER OA 79 -43.52 66.39 -11.03
CA SER OA 79 -43.21 65.97 -12.40
C SER OA 79 -44.38 66.24 -13.33
N THR OA 80 -45.58 65.82 -12.93
CA THR OA 80 -46.74 66.04 -13.78
C THR OA 80 -47.01 67.54 -13.98
N GLU OA 81 -46.84 68.33 -12.92
CA GLU OA 81 -47.05 69.77 -13.03
C GLU OA 81 -46.12 70.37 -14.07
N ARG OA 82 -44.84 69.97 -14.05
CA ARG OA 82 -43.92 70.38 -15.10
C ARG OA 82 -44.38 69.86 -16.46
N GLN OA 83 -44.86 68.62 -16.49
CA GLN OA 83 -45.37 68.05 -17.73
C GLN OA 83 -46.58 68.83 -18.23
N ARG OA 84 -47.44 69.26 -17.31
CA ARG OA 84 -48.65 70.00 -17.70
C ARG OA 84 -48.28 71.29 -18.41
N ASP OA 85 -47.29 72.02 -17.89
CA ASP OA 85 -46.92 73.30 -18.50
C ASP OA 85 -46.46 73.11 -19.94
N ALA OA 86 -45.85 71.97 -20.26
CA ALA OA 86 -45.34 71.75 -21.60
C ALA OA 86 -46.47 71.76 -22.63
N GLN OA 87 -47.59 71.10 -22.33
CA GLN OA 87 -48.65 70.96 -23.30
C GLN OA 87 -49.25 72.32 -23.67
N GLN OA 88 -49.58 73.12 -22.65
CA GLN OA 88 -50.16 74.43 -22.92
C GLN OA 88 -49.21 75.30 -23.74
N LEU OA 89 -47.90 75.15 -23.51
CA LEU OA 89 -46.93 75.89 -24.32
C LEU OA 89 -47.07 75.53 -25.79
N ILE OA 90 -47.25 74.24 -26.08
CA ILE OA 90 -47.44 73.81 -27.46
C ILE OA 90 -48.71 74.43 -28.03
N ALA OA 91 -49.80 74.43 -27.26
CA ALA OA 91 -51.03 75.04 -27.72
C ALA OA 91 -50.84 76.52 -27.99
N GLN OA 92 -50.03 77.19 -27.15
CA GLN OA 92 -49.75 78.60 -27.38
C GLN OA 92 -49.06 78.80 -28.73
N ARG OA 93 -48.15 77.89 -29.09
CA ARG OA 93 -47.46 78.00 -30.37
C ARG OA 93 -48.45 78.01 -31.53
N TRP OA 94 -49.41 77.07 -31.51
CA TRP OA 94 -50.43 77.04 -32.55
C TRP OA 94 -51.26 78.30 -32.53
N TYR OA 95 -51.66 78.76 -31.34
CA TYR OA 95 -52.42 79.99 -31.23
C TYR OA 95 -51.62 81.17 -31.75
N GLU OA 96 -50.34 81.25 -31.37
CA GLU OA 96 -49.48 82.31 -31.88
C GLU OA 96 -49.34 82.19 -33.39
N LYS OA 97 -49.16 80.97 -33.90
CA LYS OA 97 -49.08 80.76 -35.34
C LYS OA 97 -50.39 81.16 -36.00
N ALA OA 98 -51.52 80.78 -35.40
CA ALA OA 98 -52.81 81.16 -35.95
C ALA OA 98 -53.04 82.66 -35.96
N GLN OA 99 -52.30 83.40 -35.13
CA GLN OA 99 -52.47 84.86 -35.10
C GLN OA 99 -52.14 85.47 -36.45
N ALA OA 100 -51.04 85.04 -37.07
CA ALA OA 100 -50.64 85.51 -38.39
C ALA OA 100 -51.05 84.55 -39.49
N ALA OA 101 -51.76 83.48 -39.16
CA ALA OA 101 -52.18 82.51 -40.18
C ALA OA 101 -53.04 83.18 -41.24
N LEU OA 102 -54.03 83.95 -40.81
CA LEU OA 102 -54.91 84.68 -41.71
C LEU OA 102 -54.48 86.12 -41.90
N ASP OA 103 -53.31 86.52 -41.38
CA ASP OA 103 -52.81 87.86 -41.61
C ASP OA 103 -52.73 88.18 -43.09
N ARG OA 104 -52.45 87.18 -43.91
CA ARG OA 104 -52.50 87.31 -45.36
C ARG OA 104 -53.91 87.24 -45.91
N GLY OA 105 -54.92 87.21 -45.04
CA GLY OA 105 -56.28 86.93 -45.44
C GLY OA 105 -56.62 85.45 -45.53
N ASN OA 106 -55.70 84.57 -45.12
CA ASN OA 106 -55.91 83.13 -45.20
C ASN OA 106 -56.68 82.65 -43.97
N GLU OA 107 -57.98 82.95 -43.98
CA GLU OA 107 -58.84 82.55 -42.88
C GLU OA 107 -58.98 81.03 -42.79
N GLN OA 108 -58.99 80.35 -43.95
CA GLN OA 108 -59.21 78.91 -43.94
C GLN OA 108 -58.14 78.18 -43.14
N LEU OA 109 -56.88 78.58 -43.31
CA LEU OA 109 -55.78 77.91 -42.63
C LEU OA 109 -55.92 78.05 -41.11
N ALA OA 110 -56.29 79.24 -40.64
CA ALA OA 110 -56.43 79.46 -39.20
C ALA OA 110 -57.50 78.56 -38.60
N ARG OA 111 -58.46 78.11 -39.41
CA ARG OA 111 -59.50 77.23 -38.89
C ARG OA 111 -58.90 75.94 -38.34
N GLU OA 112 -57.95 75.36 -39.07
CA GLU OA 112 -57.36 74.10 -38.64
C GLU OA 112 -56.60 74.27 -37.32
N ALA OA 113 -55.86 75.37 -37.19
CA ALA OA 113 -55.04 75.58 -36.00
C ALA OA 113 -55.92 75.64 -34.74
N LEU OA 114 -56.95 76.48 -34.76
CA LEU OA 114 -57.82 76.60 -33.59
C LEU OA 114 -58.52 75.28 -33.30
N GLY OA 115 -58.95 74.57 -34.33
CA GLY OA 115 -59.51 73.24 -34.13
C GLY OA 115 -58.48 72.27 -33.58
N GLN OA 116 -57.23 72.39 -34.03
CA GLN OA 116 -56.18 71.49 -33.59
C GLN OA 116 -55.88 71.66 -32.11
N ARG OA 117 -55.76 72.91 -31.65
CA ARG OA 117 -55.35 73.18 -30.28
C ARG OA 117 -56.37 72.74 -29.24
N GLN OA 118 -57.62 72.51 -29.65
CA GLN OA 118 -58.64 72.09 -28.69
C GLN OA 118 -58.28 70.73 -28.09
N SER OA 119 -57.77 69.82 -28.90
CA SER OA 119 -57.36 68.52 -28.38
C SER OA 119 -56.32 68.67 -27.28
N TYR OA 120 -55.34 69.54 -27.47
CA TYR OA 120 -54.34 69.77 -26.44
C TYR OA 120 -54.98 70.36 -25.19
N GLN OA 121 -55.92 71.29 -25.36
CA GLN OA 121 -56.56 71.91 -24.20
C GLN OA 121 -57.26 70.88 -23.35
N SER OA 122 -57.80 69.82 -23.97
CA SER OA 122 -58.48 68.79 -23.20
C SER OA 122 -57.54 68.13 -22.20
N HIS OA 123 -56.32 67.82 -22.62
CA HIS OA 123 -55.35 67.22 -21.72
C HIS OA 123 -55.01 68.17 -20.56
N THR OA 124 -54.85 69.45 -20.88
CA THR OA 124 -54.51 70.42 -19.84
C THR OA 124 -55.59 70.47 -18.77
N GLU OA 125 -56.87 70.51 -19.19
CA GLU OA 125 -57.96 70.53 -18.24
C GLU OA 125 -57.99 69.25 -17.41
N ALA OA 126 -57.77 68.10 -18.05
CA ALA OA 126 -57.79 66.84 -17.33
C ALA OA 126 -56.70 66.78 -16.28
N LEU OA 127 -55.50 67.24 -16.62
CA LEU OA 127 -54.40 67.22 -15.66
C LEU OA 127 -54.62 68.23 -14.54
N GLY OA 128 -55.15 69.41 -14.86
CA GLY OA 128 -55.38 70.40 -13.82
C GLY OA 128 -56.28 69.88 -12.72
N LYS OA 129 -57.34 69.16 -13.09
CA LYS OA 129 -58.22 68.56 -12.09
C LYS OA 129 -57.48 67.48 -11.30
N SER OA 130 -56.65 66.68 -11.98
CA SER OA 130 -55.96 65.59 -11.32
C SER OA 130 -55.01 66.10 -10.24
N LEU OA 131 -54.28 67.18 -10.54
CA LEU OA 131 -53.36 67.74 -9.55
C LEU OA 131 -54.12 68.35 -8.38
N GLY OA 132 -55.31 68.89 -8.65
CA GLY OA 132 -56.06 69.55 -7.59
C GLY OA 132 -56.32 68.64 -6.41
N GLU OA 133 -56.71 67.39 -6.68
CA GLU OA 133 -56.96 66.45 -5.59
C GLU OA 133 -55.66 65.98 -4.95
N GLN OA 134 -54.62 65.76 -5.76
CA GLN OA 134 -53.33 65.33 -5.21
C GLN OA 134 -52.75 66.40 -4.31
N ARG OA 135 -52.88 67.67 -4.70
CA ARG OA 135 -52.24 68.75 -3.95
C ARG OA 135 -52.71 68.77 -2.51
N ALA OA 136 -54.03 68.66 -2.30
CA ALA OA 136 -54.58 68.67 -0.95
C ALA OA 136 -54.49 67.33 -0.25
N LEU OA 137 -54.06 66.28 -0.96
CA LEU OA 137 -53.96 64.96 -0.35
C LEU OA 137 -52.63 64.77 0.38
N VAL OA 138 -51.52 65.10 -0.29
CA VAL OA 138 -50.21 64.93 0.34
C VAL OA 138 -50.09 65.84 1.56
N GLU OA 139 -50.59 67.08 1.45
CA GLU OA 139 -50.50 68.01 2.57
C GLU OA 139 -51.08 67.40 3.83
N GLN OA 140 -52.15 66.62 3.69
CA GLN OA 140 -52.70 65.90 4.84
C GLN OA 140 -51.72 64.83 5.31
N VAL OA 141 -51.04 64.16 4.39
CA VAL OA 141 -50.08 63.12 4.77
C VAL OA 141 -48.95 63.72 5.59
N ARG OA 142 -48.41 64.85 5.14
CA ARG OA 142 -47.31 65.47 5.85
C ARG OA 142 -47.68 65.75 7.31
N GLY OA 143 -48.93 66.14 7.56
CA GLY OA 143 -49.34 66.38 8.94
C GLY OA 143 -49.25 65.15 9.81
N GLN OA 144 -49.64 63.99 9.28
CA GLN OA 144 -49.55 62.76 10.04
C GLN OA 144 -48.10 62.42 10.37
N LEU OA 145 -47.21 62.56 9.40
CA LEU OA 145 -45.80 62.25 9.65
C LEU OA 145 -45.22 63.19 10.70
N GLN OA 146 -45.48 64.49 10.55
CA GLN OA 146 -44.92 65.45 11.51
C GLN OA 146 -45.45 65.21 12.91
N LYS OA 147 -46.75 64.96 13.03
CA LYS OA 147 -47.32 64.68 14.35
C LYS OA 147 -46.73 63.41 14.93
N LEU OA 148 -46.57 62.38 14.11
CA LEU OA 148 -46.00 61.12 14.60
C LEU OA 148 -44.59 61.33 15.13
N GLU OA 149 -43.76 62.08 14.41
CA GLU OA 149 -42.40 62.32 14.87
C GLU OA 149 -42.40 63.04 16.21
N ARG OA 150 -43.26 64.04 16.37
CA ARG OA 150 -43.35 64.74 17.65
C ARG OA 150 -43.80 63.79 18.75
N LYS OA 151 -44.76 62.91 18.44
CA LYS OA 151 -45.21 61.94 19.43
C LYS OA 151 -44.15 60.89 19.72
N TYR OA 152 -43.29 60.60 18.74
CA TYR OA 152 -42.27 59.58 18.93
C TYR OA 152 -41.34 59.92 20.07
N LEU OA 153 -40.87 61.17 20.12
CA LEU OA 153 -39.87 61.55 21.11
C LEU OA 153 -40.42 61.45 22.53
N GLU OA 154 -41.68 61.84 22.72
CA GLU OA 154 -42.24 61.86 24.06
C GLU OA 154 -42.23 60.49 24.72
N LEU OA 155 -42.17 59.42 23.92
CA LEU OA 155 -42.05 58.07 24.47
C LEU OA 155 -40.61 57.77 24.87
N LYS OA 156 -39.67 58.01 23.95
CA LYS OA 156 -38.28 57.68 24.22
C LYS OA 156 -37.73 58.47 25.40
N SER OA 157 -38.15 59.73 25.53
CA SER OA 157 -37.67 60.56 26.63
C SER OA 157 -38.06 59.99 27.99
N GLN OA 158 -39.05 59.11 28.04
CA GLN OA 158 -39.49 58.51 29.29
C GLN OA 158 -38.99 57.08 29.47
N LYS OA 159 -38.64 56.38 28.39
CA LYS OA 159 -38.28 54.98 28.52
C LYS OA 159 -37.07 54.80 29.42
N ASN OA 160 -36.05 55.66 29.23
CA ASN OA 160 -34.87 55.57 30.07
C ASN OA 160 -35.21 55.81 31.54
N LEU OA 161 -36.16 56.71 31.80
CA LEU OA 161 -36.54 57.00 33.18
C LEU OA 161 -37.16 55.77 33.85
N TYR OA 162 -38.04 55.06 33.14
CA TYR OA 162 -38.67 53.88 33.73
C TYR OA 162 -37.64 52.79 34.02
N LEU OA 163 -36.71 52.55 33.09
CA LEU OA 163 -35.72 51.51 33.30
C LEU OA 163 -34.90 51.78 34.56
N ALA OA 164 -34.54 53.05 34.79
CA ALA OA 164 -33.77 53.39 35.98
C ALA OA 164 -34.53 53.02 37.24
N ARG OA 165 -35.82 53.35 37.28
CA ARG OA 165 -36.64 52.99 38.44
C ARG OA 165 -36.71 51.48 38.59
N LEU OA 166 -36.86 50.77 37.49
CA LEU OA 166 -36.92 49.31 37.55
C LEU OA 166 -35.63 48.72 38.08
N LYS OA 167 -34.48 49.22 37.60
CA LYS OA 167 -33.21 48.72 38.10
C LYS OA 167 -33.01 49.07 39.57
N SER OA 168 -33.53 50.21 40.00
CA SER OA 168 -33.38 50.60 41.41
C SER OA 168 -34.12 49.65 42.33
N ALA OA 169 -35.39 49.36 42.00
CA ALA OA 169 -36.21 48.55 42.90
C ALA OA 169 -35.79 47.09 42.86
N ILE OA 170 -35.52 46.54 41.66
CA ILE OA 170 -35.12 45.15 41.56
C ILE OA 170 -33.87 44.90 42.39
N ALA OA 171 -32.89 45.79 42.30
CA ALA OA 171 -31.69 45.66 43.13
C ALA OA 171 -32.04 45.76 44.61
N ALA OA 172 -32.93 46.68 44.97
CA ALA OA 172 -33.30 46.84 46.37
C ALA OA 172 -33.87 45.55 46.93
N GLN OA 173 -34.71 44.87 46.16
CA GLN OA 173 -35.23 43.59 46.60
C GLN OA 173 -34.11 42.57 46.80
N LYS OA 174 -33.14 42.57 45.89
CA LYS OA 174 -32.02 41.64 46.01
C LYS OA 174 -31.21 41.91 47.27
N ILE OA 175 -30.99 43.19 47.59
CA ILE OA 175 -30.21 43.54 48.78
C ILE OA 175 -30.95 43.11 50.04
N GLU OA 176 -32.24 43.40 50.12
CA GLU OA 176 -32.98 43.22 51.36
C GLU OA 176 -33.03 41.76 51.78
N GLU OA 177 -33.27 40.86 50.82
CA GLU OA 177 -33.35 39.45 51.17
C GLU OA 177 -32.04 38.93 51.75
N ILE OA 178 -30.93 39.61 51.46
CA ILE OA 178 -29.63 39.24 52.00
C ILE OA 178 -29.36 40.07 53.24
N ALA OA 179 -30.40 40.71 53.78
CA ALA OA 179 -30.22 41.55 54.95
C ALA OA 179 -29.57 40.79 56.09
N GLY OA 180 -29.83 39.49 56.19
CA GLY OA 180 -29.24 38.69 57.24
C GLY OA 180 -29.58 39.22 58.61
N ASN OA 181 -30.87 39.52 58.83
CA ASN OA 181 -31.30 40.09 60.10
C ASN OA 181 -30.91 39.18 61.25
N LEU OA 182 -30.31 39.77 62.28
CA LEU OA 182 -29.86 38.98 63.43
C LEU OA 182 -31.05 38.44 64.23
N ASP OA 183 -32.19 39.13 64.17
CA ASP OA 183 -33.34 38.76 65.01
C ASP OA 183 -34.07 37.51 64.54
N ASN OA 184 -33.83 37.03 63.31
CA ASN OA 184 -34.62 35.93 62.80
C ASN OA 184 -34.47 34.69 63.67
N ALA OA 185 -33.22 34.30 63.96
CA ALA OA 185 -32.95 33.14 64.81
C ALA OA 185 -33.61 31.89 64.25
N SER OA 186 -33.60 31.77 62.92
CA SER OA 186 -34.23 30.64 62.24
C SER OA 186 -33.41 30.12 61.07
N ALA OA 187 -32.21 30.64 60.83
CA ALA OA 187 -31.33 30.31 59.71
C ALA OA 187 -31.79 31.00 58.43
N SER OA 188 -32.92 31.73 58.45
CA SER OA 188 -33.29 32.54 57.29
C SER OA 188 -32.24 33.61 57.02
N SER OA 189 -31.77 34.27 58.08
CA SER OA 189 -30.62 35.15 57.99
C SER OA 189 -29.36 34.30 58.07
N LEU OA 190 -28.50 34.40 57.06
CA LEU OA 190 -27.31 33.57 57.02
C LEU OA 190 -26.41 33.82 58.22
N PHE OA 191 -26.47 35.01 58.81
CA PHE OA 191 -25.65 35.30 59.99
C PHE OA 191 -26.07 34.44 61.16
N GLU OA 192 -27.36 34.40 61.46
CA GLU OA 192 -27.83 33.56 62.56
C GLU OA 192 -27.59 32.09 62.28
N ARG OA 193 -27.62 31.68 61.00
CA ARG OA 193 -27.25 30.32 60.66
C ARG OA 193 -25.80 30.06 61.05
N ILE OA 194 -24.91 31.02 60.81
CA ILE OA 194 -23.53 30.90 61.26
C ILE OA 194 -23.47 30.79 62.77
N GLU OA 195 -24.24 31.64 63.47
CA GLU OA 195 -24.21 31.62 64.93
C GLU OA 195 -24.61 30.25 65.46
N THR OA 196 -25.63 29.63 64.86
CA THR OA 196 -25.99 28.27 65.24
C THR OA 196 -24.84 27.31 65.00
N LYS OA 197 -24.12 27.49 63.89
CA LYS OA 197 -22.97 26.63 63.61
C LYS OA 197 -21.90 26.77 64.69
N ILE OA 198 -21.65 28.00 65.14
CA ILE OA 198 -20.60 28.22 66.14
C ILE OA 198 -20.91 27.45 67.41
N LEU OA 199 -22.13 27.58 67.92
CA LEU OA 199 -22.50 26.92 69.17
C LEU OA 199 -22.48 25.40 69.03
N GLU OA 200 -22.74 24.89 67.83
CA GLU OA 200 -22.73 23.44 67.61
C GLU OA 200 -21.36 22.87 67.94
N LEU OA 201 -20.30 23.50 67.44
CA LEU OA 201 -18.95 22.99 67.67
C LEU OA 201 -18.56 23.13 69.13
N GLU OA 202 -18.77 24.31 69.71
CA GLU OA 202 -18.41 24.51 71.11
C GLU OA 202 -19.10 23.51 72.02
N ALA OA 203 -20.31 23.09 71.66
CA ALA OA 203 -21.02 22.11 72.48
C ALA OA 203 -20.29 20.77 72.49
N GLU OA 204 -19.79 20.34 71.34
CA GLU OA 204 -19.11 19.05 71.26
C GLU OA 204 -17.87 19.00 72.14
N ARG OA 205 -17.07 20.07 72.11
CA ARG OA 205 -15.82 20.07 72.84
C ARG OA 205 -16.05 19.93 74.34
N GLU OA 206 -16.97 20.72 74.89
CA GLU OA 206 -17.20 20.69 76.33
C GLU OA 206 -17.67 19.32 76.79
N LEU OA 207 -18.57 18.70 76.03
CA LEU OA 207 -19.06 17.39 76.41
C LEU OA 207 -17.96 16.33 76.34
N LEU OA 208 -17.16 16.36 75.27
CA LEU OA 208 -16.12 15.36 75.11
C LEU OA 208 -15.00 15.55 76.13
N ASN OA 209 -14.86 16.75 76.68
CA ASN OA 209 -13.88 17.07 77.71
C ASN OA 209 -14.64 17.68 78.88
N PRO OA 210 -15.21 16.85 79.75
CA PRO OA 210 -16.03 17.38 80.85
C PRO OA 210 -15.28 18.46 81.62
N PRO OA 211 -15.77 19.68 81.60
CA PRO OA 211 -15.10 20.76 82.35
C PRO OA 211 -15.26 20.55 83.84
N PRO OA 212 -14.45 21.22 84.66
CA PRO OA 212 -14.53 21.00 86.11
C PRO OA 212 -15.90 21.31 86.66
N SER OA 213 -16.32 20.52 87.64
CA SER OA 213 -17.59 20.77 88.30
C SER OA 213 -17.50 22.04 89.14
N PRO OA 214 -18.62 22.71 89.38
CA PRO OA 214 -18.58 23.92 90.23
C PRO OA 214 -18.04 23.64 91.62
N LEU OA 215 -18.29 22.46 92.17
CA LEU OA 215 -17.73 22.11 93.47
C LEU OA 215 -16.21 22.08 93.40
N ASP OA 216 -15.65 21.52 92.33
CA ASP OA 216 -14.20 21.53 92.16
C ASP OA 216 -13.69 22.96 92.05
N LYS OA 217 -14.40 23.81 91.29
CA LYS OA 217 -14.03 25.21 91.22
C LYS OA 217 -14.06 25.86 92.60
N LYS OA 218 -15.08 25.55 93.40
CA LYS OA 218 -15.16 26.11 94.74
C LYS OA 218 -13.92 25.78 95.55
N PHE OA 219 -13.49 24.50 95.51
CA PHE OA 219 -12.33 24.09 96.29
C PHE OA 219 -11.08 24.81 95.83
N GLU OA 220 -10.88 24.96 94.52
CA GLU OA 220 -9.65 25.53 94.02
C GLU OA 220 -9.44 26.95 94.53
N GLN OA 221 -10.43 27.82 94.35
CA GLN OA 221 -10.34 29.16 94.89
C GLN OA 221 -10.37 29.14 96.42
N TRP OA 222 -11.20 28.28 96.99
CA TRP OA 222 -11.28 28.16 98.45
C TRP OA 222 -9.91 27.84 99.04
N GLU OA 223 -9.06 27.14 98.30
CA GLU OA 223 -7.73 26.81 98.80
C GLU OA 223 -6.78 28.00 98.71
N GLU OA 224 -6.88 28.79 97.65
CA GLU OA 224 -5.89 29.83 97.40
C GLU OA 224 -5.93 30.91 98.47
N GLN OA 225 -7.10 31.20 99.04
CA GLN OA 225 -7.21 32.29 99.99
C GLN OA 225 -6.32 32.06 101.20
N GLN OA 226 -6.31 30.83 101.72
CA GLN OA 226 -5.43 30.53 102.84
C GLN OA 226 -3.96 30.59 102.42
N ALA OA 227 -3.65 30.12 101.22
CA ALA OA 227 -2.27 30.12 100.75
C ALA OA 227 -1.73 31.55 100.70
N VAL OA 228 -2.48 32.47 100.12
CA VAL OA 228 -2.05 33.86 100.04
C VAL OA 228 -2.11 34.49 101.43
N GLU OA 229 -3.16 34.21 102.20
CA GLU OA 229 -3.27 34.77 103.54
C GLU OA 229 -2.22 34.19 104.47
N ALA OA 230 -1.99 32.87 104.39
CA ALA OA 230 -0.95 32.27 105.20
C ALA OA 230 0.41 32.82 104.84
N THR OA 231 0.69 32.95 103.54
CA THR OA 231 1.93 33.61 103.12
C THR OA 231 1.95 35.06 103.56
N LEU OA 232 0.82 35.76 103.41
CA LEU OA 232 0.73 37.13 103.89
C LEU OA 232 0.78 37.19 105.41
N ALA OA 233 0.17 36.22 106.09
CA ALA OA 233 0.25 36.16 107.55
C ALA OA 233 1.70 35.99 107.98
N ALA OA 234 2.43 35.10 107.29
CA ALA OA 234 3.86 34.95 107.54
C ALA OA 234 4.67 36.10 106.99
N MET OA 235 4.15 36.82 106.00
CA MET OA 235 4.85 37.98 105.46
C MET OA 235 5.12 39.00 106.55
N LYS OA 236 4.08 39.38 107.30
CA LYS OA 236 4.26 40.28 108.43
C LYS OA 236 5.14 39.65 109.49
N ALA OA 237 4.91 38.36 109.78
CA ALA OA 237 5.68 37.69 110.81
C ALA OA 237 7.14 37.50 110.39
N ARG OA 238 7.37 37.01 109.17
CA ARG OA 238 8.74 36.77 108.73
C ARG OA 238 9.52 38.08 108.67
N ARG OA 239 8.90 39.15 108.16
CA ARG OA 239 9.53 40.46 108.19
C ARG OA 239 9.59 41.01 109.61
N SER OA 240 8.56 40.73 110.40
CA SER OA 240 8.51 41.21 111.78
C SER OA 240 7.63 40.30 112.64
N GLN PA 45 -19.64 -28.78 -51.53
CA GLN PA 45 -18.73 -28.83 -52.72
C GLN PA 45 -18.02 -27.50 -52.91
N GLU PA 46 -16.85 -27.55 -53.55
CA GLU PA 46 -16.04 -26.37 -53.81
C GLU PA 46 -16.02 -26.09 -55.31
N ALA PA 47 -15.30 -25.04 -55.69
CA ALA PA 47 -15.16 -24.73 -57.10
C ALA PA 47 -14.42 -25.86 -57.80
N PRO PA 48 -14.88 -26.29 -58.98
CA PRO PA 48 -14.23 -27.44 -59.63
C PRO PA 48 -12.75 -27.20 -59.93
N GLU PA 49 -12.38 -25.96 -60.27
CA GLU PA 49 -10.98 -25.67 -60.58
C GLU PA 49 -10.09 -25.86 -59.35
N ASP PA 50 -10.57 -25.44 -58.18
CA ASP PA 50 -9.77 -25.53 -56.97
C ASP PA 50 -9.42 -26.98 -56.64
N LEU PA 51 -10.38 -27.89 -56.82
CA LEU PA 51 -10.11 -29.30 -56.55
C LEU PA 51 -8.98 -29.83 -57.41
N LEU PA 52 -8.92 -29.40 -58.67
CA LEU PA 52 -7.95 -29.96 -59.60
C LEU PA 52 -6.52 -29.78 -59.09
N GLU PA 53 -6.19 -28.59 -58.62
CA GLU PA 53 -4.86 -28.35 -58.09
C GLU PA 53 -4.61 -29.21 -56.86
N ARG PA 54 -5.57 -29.26 -55.94
CA ARG PA 54 -5.40 -30.04 -54.72
C ARG PA 54 -5.32 -31.53 -55.03
N LEU PA 55 -6.13 -32.01 -55.96
CA LEU PA 55 -6.15 -33.45 -56.25
C LEU PA 55 -4.82 -33.94 -56.78
N LEU PA 56 -4.23 -33.19 -57.72
CA LEU PA 56 -2.95 -33.63 -58.29
C LEU PA 56 -1.84 -33.60 -57.25
N GLY PA 57 -1.84 -32.60 -56.37
CA GLY PA 57 -0.85 -32.55 -55.32
C GLY PA 57 -0.86 -33.80 -54.47
N GLU PA 58 -2.06 -34.29 -54.14
CA GLU PA 58 -2.16 -35.57 -53.44
C GLU PA 58 -1.67 -36.71 -54.31
N MET PA 59 -1.99 -36.68 -55.60
CA MET PA 59 -1.56 -37.75 -56.51
C MET PA 59 -0.04 -37.83 -56.60
N GLU PA 60 0.62 -36.68 -56.75
CA GLU PA 60 2.07 -36.68 -56.85
C GLU PA 60 2.70 -37.18 -55.57
N LEU PA 61 2.17 -36.78 -54.42
CA LEU PA 61 2.71 -37.22 -53.15
C LEU PA 61 2.61 -38.75 -53.01
N GLU PA 62 1.49 -39.32 -53.45
CA GLU PA 62 1.30 -40.76 -53.33
C GLU PA 62 2.30 -41.53 -54.18
N LEU PA 63 2.60 -41.02 -55.39
CA LEU PA 63 3.40 -41.79 -56.32
C LEU PA 63 4.78 -42.08 -55.78
N ILE PA 64 5.43 -41.09 -55.17
CA ILE PA 64 6.78 -41.29 -54.64
C ILE PA 64 6.74 -42.32 -53.52
N GLU PA 65 5.67 -42.32 -52.72
CA GLU PA 65 5.53 -43.34 -51.68
C GLU PA 65 5.53 -44.73 -52.28
N LEU PA 66 4.82 -44.90 -53.40
CA LEU PA 66 4.89 -46.16 -54.13
C LEU PA 66 6.30 -46.45 -54.59
N ARG PA 67 6.99 -45.43 -55.11
CA ARG PA 67 8.35 -45.62 -55.58
C ARG PA 67 9.27 -46.08 -54.44
N ARG PA 68 9.12 -45.45 -53.27
CA ARG PA 68 9.95 -45.83 -52.13
C ARG PA 68 9.66 -47.26 -51.69
N ALA PA 69 8.38 -47.63 -51.64
CA ALA PA 69 8.02 -48.96 -51.15
C ALA PA 69 8.58 -50.06 -52.05
N LEU PA 70 8.46 -49.88 -53.36
CA LEU PA 70 8.93 -50.90 -54.28
C LEU PA 70 10.41 -51.21 -54.07
N ALA PA 71 11.20 -50.20 -53.69
CA ALA PA 71 12.63 -50.44 -53.46
C ALA PA 71 12.84 -51.44 -52.34
N GLN PA 72 12.06 -51.33 -51.27
CA GLN PA 72 12.22 -52.26 -50.14
C GLN PA 72 11.96 -53.69 -50.57
N THR PA 73 11.02 -53.90 -51.50
CA THR PA 73 10.79 -55.23 -52.04
C THR PA 73 12.05 -55.77 -52.70
N ILE PA 74 12.73 -54.92 -53.47
CA ILE PA 74 13.93 -55.37 -54.17
C ILE PA 74 15.01 -55.79 -53.17
N ALA PA 75 15.10 -55.09 -52.04
CA ALA PA 75 16.12 -55.41 -51.05
C ALA PA 75 16.00 -56.85 -50.58
N THR PA 76 14.78 -57.27 -50.20
CA THR PA 76 14.58 -58.63 -49.75
C THR PA 76 14.82 -59.63 -50.88
N PHE PA 77 14.37 -59.30 -52.09
CA PHE PA 77 14.59 -60.18 -53.23
C PHE PA 77 16.09 -60.41 -53.45
N LYS PA 78 16.89 -59.34 -53.33
CA LYS PA 78 18.33 -59.50 -53.44
C LYS PA 78 18.91 -60.14 -52.19
N SER PA 79 18.42 -59.76 -51.01
CA SER PA 79 18.99 -60.24 -49.76
C SER PA 79 18.88 -61.76 -49.65
N THR PA 80 17.69 -62.31 -49.90
CA THR PA 80 17.52 -63.75 -49.81
C THR PA 80 18.38 -64.47 -50.83
N GLU PA 81 18.47 -63.92 -52.04
CA GLU PA 81 19.29 -64.54 -53.08
C GLU PA 81 20.75 -64.63 -52.63
N ARG PA 82 21.27 -63.56 -52.04
CA ARG PA 82 22.61 -63.63 -51.45
C ARG PA 82 22.65 -64.65 -50.31
N GLN PA 83 21.59 -64.68 -49.51
CA GLN PA 83 21.51 -65.67 -48.43
C GLN PA 83 21.49 -67.08 -48.99
N ARG PA 84 20.79 -67.28 -50.09
CA ARG PA 84 20.69 -68.61 -50.69
C ARG PA 84 22.07 -69.13 -51.09
N ASP PA 85 22.88 -68.28 -51.71
CA ASP PA 85 24.20 -68.72 -52.16
C ASP PA 85 25.06 -69.21 -51.00
N ALA PA 86 24.86 -68.63 -49.81
CA ALA PA 86 25.70 -69.00 -48.67
C ALA PA 86 25.50 -70.47 -48.30
N GLN PA 87 24.25 -70.93 -48.28
CA GLN PA 87 23.97 -72.28 -47.84
C GLN PA 87 24.62 -73.32 -48.75
N GLN PA 88 24.44 -73.18 -50.06
CA GLN PA 88 25.03 -74.13 -50.99
C GLN PA 88 26.54 -74.15 -50.88
N LEU PA 89 27.15 -73.00 -50.59
CA LEU PA 89 28.59 -72.96 -50.38
C LEU PA 89 28.99 -73.86 -49.21
N ILE PA 90 28.22 -73.82 -48.13
CA ILE PA 90 28.50 -74.69 -46.99
C ILE PA 90 28.37 -76.15 -47.39
N ALA PA 91 27.32 -76.49 -48.15
CA ALA PA 91 27.15 -77.86 -48.61
C ALA PA 91 28.34 -78.28 -49.48
N GLN PA 92 28.85 -77.37 -50.29
CA GLN PA 92 30.02 -77.67 -51.10
C GLN PA 92 31.22 -78.02 -50.23
N ARG PA 93 31.38 -77.32 -49.11
CA ARG PA 93 32.49 -77.61 -48.21
C ARG PA 93 32.43 -79.05 -47.72
N TRP PA 94 31.25 -79.50 -47.28
CA TRP PA 94 31.10 -80.88 -46.85
C TRP PA 94 31.36 -81.84 -48.00
N TYR PA 95 30.83 -81.53 -49.18
CA TYR PA 95 31.08 -82.38 -50.35
C TYR PA 95 32.56 -82.41 -50.68
N GLU PA 96 33.21 -81.24 -50.67
CA GLU PA 96 34.65 -81.21 -50.90
C GLU PA 96 35.39 -81.99 -49.82
N LYS PA 97 34.98 -81.82 -48.57
CA LYS PA 97 35.59 -82.59 -47.48
C LYS PA 97 35.35 -84.07 -47.67
N ALA PA 98 34.13 -84.45 -48.06
CA ALA PA 98 33.82 -85.85 -48.29
C ALA PA 98 34.63 -86.43 -49.45
N GLN PA 99 35.15 -85.58 -50.34
CA GLN PA 99 35.94 -86.09 -51.45
C GLN PA 99 37.17 -86.83 -50.97
N ALA PA 100 37.87 -86.27 -49.99
CA ALA PA 100 39.04 -86.90 -49.41
C ALA PA 100 38.73 -87.61 -48.10
N ALA PA 101 37.46 -87.64 -47.69
CA ALA PA 101 37.09 -88.31 -46.45
C ALA PA 101 37.49 -89.78 -46.48
N LEU PA 102 37.14 -90.47 -47.56
CA LEU PA 102 37.49 -91.87 -47.74
C LEU PA 102 38.75 -92.06 -48.57
N ASP PA 103 39.46 -90.97 -48.90
CA ASP PA 103 40.72 -91.11 -49.62
C ASP PA 103 41.68 -92.03 -48.89
N ARG PA 104 41.62 -92.05 -47.56
CA ARG PA 104 42.37 -93.00 -46.75
C ARG PA 104 41.71 -94.37 -46.70
N GLY PA 105 40.65 -94.58 -47.47
CA GLY PA 105 39.83 -95.77 -47.35
C GLY PA 105 38.74 -95.67 -46.31
N ASN PA 106 38.57 -94.50 -45.69
CA ASN PA 106 37.58 -94.31 -44.63
C ASN PA 106 36.22 -94.01 -45.26
N GLU PA 107 35.60 -95.06 -45.79
CA GLU PA 107 34.29 -94.93 -46.41
C GLU PA 107 33.22 -94.58 -45.39
N GLN PA 108 33.33 -95.09 -44.16
CA GLN PA 108 32.29 -94.86 -43.16
C GLN PA 108 32.13 -93.37 -42.88
N LEU PA 109 33.24 -92.64 -42.74
CA LEU PA 109 33.16 -91.22 -42.42
C LEU PA 109 32.44 -90.45 -43.51
N ALA PA 110 32.73 -90.76 -44.78
CA ALA PA 110 32.09 -90.05 -45.88
C ALA PA 110 30.58 -90.24 -45.87
N ARG PA 111 30.10 -91.33 -45.27
CA ARG PA 111 28.66 -91.56 -45.21
C ARG PA 111 27.96 -90.42 -44.48
N GLU PA 112 28.53 -89.99 -43.34
CA GLU PA 112 27.90 -88.94 -42.55
C GLU PA 112 27.85 -87.63 -43.33
N ALA PA 113 28.93 -87.30 -44.03
CA ALA PA 113 28.99 -86.02 -44.74
C ALA PA 113 27.89 -85.93 -45.79
N LEU PA 114 27.79 -86.93 -46.66
CA LEU PA 114 26.76 -86.91 -47.70
C LEU PA 114 25.36 -86.89 -47.09
N GLY PA 115 25.15 -87.66 -46.02
CA GLY PA 115 23.88 -87.58 -45.32
C GLY PA 115 23.65 -86.21 -44.70
N GLN PA 116 24.71 -85.59 -44.19
CA GLN PA 116 24.58 -84.29 -43.55
C GLN PA 116 24.16 -83.21 -44.55
N ARG PA 117 24.80 -83.19 -45.72
CA ARG PA 117 24.57 -82.12 -46.69
C ARG PA 117 23.16 -82.14 -47.27
N GLN PA 118 22.45 -83.26 -47.17
CA GLN PA 118 21.09 -83.32 -47.71
C GLN PA 118 20.18 -82.32 -47.01
N SER PA 119 20.31 -82.17 -45.70
CA SER PA 119 19.50 -81.20 -44.98
C SER PA 119 19.70 -79.80 -45.54
N TYR PA 120 20.95 -79.42 -45.81
CA TYR PA 120 21.22 -78.11 -46.38
C TYR PA 120 20.59 -77.99 -47.77
N GLN PA 121 20.68 -79.04 -48.57
CA GLN PA 121 20.11 -79.01 -49.92
C GLN PA 121 18.62 -78.73 -49.87
N SER PA 122 17.94 -79.21 -48.84
CA SER PA 122 16.50 -78.97 -48.73
C SER PA 122 16.20 -77.49 -48.66
N HIS PA 123 16.96 -76.74 -47.86
CA HIS PA 123 16.73 -75.30 -47.76
C HIS PA 123 17.00 -74.62 -49.10
N THR PA 124 18.05 -75.03 -49.81
CA THR PA 124 18.36 -74.41 -51.09
C THR PA 124 17.21 -74.59 -52.07
N GLU PA 125 16.65 -75.80 -52.15
CA GLU PA 125 15.52 -76.04 -53.04
C GLU PA 125 14.32 -75.22 -52.64
N ALA PA 126 14.05 -75.13 -51.33
CA ALA PA 126 12.90 -74.37 -50.87
C ALA PA 126 13.04 -72.90 -51.23
N LEU PA 127 14.23 -72.33 -51.05
CA LEU PA 127 14.42 -70.93 -51.37
C LEU PA 127 14.38 -70.68 -52.87
N GLY PA 128 14.95 -71.59 -53.67
CA GLY PA 128 14.93 -71.41 -55.10
C GLY PA 128 13.52 -71.28 -55.65
N LYS PA 129 12.59 -72.09 -55.15
CA LYS PA 129 11.20 -71.97 -55.55
C LYS PA 129 10.60 -70.65 -55.09
N SER PA 130 10.95 -70.23 -53.87
CA SER PA 130 10.36 -69.01 -53.32
C SER PA 130 10.76 -67.79 -54.15
N LEU PA 131 12.03 -67.71 -54.55
CA LEU PA 131 12.46 -66.58 -55.36
C LEU PA 131 11.81 -66.61 -56.75
N GLY PA 132 11.55 -67.80 -57.27
CA GLY PA 132 10.99 -67.90 -58.61
C GLY PA 132 9.70 -67.14 -58.76
N GLU PA 133 8.81 -67.25 -57.76
CA GLU PA 133 7.55 -66.51 -57.83
C GLU PA 133 7.75 -65.03 -57.57
N GLN PA 134 8.64 -64.68 -56.63
CA GLN PA 134 8.90 -63.28 -56.35
C GLN PA 134 9.50 -62.58 -57.56
N ARG PA 135 10.40 -63.26 -58.28
CA ARG PA 135 11.11 -62.63 -59.39
C ARG PA 135 10.13 -62.12 -60.44
N ALA PA 136 9.15 -62.93 -60.81
CA ALA PA 136 8.17 -62.54 -61.82
C ALA PA 136 7.06 -61.68 -61.24
N LEU PA 137 7.01 -61.50 -59.92
CA LEU PA 137 5.96 -60.70 -59.32
C LEU PA 137 6.30 -59.21 -59.32
N VAL PA 138 7.52 -58.88 -58.87
CA VAL PA 138 7.92 -57.48 -58.82
C VAL PA 138 7.98 -56.89 -60.22
N GLU PA 139 8.50 -57.66 -61.18
CA GLU PA 139 8.60 -57.17 -62.55
C GLU PA 139 7.26 -56.68 -63.06
N GLN PA 140 6.17 -57.35 -62.66
CA GLN PA 140 4.84 -56.87 -62.99
C GLN PA 140 4.54 -55.55 -62.27
N VAL PA 141 4.99 -55.42 -61.02
CA VAL PA 141 4.74 -54.20 -60.27
C VAL PA 141 5.43 -53.02 -60.94
N ARG PA 142 6.67 -53.20 -61.36
CA ARG PA 142 7.40 -52.10 -62.00
C ARG PA 142 6.65 -51.57 -63.21
N GLY PA 143 6.00 -52.46 -63.96
CA GLY PA 143 5.24 -52.01 -65.12
C GLY PA 143 4.11 -51.06 -64.74
N GLN PA 144 3.40 -51.38 -63.66
CA GLN PA 144 2.32 -50.50 -63.22
C GLN PA 144 2.85 -49.13 -62.84
N LEU PA 145 3.95 -49.08 -62.08
CA LEU PA 145 4.51 -47.80 -61.68
C LEU PA 145 4.96 -46.99 -62.88
N GLN PA 146 5.67 -47.62 -63.81
CA GLN PA 146 6.16 -46.89 -64.98
C GLN PA 146 5.02 -46.37 -65.82
N LYS PA 147 3.99 -47.20 -66.04
CA LYS PA 147 2.84 -46.74 -66.81
C LYS PA 147 2.13 -45.61 -66.11
N LEU PA 148 1.98 -45.69 -64.79
CA LEU PA 148 1.32 -44.64 -64.04
C LEU PA 148 2.05 -43.32 -64.18
N GLU PA 149 3.38 -43.34 -64.06
CA GLU PA 149 4.16 -42.12 -64.20
C GLU PA 149 3.97 -41.50 -65.57
N ARG PA 150 3.98 -42.32 -66.62
CA ARG PA 150 3.74 -41.80 -67.96
C ARG PA 150 2.34 -41.20 -68.08
N LYS PA 151 1.36 -41.87 -67.48
CA LYS PA 151 -0.01 -41.35 -67.51
C LYS PA 151 -0.15 -40.09 -66.67
N TYR PA 152 0.67 -39.97 -65.61
CA TYR PA 152 0.57 -38.81 -64.73
C TYR PA 152 0.82 -37.51 -65.48
N LEU PA 153 1.86 -37.47 -66.31
CA LEU PA 153 2.25 -36.23 -66.97
C LEU PA 153 1.16 -35.76 -67.93
N GLU PA 154 0.54 -36.68 -68.65
CA GLU PA 154 -0.44 -36.30 -69.66
C GLU PA 154 -1.60 -35.51 -69.07
N LEU PA 155 -1.85 -35.66 -67.76
CA LEU PA 155 -2.87 -34.87 -67.09
C LEU PA 155 -2.37 -33.47 -66.77
N LYS PA 156 -1.20 -33.39 -66.14
CA LYS PA 156 -0.68 -32.09 -65.72
C LYS PA 156 -0.41 -31.19 -66.91
N SER PA 157 0.06 -31.77 -68.02
CA SER PA 157 0.34 -30.97 -69.21
C SER PA 157 -0.90 -30.29 -69.75
N GLN PA 158 -2.10 -30.76 -69.38
CA GLN PA 158 -3.33 -30.15 -69.83
C GLN PA 158 -4.01 -29.28 -68.79
N LYS PA 159 -3.72 -29.49 -67.50
CA LYS PA 159 -4.43 -28.76 -66.47
C LYS PA 159 -4.21 -27.26 -66.62
N ASN PA 160 -2.97 -26.84 -66.87
CA ASN PA 160 -2.69 -25.42 -67.05
C ASN PA 160 -3.46 -24.86 -68.24
N LEU PA 161 -3.62 -25.65 -69.30
CA LEU PA 161 -4.33 -25.18 -70.48
C LEU PA 161 -5.79 -24.90 -70.15
N TYR PA 162 -6.45 -25.80 -69.40
CA TYR PA 162 -7.84 -25.59 -69.06
C TYR PA 162 -8.03 -24.35 -68.20
N LEU PA 163 -7.16 -24.15 -67.20
CA LEU PA 163 -7.30 -22.99 -66.34
C LEU PA 163 -7.23 -21.70 -67.13
N ALA PA 164 -6.33 -21.63 -68.11
CA ALA PA 164 -6.20 -20.43 -68.91
C ALA PA 164 -7.51 -20.13 -69.64
N ARG PA 165 -8.13 -21.16 -70.24
CA ARG PA 165 -9.40 -20.97 -70.90
C ARG PA 165 -10.47 -20.52 -69.92
N LEU PA 166 -10.48 -21.11 -68.72
CA LEU PA 166 -11.46 -20.72 -67.71
C LEU PA 166 -11.27 -19.27 -67.30
N LYS PA 167 -10.03 -18.84 -67.09
CA LYS PA 167 -9.79 -17.45 -66.71
C LYS PA 167 -10.16 -16.51 -67.85
N SER PA 168 -9.97 -16.94 -69.10
CA SER PA 168 -10.31 -16.09 -70.24
C SER PA 168 -11.80 -15.83 -70.31
N ALA PA 169 -12.61 -16.88 -70.20
CA ALA PA 169 -14.05 -16.73 -70.38
C ALA PA 169 -14.68 -16.04 -69.18
N ILE PA 170 -14.28 -16.42 -67.96
CA ILE PA 170 -14.85 -15.81 -66.77
C ILE PA 170 -14.64 -14.30 -66.81
N ALA PA 171 -13.43 -13.87 -67.16
CA ALA PA 171 -13.17 -12.43 -67.30
C ALA PA 171 -14.03 -11.82 -68.38
N ALA PA 172 -14.18 -12.52 -69.51
CA ALA PA 172 -14.98 -11.99 -70.61
C ALA PA 172 -16.41 -11.72 -70.17
N GLN PA 173 -16.98 -12.63 -69.38
CA GLN PA 173 -18.32 -12.41 -68.84
C GLN PA 173 -18.34 -11.17 -67.97
N LYS PA 174 -17.31 -10.99 -67.13
CA LYS PA 174 -17.26 -9.83 -66.26
C LYS PA 174 -17.20 -8.53 -67.06
N ILE PA 175 -16.42 -8.53 -68.14
CA ILE PA 175 -16.30 -7.33 -68.96
C ILE PA 175 -17.62 -6.99 -69.63
N GLU PA 176 -18.27 -8.00 -70.21
CA GLU PA 176 -19.43 -7.73 -71.05
C GLU PA 176 -20.58 -7.13 -70.26
N GLU PA 177 -20.83 -7.64 -69.05
CA GLU PA 177 -21.92 -7.10 -68.26
C GLU PA 177 -21.71 -5.62 -67.93
N ILE PA 178 -20.46 -5.15 -67.96
CA ILE PA 178 -20.15 -3.76 -67.71
C ILE PA 178 -20.06 -3.03 -69.04
N ALA PA 179 -20.56 -3.66 -70.11
CA ALA PA 179 -20.49 -3.04 -71.42
C ALA PA 179 -21.11 -1.65 -71.43
N GLY PA 180 -22.14 -1.43 -70.61
CA GLY PA 180 -22.77 -0.13 -70.54
C GLY PA 180 -23.31 0.29 -71.89
N ASN PA 181 -24.01 -0.62 -72.55
CA ASN PA 181 -24.53 -0.33 -73.89
C ASN PA 181 -25.41 0.90 -73.86
N LEU PA 182 -25.17 1.83 -74.80
CA LEU PA 182 -25.94 3.07 -74.84
C LEU PA 182 -27.38 2.81 -75.24
N ASP PA 183 -27.64 1.73 -75.99
CA ASP PA 183 -28.97 1.49 -76.54
C ASP PA 183 -29.97 0.99 -75.51
N ASN PA 184 -29.54 0.57 -74.32
CA ASN PA 184 -30.48 -0.04 -73.38
C ASN PA 184 -31.58 0.95 -72.99
N ALA PA 185 -31.19 2.16 -72.59
CA ALA PA 185 -32.15 3.19 -72.21
C ALA PA 185 -33.07 2.71 -71.09
N SER PA 186 -32.49 1.94 -70.16
CA SER PA 186 -33.26 1.37 -69.05
C SER PA 186 -32.53 1.40 -67.73
N ALA PA 187 -31.35 2.02 -67.66
CA ALA PA 187 -30.47 2.09 -66.49
C ALA PA 187 -29.71 0.78 -66.30
N SER PA 188 -29.96 -0.25 -67.13
CA SER PA 188 -29.13 -1.45 -67.07
C SER PA 188 -27.68 -1.12 -67.43
N SER PA 189 -27.50 -0.32 -68.47
CA SER PA 189 -26.19 0.25 -68.77
C SER PA 189 -25.97 1.47 -67.88
N LEU PA 190 -24.90 1.46 -67.10
CA LEU PA 190 -24.66 2.56 -66.18
C LEU PA 190 -24.53 3.90 -66.90
N PHE PA 191 -24.10 3.89 -68.16
CA PHE PA 191 -23.98 5.14 -68.91
C PHE PA 191 -25.35 5.77 -69.13
N GLU PA 192 -26.32 5.00 -69.61
CA GLU PA 192 -27.65 5.54 -69.82
C GLU PA 192 -28.29 5.95 -68.49
N ARG PA 193 -27.94 5.27 -67.40
CA ARG PA 193 -28.40 5.71 -66.09
C ARG PA 193 -27.86 7.11 -65.79
N ILE PA 194 -26.59 7.35 -66.13
CA ILE PA 194 -26.02 8.68 -65.98
C ILE PA 194 -26.78 9.68 -66.85
N GLU PA 195 -27.07 9.30 -68.10
CA GLU PA 195 -27.76 10.21 -69.00
C GLU PA 195 -29.12 10.60 -68.44
N THR PA 196 -29.84 9.65 -67.85
CA THR PA 196 -31.10 9.99 -67.20
C THR PA 196 -30.87 10.97 -66.05
N LYS PA 197 -29.78 10.78 -65.30
CA LYS PA 197 -29.47 11.70 -64.21
C LYS PA 197 -29.25 13.11 -64.73
N ILE PA 198 -28.54 13.24 -65.85
CA ILE PA 198 -28.24 14.56 -66.39
C ILE PA 198 -29.52 15.32 -66.71
N LEU PA 199 -30.44 14.68 -67.43
CA LEU PA 199 -31.66 15.35 -67.83
C LEU PA 199 -32.54 15.68 -66.63
N GLU PA 200 -32.44 14.89 -65.55
CA GLU PA 200 -33.23 15.18 -64.36
C GLU PA 200 -32.90 16.56 -63.81
N LEU PA 201 -31.61 16.88 -63.68
CA LEU PA 201 -31.21 18.16 -63.12
C LEU PA 201 -31.59 19.30 -64.06
N GLU PA 202 -31.26 19.18 -65.34
CA GLU PA 202 -31.57 20.23 -66.29
C GLU PA 202 -33.06 20.55 -66.30
N ALA PA 203 -33.90 19.54 -66.07
CA ALA PA 203 -35.34 19.76 -66.04
C ALA PA 203 -35.74 20.68 -64.89
N GLU PA 204 -35.13 20.48 -63.72
CA GLU PA 204 -35.50 21.29 -62.56
C GLU PA 204 -35.18 22.76 -62.78
N ARG PA 205 -34.00 23.05 -63.35
CA ARG PA 205 -33.58 24.44 -63.50
C ARG PA 205 -34.52 25.22 -64.40
N GLU PA 206 -34.86 24.63 -65.56
CA GLU PA 206 -35.71 25.34 -66.51
C GLU PA 206 -37.08 25.65 -65.91
N LEU PA 207 -37.66 24.69 -65.20
CA LEU PA 207 -38.97 24.91 -64.60
C LEU PA 207 -38.90 25.97 -63.52
N LEU PA 208 -37.89 25.92 -62.66
CA LEU PA 208 -37.79 26.88 -61.56
C LEU PA 208 -37.46 28.27 -62.07
N ASN PA 209 -36.89 28.37 -63.27
CA ASN PA 209 -36.57 29.65 -63.91
C ASN PA 209 -37.23 29.62 -65.29
N PRO PA 210 -38.52 29.95 -65.37
CA PRO PA 210 -39.22 29.87 -66.66
C PRO PA 210 -38.46 30.60 -67.75
N PRO PA 211 -37.98 29.88 -68.77
CA PRO PA 211 -37.26 30.54 -69.86
C PRO PA 211 -38.21 31.38 -70.70
N PRO PA 212 -37.67 32.30 -71.51
CA PRO PA 212 -38.55 33.18 -72.27
C PRO PA 212 -39.47 32.40 -73.20
N SER PA 213 -40.69 32.91 -73.35
CA SER PA 213 -41.64 32.29 -74.26
C SER PA 213 -41.19 32.52 -75.71
N PRO PA 214 -41.59 31.64 -76.63
CA PRO PA 214 -41.21 31.86 -78.03
C PRO PA 214 -41.71 33.18 -78.58
N LEU PA 215 -42.88 33.64 -78.13
CA LEU PA 215 -43.36 34.95 -78.55
C LEU PA 215 -42.41 36.06 -78.12
N ASP PA 216 -41.91 35.98 -76.88
CA ASP PA 216 -40.92 36.95 -76.44
C ASP PA 216 -39.66 36.87 -77.28
N LYS PA 217 -39.22 35.65 -77.60
CA LYS PA 217 -38.07 35.50 -78.49
C LYS PA 217 -38.34 36.14 -79.84
N LYS PA 218 -39.55 35.95 -80.37
CA LYS PA 218 -39.89 36.55 -81.66
C LYS PA 218 -39.73 38.06 -81.62
N PHE PA 219 -40.24 38.69 -80.57
CA PHE PA 219 -40.15 40.15 -80.46
C PHE PA 219 -38.70 40.62 -80.39
N GLU PA 220 -37.87 39.92 -79.62
CA GLU PA 220 -36.51 40.38 -79.41
C GLU PA 220 -35.74 40.47 -80.73
N GLN PA 221 -35.73 39.37 -81.50
CA GLN PA 221 -35.08 39.41 -82.80
C GLN PA 221 -35.84 40.32 -83.75
N TRP PA 222 -37.17 40.28 -83.69
CA TRP PA 222 -37.99 41.14 -84.54
C TRP PA 222 -37.63 42.61 -84.36
N GLU PA 223 -37.19 42.99 -83.16
CA GLU PA 223 -36.81 44.37 -82.90
C GLU PA 223 -35.45 44.70 -83.48
N GLU PA 224 -34.50 43.76 -83.42
CA GLU PA 224 -33.12 44.07 -83.78
C GLU PA 224 -32.97 44.39 -85.26
N GLN PA 225 -33.79 43.78 -86.11
CA GLN PA 225 -33.64 43.97 -87.54
C GLN PA 225 -33.81 45.44 -87.93
N GLN PA 226 -34.83 46.10 -87.36
CA GLN PA 226 -35.01 47.53 -87.62
C GLN PA 226 -33.86 48.34 -87.05
N ALA PA 227 -33.39 47.98 -85.85
CA ALA PA 227 -32.31 48.73 -85.22
C ALA PA 227 -31.06 48.71 -86.09
N VAL PA 228 -30.68 47.52 -86.58
CA VAL PA 228 -29.51 47.44 -87.45
C VAL PA 228 -29.80 48.06 -88.81
N GLU PA 229 -31.00 47.82 -89.35
CA GLU PA 229 -31.36 48.39 -90.65
C GLU PA 229 -31.52 49.90 -90.55
N ALA PA 230 -32.16 50.38 -89.48
CA ALA PA 230 -32.29 51.81 -89.28
C ALA PA 230 -30.93 52.47 -89.13
N THR PA 231 -30.05 51.85 -88.33
CA THR PA 231 -28.68 52.34 -88.24
C THR PA 231 -27.97 52.23 -89.58
N LEU PA 232 -28.16 51.10 -90.27
CA LEU PA 232 -27.59 50.95 -91.60
C LEU PA 232 -28.25 51.89 -92.60
N ALA PA 233 -29.56 52.10 -92.47
CA ALA PA 233 -30.23 53.07 -93.33
C ALA PA 233 -29.67 54.47 -93.11
N ALA PA 234 -29.43 54.84 -91.86
CA ALA PA 234 -28.78 56.10 -91.55
C ALA PA 234 -27.28 56.05 -91.85
N MET PA 235 -26.68 54.86 -91.87
CA MET PA 235 -25.26 54.75 -92.20
C MET PA 235 -24.98 55.33 -93.57
N LYS PA 236 -25.76 54.90 -94.58
CA LYS PA 236 -25.61 55.48 -95.92
C LYS PA 236 -25.98 56.96 -95.92
N ALA PA 237 -27.05 57.31 -95.21
CA ALA PA 237 -27.50 58.70 -95.18
C ALA PA 237 -26.52 59.58 -94.41
N ARG PA 238 -26.10 59.15 -93.22
CA ARG PA 238 -25.18 59.96 -92.44
C ARG PA 238 -23.86 60.15 -93.16
N ARG PA 239 -23.33 59.09 -93.78
CA ARG PA 239 -22.13 59.22 -94.59
C ARG PA 239 -22.44 59.97 -95.88
N SER PA 240 -23.63 59.77 -96.44
CA SER PA 240 -24.03 60.43 -97.68
C SER PA 240 -25.55 60.54 -97.78
N GLN QA 45 -6.84 -40.46 50.27
CA GLN QA 45 -5.74 -40.49 51.29
C GLN QA 45 -4.37 -40.44 50.60
N GLU QA 46 -3.38 -39.94 51.33
CA GLU QA 46 -2.02 -39.81 50.83
C GLU QA 46 -1.11 -40.79 51.59
N ALA QA 47 0.17 -40.76 51.24
CA ALA QA 47 1.13 -41.59 51.95
C ALA QA 47 1.21 -41.16 53.41
N PRO QA 48 1.22 -42.10 54.36
CA PRO QA 48 1.23 -41.70 55.77
C PRO QA 48 2.42 -40.83 56.14
N GLU QA 49 3.59 -41.11 55.55
CA GLU QA 49 4.78 -40.33 55.88
C GLU QA 49 4.62 -38.88 55.45
N ASP QA 50 4.02 -38.64 54.29
CA ASP QA 50 3.89 -37.27 53.79
C ASP QA 50 3.05 -36.42 54.73
N LEU QA 51 1.97 -37.00 55.27
CA LEU QA 51 1.13 -36.25 56.19
C LEU QA 51 1.91 -35.78 57.41
N LEU QA 52 2.82 -36.61 57.90
CA LEU QA 52 3.51 -36.30 59.15
C LEU QA 52 4.25 -34.98 59.06
N GLU QA 53 4.99 -34.78 57.95
CA GLU QA 53 5.70 -33.51 57.77
C GLU QA 53 4.73 -32.34 57.69
N ARG QA 54 3.67 -32.50 56.90
CA ARG QA 54 2.70 -31.42 56.74
C ARG QA 54 1.97 -31.13 58.05
N LEU QA 55 1.60 -32.18 58.79
CA LEU QA 55 0.82 -31.97 60.01
C LEU QA 55 1.61 -31.17 61.04
N LEU QA 56 2.89 -31.49 61.25
CA LEU QA 56 3.68 -30.78 62.24
C LEU QA 56 3.89 -29.32 61.83
N GLY QA 57 4.09 -29.07 60.54
CA GLY QA 57 4.23 -27.69 60.09
C GLY QA 57 3.02 -26.84 60.45
N GLU QA 58 1.83 -27.40 60.32
CA GLU QA 58 0.62 -26.70 60.78
C GLU QA 58 0.63 -26.55 62.29
N MET QA 59 1.08 -27.59 63.01
CA MET QA 59 1.10 -27.52 64.46
C MET QA 59 2.04 -26.42 64.95
N GLU QA 60 3.23 -26.34 64.38
CA GLU QA 60 4.18 -25.32 64.80
C GLU QA 60 3.64 -23.92 64.51
N LEU QA 61 3.02 -23.74 63.35
CA LEU QA 61 2.46 -22.44 63.01
C LEU QA 61 1.39 -22.02 64.01
N GLU QA 62 0.55 -22.97 64.43
CA GLU QA 62 -0.52 -22.64 65.36
C GLU QA 62 0.02 -22.20 66.71
N LEU QA 63 1.10 -22.84 67.18
CA LEU QA 63 1.56 -22.61 68.54
C LEU QA 63 1.98 -21.16 68.75
N ILE QA 64 2.70 -20.58 67.78
CA ILE QA 64 3.15 -19.21 67.94
C ILE QA 64 1.95 -18.26 67.97
N GLU QA 65 0.90 -18.58 67.21
CA GLU QA 65 -0.31 -17.77 67.25
C GLU QA 65 -0.90 -17.77 68.65
N LEU QA 66 -0.90 -18.92 69.30
CA LEU QA 66 -1.30 -18.98 70.71
C LEU QA 66 -0.38 -18.11 71.56
N ARG QA 67 0.94 -18.20 71.32
CA ARG QA 67 1.87 -17.40 72.09
C ARG QA 67 1.60 -15.91 71.93
N ARG QA 68 1.35 -15.48 70.69
CA ARG QA 68 1.07 -14.07 70.45
C ARG QA 68 -0.20 -13.63 71.14
N ALA QA 69 -1.26 -14.45 71.07
CA ALA QA 69 -2.54 -14.06 71.64
C ALA QA 69 -2.45 -13.88 73.15
N LEU QA 70 -1.78 -14.81 73.83
CA LEU QA 70 -1.68 -14.75 75.28
C LEU QA 70 -1.07 -13.43 75.73
N ALA QA 71 -0.13 -12.88 74.96
CA ALA QA 71 0.49 -11.61 75.33
C ALA QA 71 -0.54 -10.50 75.40
N GLN QA 72 -1.47 -10.46 74.45
CA GLN QA 72 -2.48 -9.41 74.45
C GLN QA 72 -3.33 -9.47 75.72
N THR QA 73 -3.60 -10.67 76.22
CA THR QA 73 -4.32 -10.80 77.48
C THR QA 73 -3.55 -10.13 78.61
N ILE QA 74 -2.24 -10.31 78.65
CA ILE QA 74 -1.44 -9.72 79.72
C ILE QA 74 -1.51 -8.20 79.66
N ALA QA 75 -1.56 -7.64 78.44
CA ALA QA 75 -1.61 -6.18 78.31
C ALA QA 75 -2.81 -5.60 79.04
N THR QA 76 -4.00 -6.15 78.79
CA THR QA 76 -5.20 -5.67 79.46
C THR QA 76 -5.12 -5.89 80.96
N PHE QA 77 -4.63 -7.06 81.38
CA PHE QA 77 -4.49 -7.34 82.80
C PHE QA 77 -3.59 -6.30 83.48
N LYS QA 78 -2.51 -5.92 82.82
CA LYS QA 78 -1.66 -4.86 83.37
C LYS QA 78 -2.30 -3.49 83.18
N SER QA 79 -2.93 -3.26 82.03
CA SER QA 79 -3.47 -1.94 81.73
C SER QA 79 -4.54 -1.53 82.75
N THR QA 80 -5.49 -2.43 83.01
CA THR QA 80 -6.55 -2.11 83.96
C THR QA 80 -5.98 -1.90 85.36
N GLU QA 81 -4.98 -2.71 85.74
CA GLU QA 81 -4.38 -2.55 87.06
C GLU QA 81 -3.76 -1.17 87.21
N ARG QA 82 -3.04 -0.70 86.17
CA ARG QA 82 -2.55 0.66 86.17
C ARG QA 82 -3.70 1.65 86.21
N GLN QA 83 -4.77 1.37 85.46
CA GLN QA 83 -5.93 2.23 85.48
C GLN QA 83 -6.57 2.27 86.86
N ARG QA 84 -6.60 1.12 87.54
CA ARG QA 84 -7.21 1.06 88.87
C ARG QA 84 -6.49 1.98 89.85
N ASP QA 85 -5.15 1.99 89.82
CA ASP QA 85 -4.40 2.82 90.75
C ASP QA 85 -4.72 4.29 90.58
N ALA QA 86 -5.05 4.71 89.35
CA ALA QA 86 -5.33 6.13 89.11
C ALA QA 86 -6.53 6.60 89.90
N GLN QA 87 -7.60 5.81 89.92
CA GLN QA 87 -8.84 6.24 90.56
C GLN QA 87 -8.65 6.46 92.05
N GLN QA 88 -8.04 5.49 92.73
CA GLN QA 88 -7.83 5.62 94.17
C GLN QA 88 -6.96 6.83 94.49
N LEU QA 89 -6.01 7.15 93.61
CA LEU QA 89 -5.19 8.34 93.81
C LEU QA 89 -6.05 9.59 93.82
N ILE QA 90 -7.04 9.66 92.92
CA ILE QA 90 -7.96 10.79 92.89
C ILE QA 90 -8.74 10.86 94.20
N ALA QA 91 -9.24 9.71 94.66
CA ALA QA 91 -9.97 9.68 95.92
C ALA QA 91 -9.10 10.15 97.07
N GLN QA 92 -7.81 9.78 97.04
CA GLN QA 92 -6.89 10.25 98.06
C GLN QA 92 -6.80 11.77 98.07
N ARG QA 93 -6.79 12.38 96.89
CA ARG QA 93 -6.72 13.84 96.80
C ARG QA 93 -7.89 14.48 97.54
N TRP QA 94 -9.10 13.98 97.29
CA TRP QA 94 -10.27 14.51 97.99
C TRP QA 94 -10.16 14.27 99.49
N TYR QA 95 -9.72 13.08 99.88
CA TYR QA 95 -9.54 12.79 101.29
C TYR QA 95 -8.49 13.71 101.91
N GLU QA 96 -7.36 13.88 101.20
CA GLU QA 96 -6.34 14.80 101.67
C GLU QA 96 -6.89 16.22 101.75
N LYS QA 97 -7.64 16.63 100.72
CA LYS QA 97 -8.26 17.95 100.74
C LYS QA 97 -9.25 18.06 101.90
N ALA QA 98 -10.05 17.02 102.12
CA ALA QA 98 -11.00 17.03 103.22
C ALA QA 98 -10.31 17.09 104.57
N GLN QA 99 -9.03 16.71 104.65
CA GLN QA 99 -8.33 16.75 105.93
C GLN QA 99 -8.27 18.18 106.46
N ALA QA 100 -7.95 19.14 105.60
CA ALA QA 100 -7.90 20.55 105.98
C ALA QA 100 -9.16 21.30 105.59
N ALA QA 101 -10.17 20.59 105.04
CA ALA QA 101 -11.40 21.26 104.65
C ALA QA 101 -12.06 21.95 105.84
N LEU QA 102 -12.19 21.21 106.95
CA LEU QA 102 -12.75 21.75 108.17
C LEU QA 102 -11.69 22.23 109.15
N ASP QA 103 -10.43 22.27 108.74
CA ASP QA 103 -9.39 22.82 109.61
C ASP QA 103 -9.73 24.23 110.06
N ARG QA 104 -10.42 25.00 109.21
CA ARG QA 104 -10.92 26.31 109.58
C ARG QA 104 -12.22 26.22 110.39
N GLY QA 105 -12.62 25.02 110.78
CA GLY QA 105 -13.93 24.80 111.36
C GLY QA 105 -15.04 24.59 110.36
N ASN QA 106 -14.71 24.52 109.07
CA ASN QA 106 -15.71 24.37 108.00
C ASN QA 106 -16.07 22.88 107.85
N GLU QA 107 -16.85 22.40 108.82
CA GLU QA 107 -17.28 21.00 108.78
C GLU QA 107 -18.21 20.72 107.61
N GLN QA 108 -19.04 21.70 107.23
CA GLN QA 108 -20.02 21.46 106.17
C GLN QA 108 -19.33 21.11 104.86
N LEU QA 109 -18.25 21.81 104.52
CA LEU QA 109 -17.58 21.57 103.26
C LEU QA 109 -17.01 20.15 103.21
N ALA QA 110 -16.43 19.69 104.31
CA ALA QA 110 -15.85 18.35 104.34
C ALA QA 110 -16.90 17.28 104.09
N ARG QA 111 -18.17 17.58 104.39
CA ARG QA 111 -19.23 16.60 104.16
C ARG QA 111 -19.31 16.22 102.69
N GLU QA 112 -19.23 17.21 101.80
CA GLU QA 112 -19.33 16.93 100.37
C GLU QA 112 -18.17 16.07 99.88
N ALA QA 113 -16.96 16.35 100.37
CA ALA QA 113 -15.79 15.62 99.89
C ALA QA 113 -15.90 14.13 100.22
N LEU QA 114 -16.18 13.81 101.48
CA LEU QA 114 -16.31 12.40 101.86
C LEU QA 114 -17.46 11.73 101.13
N GLY QA 115 -18.57 12.43 100.94
CA GLY QA 115 -19.64 11.88 100.13
C GLY QA 115 -19.24 11.71 98.68
N GLN QA 116 -18.43 12.63 98.16
CA GLN QA 116 -18.01 12.57 96.77
C GLN QA 116 -17.11 11.37 96.52
N ARG QA 117 -16.14 11.12 97.40
CA ARG QA 117 -15.15 10.07 97.17
C ARG QA 117 -15.76 8.67 97.21
N GLN QA 118 -16.95 8.51 97.78
CA GLN QA 118 -17.56 7.18 97.84
C GLN QA 118 -17.83 6.64 96.44
N SER QA 119 -18.28 7.51 95.53
CA SER QA 119 -18.53 7.07 94.16
C SER QA 119 -17.26 6.50 93.54
N TYR QA 120 -16.12 7.17 93.74
CA TYR QA 120 -14.86 6.66 93.21
C TYR QA 120 -14.51 5.32 93.85
N GLN QA 121 -14.73 5.19 95.16
CA GLN QA 121 -14.41 3.94 95.84
C GLN QA 121 -15.18 2.76 95.24
N SER QA 122 -16.40 3.02 94.77
CA SER QA 122 -17.19 1.94 94.17
C SER QA 122 -16.48 1.35 92.96
N HIS QA 123 -15.93 2.21 92.10
CA HIS QA 123 -15.22 1.71 90.93
C HIS QA 123 -13.99 0.90 91.34
N THR QA 124 -13.26 1.37 92.35
CA THR QA 124 -12.07 0.66 92.80
C THR QA 124 -12.42 -0.75 93.26
N GLU QA 125 -13.48 -0.88 94.06
CA GLU QA 125 -13.90 -2.19 94.53
C GLU QA 125 -14.32 -3.08 93.37
N ALA QA 126 -15.06 -2.51 92.41
CA ALA QA 126 -15.52 -3.30 91.27
C ALA QA 126 -14.35 -3.82 90.45
N LEU QA 127 -13.34 -2.98 90.22
CA LEU QA 127 -12.19 -3.40 89.44
C LEU QA 127 -11.35 -4.41 90.20
N GLY QA 128 -11.19 -4.23 91.52
CA GLY QA 128 -10.39 -5.16 92.29
C GLY QA 128 -10.91 -6.58 92.19
N LYS QA 129 -12.23 -6.74 92.25
CA LYS QA 129 -12.82 -8.06 92.08
C LYS QA 129 -12.60 -8.59 90.65
N SER QA 130 -12.71 -7.70 89.66
CA SER QA 130 -12.57 -8.14 88.28
C SER QA 130 -11.16 -8.67 88.00
N LEU QA 131 -10.14 -8.00 88.52
CA LEU QA 131 -8.77 -8.48 88.32
C LEU QA 131 -8.53 -9.79 89.06
N GLY QA 132 -9.19 -9.98 90.20
CA GLY QA 132 -8.95 -11.18 90.98
C GLY QA 132 -9.21 -12.45 90.19
N GLU QA 133 -10.29 -12.47 89.42
CA GLU QA 133 -10.59 -13.66 88.62
C GLU QA 133 -9.65 -13.76 87.41
N GLN QA 134 -9.35 -12.62 86.79
CA GLN QA 134 -8.44 -12.64 85.65
C GLN QA 134 -7.05 -13.11 86.05
N ARG QA 135 -6.58 -12.69 87.22
CA ARG QA 135 -5.22 -13.02 87.64
C ARG QA 135 -4.99 -14.52 87.69
N ALA QA 136 -5.93 -15.25 88.28
CA ALA QA 136 -5.81 -16.70 88.39
C ALA QA 136 -6.23 -17.42 87.12
N LEU QA 137 -6.78 -16.70 86.14
CA LEU QA 137 -7.23 -17.35 84.91
C LEU QA 137 -6.08 -17.48 83.92
N VAL QA 138 -5.34 -16.40 83.68
CA VAL QA 138 -4.24 -16.45 82.72
C VAL QA 138 -3.16 -17.42 83.20
N GLU QA 139 -2.86 -17.40 84.50
CA GLU QA 139 -1.84 -18.29 85.04
C GLU QA 139 -2.12 -19.73 84.66
N GLN QA 140 -3.40 -20.12 84.63
CA GLN QA 140 -3.77 -21.45 84.16
C GLN QA 140 -3.47 -21.60 82.67
N VAL QA 141 -3.72 -20.54 81.90
CA VAL QA 141 -3.46 -20.60 80.45
C VAL QA 141 -1.98 -20.83 80.19
N ARG QA 142 -1.12 -20.09 80.89
CA ARG QA 142 0.32 -20.23 80.67
C ARG QA 142 0.76 -21.67 80.87
N GLY QA 143 0.17 -22.37 81.85
CA GLY QA 143 0.54 -23.77 82.06
C GLY QA 143 0.25 -24.64 80.85
N GLN QA 144 -0.91 -24.43 80.21
CA GLN QA 144 -1.23 -25.21 79.02
C GLN QA 144 -0.24 -24.95 77.90
N LEU QA 145 0.11 -23.69 77.67
CA LEU QA 145 1.06 -23.37 76.61
C LEU QA 145 2.42 -23.99 76.89
N GLN QA 146 2.92 -23.85 78.11
CA GLN QA 146 4.23 -24.39 78.45
C GLN QA 146 4.25 -25.90 78.32
N LYS QA 147 3.20 -26.58 78.81
CA LYS QA 147 3.15 -28.03 78.68
C LYS QA 147 3.08 -28.45 77.23
N LEU QA 148 2.30 -27.72 76.42
CA LEU QA 148 2.20 -28.06 74.99
C LEU QA 148 3.54 -27.96 74.30
N GLU QA 149 4.28 -26.88 74.58
CA GLU QA 149 5.60 -26.72 73.96
C GLU QA 149 6.52 -27.87 74.33
N ARG QA 150 6.52 -28.27 75.61
CA ARG QA 150 7.34 -29.40 76.02
C ARG QA 150 6.90 -30.68 75.31
N LYS QA 151 5.59 -30.88 75.17
CA LYS QA 151 5.09 -32.05 74.48
C LYS QA 151 5.38 -31.98 72.98
N TYR QA 152 5.46 -30.77 72.42
CA TYR QA 152 5.70 -30.63 70.99
C TYR QA 152 7.03 -31.26 70.58
N LEU QA 153 8.09 -30.98 71.33
CA LEU QA 153 9.42 -31.44 70.94
C LEU QA 153 9.51 -32.96 70.93
N GLU QA 154 8.89 -33.61 71.92
CA GLU QA 154 9.01 -35.06 72.03
C GLU QA 154 8.50 -35.77 70.79
N LEU QA 155 7.63 -35.13 70.01
CA LEU QA 155 7.16 -35.72 68.76
C LEU QA 155 8.19 -35.52 67.65
N LYS QA 156 8.66 -34.28 67.48
CA LYS QA 156 9.59 -33.99 66.39
C LYS QA 156 10.89 -34.77 66.55
N SER QA 157 11.35 -34.93 67.80
CA SER QA 157 12.60 -35.66 68.03
C SER QA 157 12.52 -37.10 67.57
N GLN QA 158 11.31 -37.64 67.39
CA GLN QA 158 11.14 -39.01 66.93
C GLN QA 158 10.77 -39.11 65.46
N LYS QA 159 10.20 -38.05 64.87
CA LYS QA 159 9.72 -38.17 63.49
C LYS QA 159 10.86 -38.50 62.54
N ASN QA 160 12.01 -37.84 62.72
CA ASN QA 160 13.15 -38.13 61.86
C ASN QA 160 13.60 -39.57 62.01
N LEU QA 161 13.52 -40.12 63.23
CA LEU QA 161 13.93 -41.49 63.45
C LEU QA 161 13.05 -42.47 62.68
N TYR QA 162 11.73 -42.25 62.70
CA TYR QA 162 10.83 -43.15 61.98
C TYR QA 162 11.08 -43.11 60.48
N LEU QA 163 11.27 -41.91 59.92
CA LEU QA 163 11.49 -41.80 58.49
C LEU QA 163 12.72 -42.58 58.06
N ALA QA 164 13.78 -42.52 58.85
CA ALA QA 164 14.99 -43.25 58.52
C ALA QA 164 14.72 -44.75 58.45
N ARG QA 165 13.98 -45.28 59.41
CA ARG QA 165 13.64 -46.70 59.39
C ARG QA 165 12.79 -47.02 58.17
N LEU QA 166 11.84 -46.15 57.84
CA LEU QA 166 11.00 -46.36 56.67
C LEU QA 166 11.81 -46.38 55.39
N LYS QA 167 12.75 -45.43 55.25
CA LYS QA 167 13.59 -45.41 54.05
C LYS QA 167 14.49 -46.63 53.99
N SER QA 168 14.93 -47.12 55.14
CA SER QA 168 15.80 -48.30 55.17
C SER QA 168 15.08 -49.53 54.65
N ALA QA 169 13.87 -49.78 55.16
CA ALA QA 169 13.16 -51.00 54.81
C ALA QA 169 12.62 -50.95 53.37
N ILE QA 170 12.05 -49.79 52.98
CA ILE QA 170 11.51 -49.67 51.63
C ILE QA 170 12.61 -49.95 50.60
N ALA QA 171 13.80 -49.37 50.81
CA ALA QA 171 14.90 -49.65 49.91
C ALA QA 171 15.28 -51.12 49.94
N ALA QA 172 15.30 -51.73 51.14
CA ALA QA 172 15.66 -53.14 51.25
C ALA QA 172 14.74 -54.01 50.42
N GLN QA 173 13.43 -53.71 50.44
CA GLN QA 173 12.49 -54.45 49.61
C GLN QA 173 12.82 -54.28 48.13
N LYS QA 174 13.18 -53.04 47.73
CA LYS QA 174 13.51 -52.80 46.33
C LYS QA 174 14.74 -53.59 45.91
N ILE QA 175 15.74 -53.66 46.78
CA ILE QA 175 16.96 -54.39 46.46
C ILE QA 175 16.68 -55.89 46.31
N GLU QA 176 15.92 -56.44 47.25
CA GLU QA 176 15.78 -57.90 47.31
C GLU QA 176 15.07 -58.44 46.08
N GLU QA 177 14.02 -57.75 45.63
CA GLU QA 177 13.30 -58.24 44.45
C GLU QA 177 14.19 -58.28 43.22
N ILE QA 178 15.26 -57.50 43.20
CA ILE QA 178 16.22 -57.49 42.10
C ILE QA 178 17.36 -58.44 42.44
N ALA QA 179 17.16 -59.28 43.44
CA ALA QA 179 18.23 -60.20 43.85
C ALA QA 179 18.72 -61.04 42.68
N GLY QA 180 17.83 -61.36 41.75
CA GLY QA 180 18.22 -62.15 40.60
C GLY QA 180 18.79 -63.50 41.01
N ASN QA 181 18.11 -64.17 41.93
CA ASN QA 181 18.61 -65.45 42.43
C ASN QA 181 18.82 -66.43 41.28
N LEU QA 182 20.00 -67.06 41.27
CA LEU QA 182 20.31 -68.00 40.20
C LEU QA 182 19.44 -69.26 40.28
N ASP QA 183 18.98 -69.61 41.48
CA ASP QA 183 18.27 -70.87 41.68
C ASP QA 183 16.84 -70.86 41.14
N ASN QA 184 16.28 -69.69 40.81
CA ASN QA 184 14.87 -69.66 40.42
C ASN QA 184 14.62 -70.51 39.17
N ALA QA 185 15.42 -70.31 38.14
CA ALA QA 185 15.30 -71.08 36.90
C ALA QA 185 13.89 -70.96 36.32
N SER QA 186 13.31 -69.76 36.43
CA SER QA 186 11.97 -69.50 35.95
C SER QA 186 11.80 -68.15 35.27
N ALA QA 187 12.88 -67.40 35.06
CA ALA QA 187 12.91 -66.06 34.49
C ALA QA 187 12.46 -65.02 35.53
N SER QA 188 12.07 -65.42 36.73
CA SER QA 188 11.81 -64.44 37.78
C SER QA 188 13.07 -63.68 38.13
N SER QA 189 14.19 -64.38 38.24
CA SER QA 189 15.49 -63.74 38.33
C SER QA 189 15.96 -63.39 36.94
N LEU QA 190 16.25 -62.10 36.72
CA LEU QA 190 16.64 -61.66 35.38
C LEU QA 190 17.90 -62.36 34.90
N PHE QA 191 18.76 -62.80 35.81
CA PHE QA 191 19.97 -63.52 35.41
C PHE QA 191 19.63 -64.85 34.74
N GLU QA 192 18.78 -65.64 35.37
CA GLU QA 192 18.39 -66.92 34.78
C GLU QA 192 17.62 -66.69 33.48
N ARG QA 193 16.89 -65.59 33.37
CA ARG QA 193 16.26 -65.26 32.10
C ARG QA 193 17.31 -65.05 31.02
N ILE QA 194 18.41 -64.38 31.37
CA ILE QA 194 19.52 -64.23 30.44
C ILE QA 194 20.09 -65.60 30.07
N GLU QA 195 20.28 -66.46 31.07
CA GLU QA 195 20.84 -67.78 30.81
C GLU QA 195 19.99 -68.56 29.82
N THR QA 196 18.67 -68.48 29.97
CA THR QA 196 17.78 -69.11 29.00
C THR QA 196 18.00 -68.52 27.61
N LYS QA 197 18.19 -67.20 27.55
CA LYS QA 197 18.43 -66.56 26.26
C LYS QA 197 19.70 -67.09 25.61
N ILE QA 198 20.75 -67.28 26.40
CA ILE QA 198 22.02 -67.74 25.85
C ILE QA 198 21.85 -69.09 25.18
N LEU QA 199 21.23 -70.04 25.88
CA LEU QA 199 21.08 -71.39 25.34
C LEU QA 199 20.18 -71.40 24.12
N GLU QA 200 19.24 -70.46 24.04
CA GLU QA 200 18.35 -70.40 22.88
C GLU QA 200 19.14 -70.20 21.59
N LEU QA 201 20.09 -69.25 21.61
CA LEU QA 201 20.87 -68.97 20.41
C LEU QA 201 21.79 -70.12 20.07
N GLU QA 202 22.53 -70.62 21.06
CA GLU QA 202 23.46 -71.72 20.81
C GLU QA 202 22.74 -72.93 20.22
N ALA QA 203 21.48 -73.14 20.60
CA ALA QA 203 20.72 -74.26 20.07
C ALA QA 203 20.50 -74.11 18.57
N GLU QA 204 20.18 -72.89 18.11
CA GLU QA 204 19.90 -72.68 16.70
C GLU QA 204 21.12 -72.97 15.84
N ARG QA 205 22.30 -72.52 16.28
CA ARG QA 205 23.50 -72.68 15.46
C ARG QA 205 23.84 -74.14 15.24
N GLU QA 206 23.81 -74.94 16.31
CA GLU QA 206 24.20 -76.34 16.19
C GLU QA 206 23.26 -77.08 15.24
N LEU QA 207 21.95 -76.83 15.36
CA LEU QA 207 20.99 -77.50 14.48
C LEU QA 207 21.18 -77.08 13.03
N LEU QA 208 21.37 -75.79 12.78
CA LEU QA 208 21.50 -75.32 11.41
C LEU QA 208 22.81 -75.76 10.79
N ASN QA 209 23.81 -76.08 11.62
CA ASN QA 209 25.09 -76.60 11.17
C ASN QA 209 25.34 -77.91 11.91
N PRO QA 210 24.79 -79.01 11.41
CA PRO QA 210 24.92 -80.30 12.10
C PRO QA 210 26.37 -80.59 12.45
N PRO QA 211 26.71 -80.65 13.74
CA PRO QA 211 28.08 -80.95 14.13
C PRO QA 211 28.43 -82.40 13.80
N PRO QA 212 29.72 -82.74 13.78
CA PRO QA 212 30.09 -84.10 13.41
C PRO QA 212 29.47 -85.14 14.34
N SER QA 213 29.11 -86.28 13.76
CA SER QA 213 28.58 -87.37 14.55
C SER QA 213 29.70 -87.97 15.41
N PRO QA 214 29.35 -88.59 16.55
CA PRO QA 214 30.38 -89.22 17.37
C PRO QA 214 31.17 -90.29 16.63
N LEU QA 215 30.52 -91.01 15.72
CA LEU QA 215 31.23 -91.98 14.91
C LEU QA 215 32.30 -91.32 14.06
N ASP QA 216 31.98 -90.17 13.45
CA ASP QA 216 32.97 -89.42 12.69
C ASP QA 216 34.12 -88.98 13.60
N LYS QA 217 33.77 -88.50 14.81
CA LYS QA 217 34.81 -88.14 15.77
C LYS QA 217 35.70 -89.35 16.09
N LYS QA 218 35.08 -90.52 16.27
CA LYS QA 218 35.87 -91.71 16.57
C LYS QA 218 36.89 -91.98 15.47
N PHE QA 219 36.46 -91.89 14.21
CA PHE QA 219 37.37 -92.16 13.11
C PHE QA 219 38.52 -91.17 13.08
N GLU QA 220 38.24 -89.89 13.30
CA GLU QA 220 39.26 -88.86 13.17
C GLU QA 220 40.42 -89.12 14.13
N GLN QA 221 40.11 -89.27 15.42
CA GLN QA 221 41.17 -89.59 16.39
C GLN QA 221 41.72 -90.99 16.14
N TRP QA 222 40.84 -91.94 15.80
CA TRP QA 222 41.28 -93.30 15.51
C TRP QA 222 42.33 -93.32 14.41
N GLU QA 223 42.27 -92.37 13.48
CA GLU QA 223 43.23 -92.31 12.39
C GLU QA 223 44.57 -91.72 12.86
N GLU QA 224 44.53 -90.72 13.73
CA GLU QA 224 45.75 -90.00 14.08
C GLU QA 224 46.75 -90.88 14.83
N GLN QA 225 46.26 -91.84 15.62
CA GLN QA 225 47.18 -92.65 16.42
C GLN QA 225 48.16 -93.41 15.54
N GLN QA 226 47.68 -93.99 14.44
CA GLN QA 226 48.58 -94.68 13.53
C GLN QA 226 49.52 -93.70 12.85
N ALA QA 227 49.02 -92.52 12.47
CA ALA QA 227 49.85 -91.54 11.80
C ALA QA 227 51.03 -91.12 12.67
N VAL QA 228 50.76 -90.82 13.93
CA VAL QA 228 51.84 -90.45 14.84
C VAL QA 228 52.70 -91.66 15.18
N GLU QA 229 52.07 -92.81 15.40
CA GLU QA 229 52.83 -94.03 15.72
C GLU QA 229 53.62 -94.49 14.50
N ALA QA 230 53.01 -94.46 13.32
CA ALA QA 230 53.73 -94.84 12.11
C ALA QA 230 54.91 -93.89 11.87
N THR QA 231 54.69 -92.59 12.04
CA THR QA 231 55.79 -91.65 11.95
C THR QA 231 56.80 -91.89 13.07
N LEU QA 232 56.31 -92.14 14.29
CA LEU QA 232 57.21 -92.48 15.38
C LEU QA 232 57.87 -93.84 15.16
N ALA QA 233 57.13 -94.80 14.60
CA ALA QA 233 57.73 -96.10 14.27
C ALA QA 233 58.84 -95.92 13.25
N ALA QA 234 58.62 -95.08 12.24
CA ALA QA 234 59.66 -94.75 11.28
C ALA QA 234 60.70 -93.80 11.88
N MET QA 235 60.33 -93.04 12.91
CA MET QA 235 61.30 -92.15 13.55
C MET QA 235 62.50 -92.94 14.08
N LYS QA 236 62.23 -94.01 14.83
CA LYS QA 236 63.32 -94.86 15.29
C LYS QA 236 64.01 -95.54 14.12
N ALA QA 237 63.23 -96.01 13.14
CA ALA QA 237 63.82 -96.71 12.00
C ALA QA 237 64.60 -95.76 11.11
N ARG QA 238 64.02 -94.60 10.78
CA ARG QA 238 64.72 -93.66 9.91
C ARG QA 238 66.00 -93.16 10.56
N ARG QA 239 65.95 -92.85 11.86
CA ARG QA 239 67.17 -92.49 12.57
C ARG QA 239 68.06 -93.70 12.77
N SER QA 240 67.47 -94.87 12.98
CA SER QA 240 68.22 -96.09 13.18
C SER QA 240 67.41 -97.33 12.79
N GLN RA 45 -54.99 34.01 -2.64
CA GLN RA 45 -54.82 35.45 -2.99
C GLN RA 45 -53.62 36.04 -2.26
N GLU RA 46 -53.05 37.09 -2.83
CA GLU RA 46 -51.89 37.78 -2.28
C GLU RA 46 -52.29 39.18 -1.83
N ALA RA 47 -51.32 39.91 -1.31
CA ALA RA 47 -51.58 41.28 -0.90
C ALA RA 47 -51.97 42.11 -2.12
N PRO RA 48 -53.00 42.95 -2.04
CA PRO RA 48 -53.42 43.70 -3.23
C PRO RA 48 -52.33 44.59 -3.80
N GLU RA 49 -51.50 45.17 -2.94
CA GLU RA 49 -50.43 46.05 -3.42
C GLU RA 49 -49.41 45.27 -4.25
N ASP RA 50 -49.08 44.05 -3.84
CA ASP RA 50 -48.07 43.28 -4.55
C ASP RA 50 -48.51 42.99 -5.98
N LEU RA 51 -49.78 42.67 -6.17
CA LEU RA 51 -50.29 42.39 -7.51
C LEU RA 51 -50.09 43.58 -8.44
N LEU RA 52 -50.29 44.79 -7.92
CA LEU RA 52 -50.27 45.98 -8.77
C LEU RA 52 -48.93 46.11 -9.48
N GLU RA 53 -47.83 45.93 -8.75
CA GLU RA 53 -46.52 46.01 -9.39
C GLU RA 53 -46.34 44.92 -10.43
N ARG RA 54 -46.72 43.69 -10.09
CA ARG RA 54 -46.56 42.59 -11.01
C ARG RA 54 -47.47 42.74 -12.23
N LEU RA 55 -48.70 43.21 -12.03
CA LEU RA 55 -49.63 43.32 -13.14
C LEU RA 55 -49.13 44.30 -14.19
N LEU RA 56 -48.66 45.47 -13.76
CA LEU RA 56 -48.19 46.46 -14.72
C LEU RA 56 -46.96 45.97 -15.48
N GLY RA 57 -46.06 45.27 -14.80
CA GLY RA 57 -44.89 44.73 -15.48
C GLY RA 57 -45.29 43.82 -16.64
N GLU RA 58 -46.31 42.99 -16.43
CA GLU RA 58 -46.83 42.19 -17.53
C GLU RA 58 -47.45 43.07 -18.60
N MET RA 59 -48.17 44.12 -18.19
CA MET RA 59 -48.82 45.01 -19.16
C MET RA 59 -47.79 45.70 -20.04
N GLU RA 60 -46.72 46.22 -19.44
CA GLU RA 60 -45.70 46.90 -20.23
C GLU RA 60 -45.03 45.95 -21.20
N LEU RA 61 -44.74 44.73 -20.74
CA LEU RA 61 -44.11 43.74 -21.61
C LEU RA 61 -44.99 43.44 -22.82
N GLU RA 62 -46.30 43.32 -22.61
CA GLU RA 62 -47.21 43.00 -23.70
C GLU RA 62 -47.24 44.10 -24.75
N LEU RA 63 -47.20 45.36 -24.31
CA LEU RA 63 -47.42 46.47 -25.22
C LEU RA 63 -46.36 46.52 -26.31
N ILE RA 64 -45.10 46.32 -25.94
CA ILE RA 64 -44.03 46.36 -26.95
C ILE RA 64 -44.19 45.23 -27.95
N GLU RA 65 -44.67 44.07 -27.49
CA GLU RA 65 -44.93 42.97 -28.41
C GLU RA 65 -45.97 43.37 -29.44
N LEU RA 66 -47.01 44.09 -29.02
CA LEU RA 66 -47.95 44.66 -29.97
C LEU RA 66 -47.27 45.63 -30.91
N ARG RA 67 -46.39 46.48 -30.38
CA ARG RA 67 -45.67 47.43 -31.22
C ARG RA 67 -44.84 46.72 -32.27
N ARG RA 68 -44.13 45.67 -31.86
CA ARG RA 68 -43.31 44.93 -32.81
C ARG RA 68 -44.16 44.27 -33.89
N ALA RA 69 -45.28 43.67 -33.50
CA ALA RA 69 -46.10 42.94 -34.47
C ALA RA 69 -46.66 43.88 -35.53
N LEU RA 70 -47.16 45.05 -35.11
CA LEU RA 70 -47.74 45.99 -36.06
C LEU RA 70 -46.76 46.37 -37.16
N ALA RA 71 -45.47 46.44 -36.84
CA ALA RA 71 -44.47 46.78 -37.85
C ALA RA 71 -44.46 45.75 -38.97
N GLN RA 72 -44.54 44.47 -38.62
CA GLN RA 72 -44.51 43.43 -39.64
C GLN RA 72 -45.68 43.57 -40.61
N THR RA 73 -46.84 44.01 -40.12
CA THR RA 73 -47.97 44.27 -41.00
C THR RA 73 -47.62 45.34 -42.02
N ILE RA 74 -46.93 46.40 -41.59
CA ILE RA 74 -46.58 47.49 -42.50
C ILE RA 74 -45.65 46.97 -43.59
N ALA RA 75 -44.76 46.05 -43.25
CA ALA RA 75 -43.81 45.54 -44.24
C ALA RA 75 -44.54 44.92 -45.43
N THR RA 76 -45.50 44.04 -45.15
CA THR RA 76 -46.25 43.41 -46.23
C THR RA 76 -47.06 44.44 -47.00
N PHE RA 77 -47.68 45.38 -46.29
CA PHE RA 77 -48.46 46.43 -46.96
C PHE RA 77 -47.59 47.21 -47.92
N LYS RA 78 -46.35 47.53 -47.52
CA LYS RA 78 -45.43 48.20 -48.43
C LYS RA 78 -44.88 47.25 -49.48
N SER RA 79 -44.58 46.00 -49.06
CA SER RA 79 -43.95 45.06 -49.97
C SER RA 79 -44.84 44.77 -51.18
N THR RA 80 -46.11 44.47 -50.93
CA THR RA 80 -47.02 44.16 -52.03
C THR RA 80 -47.20 45.37 -52.93
N GLU RA 81 -47.29 46.57 -52.34
CA GLU RA 81 -47.44 47.79 -53.14
C GLU RA 81 -46.26 47.96 -54.09
N ARG RA 82 -45.04 47.73 -53.60
CA ARG RA 82 -43.88 47.73 -54.47
C ARG RA 82 -43.99 46.62 -55.51
N GLN RA 83 -44.47 45.45 -55.08
CA GLN RA 83 -44.66 44.34 -56.02
C GLN RA 83 -45.70 44.70 -57.08
N ARG RA 84 -46.75 45.41 -56.68
CA ARG RA 84 -47.80 45.78 -57.63
C ARG RA 84 -47.25 46.66 -58.74
N ASP RA 85 -46.41 47.63 -58.40
CA ASP RA 85 -45.88 48.53 -59.41
C ASP RA 85 -45.07 47.78 -60.46
N ALA RA 86 -44.42 46.69 -60.07
CA ALA RA 86 -43.59 45.94 -61.02
C ALA RA 86 -44.42 45.39 -62.17
N GLN RA 87 -45.59 44.82 -61.87
CA GLN RA 87 -46.38 44.17 -62.90
C GLN RA 87 -46.85 45.16 -63.96
N GLN RA 88 -47.41 46.29 -63.53
CA GLN RA 88 -47.88 47.28 -64.48
C GLN RA 88 -46.74 47.79 -65.36
N LEU RA 89 -45.53 47.89 -64.79
CA LEU RA 89 -44.38 48.29 -65.59
C LEU RA 89 -44.14 47.30 -66.73
N ILE RA 90 -44.27 46.00 -66.45
CA ILE RA 90 -44.12 45.00 -67.49
C ILE RA 90 -45.19 45.18 -68.55
N ALA RA 91 -46.44 45.40 -68.13
CA ALA RA 91 -47.50 45.62 -69.09
C ALA RA 91 -47.22 46.85 -69.95
N GLN RA 92 -46.65 47.89 -69.35
CA GLN RA 92 -46.27 49.08 -70.11
C GLN RA 92 -45.27 48.73 -71.20
N ARG RA 93 -44.32 47.85 -70.90
CA ARG RA 93 -43.33 47.45 -71.90
C ARG RA 93 -43.99 46.85 -73.11
N TRP RA 94 -44.94 45.93 -72.90
CA TRP RA 94 -45.67 45.34 -74.02
C TRP RA 94 -46.46 46.40 -74.77
N TYR RA 95 -47.13 47.28 -74.03
CA TYR RA 95 -47.88 48.36 -74.68
C TYR RA 95 -46.95 49.26 -75.47
N GLU RA 96 -45.81 49.63 -74.88
CA GLU RA 96 -44.83 50.43 -75.60
C GLU RA 96 -44.31 49.68 -76.82
N LYS RA 97 -44.03 48.38 -76.65
CA LYS RA 97 -43.60 47.57 -77.79
C LYS RA 97 -44.69 47.50 -78.85
N ALA RA 98 -45.95 47.32 -78.42
CA ALA RA 98 -47.05 47.28 -79.36
C ALA RA 98 -47.24 48.60 -80.10
N GLN RA 99 -46.72 49.70 -79.55
CA GLN RA 99 -46.87 50.99 -80.22
C GLN RA 99 -46.20 50.97 -81.59
N ALA RA 100 -44.99 50.43 -81.67
CA ALA RA 100 -44.26 50.31 -82.92
C ALA RA 100 -44.39 48.92 -83.54
N ALA RA 101 -45.18 48.03 -82.93
CA ALA RA 101 -45.35 46.69 -83.47
C ALA RA 101 -45.90 46.73 -84.88
N LEU RA 102 -46.96 47.51 -85.09
CA LEU RA 102 -47.57 47.68 -86.40
C LEU RA 102 -47.08 48.93 -87.12
N ASP RA 103 -46.07 49.62 -86.56
CA ASP RA 103 -45.51 50.78 -87.26
C ASP RA 103 -45.05 50.41 -88.66
N ARG RA 104 -44.59 49.17 -88.85
CA ARG RA 104 -44.27 48.65 -90.18
C ARG RA 104 -45.50 48.21 -90.94
N GLY RA 105 -46.70 48.46 -90.41
CA GLY RA 105 -47.91 47.90 -90.94
C GLY RA 105 -48.25 46.52 -90.43
N ASN RA 106 -47.48 46.00 -89.47
CA ASN RA 106 -47.68 44.65 -88.94
C ASN RA 106 -48.74 44.70 -87.84
N GLU RA 107 -50.00 44.83 -88.29
CA GLU RA 107 -51.12 44.88 -87.36
C GLU RA 107 -51.29 43.55 -86.63
N GLN RA 108 -51.03 42.43 -87.31
CA GLN RA 108 -51.27 41.12 -86.71
C GLN RA 108 -50.44 40.93 -85.45
N LEU RA 109 -49.17 41.34 -85.49
CA LEU RA 109 -48.30 41.14 -84.33
C LEU RA 109 -48.81 41.92 -83.13
N ALA RA 110 -49.27 43.16 -83.34
CA ALA RA 110 -49.75 43.97 -82.24
C ALA RA 110 -50.95 43.33 -81.56
N ARG RA 111 -51.70 42.48 -82.28
CA ARG RA 111 -52.85 41.82 -81.68
C ARG RA 111 -52.43 40.97 -80.49
N GLU RA 112 -51.34 40.22 -80.63
CA GLU RA 112 -50.89 39.36 -79.54
C GLU RA 112 -50.49 40.16 -78.32
N ALA RA 113 -49.78 41.28 -78.53
CA ALA RA 113 -49.29 42.07 -77.41
C ALA RA 113 -50.45 42.58 -76.55
N LEU RA 114 -51.43 43.23 -77.19
CA LEU RA 114 -52.56 43.76 -76.43
C LEU RA 114 -53.34 42.64 -75.75
N GLY RA 115 -53.51 41.50 -76.42
CA GLY RA 115 -54.13 40.36 -75.77
C GLY RA 115 -53.28 39.84 -74.62
N GLN RA 116 -51.96 39.87 -74.78
CA GLN RA 116 -51.07 39.36 -73.74
C GLN RA 116 -51.15 40.20 -72.48
N ARG RA 117 -51.13 41.53 -72.62
CA ARG RA 117 -51.07 42.41 -71.46
C ARG RA 117 -52.33 42.37 -70.61
N GLN RA 118 -53.44 41.87 -71.15
CA GLN RA 118 -54.67 41.81 -70.37
C GLN RA 118 -54.50 40.91 -69.15
N SER RA 119 -53.80 39.78 -69.32
CA SER RA 119 -53.57 38.89 -68.19
C SER RA 119 -52.84 39.61 -67.07
N TYR RA 120 -51.83 40.39 -67.40
CA TYR RA 120 -51.12 41.16 -66.37
C TYR RA 120 -52.05 42.18 -65.71
N GLN RA 121 -52.89 42.84 -66.50
CA GLN RA 121 -53.79 43.84 -65.94
C GLN RA 121 -54.71 43.22 -64.89
N SER RA 122 -55.08 41.95 -65.08
CA SER RA 122 -55.95 41.29 -64.11
C SER RA 122 -55.30 41.25 -62.74
N HIS RA 123 -54.02 40.90 -62.68
CA HIS RA 123 -53.32 40.87 -61.40
C HIS RA 123 -53.27 42.25 -60.76
N THR RA 124 -53.02 43.28 -61.56
CA THR RA 124 -52.94 44.63 -61.03
C THR RA 124 -54.25 45.04 -60.38
N GLU RA 125 -55.36 44.77 -61.06
CA GLU RA 125 -56.67 45.10 -60.49
C GLU RA 125 -56.94 44.31 -59.21
N ALA RA 126 -56.58 43.03 -59.20
CA ALA RA 126 -56.80 42.21 -58.02
C ALA RA 126 -56.01 42.74 -56.83
N LEU RA 127 -54.75 43.12 -57.05
CA LEU RA 127 -53.93 43.62 -55.95
C LEU RA 127 -54.41 45.00 -55.50
N GLY RA 128 -54.82 45.86 -56.43
CA GLY RA 128 -55.29 47.17 -56.04
C GLY RA 128 -56.44 47.11 -55.06
N LYS RA 129 -57.39 46.21 -55.31
CA LYS RA 129 -58.50 46.01 -54.37
C LYS RA 129 -58.00 45.47 -53.03
N SER RA 130 -57.04 44.54 -53.07
CA SER RA 130 -56.57 43.93 -51.84
C SER RA 130 -55.91 44.96 -50.93
N LEU RA 131 -55.10 45.85 -51.49
CA LEU RA 131 -54.45 46.88 -50.68
C LEU RA 131 -55.47 47.87 -50.13
N GLY RA 132 -56.55 48.12 -50.88
CA GLY RA 132 -57.53 49.10 -50.43
C GLY RA 132 -58.10 48.78 -49.08
N GLU RA 133 -58.42 47.51 -48.83
CA GLU RA 133 -58.95 47.12 -47.53
C GLU RA 133 -57.87 47.11 -46.46
N GLN RA 134 -56.66 46.66 -46.82
CA GLN RA 134 -55.56 46.65 -45.86
C GLN RA 134 -55.20 48.05 -45.42
N ARG RA 135 -55.21 49.01 -46.36
CA ARG RA 135 -54.77 50.36 -46.05
C ARG RA 135 -55.59 50.98 -44.93
N ALA RA 136 -56.91 50.84 -45.00
CA ALA RA 136 -57.79 51.39 -43.98
C ALA RA 136 -57.89 50.50 -42.75
N LEU RA 137 -57.33 49.30 -42.78
CA LEU RA 137 -57.40 48.40 -41.64
C LEU RA 137 -56.30 48.69 -40.63
N VAL RA 138 -55.06 48.80 -41.08
CA VAL RA 138 -53.95 49.05 -40.17
C VAL RA 138 -54.12 50.41 -39.50
N GLU RA 139 -54.55 51.41 -40.26
CA GLU RA 139 -54.73 52.75 -39.71
C GLU RA 139 -55.63 52.71 -38.47
N GLN RA 140 -56.65 51.85 -38.49
CA GLN RA 140 -57.47 51.65 -37.30
C GLN RA 140 -56.66 51.01 -36.18
N VAL RA 141 -55.78 50.06 -36.52
CA VAL RA 141 -54.97 49.39 -35.51
C VAL RA 141 -54.07 50.40 -34.81
N ARG RA 142 -53.42 51.28 -35.58
CA ARG RA 142 -52.52 52.25 -34.98
C ARG RA 142 -53.24 53.10 -33.94
N GLY RA 143 -54.51 53.44 -34.18
CA GLY RA 143 -55.25 54.21 -33.22
C GLY RA 143 -55.40 53.51 -31.88
N GLN RA 144 -55.67 52.21 -31.92
CA GLN RA 144 -55.79 51.45 -30.68
C GLN RA 144 -54.47 51.44 -29.90
N LEU RA 145 -53.36 51.22 -30.59
CA LEU RA 145 -52.07 51.19 -29.91
C LEU RA 145 -51.76 52.55 -29.30
N GLN RA 146 -51.95 53.63 -30.06
CA GLN RA 146 -51.64 54.96 -29.56
C GLN RA 146 -52.50 55.31 -28.36
N LYS RA 147 -53.80 55.01 -28.43
CA LYS RA 147 -54.68 55.29 -27.31
C LYS RA 147 -54.28 54.47 -26.09
N LEU RA 148 -53.93 53.20 -26.30
CA LEU RA 148 -53.53 52.35 -25.18
C LEU RA 148 -52.30 52.91 -24.48
N GLU RA 149 -51.30 53.35 -25.26
CA GLU RA 149 -50.09 53.89 -24.66
C GLU RA 149 -50.42 55.13 -23.83
N ARG RA 150 -51.27 56.01 -24.33
CA ARG RA 150 -51.67 57.18 -23.57
C ARG RA 150 -52.40 56.77 -22.30
N LYS RA 151 -53.27 55.77 -22.38
CA LYS RA 151 -53.97 55.29 -21.20
C LYS RA 151 -53.03 54.59 -20.24
N TYR RA 152 -51.96 53.98 -20.75
CA TYR RA 152 -51.04 53.25 -19.89
C TYR RA 152 -50.42 54.15 -18.84
N LEU RA 153 -49.95 55.33 -19.25
CA LEU RA 153 -49.23 56.21 -18.34
C LEU RA 153 -50.12 56.69 -17.20
N GLU RA 154 -51.39 57.00 -17.50
CA GLU RA 154 -52.27 57.56 -16.48
C GLU RA 154 -52.44 56.62 -15.30
N LEU RA 155 -52.19 55.32 -15.50
CA LEU RA 155 -52.24 54.37 -14.39
C LEU RA 155 -50.96 54.42 -13.57
N LYS RA 156 -49.82 54.33 -14.25
CA LYS RA 156 -48.53 54.29 -13.54
C LYS RA 156 -48.30 55.56 -12.75
N SER RA 157 -48.71 56.71 -13.31
CA SER RA 157 -48.51 57.97 -12.62
C SER RA 157 -49.23 58.04 -11.29
N GLN RA 158 -50.22 57.16 -11.08
CA GLN RA 158 -50.97 57.13 -9.83
C GLN RA 158 -50.56 55.99 -8.91
N LYS RA 159 -49.97 54.92 -9.45
CA LYS RA 159 -49.67 53.76 -8.62
C LYS RA 159 -48.73 54.13 -7.49
N ASN RA 160 -47.68 54.91 -7.79
CA ASN RA 160 -46.75 55.32 -6.76
C ASN RA 160 -47.45 56.15 -5.69
N LEU RA 161 -48.42 56.97 -6.08
CA LEU RA 161 -49.13 57.79 -5.11
C LEU RA 161 -49.91 56.93 -4.12
N TYR RA 162 -50.60 55.90 -4.62
CA TYR RA 162 -51.38 55.04 -3.74
C TYR RA 162 -50.47 54.30 -2.75
N LEU RA 163 -49.35 53.77 -3.22
CA LEU RA 163 -48.46 53.03 -2.34
C LEU RA 163 -47.98 53.91 -1.19
N ALA RA 164 -47.66 55.17 -1.48
CA ALA RA 164 -47.21 56.07 -0.42
C ALA RA 164 -48.27 56.24 0.65
N ARG RA 165 -49.53 56.43 0.24
CA ARG RA 165 -50.61 56.53 1.21
C ARG RA 165 -50.74 55.24 2.01
N LEU RA 166 -50.63 54.10 1.34
CA LEU RA 166 -50.73 52.82 2.03
C LEU RA 166 -49.62 52.66 3.06
N LYS RA 167 -48.38 53.01 2.68
CA LYS RA 167 -47.28 52.90 3.63
C LYS RA 167 -47.45 53.88 4.79
N SER RA 168 -48.05 55.04 4.53
CA SER RA 168 -48.25 56.03 5.59
C SER RA 168 -49.22 55.51 6.64
N ALA RA 169 -50.37 54.98 6.20
CA ALA RA 169 -51.40 54.57 7.15
C ALA RA 169 -51.01 53.29 7.87
N ILE RA 170 -50.46 52.31 7.15
CA ILE RA 170 -50.06 51.05 7.78
C ILE RA 170 -49.07 51.32 8.90
N ALA RA 171 -48.09 52.18 8.65
CA ALA RA 171 -47.13 52.54 9.70
C ALA RA 171 -47.84 53.24 10.85
N ALA RA 172 -48.78 54.13 10.53
CA ALA RA 172 -49.48 54.87 11.58
C ALA RA 172 -50.21 53.91 12.52
N GLN RA 173 -50.84 52.87 11.97
CA GLN RA 173 -51.47 51.87 12.81
C GLN RA 173 -50.45 51.16 13.69
N LYS RA 174 -49.28 50.86 13.14
CA LYS RA 174 -48.24 50.19 13.92
C LYS RA 174 -47.78 51.07 15.08
N ILE RA 175 -47.62 52.37 14.82
CA ILE RA 175 -47.16 53.28 15.87
C ILE RA 175 -48.20 53.38 16.98
N GLU RA 176 -49.47 53.55 16.61
CA GLU RA 176 -50.49 53.88 17.59
C GLU RA 176 -50.67 52.74 18.60
N GLU RA 177 -50.68 51.49 18.13
CA GLU RA 177 -50.87 50.38 19.05
C GLU RA 177 -49.76 50.30 20.08
N ILE RA 178 -48.60 50.89 19.78
CA ILE RA 178 -47.48 50.92 20.72
C ILE RA 178 -47.52 52.24 21.48
N ALA RA 179 -48.65 52.94 21.41
CA ALA RA 179 -48.76 54.23 22.08
C ALA RA 179 -48.43 54.11 23.57
N GLY RA 180 -48.72 52.97 24.17
CA GLY RA 180 -48.43 52.79 25.58
C GLY RA 180 -49.10 53.83 26.44
N ASN RA 181 -50.40 54.06 26.19
CA ASN RA 181 -51.12 55.09 26.93
C ASN RA 181 -51.05 54.82 28.42
N LEU RA 182 -50.72 55.86 29.18
CA LEU RA 182 -50.60 55.71 30.63
C LEU RA 182 -51.95 55.45 31.28
N ASP RA 183 -53.03 55.94 30.67
CA ASP RA 183 -54.36 55.87 31.29
C ASP RA 183 -54.97 54.47 31.26
N ASN RA 184 -54.44 53.53 30.48
CA ASN RA 184 -55.09 52.23 30.36
C ASN RA 184 -55.18 51.52 31.71
N ALA RA 185 -54.06 51.43 32.42
CA ALA RA 185 -54.03 50.81 33.74
C ALA RA 185 -54.54 49.36 33.67
N SER RA 186 -54.20 48.68 32.58
CA SER RA 186 -54.66 47.31 32.36
C SER RA 186 -53.58 46.41 31.76
N ALA RA 187 -52.35 46.88 31.61
CA ALA RA 187 -51.23 46.18 31.00
C ALA RA 187 -51.34 46.19 29.48
N SER RA 188 -52.42 46.74 28.91
CA SER RA 188 -52.47 46.91 27.45
C SER RA 188 -51.38 47.87 26.99
N SER RA 189 -51.17 48.96 27.71
CA SER RA 189 -50.02 49.82 27.50
C SER RA 189 -48.83 49.22 28.24
N LEU RA 190 -47.75 48.95 27.52
CA LEU RA 190 -46.60 48.31 28.14
C LEU RA 190 -46.03 49.15 29.28
N PHE RA 191 -46.21 50.46 29.23
CA PHE RA 191 -45.71 51.32 30.30
C PHE RA 191 -46.43 51.03 31.61
N GLU RA 192 -47.76 51.00 31.59
CA GLU RA 192 -48.50 50.68 32.80
C GLU RA 192 -48.22 49.27 33.27
N ARG RA 193 -47.94 48.35 32.35
CA ARG RA 193 -47.51 47.02 32.76
C ARG RA 193 -46.21 47.10 33.56
N ILE RA 194 -45.27 47.94 33.11
CA ILE RA 194 -44.05 48.16 33.88
C ILE RA 194 -44.38 48.74 35.24
N GLU RA 195 -45.28 49.73 35.29
CA GLU RA 195 -45.63 50.36 36.56
C GLU RA 195 -46.17 49.33 37.53
N THR RA 196 -47.01 48.41 37.07
CA THR RA 196 -47.48 47.34 37.93
C THR RA 196 -46.32 46.49 38.42
N LYS RA 197 -45.35 46.23 37.55
CA LYS RA 197 -44.18 45.45 37.95
C LYS RA 197 -43.41 46.15 39.07
N ILE RA 198 -43.26 47.47 38.98
CA ILE RA 198 -42.50 48.21 39.97
C ILE RA 198 -43.13 48.05 41.35
N LEU RA 199 -44.44 48.28 41.44
CA LEU RA 199 -45.11 48.20 42.73
C LEU RA 199 -45.09 46.79 43.29
N GLU RA 200 -45.05 45.78 42.42
CA GLU RA 200 -45.01 44.40 42.90
C GLU RA 200 -43.77 44.16 43.76
N LEU RA 201 -42.61 44.61 43.29
CA LEU RA 201 -41.37 44.39 44.03
C LEU RA 201 -41.36 45.19 45.32
N GLU RA 202 -41.69 46.48 45.25
CA GLU RA 202 -41.69 47.32 46.44
C GLU RA 202 -42.60 46.76 47.51
N ALA RA 203 -43.70 46.10 47.12
CA ALA RA 203 -44.60 45.52 48.09
C ALA RA 203 -43.92 44.40 48.88
N GLU RA 204 -43.15 43.56 48.19
CA GLU RA 204 -42.51 42.43 48.87
C GLU RA 204 -41.52 42.91 49.93
N ARG RA 205 -40.73 43.93 49.61
CA ARG RA 205 -39.69 44.37 50.53
C ARG RA 205 -40.30 44.88 51.84
N GLU RA 206 -41.32 45.73 51.74
CA GLU RA 206 -41.90 46.32 52.94
C GLU RA 206 -42.50 45.26 53.84
N LEU RA 207 -43.19 44.28 53.26
CA LEU RA 207 -43.78 43.22 54.07
C LEU RA 207 -42.71 42.37 54.73
N LEU RA 208 -41.67 42.00 53.99
CA LEU RA 208 -40.64 41.14 54.55
C LEU RA 208 -39.81 41.86 55.60
N ASN RA 209 -39.80 43.20 55.55
CA ASN RA 209 -39.10 44.03 56.52
C ASN RA 209 -40.12 45.02 57.09
N PRO RA 210 -40.90 44.60 58.08
CA PRO RA 210 -41.96 45.47 58.61
C PRO RA 210 -41.41 46.85 58.96
N PRO RA 211 -41.86 47.90 58.26
CA PRO RA 211 -41.38 49.24 58.58
C PRO RA 211 -41.92 49.70 59.92
N PRO RA 212 -41.34 50.74 60.51
CA PRO RA 212 -41.76 51.17 61.85
C PRO RA 212 -43.24 51.56 61.86
N SER RA 213 -43.90 51.24 62.96
CA SER RA 213 -45.29 51.63 63.13
C SER RA 213 -45.40 53.15 63.31
N PRO RA 214 -46.53 53.74 62.94
CA PRO RA 214 -46.68 55.20 63.14
C PRO RA 214 -46.52 55.62 64.59
N LEU RA 215 -46.92 54.77 65.54
CA LEU RA 215 -46.71 55.08 66.94
C LEU RA 215 -45.22 55.19 67.25
N ASP RA 216 -44.42 54.27 66.72
CA ASP RA 216 -42.97 54.35 66.90
C ASP RA 216 -42.42 55.63 66.27
N LYS RA 217 -42.91 55.97 65.09
CA LYS RA 217 -42.51 57.24 64.46
C LYS RA 217 -42.88 58.42 65.36
N LYS RA 218 -44.06 58.39 65.95
CA LYS RA 218 -44.47 59.48 66.83
C LYS RA 218 -43.48 59.65 67.97
N PHE RA 219 -43.08 58.55 68.61
CA PHE RA 219 -42.16 58.63 69.73
C PHE RA 219 -40.82 59.20 69.31
N GLU RA 220 -40.30 58.78 68.15
CA GLU RA 220 -38.96 59.18 67.75
C GLU RA 220 -38.87 60.70 67.60
N GLN RA 221 -39.77 61.29 66.82
CA GLN RA 221 -39.79 62.75 66.70
C GLN RA 221 -40.21 63.39 68.03
N TRP RA 222 -41.17 62.79 68.72
CA TRP RA 222 -41.62 63.32 70.01
C TRP RA 222 -40.45 63.44 70.98
N GLU RA 223 -39.45 62.56 70.86
CA GLU RA 223 -38.29 62.62 71.74
C GLU RA 223 -37.33 63.74 71.36
N GLU RA 224 -37.15 63.97 70.05
CA GLU RA 224 -36.11 64.88 69.60
C GLU RA 224 -36.40 66.32 70.02
N GLN RA 225 -37.67 66.70 70.10
CA GLN RA 225 -38.00 68.10 70.41
C GLN RA 225 -37.44 68.50 71.77
N GLN RA 226 -37.59 67.64 72.78
CA GLN RA 226 -37.02 67.95 74.08
C GLN RA 226 -35.50 67.97 74.02
N ALA RA 227 -34.90 67.03 73.28
CA ALA RA 227 -33.44 66.98 73.20
C ALA RA 227 -32.88 68.28 72.63
N VAL RA 228 -33.45 68.76 71.54
CA VAL RA 228 -32.99 70.02 70.95
C VAL RA 228 -33.38 71.19 71.85
N GLU RA 229 -34.60 71.18 72.38
CA GLU RA 229 -35.04 72.26 73.27
C GLU RA 229 -34.26 72.25 74.57
N ALA RA 230 -34.04 71.07 75.15
CA ALA RA 230 -33.25 70.98 76.37
C ALA RA 230 -31.83 71.45 76.12
N THR RA 231 -31.23 71.04 75.01
CA THR RA 231 -29.92 71.55 74.64
C THR RA 231 -29.99 73.04 74.36
N LEU RA 232 -31.02 73.49 73.66
CA LEU RA 232 -31.21 74.91 73.44
C LEU RA 232 -31.55 75.63 74.72
N ALA RA 233 -32.33 75.01 75.60
CA ALA RA 233 -32.60 75.61 76.90
C ALA RA 233 -31.32 75.78 77.70
N ALA RA 234 -30.46 74.77 77.68
CA ALA RA 234 -29.14 74.88 78.30
C ALA RA 234 -28.20 75.75 77.48
N MET RA 235 -28.44 75.90 76.18
CA MET RA 235 -27.60 76.77 75.37
C MET RA 235 -27.60 78.18 75.90
N LYS RA 236 -28.79 78.75 76.14
CA LYS RA 236 -28.88 80.07 76.74
C LYS RA 236 -28.31 80.06 78.15
N ALA RA 237 -28.63 79.02 78.92
CA ALA RA 237 -28.15 78.95 80.30
C ALA RA 237 -26.64 78.74 80.36
N ARG RA 238 -26.11 77.78 79.58
CA ARG RA 238 -24.69 77.52 79.62
C ARG RA 238 -23.89 78.74 79.17
N ARG RA 239 -24.35 79.40 78.11
CA ARG RA 239 -23.71 80.65 77.68
C ARG RA 239 -24.01 81.77 78.67
N SER RA 240 -25.21 81.77 79.24
CA SER RA 240 -25.60 82.80 80.20
C SER RA 240 -26.69 82.28 81.14
N GLN SA 45 -12.90 -54.40 -35.47
CA GLN SA 45 -11.72 -54.87 -36.26
C GLN SA 45 -10.97 -53.70 -36.86
N GLU SA 46 -9.68 -53.90 -37.12
CA GLU SA 46 -8.81 -52.89 -37.68
C GLU SA 46 -8.40 -53.29 -39.09
N ALA SA 47 -7.59 -52.47 -39.73
CA ALA SA 47 -7.10 -52.79 -41.05
C ALA SA 47 -6.23 -54.04 -40.98
N PRO SA 48 -6.38 -54.99 -41.91
CA PRO SA 48 -5.60 -56.23 -41.80
C PRO SA 48 -4.10 -56.00 -41.82
N GLU SA 49 -3.63 -55.01 -42.58
CA GLU SA 49 -2.20 -54.74 -42.66
C GLU SA 49 -1.65 -54.28 -41.31
N ASP SA 50 -2.40 -53.45 -40.60
CA ASP SA 50 -1.92 -52.91 -39.33
C ASP SA 50 -1.70 -54.03 -38.32
N LEU SA 51 -2.59 -55.02 -38.28
CA LEU SA 51 -2.43 -56.12 -37.35
C LEU SA 51 -1.13 -56.86 -37.58
N LEU SA 52 -0.74 -57.03 -38.85
CA LEU SA 52 0.41 -57.85 -39.18
C LEU SA 52 1.68 -57.32 -38.49
N GLU SA 53 1.89 -56.01 -38.55
CA GLU SA 53 3.06 -55.43 -37.88
C GLU SA 53 2.98 -55.63 -36.37
N ARG SA 54 1.81 -55.37 -35.79
CA ARG SA 54 1.66 -55.52 -34.34
C ARG SA 54 1.79 -56.97 -33.92
N LEU SA 55 1.23 -57.90 -34.69
CA LEU SA 55 1.25 -59.30 -34.30
C LEU SA 55 2.67 -59.83 -34.23
N LEU SA 56 3.49 -59.53 -35.23
CA LEU SA 56 4.87 -60.04 -35.24
C LEU SA 56 5.68 -59.45 -34.09
N GLY SA 57 5.47 -58.17 -33.78
CA GLY SA 57 6.17 -57.58 -32.67
C GLY SA 57 5.92 -58.31 -31.37
N GLU SA 58 4.68 -58.73 -31.15
CA GLU SA 58 4.38 -59.56 -29.99
C GLU SA 58 5.06 -60.92 -30.11
N MET SA 59 5.06 -61.49 -31.32
CA MET SA 59 5.69 -62.80 -31.51
C MET SA 59 7.18 -62.76 -31.20
N GLU SA 60 7.88 -61.74 -31.70
CA GLU SA 60 9.31 -61.64 -31.45
C GLU SA 60 9.59 -61.46 -29.97
N LEU SA 61 8.79 -60.64 -29.29
CA LEU SA 61 8.98 -60.43 -27.86
C LEU SA 61 8.83 -61.73 -27.09
N GLU SA 62 7.84 -62.55 -27.46
CA GLU SA 62 7.60 -63.80 -26.75
C GLU SA 62 8.77 -64.76 -26.91
N LEU SA 63 9.38 -64.81 -28.09
CA LEU SA 63 10.38 -65.84 -28.38
C LEU SA 63 11.57 -65.72 -27.46
N ILE SA 64 12.06 -64.49 -27.23
CA ILE SA 64 13.23 -64.32 -26.37
C ILE SA 64 12.89 -64.74 -24.95
N GLU SA 65 11.66 -64.50 -24.51
CA GLU SA 65 11.25 -64.95 -23.19
C GLU SA 65 11.36 -66.47 -23.08
N LEU SA 66 10.96 -67.18 -24.13
CA LEU SA 66 11.19 -68.62 -24.18
C LEU SA 66 12.67 -68.94 -24.11
N ARG SA 67 13.48 -68.19 -24.87
CA ARG SA 67 14.92 -68.44 -24.86
C ARG SA 67 15.50 -68.24 -23.47
N ARG SA 68 15.08 -67.19 -22.77
CA ARG SA 68 15.59 -66.94 -21.42
C ARG SA 68 15.17 -68.05 -20.47
N ALA SA 69 13.91 -68.49 -20.55
CA ALA SA 69 13.41 -69.49 -19.61
C ALA SA 69 14.16 -70.81 -19.77
N LEU SA 70 14.39 -71.25 -21.00
CA LEU SA 70 15.06 -72.52 -21.22
C LEU SA 70 16.43 -72.55 -20.56
N ALA SA 71 17.12 -71.41 -20.50
CA ALA SA 71 18.43 -71.37 -19.87
C ALA SA 71 18.34 -71.76 -18.40
N GLN SA 72 17.31 -71.26 -17.70
CA GLN SA 72 17.17 -71.57 -16.29
C GLN SA 72 17.01 -73.07 -16.06
N THR SA 73 16.33 -73.76 -16.99
CA THR SA 73 16.22 -75.21 -16.90
C THR SA 73 17.59 -75.85 -16.94
N ILE SA 74 18.47 -75.38 -17.83
CA ILE SA 74 19.79 -75.96 -17.95
C ILE SA 74 20.57 -75.79 -16.65
N ALA SA 75 20.39 -74.66 -15.97
CA ALA SA 75 21.13 -74.40 -14.74
C ALA SA 75 20.86 -75.50 -13.71
N THR SA 76 19.59 -75.81 -13.47
CA THR SA 76 19.25 -76.86 -12.52
C THR SA 76 19.75 -78.22 -12.98
N PHE SA 77 19.62 -78.51 -14.28
CA PHE SA 77 20.12 -79.77 -14.82
C PHE SA 77 21.61 -79.92 -14.56
N LYS SA 78 22.38 -78.85 -14.74
CA LYS SA 78 23.80 -78.89 -14.43
C LYS SA 78 24.03 -78.85 -12.93
N SER SA 79 23.26 -78.05 -12.20
CA SER SA 79 23.49 -77.86 -10.77
C SER SA 79 23.34 -79.17 -10.02
N THR SA 80 22.23 -79.89 -10.27
CA THR SA 80 22.01 -81.16 -9.58
C THR SA 80 23.10 -82.17 -9.94
N GLU SA 81 23.50 -82.20 -11.21
CA GLU SA 81 24.55 -83.12 -11.63
C GLU SA 81 25.84 -82.87 -10.86
N ARG SA 82 26.22 -81.61 -10.71
CA ARG SA 82 27.36 -81.27 -9.86
C ARG SA 82 27.09 -81.67 -8.43
N GLN SA 83 25.86 -81.45 -7.95
CA GLN SA 83 25.50 -81.86 -6.59
C GLN SA 83 25.59 -83.37 -6.45
N ARG SA 84 25.19 -84.12 -7.47
CA ARG SA 84 25.23 -85.57 -7.40
C ARG SA 84 26.65 -86.08 -7.19
N ASP SA 85 27.61 -85.51 -7.92
CA ASP SA 85 28.99 -85.97 -7.81
C ASP SA 85 29.52 -85.80 -6.39
N ALA SA 86 29.05 -84.79 -5.67
CA ALA SA 86 29.56 -84.53 -4.33
C ALA SA 86 29.25 -85.69 -3.39
N GLN SA 87 28.02 -86.23 -3.46
CA GLN SA 87 27.62 -87.27 -2.53
C GLN SA 87 28.46 -88.53 -2.70
N GLN SA 88 28.61 -89.00 -3.94
CA GLN SA 88 29.40 -90.20 -4.16
C GLN SA 88 30.84 -90.02 -3.70
N LEU SA 89 31.37 -88.80 -3.83
CA LEU SA 89 32.72 -88.54 -3.34
C LEU SA 89 32.79 -88.77 -1.83
N ILE SA 90 31.77 -88.34 -1.10
CA ILE SA 90 31.74 -88.59 0.34
C ILE SA 90 31.70 -90.09 0.62
N ALA SA 91 30.86 -90.82 -0.11
CA ALA SA 91 30.80 -92.27 0.07
C ALA SA 91 32.16 -92.90 -0.22
N GLN SA 92 32.87 -92.39 -1.22
CA GLN SA 92 34.20 -92.91 -1.51
C GLN SA 92 35.13 -92.72 -0.32
N ARG SA 93 35.02 -91.58 0.37
CA ARG SA 93 35.87 -91.34 1.54
C ARG SA 93 35.66 -92.42 2.59
N TRP SA 94 34.40 -92.74 2.89
CA TRP SA 94 34.12 -93.79 3.85
C TRP SA 94 34.65 -95.14 3.35
N TYR SA 95 34.44 -95.44 2.08
CA TYR SA 95 34.96 -96.67 1.52
C TYR SA 95 36.48 -96.70 1.59
N GLU SA 96 37.12 -95.60 1.23
CA GLU SA 96 38.58 -95.52 1.35
C GLU SA 96 39.00 -95.66 2.80
N LYS SA 97 38.29 -95.00 3.71
CA LYS SA 97 38.60 -95.15 5.13
C LYS SA 97 38.39 -96.59 5.58
N ALA SA 98 37.30 -97.22 5.13
CA ALA SA 98 37.04 -98.59 5.49
C ALA SA 98 38.10 -99.55 4.94
N GLN SA 99 38.84 -99.13 3.92
CA GLN SA 99 39.87 -99.99 3.36
C GLN SA 99 40.94 -100.33 4.40
N ALA SA 100 41.38 -99.32 5.15
CA ALA SA 100 42.35 -99.50 6.22
C ALA SA 100 41.70 -99.60 7.59
N ALA SA 101 40.37 -99.57 7.66
CA ALA SA 101 39.69 -99.65 8.95
C ALA SA 101 40.05 -100.94 9.68
N LEU SA 102 39.98 -102.06 8.98
CA LEU SA 102 40.34 -103.36 9.54
C LEU SA 102 41.76 -103.77 9.19
N ASP SA 103 42.56 -102.87 8.58
CA ASP SA 103 43.95 -103.19 8.32
C ASP SA 103 44.68 -103.59 9.59
N ARG SA 104 44.29 -103.03 10.73
CA ARG SA 104 44.80 -103.45 12.03
C ARG SA 104 44.12 -104.72 12.53
N GLY SA 105 43.29 -105.36 11.72
CA GLY SA 105 42.45 -106.44 12.17
C GLY SA 105 41.13 -106.00 12.77
N ASN SA 106 40.82 -104.70 12.73
CA ASN SA 106 39.60 -104.16 13.33
C ASN SA 106 38.45 -104.30 12.34
N GLU SA 107 37.97 -105.54 12.21
CA GLU SA 107 36.85 -105.83 11.31
C GLU SA 107 35.57 -105.15 11.78
N GLN SA 108 35.36 -105.07 13.10
CA GLN SA 108 34.12 -104.52 13.62
C GLN SA 108 33.90 -103.09 13.16
N LEU SA 109 34.96 -102.27 13.20
CA LEU SA 109 34.82 -100.87 12.82
C LEU SA 109 34.41 -100.73 11.36
N ALA SA 110 35.01 -101.54 10.48
CA ALA SA 110 34.68 -101.45 9.06
C ALA SA 110 33.21 -101.77 8.81
N ARG SA 111 32.57 -102.53 9.70
CA ARG SA 111 31.16 -102.84 9.52
C ARG SA 111 30.32 -101.57 9.49
N GLU SA 112 30.59 -100.63 10.40
CA GLU SA 112 29.81 -99.41 10.45
C GLU SA 112 29.98 -98.59 9.18
N ALA SA 113 31.20 -98.50 8.67
CA ALA SA 113 31.47 -97.67 7.50
C ALA SA 113 30.66 -98.15 6.30
N LEU SA 114 30.76 -99.44 5.98
CA LEU SA 114 30.03 -99.97 4.83
C LEU SA 114 28.53 -99.84 5.03
N GLY SA 115 28.04 -100.06 6.25
CA GLY SA 115 26.63 -99.82 6.52
C GLY SA 115 26.28 -98.34 6.38
N GLN SA 116 27.19 -97.46 6.78
CA GLN SA 116 26.92 -96.03 6.72
C GLN SA 116 26.79 -95.55 5.29
N ARG SA 117 27.70 -95.98 4.41
CA ARG SA 117 27.74 -95.48 3.04
C ARG SA 117 26.53 -95.90 2.22
N GLN SA 118 25.79 -96.91 2.65
CA GLN SA 118 24.61 -97.34 1.89
C GLN SA 118 23.57 -96.23 1.82
N SER SA 119 23.37 -95.51 2.93
CA SER SA 119 22.43 -94.40 2.92
C SER SA 119 22.78 -93.38 1.85
N TYR SA 120 24.07 -93.04 1.75
CA TYR SA 120 24.49 -92.09 0.72
C TYR SA 120 24.23 -92.66 -0.68
N GLN SA 121 24.51 -93.95 -0.88
CA GLN SA 121 24.30 -94.55 -2.19
C GLN SA 121 22.85 -94.44 -2.62
N SER SA 122 21.91 -94.48 -1.67
CA SER SA 122 20.51 -94.37 -2.02
C SER SA 122 20.21 -93.04 -2.70
N HIS SA 123 20.77 -91.95 -2.17
CA HIS SA 123 20.55 -90.64 -2.78
C HIS SA 123 21.15 -90.59 -4.18
N THR SA 124 22.33 -91.17 -4.36
CA THR SA 124 22.97 -91.16 -5.67
C THR SA 124 22.11 -91.86 -6.71
N GLU SA 125 21.56 -93.03 -6.36
CA GLU SA 125 20.70 -93.75 -7.28
C GLU SA 125 19.44 -92.96 -7.58
N ALA SA 126 18.85 -92.33 -6.56
CA ALA SA 126 17.63 -91.56 -6.77
C ALA SA 126 17.88 -90.39 -7.71
N LEU SA 127 19.00 -89.69 -7.54
CA LEU SA 127 19.29 -88.56 -8.41
C LEU SA 127 19.64 -89.00 -9.81
N GLY SA 128 20.37 -90.11 -9.96
CA GLY SA 128 20.72 -90.58 -11.28
C GLY SA 128 19.49 -90.84 -12.15
N LYS SA 129 18.46 -91.45 -11.56
CA LYS SA 129 17.21 -91.65 -12.29
C LYS SA 129 16.54 -90.32 -12.61
N SER SA 130 16.57 -89.38 -11.67
CA SER SA 130 15.89 -88.10 -11.89
C SER SA 130 16.50 -87.35 -13.06
N LEU SA 131 17.83 -87.33 -13.16
CA LEU SA 131 18.48 -86.63 -14.26
C LEU SA 131 18.21 -87.33 -15.58
N GLY SA 132 18.06 -88.66 -15.56
CA GLY SA 132 17.85 -89.39 -16.80
C GLY SA 132 16.65 -88.90 -17.57
N GLU SA 133 15.53 -88.64 -16.88
CA GLU SA 133 14.35 -88.15 -17.56
C GLU SA 133 14.50 -86.69 -17.95
N GLN SA 134 15.13 -85.88 -17.10
CA GLN SA 134 15.34 -84.48 -17.43
C GLN SA 134 16.24 -84.33 -18.64
N ARG SA 135 17.27 -85.16 -18.75
CA ARG SA 135 18.25 -85.01 -19.82
C ARG SA 135 17.57 -85.12 -21.20
N ALA SA 136 16.71 -86.11 -21.37
CA ALA SA 136 16.02 -86.30 -22.64
C ALA SA 136 14.82 -85.38 -22.80
N LEU SA 137 14.44 -84.65 -21.75
CA LEU SA 137 13.28 -83.77 -21.84
C LEU SA 137 13.65 -82.41 -22.43
N VAL SA 138 14.71 -81.79 -21.91
CA VAL SA 138 15.12 -80.48 -22.40
C VAL SA 138 15.53 -80.57 -23.86
N GLU SA 139 16.26 -81.63 -24.22
CA GLU SA 139 16.71 -81.78 -25.60
C GLU SA 139 15.54 -81.69 -26.57
N GLN SA 140 14.39 -82.24 -26.17
CA GLN SA 140 13.19 -82.08 -26.99
C GLN SA 140 12.75 -80.62 -27.03
N VAL SA 141 12.86 -79.91 -25.91
CA VAL SA 141 12.45 -78.51 -25.86
C VAL SA 141 13.31 -77.69 -26.83
N ARG SA 142 14.62 -77.91 -26.81
CA ARG SA 142 15.50 -77.14 -27.68
C ARG SA 142 15.09 -77.27 -29.14
N GLY SA 143 14.63 -78.46 -29.55
CA GLY SA 143 14.19 -78.65 -30.92
C GLY SA 143 13.02 -77.75 -31.28
N GLN SA 144 12.06 -77.62 -30.37
CA GLN SA 144 10.92 -76.75 -30.64
C GLN SA 144 11.36 -75.30 -30.81
N LEU SA 145 12.24 -74.83 -29.92
CA LEU SA 145 12.69 -73.44 -30.01
C LEU SA 145 13.44 -73.21 -31.32
N GLN SA 146 14.36 -74.11 -31.68
CA GLN SA 146 15.14 -73.93 -32.89
C GLN SA 146 14.25 -73.95 -34.12
N LYS SA 147 13.30 -74.88 -34.17
CA LYS SA 147 12.39 -74.93 -35.31
C LYS SA 147 11.54 -73.67 -35.39
N LEU SA 148 11.07 -73.19 -34.23
CA LEU SA 148 10.25 -71.98 -34.23
C LEU SA 148 11.03 -70.79 -34.77
N GLU SA 149 12.28 -70.63 -34.36
CA GLU SA 149 13.08 -69.52 -34.84
C GLU SA 149 13.26 -69.59 -36.35
N ARG SA 150 13.52 -70.78 -36.88
CA ARG SA 150 13.63 -70.94 -38.33
C ARG SA 150 12.32 -70.59 -39.02
N LYS SA 151 11.21 -71.02 -38.43
CA LYS SA 151 9.90 -70.71 -39.01
C LYS SA 151 9.57 -69.23 -38.88
N TYR SA 152 10.11 -68.57 -37.85
CA TYR SA 152 9.80 -67.16 -37.63
C TYR SA 152 10.26 -66.31 -38.80
N LEU SA 153 11.47 -66.53 -39.29
CA LEU SA 153 12.03 -65.68 -40.33
C LEU SA 153 11.23 -65.79 -41.62
N GLU SA 154 10.79 -66.99 -41.97
CA GLU SA 154 10.11 -67.19 -43.24
C GLU SA 154 8.85 -66.34 -43.36
N LEU SA 155 8.28 -65.92 -42.22
CA LEU SA 155 7.14 -65.03 -42.24
C LEU SA 155 7.56 -63.59 -42.47
N LYS SA 156 8.53 -63.12 -41.69
CA LYS SA 156 8.96 -61.73 -41.80
C LYS SA 156 9.53 -61.42 -43.17
N SER SA 157 10.26 -62.38 -43.75
CA SER SA 157 10.84 -62.16 -45.07
C SER SA 157 9.78 -61.90 -46.14
N GLN SA 158 8.54 -62.29 -45.89
CA GLN SA 158 7.46 -62.07 -46.83
C GLN SA 158 6.56 -60.90 -46.48
N LYS SA 159 6.52 -60.48 -45.21
CA LYS SA 159 5.57 -59.45 -44.83
C LYS SA 159 5.85 -58.15 -45.57
N ASN SA 160 7.13 -57.77 -45.68
CA ASN SA 160 7.46 -56.56 -46.43
C ASN SA 160 7.04 -56.66 -47.88
N LEU SA 161 7.13 -57.85 -48.46
CA LEU SA 161 6.74 -58.01 -49.86
C LEU SA 161 5.25 -57.77 -50.05
N TYR SA 162 4.42 -58.30 -49.15
CA TYR SA 162 2.98 -58.11 -49.28
C TYR SA 162 2.60 -56.63 -49.13
N LEU SA 163 3.20 -55.93 -48.17
CA LEU SA 163 2.86 -54.53 -47.97
C LEU SA 163 3.15 -53.72 -49.23
N ALA SA 164 4.27 -54.00 -49.88
CA ALA SA 164 4.62 -53.27 -51.10
C ALA SA 164 3.55 -53.45 -52.16
N ARG SA 165 3.09 -54.69 -52.35
CA ARG SA 165 2.02 -54.95 -53.31
C ARG SA 165 0.75 -54.21 -52.92
N LEU SA 166 0.42 -54.22 -51.62
CA LEU SA 166 -0.77 -53.53 -51.15
C LEU SA 166 -0.67 -52.02 -51.41
N LYS SA 167 0.48 -51.43 -51.13
CA LYS SA 167 0.65 -50.00 -51.37
C LYS SA 167 0.58 -49.69 -52.87
N SER SA 168 1.08 -50.62 -53.71
CA SER SA 168 1.06 -50.38 -55.15
C SER SA 168 -0.37 -50.34 -55.67
N ALA SA 169 -1.19 -51.31 -55.30
CA ALA SA 169 -2.54 -51.39 -55.84
C ALA SA 169 -3.44 -50.32 -55.27
N ILE SA 170 -3.37 -50.08 -53.95
CA ILE SA 170 -4.21 -49.06 -53.35
C ILE SA 170 -3.98 -47.71 -54.01
N ALA SA 171 -2.70 -47.35 -54.23
CA ALA SA 171 -2.39 -46.11 -54.92
C ALA SA 171 -2.95 -46.13 -56.34
N ALA SA 172 -2.81 -47.27 -57.03
CA ALA SA 172 -3.30 -47.36 -58.40
C ALA SA 172 -4.79 -47.06 -58.48
N GLN SA 173 -5.56 -47.59 -57.53
CA GLN SA 173 -6.99 -47.28 -57.48
C GLN SA 173 -7.21 -45.79 -57.28
N LYS SA 174 -6.42 -45.16 -56.41
CA LYS SA 174 -6.57 -43.74 -56.17
C LYS SA 174 -6.29 -42.93 -57.43
N ILE SA 175 -5.26 -43.32 -58.18
CA ILE SA 175 -4.91 -42.59 -59.39
C ILE SA 175 -6.02 -42.72 -60.43
N GLU SA 176 -6.51 -43.94 -60.63
CA GLU SA 176 -7.43 -44.19 -61.74
C GLU SA 176 -8.73 -43.41 -61.60
N GLU SA 177 -9.28 -43.36 -60.38
CA GLU SA 177 -10.53 -42.64 -60.20
C GLU SA 177 -10.39 -41.16 -60.54
N ILE SA 178 -9.16 -40.63 -60.48
CA ILE SA 178 -8.90 -39.25 -60.83
C ILE SA 178 -8.47 -39.17 -62.28
N ALA SA 179 -8.69 -40.25 -63.03
CA ALA SA 179 -8.28 -40.28 -64.43
C ALA SA 179 -8.85 -39.10 -65.20
N GLY SA 180 -10.04 -38.64 -64.83
CA GLY SA 180 -10.65 -37.51 -65.50
C GLY SA 180 -10.84 -37.79 -66.98
N ASN SA 181 -11.36 -38.96 -67.32
CA ASN SA 181 -11.52 -39.34 -68.71
C ASN SA 181 -12.35 -38.31 -69.45
N LEU SA 182 -11.87 -37.88 -70.61
CA LEU SA 182 -12.58 -36.87 -71.39
C LEU SA 182 -13.89 -37.42 -71.95
N ASP SA 183 -13.97 -38.74 -72.18
CA ASP SA 183 -15.12 -39.32 -72.85
C ASP SA 183 -16.36 -39.41 -71.96
N ASN SA 184 -16.24 -39.23 -70.65
CA ASN SA 184 -17.40 -39.44 -69.79
C ASN SA 184 -18.54 -38.50 -70.14
N ALA SA 185 -18.25 -37.21 -70.26
CA ALA SA 185 -19.26 -36.21 -70.62
C ALA SA 185 -20.43 -36.25 -69.65
N SER SA 186 -20.13 -36.47 -68.37
CA SER SA 186 -21.16 -36.56 -67.34
C SER SA 186 -20.78 -35.87 -66.04
N ALA SA 187 -19.65 -35.17 -65.99
CA ALA SA 187 -19.09 -34.52 -64.81
C ALA SA 187 -18.42 -35.53 -63.88
N SER SA 188 -18.47 -36.83 -64.18
CA SER SA 188 -17.71 -37.79 -63.40
C SER SA 188 -16.21 -37.52 -63.53
N SER SA 189 -15.76 -37.23 -64.74
CA SER SA 189 -14.41 -36.73 -64.94
C SER SA 189 -14.40 -35.23 -64.68
N LEU SA 190 -13.56 -34.79 -63.76
CA LEU SA 190 -13.54 -33.38 -63.41
C LEU SA 190 -13.21 -32.49 -64.59
N PHE SA 191 -12.48 -33.01 -65.58
CA PHE SA 191 -12.15 -32.22 -66.76
C PHE SA 191 -13.41 -31.88 -67.55
N GLU SA 192 -14.24 -32.88 -67.84
CA GLU SA 192 -15.46 -32.62 -68.57
C GLU SA 192 -16.41 -31.74 -67.77
N ARG SA 193 -16.36 -31.83 -66.44
CA ARG SA 193 -17.12 -30.90 -65.61
C ARG SA 193 -16.65 -29.47 -65.85
N ILE SA 194 -15.34 -29.27 -65.97
CA ILE SA 194 -14.81 -27.96 -66.31
C ILE SA 194 -15.30 -27.53 -67.68
N GLU SA 195 -15.27 -28.45 -68.65
CA GLU SA 195 -15.69 -28.11 -70.00
C GLU SA 195 -17.14 -27.63 -70.01
N THR SA 196 -18.01 -28.30 -69.24
CA THR SA 196 -19.39 -27.84 -69.12
C THR SA 196 -19.43 -26.44 -68.53
N LYS SA 197 -18.57 -26.17 -67.54
CA LYS SA 197 -18.53 -24.84 -66.95
C LYS SA 197 -18.16 -23.78 -67.98
N ILE SA 198 -17.19 -24.08 -68.85
CA ILE SA 198 -16.74 -23.12 -69.83
C ILE SA 198 -17.89 -22.71 -70.74
N LEU SA 199 -18.61 -23.69 -71.29
CA LEU SA 199 -19.68 -23.39 -72.22
C LEU SA 199 -20.83 -22.65 -71.54
N GLU SA 200 -21.00 -22.86 -70.23
CA GLU SA 200 -22.07 -22.17 -69.52
C GLU SA 200 -21.87 -20.66 -69.59
N LEU SA 201 -20.64 -20.20 -69.33
CA LEU SA 201 -20.37 -18.76 -69.33
C LEU SA 201 -20.49 -18.19 -70.74
N GLU SA 202 -19.85 -18.84 -71.71
CA GLU SA 202 -19.89 -18.34 -73.08
C GLU SA 202 -21.32 -18.21 -73.58
N ALA SA 203 -22.21 -19.10 -73.11
CA ALA SA 203 -23.61 -19.02 -73.53
C ALA SA 203 -24.27 -17.74 -73.04
N GLU SA 204 -23.99 -17.34 -71.80
CA GLU SA 204 -24.62 -16.15 -71.25
C GLU SA 204 -24.22 -14.90 -72.03
N ARG SA 205 -22.94 -14.77 -72.38
CA ARG SA 205 -22.46 -13.56 -73.03
C ARG SA 205 -23.14 -13.36 -74.39
N GLU SA 206 -23.19 -14.42 -75.20
CA GLU SA 206 -23.75 -14.30 -76.53
C GLU SA 206 -25.22 -13.89 -76.47
N LEU SA 207 -25.99 -14.50 -75.56
CA LEU SA 207 -27.40 -14.15 -75.44
C LEU SA 207 -27.59 -12.72 -74.97
N LEU SA 208 -26.82 -12.30 -73.98
CA LEU SA 208 -26.99 -10.95 -73.45
C LEU SA 208 -26.52 -9.89 -74.44
N ASN SA 209 -25.66 -10.28 -75.39
CA ASN SA 209 -25.18 -9.39 -76.44
C ASN SA 209 -25.46 -10.09 -77.76
N PRO SA 210 -26.68 -9.96 -78.29
CA PRO SA 210 -27.04 -10.66 -79.52
C PRO SA 210 -26.01 -10.42 -80.61
N PRO SA 211 -25.31 -11.46 -81.05
CA PRO SA 211 -24.33 -11.28 -82.13
C PRO SA 211 -25.02 -10.99 -83.44
N PRO SA 212 -24.28 -10.48 -84.43
CA PRO SA 212 -24.92 -10.12 -85.70
C PRO SA 212 -25.59 -11.31 -86.36
N SER SA 213 -26.73 -11.05 -87.00
CA SER SA 213 -27.43 -12.09 -87.73
C SER SA 213 -26.62 -12.48 -88.97
N PRO SA 214 -26.79 -13.71 -89.46
CA PRO SA 214 -26.06 -14.10 -90.68
C PRO SA 214 -26.39 -13.22 -91.87
N LEU SA 215 -27.63 -12.72 -91.95
CA LEU SA 215 -27.97 -11.78 -93.03
C LEU SA 215 -27.13 -10.51 -92.93
N ASP SA 216 -26.96 -9.99 -91.72
CA ASP SA 216 -26.10 -8.82 -91.54
C ASP SA 216 -24.67 -9.14 -91.94
N LYS SA 217 -24.18 -10.32 -91.56
CA LYS SA 217 -22.85 -10.75 -91.99
C LYS SA 217 -22.76 -10.79 -93.50
N LYS SA 218 -23.80 -11.32 -94.16
CA LYS SA 218 -23.79 -11.38 -95.62
C LYS SA 218 -23.63 -10.00 -96.22
N PHE SA 219 -24.37 -9.02 -95.72
CA PHE SA 219 -24.29 -7.66 -96.27
C PHE SA 219 -22.89 -7.08 -96.09
N GLU SA 220 -22.29 -7.27 -94.91
CA GLU SA 220 -21.01 -6.63 -94.62
C GLU SA 220 -19.94 -7.06 -95.61
N GLN SA 221 -19.76 -8.38 -95.78
CA GLN SA 221 -18.80 -8.86 -96.78
C GLN SA 221 -19.28 -8.55 -98.18
N TRP SA 222 -20.59 -8.68 -98.42
CA TRP SA 222 -21.15 -8.37 -99.73
C TRP SA 222 -20.83 -6.94 -100.15
N GLU SA 223 -20.69 -6.04 -99.19
CA GLU SA 223 -20.37 -4.65 -99.50
C GLU SA 223 -18.90 -4.47 -99.83
N GLU SA 224 -18.01 -5.19 -99.13
CA GLU SA 224 -16.58 -4.94 -99.27
C GLU SA 224 -16.06 -5.29 -100.65
N GLN SA 225 -16.65 -6.30 -101.30
CA GLN SA 225 -16.13 -6.74 -102.59
C GLN SA 225 -16.18 -5.61 -103.62
N GLN SA 226 -17.30 -4.87 -103.67
CA GLN SA 226 -17.38 -3.74 -104.57
C GLN SA 226 -16.40 -2.64 -104.17
N ALA SA 227 -16.25 -2.39 -102.88
CA ALA SA 227 -15.35 -1.34 -102.42
C ALA SA 227 -13.92 -1.61 -102.87
N VAL SA 228 -13.45 -2.85 -102.68
CA VAL SA 228 -12.11 -3.19 -103.11
C VAL SA 228 -12.04 -3.26 -104.63
N GLU SA 229 -13.06 -3.84 -105.27
CA GLU SA 229 -13.07 -3.94 -106.72
C GLU SA 229 -13.23 -2.56 -107.35
N ALA SA 230 -14.11 -1.72 -106.80
CA ALA SA 230 -14.26 -0.36 -107.32
C ALA SA 230 -12.97 0.42 -107.15
N THR SA 231 -12.33 0.31 -105.98
CA THR SA 231 -11.01 0.92 -105.81
C THR SA 231 -9.99 0.29 -106.74
N LEU SA 232 -10.03 -1.04 -106.87
CA LEU SA 232 -9.14 -1.70 -107.82
C LEU SA 232 -9.51 -1.36 -109.26
N ALA SA 233 -10.80 -1.24 -109.55
CA ALA SA 233 -11.22 -0.83 -110.89
C ALA SA 233 -10.70 0.57 -111.20
N ALA SA 234 -10.80 1.48 -110.22
CA ALA SA 234 -10.21 2.80 -110.38
C ALA SA 234 -8.70 2.78 -110.26
N MET SA 235 -8.13 1.76 -109.60
CA MET SA 235 -6.68 1.66 -109.51
C MET SA 235 -6.05 1.60 -110.90
N LYS SA 236 -6.54 0.70 -111.75
CA LYS SA 236 -6.06 0.64 -113.12
C LYS SA 236 -6.40 1.93 -113.87
N ALA SA 237 -7.60 2.44 -113.67
CA ALA SA 237 -8.02 3.65 -114.38
C ALA SA 237 -7.25 4.87 -113.89
N ARG SA 238 -7.15 5.05 -112.57
CA ARG SA 238 -6.45 6.21 -112.04
C ARG SA 238 -4.98 6.19 -112.45
N ARG SA 239 -4.34 5.03 -112.38
CA ARG SA 239 -2.97 4.91 -112.87
C ARG SA 239 -2.93 4.98 -114.39
N SER SA 240 -3.94 4.43 -115.05
CA SER SA 240 -3.99 4.44 -116.50
C SER SA 240 -5.44 4.33 -116.99
N GLN TA 45 -26.36 -18.69 60.49
CA GLN TA 45 -25.55 -18.16 61.63
C GLN TA 45 -24.06 -18.28 61.34
N GLU TA 46 -23.27 -17.42 61.98
CA GLU TA 46 -21.82 -17.39 61.81
C GLU TA 46 -21.16 -17.83 63.11
N ALA TA 47 -19.83 -17.84 63.10
CA ALA TA 47 -19.09 -18.18 64.30
C ALA TA 47 -19.38 -17.13 65.38
N PRO TA 48 -19.61 -17.56 66.63
CA PRO TA 48 -19.96 -16.57 67.66
C PRO TA 48 -18.88 -15.53 67.87
N GLU TA 49 -17.60 -15.92 67.76
CA GLU TA 49 -16.53 -14.96 67.95
C GLU TA 49 -16.55 -13.86 66.90
N ASP TA 50 -16.83 -14.23 65.65
CA ASP TA 50 -16.81 -13.23 64.57
C ASP TA 50 -17.84 -12.15 64.80
N LEU TA 51 -19.03 -12.53 65.29
CA LEU TA 51 -20.07 -11.54 65.54
C LEU TA 51 -19.61 -10.51 66.56
N LEU TA 52 -18.87 -10.95 67.57
CA LEU TA 52 -18.51 -10.05 68.66
C LEU TA 52 -17.74 -8.84 68.16
N GLU TA 53 -16.76 -9.06 67.29
CA GLU TA 53 -16.00 -7.95 66.73
C GLU TA 53 -16.90 -7.04 65.90
N ARG TA 54 -17.73 -7.63 65.05
CA ARG TA 54 -18.61 -6.83 64.20
C ARG TA 54 -19.64 -6.07 65.02
N LEU TA 55 -20.20 -6.71 66.05
CA LEU TA 55 -21.24 -6.06 66.84
C LEU TA 55 -20.74 -4.82 67.54
N LEU TA 56 -19.55 -4.90 68.16
CA LEU TA 56 -19.03 -3.73 68.87
C LEU TA 56 -18.70 -2.60 67.91
N GLY TA 57 -18.18 -2.92 66.73
CA GLY TA 57 -17.91 -1.88 65.75
C GLY TA 57 -19.15 -1.07 65.41
N GLU TA 58 -20.28 -1.76 65.26
CA GLU TA 58 -21.54 -1.06 65.07
C GLU TA 58 -21.91 -0.25 66.31
N MET TA 59 -21.68 -0.81 67.49
CA MET TA 59 -22.02 -0.11 68.73
C MET TA 59 -21.22 1.18 68.87
N GLU TA 60 -19.91 1.12 68.61
CA GLU TA 60 -19.09 2.32 68.73
C GLU TA 60 -19.52 3.37 67.73
N LEU TA 61 -19.83 2.97 66.51
CA LEU TA 61 -20.26 3.92 65.49
C LEU TA 61 -21.54 4.63 65.92
N GLU TA 62 -22.47 3.88 66.51
CA GLU TA 62 -23.74 4.48 66.91
C GLU TA 62 -23.55 5.53 68.01
N LEU TA 63 -22.64 5.27 68.95
CA LEU TA 63 -22.53 6.11 70.13
C LEU TA 63 -22.15 7.54 69.75
N ILE TA 64 -21.20 7.71 68.82
CA ILE TA 64 -20.78 9.05 68.43
C ILE TA 64 -21.93 9.78 67.76
N GLU TA 65 -22.76 9.05 67.00
CA GLU TA 65 -23.93 9.68 66.39
C GLU TA 65 -24.84 10.24 67.46
N LEU TA 66 -25.04 9.50 68.55
CA LEU TA 66 -25.78 10.03 69.69
C LEU TA 66 -25.08 11.26 70.25
N ARG TA 67 -23.76 11.22 70.38
CA ARG TA 67 -23.03 12.36 70.91
C ARG TA 67 -23.23 13.58 70.04
N ARG TA 68 -23.16 13.40 68.72
CA ARG TA 68 -23.33 14.53 67.80
C ARG TA 68 -24.74 15.10 67.90
N ALA TA 69 -25.75 14.23 67.96
CA ALA TA 69 -27.13 14.71 67.99
C ALA TA 69 -27.41 15.53 69.23
N LEU TA 70 -26.96 15.07 70.39
CA LEU TA 70 -27.23 15.78 71.63
C LEU TA 70 -26.72 17.22 71.57
N ALA TA 71 -25.61 17.45 70.87
CA ALA TA 71 -25.08 18.81 70.76
C ALA TA 71 -26.08 19.73 70.09
N GLN TA 72 -26.74 19.26 69.03
CA GLN TA 72 -27.71 20.10 68.33
C GLN TA 72 -28.84 20.52 69.24
N THR TA 73 -29.25 19.64 70.16
CA THR TA 73 -30.26 20.01 71.13
C THR TA 73 -29.80 21.18 71.98
N ILE TA 74 -28.54 21.16 72.41
CA ILE TA 74 -28.02 22.25 73.24
C ILE TA 74 -28.05 23.56 72.48
N ALA TA 75 -27.79 23.53 71.18
CA ALA TA 75 -27.78 24.76 70.39
C ALA TA 75 -29.11 25.49 70.48
N THR TA 76 -30.21 24.76 70.24
CA THR TA 76 -31.53 25.37 70.32
C THR TA 76 -31.84 25.85 71.73
N PHE TA 77 -31.49 25.03 72.73
CA PHE TA 77 -31.71 25.42 74.12
C PHE TA 77 -31.00 26.74 74.44
N LYS TA 78 -29.77 26.90 73.95
CA LYS TA 78 -29.07 28.16 74.14
C LYS TA 78 -29.62 29.24 73.22
N SER TA 79 -29.94 28.88 71.97
CA SER TA 79 -30.36 29.88 71.00
C SER TA 79 -31.65 30.57 71.44
N THR TA 80 -32.65 29.80 71.85
CA THR TA 80 -33.90 30.40 72.28
C THR TA 80 -33.69 31.27 73.52
N GLU TA 81 -32.85 30.81 74.45
CA GLU TA 81 -32.59 31.58 75.65
C GLU TA 81 -32.01 32.94 75.31
N ARG TA 82 -31.04 32.97 74.36
CA ARG TA 82 -30.55 34.24 73.87
C ARG TA 82 -31.65 35.03 73.18
N GLN TA 83 -32.50 34.34 72.41
CA GLN TA 83 -33.62 35.01 71.76
C GLN TA 83 -34.58 35.58 72.80
N ARG TA 84 -34.81 34.86 73.90
CA ARG TA 84 -35.72 35.33 74.92
C ARG TA 84 -35.26 36.65 75.52
N ASP TA 85 -33.96 36.77 75.80
CA ASP TA 85 -33.45 38.00 76.41
C ASP TA 85 -33.70 39.21 75.52
N ALA TA 86 -33.70 39.01 74.20
CA ALA TA 86 -33.87 40.13 73.29
C ALA TA 86 -35.24 40.79 73.47
N GLN TA 87 -36.29 39.99 73.59
CA GLN TA 87 -37.65 40.53 73.66
C GLN TA 87 -37.82 41.41 74.90
N GLN TA 88 -37.43 40.89 76.07
CA GLN TA 88 -37.58 41.68 77.29
C GLN TA 88 -36.80 42.97 77.22
N LEU TA 89 -35.65 42.96 76.54
CA LEU TA 89 -34.90 44.20 76.37
C LEU TA 89 -35.71 45.23 75.61
N ILE TA 90 -36.43 44.80 74.57
CA ILE TA 90 -37.29 45.71 73.83
C ILE TA 90 -38.39 46.26 74.74
N ALA TA 91 -39.00 45.39 75.54
CA ALA TA 91 -40.03 45.84 76.46
C ALA TA 91 -39.47 46.86 77.45
N GLN TA 92 -38.22 46.64 77.89
CA GLN TA 92 -37.58 47.61 78.78
C GLN TA 92 -37.46 48.98 78.11
N ARG TA 93 -37.15 49.00 76.82
CA ARG TA 93 -37.03 50.27 76.10
C ARG TA 93 -38.34 51.05 76.18
N TRP TA 94 -39.46 50.37 75.90
CA TRP TA 94 -40.75 51.04 76.00
C TRP TA 94 -41.03 51.50 77.42
N TYR TA 95 -40.73 50.65 78.40
CA TYR TA 95 -40.91 51.04 79.80
C TYR TA 95 -40.03 52.23 80.15
N GLU TA 96 -38.77 52.18 79.73
CA GLU TA 96 -37.87 53.31 79.96
C GLU TA 96 -38.40 54.56 79.25
N LYS TA 97 -38.86 54.40 78.00
CA LYS TA 97 -39.45 55.52 77.29
C LYS TA 97 -40.70 56.03 78.01
N ALA TA 98 -41.54 55.12 78.48
CA ALA TA 98 -42.74 55.52 79.20
C ALA TA 98 -42.41 56.24 80.49
N GLN TA 99 -41.20 56.06 81.03
CA GLN TA 99 -40.84 56.73 82.27
C GLN TA 99 -40.89 58.24 82.12
N ALA TA 100 -40.34 58.76 81.01
CA ALA TA 100 -40.37 60.18 80.71
C ALA TA 100 -41.48 60.55 79.75
N ALA TA 101 -42.32 59.60 79.36
CA ALA TA 101 -43.41 59.89 78.43
C ALA TA 101 -44.34 60.95 79.00
N LEU TA 102 -44.75 60.78 80.25
CA LEU TA 102 -45.60 61.74 80.93
C LEU TA 102 -44.82 62.71 81.80
N ASP TA 103 -43.49 62.69 81.72
CA ASP TA 103 -42.69 63.65 82.47
C ASP TA 103 -43.11 65.08 82.14
N ARG TA 104 -43.54 65.33 80.90
CA ARG TA 104 -44.10 66.61 80.52
C ARG TA 104 -45.56 66.77 80.95
N GLY TA 105 -46.07 65.81 81.73
CA GLY TA 105 -47.49 65.76 82.03
C GLY TA 105 -48.31 65.01 81.00
N ASN TA 106 -47.67 64.41 79.99
CA ASN TA 106 -48.37 63.71 78.92
C ASN TA 106 -48.70 62.29 79.37
N GLU TA 107 -49.71 62.20 80.24
CA GLU TA 107 -50.15 60.89 80.75
C GLU TA 107 -50.75 60.03 79.64
N GLN TA 108 -51.45 60.66 78.69
CA GLN TA 108 -52.13 59.88 77.65
C GLN TA 108 -51.14 59.06 76.84
N LEU TA 109 -50.00 59.65 76.48
CA LEU TA 109 -49.03 58.93 75.66
C LEU TA 109 -48.50 57.70 76.38
N ALA TA 110 -48.21 57.84 77.68
CA ALA TA 110 -47.69 56.71 78.44
C ALA TA 110 -48.66 55.55 78.47
N ARG TA 111 -49.96 55.82 78.30
CA ARG TA 111 -50.95 54.73 78.29
C ARG TA 111 -50.66 53.74 77.18
N GLU TA 112 -50.34 54.24 75.98
CA GLU TA 112 -50.08 53.36 74.86
C GLU TA 112 -48.85 52.49 75.10
N ALA TA 113 -47.80 53.07 75.66
CA ALA TA 113 -46.56 52.32 75.86
C ALA TA 113 -46.78 51.13 76.78
N LEU TA 114 -47.37 51.36 77.95
CA LEU TA 114 -47.61 50.27 78.89
C LEU TA 114 -48.55 49.23 78.30
N GLY TA 115 -49.57 49.66 77.57
CA GLY TA 115 -50.41 48.71 76.85
C GLY TA 115 -49.66 47.96 75.78
N GLN TA 116 -48.73 48.64 75.11
CA GLN TA 116 -47.97 48.01 74.03
C GLN TA 116 -47.05 46.91 74.56
N ARG TA 117 -46.34 47.18 75.66
CA ARG TA 117 -45.35 46.24 76.17
C ARG TA 117 -45.97 44.95 76.69
N GLN TA 118 -47.28 44.93 76.99
CA GLN TA 118 -47.89 43.72 77.49
C GLN TA 118 -47.82 42.59 76.46
N SER TA 119 -48.01 42.92 75.18
CA SER TA 119 -47.91 41.90 74.14
C SER TA 119 -46.54 41.24 74.15
N TYR TA 120 -45.47 42.04 74.29
CA TYR TA 120 -44.13 41.48 74.36
C TYR TA 120 -43.98 40.60 75.60
N GLN TA 121 -44.52 41.03 76.73
CA GLN TA 121 -44.40 40.25 77.96
C GLN TA 121 -45.01 38.87 77.80
N SER TA 122 -46.07 38.76 76.99
CA SER TA 122 -46.71 37.46 76.78
C SER TA 122 -45.72 36.47 76.17
N HIS TA 123 -44.96 36.92 75.17
CA HIS TA 123 -43.98 36.02 74.55
C HIS TA 123 -42.91 35.60 75.55
N THR TA 124 -42.46 36.54 76.38
CA THR TA 124 -41.42 36.22 77.36
C THR TA 124 -41.90 35.13 78.32
N GLU TA 125 -43.14 35.26 78.81
CA GLU TA 125 -43.68 34.25 79.71
C GLU TA 125 -43.82 32.91 79.01
N ALA TA 126 -44.28 32.92 77.77
CA ALA TA 126 -44.45 31.67 77.03
C ALA TA 126 -43.11 30.97 76.83
N LEU TA 127 -42.07 31.72 76.48
CA LEU TA 127 -40.77 31.10 76.28
C LEU TA 127 -40.16 30.62 77.59
N GLY TA 128 -40.33 31.39 78.67
CA GLY TA 128 -39.78 30.97 79.94
C GLY TA 128 -40.28 29.61 80.37
N LYS TA 129 -41.57 29.36 80.19
CA LYS TA 129 -42.12 28.04 80.50
C LYS TA 129 -41.56 26.97 79.57
N SER TA 130 -41.40 27.31 78.29
CA SER TA 130 -40.92 26.32 77.32
C SER TA 130 -39.50 25.86 77.65
N LEU TA 131 -38.62 26.80 78.04
CA LEU TA 131 -37.27 26.42 78.39
C LEU TA 131 -37.24 25.60 79.68
N GLY TA 132 -38.17 25.87 80.59
CA GLY TA 132 -38.15 25.17 81.86
C GLY TA 132 -38.23 23.65 81.70
N GLU TA 133 -39.08 23.18 80.79
CA GLU TA 133 -39.19 21.74 80.57
C GLU TA 133 -37.98 21.22 79.79
N GLN TA 134 -37.51 21.98 78.81
CA GLN TA 134 -36.34 21.56 78.04
C GLN TA 134 -35.11 21.46 78.92
N ARG TA 135 -34.94 22.39 79.87
CA ARG TA 135 -33.73 22.43 80.68
C ARG TA 135 -33.55 21.12 81.45
N ALA TA 136 -34.62 20.64 82.08
CA ALA TA 136 -34.56 19.41 82.85
C ALA TA 136 -34.66 18.16 81.98
N LEU TA 137 -34.93 18.31 80.68
CA LEU TA 137 -35.07 17.16 79.81
C LEU TA 137 -33.70 16.70 79.29
N VAL TA 138 -32.91 17.64 78.77
CA VAL TA 138 -31.60 17.28 78.22
C VAL TA 138 -30.70 16.74 79.32
N GLU TA 139 -30.74 17.36 80.50
CA GLU TA 139 -29.90 16.90 81.60
C GLU TA 139 -30.10 15.42 81.86
N GLN TA 140 -31.33 14.93 81.72
CA GLN TA 140 -31.60 13.51 81.83
C GLN TA 140 -30.94 12.75 80.67
N VAL TA 141 -30.96 13.33 79.48
CA VAL TA 141 -30.36 12.66 78.32
C VAL TA 141 -28.86 12.49 78.54
N ARG TA 142 -28.19 13.54 79.01
CA ARG TA 142 -26.75 13.46 79.22
C ARG TA 142 -26.39 12.31 80.15
N GLY TA 143 -27.21 12.04 81.16
CA GLY TA 143 -26.94 10.94 82.06
C GLY TA 143 -26.93 9.60 81.34
N GLN TA 144 -27.88 9.39 80.43
CA GLN TA 144 -27.91 8.14 79.68
C GLN TA 144 -26.66 7.97 78.83
N LEU TA 145 -26.25 9.04 78.14
CA LEU TA 145 -25.06 8.93 77.30
C LEU TA 145 -23.82 8.64 78.14
N GLN TA 146 -23.65 9.36 79.25
CA GLN TA 146 -22.47 9.16 80.08
C GLN TA 146 -22.44 7.75 80.67
N LYS TA 147 -23.58 7.27 81.14
CA LYS TA 147 -23.63 5.91 81.68
C LYS TA 147 -23.33 4.89 80.60
N LEU TA 148 -23.88 5.10 79.39
CA LEU TA 148 -23.63 4.16 78.30
C LEU TA 148 -22.16 4.09 77.97
N GLU TA 149 -21.49 5.23 77.89
CA GLU TA 149 -20.06 5.24 77.59
C GLU TA 149 -19.27 4.47 78.64
N ARG TA 150 -19.60 4.67 79.92
CA ARG TA 150 -18.93 3.92 80.98
C ARG TA 150 -19.19 2.42 80.84
N LYS TA 151 -20.44 2.06 80.51
CA LYS TA 151 -20.76 0.65 80.32
C LYS TA 151 -20.10 0.08 79.07
N TYR TA 152 -19.86 0.92 78.07
CA TYR TA 152 -19.27 0.45 76.81
C TYR TA 152 -17.89 -0.16 77.05
N LEU TA 153 -17.05 0.52 77.82
CA LEU TA 153 -15.67 0.07 78.01
C LEU TA 153 -15.62 -1.28 78.71
N GLU TA 154 -16.47 -1.49 79.71
CA GLU TA 154 -16.41 -2.72 80.48
C GLU TA 154 -16.61 -3.95 79.62
N LEU TA 155 -17.24 -3.80 78.45
CA LEU TA 155 -17.38 -4.93 77.53
C LEU TA 155 -16.11 -5.14 76.73
N LYS TA 156 -15.58 -4.07 76.13
CA LYS TA 156 -14.41 -4.20 75.28
C LYS TA 156 -13.21 -4.69 76.07
N SER TA 157 -13.07 -4.24 77.32
CA SER TA 157 -11.94 -4.66 78.14
C SER TA 157 -11.93 -6.16 78.38
N GLN TA 158 -13.06 -6.83 78.18
CA GLN TA 158 -13.13 -8.27 78.36
C GLN TA 158 -13.13 -9.05 77.06
N LYS TA 159 -13.51 -8.43 75.94
CA LYS TA 159 -13.62 -9.19 74.69
C LYS TA 159 -12.29 -9.78 74.29
N ASN TA 160 -11.21 -9.01 74.40
CA ASN TA 160 -9.89 -9.54 74.06
C ASN TA 160 -9.52 -10.71 74.96
N LEU TA 161 -9.92 -10.66 76.23
CA LEU TA 161 -9.60 -11.75 77.13
C LEU TA 161 -10.27 -13.04 76.70
N TYR TA 162 -11.55 -12.98 76.32
CA TYR TA 162 -12.26 -14.19 75.90
C TYR TA 162 -11.64 -14.78 74.64
N LEU TA 163 -11.29 -13.95 73.66
CA LEU TA 163 -10.72 -14.46 72.42
C LEU TA 163 -9.43 -15.22 72.70
N ALA TA 164 -8.60 -14.71 73.60
CA ALA TA 164 -7.36 -15.39 73.92
C ALA TA 164 -7.62 -16.79 74.48
N ARG TA 165 -8.59 -16.90 75.38
CA ARG TA 165 -8.94 -18.22 75.91
C ARG TA 165 -9.46 -19.12 74.81
N LEU TA 166 -10.29 -18.58 73.91
CA LEU TA 166 -10.81 -19.37 72.81
C LEU TA 166 -9.70 -19.87 71.90
N LYS TA 167 -8.74 -19.00 71.57
CA LYS TA 167 -7.63 -19.42 70.72
C LYS TA 167 -6.76 -20.45 71.43
N SER TA 168 -6.63 -20.34 72.76
CA SER TA 168 -5.82 -21.29 73.50
C SER TA 168 -6.41 -22.68 73.45
N ALA TA 169 -7.71 -22.81 73.72
CA ALA TA 169 -8.33 -24.12 73.79
C ALA TA 169 -8.48 -24.75 72.41
N ILE TA 170 -8.92 -23.96 71.42
CA ILE TA 170 -9.09 -24.49 70.08
C ILE TA 170 -7.79 -25.09 69.57
N ALA TA 171 -6.68 -24.37 69.77
CA ALA TA 171 -5.38 -24.90 69.38
C ALA TA 171 -5.05 -26.17 70.16
N ALA TA 172 -5.35 -26.17 71.45
CA ALA TA 172 -5.05 -27.35 72.28
C ALA TA 172 -5.75 -28.58 71.74
N GLN TA 173 -7.01 -28.43 71.33
CA GLN TA 173 -7.73 -29.56 70.71
C GLN TA 173 -7.03 -30.02 69.44
N LYS TA 174 -6.56 -29.07 68.63
CA LYS TA 174 -5.88 -29.42 67.39
C LYS TA 174 -4.60 -30.19 67.67
N ILE TA 175 -3.85 -29.78 68.68
CA ILE TA 175 -2.60 -30.45 69.02
C ILE TA 175 -2.87 -31.87 69.50
N GLU TA 176 -3.84 -32.03 70.39
CA GLU TA 176 -4.02 -33.32 71.06
C GLU TA 176 -4.41 -34.41 70.08
N GLU TA 177 -5.30 -34.10 69.13
CA GLU TA 177 -5.71 -35.13 68.18
C GLU TA 177 -4.54 -35.62 67.34
N ILE TA 178 -3.49 -34.82 67.23
CA ILE TA 178 -2.28 -35.21 66.49
C ILE TA 178 -1.27 -35.79 67.47
N ALA TA 179 -1.73 -36.13 68.68
CA ALA TA 179 -0.82 -36.65 69.68
C ALA TA 179 -0.07 -37.87 69.17
N GLY TA 180 -0.70 -38.66 68.31
CA GLY TA 180 -0.05 -39.83 67.76
C GLY TA 180 0.38 -40.79 68.85
N ASN TA 181 -0.51 -41.06 69.80
CA ASN TA 181 -0.18 -41.92 70.92
C ASN TA 181 0.29 -43.28 70.42
N LEU TA 182 1.42 -43.74 70.97
CA LEU TA 182 1.98 -45.02 70.54
C LEU TA 182 1.10 -46.19 70.98
N ASP TA 183 0.34 -46.02 72.07
CA ASP TA 183 -0.41 -47.12 72.64
C ASP TA 183 -1.65 -47.49 71.84
N ASN TA 184 -2.10 -46.66 70.90
CA ASN TA 184 -3.36 -46.93 70.22
C ASN TA 184 -3.31 -48.27 69.48
N ALA TA 185 -2.27 -48.47 68.67
CA ALA TA 185 -2.09 -49.72 67.93
C ALA TA 185 -3.30 -50.00 67.04
N SER TA 186 -3.87 -48.93 66.46
CA SER TA 186 -5.05 -49.05 65.63
C SER TA 186 -5.02 -48.17 64.39
N ALA TA 187 -3.91 -47.48 64.13
CA ALA TA 187 -3.72 -46.53 63.04
C ALA TA 187 -4.38 -45.19 63.35
N SER TA 188 -5.08 -45.06 64.48
CA SER TA 188 -5.58 -43.75 64.89
C SER TA 188 -4.44 -42.78 65.13
N SER TA 189 -3.39 -43.25 65.80
CA SER TA 189 -2.14 -42.51 65.90
C SER TA 189 -1.32 -42.76 64.64
N LEU TA 190 -0.97 -41.69 63.94
CA LEU TA 190 -0.25 -41.84 62.68
C LEU TA 190 1.08 -42.56 62.87
N PHE TA 191 1.67 -42.47 64.06
CA PHE TA 191 2.94 -43.15 64.31
C PHE TA 191 2.75 -44.67 64.26
N GLU TA 192 1.75 -45.19 64.98
CA GLU TA 192 1.50 -46.63 64.94
C GLU TA 192 1.09 -47.08 63.55
N ARG TA 193 0.43 -46.21 62.79
CA ARG TA 193 0.15 -46.54 61.39
C ARG TA 193 1.44 -46.72 60.61
N ILE TA 194 2.43 -45.86 60.86
CA ILE TA 194 3.74 -46.03 60.24
C ILE TA 194 4.36 -47.36 60.69
N GLU TA 195 4.27 -47.67 61.97
CA GLU TA 195 4.86 -48.90 62.49
C GLU TA 195 4.27 -50.11 61.78
N THR TA 196 2.96 -50.11 61.57
CA THR TA 196 2.33 -51.19 60.82
C THR TA 196 2.90 -51.25 59.40
N LYS TA 197 3.13 -50.09 58.78
CA LYS TA 197 3.69 -50.06 57.44
C LYS TA 197 5.07 -50.69 57.42
N ILE TA 198 5.89 -50.41 58.43
CA ILE TA 198 7.26 -50.94 58.46
C ILE TA 198 7.24 -52.46 58.46
N LEU TA 199 6.44 -53.05 59.35
CA LEU TA 199 6.42 -54.51 59.45
C LEU TA 199 5.84 -55.16 58.19
N GLU TA 200 4.97 -54.44 57.48
CA GLU TA 200 4.41 -54.98 56.25
C GLU TA 200 5.51 -55.29 55.24
N LEU TA 201 6.43 -54.35 55.04
CA LEU TA 201 7.48 -54.55 54.06
C LEU TA 201 8.45 -55.63 54.50
N GLU TA 202 8.90 -55.57 55.75
CA GLU TA 202 9.84 -56.57 56.25
C GLU TA 202 9.27 -57.97 56.12
N ALA TA 203 7.96 -58.12 56.25
CA ALA TA 203 7.33 -59.43 56.11
C ALA TA 203 7.50 -59.98 54.70
N GLU TA 204 7.33 -59.12 53.70
CA GLU TA 204 7.42 -59.58 52.31
C GLU TA 204 8.82 -60.11 51.99
N ARG TA 205 9.85 -59.39 52.43
CA ARG TA 205 11.22 -59.77 52.08
C ARG TA 205 11.57 -61.14 52.63
N GLU TA 206 11.27 -61.38 53.91
CA GLU TA 206 11.64 -62.66 54.52
C GLU TA 206 10.96 -63.82 53.83
N LEU TA 207 9.67 -63.67 53.50
CA LEU TA 207 8.95 -64.75 52.83
C LEU TA 207 9.51 -65.01 51.44
N LEU TA 208 9.77 -63.94 50.68
CA LEU TA 208 10.25 -64.11 49.32
C LEU TA 208 11.68 -64.65 49.29
N ASN TA 209 12.42 -64.48 50.38
CA ASN TA 209 13.78 -65.00 50.52
C ASN TA 209 13.80 -65.82 51.81
N PRO TA 210 13.38 -67.09 51.74
CA PRO TA 210 13.30 -67.92 52.95
C PRO TA 210 14.61 -67.87 53.72
N PRO TA 211 14.61 -67.32 54.94
CA PRO TA 211 15.85 -67.29 55.73
C PRO TA 211 16.23 -68.68 56.19
N PRO TA 212 17.48 -68.88 56.61
CA PRO TA 212 17.92 -70.23 56.99
C PRO TA 212 17.07 -70.79 58.12
N SER TA 213 16.83 -72.10 58.06
CA SER TA 213 16.11 -72.78 59.11
C SER TA 213 16.96 -72.83 60.38
N PRO TA 214 16.33 -72.91 61.55
CA PRO TA 214 17.12 -73.01 62.79
C PRO TA 214 18.03 -74.20 62.81
N LEU TA 215 17.62 -75.32 62.19
CA LEU TA 215 18.51 -76.48 62.11
C LEU TA 215 19.77 -76.15 61.32
N ASP TA 216 19.62 -75.43 60.21
CA ASP TA 216 20.79 -74.99 59.46
C ASP TA 216 21.67 -74.08 60.30
N LYS TA 217 21.05 -73.17 61.04
CA LYS TA 217 21.82 -72.32 61.96
C LYS TA 217 22.57 -73.16 62.97
N LYS TA 218 21.91 -74.18 63.52
CA LYS TA 218 22.58 -75.04 64.50
C LYS TA 218 23.83 -75.67 63.91
N PHE TA 219 23.74 -76.19 62.68
CA PHE TA 219 24.90 -76.82 62.07
C PHE TA 219 26.04 -75.83 61.86
N GLU TA 220 25.72 -74.62 61.41
CA GLU TA 220 26.77 -73.66 61.07
C GLU TA 220 27.65 -73.35 62.28
N GLN TA 221 27.02 -72.95 63.40
CA GLN TA 221 27.78 -72.71 64.61
C GLN TA 221 28.36 -74.01 65.16
N TRP TA 222 27.58 -75.09 65.09
CA TRP TA 222 28.05 -76.39 65.56
C TRP TA 222 29.35 -76.80 64.86
N GLU TA 223 29.54 -76.36 63.61
CA GLU TA 223 30.75 -76.68 62.88
C GLU TA 223 31.93 -75.83 63.33
N GLU TA 224 31.69 -74.56 63.62
CA GLU TA 224 32.80 -73.63 63.87
C GLU TA 224 33.56 -73.99 65.14
N GLN TA 225 32.88 -74.54 66.14
CA GLN TA 225 33.54 -74.83 67.41
C GLN TA 225 34.71 -75.78 67.23
N GLN TA 226 34.50 -76.85 66.45
CA GLN TA 226 35.60 -77.78 66.17
C GLN TA 226 36.69 -77.10 65.37
N ALA TA 227 36.32 -76.27 64.39
CA ALA TA 227 37.31 -75.61 63.55
C ALA TA 227 38.24 -74.74 64.39
N VAL TA 228 37.67 -73.94 65.28
CA VAL TA 228 38.49 -73.10 66.15
C VAL TA 228 39.22 -73.95 67.18
N GLU TA 229 38.53 -74.94 67.76
CA GLU TA 229 39.16 -75.80 68.74
C GLU TA 229 40.23 -76.68 68.10
N ALA TA 230 39.94 -77.23 66.92
CA ALA TA 230 40.93 -78.03 66.22
C ALA TA 230 42.15 -77.18 65.86
N THR TA 231 41.91 -75.96 65.35
CA THR TA 231 43.01 -75.04 65.12
C THR TA 231 43.71 -74.68 66.42
N LEU TA 232 42.92 -74.41 67.47
CA LEU TA 232 43.52 -74.15 68.78
C LEU TA 232 44.18 -75.38 69.36
N ALA TA 233 43.59 -76.57 69.13
CA ALA TA 233 44.24 -77.80 69.57
C ALA TA 233 45.58 -77.98 68.88
N ALA TA 234 45.62 -77.71 67.57
CA ALA TA 234 46.88 -77.73 66.85
C ALA TA 234 47.75 -76.52 67.16
N MET TA 235 47.15 -75.43 67.63
CA MET TA 235 47.94 -74.25 68.00
C MET TA 235 48.95 -74.61 69.08
N LYS TA 236 48.49 -75.25 70.15
CA LYS TA 236 49.41 -75.71 71.19
C LYS TA 236 50.37 -76.76 70.65
N ALA TA 237 49.85 -77.68 69.84
CA ALA TA 237 50.69 -78.75 69.31
C ALA TA 237 51.68 -78.22 68.29
N ARG TA 238 51.23 -77.39 67.35
CA ARG TA 238 52.14 -76.86 66.33
C ARG TA 238 53.23 -76.01 66.97
N ARG TA 239 52.86 -75.16 67.94
CA ARG TA 239 53.86 -74.40 68.67
C ARG TA 239 54.65 -75.31 69.60
N SER TA 240 54.01 -76.32 70.16
CA SER TA 240 54.68 -77.25 71.08
C SER TA 240 53.95 -78.60 71.10
N GLN UA 45 -58.35 19.68 -29.90
CA GLN UA 45 -58.07 20.82 -30.80
C GLN UA 45 -57.09 21.79 -30.16
N GLU UA 46 -56.37 22.53 -30.99
CA GLU UA 46 -55.37 23.50 -30.56
C GLU UA 46 -55.86 24.91 -30.90
N ALA UA 47 -55.04 25.89 -30.55
CA ALA UA 47 -55.37 27.27 -30.88
C ALA UA 47 -55.42 27.42 -32.41
N PRO UA 48 -56.43 28.11 -32.94
CA PRO UA 48 -56.51 28.21 -34.41
C PRO UA 48 -55.30 28.86 -35.04
N GLU UA 49 -54.70 29.85 -34.38
CA GLU UA 49 -53.53 30.52 -34.93
C GLU UA 49 -52.35 29.56 -35.07
N ASP UA 50 -52.15 28.69 -34.08
CA ASP UA 50 -51.00 27.79 -34.11
C ASP UA 50 -51.09 26.85 -35.32
N LEU UA 51 -52.28 26.36 -35.63
CA LEU UA 51 -52.43 25.47 -36.77
C LEU UA 51 -51.99 26.15 -38.06
N LEU UA 52 -52.29 27.44 -38.21
CA LEU UA 52 -52.04 28.13 -39.47
C LEU UA 52 -50.56 28.06 -39.84
N GLU UA 53 -49.67 28.33 -38.88
CA GLU UA 53 -48.24 28.26 -39.15
C GLU UA 53 -47.83 26.84 -39.52
N ARG UA 54 -48.31 25.85 -38.75
CA ARG UA 54 -47.94 24.47 -39.01
C ARG UA 54 -48.50 23.99 -40.35
N LEU UA 55 -49.74 24.37 -40.66
CA LEU UA 55 -50.36 23.89 -41.89
C LEU UA 55 -49.60 24.35 -43.13
N LEU UA 56 -49.21 25.63 -43.17
CA LEU UA 56 -48.51 26.14 -44.35
C LEU UA 56 -47.14 25.49 -44.49
N GLY UA 57 -46.46 25.25 -43.37
CA GLY UA 57 -45.16 24.58 -43.45
C GLY UA 57 -45.27 23.22 -44.12
N GLU UA 58 -46.33 22.47 -43.81
CA GLU UA 58 -46.57 21.22 -44.52
C GLU UA 58 -46.89 21.48 -45.98
N MET UA 59 -47.66 22.52 -46.27
CA MET UA 59 -48.03 22.82 -47.64
C MET UA 59 -46.80 23.15 -48.48
N GLU UA 60 -45.91 23.99 -47.96
CA GLU UA 60 -44.71 24.35 -48.70
C GLU UA 60 -43.83 23.14 -48.95
N LEU UA 61 -43.69 22.28 -47.95
CA LEU UA 61 -42.87 21.08 -48.11
C LEU UA 61 -43.42 20.19 -49.21
N GLU UA 62 -44.75 20.05 -49.28
CA GLU UA 62 -45.35 19.18 -50.28
C GLU UA 62 -45.11 19.71 -51.70
N LEU UA 63 -45.16 21.03 -51.87
CA LEU UA 63 -45.12 21.59 -53.22
C LEU UA 63 -43.82 21.25 -53.93
N ILE UA 64 -42.69 21.37 -53.24
CA ILE UA 64 -41.41 21.07 -53.86
C ILE UA 64 -41.33 19.60 -54.25
N GLU UA 65 -41.94 18.73 -53.45
CA GLU UA 65 -41.97 17.31 -53.79
C GLU UA 65 -42.71 17.11 -55.12
N LEU UA 66 -43.81 17.83 -55.32
CA LEU UA 66 -44.48 17.83 -56.61
C LEU UA 66 -43.55 18.35 -57.70
N ARG UA 67 -42.83 19.42 -57.42
CA ARG UA 67 -41.91 19.99 -58.41
C ARG UA 67 -40.85 18.97 -58.80
N ARG UA 68 -40.29 18.27 -57.81
CA ARG UA 68 -39.26 17.28 -58.10
C ARG UA 68 -39.82 16.13 -58.93
N ALA UA 69 -41.01 15.65 -58.59
CA ALA UA 69 -41.59 14.51 -59.29
C ALA UA 69 -41.84 14.82 -60.75
N LEU UA 70 -42.40 15.99 -61.04
CA LEU UA 70 -42.71 16.35 -62.42
C LEU UA 70 -41.48 16.30 -63.30
N ALA UA 71 -40.31 16.65 -62.75
CA ALA UA 71 -39.09 16.60 -63.54
C ALA UA 71 -38.81 15.19 -64.04
N GLN UA 72 -39.00 14.19 -63.19
CA GLN UA 72 -38.73 12.81 -63.59
C GLN UA 72 -39.62 12.40 -64.76
N THR UA 73 -40.85 12.89 -64.80
CA THR UA 73 -41.71 12.63 -65.94
C THR UA 73 -41.10 13.16 -67.23
N ILE UA 74 -40.53 14.37 -67.17
CA ILE UA 74 -39.94 14.97 -68.35
C ILE UA 74 -38.78 14.12 -68.86
N ALA UA 75 -38.02 13.54 -67.93
CA ALA UA 75 -36.85 12.74 -68.33
C ALA UA 75 -37.26 11.59 -69.25
N THR UA 76 -38.29 10.83 -68.84
CA THR UA 76 -38.75 9.72 -69.66
C THR UA 76 -39.32 10.22 -70.98
N PHE UA 77 -40.10 11.31 -70.93
CA PHE UA 77 -40.65 11.87 -72.16
C PHE UA 77 -39.56 12.23 -73.15
N LYS UA 78 -38.46 12.82 -72.65
CA LYS UA 78 -37.33 13.11 -73.53
C LYS UA 78 -36.55 11.85 -73.86
N SER UA 79 -36.37 10.96 -72.89
CA SER UA 79 -35.55 9.77 -73.10
C SER UA 79 -36.12 8.90 -74.21
N THR UA 80 -37.42 8.61 -74.15
CA THR UA 80 -38.02 7.76 -75.17
C THR UA 80 -37.95 8.43 -76.54
N GLU UA 81 -38.17 9.75 -76.59
CA GLU UA 81 -38.09 10.46 -77.86
C GLU UA 81 -36.71 10.31 -78.48
N ARG UA 82 -35.66 10.45 -77.67
CA ARG UA 82 -34.31 10.18 -78.17
C ARG UA 82 -34.18 8.73 -78.58
N GLN UA 83 -34.76 7.81 -77.80
CA GLN UA 83 -34.74 6.40 -78.15
C GLN UA 83 -35.46 6.16 -79.47
N ARG UA 84 -36.58 6.86 -79.69
CA ARG UA 84 -37.35 6.66 -80.91
C ARG UA 84 -36.51 7.00 -82.14
N ASP UA 85 -35.77 8.11 -82.09
CA ASP UA 85 -34.99 8.52 -83.25
C ASP UA 85 -33.95 7.47 -83.63
N ALA UA 86 -33.44 6.72 -82.64
CA ALA UA 86 -32.41 5.73 -82.93
C ALA UA 86 -32.94 4.64 -83.86
N GLN UA 87 -34.15 4.16 -83.62
CA GLN UA 87 -34.67 3.04 -84.40
C GLN UA 87 -34.84 3.41 -85.86
N GLN UA 88 -35.46 4.56 -86.13
CA GLN UA 88 -35.67 4.97 -87.52
C GLN UA 88 -34.34 5.16 -88.23
N LEU UA 89 -33.30 5.60 -87.51
CA LEU UA 89 -31.99 5.73 -88.11
C LEU UA 89 -31.48 4.37 -88.59
N ILE UA 90 -31.70 3.32 -87.79
CA ILE UA 90 -31.31 1.99 -88.20
C ILE UA 90 -32.07 1.57 -89.45
N ALA UA 91 -33.39 1.83 -89.48
CA ALA UA 91 -34.17 1.50 -90.66
C ALA UA 91 -33.66 2.24 -91.88
N GLN UA 92 -33.24 3.49 -91.70
CA GLN UA 92 -32.67 4.25 -92.80
C GLN UA 92 -31.43 3.56 -93.35
N ARG UA 93 -30.60 3.01 -92.47
CA ARG UA 93 -29.39 2.31 -92.92
C ARG UA 93 -29.74 1.16 -93.86
N TRP UA 94 -30.73 0.35 -93.47
CA TRP UA 94 -31.15 -0.75 -94.34
C TRP UA 94 -31.72 -0.20 -95.65
N TYR UA 95 -32.54 0.84 -95.57
CA TYR UA 95 -33.08 1.44 -96.78
C TYR UA 95 -31.96 1.99 -97.66
N GLU UA 96 -31.00 2.69 -97.05
CA GLU UA 96 -29.86 3.19 -97.80
C GLU UA 96 -29.06 2.03 -98.40
N LYS UA 97 -28.85 0.97 -97.60
CA LYS UA 97 -28.17 -0.21 -98.12
C LYS UA 97 -28.96 -0.84 -99.25
N ALA UA 98 -30.28 -0.94 -99.09
CA ALA UA 98 -31.12 -1.50 -100.14
C ALA UA 98 -31.08 -0.67 -101.41
N GLN UA 99 -30.71 0.61 -101.32
CA GLN UA 99 -30.67 1.45 -102.51
C GLN UA 99 -29.67 0.89 -103.53
N ALA UA 100 -28.49 0.50 -103.07
CA ALA UA 100 -27.47 -0.10 -103.92
C ALA UA 100 -27.46 -1.61 -103.86
N ALA UA 101 -28.40 -2.22 -103.13
CA ALA UA 101 -28.43 -3.67 -103.01
C ALA UA 101 -28.62 -4.31 -104.38
N LEU UA 102 -29.58 -3.82 -105.15
CA LEU UA 102 -29.84 -4.30 -106.50
C LEU UA 102 -29.16 -3.45 -107.57
N ASP UA 103 -28.31 -2.49 -107.17
CA ASP UA 103 -27.57 -1.71 -108.16
C ASP UA 103 -26.78 -2.61 -109.10
N ARG UA 104 -26.32 -3.75 -108.60
CA ARG UA 104 -25.67 -4.76 -109.44
C ARG UA 104 -26.69 -5.62 -110.18
N GLY UA 105 -27.97 -5.29 -110.11
CA GLY UA 105 -29.02 -6.14 -110.60
C GLY UA 105 -29.50 -7.17 -109.61
N ASN UA 106 -29.01 -7.14 -108.38
CA ASN UA 106 -29.36 -8.13 -107.35
C ASN UA 106 -30.67 -7.71 -106.68
N GLU UA 107 -31.76 -7.92 -107.42
CA GLU UA 107 -33.07 -7.58 -106.88
C GLU UA 107 -33.46 -8.46 -105.71
N GLN UA 108 -33.05 -9.72 -105.73
CA GLN UA 108 -33.45 -10.65 -104.68
C GLN UA 108 -32.96 -10.18 -103.31
N LEU UA 109 -31.72 -9.71 -103.23
CA LEU UA 109 -31.18 -9.29 -101.94
C LEU UA 109 -31.97 -8.12 -101.38
N ALA UA 110 -32.33 -7.16 -102.23
CA ALA UA 110 -33.06 -5.99 -101.75
C ALA UA 110 -34.41 -6.38 -101.16
N ARG UA 111 -34.95 -7.53 -101.57
CA ARG UA 111 -36.24 -7.98 -101.02
C ARG UA 111 -36.15 -8.16 -99.51
N GLU UA 112 -35.07 -8.78 -99.04
CA GLU UA 112 -34.93 -9.03 -97.61
C GLU UA 112 -34.82 -7.73 -96.83
N ALA UA 113 -34.07 -6.76 -97.35
CA ALA UA 113 -33.87 -5.51 -96.62
C ALA UA 113 -35.19 -4.79 -96.38
N LEU UA 114 -35.97 -4.59 -97.45
CA LEU UA 114 -37.25 -3.90 -97.30
C LEU UA 114 -38.20 -4.68 -96.39
N GLY UA 115 -38.21 -6.00 -96.50
CA GLY UA 115 -38.98 -6.80 -95.57
C GLY UA 115 -38.47 -6.68 -94.14
N GLN UA 116 -37.14 -6.59 -93.99
CA GLN UA 116 -36.56 -6.49 -92.65
C GLN UA 116 -36.93 -5.18 -91.97
N ARG UA 117 -36.86 -4.07 -92.68
CA ARG UA 117 -37.08 -2.76 -92.07
C ARG UA 117 -38.51 -2.55 -91.62
N GLN UA 118 -39.46 -3.35 -92.10
CA GLN UA 118 -40.85 -3.17 -91.69
C GLN UA 118 -41.01 -3.43 -90.19
N SER UA 119 -40.31 -4.44 -89.67
CA SER UA 119 -40.38 -4.71 -88.23
C SER UA 119 -39.95 -3.50 -87.43
N TYR UA 120 -38.87 -2.84 -87.84
CA TYR UA 120 -38.42 -1.64 -87.14
C TYR UA 120 -39.47 -0.53 -87.24
N GLN UA 121 -40.07 -0.38 -88.41
CA GLN UA 121 -41.08 0.68 -88.59
C GLN UA 121 -42.24 0.49 -87.62
N SER UA 122 -42.58 -0.76 -87.30
CA SER UA 122 -43.68 -1.00 -86.37
C SER UA 122 -43.40 -0.36 -85.01
N HIS UA 123 -42.18 -0.53 -84.51
CA HIS UA 123 -41.83 0.08 -83.22
C HIS UA 123 -41.91 1.59 -83.29
N THR UA 124 -41.43 2.18 -84.38
CA THR UA 124 -41.47 3.64 -84.52
C THR UA 124 -42.91 4.15 -84.45
N GLU UA 125 -43.82 3.50 -85.17
CA GLU UA 125 -45.21 3.91 -85.13
C GLU UA 125 -45.80 3.76 -83.74
N ALA UA 126 -45.49 2.64 -83.07
CA ALA UA 126 -46.02 2.41 -81.73
C ALA UA 126 -45.54 3.49 -80.75
N LEU UA 127 -44.26 3.85 -80.83
CA LEU UA 127 -43.74 4.87 -79.92
C LEU UA 127 -44.29 6.24 -80.25
N GLY UA 128 -44.44 6.56 -81.55
CA GLY UA 128 -44.97 7.87 -81.91
C GLY UA 128 -46.33 8.13 -81.32
N LYS UA 129 -47.20 7.12 -81.33
CA LYS UA 129 -48.50 7.25 -80.69
C LYS UA 129 -48.38 7.40 -79.19
N SER UA 130 -47.46 6.66 -78.57
CA SER UA 130 -47.32 6.70 -77.12
C SER UA 130 -46.89 8.07 -76.65
N LEU UA 131 -45.95 8.70 -77.36
CA LEU UA 131 -45.51 10.05 -76.97
C LEU UA 131 -46.62 11.06 -77.18
N GLY UA 132 -47.47 10.85 -78.19
CA GLY UA 132 -48.51 11.83 -78.48
C GLY UA 132 -49.41 12.09 -77.29
N GLU UA 133 -49.80 11.03 -76.58
CA GLU UA 133 -50.66 11.21 -75.41
C GLU UA 133 -49.87 11.78 -74.23
N GLN UA 134 -48.62 11.33 -74.05
CA GLN UA 134 -47.80 11.85 -72.97
C GLN UA 134 -47.53 13.34 -73.15
N ARG UA 135 -47.30 13.77 -74.38
CA ARG UA 135 -46.92 15.16 -74.62
C ARG UA 135 -47.99 16.12 -74.12
N ALA UA 136 -49.25 15.83 -74.43
CA ALA UA 136 -50.35 16.69 -73.99
C ALA UA 136 -50.77 16.43 -72.56
N LEU UA 137 -50.23 15.39 -71.92
CA LEU UA 137 -50.61 15.09 -70.54
C LEU UA 137 -49.80 15.90 -69.55
N VAL UA 138 -48.48 15.93 -69.71
CA VAL UA 138 -47.63 16.66 -68.77
C VAL UA 138 -47.95 18.16 -68.85
N GLU UA 139 -48.15 18.68 -70.06
CA GLU UA 139 -48.44 20.09 -70.22
C GLU UA 139 -49.62 20.51 -69.35
N GLN UA 140 -50.62 19.63 -69.22
CA GLN UA 140 -51.71 19.89 -68.29
C GLN UA 140 -51.23 19.89 -66.85
N VAL UA 141 -50.31 18.99 -66.52
CA VAL UA 141 -49.79 18.92 -65.15
C VAL UA 141 -49.08 20.22 -64.78
N ARG UA 142 -48.24 20.72 -65.69
CA ARG UA 142 -47.51 21.94 -65.41
C ARG UA 142 -48.44 23.09 -65.06
N GLY UA 143 -49.60 23.16 -65.72
CA GLY UA 143 -50.55 24.21 -65.41
C GLY UA 143 -51.04 24.15 -63.97
N GLN UA 144 -51.32 22.94 -63.48
CA GLN UA 144 -51.77 22.80 -62.10
C GLN UA 144 -50.69 23.27 -61.13
N LEU UA 145 -49.44 22.87 -61.36
CA LEU UA 145 -48.36 23.28 -60.47
C LEU UA 145 -48.19 24.80 -60.47
N GLN UA 146 -48.17 25.39 -61.67
CA GLN UA 146 -47.96 26.84 -61.75
C GLN UA 146 -49.10 27.60 -61.09
N LYS UA 147 -50.34 27.16 -61.32
CA LYS UA 147 -51.47 27.82 -60.68
C LYS UA 147 -51.41 27.66 -59.16
N LEU UA 148 -51.04 26.48 -58.69
CA LEU UA 148 -50.95 26.25 -57.25
C LEU UA 148 -49.92 27.18 -56.62
N GLU UA 149 -48.76 27.33 -57.25
CA GLU UA 149 -47.73 28.20 -56.69
C GLU UA 149 -48.23 29.63 -56.61
N ARG UA 150 -48.91 30.11 -57.65
CA ARG UA 150 -49.47 31.46 -57.61
C ARG UA 150 -50.50 31.58 -56.49
N LYS UA 151 -51.34 30.56 -56.33
CA LYS UA 151 -52.33 30.59 -55.25
C LYS UA 151 -51.68 30.48 -53.88
N TYR UA 152 -50.52 29.81 -53.80
CA TYR UA 152 -49.86 29.63 -52.51
C TYR UA 152 -49.51 30.96 -51.87
N LEU UA 153 -48.93 31.88 -52.65
CA LEU UA 153 -48.44 33.13 -52.10
C LEU UA 153 -49.58 33.98 -51.55
N GLU UA 154 -50.72 34.00 -52.24
CA GLU UA 154 -51.83 34.85 -51.81
C GLU UA 154 -52.30 34.51 -50.41
N LEU UA 155 -52.04 33.31 -49.94
CA LEU UA 155 -52.39 32.94 -48.56
C LEU UA 155 -51.35 33.46 -47.58
N LYS UA 156 -50.07 33.20 -47.85
CA LYS UA 156 -49.01 33.60 -46.93
C LYS UA 156 -48.96 35.12 -46.78
N SER UA 157 -49.20 35.84 -47.87
CA SER UA 157 -49.15 37.30 -47.81
C SER UA 157 -50.19 37.86 -46.85
N GLN UA 158 -51.22 37.09 -46.51
CA GLN UA 158 -52.26 37.54 -45.59
C GLN UA 158 -52.11 36.96 -44.19
N LYS UA 159 -51.42 35.83 -44.03
CA LYS UA 159 -51.36 35.19 -42.72
C LYS UA 159 -50.72 36.11 -41.69
N ASN UA 160 -49.62 36.77 -42.06
CA ASN UA 160 -48.98 37.69 -41.14
C ASN UA 160 -49.90 38.83 -40.76
N LEU UA 161 -50.73 39.30 -41.69
CA LEU UA 161 -51.65 40.38 -41.39
C LEU UA 161 -52.67 39.97 -40.34
N TYR UA 162 -53.23 38.76 -40.46
CA TYR UA 162 -54.22 38.31 -39.48
C TYR UA 162 -53.61 38.18 -38.10
N LEU UA 163 -52.41 37.60 -38.00
CA LEU UA 163 -51.77 37.43 -36.70
C LEU UA 163 -51.59 38.76 -35.99
N ALA UA 164 -51.18 39.79 -36.74
CA ALA UA 164 -51.00 41.11 -36.13
C ALA UA 164 -52.29 41.62 -35.52
N ARG UA 165 -53.41 41.48 -36.26
CA ARG UA 165 -54.70 41.89 -35.72
C ARG UA 165 -55.05 41.09 -34.48
N LEU UA 166 -54.79 39.78 -34.52
CA LEU UA 166 -55.08 38.94 -33.36
C LEU UA 166 -54.27 39.36 -32.15
N LYS UA 167 -52.98 39.63 -32.34
CA LYS UA 167 -52.15 40.06 -31.22
C LYS UA 167 -52.59 41.43 -30.70
N SER UA 168 -53.08 42.29 -31.60
CA SER UA 168 -53.52 43.61 -31.17
C SER UA 168 -54.74 43.52 -30.26
N ALA UA 169 -55.74 42.74 -30.66
CA ALA UA 169 -56.99 42.68 -29.90
C ALA UA 169 -56.81 41.90 -28.60
N ILE UA 170 -56.11 40.77 -28.66
CA ILE UA 170 -55.92 39.96 -27.46
C ILE UA 170 -55.23 40.79 -26.38
N ALA UA 171 -54.20 41.55 -26.76
CA ALA UA 171 -53.54 42.42 -25.80
C ALA UA 171 -54.50 43.48 -25.29
N ALA UA 172 -55.32 44.05 -26.18
CA ALA UA 172 -56.24 45.10 -25.77
C ALA UA 172 -57.20 44.58 -24.70
N GLN UA 173 -57.69 43.34 -24.85
CA GLN UA 173 -58.53 42.76 -23.82
C GLN UA 173 -57.78 42.63 -22.50
N LYS UA 174 -56.51 42.22 -22.56
CA LYS UA 174 -55.72 42.08 -21.35
C LYS UA 174 -55.55 43.42 -20.65
N ILE UA 175 -55.30 44.48 -21.41
CA ILE UA 175 -55.11 45.80 -20.82
C ILE UA 175 -56.39 46.28 -20.15
N GLU UA 176 -57.52 46.13 -20.84
CA GLU UA 176 -58.75 46.76 -20.37
C GLU UA 176 -59.20 46.17 -19.04
N GLU UA 177 -59.11 44.84 -18.88
CA GLU UA 177 -59.54 44.24 -17.63
C GLU UA 177 -58.74 44.75 -16.45
N ILE UA 178 -57.53 45.25 -16.70
CA ILE UA 178 -56.67 45.80 -15.65
C ILE UA 178 -56.89 47.30 -15.60
N ALA UA 179 -57.95 47.79 -16.24
CA ALA UA 179 -58.21 49.23 -16.26
C ALA UA 179 -58.25 49.81 -14.86
N GLY UA 180 -58.72 49.04 -13.88
CA GLY UA 180 -58.79 49.51 -12.53
C GLY UA 180 -59.64 50.76 -12.40
N ASN UA 181 -60.82 50.73 -13.03
CA ASN UA 181 -61.70 51.89 -13.03
C ASN UA 181 -62.00 52.32 -11.60
N LEU UA 182 -61.86 53.62 -11.34
CA LEU UA 182 -62.11 54.13 -10.00
C LEU UA 182 -63.59 54.06 -9.63
N ASP UA 183 -64.47 54.10 -10.64
CA ASP UA 183 -65.91 54.19 -10.37
C ASP UA 183 -66.52 52.87 -9.90
N ASN UA 184 -65.82 51.74 -10.02
CA ASN UA 184 -66.45 50.46 -9.70
C ASN UA 184 -66.89 50.42 -8.24
N ALA UA 185 -65.98 50.76 -7.33
CA ALA UA 185 -66.29 50.78 -5.90
C ALA UA 185 -66.80 49.42 -5.43
N SER UA 186 -66.21 48.35 -5.98
CA SER UA 186 -66.61 46.99 -5.66
C SER UA 186 -65.44 46.04 -5.51
N ALA UA 187 -64.20 46.51 -5.56
CA ALA UA 187 -62.97 45.73 -5.53
C ALA UA 187 -62.70 45.06 -6.87
N SER UA 188 -63.58 45.20 -7.86
CA SER UA 188 -63.27 44.69 -9.19
C SER UA 188 -62.08 45.45 -9.78
N SER UA 189 -62.05 46.76 -9.60
CA SER UA 189 -60.86 47.55 -9.90
C SER UA 189 -59.91 47.46 -8.71
N LEU UA 190 -58.68 47.01 -8.97
CA LEU UA 190 -57.74 46.83 -7.87
C LEU UA 190 -57.46 48.13 -7.14
N PHE UA 191 -57.60 49.27 -7.82
CA PHE UA 191 -57.38 50.56 -7.16
C PHE UA 191 -58.40 50.80 -6.07
N GLU UA 192 -59.68 50.63 -6.38
CA GLU UA 192 -60.72 50.81 -5.37
C GLU UA 192 -60.58 49.79 -4.25
N ARG UA 193 -60.09 48.59 -4.57
CA ARG UA 193 -59.80 47.62 -3.52
C ARG UA 193 -58.75 48.17 -2.56
N ILE UA 194 -57.72 48.82 -3.11
CA ILE UA 194 -56.72 49.48 -2.28
C ILE UA 194 -57.38 50.56 -1.43
N GLU UA 195 -58.24 51.37 -2.05
CA GLU UA 195 -58.89 52.46 -1.32
C GLU UA 195 -59.67 51.92 -0.13
N THR UA 196 -60.39 50.80 -0.32
CA THR UA 196 -61.08 50.18 0.79
C THR UA 196 -60.09 49.76 1.87
N LYS UA 197 -58.94 49.24 1.47
CA LYS UA 197 -57.92 48.84 2.44
C LYS UA 197 -57.45 50.04 3.26
N ILE UA 198 -57.25 51.18 2.61
CA ILE UA 198 -56.75 52.36 3.32
C ILE UA 198 -57.71 52.76 4.43
N LEU UA 199 -59.00 52.87 4.10
CA LEU UA 199 -59.98 53.31 5.10
C LEU UA 199 -60.13 52.30 6.22
N GLU UA 200 -59.88 51.02 5.94
CA GLU UA 200 -59.98 50.00 6.98
C GLU UA 200 -59.01 50.29 8.12
N LEU UA 201 -57.76 50.59 7.78
CA LEU UA 201 -56.75 50.85 8.81
C LEU UA 201 -57.05 52.13 9.57
N GLU UA 202 -57.33 53.22 8.83
CA GLU UA 202 -57.62 54.49 9.48
C GLU UA 202 -58.78 54.37 10.46
N ALA UA 203 -59.75 53.51 10.15
CA ALA UA 203 -60.88 53.32 11.04
C ALA UA 203 -60.44 52.74 12.38
N GLU UA 204 -59.53 51.76 12.35
CA GLU UA 204 -59.10 51.12 13.59
C GLU UA 204 -58.41 52.11 14.52
N ARG UA 205 -57.54 52.96 13.97
CA ARG UA 205 -56.77 53.87 14.81
C ARG UA 205 -57.67 54.83 15.55
N GLU UA 206 -58.62 55.45 14.85
CA GLU UA 206 -59.48 56.45 15.48
C GLU UA 206 -60.29 55.84 16.61
N LEU UA 207 -60.83 54.64 16.39
CA LEU UA 207 -61.63 53.99 17.42
C LEU UA 207 -60.78 53.64 18.63
N LEU UA 208 -59.58 53.08 18.40
CA LEU UA 208 -58.74 52.65 19.50
C LEU UA 208 -58.19 53.86 20.27
N ASN UA 209 -58.15 55.02 19.63
CA ASN UA 209 -57.70 56.26 20.26
C ASN UA 209 -58.82 57.29 20.06
N PRO UA 210 -59.83 57.27 20.92
CA PRO UA 210 -60.97 58.18 20.74
C PRO UA 210 -60.50 59.61 20.54
N PRO UA 211 -60.74 60.20 19.37
CA PRO UA 211 -60.35 61.59 19.14
C PRO UA 211 -61.19 62.54 19.97
N PRO UA 212 -60.76 63.78 20.15
CA PRO UA 212 -61.50 64.71 21.00
C PRO UA 212 -62.93 64.92 20.49
N SER UA 213 -63.85 65.05 21.44
CA SER UA 213 -65.23 65.34 21.08
C SER UA 213 -65.35 66.76 20.52
N PRO UA 214 -66.35 67.02 19.69
CA PRO UA 214 -66.52 68.38 19.16
C PRO UA 214 -66.71 69.41 20.26
N LEU UA 215 -67.36 69.04 21.36
CA LEU UA 215 -67.50 69.96 22.48
C LEU UA 215 -66.14 70.34 23.04
N ASP UA 216 -65.24 69.35 23.19
CA ASP UA 216 -63.89 69.66 23.65
C ASP UA 216 -63.17 70.57 22.65
N LYS UA 217 -63.34 70.31 21.36
CA LYS UA 217 -62.78 71.20 20.34
C LYS UA 217 -63.34 72.61 20.50
N LYS UA 218 -64.64 72.73 20.75
CA LYS UA 218 -65.23 74.05 20.91
C LYS UA 218 -64.56 74.81 22.06
N PHE UA 219 -64.35 74.14 23.19
CA PHE UA 219 -63.74 74.80 24.34
C PHE UA 219 -62.33 75.26 24.03
N GLU UA 220 -61.54 74.41 23.35
CA GLU UA 220 -60.14 74.73 23.13
C GLU UA 220 -59.99 76.03 22.34
N GLN UA 221 -60.66 76.14 21.19
CA GLN UA 221 -60.62 77.37 20.42
C GLN UA 221 -61.34 78.49 21.17
N TRP UA 222 -62.46 78.16 21.82
CA TRP UA 222 -63.19 79.15 22.59
C TRP UA 222 -62.32 79.81 23.65
N GLU UA 223 -61.34 79.08 24.16
CA GLU UA 223 -60.44 79.63 25.17
C GLU UA 223 -59.39 80.55 24.54
N GLU UA 224 -58.88 80.19 23.37
CA GLU UA 224 -57.75 80.92 22.81
C GLU UA 224 -58.11 82.36 22.45
N GLN UA 225 -59.35 82.61 22.05
CA GLN UA 225 -59.72 83.95 21.62
C GLN UA 225 -59.52 84.97 22.73
N GLN UA 226 -59.93 84.63 23.96
CA GLN UA 226 -59.71 85.54 25.08
C GLN UA 226 -58.22 85.68 25.37
N ALA UA 227 -57.47 84.58 25.29
CA ALA UA 227 -56.03 84.64 25.58
C ALA UA 227 -55.33 85.60 24.65
N VAL UA 228 -55.59 85.49 23.34
CA VAL UA 228 -54.98 86.41 22.38
C VAL UA 228 -55.57 87.81 22.53
N GLU UA 229 -56.89 87.91 22.72
CA GLU UA 229 -57.50 89.23 22.88
C GLU UA 229 -57.08 89.87 24.20
N ALA UA 230 -57.05 89.09 25.28
CA ALA UA 230 -56.58 89.63 26.56
C ALA UA 230 -55.13 90.07 26.46
N THR UA 231 -54.28 89.27 25.83
CA THR UA 231 -52.91 89.70 25.58
C THR UA 231 -52.88 90.90 24.65
N LEU UA 232 -53.70 90.89 23.60
CA LEU UA 232 -53.80 92.04 22.72
C LEU UA 232 -54.44 93.23 23.43
N ALA UA 233 -55.43 92.98 24.29
CA ALA UA 233 -56.01 94.06 25.08
C ALA UA 233 -54.96 94.68 25.98
N ALA UA 234 -54.15 93.85 26.62
CA ALA UA 234 -53.03 94.36 27.41
C ALA UA 234 -51.89 94.87 26.53
N MET UA 235 -51.80 94.41 25.29
CA MET UA 235 -50.77 94.90 24.39
C MET UA 235 -50.87 96.41 24.21
N LYS UA 236 -52.08 96.90 23.89
CA LYS UA 236 -52.29 98.33 23.79
C LYS UA 236 -52.10 99.00 25.14
N ALA UA 237 -52.61 98.38 26.21
CA ALA UA 237 -52.50 98.97 27.53
C ALA UA 237 -51.06 98.96 28.03
N ARG UA 238 -50.37 97.82 27.91
CA ARG UA 238 -49.00 97.74 28.39
C ARG UA 238 -48.09 98.70 27.64
N ARG UA 239 -48.27 98.79 26.31
CA ARG UA 239 -47.52 99.78 25.53
C ARG UA 239 -48.04 101.18 25.81
N SER UA 240 -49.35 101.31 26.03
CA SER UA 240 -49.94 102.61 26.30
C SER UA 240 -51.24 102.46 27.08
N GLN VA 45 -10.86 -69.50 -8.51
CA GLN VA 45 -9.54 -70.16 -8.70
C GLN VA 45 -8.63 -69.30 -9.57
N GLU VA 46 -7.33 -69.47 -9.41
CA GLU VA 46 -6.32 -68.72 -10.15
C GLU VA 46 -5.58 -69.68 -11.09
N ALA VA 47 -4.62 -69.12 -11.82
CA ALA VA 47 -3.81 -69.96 -12.70
C ALA VA 47 -3.01 -70.96 -11.86
N PRO VA 48 -2.95 -72.22 -12.28
CA PRO VA 48 -2.24 -73.21 -11.44
C PRO VA 48 -0.78 -72.86 -11.21
N GLU VA 49 -0.11 -72.28 -12.21
CA GLU VA 49 1.30 -71.92 -12.05
C GLU VA 49 1.49 -70.86 -10.98
N ASP VA 50 0.60 -69.88 -10.92
CA ASP VA 50 0.75 -68.80 -9.95
C ASP VA 50 0.70 -69.32 -8.53
N LEU VA 51 -0.19 -70.27 -8.26
CA LEU VA 51 -0.30 -70.84 -6.92
C LEU VA 51 1.02 -71.47 -6.49
N LEU VA 52 1.70 -72.14 -7.41
CA LEU VA 52 2.89 -72.90 -7.05
C LEU VA 52 3.95 -72.00 -6.41
N GLU VA 53 4.20 -70.84 -6.99
CA GLU VA 53 5.17 -69.92 -6.41
C GLU VA 53 4.71 -69.43 -5.04
N ARG VA 54 3.44 -69.07 -4.92
CA ARG VA 54 2.93 -68.56 -3.65
C ARG VA 54 2.91 -69.66 -2.59
N LEU VA 55 2.55 -70.89 -2.98
CA LEU VA 55 2.45 -71.96 -1.99
C LEU VA 55 3.80 -72.27 -1.36
N LEU VA 56 4.85 -72.36 -2.18
CA LEU VA 56 6.17 -72.68 -1.63
C LEU VA 56 6.68 -71.57 -0.72
N GLY VA 57 6.42 -70.32 -1.09
CA GLY VA 57 6.83 -69.21 -0.23
C GLY VA 57 6.25 -69.33 1.16
N GLU VA 58 4.98 -69.73 1.25
CA GLU VA 58 4.38 -69.99 2.56
C GLU VA 58 5.05 -71.19 3.22
N MET VA 59 5.35 -72.23 2.45
CA MET VA 59 5.98 -73.42 3.01
C MET VA 59 7.34 -73.10 3.60
N GLU VA 60 8.16 -72.34 2.88
CA GLU VA 60 9.49 -72.00 3.38
C GLU VA 60 9.39 -71.16 4.65
N LEU VA 61 8.45 -70.21 4.68
CA LEU VA 61 8.29 -69.37 5.86
C LEU VA 61 7.92 -70.21 7.07
N GLU VA 62 7.05 -71.21 6.88
CA GLU VA 62 6.62 -72.03 8.01
C GLU VA 62 7.77 -72.84 8.57
N LEU VA 63 8.65 -73.35 7.72
CA LEU VA 63 9.67 -74.29 8.17
C LEU VA 63 10.61 -73.65 9.19
N ILE VA 64 11.03 -72.42 8.94
CA ILE VA 64 11.95 -71.75 9.87
C ILE VA 64 11.26 -71.55 11.22
N GLU VA 65 9.96 -71.25 11.20
CA GLU VA 65 9.22 -71.11 12.45
C GLU VA 65 9.28 -72.41 13.25
N LEU VA 66 9.14 -73.55 12.57
CA LEU VA 66 9.35 -74.83 13.24
C LEU VA 66 10.76 -74.94 13.78
N ARG VA 67 11.75 -74.53 12.98
CA ARG VA 67 13.14 -74.60 13.43
C ARG VA 67 13.36 -73.77 14.68
N ARG VA 68 12.79 -72.55 14.70
CA ARG VA 68 12.94 -71.69 15.87
C ARG VA 68 12.28 -72.30 17.10
N ALA VA 69 11.08 -72.85 16.94
CA ALA VA 69 10.34 -73.38 18.08
C ALA VA 69 11.08 -74.55 18.72
N LEU VA 70 11.61 -75.47 17.90
CA LEU VA 70 12.29 -76.64 18.44
C LEU VA 70 13.45 -76.23 19.34
N ALA VA 71 14.13 -75.12 19.04
CA ALA VA 71 15.23 -74.68 19.87
C ALA VA 71 14.76 -74.38 21.28
N GLN VA 72 13.61 -73.73 21.43
CA GLN VA 72 13.11 -73.40 22.76
C GLN VA 72 12.86 -74.66 23.59
N THR VA 73 12.42 -75.74 22.94
CA THR VA 73 12.28 -77.01 23.65
C THR VA 73 13.61 -77.47 24.22
N ILE VA 74 14.69 -77.34 23.45
CA ILE VA 74 15.98 -77.79 23.91
C ILE VA 74 16.42 -76.98 25.14
N ALA VA 75 16.08 -75.69 25.17
CA ALA VA 75 16.50 -74.86 26.29
C ALA VA 75 15.96 -75.40 27.61
N THR VA 76 14.66 -75.71 27.65
CA THR VA 76 14.08 -76.25 28.87
C THR VA 76 14.66 -77.63 29.20
N PHE VA 77 14.85 -78.46 28.18
CA PHE VA 77 15.44 -79.77 28.41
C PHE VA 77 16.82 -79.65 29.04
N LYS VA 78 17.63 -78.70 28.57
CA LYS VA 78 18.92 -78.46 29.20
C LYS VA 78 18.77 -77.74 30.53
N SER VA 79 17.85 -76.77 30.61
CA SER VA 79 17.73 -75.96 31.81
C SER VA 79 17.36 -76.81 33.02
N THR VA 80 16.36 -77.67 32.87
CA THR VA 80 15.94 -78.52 33.99
C THR VA 80 17.06 -79.47 34.38
N GLU VA 81 17.77 -80.02 33.40
CA GLU VA 81 18.88 -80.93 33.69
C GLU VA 81 19.93 -80.24 34.54
N ARG VA 82 20.28 -79.00 34.19
CA ARG VA 82 21.18 -78.22 35.03
C ARG VA 82 20.55 -77.96 36.40
N GLN VA 83 19.25 -77.68 36.42
CA GLN VA 83 18.55 -77.49 37.69
C GLN VA 83 18.58 -78.76 38.53
N ARG VA 84 18.44 -79.92 37.87
CA ARG VA 84 18.42 -81.18 38.60
C ARG VA 84 19.74 -81.40 39.34
N ASP VA 85 20.86 -81.12 38.68
CA ASP VA 85 22.16 -81.34 39.30
C ASP VA 85 22.32 -80.52 40.57
N ALA VA 86 21.70 -79.34 40.62
CA ALA VA 86 21.86 -78.47 41.79
C ALA VA 86 21.30 -79.13 43.04
N GLN VA 87 20.12 -79.75 42.94
CA GLN VA 87 19.48 -80.31 44.12
C GLN VA 87 20.32 -81.43 44.74
N GLN VA 88 20.77 -82.37 43.91
CA GLN VA 88 21.57 -83.47 44.45
C GLN VA 88 22.85 -82.96 45.09
N LEU VA 89 23.43 -81.88 44.56
CA LEU VA 89 24.60 -81.29 45.19
C LEU VA 89 24.29 -80.84 46.60
N ILE VA 90 23.12 -80.23 46.81
CA ILE VA 90 22.73 -79.82 48.14
C ILE VA 90 22.59 -81.03 49.05
N ALA VA 91 21.96 -82.10 48.56
CA ALA VA 91 21.82 -83.31 49.35
C ALA VA 91 23.20 -83.87 49.70
N GLN VA 92 24.15 -83.79 48.78
CA GLN VA 92 25.50 -84.25 49.07
C GLN VA 92 26.10 -83.46 50.23
N ARG VA 93 25.85 -82.16 50.28
CA ARG VA 93 26.37 -81.34 51.38
C ARG VA 93 25.89 -81.85 52.72
N TRP VA 94 24.58 -82.13 52.83
CA TRP VA 94 24.06 -82.68 54.08
C TRP VA 94 24.66 -84.04 54.38
N TYR VA 95 24.78 -84.89 53.36
CA TYR VA 95 25.41 -86.20 53.55
C TYR VA 95 26.86 -86.04 53.98
N GLU VA 96 27.59 -85.15 53.32
CA GLU VA 96 28.97 -84.88 53.72
C GLU VA 96 29.02 -84.33 55.14
N LYS VA 97 28.11 -83.40 55.46
CA LYS VA 97 28.04 -82.89 56.83
C LYS VA 97 27.70 -83.99 57.81
N ALA VA 98 26.75 -84.85 57.45
CA ALA VA 98 26.39 -85.96 58.32
C ALA VA 98 27.53 -86.93 58.54
N GLN VA 99 28.52 -86.95 57.63
CA GLN VA 99 29.64 -87.86 57.78
C GLN VA 99 30.40 -87.59 59.08
N ALA VA 100 30.66 -86.32 59.37
CA ALA VA 100 31.33 -85.92 60.60
C ALA VA 100 30.35 -85.45 61.67
N ALA VA 101 29.05 -85.54 61.42
CA ALA VA 101 28.06 -85.11 62.40
C ALA VA 101 28.20 -85.90 63.69
N LEU VA 102 28.30 -87.22 63.58
CA LEU VA 102 28.48 -88.09 64.72
C LEU VA 102 29.94 -88.47 64.95
N ASP VA 103 30.87 -87.86 64.21
CA ASP VA 103 32.29 -88.12 64.44
C ASP VA 103 32.66 -87.85 65.90
N ARG VA 104 32.01 -86.89 66.53
CA ARG VA 104 32.16 -86.64 67.96
C ARG VA 104 31.36 -87.61 68.81
N GLY VA 105 30.75 -88.62 68.20
CA GLY VA 105 29.80 -89.47 68.87
C GLY VA 105 28.38 -88.94 68.89
N ASN VA 106 28.11 -87.83 68.20
CA ASN VA 106 26.80 -87.21 68.19
C ASN VA 106 25.92 -87.89 67.12
N GLU VA 107 25.47 -89.09 67.47
CA GLU VA 107 24.62 -89.85 66.57
C GLU VA 107 23.27 -89.18 66.37
N GLN VA 108 22.73 -88.54 67.42
CA GLN VA 108 21.41 -87.94 67.33
C GLN VA 108 21.35 -86.88 66.23
N LEU VA 109 22.37 -86.04 66.14
CA LEU VA 109 22.35 -84.97 65.15
C LEU VA 109 22.33 -85.53 63.74
N ALA VA 110 23.11 -86.58 63.48
CA ALA VA 110 23.15 -87.16 62.15
C ALA VA 110 21.79 -87.71 61.73
N ARG VA 111 20.94 -88.05 62.70
CA ARG VA 111 19.61 -88.54 62.35
C ARG VA 111 18.83 -87.51 61.55
N GLU VA 112 18.88 -86.25 61.98
CA GLU VA 112 18.13 -85.21 61.29
C GLU VA 112 18.62 -85.01 59.86
N ALA VA 113 19.94 -85.04 59.67
CA ALA VA 113 20.50 -84.78 58.34
C ALA VA 113 20.02 -85.83 57.34
N LEU VA 114 20.18 -87.12 57.68
CA LEU VA 114 19.75 -88.16 56.76
C LEU VA 114 18.24 -88.11 56.52
N GLY VA 115 17.46 -87.81 57.55
CA GLY VA 115 16.04 -87.62 57.35
C GLY VA 115 15.75 -86.40 56.48
N GLN VA 116 16.55 -85.34 56.65
CA GLN VA 116 16.33 -84.12 55.88
C GLN VA 116 16.58 -84.34 54.39
N ARG VA 117 17.67 -85.02 54.05
CA ARG VA 117 18.06 -85.18 52.65
C ARG VA 117 17.08 -86.02 51.84
N GLN VA 118 16.24 -86.82 52.51
CA GLN VA 118 15.29 -87.65 51.78
C GLN VA 118 14.32 -86.79 50.97
N SER VA 119 13.87 -85.68 51.55
CA SER VA 119 12.96 -84.78 50.83
C SER VA 119 13.59 -84.31 49.54
N TYR VA 120 14.87 -83.93 49.58
CA TYR VA 120 15.55 -83.49 48.36
C TYR VA 120 15.65 -84.64 47.36
N GLN VA 121 15.94 -85.86 47.84
CA GLN VA 121 16.06 -86.99 46.94
C GLN VA 121 14.77 -87.22 46.17
N SER VA 122 13.62 -86.93 46.79
CA SER VA 122 12.35 -87.13 46.11
C SER VA 122 12.26 -86.27 44.85
N HIS VA 123 12.68 -85.01 44.95
CA HIS VA 123 12.66 -84.13 43.78
C HIS VA 123 13.58 -84.65 42.70
N THR VA 124 14.76 -85.12 43.08
CA THR VA 124 15.71 -85.63 42.08
C THR VA 124 15.12 -86.79 41.31
N GLU VA 125 14.49 -87.73 42.02
CA GLU VA 125 13.87 -88.87 41.34
C GLU VA 125 12.74 -88.42 40.44
N ALA VA 126 11.92 -87.47 40.90
CA ALA VA 126 10.81 -87.00 40.07
C ALA VA 126 11.31 -86.34 38.80
N LEU VA 127 12.36 -85.53 38.90
CA LEU VA 127 12.88 -84.86 37.70
C LEU VA 127 13.56 -85.85 36.77
N GLY VA 128 14.29 -86.84 37.32
CA GLY VA 128 14.95 -87.81 36.47
C GLY VA 128 13.98 -88.55 35.56
N LYS VA 129 12.82 -88.92 36.09
CA LYS VA 129 11.79 -89.55 35.27
C LYS VA 129 11.25 -88.58 34.23
N SER VA 130 11.06 -87.32 34.63
CA SER VA 130 10.48 -86.35 33.71
C SER VA 130 11.38 -86.12 32.50
N LEU VA 131 12.69 -86.02 32.72
CA LEU VA 131 13.61 -85.82 31.60
C LEU VA 131 13.66 -87.05 30.72
N GLY VA 132 13.49 -88.24 31.30
CA GLY VA 132 13.59 -89.46 30.51
C GLY VA 132 12.63 -89.48 29.34
N GLU VA 133 11.38 -89.06 29.57
CA GLU VA 133 10.41 -89.03 28.49
C GLU VA 133 10.68 -87.89 27.52
N GLN VA 134 11.09 -86.73 28.04
CA GLN VA 134 11.40 -85.60 27.16
C GLN VA 134 12.58 -85.91 26.26
N ARG VA 135 13.59 -86.60 26.79
CA ARG VA 135 14.81 -86.85 26.02
C ARG VA 135 14.51 -87.61 24.73
N ALA VA 136 13.69 -88.66 24.83
CA ALA VA 136 13.34 -89.45 23.66
C ALA VA 136 12.23 -88.82 22.83
N LEU VA 137 11.61 -87.75 23.31
CA LEU VA 137 10.53 -87.11 22.57
C LEU VA 137 11.06 -86.13 21.53
N VAL VA 138 11.96 -85.24 21.95
CA VAL VA 138 12.50 -84.24 21.03
C VAL VA 138 13.27 -84.93 19.91
N GLU VA 139 14.05 -85.97 20.25
CA GLU VA 139 14.83 -86.67 19.23
C GLU VA 139 13.94 -87.13 18.09
N GLN VA 140 12.72 -87.55 18.40
CA GLN VA 140 11.77 -87.89 17.35
C GLN VA 140 11.38 -86.65 16.56
N VAL VA 141 11.22 -85.51 17.23
CA VAL VA 141 10.84 -84.27 16.54
C VAL VA 141 11.91 -83.88 15.53
N ARG VA 142 13.18 -83.95 15.95
CA ARG VA 142 14.26 -83.55 15.06
C ARG VA 142 14.23 -84.36 13.77
N GLY VA 143 13.87 -85.64 13.85
CA GLY VA 143 13.79 -86.45 12.65
C GLY VA 143 12.77 -85.94 11.66
N GLN VA 144 11.60 -85.51 12.16
CA GLN VA 144 10.58 -84.97 11.27
C GLN VA 144 11.08 -83.70 10.58
N LEU VA 145 11.71 -82.80 11.33
CA LEU VA 145 12.20 -81.56 10.72
C LEU VA 145 13.26 -81.85 9.67
N GLN VA 146 14.22 -82.73 9.99
CA GLN VA 146 15.28 -83.02 9.04
C GLN VA 146 14.73 -83.67 7.78
N LYS VA 147 13.81 -84.62 7.94
CA LYS VA 147 13.22 -85.26 6.76
C LYS VA 147 12.43 -84.25 5.94
N LEU VA 148 11.69 -83.36 6.60
CA LEU VA 148 10.92 -82.35 5.87
C LEU VA 148 11.83 -81.46 5.04
N GLU VA 149 12.94 -81.00 5.63
CA GLU VA 149 13.86 -80.16 4.89
C GLU VA 149 14.40 -80.86 3.67
N ARG VA 150 14.78 -82.13 3.81
CA ARG VA 150 15.25 -82.90 2.66
C ARG VA 150 14.16 -83.02 1.60
N LYS VA 151 12.92 -83.26 2.04
CA LYS VA 151 11.81 -83.36 1.10
C LYS VA 151 11.49 -82.01 0.47
N TYR VA 152 11.75 -80.92 1.19
CA TYR VA 152 11.42 -79.60 0.66
C TYR VA 152 12.17 -79.31 -0.63
N LEU VA 153 13.47 -79.61 -0.66
CA LEU VA 153 14.29 -79.24 -1.81
C LEU VA 153 13.85 -79.98 -3.06
N GLU VA 154 13.48 -81.27 -2.93
CA GLU VA 154 13.14 -82.07 -4.09
C GLU VA 154 11.96 -81.48 -4.85
N LEU VA 155 11.13 -80.67 -4.20
CA LEU VA 155 10.04 -79.99 -4.89
C LEU VA 155 10.54 -78.77 -5.64
N LYS VA 156 11.29 -77.91 -4.96
CA LYS VA 156 11.75 -76.67 -5.57
C LYS VA 156 12.66 -76.95 -6.77
N SER VA 157 13.49 -77.98 -6.67
CA SER VA 157 14.39 -78.31 -7.76
C SER VA 157 13.64 -78.66 -9.04
N GLN VA 158 12.37 -79.00 -8.94
CA GLN VA 158 11.57 -79.35 -10.11
C GLN VA 158 10.62 -78.23 -10.54
N LYS VA 159 10.28 -77.31 -9.65
CA LYS VA 159 9.27 -76.31 -10.00
C LYS VA 159 9.75 -75.45 -11.16
N ASN VA 160 11.03 -75.04 -11.14
CA ASN VA 160 11.56 -74.24 -12.24
C ASN VA 160 11.51 -75.01 -13.56
N LEU VA 161 11.74 -76.33 -13.50
CA LEU VA 161 11.71 -77.13 -14.71
C LEU VA 161 10.31 -77.14 -15.34
N TYR VA 162 9.27 -77.30 -14.51
CA TYR VA 162 7.91 -77.32 -15.04
C TYR VA 162 7.54 -75.98 -15.67
N LEU VA 163 7.88 -74.87 -15.01
CA LEU VA 163 7.53 -73.58 -15.56
C LEU VA 163 8.15 -73.36 -16.94
N ALA VA 164 9.39 -73.80 -17.12
CA ALA VA 164 10.04 -73.65 -18.42
C ALA VA 164 9.27 -74.40 -19.50
N ARG VA 165 8.85 -75.63 -19.21
CA ARG VA 165 8.05 -76.38 -20.17
C ARG VA 165 6.74 -75.67 -20.45
N LEU VA 166 6.10 -75.14 -19.41
CA LEU VA 166 4.83 -74.43 -19.60
C LEU VA 166 5.02 -73.21 -20.47
N LYS VA 167 6.08 -72.43 -20.23
CA LYS VA 167 6.33 -71.25 -21.05
C LYS VA 167 6.66 -71.64 -22.50
N SER VA 168 7.32 -72.78 -22.68
CA SER VA 168 7.67 -73.22 -24.03
C SER VA 168 6.42 -73.55 -24.84
N ALA VA 169 5.51 -74.33 -24.26
CA ALA VA 169 4.34 -74.78 -25.02
C ALA VA 169 3.34 -73.65 -25.22
N ILE VA 170 3.09 -72.86 -24.18
CA ILE VA 170 2.13 -71.75 -24.30
C ILE VA 170 2.55 -70.82 -25.42
N ALA VA 171 3.85 -70.48 -25.48
CA ALA VA 171 4.34 -69.64 -26.57
C ALA VA 171 4.16 -70.34 -27.91
N ALA VA 172 4.44 -71.64 -27.96
CA ALA VA 172 4.32 -72.38 -29.21
C ALA VA 172 2.90 -72.31 -29.76
N GLN VA 173 1.90 -72.42 -28.88
CA GLN VA 173 0.52 -72.26 -29.31
C GLN VA 173 0.28 -70.87 -29.87
N LYS VA 174 0.83 -69.85 -29.21
CA LYS VA 174 0.65 -68.49 -29.68
C LYS VA 174 1.26 -68.29 -31.06
N ILE VA 175 2.44 -68.87 -31.30
CA ILE VA 175 3.10 -68.72 -32.59
C ILE VA 175 2.28 -69.40 -33.68
N GLU VA 176 1.83 -70.63 -33.42
CA GLU VA 176 1.22 -71.44 -34.48
C GLU VA 176 -0.06 -70.81 -35.00
N GLU VA 177 -0.89 -70.27 -34.11
CA GLU VA 177 -2.15 -69.68 -34.56
C GLU VA 177 -1.89 -68.49 -35.49
N ILE VA 178 -0.71 -67.88 -35.40
CA ILE VA 178 -0.35 -66.76 -36.26
C ILE VA 178 0.44 -67.30 -37.45
N ALA VA 179 0.39 -68.61 -37.66
CA ALA VA 179 1.14 -69.20 -38.76
C ALA VA 179 0.80 -68.55 -40.09
N GLY VA 180 -0.43 -68.10 -40.25
CA GLY VA 180 -0.84 -67.46 -41.48
C GLY VA 180 -0.65 -68.37 -42.68
N ASN VA 181 -1.09 -69.61 -42.55
CA ASN VA 181 -0.90 -70.58 -43.62
C ASN VA 181 -1.51 -70.07 -44.92
N LEU VA 182 -0.73 -70.16 -46.00
CA LEU VA 182 -1.21 -69.66 -47.29
C LEU VA 182 -2.34 -70.53 -47.84
N ASP VA 183 -2.38 -71.81 -47.45
CA ASP VA 183 -3.34 -72.75 -48.03
C ASP VA 183 -4.76 -72.56 -47.52
N ASN VA 184 -4.98 -71.81 -46.44
CA ASN VA 184 -6.32 -71.73 -45.86
C ASN VA 184 -7.32 -71.16 -46.87
N ALA VA 185 -6.98 -70.02 -47.47
CA ALA VA 185 -7.85 -69.40 -48.48
C ALA VA 185 -9.23 -69.12 -47.90
N SER VA 186 -9.27 -68.72 -46.63
CA SER VA 186 -10.52 -68.45 -45.93
C SER VA 186 -10.47 -67.22 -45.03
N ALA VA 187 -9.39 -66.46 -45.05
CA ALA VA 187 -9.13 -65.31 -44.19
C ALA VA 187 -8.73 -65.73 -42.78
N SER VA 188 -8.73 -67.03 -42.47
CA SER VA 188 -8.20 -67.47 -41.18
C SER VA 188 -6.71 -67.14 -41.06
N SER VA 189 -5.96 -67.37 -42.14
CA SER VA 189 -4.60 -66.88 -42.23
C SER VA 189 -4.63 -65.43 -42.68
N LEU VA 190 -4.05 -64.53 -41.88
CA LEU VA 190 -4.09 -63.12 -42.21
C LEU VA 190 -3.45 -62.82 -43.56
N PHE VA 191 -2.51 -63.65 -44.01
CA PHE VA 191 -1.88 -63.43 -45.31
C PHE VA 191 -2.88 -63.60 -46.43
N GLU VA 192 -3.63 -64.71 -46.42
CA GLU VA 192 -4.63 -64.92 -47.45
C GLU VA 192 -5.73 -63.86 -47.38
N ARG VA 193 -6.03 -63.36 -46.18
CA ARG VA 193 -6.95 -62.25 -46.07
C ARG VA 193 -6.42 -61.02 -46.80
N ILE VA 194 -5.11 -60.76 -46.69
CA ILE VA 194 -4.49 -59.69 -47.46
C ILE VA 194 -4.62 -59.96 -48.94
N GLU VA 195 -4.36 -61.21 -49.35
CA GLU VA 195 -4.42 -61.54 -50.77
C GLU VA 195 -5.81 -61.26 -51.33
N THR VA 196 -6.85 -61.61 -50.57
CA THR VA 196 -8.20 -61.28 -51.00
C THR VA 196 -8.38 -59.77 -51.13
N LYS VA 197 -7.80 -59.01 -50.20
CA LYS VA 197 -7.88 -57.56 -50.28
C LYS VA 197 -7.24 -57.03 -51.55
N ILE VA 198 -6.09 -57.59 -51.94
CA ILE VA 198 -5.39 -57.11 -53.13
C ILE VA 198 -6.26 -57.26 -54.36
N LEU VA 199 -6.83 -58.45 -54.55
CA LEU VA 199 -7.64 -58.70 -55.74
C LEU VA 199 -8.90 -57.85 -55.75
N GLU VA 200 -9.41 -57.49 -54.58
CA GLU VA 200 -10.61 -56.66 -54.52
C GLU VA 200 -10.37 -55.33 -55.21
N LEU VA 201 -9.25 -54.68 -54.91
CA LEU VA 201 -8.96 -53.37 -55.50
C LEU VA 201 -8.70 -53.49 -57.00
N GLU VA 202 -7.86 -54.44 -57.39
CA GLU VA 202 -7.55 -54.60 -58.80
C GLU VA 202 -8.80 -54.85 -59.63
N ALA VA 203 -9.79 -55.52 -59.04
CA ALA VA 203 -11.04 -55.77 -59.75
C ALA VA 203 -11.78 -54.48 -60.07
N GLU VA 204 -11.81 -53.55 -59.11
CA GLU VA 204 -12.54 -52.31 -59.32
C GLU VA 204 -11.94 -51.49 -60.46
N ARG VA 205 -10.60 -51.40 -60.53
CA ARG VA 205 -9.96 -50.57 -61.52
C ARG VA 205 -10.27 -51.06 -62.93
N GLU VA 206 -10.13 -52.36 -63.17
CA GLU VA 206 -10.34 -52.90 -64.51
C GLU VA 206 -11.78 -52.65 -64.98
N LEU VA 207 -12.75 -52.87 -64.10
CA LEU VA 207 -14.14 -52.65 -64.48
C LEU VA 207 -14.42 -51.18 -64.77
N LEU VA 208 -13.92 -50.29 -63.92
CA LEU VA 208 -14.19 -48.87 -64.11
C LEU VA 208 -13.47 -48.32 -65.33
N ASN VA 209 -12.41 -48.98 -65.77
CA ASN VA 209 -11.65 -48.62 -66.97
C ASN VA 209 -11.61 -49.85 -67.87
N PRO VA 210 -12.65 -50.09 -68.65
CA PRO VA 210 -12.71 -51.29 -69.48
C PRO VA 210 -11.44 -51.46 -70.29
N PRO VA 211 -10.66 -52.51 -70.04
CA PRO VA 211 -9.44 -52.72 -70.81
C PRO VA 211 -9.77 -53.12 -72.24
N PRO VA 212 -8.79 -53.02 -73.16
CA PRO VA 212 -9.09 -53.32 -74.56
C PRO VA 212 -9.59 -54.74 -74.74
N SER VA 213 -10.53 -54.90 -75.67
CA SER VA 213 -11.03 -56.22 -76.00
C SER VA 213 -9.95 -57.04 -76.71
N PRO VA 214 -10.00 -58.37 -76.61
CA PRO VA 214 -9.01 -59.18 -77.33
C PRO VA 214 -9.01 -58.94 -78.82
N LEU VA 215 -10.17 -58.65 -79.41
CA LEU VA 215 -10.22 -58.33 -80.83
C LEU VA 215 -9.41 -57.08 -81.13
N ASP VA 216 -9.55 -56.06 -80.27
CA ASP VA 216 -8.73 -54.85 -80.45
C ASP VA 216 -7.26 -55.16 -80.32
N LYS VA 217 -6.90 -56.01 -79.35
CA LYS VA 217 -5.51 -56.44 -79.22
C LYS VA 217 -5.05 -57.15 -80.48
N LYS VA 218 -5.89 -58.00 -81.05
CA LYS VA 218 -5.52 -58.71 -82.27
C LYS VA 218 -5.17 -57.72 -83.38
N PHE VA 219 -6.02 -56.70 -83.56
CA PHE VA 219 -5.78 -55.73 -84.63
C PHE VA 219 -4.46 -54.98 -84.41
N GLU VA 220 -4.18 -54.58 -83.16
CA GLU VA 220 -3.00 -53.76 -82.91
C GLU VA 220 -1.73 -54.47 -83.33
N GLN VA 221 -1.53 -55.70 -82.82
CA GLN VA 221 -0.36 -56.47 -83.25
C GLN VA 221 -0.47 -56.86 -84.71
N TRP VA 222 -1.67 -57.22 -85.17
CA TRP VA 222 -1.88 -57.57 -86.56
C TRP VA 222 -1.43 -56.45 -87.50
N GLU VA 223 -1.53 -55.20 -87.04
CA GLU VA 223 -1.12 -54.07 -87.87
C GLU VA 223 0.40 -53.92 -87.89
N GLU VA 224 1.06 -54.16 -86.75
CA GLU VA 224 2.48 -53.85 -86.65
C GLU VA 224 3.33 -54.72 -87.57
N GLN VA 225 2.91 -55.97 -87.81
CA GLN VA 225 3.73 -56.87 -88.60
C GLN VA 225 3.95 -56.33 -90.00
N GLN VA 226 2.90 -55.80 -90.63
CA GLN VA 226 3.07 -55.20 -91.95
C GLN VA 226 3.94 -53.95 -91.88
N ALA VA 227 3.75 -53.13 -90.83
CA ALA VA 227 4.53 -51.91 -90.71
C ALA VA 227 6.02 -52.21 -90.64
N VAL VA 228 6.41 -53.18 -89.80
CA VAL VA 228 7.81 -53.54 -89.71
C VAL VA 228 8.26 -54.27 -90.97
N GLU VA 229 7.42 -55.17 -91.49
CA GLU VA 229 7.77 -55.89 -92.71
C GLU VA 229 7.81 -54.96 -93.92
N ALA VA 230 6.83 -54.06 -94.01
CA ALA VA 230 6.84 -53.09 -95.10
C ALA VA 230 8.06 -52.19 -95.02
N THR VA 231 8.38 -51.71 -93.82
CA THR VA 231 9.62 -50.95 -93.64
C THR VA 231 10.83 -51.82 -93.92
N LEU VA 232 10.82 -53.07 -93.44
CA LEU VA 232 11.90 -54.00 -93.75
C LEU VA 232 11.91 -54.37 -95.23
N ALA VA 233 10.73 -54.51 -95.84
CA ALA VA 233 10.66 -54.77 -97.27
C ALA VA 233 11.27 -53.61 -98.05
N ALA VA 234 10.95 -52.38 -97.65
CA ALA VA 234 11.58 -51.21 -98.24
C ALA VA 234 13.01 -51.03 -97.77
N MET VA 235 13.38 -51.59 -96.62
CA MET VA 235 14.76 -51.49 -96.16
C MET VA 235 15.71 -52.10 -97.18
N LYS VA 236 15.44 -53.32 -97.62
CA LYS VA 236 16.25 -53.94 -98.66
C LYS VA 236 16.14 -53.16 -99.96
N ALA VA 237 14.92 -52.73 -100.32
CA ALA VA 237 14.72 -52.00 -101.56
C ALA VA 237 15.36 -50.63 -101.51
N ARG VA 238 15.14 -49.87 -100.43
CA ARG VA 238 15.70 -48.53 -100.34
C ARG VA 238 17.22 -48.57 -100.34
N ARG VA 239 17.81 -49.53 -99.60
CA ARG VA 239 19.25 -49.72 -99.65
C ARG VA 239 19.68 -50.31 -100.98
N SER VA 240 18.85 -51.19 -101.54
CA SER VA 240 19.16 -51.83 -102.81
C SER VA 240 17.89 -52.28 -103.52
N GLN WA 45 -47.44 3.30 54.94
CA GLN WA 45 -46.95 4.36 55.87
C GLN WA 45 -45.43 4.27 56.01
N GLU WA 46 -44.81 5.39 56.36
CA GLU WA 46 -43.37 5.49 56.54
C GLU WA 46 -43.06 5.74 58.01
N ALA WA 47 -41.77 5.85 58.32
CA ALA WA 47 -41.37 6.16 59.67
C ALA WA 47 -41.89 7.54 60.07
N PRO WA 48 -42.45 7.68 61.27
CA PRO WA 48 -43.03 8.98 61.65
C PRO WA 48 -42.02 10.12 61.60
N GLU WA 49 -40.76 9.86 61.97
CA GLU WA 49 -39.75 10.90 61.97
C GLU WA 49 -39.49 11.41 60.56
N ASP WA 50 -39.45 10.50 59.59
CA ASP WA 50 -39.14 10.91 58.22
C ASP WA 50 -40.18 11.89 57.68
N LEU WA 51 -41.46 11.64 57.98
CA LEU WA 51 -42.51 12.53 57.52
C LEU WA 51 -42.31 13.95 58.04
N LEU WA 52 -41.86 14.08 59.28
CA LEU WA 52 -41.77 15.39 59.90
C LEU WA 52 -40.87 16.33 59.10
N GLU WA 53 -39.70 15.84 58.68
CA GLU WA 53 -38.81 16.66 57.87
C GLU WA 53 -39.45 17.02 56.54
N ARG WA 54 -40.06 16.04 55.88
CA ARG WA 54 -40.68 16.29 54.58
C ARG WA 54 -41.87 17.22 54.71
N LEU WA 55 -42.68 17.05 55.76
CA LEU WA 55 -43.88 17.87 55.90
C LEU WA 55 -43.54 19.34 56.05
N LEU WA 56 -42.56 19.67 56.90
CA LEU WA 56 -42.20 21.06 57.11
C LEU WA 56 -41.63 21.69 55.85
N GLY WA 57 -40.84 20.94 55.10
CA GLY WA 57 -40.31 21.46 53.85
C GLY WA 57 -41.40 21.90 52.91
N GLU WA 58 -42.48 21.12 52.82
CA GLU WA 58 -43.63 21.54 52.04
C GLU WA 58 -44.30 22.76 52.66
N MET WA 59 -44.38 22.80 53.99
CA MET WA 59 -45.00 23.94 54.66
C MET WA 59 -44.25 25.23 54.38
N GLU WA 60 -42.92 25.20 54.49
CA GLU WA 60 -42.13 26.40 54.25
C GLU WA 60 -42.28 26.86 52.80
N LEU WA 61 -42.27 25.92 51.86
CA LEU WA 61 -42.42 26.28 50.47
C LEU WA 61 -43.75 26.97 50.22
N GLU WA 62 -44.82 26.49 50.84
CA GLU WA 62 -46.14 27.06 50.62
C GLU WA 62 -46.20 28.50 51.14
N LEU WA 63 -45.56 28.77 52.28
CA LEU WA 63 -45.73 30.06 52.93
C LEU WA 63 -45.26 31.20 52.06
N ILE WA 64 -44.10 31.04 51.41
CA ILE WA 64 -43.57 32.10 50.56
C ILE WA 64 -44.51 32.35 49.38
N GLU WA 65 -45.13 31.28 48.87
CA GLU WA 65 -46.09 31.45 47.79
C GLU WA 65 -47.24 32.34 48.23
N LEU WA 66 -47.72 32.14 49.46
CA LEU WA 66 -48.70 33.04 50.04
C LEU WA 66 -48.16 34.46 50.12
N ARG WA 67 -46.91 34.60 50.57
CA ARG WA 67 -46.32 35.93 50.68
C ARG WA 67 -46.26 36.61 49.32
N ARG WA 68 -45.87 35.88 48.28
CA ARG WA 68 -45.79 36.47 46.95
C ARG WA 68 -47.17 36.89 46.45
N ALA WA 69 -48.17 36.04 46.66
CA ALA WA 69 -49.50 36.32 46.15
C ALA WA 69 -50.09 37.58 46.78
N LEU WA 70 -49.94 37.72 48.10
CA LEU WA 70 -50.51 38.89 48.78
C LEU WA 70 -49.97 40.18 48.20
N ALA WA 71 -48.72 40.19 47.75
CA ALA WA 71 -48.16 41.41 47.16
C ALA WA 71 -48.94 41.85 45.94
N GLN WA 72 -49.32 40.89 45.09
CA GLN WA 72 -50.06 41.23 43.87
C GLN WA 72 -51.38 41.90 44.21
N THR WA 73 -52.02 41.47 45.30
CA THR WA 73 -53.25 42.14 45.74
C THR WA 73 -52.99 43.60 46.04
N ILE WA 74 -51.88 43.90 46.71
CA ILE WA 74 -51.57 45.28 47.07
C ILE WA 74 -51.39 46.12 45.81
N ALA WA 75 -50.80 45.54 44.76
CA ALA WA 75 -50.57 46.29 43.53
C ALA WA 75 -51.87 46.84 42.97
N THR WA 76 -52.89 45.99 42.84
CA THR WA 76 -54.17 46.44 42.32
C THR WA 76 -54.82 47.45 43.25
N PHE WA 77 -54.74 47.20 44.57
CA PHE WA 77 -55.30 48.14 45.53
C PHE WA 77 -54.67 49.52 45.38
N LYS WA 78 -53.35 49.58 45.17
CA LYS WA 78 -52.70 50.86 44.93
C LYS WA 78 -52.99 51.36 43.52
N SER WA 79 -52.99 50.45 42.53
CA SER WA 79 -53.14 50.87 41.14
C SER WA 79 -54.48 51.56 40.90
N THR WA 80 -55.57 50.95 41.38
CA THR WA 80 -56.88 51.55 41.19
C THR WA 80 -56.97 52.89 41.92
N GLU WA 81 -56.40 52.97 43.13
CA GLU WA 81 -56.44 54.22 43.87
C GLU WA 81 -55.75 55.34 43.09
N ARG WA 82 -54.59 55.05 42.49
CA ARG WA 82 -53.96 56.01 41.60
C ARG WA 82 -54.85 56.30 40.40
N GLN WA 83 -55.48 55.26 39.85
CA GLN WA 83 -56.40 55.46 38.73
C GLN WA 83 -57.57 56.33 39.14
N ARG WA 84 -58.07 56.15 40.36
CA ARG WA 84 -59.22 56.93 40.82
C ARG WA 84 -58.91 58.42 40.85
N ASP WA 85 -57.71 58.78 41.34
CA ASP WA 85 -57.35 60.19 41.42
C ASP WA 85 -57.34 60.86 40.06
N ALA WA 86 -57.02 60.10 39.01
CA ALA WA 86 -56.93 60.69 37.67
C ALA WA 86 -58.29 61.21 37.21
N GLN WA 87 -59.36 60.44 37.44
CA GLN WA 87 -60.66 60.83 36.94
C GLN WA 87 -61.14 62.13 37.57
N GLN WA 88 -61.06 62.23 38.90
CA GLN WA 88 -61.50 63.45 39.57
C GLN WA 88 -60.71 64.66 39.11
N LEU WA 89 -59.43 64.47 38.79
CA LEU WA 89 -58.63 65.56 38.26
C LEU WA 89 -59.22 66.07 36.95
N ILE WA 90 -59.65 65.16 36.08
CA ILE WA 90 -60.28 65.55 34.83
C ILE WA 90 -61.56 66.34 35.11
N ALA WA 91 -62.37 65.85 36.05
CA ALA WA 91 -63.60 66.57 36.41
C ALA WA 91 -63.28 67.96 36.92
N GLN WA 92 -62.19 68.08 37.69
CA GLN WA 92 -61.78 69.40 38.18
C GLN WA 92 -61.47 70.34 37.01
N ARG WA 93 -60.84 69.83 35.96
CA ARG WA 93 -60.53 70.65 34.80
C ARG WA 93 -61.80 71.25 34.20
N TRP WA 94 -62.83 70.42 34.01
CA TRP WA 94 -64.09 70.93 33.49
C TRP WA 94 -64.70 71.94 34.45
N TYR WA 95 -64.68 71.64 35.75
CA TYR WA 95 -65.20 72.58 36.72
C TYR WA 95 -64.41 73.88 36.70
N GLU WA 96 -63.09 73.79 36.65
CA GLU WA 96 -62.27 74.99 36.54
C GLU WA 96 -62.57 75.73 35.26
N LYS WA 97 -62.71 75.00 34.14
CA LYS WA 97 -63.07 75.63 32.88
C LYS WA 97 -64.45 76.28 32.98
N ALA WA 98 -65.40 75.58 33.61
CA ALA WA 98 -66.74 76.13 33.77
C ALA WA 98 -66.73 77.39 34.63
N GLN WA 99 -65.70 77.58 35.46
CA GLN WA 99 -65.65 78.76 36.31
C GLN WA 99 -65.64 80.03 35.48
N ALA WA 100 -64.83 80.06 34.42
CA ALA WA 100 -64.75 81.20 33.52
C ALA WA 100 -65.57 80.99 32.26
N ALA WA 101 -66.31 79.89 32.16
CA ALA WA 101 -67.12 79.63 30.98
C ALA WA 101 -68.14 80.74 30.77
N LEU WA 102 -68.86 81.10 31.84
CA LEU WA 102 -69.84 82.17 31.79
C LEU WA 102 -69.28 83.49 32.28
N ASP WA 103 -67.97 83.58 32.53
CA ASP WA 103 -67.38 84.85 32.93
C ASP WA 103 -67.67 85.93 31.91
N ARG WA 104 -67.78 85.56 30.63
CA ARG WA 104 -68.20 86.48 29.58
C ARG WA 104 -69.71 86.66 29.55
N GLY WA 105 -70.43 86.11 30.53
CA GLY WA 105 -71.87 86.05 30.48
C GLY WA 105 -72.42 84.85 29.74
N ASN WA 106 -71.57 83.94 29.29
CA ASN WA 106 -71.98 82.77 28.52
C ASN WA 106 -72.44 81.66 29.47
N GLU WA 107 -73.64 81.87 30.03
CA GLU WA 107 -74.21 80.88 30.95
C GLU WA 107 -74.53 79.57 30.25
N GLN WA 108 -74.95 79.63 28.99
CA GLN WA 108 -75.37 78.42 28.28
C GLN WA 108 -74.22 77.42 28.18
N LEU WA 109 -73.01 77.91 27.87
CA LEU WA 109 -71.88 77.00 27.72
C LEU WA 109 -71.57 76.28 29.01
N ALA WA 110 -71.61 77.00 30.14
CA ALA WA 110 -71.32 76.37 31.43
C ALA WA 110 -72.29 75.25 31.75
N ARG WA 111 -73.49 75.29 31.18
CA ARG WA 111 -74.46 74.23 31.43
C ARG WA 111 -73.92 72.87 30.99
N GLU WA 112 -73.30 72.83 29.81
CA GLU WA 112 -72.78 71.56 29.29
C GLU WA 112 -71.68 71.02 30.18
N ALA WA 113 -70.78 71.89 30.64
CA ALA WA 113 -69.65 71.44 31.44
C ALA WA 113 -70.11 70.76 32.72
N LEU WA 114 -70.98 71.42 33.49
CA LEU WA 114 -71.45 70.83 34.73
C LEU WA 114 -72.24 69.56 34.47
N GLY WA 115 -73.04 69.51 33.41
CA GLY WA 115 -73.69 68.27 33.04
C GLY WA 115 -72.70 67.20 32.63
N GLN WA 116 -71.62 67.60 31.95
CA GLN WA 116 -70.63 66.65 31.49
C GLN WA 116 -69.90 65.99 32.65
N ARG WA 117 -69.48 66.78 33.64
CA ARG WA 117 -68.67 66.26 34.73
C ARG WA 117 -69.41 65.29 35.63
N GLN WA 118 -70.74 65.27 35.58
CA GLN WA 118 -71.50 64.35 36.41
C GLN WA 118 -71.18 62.90 36.06
N SER WA 119 -71.05 62.61 34.77
CA SER WA 119 -70.70 61.25 34.36
C SER WA 119 -69.39 60.80 34.98
N TYR WA 120 -68.38 61.68 34.99
CA TYR WA 120 -67.11 61.34 35.61
C TYR WA 120 -67.28 61.11 37.12
N GLN WA 121 -68.09 61.95 37.76
CA GLN WA 121 -68.30 61.81 39.20
C GLN WA 121 -68.87 60.44 39.54
N SER WA 122 -69.70 59.89 38.65
CA SER WA 122 -70.28 58.57 38.91
C SER WA 122 -69.19 57.51 39.05
N HIS WA 123 -68.19 57.54 38.17
CA HIS WA 123 -67.11 56.57 38.27
C HIS WA 123 -66.33 56.74 39.57
N THR WA 124 -66.08 57.98 39.97
CA THR WA 124 -65.33 58.23 41.20
C THR WA 124 -66.06 57.64 42.40
N GLU WA 125 -67.37 57.85 42.47
CA GLU WA 125 -68.15 57.30 43.58
C GLU WA 125 -68.12 55.78 43.55
N ALA WA 126 -68.25 55.19 42.37
CA ALA WA 126 -68.25 53.74 42.26
C ALA WA 126 -66.92 53.15 42.71
N LEU WA 127 -65.81 53.77 42.32
CA LEU WA 127 -64.52 53.26 42.73
C LEU WA 127 -64.26 53.48 44.21
N GLY WA 128 -64.69 54.61 44.75
CA GLY WA 128 -64.47 54.86 46.18
C GLY WA 128 -65.10 53.78 47.04
N LYS WA 129 -66.31 53.34 46.69
CA LYS WA 129 -66.94 52.26 47.43
C LYS WA 129 -66.17 50.95 47.24
N SER WA 130 -65.70 50.69 46.03
CA SER WA 130 -65.00 49.44 45.75
C SER WA 130 -63.73 49.32 46.57
N LEU WA 131 -62.96 50.40 46.67
CA LEU WA 131 -61.74 50.36 47.48
C LEU WA 131 -62.05 50.19 48.96
N GLY WA 132 -63.17 50.75 49.41
CA GLY WA 132 -63.49 50.69 50.83
C GLY WA 132 -63.54 49.26 51.35
N GLU WA 133 -64.15 48.35 50.58
CA GLU WA 133 -64.23 46.96 51.01
C GLU WA 133 -62.87 46.27 50.85
N GLN WA 134 -62.14 46.57 49.78
CA GLN WA 134 -60.84 45.96 49.58
C GLN WA 134 -59.87 46.37 50.68
N ARG WA 135 -59.93 47.65 51.10
CA ARG WA 135 -58.96 48.15 52.06
C ARG WA 135 -59.01 47.35 53.36
N ALA WA 136 -60.21 47.09 53.87
CA ALA WA 136 -60.36 46.33 55.11
C ALA WA 136 -60.26 44.83 54.90
N LEU WA 137 -60.20 44.37 53.65
CA LEU WA 137 -60.13 42.94 53.39
C LEU WA 137 -58.69 42.44 53.46
N VAL WA 138 -57.76 43.13 52.76
CA VAL WA 138 -56.37 42.68 52.76
C VAL WA 138 -55.78 42.77 54.16
N GLU WA 139 -56.11 43.84 54.90
CA GLU WA 139 -55.58 44.01 56.25
C GLU WA 139 -55.86 42.78 57.09
N GLN WA 140 -57.03 42.17 56.90
CA GLN WA 140 -57.33 40.91 57.58
C GLN WA 140 -56.43 39.79 57.08
N VAL WA 141 -56.13 39.78 55.78
CA VAL WA 141 -55.27 38.74 55.23
C VAL WA 141 -53.88 38.82 55.84
N ARG WA 142 -53.33 40.04 55.93
CA ARG WA 142 -51.99 40.21 56.48
C ARG WA 142 -51.90 39.62 57.88
N GLY WA 143 -52.96 39.75 58.68
CA GLY WA 143 -52.94 39.18 60.01
C GLY WA 143 -52.77 37.68 60.00
N GLN WA 144 -53.46 36.99 59.09
CA GLN WA 144 -53.32 35.54 59.00
C GLN WA 144 -51.91 35.14 58.64
N LEU WA 145 -51.31 35.83 57.67
CA LEU WA 145 -49.95 35.49 57.26
C LEU WA 145 -48.97 35.72 58.40
N GLN WA 146 -49.07 36.87 59.08
CA GLN WA 146 -48.14 37.17 60.16
C GLN WA 146 -48.28 36.17 61.30
N LYS WA 147 -49.52 35.83 61.67
CA LYS WA 147 -49.73 34.86 62.73
C LYS WA 147 -49.18 33.50 62.32
N LEU WA 148 -49.40 33.10 61.06
CA LEU WA 148 -48.90 31.81 60.60
C LEU WA 148 -47.39 31.74 60.70
N GLU WA 149 -46.71 32.79 60.27
CA GLU WA 149 -45.25 32.81 60.34
C GLU WA 149 -44.76 32.67 61.78
N ARG WA 150 -45.41 33.38 62.71
CA ARG WA 150 -45.03 33.24 64.11
C ARG WA 150 -45.28 31.82 64.61
N LYS WA 151 -46.41 31.22 64.20
CA LYS WA 151 -46.70 29.85 64.59
C LYS WA 151 -45.75 28.86 63.93
N TYR WA 152 -45.25 29.19 62.73
CA TYR WA 152 -44.38 28.28 62.02
C TYR WA 152 -43.11 27.97 62.82
N LEU WA 153 -42.48 29.00 63.37
CA LEU WA 153 -41.20 28.82 64.04
C LEU WA 153 -41.34 27.93 65.28
N GLU WA 154 -42.43 28.10 66.03
CA GLU WA 154 -42.58 27.35 67.27
C GLU WA 154 -42.58 25.85 67.03
N LEU WA 155 -42.89 25.40 65.81
CA LEU WA 155 -42.81 23.98 65.49
C LEU WA 155 -41.39 23.55 65.19
N LYS WA 156 -40.71 24.30 64.32
CA LYS WA 156 -39.36 23.94 63.92
C LYS WA 156 -38.41 23.97 65.10
N SER WA 157 -38.58 24.93 66.01
CA SER WA 157 -37.70 25.03 67.16
C SER WA 157 -37.77 23.79 68.05
N GLN WA 158 -38.83 22.99 67.92
CA GLN WA 158 -38.97 21.78 68.72
C GLN WA 158 -38.65 20.51 67.94
N LYS WA 159 -38.73 20.54 66.60
CA LYS WA 159 -38.54 19.30 65.84
C LYS WA 159 -37.16 18.73 66.08
N ASN WA 160 -36.13 19.57 66.07
CA ASN WA 160 -34.77 19.08 66.32
C ASN WA 160 -34.66 18.46 67.70
N LEU WA 161 -35.37 19.03 68.70
CA LEU WA 161 -35.30 18.48 70.04
C LEU WA 161 -35.87 17.07 70.10
N TYR WA 162 -37.01 16.83 69.44
CA TYR WA 162 -37.60 15.51 69.45
C TYR WA 162 -36.70 14.48 68.78
N LEU WA 163 -36.11 14.83 67.64
CA LEU WA 163 -35.25 13.88 66.94
C LEU WA 163 -34.08 13.44 67.82
N ALA WA 164 -33.50 14.39 68.56
CA ALA WA 164 -32.38 14.05 69.44
C ALA WA 164 -32.81 13.02 70.47
N ARG WA 165 -33.97 13.22 71.09
CA ARG WA 165 -34.47 12.25 72.05
C ARG WA 165 -34.71 10.90 71.39
N LEU WA 166 -35.27 10.90 70.18
CA LEU WA 166 -35.52 9.66 69.47
C LEU WA 166 -34.22 8.93 69.17
N LYS WA 167 -33.20 9.65 68.72
CA LYS WA 167 -31.91 9.02 68.43
C LYS WA 167 -31.27 8.49 69.71
N SER WA 168 -31.48 9.19 70.83
CA SER WA 168 -30.88 8.76 72.09
C SER WA 168 -31.48 7.42 72.54
N ALA WA 169 -32.80 7.30 72.52
CA ALA WA 169 -33.44 6.10 73.04
C ALA WA 169 -33.25 4.92 72.10
N ILE WA 170 -33.41 5.14 70.79
CA ILE WA 170 -33.26 4.06 69.83
C ILE WA 170 -31.88 3.43 69.96
N ALA WA 171 -30.84 4.27 70.07
CA ALA WA 171 -29.49 3.76 70.27
C ALA WA 171 -29.39 3.00 71.58
N ALA WA 172 -30.01 3.53 72.65
CA ALA WA 172 -29.94 2.88 73.95
C ALA WA 172 -30.51 1.48 73.88
N GLN WA 173 -31.62 1.30 73.16
CA GLN WA 173 -32.18 -0.04 72.98
C GLN WA 173 -31.19 -0.94 72.26
N LYS WA 174 -30.52 -0.41 71.22
CA LYS WA 174 -29.55 -1.21 70.48
C LYS WA 174 -28.40 -1.64 71.37
N ILE WA 175 -27.92 -0.74 72.23
CA ILE WA 175 -26.81 -1.08 73.11
C ILE WA 175 -27.20 -2.17 74.10
N GLU WA 176 -28.38 -2.01 74.72
CA GLU WA 176 -28.75 -2.87 75.83
C GLU WA 176 -28.89 -4.33 75.39
N GLU WA 177 -29.51 -4.56 74.23
CA GLU WA 177 -29.69 -5.93 73.77
C GLU WA 177 -28.35 -6.63 73.55
N ILE WA 178 -27.28 -5.85 73.33
CA ILE WA 178 -25.94 -6.41 73.15
C ILE WA 178 -25.22 -6.40 74.50
N ALA WA 179 -25.97 -6.21 75.57
CA ALA WA 179 -25.36 -6.14 76.89
C ALA WA 179 -24.52 -7.39 77.18
N GLY WA 180 -24.92 -8.52 76.64
CA GLY WA 180 -24.18 -9.75 76.86
C GLY WA 180 -24.06 -10.08 78.32
N ASN WA 181 -25.17 -10.00 79.05
CA ASN WA 181 -25.14 -10.24 80.48
C ASN WA 181 -24.57 -11.63 80.78
N LEU WA 182 -23.63 -11.68 81.73
CA LEU WA 182 -23.01 -12.96 82.06
C LEU WA 182 -23.99 -13.89 82.76
N ASP WA 183 -24.99 -13.34 83.45
CA ASP WA 183 -25.89 -14.15 84.26
C ASP WA 183 -26.89 -14.95 83.45
N ASN WA 184 -27.08 -14.66 82.16
CA ASN WA 184 -28.12 -15.34 81.41
C ASN WA 184 -27.91 -16.85 81.38
N ALA WA 185 -26.71 -17.28 81.02
CA ALA WA 185 -26.37 -18.71 80.98
C ALA WA 185 -27.32 -19.46 80.07
N SER WA 186 -27.70 -18.83 78.96
CA SER WA 186 -28.65 -19.41 78.01
C SER WA 186 -28.29 -19.17 76.56
N ALA WA 187 -27.13 -18.57 76.28
CA ALA WA 187 -26.65 -18.17 74.95
C ALA WA 187 -27.35 -16.91 74.46
N SER WA 188 -28.31 -16.36 75.22
CA SER WA 188 -28.88 -15.06 74.85
C SER WA 188 -27.81 -13.99 74.90
N SER WA 189 -26.98 -14.00 75.93
CA SER WA 189 -25.78 -13.18 75.97
C SER WA 189 -24.68 -13.87 75.19
N LEU WA 190 -24.15 -13.19 74.18
CA LEU WA 190 -23.13 -13.81 73.34
C LEU WA 190 -21.91 -14.23 74.13
N PHE WA 191 -21.63 -13.57 75.26
CA PHE WA 191 -20.48 -13.94 76.08
C PHE WA 191 -20.67 -15.34 76.67
N GLU WA 192 -21.83 -15.59 77.29
CA GLU WA 192 -22.09 -16.91 77.84
C GLU WA 192 -22.14 -17.97 76.75
N ARG WA 193 -22.57 -17.60 75.55
CA ARG WA 193 -22.50 -18.53 74.43
C ARG WA 193 -21.05 -18.91 74.15
N ILE WA 194 -20.15 -17.93 74.20
CA ILE WA 194 -18.73 -18.22 74.05
C ILE WA 194 -18.26 -19.15 75.17
N GLU WA 195 -18.68 -18.86 76.41
CA GLU WA 195 -18.25 -19.68 77.53
C GLU WA 195 -18.68 -21.13 77.34
N THR WA 196 -19.89 -21.36 76.86
CA THR WA 196 -20.32 -22.72 76.55
C THR WA 196 -19.42 -23.34 75.48
N LYS WA 197 -19.03 -22.55 74.49
CA LYS WA 197 -18.14 -23.05 73.45
C LYS WA 197 -16.81 -23.50 74.03
N ILE WA 198 -16.27 -22.71 74.97
CA ILE WA 198 -14.97 -23.04 75.55
C ILE WA 198 -15.01 -24.40 76.22
N LEU WA 199 -16.01 -24.62 77.07
CA LEU WA 199 -16.08 -25.87 77.82
C LEU WA 199 -16.33 -27.06 76.89
N GLU WA 200 -16.99 -26.83 75.75
CA GLU WA 200 -17.23 -27.91 74.80
C GLU WA 200 -15.92 -28.51 74.33
N LEU WA 201 -14.96 -27.67 73.94
CA LEU WA 201 -13.68 -28.17 73.43
C LEU WA 201 -12.89 -28.86 74.53
N GLU WA 202 -12.77 -28.20 75.69
CA GLU WA 202 -12.00 -28.78 76.78
C GLU WA 202 -12.54 -30.15 77.17
N ALA WA 203 -13.85 -30.35 77.04
CA ALA WA 203 -14.44 -31.65 77.38
C ALA WA 203 -13.93 -32.74 76.44
N GLU WA 204 -13.83 -32.43 75.15
CA GLU WA 204 -13.40 -33.45 74.19
C GLU WA 204 -11.98 -33.91 74.47
N ARG WA 205 -11.08 -32.98 74.78
CA ARG WA 205 -9.67 -33.34 74.95
C ARG WA 205 -9.49 -34.28 76.13
N GLU WA 206 -10.11 -33.97 77.26
CA GLU WA 206 -9.93 -34.79 78.46
C GLU WA 206 -10.43 -36.21 78.22
N LEU WA 207 -11.59 -36.35 77.58
CA LEU WA 207 -12.14 -37.68 77.33
C LEU WA 207 -11.25 -38.46 76.36
N LEU WA 208 -10.79 -37.81 75.30
CA LEU WA 208 -9.98 -38.53 74.30
C LEU WA 208 -8.61 -38.87 74.86
N ASN WA 209 -8.16 -38.17 75.89
CA ASN WA 209 -6.89 -38.43 76.57
C ASN WA 209 -7.21 -38.61 78.05
N PRO WA 210 -7.62 -39.80 78.47
CA PRO WA 210 -8.02 -40.01 79.86
C PRO WA 210 -6.93 -39.51 80.81
N PRO WA 211 -7.23 -38.49 81.61
CA PRO WA 211 -6.24 -37.99 82.57
C PRO WA 211 -6.01 -38.99 83.67
N PRO WA 212 -4.91 -38.84 84.43
CA PRO WA 212 -4.60 -39.84 85.46
C PRO WA 212 -5.72 -39.93 86.50
N SER WA 213 -5.96 -41.15 86.97
CA SER WA 213 -6.93 -41.37 88.03
C SER WA 213 -6.43 -40.77 89.33
N PRO WA 214 -7.34 -40.39 90.23
CA PRO WA 214 -6.89 -39.84 91.53
C PRO WA 214 -6.02 -40.82 92.30
N LEU WA 215 -6.29 -42.13 92.18
CA LEU WA 215 -5.43 -43.11 92.84
C LEU WA 215 -4.00 -43.03 92.30
N ASP WA 216 -3.85 -42.89 90.98
CA ASP WA 216 -2.53 -42.72 90.41
C ASP WA 216 -1.87 -41.45 90.92
N LYS WA 217 -2.63 -40.37 91.01
CA LYS WA 217 -2.12 -39.13 91.59
C LYS WA 217 -1.66 -39.36 93.02
N LYS WA 218 -2.45 -40.10 93.80
CA LYS WA 218 -2.07 -40.37 95.18
C LYS WA 218 -0.71 -41.06 95.25
N PHE WA 219 -0.50 -42.07 94.41
CA PHE WA 219 0.76 -42.80 94.44
C PHE WA 219 1.94 -41.89 94.08
N GLU WA 220 1.76 -41.04 93.07
CA GLU WA 220 2.87 -40.24 92.58
C GLU WA 220 3.42 -39.33 93.69
N GLN WA 221 2.54 -38.55 94.32
CA GLN WA 221 2.98 -37.72 95.44
C GLN WA 221 3.38 -38.58 96.64
N TRP WA 222 2.62 -39.65 96.89
CA TRP WA 222 2.94 -40.56 97.97
C TRP WA 222 4.36 -41.10 97.86
N GLU WA 223 4.87 -41.24 96.63
CA GLU WA 223 6.22 -41.74 96.43
C GLU WA 223 7.26 -40.66 96.71
N GLU WA 224 6.98 -39.41 96.33
CA GLU WA 224 8.00 -38.37 96.39
C GLU WA 224 8.42 -38.06 97.82
N GLN WA 225 7.50 -38.18 98.78
CA GLN WA 225 7.82 -37.80 100.15
C GLN WA 225 8.97 -38.64 100.69
N GLN WA 226 8.95 -39.94 100.44
CA GLN WA 226 10.06 -40.78 100.88
C GLN WA 226 11.34 -40.43 100.13
N ALA WA 227 11.23 -40.15 98.83
CA ALA WA 227 12.42 -39.84 98.05
C ALA WA 227 13.12 -38.60 98.60
N VAL WA 228 12.35 -37.54 98.87
CA VAL WA 228 12.95 -36.33 99.43
C VAL WA 228 13.38 -36.57 100.87
N GLU WA 229 12.55 -37.26 101.65
CA GLU WA 229 12.89 -37.54 103.03
C GLU WA 229 14.08 -38.50 103.13
N ALA WA 230 14.08 -39.54 102.29
CA ALA WA 230 15.22 -40.46 102.28
C ALA WA 230 16.49 -39.74 101.86
N THR WA 231 16.41 -38.90 100.83
CA THR WA 231 17.55 -38.08 100.47
C THR WA 231 17.90 -37.10 101.59
N LEU WA 232 16.88 -36.49 102.18
CA LEU WA 232 17.13 -35.61 103.34
C LEU WA 232 17.61 -36.40 104.54
N ALA WA 233 17.08 -37.61 104.75
CA ALA WA 233 17.56 -38.45 105.83
C ALA WA 233 19.03 -38.79 105.63
N ALA WA 234 19.41 -39.12 104.38
CA ALA WA 234 20.81 -39.33 104.06
C ALA WA 234 21.59 -38.03 103.99
N MET WA 235 20.91 -36.90 103.76
CA MET WA 235 21.60 -35.61 103.74
C MET WA 235 22.30 -35.35 105.07
N LYS WA 236 21.57 -35.50 106.17
CA LYS WA 236 22.20 -35.35 107.48
C LYS WA 236 23.24 -36.44 107.71
N ALA WA 237 22.93 -37.68 107.32
CA ALA WA 237 23.85 -38.78 107.53
C ALA WA 237 25.08 -38.65 106.64
N ARG WA 238 24.89 -38.37 105.35
CA ARG WA 238 26.04 -38.26 104.46
C ARG WA 238 26.95 -37.11 104.87
N ARG WA 239 26.36 -35.97 105.24
CA ARG WA 239 27.16 -34.87 105.76
C ARG WA 239 27.68 -35.19 107.15
N SER WA 240 26.90 -35.90 107.95
CA SER WA 240 27.29 -36.26 109.30
C SER WA 240 26.57 -37.53 109.77
N GLN XA 45 -54.98 -5.45 -47.68
CA GLN XA 45 -54.47 -4.80 -48.92
C GLN XA 45 -53.65 -3.56 -48.58
N GLU XA 46 -52.74 -3.20 -49.46
CA GLU XA 46 -51.87 -2.04 -49.29
C GLU XA 46 -52.23 -0.98 -50.33
N ALA XA 47 -51.50 0.13 -50.28
CA ALA XA 47 -51.72 1.17 -51.27
C ALA XA 47 -51.38 0.64 -52.66
N PRO XA 48 -52.20 0.92 -53.68
CA PRO XA 48 -51.92 0.35 -55.01
C PRO XA 48 -50.58 0.77 -55.56
N GLU XA 49 -50.15 2.01 -55.28
CA GLU XA 49 -48.87 2.47 -55.80
C GLU XA 49 -47.71 1.68 -55.21
N ASP XA 50 -47.78 1.36 -53.92
CA ASP XA 50 -46.67 0.65 -53.27
C ASP XA 50 -46.46 -0.72 -53.91
N LEU XA 51 -47.55 -1.41 -54.24
CA LEU XA 51 -47.42 -2.73 -54.85
C LEU XA 51 -46.65 -2.65 -56.16
N LEU XA 52 -46.89 -1.59 -56.94
CA LEU XA 52 -46.32 -1.51 -58.28
C LEU XA 52 -44.80 -1.59 -58.23
N GLU XA 53 -44.17 -0.83 -57.31
CA GLU XA 53 -42.72 -0.88 -57.19
C GLU XA 53 -42.26 -2.27 -56.77
N ARG XA 54 -42.92 -2.85 -55.77
CA ARG XA 54 -42.53 -4.17 -55.29
C ARG XA 54 -42.74 -5.24 -56.35
N LEU XA 55 -43.86 -5.16 -57.08
CA LEU XA 55 -44.16 -6.20 -58.06
C LEU XA 55 -43.10 -6.25 -59.16
N LEU XA 56 -42.70 -5.09 -59.69
CA LEU XA 56 -41.71 -5.08 -60.77
C LEU XA 56 -40.36 -5.59 -60.28
N GLY XA 57 -39.99 -5.24 -59.05
CA GLY XA 57 -38.73 -5.75 -58.51
C GLY XA 57 -38.68 -7.26 -58.51
N GLU XA 58 -39.80 -7.90 -58.15
CA GLU XA 58 -39.87 -9.35 -58.25
C GLU XA 58 -39.81 -9.80 -59.69
N MET XA 59 -40.47 -9.07 -60.59
CA MET XA 59 -40.47 -9.45 -62.00
C MET XA 59 -39.07 -9.40 -62.59
N GLU XA 60 -38.32 -8.34 -62.30
CA GLU XA 60 -36.97 -8.23 -62.84
C GLU XA 60 -36.07 -9.33 -62.29
N LEU XA 61 -36.21 -9.64 -61.01
CA LEU XA 61 -35.39 -10.70 -60.41
C LEU XA 61 -35.67 -12.03 -61.09
N GLU XA 62 -36.93 -12.32 -61.40
CA GLU XA 62 -37.28 -13.59 -62.01
C GLU XA 62 -36.68 -13.72 -63.40
N LEU XA 63 -36.66 -12.63 -64.17
CA LEU XA 63 -36.28 -12.71 -65.58
C LEU XA 63 -34.84 -13.20 -65.73
N ILE XA 64 -33.92 -12.68 -64.91
CA ILE XA 64 -32.53 -13.10 -65.03
C ILE XA 64 -32.38 -14.57 -64.69
N GLU XA 65 -33.18 -15.06 -63.73
CA GLU XA 65 -33.16 -16.48 -63.41
C GLU XA 65 -33.54 -17.31 -64.62
N LEU XA 66 -34.55 -16.86 -65.38
CA LEU XA 66 -34.87 -17.50 -66.65
C LEU XA 66 -33.68 -17.43 -67.61
N ARG XA 67 -33.04 -16.27 -67.68
CA ARG XA 67 -31.89 -16.12 -68.58
C ARG XA 67 -30.78 -17.09 -68.21
N ARG XA 68 -30.50 -17.22 -66.91
CA ARG XA 68 -29.45 -18.13 -66.48
C ARG XA 68 -29.79 -19.57 -66.81
N ALA XA 69 -31.05 -19.96 -66.57
CA ALA XA 69 -31.44 -21.35 -66.79
C ALA XA 69 -31.31 -21.75 -68.25
N LEU XA 70 -31.77 -20.89 -69.15
CA LEU XA 70 -31.72 -21.20 -70.58
C LEU XA 70 -30.30 -21.51 -71.03
N ALA XA 71 -29.30 -20.86 -70.44
CA ALA XA 71 -27.92 -21.12 -70.82
C ALA XA 71 -27.54 -22.57 -70.55
N GLN XA 72 -27.96 -23.11 -69.40
CA GLN XA 72 -27.63 -24.48 -69.07
C GLN XA 72 -28.19 -25.45 -70.09
N THR XA 73 -29.38 -25.15 -70.64
CA THR XA 73 -29.93 -25.98 -71.70
C THR XA 73 -29.00 -26.01 -72.90
N ILE XA 74 -28.45 -24.85 -73.27
CA ILE XA 74 -27.56 -24.78 -74.43
C ILE XA 74 -26.32 -25.64 -74.20
N ALA XA 75 -25.82 -25.68 -72.97
CA ALA XA 75 -24.62 -26.46 -72.68
C ALA XA 75 -24.81 -27.92 -73.05
N THR XA 76 -25.91 -28.52 -72.60
CA THR XA 76 -26.17 -29.92 -72.91
C THR XA 76 -26.39 -30.11 -74.40
N PHE XA 77 -27.13 -29.20 -75.04
CA PHE XA 77 -27.35 -29.29 -76.47
C PHE XA 77 -26.02 -29.29 -77.23
N LYS XA 78 -25.09 -28.44 -76.81
CA LYS XA 78 -23.77 -28.46 -77.43
C LYS XA 78 -22.95 -29.65 -76.98
N SER XA 79 -23.04 -30.01 -75.69
CA SER XA 79 -22.20 -31.07 -75.15
C SER XA 79 -22.49 -32.40 -75.84
N THR XA 80 -23.77 -32.77 -75.96
CA THR XA 80 -24.12 -34.02 -76.61
C THR XA 80 -23.69 -34.02 -78.07
N GLU XA 81 -23.86 -32.89 -78.75
CA GLU XA 81 -23.45 -32.81 -80.15
C GLU XA 81 -21.97 -33.07 -80.30
N ARG XA 82 -21.15 -32.49 -79.42
CA ARG XA 82 -19.73 -32.82 -79.41
C ARG XA 82 -19.52 -34.29 -79.08
N GLN XA 83 -20.30 -34.81 -78.13
CA GLN XA 83 -20.20 -36.22 -77.79
C GLN XA 83 -20.57 -37.10 -78.98
N ARG XA 84 -21.59 -36.68 -79.74
CA ARG XA 84 -22.03 -37.47 -80.88
C ARG XA 84 -20.91 -37.62 -81.91
N ASP XA 85 -20.19 -36.54 -82.19
CA ASP XA 85 -19.13 -36.60 -83.19
C ASP XA 85 -18.05 -37.61 -82.81
N ALA XA 86 -17.82 -37.79 -81.51
CA ALA XA 86 -16.77 -38.70 -81.07
C ALA XA 86 -17.05 -40.13 -81.50
N GLN XA 87 -18.30 -40.58 -81.35
CA GLN XA 87 -18.63 -41.97 -81.63
C GLN XA 87 -18.41 -42.30 -83.11
N GLN XA 88 -18.93 -41.45 -84.00
CA GLN XA 88 -18.77 -41.72 -85.43
C GLN XA 88 -17.30 -41.74 -85.82
N LEU XA 89 -16.48 -40.91 -85.16
CA LEU XA 89 -15.05 -40.95 -85.43
C LEU XA 89 -14.46 -42.31 -85.12
N ILE XA 90 -14.90 -42.91 -84.00
CA ILE XA 90 -14.44 -44.26 -83.66
C ILE XA 90 -14.86 -45.25 -84.73
N ALA XA 91 -16.12 -45.15 -85.17
CA ALA XA 91 -16.59 -46.05 -86.22
C ALA XA 91 -15.78 -45.88 -87.49
N GLN XA 92 -15.39 -44.65 -87.80
CA GLN XA 92 -14.55 -44.40 -88.97
C GLN XA 92 -13.23 -45.13 -88.84
N ARG XA 93 -12.66 -45.16 -87.63
CA ARG XA 93 -11.38 -45.85 -87.43
C ARG XA 93 -11.51 -47.32 -87.80
N TRP XA 94 -12.57 -47.98 -87.33
CA TRP XA 94 -12.79 -49.38 -87.68
C TRP XA 94 -12.99 -49.53 -89.19
N TYR XA 95 -13.79 -48.65 -89.78
CA TYR XA 95 -14.00 -48.70 -91.22
C TYR XA 95 -12.69 -48.49 -91.97
N GLU XA 96 -11.89 -47.49 -91.53
CA GLU XA 96 -10.59 -47.28 -92.14
C GLU XA 96 -9.69 -48.49 -91.94
N LYS XA 97 -9.70 -49.06 -90.73
CA LYS XA 97 -8.93 -50.27 -90.49
C LYS XA 97 -9.43 -51.41 -91.36
N ALA XA 98 -10.75 -51.56 -91.49
CA ALA XA 98 -11.30 -52.61 -92.33
C ALA XA 98 -10.93 -52.43 -93.79
N GLN XA 99 -10.57 -51.20 -94.20
CA GLN XA 99 -10.22 -50.98 -95.59
C GLN XA 99 -9.01 -51.81 -95.99
N ALA XA 100 -7.99 -51.85 -95.14
CA ALA XA 100 -6.80 -52.66 -95.39
C ALA XA 100 -6.83 -53.99 -94.64
N ALA XA 101 -7.93 -54.30 -93.95
CA ALA XA 101 -8.02 -55.55 -93.21
C ALA XA 101 -7.86 -56.74 -94.14
N LEU XA 102 -8.59 -56.73 -95.26
CA LEU XA 102 -8.50 -57.78 -96.25
C LEU XA 102 -7.57 -57.42 -97.40
N ASP XA 103 -6.83 -56.32 -97.29
CA ASP XA 103 -5.86 -55.98 -98.32
C ASP XA 103 -4.87 -57.12 -98.54
N ARG XA 104 -4.56 -57.87 -97.49
CA ARG XA 104 -3.75 -59.07 -97.60
C ARG XA 104 -4.56 -60.27 -98.09
N GLY XA 105 -5.81 -60.06 -98.48
CA GLY XA 105 -6.72 -61.15 -98.77
C GLY XA 105 -7.45 -61.68 -97.55
N ASN XA 106 -7.27 -61.06 -96.38
CA ASN XA 106 -7.90 -61.52 -95.15
C ASN XA 106 -9.32 -60.98 -95.06
N GLU XA 107 -10.20 -61.59 -95.85
CA GLU XA 107 -11.60 -61.20 -95.86
C GLU XA 107 -12.28 -61.50 -94.54
N GLN XA 108 -11.90 -62.60 -93.88
CA GLN XA 108 -12.57 -63.00 -92.65
C GLN XA 108 -12.44 -61.93 -91.58
N LEU XA 109 -11.25 -61.35 -91.43
CA LEU XA 109 -11.04 -60.36 -90.39
C LEU XA 109 -11.92 -59.13 -90.61
N ALA XA 110 -12.05 -58.69 -91.86
CA ALA XA 110 -12.86 -57.51 -92.15
C ALA XA 110 -14.31 -57.73 -91.77
N ARG XA 111 -14.76 -58.99 -91.74
CA ARG XA 111 -16.15 -59.27 -91.36
C ARG XA 111 -16.44 -58.77 -89.96
N GLU XA 112 -15.52 -59.02 -89.01
CA GLU XA 112 -15.75 -58.59 -87.64
C GLU XA 112 -15.82 -57.07 -87.52
N ALA XA 113 -14.95 -56.36 -88.24
CA ALA XA 113 -14.92 -54.91 -88.12
C ALA XA 113 -16.24 -54.29 -88.56
N LEU XA 114 -16.72 -54.66 -89.75
CA LEU XA 114 -17.99 -54.10 -90.22
C LEU XA 114 -19.15 -54.49 -89.32
N GLY XA 115 -19.15 -55.72 -88.81
CA GLY XA 115 -20.15 -56.09 -87.83
C GLY XA 115 -20.01 -55.31 -86.54
N GLN XA 116 -18.77 -55.02 -86.14
CA GLN XA 116 -18.53 -54.31 -84.89
C GLN XA 116 -19.05 -52.87 -84.97
N ARG XA 117 -18.78 -52.18 -86.08
CA ARG XA 117 -19.12 -50.76 -86.19
C ARG XA 117 -20.62 -50.52 -86.23
N GLN XA 118 -21.43 -51.54 -86.51
CA GLN XA 118 -22.88 -51.34 -86.56
C GLN XA 118 -23.41 -50.92 -85.19
N SER XA 119 -22.88 -51.52 -84.12
CA SER XA 119 -23.32 -51.15 -82.78
C SER XA 119 -23.09 -49.66 -82.53
N TYR XA 120 -21.92 -49.15 -82.92
CA TYR XA 120 -21.65 -47.73 -82.76
C TYR XA 120 -22.61 -46.89 -83.59
N GLN XA 121 -22.90 -47.32 -84.82
CA GLN XA 121 -23.82 -46.56 -85.67
C GLN XA 121 -25.18 -46.41 -85.03
N SER XA 122 -25.62 -47.42 -84.26
CA SER XA 122 -26.91 -47.34 -83.60
C SER XA 122 -26.97 -46.15 -82.66
N HIS XA 123 -25.92 -45.94 -81.86
CA HIS XA 123 -25.90 -44.81 -80.95
C HIS XA 123 -25.94 -43.49 -81.71
N THR XA 124 -25.19 -43.40 -82.81
CA THR XA 124 -25.16 -42.16 -83.59
C THR XA 124 -26.56 -41.82 -84.10
N GLU XA 125 -27.28 -42.80 -84.63
CA GLU XA 125 -28.63 -42.56 -85.12
C GLU XA 125 -29.55 -42.14 -83.98
N ALA XA 126 -29.43 -42.81 -82.82
CA ALA XA 126 -30.29 -42.47 -81.69
C ALA XA 126 -30.06 -41.04 -81.22
N LEU XA 127 -28.79 -40.62 -81.16
CA LEU XA 127 -28.50 -39.26 -80.71
C LEU XA 127 -28.92 -38.23 -81.75
N GLY XA 128 -28.74 -38.53 -83.03
CA GLY XA 128 -29.13 -37.59 -84.07
C GLY XA 128 -30.60 -37.22 -83.99
N LYS XA 129 -31.45 -38.22 -83.74
CA LYS XA 129 -32.87 -37.95 -83.57
C LYS XA 129 -33.13 -37.14 -82.30
N SER XA 130 -32.41 -37.45 -81.23
CA SER XA 130 -32.63 -36.75 -79.96
C SER XA 130 -32.32 -35.27 -80.07
N LEU XA 131 -31.22 -34.93 -80.76
CA LEU XA 131 -30.87 -33.52 -80.92
C LEU XA 131 -31.87 -32.81 -81.81
N GLY XA 132 -32.44 -33.53 -82.78
CA GLY XA 132 -33.36 -32.89 -83.71
C GLY XA 132 -34.53 -32.23 -83.02
N GLU XA 133 -35.10 -32.89 -82.02
CA GLU XA 133 -36.22 -32.30 -81.29
C GLU XA 133 -35.74 -31.20 -80.35
N GLN XA 134 -34.59 -31.40 -79.71
CA GLN XA 134 -34.06 -30.37 -78.81
C GLN XA 134 -33.73 -29.09 -79.58
N ARG XA 135 -33.19 -29.23 -80.78
CA ARG XA 135 -32.73 -28.06 -81.53
C ARG XA 135 -33.88 -27.09 -81.78
N ALA XA 136 -35.03 -27.61 -82.21
CA ALA XA 136 -36.18 -26.77 -82.48
C ALA XA 136 -36.96 -26.40 -81.22
N LEU XA 137 -36.62 -26.99 -80.08
CA LEU XA 137 -37.34 -26.70 -78.84
C LEU XA 137 -36.79 -25.44 -78.16
N VAL XA 138 -35.47 -25.37 -78.00
CA VAL XA 138 -34.87 -24.21 -77.33
C VAL XA 138 -35.13 -22.95 -78.14
N GLU XA 139 -35.01 -23.04 -79.47
CA GLU XA 139 -35.23 -21.87 -80.32
C GLU XA 139 -36.59 -21.23 -80.02
N GLN XA 140 -37.60 -22.06 -79.74
CA GLN XA 140 -38.88 -21.53 -79.33
C GLN XA 140 -38.78 -20.84 -77.97
N VAL XA 141 -37.99 -21.40 -77.07
CA VAL XA 141 -37.84 -20.81 -75.74
C VAL XA 141 -37.22 -19.42 -75.84
N ARG XA 142 -36.16 -19.30 -76.66
CA ARG XA 142 -35.50 -18.00 -76.79
C ARG XA 142 -36.48 -16.92 -77.23
N GLY XA 143 -37.43 -17.27 -78.10
CA GLY XA 143 -38.42 -16.29 -78.52
C GLY XA 143 -39.25 -15.76 -77.38
N GLN XA 144 -39.67 -16.64 -76.47
CA GLN XA 144 -40.45 -16.20 -75.32
C GLN XA 144 -39.64 -15.25 -74.44
N LEU XA 145 -38.38 -15.58 -74.18
CA LEU XA 145 -37.56 -14.72 -73.34
C LEU XA 145 -37.36 -13.35 -73.98
N GLN XA 146 -37.03 -13.34 -75.28
CA GLN XA 146 -36.78 -12.07 -75.96
C GLN XA 146 -38.04 -11.21 -75.98
N LYS XA 147 -39.19 -11.83 -76.28
CA LYS XA 147 -40.44 -11.07 -76.28
C LYS XA 147 -40.76 -10.53 -74.90
N LEU XA 148 -40.54 -11.35 -73.87
CA LEU XA 148 -40.82 -10.91 -72.51
C LEU XA 148 -39.97 -9.70 -72.14
N GLU XA 149 -38.68 -9.73 -72.48
CA GLU XA 149 -37.81 -8.61 -72.16
C GLU XA 149 -38.29 -7.34 -72.85
N ARG XA 150 -38.68 -7.44 -74.12
CA ARG XA 150 -39.21 -6.27 -74.82
C ARG XA 150 -40.49 -5.78 -74.15
N LYS XA 151 -41.35 -6.70 -73.74
CA LYS XA 151 -42.58 -6.30 -73.06
C LYS XA 151 -42.30 -5.73 -71.68
N TYR XA 152 -41.21 -6.17 -71.04
CA TYR XA 152 -40.90 -5.70 -69.69
C TYR XA 152 -40.70 -4.19 -69.66
N LEU XA 153 -39.93 -3.67 -70.61
CA LEU XA 153 -39.58 -2.25 -70.59
C LEU XA 153 -40.80 -1.36 -70.75
N GLU XA 154 -41.73 -1.76 -71.62
CA GLU XA 154 -42.89 -0.93 -71.90
C GLU XA 154 -43.71 -0.65 -70.65
N LEU XA 155 -43.59 -1.50 -69.64
CA LEU XA 155 -44.29 -1.25 -68.37
C LEU XA 155 -43.52 -0.25 -67.52
N LYS XA 156 -42.21 -0.48 -67.34
CA LYS XA 156 -41.42 0.38 -66.47
C LYS XA 156 -41.38 1.81 -67.03
N SER XA 157 -41.32 1.96 -68.34
CA SER XA 157 -41.27 3.29 -68.93
C SER XA 157 -42.50 4.11 -68.60
N GLN XA 158 -43.60 3.47 -68.20
CA GLN XA 158 -44.82 4.17 -67.85
C GLN XA 158 -45.04 4.29 -66.35
N LYS XA 159 -44.44 3.42 -65.54
CA LYS XA 159 -44.73 3.43 -64.11
C LYS XA 159 -44.35 4.77 -63.49
N ASN XA 160 -43.19 5.31 -63.86
CA ASN XA 160 -42.77 6.59 -63.32
C ASN XA 160 -43.75 7.69 -63.72
N LEU XA 161 -44.31 7.61 -64.94
CA LEU XA 161 -45.25 8.62 -65.38
C LEU XA 161 -46.51 8.61 -64.52
N TYR XA 162 -47.04 7.43 -64.21
CA TYR XA 162 -48.25 7.36 -63.40
C TYR XA 162 -48.01 7.91 -61.99
N LEU XA 163 -46.88 7.55 -61.38
CA LEU XA 163 -46.60 8.04 -60.03
C LEU XA 163 -46.58 9.56 -59.98
N ALA XA 164 -45.98 10.19 -61.00
CA ALA XA 164 -45.93 11.65 -61.03
C ALA XA 164 -47.33 12.24 -61.03
N ARG XA 165 -48.22 11.69 -61.86
CA ARG XA 165 -49.59 12.16 -61.89
C ARG XA 165 -50.27 11.96 -60.54
N LEU XA 166 -50.03 10.80 -59.91
CA LEU XA 166 -50.62 10.53 -58.61
C LEU XA 166 -50.13 11.51 -57.56
N LYS XA 167 -48.83 11.80 -57.55
CA LYS XA 167 -48.30 12.76 -56.59
C LYS XA 167 -48.83 14.16 -56.86
N SER XA 168 -49.06 14.49 -58.13
CA SER XA 168 -49.58 15.82 -58.46
C SER XA 168 -50.99 16.02 -57.91
N ALA XA 169 -51.87 15.04 -58.15
CA ALA XA 169 -53.27 15.20 -57.76
C ALA XA 169 -53.44 15.10 -56.24
N ILE XA 170 -52.76 14.12 -55.62
CA ILE XA 170 -52.89 13.96 -54.17
C ILE XA 170 -52.49 15.25 -53.46
N ALA XA 171 -51.38 15.84 -53.88
CA ALA XA 171 -50.97 17.12 -53.30
C ALA XA 171 -52.01 18.20 -53.56
N ALA XA 172 -52.56 18.23 -54.77
CA ALA XA 172 -53.55 19.26 -55.11
C ALA XA 172 -54.76 19.17 -54.18
N GLN XA 173 -55.20 17.97 -53.87
CA GLN XA 173 -56.29 17.80 -52.91
C GLN XA 173 -55.90 18.34 -51.54
N LYS XA 174 -54.66 18.07 -51.12
CA LYS XA 174 -54.20 18.55 -49.82
C LYS XA 174 -54.19 20.09 -49.78
N ILE XA 175 -53.75 20.72 -50.86
CA ILE XA 175 -53.69 22.17 -50.90
C ILE XA 175 -55.09 22.77 -50.84
N GLU XA 176 -56.01 22.23 -51.63
CA GLU XA 176 -57.31 22.86 -51.79
C GLU XA 176 -58.08 22.88 -50.49
N GLU XA 177 -58.06 21.78 -49.74
CA GLU XA 177 -58.81 21.75 -48.48
C GLU XA 177 -58.31 22.81 -47.50
N ILE XA 178 -57.07 23.26 -47.66
CA ILE XA 178 -56.50 24.30 -46.81
C ILE XA 178 -56.69 25.65 -47.49
N ALA XA 179 -57.55 25.69 -48.51
CA ALA XA 179 -57.76 26.93 -49.24
C ALA XA 179 -58.15 28.07 -48.31
N GLY XA 180 -58.86 27.75 -47.22
CA GLY XA 180 -59.27 28.78 -46.28
C GLY XA 180 -60.10 29.85 -46.95
N ASN XA 181 -61.08 29.44 -47.73
CA ASN XA 181 -61.92 30.38 -48.47
C ASN XA 181 -62.57 31.37 -47.50
N LEU XA 182 -62.48 32.66 -47.83
CA LEU XA 182 -63.04 33.68 -46.96
C LEU XA 182 -64.57 33.63 -46.96
N ASP XA 183 -65.16 33.14 -48.05
CA ASP XA 183 -66.62 33.19 -48.19
C ASP XA 183 -67.36 32.16 -47.34
N ASN XA 184 -66.66 31.17 -46.77
CA ASN XA 184 -67.38 30.11 -46.06
C ASN XA 184 -68.17 30.67 -44.88
N ALA XA 185 -67.52 31.46 -44.04
CA ALA XA 185 -68.18 32.08 -42.89
C ALA XA 185 -68.81 31.02 -41.99
N SER XA 186 -68.12 29.89 -41.85
CA SER XA 186 -68.62 28.78 -41.05
C SER XA 186 -67.53 28.10 -40.21
N ALA XA 187 -66.31 28.63 -40.20
CA ALA XA 187 -65.14 28.08 -39.52
C ALA XA 187 -64.56 26.91 -40.31
N SER XA 188 -65.16 26.51 -41.43
CA SER XA 188 -64.53 25.50 -42.29
C SER XA 188 -63.21 26.03 -42.84
N SER XA 189 -63.21 27.29 -43.28
CA SER XA 189 -61.97 27.98 -43.62
C SER XA 189 -61.35 28.52 -42.33
N LEU XA 190 -60.11 28.12 -42.06
CA LEU XA 190 -59.47 28.53 -40.82
C LEU XA 190 -59.36 30.05 -40.71
N PHE XA 191 -59.31 30.75 -41.84
CA PHE XA 191 -59.24 32.21 -41.80
C PHE XA 191 -60.50 32.81 -41.21
N GLU XA 192 -61.66 32.38 -41.70
CA GLU XA 192 -62.91 32.89 -41.15
C GLU XA 192 -63.08 32.48 -39.70
N ARG XA 193 -62.55 31.32 -39.32
CA ARG XA 193 -62.55 30.96 -37.91
C ARG XA 193 -61.76 31.96 -37.09
N ILE XA 194 -60.62 32.41 -37.61
CA ILE XA 194 -59.85 33.47 -36.96
C ILE XA 194 -60.67 34.74 -36.87
N GLU XA 195 -61.34 35.10 -37.97
CA GLU XA 195 -62.14 36.33 -37.98
C GLU XA 195 -63.20 36.29 -36.90
N THR XA 196 -63.87 35.14 -36.73
CA THR XA 196 -64.83 35.02 -35.64
C THR XA 196 -64.15 35.22 -34.30
N LYS XA 197 -62.94 34.68 -34.14
CA LYS XA 197 -62.22 34.86 -32.89
C LYS XA 197 -61.94 36.33 -32.60
N ILE XA 198 -61.57 37.08 -33.64
CA ILE XA 198 -61.25 38.50 -33.45
C ILE XA 198 -62.45 39.25 -32.89
N LEU XA 199 -63.61 39.07 -33.52
CA LEU XA 199 -64.80 39.81 -33.09
C LEU XA 199 -65.24 39.39 -31.70
N GLU XA 200 -64.95 38.14 -31.31
CA GLU XA 200 -65.32 37.68 -29.98
C GLU XA 200 -64.68 38.55 -28.90
N LEU XA 201 -63.37 38.79 -29.04
CA LEU XA 201 -62.65 39.57 -28.03
C LEU XA 201 -63.11 41.02 -28.03
N GLU XA 202 -63.18 41.64 -29.22
CA GLU XA 202 -63.59 43.03 -29.30
C GLU XA 202 -64.96 43.24 -28.67
N ALA XA 203 -65.84 42.24 -28.78
CA ALA XA 203 -67.16 42.35 -28.18
C ALA XA 203 -67.09 42.46 -26.67
N GLU XA 204 -66.21 41.67 -26.04
CA GLU XA 204 -66.12 41.69 -24.58
C GLU XA 204 -65.67 43.05 -24.07
N ARG XA 205 -64.68 43.65 -24.72
CA ARG XA 205 -64.12 44.90 -24.23
C ARG XA 205 -65.17 46.01 -24.23
N GLU XA 206 -65.90 46.15 -25.34
CA GLU XA 206 -66.87 47.24 -25.44
C GLU XA 206 -67.95 47.11 -24.39
N LEU XA 207 -68.44 45.89 -24.16
CA LEU XA 207 -69.49 45.69 -23.16
C LEU XA 207 -68.97 45.98 -21.76
N LEU XA 208 -67.77 45.50 -21.43
CA LEU XA 208 -67.24 45.70 -20.09
C LEU XA 208 -66.87 47.15 -19.84
N ASN XA 209 -66.65 47.93 -20.91
CA ASN XA 209 -66.36 49.35 -20.82
C ASN XA 209 -67.37 50.06 -21.72
N PRO XA 210 -68.57 50.33 -21.22
CA PRO XA 210 -69.61 50.94 -22.04
C PRO XA 210 -69.09 52.19 -22.75
N PRO XA 211 -69.01 52.17 -24.08
CA PRO XA 211 -68.55 53.35 -24.80
C PRO XA 211 -69.56 54.48 -24.72
N PRO XA 212 -69.16 55.71 -25.03
CA PRO XA 212 -70.08 56.84 -24.89
C PRO XA 212 -71.33 56.65 -25.74
N SER XA 213 -72.46 57.10 -25.21
CA SER XA 213 -73.70 57.07 -25.97
C SER XA 213 -73.64 58.08 -27.11
N PRO XA 214 -74.40 57.84 -28.19
CA PRO XA 214 -74.41 58.81 -29.29
C PRO XA 214 -74.85 60.19 -28.86
N LEU XA 215 -75.76 60.28 -27.89
CA LEU XA 215 -76.16 61.59 -27.38
C LEU XA 215 -74.98 62.30 -26.74
N ASP XA 216 -74.17 61.58 -25.97
CA ASP XA 216 -72.97 62.18 -25.39
C ASP XA 216 -72.01 62.63 -26.49
N LYS XA 217 -71.86 61.81 -27.54
CA LYS XA 217 -71.04 62.22 -28.67
C LYS XA 217 -71.59 63.49 -29.30
N LYS XA 218 -72.91 63.58 -29.45
CA LYS XA 218 -73.51 64.77 -30.04
C LYS XA 218 -73.13 66.01 -29.24
N PHE XA 219 -73.23 65.94 -27.91
CA PHE XA 219 -72.91 67.09 -27.08
C PHE XA 219 -71.46 67.50 -27.23
N GLU XA 220 -70.55 66.53 -27.26
CA GLU XA 220 -69.13 66.85 -27.26
C GLU XA 220 -68.76 67.68 -28.50
N GLN XA 221 -69.11 67.19 -29.68
CA GLN XA 221 -68.86 67.97 -30.89
C GLN XA 221 -69.73 69.22 -30.92
N TRP XA 222 -70.98 69.10 -30.48
CA TRP XA 222 -71.87 70.26 -30.43
C TRP XA 222 -71.28 71.39 -29.61
N GLU XA 223 -70.47 71.07 -28.60
CA GLU XA 223 -69.85 72.09 -27.77
C GLU XA 223 -68.66 72.75 -28.48
N GLU XA 224 -67.88 71.96 -29.22
CA GLU XA 224 -66.63 72.47 -29.77
C GLU XA 224 -66.86 73.56 -30.81
N GLN XA 225 -67.96 73.49 -31.55
CA GLN XA 225 -68.19 74.46 -32.62
C GLN XA 225 -68.25 75.87 -32.07
N GLN XA 226 -68.96 76.07 -30.97
CA GLN XA 226 -69.01 77.39 -30.36
C GLN XA 226 -67.64 77.80 -29.82
N ALA XA 227 -66.91 76.85 -29.22
CA ALA XA 227 -65.60 77.18 -28.67
C ALA XA 227 -64.67 77.70 -29.74
N VAL XA 228 -64.60 77.01 -30.88
CA VAL XA 228 -63.75 77.45 -31.97
C VAL XA 228 -64.32 78.71 -32.61
N GLU XA 229 -65.65 78.75 -32.80
CA GLU XA 229 -66.27 79.94 -33.39
C GLU XA 229 -66.18 81.14 -32.46
N ALA XA 230 -66.42 80.91 -31.16
CA ALA XA 230 -66.29 82.00 -30.20
C ALA XA 230 -64.86 82.51 -30.15
N THR XA 231 -63.89 81.60 -30.13
CA THR XA 231 -62.50 82.01 -30.22
C THR XA 231 -62.21 82.67 -31.56
N LEU XA 232 -62.74 82.11 -32.64
CA LEU XA 232 -62.60 82.75 -33.95
C LEU XA 232 -63.37 84.05 -34.02
N ALA XA 233 -64.55 84.11 -33.39
CA ALA XA 233 -65.29 85.36 -33.35
C ALA XA 233 -64.50 86.43 -32.60
N ALA XA 234 -63.88 86.04 -31.49
CA ALA XA 234 -62.99 86.96 -30.77
C ALA XA 234 -61.66 87.14 -31.49
N MET XA 235 -61.26 86.19 -32.34
CA MET XA 235 -60.03 86.33 -33.09
C MET XA 235 -60.06 87.59 -33.96
N LYS XA 236 -61.14 87.76 -34.73
CA LYS XA 236 -61.29 88.98 -35.52
C LYS XA 236 -61.44 90.19 -34.61
N ALA XA 237 -62.21 90.05 -33.53
CA ALA XA 237 -62.43 91.17 -32.63
C ALA XA 237 -61.16 91.53 -31.85
N ARG XA 238 -60.49 90.53 -31.29
CA ARG XA 238 -59.28 90.81 -30.52
C ARG XA 238 -58.19 91.42 -31.40
N ARG XA 239 -58.02 90.89 -32.61
CA ARG XA 239 -57.10 91.51 -33.55
C ARG XA 239 -57.64 92.83 -34.07
N SER XA 240 -58.96 92.91 -34.25
CA SER XA 240 -59.59 94.14 -34.74
C SER XA 240 -61.04 94.22 -34.29
N GLN YA 45 -15.94 -70.90 22.01
CA GLN YA 45 -14.62 -71.44 22.45
C GLN YA 45 -13.51 -70.97 21.52
N GLU YA 46 -12.29 -70.92 22.05
CA GLU YA 46 -11.12 -70.48 21.31
C GLU YA 46 -10.18 -71.67 21.10
N ALA YA 47 -9.06 -71.41 20.44
CA ALA YA 47 -8.08 -72.46 20.25
C ALA YA 47 -7.53 -72.90 21.60
N PRO YA 48 -7.38 -74.21 21.84
CA PRO YA 48 -6.92 -74.65 23.16
C PRO YA 48 -5.56 -74.09 23.55
N GLU YA 49 -4.66 -73.94 22.58
CA GLU YA 49 -3.33 -73.42 22.88
C GLU YA 49 -3.39 -71.99 23.37
N ASP YA 50 -4.25 -71.17 22.77
CA ASP YA 50 -4.32 -69.76 23.15
C ASP YA 50 -4.75 -69.61 24.61
N LEU YA 51 -5.69 -70.43 25.05
CA LEU YA 51 -6.14 -70.35 26.44
C LEU YA 51 -4.98 -70.59 27.41
N LEU YA 52 -4.10 -71.52 27.07
CA LEU YA 52 -3.05 -71.92 27.99
C LEU YA 52 -2.18 -70.75 28.39
N GLU YA 53 -1.78 -69.94 27.42
CA GLU YA 53 -0.97 -68.76 27.73
C GLU YA 53 -1.75 -67.77 28.59
N ARG YA 54 -3.01 -67.52 28.23
CA ARG YA 54 -3.81 -66.57 28.97
C ARG YA 54 -4.10 -67.07 30.38
N LEU YA 55 -4.39 -68.37 30.52
CA LEU YA 55 -4.75 -68.91 31.83
C LEU YA 55 -3.60 -68.77 32.82
N LEU YA 56 -2.39 -69.10 32.41
CA LEU YA 56 -1.25 -69.02 33.33
C LEU YA 56 -0.97 -67.58 33.72
N GLY YA 57 -1.11 -66.64 32.78
CA GLY YA 57 -0.90 -65.25 33.12
C GLY YA 57 -1.82 -64.79 34.24
N GLU YA 58 -3.08 -65.23 34.20
CA GLU YA 58 -3.99 -64.95 35.31
C GLU YA 58 -3.53 -65.66 36.58
N MET YA 59 -3.05 -66.90 36.44
CA MET YA 59 -2.62 -67.65 37.62
C MET YA 59 -1.44 -66.98 38.30
N GLU YA 60 -0.45 -66.54 37.52
CA GLU YA 60 0.71 -65.88 38.11
C GLU YA 60 0.31 -64.58 38.80
N LEU YA 61 -0.57 -63.81 38.18
CA LEU YA 61 -1.03 -62.56 38.77
C LEU YA 61 -1.70 -62.81 40.12
N GLU YA 62 -2.52 -63.87 40.20
CA GLU YA 62 -3.23 -64.15 41.44
C GLU YA 62 -2.27 -64.51 42.57
N LEU YA 63 -1.21 -65.25 42.26
CA LEU YA 63 -0.35 -65.79 43.32
C LEU YA 63 0.31 -64.69 44.12
N ILE YA 64 0.80 -63.65 43.45
CA ILE YA 64 1.46 -62.56 44.18
C ILE YA 64 0.47 -61.84 45.07
N GLU YA 65 -0.79 -61.72 44.62
CA GLU YA 65 -1.81 -61.12 45.46
C GLU YA 65 -1.98 -61.92 46.75
N LEU YA 66 -1.97 -63.25 46.65
CA LEU YA 66 -1.95 -64.08 47.85
C LEU YA 66 -0.72 -63.80 48.69
N ARG YA 67 0.44 -63.68 48.05
CA ARG YA 67 1.68 -63.41 48.79
C ARG YA 67 1.57 -62.09 49.54
N ARG YA 68 1.05 -61.06 48.88
CA ARG YA 68 0.91 -59.76 49.54
C ARG YA 68 -0.05 -59.83 50.72
N ALA YA 69 -1.18 -60.51 50.55
CA ALA YA 69 -2.19 -60.55 51.60
C ALA YA 69 -1.65 -61.24 52.85
N LEU YA 70 -0.96 -62.37 52.68
CA LEU YA 70 -0.45 -63.10 53.83
C LEU YA 70 0.46 -62.23 54.70
N ALA YA 71 1.20 -61.30 54.08
CA ALA YA 71 2.07 -60.43 54.87
C ALA YA 71 1.27 -59.59 55.84
N GLN YA 72 0.12 -59.06 55.40
CA GLN YA 72 -0.69 -58.23 56.28
C GLN YA 72 -1.15 -59.02 57.50
N THR YA 73 -1.43 -60.30 57.33
CA THR YA 73 -1.78 -61.14 58.47
C THR YA 73 -0.65 -61.17 59.49
N ILE YA 74 0.59 -61.28 59.02
CA ILE YA 74 1.74 -61.35 59.92
C ILE YA 74 1.85 -60.06 60.71
N ALA YA 75 1.54 -58.92 60.09
CA ALA YA 75 1.67 -57.64 60.77
C ALA YA 75 0.81 -57.61 62.02
N THR YA 76 -0.46 -57.98 61.90
CA THR YA 76 -1.34 -57.99 63.06
C THR YA 76 -0.88 -59.00 64.10
N PHE YA 77 -0.46 -60.18 63.64
CA PHE YA 77 0.04 -61.20 64.57
C PHE YA 77 1.21 -60.68 65.38
N LYS YA 78 2.13 -59.95 64.73
CA LYS YA 78 3.23 -59.33 65.46
C LYS YA 78 2.75 -58.11 66.25
N SER YA 79 1.87 -57.31 65.67
CA SER YA 79 1.45 -56.07 66.31
C SER YA 79 0.79 -56.34 67.65
N THR YA 80 -0.17 -57.27 67.68
CA THR YA 80 -0.86 -57.56 68.92
C THR YA 80 0.11 -58.14 69.95
N GLU YA 81 1.03 -58.99 69.52
CA GLU YA 81 2.01 -59.56 70.45
C GLU YA 81 2.83 -58.46 71.10
N ARG YA 82 3.28 -57.49 70.32
CA ARG YA 82 3.94 -56.32 70.90
C ARG YA 82 3.00 -55.56 71.82
N GLN YA 83 1.74 -55.43 71.41
CA GLN YA 83 0.75 -54.77 72.25
C GLN YA 83 0.54 -55.53 73.56
N ARG YA 84 0.54 -56.86 73.48
CA ARG YA 84 0.33 -57.67 74.68
C ARG YA 84 1.41 -57.41 75.72
N ASP YA 85 2.67 -57.33 75.28
CA ASP YA 85 3.77 -57.14 76.22
C ASP YA 85 3.62 -55.82 76.98
N ALA YA 86 3.02 -54.80 76.35
CA ALA YA 86 2.89 -53.51 77.00
C ALA YA 86 2.03 -53.59 78.25
N GLN YA 87 0.91 -54.31 78.16
CA GLN YA 87 -0.02 -54.35 79.28
C GLN YA 87 0.61 -54.99 80.52
N GLN YA 88 1.24 -56.16 80.34
CA GLN YA 88 1.87 -56.83 81.48
C GLN YA 88 2.95 -55.96 82.10
N LEU YA 89 3.66 -55.17 81.29
CA LEU YA 89 4.65 -54.26 81.83
C LEU YA 89 4.00 -53.25 82.77
N ILE YA 90 2.83 -52.74 82.41
CA ILE YA 90 2.11 -51.82 83.29
C ILE YA 90 1.74 -52.51 84.59
N ALA YA 91 1.22 -53.75 84.49
CA ALA YA 91 0.89 -54.50 85.69
C ALA YA 91 2.10 -54.70 86.57
N GLN YA 92 3.26 -54.94 85.95
CA GLN YA 92 4.49 -55.08 86.72
C GLN YA 92 4.79 -53.81 87.51
N ARG YA 93 4.55 -52.65 86.91
CA ARG YA 93 4.80 -51.39 87.59
C ARG YA 93 3.99 -51.30 88.88
N TRP YA 94 2.70 -51.63 88.80
CA TRP YA 94 1.86 -51.63 89.99
C TRP YA 94 2.36 -52.65 91.01
N TYR YA 95 2.70 -53.84 90.54
CA TYR YA 95 3.23 -54.86 91.45
C TYR YA 95 4.53 -54.39 92.09
N GLU YA 96 5.42 -53.81 91.28
CA GLU YA 96 6.66 -53.27 91.83
C GLU YA 96 6.37 -52.15 92.81
N LYS YA 97 5.41 -51.27 92.46
CA LYS YA 97 5.02 -50.21 93.38
C LYS YA 97 4.42 -50.80 94.65
N ALA YA 98 3.57 -51.81 94.51
CA ALA YA 98 2.99 -52.46 95.68
C ALA YA 98 4.03 -53.11 96.56
N GLN YA 99 5.20 -53.42 96.02
CA GLN YA 99 6.24 -54.07 96.82
C GLN YA 99 6.65 -53.18 98.00
N ALA YA 100 6.85 -51.89 97.73
CA ALA YA 100 7.20 -50.92 98.76
C ALA YA 100 5.98 -50.13 99.26
N ALA YA 101 4.79 -50.46 98.76
CA ALA YA 101 3.59 -49.73 99.19
C ALA YA 101 3.40 -49.85 100.70
N LEU YA 102 3.49 -51.08 101.22
CA LEU YA 102 3.36 -51.33 102.64
C LEU YA 102 4.71 -51.43 103.34
N ASP YA 103 5.81 -51.11 102.64
CA ASP YA 103 7.11 -51.09 103.29
C ASP YA 103 7.12 -50.18 104.51
N ARG YA 104 6.34 -49.11 104.47
CA ARG YA 104 6.14 -48.25 105.63
C ARG YA 104 5.13 -48.81 106.61
N GLY YA 105 4.67 -50.05 106.40
CA GLY YA 105 3.57 -50.60 107.15
C GLY YA 105 2.20 -50.26 106.59
N ASN YA 106 2.14 -49.60 105.43
CA ASN YA 106 0.87 -49.18 104.83
C ASN YA 106 0.29 -50.34 104.02
N GLU YA 107 -0.26 -51.31 104.76
CA GLU YA 107 -0.87 -52.47 104.13
C GLU YA 107 -2.11 -52.09 103.34
N GLN YA 108 -2.88 -51.11 103.83
CA GLN YA 108 -4.13 -50.76 103.18
C GLN YA 108 -3.90 -50.29 101.74
N LEU YA 109 -2.88 -49.47 101.52
CA LEU YA 109 -2.62 -48.96 100.18
C LEU YA 109 -2.30 -50.09 99.21
N ALA YA 110 -1.49 -51.06 99.65
CA ALA YA 110 -1.12 -52.16 98.77
C ALA YA 110 -2.35 -52.96 98.34
N ARG YA 111 -3.43 -52.93 99.12
CA ARG YA 111 -4.63 -53.65 98.74
C ARG YA 111 -5.17 -53.16 97.41
N GLU YA 112 -5.20 -51.85 97.21
CA GLU YA 112 -5.74 -51.29 95.97
C GLU YA 112 -4.90 -51.70 94.77
N ALA YA 113 -3.58 -51.68 94.92
CA ALA YA 113 -2.70 -51.98 93.79
C ALA YA 113 -2.93 -53.40 93.29
N LEU YA 114 -2.88 -54.38 94.20
CA LEU YA 114 -3.09 -55.76 93.77
C LEU YA 114 -4.47 -55.97 93.20
N GLY YA 115 -5.49 -55.33 93.78
CA GLY YA 115 -6.82 -55.39 93.18
C GLY YA 115 -6.85 -54.71 91.82
N GLN YA 116 -6.10 -53.62 91.66
CA GLN YA 116 -6.10 -52.88 90.40
C GLN YA 116 -5.49 -53.71 89.28
N ARG YA 117 -4.36 -54.36 89.54
CA ARG YA 117 -3.63 -55.08 88.49
C ARG YA 117 -4.39 -56.28 87.97
N GLN YA 118 -5.39 -56.78 88.69
CA GLN YA 118 -6.13 -57.94 88.22
C GLN YA 118 -6.86 -57.63 86.91
N SER YA 119 -7.42 -56.42 86.80
CA SER YA 119 -8.09 -56.04 85.57
C SER YA 119 -7.14 -56.12 84.39
N TYR YA 120 -5.92 -55.63 84.55
CA TYR YA 120 -4.94 -55.72 83.47
C TYR YA 120 -4.62 -57.17 83.14
N GLN YA 121 -4.48 -58.01 84.16
CA GLN YA 121 -4.16 -59.41 83.92
C GLN YA 121 -5.22 -60.08 83.07
N SER YA 122 -6.48 -59.66 83.21
CA SER YA 122 -7.54 -60.27 82.42
C SER YA 122 -7.30 -60.06 80.93
N HIS YA 123 -6.89 -58.85 80.54
CA HIS YA 123 -6.61 -58.59 79.13
C HIS YA 123 -5.45 -59.44 78.64
N THR YA 124 -4.40 -59.57 79.46
CA THR YA 124 -3.25 -60.37 79.05
C THR YA 124 -3.65 -61.81 78.77
N GLU YA 125 -4.45 -62.40 79.66
CA GLU YA 125 -4.90 -63.76 79.45
C GLU YA 125 -5.76 -63.88 78.20
N ALA YA 126 -6.65 -62.91 77.98
CA ALA YA 126 -7.51 -62.96 76.81
C ALA YA 126 -6.69 -62.89 75.52
N LEU YA 127 -5.69 -62.01 75.48
CA LEU YA 127 -4.87 -61.90 74.28
C LEU YA 127 -3.99 -63.13 74.08
N GLY YA 128 -3.45 -63.69 75.16
CA GLY YA 128 -2.60 -64.87 75.03
C GLY YA 128 -3.33 -66.01 74.34
N LYS YA 129 -4.60 -66.23 74.71
CA LYS YA 129 -5.39 -67.26 74.05
C LYS YA 129 -5.64 -66.90 72.59
N SER YA 130 -5.90 -65.62 72.31
CA SER YA 130 -6.22 -65.21 70.95
C SER YA 130 -5.04 -65.46 70.01
N LEU YA 131 -3.82 -65.14 70.46
CA LEU YA 131 -2.64 -65.37 69.62
C LEU YA 131 -2.39 -66.85 69.42
N GLY YA 132 -2.72 -67.68 70.42
CA GLY YA 132 -2.45 -69.10 70.32
C GLY YA 132 -3.09 -69.73 69.10
N GLU YA 133 -4.34 -69.37 68.81
CA GLU YA 133 -5.01 -69.92 67.64
C GLU YA 133 -4.49 -69.30 66.36
N GLN YA 134 -4.20 -67.99 66.37
CA GLN YA 134 -3.66 -67.34 65.18
C GLN YA 134 -2.30 -67.91 64.82
N ARG YA 135 -1.46 -68.19 65.83
CA ARG YA 135 -0.10 -68.62 65.55
C ARG YA 135 -0.08 -69.89 64.72
N ALA YA 136 -0.90 -70.88 65.08
CA ALA YA 136 -0.96 -72.14 64.35
C ALA YA 136 -1.82 -72.05 63.10
N LEU YA 137 -2.52 -70.94 62.88
CA LEU YA 137 -3.37 -70.81 61.71
C LEU YA 137 -2.58 -70.33 60.50
N VAL YA 138 -1.80 -69.27 60.67
CA VAL YA 138 -1.03 -68.73 59.55
C VAL YA 138 -0.01 -69.76 59.06
N GLU YA 139 0.64 -70.45 60.00
CA GLU YA 139 1.64 -71.44 59.64
C GLU YA 139 1.06 -72.45 58.65
N GLN YA 140 -0.21 -72.82 58.82
CA GLN YA 140 -0.87 -73.67 57.85
C GLN YA 140 -1.03 -72.96 56.51
N VAL YA 141 -1.33 -71.66 56.54
CA VAL YA 141 -1.50 -70.91 55.30
C VAL YA 141 -0.20 -70.89 54.51
N ARG YA 142 0.92 -70.63 55.19
CA ARG YA 142 2.19 -70.57 54.50
C ARG YA 142 2.48 -71.86 53.75
N GLY YA 143 2.09 -73.00 54.31
CA GLY YA 143 2.30 -74.26 53.62
C GLY YA 143 1.57 -74.33 52.29
N GLN YA 144 0.32 -73.86 52.26
CA GLN YA 144 -0.44 -73.86 51.02
C GLN YA 144 0.23 -72.99 49.96
N LEU YA 145 0.67 -71.80 50.35
CA LEU YA 145 1.32 -70.90 49.38
C LEU YA 145 2.60 -71.53 48.85
N GLN YA 146 3.44 -72.07 49.75
CA GLN YA 146 4.71 -72.63 49.31
C GLN YA 146 4.47 -73.83 48.39
N LYS YA 147 3.53 -74.70 48.73
CA LYS YA 147 3.24 -75.85 47.88
C LYS YA 147 2.71 -75.39 46.53
N LEU YA 148 1.84 -74.38 46.52
CA LEU YA 148 1.29 -73.87 45.27
C LEU YA 148 2.39 -73.35 44.36
N GLU YA 149 3.33 -72.58 44.91
CA GLU YA 149 4.42 -72.05 44.11
C GLU YA 149 5.25 -73.18 43.49
N ARG YA 150 5.55 -74.21 44.29
CA ARG YA 150 6.28 -75.36 43.74
C ARG YA 150 5.49 -76.04 42.64
N LYS YA 151 4.18 -76.18 42.83
CA LYS YA 151 3.34 -76.79 41.81
C LYS YA 151 3.21 -75.90 40.58
N TYR YA 152 3.30 -74.58 40.77
CA TYR YA 152 3.13 -73.66 39.65
C TYR YA 152 4.20 -73.90 38.58
N LEU YA 153 5.45 -74.05 38.98
CA LEU YA 153 6.54 -74.16 38.02
C LEU YA 153 6.42 -75.41 37.17
N GLU YA 154 6.01 -76.53 37.79
CA GLU YA 154 5.95 -77.79 37.06
C GLU YA 154 5.02 -77.73 35.86
N LEU YA 155 4.07 -76.79 35.87
CA LEU YA 155 3.20 -76.60 34.72
C LEU YA 155 3.88 -75.78 33.64
N LYS YA 156 4.45 -74.64 34.01
CA LYS YA 156 5.07 -73.77 33.03
C LYS YA 156 6.25 -74.45 32.33
N SER YA 157 7.01 -75.25 33.08
CA SER YA 157 8.16 -75.94 32.50
C SER YA 157 7.75 -76.88 31.38
N GLN YA 158 6.48 -77.28 31.32
CA GLN YA 158 5.99 -78.17 30.28
C GLN YA 158 5.21 -77.46 29.19
N LYS YA 159 4.66 -76.28 29.47
CA LYS YA 159 3.81 -75.63 28.48
C LYS YA 159 4.57 -75.34 27.20
N ASN YA 160 5.80 -74.84 27.33
CA ASN YA 160 6.61 -74.56 26.15
C ASN YA 160 6.88 -75.82 25.35
N LEU YA 161 7.07 -76.96 26.04
CA LEU YA 161 7.33 -78.20 25.35
C LEU YA 161 6.13 -78.63 24.50
N TYR YA 162 4.92 -78.51 25.04
CA TYR YA 162 3.74 -78.90 24.27
C TYR YA 162 3.56 -78.02 23.04
N LEU YA 163 3.74 -76.71 23.18
CA LEU YA 163 3.56 -75.82 22.05
C LEU YA 163 4.51 -76.18 20.91
N ALA YA 164 5.75 -76.53 21.24
CA ALA YA 164 6.71 -76.91 20.21
C ALA YA 164 6.22 -78.12 19.42
N ARG YA 165 5.72 -79.13 20.14
CA ARG YA 165 5.18 -80.31 19.47
C ARG YA 165 3.99 -79.94 18.60
N LEU YA 166 3.12 -79.06 19.10
CA LEU YA 166 1.96 -78.63 18.33
C LEU YA 166 2.37 -77.90 17.06
N LYS YA 167 3.35 -77.00 17.16
CA LYS YA 167 3.82 -76.29 15.98
C LYS YA 167 4.49 -77.23 14.99
N SER YA 168 5.16 -78.27 15.50
CA SER YA 168 5.83 -79.22 14.62
C SER YA 168 4.82 -79.99 13.78
N ALA YA 169 3.79 -80.53 14.42
CA ALA YA 169 2.83 -81.38 13.71
C ALA YA 169 1.94 -80.56 12.79
N ILE YA 170 1.44 -79.41 13.26
CA ILE YA 170 0.57 -78.59 12.44
C ILE YA 170 1.27 -78.20 11.15
N ALA YA 171 2.55 -77.79 11.25
CA ALA YA 171 3.32 -77.48 10.05
C ALA YA 171 3.47 -78.71 9.16
N ALA YA 172 3.73 -79.87 9.78
CA ALA YA 172 3.91 -81.09 8.99
C ALA YA 172 2.68 -81.40 8.17
N GLN YA 173 1.49 -81.22 8.75
CA GLN YA 173 0.27 -81.40 7.99
C GLN YA 173 0.19 -80.43 6.82
N LYS YA 174 0.58 -79.18 7.05
CA LYS YA 174 0.55 -78.18 5.99
C LYS YA 174 1.48 -78.56 4.85
N ILE YA 175 2.67 -79.06 5.18
CA ILE YA 175 3.64 -79.43 4.15
C ILE YA 175 3.12 -80.61 3.34
N GLU YA 176 2.59 -81.63 4.01
CA GLU YA 176 2.27 -82.87 3.31
C GLU YA 176 1.17 -82.67 2.29
N GLU YA 177 0.14 -81.89 2.61
CA GLU YA 177 -0.94 -81.68 1.66
C GLU YA 177 -0.45 -81.01 0.39
N ILE YA 178 0.68 -80.30 0.47
CA ILE YA 178 1.27 -79.64 -0.69
C ILE YA 178 2.32 -80.57 -1.30
N ALA YA 179 2.30 -81.84 -0.89
CA ALA YA 179 3.29 -82.78 -1.39
C ALA YA 179 3.32 -82.81 -2.92
N GLY YA 180 2.17 -82.60 -3.54
CA GLY YA 180 2.10 -82.62 -5.00
C GLY YA 180 2.57 -83.93 -5.57
N ASN YA 181 2.09 -85.03 -5.00
CA ASN YA 181 2.52 -86.35 -5.44
C ASN YA 181 2.27 -86.52 -6.93
N LEU YA 182 3.29 -87.01 -7.65
CA LEU YA 182 3.16 -87.18 -9.09
C LEU YA 182 2.19 -88.30 -9.43
N ASP YA 183 2.03 -89.28 -8.53
CA ASP YA 183 1.23 -90.46 -8.83
C ASP YA 183 -0.27 -90.22 -8.81
N ASN YA 184 -0.74 -89.09 -8.26
CA ASN YA 184 -2.18 -88.89 -8.12
C ASN YA 184 -2.88 -88.93 -9.47
N ALA YA 185 -2.38 -88.15 -10.43
CA ALA YA 185 -2.96 -88.12 -11.77
C ALA YA 185 -4.44 -87.75 -11.72
N SER YA 186 -4.79 -86.83 -10.82
CA SER YA 186 -6.17 -86.43 -10.63
C SER YA 186 -6.32 -84.93 -10.40
N ALA YA 187 -5.25 -84.14 -10.49
CA ALA YA 187 -5.20 -82.71 -10.23
C ALA YA 187 -5.19 -82.43 -8.73
N SER YA 188 -5.27 -83.45 -7.86
CA SER YA 188 -5.11 -83.22 -6.44
C SER YA 188 -3.69 -82.72 -6.14
N SER YA 189 -2.69 -83.32 -6.78
CA SER YA 189 -1.34 -82.79 -6.77
C SER YA 189 -1.24 -81.71 -7.82
N LEU YA 190 -0.85 -80.50 -7.40
CA LEU YA 190 -0.79 -79.39 -8.33
C LEU YA 190 0.17 -79.65 -9.48
N PHE YA 191 1.18 -80.49 -9.27
CA PHE YA 191 2.12 -80.81 -10.34
C PHE YA 191 1.43 -81.55 -11.47
N GLU YA 192 0.69 -82.61 -11.14
CA GLU YA 192 -0.03 -83.35 -12.16
C GLU YA 192 -1.09 -82.49 -12.84
N ARG YA 193 -1.67 -81.54 -12.09
CA ARG YA 193 -2.58 -80.59 -12.72
C ARG YA 193 -1.85 -79.77 -13.78
N ILE YA 194 -0.61 -79.36 -13.49
CA ILE YA 194 0.20 -78.68 -14.49
C ILE YA 194 0.44 -79.59 -15.68
N GLU YA 195 0.79 -80.85 -15.42
CA GLU YA 195 1.07 -81.78 -16.50
C GLU YA 195 -0.13 -81.92 -17.43
N THR YA 196 -1.33 -82.00 -16.86
CA THR YA 196 -2.53 -82.02 -17.69
C THR YA 196 -2.64 -80.75 -18.53
N LYS YA 197 -2.30 -79.61 -17.94
CA LYS YA 197 -2.34 -78.35 -18.67
C LYS YA 197 -1.38 -78.39 -19.86
N ILE YA 198 -0.18 -78.94 -19.67
CA ILE YA 198 0.80 -78.96 -20.75
C ILE YA 198 0.26 -79.73 -21.95
N LEU YA 199 -0.26 -80.93 -21.71
CA LEU YA 199 -0.74 -81.76 -22.81
C LEU YA 199 -1.95 -81.13 -23.50
N GLU YA 200 -2.73 -80.34 -22.76
CA GLU YA 200 -3.90 -79.69 -23.36
C GLU YA 200 -3.47 -78.78 -24.51
N LEU YA 201 -2.44 -77.96 -24.28
CA LEU YA 201 -1.99 -77.03 -25.31
C LEU YA 201 -1.37 -77.77 -26.49
N GLU YA 202 -0.46 -78.70 -26.21
CA GLU YA 202 0.19 -79.44 -27.28
C GLU YA 202 -0.82 -80.14 -28.17
N ALA YA 203 -1.95 -80.58 -27.58
CA ALA YA 203 -2.97 -81.24 -28.37
C ALA YA 203 -3.58 -80.30 -29.40
N GLU YA 204 -3.84 -79.06 -29.00
CA GLU YA 204 -4.48 -78.10 -29.91
C GLU YA 204 -3.59 -77.83 -31.13
N ARG YA 205 -2.28 -77.65 -30.91
CA ARG YA 205 -1.40 -77.28 -32.00
C ARG YA 205 -1.35 -78.36 -33.06
N GLU YA 206 -1.18 -79.62 -32.64
CA GLU YA 206 -1.06 -80.70 -33.62
C GLU YA 206 -2.31 -80.83 -34.46
N LEU YA 207 -3.48 -80.73 -33.83
CA LEU YA 207 -4.72 -80.85 -34.58
C LEU YA 207 -4.90 -79.70 -35.56
N LEU YA 208 -4.61 -78.48 -35.11
CA LEU YA 208 -4.81 -77.32 -35.98
C LEU YA 208 -3.79 -77.30 -37.11
N ASN YA 209 -2.67 -77.98 -36.94
CA ASN YA 209 -1.63 -78.11 -37.96
C ASN YA 209 -1.38 -79.59 -38.17
N PRO YA 210 -2.20 -80.26 -38.99
CA PRO YA 210 -2.06 -81.70 -39.17
C PRO YA 210 -0.63 -82.08 -39.50
N PRO YA 211 0.05 -82.83 -38.63
CA PRO YA 211 1.43 -83.24 -38.91
C PRO YA 211 1.46 -84.25 -40.05
N PRO YA 212 2.62 -84.47 -40.65
CA PRO YA 212 2.68 -85.40 -41.80
C PRO YA 212 2.22 -86.79 -41.42
N SER YA 213 1.55 -87.44 -42.37
CA SER YA 213 1.12 -88.80 -42.17
C SER YA 213 2.32 -89.74 -42.17
N PRO YA 214 2.23 -90.89 -41.50
CA PRO YA 214 3.36 -91.83 -41.50
C PRO YA 214 3.74 -92.28 -42.90
N LEU YA 215 2.77 -92.40 -43.81
CA LEU YA 215 3.08 -92.74 -45.19
C LEU YA 215 3.96 -91.66 -45.83
N ASP YA 216 3.64 -90.39 -45.59
CA ASP YA 216 4.48 -89.31 -46.10
C ASP YA 216 5.87 -89.39 -45.49
N LYS YA 217 5.96 -89.68 -44.19
CA LYS YA 217 7.27 -89.88 -43.56
C LYS YA 217 8.02 -91.01 -44.23
N LYS YA 218 7.33 -92.11 -44.52
CA LYS YA 218 7.99 -93.24 -45.17
C LYS YA 218 8.62 -92.82 -46.49
N PHE YA 219 7.87 -92.06 -47.31
CA PHE YA 219 8.40 -91.65 -48.61
C PHE YA 219 9.62 -90.76 -48.45
N GLU YA 220 9.58 -89.82 -47.50
CA GLU YA 220 10.67 -88.85 -47.37
C GLU YA 220 12.00 -89.55 -47.11
N GLN YA 221 12.05 -90.41 -46.09
CA GLN YA 221 13.26 -91.16 -45.83
C GLN YA 221 13.52 -92.16 -46.94
N TRP YA 222 12.47 -92.81 -47.44
CA TRP YA 222 12.62 -93.76 -48.54
C TRP YA 222 13.30 -93.13 -49.75
N GLU YA 223 13.11 -91.82 -49.94
CA GLU YA 223 13.74 -91.14 -51.06
C GLU YA 223 15.22 -90.85 -50.80
N GLU YA 224 15.56 -90.50 -49.56
CA GLU YA 224 16.92 -90.04 -49.28
C GLU YA 224 17.95 -91.14 -49.48
N GLN YA 225 17.59 -92.40 -49.22
CA GLN YA 225 18.56 -93.48 -49.31
C GLN YA 225 19.14 -93.59 -50.72
N GLN YA 226 18.29 -93.50 -51.74
CA GLN YA 226 18.80 -93.53 -53.10
C GLN YA 226 19.64 -92.29 -53.41
N ALA YA 227 19.21 -91.12 -52.91
CA ALA YA 227 19.96 -89.90 -53.18
C ALA YA 227 21.37 -89.99 -52.64
N VAL YA 228 21.53 -90.44 -51.39
CA VAL YA 228 22.86 -90.59 -50.82
C VAL YA 228 23.59 -91.75 -51.47
N GLU YA 229 22.90 -92.87 -51.71
CA GLU YA 229 23.54 -94.01 -52.36
C GLU YA 229 23.89 -93.70 -53.80
N ALA YA 230 22.97 -93.05 -54.53
CA ALA YA 230 23.28 -92.66 -55.90
C ALA YA 230 24.45 -91.70 -55.95
N THR YA 231 24.47 -90.71 -55.05
CA THR YA 231 25.63 -89.83 -54.95
C THR YA 231 26.86 -90.62 -54.52
N LEU YA 232 26.71 -91.52 -53.55
CA LEU YA 232 27.82 -92.38 -53.15
C LEU YA 232 28.19 -93.36 -54.25
N ALA YA 233 27.20 -93.87 -54.99
CA ALA YA 233 27.50 -94.74 -56.12
C ALA YA 233 28.30 -93.99 -57.17
N ALA YA 234 27.90 -92.74 -57.45
CA ALA YA 234 28.69 -91.90 -58.35
C ALA YA 234 29.97 -91.39 -57.69
N MET YA 235 30.02 -91.34 -56.36
CA MET YA 235 31.23 -90.92 -55.69
C MET YA 235 32.40 -91.82 -56.06
N LYS YA 236 32.23 -93.13 -55.96
CA LYS YA 236 33.26 -94.06 -56.40
C LYS YA 236 33.49 -93.95 -57.90
N ALA YA 237 32.41 -93.83 -58.67
CA ALA YA 237 32.55 -93.76 -60.12
C ALA YA 237 33.18 -92.43 -60.56
N ARG YA 238 32.70 -91.31 -60.01
CA ARG YA 238 33.25 -90.02 -60.41
C ARG YA 238 34.72 -89.92 -60.03
N ARG YA 239 35.08 -90.38 -58.83
CA ARG YA 239 36.48 -90.42 -58.46
C ARG YA 239 37.23 -91.50 -59.23
N SER YA 240 36.55 -92.62 -59.51
CA SER YA 240 37.16 -93.72 -60.24
C SER YA 240 36.10 -94.55 -60.94
N GLN ZA 45 -66.08 18.40 35.33
CA GLN ZA 45 -65.80 19.80 35.78
C GLN ZA 45 -64.38 19.94 36.29
N GLU ZA 46 -63.84 21.14 36.22
CA GLU ZA 46 -62.50 21.46 36.67
C GLU ZA 46 -62.57 22.35 37.90
N ALA ZA 47 -61.38 22.72 38.40
CA ALA ZA 47 -61.34 23.63 39.53
C ALA ZA 47 -61.92 24.98 39.13
N PRO ZA 48 -62.76 25.59 39.97
CA PRO ZA 48 -63.39 26.85 39.57
C PRO ZA 48 -62.39 27.95 39.26
N GLU ZA 49 -61.27 27.99 39.99
CA GLU ZA 49 -60.27 29.03 39.74
C GLU ZA 49 -59.65 28.89 38.37
N ASP ZA 50 -59.38 27.66 37.94
CA ASP ZA 50 -58.73 27.45 36.65
C ASP ZA 50 -59.59 27.98 35.51
N LEU ZA 51 -60.91 27.77 35.59
CA LEU ZA 51 -61.79 28.25 34.53
C LEU ZA 51 -61.70 29.76 34.40
N LEU ZA 52 -61.58 30.47 35.51
CA LEU ZA 52 -61.63 31.93 35.48
C LEU ZA 52 -60.54 32.51 34.57
N GLU ZA 53 -59.31 31.99 34.70
CA GLU ZA 53 -58.23 32.46 33.84
C GLU ZA 53 -58.52 32.13 32.38
N ARG ZA 54 -58.95 30.90 32.11
CA ARG ZA 54 -59.22 30.49 30.73
C ARG ZA 54 -60.39 31.27 30.15
N LEU ZA 55 -61.43 31.49 30.94
CA LEU ZA 55 -62.62 32.16 30.41
C LEU ZA 55 -62.31 33.58 29.96
N LEU ZA 56 -61.56 34.33 30.77
CA LEU ZA 56 -61.25 35.72 30.40
C LEU ZA 56 -60.37 35.78 29.17
N GLY ZA 57 -59.42 34.85 29.05
CA GLY ZA 57 -58.58 34.82 27.86
C GLY ZA 57 -59.40 34.69 26.59
N GLU ZA 58 -60.43 33.84 26.62
CA GLU ZA 58 -61.35 33.76 25.49
C GLU ZA 58 -62.12 35.06 25.32
N MET ZA 59 -62.54 35.67 26.42
CA MET ZA 59 -63.29 36.92 26.34
C MET ZA 59 -62.47 38.03 25.70
N GLU ZA 60 -61.21 38.18 26.12
CA GLU ZA 60 -60.37 39.22 25.55
C GLU ZA 60 -60.14 38.99 24.07
N LEU ZA 61 -59.91 37.73 23.67
CA LEU ZA 61 -59.69 37.42 22.28
C LEU ZA 61 -60.90 37.79 21.44
N GLU ZA 62 -62.11 37.53 21.95
CA GLU ZA 62 -63.32 37.82 21.20
C GLU ZA 62 -63.49 39.32 20.98
N LEU ZA 63 -63.15 40.13 21.98
CA LEU ZA 63 -63.46 41.56 21.93
C LEU ZA 63 -62.76 42.24 20.76
N ILE ZA 64 -61.48 41.92 20.55
CA ILE ZA 64 -60.73 42.55 19.46
C ILE ZA 64 -61.34 42.15 18.12
N GLU ZA 65 -61.82 40.92 18.01
CA GLU ZA 65 -62.49 40.49 16.78
C GLU ZA 65 -63.70 41.37 16.50
N LEU ZA 66 -64.47 41.68 17.54
CA LEU ZA 66 -65.55 42.64 17.40
C LEU ZA 66 -65.03 44.00 16.95
N ARG ZA 67 -63.92 44.45 17.57
CA ARG ZA 67 -63.36 45.74 17.20
C ARG ZA 67 -62.94 45.76 15.73
N ARG ZA 68 -62.31 44.69 15.26
CA ARG ZA 68 -61.89 44.63 13.87
C ARG ZA 68 -63.10 44.64 12.93
N ALA ZA 69 -64.14 43.88 13.26
CA ALA ZA 69 -65.29 43.78 12.37
C ALA ZA 69 -65.99 45.12 12.22
N LEU ZA 70 -66.18 45.85 13.32
CA LEU ZA 70 -66.88 47.13 13.26
C LEU ZA 70 -66.20 48.09 12.29
N ALA ZA 71 -64.87 48.02 12.19
CA ALA ZA 71 -64.16 48.91 11.27
C ALA ZA 71 -64.60 48.67 9.83
N GLN ZA 72 -64.76 47.40 9.45
CA GLN ZA 72 -65.17 47.10 8.08
C GLN ZA 72 -66.53 47.71 7.75
N THR ZA 73 -67.43 47.75 8.74
CA THR ZA 73 -68.71 48.41 8.53
C THR ZA 73 -68.51 49.89 8.20
N ILE ZA 74 -67.60 50.55 8.90
CA ILE ZA 74 -67.37 51.97 8.65
C ILE ZA 74 -66.86 52.19 7.23
N ALA ZA 75 -66.04 51.26 6.72
CA ALA ZA 75 -65.49 51.41 5.38
C ALA ZA 75 -66.60 51.53 4.34
N THR ZA 76 -67.56 50.61 4.38
CA THR ZA 76 -68.67 50.66 3.43
C THR ZA 76 -69.51 51.90 3.63
N PHE ZA 77 -69.78 52.27 4.88
CA PHE ZA 77 -70.54 53.47 5.17
C PHE ZA 77 -69.87 54.70 4.56
N LYS ZA 78 -68.54 54.79 4.66
CA LYS ZA 78 -67.83 55.90 4.02
C LYS ZA 78 -67.74 55.69 2.52
N SER ZA 79 -67.51 54.45 2.08
CA SER ZA 79 -67.29 54.19 0.66
C SER ZA 79 -68.51 54.57 -0.17
N THR ZA 80 -69.70 54.13 0.26
CA THR ZA 80 -70.92 54.45 -0.48
C THR ZA 80 -71.17 55.96 -0.47
N GLU ZA 81 -70.92 56.62 0.65
CA GLU ZA 81 -71.11 58.06 0.73
C GLU ZA 81 -70.24 58.79 -0.29
N ARG ZA 82 -68.98 58.37 -0.40
CA ARG ZA 82 -68.12 58.91 -1.45
C ARG ZA 82 -68.66 58.55 -2.83
N GLN ZA 83 -69.16 57.32 -2.99
CA GLN ZA 83 -69.77 56.91 -4.25
C GLN ZA 83 -70.99 57.75 -4.57
N ARG ZA 84 -71.79 58.08 -3.55
CA ARG ZA 84 -73.00 58.86 -3.76
C ARG ZA 84 -72.66 60.23 -4.34
N ASP ZA 85 -71.63 60.89 -3.81
CA ASP ZA 85 -71.28 62.22 -4.29
C ASP ZA 85 -70.92 62.21 -5.76
N ALA ZA 86 -70.35 61.10 -6.25
CA ALA ZA 86 -69.93 61.04 -7.65
C ALA ZA 86 -71.12 61.18 -8.59
N GLN ZA 87 -72.22 60.49 -8.29
CA GLN ZA 87 -73.35 60.49 -9.21
C GLN ZA 87 -73.95 61.88 -9.36
N GLN ZA 88 -74.21 62.57 -8.24
CA GLN ZA 88 -74.78 63.90 -8.32
C GLN ZA 88 -73.87 64.85 -9.08
N LEU ZA 89 -72.56 64.66 -8.97
CA LEU ZA 89 -71.63 65.49 -9.74
C LEU ZA 89 -71.86 65.30 -11.23
N ILE ZA 90 -72.08 64.06 -11.66
CA ILE ZA 90 -72.37 63.81 -13.07
C ILE ZA 90 -73.66 64.50 -13.48
N ALA ZA 91 -74.70 64.41 -12.64
CA ALA ZA 91 -75.96 65.08 -12.94
C ALA ZA 91 -75.76 66.58 -13.04
N GLN ZA 92 -74.90 67.14 -12.19
CA GLN ZA 92 -74.59 68.56 -12.27
C GLN ZA 92 -73.99 68.92 -13.63
N ARG ZA 93 -73.12 68.05 -14.15
CA ARG ZA 93 -72.51 68.31 -15.45
C ARG ZA 93 -73.58 68.46 -16.54
N TRP ZA 94 -74.54 67.53 -16.56
CA TRP ZA 94 -75.63 67.64 -17.53
C TRP ZA 94 -76.44 68.89 -17.31
N TYR ZA 95 -76.75 69.20 -16.04
CA TYR ZA 95 -77.48 70.42 -15.74
C TYR ZA 95 -76.69 71.65 -16.17
N GLU ZA 96 -75.40 71.68 -15.86
CA GLU ZA 96 -74.56 72.78 -16.30
C GLU ZA 96 -74.51 72.84 -17.83
N LYS ZA 97 -74.38 71.69 -18.48
CA LYS ZA 97 -74.41 71.66 -19.94
C LYS ZA 97 -75.75 72.15 -20.46
N ALA ZA 98 -76.84 71.70 -19.84
CA ALA ZA 98 -78.17 72.14 -20.25
C ALA ZA 98 -78.36 73.64 -20.08
N GLN ZA 99 -77.57 74.28 -19.20
CA GLN ZA 99 -77.71 75.71 -19.00
C GLN ZA 99 -77.46 76.49 -20.29
N ALA ZA 100 -76.41 76.12 -21.02
CA ALA ZA 100 -76.09 76.74 -22.29
C ALA ZA 100 -76.58 75.92 -23.48
N ALA ZA 101 -77.28 74.83 -23.23
CA ALA ZA 101 -77.77 73.99 -24.33
C ALA ZA 101 -78.69 74.79 -25.25
N LEU ZA 102 -79.65 75.51 -24.66
CA LEU ZA 102 -80.57 76.34 -25.40
C LEU ZA 102 -80.13 77.80 -25.45
N ASP ZA 103 -78.92 78.11 -24.97
CA ASP ZA 103 -78.43 79.48 -25.06
C ASP ZA 103 -78.43 79.98 -26.50
N ARG ZA 104 -78.23 79.06 -27.45
CA ARG ZA 104 -78.36 79.38 -28.87
C ARG ZA 104 -79.80 79.38 -29.33
N GLY ZA 105 -80.75 79.25 -28.41
CA GLY ZA 105 -82.14 79.03 -28.75
C GLY ZA 105 -82.50 77.58 -28.98
N ASN ZA 106 -81.58 76.65 -28.75
CA ASN ZA 106 -81.81 75.23 -28.99
C ASN ZA 106 -82.51 74.62 -27.77
N GLU ZA 107 -83.81 74.93 -27.67
CA GLU ZA 107 -84.60 74.39 -26.56
C GLU ZA 107 -84.76 72.88 -26.65
N GLN ZA 108 -84.85 72.34 -27.86
CA GLN ZA 108 -85.09 70.92 -28.02
C GLN ZA 108 -83.98 70.09 -27.39
N LEU ZA 109 -82.72 70.50 -27.59
CA LEU ZA 109 -81.60 69.74 -27.06
C LEU ZA 109 -81.64 69.69 -25.54
N ALA ZA 110 -81.96 70.83 -24.91
CA ALA ZA 110 -82.00 70.88 -23.44
C ALA ZA 110 -83.04 69.91 -22.89
N ARG ZA 111 -84.07 69.58 -23.68
CA ARG ZA 111 -85.08 68.65 -23.20
C ARG ZA 111 -84.47 67.30 -22.84
N GLU ZA 112 -83.57 66.80 -23.71
CA GLU ZA 112 -82.97 65.49 -23.46
C GLU ZA 112 -82.13 65.51 -22.19
N ALA ZA 113 -81.37 66.58 -21.97
CA ALA ZA 113 -80.48 66.63 -20.81
C ALA ZA 113 -81.26 66.54 -19.51
N LEU ZA 114 -82.28 67.40 -19.36
CA LEU ZA 114 -83.07 67.37 -18.14
C LEU ZA 114 -83.78 66.04 -17.95
N GLY ZA 115 -84.28 65.45 -19.04
CA GLY ZA 115 -84.84 64.12 -18.95
C GLY ZA 115 -83.80 63.09 -18.59
N GLN ZA 116 -82.57 63.25 -19.11
CA GLN ZA 116 -81.52 62.28 -18.84
C GLN ZA 116 -81.11 62.28 -17.37
N ARG ZA 117 -80.95 63.47 -16.78
CA ARG ZA 117 -80.45 63.57 -15.41
C ARG ZA 117 -81.41 63.01 -14.38
N GLN ZA 118 -82.68 62.85 -14.72
CA GLN ZA 118 -83.64 62.32 -13.76
C GLN ZA 118 -83.27 60.90 -13.34
N SER ZA 119 -82.82 60.08 -14.29
CA SER ZA 119 -82.41 58.72 -13.96
C SER ZA 119 -81.30 58.73 -12.91
N TYR ZA 120 -80.31 59.62 -13.07
CA TYR ZA 120 -79.25 59.72 -12.07
C TYR ZA 120 -79.80 60.16 -10.73
N GLN ZA 121 -80.73 61.11 -10.73
CA GLN ZA 121 -81.29 61.59 -9.47
C GLN ZA 121 -81.96 60.46 -8.70
N SER ZA 122 -82.53 59.49 -9.41
CA SER ZA 122 -83.19 58.38 -8.72
C SER ZA 122 -82.19 57.61 -7.87
N HIS ZA 123 -81.00 57.34 -8.41
CA HIS ZA 123 -79.99 56.62 -7.64
C HIS ZA 123 -79.56 57.43 -6.42
N THR ZA 124 -79.40 58.74 -6.58
CA THR ZA 124 -78.98 59.57 -5.45
C THR ZA 124 -80.00 59.51 -4.32
N GLU ZA 125 -81.29 59.60 -4.65
CA GLU ZA 125 -82.32 59.52 -3.62
C GLU ZA 125 -82.32 58.15 -2.96
N ALA ZA 126 -82.16 57.09 -3.75
CA ALA ZA 126 -82.15 55.74 -3.18
C ALA ZA 126 -80.99 55.56 -2.21
N LEU ZA 127 -79.81 56.05 -2.58
CA LEU ZA 127 -78.66 55.89 -1.69
C LEU ZA 127 -78.78 56.77 -0.45
N GLY ZA 128 -79.32 57.98 -0.61
CA GLY ZA 128 -79.47 58.85 0.56
C GLY ZA 128 -80.31 58.21 1.65
N LYS ZA 129 -81.40 57.55 1.27
CA LYS ZA 129 -82.21 56.83 2.24
C LYS ZA 129 -81.44 55.66 2.84
N SER ZA 130 -80.68 54.94 2.03
CA SER ZA 130 -79.96 53.78 2.51
C SER ZA 130 -78.93 54.15 3.58
N LEU ZA 131 -78.20 55.24 3.35
CA LEU ZA 131 -77.22 55.67 4.34
C LEU ZA 131 -77.90 56.15 5.62
N GLY ZA 132 -79.09 56.74 5.50
CA GLY ZA 132 -79.76 57.26 6.68
C GLY ZA 132 -79.96 56.22 7.76
N GLU ZA 133 -80.38 55.01 7.36
CA GLU ZA 133 -80.58 53.95 8.35
C GLU ZA 133 -79.24 53.40 8.85
N GLN ZA 134 -78.26 53.27 7.95
CA GLN ZA 134 -76.95 52.76 8.36
C GLN ZA 134 -76.29 53.72 9.33
N ARG ZA 135 -76.43 55.03 9.11
CA ARG ZA 135 -75.72 56.00 9.94
C ARG ZA 135 -76.11 55.86 11.41
N ALA ZA 136 -77.40 55.73 11.69
CA ALA ZA 136 -77.87 55.59 13.06
C ALA ZA 136 -77.76 54.16 13.58
N LEU ZA 137 -77.39 53.21 12.73
CA LEU ZA 137 -77.27 51.83 13.17
C LEU ZA 137 -75.91 51.55 13.78
N VAL ZA 138 -74.83 51.95 13.09
CA VAL ZA 138 -73.49 51.69 13.61
C VAL ZA 138 -73.27 52.45 14.92
N GLU ZA 139 -73.75 53.69 14.99
CA GLU ZA 139 -73.58 54.48 16.20
C GLU ZA 139 -74.09 53.73 17.42
N GLN ZA 140 -75.18 52.98 17.26
CA GLN ZA 140 -75.66 52.13 18.34
C GLN ZA 140 -74.68 51.01 18.62
N VAL ZA 141 -74.07 50.45 17.57
CA VAL ZA 141 -73.11 49.36 17.77
C VAL ZA 141 -71.91 49.85 18.58
N ARG ZA 142 -71.40 51.03 18.23
CA ARG ZA 142 -70.23 51.55 18.95
C ARG ZA 142 -70.50 51.65 20.44
N GLY ZA 143 -71.73 52.01 20.83
CA GLY ZA 143 -72.05 52.10 22.24
C GLY ZA 143 -71.91 50.76 22.95
N GLN ZA 144 -72.37 49.69 22.31
CA GLN ZA 144 -72.24 48.37 22.92
C GLN ZA 144 -70.78 47.99 23.12
N LEU ZA 145 -69.95 48.23 22.10
CA LEU ZA 145 -68.53 47.88 22.22
C LEU ZA 145 -67.87 48.70 23.33
N GLN ZA 146 -68.12 50.00 23.37
CA GLN ZA 146 -67.49 50.84 24.38
C GLN ZA 146 -67.93 50.44 25.79
N LYS ZA 147 -69.22 50.18 25.97
CA LYS ZA 147 -69.70 49.76 27.27
C LYS ZA 147 -69.10 48.41 27.66
N LEU ZA 148 -69.01 47.49 26.71
CA LEU ZA 148 -68.43 46.18 27.01
C LEU ZA 148 -66.98 46.31 27.48
N GLU ZA 149 -66.19 47.14 26.79
CA GLU ZA 149 -64.80 47.31 27.18
C GLU ZA 149 -64.70 47.87 28.60
N ARG ZA 150 -65.54 48.85 28.93
CA ARG ZA 150 -65.54 49.39 30.29
C ARG ZA 150 -65.92 48.31 31.29
N LYS ZA 151 -66.93 47.49 30.95
CA LYS ZA 151 -67.33 46.41 31.85
C LYS ZA 151 -66.27 45.32 31.93
N TYR ZA 152 -65.47 45.15 30.87
CA TYR ZA 152 -64.46 44.10 30.87
C TYR ZA 152 -63.45 44.30 31.99
N LEU ZA 153 -62.96 45.53 32.15
CA LEU ZA 153 -61.89 45.79 33.12
C LEU ZA 153 -62.36 45.52 34.54
N GLU ZA 154 -63.59 45.90 34.87
CA GLU ZA 154 -64.07 45.76 36.23
C GLU ZA 154 -64.03 44.32 36.71
N LEU ZA 155 -64.03 43.36 35.79
CA LEU ZA 155 -63.90 41.95 36.17
C LEU ZA 155 -62.44 41.59 36.43
N LYS ZA 156 -61.56 41.93 35.50
CA LYS ZA 156 -60.16 41.56 35.63
C LYS ZA 156 -59.53 42.20 36.86
N SER ZA 157 -59.92 43.45 37.16
CA SER ZA 157 -59.36 44.13 38.32
C SER ZA 157 -59.67 43.40 39.62
N GLN ZA 158 -60.67 42.53 39.63
CA GLN ZA 158 -61.03 41.79 40.83
C GLN ZA 158 -60.55 40.34 40.81
N LYS ZA 159 -60.29 39.77 39.64
CA LYS ZA 159 -59.94 38.36 39.57
C LYS ZA 159 -58.66 38.08 40.35
N ASN ZA 160 -57.64 38.93 40.21
CA ASN ZA 160 -56.41 38.75 40.96
C ASN ZA 160 -56.66 38.81 42.46
N LEU ZA 161 -57.58 39.68 42.90
CA LEU ZA 161 -57.87 39.80 44.32
C LEU ZA 161 -58.46 38.51 44.87
N TYR ZA 162 -59.39 37.89 44.14
CA TYR ZA 162 -60.00 36.65 44.62
C TYR ZA 162 -58.98 35.53 44.71
N LEU ZA 163 -58.11 35.40 43.71
CA LEU ZA 163 -57.11 34.33 43.73
C LEU ZA 163 -56.22 34.44 44.96
N ALA ZA 164 -55.83 35.67 45.31
CA ALA ZA 164 -54.97 35.87 46.47
C ALA ZA 164 -55.66 35.35 47.74
N ARG ZA 165 -56.93 35.69 47.90
CA ARG ZA 165 -57.68 35.20 49.06
C ARG ZA 165 -57.77 33.68 49.04
N LEU ZA 166 -58.01 33.10 47.86
CA LEU ZA 166 -58.09 31.65 47.76
C LEU ZA 166 -56.76 30.99 48.13
N LYS ZA 167 -55.65 31.54 47.64
CA LYS ZA 167 -54.35 30.98 47.99
C LYS ZA 167 -54.06 31.14 49.48
N SER ZA 168 -54.53 32.23 50.08
CA SER ZA 168 -54.29 32.45 51.50
C SER ZA 168 -54.99 31.40 52.35
N ALA ZA 169 -56.27 31.16 52.08
CA ALA ZA 169 -57.04 30.25 52.92
C ALA ZA 169 -56.64 28.80 52.68
N ILE ZA 170 -56.46 28.41 51.42
CA ILE ZA 170 -56.08 27.03 51.11
C ILE ZA 170 -54.79 26.66 51.83
N ALA ZA 171 -53.80 27.57 51.79
CA ALA ZA 171 -52.56 27.33 52.51
C ALA ZA 171 -52.81 27.25 54.00
N ALA ZA 172 -53.66 28.13 54.53
CA ALA ZA 172 -53.94 28.12 55.97
C ALA ZA 172 -54.49 26.78 56.41
N GLN ZA 173 -55.39 26.20 55.62
CA GLN ZA 173 -55.91 24.87 55.93
C GLN ZA 173 -54.78 23.84 55.94
N LYS ZA 174 -53.86 23.93 54.97
CA LYS ZA 174 -52.76 22.99 54.91
C LYS ZA 174 -51.87 23.10 56.14
N ILE ZA 175 -51.61 24.33 56.59
CA ILE ZA 175 -50.75 24.54 57.76
C ILE ZA 175 -51.42 23.96 59.01
N GLU ZA 176 -52.70 24.25 59.20
CA GLU ZA 176 -53.35 23.93 60.46
C GLU ZA 176 -53.40 22.43 60.70
N GLU ZA 177 -53.71 21.65 59.67
CA GLU ZA 177 -53.79 20.21 59.85
C GLU ZA 177 -52.46 19.63 60.28
N ILE ZA 178 -51.35 20.32 60.00
CA ILE ZA 178 -50.03 19.88 60.40
C ILE ZA 178 -49.66 20.55 61.72
N ALA ZA 179 -50.66 21.13 62.39
CA ALA ZA 179 -50.40 21.83 63.65
C ALA ZA 179 -49.68 20.92 64.64
N GLY ZA 180 -49.95 19.63 64.60
CA GLY ZA 180 -49.31 18.70 65.51
C GLY ZA 180 -49.57 19.07 66.96
N ASN ZA 181 -50.82 19.35 67.29
CA ASN ZA 181 -51.16 19.77 68.63
C ASN ZA 181 -50.71 18.73 69.64
N LEU ZA 182 -50.04 19.19 70.70
CA LEU ZA 182 -49.54 18.26 71.71
C LEU ZA 182 -50.69 17.64 72.52
N ASP ZA 183 -51.82 18.33 72.62
CA ASP ZA 183 -52.90 17.88 73.48
C ASP ZA 183 -53.68 16.70 72.91
N ASN ZA 184 -53.53 16.37 71.62
CA ASN ZA 184 -54.37 15.33 71.04
C ASN ZA 184 -54.18 14.00 71.75
N ALA ZA 185 -52.93 13.57 71.91
CA ALA ZA 185 -52.62 12.32 72.59
C ALA ZA 185 -53.32 11.14 71.93
N SER ZA 186 -53.40 11.19 70.60
CA SER ZA 186 -54.08 10.15 69.83
C SER ZA 186 -53.36 9.76 68.55
N ALA ZA 187 -52.17 10.29 68.30
CA ALA ZA 187 -51.37 10.11 67.09
C ALA ZA 187 -51.90 10.95 65.94
N SER ZA 188 -53.00 11.68 66.13
CA SER ZA 188 -53.44 12.61 65.09
C SER ZA 188 -52.41 13.71 64.89
N SER ZA 189 -51.86 14.24 65.98
CA SER ZA 189 -50.70 15.11 65.92
C SER ZA 189 -49.44 14.25 65.81
N LEU ZA 190 -48.66 14.47 64.77
CA LEU ZA 190 -47.48 13.64 64.55
C LEU ZA 190 -46.50 13.74 65.72
N PHE ZA 191 -46.50 14.85 66.44
CA PHE ZA 191 -45.60 14.98 67.59
C PHE ZA 191 -45.96 13.98 68.69
N GLU ZA 192 -47.24 13.92 69.06
CA GLU ZA 192 -47.66 12.96 70.08
C GLU ZA 192 -47.45 11.53 69.61
N ARG ZA 193 -47.56 11.29 68.30
CA ARG ZA 193 -47.22 9.97 67.78
C ARG ZA 193 -45.76 9.66 68.03
N ILE ZA 194 -44.88 10.64 67.86
CA ILE ZA 194 -43.47 10.45 68.19
C ILE ZA 194 -43.32 10.16 69.67
N GLU ZA 195 -44.03 10.92 70.51
CA GLU ZA 195 -43.91 10.73 71.95
C GLU ZA 195 -44.29 9.31 72.35
N THR ZA 196 -45.35 8.77 71.75
CA THR ZA 196 -45.72 7.38 72.00
C THR ZA 196 -44.59 6.45 71.57
N LYS ZA 197 -43.94 6.75 70.43
CA LYS ZA 197 -42.83 5.93 69.99
C LYS ZA 197 -41.70 5.92 71.00
N ILE ZA 198 -41.39 7.08 71.57
CA ILE ZA 198 -40.29 7.19 72.52
C ILE ZA 198 -40.52 6.26 73.71
N LEU ZA 199 -41.70 6.35 74.31
CA LEU ZA 199 -41.99 5.55 75.50
C LEU ZA 199 -42.01 4.06 75.17
N GLU ZA 200 -42.35 3.70 73.93
CA GLU ZA 200 -42.38 2.29 73.55
C GLU ZA 200 -41.00 1.67 73.72
N LEU ZA 201 -39.96 2.34 73.23
CA LEU ZA 201 -38.61 1.81 73.31
C LEU ZA 201 -38.13 1.75 74.75
N GLU ZA 202 -38.28 2.86 75.48
CA GLU ZA 202 -37.83 2.90 76.86
C GLU ZA 202 -38.47 1.80 77.69
N ALA ZA 203 -39.71 1.43 77.37
CA ALA ZA 203 -40.38 0.37 78.10
C ALA ZA 203 -39.68 -0.97 77.91
N GLU ZA 204 -39.25 -1.26 76.68
CA GLU ZA 204 -38.61 -2.55 76.41
C GLU ZA 204 -37.31 -2.70 77.19
N ARG ZA 205 -36.50 -1.64 77.24
CA ARG ZA 205 -35.19 -1.74 77.88
C ARG ZA 205 -35.33 -2.06 79.37
N GLU ZA 206 -36.21 -1.33 80.07
CA GLU ZA 206 -36.35 -1.52 81.51
C GLU ZA 206 -36.80 -2.94 81.82
N LEU ZA 207 -37.77 -3.46 81.07
CA LEU ZA 207 -38.25 -4.82 81.31
C LEU ZA 207 -37.17 -5.85 81.04
N LEU ZA 208 -36.44 -5.70 79.94
CA LEU ZA 208 -35.42 -6.69 79.60
C LEU ZA 208 -34.24 -6.62 80.55
N ASN ZA 209 -34.05 -5.49 81.22
CA ASN ZA 209 -33.00 -5.30 82.22
C ASN ZA 209 -33.68 -4.84 83.50
N PRO ZA 210 -34.20 -5.76 84.30
CA PRO ZA 210 -34.93 -5.37 85.51
C PRO ZA 210 -34.13 -4.39 86.36
N PRO ZA 211 -34.60 -3.16 86.51
CA PRO ZA 211 -33.87 -2.19 87.34
C PRO ZA 211 -33.94 -2.58 88.81
N PRO ZA 212 -33.06 -2.01 89.64
CA PRO ZA 212 -33.05 -2.41 91.05
C PRO ZA 212 -34.38 -2.15 91.72
N SER ZA 213 -34.75 -3.05 92.63
CA SER ZA 213 -35.97 -2.87 93.40
C SER ZA 213 -35.80 -1.71 94.38
N PRO ZA 214 -36.91 -1.07 94.77
CA PRO ZA 214 -36.79 0.03 95.75
C PRO ZA 214 -36.16 -0.41 97.06
N LEU ZA 215 -36.41 -1.66 97.47
CA LEU ZA 215 -35.76 -2.16 98.68
C LEU ZA 215 -34.25 -2.18 98.52
N ASP ZA 216 -33.76 -2.63 97.36
CA ASP ZA 216 -32.33 -2.60 97.09
C ASP ZA 216 -31.80 -1.17 97.12
N LYS ZA 217 -32.55 -0.24 96.52
CA LYS ZA 217 -32.18 1.16 96.59
C LYS ZA 217 -32.10 1.64 98.03
N LYS ZA 218 -33.07 1.25 98.86
CA LYS ZA 218 -33.05 1.65 100.25
C LYS ZA 218 -31.76 1.21 100.94
N PHE ZA 219 -31.37 -0.06 100.72
CA PHE ZA 219 -30.17 -0.57 101.37
C PHE ZA 219 -28.93 0.20 100.92
N GLU ZA 220 -28.83 0.50 99.62
CA GLU ZA 220 -27.60 1.12 99.10
C GLU ZA 220 -27.35 2.46 99.77
N GLN ZA 221 -28.34 3.35 99.76
CA GLN ZA 221 -28.18 4.62 100.46
C GLN ZA 221 -28.12 4.42 101.96
N TRP ZA 222 -28.93 3.50 102.49
CA TRP ZA 222 -28.91 3.21 103.92
C TRP ZA 222 -27.52 2.81 104.38
N GLU ZA 223 -26.72 2.20 103.51
CA GLU ZA 223 -25.37 1.80 103.87
C GLU ZA 223 -24.41 2.98 103.87
N GLU ZA 224 -24.56 3.90 102.91
CA GLU ZA 224 -23.58 4.96 102.73
C GLU ZA 224 -23.53 5.91 103.91
N GLN ZA 225 -24.66 6.13 104.59
CA GLN ZA 225 -24.69 7.11 105.67
C GLN ZA 225 -23.73 6.72 106.78
N GLN ZA 226 -23.71 5.44 107.16
CA GLN ZA 226 -22.76 4.99 108.17
C GLN ZA 226 -21.32 5.11 107.66
N ALA ZA 227 -21.10 4.77 106.40
CA ALA ZA 227 -19.75 4.82 105.85
C ALA ZA 227 -19.19 6.23 105.92
N VAL ZA 228 -19.98 7.22 105.50
CA VAL ZA 228 -19.52 8.60 105.57
C VAL ZA 228 -19.47 9.08 107.03
N GLU ZA 229 -20.49 8.72 107.82
CA GLU ZA 229 -20.50 9.11 109.22
C GLU ZA 229 -19.40 8.42 110.01
N ALA ZA 230 -19.20 7.12 109.75
CA ALA ZA 230 -18.12 6.41 110.42
C ALA ZA 230 -16.77 6.99 110.03
N THR ZA 231 -16.57 7.28 108.75
CA THR ZA 231 -15.35 7.97 108.34
C THR ZA 231 -15.29 9.36 108.93
N LEU ZA 232 -16.42 10.08 108.94
CA LEU ZA 232 -16.45 11.38 109.58
C LEU ZA 232 -16.31 11.27 111.10
N ALA ZA 233 -16.89 10.22 111.70
CA ALA ZA 233 -16.70 9.99 113.12
C ALA ZA 233 -15.23 9.75 113.44
N ALA ZA 234 -14.57 8.95 112.61
CA ALA ZA 234 -13.13 8.75 112.75
C ALA ZA 234 -12.34 9.97 112.29
N MET ZA 235 -12.92 10.80 111.41
CA MET ZA 235 -12.22 12.01 110.97
C MET ZA 235 -11.87 12.89 112.16
N LYS ZA 236 -12.85 13.18 113.02
CA LYS ZA 236 -12.59 13.95 114.23
C LYS ZA 236 -11.65 13.17 115.15
N ALA ZA 237 -11.88 11.88 115.29
CA ALA ZA 237 -11.05 11.07 116.19
C ALA ZA 237 -9.64 10.92 115.66
N ARG ZA 238 -9.49 10.58 114.38
CA ARG ZA 238 -8.15 10.40 113.82
C ARG ZA 238 -7.36 11.70 113.86
N ARG ZA 239 -8.00 12.82 113.53
CA ARG ZA 239 -7.34 14.11 113.67
C ARG ZA 239 -7.19 14.49 115.14
N SER ZA 240 -8.16 14.12 115.96
CA SER ZA 240 -8.12 14.44 117.38
C SER ZA 240 -8.97 13.44 118.19
N GLN AB 45 -47.67 -35.38 -50.89
CA GLN AB 45 -46.85 -35.30 -52.13
C GLN AB 45 -46.13 -33.95 -52.20
N GLU AB 46 -45.01 -33.93 -52.93
CA GLU AB 46 -44.20 -32.73 -53.10
C GLU AB 46 -44.27 -32.28 -54.54
N ALA AB 47 -43.56 -31.20 -54.85
CA ALA AB 47 -43.50 -30.73 -56.22
C ALA AB 47 -42.82 -31.78 -57.10
N PRO AB 48 -43.37 -32.05 -58.29
CA PRO AB 48 -42.77 -33.12 -59.11
C PRO AB 48 -41.32 -32.86 -59.47
N GLU AB 49 -40.95 -31.60 -59.68
CA GLU AB 49 -39.57 -31.28 -60.04
C GLU AB 49 -38.61 -31.62 -58.91
N ASP AB 50 -39.02 -31.34 -57.67
CA ASP AB 50 -38.12 -31.58 -56.54
C ASP AB 50 -37.78 -33.05 -56.41
N LEU AB 51 -38.76 -33.93 -56.63
CA LEU AB 51 -38.50 -35.36 -56.54
C LEU AB 51 -37.43 -35.80 -57.53
N LEU AB 52 -37.44 -35.21 -58.73
CA LEU AB 52 -36.55 -35.67 -59.79
C LEU AB 52 -35.09 -35.57 -59.36
N GLU AB 53 -34.71 -34.43 -58.76
CA GLU AB 53 -33.34 -34.27 -58.29
C GLU AB 53 -33.02 -35.28 -57.20
N ARG AB 54 -33.93 -35.43 -56.23
CA ARG AB 54 -33.69 -36.36 -55.13
C ARG AB 54 -33.64 -37.80 -55.61
N LEU AB 55 -34.53 -38.16 -56.54
CA LEU AB 55 -34.60 -39.55 -56.99
C LEU AB 55 -33.30 -39.98 -57.67
N LEU AB 56 -32.76 -39.13 -58.55
CA LEU AB 56 -31.54 -39.50 -59.25
C LEU AB 56 -30.35 -39.60 -58.29
N GLY AB 57 -30.29 -38.72 -57.30
CA GLY AB 57 -29.22 -38.81 -56.31
C GLY AB 57 -29.20 -40.15 -55.61
N GLU AB 58 -30.38 -40.67 -55.27
CA GLU AB 58 -30.46 -42.02 -54.72
C GLU AB 58 -30.04 -43.05 -55.76
N MET AB 59 -30.44 -42.86 -57.01
CA MET AB 59 -30.10 -43.82 -58.06
C MET AB 59 -28.59 -43.89 -58.26
N GLU AB 60 -27.92 -42.74 -58.32
CA GLU AB 60 -26.47 -42.74 -58.52
C GLU AB 60 -25.76 -43.41 -57.34
N LEU AB 61 -26.22 -43.13 -56.11
CA LEU AB 61 -25.60 -43.73 -54.95
C LEU AB 61 -25.72 -45.25 -54.99
N GLU AB 62 -26.87 -45.76 -55.42
CA GLU AB 62 -27.07 -47.21 -55.45
C GLU AB 62 -26.14 -47.87 -56.46
N LEU AB 63 -25.92 -47.24 -57.61
CA LEU AB 63 -25.19 -47.89 -58.69
C LEU AB 63 -23.77 -48.25 -58.27
N ILE AB 64 -23.08 -47.34 -57.59
CA ILE AB 64 -21.71 -47.62 -57.17
C ILE AB 64 -21.68 -48.77 -56.18
N GLU AB 65 -22.70 -48.86 -55.32
CA GLU AB 65 -22.78 -49.99 -54.40
C GLU AB 65 -22.86 -51.31 -55.17
N LEU AB 66 -23.64 -51.33 -56.24
CA LEU AB 66 -23.64 -52.49 -57.12
C LEU AB 66 -22.25 -52.74 -57.70
N ARG AB 67 -21.58 -51.67 -58.15
CA ARG AB 67 -20.25 -51.81 -58.72
C ARG AB 67 -19.28 -52.41 -57.70
N ARG AB 68 -19.34 -51.93 -56.47
CA ARG AB 68 -18.45 -52.44 -55.43
C ARG AB 68 -18.72 -53.91 -55.14
N ALA AB 69 -20.01 -54.28 -55.06
CA ALA AB 69 -20.35 -55.65 -54.71
C ALA AB 69 -19.87 -56.64 -55.76
N LEU AB 70 -20.06 -56.31 -57.03
CA LEU AB 70 -19.67 -57.22 -58.10
C LEU AB 70 -18.19 -57.56 -58.02
N ALA AB 71 -17.36 -56.61 -57.58
CA ALA AB 71 -15.92 -56.88 -57.47
C ALA AB 71 -15.65 -58.01 -56.50
N GLN AB 72 -16.36 -58.03 -55.36
CA GLN AB 72 -16.15 -59.08 -54.37
C GLN AB 72 -16.45 -60.45 -54.95
N THR AB 73 -17.45 -60.54 -55.83
CA THR AB 73 -17.73 -61.80 -56.51
C THR AB 73 -16.53 -62.26 -57.31
N ILE AB 74 -15.88 -61.34 -58.02
CA ILE AB 74 -14.73 -61.70 -58.84
C ILE AB 74 -13.60 -62.25 -57.98
N ALA AB 75 -13.43 -61.69 -56.78
CA ALA AB 75 -12.36 -62.13 -55.90
C ALA AB 75 -12.47 -63.62 -55.60
N THR AB 76 -13.66 -64.06 -55.19
CA THR AB 76 -13.86 -65.48 -54.89
C THR AB 76 -13.70 -66.33 -56.14
N PHE AB 77 -14.24 -65.86 -57.27
CA PHE AB 77 -14.09 -66.59 -58.52
C PHE AB 77 -12.62 -66.80 -58.86
N LYS AB 78 -11.80 -65.78 -58.68
CA LYS AB 78 -10.37 -65.93 -58.89
C LYS AB 78 -9.71 -66.71 -57.77
N SER AB 79 -10.13 -66.47 -56.53
CA SER AB 79 -9.48 -67.10 -55.39
C SER AB 79 -9.60 -68.62 -55.44
N THR AB 80 -10.82 -69.12 -55.68
CA THR AB 80 -11.01 -70.57 -55.75
C THR AB 80 -10.23 -71.17 -56.92
N GLU AB 81 -10.20 -70.47 -58.05
CA GLU AB 81 -9.46 -70.98 -59.20
C GLU AB 81 -7.98 -71.14 -58.86
N ARG AB 82 -7.41 -70.14 -58.18
CA ARG AB 82 -6.04 -70.29 -57.70
C ARG AB 82 -5.94 -71.44 -56.69
N GLN AB 83 -6.94 -71.55 -55.82
CA GLN AB 83 -6.96 -72.66 -54.86
C GLN AB 83 -7.04 -74.00 -55.59
N ARG AB 84 -7.82 -74.07 -56.67
CA ARG AB 84 -7.97 -75.31 -57.40
C ARG AB 84 -6.63 -75.80 -57.95
N ASP AB 85 -5.84 -74.88 -58.52
CA ASP AB 85 -4.57 -75.27 -59.10
C ASP AB 85 -3.64 -75.89 -58.07
N ALA AB 86 -3.75 -75.46 -56.81
CA ALA AB 86 -2.85 -75.98 -55.78
C ALA AB 86 -3.04 -77.47 -55.57
N GLN AB 87 -4.30 -77.92 -55.53
CA GLN AB 87 -4.57 -79.33 -55.22
C GLN AB 87 -3.99 -80.24 -56.30
N GLN AB 88 -4.26 -79.94 -57.57
CA GLN AB 88 -3.75 -80.79 -58.63
C GLN AB 88 -2.23 -80.83 -58.63
N LEU AB 89 -1.58 -79.73 -58.24
CA LEU AB 89 -0.13 -79.73 -58.12
C LEU AB 89 0.34 -80.76 -57.10
N ILE AB 90 -0.38 -80.84 -55.97
CA ILE AB 90 -0.04 -81.85 -54.97
C ILE AB 90 -0.20 -83.24 -55.53
N ALA AB 91 -1.30 -83.48 -56.25
CA ALA AB 91 -1.52 -84.78 -56.86
C ALA AB 91 -0.40 -85.11 -57.84
N GLN AB 92 0.06 -84.10 -58.58
CA GLN AB 92 1.18 -84.32 -59.50
C GLN AB 92 2.42 -84.79 -58.75
N ARG AB 93 2.68 -84.22 -57.57
CA ARG AB 93 3.83 -84.62 -56.79
C ARG AB 93 3.78 -86.11 -56.47
N TRP AB 94 2.62 -86.60 -56.01
CA TRP AB 94 2.48 -88.03 -55.73
C TRP AB 94 2.65 -88.84 -57.00
N TYR AB 95 2.06 -88.39 -58.10
CA TYR AB 95 2.21 -89.10 -59.37
C TYR AB 95 3.67 -89.10 -59.81
N GLU AB 96 4.34 -87.95 -59.70
CA GLU AB 96 5.77 -87.89 -60.02
C GLU AB 96 6.56 -88.79 -59.09
N LYS AB 97 6.23 -88.77 -57.80
CA LYS AB 97 6.90 -89.67 -56.85
C LYS AB 97 6.63 -91.12 -57.21
N ALA AB 98 5.37 -91.44 -57.55
CA ALA AB 98 5.03 -92.80 -57.93
C ALA AB 98 5.76 -93.25 -59.19
N GLN AB 99 6.24 -92.31 -60.01
CA GLN AB 99 6.94 -92.69 -61.23
C GLN AB 99 8.19 -93.48 -60.91
N ALA AB 100 8.96 -93.05 -59.93
CA ALA AB 100 10.16 -93.74 -59.49
C ALA AB 100 9.92 -94.61 -58.26
N ALA AB 101 8.67 -94.68 -57.79
CA ALA AB 101 8.37 -95.48 -56.60
C ALA AB 101 8.75 -96.94 -56.84
N LEU AB 102 8.32 -97.50 -57.97
CA LEU AB 102 8.64 -98.86 -58.33
C LEU AB 102 9.84 -98.96 -59.26
N ASP AB 103 10.54 -97.86 -59.50
CA ASP AB 103 11.75 -97.91 -60.32
C ASP AB 103 12.74 -98.93 -59.76
N ARG AB 104 12.76 -99.10 -58.44
CA ARG AB 104 13.56 -100.14 -57.81
C ARG AB 104 12.88 -101.51 -57.88
N GLY AB 105 11.78 -101.62 -58.60
CA GLY AB 105 10.94 -102.81 -58.57
C GLY AB 105 9.92 -102.83 -57.45
N ASN AB 106 9.81 -101.73 -56.69
CA ASN AB 106 8.88 -101.67 -55.55
C ASN AB 106 7.49 -101.29 -56.05
N GLU AB 107 6.84 -102.27 -56.66
CA GLU AB 107 5.48 -102.05 -57.17
C GLU AB 107 4.48 -101.80 -56.05
N GLN AB 108 4.67 -102.46 -54.90
CA GLN AB 108 3.71 -102.35 -53.82
C GLN AB 108 3.58 -100.91 -53.34
N LEU AB 109 4.71 -100.21 -53.20
CA LEU AB 109 4.66 -98.83 -52.71
C LEU AB 109 3.89 -97.93 -53.65
N ALA AB 110 4.09 -98.10 -54.96
CA ALA AB 110 3.40 -97.26 -55.93
C ALA AB 110 1.89 -97.43 -55.84
N ARG AB 111 1.43 -98.58 -55.35
CA ARG AB 111 -0.01 -98.81 -55.21
C ARG AB 111 -0.64 -97.76 -54.30
N GLU AB 112 0.00 -97.47 -53.17
CA GLU AB 112 -0.55 -96.51 -52.22
C GLU AB 112 -0.63 -95.12 -52.83
N ALA AB 113 0.40 -94.71 -53.56
CA ALA AB 113 0.43 -93.36 -54.12
C ALA AB 113 -0.73 -93.13 -55.07
N LEU AB 114 -0.90 -94.03 -56.05
CA LEU AB 114 -2.00 -93.87 -57.00
C LEU AB 114 -3.35 -93.93 -56.31
N GLY AB 115 -3.50 -94.81 -55.32
CA GLY AB 115 -4.73 -94.80 -54.54
C GLY AB 115 -4.90 -93.53 -53.75
N GLN AB 116 -3.80 -92.97 -53.24
CA GLN AB 116 -3.87 -91.76 -52.45
C GLN AB 116 -4.32 -90.56 -53.28
N ARG AB 117 -3.77 -90.40 -54.48
CA ARG AB 117 -4.04 -89.23 -55.29
C ARG AB 117 -5.49 -89.17 -55.79
N GLN AB 118 -6.22 -90.29 -55.76
CA GLN AB 118 -7.59 -90.27 -56.22
C GLN AB 118 -8.46 -89.35 -55.36
N SER AB 119 -8.22 -89.37 -54.04
CA SER AB 119 -8.98 -88.49 -53.16
C SER AB 119 -8.79 -87.02 -53.56
N TYR AB 120 -7.55 -86.63 -53.86
CA TYR AB 120 -7.31 -85.25 -54.30
C TYR AB 120 -8.02 -84.96 -55.61
N GLN AB 121 -7.99 -85.92 -56.54
CA GLN AB 121 -8.65 -85.71 -57.83
C GLN AB 121 -10.13 -85.44 -57.66
N SER AB 122 -10.75 -86.03 -56.65
CA SER AB 122 -12.18 -85.80 -56.42
C SER AB 122 -12.46 -84.32 -56.16
N HIS AB 123 -11.63 -83.69 -55.33
CA HIS AB 123 -11.82 -82.27 -55.05
C HIS AB 123 -11.64 -81.43 -56.30
N THR AB 124 -10.65 -81.77 -57.12
CA THR AB 124 -10.41 -81.00 -58.34
C THR AB 124 -11.62 -81.07 -59.26
N GLU AB 125 -12.20 -82.25 -59.43
CA GLU AB 125 -13.38 -82.37 -60.28
C GLU AB 125 -14.55 -81.59 -59.70
N ALA AB 126 -14.74 -81.66 -58.38
CA ALA AB 126 -15.84 -80.95 -57.75
C ALA AB 126 -15.70 -79.44 -57.94
N LEU AB 127 -14.50 -78.92 -57.78
CA LEU AB 127 -14.31 -77.48 -57.95
C LEU AB 127 -14.44 -77.06 -59.40
N GLY AB 128 -13.94 -77.88 -60.33
CA GLY AB 128 -14.05 -77.52 -61.74
C GLY AB 128 -15.48 -77.31 -62.17
N LYS AB 129 -16.38 -78.18 -61.71
CA LYS AB 129 -17.80 -78.00 -62.01
C LYS AB 129 -18.35 -76.74 -61.35
N SER AB 130 -17.93 -76.47 -60.11
CA SER AB 130 -18.45 -75.32 -59.38
C SER AB 130 -18.09 -74.02 -60.08
N LEU AB 131 -16.85 -73.90 -60.56
CA LEU AB 131 -16.45 -72.68 -61.27
C LEU AB 131 -17.18 -72.55 -62.59
N GLY AB 132 -17.50 -73.66 -63.24
CA GLY AB 132 -18.14 -73.60 -64.54
C GLY AB 132 -19.44 -72.81 -64.50
N GLU AB 133 -20.26 -73.02 -63.48
CA GLU AB 133 -21.51 -72.29 -63.37
C GLU AB 133 -21.26 -70.85 -62.95
N GLN AB 134 -20.32 -70.62 -62.04
CA GLN AB 134 -20.02 -69.26 -61.61
C GLN AB 134 -19.48 -68.42 -62.77
N ARG AB 135 -18.65 -69.02 -63.62
CA ARG AB 135 -18.01 -68.27 -64.68
C ARG AB 135 -19.03 -67.62 -65.60
N ALA AB 136 -20.05 -68.38 -66.01
CA ALA AB 136 -21.09 -67.87 -66.89
C ALA AB 136 -22.15 -67.07 -66.15
N LEU AB 137 -22.10 -67.05 -64.83
CA LEU AB 137 -23.12 -66.32 -64.06
C LEU AB 137 -22.73 -64.85 -63.90
N VAL AB 138 -21.49 -64.58 -63.50
CA VAL AB 138 -21.07 -63.19 -63.31
C VAL AB 138 -21.08 -62.44 -64.63
N GLU AB 139 -20.64 -63.10 -65.71
CA GLU AB 139 -20.62 -62.45 -67.01
C GLU AB 139 -22.00 -61.89 -67.36
N GLN AB 140 -23.05 -62.60 -66.98
CA GLN AB 140 -24.40 -62.07 -67.17
C GLN AB 140 -24.63 -60.85 -66.28
N VAL AB 141 -24.11 -60.87 -65.06
CA VAL AB 141 -24.28 -59.75 -64.15
C VAL AB 141 -23.63 -58.50 -64.72
N ARG AB 142 -22.41 -58.63 -65.24
CA ARG AB 142 -21.70 -57.48 -65.79
C ARG AB 142 -22.52 -56.81 -66.87
N GLY AB 143 -23.24 -57.59 -67.69
CA GLY AB 143 -24.06 -56.99 -68.73
C GLY AB 143 -25.15 -56.10 -68.17
N GLN AB 144 -25.80 -56.53 -67.09
CA GLN AB 144 -26.84 -55.71 -66.47
C GLN AB 144 -26.26 -54.39 -65.96
N LEU AB 145 -25.11 -54.45 -65.28
CA LEU AB 145 -24.51 -53.22 -64.76
C LEU AB 145 -24.13 -52.27 -65.89
N GLN AB 146 -23.48 -52.80 -66.94
CA GLN AB 146 -23.05 -51.94 -68.04
C GLN AB 146 -24.25 -51.31 -68.74
N LYS AB 147 -25.30 -52.10 -68.98
CA LYS AB 147 -26.48 -51.55 -69.63
C LYS AB 147 -27.15 -50.50 -68.74
N LEU AB 148 -27.20 -50.74 -67.43
CA LEU AB 148 -27.80 -49.78 -66.53
C LEU AB 148 -27.06 -48.45 -66.56
N GLU AB 149 -25.73 -48.51 -66.53
CA GLU AB 149 -24.94 -47.28 -66.57
C GLU AB 149 -25.21 -46.50 -67.84
N ARG AB 150 -25.28 -47.19 -68.99
CA ARG AB 150 -25.59 -46.51 -70.24
C ARG AB 150 -26.99 -45.90 -70.18
N LYS AB 151 -27.95 -46.62 -69.61
CA LYS AB 151 -29.30 -46.09 -69.49
C LYS AB 151 -29.36 -44.95 -68.49
N TYR AB 152 -28.48 -44.95 -67.49
CA TYR AB 152 -28.51 -43.90 -66.47
C TYR AB 152 -28.29 -42.53 -67.08
N LEU AB 153 -27.29 -42.40 -67.96
CA LEU AB 153 -26.94 -41.09 -68.49
C LEU AB 153 -28.07 -40.50 -69.32
N GLU AB 154 -28.75 -41.33 -70.10
CA GLU AB 154 -29.79 -40.82 -70.99
C GLU AB 154 -30.89 -40.10 -70.23
N LEU AB 155 -31.06 -40.40 -68.94
CA LEU AB 155 -32.04 -39.69 -68.13
C LEU AB 155 -31.49 -38.35 -67.66
N LYS AB 156 -30.28 -38.34 -67.11
CA LYS AB 156 -29.71 -37.12 -66.57
C LYS AB 156 -29.52 -36.08 -67.67
N SER AB 157 -29.12 -36.53 -68.86
CA SER AB 157 -28.90 -35.59 -69.96
C SER AB 157 -30.17 -34.83 -70.34
N GLN AB 158 -31.34 -35.34 -69.96
CA GLN AB 158 -32.60 -34.67 -70.25
C GLN AB 158 -33.19 -33.93 -69.06
N LYS AB 159 -32.82 -34.29 -67.83
CA LYS AB 159 -33.46 -33.68 -66.67
C LYS AB 159 -33.22 -32.18 -66.66
N ASN AB 160 -32.00 -31.74 -66.94
CA ASN AB 160 -31.71 -30.32 -66.96
C ASN AB 160 -32.54 -29.61 -68.04
N LEU AB 161 -32.77 -30.27 -69.16
CA LEU AB 161 -33.56 -29.66 -70.23
C LEU AB 161 -35.00 -29.42 -69.78
N TYR AB 162 -35.61 -30.38 -69.10
CA TYR AB 162 -36.99 -30.21 -68.64
C TYR AB 162 -37.09 -29.08 -67.64
N LEU AB 163 -36.16 -29.00 -66.68
CA LEU AB 163 -36.22 -27.95 -65.68
C LEU AB 163 -36.18 -26.58 -66.31
N ALA AB 164 -35.35 -26.40 -67.33
CA ALA AB 164 -35.26 -25.11 -68.01
C ALA AB 164 -36.60 -24.72 -68.60
N ARG AB 165 -37.27 -25.67 -69.26
CA ARG AB 165 -38.58 -25.39 -69.83
C ARG AB 165 -39.58 -25.05 -68.73
N LEU AB 166 -39.52 -25.78 -67.61
CA LEU AB 166 -40.42 -25.51 -66.50
C LEU AB 166 -40.20 -24.11 -65.93
N LYS AB 167 -38.93 -23.73 -65.75
CA LYS AB 167 -38.65 -22.39 -65.23
C LYS AB 167 -39.08 -21.31 -66.23
N SER AB 168 -38.97 -21.60 -67.52
CA SER AB 168 -39.37 -20.62 -68.53
C SER AB 168 -40.86 -20.34 -68.47
N ALA AB 169 -41.68 -21.40 -68.44
CA ALA AB 169 -43.12 -21.21 -68.50
C ALA AB 169 -43.68 -20.66 -67.18
N ILE AB 170 -43.19 -21.19 -66.05
CA ILE AB 170 -43.69 -20.71 -64.76
C ILE AB 170 -43.45 -19.22 -64.63
N ALA AB 171 -42.26 -18.75 -65.02
CA ALA AB 171 -41.99 -17.32 -64.99
C ALA AB 171 -42.91 -16.57 -65.94
N ALA AB 172 -43.14 -17.13 -67.13
CA ALA AB 172 -43.99 -16.47 -68.11
C ALA AB 172 -45.39 -16.24 -67.54
N GLN AB 173 -45.93 -17.24 -66.83
CA GLN AB 173 -47.23 -17.06 -66.19
C GLN AB 173 -47.18 -15.94 -65.16
N LYS AB 174 -46.09 -15.87 -64.39
CA LYS AB 174 -45.97 -14.82 -63.39
C LYS AB 174 -45.94 -13.44 -64.04
N ILE AB 175 -45.23 -13.32 -65.15
CA ILE AB 175 -45.14 -12.02 -65.83
C ILE AB 175 -46.50 -11.60 -66.37
N GLU AB 176 -47.20 -12.53 -67.02
CA GLU AB 176 -48.40 -12.15 -67.76
C GLU AB 176 -49.49 -11.64 -66.82
N GLU AB 177 -49.67 -12.29 -65.66
CA GLU AB 177 -50.71 -11.84 -64.74
C GLU AB 177 -50.45 -10.42 -64.26
N ILE AB 178 -49.21 -9.96 -64.31
CA ILE AB 178 -48.85 -8.61 -63.92
C ILE AB 178 -48.84 -7.71 -65.16
N ALA AB 179 -49.42 -8.22 -66.25
CA ALA AB 179 -49.42 -7.44 -67.49
C ALA AB 179 -50.01 -6.06 -67.29
N GLY AB 180 -50.98 -5.94 -66.39
CA GLY AB 180 -51.59 -4.65 -66.13
C GLY AB 180 -52.21 -4.06 -67.37
N ASN AB 181 -52.96 -4.88 -68.10
CA ASN AB 181 -53.58 -4.43 -69.35
C ASN AB 181 -54.43 -3.20 -69.12
N LEU AB 182 -54.23 -2.17 -69.96
CA LEU AB 182 -54.99 -0.94 -69.79
C LEU AB 182 -56.46 -1.14 -70.13
N ASP AB 183 -56.78 -2.11 -70.99
CA ASP AB 183 -58.15 -2.28 -71.47
C ASP AB 183 -59.09 -2.89 -70.44
N ASN AB 184 -58.58 -3.46 -69.34
CA ASN AB 184 -59.46 -4.16 -68.42
C ASN AB 184 -60.52 -3.22 -67.84
N ALA AB 185 -60.09 -2.07 -67.33
CA ALA AB 185 -61.01 -1.08 -66.77
C ALA AB 185 -61.87 -1.70 -65.66
N SER AB 186 -61.25 -2.57 -64.86
CA SER AB 186 -61.94 -3.26 -63.79
C SER AB 186 -61.13 -3.39 -62.52
N ALA AB 187 -59.94 -2.80 -62.45
CA ALA AB 187 -58.98 -2.87 -61.35
C ALA AB 187 -58.24 -4.20 -61.36
N SER AB 188 -58.55 -5.12 -62.29
CA SER AB 188 -57.74 -6.32 -62.42
C SER AB 188 -56.32 -5.97 -62.84
N SER AB 189 -56.18 -5.04 -63.78
CA SER AB 189 -54.89 -4.45 -64.10
C SER AB 189 -54.61 -3.34 -63.09
N LEU AB 190 -53.48 -3.45 -62.39
CA LEU AB 190 -53.16 -2.47 -61.36
C LEU AB 190 -53.06 -1.07 -61.92
N PHE AB 191 -52.71 -0.93 -63.21
CA PHE AB 191 -52.62 0.39 -63.81
C PHE AB 191 -53.99 1.07 -63.85
N GLU AB 192 -55.00 0.36 -64.37
CA GLU AB 192 -56.34 0.93 -64.41
C GLU AB 192 -56.87 1.18 -63.01
N ARG AB 193 -56.47 0.37 -62.04
CA ARG AB 193 -56.84 0.67 -60.66
C ARG AB 193 -56.25 2.00 -60.22
N ILE AB 194 -55.02 2.29 -60.62
CA ILE AB 194 -54.42 3.59 -60.34
C ILE AB 194 -55.22 4.69 -61.04
N GLU AB 195 -55.58 4.46 -62.31
CA GLU AB 195 -56.33 5.47 -63.05
C GLU AB 195 -57.64 5.81 -62.35
N THR AB 196 -58.33 4.79 -61.84
CA THR AB 196 -59.54 5.06 -61.07
C THR AB 196 -59.22 5.90 -59.83
N LYS AB 197 -58.10 5.61 -59.18
CA LYS AB 197 -57.71 6.38 -58.01
C LYS AB 197 -57.49 7.85 -58.38
N ILE AB 198 -56.85 8.11 -59.52
CA ILE AB 198 -56.57 9.49 -59.92
C ILE AB 198 -57.85 10.28 -60.05
N LEU AB 199 -58.83 9.74 -60.79
CA LEU AB 199 -60.07 10.46 -61.02
C LEU AB 199 -60.86 10.66 -59.73
N GLU AB 200 -60.70 9.75 -58.77
CA GLU AB 200 -61.40 9.89 -57.51
C GLU AB 200 -61.03 11.19 -56.81
N LEU AB 201 -59.72 11.48 -56.74
CA LEU AB 201 -59.27 12.69 -56.06
C LEU AB 201 -59.69 13.94 -56.82
N GLU AB 202 -59.45 13.96 -58.13
CA GLU AB 202 -59.80 15.13 -58.92
C GLU AB 202 -61.29 15.45 -58.81
N ALA AB 203 -62.12 14.43 -58.64
CA ALA AB 203 -63.56 14.66 -58.49
C ALA AB 203 -63.86 15.43 -57.22
N GLU AB 204 -63.19 15.10 -56.11
CA GLU AB 204 -63.47 15.76 -54.85
C GLU AB 204 -63.14 17.24 -54.92
N ARG AB 205 -62.00 17.59 -55.52
CA ARG AB 205 -61.57 18.98 -55.53
C ARG AB 205 -62.55 19.87 -56.28
N GLU AB 206 -62.98 19.43 -57.46
CA GLU AB 206 -63.87 20.26 -58.27
C GLU AB 206 -65.19 20.50 -57.55
N LEU AB 207 -65.74 19.46 -56.92
CA LEU AB 207 -67.01 19.62 -56.21
C LEU AB 207 -66.86 20.55 -55.01
N LEU AB 208 -65.79 20.39 -54.24
CA LEU AB 208 -65.60 21.20 -53.05
C LEU AB 208 -65.30 22.65 -53.41
N ASN AB 209 -64.79 22.89 -54.62
CA ASN AB 209 -64.51 24.22 -55.13
C ASN AB 209 -65.25 24.37 -56.45
N PRO AB 210 -66.53 24.72 -56.41
CA PRO AB 210 -67.32 24.79 -57.64
C PRO AB 210 -66.62 25.64 -58.69
N PRO AB 211 -66.21 25.04 -59.81
CA PRO AB 211 -65.56 25.83 -60.87
C PRO AB 211 -66.54 26.77 -61.54
N PRO AB 212 -66.05 27.77 -62.27
CA PRO AB 212 -66.96 28.75 -62.86
C PRO AB 212 -67.96 28.09 -63.81
N SER AB 213 -69.17 28.61 -63.82
CA SER AB 213 -70.18 28.13 -64.74
C SER AB 213 -69.82 28.52 -66.17
N PRO AB 214 -70.28 27.75 -67.16
CA PRO AB 214 -70.00 28.13 -68.56
C PRO AB 214 -70.52 29.51 -68.91
N LEU AB 215 -71.64 29.93 -68.32
CA LEU AB 215 -72.13 31.28 -68.56
C LEU AB 215 -71.15 32.32 -68.07
N ASP AB 216 -70.56 32.10 -66.88
CA ASP AB 216 -69.54 33.01 -66.38
C ASP AB 216 -68.33 33.02 -67.31
N LYS AB 217 -67.93 31.85 -67.80
CA LYS AB 217 -66.85 31.79 -68.78
C LYS AB 217 -67.19 32.59 -70.03
N LYS AB 218 -68.43 32.47 -70.50
CA LYS AB 218 -68.84 33.22 -71.68
C LYS AB 218 -68.66 34.72 -71.46
N PHE AB 219 -69.09 35.22 -70.31
CA PHE AB 219 -68.98 36.65 -70.04
C PHE AB 219 -67.52 37.09 -70.02
N GLU AB 220 -66.65 36.31 -69.39
CA GLU AB 220 -65.27 36.73 -69.21
C GLU AB 220 -64.59 36.96 -70.55
N GLN AB 221 -64.64 35.97 -71.45
CA GLN AB 221 -64.08 36.15 -72.78
C GLN AB 221 -64.88 37.18 -73.57
N TRP AB 222 -66.21 37.14 -73.42
CA TRP AB 222 -67.07 38.10 -74.11
C TRP AB 222 -66.67 39.54 -73.78
N GLU AB 223 -66.16 39.76 -72.58
CA GLU AB 223 -65.74 41.10 -72.18
C GLU AB 223 -64.41 41.50 -72.81
N GLU AB 224 -63.48 40.55 -72.92
CA GLU AB 224 -62.11 40.89 -73.33
C GLU AB 224 -62.06 41.38 -74.76
N GLN AB 225 -62.94 40.88 -75.63
CA GLN AB 225 -62.88 41.25 -77.04
C GLN AB 225 -63.06 42.75 -77.23
N GLN AB 226 -64.01 43.34 -76.52
CA GLN AB 226 -64.20 44.79 -76.60
C GLN AB 226 -63.00 45.52 -76.01
N ALA AB 227 -62.47 45.01 -74.90
CA ALA AB 227 -61.32 45.67 -74.26
C ALA AB 227 -60.13 45.76 -75.21
N VAL AB 228 -59.80 44.64 -75.85
CA VAL AB 228 -58.69 44.64 -76.80
C VAL AB 228 -59.07 45.43 -78.05
N GLU AB 229 -60.29 45.26 -78.55
CA GLU AB 229 -60.73 45.99 -79.73
C GLU AB 229 -60.86 47.47 -79.44
N ALA AB 230 -61.43 47.83 -78.29
CA ALA AB 230 -61.53 49.23 -77.92
C ALA AB 230 -60.14 49.86 -77.77
N THR AB 231 -59.22 49.14 -77.11
CA THR AB 231 -57.85 49.61 -77.05
C THR AB 231 -57.22 49.64 -78.44
N LEU AB 232 -57.47 48.60 -79.25
CA LEU AB 232 -56.99 48.61 -80.63
C LEU AB 232 -57.71 49.67 -81.46
N ALA AB 233 -59.00 49.88 -81.21
CA ALA AB 233 -59.71 50.95 -81.92
C ALA AB 233 -59.11 52.30 -81.57
N ALA AB 234 -58.80 52.51 -80.29
CA ALA AB 234 -58.10 53.73 -79.89
C ALA AB 234 -56.63 53.71 -80.27
N MET AB 235 -56.04 52.52 -80.48
CA MET AB 235 -54.65 52.45 -80.91
C MET AB 235 -54.46 53.19 -82.23
N LYS AB 236 -55.29 52.88 -83.22
CA LYS AB 236 -55.22 53.61 -84.49
C LYS AB 236 -55.57 55.08 -84.29
N ALA AB 237 -56.61 55.36 -83.47
CA ALA AB 237 -57.02 56.73 -83.25
C ALA AB 237 -55.98 57.51 -82.45
N ARG AB 238 -55.49 56.93 -81.35
CA ARG AB 238 -54.51 57.64 -80.53
C ARG AB 238 -53.23 57.91 -81.31
N ARG AB 239 -52.76 56.92 -82.08
CA ARG AB 239 -51.62 57.15 -82.96
C ARG AB 239 -51.99 58.04 -84.13
N SER AB 240 -53.22 57.91 -84.63
CA SER AB 240 -53.68 58.72 -85.75
C SER AB 240 -55.20 58.85 -85.74
N GLN BB 45 -28.57 -59.20 47.77
CA GLN BB 45 -27.41 -59.36 48.69
C GLN BB 45 -26.10 -59.24 47.93
N GLU BB 46 -25.05 -58.85 48.65
CA GLU BB 46 -23.71 -58.67 48.08
C GLU BB 46 -22.78 -59.73 48.66
N ALA BB 47 -21.52 -59.67 48.23
CA ALA BB 47 -20.53 -60.59 48.77
C ALA BB 47 -20.36 -60.34 50.26
N PRO BB 48 -20.30 -61.38 51.09
CA PRO BB 48 -20.19 -61.14 52.55
C PRO BB 48 -18.96 -60.35 52.93
N GLU BB 49 -17.84 -60.56 52.24
CA GLU BB 49 -16.62 -59.83 52.57
C GLU BB 49 -16.78 -58.33 52.34
N ASP BB 50 -17.45 -57.96 51.24
CA ASP BB 50 -17.59 -56.53 50.92
C ASP BB 50 -18.36 -55.80 52.01
N LEU BB 51 -19.41 -56.42 52.55
CA LEU BB 51 -20.19 -55.79 53.61
C LEU BB 51 -19.32 -55.47 54.82
N LEU BB 52 -18.39 -56.37 55.15
CA LEU BB 52 -17.62 -56.21 56.38
C LEU BB 52 -16.86 -54.90 56.39
N GLU BB 53 -16.21 -54.57 55.27
CA GLU BB 53 -15.49 -53.30 55.20
C GLU BB 53 -16.44 -52.11 55.32
N ARG BB 54 -17.55 -52.16 54.59
CA ARG BB 54 -18.51 -51.06 54.63
C ARG BB 54 -19.15 -50.93 55.99
N LEU BB 55 -19.49 -52.05 56.64
CA LEU BB 55 -20.17 -52.00 57.92
C LEU BB 55 -19.32 -51.32 58.98
N LEU BB 56 -18.03 -51.68 59.06
CA LEU BB 56 -17.18 -51.08 60.08
C LEU BB 56 -16.98 -49.60 59.83
N GLY BB 57 -16.86 -49.19 58.57
CA GLY BB 57 -16.72 -47.77 58.27
C GLY BB 57 -17.88 -46.97 58.83
N GLU BB 58 -19.10 -47.50 58.70
CA GLU BB 58 -20.25 -46.85 59.31
C GLU BB 58 -20.14 -46.89 60.83
N MET BB 59 -19.67 -48.00 61.38
CA MET BB 59 -19.55 -48.11 62.84
C MET BB 59 -18.57 -47.09 63.39
N GLU BB 60 -17.41 -46.94 62.75
CA GLU BB 60 -16.43 -45.98 63.24
C GLU BB 60 -16.96 -44.55 63.15
N LEU BB 61 -17.66 -44.23 62.06
CA LEU BB 61 -18.22 -42.90 61.91
C LEU BB 61 -19.22 -42.60 63.03
N GLU BB 62 -20.03 -43.58 63.38
CA GLU BB 62 -21.05 -43.36 64.41
C GLU BB 62 -20.41 -43.09 65.77
N LEU BB 63 -19.32 -43.78 66.08
CA LEU BB 63 -18.76 -43.72 67.44
C LEU BB 63 -18.31 -42.31 67.78
N ILE BB 64 -17.64 -41.62 66.85
CA ILE BB 64 -17.17 -40.28 67.13
C ILE BB 64 -18.34 -39.34 67.35
N GLU BB 65 -19.44 -39.56 66.62
CA GLU BB 65 -20.64 -38.75 66.84
C GLU BB 65 -21.14 -38.90 68.27
N LEU BB 66 -21.12 -40.14 68.78
CA LEU BB 66 -21.42 -40.35 70.19
C LEU BB 66 -20.43 -39.60 71.08
N ARG BB 67 -19.15 -39.67 70.75
CA ARG BB 67 -18.14 -38.98 71.55
C ARG BB 67 -18.40 -37.48 71.57
N ARG BB 68 -18.73 -36.90 70.42
CA ARG BB 68 -19.00 -35.47 70.36
C ARG BB 68 -20.23 -35.10 71.19
N ALA BB 69 -21.29 -35.90 71.09
CA ALA BB 69 -22.53 -35.58 71.78
C ALA BB 69 -22.35 -35.58 73.29
N LEU BB 70 -21.65 -36.59 73.82
CA LEU BB 70 -21.45 -36.69 75.25
C LEU BB 70 -20.79 -35.44 75.82
N ALA BB 71 -19.89 -34.82 75.05
CA ALA BB 71 -19.24 -33.61 75.53
C ALA BB 71 -20.25 -32.50 75.81
N GLN BB 72 -21.23 -32.34 74.92
CA GLN BB 72 -22.22 -31.29 75.12
C GLN BB 72 -23.00 -31.50 76.41
N THR BB 73 -23.25 -32.75 76.78
CA THR BB 73 -23.89 -33.03 78.07
C THR BB 73 -23.05 -32.49 79.22
N ILE BB 74 -21.73 -32.68 79.15
CA ILE BB 74 -20.85 -32.23 80.23
C ILE BB 74 -20.92 -30.71 80.35
N ALA BB 75 -21.03 -30.01 79.22
CA ALA BB 75 -21.06 -28.55 79.25
C ALA BB 75 -22.21 -28.06 80.13
N THR BB 76 -23.41 -28.57 79.90
CA THR BB 76 -24.56 -28.15 80.70
C THR BB 76 -24.39 -28.56 82.16
N PHE BB 77 -23.89 -29.77 82.39
CA PHE BB 77 -23.66 -30.22 83.77
C PHE BB 77 -22.72 -29.28 84.50
N LYS BB 78 -21.66 -28.82 83.82
CA LYS BB 78 -20.76 -27.84 84.44
C LYS BB 78 -21.39 -26.45 84.45
N SER BB 79 -22.10 -26.08 83.38
CA SER BB 79 -22.64 -24.73 83.28
C SER BB 79 -23.63 -24.44 84.40
N THR BB 80 -24.57 -25.36 84.61
CA THR BB 80 -25.56 -25.15 85.67
C THR BB 80 -24.90 -25.11 87.04
N GLU BB 81 -23.91 -25.97 87.26
CA GLU BB 81 -23.21 -25.97 88.54
C GLU BB 81 -22.56 -24.62 88.82
N ARG BB 82 -21.91 -24.04 87.79
CA ARG BB 82 -21.39 -22.69 87.93
C ARG BB 82 -22.53 -21.70 88.16
N GLN BB 83 -23.64 -21.89 87.45
CA GLN BB 83 -24.80 -21.02 87.65
C GLN BB 83 -25.34 -21.15 89.06
N ARG BB 84 -25.34 -22.37 89.60
CA ARG BB 84 -25.86 -22.58 90.95
C ARG BB 84 -25.07 -21.79 91.97
N ASP BB 85 -23.75 -21.79 91.86
CA ASP BB 85 -22.92 -21.09 92.84
C ASP BB 85 -23.22 -19.60 92.87
N ALA BB 86 -23.63 -19.03 91.72
CA ALA BB 86 -23.89 -17.59 91.67
C ALA BB 86 -25.05 -17.21 92.58
N GLN BB 87 -26.12 -17.99 92.58
CA GLN BB 87 -27.31 -17.62 93.34
C GLN BB 87 -27.02 -17.59 94.84
N GLN BB 88 -26.38 -18.65 95.36
CA GLN BB 88 -26.08 -18.68 96.78
C GLN BB 88 -25.17 -17.53 97.19
N LEU BB 89 -24.27 -17.11 96.29
CA LEU BB 89 -23.43 -15.96 96.58
C LEU BB 89 -24.28 -14.72 96.79
N ILE BB 90 -25.31 -14.53 95.96
CA ILE BB 90 -26.21 -13.40 96.14
C ILE BB 90 -26.91 -13.48 97.48
N ALA BB 91 -27.40 -14.68 97.84
CA ALA BB 91 -28.05 -14.84 99.13
C ALA BB 91 -27.09 -14.52 100.27
N GLN BB 92 -25.82 -14.89 100.12
CA GLN BB 92 -24.83 -14.55 101.13
C GLN BB 92 -24.71 -13.05 101.30
N ARG BB 93 -24.77 -12.31 100.20
CA ARG BB 93 -24.69 -10.85 100.29
C ARG BB 93 -25.79 -10.29 101.16
N TRP BB 94 -27.03 -10.74 100.95
CA TRP BB 94 -28.14 -10.29 101.78
C TRP BB 94 -27.93 -10.71 103.23
N TYR BB 95 -27.50 -11.95 103.45
CA TYR BB 95 -27.23 -12.41 104.81
C TYR BB 95 -26.13 -11.58 105.44
N GLU BB 96 -25.04 -11.33 104.70
CA GLU BB 96 -23.98 -10.47 105.22
C GLU BB 96 -24.49 -9.07 105.48
N LYS BB 97 -25.30 -8.53 104.56
CA LYS BB 97 -25.90 -7.22 104.78
C LYS BB 97 -26.81 -7.25 106.00
N ALA BB 98 -27.61 -8.30 106.15
CA ALA BB 98 -28.49 -8.41 107.30
C ALA BB 98 -27.72 -8.51 108.61
N GLN BB 99 -26.44 -8.91 108.55
CA GLN BB 99 -25.66 -9.03 109.78
C GLN BB 99 -25.54 -7.68 110.48
N ALA BB 100 -25.26 -6.62 109.72
CA ALA BB 100 -25.17 -5.27 110.25
C ALA BB 100 -26.45 -4.48 110.04
N ALA BB 101 -27.49 -5.09 109.48
CA ALA BB 101 -28.74 -4.38 109.25
C ALA BB 101 -29.32 -3.84 110.55
N LEU BB 102 -29.38 -4.69 111.57
CA LEU BB 102 -29.87 -4.31 112.89
C LEU BB 102 -28.74 -3.95 113.84
N ASP BB 103 -27.49 -3.87 113.36
CA ASP BB 103 -26.39 -3.44 114.22
C ASP BB 103 -26.68 -2.09 114.86
N ARG BB 104 -27.41 -1.22 114.15
CA ARG BB 104 -27.87 0.04 114.71
C ARG BB 104 -29.11 -0.13 115.58
N GLY BB 105 -29.52 -1.37 115.85
CA GLY BB 105 -30.79 -1.65 116.49
C GLY BB 105 -31.96 -1.73 115.53
N ASN BB 106 -31.72 -1.65 114.23
CA ASN BB 106 -32.79 -1.67 113.23
C ASN BB 106 -33.17 -3.12 112.92
N GLU BB 107 -33.90 -3.71 113.87
CA GLU BB 107 -34.35 -5.08 113.70
C GLU BB 107 -35.35 -5.22 112.55
N GLN BB 108 -36.19 -4.20 112.36
CA GLN BB 108 -37.24 -4.30 111.35
C GLN BB 108 -36.64 -4.50 109.96
N LEU BB 109 -35.58 -3.76 109.64
CA LEU BB 109 -34.99 -3.86 108.31
C LEU BB 109 -34.46 -5.27 108.06
N ALA BB 110 -33.80 -5.86 109.06
CA ALA BB 110 -33.24 -7.21 108.89
C ALA BB 110 -34.32 -8.23 108.59
N ARG BB 111 -35.57 -7.96 109.00
CA ARG BB 111 -36.65 -8.89 108.73
C ARG BB 111 -36.83 -9.09 107.22
N GLU BB 112 -36.80 -8.00 106.46
CA GLU BB 112 -37.00 -8.11 105.01
C GLU BB 112 -35.87 -8.92 104.36
N ALA BB 113 -34.63 -8.69 104.78
CA ALA BB 113 -33.51 -9.38 104.15
C ALA BB 113 -33.63 -10.90 104.31
N LEU BB 114 -33.83 -11.37 105.53
CA LEU BB 114 -33.95 -12.80 105.76
C LEU BB 114 -35.14 -13.39 105.03
N GLY BB 115 -36.26 -12.66 105.00
CA GLY BB 115 -37.39 -13.09 104.20
C GLY BB 115 -37.08 -13.10 102.72
N GLN BB 116 -36.29 -12.12 102.27
CA GLN BB 116 -35.96 -12.02 100.85
C GLN BB 116 -35.10 -13.19 100.40
N ARG BB 117 -34.09 -13.55 101.18
CA ARG BB 117 -33.13 -14.57 100.77
C ARG BB 117 -33.75 -15.96 100.68
N GLN BB 118 -34.91 -16.18 101.30
CA GLN BB 118 -35.53 -17.50 101.23
C GLN BB 118 -35.90 -17.87 99.81
N SER BB 119 -36.39 -16.90 99.04
CA SER BB 119 -36.73 -17.16 97.65
C SER BB 119 -35.51 -17.66 96.88
N TYR BB 120 -34.36 -17.04 97.08
CA TYR BB 120 -33.15 -17.49 96.42
C TYR BB 120 -32.78 -18.90 96.86
N GLN BB 121 -32.91 -19.19 98.17
CA GLN BB 121 -32.56 -20.51 98.67
C GLN BB 121 -33.38 -21.59 97.99
N SER BB 122 -34.63 -21.28 97.63
CA SER BB 122 -35.47 -22.27 96.96
C SER BB 122 -34.85 -22.72 95.65
N HIS BB 123 -34.35 -21.77 94.86
CA HIS BB 123 -33.71 -22.13 93.59
C HIS BB 123 -32.48 -22.99 93.82
N THR BB 124 -31.67 -22.65 94.83
CA THR BB 124 -30.47 -23.42 95.10
C THR BB 124 -30.81 -24.87 95.42
N GLU BB 125 -31.82 -25.07 96.27
CA GLU BB 125 -32.23 -26.44 96.60
C GLU BB 125 -32.74 -27.18 95.38
N ALA BB 126 -33.53 -26.50 94.55
CA ALA BB 126 -34.07 -27.14 93.35
C ALA BB 126 -32.96 -27.56 92.41
N LEU BB 127 -31.96 -26.71 92.21
CA LEU BB 127 -30.86 -27.05 91.30
C LEU BB 127 -29.98 -28.14 91.90
N GLY BB 128 -29.74 -28.12 93.21
CA GLY BB 128 -28.91 -29.14 93.81
C GLY BB 128 -29.46 -30.54 93.58
N LYS BB 129 -30.78 -30.69 93.70
CA LYS BB 129 -31.40 -31.98 93.41
C LYS BB 129 -31.27 -32.33 91.93
N SER BB 130 -31.43 -31.34 91.05
CA SER BB 130 -31.39 -31.61 89.62
C SER BB 130 -30.01 -32.12 89.20
N LEU BB 131 -28.94 -31.52 89.72
CA LEU BB 131 -27.60 -31.98 89.37
C LEU BB 131 -27.33 -33.36 89.94
N GLY BB 132 -27.92 -33.69 91.09
CA GLY BB 132 -27.65 -34.97 91.71
C GLY BB 132 -27.97 -36.14 90.79
N GLU BB 133 -29.10 -36.06 90.09
CA GLU BB 133 -29.47 -37.15 89.17
C GLU BB 133 -28.62 -37.11 87.91
N GLN BB 134 -28.33 -35.90 87.40
CA GLN BB 134 -27.50 -35.79 86.21
C GLN BB 134 -26.09 -36.32 86.47
N ARG BB 135 -25.55 -36.05 87.65
CA ARG BB 135 -24.17 -36.42 87.93
C ARG BB 135 -23.96 -37.92 87.79
N ALA BB 136 -24.87 -38.71 88.35
CA ALA BB 136 -24.76 -40.16 88.28
C ALA BB 136 -25.27 -40.73 86.96
N LEU BB 137 -25.88 -39.90 86.11
CA LEU BB 137 -26.40 -40.39 84.85
C LEU BB 137 -25.32 -40.41 83.77
N VAL BB 138 -24.59 -39.32 83.61
CA VAL BB 138 -23.55 -39.25 82.59
C VAL BB 138 -22.47 -40.28 82.87
N GLU BB 139 -22.08 -40.42 84.15
CA GLU BB 139 -21.04 -41.37 84.51
C GLU BB 139 -21.37 -42.77 83.98
N GLN BB 140 -22.65 -43.13 83.99
CA GLN BB 140 -23.06 -44.39 83.39
C GLN BB 140 -22.87 -44.36 81.88
N VAL BB 141 -23.15 -43.22 81.25
CA VAL BB 141 -22.98 -43.11 79.80
C VAL BB 141 -21.52 -43.32 79.41
N ARG BB 142 -20.61 -42.67 80.14
CA ARG BB 142 -19.20 -42.80 79.82
C ARG BB 142 -18.75 -44.26 79.81
N GLY BB 143 -19.29 -45.06 80.72
CA GLY BB 143 -18.94 -46.47 80.75
C GLY BB 143 -19.31 -47.20 79.47
N GLN BB 144 -20.50 -46.90 78.94
CA GLN BB 144 -20.93 -47.53 77.69
C GLN BB 144 -19.99 -47.15 76.54
N LEU BB 145 -19.65 -45.87 76.44
CA LEU BB 145 -18.76 -45.44 75.36
C LEU BB 145 -17.39 -46.10 75.48
N GLN BB 146 -16.83 -46.10 76.68
CA GLN BB 146 -15.49 -46.68 76.86
C GLN BB 146 -15.51 -48.18 76.55
N LYS BB 147 -16.52 -48.90 77.02
CA LYS BB 147 -16.61 -50.32 76.73
C LYS BB 147 -16.78 -50.56 75.24
N LEU BB 148 -17.60 -49.75 74.57
CA LEU BB 148 -17.80 -49.91 73.14
C LEU BB 148 -16.50 -49.73 72.37
N GLU BB 149 -15.72 -48.71 72.74
CA GLU BB 149 -14.45 -48.48 72.05
C GLU BB 149 -13.52 -49.67 72.22
N ARG BB 150 -13.44 -50.22 73.43
CA ARG BB 150 -12.61 -51.40 73.66
C ARG BB 150 -13.12 -52.58 72.82
N LYS BB 151 -14.44 -52.75 72.75
CA LYS BB 151 -14.99 -53.83 71.96
C LYS BB 151 -14.80 -53.59 70.47
N TYR BB 152 -14.73 -52.32 70.05
CA TYR BB 152 -14.59 -52.00 68.64
C TYR BB 152 -13.31 -52.59 68.07
N LEU BB 153 -12.20 -52.42 68.78
CA LEU BB 153 -10.90 -52.83 68.25
C LEU BB 153 -10.83 -54.34 68.05
N GLU BB 154 -11.39 -55.10 69.00
CA GLU BB 154 -11.29 -56.56 68.93
C GLU BB 154 -11.90 -57.11 67.65
N LEU BB 155 -12.79 -56.36 67.01
CA LEU BB 155 -13.35 -56.80 65.73
C LEU BB 155 -12.40 -56.48 64.58
N LYS BB 156 -11.92 -55.24 64.53
CA LYS BB 156 -11.05 -54.82 63.43
C LYS BB 156 -9.76 -55.63 63.41
N SER BB 157 -9.22 -55.93 64.59
CA SER BB 157 -7.98 -56.69 64.66
C SER BB 157 -8.10 -58.07 64.03
N GLN BB 158 -9.32 -58.58 63.87
CA GLN BB 158 -9.54 -59.88 63.26
C GLN BB 158 -10.01 -59.80 61.82
N LYS BB 159 -10.60 -58.68 61.39
CA LYS BB 159 -11.17 -58.62 60.06
C LYS BB 159 -10.09 -58.85 59.00
N ASN BB 160 -8.93 -58.22 59.17
CA ASN BB 160 -7.85 -58.42 58.21
C ASN BB 160 -7.41 -59.87 58.16
N LEU BB 161 -7.42 -60.56 59.31
CA LEU BB 161 -7.02 -61.95 59.34
C LEU BB 161 -7.97 -62.82 58.52
N TYR BB 162 -9.28 -62.59 58.65
CA TYR BB 162 -10.23 -63.40 57.89
C TYR BB 162 -10.08 -63.18 56.39
N LEU BB 163 -9.92 -61.92 55.97
CA LEU BB 163 -9.79 -61.65 54.54
C LEU BB 163 -8.59 -62.38 53.95
N ALA BB 164 -7.48 -62.42 54.67
CA ALA BB 164 -6.30 -63.12 54.18
C ALA BB 164 -6.59 -64.59 53.94
N ARG BB 165 -7.28 -65.23 54.89
CA ARG BB 165 -7.65 -66.63 54.72
C ARG BB 165 -8.58 -66.79 53.52
N LEU BB 166 -9.53 -65.88 53.37
CA LEU BB 166 -10.45 -65.95 52.24
C LEU BB 166 -9.72 -65.82 50.92
N LYS BB 167 -8.78 -64.87 50.82
CA LYS BB 167 -8.02 -64.71 49.59
C LYS BB 167 -7.14 -65.92 49.32
N SER BB 168 -6.64 -66.56 50.38
CA SER BB 168 -5.78 -67.73 50.20
C SER BB 168 -6.56 -68.89 49.60
N ALA BB 169 -7.73 -69.19 50.15
CA ALA BB 169 -8.49 -70.35 49.70
C ALA BB 169 -9.11 -70.12 48.32
N ILE BB 170 -9.68 -68.93 48.11
CA ILE BB 170 -10.31 -68.64 46.82
C ILE BB 170 -9.29 -68.80 45.70
N ALA BB 171 -8.09 -68.27 45.89
CA ALA BB 171 -7.04 -68.44 44.90
C ALA BB 171 -6.69 -69.91 44.73
N ALA BB 172 -6.60 -70.66 45.84
CA ALA BB 172 -6.24 -72.07 45.76
C ALA BB 172 -7.24 -72.83 44.89
N GLN BB 173 -8.54 -72.53 45.04
CA GLN BB 173 -9.53 -73.15 44.18
C GLN BB 173 -9.30 -72.80 42.72
N LYS BB 174 -8.95 -71.55 42.45
CA LYS BB 174 -8.70 -71.13 41.07
C LYS BB 174 -7.52 -71.87 40.48
N ILE BB 175 -6.45 -72.06 41.26
CA ILE BB 175 -5.27 -72.75 40.77
C ILE BB 175 -5.59 -74.21 40.47
N GLU BB 176 -6.28 -74.88 41.39
CA GLU BB 176 -6.45 -76.32 41.29
C GLU BB 176 -7.24 -76.71 40.05
N GLU BB 177 -8.31 -75.96 39.75
CA GLU BB 177 -9.11 -76.30 38.57
C GLU BB 177 -8.31 -76.21 37.29
N ILE BB 178 -7.22 -75.44 37.29
CA ILE BB 178 -6.35 -75.31 36.14
C ILE BB 178 -5.20 -76.29 36.28
N ALA BB 179 -5.33 -77.25 37.20
CA ALA BB 179 -4.27 -78.21 37.42
C ALA BB 179 -3.86 -78.91 36.13
N GLY BB 180 -4.81 -79.11 35.23
CA GLY BB 180 -4.51 -79.77 33.97
C GLY BB 180 -3.93 -81.15 34.18
N ASN BB 181 -4.57 -81.93 35.05
CA ASN BB 181 -4.05 -83.26 35.37
C ASN BB 181 -3.92 -84.09 34.11
N LEU BB 182 -2.77 -84.73 33.94
CA LEU BB 182 -2.53 -85.55 32.75
C LEU BB 182 -3.40 -86.80 32.74
N ASP BB 183 -3.80 -87.29 33.91
CA ASP BB 183 -4.52 -88.55 34.00
C ASP BB 183 -5.97 -88.47 33.57
N ASN BB 184 -6.54 -87.27 33.41
CA ASN BB 184 -7.97 -87.17 33.12
C ASN BB 184 -8.31 -87.87 31.80
N ALA BB 185 -7.57 -87.55 30.74
CA ALA BB 185 -7.79 -88.17 29.44
C ALA BB 185 -9.23 -87.97 28.97
N SER BB 186 -9.78 -86.78 29.26
CA SER BB 186 -11.16 -86.47 28.91
C SER BB 186 -11.34 -85.05 28.40
N ALA BB 187 -10.26 -84.28 28.21
CA ALA BB 187 -10.25 -82.88 27.81
C ALA BB 187 -10.62 -81.97 28.98
N SER BB 188 -10.94 -82.51 30.15
CA SER BB 188 -11.13 -81.66 31.33
C SER BB 188 -9.83 -80.95 31.68
N SER BB 189 -8.71 -81.67 31.64
CA SER BB 189 -7.39 -81.05 31.72
C SER BB 189 -7.01 -80.54 30.34
N LEU BB 190 -6.72 -79.24 30.26
CA LEU BB 190 -6.42 -78.65 28.96
C LEU BB 190 -5.20 -79.30 28.31
N PHE BB 191 -4.29 -79.85 29.12
CA PHE BB 191 -3.11 -80.51 28.55
C PHE BB 191 -3.51 -81.74 27.76
N GLU BB 192 -4.33 -82.62 28.35
CA GLU BB 192 -4.78 -83.80 27.63
C GLU BB 192 -5.62 -83.42 26.42
N ARG BB 193 -6.35 -82.31 26.49
CA ARG BB 193 -7.05 -81.82 25.31
C ARG BB 193 -6.07 -81.50 24.19
N ILE BB 194 -4.94 -80.87 24.55
CA ILE BB 194 -3.89 -80.63 23.57
C ILE BB 194 -3.37 -81.95 23.01
N GLU BB 195 -3.12 -82.93 23.89
CA GLU BB 195 -2.59 -84.20 23.43
C GLU BB 195 -3.52 -84.85 22.42
N THR BB 196 -4.83 -84.79 22.67
CA THR BB 196 -5.78 -85.29 21.68
C THR BB 196 -5.65 -84.54 20.37
N LYS BB 197 -5.46 -83.22 20.44
CA LYS BB 197 -5.29 -82.43 19.23
C LYS BB 197 -4.06 -82.89 18.44
N ILE BB 198 -2.96 -83.18 19.13
CA ILE BB 198 -1.74 -83.58 18.45
C ILE BB 198 -1.97 -84.85 17.63
N LEU BB 199 -2.56 -85.86 18.26
CA LEU BB 199 -2.76 -87.13 17.57
C LEU BB 199 -3.74 -87.00 16.42
N GLU BB 200 -4.67 -86.05 16.51
CA GLU BB 200 -5.63 -85.84 15.43
C GLU BB 200 -4.92 -85.50 14.13
N LEU BB 201 -3.97 -84.56 14.20
CA LEU BB 201 -3.26 -84.14 12.99
C LEU BB 201 -2.37 -85.26 12.45
N GLU BB 202 -1.58 -85.88 13.33
CA GLU BB 202 -0.69 -86.95 12.89
C GLU BB 202 -1.46 -88.07 12.21
N ALA BB 203 -2.70 -88.31 12.64
CA ALA BB 203 -3.51 -89.35 12.03
C ALA BB 203 -3.82 -89.03 10.58
N GLU BB 204 -4.14 -87.76 10.29
CA GLU BB 204 -4.51 -87.37 8.93
C GLU BB 204 -3.35 -87.58 7.97
N ARG BB 205 -2.14 -87.18 8.38
CA ARG BB 205 -1.00 -87.26 7.48
C ARG BB 205 -0.70 -88.69 7.07
N GLU BB 206 -0.66 -89.61 8.02
CA GLU BB 206 -0.32 -90.99 7.71
C GLU BB 206 -1.32 -91.60 6.75
N LEU BB 207 -2.61 -91.35 6.98
CA LEU BB 207 -3.63 -91.91 6.10
C LEU BB 207 -3.54 -91.32 4.70
N LEU BB 208 -3.35 -90.01 4.59
CA LEU BB 208 -3.30 -89.38 3.28
C LEU BB 208 -2.04 -89.76 2.52
N ASN BB 209 -0.99 -90.19 3.25
CA ASN BB 209 0.26 -90.64 2.65
C ASN BB 209 0.53 -92.04 3.21
N PRO BB 210 -0.06 -93.07 2.62
CA PRO BB 210 0.09 -94.43 3.14
C PRO BB 210 1.56 -94.77 3.36
N PRO BB 211 1.97 -94.98 4.61
CA PRO BB 211 3.37 -95.34 4.87
C PRO BB 211 3.67 -96.74 4.36
N PRO BB 212 4.94 -97.08 4.21
CA PRO BB 212 5.28 -98.41 3.65
C PRO BB 212 4.71 -99.53 4.49
N SER BB 213 4.29 -100.60 3.81
CA SER BB 213 3.80 -101.77 4.50
C SER BB 213 4.95 -102.47 5.21
N PRO BB 214 4.67 -103.21 6.28
CA PRO BB 214 5.74 -103.95 6.96
C PRO BB 214 6.46 -104.93 6.04
N LEU BB 215 5.75 -105.53 5.09
CA LEU BB 215 6.39 -106.42 4.13
C LEU BB 215 7.42 -105.65 3.30
N ASP BB 216 7.07 -104.44 2.86
CA ASP BB 216 8.03 -103.62 2.13
C ASP BB 216 9.23 -103.29 3.01
N LYS BB 217 8.98 -102.97 4.28
CA LYS BB 217 10.08 -102.73 5.21
C LYS BB 217 10.96 -103.96 5.33
N LYS BB 218 10.35 -105.15 5.41
CA LYS BB 218 11.12 -106.37 5.51
C LYS BB 218 12.08 -106.51 4.33
N PHE BB 219 11.57 -106.27 3.11
CA PHE BB 219 12.41 -106.41 1.92
C PHE BB 219 13.57 -105.44 1.94
N GLU BB 220 13.31 -104.19 2.33
CA GLU BB 220 14.35 -103.16 2.26
C GLU BB 220 15.56 -103.54 3.11
N GLN BB 221 15.33 -103.84 4.39
CA GLN BB 221 16.43 -104.28 5.24
C GLN BB 221 16.95 -105.65 4.80
N TRP BB 222 16.04 -106.54 4.40
CA TRP BB 222 16.44 -107.85 3.92
C TRP BB 222 17.41 -107.75 2.76
N GLU BB 223 17.30 -106.70 1.95
CA GLU BB 223 18.21 -106.52 0.82
C GLU BB 223 19.58 -106.01 1.26
N GLU BB 224 19.61 -105.11 2.25
CA GLU BB 224 20.86 -104.45 2.61
C GLU BB 224 21.89 -105.41 3.17
N GLN BB 225 21.44 -106.45 3.87
CA GLN BB 225 22.39 -107.36 4.51
C GLN BB 225 23.31 -108.02 3.49
N GLN BB 226 22.75 -108.48 2.37
CA GLN BB 226 23.58 -109.05 1.31
C GLN BB 226 24.49 -108.00 0.70
N ALA BB 227 23.97 -106.78 0.50
CA ALA BB 227 24.78 -105.73 -0.12
C ALA BB 227 26.01 -105.44 0.72
N VAL BB 228 25.84 -105.28 2.04
CA VAL BB 228 26.98 -105.02 2.90
C VAL BB 228 27.84 -106.28 3.04
N GLU BB 229 27.20 -107.45 3.17
CA GLU BB 229 27.96 -108.69 3.28
C GLU BB 229 28.67 -109.01 1.97
N ALA BB 230 27.99 -108.83 0.84
CA ALA BB 230 28.63 -109.07 -0.44
C ALA BB 230 29.80 -108.12 -0.65
N THR BB 231 29.60 -106.84 -0.31
CA THR BB 231 30.71 -105.89 -0.35
C THR BB 231 31.79 -106.28 0.66
N LEU BB 232 31.38 -106.68 1.86
CA LEU BB 232 32.33 -107.15 2.85
C LEU BB 232 32.96 -108.47 2.43
N ALA BB 233 32.18 -109.36 1.81
CA ALA BB 233 32.74 -110.60 1.29
C ALA BB 233 33.79 -110.32 0.23
N ALA BB 234 33.50 -109.37 -0.67
CA ALA BB 234 34.49 -108.93 -1.64
C ALA BB 234 35.58 -108.06 -1.01
N MET BB 235 35.29 -107.43 0.13
CA MET BB 235 36.30 -106.63 0.80
C MET BB 235 37.52 -107.48 1.15
N LYS BB 236 37.30 -108.63 1.80
CA LYS BB 236 38.40 -109.54 2.08
C LYS BB 236 39.01 -110.08 0.79
N ALA BB 237 38.15 -110.43 -0.18
CA ALA BB 237 38.65 -110.99 -1.43
C ALA BB 237 39.39 -109.94 -2.26
N ARG BB 238 38.81 -108.75 -2.41
CA ARG BB 238 39.46 -107.71 -3.21
C ARG BB 238 40.79 -107.31 -2.59
N ARG BB 239 40.83 -107.16 -1.26
CA ARG BB 239 42.10 -106.89 -0.59
C ARG BB 239 42.99 -108.13 -0.59
N SER BB 240 42.38 -109.31 -0.48
CA SER BB 240 43.14 -110.55 -0.48
C SER BB 240 42.28 -111.72 -0.95
N GLN CB 45 24.93 77.76 -2.83
CA GLN CB 45 25.10 79.22 -3.02
C GLN CB 45 26.34 79.72 -2.31
N GLU CB 46 26.90 80.83 -2.80
CA GLU CB 46 28.10 81.44 -2.24
C GLU CB 46 27.74 82.78 -1.61
N ALA CB 47 28.75 83.46 -1.07
CA ALA CB 47 28.52 84.77 -0.51
C ALA CB 47 28.08 85.72 -1.62
N PRO CB 48 27.07 86.57 -1.37
CA PRO CB 48 26.58 87.44 -2.45
C PRO CB 48 27.66 88.38 -2.98
N GLU CB 49 28.55 88.86 -2.11
CA GLU CB 49 29.60 89.78 -2.56
C GLU CB 49 30.55 89.09 -3.53
N ASP CB 50 30.90 87.83 -3.27
CA ASP CB 50 31.85 87.13 -4.12
C ASP CB 50 31.32 87.00 -5.54
N LEU CB 51 30.02 86.72 -5.69
CA LEU CB 51 29.45 86.58 -7.02
C LEU CB 51 29.60 87.87 -7.82
N LEU CB 52 29.46 89.03 -7.16
CA LEU CB 52 29.44 90.29 -7.87
C LEU CB 52 30.73 90.50 -8.66
N GLU CB 53 31.87 90.24 -8.02
CA GLU CB 53 33.15 90.37 -8.71
C GLU CB 53 33.25 89.40 -9.88
N ARG CB 54 32.87 88.14 -9.65
CA ARG CB 54 32.96 87.14 -10.70
C ARG CB 54 31.99 87.44 -11.84
N LEU CB 55 30.78 87.89 -11.51
CA LEU CB 55 29.78 88.13 -12.55
C LEU CB 55 30.23 89.22 -13.51
N LEU CB 56 30.75 90.33 -12.99
CA LEU CB 56 31.17 91.42 -13.86
C LEU CB 56 32.35 91.00 -14.74
N GLY CB 57 33.28 90.22 -14.19
CA GLY CB 57 34.39 89.75 -15.00
C GLY CB 57 33.92 88.98 -16.22
N GLU CB 58 32.90 88.15 -16.05
CA GLU CB 58 32.30 87.47 -17.19
C GLU CB 58 31.63 88.47 -18.12
N MET CB 59 30.96 89.47 -17.55
CA MET CB 59 30.26 90.46 -18.37
C MET CB 59 31.24 91.24 -19.24
N GLU CB 60 32.36 91.69 -18.65
CA GLU CB 60 33.34 92.44 -19.42
C GLU CB 60 33.93 91.60 -20.53
N LEU CB 61 34.23 90.33 -20.23
CA LEU CB 61 34.80 89.45 -21.25
C LEU CB 61 33.84 89.28 -22.41
N GLU CB 62 32.55 89.15 -22.14
CA GLU CB 62 31.58 88.95 -23.20
C GLU CB 62 31.49 90.17 -24.12
N LEU CB 63 31.58 91.37 -23.55
CA LEU CB 63 31.32 92.58 -24.33
C LEU CB 63 32.32 92.73 -25.47
N ILE CB 64 33.60 92.48 -25.20
CA ILE CB 64 34.61 92.63 -26.25
C ILE CB 64 34.36 91.62 -27.36
N GLU CB 65 33.90 90.42 -26.99
CA GLU CB 65 33.57 89.43 -28.01
C GLU CB 65 32.48 89.96 -28.94
N LEU CB 66 31.48 90.62 -28.38
CA LEU CB 66 30.48 91.30 -29.20
C LEU CB 66 31.13 92.36 -30.07
N ARG CB 67 32.04 93.14 -29.50
CA ARG CB 67 32.71 94.18 -30.26
C ARG CB 67 33.49 93.59 -31.44
N ARG CB 68 34.20 92.49 -31.19
CA ARG CB 68 34.96 91.85 -32.27
C ARG CB 68 34.04 91.33 -33.35
N ALA CB 69 32.93 90.69 -32.97
CA ALA CB 69 32.04 90.08 -33.96
C ALA CB 69 31.43 91.14 -34.88
N LEU CB 70 30.98 92.26 -34.30
CA LEU CB 70 30.35 93.28 -35.12
C LEU CB 70 31.27 93.78 -36.22
N ALA CB 71 32.59 93.81 -35.96
CA ALA CB 71 33.52 94.25 -36.99
C ALA CB 71 33.46 93.35 -38.22
N GLN CB 72 33.37 92.04 -38.00
CA GLN CB 72 33.32 91.11 -39.14
C GLN CB 72 32.11 91.37 -40.01
N THR CB 73 30.99 91.77 -39.40
CA THR CB 73 29.81 92.13 -40.18
C THR CB 73 30.12 93.30 -41.10
N ILE CB 74 30.83 94.30 -40.59
CA ILE CB 74 31.15 95.48 -41.40
C ILE CB 74 32.00 95.08 -42.60
N ALA CB 75 32.91 94.12 -42.41
CA ALA CB 75 33.80 93.71 -43.50
C ALA CB 75 32.99 93.23 -44.70
N THR CB 76 32.03 92.34 -44.48
CA THR CB 76 31.21 91.83 -45.58
C THR CB 76 30.36 92.95 -46.18
N PHE CB 77 29.79 93.81 -45.33
CA PHE CB 77 29.01 94.93 -45.83
C PHE CB 77 29.82 95.81 -46.75
N LYS CB 78 31.08 96.08 -46.39
CA LYS CB 78 31.96 96.84 -47.28
C LYS CB 78 32.43 95.99 -48.45
N SER CB 79 32.74 94.72 -48.20
CA SER CB 79 33.30 93.88 -49.25
C SER CB 79 32.35 93.72 -50.42
N THR CB 80 31.09 93.40 -50.13
CA THR CB 80 30.10 93.23 -51.20
C THR CB 80 29.89 94.54 -51.95
N GLU CB 81 29.85 95.65 -51.22
CA GLU CB 81 29.67 96.95 -51.87
C GLU CB 81 30.79 97.22 -52.87
N ARG CB 82 32.03 96.94 -52.47
CA ARG CB 82 33.14 97.03 -53.42
C ARG CB 82 32.96 96.04 -54.56
N GLN CB 83 32.49 94.83 -54.24
CA GLN CB 83 32.22 93.84 -55.28
C GLN CB 83 31.14 94.31 -56.23
N ARG CB 84 30.11 94.98 -55.69
CA ARG CB 84 29.02 95.46 -56.52
C ARG CB 84 29.51 96.45 -57.57
N ASP CB 85 30.38 97.37 -57.17
CA ASP CB 85 30.87 98.38 -58.11
C ASP CB 85 31.60 97.74 -59.28
N ALA CB 86 32.25 96.60 -59.06
CA ALA CB 86 33.02 95.97 -60.13
C ALA CB 86 32.12 95.55 -61.28
N GLN CB 87 30.96 94.95 -60.96
CA GLN CB 87 30.10 94.43 -62.02
C GLN CB 87 29.59 95.53 -62.93
N GLN CB 88 29.06 96.62 -62.35
CA GLN CB 88 28.55 97.71 -63.17
C GLN CB 88 29.65 98.31 -64.04
N LEU CB 89 30.89 98.33 -63.54
CA LEU CB 89 31.99 98.81 -64.36
C LEU CB 89 32.15 97.95 -65.61
N ILE CB 90 32.02 96.64 -65.46
CA ILE CB 90 32.10 95.74 -66.62
C ILE CB 90 30.97 96.05 -67.59
N ALA CB 91 29.75 96.23 -67.07
CA ALA CB 91 28.63 96.56 -67.93
C ALA CB 91 28.89 97.88 -68.66
N GLN CB 92 29.51 98.84 -67.99
CA GLN CB 92 29.84 100.09 -68.64
C GLN CB 92 30.78 99.87 -69.82
N ARG CB 93 31.74 98.95 -69.68
CA ARG CB 93 32.66 98.66 -70.76
C ARG CB 93 31.91 98.20 -72.01
N TRP CB 94 30.97 97.26 -71.84
CA TRP CB 94 30.17 96.81 -72.97
C TRP CB 94 29.34 97.95 -73.54
N TYR CB 95 28.73 98.76 -72.68
CA TYR CB 95 27.97 99.90 -73.15
C TYR CB 95 28.87 100.88 -73.90
N GLU CB 96 30.04 101.17 -73.34
CA GLU CB 96 30.98 102.04 -74.03
C GLU CB 96 31.42 101.42 -75.35
N LYS CB 97 31.69 100.12 -75.35
CA LYS CB 97 32.04 99.43 -76.58
C LYS CB 97 30.89 99.49 -77.57
N ALA CB 98 29.66 99.27 -77.10
CA ALA CB 98 28.50 99.33 -77.97
C ALA CB 98 28.29 100.73 -78.54
N GLN CB 99 28.85 101.76 -77.91
CA GLN CB 99 28.68 103.11 -78.42
C GLN CB 99 29.27 103.25 -79.83
N ALA CB 100 30.46 102.70 -80.03
CA ALA CB 100 31.12 102.72 -81.34
C ALA CB 100 30.93 101.41 -82.09
N ALA CB 101 30.17 100.47 -81.55
CA ALA CB 101 29.95 99.19 -82.21
C ALA CB 101 29.32 99.39 -83.58
N LEU CB 102 28.26 100.20 -83.64
CA LEU CB 102 27.57 100.51 -84.88
C LEU CB 102 28.04 101.83 -85.48
N ASP CB 103 29.09 102.45 -84.92
CA ASP CB 103 29.62 103.67 -85.51
C ASP CB 103 30.00 103.46 -86.98
N ARG CB 104 30.42 102.25 -87.33
CA ARG CB 104 30.66 101.88 -88.72
C ARG CB 104 29.38 101.53 -89.45
N GLY CB 105 28.22 101.72 -88.82
CA GLY CB 105 26.96 101.24 -89.34
C GLY CB 105 26.65 99.81 -88.96
N ASN CB 106 27.46 99.18 -88.12
CA ASN CB 106 27.28 97.79 -87.72
C ASN CB 106 26.28 97.72 -86.57
N GLU CB 107 25.00 97.90 -86.92
CA GLU CB 107 23.94 97.85 -85.93
C GLU CB 107 23.79 96.46 -85.34
N GLN CB 108 23.99 95.41 -86.16
CA GLN CB 108 23.78 94.05 -85.69
C GLN CB 108 24.68 93.72 -84.51
N LEU CB 109 25.95 94.12 -84.58
CA LEU CB 109 26.88 93.80 -83.49
C LEU CB 109 26.45 94.44 -82.19
N ALA CB 110 26.00 95.70 -82.24
CA ALA CB 110 25.59 96.39 -81.02
C ALA CB 110 24.42 95.68 -80.35
N ARG CB 111 23.62 94.93 -81.11
CA ARG CB 111 22.51 94.21 -80.52
C ARG CB 111 22.99 93.23 -79.46
N GLU CB 112 24.06 92.49 -79.74
CA GLU CB 112 24.55 91.51 -78.79
C GLU CB 112 25.04 92.17 -77.51
N ALA CB 113 25.74 93.30 -77.64
CA ALA CB 113 26.31 93.96 -76.46
C ALA CB 113 25.21 94.38 -75.50
N LEU CB 114 24.20 95.10 -75.99
CA LEU CB 114 23.13 95.55 -75.11
C LEU CB 114 22.37 94.37 -74.52
N GLY CB 115 22.16 93.32 -75.30
CA GLY CB 115 21.56 92.11 -74.74
C GLY CB 115 22.46 91.46 -73.71
N GLN CB 116 23.78 91.50 -73.94
CA GLN CB 116 24.72 90.87 -73.01
C GLN CB 116 24.73 91.57 -71.66
N ARG CB 117 24.76 92.90 -71.66
CA ARG CB 117 24.89 93.66 -70.42
C ARG CB 117 23.69 93.53 -69.51
N GLN CB 118 22.54 93.10 -70.03
CA GLN CB 118 21.36 92.96 -69.19
C GLN CB 118 21.58 91.93 -68.08
N SER CB 119 22.25 90.82 -68.41
CA SER CB 119 22.53 89.81 -67.41
C SER CB 119 23.34 90.40 -66.25
N TYR CB 120 24.35 91.21 -66.56
CA TYR CB 120 25.13 91.85 -65.52
C TYR CB 120 24.26 92.79 -64.69
N GLN CB 121 23.38 93.55 -65.34
CA GLN CB 121 22.52 94.48 -64.63
C GLN CB 121 21.66 93.77 -63.60
N SER CB 122 21.26 92.52 -63.89
CA SER CB 122 20.44 91.78 -62.96
C SER CB 122 21.16 91.57 -61.63
N HIS CB 123 22.44 91.22 -61.69
CA HIS CB 123 23.22 91.03 -60.47
C HIS CB 123 23.32 92.33 -59.69
N THR CB 124 23.54 93.44 -60.39
CA THR CB 124 23.67 94.73 -59.71
C THR CB 124 22.41 95.07 -58.95
N GLU CB 125 21.24 94.88 -59.58
CA GLU CB 125 19.99 95.16 -58.91
C GLU CB 125 19.79 94.24 -57.71
N ALA CB 126 20.12 92.96 -57.86
CA ALA CB 126 19.96 92.02 -56.76
C ALA CB 126 20.83 92.40 -55.57
N LEU CB 127 22.08 92.79 -55.83
CA LEU CB 127 22.96 93.18 -54.73
C LEU CB 127 22.54 94.49 -54.10
N GLY CB 128 22.08 95.45 -54.90
CA GLY CB 128 21.66 96.72 -54.35
C GLY CB 128 20.55 96.56 -53.32
N LYS CB 129 19.58 95.69 -53.60
CA LYS CB 129 18.54 95.41 -52.63
C LYS CB 129 19.10 94.72 -51.39
N SER CB 130 20.04 93.79 -51.58
CA SER CB 130 20.59 93.04 -50.45
C SER CB 130 21.31 93.96 -49.48
N LEU CB 131 22.09 94.91 -49.99
CA LEU CB 131 22.80 95.84 -49.11
C LEU CB 131 21.83 96.76 -48.40
N GLY CB 132 20.71 97.11 -49.05
CA GLY CB 132 19.78 98.03 -48.44
C GLY CB 132 19.28 97.57 -47.09
N GLU CB 133 18.96 96.28 -46.97
CA GLU CB 133 18.50 95.76 -45.68
C GLU CB 133 19.65 95.63 -44.70
N GLN CB 134 20.82 95.20 -45.17
CA GLN CB 134 21.98 95.08 -44.28
C GLN CB 134 22.38 96.43 -43.72
N ARG CB 135 22.33 97.48 -44.55
CA ARG CB 135 22.81 98.79 -44.12
C ARG CB 135 22.05 99.28 -42.89
N ALA CB 136 20.74 99.16 -42.89
CA ALA CB 136 19.93 99.60 -41.77
C ALA CB 136 19.89 98.58 -40.64
N LEU CB 137 20.44 97.38 -40.84
CA LEU CB 137 20.41 96.37 -39.80
C LEU CB 137 21.57 96.53 -38.83
N VAL CB 138 22.79 96.69 -39.34
CA VAL CB 138 23.94 96.83 -38.48
C VAL CB 138 23.84 98.11 -37.65
N GLU CB 139 23.38 99.19 -38.27
CA GLU CB 139 23.25 100.46 -37.56
C GLU CB 139 22.43 100.28 -36.29
N GLN CB 140 21.40 99.44 -36.34
CA GLN CB 140 20.64 99.12 -35.14
C GLN CB 140 21.51 98.35 -34.15
N VAL CB 141 22.35 97.45 -34.64
CA VAL CB 141 23.21 96.66 -33.75
C VAL CB 141 24.17 97.58 -33.00
N ARG CB 142 24.78 98.52 -33.70
CA ARG CB 142 25.73 99.43 -33.07
C ARG CB 142 25.08 100.16 -31.90
N GLY CB 143 23.81 100.53 -32.02
CA GLY CB 143 23.13 101.21 -30.92
C GLY CB 143 23.06 100.36 -29.68
N GLN CB 144 22.76 99.06 -29.83
CA GLN CB 144 22.71 98.18 -28.68
C GLN CB 144 24.07 98.09 -27.99
N LEU CB 145 25.13 97.92 -28.77
CA LEU CB 145 26.47 97.82 -28.18
C LEU CB 145 26.83 99.10 -27.44
N GLN CB 146 26.61 100.25 -28.06
CA GLN CB 146 26.97 101.51 -27.44
C GLN CB 146 26.18 101.74 -26.16
N LYS CB 147 24.88 101.46 -26.19
CA LYS CB 147 24.07 101.62 -24.99
C LYS CB 147 24.53 100.67 -23.89
N LEU CB 148 24.85 99.42 -24.26
CA LEU CB 148 25.30 98.46 -23.27
C LEU CB 148 26.58 98.93 -22.59
N GLU CB 149 27.54 99.43 -23.37
CA GLU CB 149 28.78 99.92 -22.79
C GLU CB 149 28.53 101.05 -21.81
N ARG CB 150 27.65 101.99 -22.17
CA ARG CB 150 27.31 103.06 -21.25
C ARG CB 150 26.66 102.53 -19.99
N LYS CB 151 25.78 101.54 -20.15
CA LYS CB 151 25.13 100.94 -18.98
C LYS CB 151 26.12 100.13 -18.15
N TYR CB 152 27.15 99.57 -18.79
CA TYR CB 152 28.10 98.75 -18.07
C TYR CB 152 28.80 99.53 -16.96
N LEU CB 153 29.26 100.74 -17.28
CA LEU CB 153 30.05 101.51 -16.32
C LEU CB 153 29.23 101.87 -15.08
N GLU CB 154 27.96 102.22 -15.27
CA GLU CB 154 27.14 102.66 -14.15
C GLU CB 154 27.03 101.60 -13.06
N LEU CB 155 27.24 100.33 -13.42
CA LEU CB 155 27.25 99.27 -12.41
C LEU CB 155 28.58 99.21 -11.68
N LYS CB 156 29.68 99.19 -12.43
CA LYS CB 156 30.99 99.06 -11.81
C LYS CB 156 31.30 100.25 -10.91
N SER CB 157 30.87 101.45 -11.31
CA SER CB 157 31.13 102.63 -10.50
C SER CB 157 30.48 102.54 -9.13
N GLN CB 158 29.50 101.67 -8.96
CA GLN CB 158 28.83 101.50 -7.66
C GLN CB 158 29.27 100.27 -6.91
N LYS CB 159 29.82 99.26 -7.60
CA LYS CB 159 30.15 98.01 -6.91
C LYS CB 159 31.16 98.24 -5.81
N ASN CB 160 32.20 99.04 -6.09
CA ASN CB 160 33.20 99.33 -5.07
C ASN CB 160 32.58 100.05 -3.88
N LEU CB 161 31.60 100.91 -4.12
CA LEU CB 161 30.94 101.62 -3.03
C LEU CB 161 30.21 100.67 -2.10
N TYR CB 162 29.49 99.70 -2.66
CA TYR CB 162 28.76 98.75 -1.82
C TYR CB 162 29.70 97.90 -0.99
N LEU CB 163 30.79 97.42 -1.58
CA LEU CB 163 31.72 96.58 -0.83
C LEU CB 163 32.28 97.33 0.37
N ALA CB 164 32.59 98.61 0.21
CA ALA CB 164 33.12 99.39 1.31
C ALA CB 164 32.13 99.44 2.46
N ARG CB 165 30.85 99.68 2.15
CA ARG CB 165 29.83 99.68 3.19
C ARG CB 165 29.73 98.32 3.86
N LEU CB 166 29.79 97.25 3.06
CA LEU CB 166 29.70 95.91 3.61
C LEU CB 166 30.87 95.63 4.55
N LYS CB 167 32.08 96.01 4.14
CA LYS CB 167 33.25 95.79 5.01
C LYS CB 167 33.16 96.63 6.27
N SER CB 168 32.56 97.82 6.17
CA SER CB 168 32.44 98.69 7.35
C SER CB 168 31.52 98.06 8.40
N ALA CB 169 30.35 97.59 7.96
CA ALA CB 169 29.37 97.08 8.92
C ALA CB 169 29.79 95.74 9.48
N ILE CB 170 30.28 94.83 8.62
CA ILE CB 170 30.69 93.52 9.08
C ILE CB 170 31.75 93.65 10.17
N ALA CB 171 32.74 94.52 9.95
CA ALA CB 171 33.75 94.76 10.97
C ALA CB 171 33.12 95.33 12.23
N ALA CB 172 32.18 96.27 12.08
CA ALA CB 172 31.54 96.88 13.24
C ALA CB 172 30.87 95.83 14.11
N GLN CB 173 30.19 94.87 13.48
CA GLN CB 173 29.59 93.77 14.24
C GLN CB 173 30.66 92.98 14.99
N LYS CB 174 31.79 92.72 14.34
CA LYS CB 174 32.86 91.97 14.98
C LYS CB 174 33.40 92.71 16.19
N ILE CB 175 33.57 94.03 16.08
CA ILE CB 175 34.09 94.82 17.18
C ILE CB 175 33.13 94.80 18.35
N GLU CB 176 31.84 95.03 18.08
CA GLU CB 176 30.87 95.24 19.16
C GLU CB 176 30.74 94.00 20.04
N GLU CB 177 30.70 92.82 19.43
CA GLU CB 177 30.54 91.61 20.24
C GLU CB 177 31.71 91.41 21.19
N ILE CB 178 32.86 92.02 20.89
CA ILE CB 178 34.03 91.94 21.75
C ILE CB 178 34.06 93.17 22.66
N ALA CB 179 32.93 93.89 22.73
CA ALA CB 179 32.88 95.09 23.55
C ALA CB 179 33.30 94.81 24.97
N GLY CB 180 33.02 93.61 25.48
CA GLY CB 180 33.39 93.26 26.84
C GLY CB 180 32.78 94.21 27.85
N ASN CB 181 31.49 94.48 27.70
CA ASN CB 181 30.82 95.42 28.58
C ASN CB 181 30.98 94.99 30.04
N LEU CB 182 31.36 95.94 30.89
CA LEU CB 182 31.57 95.63 32.29
C LEU CB 182 30.25 95.32 32.99
N ASP CB 183 29.14 95.86 32.50
CA ASP CB 183 27.86 95.73 33.19
C ASP CB 183 27.23 94.36 33.06
N ASN CB 184 27.70 93.50 32.14
CA ASN CB 184 27.02 92.23 31.91
C ASN CB 184 27.01 91.38 33.18
N ALA CB 185 28.16 91.21 33.81
CA ALA CB 185 28.26 90.44 35.05
C ALA CB 185 27.72 89.02 34.86
N SER CB 186 27.99 88.45 33.68
CA SER CB 186 27.51 87.12 33.33
C SER CB 186 28.53 86.28 32.59
N ALA CB 187 29.75 86.76 32.41
CA ALA CB 187 30.84 86.13 31.65
C ALA CB 187 30.63 86.31 30.15
N SER CB 188 29.53 86.92 29.72
CA SER CB 188 29.39 87.25 28.30
C SER CB 188 30.47 88.24 27.87
N SER CB 189 30.73 89.25 28.69
CA SER CB 189 31.88 90.11 28.51
C SER CB 189 33.10 89.43 29.11
N LEU CB 190 34.13 89.23 28.30
CA LEU CB 190 35.31 88.52 28.78
C LEU CB 190 35.96 89.23 29.96
N PHE CB 191 35.79 90.55 30.07
CA PHE CB 191 36.37 91.27 31.20
C PHE CB 191 35.73 90.84 32.51
N GLU CB 192 34.40 90.82 32.56
CA GLU CB 192 33.72 90.39 33.78
C GLU CB 192 34.01 88.93 34.08
N ARG CB 193 34.23 88.11 33.04
CA ARG CB 193 34.66 86.74 33.27
C ARG CB 193 36.00 86.72 33.99
N ILE CB 194 36.93 87.60 33.59
CA ILE CB 194 38.19 87.73 34.30
C ILE CB 194 37.95 88.16 35.74
N GLU CB 195 37.07 89.13 35.94
CA GLU CB 195 36.81 89.62 37.30
C GLU CB 195 36.31 88.50 38.19
N THR CB 196 35.43 87.64 37.67
CA THR CB 196 35.00 86.49 38.43
C THR CB 196 36.17 85.57 38.76
N LYS CB 197 37.09 85.40 37.81
CA LYS CB 197 38.27 84.58 38.06
C LYS CB 197 39.10 85.15 39.20
N ILE CB 198 39.27 86.48 39.23
CA ILE CB 198 40.10 87.10 40.25
C ILE CB 198 39.56 86.79 41.65
N LEU CB 199 38.26 87.01 41.84
CA LEU CB 199 37.66 86.80 43.15
C LEU CB 199 37.69 85.33 43.55
N GLU CB 200 37.67 84.42 42.58
CA GLU CB 200 37.72 83.00 42.89
C GLU CB 200 39.00 82.66 43.65
N LEU CB 201 40.14 83.15 43.17
CA LEU CB 201 41.42 82.84 43.80
C LEU CB 201 41.52 83.50 45.17
N GLU CB 202 41.20 84.79 45.25
CA GLU CB 202 41.28 85.48 46.53
C GLU CB 202 40.43 84.82 47.59
N ALA CB 203 39.30 84.22 47.19
CA ALA CB 203 38.45 83.53 48.14
C ALA CB 203 39.15 82.33 48.76
N GLU CB 204 39.88 81.56 47.95
CA GLU CB 204 40.54 80.37 48.45
C GLU CB 204 41.58 80.72 49.50
N ARG CB 205 42.39 81.76 49.25
CA ARG CB 205 43.48 82.09 50.16
C ARG CB 205 42.96 82.46 51.53
N GLU CB 206 41.95 83.33 51.59
CA GLU CB 206 41.44 83.79 52.88
C GLU CB 206 40.89 82.63 53.70
N LEU CB 207 40.15 81.73 53.06
CA LEU CB 207 39.59 80.59 53.78
C LEU CB 207 40.68 79.66 54.28
N LEU CB 208 41.67 79.38 53.44
CA LEU CB 208 42.73 78.45 53.84
C LEU CB 208 43.63 79.04 54.90
N ASN CB 209 43.66 80.38 55.01
CA ASN CB 209 44.42 81.10 56.02
C ASN CB 209 43.44 82.01 56.75
N PRO CB 210 42.71 81.50 57.73
CA PRO CB 210 41.71 82.32 58.42
C PRO CB 210 42.29 83.64 58.88
N PRO CB 211 41.81 84.76 58.33
CA PRO CB 211 42.32 86.06 58.77
C PRO CB 211 41.88 86.38 60.19
N PRO CB 212 42.52 87.34 60.85
CA PRO CB 212 42.16 87.62 62.24
C PRO CB 212 40.70 88.02 62.38
N SER CB 213 40.10 87.59 63.49
CA SER CB 213 38.73 87.96 63.78
C SER CB 213 38.65 89.45 64.12
N PRO CB 214 37.50 90.08 63.90
CA PRO CB 214 37.39 91.51 64.26
C PRO CB 214 37.65 91.77 65.73
N LEU CB 215 37.29 90.83 66.60
CA LEU CB 215 37.59 90.98 68.02
C LEU CB 215 39.09 91.04 68.25
N ASP CB 216 39.85 90.18 67.57
CA ASP CB 216 41.31 90.23 67.67
C ASP CB 216 41.83 91.57 67.16
N LYS CB 217 41.28 92.05 66.05
CA LYS CB 217 41.65 93.37 65.54
C LYS CB 217 41.37 94.44 66.59
N LYS CB 218 40.21 94.37 67.24
CA LYS CB 218 39.87 95.35 68.26
C LYS CB 218 40.94 95.39 69.36
N PHE CB 219 41.35 94.22 69.83
CA PHE CB 219 42.34 94.17 70.91
C PHE CB 219 43.66 94.78 70.47
N GLU CB 220 44.10 94.48 69.24
CA GLU CB 220 45.42 94.92 68.80
C GLU CB 220 45.53 96.43 68.82
N GLN CB 221 44.59 97.12 68.17
CA GLN CB 221 44.58 98.58 68.22
C GLN CB 221 44.25 99.07 69.61
N TRP CB 222 43.32 98.41 70.29
CA TRP CB 222 42.96 98.79 71.65
C TRP CB 222 44.18 98.80 72.56
N GLU CB 223 45.16 97.94 72.29
CA GLU CB 223 46.37 97.89 73.11
C GLU CB 223 47.32 99.03 72.77
N GLU CB 224 47.44 99.40 71.50
CA GLU CB 224 48.45 100.37 71.10
C GLU CB 224 48.21 101.75 71.69
N GLN CB 225 46.95 102.12 71.89
CA GLN CB 225 46.66 103.47 72.37
C GLN CB 225 47.30 103.73 73.72
N GLN CB 226 47.20 102.76 74.63
CA GLN CB 226 47.85 102.91 75.93
C GLN CB 226 49.37 102.93 75.78
N ALA CB 227 49.91 102.08 74.91
CA ALA CB 227 51.35 102.03 74.73
C ALA CB 227 51.90 103.37 74.28
N VAL CB 228 51.27 103.98 73.28
CA VAL CB 228 51.72 105.30 72.82
C VAL CB 228 51.39 106.37 73.85
N GLU CB 229 50.21 106.29 74.46
CA GLU CB 229 49.84 107.28 75.47
C GLU CB 229 50.69 107.12 76.72
N ALA CB 230 50.92 105.87 77.15
CA ALA CB 230 51.79 105.66 78.31
C ALA CB 230 53.20 106.14 78.03
N THR CB 231 53.72 105.84 76.84
CA THR CB 231 55.02 106.38 76.45
C THR CB 231 54.95 107.90 76.35
N LEU CB 232 53.89 108.42 75.75
CA LEU CB 232 53.70 109.87 75.69
C LEU CB 232 53.45 110.46 77.08
N ALA CB 233 52.72 109.74 77.94
CA ALA CB 233 52.52 110.19 79.30
C ALA CB 233 53.86 110.27 80.04
N ALA CB 234 54.71 109.25 79.85
CA ALA CB 234 56.06 109.29 80.40
C ALA CB 234 56.96 110.24 79.63
N MET CB 235 56.64 110.53 78.37
CA MET CB 235 57.44 111.48 77.60
C MET CB 235 57.49 112.83 78.29
N LYS CB 236 56.33 113.37 78.66
CA LYS CB 236 56.29 114.62 79.41
C LYS CB 236 56.94 114.45 80.77
N ALA CB 237 56.67 113.33 81.44
CA ALA CB 237 57.22 113.11 82.77
C ALA CB 237 58.73 112.88 82.72
N ARG CB 238 59.19 112.02 81.81
CA ARG CB 238 60.62 111.73 81.73
C ARG CB 238 61.40 112.99 81.36
N ARG CB 239 60.89 113.77 80.41
CA ARG CB 239 61.51 115.05 80.09
C ARG CB 239 61.28 116.06 81.22
N SER CB 240 60.13 116.00 81.86
CA SER CB 240 59.81 116.92 82.94
C SER CB 240 58.77 116.32 83.88
N GLN DB 45 -78.91 21.38 7.30
CA GLN DB 45 -78.73 22.85 7.11
C GLN DB 45 -77.48 23.34 7.83
N GLU DB 46 -76.93 24.45 7.34
CA GLU DB 46 -75.73 25.06 7.90
C GLU DB 46 -76.08 26.39 8.54
N ALA DB 47 -75.07 27.06 9.08
CA ALA DB 47 -75.29 28.37 9.66
C ALA DB 47 -75.74 29.34 8.57
N PRO DB 48 -76.75 30.17 8.82
CA PRO DB 48 -77.24 31.06 7.76
C PRO DB 48 -76.16 32.00 7.23
N GLU DB 49 -75.27 32.48 8.10
CA GLU DB 49 -74.22 33.39 7.66
C GLU DB 49 -73.27 32.72 6.67
N ASP DB 50 -72.93 31.46 6.92
CA ASP DB 50 -71.98 30.76 6.06
C ASP DB 50 -72.51 30.64 4.64
N LEU DB 51 -73.81 30.36 4.49
CA LEU DB 51 -74.40 30.25 3.16
C LEU DB 51 -74.25 31.54 2.38
N LEU DB 52 -74.39 32.68 3.05
CA LEU DB 52 -74.41 33.95 2.35
C LEU DB 52 -73.12 34.18 1.56
N GLU DB 53 -71.97 33.90 2.19
CA GLU DB 53 -70.70 34.05 1.49
C GLU DB 53 -70.60 33.08 0.32
N ARG DB 54 -70.98 31.82 0.54
CA ARG DB 54 -70.90 30.82 -0.52
C ARG DB 54 -71.88 31.14 -1.65
N LEU DB 55 -73.08 31.59 -1.32
CA LEU DB 55 -74.09 31.83 -2.35
C LEU DB 55 -73.65 32.93 -3.31
N LEU DB 56 -73.12 34.04 -2.77
CA LEU DB 56 -72.70 35.14 -3.65
C LEU DB 56 -71.53 34.73 -4.52
N GLY DB 57 -70.60 33.95 -3.99
CA GLY DB 57 -69.49 33.48 -4.81
C GLY DB 57 -69.97 32.72 -6.03
N GLU DB 58 -70.99 31.88 -5.87
CA GLU DB 58 -71.59 31.22 -7.02
C GLU DB 58 -72.28 32.22 -7.93
N MET DB 59 -72.95 33.22 -7.35
CA MET DB 59 -73.63 34.22 -8.16
C MET DB 59 -72.66 35.02 -9.02
N GLU DB 60 -71.54 35.45 -8.43
CA GLU DB 60 -70.57 36.22 -9.20
C GLU DB 60 -69.97 35.37 -10.32
N LEU DB 61 -69.68 34.10 -10.03
CA LEU DB 61 -69.11 33.23 -11.06
C LEU DB 61 -70.08 33.08 -12.23
N GLU DB 62 -71.37 32.94 -11.95
CA GLU DB 62 -72.35 32.76 -13.01
C GLU DB 62 -72.43 33.98 -13.92
N LEU DB 63 -72.34 35.18 -13.33
CA LEU DB 63 -72.61 36.40 -14.09
C LEU DB 63 -71.61 36.56 -15.24
N ILE DB 64 -70.33 36.31 -14.99
CA ILE DB 64 -69.33 36.47 -16.04
C ILE DB 64 -69.58 35.46 -17.15
N GLU DB 65 -70.04 34.26 -16.80
CA GLU DB 65 -70.38 33.28 -17.82
C GLU DB 65 -71.47 33.82 -18.74
N LEU DB 66 -72.48 34.48 -18.16
CA LEU DB 66 -73.47 35.16 -18.98
C LEU DB 66 -72.83 36.23 -19.84
N ARG DB 67 -71.91 37.01 -19.26
CA ARG DB 67 -71.24 38.05 -20.03
C ARG DB 67 -70.47 37.47 -21.21
N ARG DB 68 -69.77 36.37 -20.98
CA ARG DB 68 -69.01 35.74 -22.06
C ARG DB 68 -69.93 35.22 -23.16
N ALA DB 69 -71.04 34.58 -22.77
CA ALA DB 69 -71.93 33.99 -23.75
C ALA DB 69 -72.55 35.05 -24.66
N LEU DB 70 -73.00 36.16 -24.08
CA LEU DB 70 -73.63 37.20 -24.87
C LEU DB 70 -72.72 37.70 -25.98
N ALA DB 71 -71.41 37.73 -25.73
CA ALA DB 71 -70.47 38.19 -26.75
C ALA DB 71 -70.53 37.29 -27.99
N GLN DB 72 -70.62 35.98 -27.80
CA GLN DB 72 -70.68 35.06 -28.93
C GLN DB 72 -71.90 35.34 -29.79
N THR DB 73 -73.02 35.72 -29.17
CA THR DB 73 -74.19 36.09 -29.94
C THR DB 73 -73.89 37.28 -30.85
N ILE DB 74 -73.17 38.27 -30.34
CA ILE DB 74 -72.86 39.45 -31.15
C ILE DB 74 -72.01 39.07 -32.34
N ALA DB 75 -71.10 38.10 -32.18
CA ALA DB 75 -70.23 37.71 -33.28
C ALA DB 75 -71.04 37.24 -34.48
N THR DB 76 -72.00 36.33 -34.25
CA THR DB 76 -72.83 35.86 -35.35
C THR DB 76 -73.68 36.97 -35.93
N PHE DB 77 -74.23 37.82 -35.07
CA PHE DB 77 -75.03 38.95 -35.56
C PHE DB 77 -74.21 39.84 -36.48
N LYS DB 78 -72.95 40.09 -36.12
CA LYS DB 78 -72.08 40.86 -37.01
C LYS DB 78 -71.62 40.03 -38.19
N SER DB 79 -71.30 38.75 -37.95
CA SER DB 79 -70.74 37.92 -39.02
C SER DB 79 -71.71 37.78 -40.18
N THR DB 80 -72.97 37.45 -39.89
CA THR DB 80 -73.96 37.29 -40.95
C THR DB 80 -74.17 38.61 -41.69
N GLU DB 81 -74.21 39.73 -40.95
CA GLU DB 81 -74.39 41.02 -41.60
C GLU DB 81 -73.27 41.30 -42.58
N ARG DB 82 -72.03 41.01 -42.20
CA ARG DB 82 -70.93 41.11 -43.15
C ARG DB 82 -71.12 40.13 -44.31
N GLN DB 83 -71.58 38.92 -44.00
CA GLN DB 83 -71.86 37.94 -45.04
C GLN DB 83 -72.95 38.42 -45.98
N ARG DB 84 -73.96 39.09 -45.42
CA ARG DB 84 -75.07 39.57 -46.25
C ARG DB 84 -74.57 40.57 -47.29
N ASP DB 85 -73.70 41.49 -46.89
CA ASP DB 85 -73.22 42.51 -47.83
C ASP DB 85 -72.50 41.88 -49.00
N ALA DB 86 -71.85 40.74 -48.80
CA ALA DB 86 -71.08 40.11 -49.87
C ALA DB 86 -71.99 39.70 -51.03
N GLN DB 87 -73.14 39.11 -50.71
CA GLN DB 87 -74.01 38.59 -51.76
C GLN DB 87 -74.53 39.71 -52.66
N GLN DB 88 -75.05 40.78 -52.06
CA GLN DB 88 -75.56 41.89 -52.87
C GLN DB 88 -74.47 42.49 -53.74
N LEU DB 89 -73.24 42.51 -53.25
CA LEU DB 89 -72.13 42.99 -54.07
C LEU DB 89 -71.98 42.15 -55.33
N ILE DB 90 -72.10 40.83 -55.20
CA ILE DB 90 -72.03 39.95 -56.36
C ILE DB 90 -73.17 40.27 -57.32
N ALA DB 91 -74.38 40.43 -56.80
CA ALA DB 91 -75.51 40.78 -57.65
C ALA DB 91 -75.27 42.10 -58.37
N GLN DB 92 -74.63 43.06 -57.69
CA GLN DB 92 -74.30 44.32 -58.34
C GLN DB 92 -73.37 44.10 -59.52
N ARG DB 93 -72.41 43.18 -59.38
CA ARG DB 93 -71.49 42.91 -60.48
C ARG DB 93 -72.25 42.45 -61.72
N TRP DB 94 -73.19 41.52 -61.55
CA TRP DB 94 -73.99 41.08 -62.69
C TRP DB 94 -74.82 42.22 -63.25
N TYR DB 95 -75.43 43.02 -62.38
CA TYR DB 95 -76.19 44.17 -62.84
C TYR DB 95 -75.30 45.15 -63.58
N GLU DB 96 -74.13 45.44 -63.02
CA GLU DB 96 -73.18 46.31 -63.71
C GLU DB 96 -72.75 45.70 -65.03
N LYS DB 97 -72.48 44.40 -65.05
CA LYS DB 97 -72.14 43.73 -66.29
C LYS DB 97 -73.29 43.79 -67.28
N ALA DB 98 -74.52 43.57 -66.79
CA ALA DB 98 -75.69 43.65 -67.66
C ALA DB 98 -75.90 45.05 -68.23
N GLN DB 99 -75.33 46.07 -67.58
CA GLN DB 99 -75.50 47.43 -68.08
C GLN DB 99 -74.92 47.57 -69.49
N ALA DB 100 -73.73 47.03 -69.71
CA ALA DB 100 -73.09 47.05 -71.01
C ALA DB 100 -73.28 45.76 -71.77
N ALA DB 101 -74.04 44.81 -71.23
CA ALA DB 101 -74.25 43.54 -71.91
C ALA DB 101 -74.89 43.75 -73.27
N LEU DB 102 -75.95 44.56 -73.31
CA LEU DB 102 -76.64 44.88 -74.56
C LEU DB 102 -76.18 46.21 -75.15
N ASP DB 103 -75.13 46.82 -74.58
CA ASP DB 103 -74.60 48.05 -75.17
C ASP DB 103 -74.23 47.85 -76.64
N ARG DB 104 -73.81 46.65 -77.00
CA ARG DB 104 -73.58 46.29 -78.40
C ARG DB 104 -74.86 45.94 -79.13
N GLY DB 105 -76.02 46.13 -78.49
CA GLY DB 105 -77.28 45.65 -79.01
C GLY DB 105 -77.59 44.22 -78.64
N ASN DB 106 -76.77 43.58 -77.80
CA ASN DB 106 -76.96 42.19 -77.42
C ASN DB 106 -77.96 42.11 -76.26
N GLU DB 107 -79.23 42.30 -76.60
CA GLU DB 107 -80.29 42.23 -75.60
C GLU DB 107 -80.45 40.83 -75.03
N GLN DB 108 -80.24 39.80 -75.85
CA GLN DB 108 -80.46 38.44 -75.40
C GLN DB 108 -79.55 38.10 -74.23
N LEU DB 109 -78.27 38.49 -74.30
CA LEU DB 109 -77.34 38.16 -73.24
C LEU DB 109 -77.76 38.79 -71.91
N ALA DB 110 -78.21 40.05 -71.94
CA ALA DB 110 -78.61 40.73 -70.72
C ALA DB 110 -79.79 40.02 -70.05
N ARG DB 111 -80.58 39.27 -70.83
CA ARG DB 111 -81.70 38.55 -70.23
C ARG DB 111 -81.21 37.55 -69.17
N GLU DB 112 -80.14 36.82 -69.47
CA GLU DB 112 -79.64 35.83 -68.53
C GLU DB 112 -79.15 36.48 -67.25
N ALA DB 113 -78.45 37.61 -67.36
CA ALA DB 113 -77.88 38.25 -66.19
C ALA DB 113 -78.97 38.67 -65.22
N LEU DB 114 -79.97 39.39 -65.70
CA LEU DB 114 -81.05 39.84 -64.81
C LEU DB 114 -81.80 38.66 -64.22
N GLY DB 115 -82.02 37.61 -65.01
CA GLY DB 115 -82.62 36.40 -64.47
C GLY DB 115 -81.71 35.74 -63.44
N GLN DB 116 -80.39 35.78 -63.68
CA GLN DB 116 -79.45 35.14 -62.77
C GLN DB 116 -79.43 35.83 -61.41
N ARG DB 117 -79.40 37.16 -61.39
CA ARG DB 117 -79.26 37.90 -60.15
C ARG DB 117 -80.46 37.77 -59.23
N GLN DB 118 -81.61 37.34 -59.75
CA GLN DB 118 -82.79 37.20 -58.89
C GLN DB 118 -82.56 36.15 -57.82
N SER DB 119 -81.90 35.05 -58.15
CA SER DB 119 -81.61 34.03 -57.16
C SER DB 119 -80.80 34.60 -56.00
N TYR DB 120 -79.78 35.42 -56.31
CA TYR DB 120 -79.01 36.06 -55.26
C TYR DB 120 -79.87 36.98 -54.42
N GLN DB 121 -80.75 37.75 -55.07
CA GLN DB 121 -81.60 38.68 -54.33
C GLN DB 121 -82.47 37.94 -53.31
N SER DB 122 -82.87 36.71 -53.62
CA SER DB 122 -83.68 35.96 -52.68
C SER DB 122 -82.95 35.74 -51.36
N HIS DB 123 -81.67 35.38 -51.43
CA HIS DB 123 -80.90 35.18 -50.20
C HIS DB 123 -80.78 36.48 -49.42
N THR DB 124 -80.56 37.60 -50.11
CA THR DB 124 -80.42 38.88 -49.42
C THR DB 124 -81.69 39.21 -48.64
N GLU DB 125 -82.85 39.02 -49.28
CA GLU DB 125 -84.12 39.30 -48.59
C GLU DB 125 -84.30 38.37 -47.40
N ALA DB 126 -83.97 37.09 -47.57
CA ALA DB 126 -84.13 36.14 -46.47
C ALA DB 126 -83.25 36.52 -45.29
N LEU DB 127 -82.00 36.91 -45.55
CA LEU DB 127 -81.12 37.27 -44.46
C LEU DB 127 -81.53 38.59 -43.81
N GLY DB 128 -81.99 39.55 -44.60
CA GLY DB 128 -82.41 40.82 -44.02
C GLY DB 128 -83.51 40.65 -42.99
N LYS DB 129 -84.48 39.78 -43.28
CA LYS DB 129 -85.53 39.50 -42.30
C LYS DB 129 -84.95 38.79 -41.08
N SER DB 130 -84.03 37.86 -41.29
CA SER DB 130 -83.47 37.11 -40.17
C SER DB 130 -82.74 38.02 -39.19
N LEU DB 131 -81.96 38.97 -39.69
CA LEU DB 131 -81.25 39.88 -38.81
C LEU DB 131 -82.21 40.81 -38.07
N GLY DB 132 -83.33 41.15 -38.73
CA GLY DB 132 -84.26 42.08 -38.10
C GLY DB 132 -84.75 41.60 -36.75
N GLU DB 133 -85.08 40.31 -36.64
CA GLU DB 133 -85.53 39.79 -35.36
C GLU DB 133 -84.38 39.64 -34.38
N GLN DB 134 -83.20 39.22 -34.86
CA GLN DB 134 -82.05 39.08 -33.98
C GLN DB 134 -81.64 40.43 -33.41
N ARG DB 135 -81.69 41.49 -34.22
CA ARG DB 135 -81.21 42.79 -33.79
C ARG DB 135 -81.96 43.27 -32.54
N ALA DB 136 -83.27 43.15 -32.55
CA ALA DB 136 -84.08 43.58 -31.42
C ALA DB 136 -84.12 42.55 -30.29
N LEU DB 137 -83.57 41.36 -30.51
CA LEU DB 137 -83.58 40.33 -29.48
C LEU DB 137 -82.43 40.49 -28.51
N VAL DB 138 -81.21 40.65 -29.04
CA VAL DB 138 -80.04 40.78 -28.17
C VAL DB 138 -80.14 42.05 -27.33
N GLU DB 139 -80.61 43.15 -27.94
CA GLU DB 139 -80.73 44.40 -27.21
C GLU DB 139 -81.55 44.22 -25.95
N GLN DB 140 -82.57 43.37 -26.00
CA GLN DB 140 -83.33 43.04 -24.79
C GLN DB 140 -82.47 42.26 -23.81
N VAL DB 141 -81.62 41.37 -24.32
CA VAL DB 141 -80.77 40.57 -23.44
C VAL DB 141 -79.80 41.48 -22.68
N ARG DB 142 -79.19 42.43 -23.39
CA ARG DB 142 -78.24 43.33 -22.74
C ARG DB 142 -78.87 44.05 -21.56
N GLY DB 143 -80.15 44.42 -21.69
CA GLY DB 143 -80.82 45.09 -20.58
C GLY DB 143 -80.89 44.23 -19.33
N GLN DB 144 -81.18 42.93 -19.50
CA GLN DB 144 -81.23 42.04 -18.36
C GLN DB 144 -79.87 41.94 -17.67
N LEU DB 145 -78.81 41.79 -18.46
CA LEU DB 145 -77.47 41.67 -17.87
C LEU DB 145 -77.10 42.95 -17.13
N GLN DB 146 -77.33 44.10 -17.74
CA GLN DB 146 -76.96 45.36 -17.10
C GLN DB 146 -77.75 45.58 -15.82
N LYS DB 147 -79.05 45.30 -15.84
CA LYS DB 147 -79.85 45.45 -14.64
C LYS DB 147 -79.39 44.49 -13.55
N LEU DB 148 -79.07 43.24 -13.93
CA LEU DB 148 -78.61 42.27 -12.96
C LEU DB 148 -77.33 42.73 -12.28
N GLU DB 149 -76.38 43.25 -13.05
CA GLU DB 149 -75.13 43.71 -12.48
C GLU DB 149 -75.38 44.85 -11.49
N ARG DB 150 -76.25 45.79 -11.83
CA ARG DB 150 -76.59 46.85 -10.91
C ARG DB 150 -77.24 46.31 -9.64
N LYS DB 151 -78.12 45.33 -9.79
CA LYS DB 151 -78.77 44.71 -8.64
C LYS DB 151 -77.78 43.89 -7.82
N TYR DB 152 -76.74 43.35 -8.47
CA TYR DB 152 -75.79 42.51 -7.76
C TYR DB 152 -75.08 43.28 -6.66
N LEU DB 153 -74.63 44.50 -6.96
CA LEU DB 153 -73.83 45.25 -6.00
C LEU DB 153 -74.64 45.61 -4.76
N GLU DB 154 -75.92 45.95 -4.94
CA GLU DB 154 -76.72 46.39 -3.81
C GLU DB 154 -76.83 45.32 -2.74
N LEU DB 155 -76.62 44.05 -3.10
CA LEU DB 155 -76.61 42.98 -2.11
C LEU DB 155 -75.27 42.91 -1.37
N LYS DB 156 -74.18 42.89 -2.13
CA LYS DB 156 -72.87 42.76 -1.52
C LYS DB 156 -72.55 43.94 -0.60
N SER DB 157 -72.98 45.14 -0.99
CA SER DB 157 -72.72 46.32 -0.17
C SER DB 157 -73.36 46.22 1.20
N GLN DB 158 -74.35 45.35 1.37
CA GLN DB 158 -75.01 45.17 2.66
C GLN DB 158 -74.56 43.92 3.40
N LYS DB 159 -74.02 42.91 2.70
CA LYS DB 159 -73.69 41.66 3.38
C LYS DB 159 -72.66 41.89 4.47
N ASN DB 160 -71.63 42.70 4.20
CA ASN DB 160 -70.62 42.97 5.21
C ASN DB 160 -71.25 43.67 6.42
N LEU DB 161 -72.23 44.54 6.19
CA LEU DB 161 -72.86 45.24 7.29
C LEU DB 161 -73.59 44.28 8.21
N TYR DB 162 -74.32 43.32 7.65
CA TYR DB 162 -75.05 42.36 8.48
C TYR DB 162 -74.10 41.51 9.31
N LEU DB 163 -73.01 41.02 8.69
CA LEU DB 163 -72.08 40.19 9.43
C LEU DB 163 -71.52 40.91 10.64
N ALA DB 164 -71.21 42.20 10.49
CA ALA DB 164 -70.67 42.97 11.60
C ALA DB 164 -71.67 43.01 12.76
N ARG DB 165 -72.93 43.25 12.45
CA ARG DB 165 -73.96 43.25 13.49
C ARG DB 165 -74.06 41.87 14.15
N LEU DB 166 -74.01 40.82 13.34
CA LEU DB 166 -74.08 39.47 13.87
C LEU DB 166 -72.91 39.18 14.81
N LYS DB 167 -71.70 39.56 14.40
CA LYS DB 167 -70.53 39.34 15.25
C LYS DB 167 -70.62 40.17 16.53
N SER DB 168 -71.21 41.36 16.45
CA SER DB 168 -71.33 42.21 17.62
C SER DB 168 -72.24 41.57 18.67
N ALA DB 169 -73.41 41.12 18.24
CA ALA DB 169 -74.39 40.59 19.20
C ALA DB 169 -73.96 39.23 19.74
N ILE DB 170 -73.48 38.35 18.87
CA ILE DB 170 -73.07 37.03 19.33
C ILE DB 170 -72.01 37.15 20.41
N ALA DB 171 -71.02 38.02 20.19
CA ALA DB 171 -70.00 38.25 21.21
C ALA DB 171 -70.62 38.81 22.48
N ALA DB 172 -71.56 39.75 22.33
CA ALA DB 172 -72.19 40.35 23.51
C ALA DB 172 -72.86 39.29 24.37
N GLN DB 173 -73.55 38.34 23.74
CA GLN DB 173 -74.15 37.24 24.49
C GLN DB 173 -73.07 36.44 25.22
N LYS DB 174 -71.95 36.18 24.56
CA LYS DB 174 -70.87 35.43 25.19
C LYS DB 174 -70.32 36.15 26.41
N ILE DB 175 -70.16 37.47 26.30
CA ILE DB 175 -69.62 38.25 27.42
C ILE DB 175 -70.59 38.23 28.60
N GLU DB 176 -71.88 38.44 28.32
CA GLU DB 176 -72.83 38.66 29.41
C GLU DB 176 -72.97 37.41 30.28
N GLU DB 177 -73.02 36.23 29.67
CA GLU DB 177 -73.17 35.01 30.46
C GLU DB 177 -71.99 34.81 31.40
N ILE DB 178 -70.84 35.42 31.10
CA ILE DB 178 -69.67 35.34 31.96
C ILE DB 178 -69.63 36.55 32.88
N ALA DB 179 -70.76 37.27 32.96
CA ALA DB 179 -70.81 38.46 33.79
C ALA DB 179 -70.38 38.17 35.21
N GLY DB 180 -70.65 36.96 35.71
CA GLY DB 180 -70.28 36.61 37.06
C GLY DB 180 -70.89 37.55 38.08
N ASN DB 181 -72.18 37.82 37.94
CA ASN DB 181 -72.84 38.75 38.84
C ASN DB 181 -72.68 38.31 40.28
N LEU DB 182 -72.28 39.25 41.15
CA LEU DB 182 -72.07 38.93 42.55
C LEU DB 182 -73.38 38.60 43.26
N ASP DB 183 -74.51 39.16 42.76
CA ASP DB 183 -75.78 39.03 43.46
C ASP DB 183 -76.41 37.65 43.32
N ASN DB 184 -75.95 36.81 42.40
CA ASN DB 184 -76.62 35.53 42.16
C ASN DB 184 -76.65 34.68 43.42
N ALA DB 185 -75.48 34.49 44.04
CA ALA DB 185 -75.38 33.71 45.27
C ALA DB 185 -75.91 32.29 45.06
N SER DB 186 -75.65 31.73 43.88
CA SER DB 186 -76.13 30.40 43.53
C SER DB 186 -75.11 29.58 42.77
N ALA DB 187 -73.89 30.05 42.60
CA ALA DB 187 -72.82 29.44 41.82
C ALA DB 187 -73.02 29.62 40.33
N SER DB 188 -74.13 30.25 39.90
CA SER DB 188 -74.27 30.58 38.49
C SER DB 188 -73.20 31.58 38.06
N SER DB 189 -72.94 32.58 38.89
CA SER DB 189 -71.79 33.44 38.71
C SER DB 189 -70.56 32.76 39.30
N LEU DB 190 -69.53 32.55 38.48
CA LEU DB 190 -68.35 31.85 38.94
C LEU DB 190 -67.70 32.55 40.13
N PHE DB 191 -67.86 33.86 40.26
CA PHE DB 191 -67.28 34.57 41.39
C PHE DB 191 -67.92 34.13 42.70
N GLU DB 192 -69.25 34.12 42.76
CA GLU DB 192 -69.92 33.66 43.97
C GLU DB 192 -69.62 32.20 44.25
N ARG DB 193 -69.42 31.40 43.21
CA ARG DB 193 -68.98 30.02 43.43
C ARG DB 193 -67.64 30.00 44.14
N ILE DB 194 -66.73 30.88 43.75
CA ILE DB 194 -65.45 31.00 44.45
C ILE DB 194 -65.68 31.42 45.89
N GLU DB 195 -66.57 32.39 46.11
CA GLU DB 195 -66.81 32.87 47.47
C GLU DB 195 -67.31 31.74 48.35
N THR DB 196 -68.19 30.89 47.82
CA THR DB 196 -68.63 29.72 48.59
C THR DB 196 -67.44 28.81 48.90
N LYS DB 197 -66.54 28.65 47.94
CA LYS DB 197 -65.35 27.82 48.18
C LYS DB 197 -64.51 28.38 49.32
N ILE DB 198 -64.35 29.70 49.36
CA ILE DB 198 -63.51 30.31 50.39
C ILE DB 198 -64.06 29.99 51.77
N LEU DB 199 -65.34 30.21 51.98
CA LEU DB 199 -65.94 29.99 53.29
C LEU DB 199 -65.90 28.52 53.68
N GLU DB 200 -65.92 27.62 52.70
CA GLU DB 200 -65.88 26.19 53.00
C GLU DB 200 -64.59 25.85 53.75
N LEU DB 201 -63.46 26.34 53.26
CA LEU DB 201 -62.18 26.02 53.89
C LEU DB 201 -62.08 26.66 55.26
N GLU DB 202 -62.39 27.95 55.35
CA GLU DB 202 -62.30 28.65 56.64
C GLU DB 202 -63.15 27.97 57.70
N ALA DB 203 -64.28 27.37 57.29
CA ALA DB 203 -65.12 26.68 58.25
C ALA DB 203 -64.42 25.47 58.86
N GLU DB 204 -63.70 24.71 58.03
CA GLU DB 204 -63.04 23.51 58.52
C GLU DB 204 -61.98 23.85 59.57
N ARG DB 205 -61.19 24.89 59.31
CA ARG DB 205 -60.09 25.22 60.23
C ARG DB 205 -60.60 25.58 61.62
N GLU DB 206 -61.61 26.44 61.68
CA GLU DB 206 -62.11 26.89 62.97
C GLU DB 206 -62.66 25.72 63.79
N LEU DB 207 -63.41 24.83 63.14
CA LEU DB 207 -63.96 23.68 63.85
C LEU DB 207 -62.86 22.75 64.35
N LEU DB 208 -61.88 22.47 63.49
CA LEU DB 208 -60.82 21.54 63.88
C LEU DB 208 -59.92 22.13 64.95
N ASN DB 209 -59.88 23.46 65.06
CA ASN DB 209 -59.11 24.16 66.08
C ASN DB 209 -60.09 25.08 66.81
N PRO DB 210 -60.81 24.56 67.80
CA PRO DB 210 -61.81 25.36 68.49
C PRO DB 210 -61.23 26.69 68.96
N PRO DB 211 -61.71 27.81 68.44
CA PRO DB 211 -61.20 29.11 68.88
C PRO DB 211 -61.64 29.41 70.30
N PRO DB 212 -60.99 30.36 70.97
CA PRO DB 212 -61.34 30.63 72.37
C PRO DB 212 -62.80 31.03 72.52
N SER DB 213 -63.39 30.59 73.62
CA SER DB 213 -64.77 30.96 73.93
C SER DB 213 -64.83 32.45 74.28
N PRO DB 214 -65.99 33.09 74.07
CA PRO DB 214 -66.09 34.51 74.45
C PRO DB 214 -65.83 34.76 75.92
N LEU DB 215 -66.19 33.81 76.79
CA LEU DB 215 -65.88 33.95 78.20
C LEU DB 215 -64.37 34.01 78.42
N ASP DB 216 -63.63 33.14 77.73
CA ASP DB 216 -62.16 33.20 77.83
C ASP DB 216 -61.64 34.53 77.33
N LYS DB 217 -62.20 35.03 76.22
CA LYS DB 217 -61.83 36.35 75.74
C LYS DB 217 -62.11 37.42 76.77
N LYS DB 218 -63.26 37.33 77.44
CA LYS DB 218 -63.59 38.31 78.47
C LYS DB 218 -62.52 38.34 79.56
N PHE DB 219 -62.10 37.16 80.03
CA PHE DB 219 -61.12 37.10 81.10
C PHE DB 219 -59.79 37.72 80.65
N GLU DB 220 -59.35 37.42 79.42
CA GLU DB 220 -58.04 37.87 78.98
C GLU DB 220 -57.94 39.38 79.01
N GLN DB 221 -58.87 40.08 78.37
CA GLN DB 221 -58.88 41.54 78.42
C GLN DB 221 -59.20 42.02 79.83
N TRP DB 222 -60.13 41.35 80.51
CA TRP DB 222 -60.48 41.72 81.88
C TRP DB 222 -59.26 41.72 82.78
N GLU DB 223 -58.28 40.86 82.49
CA GLU DB 223 -57.06 40.80 83.30
C GLU DB 223 -56.12 41.94 82.98
N GLU DB 224 -56.01 42.33 81.71
CA GLU DB 224 -54.99 43.29 81.31
C GLU DB 224 -55.23 44.66 81.91
N GLN DB 225 -56.49 45.04 82.12
CA GLN DB 225 -56.77 46.39 82.61
C GLN DB 225 -56.13 46.63 83.97
N GLN DB 226 -56.23 45.66 84.87
CA GLN DB 226 -55.56 45.80 86.17
C GLN DB 226 -54.05 45.82 86.02
N ALA DB 227 -53.52 44.98 85.13
CA ALA DB 227 -52.07 44.92 84.94
C ALA DB 227 -51.52 46.27 84.51
N VAL DB 228 -52.17 46.89 83.51
CA VAL DB 228 -51.72 48.20 83.05
C VAL DB 228 -52.03 49.26 84.11
N GLU DB 229 -53.21 49.19 84.71
CA GLU DB 229 -53.58 50.16 85.74
C GLU DB 229 -52.72 49.99 86.99
N ALA DB 230 -52.49 48.75 87.40
CA ALA DB 230 -51.62 48.51 88.55
C ALA DB 230 -50.20 49.00 88.27
N THR DB 231 -49.69 48.71 87.07
CA THR DB 231 -48.39 49.25 86.68
C THR DB 231 -48.45 50.77 86.59
N LEU DB 232 -49.54 51.30 86.01
CA LEU DB 232 -49.71 52.75 85.97
C LEU DB 232 -49.95 53.32 87.36
N ALA DB 233 -50.68 52.60 88.20
CA ALA DB 233 -50.87 53.04 89.59
C ALA DB 233 -49.53 53.11 90.31
N ALA DB 234 -48.69 52.09 90.12
CA ALA DB 234 -47.34 52.12 90.65
C ALA DB 234 -46.44 53.08 89.89
N MET DB 235 -46.76 53.38 88.63
CA MET DB 235 -45.96 54.34 87.87
C MET DB 235 -45.90 55.68 88.58
N LYS DB 236 -47.06 56.22 88.95
CA LYS DB 236 -47.10 57.46 89.71
C LYS DB 236 -46.44 57.27 91.07
N ALA DB 237 -46.72 56.16 91.73
CA ALA DB 237 -46.16 55.92 93.05
C ALA DB 237 -44.65 55.69 93.00
N ARG DB 238 -44.20 54.83 92.08
CA ARG DB 238 -42.76 54.55 91.99
C ARG DB 238 -41.98 55.81 91.63
N ARG DB 239 -42.50 56.61 90.68
CA ARG DB 239 -41.88 57.89 90.37
C ARG DB 239 -42.10 58.88 91.50
N SER DB 240 -43.25 58.82 92.15
CA SER DB 240 -43.57 59.74 93.25
C SER DB 240 -44.60 59.11 94.19
N GLN EB 45 -40.30 -62.77 -38.45
CA GLN EB 45 -39.19 -63.16 -39.36
C GLN EB 45 -38.45 -61.93 -39.87
N GLU EB 46 -37.19 -62.11 -40.24
CA GLU EB 46 -36.34 -61.04 -40.74
C GLU EB 46 -36.04 -61.28 -42.21
N ALA EB 47 -35.26 -60.38 -42.79
CA ALA EB 47 -34.84 -60.55 -44.18
C ALA EB 47 -33.99 -61.81 -44.30
N PRO EB 48 -34.22 -62.64 -45.33
CA PRO EB 48 -33.45 -63.90 -45.42
C PRO EB 48 -31.95 -63.67 -45.50
N GLU EB 49 -31.52 -62.61 -46.18
CA GLU EB 49 -30.10 -62.34 -46.31
C GLU EB 49 -29.46 -62.05 -44.96
N ASP EB 50 -30.15 -61.30 -44.10
CA ASP EB 50 -29.58 -60.92 -42.81
C ASP EB 50 -29.30 -62.15 -41.96
N LEU EB 51 -30.21 -63.13 -41.98
CA LEU EB 51 -30.00 -64.34 -41.20
C LEU EB 51 -28.73 -65.06 -41.61
N LEU EB 52 -28.43 -65.07 -42.90
CA LEU EB 52 -27.31 -65.85 -43.40
C LEU EB 52 -26.00 -65.43 -42.74
N GLU EB 53 -25.76 -64.12 -42.66
CA GLU EB 53 -24.55 -63.63 -42.00
C GLU EB 53 -24.54 -64.01 -40.53
N ARG EB 54 -25.66 -63.81 -39.84
CA ARG EB 54 -25.72 -64.12 -38.41
C ARG EB 54 -25.58 -65.62 -38.17
N LEU EB 55 -26.22 -66.45 -39.01
CA LEU EB 55 -26.19 -67.89 -38.79
C LEU EB 55 -24.77 -68.44 -38.88
N LEU EB 56 -24.00 -68.02 -39.89
CA LEU EB 56 -22.65 -68.54 -40.04
C LEU EB 56 -21.75 -68.09 -38.89
N GLY EB 57 -21.92 -66.85 -38.42
CA GLY EB 57 -21.14 -66.40 -37.30
C GLY EB 57 -21.32 -67.29 -36.08
N GLU EB 58 -22.55 -67.72 -35.83
CA GLU EB 58 -22.80 -68.68 -34.76
C GLU EB 58 -22.15 -70.02 -35.08
N MET EB 59 -22.22 -70.44 -36.34
CA MET EB 59 -21.64 -71.72 -36.73
C MET EB 59 -20.12 -71.73 -36.53
N GLU EB 60 -19.44 -70.67 -36.94
CA GLU EB 60 -17.99 -70.61 -36.77
C GLU EB 60 -17.61 -70.61 -35.30
N LEU EB 61 -18.36 -69.87 -34.48
CA LEU EB 61 -18.07 -69.83 -33.05
C LEU EB 61 -18.20 -71.21 -32.43
N GLU EB 62 -19.22 -71.97 -32.84
CA GLU EB 62 -19.43 -73.29 -32.27
C GLU EB 62 -18.28 -74.24 -32.62
N LEU EB 63 -17.76 -74.15 -33.83
CA LEU EB 63 -16.80 -75.14 -34.30
C LEU EB 63 -15.54 -75.15 -33.45
N ILE EB 64 -15.02 -73.96 -33.11
CA ILE EB 64 -13.80 -73.89 -32.31
C ILE EB 64 -14.05 -74.48 -30.93
N GLU EB 65 -15.25 -74.29 -30.39
CA GLU EB 65 -15.59 -74.89 -29.10
C GLU EB 65 -15.48 -76.41 -29.18
N LEU EB 66 -15.97 -76.98 -30.28
CA LEU EB 66 -15.77 -78.41 -30.51
C LEU EB 66 -14.28 -78.74 -30.59
N ARG EB 67 -13.50 -77.92 -31.29
CA ARG EB 67 -12.08 -78.17 -31.41
C ARG EB 67 -11.40 -78.15 -30.05
N ARG EB 68 -11.77 -77.19 -29.21
CA ARG EB 68 -11.17 -77.11 -27.87
C ARG EB 68 -11.54 -78.32 -27.04
N ALA EB 69 -12.81 -78.74 -27.09
CA ALA EB 69 -13.26 -79.84 -26.25
C ALA EB 69 -12.54 -81.13 -26.59
N LEU EB 70 -12.40 -81.42 -27.90
CA LEU EB 70 -11.76 -82.66 -28.31
C LEU EB 70 -10.35 -82.79 -27.75
N ALA EB 71 -9.65 -81.66 -27.60
CA ALA EB 71 -8.30 -81.71 -27.05
C ALA EB 71 -8.30 -82.27 -25.63
N GLN EB 72 -9.27 -81.85 -24.81
CA GLN EB 72 -9.33 -82.33 -23.44
C GLN EB 72 -9.50 -83.84 -23.38
N THR EB 73 -10.25 -84.40 -24.34
CA THR EB 73 -10.37 -85.86 -24.41
C THR EB 73 -9.01 -86.50 -24.62
N ILE EB 74 -8.19 -85.93 -25.50
CA ILE EB 74 -6.88 -86.50 -25.78
C ILE EB 74 -6.01 -86.49 -24.52
N ALA EB 75 -6.14 -85.45 -23.70
CA ALA EB 75 -5.33 -85.36 -22.50
C ALA EB 75 -5.54 -86.56 -21.60
N THR EB 76 -6.80 -86.90 -21.31
CA THR EB 76 -7.09 -88.04 -20.46
C THR EB 76 -6.64 -89.34 -21.13
N PHE EB 77 -6.87 -89.47 -22.43
CA PHE EB 77 -6.42 -90.66 -23.14
C PHE EB 77 -4.91 -90.85 -23.00
N LYS EB 78 -4.15 -89.77 -23.11
CA LYS EB 78 -2.71 -89.86 -22.90
C LYS EB 78 -2.37 -90.00 -21.42
N SER EB 79 -3.09 -89.28 -20.56
CA SER EB 79 -2.76 -89.27 -19.14
C SER EB 79 -2.89 -90.67 -18.53
N THR EB 80 -4.01 -91.34 -18.79
CA THR EB 80 -4.20 -92.68 -18.24
C THR EB 80 -3.16 -93.65 -18.79
N GLU EB 81 -2.84 -93.53 -20.08
CA GLU EB 81 -1.84 -94.41 -20.68
C GLU EB 81 -0.50 -94.26 -19.97
N ARG EB 82 -0.09 -93.01 -19.69
CA ARG EB 82 1.10 -92.80 -18.89
C ARG EB 82 0.92 -93.36 -17.49
N GLN EB 83 -0.27 -93.19 -16.91
CA GLN EB 83 -0.54 -93.76 -15.60
C GLN EB 83 -0.46 -95.28 -15.64
N ARG EB 84 -0.95 -95.89 -16.72
CA ARG EB 84 -0.93 -97.34 -16.82
C ARG EB 84 0.49 -97.88 -16.77
N ASP EB 85 1.42 -97.23 -17.48
CA ASP EB 85 2.80 -97.72 -17.51
C ASP EB 85 3.42 -97.72 -16.13
N ALA EB 86 3.01 -96.80 -15.27
CA ALA EB 86 3.61 -96.71 -13.94
C ALA EB 86 3.34 -97.97 -13.12
N GLN EB 87 2.11 -98.49 -13.18
CA GLN EB 87 1.74 -99.63 -12.34
C GLN EB 87 2.56 -100.86 -12.72
N GLN EB 88 2.63 -101.18 -14.01
CA GLN EB 88 3.38 -102.35 -14.44
C GLN EB 88 4.85 -102.23 -14.05
N LEU EB 89 5.39 -101.02 -14.07
CA LEU EB 89 6.76 -100.82 -13.64
C LEU EB 89 6.94 -101.24 -12.18
N ILE EB 90 5.97 -100.89 -11.33
CA ILE EB 90 6.02 -101.31 -9.93
C ILE EB 90 5.98 -102.83 -9.83
N ALA EB 91 5.09 -103.47 -10.59
CA ALA EB 91 5.01 -104.92 -10.58
C ALA EB 91 6.33 -105.53 -11.02
N GLN EB 92 6.99 -104.91 -12.01
CA GLN EB 92 8.30 -105.39 -12.44
C GLN EB 92 9.30 -105.36 -11.30
N ARG EB 93 9.26 -104.31 -10.48
CA ARG EB 93 10.18 -104.21 -9.34
C ARG EB 93 10.02 -105.40 -8.41
N TRP EB 94 8.78 -105.75 -8.07
CA TRP EB 94 8.55 -106.91 -7.22
C TRP EB 94 9.02 -108.19 -7.91
N TYR EB 95 8.73 -108.33 -9.20
CA TYR EB 95 9.19 -109.50 -9.94
C TYR EB 95 10.71 -109.54 -9.97
N GLU EB 96 11.35 -108.41 -10.24
CA GLU EB 96 12.81 -108.36 -10.21
C GLU EB 96 13.32 -108.68 -8.81
N LYS EB 97 12.69 -108.13 -7.78
CA LYS EB 97 13.07 -108.44 -6.41
C LYS EB 97 12.87 -109.92 -6.13
N ALA EB 98 11.75 -110.48 -6.57
CA ALA EB 98 11.49 -111.90 -6.36
C ALA EB 98 12.50 -112.77 -7.08
N GLN EB 99 13.18 -112.25 -8.10
CA GLN EB 99 14.16 -113.06 -8.82
C GLN EB 99 15.28 -113.51 -7.89
N ALA EB 100 15.79 -112.60 -7.07
CA ALA EB 100 16.82 -112.92 -6.10
C ALA EB 100 16.27 -113.17 -4.70
N ALA EB 101 14.93 -113.15 -4.54
CA ALA EB 101 14.34 -113.37 -3.24
C ALA EB 101 14.73 -114.74 -2.69
N LEU EB 102 14.60 -115.77 -3.51
CA LEU EB 102 14.97 -117.13 -3.14
C LEU EB 102 16.37 -117.51 -3.62
N ASP EB 103 17.12 -116.55 -4.16
CA ASP EB 103 18.50 -116.84 -4.55
C ASP EB 103 19.30 -117.41 -3.39
N ARG EB 104 18.99 -116.98 -2.17
CA ARG EB 104 19.58 -117.56 -0.96
C ARG EB 104 18.91 -118.86 -0.57
N GLY EB 105 18.03 -119.39 -1.40
CA GLY EB 105 17.20 -120.51 -1.03
C GLY EB 105 15.93 -120.13 -0.29
N ASN EB 106 15.64 -118.84 -0.15
CA ASN EB 106 14.47 -118.37 0.58
C ASN EB 106 13.24 -118.39 -0.35
N GLU EB 107 12.75 -119.60 -0.58
CA GLU EB 107 11.57 -119.76 -1.44
C GLU EB 107 10.33 -119.16 -0.81
N GLN EB 108 10.21 -119.22 0.52
CA GLN EB 108 9.00 -118.73 1.18
C GLN EB 108 8.79 -117.24 0.91
N LEU EB 109 9.86 -116.45 0.97
CA LEU EB 109 9.71 -115.01 0.77
C LEU EB 109 9.21 -114.69 -0.63
N ALA EB 110 9.74 -115.40 -1.64
CA ALA EB 110 9.32 -115.15 -3.01
C ALA EB 110 7.84 -115.42 -3.20
N ARG EB 111 7.25 -116.27 -2.37
CA ARG EB 111 5.83 -116.55 -2.49
C ARG EB 111 4.99 -115.28 -2.32
N GLU EB 112 5.34 -114.46 -1.32
CA GLU EB 112 4.58 -113.24 -1.07
C GLU EB 112 4.68 -112.27 -2.24
N ALA EB 113 5.88 -112.13 -2.81
CA ALA EB 113 6.07 -111.17 -3.90
C ALA EB 113 5.19 -111.50 -5.10
N LEU EB 114 5.25 -112.75 -5.57
CA LEU EB 114 4.44 -113.13 -6.72
C LEU EB 114 2.95 -113.02 -6.41
N GLY EB 115 2.53 -113.38 -5.19
CA GLY EB 115 1.16 -113.15 -4.81
C GLY EB 115 0.81 -111.68 -4.74
N GLN EB 116 1.76 -110.86 -4.30
CA GLN EB 116 1.50 -109.42 -4.18
C GLN EB 116 1.30 -108.77 -5.53
N ARG EB 117 2.15 -109.11 -6.52
CA ARG EB 117 2.10 -108.44 -7.82
C ARG EB 117 0.83 -108.75 -8.59
N GLN EB 118 0.10 -109.81 -8.24
CA GLN EB 118 -1.12 -110.13 -8.97
C GLN EB 118 -2.15 -109.02 -8.83
N SER EB 119 -2.26 -108.43 -7.64
CA SER EB 119 -3.20 -107.33 -7.46
C SER EB 119 -2.89 -106.18 -8.42
N TYR EB 120 -1.61 -105.83 -8.57
CA TYR EB 120 -1.24 -104.78 -9.51
C TYR EB 120 -1.59 -105.17 -10.94
N GLN EB 121 -1.35 -106.43 -11.29
CA GLN EB 121 -1.65 -106.88 -12.66
C GLN EB 121 -3.13 -106.70 -12.98
N SER EB 122 -4.00 -106.85 -11.98
CA SER EB 122 -5.43 -106.69 -12.22
C SER EB 122 -5.74 -105.28 -12.72
N HIS EB 123 -5.14 -104.26 -12.10
CA HIS EB 123 -5.37 -102.90 -12.54
C HIS EB 123 -4.86 -102.68 -13.96
N THR EB 124 -3.70 -103.24 -14.28
CA THR EB 124 -3.15 -103.08 -15.63
C THR EB 124 -4.10 -103.65 -16.68
N GLU EB 125 -4.63 -104.84 -16.42
CA GLU EB 125 -5.56 -105.44 -17.37
C GLU EB 125 -6.83 -104.61 -17.50
N ALA EB 126 -7.33 -104.11 -16.37
CA ALA EB 126 -8.55 -103.30 -16.41
C ALA EB 126 -8.35 -102.04 -17.23
N LEU EB 127 -7.21 -101.37 -17.03
CA LEU EB 127 -6.96 -100.14 -17.78
C LEU EB 127 -6.71 -100.42 -19.25
N GLY EB 128 -6.02 -101.51 -19.57
CA GLY EB 128 -5.76 -101.83 -20.96
C GLY EB 128 -7.03 -101.97 -21.77
N LYS EB 129 -8.03 -102.63 -21.19
CA LYS EB 129 -9.32 -102.75 -21.86
C LYS EB 129 -10.00 -101.38 -21.99
N SER EB 130 -9.90 -100.56 -20.94
CA SER EB 130 -10.57 -99.26 -20.96
C SER EB 130 -10.02 -98.36 -22.07
N LEU EB 131 -8.70 -98.35 -22.25
CA LEU EB 131 -8.12 -97.53 -23.30
C LEU EB 131 -8.49 -98.07 -24.69
N GLY EB 132 -8.65 -99.39 -24.80
CA GLY EB 132 -8.94 -99.96 -26.11
C GLY EB 132 -10.19 -99.38 -26.74
N GLU EB 133 -11.25 -99.20 -25.94
CA GLU EB 133 -12.48 -98.62 -26.48
C GLU EB 133 -12.32 -97.11 -26.71
N GLN EB 134 -11.63 -96.42 -25.81
CA GLN EB 134 -11.42 -95.00 -25.98
C GLN EB 134 -10.60 -94.70 -27.23
N ARG EB 135 -9.58 -95.52 -27.50
CA ARG EB 135 -8.69 -95.26 -28.61
C ARG EB 135 -9.44 -95.20 -29.93
N ALA EB 136 -10.33 -96.16 -30.17
CA ALA EB 136 -11.10 -96.18 -31.41
C ALA EB 136 -12.30 -95.25 -31.38
N LEU EB 137 -12.60 -94.64 -30.22
CA LEU EB 137 -13.76 -93.75 -30.13
C LEU EB 137 -13.40 -92.34 -30.57
N VAL EB 138 -12.29 -91.78 -30.06
CA VAL EB 138 -11.91 -90.43 -30.42
C VAL EB 138 -11.58 -90.34 -31.90
N GLU EB 139 -10.89 -91.36 -32.43
CA GLU EB 139 -10.53 -91.35 -33.84
C GLU EB 139 -11.75 -91.14 -34.71
N GLN EB 140 -12.89 -91.71 -34.32
CA GLN EB 140 -14.14 -91.45 -35.02
C GLN EB 140 -14.57 -90.01 -34.88
N VAL EB 141 -14.37 -89.43 -33.68
CA VAL EB 141 -14.75 -88.04 -33.45
C VAL EB 141 -13.95 -87.11 -34.35
N ARG EB 142 -12.64 -87.34 -34.45
CA ARG EB 142 -11.80 -86.48 -35.29
C ARG EB 142 -12.31 -86.44 -36.72
N GLY EB 143 -12.81 -87.57 -37.23
CA GLY EB 143 -13.34 -87.58 -38.58
C GLY EB 143 -14.51 -86.65 -38.76
N GLN EB 144 -15.42 -86.61 -37.78
CA GLN EB 144 -16.56 -85.71 -37.87
C GLN EB 144 -16.11 -84.26 -37.89
N LEU EB 145 -15.17 -83.89 -37.01
CA LEU EB 145 -14.70 -82.52 -36.97
C LEU EB 145 -14.03 -82.13 -38.29
N GLN EB 146 -13.15 -82.99 -38.80
CA GLN EB 146 -12.45 -82.67 -40.03
C GLN EB 146 -13.42 -82.53 -41.20
N LYS EB 147 -14.38 -83.45 -41.31
CA LYS EB 147 -15.36 -83.35 -42.38
C LYS EB 147 -16.19 -82.09 -42.24
N LEU EB 148 -16.59 -81.75 -41.02
CA LEU EB 148 -17.38 -80.54 -40.81
C LEU EB 148 -16.63 -79.31 -41.26
N GLU EB 149 -15.35 -79.21 -40.91
CA GLU EB 149 -14.56 -78.05 -41.32
C GLU EB 149 -14.48 -77.94 -42.83
N ARG EB 150 -14.28 -79.07 -43.52
CA ARG EB 150 -14.25 -79.04 -44.97
C ARG EB 150 -15.61 -78.62 -45.53
N LYS EB 151 -16.69 -79.10 -44.93
CA LYS EB 151 -18.02 -78.71 -45.38
C LYS EB 151 -18.31 -77.25 -45.05
N TYR EB 152 -17.71 -76.73 -43.98
CA TYR EB 152 -17.98 -75.35 -43.58
C TYR EB 152 -17.59 -74.36 -44.67
N LEU EB 153 -16.40 -74.54 -45.26
CA LEU EB 153 -15.91 -73.58 -46.22
C LEU EB 153 -16.78 -73.53 -47.47
N GLU EB 154 -17.26 -74.68 -47.93
CA GLU EB 154 -18.03 -74.71 -49.17
C GLU EB 154 -19.28 -73.84 -49.09
N LEU EB 155 -19.76 -73.57 -47.88
CA LEU EB 155 -20.91 -72.66 -47.73
C LEU EB 155 -20.48 -71.21 -47.81
N LYS EB 156 -19.44 -70.84 -47.04
CA LYS EB 156 -19.01 -69.45 -47.01
C LYS EB 156 -18.53 -68.99 -48.38
N SER EB 157 -17.85 -69.87 -49.11
CA SER EB 157 -17.34 -69.50 -50.43
C SER EB 157 -18.46 -69.12 -51.40
N GLN EB 158 -19.70 -69.52 -51.10
CA GLN EB 158 -20.83 -69.18 -51.95
C GLN EB 158 -21.69 -68.05 -51.40
N LYS EB 159 -21.65 -67.80 -50.10
CA LYS EB 159 -22.55 -66.80 -49.52
C LYS EB 159 -22.30 -65.43 -50.13
N ASN EB 160 -21.03 -65.05 -50.28
CA ASN EB 160 -20.73 -63.76 -50.88
C ASN EB 160 -21.24 -63.68 -52.31
N LEU EB 161 -21.20 -64.79 -53.05
CA LEU EB 161 -21.68 -64.79 -54.41
C LEU EB 161 -23.18 -64.52 -54.48
N TYR EB 162 -23.96 -65.14 -53.60
CA TYR EB 162 -25.39 -64.92 -53.60
C TYR EB 162 -25.74 -63.48 -53.27
N LEU EB 163 -25.08 -62.90 -52.26
CA LEU EB 163 -25.38 -61.52 -51.88
C LEU EB 163 -25.15 -60.57 -53.05
N ALA EB 164 -24.08 -60.78 -53.81
CA ALA EB 164 -23.80 -59.92 -54.95
C ALA EB 164 -24.95 -59.97 -55.95
N ARG EB 165 -25.44 -61.17 -56.25
CA ARG EB 165 -26.57 -61.30 -57.17
C ARG EB 165 -27.80 -60.61 -56.60
N LEU EB 166 -28.04 -60.77 -55.31
CA LEU EB 166 -29.19 -60.12 -54.67
C LEU EB 166 -29.09 -58.62 -54.76
N LYS EB 167 -27.91 -58.06 -54.48
CA LYS EB 167 -27.74 -56.61 -54.58
C LYS EB 167 -27.89 -56.12 -56.01
N SER EB 168 -27.46 -56.94 -56.98
CA SER EB 168 -27.58 -56.55 -58.38
C SER EB 168 -29.03 -56.43 -58.81
N ALA EB 169 -29.85 -57.43 -58.49
CA ALA EB 169 -31.22 -57.44 -58.95
C ALA EB 169 -32.07 -56.42 -58.20
N ILE EB 170 -31.91 -56.35 -56.87
CA ILE EB 170 -32.70 -55.40 -56.09
C ILE EB 170 -32.48 -53.99 -56.60
N ALA EB 171 -31.23 -53.63 -56.87
CA ALA EB 171 -30.95 -52.30 -57.43
C ALA EB 171 -31.58 -52.15 -58.80
N ALA EB 172 -31.51 -53.19 -59.62
CA ALA EB 172 -32.09 -53.12 -60.97
C ALA EB 172 -33.57 -52.81 -60.90
N GLN EB 173 -34.29 -53.44 -59.97
CA GLN EB 173 -35.71 -53.13 -59.79
C GLN EB 173 -35.89 -51.67 -59.41
N LYS EB 174 -35.04 -51.16 -58.52
CA LYS EB 174 -35.15 -49.76 -58.10
C LYS EB 174 -34.94 -48.82 -59.28
N ILE EB 175 -33.97 -49.12 -60.13
CA ILE EB 175 -33.69 -48.26 -61.28
C ILE EB 175 -34.86 -48.26 -62.24
N GLU EB 176 -35.39 -49.45 -62.55
CA GLU EB 176 -36.36 -49.56 -63.63
C GLU EB 176 -37.64 -48.79 -63.31
N GLU EB 177 -38.12 -48.87 -62.06
CA GLU EB 177 -39.35 -48.17 -61.72
C GLU EB 177 -39.20 -46.67 -61.88
N ILE EB 178 -37.98 -46.16 -61.84
CA ILE EB 178 -37.71 -44.73 -62.03
C ILE EB 178 -37.37 -44.49 -63.51
N ALA EB 179 -37.66 -45.48 -64.36
CA ALA EB 179 -37.33 -45.34 -65.77
C ALA EB 179 -37.94 -44.07 -66.35
N GLY EB 180 -39.10 -43.66 -65.85
CA GLY EB 180 -39.73 -42.45 -66.36
C GLY EB 180 -40.01 -42.54 -67.84
N ASN EB 181 -40.57 -43.67 -68.27
CA ASN EB 181 -40.83 -43.88 -69.69
C ASN EB 181 -41.70 -42.76 -70.25
N LEU EB 182 -41.28 -42.20 -71.38
CA LEU EB 182 -42.03 -41.10 -71.99
C LEU EB 182 -43.38 -41.57 -72.52
N ASP EB 183 -43.48 -42.85 -72.89
CA ASP EB 183 -44.69 -43.34 -73.55
C ASP EB 183 -45.87 -43.53 -72.61
N ASN EB 184 -45.66 -43.50 -71.30
CA ASN EB 184 -46.76 -43.80 -70.38
C ASN EB 184 -47.92 -42.82 -70.55
N ALA EB 185 -47.61 -41.52 -70.53
CA ALA EB 185 -48.63 -40.49 -70.71
C ALA EB 185 -49.75 -40.63 -69.67
N SER EB 186 -49.36 -41.00 -68.45
CA SER EB 186 -50.31 -41.21 -67.38
C SER EB 186 -49.85 -40.68 -66.03
N ALA EB 187 -48.71 -40.00 -65.97
CA ALA EB 187 -48.06 -39.49 -64.76
C ALA EB 187 -47.35 -40.62 -64.00
N SER EB 188 -47.44 -41.87 -64.45
CA SER EB 188 -46.64 -42.92 -63.84
C SER EB 188 -45.16 -42.66 -64.03
N SER EB 189 -44.77 -42.22 -65.23
CA SER EB 189 -43.43 -41.71 -65.46
C SER EB 189 -43.39 -40.25 -65.03
N LEU EB 190 -42.48 -39.93 -64.11
CA LEU EB 190 -42.42 -38.56 -63.59
C LEU EB 190 -42.15 -37.55 -64.69
N PHE EB 191 -41.49 -37.96 -65.77
CA PHE EB 191 -41.23 -37.03 -66.87
C PHE EB 191 -42.53 -36.60 -67.54
N GLU EB 192 -43.39 -37.55 -67.90
CA GLU EB 192 -44.66 -37.20 -68.50
C GLU EB 192 -45.53 -36.40 -67.53
N ARG EB 193 -45.40 -36.65 -66.23
CA ARG EB 193 -46.09 -35.82 -65.26
C ARG EB 193 -45.62 -34.38 -65.36
N ILE EB 194 -44.32 -34.18 -65.53
CA ILE EB 194 -43.79 -32.83 -65.75
C ILE EB 194 -44.36 -32.24 -67.03
N GLU EB 195 -44.40 -33.04 -68.10
CA GLU EB 195 -44.92 -32.53 -69.37
C GLU EB 195 -46.36 -32.05 -69.23
N THR EB 196 -47.17 -32.80 -68.49
CA THR EB 196 -48.54 -32.35 -68.22
C THR EB 196 -48.52 -31.02 -67.47
N LYS EB 197 -47.60 -30.88 -66.51
CA LYS EB 197 -47.50 -29.63 -65.77
C LYS EB 197 -47.18 -28.46 -66.69
N ILE EB 198 -46.27 -28.68 -67.65
CA ILE EB 198 -45.87 -27.60 -68.54
C ILE EB 198 -47.07 -27.07 -69.31
N LEU EB 199 -47.83 -27.98 -69.93
CA LEU EB 199 -48.96 -27.55 -70.75
C LEU EB 199 -50.05 -26.90 -69.91
N GLU EB 200 -50.15 -27.27 -68.63
CA GLU EB 200 -51.15 -26.65 -67.77
C GLU EB 200 -50.94 -25.15 -67.67
N LEU EB 201 -49.69 -24.72 -67.44
CA LEU EB 201 -49.41 -23.31 -67.29
C LEU EB 201 -49.60 -22.57 -68.61
N GLU EB 202 -49.03 -23.10 -69.69
CA GLU EB 202 -49.15 -22.45 -70.98
C GLU EB 202 -50.62 -22.25 -71.37
N ALA EB 203 -51.48 -23.18 -70.96
CA ALA EB 203 -52.90 -23.05 -71.27
C ALA EB 203 -53.51 -21.83 -70.59
N GLU EB 204 -53.14 -21.58 -69.33
CA GLU EB 204 -53.71 -20.45 -68.60
C GLU EB 204 -53.35 -19.12 -69.26
N ARG EB 205 -52.09 -18.97 -69.67
CA ARG EB 205 -51.65 -17.68 -70.20
C ARG EB 205 -52.40 -17.32 -71.47
N GLU EB 206 -52.52 -18.27 -72.40
CA GLU EB 206 -53.17 -17.98 -73.67
C GLU EB 206 -54.62 -17.58 -73.47
N LEU EB 207 -55.34 -18.29 -72.60
CA LEU EB 207 -56.74 -17.95 -72.35
C LEU EB 207 -56.87 -16.59 -71.70
N LEU EB 208 -56.03 -16.29 -70.71
CA LEU EB 208 -56.15 -15.01 -70.01
C LEU EB 208 -55.73 -13.85 -70.91
N ASN EB 209 -54.93 -14.12 -71.93
CA ASN EB 209 -54.50 -13.12 -72.91
C ASN EB 209 -54.89 -13.66 -74.28
N PRO EB 210 -56.13 -13.46 -74.71
CA PRO EB 210 -56.59 -14.01 -75.99
C PRO EB 210 -55.63 -13.64 -77.11
N PRO EB 211 -54.96 -14.62 -77.71
CA PRO EB 211 -54.05 -14.33 -78.82
C PRO EB 211 -54.82 -13.88 -80.05
N PRO EB 212 -54.15 -13.26 -81.02
CA PRO EB 212 -54.85 -12.74 -82.19
C PRO EB 212 -55.59 -13.85 -82.94
N SER EB 213 -56.76 -13.50 -83.46
CA SER EB 213 -57.51 -14.44 -84.27
C SER EB 213 -56.80 -14.68 -85.59
N PRO EB 214 -57.01 -15.85 -86.21
CA PRO EB 214 -56.37 -16.09 -87.52
C PRO EB 214 -56.76 -15.06 -88.56
N LEU EB 215 -57.99 -14.55 -88.51
CA LEU EB 215 -58.39 -13.49 -89.44
C LEU EB 215 -57.53 -12.26 -89.25
N ASP EB 216 -57.27 -11.88 -87.99
CA ASP EB 216 -56.39 -10.75 -87.74
C ASP EB 216 -54.99 -11.02 -88.27
N LYS EB 217 -54.49 -12.25 -88.06
CA LYS EB 217 -53.20 -12.63 -88.62
C LYS EB 217 -53.21 -12.49 -90.15
N LYS EB 218 -54.29 -12.93 -90.78
CA LYS EB 218 -54.38 -12.82 -92.24
C LYS EB 218 -54.23 -11.37 -92.69
N PHE EB 219 -54.93 -10.45 -92.02
CA PHE EB 219 -54.86 -9.05 -92.41
C PHE EB 219 -53.45 -8.50 -92.25
N GLU EB 220 -52.78 -8.84 -91.15
CA GLU EB 220 -51.48 -8.24 -90.86
C GLU EB 220 -50.48 -8.57 -91.98
N GLN EB 221 -50.32 -9.85 -92.30
CA GLN EB 221 -49.44 -10.21 -93.41
C GLN EB 221 -50.01 -9.73 -94.73
N TRP EB 222 -51.32 -9.83 -94.90
CA TRP EB 222 -51.96 -9.36 -96.13
C TRP EB 222 -51.64 -7.90 -96.40
N GLU EB 223 -51.45 -7.11 -95.34
CA GLU EB 223 -51.11 -5.69 -95.51
C GLU EB 223 -49.66 -5.49 -95.92
N GLU EB 224 -48.75 -6.30 -95.36
CA GLU EB 224 -47.32 -6.04 -95.55
C GLU EB 224 -46.90 -6.23 -97.00
N GLN EB 225 -47.54 -7.14 -97.73
CA GLN EB 225 -47.12 -7.43 -99.10
C GLN EB 225 -47.22 -6.19 -99.98
N GLN EB 226 -48.32 -5.44 -99.86
CA GLN EB 226 -48.44 -4.21 -100.62
C GLN EB 226 -47.43 -3.18 -100.17
N ALA EB 227 -47.19 -3.08 -98.86
CA ALA EB 227 -46.25 -2.10 -98.34
C ALA EB 227 -44.85 -2.32 -98.91
N VAL EB 228 -44.39 -3.58 -98.89
CA VAL EB 228 -43.08 -3.88 -99.45
C VAL EB 228 -43.11 -3.76 -100.97
N GLU EB 229 -44.18 -4.26 -101.60
CA GLU EB 229 -44.29 -4.17 -103.06
C GLU EB 229 -44.46 -2.73 -103.51
N ALA EB 230 -45.29 -1.96 -102.80
CA ALA EB 230 -45.46 -0.56 -103.14
C ALA EB 230 -44.14 0.20 -102.97
N THR EB 231 -43.43 -0.06 -101.88
CA THR EB 231 -42.11 0.52 -101.71
C THR EB 231 -41.15 0.00 -102.77
N LEU EB 232 -41.21 -1.30 -103.06
CA LEU EB 232 -40.40 -1.86 -104.14
C LEU EB 232 -40.86 -1.36 -105.50
N ALA EB 233 -42.16 -1.18 -105.68
CA ALA EB 233 -42.66 -0.61 -106.93
C ALA EB 233 -42.14 0.80 -107.11
N ALA EB 234 -42.15 1.59 -106.03
CA ALA EB 234 -41.57 2.93 -106.07
C ALA EB 234 -40.04 2.87 -106.05
N MET EB 235 -39.45 1.79 -105.56
CA MET EB 235 -38.00 1.67 -105.57
C MET EB 235 -37.46 1.77 -106.99
N LYS EB 236 -38.03 0.98 -107.91
CA LYS EB 236 -37.63 1.07 -109.31
C LYS EB 236 -37.99 2.44 -109.88
N ALA EB 237 -39.18 2.94 -109.55
CA ALA EB 237 -39.62 4.23 -110.08
C ALA EB 237 -38.80 5.38 -109.50
N ARG EB 238 -38.61 5.40 -108.17
CA ARG EB 238 -37.86 6.49 -107.56
C ARG EB 238 -36.42 6.51 -108.05
N ARG EB 239 -35.79 5.33 -108.17
CA ARG EB 239 -34.46 5.27 -108.75
C ARG EB 239 -34.52 5.51 -110.25
N SER EB 240 -35.58 5.05 -110.91
CA SER EB 240 -35.74 5.23 -112.35
C SER EB 240 -37.21 5.20 -112.75
N GLN FB 45 -47.07 -38.67 61.74
CA GLN FB 45 -46.19 -38.29 62.87
C GLN FB 45 -44.73 -38.38 62.48
N GLU FB 46 -43.88 -37.61 63.15
CA GLU FB 46 -42.45 -37.57 62.90
C GLU FB 46 -41.71 -38.16 64.09
N ALA FB 47 -40.38 -38.19 63.99
CA ALA FB 47 -39.58 -38.66 65.10
C ALA FB 47 -39.78 -37.76 66.31
N PRO FB 48 -39.94 -38.33 67.51
CA PRO FB 48 -40.20 -37.47 68.67
C PRO FB 48 -39.10 -36.47 68.94
N GLU FB 49 -37.85 -36.84 68.70
CA GLU FB 49 -36.74 -35.93 68.94
C GLU FB 49 -36.81 -34.71 68.03
N ASP FB 50 -37.18 -34.91 66.76
CA ASP FB 50 -37.20 -33.81 65.80
C ASP FB 50 -38.20 -32.75 66.23
N LEU FB 51 -39.37 -33.18 66.74
CA LEU FB 51 -40.38 -32.22 67.18
C LEU FB 51 -39.84 -31.31 68.28
N LEU FB 52 -39.04 -31.88 69.19
CA LEU FB 52 -38.60 -31.12 70.36
C LEU FB 52 -37.84 -29.87 69.94
N GLU FB 53 -36.93 -29.99 68.99
CA GLU FB 53 -36.19 -28.83 68.52
C GLU FB 53 -37.11 -27.82 67.87
N ARG FB 54 -38.01 -28.29 67.00
CA ARG FB 54 -38.93 -27.39 66.32
C ARG FB 54 -39.89 -26.73 67.30
N LEU FB 55 -40.40 -27.49 68.27
CA LEU FB 55 -41.39 -26.93 69.19
C LEU FB 55 -40.81 -25.78 70.00
N LEU FB 56 -39.59 -25.94 70.52
CA LEU FB 56 -39.01 -24.88 71.33
C LEU FB 56 -38.72 -23.64 70.50
N GLY FB 57 -38.28 -23.82 69.26
CA GLY FB 57 -38.06 -22.67 68.39
C GLY FB 57 -39.30 -21.83 68.23
N GLU FB 58 -40.46 -22.47 68.08
CA GLU FB 58 -41.72 -21.74 68.05
C GLU FB 58 -42.00 -21.09 69.40
N MET FB 59 -41.70 -21.79 70.49
CA MET FB 59 -41.95 -21.25 71.82
C MET FB 59 -41.13 -19.99 72.07
N GLU FB 60 -39.84 -20.02 71.72
CA GLU FB 60 -39.00 -18.85 71.93
C GLU FB 60 -39.46 -17.67 71.08
N LEU FB 61 -39.86 -17.93 69.84
CA LEU FB 61 -40.33 -16.86 68.97
C LEU FB 61 -41.57 -16.21 69.57
N GLU FB 62 -42.48 -17.00 70.13
CA GLU FB 62 -43.71 -16.45 70.68
C GLU FB 62 -43.44 -15.55 71.87
N LEU FB 63 -42.47 -15.93 72.72
CA LEU FB 63 -42.27 -15.22 73.97
C LEU FB 63 -41.90 -13.76 73.75
N ILE FB 64 -41.00 -13.49 72.79
CA ILE FB 64 -40.60 -12.12 72.54
C ILE FB 64 -41.77 -11.30 72.03
N GLU FB 65 -42.66 -11.92 71.25
CA GLU FB 65 -43.85 -11.23 70.79
C GLU FB 65 -44.70 -10.79 71.98
N LEU FB 66 -44.84 -11.66 72.98
CA LEU FB 66 -45.49 -11.25 74.21
C LEU FB 66 -44.74 -10.10 74.87
N ARG FB 67 -43.42 -10.18 74.91
CA ARG FB 67 -42.63 -9.11 75.52
C ARG FB 67 -42.86 -7.79 74.81
N ARG FB 68 -42.88 -7.81 73.48
CA ARG FB 68 -43.10 -6.59 72.73
C ARG FB 68 -44.49 -6.02 72.99
N ALA FB 69 -45.51 -6.88 73.01
CA ALA FB 69 -46.87 -6.40 73.17
C ALA FB 69 -47.07 -5.74 74.53
N LEU FB 70 -46.54 -6.33 75.59
CA LEU FB 70 -46.72 -5.77 76.92
C LEU FB 70 -46.20 -4.34 77.00
N ALA FB 71 -45.14 -4.03 76.25
CA ALA FB 71 -44.60 -2.68 76.28
C ALA FB 71 -45.63 -1.67 75.79
N GLN FB 72 -46.35 -2.01 74.72
CA GLN FB 72 -47.35 -1.08 74.19
C GLN FB 72 -48.43 -0.78 75.22
N THR FB 73 -48.77 -1.76 76.05
CA THR FB 73 -49.73 -1.50 77.13
C THR FB 73 -49.20 -0.43 78.07
N ILE FB 74 -47.90 -0.50 78.41
CA ILE FB 74 -47.32 0.46 79.33
C ILE FB 74 -47.39 1.86 78.75
N ALA FB 75 -47.20 1.98 77.43
CA ALA FB 75 -47.22 3.30 76.79
C ALA FB 75 -48.53 4.02 77.05
N THR FB 76 -49.65 3.33 76.80
CA THR FB 76 -50.96 3.94 77.03
C THR FB 76 -51.16 4.24 78.51
N PHE FB 77 -50.77 3.32 79.38
CA PHE FB 77 -50.89 3.54 80.82
C PHE FB 77 -50.15 4.80 81.24
N LYS FB 78 -48.95 5.01 80.71
CA LYS FB 78 -48.22 6.24 81.00
C LYS FB 78 -48.81 7.43 80.24
N SER FB 79 -49.21 7.22 78.99
CA SER FB 79 -49.69 8.32 78.17
C SER FB 79 -50.92 8.97 78.77
N THR FB 80 -51.91 8.16 79.14
CA THR FB 80 -53.13 8.72 79.73
C THR FB 80 -52.83 9.42 81.04
N GLU FB 81 -51.93 8.85 81.86
CA GLU FB 81 -51.59 9.48 83.12
C GLU FB 81 -51.00 10.87 82.89
N ARG FB 82 -50.11 10.99 81.91
CA ARG FB 82 -49.62 12.31 81.54
C ARG FB 82 -50.75 13.18 81.02
N GLN FB 83 -51.66 12.60 80.24
CA GLN FB 83 -52.82 13.34 79.75
C GLN FB 83 -53.69 13.80 80.90
N ARG FB 84 -53.85 12.95 81.92
CA ARG FB 84 -54.71 13.30 83.05
C ARG FB 84 -54.19 14.54 83.76
N ASP FB 85 -52.87 14.62 83.98
CA ASP FB 85 -52.31 15.76 84.69
C ASP FB 85 -52.59 17.08 83.97
N ALA FB 86 -52.67 17.04 82.64
CA ALA FB 86 -52.89 18.26 81.88
C ALA FB 86 -54.23 18.90 82.22
N GLN FB 87 -55.28 18.09 82.33
CA GLN FB 87 -56.62 18.63 82.55
C GLN FB 87 -56.71 19.34 83.89
N GLN FB 88 -56.24 18.70 84.96
CA GLN FB 88 -56.31 19.33 86.27
C GLN FB 88 -55.52 20.63 86.30
N LEU FB 89 -54.41 20.69 85.55
CA LEU FB 89 -53.65 21.92 85.48
C LEU FB 89 -54.50 23.05 84.90
N ILE FB 90 -55.30 22.75 83.87
CA ILE FB 90 -56.19 23.75 83.30
C ILE FB 90 -57.21 24.20 84.34
N ALA FB 91 -57.80 23.24 85.06
CA ALA FB 91 -58.74 23.59 86.11
C ALA FB 91 -58.10 24.47 87.16
N GLN FB 92 -56.84 24.21 87.49
CA GLN FB 92 -56.13 25.05 88.44
C GLN FB 92 -56.04 26.48 87.94
N ARG FB 93 -55.81 26.66 86.64
CA ARG FB 93 -55.71 28.00 86.08
C ARG FB 93 -57.00 28.78 86.33
N TRP FB 94 -58.15 28.16 86.05
CA TRP FB 94 -59.43 28.81 86.31
C TRP FB 94 -59.59 29.10 87.79
N TYR FB 95 -59.26 28.14 88.64
CA TYR FB 95 -59.34 28.35 90.08
C TYR FB 95 -58.42 29.49 90.51
N GLU FB 96 -57.18 29.49 90.01
CA GLU FB 96 -56.27 30.57 90.31
C GLU FB 96 -56.81 31.90 89.79
N LYS FB 97 -57.35 31.89 88.58
CA LYS FB 97 -57.96 33.10 88.03
C LYS FB 97 -59.16 33.53 88.88
N ALA FB 98 -59.98 32.57 89.29
CA ALA FB 98 -61.13 32.89 90.14
C ALA FB 98 -60.71 33.45 91.49
N GLN FB 99 -59.47 33.20 91.92
CA GLN FB 99 -59.02 33.71 93.20
C GLN FB 99 -59.06 35.23 93.23
N ALA FB 100 -58.58 35.87 92.16
CA ALA FB 100 -58.60 37.32 92.04
C ALA FB 100 -59.77 37.81 91.19
N ALA FB 101 -60.65 36.92 90.76
CA ALA FB 101 -61.79 37.33 89.94
C ALA FB 101 -62.66 38.32 90.69
N LEU FB 102 -63.00 38.00 91.93
CA LEU FB 102 -63.80 38.88 92.78
C LEU FB 102 -62.93 39.74 93.71
N ASP FB 103 -61.61 39.71 93.54
CA ASP FB 103 -60.75 40.58 94.34
C ASP FB 103 -61.16 42.04 94.22
N ARG FB 104 -61.68 42.43 93.04
CA ARG FB 104 -62.24 43.75 92.85
C ARG FB 104 -63.66 43.85 93.39
N GLY FB 105 -64.15 42.83 94.09
CA GLY FB 105 -65.54 42.74 94.46
C GLY FB 105 -66.44 42.14 93.41
N ASN FB 106 -65.87 41.66 92.31
CA ASN FB 106 -66.66 41.09 91.21
C ASN FB 106 -66.98 39.63 91.51
N GLU FB 107 -67.92 39.45 92.42
CA GLU FB 107 -68.34 38.09 92.79
C GLU FB 107 -69.03 37.38 91.64
N GLN FB 108 -69.78 38.11 90.81
CA GLN FB 108 -70.54 37.48 89.73
C GLN FB 108 -69.62 36.75 88.76
N LEU FB 109 -68.49 37.36 88.41
CA LEU FB 109 -67.59 36.74 87.45
C LEU FB 109 -67.02 35.44 87.99
N ALA FB 110 -66.66 35.41 89.27
CA ALA FB 110 -66.10 34.20 89.85
C ALA FB 110 -67.09 33.04 89.81
N ARG FB 111 -68.39 33.35 89.75
CA ARG FB 111 -69.39 32.28 89.68
C ARG FB 111 -69.18 31.42 88.44
N GLU FB 112 -68.94 32.06 87.29
CA GLU FB 112 -68.77 31.31 86.06
C GLU FB 112 -67.54 30.41 86.11
N ALA FB 113 -66.44 30.92 86.67
CA ALA FB 113 -65.20 30.14 86.70
C ALA FB 113 -65.38 28.85 87.48
N LEU FB 114 -65.90 28.95 88.71
CA LEU FB 114 -66.09 27.75 89.52
C LEU FB 114 -67.08 26.79 88.87
N GLY FB 115 -68.14 27.32 88.26
CA GLY FB 115 -69.04 26.47 87.52
C GLY FB 115 -68.36 25.84 86.31
N GLN FB 116 -67.47 26.59 85.66
CA GLN FB 116 -66.79 26.08 84.47
C GLN FB 116 -65.86 24.93 84.81
N ARG FB 117 -65.08 25.05 85.88
CA ARG FB 117 -64.07 24.06 86.21
C ARG FB 117 -64.67 22.72 86.61
N GLN FB 118 -65.95 22.68 86.99
CA GLN FB 118 -66.57 21.41 87.38
C GLN FB 118 -66.57 20.42 86.22
N SER FB 119 -66.83 20.89 85.01
CA SER FB 119 -66.81 20.01 83.85
C SER FB 119 -65.45 19.35 83.70
N TYR FB 120 -64.37 20.12 83.85
CA TYR FB 120 -63.04 19.54 83.77
C TYR FB 120 -62.81 18.51 84.88
N GLN FB 121 -63.28 18.82 86.10
CA GLN FB 121 -63.10 17.89 87.21
C GLN FB 121 -63.74 16.54 86.92
N SER FB 122 -64.85 16.54 86.18
CA SER FB 122 -65.51 15.28 85.86
C SER FB 122 -64.59 14.36 85.07
N HIS FB 123 -63.88 14.90 84.08
CA HIS FB 123 -62.96 14.09 83.31
C HIS FB 123 -61.84 13.55 84.17
N THR FB 124 -61.31 14.38 85.08
CA THR FB 124 -60.22 13.93 85.94
C THR FB 124 -60.66 12.75 86.80
N GLU FB 125 -61.85 12.83 87.38
CA GLU FB 125 -62.35 11.73 88.19
C GLU FB 125 -62.56 10.47 87.34
N ALA FB 126 -63.10 10.64 86.14
CA ALA FB 126 -63.33 9.48 85.27
C ALA FB 126 -62.02 8.80 84.90
N LEU FB 127 -60.99 9.58 84.58
CA LEU FB 127 -59.71 8.98 84.21
C LEU FB 127 -59.03 8.35 85.42
N GLY FB 128 -59.12 8.97 86.59
CA GLY FB 128 -58.49 8.41 87.77
C GLY FB 128 -58.98 7.00 88.07
N LYS FB 129 -60.29 6.79 87.94
CA LYS FB 129 -60.84 5.45 88.13
C LYS FB 129 -60.35 4.50 87.05
N SER FB 130 -60.27 4.98 85.80
CA SER FB 130 -59.87 4.12 84.70
C SER FB 130 -58.44 3.61 84.88
N LEU FB 131 -57.53 4.48 85.31
CA LEU FB 131 -56.15 4.05 85.53
C LEU FB 131 -56.05 3.09 86.71
N GLY FB 132 -56.92 3.25 87.70
CA GLY FB 132 -56.84 2.40 88.89
C GLY FB 132 -56.94 0.93 88.54
N GLU FB 133 -57.86 0.58 87.65
CA GLU FB 133 -58.00 -0.83 87.26
C GLU FB 133 -56.86 -1.27 86.35
N GLN FB 134 -56.43 -0.39 85.43
CA GLN FB 134 -55.32 -0.73 84.55
C GLN FB 134 -54.03 -0.95 85.34
N ARG FB 135 -53.80 -0.14 86.36
CA ARG FB 135 -52.54 -0.21 87.09
C ARG FB 135 -52.33 -1.59 87.70
N ALA FB 136 -53.36 -2.14 88.33
CA ALA FB 136 -53.26 -3.46 88.94
C ALA FB 136 -53.44 -4.59 87.94
N LEU FB 137 -53.79 -4.28 86.69
CA LEU FB 137 -54.00 -5.33 85.70
C LEU FB 137 -52.68 -5.72 85.04
N VAL FB 138 -51.91 -4.73 84.58
CA VAL FB 138 -50.64 -5.04 83.91
C VAL FB 138 -49.69 -5.71 84.87
N GLU FB 139 -49.64 -5.24 86.12
CA GLU FB 139 -48.73 -5.83 87.10
C GLU FB 139 -48.95 -7.34 87.20
N GLN FB 140 -50.19 -7.79 87.08
CA GLN FB 140 -50.46 -9.22 87.03
C GLN FB 140 -49.89 -9.83 85.76
N VAL FB 141 -49.98 -9.12 84.64
CA VAL FB 141 -49.46 -9.64 83.39
C VAL FB 141 -47.96 -9.85 83.48
N ARG FB 142 -47.24 -8.86 84.03
CA ARG FB 142 -45.80 -8.99 84.13
C ARG FB 142 -45.39 -10.24 84.89
N GLY FB 143 -46.16 -10.61 85.92
CA GLY FB 143 -45.84 -11.82 86.65
C GLY FB 143 -45.90 -13.07 85.79
N GLN FB 144 -46.91 -13.16 84.93
CA GLN FB 144 -47.01 -14.31 84.04
C GLN FB 144 -45.82 -14.39 83.09
N LEU FB 145 -45.43 -13.25 82.50
CA LEU FB 145 -44.29 -13.26 81.59
C LEU FB 145 -43.02 -13.66 82.30
N GLN FB 146 -42.77 -13.08 83.48
CA GLN FB 146 -41.53 -13.38 84.20
C GLN FB 146 -41.49 -14.85 84.60
N LYS FB 147 -42.61 -15.39 85.10
CA LYS FB 147 -42.64 -16.80 85.47
C LYS FB 147 -42.43 -17.69 84.25
N LEU FB 148 -43.04 -17.33 83.12
CA LEU FB 148 -42.89 -18.13 81.92
C LEU FB 148 -41.43 -18.18 81.48
N GLU FB 149 -40.75 -17.03 81.50
CA GLU FB 149 -39.35 -17.01 81.10
C GLU FB 149 -38.51 -17.90 82.00
N ARG FB 150 -38.75 -17.84 83.32
CA ARG FB 150 -38.02 -18.72 84.23
C ARG FB 150 -38.32 -20.19 83.94
N LYS FB 151 -39.58 -20.50 83.65
CA LYS FB 151 -39.94 -21.88 83.31
C LYS FB 151 -39.37 -22.29 81.96
N TYR FB 152 -39.18 -21.34 81.06
CA TYR FB 152 -38.68 -21.67 79.72
C TYR FB 152 -37.31 -22.32 79.79
N LEU FB 153 -36.41 -21.73 80.58
CA LEU FB 153 -35.03 -22.21 80.62
C LEU FB 153 -34.94 -23.64 81.15
N GLU FB 154 -35.73 -23.95 82.16
CA GLU FB 154 -35.65 -25.27 82.79
C GLU FB 154 -35.91 -26.40 81.80
N LEU FB 155 -36.61 -26.10 80.70
CA LEU FB 155 -36.83 -27.10 79.66
C LEU FB 155 -35.61 -27.23 78.76
N LYS FB 156 -35.11 -26.09 78.26
CA LYS FB 156 -33.99 -26.12 77.33
C LYS FB 156 -32.75 -26.72 77.98
N SER FB 157 -32.53 -26.42 79.26
CA SER FB 157 -31.35 -26.95 79.95
C SER FB 157 -31.35 -28.47 80.01
N GLN FB 158 -32.50 -29.10 79.80
CA GLN FB 158 -32.58 -30.55 79.82
C GLN FB 158 -32.67 -31.17 78.43
N LYS FB 159 -33.11 -30.42 77.43
CA LYS FB 159 -33.32 -31.01 76.11
C LYS FB 159 -32.02 -31.57 75.55
N ASN FB 160 -30.93 -30.83 75.68
CA ASN FB 160 -29.65 -31.32 75.19
C ASN FB 160 -29.23 -32.59 75.92
N LEU FB 161 -29.54 -32.70 77.21
CA LEU FB 161 -29.18 -33.89 77.95
C LEU FB 161 -29.91 -35.13 77.43
N TYR FB 162 -31.20 -35.00 77.13
CA TYR FB 162 -31.95 -36.14 76.62
C TYR FB 162 -31.42 -36.59 75.26
N LEU FB 163 -31.14 -35.64 74.37
CA LEU FB 163 -30.65 -36.01 73.04
C LEU FB 163 -29.36 -36.80 73.14
N ALA FB 164 -28.46 -36.41 74.04
CA ALA FB 164 -27.21 -37.13 74.20
C ALA FB 164 -27.46 -38.58 74.60
N ARG FB 165 -28.37 -38.80 75.54
CA ARG FB 165 -28.71 -40.17 75.94
C ARG FB 165 -29.31 -40.93 74.77
N LEU FB 166 -30.17 -40.28 74.00
CA LEU FB 166 -30.79 -40.93 72.85
C LEU FB 166 -29.74 -41.33 71.82
N LYS FB 167 -28.80 -40.42 71.53
CA LYS FB 167 -27.75 -40.75 70.57
C LYS FB 167 -26.85 -41.86 71.09
N SER FB 168 -26.64 -41.91 72.41
CA SER FB 168 -25.78 -42.95 72.98
C SER FB 168 -26.40 -44.33 72.80
N ALA FB 169 -27.68 -44.47 73.14
CA ALA FB 169 -28.32 -45.78 73.10
C ALA FB 169 -28.57 -46.24 71.66
N ILE FB 170 -29.05 -45.33 70.81
CA ILE FB 170 -29.33 -45.70 69.43
C ILE FB 170 -28.06 -46.24 68.76
N ALA FB 171 -26.94 -45.56 68.97
CA ALA FB 171 -25.67 -46.05 68.44
C ALA FB 171 -25.32 -47.40 69.04
N ALA FB 172 -25.52 -47.56 70.34
CA ALA FB 172 -25.19 -48.82 71.00
C ALA FB 172 -25.95 -49.98 70.37
N GLN FB 173 -27.23 -49.78 70.06
CA GLN FB 173 -27.99 -50.82 69.37
C GLN FB 173 -27.39 -51.12 68.01
N LYS FB 174 -26.96 -50.09 67.28
CA LYS FB 174 -26.37 -50.29 65.97
C LYS FB 174 -25.08 -51.10 66.07
N ILE FB 175 -24.26 -50.82 67.08
CA ILE FB 175 -23.00 -51.53 67.24
C ILE FB 175 -23.26 -53.00 67.56
N GLU FB 176 -24.17 -53.25 68.50
CA GLU FB 176 -24.33 -54.61 69.02
C GLU FB 176 -24.79 -55.58 67.94
N GLU FB 177 -25.74 -55.15 67.10
CA GLU FB 177 -26.23 -56.05 66.05
C GLU FB 177 -25.12 -56.46 65.10
N ILE FB 178 -24.06 -55.65 65.01
CA ILE FB 178 -22.91 -55.95 64.16
C ILE FB 178 -21.85 -56.65 64.99
N ALA FB 179 -22.24 -57.13 66.18
CA ALA FB 179 -21.26 -57.79 67.05
C ALA FB 179 -20.57 -58.93 66.35
N GLY FB 180 -21.27 -59.61 65.44
CA GLY FB 180 -20.66 -60.72 64.72
C GLY FB 180 -20.18 -61.80 65.66
N ASN FB 181 -21.03 -62.18 66.62
CA ASN FB 181 -20.64 -63.17 67.61
C ASN FB 181 -20.21 -64.46 66.93
N LEU FB 182 -19.06 -64.99 67.34
CA LEU FB 182 -18.54 -66.22 66.73
C LEU FB 182 -19.41 -67.42 67.09
N ASP FB 183 -20.10 -67.38 68.23
CA ASP FB 183 -20.84 -68.54 68.71
C ASP FB 183 -22.13 -68.80 67.96
N ASN FB 184 -22.62 -67.85 67.16
CA ASN FB 184 -23.93 -68.04 66.52
C ASN FB 184 -23.94 -69.27 65.63
N ALA FB 185 -22.96 -69.38 64.74
CA ALA FB 185 -22.85 -70.54 63.84
C ALA FB 185 -24.12 -70.70 63.02
N SER FB 186 -24.71 -69.57 62.61
CA SER FB 186 -25.95 -69.58 61.84
C SER FB 186 -25.97 -68.55 60.72
N ALA FB 187 -24.87 -67.85 60.46
CA ALA FB 187 -24.73 -66.78 59.48
C ALA FB 187 -25.36 -65.49 60.00
N SER FB 188 -25.97 -65.48 61.18
CA SER FB 188 -26.44 -64.23 61.76
C SER FB 188 -25.26 -63.30 62.05
N SER FB 189 -24.18 -63.86 62.60
CA SER FB 189 -22.91 -63.14 62.69
C SER FB 189 -22.19 -63.25 61.36
N LEU FB 190 -21.87 -62.09 60.77
CA LEU FB 190 -21.23 -62.11 59.46
C LEU FB 190 -19.90 -62.85 59.49
N PHE FB 191 -19.23 -62.90 60.63
CA PHE FB 191 -17.97 -63.63 60.72
C PHE FB 191 -18.17 -65.12 60.49
N GLU FB 192 -19.13 -65.72 61.20
CA GLU FB 192 -19.40 -67.14 61.01
C GLU FB 192 -19.91 -67.41 59.61
N ARG FB 193 -20.61 -66.46 59.00
CA ARG FB 193 -20.98 -66.62 57.59
C ARG FB 193 -19.75 -66.72 56.72
N ILE FB 194 -18.73 -65.90 57.01
CA ILE FB 194 -17.47 -66.01 56.30
C ILE FB 194 -16.84 -67.37 56.53
N GLU FB 195 -16.84 -67.83 57.78
CA GLU FB 195 -16.24 -69.13 58.09
C GLU FB 195 -16.90 -70.24 57.30
N THR FB 196 -18.22 -70.20 57.17
CA THR FB 196 -18.90 -71.18 56.34
C THR FB 196 -18.43 -71.07 54.89
N LYS FB 197 -18.24 -69.85 54.41
CA LYS FB 197 -17.76 -69.66 53.04
C LYS FB 197 -16.38 -70.30 52.85
N ILE FB 198 -15.49 -70.15 53.84
CA ILE FB 198 -14.14 -70.69 53.71
C ILE FB 198 -14.18 -72.19 53.53
N LEU FB 199 -14.93 -72.89 54.39
CA LEU FB 199 -14.97 -74.35 54.32
C LEU FB 199 -15.63 -74.82 53.04
N GLU FB 200 -16.54 -74.03 52.47
CA GLU FB 200 -17.19 -74.41 51.23
C GLU FB 200 -16.16 -74.61 50.12
N LEU FB 201 -15.25 -73.66 49.97
CA LEU FB 201 -14.25 -73.74 48.91
C LEU FB 201 -13.28 -74.88 49.16
N GLU FB 202 -12.74 -74.97 50.37
CA GLU FB 202 -11.78 -76.03 50.68
C GLU FB 202 -12.38 -77.41 50.43
N ALA FB 203 -13.68 -77.56 50.63
CA ALA FB 203 -14.34 -78.84 50.37
C ALA FB 203 -14.27 -79.21 48.91
N GLU FB 204 -14.49 -78.24 48.02
CA GLU FB 204 -14.49 -78.54 46.58
C GLU FB 204 -13.13 -79.03 46.11
N ARG FB 205 -12.06 -78.38 46.57
CA ARG FB 205 -10.73 -78.72 46.09
C ARG FB 205 -10.36 -80.15 46.44
N GLU FB 206 -10.58 -80.55 47.70
CA GLU FB 206 -10.19 -81.88 48.13
C GLU FB 206 -10.93 -82.95 47.35
N LEU FB 207 -12.24 -82.75 47.13
CA LEU FB 207 -13.01 -83.74 46.39
C LEU FB 207 -12.55 -83.83 44.93
N LEU FB 208 -12.32 -82.68 44.30
CA LEU FB 208 -11.94 -82.69 42.89
C LEU FB 208 -10.52 -83.23 42.71
N ASN FB 209 -9.71 -83.21 43.77
CA ASN FB 209 -8.35 -83.75 43.75
C ASN FB 209 -8.26 -84.71 44.93
N PRO FB 210 -8.69 -85.96 44.74
CA PRO FB 210 -8.71 -86.92 45.85
C PRO FB 210 -7.34 -86.99 46.53
N PRO FB 211 -7.26 -86.58 47.80
CA PRO FB 211 -5.98 -86.65 48.51
C PRO FB 211 -5.59 -88.10 48.76
N PRO FB 212 -4.33 -88.35 49.10
CA PRO FB 212 -3.88 -89.74 49.28
C PRO FB 212 -4.67 -90.43 50.39
N SER FB 213 -4.92 -91.72 50.18
CA SER FB 213 -5.58 -92.52 51.19
C SER FB 213 -4.66 -92.71 52.39
N PRO FB 214 -5.22 -92.93 53.58
CA PRO FB 214 -4.36 -93.18 54.75
C PRO FB 214 -3.45 -94.39 54.57
N LEU FB 215 -3.92 -95.41 53.85
CA LEU FB 215 -3.06 -96.56 53.57
C LEU FB 215 -1.85 -96.15 52.75
N ASP FB 216 -2.05 -95.29 51.74
CA ASP FB 216 -0.92 -94.79 50.97
C ASP FB 216 0.02 -93.98 51.85
N LYS FB 217 -0.54 -93.16 52.74
CA LYS FB 217 0.30 -92.43 53.70
C LYS FB 217 1.09 -93.39 54.56
N LYS FB 218 0.47 -94.47 55.02
CA LYS FB 218 1.17 -95.44 55.84
C LYS FB 218 2.38 -95.99 55.10
N PHE FB 219 2.21 -96.37 53.83
CA PHE FB 219 3.32 -96.94 53.07
C PHE FB 219 4.45 -95.94 52.91
N GLU FB 220 4.13 -94.68 52.63
CA GLU FB 220 5.16 -93.70 52.33
C GLU FB 220 6.11 -93.54 53.51
N GLN FB 221 5.57 -93.27 54.70
CA GLN FB 221 6.41 -93.18 55.89
C GLN FB 221 7.00 -94.54 56.24
N TRP FB 222 6.20 -95.60 56.10
CA TRP FB 222 6.69 -96.94 56.37
C TRP FB 222 7.92 -97.27 55.55
N GLU FB 223 8.04 -96.70 54.35
CA GLU FB 223 9.20 -96.95 53.51
C GLU FB 223 10.43 -96.15 53.97
N GLU FB 224 10.22 -94.92 54.43
CA GLU FB 224 11.36 -94.04 54.73
C GLU FB 224 12.19 -94.56 55.89
N GLN FB 225 11.57 -95.22 56.86
CA GLN FB 225 12.31 -95.66 58.04
C GLN FB 225 13.44 -96.60 57.66
N GLN FB 226 13.17 -97.56 56.77
CA GLN FB 226 14.23 -98.45 56.32
C GLN FB 226 15.29 -97.69 55.52
N ALA FB 227 14.86 -96.75 54.69
CA ALA FB 227 15.81 -96.00 53.87
C ALA FB 227 16.80 -95.25 54.75
N VAL FB 228 16.30 -94.54 55.76
CA VAL FB 228 17.19 -93.82 56.67
C VAL FB 228 17.96 -94.80 57.54
N GLU FB 229 17.30 -95.85 58.04
CA GLU FB 229 17.99 -96.83 58.87
C GLU FB 229 19.00 -97.62 58.06
N ALA FB 230 18.62 -98.02 56.84
CA ALA FB 230 19.56 -98.75 55.99
C ALA FB 230 20.76 -97.87 55.66
N THR FB 231 20.51 -96.59 55.32
CA THR FB 231 21.61 -95.67 55.12
C THR FB 231 22.39 -95.46 56.41
N LEU FB 232 21.68 -95.32 57.53
CA LEU FB 232 22.35 -95.22 58.82
C LEU FB 232 23.03 -96.52 59.20
N ALA FB 233 22.42 -97.66 58.88
CA ALA FB 233 23.08 -98.95 59.13
C ALA FB 233 24.36 -99.05 58.33
N ALA FB 234 24.33 -98.62 57.07
CA ALA FB 234 25.54 -98.57 56.27
C ALA FB 234 26.44 -97.40 56.66
N MET FB 235 25.89 -96.36 57.29
CA MET FB 235 26.71 -95.26 57.75
C MET FB 235 27.80 -95.74 58.72
N LYS FB 236 27.39 -96.51 59.73
CA LYS FB 236 28.37 -97.09 60.64
C LYS FB 236 29.27 -98.07 59.92
N ALA FB 237 28.68 -98.90 59.05
CA ALA FB 237 29.47 -99.91 58.33
C ALA FB 237 30.42 -99.25 57.32
N ARG FB 238 29.91 -98.31 56.52
CA ARG FB 238 30.76 -97.67 55.52
C ARG FB 238 31.90 -96.91 56.18
N ARG FB 239 31.60 -96.19 57.25
CA ARG FB 239 32.67 -95.53 58.02
C ARG FB 239 33.51 -96.55 58.77
N SER FB 240 32.88 -97.62 59.25
CA SER FB 240 33.59 -98.64 60.00
C SER FB 240 32.85 -99.98 59.91
N GLN GB 45 -84.20 10.43 -21.18
CA GLN GB 45 -83.97 11.67 -21.97
C GLN GB 45 -82.93 12.54 -21.28
N GLU GB 46 -82.26 13.37 -22.06
CA GLU GB 46 -81.22 14.28 -21.58
C GLU GB 46 -81.70 15.72 -21.72
N ALA GB 47 -80.85 16.65 -21.32
CA ALA GB 47 -81.19 18.06 -21.46
C ALA GB 47 -81.33 18.40 -22.94
N PRO GB 48 -82.36 19.15 -23.33
CA PRO GB 48 -82.55 19.43 -24.77
C PRO GB 48 -81.36 20.14 -25.40
N GLU GB 49 -80.70 21.03 -24.65
CA GLU GB 49 -79.56 21.76 -25.21
C GLU GB 49 -78.41 20.81 -25.53
N ASP GB 50 -78.16 19.83 -24.67
CA ASP GB 50 -77.04 18.93 -24.88
C ASP GB 50 -77.19 18.14 -26.17
N LEU GB 51 -78.42 17.69 -26.47
CA LEU GB 51 -78.65 16.95 -27.70
C LEU GB 51 -78.28 17.78 -28.92
N LEU GB 52 -78.57 19.08 -28.89
CA LEU GB 52 -78.40 19.91 -30.08
C LEU GB 52 -76.95 19.88 -30.55
N GLU GB 53 -76.00 20.02 -29.62
CA GLU GB 53 -74.59 19.98 -29.99
C GLU GB 53 -74.22 18.61 -30.55
N ARG GB 54 -74.66 17.54 -29.88
CA ARG GB 54 -74.34 16.19 -30.33
C ARG GB 54 -74.99 15.88 -31.67
N LEU GB 55 -76.23 16.31 -31.86
CA LEU GB 55 -76.94 15.97 -33.09
C LEU GB 55 -76.25 16.58 -34.31
N LEU GB 56 -75.86 17.85 -34.23
CA LEU GB 56 -75.22 18.50 -35.38
C LEU GB 56 -73.87 17.86 -35.69
N GLY GB 57 -73.12 17.48 -34.65
CA GLY GB 57 -71.84 16.82 -34.89
C GLY GB 57 -72.01 15.55 -35.71
N GLU GB 58 -73.05 14.77 -35.43
CA GLU GB 58 -73.36 13.62 -36.25
C GLU GB 58 -73.77 14.05 -37.66
N MET GB 59 -74.55 15.12 -37.76
CA MET GB 59 -75.00 15.59 -39.07
C MET GB 59 -73.82 16.01 -39.94
N GLU GB 60 -72.88 16.77 -39.38
CA GLU GB 60 -71.73 17.21 -40.16
C GLU GB 60 -70.89 16.02 -40.60
N LEU GB 61 -70.70 15.05 -39.71
CA LEU GB 61 -69.91 13.88 -40.07
C LEU GB 61 -70.55 13.12 -41.23
N GLU GB 62 -71.87 13.00 -41.23
CA GLU GB 62 -72.55 12.27 -42.29
C GLU GB 62 -72.39 12.95 -43.64
N LEU GB 63 -72.43 14.29 -43.65
CA LEU GB 63 -72.47 15.01 -44.93
C LEU GB 63 -71.21 14.75 -45.76
N ILE GB 64 -70.05 14.77 -45.12
CA ILE GB 64 -68.81 14.55 -45.87
C ILE GB 64 -68.79 13.13 -46.43
N GLU GB 65 -69.34 12.17 -45.70
CA GLU GB 65 -69.43 10.81 -46.22
C GLU GB 65 -70.24 10.77 -47.50
N LEU GB 66 -71.35 11.51 -47.54
CA LEU GB 66 -72.10 11.68 -48.78
C LEU GB 66 -71.24 12.31 -49.86
N ARG GB 67 -70.48 13.36 -49.49
CA ARG GB 67 -69.63 14.02 -50.47
C ARG GB 67 -68.60 13.05 -51.04
N ARG GB 68 -67.98 12.23 -50.18
CA ARG GB 68 -67.00 11.28 -50.66
C ARG GB 68 -67.62 10.24 -51.58
N ALA GB 69 -68.80 9.73 -51.22
CA ALA GB 69 -69.43 8.67 -52.01
C ALA GB 69 -69.78 9.16 -53.41
N LEU GB 70 -70.34 10.37 -53.51
CA LEU GB 70 -70.74 10.89 -54.82
C LEU GB 70 -69.55 10.94 -55.78
N ALA GB 71 -68.35 11.20 -55.28
CA ALA GB 71 -67.18 11.24 -56.15
C ALA GB 71 -66.95 9.90 -56.83
N GLN GB 72 -67.11 8.81 -56.08
CA GLN GB 72 -66.88 7.49 -56.66
C GLN GB 72 -67.85 7.22 -57.81
N THR GB 73 -69.08 7.73 -57.71
CA THR GB 73 -70.02 7.60 -58.81
C THR GB 73 -69.48 8.28 -60.07
N ILE GB 74 -68.89 9.47 -59.91
CA ILE GB 74 -68.37 10.20 -61.05
C ILE GB 74 -67.25 9.41 -61.72
N ALA GB 75 -66.44 8.72 -60.93
CA ALA GB 75 -65.31 7.97 -61.49
C ALA GB 75 -65.81 6.94 -62.51
N THR GB 76 -66.80 6.14 -62.12
CA THR GB 76 -67.33 5.14 -63.04
C THR GB 76 -68.00 5.80 -64.25
N PHE GB 77 -68.74 6.89 -64.03
CA PHE GB 77 -69.36 7.59 -65.13
C PHE GB 77 -68.33 8.06 -66.15
N LYS GB 78 -67.19 8.58 -65.66
CA LYS GB 78 -66.11 8.96 -66.57
C LYS GB 78 -65.38 7.73 -67.10
N SER GB 79 -65.16 6.73 -66.24
CA SER GB 79 -64.37 5.58 -66.65
C SER GB 79 -65.01 4.85 -67.82
N THR GB 80 -66.31 4.56 -67.71
CA THR GB 80 -67.00 3.84 -68.79
C THR GB 80 -67.00 4.68 -70.06
N GLU GB 81 -67.20 5.99 -69.94
CA GLU GB 81 -67.19 6.85 -71.12
C GLU GB 81 -65.85 6.77 -71.85
N ARG GB 82 -64.75 6.80 -71.09
CA ARG GB 82 -63.45 6.59 -71.70
C ARG GB 82 -63.36 5.18 -72.30
N GLN GB 83 -63.91 4.19 -71.59
CA GLN GB 83 -63.92 2.83 -72.11
C GLN GB 83 -64.74 2.75 -73.39
N ARG GB 84 -65.84 3.47 -73.45
CA ARG GB 84 -66.70 3.44 -74.64
C ARG GB 84 -65.94 3.91 -75.88
N ASP GB 85 -65.18 5.00 -75.74
CA ASP GB 85 -64.46 5.54 -76.88
C ASP GB 85 -63.48 4.54 -77.45
N ALA GB 86 -62.92 3.67 -76.61
CA ALA GB 86 -61.92 2.72 -77.08
C ALA GB 86 -62.52 1.75 -78.09
N GLN GB 87 -63.73 1.25 -77.83
CA GLN GB 87 -64.31 0.24 -78.70
C GLN GB 87 -64.56 0.79 -80.09
N GLN GB 88 -65.19 1.96 -80.19
CA GLN GB 88 -65.47 2.53 -81.50
C GLN GB 88 -64.19 2.80 -82.27
N LEU GB 89 -63.10 3.15 -81.57
CA LEU GB 89 -61.82 3.33 -82.23
C LEU GB 89 -61.38 2.04 -82.91
N ILE GB 90 -61.55 0.90 -82.22
CA ILE GB 90 -61.21 -0.38 -82.81
C ILE GB 90 -62.06 -0.64 -84.05
N ALA GB 91 -63.37 -0.36 -83.96
CA ALA GB 91 -64.23 -0.55 -85.12
C ALA GB 91 -63.78 0.33 -86.27
N GLN GB 92 -63.33 1.55 -85.97
CA GLN GB 92 -62.83 2.43 -87.01
C GLN GB 92 -61.63 1.80 -87.72
N ARG GB 93 -60.76 1.14 -86.97
CA ARG GB 93 -59.60 0.49 -87.58
C ARG GB 93 -60.03 -0.53 -88.62
N TRP GB 94 -60.99 -1.38 -88.26
CA TRP GB 94 -61.49 -2.36 -89.23
C TRP GB 94 -62.13 -1.67 -90.42
N TYR GB 95 -62.93 -0.63 -90.17
CA TYR GB 95 -63.53 0.12 -91.27
C TYR GB 95 -62.46 0.75 -92.14
N GLU GB 96 -61.46 1.37 -91.51
CA GLU GB 96 -60.36 1.95 -92.28
C GLU GB 96 -59.62 0.85 -93.05
N LYS GB 97 -59.38 -0.28 -92.41
CA LYS GB 97 -58.75 -1.40 -93.11
C LYS GB 97 -59.62 -1.88 -94.25
N ALA GB 98 -60.93 -1.99 -94.02
CA ALA GB 98 -61.83 -2.42 -95.07
C ALA GB 98 -61.87 -1.45 -96.24
N GLN GB 99 -61.47 -0.19 -96.02
CA GLN GB 99 -61.49 0.79 -97.10
C GLN GB 99 -60.57 0.35 -98.24
N ALA GB 100 -59.36 -0.11 -97.90
CA ALA GB 100 -58.41 -0.60 -98.89
C ALA GB 100 -58.43 -2.12 -99.00
N ALA GB 101 -59.32 -2.79 -98.28
CA ALA GB 101 -59.38 -4.26 -98.35
C ALA GB 101 -59.66 -4.72 -99.77
N LEU GB 102 -60.65 -4.13 -100.41
CA LEU GB 102 -61.00 -4.45 -101.79
C LEU GB 102 -60.39 -3.48 -102.79
N ASP GB 103 -59.50 -2.58 -102.34
CA ASP GB 103 -58.82 -1.70 -103.27
C ASP GB 103 -58.10 -2.48 -104.36
N ARG GB 104 -57.61 -3.68 -104.04
CA ARG GB 104 -57.05 -4.59 -105.02
C ARG GB 104 -58.11 -5.35 -105.79
N GLY GB 105 -59.39 -5.01 -105.60
CA GLY GB 105 -60.48 -5.79 -106.12
C GLY GB 105 -60.91 -6.94 -105.23
N ASN GB 106 -60.33 -7.06 -104.03
CA ASN GB 106 -60.63 -8.16 -103.12
C ASN GB 106 -61.89 -7.81 -102.32
N GLU GB 107 -63.03 -7.92 -103.00
CA GLU GB 107 -64.31 -7.62 -102.35
C GLU GB 107 -64.62 -8.65 -101.26
N GLN GB 108 -64.24 -9.91 -101.45
CA GLN GB 108 -64.59 -10.94 -100.50
C GLN GB 108 -64.01 -10.65 -99.12
N LEU GB 109 -62.76 -10.20 -99.06
CA LEU GB 109 -62.12 -9.94 -97.78
C LEU GB 109 -62.86 -8.83 -97.03
N ALA GB 110 -63.25 -7.78 -97.73
CA ALA GB 110 -63.95 -6.66 -97.08
C ALA GB 110 -65.26 -7.12 -96.44
N ARG GB 111 -65.85 -8.21 -96.95
CA ARG GB 111 -67.09 -8.70 -96.38
C ARG GB 111 -66.91 -9.07 -94.90
N GLU GB 112 -65.81 -9.75 -94.58
CA GLU GB 112 -65.58 -10.18 -93.21
C GLU GB 112 -65.41 -8.98 -92.29
N ALA GB 113 -64.69 -7.95 -92.73
CA ALA GB 113 -64.41 -6.80 -91.88
C ALA GB 113 -65.71 -6.10 -91.48
N LEU GB 114 -66.56 -5.77 -92.46
CA LEU GB 114 -67.81 -5.09 -92.14
C LEU GB 114 -68.70 -5.96 -91.27
N GLY GB 115 -68.74 -7.27 -91.53
CA GLY GB 115 -69.47 -8.17 -90.66
C GLY GB 115 -68.86 -8.22 -89.26
N GLN GB 116 -67.53 -8.15 -89.18
CA GLN GB 116 -66.85 -8.23 -87.89
C GLN GB 116 -67.17 -7.02 -87.02
N ARG GB 117 -67.12 -5.82 -87.61
CA ARG GB 117 -67.28 -4.60 -86.83
C ARG GB 117 -68.68 -4.43 -86.26
N GLN GB 118 -69.67 -5.15 -86.78
CA GLN GB 118 -71.03 -5.01 -86.26
C GLN GB 118 -71.10 -5.45 -84.80
N SER GB 119 -70.39 -6.52 -84.45
CA SER GB 119 -70.36 -6.96 -83.05
C SER GB 119 -69.87 -5.86 -82.14
N TYR GB 120 -68.80 -5.16 -82.53
CA TYR GB 120 -68.30 -4.06 -81.73
C TYR GB 120 -69.33 -2.95 -81.62
N GLN GB 121 -70.01 -2.64 -82.73
CA GLN GB 121 -71.00 -1.57 -82.72
C GLN GB 121 -72.10 -1.86 -81.70
N SER GB 122 -72.44 -3.13 -81.50
CA SER GB 122 -73.48 -3.47 -80.55
C SER GB 122 -73.11 -3.02 -79.15
N HIS GB 123 -71.86 -3.23 -78.74
CA HIS GB 123 -71.41 -2.80 -77.42
C HIS GB 123 -71.48 -1.28 -77.30
N THR GB 124 -71.08 -0.57 -78.35
CA THR GB 124 -71.10 0.89 -78.31
C THR GB 124 -72.51 1.41 -78.08
N GLU GB 125 -73.48 0.85 -78.81
CA GLU GB 125 -74.87 1.27 -78.64
C GLU GB 125 -75.37 0.95 -77.24
N ALA GB 126 -75.02 -0.24 -76.72
CA ALA GB 126 -75.47 -0.62 -75.39
C ALA GB 126 -74.91 0.32 -74.33
N LEU GB 127 -73.63 0.69 -74.45
CA LEU GB 127 -73.04 1.58 -73.46
C LEU GB 127 -73.59 2.99 -73.59
N GLY GB 128 -73.82 3.46 -74.82
CA GLY GB 128 -74.35 4.81 -74.99
C GLY GB 128 -75.68 5.00 -74.28
N LYS GB 129 -76.56 4.01 -74.36
CA LYS GB 129 -77.82 4.07 -73.64
C LYS GB 129 -77.59 4.05 -72.13
N SER GB 130 -76.64 3.21 -71.67
CA SER GB 130 -76.40 3.09 -70.24
C SER GB 130 -75.93 4.40 -69.63
N LEU GB 131 -75.03 5.10 -70.32
CA LEU GB 131 -74.54 6.38 -69.80
C LEU GB 131 -75.65 7.44 -69.81
N GLY GB 132 -76.56 7.35 -70.79
CA GLY GB 132 -77.61 8.36 -70.89
C GLY GB 132 -78.42 8.48 -69.62
N GLU GB 133 -78.79 7.34 -69.02
CA GLU GB 133 -79.56 7.39 -67.78
C GLU GB 133 -78.69 7.80 -66.60
N GLN GB 134 -77.44 7.33 -66.55
CA GLN GB 134 -76.55 7.72 -65.46
C GLN GB 134 -76.27 9.21 -65.49
N ARG GB 135 -76.10 9.78 -66.68
CA ARG GB 135 -75.73 11.20 -66.78
C ARG GB 135 -76.75 12.10 -66.10
N ALA GB 136 -78.03 11.85 -66.36
CA ALA GB 136 -79.09 12.66 -65.76
C ALA GB 136 -79.42 12.23 -64.34
N LEU GB 137 -78.85 11.12 -63.86
CA LEU GB 137 -79.15 10.66 -62.51
C LEU GB 137 -78.27 11.35 -61.48
N VAL GB 138 -76.95 11.37 -61.71
CA VAL GB 138 -76.04 11.99 -60.76
C VAL GB 138 -76.33 13.48 -60.64
N GLU GB 139 -76.61 14.14 -61.76
CA GLU GB 139 -76.89 15.57 -61.73
C GLU GB 139 -78.00 15.89 -60.74
N GLN GB 140 -79.00 15.01 -60.65
CA GLN GB 140 -80.04 15.17 -59.64
C GLN GB 140 -79.46 15.00 -58.24
N VAL GB 141 -78.53 14.05 -58.07
CA VAL GB 141 -77.94 13.82 -56.76
C VAL GB 141 -77.18 15.06 -56.29
N ARG GB 142 -76.39 15.66 -57.19
CA ARG GB 142 -75.62 16.83 -56.82
C ARG GB 142 -76.53 17.94 -56.27
N GLY GB 143 -77.72 18.09 -56.84
CA GLY GB 143 -78.64 19.10 -56.34
C GLY GB 143 -79.03 18.87 -54.90
N GLN GB 144 -79.30 17.62 -54.53
CA GLN GB 144 -79.65 17.32 -53.14
C GLN GB 144 -78.50 17.66 -52.20
N LEU GB 145 -77.28 17.29 -52.56
CA LEU GB 145 -76.14 17.58 -51.70
C LEU GB 145 -75.94 19.07 -51.54
N GLN GB 146 -75.99 19.81 -52.65
CA GLN GB 146 -75.78 21.26 -52.58
C GLN GB 146 -76.85 21.94 -51.75
N LYS GB 147 -78.11 21.55 -51.95
CA LYS GB 147 -79.19 22.13 -51.16
C LYS GB 147 -79.03 21.80 -49.68
N LEU GB 148 -78.65 20.56 -49.38
CA LEU GB 148 -78.47 20.17 -47.99
C LEU GB 148 -77.39 21.00 -47.31
N GLU GB 149 -76.27 21.21 -48.00
CA GLU GB 149 -75.20 22.01 -47.42
C GLU GB 149 -75.67 23.43 -47.13
N ARG GB 150 -76.41 24.03 -48.06
CA ARG GB 150 -76.95 25.35 -47.82
C ARG GB 150 -77.90 25.36 -46.64
N LYS GB 151 -78.73 24.32 -46.54
CA LYS GB 151 -79.66 24.24 -45.41
C LYS GB 151 -78.92 23.95 -44.11
N TYR GB 152 -77.77 23.28 -44.18
CA TYR GB 152 -77.04 22.94 -42.97
C TYR GB 152 -76.62 24.19 -42.20
N LEU GB 153 -76.08 25.18 -42.91
CA LEU GB 153 -75.54 26.36 -42.24
C LEU GB 153 -76.63 27.14 -41.51
N GLU GB 154 -77.81 27.25 -42.12
CA GLU GB 154 -78.88 28.06 -41.53
C GLU GB 154 -79.26 27.56 -40.14
N LEU GB 155 -78.99 26.29 -39.83
CA LEU GB 155 -79.25 25.78 -38.49
C LEU GB 155 -78.14 26.17 -37.52
N LYS GB 156 -76.89 25.93 -37.91
CA LYS GB 156 -75.78 26.21 -37.03
C LYS GB 156 -75.69 27.69 -36.70
N SER GB 157 -75.98 28.55 -37.67
CA SER GB 157 -75.92 29.99 -37.44
C SER GB 157 -76.89 30.45 -36.35
N GLN GB 158 -77.89 29.64 -36.05
CA GLN GB 158 -78.87 29.99 -35.01
C GLN GB 158 -78.64 29.24 -33.70
N LYS GB 159 -77.95 28.10 -33.73
CA LYS GB 159 -77.83 27.30 -32.51
C LYS GB 159 -77.11 28.09 -31.42
N ASN GB 160 -76.02 28.79 -31.79
CA ASN GB 160 -75.30 29.58 -30.80
C ASN GB 160 -76.19 30.68 -30.22
N LEU GB 161 -77.07 31.25 -31.04
CA LEU GB 161 -77.96 32.30 -30.55
C LEU GB 161 -78.91 31.77 -29.49
N TYR GB 162 -79.49 30.60 -29.71
CA TYR GB 162 -80.42 30.04 -28.74
C TYR GB 162 -79.72 29.74 -27.42
N LEU GB 163 -78.53 29.14 -27.48
CA LEU GB 163 -77.82 28.81 -26.24
C LEU GB 163 -77.56 30.05 -25.40
N ALA GB 164 -77.21 31.16 -26.04
CA ALA GB 164 -76.95 32.39 -25.31
C ALA GB 164 -78.20 32.84 -24.56
N ARG GB 165 -79.35 32.79 -25.23
CA ARG GB 165 -80.61 33.15 -24.57
C ARG GB 165 -80.89 32.20 -23.41
N LEU GB 166 -80.65 30.91 -23.62
CA LEU GB 166 -80.89 29.93 -22.56
C LEU GB 166 -79.99 30.20 -21.35
N LYS GB 167 -78.71 30.48 -21.58
CA LYS GB 167 -77.80 30.78 -20.48
C LYS GB 167 -78.20 32.07 -19.78
N SER GB 168 -78.72 33.04 -20.53
CA SER GB 168 -79.12 34.31 -19.92
C SER GB 168 -80.28 34.11 -18.95
N ALA GB 169 -81.31 33.39 -19.38
CA ALA GB 169 -82.51 33.26 -18.55
C ALA GB 169 -82.26 32.33 -17.37
N ILE GB 170 -81.59 31.20 -17.61
CA ILE GB 170 -81.32 30.26 -16.52
C ILE GB 170 -80.57 30.95 -15.40
N ALA GB 171 -79.54 31.73 -15.75
CA ALA GB 171 -78.81 32.48 -14.74
C ALA GB 171 -79.72 33.48 -14.05
N ALA GB 172 -80.58 34.16 -14.81
CA ALA GB 172 -81.47 35.15 -14.21
C ALA GB 172 -82.36 34.52 -13.15
N GLN GB 173 -82.87 33.32 -13.42
CA GLN GB 173 -83.67 32.62 -12.42
C GLN GB 173 -82.82 32.33 -11.17
N LYS GB 174 -81.57 31.92 -11.37
CA LYS GB 174 -80.70 31.62 -10.24
C LYS GB 174 -80.47 32.87 -9.39
N ILE GB 175 -80.26 34.02 -10.03
CA ILE GB 175 -80.01 35.26 -9.31
C ILE GB 175 -81.24 35.66 -8.51
N GLU GB 176 -82.41 35.61 -9.14
CA GLU GB 176 -83.61 36.18 -8.51
C GLU GB 176 -83.98 35.44 -7.23
N GLU GB 177 -83.89 34.11 -7.24
CA GLU GB 177 -84.26 33.35 -6.04
C GLU GB 177 -83.36 33.71 -4.87
N ILE GB 178 -82.16 34.24 -5.13
CA ILE GB 178 -81.24 34.65 -4.09
C ILE GB 178 -81.43 36.15 -3.83
N ALA GB 179 -82.52 36.70 -4.34
CA ALA GB 179 -82.75 38.13 -4.18
C ALA GB 179 -82.71 38.54 -2.72
N GLY GB 180 -83.12 37.67 -1.82
CA GLY GB 180 -83.10 37.98 -0.40
C GLY GB 180 -83.92 39.20 -0.09
N ASN GB 181 -85.14 39.25 -0.63
CA ASN GB 181 -85.99 40.42 -0.44
C ASN GB 181 -86.20 40.68 1.05
N LEU GB 182 -86.02 41.93 1.45
CA LEU GB 182 -86.17 42.28 2.86
C LEU GB 182 -87.63 42.18 3.31
N ASP GB 183 -88.57 42.35 2.38
CA ASP GB 183 -89.99 42.41 2.74
C ASP GB 183 -90.59 41.05 3.10
N ASN GB 184 -89.92 39.94 2.79
CA ASN GB 184 -90.54 38.64 3.00
C ASN GB 184 -90.89 38.42 4.47
N ALA GB 185 -89.93 38.64 5.36
CA ALA GB 185 -90.14 38.50 6.79
C ALA GB 185 -90.64 37.09 7.13
N SER GB 186 -90.10 36.10 6.43
CA SER GB 186 -90.50 34.72 6.60
C SER GB 186 -89.34 33.74 6.56
N ALA GB 187 -88.10 34.21 6.48
CA ALA GB 187 -86.88 33.42 6.35
C ALA GB 187 -86.70 32.92 4.92
N SER GB 188 -87.65 33.17 4.02
CA SER GB 188 -87.43 32.83 2.61
C SER GB 188 -86.26 33.63 2.05
N SER GB 189 -86.21 34.92 2.37
CA SER GB 189 -85.03 35.73 2.10
C SER GB 189 -84.00 35.49 3.20
N LEU GB 190 -82.81 35.06 2.82
CA LEU GB 190 -81.79 34.75 3.82
C LEU GB 190 -81.44 35.95 4.68
N PHE GB 191 -81.61 37.16 4.15
CA PHE GB 191 -81.32 38.36 4.94
C PHE GB 191 -82.28 38.48 6.12
N GLU GB 192 -83.57 38.36 5.87
CA GLU GB 192 -84.54 38.42 6.96
C GLU GB 192 -84.35 37.28 7.94
N ARG GB 193 -83.90 36.11 7.45
CA ARG GB 193 -83.56 35.04 8.36
C ARG GB 193 -82.44 35.46 9.30
N ILE GB 194 -81.44 36.16 8.77
CA ILE GB 194 -80.38 36.70 9.61
C ILE GB 194 -80.96 37.69 10.62
N GLU GB 195 -81.85 38.57 10.15
CA GLU GB 195 -82.43 39.56 11.05
C GLU GB 195 -83.15 38.90 12.21
N THR GB 196 -83.89 37.82 11.94
CA THR GB 196 -84.52 37.08 13.01
C THR GB 196 -83.48 36.52 13.98
N LYS GB 197 -82.35 36.03 13.43
CA LYS GB 197 -81.28 35.52 14.29
C LYS GB 197 -80.75 36.60 15.21
N ILE GB 198 -80.57 37.82 14.69
CA ILE GB 198 -80.01 38.90 15.50
C ILE GB 198 -80.89 39.18 16.71
N LEU GB 199 -82.19 39.33 16.48
CA LEU GB 199 -83.10 39.65 17.58
C LEU GB 199 -83.19 38.52 18.58
N GLU GB 200 -82.98 37.28 18.13
CA GLU GB 200 -83.03 36.14 19.06
C GLU GB 200 -81.99 36.29 20.15
N LEU GB 201 -80.75 36.62 19.77
CA LEU GB 201 -79.68 36.75 20.75
C LEU GB 201 -79.91 37.93 21.67
N GLU GB 202 -80.22 39.10 21.10
CA GLU GB 202 -80.44 40.28 21.91
C GLU GB 202 -81.54 40.07 22.94
N ALA GB 203 -82.54 39.25 22.60
CA ALA GB 203 -83.62 38.97 23.53
C ALA GB 203 -83.11 38.22 24.76
N GLU GB 204 -82.22 37.25 24.56
CA GLU GB 204 -81.72 36.46 25.68
C GLU GB 204 -80.96 37.33 26.67
N ARG GB 205 -80.11 38.23 26.17
CA ARG GB 205 -79.26 39.02 27.06
C ARG GB 205 -80.10 39.91 27.98
N GLU GB 206 -81.09 40.61 27.40
CA GLU GB 206 -81.89 41.52 28.21
C GLU GB 206 -82.64 40.79 29.30
N LEU GB 207 -83.21 39.64 28.98
CA LEU GB 207 -83.95 38.88 29.98
C LEU GB 207 -83.03 38.36 31.08
N LEU GB 208 -81.87 37.84 30.71
CA LEU GB 208 -80.96 37.28 31.70
C LEU GB 208 -80.34 38.36 32.56
N ASN GB 209 -80.32 39.61 32.07
CA ASN GB 209 -79.82 40.77 32.81
C ASN GB 209 -80.93 41.80 32.80
N PRO GB 210 -81.89 41.70 33.71
CA PRO GB 210 -83.02 42.63 33.71
C PRO GB 210 -82.55 44.07 33.66
N PRO GB 211 -82.86 44.79 32.58
CA PRO GB 211 -82.44 46.20 32.51
C PRO GB 211 -83.23 47.05 33.50
N PRO GB 212 -82.76 48.26 33.78
CA PRO GB 212 -83.45 49.09 34.79
C PRO GB 212 -84.89 49.36 34.40
N SER GB 213 -85.75 49.40 35.41
CA SER GB 213 -87.15 49.73 35.19
C SER GB 213 -87.28 51.21 34.81
N PRO GB 214 -88.33 51.57 34.07
CA PRO GB 214 -88.50 52.98 33.73
C PRO GB 214 -88.62 53.89 34.95
N LEU GB 215 -89.20 53.38 36.04
CA LEU GB 215 -89.25 54.17 37.27
C LEU GB 215 -87.85 54.46 37.78
N ASP GB 216 -86.96 53.46 37.75
CA ASP GB 216 -85.58 53.70 38.15
C ASP GB 216 -84.92 54.72 37.24
N LYS GB 217 -85.17 54.62 35.93
CA LYS GB 217 -84.67 55.62 34.99
C LYS GB 217 -85.18 57.00 35.35
N LYS GB 218 -86.46 57.11 35.69
CA LYS GB 218 -87.02 58.40 36.06
C LYS GB 218 -86.27 59.01 37.24
N PHE GB 219 -86.00 58.21 38.26
CA PHE GB 219 -85.32 58.72 39.44
C PHE GB 219 -83.91 59.21 39.09
N GLU GB 220 -83.18 58.44 38.27
CA GLU GB 220 -81.79 58.78 37.99
C GLU GB 220 -81.67 60.15 37.36
N GLN GB 221 -82.42 60.40 36.28
CA GLN GB 221 -82.40 61.72 35.66
C GLN GB 221 -83.06 62.75 36.58
N TRP GB 222 -84.14 62.35 37.25
CA TRP GB 222 -84.82 63.25 38.18
C TRP GB 222 -83.86 63.76 39.25
N GLU GB 223 -82.86 62.97 39.62
CA GLU GB 223 -81.88 63.39 40.62
C GLU GB 223 -80.87 64.37 40.05
N GLU GB 224 -80.44 64.16 38.80
CA GLU GB 224 -79.34 64.95 38.26
C GLU GB 224 -79.69 66.41 38.10
N GLN GB 225 -80.96 66.72 37.82
CA GLN GB 225 -81.34 68.11 37.57
C GLN GB 225 -81.05 68.98 38.77
N GLN GB 226 -81.39 68.51 39.97
CA GLN GB 226 -81.07 69.26 41.18
C GLN GB 226 -79.57 69.36 41.39
N ALA GB 227 -78.84 68.28 41.13
CA ALA GB 227 -77.40 68.29 41.34
C ALA GB 227 -76.73 69.35 40.47
N VAL GB 228 -77.10 69.41 39.18
CA VAL GB 228 -76.53 70.41 38.30
C VAL GB 228 -77.07 71.79 38.65
N GLU GB 229 -78.37 71.88 38.94
CA GLU GB 229 -78.97 73.17 39.31
C GLU GB 229 -78.46 73.65 40.65
N ALA GB 230 -78.36 72.75 41.63
CA ALA GB 230 -77.80 73.13 42.92
C ALA GB 230 -76.36 73.58 42.79
N THR GB 231 -75.57 72.85 42.01
CA THR GB 231 -74.20 73.29 41.73
C THR GB 231 -74.21 74.59 40.95
N LEU GB 232 -75.10 74.71 39.96
CA LEU GB 232 -75.24 75.96 39.23
C LEU GB 232 -75.81 77.06 40.11
N ALA GB 233 -76.74 76.72 41.00
CA ALA GB 233 -77.27 77.70 41.94
C ALA GB 233 -76.15 78.21 42.85
N ALA GB 234 -75.30 77.30 43.33
CA ALA GB 234 -74.14 77.70 44.10
C ALA GB 234 -73.05 78.30 43.22
N MET GB 235 -73.05 77.99 41.92
CA MET GB 235 -72.06 78.58 41.02
C MET GB 235 -72.16 80.11 41.03
N LYS GB 236 -73.37 80.63 40.85
CA LYS GB 236 -73.57 82.07 40.94
C LYS GB 236 -73.28 82.57 42.34
N ALA GB 237 -73.73 81.83 43.35
CA ALA GB 237 -73.53 82.26 44.74
C ALA GB 237 -72.06 82.18 45.14
N ARG GB 238 -71.41 81.05 44.83
CA ARG GB 238 -70.00 80.91 45.21
C ARG GB 238 -69.14 81.95 44.51
N ARG GB 239 -69.38 82.19 43.23
CA ARG GB 239 -68.68 83.26 42.52
C ARG GB 239 -69.15 84.63 43.00
N SER GB 240 -70.44 84.74 43.31
CA SER GB 240 -71.00 86.00 43.78
C SER GB 240 -72.26 85.76 44.63
N GLN HB 45 -36.77 -81.01 -13.66
CA GLN HB 45 -35.48 -81.64 -14.01
C GLN HB 45 -34.61 -80.69 -14.84
N GLU HB 46 -33.30 -80.89 -14.77
CA GLU HB 46 -32.34 -80.07 -15.49
C GLU HB 46 -31.67 -80.91 -16.58
N ALA HB 47 -30.75 -80.28 -17.31
CA ALA HB 47 -30.01 -81.01 -18.33
C ALA HB 47 -29.18 -82.10 -17.67
N PRO HB 48 -29.15 -83.31 -18.22
CA PRO HB 48 -28.41 -84.39 -17.57
C PRO HB 48 -26.93 -84.09 -17.39
N GLU HB 49 -26.33 -83.38 -18.35
CA GLU HB 49 -24.91 -83.07 -18.26
C GLU HB 49 -24.63 -82.15 -17.08
N ASP HB 50 -25.50 -81.17 -16.84
CA ASP HB 50 -25.26 -80.21 -15.77
C ASP HB 50 -25.23 -80.91 -14.41
N LEU HB 51 -26.12 -81.88 -14.20
CA LEU HB 51 -26.15 -82.59 -12.93
C LEU HB 51 -24.82 -83.28 -12.67
N LEU HB 52 -24.20 -83.84 -13.71
CA LEU HB 52 -23.00 -84.65 -13.52
C LEU HB 52 -21.90 -83.85 -12.84
N GLU HB 53 -21.67 -82.61 -13.30
CA GLU HB 53 -20.65 -81.77 -12.68
C GLU HB 53 -21.02 -81.47 -11.23
N ARG HB 54 -22.27 -81.10 -10.99
CA ARG HB 54 -22.70 -80.75 -9.64
C ARG HB 54 -22.65 -81.97 -8.72
N LEU HB 55 -23.06 -83.13 -9.22
CA LEU HB 55 -23.11 -84.32 -8.37
C LEU HB 55 -21.73 -84.71 -7.87
N LEU HB 56 -20.73 -84.71 -8.75
CA LEU HB 56 -19.39 -85.10 -8.33
C LEU HB 56 -18.81 -84.10 -7.34
N GLY HB 57 -19.07 -82.81 -7.53
CA GLY HB 57 -18.59 -81.83 -6.58
C GLY HB 57 -19.09 -82.11 -5.18
N GLU HB 58 -20.35 -82.50 -5.05
CA GLU HB 58 -20.87 -82.92 -3.75
C GLU HB 58 -20.18 -84.19 -3.28
N MET HB 59 -19.93 -85.13 -4.19
CA MET HB 59 -19.29 -86.38 -3.81
C MET HB 59 -17.88 -86.15 -3.27
N GLU HB 60 -17.10 -85.31 -3.96
CA GLU HB 60 -15.74 -85.04 -3.50
C GLU HB 60 -15.75 -84.36 -2.14
N LEU HB 61 -16.67 -83.41 -1.94
CA LEU HB 61 -16.74 -82.72 -0.66
C LEU HB 61 -17.04 -83.70 0.46
N GLU HB 62 -17.94 -84.66 0.22
CA GLU HB 62 -18.31 -85.60 1.27
C GLU HB 62 -17.13 -86.48 1.66
N LEU HB 63 -16.32 -86.89 0.69
CA LEU HB 63 -15.29 -87.88 0.96
C LEU HB 63 -14.28 -87.39 1.98
N ILE HB 64 -13.85 -86.13 1.85
CA ILE HB 64 -12.87 -85.59 2.80
C ILE HB 64 -13.46 -85.54 4.20
N GLU HB 65 -14.76 -85.24 4.30
CA GLU HB 65 -15.42 -85.25 5.60
C GLU HB 65 -15.32 -86.62 6.24
N LEU HB 66 -15.52 -87.68 5.44
CA LEU HB 66 -15.30 -89.03 5.94
C LEU HB 66 -13.85 -89.21 6.37
N ARG HB 67 -12.90 -88.72 5.56
CA ARG HB 67 -11.50 -88.85 5.91
C ARG HB 67 -11.19 -88.17 7.23
N ARG HB 68 -11.74 -86.97 7.44
CA ARG HB 68 -11.49 -86.25 8.69
C ARG HB 68 -12.08 -87.00 9.87
N ALA HB 69 -13.30 -87.52 9.72
CA ALA HB 69 -13.97 -88.17 10.84
C ALA HB 69 -13.21 -89.42 11.29
N LEU HB 70 -12.75 -90.23 10.33
CA LEU HB 70 -12.05 -91.46 10.68
C LEU HB 70 -10.84 -91.18 11.55
N ALA HB 71 -10.17 -90.04 11.33
CA ALA HB 71 -9.00 -89.71 12.15
C ALA HB 71 -9.37 -89.58 13.61
N GLN HB 72 -10.51 -88.94 13.91
CA GLN HB 72 -10.92 -88.78 15.29
C GLN HB 72 -11.12 -90.11 15.98
N THR HB 73 -11.62 -91.11 15.24
CA THR HB 73 -11.74 -92.45 15.80
C THR HB 73 -10.38 -92.99 16.23
N ILE HB 74 -9.36 -92.78 15.40
CA ILE HB 74 -8.03 -93.29 15.73
C ILE HB 74 -7.51 -92.64 17.00
N ALA HB 75 -7.82 -91.36 17.21
CA ALA HB 75 -7.34 -90.66 18.40
C ALA HB 75 -7.79 -91.36 19.67
N THR HB 76 -9.09 -91.66 19.77
CA THR HB 76 -9.59 -92.34 20.95
C THR HB 76 -9.02 -93.74 21.08
N PHE HB 77 -8.91 -94.46 19.96
CA PHE HB 77 -8.32 -95.79 19.99
C PHE HB 77 -6.90 -95.75 20.54
N LYS HB 78 -6.11 -94.75 20.13
CA LYS HB 78 -4.77 -94.60 20.69
C LYS HB 78 -4.83 -94.04 22.11
N SER HB 79 -5.72 -93.09 22.36
CA SER HB 79 -5.76 -92.42 23.66
C SER HB 79 -6.07 -93.42 24.78
N THR HB 80 -7.10 -94.24 24.60
CA THR HB 80 -7.44 -95.22 25.63
C THR HB 80 -6.31 -96.21 25.83
N GLU HB 81 -5.68 -96.64 24.74
CA GLU HB 81 -4.58 -97.60 24.87
C GLU HB 81 -3.46 -97.01 25.71
N ARG HB 82 -3.11 -95.74 25.49
CA ARG HB 82 -2.15 -95.07 26.35
C ARG HB 82 -2.68 -94.98 27.78
N GLN HB 83 -3.98 -94.70 27.92
CA GLN HB 83 -4.59 -94.65 29.25
C GLN HB 83 -4.53 -96.01 29.92
N ARG HB 84 -4.73 -97.08 29.15
CA ARG HB 84 -4.71 -98.42 29.72
C ARG HB 84 -3.36 -98.74 30.35
N ASP HB 85 -2.27 -98.39 29.65
CA ASP HB 85 -0.94 -98.69 30.16
C ASP HB 85 -0.69 -98.03 31.50
N ALA HB 86 -1.29 -96.86 31.73
CA ALA HB 86 -1.04 -96.14 32.97
C ALA HB 86 -1.52 -96.94 34.18
N GLN HB 87 -2.71 -97.54 34.08
CA GLN HB 87 -3.29 -98.22 35.23
C GLN HB 87 -2.43 -99.41 35.65
N GLN HB 88 -2.05 -100.26 34.70
CA GLN HB 88 -1.23 -101.41 35.04
C GLN HB 88 0.09 -100.99 35.66
N LEU HB 89 0.64 -99.87 35.21
CA LEU HB 89 1.87 -99.36 35.82
C LEU HB 89 1.66 -99.07 37.31
N ILE HB 90 0.51 -98.49 37.66
CA ILE HB 90 0.21 -98.24 39.06
C ILE HB 90 0.12 -99.55 39.83
N ALA HB 91 -0.56 -100.54 39.25
CA ALA HB 91 -0.66 -101.85 39.89
C ALA HB 91 0.71 -102.45 40.10
N GLN HB 92 1.61 -102.27 39.12
CA GLN HB 92 2.97 -102.76 39.27
C GLN HB 92 3.66 -102.13 40.48
N ARG HB 93 3.43 -100.83 40.70
CA ARG HB 93 4.03 -100.16 41.85
C ARG HB 93 3.62 -100.83 43.15
N TRP HB 94 2.33 -101.10 43.31
CA TRP HB 94 1.88 -101.80 44.51
C TRP HB 94 2.48 -103.18 44.60
N TYR HB 95 2.52 -103.91 43.49
CA TYR HB 95 3.14 -105.23 43.49
C TYR HB 95 4.61 -105.14 43.84
N GLU HB 96 5.32 -104.18 43.23
CA GLU HB 96 6.72 -103.98 43.58
C GLU HB 96 6.87 -103.60 45.05
N LYS HB 97 6.00 -102.72 45.53
CA LYS HB 97 6.02 -102.36 46.95
C LYS HB 97 5.73 -103.57 47.81
N ALA HB 98 4.74 -104.37 47.42
CA ALA HB 98 4.42 -105.58 48.18
C ALA HB 98 5.56 -106.57 48.20
N GLN HB 99 6.49 -106.49 47.24
CA GLN HB 99 7.61 -107.42 47.21
C GLN HB 99 8.44 -107.31 48.47
N ALA HB 100 8.74 -106.08 48.90
CA ALA HB 100 9.50 -105.84 50.12
C ALA HB 100 8.60 -105.51 51.30
N ALA HB 101 7.28 -105.54 51.12
CA ALA HB 101 6.36 -105.23 52.21
C ALA HB 101 6.58 -106.17 53.38
N LEU HB 102 6.65 -107.47 53.11
CA LEU HB 102 6.89 -108.47 54.13
C LEU HB 102 8.35 -108.88 54.21
N ASP HB 103 9.24 -108.20 53.49
CA ASP HB 103 10.66 -108.49 53.61
C ASP HB 103 11.13 -108.40 55.04
N ARG HB 104 10.53 -107.52 55.83
CA ARG HB 104 10.79 -107.43 57.27
C ARG HB 104 10.03 -108.49 58.04
N GLY HB 105 9.36 -109.42 57.36
CA GLY HB 105 8.45 -110.34 58.00
C GLY HB 105 7.05 -109.81 58.16
N ASN HB 106 6.75 -108.62 57.63
CA ASN HB 106 5.44 -107.99 57.77
C ASN HB 106 4.50 -108.54 56.71
N GLU HB 107 4.05 -109.77 56.94
CA GLU HB 107 3.12 -110.41 56.00
C GLU HB 107 1.77 -109.72 55.98
N GLN HB 108 1.32 -109.20 57.12
CA GLN HB 108 -0.01 -108.59 57.18
C GLN HB 108 -0.12 -107.41 56.24
N LEU HB 109 0.91 -106.55 56.18
CA LEU HB 109 0.85 -105.38 55.33
C LEU HB 109 0.73 -105.77 53.86
N ALA HB 110 1.48 -106.79 53.44
CA ALA HB 110 1.42 -107.21 52.04
C ALA HB 110 0.03 -107.68 51.64
N ARG HB 111 -0.77 -108.13 52.62
CA ARG HB 111 -2.12 -108.58 52.30
C ARG HB 111 -2.93 -107.45 51.69
N GLU HB 112 -2.84 -106.24 52.25
CA GLU HB 112 -3.62 -105.12 51.75
C GLU HB 112 -3.21 -104.76 50.33
N ALA HB 113 -1.91 -104.77 50.04
CA ALA HB 113 -1.44 -104.37 48.73
C ALA HB 113 -1.99 -105.28 47.64
N LEU HB 114 -1.84 -106.59 47.81
CA LEU HB 114 -2.34 -107.52 46.80
C LEU HB 114 -3.85 -107.43 46.67
N GLY HB 115 -4.57 -107.27 47.78
CA GLY HB 115 -6.00 -107.02 47.69
C GLY HB 115 -6.31 -105.72 47.00
N GLN HB 116 -5.50 -104.69 47.23
CA GLN HB 116 -5.74 -103.38 46.63
C GLN HB 116 -5.59 -103.43 45.12
N ARG HB 117 -4.53 -104.07 44.62
CA ARG HB 117 -4.24 -104.05 43.19
C ARG HB 117 -5.27 -104.80 42.36
N GLN HB 118 -6.09 -105.66 42.98
CA GLN HB 118 -7.09 -106.39 42.22
C GLN HB 118 -8.10 -105.44 41.59
N SER HB 119 -8.51 -104.40 42.31
CA SER HB 119 -9.44 -103.42 41.77
C SER HB 119 -8.88 -102.79 40.50
N TYR HB 120 -7.60 -102.43 40.50
CA TYR HB 120 -6.99 -101.87 39.31
C TYR HB 120 -6.97 -102.88 38.17
N GLN HB 121 -6.67 -104.14 38.48
CA GLN HB 121 -6.63 -105.17 37.45
C GLN HB 121 -7.97 -105.29 36.74
N SER HB 122 -9.06 -105.08 37.46
CA SER HB 122 -10.38 -105.18 36.85
C SER HB 122 -10.54 -104.17 35.72
N HIS HB 123 -10.09 -102.94 35.93
CA HIS HB 123 -10.19 -101.93 34.88
C HIS HB 123 -9.33 -102.32 33.68
N THR HB 124 -8.14 -102.84 33.93
CA THR HB 124 -7.26 -103.23 32.83
C THR HB 124 -7.92 -104.29 31.95
N GLU HB 125 -8.52 -105.31 32.59
CA GLU HB 125 -9.20 -106.35 31.82
C GLU HB 125 -10.37 -105.79 31.05
N ALA HB 126 -11.15 -104.89 31.67
CA ALA HB 126 -12.30 -104.31 30.99
C ALA HB 126 -11.87 -103.52 29.77
N LEU HB 127 -10.81 -102.72 29.89
CA LEU HB 127 -10.36 -101.93 28.76
C LEU HB 127 -9.74 -102.81 27.67
N GLY HB 128 -9.00 -103.85 28.05
CA GLY HB 128 -8.41 -104.73 27.05
C GLY HB 128 -9.45 -105.33 26.13
N LYS HB 129 -10.58 -105.77 26.69
CA LYS HB 129 -11.66 -106.29 25.87
C LYS HB 129 -12.25 -105.20 24.99
N SER HB 130 -12.41 -103.99 25.54
CA SER HB 130 -13.04 -102.91 24.78
C SER HB 130 -12.21 -102.54 23.55
N LEU HB 131 -10.88 -102.48 23.69
CA LEU HB 131 -10.04 -102.16 22.55
C LEU HB 131 -10.06 -103.28 21.52
N GLY HB 132 -10.21 -104.53 21.97
CA GLY HB 132 -10.17 -105.64 21.04
C GLY HB 132 -11.22 -105.52 19.94
N GLU HB 133 -12.43 -105.11 20.30
CA GLU HB 133 -13.48 -104.95 19.29
C GLU HB 133 -13.24 -103.70 18.45
N GLN HB 134 -12.79 -102.62 19.08
CA GLN HB 134 -12.52 -101.39 18.33
C GLN HB 134 -11.40 -101.61 17.32
N ARG HB 135 -10.36 -102.36 17.69
CA ARG HB 135 -9.21 -102.52 16.82
C ARG HB 135 -9.61 -103.12 15.48
N ALA HB 136 -10.43 -104.17 15.50
CA ALA HB 136 -10.86 -104.81 14.26
C ALA HB 136 -12.02 -104.09 13.59
N LEU HB 137 -12.58 -103.07 14.24
CA LEU HB 137 -13.71 -102.35 13.65
C LEU HB 137 -13.23 -101.25 12.71
N VAL HB 138 -12.28 -100.42 13.17
CA VAL HB 138 -11.80 -99.33 12.34
C VAL HB 138 -11.10 -99.88 11.09
N GLU HB 139 -10.32 -100.95 11.25
CA GLU HB 139 -9.61 -101.54 10.12
C GLU HB 139 -10.58 -101.85 8.99
N GLN HB 140 -11.79 -102.29 9.32
CA GLN HB 140 -12.81 -102.50 8.31
C GLN HB 140 -13.24 -101.17 7.69
N VAL HB 141 -13.33 -100.12 8.50
CA VAL HB 141 -13.74 -98.82 7.99
C VAL HB 141 -12.73 -98.31 6.97
N ARG HB 142 -11.44 -98.43 7.30
CA ARG HB 142 -10.40 -97.94 6.39
C ARG HB 142 -10.53 -98.59 5.01
N GLY HB 143 -10.90 -99.87 4.97
CA GLY HB 143 -11.07 -100.53 3.68
C GLY HB 143 -12.15 -99.88 2.83
N GLN HB 144 -13.27 -99.52 3.46
CA GLN HB 144 -14.34 -98.86 2.71
C GLN HB 144 -13.88 -97.53 2.14
N LEU HB 145 -13.18 -96.73 2.95
CA LEU HB 145 -12.71 -95.44 2.47
C LEU HB 145 -11.73 -95.60 1.32
N GLN HB 146 -10.76 -96.52 1.47
CA GLN HB 146 -9.76 -96.70 0.42
C GLN HB 146 -10.40 -97.19 -0.87
N LYS HB 147 -11.32 -98.14 -0.76
CA LYS HB 147 -12.00 -98.63 -1.97
C LYS HB 147 -12.82 -97.53 -2.62
N LEU HB 148 -13.51 -96.72 -1.81
CA LEU HB 148 -14.31 -95.63 -2.35
C LEU HB 148 -13.45 -94.65 -3.13
N GLU HB 149 -12.29 -94.29 -2.57
CA GLU HB 149 -11.40 -93.35 -3.26
C GLU HB 149 -10.95 -93.91 -4.59
N ARG HB 150 -10.59 -95.20 -4.63
CA ARG HB 150 -10.20 -95.81 -5.89
C ARG HB 150 -11.36 -95.81 -6.88
N LYS HB 151 -12.57 -96.10 -6.39
CA LYS HB 151 -13.74 -96.07 -7.27
C LYS HB 151 -14.08 -94.66 -7.71
N TYR HB 152 -13.76 -93.65 -6.88
CA TYR HB 152 -14.10 -92.28 -7.22
C TYR HB 152 -13.43 -91.84 -8.51
N LEU HB 153 -12.13 -92.14 -8.67
CA LEU HB 153 -11.39 -91.65 -9.82
C LEU HB 153 -11.93 -92.24 -11.12
N GLU HB 154 -12.29 -93.52 -11.11
CA GLU HB 154 -12.72 -94.17 -12.33
C GLU HB 154 -13.94 -93.49 -12.95
N LEU HB 155 -14.71 -92.75 -12.15
CA LEU HB 155 -15.83 -92.00 -12.68
C LEU HB 155 -15.38 -90.69 -13.31
N LYS HB 156 -14.56 -89.93 -12.58
CA LYS HB 156 -14.12 -88.63 -13.08
C LYS HB 156 -13.31 -88.77 -14.35
N SER HB 157 -12.47 -89.81 -14.43
CA SER HB 157 -11.66 -90.01 -15.61
C SER HB 157 -12.49 -90.20 -16.88
N GLN HB 158 -13.77 -90.56 -16.73
CA GLN HB 158 -14.64 -90.75 -17.88
C GLN HB 158 -15.59 -89.58 -18.12
N LYS HB 159 -15.87 -88.78 -17.09
CA LYS HB 159 -16.87 -87.72 -17.25
C LYS HB 159 -16.46 -86.74 -18.34
N ASN HB 160 -15.18 -86.34 -18.35
CA ASN HB 160 -14.72 -85.42 -19.38
C ASN HB 160 -14.85 -86.04 -20.76
N LEU HB 161 -14.65 -87.35 -20.89
CA LEU HB 161 -14.77 -87.99 -22.19
C LEU HB 161 -16.19 -87.92 -22.71
N TYR HB 162 -17.19 -88.17 -21.85
CA TYR HB 162 -18.57 -88.12 -22.29
C TYR HB 162 -18.97 -86.72 -22.73
N LEU HB 163 -18.56 -85.70 -21.97
CA LEU HB 163 -18.93 -84.33 -22.33
C LEU HB 163 -18.41 -83.97 -23.71
N ALA HB 164 -17.18 -84.39 -24.02
CA ALA HB 164 -16.60 -84.09 -25.33
C ALA HB 164 -17.46 -84.70 -26.44
N ARG HB 165 -17.87 -85.95 -26.27
CA ARG HB 165 -18.74 -86.57 -27.26
C ARG HB 165 -20.07 -85.83 -27.37
N LEU HB 166 -20.63 -85.43 -26.24
CA LEU HB 166 -21.89 -84.69 -26.25
C LEU HB 166 -21.74 -83.36 -26.99
N LYS HB 167 -20.66 -82.63 -26.72
CA LYS HB 167 -20.46 -81.36 -27.42
C LYS HB 167 -20.22 -81.58 -28.91
N SER HB 168 -19.59 -82.69 -29.27
CA SER HB 168 -19.34 -82.97 -30.68
C SER HB 168 -20.63 -83.19 -31.45
N ALA HB 169 -21.52 -84.03 -30.91
CA ALA HB 169 -22.73 -84.38 -31.63
C ALA HB 169 -23.73 -83.22 -31.63
N ILE HB 170 -23.90 -82.56 -30.49
CA ILE HB 170 -24.84 -81.44 -30.43
C ILE HB 170 -24.48 -80.39 -31.45
N ALA HB 171 -23.19 -80.05 -31.55
CA ALA HB 171 -22.75 -79.10 -32.56
C ALA HB 171 -23.03 -79.63 -33.96
N ALA HB 172 -22.77 -80.92 -34.18
CA ALA HB 172 -22.99 -81.50 -35.51
C ALA HB 172 -24.44 -81.34 -35.94
N GLN HB 173 -25.37 -81.56 -35.02
CA GLN HB 173 -26.78 -81.35 -35.34
C GLN HB 173 -27.04 -79.89 -35.70
N LYS HB 174 -26.43 -78.96 -34.98
CA LYS HB 174 -26.62 -77.55 -35.27
C LYS HB 174 -26.10 -77.19 -36.65
N ILE HB 175 -24.96 -77.75 -37.03
CA ILE HB 175 -24.37 -77.46 -38.34
C ILE HB 175 -25.27 -78.00 -39.45
N GLU HB 176 -25.72 -79.24 -39.30
CA GLU HB 176 -26.40 -79.91 -40.41
C GLU HB 176 -27.70 -79.22 -40.77
N GLU HB 177 -28.48 -78.79 -39.77
CA GLU HB 177 -29.74 -78.13 -40.07
C GLU HB 177 -29.53 -76.85 -40.86
N ILE HB 178 -28.34 -76.25 -40.78
CA ILE HB 178 -28.01 -75.05 -41.52
C ILE HB 178 -27.31 -75.44 -42.82
N ALA HB 179 -27.39 -76.72 -43.17
CA ALA HB 179 -26.72 -77.19 -44.38
C ALA HB 179 -27.14 -76.37 -45.60
N GLY HB 180 -28.38 -75.90 -45.62
CA GLY HB 180 -28.85 -75.11 -46.75
C GLY HB 180 -28.74 -75.87 -48.05
N ASN HB 181 -29.20 -77.12 -48.05
CA ASN HB 181 -29.09 -77.96 -49.23
C ASN HB 181 -29.78 -77.29 -50.41
N LEU HB 182 -29.07 -77.25 -51.55
CA LEU HB 182 -29.63 -76.61 -52.74
C LEU HB 182 -30.80 -77.40 -53.30
N ASP HB 183 -30.83 -78.72 -53.07
CA ASP HB 183 -31.84 -79.57 -53.69
C ASP HB 183 -33.22 -79.43 -53.08
N ASN HB 184 -33.36 -78.81 -51.91
CA ASN HB 184 -34.66 -78.79 -51.23
C ASN HB 184 -35.71 -78.10 -52.10
N ALA HB 185 -35.40 -76.90 -52.59
CA ALA HB 185 -36.32 -76.16 -53.44
C ALA HB 185 -37.66 -75.93 -52.75
N SER HB 186 -37.60 -75.68 -51.44
CA SER HB 186 -38.81 -75.50 -50.64
C SER HB 186 -38.69 -74.39 -49.61
N ALA HB 187 -37.58 -73.64 -49.60
CA ALA HB 187 -37.25 -72.60 -48.63
C ALA HB 187 -36.78 -73.18 -47.31
N SER HB 188 -36.78 -74.51 -47.16
CA SER HB 188 -36.17 -75.11 -45.97
C SER HB 188 -34.68 -74.81 -45.91
N SER HB 189 -34.00 -74.91 -47.04
CA SER HB 189 -32.64 -74.42 -47.16
C SER HB 189 -32.68 -72.92 -47.44
N LEU HB 190 -32.03 -72.14 -46.59
CA LEU HB 190 -32.07 -70.70 -46.73
C LEU HB 190 -31.52 -70.24 -48.08
N PHE HB 191 -30.61 -71.02 -48.67
CA PHE HB 191 -30.07 -70.65 -49.98
C PHE HB 191 -31.15 -70.68 -51.05
N GLU HB 192 -31.91 -71.77 -51.12
CA GLU HB 192 -32.99 -71.85 -52.11
C GLU HB 192 -34.06 -70.80 -51.83
N ARG HB 193 -34.26 -70.45 -50.57
CA ARG HB 193 -35.16 -69.35 -50.27
C ARG HB 193 -34.66 -68.04 -50.89
N ILE HB 194 -33.35 -67.82 -50.83
CA ILE HB 194 -32.76 -66.66 -51.50
C ILE HB 194 -32.98 -66.76 -53.00
N GLU HB 195 -32.77 -67.94 -53.58
CA GLU HB 195 -32.93 -68.10 -55.02
C GLU HB 195 -34.35 -67.76 -55.44
N THR HB 196 -35.34 -68.18 -54.66
CA THR HB 196 -36.72 -67.79 -54.95
C THR HB 196 -36.87 -66.28 -54.90
N LYS HB 197 -36.22 -65.63 -53.92
CA LYS HB 197 -36.29 -64.18 -53.82
C LYS HB 197 -35.73 -63.51 -55.06
N ILE HB 198 -34.62 -64.03 -55.59
CA ILE HB 198 -33.98 -63.42 -56.76
C ILE HB 198 -34.94 -63.42 -57.93
N LEU HB 199 -35.54 -64.57 -58.23
CA LEU HB 199 -36.41 -64.67 -59.39
C LEU HB 199 -37.67 -63.82 -59.21
N GLU HB 200 -38.10 -63.60 -57.98
CA GLU HB 200 -39.27 -62.76 -57.74
C GLU HB 200 -39.06 -61.36 -58.28
N LEU HB 201 -37.90 -60.76 -57.99
CA LEU HB 201 -37.64 -59.40 -58.44
C LEU HB 201 -37.48 -59.34 -59.94
N GLU HB 202 -36.67 -60.24 -60.51
CA GLU HB 202 -36.45 -60.23 -61.95
C GLU HB 202 -37.77 -60.37 -62.70
N ALA HB 203 -38.73 -61.10 -62.13
CA ALA HB 203 -40.02 -61.26 -62.80
C ALA HB 203 -40.75 -59.94 -62.90
N GLU HB 204 -40.71 -59.12 -61.85
CA GLU HB 204 -41.43 -57.85 -61.86
C GLU HB 204 -40.90 -56.92 -62.93
N ARG HB 205 -39.57 -56.84 -63.06
CA ARG HB 205 -38.98 -55.89 -64.00
C ARG HB 205 -39.38 -56.20 -65.44
N GLU HB 206 -39.28 -57.46 -65.83
CA GLU HB 206 -39.58 -57.84 -67.21
C GLU HB 206 -41.04 -57.53 -67.55
N LEU HB 207 -41.96 -57.84 -66.64
CA LEU HB 207 -43.37 -57.58 -66.90
C LEU HB 207 -43.65 -56.08 -67.00
N LEU HB 208 -43.08 -55.29 -66.09
CA LEU HB 208 -43.34 -53.86 -66.08
C LEU HB 208 -42.69 -53.17 -67.27
N ASN HB 209 -41.67 -53.79 -67.87
CA ASN HB 209 -40.99 -53.29 -69.06
C ASN HB 209 -41.02 -54.41 -70.09
N PRO HB 210 -42.12 -54.54 -70.83
CA PRO HB 210 -42.23 -55.64 -71.79
C PRO HB 210 -41.02 -55.71 -72.70
N PRO HB 211 -40.25 -56.79 -72.63
CA PRO HB 211 -39.08 -56.93 -73.50
C PRO HB 211 -39.50 -57.14 -74.94
N PRO HB 212 -38.59 -56.94 -75.89
CA PRO HB 212 -38.98 -57.07 -77.30
C PRO HB 212 -39.52 -58.46 -77.62
N SER HB 213 -40.51 -58.50 -78.50
CA SER HB 213 -41.06 -59.77 -78.95
C SER HB 213 -40.04 -60.50 -79.81
N PRO HB 214 -40.11 -61.83 -79.87
CA PRO HB 214 -39.16 -62.56 -80.74
C PRO HB 214 -39.26 -62.15 -82.20
N LEU HB 215 -40.46 -61.78 -82.66
CA LEU HB 215 -40.59 -61.29 -84.03
C LEU HB 215 -39.78 -60.01 -84.23
N ASP HB 216 -39.84 -59.10 -83.26
CA ASP HB 216 -39.03 -57.90 -83.34
C ASP HB 216 -37.55 -58.23 -83.34
N LYS HB 217 -37.15 -59.18 -82.50
CA LYS HB 217 -35.76 -59.64 -82.52
C LYS HB 217 -35.38 -60.19 -83.89
N LYS HB 218 -36.28 -60.97 -84.50
CA LYS HB 218 -35.99 -61.52 -85.82
C LYS HB 218 -35.71 -60.42 -86.82
N PHE HB 219 -36.54 -59.38 -86.82
CA PHE HB 219 -36.35 -58.28 -87.78
C PHE HB 219 -35.02 -57.58 -87.56
N GLU HB 220 -34.66 -57.33 -86.31
CA GLU HB 220 -33.46 -56.56 -86.02
C GLU HB 220 -32.21 -57.22 -86.60
N GLN HB 221 -32.00 -58.50 -86.27
CA GLN HB 221 -30.87 -59.22 -86.85
C GLN HB 221 -31.08 -59.43 -88.34
N TRP HB 222 -32.31 -59.73 -88.75
CA TRP HB 222 -32.62 -59.91 -90.17
C TRP HB 222 -32.21 -58.69 -90.98
N GLU HB 223 -32.27 -57.50 -90.38
CA GLU HB 223 -31.88 -56.29 -91.09
C GLU HB 223 -30.38 -56.14 -91.19
N GLU HB 224 -29.65 -56.52 -90.14
CA GLU HB 224 -28.21 -56.24 -90.09
C GLU HB 224 -27.44 -57.00 -91.17
N GLN HB 225 -27.90 -58.20 -91.52
CA GLN HB 225 -27.15 -59.02 -92.47
C GLN HB 225 -27.00 -58.31 -93.81
N GLN HB 226 -28.08 -57.70 -94.30
CA GLN HB 226 -27.99 -56.95 -95.55
C GLN HB 226 -27.10 -55.72 -95.38
N ALA HB 227 -27.20 -55.04 -94.23
CA ALA HB 227 -26.40 -53.84 -94.02
C ALA HB 227 -24.92 -54.16 -94.09
N VAL HB 228 -24.49 -55.22 -93.40
CA VAL HB 228 -23.09 -55.61 -93.43
C VAL HB 228 -22.73 -56.18 -94.81
N GLU HB 229 -23.62 -57.00 -95.38
CA GLU HB 229 -23.35 -57.58 -96.69
C GLU HB 229 -23.38 -56.51 -97.78
N ALA HB 230 -24.35 -55.59 -97.71
CA ALA HB 230 -24.41 -54.50 -98.67
C ALA HB 230 -23.16 -53.63 -98.56
N THR HB 231 -22.75 -53.30 -97.33
CA THR HB 231 -21.51 -52.58 -97.15
C THR HB 231 -20.32 -53.42 -97.61
N LEU HB 232 -20.33 -54.71 -97.28
CA LEU HB 232 -19.28 -55.60 -97.77
C LEU HB 232 -19.37 -55.79 -99.28
N ALA HB 233 -20.59 -55.86 -99.82
CA ALA HB 233 -20.75 -55.94 -101.27
C ALA HB 233 -20.17 -54.70 -101.94
N ALA HB 234 -20.44 -53.53 -101.37
CA ALA HB 234 -19.84 -52.30 -101.86
C ALA HB 234 -18.37 -52.19 -101.47
N MET HB 235 -17.95 -52.88 -100.42
CA MET HB 235 -16.54 -52.85 -100.04
C MET HB 235 -15.66 -53.34 -101.19
N LYS HB 236 -15.99 -54.50 -101.75
CA LYS HB 236 -15.25 -54.99 -102.91
C LYS HB 236 -15.43 -54.06 -104.10
N ALA HB 237 -16.66 -53.58 -104.31
CA ALA HB 237 -16.92 -52.71 -105.45
C ALA HB 237 -16.27 -51.35 -105.28
N ARG HB 238 -16.41 -50.74 -104.11
CA ARG HB 238 -15.82 -49.41 -103.90
C ARG HB 238 -14.30 -49.47 -103.99
N ARG HB 239 -13.69 -50.51 -103.42
CA ARG HB 239 -12.26 -50.69 -103.58
C ARG HB 239 -11.92 -51.15 -105.00
N SER HB 240 -12.79 -51.94 -105.60
CA SER HB 240 -12.58 -52.43 -106.95
C SER HB 240 -13.90 -52.78 -107.63
PB ADP IB . -52.69 -35.23 79.95
O1B ADP IB . -51.57 -34.46 79.27
O2B ADP IB . -53.70 -35.84 79.01
O3B ADP IB . -53.29 -34.51 81.13
PA ADP IB . -52.70 -37.89 80.89
O1A ADP IB . -51.91 -38.99 80.24
O2A ADP IB . -54.17 -37.73 80.55
O3A ADP IB . -51.94 -36.51 80.59
O5' ADP IB . -52.56 -38.03 82.50
C5' ADP IB . -52.34 -36.91 83.36
C4' ADP IB . -50.95 -37.10 83.96
O4' ADP IB . -50.66 -36.24 85.05
C3' ADP IB . -50.78 -38.51 84.50
O3' ADP IB . -50.23 -39.40 83.52
C2' ADP IB . -49.87 -38.37 85.70
O2' ADP IB . -48.63 -39.06 85.49
C1' ADP IB . -49.63 -36.87 85.83
N9 ADP IB . -49.60 -36.36 87.23
C8 ADP IB . -49.62 -37.06 88.38
N7 ADP IB . -49.56 -36.23 89.46
C5 ADP IB . -49.49 -34.98 88.99
C6 ADP IB . -49.39 -33.61 89.58
N6 ADP IB . -49.37 -33.43 90.92
N1 ADP IB . -49.34 -32.57 88.73
C2 ADP IB . -49.36 -32.73 87.39
N3 ADP IB . -49.44 -33.93 86.81
C4 ADP IB . -49.50 -35.07 87.54
PB ADP JB . -94.25 16.33 -36.64
O1B ADP JB . -92.75 16.54 -36.51
O2B ADP JB . -94.80 15.17 -35.86
O3B ADP JB . -94.75 16.39 -38.07
PA ADP JB . -96.37 17.61 -35.31
O1A ADP JB . -96.26 18.12 -33.89
O2A ADP JB . -97.01 16.27 -35.58
O3A ADP JB . -94.89 17.62 -35.94
O5' ADP JB . -97.13 18.73 -36.18
C5' ADP JB . -96.72 19.11 -37.50
C4' ADP JB . -96.26 20.56 -37.39
O4' ADP JB . -96.07 21.21 -38.65
C3' ADP JB . -97.30 21.40 -36.66
O3' ADP JB . -97.05 21.47 -35.26
C2' ADP JB . -97.22 22.78 -37.30
O2' ADP JB . -96.79 23.77 -36.35
C1' ADP JB . -96.20 22.63 -38.43
N9 ADP JB . -96.54 23.35 -39.68
C8 ADP JB . -97.55 24.23 -39.91
N7 ADP JB . -97.50 24.70 -41.18
C5 ADP JB . -96.45 24.13 -41.79
C6 ADP JB . -95.83 24.18 -43.13
N6 ADP JB . -96.34 24.96 -44.11
N1 ADP JB . -94.73 23.42 -43.34
C2 ADP JB . -94.20 22.65 -42.38
N3 ADP JB . -94.72 22.55 -41.15
C4 ADP JB . -95.81 23.26 -40.79
PB ADP KB . -31.87 -99.50 -10.65
O1B ADP KB . -30.90 -98.35 -10.53
O2B ADP KB . -33.32 -99.11 -10.43
O3B ADP KB . -31.46 -100.75 -9.92
PA ADP KB . -33.03 -100.62 -12.96
O1A ADP KB . -33.33 -99.81 -14.20
O2A ADP KB . -34.13 -100.88 -11.97
O3A ADP KB . -31.80 -99.90 -12.21
O5' ADP KB . -32.38 -102.02 -13.42
C5' ADP KB . -31.26 -102.61 -12.75
C4' ADP KB . -30.13 -102.61 -13.78
O4' ADP KB . -29.00 -103.41 -13.41
C3' ADP KB . -30.58 -103.18 -15.11
O3' ADP KB . -31.06 -102.15 -15.98
C2' ADP KB . -29.37 -103.87 -15.70
O2' ADP KB . -28.95 -103.24 -16.91
C1' ADP KB . -28.30 -103.76 -14.62
N9 ADP KB . -27.45 -104.96 -14.44
C8 ADP KB . -27.42 -106.09 -15.18
N7 ADP KB . -26.49 -106.96 -14.70
C5 ADP KB . -25.90 -106.38 -13.64
C6 ADP KB . -24.84 -106.75 -12.67
N6 ADP KB . -24.20 -107.94 -12.75
N1 ADP KB . -24.54 -105.85 -11.71
C2 ADP KB . -25.15 -104.65 -11.61
N3 ADP KB . -26.13 -104.27 -12.46
C4 ADP KB . -26.53 -105.07 -13.48
PB ADP LB . -78.10 -5.48 73.05
O1B ADP LB . -76.84 -4.99 72.38
O2B ADP LB . -78.86 -6.54 72.29
O3B ADP LB . -78.98 -4.38 73.61
PA ADP LB . -78.40 -7.44 75.06
O1A ADP LB . -77.50 -8.63 75.18
O2A ADP LB . -79.73 -7.59 74.36
O3A ADP LB . -77.57 -6.27 74.36
O5' ADP LB . -78.67 -6.85 76.54
C5' ADP LB . -78.66 -5.45 76.83
C4' ADP LB . -77.47 -5.21 77.75
O4' ADP LB . -77.44 -3.94 78.38
C3' ADP LB . -77.46 -6.22 78.90
O3' ADP LB . -76.70 -7.38 78.58
C2' ADP LB . -76.88 -5.48 80.08
O2' ADP LB . -75.64 -6.07 80.50
C1' ADP LB . -76.66 -4.05 79.57
N9 ADP LB . -76.97 -2.98 80.56
C8 ADP LB . -77.29 -3.10 81.86
N7 ADP LB . -77.49 -1.88 82.43
C5 ADP LB . -77.28 -0.96 81.47
C6 ADP LB . -77.32 0.53 81.38
N6 ADP LB . -77.63 1.28 82.46
N1 ADP LB . -77.03 1.10 80.20
C2 ADP LB . -76.72 0.36 79.11
N3 ADP LB . -76.66 -0.98 79.12
C4 ADP LB . -76.93 -1.69 80.25
PB ADP MB . -88.07 -14.98 -60.33
O1B ADP MB . -86.66 -14.57 -59.95
O2B ADP MB . -88.83 -15.71 -59.26
O3B ADP MB . -88.20 -15.59 -61.70
PA ADP MB . -90.45 -13.45 -60.25
O1A ADP MB . -90.68 -12.36 -59.23
O2A ADP MB . -91.02 -14.82 -60.02
O3A ADP MB . -88.85 -13.56 -60.45
O5' ADP MB . -90.94 -12.90 -61.68
C5' ADP MB . -90.20 -13.10 -62.89
C4' ADP MB . -89.76 -11.72 -63.35
O4' ADP MB . -89.25 -11.67 -64.69
C3' ADP MB . -90.94 -10.75 -63.34
O3' ADP MB . -91.04 -10.05 -62.10
C2' ADP MB . -90.67 -9.79 -64.49
O2' ADP MB . -90.48 -8.46 -64.02
C1' ADP MB . -89.41 -10.33 -65.16
N9 ADP MB . -89.41 -10.26 -66.65
C8 ADP MB . -90.30 -9.68 -67.46
N7 ADP MB . -89.94 -9.81 -68.77
C5 ADP MB . -88.77 -10.49 -68.79
C6 ADP MB . -87.83 -10.97 -69.83
N6 ADP MB . -88.07 -10.77 -71.15
N1 ADP MB . -86.73 -11.64 -69.41
C2 ADP MB . -86.47 -11.86 -68.11
N3 ADP MB . -87.29 -11.45 -67.13
C4 ADP MB . -88.43 -10.76 -67.39
PB ADP NB . -36.25 -100.68 28.82
O1B ADP NB . -35.30 -99.51 28.64
O2B ADP NB . -37.69 -100.39 28.50
O3B ADP NB . -36.05 -101.43 30.11
PA ADP NB . -36.80 -102.82 27.07
O1A ADP NB . -36.77 -102.68 25.57
O2A ADP NB . -38.12 -102.72 27.78
O3A ADP NB . -35.79 -101.72 27.68
O5' ADP NB . -36.08 -104.20 27.45
C5' ADP NB . -35.18 -104.33 28.55
C4' ADP NB . -33.82 -104.67 27.94
O4' ADP NB . -32.83 -105.10 28.88
C3' ADP NB . -33.94 -105.80 26.94
O3' ADP NB . -34.16 -105.32 25.61
C2' ADP NB . -32.62 -106.57 27.04
O2' ADP NB . -31.91 -106.50 25.80
C1' ADP NB . -31.86 -105.87 28.16
N9 ADP NB . -31.11 -106.79 29.05
C8 ADP NB . -30.91 -108.13 28.93
N7 ADP NB . -30.15 -108.60 29.95
C5 ADP NB . -29.83 -107.56 30.74
C6 ADP NB . -29.06 -107.35 31.99
N6 ADP NB . -28.44 -108.38 32.60
N1 ADP NB . -28.99 -106.10 32.47
C2 ADP NB . -29.59 -105.04 31.88
N3 ADP NB . -30.31 -105.17 30.75
C4 ADP NB . -30.46 -106.37 30.14
PB ADP OB . -100.45 15.50 47.78
O1B ADP OB . -99.06 15.77 47.27
O2B ADP OB . -101.01 14.14 47.42
O3B ADP OB . -101.42 16.64 47.56
PA ADP OB . -101.29 14.61 50.32
O1A ADP OB . -100.45 13.69 51.19
O2A ADP OB . -102.40 14.04 49.47
O3A ADP OB . -100.27 15.44 49.38
O5' ADP OB . -101.91 15.77 51.27
C5' ADP OB . -101.94 17.14 50.90
C4' ADP OB . -101.02 17.87 51.86
O4' ADP OB . -101.13 19.30 51.83
C3' ADP OB . -101.32 17.49 53.30
O3' ADP OB . -100.52 16.39 53.72
C2' ADP OB . -101.04 18.73 54.13
O2' ADP OB . -99.95 18.51 55.04
C1' ADP OB . -100.67 19.80 53.10
N9 ADP OB . -101.20 21.16 53.39
C8 ADP OB . -101.85 21.59 54.49
N7 ADP OB . -102.16 22.91 54.37
C5 ADP OB . -101.70 23.33 53.19
C6 ADP OB . -101.69 24.61 52.44
N6 ADP OB . -102.26 25.74 52.95
N1 ADP OB . -101.10 24.62 51.22
C2 ADP OB . -100.54 23.52 50.69
N3 ADP OB . -100.51 22.34 51.32
C4 ADP OB . -101.07 22.18 52.55
PB ADP PB . -76.67 -52.72 -65.18
O1B ADP PB . -75.39 -52.05 -64.71
O2B ADP PB . -77.69 -52.98 -64.09
O3B ADP PB . -76.45 -53.89 -66.11
PA ADP PB . -78.96 -51.56 -66.34
O1A ADP PB . -79.42 -50.17 -66.02
O2A ADP PB . -79.59 -52.75 -65.66
O3A ADP PB . -77.37 -51.60 -66.10
O5' ADP PB . -79.07 -51.75 -67.94
C5' ADP PB . -78.05 -52.39 -68.72
C4' ADP PB . -77.49 -51.32 -69.64
O4' ADP PB . -76.66 -51.81 -70.69
C3' ADP PB . -78.60 -50.56 -70.35
O3' ADP PB . -79.01 -49.40 -69.62
C2' ADP PB . -78.05 -50.19 -71.71
O2' ADP PB . -77.96 -48.77 -71.86
C1' ADP PB . -76.67 -50.83 -71.74
N9 ADP PB . -76.29 -51.43 -73.06
C8 ADP PB . -76.94 -51.36 -74.24
N7 ADP PB . -76.26 -52.02 -75.21
C5 ADP PB . -75.14 -52.51 -74.66
C6 ADP PB . -73.97 -53.31 -75.11
N6 ADP PB . -73.88 -53.73 -76.39
N1 ADP PB . -73.03 -53.61 -74.20
C2 ADP PB . -73.11 -53.21 -72.91
N3 ADP PB . -74.14 -52.49 -72.44
C4 ADP PB . -75.16 -52.11 -73.24
PB ADP QB . 56.74 7.63 -74.81
O1B ADP QB . 57.97 8.35 -74.33
O2B ADP QB . 55.64 7.48 -73.76
O3B ADP QB . 57.03 6.35 -75.56
PA ADP QB . 54.53 8.59 -76.27
O1A ADP QB . 54.02 10.01 -76.15
O2A ADP QB . 53.85 7.49 -75.47
O3A ADP QB . 56.10 8.61 -75.91
O5' ADP QB . 54.52 8.19 -77.83
C5' ADP QB . 55.60 7.47 -78.44
C4' ADP QB . 56.22 8.42 -79.45
O4' ADP QB . 57.13 7.82 -80.37
C3' ADP QB . 55.15 9.07 -80.33
O3' ADP QB . 54.69 10.30 -79.78
C2' ADP QB . 55.80 9.27 -81.68
O2' ADP QB . 55.89 10.67 -82.01
C1' ADP QB . 57.18 8.65 -81.54
N9 ADP QB . 57.66 7.91 -82.73
C8 ADP QB . 57.09 7.81 -83.96
N7 ADP QB . 57.84 7.04 -84.79
C5 ADP QB . 58.93 6.63 -84.10
C6 ADP QB . 60.12 5.81 -84.37
N6 ADP QB . 60.32 5.24 -85.57
N1 ADP QB . 61.01 5.64 -83.36
C2 ADP QB . 60.83 6.20 -82.15
N3 ADP QB . 59.77 6.97 -81.84
C4 ADP QB . 58.80 7.21 -82.75
PB ADP RB . 74.18 -7.48 57.29
O1B ADP RB . 75.18 -6.48 56.76
O2B ADP RB . 72.92 -7.63 56.46
O3B ADP RB . 73.93 -7.38 58.78
PA ADP RB . 74.11 -10.29 56.96
O1A ADP RB . 74.63 -10.97 55.73
O2A ADP RB . 72.64 -10.01 57.10
O3A ADP RB . 74.93 -8.90 57.11
O5' ADP RB . 74.61 -11.12 58.25
C5' ADP RB . 75.12 -10.49 59.43
C4' ADP RB . 76.59 -10.91 59.52
O4' ADP RB . 77.21 -10.62 60.78
C3' ADP RB . 76.75 -12.41 59.35
O3' ADP RB . 76.97 -12.76 57.98
C2' ADP RB . 77.92 -12.81 60.21
O2' ADP RB . 79.01 -13.31 59.43
C1' ADP RB . 78.33 -11.52 60.92
N9 ADP RB . 78.72 -11.68 62.34
C8 ADP RB . 78.90 -12.82 63.05
N7 ADP RB . 79.28 -12.55 64.32
C5 ADP RB . 79.36 -11.21 64.45
C6 ADP RB . 79.72 -10.25 65.53
N6 ADP RB . 80.07 -10.69 66.76
N1 ADP RB . 79.67 -8.94 65.22
C2 ADP RB . 79.34 -8.48 64.00
N3 ADP RB . 79.02 -9.30 62.99
C4 ADP RB . 79.01 -10.65 63.15
PB ADP SB . 12.23 89.75 -11.20
O1B ADP SB . 13.74 89.90 -11.35
O2B ADP SB . 11.77 88.35 -10.87
O3B ADP SB . 11.44 90.43 -12.28
PA ADP SB . 10.61 90.27 -8.95
O1A ADP SB . 11.08 90.09 -7.54
O2A ADP SB . 9.80 89.17 -9.61
O3A ADP SB . 11.90 90.59 -9.86
O5' ADP SB . 9.78 91.65 -9.04
C5' ADP SB . 9.92 92.58 -10.12
C4' ADP SB . 10.51 93.84 -9.51
O4' ADP SB . 10.48 94.99 -10.37
C3' ADP SB . 9.76 94.26 -8.25
O3' ADP SB . 10.33 93.69 -7.07
C2' ADP SB . 9.83 95.78 -8.23
O2' ADP SB . 10.56 96.24 -7.09
C1' ADP SB . 10.55 96.15 -9.53
N9 ADP SB . 10.00 97.36 -10.22
C8 ADP SB . 9.06 98.22 -9.79
N7 ADP SB . 8.86 99.21 -10.70
C5 ADP SB . 9.68 98.99 -11.73
C6 ADP SB . 9.97 99.64 -13.03
N6 ADP SB . 9.33 100.76 -13.41
N1 ADP SB . 10.92 99.07 -13.80
C2 ADP SB . 11.58 97.96 -13.45
N3 ADP SB . 11.35 97.31 -12.29
C4 ADP SB . 10.44 97.77 -11.41
PB ADP TB . 67.48 -24.61 -54.21
O1B ADP TB . 68.57 -23.62 -53.85
O2B ADP TB . 66.17 -24.38 -53.51
O3B ADP TB . 67.93 -26.05 -54.22
PA ADP TB . 65.73 -24.61 -56.42
O1A ADP TB . 65.24 -23.35 -57.07
O2A ADP TB . 64.86 -25.31 -55.41
O3A ADP TB . 67.16 -24.28 -55.76
O5' ADP TB . 66.11 -25.66 -57.58
C5' ADP TB . 67.29 -26.46 -57.54
C4' ADP TB . 68.16 -25.99 -58.71
O4' ADP TB . 69.27 -26.85 -59.01
C3' ADP TB . 67.37 -25.92 -59.99
O3' ADP TB . 66.80 -24.61 -60.19
C2' ADP TB . 68.34 -26.26 -61.11
O2' ADP TB . 68.53 -25.16 -61.99
C1' ADP TB . 69.64 -26.61 -60.38
N9 ADP TB . 70.38 -27.76 -60.96
C8 ADP TB . 70.13 -28.44 -62.10
N7 ADP TB . 71.06 -29.42 -62.30
C5 ADP TB . 71.92 -29.37 -61.26
C6 ADP TB . 73.14 -30.11 -60.85
N6 ADP TB . 73.62 -31.13 -61.58
N1 ADP TB . 73.74 -29.73 -59.70
C2 ADP TB . 73.27 -28.71 -58.94
N3 ADP TB . 72.18 -28.00 -59.27
C4 ADP TB . 71.47 -28.27 -60.40
PB ADP UB . 50.84 21.84 70.47
O1B ADP UB . 51.95 22.60 69.79
O2B ADP UB . 49.82 21.22 69.53
O3B ADP UB . 50.22 22.56 71.64
PA ADP UB . 50.81 19.19 71.44
O1A ADP UB . 51.61 18.08 70.81
O2A ADP UB . 49.34 19.35 71.09
O3A ADP UB . 51.58 20.57 71.13
O5' ADP UB . 50.95 19.06 73.03
C5' ADP UB . 51.16 20.18 73.89
C4' ADP UB . 52.54 20.00 74.50
O4' ADP UB . 52.83 20.87 75.59
C3' ADP UB . 52.72 18.60 75.07
O3' ADP UB . 53.27 17.71 74.09
C2' ADP UB . 53.62 18.75 76.26
O2' ADP UB . 54.86 18.06 76.06
C1' ADP UB . 53.86 20.25 76.39
N9 ADP UB . 53.89 20.78 77.78
C8 ADP UB . 53.86 20.08 78.94
N7 ADP UB . 53.91 20.92 80.00
C5 ADP UB . 53.98 22.18 79.53
C6 ADP UB . 54.07 23.54 80.10
N6 ADP UB . 54.09 23.74 81.44
N1 ADP UB . 54.14 24.58 79.25
C2 ADP UB . 54.11 24.42 77.91
N3 ADP UB . 54.04 23.21 77.32
C4 ADP UB . 53.97 22.07 78.07
PB ADP VB . 9.81 72.28 -46.80
O1B ADP VB . 11.30 72.50 -46.65
O2B ADP VB . 9.25 71.13 -46.00
O3B ADP VB . 9.32 72.33 -48.23
PA ADP VB . 7.67 73.58 -45.49
O1A ADP VB . 7.78 74.10 -44.07
O2A ADP VB . 7.05 72.23 -45.74
O3A ADP VB . 9.16 73.59 -46.11
O5' ADP VB . 6.92 74.69 -46.36
C5' ADP VB . 7.34 75.06 -47.69
C4' ADP VB . 7.79 76.51 -47.59
O4' ADP VB . 7.99 77.15 -48.85
C3' ADP VB . 6.75 77.36 -46.89
O3' ADP VB . 7.00 77.43 -45.47
C2' ADP VB . 6.83 78.74 -47.53
O2' ADP VB . 7.26 79.73 -46.58
C1' ADP VB . 7.86 78.57 -48.64
N9 ADP VB . 7.53 79.28 -49.91
C8 ADP VB . 6.53 80.16 -50.14
N7 ADP VB . 6.57 80.62 -51.42
C5 ADP VB . 7.63 80.04 -52.02
C6 ADP VB . 8.25 80.08 -53.37
N6 ADP VB . 7.74 80.85 -54.35
N1 ADP VB . 9.35 79.32 -53.56
C2 ADP VB . 9.88 78.55 -52.60
N3 ADP VB . 9.35 78.47 -51.36
C4 ADP VB . 8.26 79.18 -51.01
PB ADP WB . 72.14 -43.23 -19.43
O1B ADP WB . 73.12 -42.10 -19.32
O2B ADP WB . 70.70 -42.85 -19.24
O3B ADP WB . 72.56 -44.48 -18.68
PA ADP WB . 71.01 -44.39 -21.74
O1A ADP WB . 70.71 -43.59 -22.99
O2A ADP WB . 69.90 -44.64 -20.74
O3A ADP WB . 72.23 -43.65 -20.98
O5' ADP WB . 71.66 -45.79 -22.18
C5' ADP WB . 72.77 -46.38 -21.51
C4' ADP WB . 73.91 -46.39 -22.52
O4' ADP WB . 75.04 -47.17 -22.14
C3' ADP WB . 73.46 -46.95 -23.85
O3' ADP WB . 72.98 -45.93 -24.73
C2' ADP WB . 74.68 -47.66 -24.42
O2' ADP WB . 75.11 -47.05 -25.64
C1' ADP WB . 75.75 -47.53 -23.35
N9 ADP WB . 76.59 -48.74 -23.15
C8 ADP WB . 76.63 -49.87 -23.88
N7 ADP WB . 77.55 -50.73 -23.40
C5 ADP WB . 78.14 -50.14 -22.33
C6 ADP WB . 79.19 -50.50 -21.35
N6 ADP WB . 79.83 -51.69 -21.41
N1 ADP WB . 79.49 -49.59 -20.40
C2 ADP WB . 78.87 -48.40 -20.32
N3 ADP WB . 77.91 -48.03 -21.17
C4 ADP WB . 77.51 -48.83 -22.18
PB ADP XB . 25.42 51.50 63.17
O1B ADP XB . 26.68 51.99 62.51
O2B ADP XB . 24.67 50.43 62.41
O3B ADP XB . 24.54 52.60 63.71
PA ADP XB . 25.11 49.56 65.19
O1A ADP XB . 26.02 48.37 65.34
O2A ADP XB . 23.78 49.40 64.49
O3A ADP XB . 25.96 50.74 64.49
O5' ADP XB . 24.84 50.16 66.67
C5' ADP XB . 24.85 51.56 66.95
C4' ADP XB . 26.03 51.81 67.88
O4' ADP XB . 26.05 53.09 68.49
C3' ADP XB . 26.03 50.82 69.03
O3' ADP XB . 26.80 49.65 68.72
C2' ADP XB . 26.62 51.57 70.21
O2' ADP XB . 27.85 50.99 70.64
C1' ADP XB . 26.84 52.98 69.69
N9 ADP XB . 26.52 54.07 70.66
C8 ADP XB . 26.19 53.96 71.97
N7 ADP XB . 25.98 55.18 72.52
C5 ADP XB . 26.20 56.10 71.56
C6 ADP XB . 26.16 57.58 71.45
N6 ADP XB . 25.84 58.35 72.52
N1 ADP XB . 26.46 58.14 70.26
C2 ADP XB . 26.77 57.40 69.18
N3 ADP XB . 26.83 56.06 69.21
C4 ADP XB . 26.56 55.36 70.35
PB ADP YB . 16.14 40.79 -70.20
O1B ADP YB . 17.55 41.20 -69.81
O2B ADP YB . 15.38 40.06 -69.12
O3B ADP YB . 16.04 40.17 -71.56
PA ADP YB . 13.77 42.32 -70.15
O1A ADP YB . 13.52 43.41 -69.14
O2A ADP YB . 13.20 40.95 -69.91
O3A ADP YB . 15.36 42.21 -70.34
O5' ADP YB . 13.28 42.85 -71.59
C5' ADP YB . 14.04 42.64 -72.79
C4' ADP YB . 14.48 44.02 -73.26
O4' ADP YB . 15.00 44.06 -74.58
C3' ADP YB . 13.31 45.00 -73.27
O3' ADP YB . 13.19 45.70 -72.03
C2' ADP YB . 13.58 45.94 -74.42
O2' ADP YB . 13.76 47.29 -73.96
C1' ADP YB . 14.85 45.41 -75.07
N9 ADP YB . 14.87 45.46 -76.56
C8 ADP YB . 13.96 46.04 -77.39
N7 ADP YB . 14.35 45.89 -78.69
C5 ADP YB . 15.51 45.22 -78.69
C6 ADP YB . 16.46 44.73 -79.72
N6 ADP YB . 16.23 44.92 -81.04
N1 ADP YB . 17.56 44.07 -79.29
C2 ADP YB . 17.81 43.85 -77.99
N3 ADP YB . 16.99 44.27 -77.01
C4 ADP YB . 15.84 44.95 -77.29
PB ADP ZB . 67.57 -44.06 20.03
O1B ADP ZB . 68.52 -42.90 19.84
O2B ADP ZB . 66.13 -43.78 19.69
O3B ADP ZB . 67.77 -44.81 21.33
PA ADP ZB . 67.03 -46.21 18.29
O1A ADP ZB . 67.09 -46.09 16.79
O2A ADP ZB . 65.71 -46.12 19.01
O3A ADP ZB . 68.04 -45.12 18.90
O5' ADP ZB . 67.75 -47.61 18.70
C5' ADP ZB . 68.66 -47.72 19.79
C4' ADP ZB . 70.02 -48.06 19.20
O4' ADP ZB . 71.00 -48.48 20.14
C3' ADP ZB . 69.90 -49.20 18.21
O3' ADP ZB . 69.68 -48.73 16.87
C2' ADP ZB . 71.21 -49.97 18.31
O2' ADP ZB . 71.94 -49.90 17.08
C1' ADP ZB . 71.97 -49.26 19.43
N9 ADP ZB . 72.72 -50.17 20.34
C8 ADP ZB . 72.92 -51.50 20.23
N7 ADP ZB . 73.68 -51.97 21.26
C5 ADP ZB . 73.99 -50.91 22.04
C6 ADP ZB . 74.75 -50.70 23.29
N6 ADP ZB . 75.36 -51.72 23.92
N1 ADP ZB . 74.82 -49.44 23.77
C2 ADP ZB . 74.22 -48.40 23.16
N3 ADP ZB . 73.50 -48.53 22.02
C4 ADP ZB . 73.36 -49.74 21.43
PB ADP AC . 3.18 72.23 37.59
O1B ADP AC . 4.58 72.50 37.10
O2B ADP AC . 2.62 70.87 37.25
O3B ADP AC . 2.21 73.37 37.36
PA ADP AC . 2.34 71.36 40.15
O1A ADP AC . 3.16 70.45 41.03
O2A ADP AC . 1.23 70.77 39.30
O3A ADP AC . 3.36 72.18 39.20
O5' ADP AC . 1.72 72.52 41.08
C5' ADP AC . 1.67 73.89 40.69
C4' ADP AC . 2.59 74.64 41.65
O4' ADP AC . 2.48 76.06 41.61
C3' ADP AC . 2.29 74.26 43.10
O3' ADP AC . 3.09 73.17 43.54
C2' ADP AC . 2.56 75.51 43.91
O2' ADP AC . 3.64 75.30 44.83
C1' ADP AC . 2.94 76.56 42.87
N9 ADP AC . 2.40 77.94 43.15
C8 ADP AC . 1.75 78.38 44.24
N7 ADP AC . 1.43 79.69 44.12
C5 ADP AC . 1.90 80.11 42.93
C6 ADP AC . 1.91 81.38 42.16
N6 ADP AC . 1.35 82.51 42.67
N1 ADP AC . 2.51 81.38 40.95
C2 ADP AC . 3.07 80.28 40.43
N3 ADP AC . 3.10 79.10 41.07
C4 ADP AC . 2.54 78.95 42.30
PB ADP BC . 27.58 3.00 -74.61
O1B ADP BC . 28.86 3.67 -74.14
O2B ADP BC . 26.56 2.75 -73.53
O3B ADP BC . 27.81 1.82 -75.53
PA ADP BC . 25.29 4.15 -75.80
O1A ADP BC . 24.83 5.55 -75.48
O2A ADP BC . 24.66 2.97 -75.11
O3A ADP BC . 26.89 4.12 -75.55
O5' ADP BC . 25.20 3.93 -77.39
C5' ADP BC . 26.22 3.29 -78.16
C4' ADP BC . 26.79 4.36 -79.09
O4' ADP BC . 27.62 3.86 -80.14
C3' ADP BC . 25.67 5.11 -79.81
O3' ADP BC . 25.27 6.27 -79.09
C2' ADP BC . 26.23 5.47 -81.17
O2' ADP BC . 26.32 6.89 -81.34
C1' ADP BC . 27.62 4.82 -81.19
N9 ADP BC . 28.00 4.21 -82.49
C8 ADP BC . 27.36 4.27 -83.68
N7 ADP BC . 28.04 3.60 -84.64
C5 ADP BC . 29.16 3.12 -84.08
C6 ADP BC . 30.33 2.31 -84.52
N6 ADP BC . 30.43 1.89 -85.80
N1 ADP BC . 31.28 2.03 -83.60
C2 ADP BC . 31.18 2.44 -82.32
N3 ADP BC . 30.16 3.17 -81.86
C4 ADP BC . 29.13 3.53 -82.67
PB ADP CC . 53.20 -27.87 53.34
O1B ADP CC . 54.18 -26.82 52.87
O2B ADP CC . 51.90 -27.91 52.59
O3B ADP CC . 53.04 -27.94 54.84
PA ADP CC . 53.08 -30.61 52.69
O1A ADP CC . 53.51 -31.16 51.35
O2A ADP CC . 51.62 -30.34 52.96
O3A ADP CC . 53.92 -29.26 52.95
O5' ADP CC . 53.65 -31.60 53.84
C5' ADP CC . 54.24 -31.12 55.04
C4' ADP CC . 55.71 -31.56 54.99
O4' ADP CC . 56.41 -31.42 56.23
C3' ADP CC . 55.82 -33.03 54.63
O3' ADP CC . 55.95 -33.21 53.22
C2' ADP CC . 57.05 -33.53 55.37
O2' ADP CC . 58.06 -33.95 54.45
C1' ADP CC . 57.52 -32.34 56.19
N9 ADP CC . 58.00 -32.67 57.56
C8 ADP CC . 58.20 -33.88 58.11
N7 ADP CC . 58.67 -33.77 59.38
C5 ADP CC . 58.79 -32.47 59.66
C6 ADP CC . 59.21 -31.64 60.81
N6 ADP CC . 59.63 -32.23 61.96
N1 ADP CC . 59.17 -30.30 60.67
C2 ADP CC . 58.77 -29.70 59.54
N3 ADP CC . 58.36 -30.39 58.46
C4 ADP CC . 58.35 -31.74 58.45
PB ADP DC . -11.55 77.27 1.05
O1B ADP DC . -10.06 77.42 0.82
O2B ADP DC . -12.01 75.84 1.23
O3B ADP DC . -12.40 78.08 0.11
PA ADP DC . -13.02 77.53 3.44
O1A ADP DC . -12.46 77.18 4.80
O2A ADP DC . -13.88 76.53 2.71
O3A ADP DC . -11.78 77.94 2.49
O5' ADP DC . -13.83 78.91 3.57
C5' ADP DC . -13.75 79.96 2.60
C4' ADP DC . -13.10 81.14 3.31
O4' ADP DC . -13.17 82.38 2.61
C3' ADP DC . -13.76 81.41 4.66
O3' ADP DC . -13.12 80.70 5.72
C2' ADP DC . -13.67 82.92 4.86
O2' ADP DC . -12.87 83.23 6.00
C1' ADP DC . -13.04 83.43 3.57
N9 ADP DC . -13.60 84.71 3.07
C8 ADP DC . -14.50 85.53 3.66
N7 ADP DC . -14.75 86.62 2.88
C5 ADP DC . -14.00 86.52 1.78
C6 ADP DC . -13.77 87.32 0.55
N6 ADP DC . -14.42 88.48 0.35
N1 ADP DC . -12.88 86.84 -0.35
C2 ADP DC . -12.23 85.68 -0.17
N3 ADP DC . -12.38 84.91 0.92
C4 ADP DC . -13.24 85.27 1.91
PB ADP EC . 39.15 -31.54 -58.73
O1B ADP EC . 40.27 -30.61 -58.33
O2B ADP EC . 37.88 -31.39 -57.92
O3B ADP EC . 39.58 -32.97 -58.94
PA ADP EC . 37.26 -31.26 -60.80
O1A ADP EC . 36.74 -29.92 -61.27
O2A ADP EC . 36.44 -32.07 -59.82
O3A ADP EC . 38.74 -31.02 -60.20
O5' ADP EC . 37.55 -32.16 -62.11
C5' ADP EC . 38.72 -32.97 -62.24
C4' ADP EC . 39.52 -32.38 -63.39
O4' ADP EC . 40.59 -33.20 -63.87
C3' ADP EC . 38.64 -32.13 -64.60
O3' ADP EC . 38.09 -30.82 -64.60
C2' ADP EC . 39.53 -32.36 -65.80
O2' ADP EC . 39.69 -31.15 -66.57
C1' ADP EC . 40.87 -32.81 -65.22
N9 ADP EC . 41.56 -33.89 -65.98
C8 ADP EC . 41.23 -34.42 -67.17
N7 ADP EC . 42.13 -35.37 -67.54
C5 ADP EC . 43.05 -35.44 -66.57
C6 ADP EC . 44.28 -36.24 -66.33
N6 ADP EC . 44.71 -37.17 -67.21
N1 ADP EC . 44.97 -36.00 -65.18
C2 ADP EC . 44.56 -35.08 -64.29
N3 ADP EC . 43.46 -34.33 -64.46
C4 ADP EC . 42.68 -34.46 -65.56
PB ADP FC . 31.18 -0.17 71.40
O1B ADP FC . 32.26 0.66 70.74
O2B ADP FC . 30.10 -0.66 70.46
O3B ADP FC . 30.66 0.42 72.68
PA ADP FC . 31.17 -2.91 72.04
O1A ADP FC . 31.92 -3.94 71.24
O2A ADP FC . 29.70 -2.70 71.81
O3A ADP FC . 31.95 -1.51 71.85
O5' ADP FC . 31.42 -3.23 73.61
C5' ADP FC . 31.70 -2.22 74.57
C4' ADP FC . 33.12 -2.48 75.06
O4' ADP FC . 33.50 -1.75 76.24
C3' ADP FC . 33.30 -3.94 75.44
O3' ADP FC . 33.79 -4.72 74.34
C2' ADP FC . 34.30 -3.94 76.59
O2' ADP FC . 35.51 -4.62 76.23
C1' ADP FC . 34.56 -2.47 76.87
N9 ADP FC . 34.67 -2.12 78.31
C8 ADP FC . 34.72 -2.95 79.38
N7 ADP FC . 34.85 -2.24 80.54
C5 ADP FC . 34.91 -0.93 80.21
C6 ADP FC . 35.06 0.36 80.94
N6 ADP FC . 35.15 0.39 82.28
N1 ADP FC . 35.07 1.48 80.20
C2 ADP FC . 34.97 1.48 78.85
N3 ADP FC . 34.84 0.35 78.14
C4 ADP FC . 34.81 -0.86 78.75
PB ADP GC . -16.50 64.19 -36.14
O1B ADP GC . -15.01 64.38 -36.06
O2B ADP GC . -17.02 62.96 -35.44
O3B ADP GC . -17.08 64.42 -37.51
PA ADP GC . -18.52 65.33 -34.55
O1A ADP GC . -18.32 65.67 -33.09
O2A ADP GC . -19.19 64.03 -34.91
O3A ADP GC . -17.08 65.41 -35.26
O5' ADP GC . -19.32 66.55 -35.24
C5' ADP GC . -18.98 67.06 -36.52
C4' ADP GC . -18.51 68.49 -36.29
O4' ADP GC . -18.38 69.28 -37.48
C3' ADP GC . -19.48 69.26 -35.42
O3' ADP GC . -19.14 69.16 -34.03
C2' ADP GC . -19.42 70.70 -35.90
O2' ADP GC . -18.93 71.57 -34.88
C1' ADP GC . -18.48 70.66 -37.09
N9 ADP GC . -18.87 71.53 -38.24
C8 ADP GC . -19.88 72.43 -38.31
N7 ADP GC . -19.91 73.03 -39.53
C5 ADP GC . -18.90 72.52 -40.25
C6 ADP GC . -18.35 72.72 -41.62
N6 ADP GC . -18.91 73.60 -42.47
N1 ADP GC . -17.28 71.98 -41.98
C2 ADP GC . -16.71 71.09 -41.15
N3 ADP GC . -17.15 70.88 -39.89
C4 ADP GC . -18.22 71.54 -39.39
PB ADP HC . 45.75 -54.21 -26.78
O1B ADP HC . 46.75 -53.09 -26.59
O2B ADP HC . 44.32 -53.85 -26.44
O3B ADP HC . 46.19 -55.53 -26.22
PA ADP HC . 44.44 -55.06 -29.13
O1A ADP HC . 44.09 -54.13 -30.25
O2A ADP HC . 43.39 -55.44 -28.11
O3A ADP HC . 45.73 -54.43 -28.37
O5' ADP HC . 45.04 -56.41 -29.77
C5' ADP HC . 46.19 -57.08 -29.25
C4' ADP HC . 47.27 -56.97 -30.33
O4' ADP HC . 48.40 -57.81 -30.12
C3' ADP HC . 46.72 -57.38 -31.69
O3' ADP HC . 46.21 -56.26 -32.40
C2' ADP HC . 47.88 -58.02 -32.42
O2' ADP HC . 48.25 -57.27 -33.58
C1' ADP HC . 49.02 -58.03 -31.39
N9 ADP HC . 49.87 -59.25 -31.40
C8 ADP HC . 49.84 -60.29 -32.27
N7 ADP HC . 50.78 -61.22 -31.94
C5 ADP HC . 51.44 -60.77 -30.86
C6 ADP HC . 52.55 -61.24 -30.01
N6 ADP HC . 53.17 -62.42 -30.24
N1 ADP HC . 52.92 -60.46 -28.98
C2 ADP HC . 52.32 -59.28 -28.71
N3 ADP HC . 51.32 -58.80 -29.45
C4 ADP HC . 50.83 -59.48 -30.51
PB ADP IC . 5.80 30.32 69.34
O1B ADP IC . 7.03 30.89 68.66
O2B ADP IC . 4.99 29.37 68.51
O3B ADP IC . 4.98 31.36 70.06
PA ADP IC . 5.58 28.16 71.14
O1A ADP IC . 6.49 26.96 71.08
O2A ADP IC . 4.22 28.11 70.50
O3A ADP IC . 6.40 29.41 70.51
O5' ADP IC . 5.42 28.59 72.69
C5' ADP IC . 5.47 29.94 73.12
C4' ADP IC . 6.71 30.07 73.99
O4' ADP IC . 6.79 31.28 74.76
C3' ADP IC . 6.78 28.95 75.02
O3' ADP IC . 7.51 27.82 74.54
C2' ADP IC . 7.44 29.56 76.25
O2' ADP IC . 8.69 28.91 76.52
C1' ADP IC . 7.65 31.02 75.88
N9 ADP IC . 7.40 31.98 76.99
C8 ADP IC . 7.16 31.71 78.29
N7 ADP IC . 7.01 32.88 79.00
C5 ADP IC . 7.18 33.89 78.14
C6 ADP IC . 7.16 35.37 78.22
N6 ADP IC . 6.91 36.01 79.39
N1 ADP IC . 7.38 36.06 77.09
C2 ADP IC . 7.62 35.46 75.91
N3 ADP IC . 7.66 34.12 75.77
C4 ADP IC . 7.45 33.31 76.83
PB ADP JC . -12.15 35.65 -63.44
O1B ADP JC . -10.72 35.99 -63.11
O2B ADP JC . -12.85 34.80 -62.40
O3B ADP JC . -12.37 35.19 -64.86
PA ADP JC . -14.50 37.17 -63.04
O1A ADP JC . -14.67 38.14 -61.90
O2A ADP JC . -15.07 35.78 -62.93
O3A ADP JC . -12.92 37.07 -63.36
O5' ADP JC . -15.06 37.87 -64.38
C5' ADP JC . -14.40 37.80 -65.64
C4' ADP JC . -13.98 39.22 -65.98
O4' ADP JC . -13.55 39.42 -67.33
C3' ADP JC . -15.14 40.20 -65.79
O3' ADP JC . -15.16 40.76 -64.48
C2' ADP JC . -14.93 41.27 -66.85
O2' ADP JC . -14.69 42.55 -66.24
C1' ADP JC . -13.71 40.81 -67.64
N9 ADP JC . -13.79 41.04 -69.11
C8 ADP JC . -14.74 41.72 -69.80
N7 ADP JC . -14.45 41.71 -71.13
C5 ADP JC . -13.29 41.04 -71.30
C6 ADP JC . -12.43 40.67 -72.44
N6 ADP JC . -12.74 41.03 -73.70
N1 ADP JC . -11.31 39.95 -72.17
C2 ADP JC . -10.97 39.59 -70.91
N3 ADP JC . -11.72 39.90 -69.84
C4 ADP JC . -12.87 40.61 -69.96
PB ADP KC . 43.70 -59.70 12.52
O1B ADP KC . 44.63 -58.52 12.41
O2B ADP KC . 42.23 -59.37 12.31
O3B ADP KC . 43.96 -60.60 13.71
PA ADP KC . 43.01 -61.63 10.58
O1A ADP KC . 42.96 -61.33 9.10
O2A ADP KC . 41.73 -61.61 11.38
O3A ADP KC . 44.07 -60.61 11.24
O5' ADP KC . 43.72 -63.06 10.76
C5' ADP KC . 44.70 -63.31 11.79
C4' ADP KC . 46.01 -63.59 11.06
O4' ADP KC . 47.05 -64.13 11.88
C3' ADP KC . 45.82 -64.60 9.95
O3' ADP KC . 45.53 -63.98 8.70
C2' ADP KC . 47.12 -65.38 9.88
O2' ADP KC . 47.78 -65.19 8.62
C1' ADP KC . 47.96 -64.83 11.02
N9 ADP KC . 48.76 -65.84 11.76
C8 ADP KC . 48.93 -67.15 11.48
N7 ADP KC . 49.75 -67.74 12.40
C5 ADP KC . 50.12 -66.80 13.29
C6 ADP KC . 50.97 -66.73 14.49
N6 ADP KC . 51.61 -67.83 14.96
N1 ADP KC . 51.09 -65.54 15.12
C2 ADP KC . 50.46 -64.43 14.67
N3 ADP KC . 49.68 -64.42 13.58
C4 ADP KC . 49.47 -65.55 12.85
PB ADP LC . -17.73 54.12 47.91
O1B ADP LC . -16.35 54.43 47.35
O2B ADP LC . -18.32 52.81 47.44
O3B ADP LC . -18.68 55.28 47.87
PA ADP LC . -18.41 52.96 50.39
O1A ADP LC . -17.55 51.95 51.09
O2A ADP LC . -19.58 52.48 49.55
O3A ADP LC . -17.45 53.87 49.48
O5' ADP LC . -18.95 54.00 51.49
C5' ADP LC . -19.00 55.42 51.27
C4' ADP LC . -18.01 56.03 52.25
O4' ADP LC . -18.11 57.45 52.39
C3' ADP LC . -18.23 55.50 53.65
O3' ADP LC . -17.42 54.34 53.91
C2' ADP LC . -17.89 56.63 54.59
O2' ADP LC . -16.75 56.30 55.41
C1' ADP LC . -17.56 57.80 53.66
N9 ADP LC . -18.07 59.12 54.13
C8 ADP LC . -18.63 59.44 55.32
N7 ADP LC . -18.94 60.77 55.36
C5 ADP LC . -18.55 61.32 54.20
C6 ADP LC . -18.56 62.67 53.60
N6 ADP LC . -19.07 63.73 54.27
N1 ADP LC . -18.05 62.81 52.36
C2 ADP LC . -17.53 61.78 51.68
N3 ADP LC . -17.48 60.52 52.18
C4 ADP LC . -17.96 60.24 53.41
PB ADP MC . -1.56 -1.41 -73.06
O1B ADP MC . -0.25 -0.81 -72.60
O2B ADP MC . -2.51 -1.78 -71.95
O3B ADP MC . -1.42 -2.47 -74.14
PA ADP MC . -3.90 -0.12 -73.96
O1A ADP MC . -4.32 1.24 -73.45
O2A ADP MC . -4.51 -1.36 -73.37
O3A ADP MC . -2.29 -0.19 -73.81
O5' ADP MC . -4.11 -0.13 -75.55
C5' ADP MC . -3.15 -0.69 -76.46
C4' ADP MC . -2.62 0.49 -77.29
O4' ADP MC . -1.86 0.10 -78.44
C3' ADP MC . -3.77 1.31 -77.84
O3' ADP MC . -4.12 2.39 -76.97
C2' ADP MC . -3.29 1.83 -79.18
O2' ADP MC . -3.19 3.26 -79.18
C1' ADP MC . -1.92 1.19 -79.38
N9 ADP MC . -1.63 0.74 -80.77
C8 ADP MC . -2.36 0.94 -81.89
N7 ADP MC . -1.73 0.39 -82.96
C5 ADP MC . -0.59 -0.18 -82.53
C6 ADP MC . 0.53 -0.93 -83.14
N6 ADP MC . 0.55 -1.20 -84.47
N1 ADP MC . 1.53 -1.34 -82.33
C2 ADP MC . 1.53 -1.07 -81.01
N3 ADP MC . 0.54 -0.40 -80.39
C4 ADP MC . -0.52 0.07 -81.09
PB ADP NC . 31.72 -47.49 48.38
O1B ADP NC . 32.68 -46.41 47.97
O2B ADP NC . 30.37 -47.43 47.71
O3B ADP NC . 31.66 -47.75 49.87
PA ADP NC . 31.51 -50.14 47.42
O1A ADP NC . 31.85 -50.53 46.00
O2A ADP NC . 30.08 -49.89 47.81
O3A ADP NC . 32.39 -48.84 47.78
O5' ADP NC . 32.14 -51.26 48.39
C5' ADP NC . 32.81 -50.94 49.61
C4' ADP NC . 34.26 -51.38 49.41
O4' ADP NC . 35.05 -51.40 50.61
C3' ADP NC . 34.34 -52.79 48.87
O3' ADP NC . 34.38 -52.81 47.44
C2' ADP NC . 35.61 -53.39 49.46
O2' ADP NC . 36.55 -53.70 48.44
C1' ADP NC . 36.13 -52.30 50.39
N9 ADP NC . 36.71 -52.80 51.68
C8 ADP NC . 36.92 -54.08 52.07
N7 ADP NC . 37.47 -54.13 53.31
C5 ADP NC . 37.63 -52.85 53.73
C6 ADP NC . 38.14 -52.18 54.94
N6 ADP NC . 38.62 -52.89 55.99
N1 ADP NC . 38.12 -50.83 54.97
C2 ADP NC . 37.64 -50.09 53.94
N3 ADP NC . 37.16 -50.64 52.82
C4 ADP NC . 37.13 -51.99 52.65
PB ADP OC . -34.68 63.58 13.25
O1B ADP OC . -33.21 63.76 12.95
O2B ADP OC . -35.16 62.15 13.29
O3B ADP OC . -35.58 64.50 12.47
PA ADP OC . -35.99 63.56 15.74
O1A ADP OC . -35.34 63.05 17.01
O2A ADP OC . -36.92 62.66 14.96
O3A ADP OC . -34.82 64.08 14.78
O5' ADP OC . -36.77 64.93 16.10
C5' ADP OC . -36.74 66.08 15.26
C4' ADP OC . -36.02 67.17 16.06
O4' ADP OC . -36.12 68.48 15.51
C3' ADP OC . -36.60 67.29 17.46
O3' ADP OC . -35.90 66.45 18.39
C2' ADP OC . -36.47 68.74 17.83
O2' ADP OC . -35.59 68.93 18.95
C1' ADP OC . -35.91 69.42 16.58
N9 ADP OC . -36.49 70.75 16.27
C8 ADP OC . -37.33 71.50 17.01
N7 ADP OC . -37.62 72.67 16.39
C5 ADP OC . -36.93 72.69 15.23
C6 ADP OC . -36.77 73.63 14.10
N6 ADP OC . -37.42 74.82 14.07
N1 ADP OC . -35.96 73.26 13.08
C2 ADP OC . -35.31 72.08 13.09
N3 ADP OC . -35.41 71.19 14.08
C4 ADP OC . -36.19 71.43 15.16
PB ADP PC . 10.48 -37.67 -62.18
O1B ADP PC . 11.64 -36.80 -61.74
O2B ADP PC . 9.27 -37.61 -61.28
O3B ADP PC . 10.87 -39.07 -62.59
PA ADP PC . 8.46 -37.14 -64.08
O1A ADP PC . 7.95 -35.75 -64.35
O2A ADP PC . 7.71 -38.05 -63.15
O3A ADP PC . 9.98 -36.99 -63.55
O5' ADP PC . 8.66 -37.88 -65.50
C5' ADP PC . 9.81 -38.68 -65.80
C4' ADP PC . 10.55 -37.95 -66.92
O4' ADP PC . 11.57 -38.72 -67.56
C3' ADP PC . 9.58 -37.56 -68.04
O3' ADP PC . 9.05 -36.26 -67.85
C2' ADP PC . 10.40 -37.65 -69.31
O2' ADP PC . 10.53 -36.36 -69.93
C1' ADP PC . 11.77 -38.17 -68.87
N9 ADP PC . 12.39 -39.16 -69.79
C8 ADP PC . 11.97 -39.54 -71.02
N7 ADP PC . 12.84 -40.45 -71.55
C5 ADP PC . 13.83 -40.65 -70.67
C6 ADP PC . 15.06 -41.48 -70.59
N6 ADP PC . 15.40 -42.30 -71.61
N1 ADP PC . 15.80 -41.38 -69.47
C2 ADP PC . 15.48 -40.57 -68.46
N3 ADP PC . 14.37 -39.79 -68.46
C4 ADP PC . 13.53 -39.79 -69.52
PB ADP QC . 11.31 -21.99 70.98
O1B ADP QC . 12.36 -21.09 70.36
O2B ADP QC . 10.17 -22.36 70.07
O3B ADP QC . 10.87 -21.56 72.37
PA ADP QC . 11.30 -24.79 71.31
O1A ADP QC . 11.98 -25.73 70.33
O2A ADP QC . 9.82 -24.54 71.19
O3A ADP QC . 12.09 -23.38 71.23
O5' ADP QC . 11.65 -25.30 72.80
C5' ADP QC . 11.99 -24.41 73.86
C4' ADP QC . 13.44 -24.74 74.22
O4' ADP QC . 13.91 -24.16 75.44
C3' ADP QC . 13.63 -26.24 74.41
O3' ADP QC . 14.03 -26.88 73.20
C2' ADP QC . 14.70 -26.38 75.48
O2' ADP QC . 15.86 -27.02 74.97
C1' ADP QC . 15.00 -24.95 75.92
N9 ADP QC . 15.21 -24.78 77.38
C8 ADP QC . 15.30 -25.73 78.34
N7 ADP QC . 15.52 -25.16 79.56
C5 ADP QC . 15.59 -23.83 79.39
C6 ADP QC . 15.79 -22.64 80.24
N6 ADP QC . 15.98 -22.77 81.58
N1 ADP QC . 15.78 -21.42 79.66
C2 ADP QC . 15.60 -21.27 78.33
N3 ADP QC . 15.40 -22.30 77.49
C4 ADP QC . 15.39 -23.58 77.95
PB ADP RC . -42.19 55.07 -24.82
O1B ADP RC . -40.69 55.23 -24.83
O2B ADP RC . -42.69 53.76 -24.25
O3B ADP RC . -42.85 55.47 -26.12
PA ADP RC . -44.09 56.03 -22.97
O1A ADP RC . -43.79 56.19 -21.51
O2A ADP RC . -44.80 54.78 -23.46
O3A ADP RC . -42.69 56.18 -23.77
O5' ADP RC . -44.92 57.32 -23.47
C5' ADP RC . -44.65 57.99 -24.70
C4' ADP RC . -44.13 59.37 -24.33
O4' ADP RC . -44.07 60.29 -25.42
C3' ADP RC . -45.04 60.04 -23.31
O3' ADP RC . -44.62 59.77 -21.98
C2' ADP RC . -45.00 61.53 -23.62
O2' ADP RC . -44.42 62.26 -22.54
C1' ADP RC . -44.12 61.61 -24.87
N9 ADP RC . -44.59 62.62 -25.88
C8 ADP RC . -45.58 63.53 -25.77
N7 ADP RC . -45.67 64.28 -26.90
C5 ADP RC . -44.72 63.85 -27.75
C6 ADP RC . -44.26 64.20 -29.12
N6 ADP RC . -44.87 65.20 -29.83
N1 ADP RC . -43.22 63.51 -29.63
C2 ADP RC . -42.61 62.52 -28.95
N3 ADP RC . -42.98 62.16 -27.71
C4 ADP RC . -44.00 62.77 -27.07
PB ADP SC . 18.77 -64.04 -33.64
O1B ADP SC . 19.80 -62.96 -33.39
O2B ADP SC . 17.38 -63.71 -33.17
O3B ADP SC . 19.23 -65.42 -33.27
PA ADP SC . 17.30 -64.60 -35.98
O1A ADP SC . 16.89 -63.53 -36.97
O2A ADP SC . 16.32 -65.08 -34.94
O3A ADP SC . 18.64 -64.08 -35.25
O5' ADP SC . 17.84 -65.86 -36.82
C5' ADP SC . 19.02 -66.59 -36.46
C4' ADP SC . 20.03 -66.37 -37.59
O4' ADP SC . 21.16 -67.24 -37.55
C3' ADP SC . 19.39 -66.61 -38.94
O3' ADP SC . 18.85 -65.41 -39.49
C2' ADP SC . 20.49 -67.17 -39.81
O2' ADP SC . 20.79 -66.29 -40.90
C1' ADP SC . 21.69 -67.30 -38.88
N9 ADP SC . 22.51 -68.53 -39.09
C8 ADP SC . 22.42 -69.46 -40.07
N7 ADP SC . 23.36 -70.41 -39.91
C5 ADP SC . 24.09 -70.10 -38.83
C6 ADP SC . 25.25 -70.68 -38.11
N6 ADP SC . 25.83 -71.83 -38.53
N1 ADP SC . 25.70 -70.04 -37.02
C2 ADP SC . 25.14 -68.89 -36.58
N3 ADP SC . 24.10 -68.31 -37.19
C4 ADP SC . 23.53 -68.86 -38.30
PB ADP TC . -13.70 8.71 74.22
O1B ADP TC . -12.51 9.34 73.53
O2B ADP TC . -14.58 7.86 73.34
O3B ADP TC . -14.46 9.66 75.12
PA ADP TC . -13.83 6.35 75.76
O1A ADP TC . -12.95 5.15 75.50
O2A ADP TC . -15.23 6.38 75.21
O3A ADP TC . -13.03 7.65 75.23
O5' ADP TC . -13.88 6.59 77.35
C5' ADP TC . -13.79 7.89 77.94
C4' ADP TC . -12.50 7.89 78.74
O4' ADP TC . -12.35 9.00 79.63
C3' ADP TC . -12.39 6.66 79.63
O3' ADP TC . -11.71 5.59 78.96
C2' ADP TC . -11.63 7.11 80.86
O2' ADP TC . -10.38 6.43 80.98
C1' ADP TC . -11.42 8.61 80.66
N9 ADP TC . -11.58 9.43 81.89
C8 ADP TC . -11.76 9.02 83.17
N7 ADP TC . -11.84 10.08 84.01
C5 ADP TC . -11.71 11.20 83.27
C6 ADP TC . -11.71 12.65 83.53
N6 ADP TC . -11.87 13.15 84.78
N1 ADP TC . -11.54 13.47 82.47
C2 ADP TC . -11.39 13.01 81.21
N3 ADP TC . -11.38 11.70 80.92
C4 ADP TC . -11.53 10.76 81.89
PB ADP UC . -40.02 29.96 -55.54
O1B ADP UC . -38.56 30.25 -55.26
O2B ADP UC . -40.67 28.99 -54.56
O3B ADP UC . -40.32 29.67 -56.98
PA ADP UC . -42.30 31.44 -54.81
O1A ADP UC . -42.39 32.26 -53.55
O2A ADP UC . -42.90 30.04 -54.83
O3A ADP UC . -40.75 31.36 -55.25
O5' ADP UC . -42.96 32.29 -56.02
C5' ADP UC . -42.38 32.37 -57.32
C4' ADP UC . -41.95 33.82 -57.51
O4' ADP UC . -41.60 34.17 -58.85
C3' ADP UC . -43.07 34.77 -57.14
O3' ADP UC . -43.00 35.17 -55.77
C2' ADP UC . -42.92 35.96 -58.07
O2' ADP UC . -42.63 37.16 -57.33
C1' ADP UC . -41.76 35.58 -58.98
N9 ADP UC . -41.93 35.99 -60.41
C8 ADP UC . -42.91 36.75 -60.96
N7 ADP UC . -42.71 36.91 -62.29
C5 ADP UC . -41.58 36.25 -62.61
C6 ADP UC . -40.79 36.01 -63.83
N6 ADP UC . -41.17 36.52 -65.03
N1 ADP UC . -39.66 35.27 -63.72
C2 ADP UC . -39.27 34.75 -62.55
N3 ADP UC . -39.93 34.93 -61.40
C4 ADP UC . -41.08 35.66 -61.37
PB ADP VC . 19.16 -74.17 4.78
O1B ADP VC . 20.11 -72.99 4.75
O2B ADP VC . 17.69 -73.80 4.71
O3B ADP VC . 19.49 -75.20 5.83
PA ADP VC . 18.32 -75.84 2.68
O1A ADP VC . 18.18 -75.36 1.24
O2A ADP VC . 17.10 -75.92 3.55
O3A ADP VC . 19.44 -74.91 3.38
O5' ADP VC . 19.03 -77.30 2.64
C5' ADP VC . 20.06 -77.67 3.56
C4' ADP VC . 21.32 -77.86 2.73
O4' ADP VC . 22.39 -78.51 3.41
C3' ADP VC . 21.05 -78.74 1.51
O3' ADP VC . 20.68 -77.96 0.37
C2' ADP VC . 22.32 -79.51 1.27
O2' ADP VC . 22.90 -79.17 0.00
C1' ADP VC . 23.24 -79.10 2.42
N9 ADP VC . 24.06 -80.20 2.98
C8 ADP VC . 24.21 -81.47 2.53
N7 ADP VC . 25.07 -82.17 3.31
C5 ADP VC . 25.51 -81.34 4.28
C6 ADP VC . 26.44 -81.43 5.43
N6 ADP VC . 27.09 -82.57 5.72
N1 ADP VC . 26.61 -80.32 6.18
C2 ADP VC . 25.97 -79.17 5.92
N3 ADP VC . 25.13 -79.02 4.88
C4 ADP VC . 24.85 -80.04 4.04
PB ADP WC . -38.19 35.05 57.34
O1B ADP WC . -36.85 35.43 56.75
O2B ADP WC . -38.83 33.82 56.76
O3B ADP WC . -39.14 36.22 57.51
PA ADP WC . -38.74 33.61 59.70
O1A ADP WC . -37.85 32.51 60.22
O2A ADP WC . -39.96 33.25 58.89
O3A ADP WC . -37.82 34.62 58.85
O5' ADP WC . -39.19 34.52 60.95
C5' ADP WC . -39.23 35.95 60.90
C4' ADP WC . -38.18 36.43 61.89
O4' ADP WC . -38.24 37.83 62.20
C3' ADP WC . -38.32 35.73 63.23
O3' ADP WC . -37.51 34.55 63.29
C2' ADP WC . -37.88 36.76 64.26
O2' ADP WC . -36.71 36.33 64.97
C1' ADP WC . -37.61 38.03 63.47
N9 ADP WC . -38.06 39.28 64.12
C8 ADP WC . -38.55 39.46 65.36
N7 ADP WC . -38.82 40.77 65.60
C5 ADP WC . -38.50 41.46 64.49
C6 ADP WC . -38.54 42.87 64.05
N6 ADP WC . -39.00 43.85 64.87
N1 ADP WC . -38.10 43.15 62.80
C2 ADP WC . -37.64 42.20 61.97
N3 ADP WC . -37.58 40.90 62.31
C4 ADP WC . -37.98 40.47 63.52
PB ADP XC . -30.61 -5.77 -70.16
O1B ADP XC . -29.27 -5.24 -69.72
O2B ADP XC . -31.50 -6.26 -69.04
O3B ADP XC . -30.54 -6.70 -71.35
PA ADP XC . -32.98 -4.35 -70.74
O1A ADP XC . -33.36 -3.07 -70.04
O2A ADP XC . -33.57 -5.67 -70.26
O3A ADP XC . -31.37 -4.46 -70.71
O5' ADP XC . -33.30 -4.18 -72.31
C5' ADP XC . -32.41 -4.63 -73.33
C4' ADP XC . -31.92 -3.38 -74.05
O4' ADP XC . -31.23 -3.63 -75.28
C3' ADP XC . -33.08 -2.48 -74.42
O3' ADP XC . -33.35 -1.51 -73.41
C2' ADP XC . -32.69 -1.80 -75.73
O2' ADP XC . -32.56 -0.39 -75.56
C1' ADP XC . -31.34 -2.43 -76.07
N9 ADP XC . -31.14 -2.72 -77.53
C8 ADP XC . -31.93 -2.38 -78.57
N7 ADP XC . -31.39 -2.80 -79.73
C5 ADP XC . -30.23 -3.42 -79.46
C6 ADP XC . -29.16 -4.10 -80.22
N6 ADP XC . -29.22 -4.21 -81.57
N1 ADP XC . -28.12 -4.60 -79.54
C2 ADP XC . -28.03 -4.51 -78.19
N3 ADP XC . -28.96 -3.91 -77.45
C4 ADP XC . -30.07 -3.35 -78.00
PB ADP YC . 9.68 -66.23 42.54
O1B ADP YC . 10.62 -65.11 42.20
O2B ADP YC . 8.28 -66.09 41.97
O3B ADP YC . 9.71 -66.66 43.98
PA ADP YC . 9.37 -68.75 41.29
O1A ADP YC . 9.61 -68.96 39.81
O2A ADP YC . 7.96 -68.54 41.79
O3A ADP YC . 10.29 -67.50 41.74
O5' ADP YC . 10.04 -69.98 42.08
C5' ADP YC . 10.80 -69.81 43.27
C4' ADP YC . 12.23 -70.23 42.94
O4' ADP YC . 13.08 -70.40 44.07
C3' ADP YC . 12.25 -71.57 42.22
O3' ADP YC . 12.19 -71.41 40.80
C2' ADP YC . 13.53 -72.24 42.66
O2' ADP YC . 14.42 -72.44 41.55
C1' ADP YC . 14.14 -71.28 43.67
N9 ADP YC . 14.78 -71.93 44.85
C8 ADP YC . 15.01 -73.25 45.07
N7 ADP YC . 15.63 -73.44 46.26
C5 ADP YC . 15.83 -72.24 46.82
C6 ADP YC . 16.44 -71.71 48.07
N6 ADP YC . 16.97 -72.55 48.98
N1 ADP YC . 16.43 -70.38 48.26
C2 ADP YC . 15.90 -69.52 47.35
N3 ADP YC . 15.34 -69.93 46.20
C4 ADP YC . 15.27 -71.25 45.88
PB ADP ZC . -57.19 48.70 25.22
O1B ADP ZC . -55.73 48.90 24.85
O2B ADP ZC . -57.68 47.28 25.13
O3B ADP ZC . -58.12 49.72 24.62
PA ADP ZC . -58.34 48.39 27.78
O1A ADP ZC . -57.61 47.74 28.93
O2A ADP ZC . -59.31 47.60 26.96
O3A ADP ZC . -57.21 49.02 26.81
O5' ADP ZC . -59.07 49.71 28.34
C5' ADP ZC . -59.07 50.96 27.65
C4' ADP ZC . -58.29 51.94 28.52
O4' ADP ZC . -58.40 53.31 28.14
C3' ADP ZC . -58.78 51.89 29.96
O3' ADP ZC . -58.04 50.95 30.74
C2' ADP ZC . -58.60 53.30 30.50
O2' ADP ZC . -57.65 53.34 31.56
C1' ADP ZC . -58.11 54.10 29.30
N9 ADP ZC . -58.69 55.47 29.19
C8 ADP ZC . -59.48 56.14 30.07
N7 ADP ZC . -59.78 57.37 29.61
C5 ADP ZC . -59.17 57.53 28.42
C6 ADP ZC . -59.08 58.59 27.39
N6 ADP ZC . -59.71 59.78 27.56
N1 ADP ZC . -58.33 58.34 26.29
C2 ADP ZC . -57.69 57.16 26.11
N3 ADP ZC . -57.75 56.16 27.00
C4 ADP ZC . -58.45 56.28 28.15
PB ADP AD . -18.43 -43.16 -64.46
O1B ADP AD . -17.24 -42.35 -64.00
O2B ADP AD . -19.58 -43.19 -63.48
O3B ADP AD . -18.09 -44.49 -65.05
PA ADP AD . -20.56 -42.38 -66.15
O1A ADP AD . -21.08 -40.97 -66.21
O2A ADP AD . -21.27 -43.39 -65.28
O3A ADP AD . -19.01 -42.30 -65.70
O5' ADP AD . -20.46 -42.95 -67.64
C5' ADP AD . -19.35 -43.72 -68.12
C4' ADP AD . -18.68 -42.87 -69.20
O4' ADP AD . -17.71 -43.57 -69.98
C3' ADP AD . -19.70 -42.34 -70.19
O3' ADP AD . -20.20 -41.06 -69.81
C2' ADP AD . -18.97 -42.27 -71.52
O2' ADP AD . -18.87 -40.93 -71.99
C1' ADP AD . -17.58 -42.85 -71.22
N9 ADP AD . -17.03 -43.73 -72.30
C8 ADP AD . -17.53 -43.97 -73.54
N7 ADP AD . -16.73 -44.81 -74.23
C5 ADP AD . -15.68 -45.12 -73.44
C6 ADP AD . -14.47 -45.95 -73.54
N6 ADP AD . -14.19 -46.66 -74.67
N1 ADP AD . -13.64 -46.00 -72.47
C2 ADP AD . -13.89 -45.31 -71.34
N3 ADP AD . -14.98 -44.54 -71.18
C4 ADP AD . -15.89 -44.39 -72.17
PB ADP BD . -8.87 -43.46 69.29
O1B ADP BD . -7.85 -42.51 68.72
O2B ADP BD . -10.07 -43.73 68.41
O3B ADP BD . -9.21 -43.20 70.75
PA ADP BD . -8.89 -46.29 69.27
O1A ADP BD . -8.30 -47.11 68.16
O2A ADP BD . -10.38 -46.02 69.29
O3A ADP BD . -8.10 -44.88 69.32
O5' ADP BD . -8.47 -46.97 70.67
C5' ADP BD . -8.03 -46.22 71.80
C4' ADP BD . -6.57 -46.60 72.03
O4' ADP BD . -6.03 -46.16 73.28
C3' ADP BD . -6.40 -48.11 72.03
O3' ADP BD . -6.08 -48.61 70.72
C2' ADP BD . -5.27 -48.39 73.01
O2' ADP BD . -4.14 -48.97 72.34
C1' ADP BD . -4.92 -47.02 73.59
N9 ADP BD . -4.61 -47.02 75.04
C8 ADP BD . -4.47 -48.08 75.88
N7 ADP BD . -4.17 -47.66 77.14
C5 ADP BD . -4.10 -46.32 77.12
C6 ADP BD . -3.82 -45.25 78.09
N6 ADP BD . -3.54 -45.53 79.39
N1 ADP BD . -3.84 -43.97 77.65
C2 ADP BD . -4.12 -43.66 76.37
N3 ADP BD . -4.37 -44.59 75.44
C4 ADP BD . -4.38 -45.91 75.74
PB ADP CD . -67.24 44.84 -13.02
O1B ADP CD . -65.74 45.00 -13.09
O2B ADP CD . -67.71 43.48 -12.57
O3B ADP CD . -67.97 45.39 -14.21
PA ADP CD . -69.01 45.58 -10.95
O1A ADP CD . -68.61 45.58 -9.49
O2A ADP CD . -69.76 44.41 -11.52
O3A ADP CD . -67.66 45.82 -11.80
O5' ADP CD . -69.83 46.94 -11.23
C5' ADP CD . -69.64 47.75 -12.39
C4' ADP CD . -69.08 49.07 -11.90
O4' ADP CD . -69.07 50.11 -12.87
C3' ADP CD . -69.91 49.62 -10.75
O3' ADP CD . -69.41 49.18 -9.47
C2' ADP CD . -69.86 51.13 -10.88
O2' ADP CD . -69.21 51.73 -9.76
C1' ADP CD . -69.07 51.36 -12.16
N9 ADP CD . -69.58 52.48 -13.01
C8 ADP CD . -70.55 53.38 -12.74
N7 ADP CD . -70.71 54.26 -13.75
C5 ADP CD . -69.82 53.93 -14.71
C6 ADP CD . -69.44 54.45 -16.05
N6 ADP CD . -70.08 55.51 -16.60
N1 ADP CD . -68.46 53.80 -16.71
C2 ADP CD . -67.81 52.74 -16.19
N3 ADP CD . -68.10 52.23 -14.99
C4 ADP CD . -69.07 52.77 -14.21
PB ADP DD . -8.73 -72.79 -39.84
O1B ADP DD . -7.67 -71.76 -39.54
O2B ADP DD . -10.09 -72.50 -39.25
O3B ADP DD . -8.27 -74.22 -39.67
PA ADP DD . -10.35 -73.06 -42.14
O1A ADP DD . -10.81 -71.88 -42.95
O2A ADP DD . -11.27 -73.65 -41.10
O3A ADP DD . -8.96 -72.63 -41.43
O5' ADP DD . -9.88 -74.22 -43.16
C5' ADP DD . -8.70 -75.00 -42.96
C4' ADP DD . -7.77 -74.65 -44.11
O4' ADP DD . -6.64 -75.52 -44.25
C3' ADP DD . -8.49 -74.72 -45.45
O3' ADP DD . -9.05 -73.45 -45.81
C2' ADP DD . -7.45 -75.17 -46.45
O2' ADP DD . -7.22 -74.17 -47.43
C1' ADP DD . -6.20 -75.42 -45.61
N9 ADP DD . -5.41 -76.63 -46.02
C8 ADP DD . -5.59 -77.43 -47.09
N7 ADP DD . -4.64 -78.40 -47.12
C5 ADP DD . -3.84 -78.23 -46.05
C6 ADP DD . -2.65 -78.90 -45.48
N6 ADP DD . -2.11 -80.00 -46.08
N1 ADP DD . -2.12 -78.39 -44.36
C2 ADP DD . -2.63 -77.30 -43.75
N3 ADP DD . -3.71 -76.65 -44.22
C4 ADP DD . -4.34 -77.05 -45.35
PB ADP ED . -33.16 -13.20 77.76
O1B ADP ED . -32.01 -12.50 77.08
O2B ADP ED . -34.12 -13.93 76.85
O3B ADP ED . -33.85 -12.35 78.81
PA ADP ED . -33.23 -15.72 79.02
O1A ADP ED . -32.39 -16.89 78.56
O2A ADP ED . -34.66 -15.62 78.56
O3A ADP ED . -32.45 -14.37 78.61
O5' ADP ED . -33.19 -15.68 80.62
C5' ADP ED . -33.04 -14.46 81.37
C4' ADP ED . -31.69 -14.55 82.07
O4' ADP ED . -31.47 -13.56 83.08
C3' ADP ED . -31.54 -15.88 82.79
O3' ADP ED . -30.92 -16.87 81.95
C2' ADP ED . -30.69 -15.59 84.02
O2' ADP ED . -29.45 -16.29 83.97
C1' ADP ED . -30.49 -14.08 83.99
N9 ADP ED . -30.55 -13.41 85.32
C8 ADP ED . -30.64 -13.98 86.54
N7 ADP ED . -30.66 -13.02 87.51
C5 ADP ED . -30.57 -11.82 86.91
C6 ADP ED . -30.52 -10.40 87.33
N6 ADP ED . -30.59 -10.06 88.63
N1 ADP ED . -30.42 -9.46 86.36
C2 ADP ED . -30.35 -9.77 85.06
N3 ADP ED . -30.38 -11.04 84.60
C4 ADP ED . -30.49 -12.09 85.47
PB ADP FD . -67.41 23.56 -46.56
O1B ADP FD . -65.92 23.81 -46.35
O2B ADP FD . -68.00 22.49 -45.67
O3B ADP FD . -67.80 23.45 -48.01
PA ADP FD . -69.62 24.95 -45.53
O1A ADP FD . -69.60 25.63 -44.17
O2A ADP FD . -70.23 23.58 -45.66
O3A ADP FD . -68.10 24.92 -46.06
O5' ADP FD . -70.33 25.96 -46.57
C5' ADP FD . -69.83 26.18 -47.89
C4' ADP FD . -69.40 27.64 -47.93
O4' ADP FD . -69.13 28.15 -49.24
C3' ADP FD . -70.48 28.55 -47.38
O3' ADP FD . -70.31 28.78 -45.98
C2' ADP FD . -70.37 29.84 -48.17
O2' ADP FD . -70.01 30.94 -47.31
C1' ADP FD . -69.28 29.57 -49.20
N9 ADP FD . -69.54 30.14 -50.55
C8 ADP FD . -70.53 30.97 -50.93
N7 ADP FD . -70.41 31.28 -52.26
C5 ADP FD . -69.32 30.66 -52.73
C6 ADP FD . -68.61 30.56 -54.02
N6 ADP FD . -69.06 31.21 -55.12
N1 ADP FD . -67.50 29.80 -54.07
C2 ADP FD . -67.02 29.14 -52.99
N3 ADP FD . -67.61 29.20 -51.80
C4 ADP FD . -68.74 29.92 -51.60
PB ADP GD . -6.05 -87.43 -3.00
O1B ADP GD . -5.07 -86.27 -2.96
O2B ADP GD . -7.50 -87.05 -2.94
O3B ADP GD . -5.67 -88.58 -2.10
PA ADP GD . -7.04 -88.84 -5.24
O1A ADP GD . -7.26 -88.20 -6.58
O2A ADP GD . -8.20 -89.00 -4.30
O3A ADP GD . -5.86 -88.01 -4.49
O5' ADP GD . -6.35 -90.28 -5.48
C5' ADP GD . -5.26 -90.77 -4.69
C4' ADP GD . -4.06 -90.87 -5.62
O4' ADP GD . -2.96 -91.60 -5.09
C3' ADP GD . -4.44 -91.60 -6.91
O3' ADP GD . -4.87 -90.68 -7.92
C2' ADP GD . -3.18 -92.34 -7.33
O2' ADP GD . -2.69 -91.86 -8.57
C1' ADP GD . -2.18 -92.08 -6.20
N9 ADP GD . -1.34 -93.25 -5.82
C8 ADP GD . -1.25 -94.45 -6.43
N7 ADP GD . -0.35 -95.24 -5.79
C5 ADP GD . 0.16 -94.54 -4.77
C6 ADP GD . 1.17 -94.77 -3.70
N6 ADP GD . 1.81 -95.95 -3.58
N1 ADP GD . 1.40 -93.77 -2.83
C2 ADP GD . 0.77 -92.58 -2.92
N3 ADP GD . -0.15 -92.31 -3.87
C4 ADP GD . -0.49 -93.22 -4.81
PB ADP HD . -58.29 15.15 65.76
O1B ADP HD . -56.99 15.58 65.12
O2B ADP HD . -58.98 14.00 65.08
O3B ADP HD . -59.21 16.29 66.12
PA ADP HD . -58.71 13.43 67.96
O1A ADP HD . -57.80 12.28 68.29
O2A ADP HD . -59.98 13.19 67.20
O3A ADP HD . -57.83 14.53 67.18
O5' ADP HD . -59.07 14.20 69.34
C5' ADP HD . -59.09 15.61 69.47
C4' ADP HD . -57.97 15.98 70.43
O4' ADP HD . -57.99 17.32 70.90
C3' ADP HD . -58.03 15.12 71.69
O3' ADP HD . -57.24 13.94 71.56
C2' ADP HD . -57.51 16.00 72.81
O2' ADP HD . -56.31 15.49 73.36
C1' ADP HD . -57.28 17.36 72.14
N9 ADP HD . -57.66 18.53 72.97
C8 ADP HD . -58.07 18.56 74.26
N7 ADP HD . -58.32 19.84 74.66
C5 ADP HD . -58.06 20.65 73.61
C6 ADP HD . -58.10 22.11 73.35
N6 ADP HD . -58.48 22.98 74.31
N1 ADP HD . -57.73 22.53 72.13
C2 ADP HD . -57.34 21.68 71.15
N3 ADP HD . -57.28 20.35 71.33
C4 ADP HD . -57.62 19.79 72.52
PB ADP ID . -59.47 -10.23 -65.90
O1B ADP ID . -58.10 -9.77 -65.49
O2B ADP ID . -60.30 -10.85 -64.79
O3B ADP ID . -59.50 -11.01 -67.20
PA ADP ID . -61.85 -8.74 -66.15
O1A ADP ID . -62.17 -7.55 -65.28
O2A ADP ID . -62.44 -10.09 -65.80
O3A ADP ID . -60.25 -8.86 -66.25
O5' ADP ID . -62.27 -8.38 -67.67
C5' ADP ID . -61.45 -8.71 -68.80
C4' ADP ID . -60.99 -7.39 -69.39
O4' ADP ID . -60.39 -7.49 -70.68
C3' ADP ID . -62.16 -6.44 -69.58
O3' ADP ID . -62.35 -5.60 -68.44
C2' ADP ID . -61.84 -5.62 -70.81
O2' ADP ID . -61.68 -4.24 -70.49
C1' ADP ID . -60.53 -6.21 -71.33
N9 ADP ID . -60.43 -6.33 -72.81
C8 ADP ID . -61.28 -5.85 -73.74
N7 ADP ID . -60.82 -6.14 -74.99
C5 ADP ID . -59.66 -6.80 -74.86
C6 ADP ID . -58.64 -7.39 -75.77
N6 ADP ID . -58.79 -7.34 -77.11
N1 ADP ID . -57.56 -7.98 -75.21
C2 ADP ID . -57.40 -8.04 -73.88
N3 ADP ID . -58.27 -7.52 -73.00
C4 ADP ID . -59.40 -6.90 -73.42
PB ADP JD . -12.97 -83.99 35.97
O1B ADP JD . -12.03 -82.84 35.71
O2B ADP JD . -14.39 -83.77 35.51
O3B ADP JD . -12.84 -84.59 37.35
PA ADP JD . -13.39 -86.34 34.45
O1A ADP JD . -13.25 -86.37 32.94
O2A ADP JD . -14.76 -86.18 35.07
O3A ADP JD . -12.43 -85.16 34.98
O5' ADP JD . -12.69 -87.66 35.04
C5' ADP JD . -11.85 -87.64 36.20
C4' ADP JD . -10.46 -88.02 35.72
O4' ADP JD . -9.53 -88.33 36.76
C3' ADP JD . -10.51 -89.27 34.86
O3' ADP JD . -10.64 -88.94 33.47
C2' ADP JD . -9.20 -89.99 35.12
O2' ADP JD . -8.39 -90.07 33.94
C1' ADP JD . -8.51 -89.17 36.20
N9 ADP JD . -7.81 -89.96 37.25
C8 ADP JD . -7.59 -91.29 37.30
N7 ADP JD . -6.89 -91.63 38.41
C5 ADP JD . -6.64 -90.50 39.09
C6 ADP JD . -5.95 -90.13 40.35
N6 ADP JD . -5.38 -91.08 41.13
N1 ADP JD . -5.93 -88.83 40.70
C2 ADP JD . -6.50 -87.87 39.94
N3 ADP JD . -7.14 -88.14 38.79
C4 ADP JD . -7.24 -89.41 38.32
PB ADP KD . 24.58 89.30 26.56
O1B ADP KD . 26.01 89.54 26.12
O2B ADP KD . 24.06 87.91 26.34
O3B ADP KD . 23.62 90.38 26.14
PA ADP KD . 23.58 88.73 29.13
O1A ADP KD . 24.35 87.94 30.16
O2A ADP KD . 22.54 88.03 28.29
O3A ADP KD . 24.65 89.45 28.17
O5' ADP KD . 22.90 89.98 29.88
C5' ADP KD . 22.87 91.30 29.33
C4' ADP KD . 23.71 92.16 30.25
O4' ADP KD . 23.60 93.57 30.03
C3' ADP KD . 23.32 91.96 31.71
O3' ADP KD . 24.09 90.93 32.33
C2' ADP KD . 23.54 93.30 32.38
O2' ADP KD . 24.55 93.21 33.39
C1' ADP KD . 23.97 94.24 31.25
N9 ADP KD . 23.40 95.61 31.33
C8 ADP KD . 22.67 96.17 32.32
N7 ADP KD . 22.37 97.46 32.02
C5 ADP KD . 22.90 97.74 30.81
C6 ADP KD . 22.95 98.91 29.91
N6 ADP KD . 22.35 100.08 30.24
N1 ADP KD . 23.63 98.77 28.74
C2 ADP KD . 24.24 97.63 28.40
N3 ADP KD . 24.22 96.52 29.18
C4 ADP KD . 23.59 96.52 30.38
PB ADP LD . -79.09 32.66 36.79
O1B ADP LD . -77.67 32.88 36.35
O2B ADP LD . -79.61 31.26 36.57
O3B ADP LD . -80.05 33.75 36.38
PA ADP LD . -80.08 32.06 39.36
O1A ADP LD . -79.31 31.27 40.38
O2A ADP LD . -81.12 31.37 38.52
O3A ADP LD . -79.01 32.79 38.41
O5' ADP LD . -80.76 33.30 40.13
C5' ADP LD . -80.79 34.63 39.59
C4' ADP LD . -79.94 35.48 40.52
O4' ADP LD . -80.07 36.89 40.31
C3' ADP LD . -80.33 35.27 41.97
O3' ADP LD . -79.55 34.23 42.58
C2' ADP LD . -80.10 36.60 42.65
O2' ADP LD . -79.09 36.51 43.65
C1' ADP LD . -79.68 37.55 41.53
N9 ADP LD . -80.25 38.92 41.62
C8 ADP LD . -80.97 39.47 42.62
N7 ADP LD . -81.28 40.76 42.33
C5 ADP LD . -80.75 41.06 41.13
C6 ADP LD . -80.70 42.23 40.24
N6 ADP LD . -81.30 43.39 40.58
N1 ADP LD . -80.03 42.11 39.07
C2 ADP LD . -79.42 40.96 38.71
N3 ADP LD . -79.43 39.86 39.47
C4 ADP LD . -80.06 39.84 40.68
PB ADP MD . -47.51 -48.11 -65.48
O1B ADP MD . -46.28 -47.39 -65.01
O2B ADP MD . -48.60 -48.26 -64.43
O3B ADP MD . -47.22 -49.38 -66.24
PA ADP MD . -49.73 -47.13 -66.92
O1A ADP MD . -50.23 -45.72 -66.79
O2A ADP MD . -50.40 -48.24 -66.13
O3A ADP MD . -48.15 -47.12 -66.57
O5' ADP MD . -49.74 -47.53 -68.48
C5' ADP MD . -48.67 -48.23 -69.11
C4' ADP MD . -48.06 -47.26 -70.12
O4' ADP MD . -47.15 -47.86 -71.05
C3' ADP MD . -49.12 -46.62 -70.98
O3' ADP MD . -49.58 -45.38 -70.42
C2' ADP MD . -48.49 -46.40 -72.34
O2' ADP MD . -48.39 -45.01 -72.65
C1' ADP MD . -47.10 -47.02 -72.20
N9 ADP MD . -46.63 -47.77 -73.41
C8 ADP MD . -47.21 -47.84 -74.63
N7 ADP MD . -46.46 -48.60 -75.47
C5 ADP MD . -45.37 -49.02 -74.79
C6 ADP MD . -44.17 -49.85 -75.07
N6 ADP MD . -43.98 -50.40 -76.29
N1 ADP MD . -43.28 -50.02 -74.07
C2 ADP MD . -43.45 -49.47 -72.86
N3 ADP MD . -44.52 -48.71 -72.53
C4 ADP MD . -45.49 -48.45 -73.44
PB ADP ND . -29.43 -64.45 66.39
O1B ADP ND . -28.43 -63.44 65.85
O2B ADP ND . -30.69 -64.59 65.56
O3B ADP ND . -29.67 -64.35 67.87
PA ADP ND . -29.50 -67.25 66.03
O1A ADP ND . -28.98 -67.93 64.79
O2A ADP ND . -30.97 -66.97 66.18
O3A ADP ND . -28.68 -65.87 66.19
O5' ADP ND . -28.99 -68.09 67.31
C5' ADP ND . -28.47 -67.48 68.49
C4' ADP ND . -27.01 -67.89 68.57
O4' ADP ND . -26.38 -67.62 69.83
C3' ADP ND . -26.85 -69.39 68.39
O3' ADP ND . -26.63 -69.73 67.01
C2' ADP ND . -25.67 -69.80 69.24
O2' ADP ND . -24.59 -70.30 68.44
C1' ADP ND . -25.27 -68.51 69.95
N9 ADP ND . -24.87 -68.69 71.38
C8 ADP ND . -24.69 -69.84 72.07
N7 ADP ND . -24.30 -69.58 73.35
C5 ADP ND . -24.21 -68.25 73.48
C6 ADP ND . -23.85 -67.30 74.57
N6 ADP ND . -23.51 -67.74 75.79
N1 ADP ND . -23.89 -65.98 74.28
C2 ADP ND . -24.24 -65.51 73.06
N3 ADP ND . -24.56 -66.32 72.04
C4 ADP ND . -24.58 -67.66 72.19
PB ADP OD . -91.63 33.46 -0.91
O1B ADP OD . -90.14 33.61 -1.05
O2B ADP OD . -92.09 32.05 -0.59
O3B ADP OD . -92.43 34.15 -1.97
PA ADP OD . -93.24 33.96 1.36
O1A ADP OD . -92.76 33.77 2.77
O2A ADP OD . -94.05 32.88 0.70
O3A ADP OD . -91.95 34.29 0.45
O5' ADP OD . -94.07 35.34 1.30
C5' ADP OD . -93.94 36.28 0.22
C4' ADP OD . -93.34 37.54 0.84
O4' ADP OD . -93.38 38.69 -0.01
C3' ADP OD . -94.08 37.94 2.09
O3' ADP OD . -93.51 37.37 3.26
C2' ADP OD . -94.01 39.46 2.13
O2' ADP OD . -93.29 39.92 3.28
C1' ADP OD . -93.31 39.85 0.84
N9 ADP OD . -93.85 41.06 0.16
C8 ADP OD . -94.79 41.92 0.61
N7 ADP OD . -95.00 42.92 -0.29
C5 ADP OD . -94.17 42.71 -1.33
C6 ADP OD . -93.89 43.37 -2.63
N6 ADP OD . -94.53 44.49 -2.99
N1 ADP OD . -92.95 42.80 -3.42
C2 ADP OD . -92.28 41.68 -3.07
N3 ADP OD . -92.51 41.03 -1.92
C4 ADP OD . -93.42 41.49 -1.02
PB ADP PD . -36.69 -80.54 -45.23
O1B ADP PD . -35.60 -79.57 -44.87
O2B ADP PD . -38.01 -80.33 -44.52
O3B ADP PD . -36.24 -81.98 -45.26
PA ADP PD . -38.46 -80.52 -47.43
O1A ADP PD . -38.95 -79.25 -48.07
O2A ADP PD . -39.32 -81.23 -46.41
O3A ADP PD . -37.02 -80.20 -46.77
O5' ADP PD . -38.08 -81.56 -48.60
C5' ADP PD . -36.90 -82.37 -48.58
C4' ADP PD . -36.03 -81.89 -49.74
O4' ADP PD . -34.94 -82.74 -50.06
C3' ADP PD . -36.84 -81.80 -51.03
O3' ADP PD . -37.41 -80.49 -51.21
C2' ADP PD . -35.88 -82.14 -52.14
O2' ADP PD . -35.69 -81.02 -53.02
C1' ADP PD . -34.58 -82.49 -51.43
N9 ADP PD . -33.83 -83.64 -52.02
C8 ADP PD . -34.09 -84.31 -53.17
N7 ADP PD . -33.17 -85.28 -53.38
C5 ADP PD . -32.29 -85.25 -52.35
C6 ADP PD . -31.08 -85.99 -51.94
N6 ADP PD . -30.59 -87.01 -52.70
N1 ADP PD . -30.46 -85.62 -50.80
C2 ADP PD . -30.93 -84.61 -50.04
N3 ADP PD . -32.02 -83.89 -50.35
C4 ADP PD . -32.74 -84.15 -51.48
#